data_5MXN
#
_entry.id   5MXN
#
_cell.length_a   1.000
_cell.length_b   1.000
_cell.length_c   1.000
_cell.angle_alpha   90.00
_cell.angle_beta   90.00
_cell.angle_gamma   90.00
#
_symmetry.space_group_name_H-M   'P 1'
#
loop_
_entity.id
_entity.type
_entity.pdbx_description
1 polymer 'Haemolysin co-regulated protein'
2 polymer 'Type VI secretion protein'
3 polymer 'Type VI secretion protein'
#
loop_
_entity_poly.entity_id
_entity_poly.type
_entity_poly.pdbx_seq_one_letter_code
_entity_poly.pdbx_strand_id
1 'polypeptide(L)'
;PTPCYISIEGQTQGLITAGACTADSIGDSFVEGHEDEMLVQQFDHVVTVPTDPQSGQPSGQRVHKPFKFTVALNKAVPLL
YNALSSGEKLKTVELKWYRTSIEGKQENFFTTKLENASIVDIHCEMPHCQDPAKSDFTQNVTVSLSYRKITWDHVNAGTS
GSDDWRKPIE
;
1,2,3,4,5,6
2 'polypeptide(L)'
;GSLLDEIMAQTRIAPSEEGYDIAKKGVAAFIENLMGSQHSAEPVNKSLVDQMLVELDKKISAQMDEILHNSQFQAMESAW
RGLKLFVDRTDFRENNKVEILHVTKDELLEDFEFAPETAQSGLYKHVYSAGYGQFGGEPVGAIIGNYAFTPSTPDMKLLQ
YMGALGAMAHAPFISSVGPEFFGIDSFEELPNIKDLKSTFESPKYTKWRSLRESEDARYLGLTAPRFLLRVPYDPIENPV
KSFNYAENVSASHEHYLWGNTAFAFATRLTDSFAKYRWCPNIIGPQSGGAVEDLPVHVFESMGALQSKIPTEVLITDRKE
FELAEEGFIALTMRKGSDNAAFFSANSIQKPKVFPNTKEGKEAETNYKLGTQLPYMMIINRLAHYVKVLQREQIGAWKER
QDLERELNSWIKQYVADQENPPADVRSRRPLRAARIEVMDVEGNPGWYQVSLSVRPHFKYMGANFELSLVGRL
;
A,B,C,D,E,F
3 'polypeptide(L)'
;SKEGSVAPKERINIKYIPATGDAQAEVAEVELPLKTLVVGDFKGHAEQTPLEERATVTVDKNNFEAVMRESELKITATVK
NKLTDDENAELPVELNFKSLADFAPDAVASQVPELKKLIELREALVALKGPLGNIPAFRERLQSLLNSEESREKLLAEL
;
a,b,c,d,e,f
#
# COMPACT_ATOMS: atom_id res chain seq x y z
N PRO A 1 -46.37 46.93 7.55
CA PRO A 1 -46.94 45.78 6.83
C PRO A 1 -48.06 45.13 7.61
N THR A 2 -48.99 44.49 6.90
CA THR A 2 -50.12 43.90 7.61
C THR A 2 -49.83 42.44 7.93
N PRO A 3 -50.25 41.97 9.08
CA PRO A 3 -49.99 40.57 9.44
C PRO A 3 -50.78 39.59 8.59
N CYS A 4 -50.19 38.43 8.40
CA CYS A 4 -50.75 37.37 7.58
C CYS A 4 -51.49 36.38 8.48
N TYR A 5 -51.91 35.26 7.92
CA TYR A 5 -52.61 34.24 8.68
C TYR A 5 -52.22 32.88 8.15
N ILE A 6 -52.00 31.92 9.05
CA ILE A 6 -51.57 30.59 8.67
C ILE A 6 -52.49 29.56 9.29
N SER A 7 -52.98 28.62 8.48
CA SER A 7 -53.80 27.52 8.95
C SER A 7 -53.06 26.22 8.69
N ILE A 8 -52.63 25.55 9.74
CA ILE A 8 -51.84 24.33 9.65
C ILE A 8 -52.75 23.14 9.91
N GLU A 9 -52.65 22.12 9.06
CA GLU A 9 -53.36 20.87 9.30
C GLU A 9 -52.37 19.72 9.32
N GLY A 10 -52.33 18.98 10.42
CA GLY A 10 -51.35 17.94 10.58
C GLY A 10 -51.81 16.61 10.01
N GLN A 11 -50.91 15.63 10.04
CA GLN A 11 -51.29 14.26 9.69
C GLN A 11 -52.21 13.67 10.74
N THR A 12 -51.73 13.57 11.97
CA THR A 12 -52.49 12.91 13.02
C THR A 12 -53.19 13.88 13.97
N GLN A 13 -52.74 15.12 14.04
CA GLN A 13 -53.29 16.06 15.01
C GLN A 13 -54.38 16.94 14.44
N GLY A 14 -54.94 16.55 13.30
CA GLY A 14 -56.08 17.26 12.76
C GLY A 14 -55.71 18.66 12.31
N LEU A 15 -56.63 19.59 12.51
CA LEU A 15 -56.36 20.99 12.27
C LEU A 15 -55.63 21.53 13.49
N ILE A 16 -54.35 21.85 13.34
CA ILE A 16 -53.54 22.24 14.49
C ILE A 16 -53.95 23.62 14.99
N THR A 17 -54.14 24.56 14.09
CA THR A 17 -54.46 25.89 14.54
C THR A 17 -55.94 26.11 14.79
N ALA A 18 -56.73 25.08 14.99
CA ALA A 18 -58.16 25.23 15.25
C ALA A 18 -58.34 25.81 16.64
N GLY A 19 -58.57 27.10 16.73
CA GLY A 19 -58.68 27.75 18.00
C GLY A 19 -57.48 28.56 18.42
N ALA A 20 -56.54 28.82 17.52
CA ALA A 20 -55.35 29.56 17.88
C ALA A 20 -55.54 31.05 17.84
N CYS A 21 -56.74 31.53 17.60
CA CYS A 21 -57.14 32.92 17.80
C CYS A 21 -58.47 32.99 18.52
N THR A 22 -58.58 32.29 19.62
CA THR A 22 -59.70 32.48 20.53
C THR A 22 -59.27 33.39 21.67
N ALA A 23 -60.15 33.57 22.65
CA ALA A 23 -59.81 34.35 23.81
C ALA A 23 -58.94 33.57 24.79
N ASP A 24 -58.89 32.25 24.66
CA ASP A 24 -58.01 31.48 25.52
C ASP A 24 -56.58 31.45 25.03
N SER A 25 -56.37 31.57 23.71
CA SER A 25 -55.02 31.52 23.18
C SER A 25 -54.25 32.81 23.47
N ILE A 26 -54.74 33.92 22.94
CA ILE A 26 -53.96 35.14 22.94
C ILE A 26 -54.68 36.31 23.63
N GLY A 27 -55.59 36.01 24.54
CA GLY A 27 -56.20 37.06 25.33
C GLY A 27 -57.20 37.88 24.55
N ASP A 28 -56.98 39.19 24.48
CA ASP A 28 -57.91 40.09 23.82
C ASP A 28 -57.47 40.49 22.43
N SER A 29 -56.39 39.93 21.92
CA SER A 29 -55.93 40.26 20.58
C SER A 29 -56.38 39.23 19.56
N PHE A 30 -57.47 38.53 19.82
CA PHE A 30 -57.95 37.59 18.84
C PHE A 30 -58.90 38.30 17.90
N VAL A 31 -59.10 37.70 16.73
CA VAL A 31 -59.89 38.29 15.67
C VAL A 31 -61.02 37.34 15.34
N GLU A 32 -62.24 37.86 15.29
CA GLU A 32 -63.37 37.05 14.85
C GLU A 32 -63.25 36.74 13.37
N GLY A 33 -63.72 35.56 12.99
CA GLY A 33 -63.62 35.09 11.63
C GLY A 33 -62.33 34.37 11.29
N HIS A 34 -61.29 34.57 12.08
CA HIS A 34 -60.02 33.91 11.87
C HIS A 34 -59.75 32.97 13.04
N GLU A 35 -60.78 32.23 13.43
CA GLU A 35 -60.69 31.39 14.60
C GLU A 35 -59.80 30.18 14.39
N ASP A 36 -59.49 29.84 13.15
CA ASP A 36 -58.70 28.65 12.88
C ASP A 36 -57.30 28.99 12.37
N GLU A 37 -56.88 30.24 12.48
CA GLU A 37 -55.70 30.72 11.79
C GLU A 37 -54.85 31.51 12.77
N MET A 38 -53.57 31.17 12.88
CA MET A 38 -52.68 31.95 13.73
C MET A 38 -52.43 33.32 13.12
N LEU A 39 -51.85 34.21 13.91
CA LEU A 39 -51.56 35.56 13.45
C LEU A 39 -50.06 35.67 13.27
N VAL A 40 -49.62 35.79 12.01
CA VAL A 40 -48.22 35.69 11.65
C VAL A 40 -47.62 37.07 11.54
N GLN A 41 -46.55 37.33 12.30
CA GLN A 41 -45.98 38.66 12.35
C GLN A 41 -44.90 38.86 11.29
N GLN A 42 -43.83 38.07 11.35
CA GLN A 42 -42.66 38.24 10.51
C GLN A 42 -42.57 37.06 9.55
N PHE A 43 -41.86 37.23 8.44
CA PHE A 43 -41.80 36.19 7.44
C PHE A 43 -40.43 36.21 6.75
N ASP A 44 -39.97 35.05 6.30
CA ASP A 44 -38.70 34.90 5.62
C ASP A 44 -38.59 33.56 4.91
N HIS A 45 -38.14 33.54 3.66
CA HIS A 45 -38.20 32.32 2.86
C HIS A 45 -37.28 32.43 1.66
N VAL A 46 -36.35 31.49 1.52
CA VAL A 46 -35.35 31.50 0.45
C VAL A 46 -35.54 30.23 -0.37
N VAL A 47 -35.38 30.32 -1.69
CA VAL A 47 -35.40 29.15 -2.56
C VAL A 47 -34.19 29.26 -3.47
N THR A 48 -33.13 28.53 -3.17
CA THR A 48 -31.91 28.66 -3.96
C THR A 48 -31.89 27.68 -5.11
N VAL A 49 -31.02 27.96 -6.09
CA VAL A 49 -30.70 27.04 -7.17
C VAL A 49 -29.20 27.04 -7.36
N PRO A 50 -28.53 25.92 -7.23
CA PRO A 50 -27.08 25.88 -7.43
C PRO A 50 -26.69 26.06 -8.88
N THR A 51 -26.08 27.19 -9.20
CA THR A 51 -25.61 27.46 -10.56
C THR A 51 -24.09 27.37 -10.58
N ASP A 52 -23.54 26.89 -11.69
CA ASP A 52 -22.10 26.78 -11.77
C ASP A 52 -21.46 28.14 -12.04
N PRO A 53 -20.20 28.32 -11.68
CA PRO A 53 -19.48 29.52 -12.11
C PRO A 53 -19.18 29.44 -13.59
N GLN A 54 -18.63 30.56 -14.09
CA GLN A 54 -18.17 30.78 -15.49
C GLN A 54 -19.22 30.35 -16.54
N SER A 55 -20.48 30.46 -16.19
CA SER A 55 -21.60 30.08 -17.04
C SER A 55 -22.82 30.80 -16.51
N GLY A 56 -23.99 30.37 -16.93
CA GLY A 56 -25.20 30.85 -16.31
C GLY A 56 -26.17 29.74 -16.02
N GLN A 57 -25.82 28.52 -16.42
CA GLN A 57 -26.81 27.46 -16.38
C GLN A 57 -27.00 26.92 -14.96
N PRO A 58 -28.21 26.50 -14.62
CA PRO A 58 -28.43 25.89 -13.29
C PRO A 58 -27.82 24.50 -13.23
N SER A 59 -26.80 24.35 -12.39
CA SER A 59 -26.10 23.08 -12.23
C SER A 59 -26.72 22.29 -11.08
N GLY A 60 -27.98 21.93 -11.26
CA GLY A 60 -28.66 21.18 -10.23
C GLY A 60 -30.07 21.67 -9.97
N GLN A 61 -30.87 20.84 -9.32
CA GLN A 61 -32.24 21.23 -9.03
C GLN A 61 -32.27 22.21 -7.86
N ARG A 62 -33.42 22.82 -7.66
CA ARG A 62 -33.63 23.83 -6.63
C ARG A 62 -33.48 23.22 -5.24
N VAL A 63 -33.16 24.07 -4.27
CA VAL A 63 -32.97 23.68 -2.87
C VAL A 63 -33.83 24.61 -2.03
N HIS A 64 -34.85 24.06 -1.38
CA HIS A 64 -35.78 24.88 -0.63
C HIS A 64 -35.24 25.14 0.78
N LYS A 65 -34.79 26.35 1.01
CA LYS A 65 -34.53 26.81 2.36
C LYS A 65 -35.86 27.06 3.05
N PRO A 66 -35.94 26.97 4.38
CA PRO A 66 -37.25 26.88 5.02
C PRO A 66 -37.98 28.22 5.14
N PHE A 67 -39.32 28.11 5.23
CA PHE A 67 -40.19 29.12 5.83
C PHE A 67 -39.65 29.59 7.17
N LYS A 68 -39.93 30.83 7.52
CA LYS A 68 -39.71 31.32 8.88
C LYS A 68 -40.81 32.31 9.21
N PHE A 69 -41.89 31.84 9.82
CA PHE A 69 -42.98 32.70 10.22
C PHE A 69 -43.04 32.78 11.74
N THR A 70 -43.39 33.96 12.27
CA THR A 70 -43.32 34.22 13.70
C THR A 70 -44.70 34.49 14.26
N VAL A 71 -45.11 33.68 15.24
CA VAL A 71 -46.36 33.89 15.95
C VAL A 71 -46.05 33.99 17.44
N ALA A 72 -47.02 34.48 18.20
CA ALA A 72 -46.84 34.55 19.64
C ALA A 72 -47.15 33.20 20.26
N LEU A 73 -46.93 33.08 21.56
CA LEU A 73 -47.30 31.85 22.26
C LEU A 73 -48.80 31.75 22.37
N ASN A 74 -49.34 30.64 21.86
CA ASN A 74 -50.77 30.44 21.87
C ASN A 74 -51.05 28.95 21.94
N LYS A 75 -52.28 28.58 21.59
CA LYS A 75 -52.76 27.21 21.74
C LYS A 75 -52.02 26.26 20.83
N ALA A 76 -51.70 26.70 19.63
CA ALA A 76 -51.11 25.81 18.64
C ALA A 76 -49.63 25.56 18.84
N VAL A 77 -48.95 26.29 19.73
CA VAL A 77 -47.52 26.12 19.92
C VAL A 77 -47.15 24.81 20.62
N PRO A 78 -47.86 24.33 21.66
CA PRO A 78 -47.59 22.95 22.10
C PRO A 78 -47.96 21.89 21.08
N LEU A 79 -48.88 22.19 20.17
CA LEU A 79 -49.17 21.25 19.11
C LEU A 79 -48.09 21.25 18.05
N LEU A 80 -47.43 22.38 17.84
CA LEU A 80 -46.33 22.42 16.88
C LEU A 80 -45.03 21.90 17.46
N TYR A 81 -44.94 21.68 18.77
CA TYR A 81 -43.78 21.00 19.30
C TYR A 81 -43.95 19.49 19.38
N ASN A 82 -45.01 18.95 18.80
CA ASN A 82 -45.05 17.52 18.52
C ASN A 82 -44.95 17.22 17.05
N ALA A 83 -45.34 18.15 16.19
CA ALA A 83 -45.01 17.99 14.79
C ALA A 83 -43.52 18.12 14.57
N LEU A 84 -42.85 18.86 15.45
CA LEU A 84 -41.40 19.03 15.37
C LEU A 84 -40.67 17.81 15.89
N SER A 85 -40.88 17.48 17.16
CA SER A 85 -40.06 16.48 17.81
C SER A 85 -40.40 15.06 17.43
N SER A 86 -41.43 14.84 16.63
CA SER A 86 -41.73 13.51 16.13
C SER A 86 -41.70 13.43 14.62
N GLY A 87 -41.39 14.52 13.93
CA GLY A 87 -41.27 14.48 12.49
C GLY A 87 -42.58 14.30 11.76
N GLU A 88 -43.68 14.76 12.35
CA GLU A 88 -44.98 14.61 11.72
C GLU A 88 -45.12 15.59 10.58
N LYS A 89 -45.49 15.08 9.41
CA LYS A 89 -45.74 15.97 8.31
C LYS A 89 -47.05 16.70 8.52
N LEU A 90 -47.18 17.84 7.89
CA LEU A 90 -48.38 18.67 7.99
C LEU A 90 -49.02 18.68 6.61
N LYS A 91 -50.30 18.35 6.54
CA LYS A 91 -50.94 18.18 5.24
C LYS A 91 -51.03 19.49 4.47
N THR A 92 -51.25 20.59 5.15
CA THR A 92 -51.30 21.87 4.46
C THR A 92 -50.95 23.00 5.39
N VAL A 93 -50.44 24.09 4.81
CA VAL A 93 -50.16 25.33 5.50
C VAL A 93 -50.54 26.43 4.52
N GLU A 94 -51.57 27.18 4.82
CA GLU A 94 -52.06 28.16 3.86
C GLU A 94 -51.81 29.56 4.42
N LEU A 95 -50.63 30.08 4.13
CA LEU A 95 -50.35 31.48 4.43
C LEU A 95 -51.21 32.36 3.55
N LYS A 96 -51.68 33.48 4.09
CA LYS A 96 -52.51 34.41 3.35
C LYS A 96 -52.03 35.82 3.62
N TRP A 97 -51.47 36.46 2.61
CA TRP A 97 -50.93 37.81 2.75
C TRP A 97 -52.06 38.81 2.61
N TYR A 98 -52.36 39.55 3.65
CA TYR A 98 -53.41 40.55 3.52
C TYR A 98 -52.81 41.89 3.12
N ARG A 99 -53.67 42.75 2.61
CA ARG A 99 -53.32 44.14 2.39
C ARG A 99 -54.61 44.95 2.38
N THR A 100 -54.46 46.25 2.57
CA THR A 100 -55.60 47.15 2.62
C THR A 100 -55.89 47.66 1.21
N SER A 101 -57.07 47.36 0.71
CA SER A 101 -57.40 47.70 -0.68
C SER A 101 -57.87 49.16 -0.75
N ILE A 102 -58.38 49.54 -1.92
CA ILE A 102 -58.77 50.93 -2.14
C ILE A 102 -60.09 51.22 -1.45
N GLU A 103 -61.04 50.30 -1.52
CA GLU A 103 -62.35 50.51 -0.91
C GLU A 103 -62.32 50.48 0.60
N GLY A 104 -61.22 50.05 1.20
CA GLY A 104 -61.09 50.07 2.65
C GLY A 104 -61.25 48.74 3.33
N LYS A 105 -61.08 47.65 2.61
CA LYS A 105 -61.30 46.34 3.18
C LYS A 105 -60.07 45.49 3.01
N GLN A 106 -59.80 44.68 4.02
CA GLN A 106 -58.70 43.72 3.95
C GLN A 106 -59.00 42.66 2.90
N GLU A 107 -57.96 42.22 2.21
CA GLU A 107 -58.13 41.15 1.24
C GLU A 107 -56.82 40.42 1.06
N ASN A 108 -56.89 39.13 0.81
CA ASN A 108 -55.67 38.39 0.51
C ASN A 108 -55.31 38.60 -0.94
N PHE A 109 -54.18 39.23 -1.18
CA PHE A 109 -53.74 39.41 -2.54
C PHE A 109 -52.78 38.33 -2.98
N PHE A 110 -52.41 37.42 -2.09
CA PHE A 110 -51.31 36.50 -2.35
C PHE A 110 -51.38 35.40 -1.31
N THR A 111 -51.50 34.15 -1.74
CA THR A 111 -51.49 33.03 -0.81
C THR A 111 -50.42 32.04 -1.23
N THR A 112 -49.66 31.54 -0.27
CA THR A 112 -48.64 30.54 -0.55
C THR A 112 -49.04 29.27 0.18
N LYS A 113 -49.79 28.41 -0.49
CA LYS A 113 -50.16 27.14 0.10
C LYS A 113 -48.96 26.21 0.14
N LEU A 114 -49.17 25.01 0.66
CA LEU A 114 -48.05 24.16 1.00
C LEU A 114 -48.57 22.74 1.17
N GLU A 115 -47.91 21.78 0.57
CA GLU A 115 -48.27 20.39 0.81
C GLU A 115 -47.39 19.87 1.94
N ASN A 116 -47.19 18.54 2.02
CA ASN A 116 -46.56 17.84 3.14
C ASN A 116 -45.29 18.51 3.63
N ALA A 117 -45.33 19.02 4.84
CA ALA A 117 -44.36 20.00 5.29
C ALA A 117 -44.01 19.74 6.75
N SER A 118 -42.88 19.08 6.99
CA SER A 118 -42.44 18.91 8.35
C SER A 118 -41.94 20.23 8.90
N ILE A 119 -41.69 20.27 10.20
CA ILE A 119 -41.14 21.44 10.86
C ILE A 119 -39.66 21.20 11.11
N VAL A 120 -38.81 22.10 10.62
CA VAL A 120 -37.38 21.95 10.83
C VAL A 120 -36.99 22.38 12.23
N ASP A 121 -37.25 23.64 12.58
CA ASP A 121 -36.96 24.08 13.93
C ASP A 121 -37.92 25.18 14.34
N ILE A 122 -38.00 25.37 15.66
CA ILE A 122 -38.86 26.37 16.27
C ILE A 122 -38.04 27.14 17.27
N HIS A 123 -37.97 28.45 17.12
CA HIS A 123 -37.08 29.30 17.91
C HIS A 123 -37.92 30.16 18.83
N CYS A 124 -38.25 29.64 19.99
CA CYS A 124 -39.03 30.37 20.99
C CYS A 124 -38.11 31.27 21.78
N GLU A 125 -38.40 32.56 21.79
CA GLU A 125 -37.62 33.50 22.57
C GLU A 125 -38.54 34.54 23.18
N MET A 126 -37.99 35.30 24.13
CA MET A 126 -38.69 36.38 24.76
C MET A 126 -37.66 37.48 24.95
N PRO A 127 -37.96 38.72 24.56
CA PRO A 127 -36.99 39.81 24.76
C PRO A 127 -36.83 40.15 26.22
N HIS A 128 -35.81 40.96 26.49
CA HIS A 128 -35.40 41.23 27.85
C HIS A 128 -36.42 42.13 28.55
N CYS A 129 -36.84 41.74 29.75
CA CYS A 129 -37.92 42.46 30.41
C CYS A 129 -37.46 43.79 30.98
N GLN A 130 -36.18 43.93 31.31
CA GLN A 130 -35.63 45.20 31.77
C GLN A 130 -35.57 46.24 30.66
N ASP A 131 -35.48 45.79 29.42
CA ASP A 131 -35.18 46.67 28.30
C ASP A 131 -36.44 47.41 27.86
N PRO A 132 -36.47 48.74 27.88
CA PRO A 132 -37.69 49.46 27.48
C PRO A 132 -37.86 49.61 25.98
N ALA A 133 -36.83 49.32 25.19
CA ALA A 133 -36.99 49.40 23.74
C ALA A 133 -37.80 48.25 23.18
N LYS A 134 -37.84 47.13 23.89
CA LYS A 134 -38.57 45.94 23.46
C LYS A 134 -39.70 45.64 24.43
N SER A 135 -40.43 46.67 24.86
CA SER A 135 -41.51 46.50 25.81
C SER A 135 -42.82 46.13 25.13
N ASP A 136 -43.01 46.51 23.88
CA ASP A 136 -44.25 46.22 23.19
C ASP A 136 -44.33 44.77 22.73
N PHE A 137 -43.20 44.10 22.60
CA PHE A 137 -43.21 42.72 22.14
C PHE A 137 -43.68 41.81 23.26
N THR A 138 -44.24 40.66 22.91
CA THR A 138 -44.65 39.70 23.91
C THR A 138 -43.78 38.46 23.90
N GLN A 139 -43.80 37.71 22.80
CA GLN A 139 -42.94 36.55 22.60
C GLN A 139 -42.67 36.45 21.11
N ASN A 140 -41.81 35.51 20.75
CA ASN A 140 -41.48 35.27 19.35
C ASN A 140 -41.27 33.79 19.19
N VAL A 141 -42.18 33.12 18.49
CA VAL A 141 -42.06 31.70 18.22
C VAL A 141 -41.95 31.56 16.71
N THR A 142 -40.73 31.40 16.22
CA THR A 142 -40.46 31.38 14.78
C THR A 142 -40.45 29.93 14.33
N VAL A 143 -41.52 29.49 13.72
CA VAL A 143 -41.66 28.10 13.31
C VAL A 143 -41.19 27.95 11.88
N SER A 144 -40.27 27.04 11.64
CA SER A 144 -39.80 26.82 10.28
C SER A 144 -40.55 25.68 9.64
N LEU A 145 -40.48 25.60 8.31
CA LEU A 145 -41.17 24.55 7.59
C LEU A 145 -40.35 24.20 6.36
N SER A 146 -39.72 23.04 6.35
CA SER A 146 -39.40 22.44 5.07
C SER A 146 -40.65 21.79 4.54
N TYR A 147 -40.65 21.49 3.24
CA TYR A 147 -41.91 21.21 2.58
C TYR A 147 -41.68 20.48 1.28
N ARG A 148 -42.62 19.61 0.92
CA ARG A 148 -42.52 18.94 -0.36
C ARG A 148 -42.96 19.86 -1.49
N LYS A 149 -44.22 20.27 -1.48
CA LYS A 149 -44.81 21.02 -2.58
C LYS A 149 -45.32 22.35 -2.08
N ILE A 150 -44.94 23.41 -2.76
CA ILE A 150 -45.36 24.76 -2.44
C ILE A 150 -46.03 25.36 -3.67
N THR A 151 -47.11 26.10 -3.47
CA THR A 151 -47.83 26.74 -4.57
C THR A 151 -48.08 28.20 -4.21
N TRP A 152 -47.31 29.10 -4.79
CA TRP A 152 -47.62 30.50 -4.71
C TRP A 152 -48.88 30.78 -5.54
N ASP A 153 -49.62 31.80 -5.15
CA ASP A 153 -50.87 32.09 -5.83
C ASP A 153 -51.22 33.55 -5.56
N HIS A 154 -51.10 34.38 -6.59
CA HIS A 154 -51.56 35.74 -6.48
C HIS A 154 -53.04 35.76 -6.85
N VAL A 155 -53.87 36.29 -5.96
CA VAL A 155 -55.31 36.17 -6.13
C VAL A 155 -55.87 37.28 -7.01
N ASN A 156 -55.47 38.53 -6.77
CA ASN A 156 -56.05 39.65 -7.52
C ASN A 156 -55.57 39.74 -8.96
N ALA A 157 -54.57 38.98 -9.36
CA ALA A 157 -54.16 38.94 -10.75
C ALA A 157 -54.13 37.52 -11.29
N GLY A 158 -54.51 36.53 -10.50
CA GLY A 158 -54.73 35.19 -11.00
C GLY A 158 -53.51 34.37 -11.30
N THR A 159 -52.30 34.92 -11.21
CA THR A 159 -51.12 34.12 -11.50
C THR A 159 -50.89 33.09 -10.40
N SER A 160 -50.19 32.02 -10.76
CA SER A 160 -49.95 30.95 -9.80
C SER A 160 -48.67 30.23 -10.17
N GLY A 161 -47.73 30.19 -9.24
CA GLY A 161 -46.55 29.40 -9.43
C GLY A 161 -46.69 28.11 -8.66
N SER A 162 -45.80 27.16 -8.89
CA SER A 162 -45.86 25.88 -8.19
C SER A 162 -44.51 25.21 -8.26
N ASP A 163 -44.12 24.57 -7.18
CA ASP A 163 -42.99 23.68 -7.18
C ASP A 163 -43.38 22.39 -6.50
N ASP A 164 -42.82 21.29 -6.96
CA ASP A 164 -43.13 20.02 -6.33
C ASP A 164 -41.97 19.07 -6.54
N TRP A 165 -41.59 18.38 -5.48
CA TRP A 165 -40.66 17.28 -5.65
C TRP A 165 -41.35 16.06 -6.22
N ARG A 166 -42.65 15.91 -5.97
CA ARG A 166 -43.37 14.73 -6.43
C ARG A 166 -43.50 14.72 -7.94
N LYS A 167 -43.79 15.86 -8.53
CA LYS A 167 -44.00 15.97 -9.97
C LYS A 167 -43.15 17.10 -10.53
N PRO A 168 -41.86 16.87 -10.75
CA PRO A 168 -41.05 17.87 -11.45
C PRO A 168 -41.46 17.91 -12.90
N ILE A 169 -41.07 18.98 -13.58
CA ILE A 169 -41.68 19.31 -14.86
C ILE A 169 -41.10 18.39 -15.92
N GLU A 170 -41.82 17.29 -16.17
CA GLU A 170 -41.50 16.13 -17.01
C GLU A 170 -40.06 15.59 -16.96
N GLY B 1 -99.72 -47.28 -24.47
CA GLY B 1 -98.89 -46.62 -23.47
C GLY B 1 -97.41 -46.95 -23.62
N SER B 2 -96.96 -47.10 -24.86
CA SER B 2 -95.56 -47.41 -25.11
C SER B 2 -94.66 -46.21 -24.89
N LEU B 3 -95.20 -44.99 -24.96
CA LEU B 3 -94.40 -43.80 -24.65
C LEU B 3 -94.09 -43.72 -23.16
N LEU B 4 -94.99 -44.22 -22.31
CA LEU B 4 -94.69 -44.32 -20.89
C LEU B 4 -93.66 -45.39 -20.61
N ASP B 5 -93.60 -46.42 -21.46
CA ASP B 5 -92.58 -47.47 -21.31
C ASP B 5 -91.19 -46.95 -21.65
N GLU B 6 -91.08 -45.99 -22.56
CA GLU B 6 -89.78 -45.41 -22.89
C GLU B 6 -89.29 -44.48 -21.79
N ILE B 7 -90.20 -43.86 -21.04
CA ILE B 7 -89.80 -43.02 -19.92
C ILE B 7 -89.38 -43.88 -18.74
N MET B 8 -90.12 -44.96 -18.47
CA MET B 8 -89.77 -45.86 -17.37
C MET B 8 -88.51 -46.67 -17.66
N ALA B 9 -88.22 -46.97 -18.92
CA ALA B 9 -86.94 -47.59 -19.26
C ALA B 9 -85.80 -46.59 -19.19
N GLN B 10 -86.09 -45.30 -19.32
CA GLN B 10 -85.10 -44.24 -19.16
C GLN B 10 -84.91 -44.00 -17.67
N THR B 11 -83.85 -44.59 -17.11
CA THR B 11 -83.67 -44.64 -15.66
C THR B 11 -83.27 -43.29 -15.04
N ARG B 12 -82.99 -42.28 -15.85
CA ARG B 12 -82.63 -40.98 -15.31
C ARG B 12 -83.84 -40.24 -14.75
N ILE B 13 -84.99 -40.37 -15.39
CA ILE B 13 -86.23 -39.71 -14.96
C ILE B 13 -87.41 -40.66 -15.05
N ALA B 14 -87.22 -41.88 -14.53
CA ALA B 14 -88.26 -42.91 -14.71
C ALA B 14 -89.48 -42.71 -13.81
N PRO B 15 -89.38 -42.68 -12.44
CA PRO B 15 -90.61 -42.84 -11.65
C PRO B 15 -91.42 -41.56 -11.45
N SER B 16 -91.55 -40.75 -12.50
CA SER B 16 -92.41 -39.55 -12.54
C SER B 16 -92.13 -38.57 -11.41
N GLU B 17 -90.90 -38.06 -11.39
CA GLU B 17 -90.44 -37.19 -10.31
C GLU B 17 -90.25 -35.74 -10.77
N GLU B 18 -89.41 -35.51 -11.78
CA GLU B 18 -89.14 -34.16 -12.25
C GLU B 18 -88.64 -34.23 -13.69
N GLY B 19 -89.20 -33.38 -14.55
CA GLY B 19 -88.79 -33.33 -15.94
C GLY B 19 -89.35 -34.43 -16.81
N TYR B 20 -90.39 -35.12 -16.37
CA TYR B 20 -90.99 -36.19 -17.16
C TYR B 20 -92.00 -35.68 -18.17
N ASP B 21 -92.52 -34.47 -18.00
CA ASP B 21 -93.43 -33.89 -18.98
C ASP B 21 -92.68 -33.16 -20.08
N ILE B 22 -91.47 -32.66 -19.80
CA ILE B 22 -90.67 -32.00 -20.81
C ILE B 22 -90.04 -33.02 -21.75
N ALA B 23 -89.47 -34.08 -21.20
CA ALA B 23 -88.85 -35.12 -22.01
C ALA B 23 -89.87 -35.94 -22.81
N LYS B 24 -91.12 -36.01 -22.32
CA LYS B 24 -92.19 -36.62 -23.12
C LYS B 24 -92.50 -35.78 -24.35
N LYS B 25 -92.41 -34.45 -24.23
CA LYS B 25 -92.56 -33.58 -25.39
C LYS B 25 -91.35 -33.65 -26.31
N GLY B 26 -90.21 -34.10 -25.81
CA GLY B 26 -89.02 -34.23 -26.62
C GLY B 26 -89.03 -35.43 -27.54
N VAL B 27 -89.56 -36.55 -27.04
CA VAL B 27 -89.66 -37.76 -27.85
C VAL B 27 -90.69 -37.59 -28.95
N ALA B 28 -91.86 -37.04 -28.61
CA ALA B 28 -92.96 -36.96 -29.56
C ALA B 28 -92.72 -35.92 -30.64
N ALA B 29 -91.89 -34.92 -30.36
CA ALA B 29 -91.58 -33.92 -31.37
C ALA B 29 -90.59 -34.43 -32.41
N PHE B 30 -89.67 -35.30 -32.00
CA PHE B 30 -88.66 -35.81 -32.93
C PHE B 30 -89.23 -36.84 -33.90
N ILE B 31 -90.25 -37.58 -33.48
CA ILE B 31 -90.86 -38.60 -34.34
C ILE B 31 -91.67 -37.95 -35.45
N GLU B 32 -92.26 -36.78 -35.19
CA GLU B 32 -93.07 -36.09 -36.18
C GLU B 32 -92.25 -35.56 -37.34
N ASN B 33 -90.97 -35.27 -37.12
CA ASN B 33 -90.08 -34.83 -38.18
C ASN B 33 -89.16 -35.95 -38.68
N LEU B 34 -89.25 -37.13 -38.08
CA LEU B 34 -88.37 -38.24 -38.45
C LEU B 34 -88.75 -38.84 -39.81
N MET B 35 -89.98 -38.67 -40.24
CA MET B 35 -90.47 -39.32 -41.46
C MET B 35 -89.91 -38.72 -42.74
N GLY B 36 -89.20 -37.60 -42.67
CA GLY B 36 -88.53 -37.07 -43.85
C GLY B 36 -87.33 -37.90 -44.26
N SER B 37 -86.69 -38.56 -43.31
CA SER B 37 -85.55 -39.43 -43.60
C SER B 37 -85.49 -40.49 -42.51
N GLN B 38 -85.88 -41.72 -42.85
CA GLN B 38 -85.91 -42.80 -41.88
C GLN B 38 -84.50 -43.34 -41.63
N HIS B 39 -84.11 -43.34 -40.36
CA HIS B 39 -82.80 -43.86 -39.97
C HIS B 39 -82.88 -44.30 -38.51
N SER B 40 -82.12 -45.35 -38.17
CA SER B 40 -82.17 -45.95 -36.84
C SER B 40 -80.75 -46.11 -36.31
N ALA B 41 -80.22 -45.03 -35.72
CA ALA B 41 -78.92 -45.02 -35.04
C ALA B 41 -78.84 -43.78 -34.18
N GLU B 42 -78.56 -43.95 -32.88
CA GLU B 42 -78.48 -42.82 -31.96
C GLU B 42 -77.38 -41.79 -32.28
N PRO B 43 -76.12 -42.16 -32.61
CA PRO B 43 -75.15 -41.08 -32.91
C PRO B 43 -75.41 -40.35 -34.20
N VAL B 44 -76.04 -40.99 -35.19
CA VAL B 44 -76.52 -40.24 -36.35
C VAL B 44 -77.72 -39.39 -35.95
N ASN B 45 -78.56 -39.90 -35.03
CA ASN B 45 -79.66 -39.10 -34.49
C ASN B 45 -79.16 -37.94 -33.65
N LYS B 46 -78.00 -38.09 -32.99
CA LYS B 46 -77.38 -36.94 -32.33
C LYS B 46 -76.92 -35.90 -33.36
N SER B 47 -76.64 -36.32 -34.58
CA SER B 47 -76.47 -35.37 -35.67
C SER B 47 -77.80 -35.00 -36.30
N LEU B 48 -78.76 -35.93 -36.34
CA LEU B 48 -80.07 -35.62 -36.91
C LEU B 48 -80.88 -34.69 -36.01
N VAL B 49 -80.65 -34.73 -34.70
CA VAL B 49 -81.20 -33.68 -33.83
C VAL B 49 -80.56 -32.33 -34.18
N ASP B 50 -79.24 -32.33 -34.37
CA ASP B 50 -78.54 -31.11 -34.76
C ASP B 50 -78.90 -30.68 -36.18
N GLN B 51 -79.21 -31.62 -37.07
CA GLN B 51 -79.69 -31.24 -38.39
C GLN B 51 -81.15 -30.77 -38.35
N MET B 52 -81.87 -31.04 -37.28
CA MET B 52 -83.17 -30.42 -37.04
C MET B 52 -83.07 -29.16 -36.19
N LEU B 53 -81.86 -28.78 -35.76
CA LEU B 53 -81.64 -27.50 -35.09
C LEU B 53 -81.08 -26.45 -36.03
N VAL B 54 -80.25 -26.85 -37.00
CA VAL B 54 -79.75 -25.91 -37.98
C VAL B 54 -80.87 -25.45 -38.91
N GLU B 55 -81.73 -26.38 -39.33
CA GLU B 55 -82.90 -26.01 -40.13
C GLU B 55 -83.93 -25.27 -39.31
N LEU B 56 -83.95 -25.49 -37.99
CA LEU B 56 -84.83 -24.71 -37.11
C LEU B 56 -84.34 -23.28 -36.95
N ASP B 57 -83.02 -23.10 -36.83
CA ASP B 57 -82.46 -21.76 -36.70
C ASP B 57 -82.57 -20.97 -38.00
N LYS B 58 -82.68 -21.65 -39.14
CA LYS B 58 -82.99 -20.95 -40.39
C LYS B 58 -84.43 -20.46 -40.38
N LYS B 59 -85.32 -21.13 -39.63
CA LYS B 59 -86.69 -20.67 -39.51
C LYS B 59 -86.84 -19.56 -38.48
N ILE B 60 -86.03 -19.59 -37.42
CA ILE B 60 -86.23 -18.62 -36.33
C ILE B 60 -85.46 -17.34 -36.61
N SER B 61 -84.19 -17.44 -36.99
CA SER B 61 -83.37 -16.24 -37.18
C SER B 61 -83.80 -15.45 -38.42
N ALA B 62 -84.43 -16.10 -39.39
CA ALA B 62 -85.01 -15.36 -40.48
C ALA B 62 -86.26 -14.60 -40.05
N GLN B 63 -86.92 -15.06 -38.99
CA GLN B 63 -88.03 -14.30 -38.42
C GLN B 63 -87.53 -13.21 -37.48
N MET B 64 -86.47 -13.49 -36.72
CA MET B 64 -85.89 -12.50 -35.83
C MET B 64 -84.97 -11.53 -36.54
N ASP B 65 -84.74 -11.67 -37.84
CA ASP B 65 -84.24 -10.58 -38.64
C ASP B 65 -85.36 -9.80 -39.30
N GLU B 66 -86.61 -10.09 -38.95
CA GLU B 66 -87.76 -9.35 -39.44
C GLU B 66 -88.61 -8.77 -38.34
N ILE B 67 -88.63 -9.38 -37.15
CA ILE B 67 -89.22 -8.70 -36.00
C ILE B 67 -88.30 -7.57 -35.54
N LEU B 68 -87.00 -7.80 -35.61
CA LEU B 68 -86.05 -6.70 -35.54
C LEU B 68 -85.97 -6.02 -36.91
N HIS B 69 -85.10 -5.02 -37.02
CA HIS B 69 -84.75 -4.35 -38.29
C HIS B 69 -85.96 -3.67 -38.94
N ASN B 70 -86.95 -3.31 -38.15
CA ASN B 70 -88.16 -2.66 -38.64
C ASN B 70 -88.07 -1.16 -38.39
N SER B 71 -88.71 -0.38 -39.26
CA SER B 71 -88.59 1.07 -39.19
C SER B 71 -89.25 1.65 -37.95
N GLN B 72 -90.23 0.95 -37.37
CA GLN B 72 -90.78 1.36 -36.08
C GLN B 72 -89.91 0.87 -34.94
N PHE B 73 -89.30 -0.31 -35.08
CA PHE B 73 -88.50 -0.85 -33.99
C PHE B 73 -87.12 -0.22 -33.93
N GLN B 74 -86.41 -0.20 -35.07
CA GLN B 74 -85.01 0.23 -35.08
C GLN B 74 -84.86 1.72 -34.82
N ALA B 75 -85.80 2.54 -35.32
CA ALA B 75 -85.76 3.96 -35.02
C ALA B 75 -86.11 4.25 -33.57
N MET B 76 -86.86 3.36 -32.93
CA MET B 76 -87.13 3.44 -31.51
C MET B 76 -86.20 2.58 -30.68
N GLU B 77 -85.24 1.90 -31.32
CA GLU B 77 -84.17 1.26 -30.58
C GLU B 77 -82.92 2.12 -30.56
N SER B 78 -82.59 2.75 -31.68
CA SER B 78 -81.43 3.64 -31.73
C SER B 78 -81.65 4.90 -30.91
N ALA B 79 -82.89 5.38 -30.84
CA ALA B 79 -83.21 6.54 -30.03
C ALA B 79 -83.25 6.23 -28.54
N TRP B 80 -83.17 4.96 -28.15
CA TRP B 80 -83.24 4.58 -26.75
C TRP B 80 -82.01 3.84 -26.27
N ARG B 81 -81.41 2.97 -27.09
CA ARG B 81 -80.13 2.38 -26.70
C ARG B 81 -79.01 3.40 -26.82
N GLY B 82 -79.15 4.35 -27.75
CA GLY B 82 -78.22 5.46 -27.82
C GLY B 82 -78.26 6.37 -26.61
N LEU B 83 -79.39 6.41 -25.91
CA LEU B 83 -79.43 7.08 -24.63
C LEU B 83 -78.60 6.34 -23.59
N LYS B 84 -78.61 4.99 -23.64
CA LYS B 84 -77.82 4.21 -22.70
C LYS B 84 -76.32 4.41 -22.93
N LEU B 85 -75.92 4.67 -24.17
CA LEU B 85 -74.54 5.08 -24.43
C LEU B 85 -74.26 6.48 -23.89
N PHE B 86 -75.27 7.31 -23.70
CA PHE B 86 -75.05 8.57 -23.04
C PHE B 86 -75.15 8.47 -21.52
N VAL B 87 -75.80 7.45 -21.00
CA VAL B 87 -75.88 7.27 -19.55
C VAL B 87 -74.66 6.52 -19.02
N ASP B 88 -74.17 5.53 -19.77
CA ASP B 88 -73.09 4.69 -19.27
C ASP B 88 -71.74 5.41 -19.27
N ARG B 89 -71.53 6.35 -20.20
CA ARG B 89 -70.23 7.00 -20.28
C ARG B 89 -70.09 8.14 -19.29
N THR B 90 -71.15 8.92 -19.10
CA THR B 90 -71.08 10.12 -18.28
C THR B 90 -71.12 9.76 -16.81
N ASP B 91 -70.16 10.28 -16.04
CA ASP B 91 -70.03 9.93 -14.64
C ASP B 91 -70.99 10.79 -13.84
N PHE B 92 -72.10 10.19 -13.40
CA PHE B 92 -73.10 10.92 -12.64
C PHE B 92 -72.65 11.22 -11.21
N ARG B 93 -71.59 10.60 -10.73
CA ARG B 93 -71.04 10.98 -9.44
C ARG B 93 -70.31 12.31 -9.51
N GLU B 94 -69.82 12.70 -10.69
CA GLU B 94 -69.07 13.94 -10.84
C GLU B 94 -69.97 15.10 -11.28
N ASN B 95 -71.09 15.28 -10.55
CA ASN B 95 -72.01 16.41 -10.70
C ASN B 95 -72.56 16.54 -12.12
N ASN B 96 -73.33 15.54 -12.53
CA ASN B 96 -73.97 15.53 -13.83
C ASN B 96 -75.38 14.99 -13.69
N LYS B 97 -76.33 15.65 -14.35
CA LYS B 97 -77.69 15.15 -14.46
C LYS B 97 -78.15 15.34 -15.89
N VAL B 98 -79.13 14.54 -16.29
CA VAL B 98 -79.65 14.63 -17.66
C VAL B 98 -81.16 14.44 -17.64
N GLU B 99 -81.87 15.40 -18.21
CA GLU B 99 -83.31 15.32 -18.32
C GLU B 99 -83.72 14.69 -19.64
N ILE B 100 -84.85 13.99 -19.62
CA ILE B 100 -85.35 13.23 -20.75
C ILE B 100 -86.74 13.75 -21.09
N LEU B 101 -86.89 14.30 -22.29
CA LEU B 101 -88.15 14.88 -22.72
C LEU B 101 -88.68 14.12 -23.92
N HIS B 102 -89.91 13.63 -23.82
CA HIS B 102 -90.61 12.98 -24.93
C HIS B 102 -91.32 14.03 -25.74
N VAL B 103 -90.76 14.40 -26.89
CA VAL B 103 -91.49 15.09 -27.92
C VAL B 103 -91.42 14.23 -29.17
N THR B 104 -92.13 14.63 -30.20
CA THR B 104 -91.80 14.21 -31.54
C THR B 104 -91.41 15.43 -32.36
N LYS B 105 -90.65 15.19 -33.42
CA LYS B 105 -90.06 16.27 -34.19
C LYS B 105 -91.13 17.08 -34.93
N ASP B 106 -92.23 16.44 -35.31
CA ASP B 106 -93.33 17.18 -35.92
C ASP B 106 -94.17 17.92 -34.89
N GLU B 107 -94.17 17.44 -33.65
CA GLU B 107 -94.90 18.13 -32.60
C GLU B 107 -94.19 19.41 -32.18
N LEU B 108 -92.87 19.44 -32.31
CA LEU B 108 -92.10 20.52 -31.70
C LEU B 108 -92.23 21.80 -32.50
N LEU B 109 -92.27 21.71 -33.83
CA LEU B 109 -92.49 22.90 -34.65
C LEU B 109 -93.91 23.42 -34.48
N GLU B 110 -94.87 22.53 -34.30
CA GLU B 110 -96.24 22.93 -33.99
C GLU B 110 -96.31 23.64 -32.64
N ASP B 111 -95.47 23.23 -31.69
CA ASP B 111 -95.44 23.88 -30.39
C ASP B 111 -94.78 25.26 -30.45
N PHE B 112 -93.90 25.49 -31.43
CA PHE B 112 -93.44 26.85 -31.68
C PHE B 112 -94.42 27.64 -32.52
N GLU B 113 -95.25 26.96 -33.30
CA GLU B 113 -96.38 27.60 -33.95
C GLU B 113 -97.51 27.86 -32.95
N PHE B 114 -97.51 27.13 -31.83
CA PHE B 114 -98.51 27.27 -30.79
C PHE B 114 -98.48 28.64 -30.13
N ALA B 115 -97.30 29.05 -29.66
CA ALA B 115 -97.19 30.34 -28.99
C ALA B 115 -96.87 31.45 -29.99
N PRO B 116 -97.36 32.67 -29.74
CA PRO B 116 -97.03 33.79 -30.63
C PRO B 116 -95.59 34.25 -30.51
N GLU B 117 -94.93 33.95 -29.39
CA GLU B 117 -93.54 34.32 -29.18
C GLU B 117 -92.81 33.12 -28.59
N THR B 118 -91.52 33.00 -28.93
CA THR B 118 -90.68 31.92 -28.42
C THR B 118 -90.53 31.96 -26.90
N ALA B 119 -90.72 33.13 -26.30
CA ALA B 119 -90.68 33.30 -24.85
C ALA B 119 -91.97 32.88 -24.17
N GLN B 120 -92.91 32.29 -24.89
CA GLN B 120 -94.10 31.71 -24.27
C GLN B 120 -94.36 30.28 -24.75
N SER B 121 -93.36 29.64 -25.37
CA SER B 121 -93.55 28.33 -25.95
C SER B 121 -93.62 27.25 -24.87
N GLY B 122 -93.88 26.02 -25.30
CA GLY B 122 -93.87 24.91 -24.37
C GLY B 122 -92.49 24.32 -24.17
N LEU B 123 -91.62 24.44 -25.18
CA LEU B 123 -90.24 24.01 -24.99
C LEU B 123 -89.46 25.04 -24.18
N TYR B 124 -89.85 26.30 -24.27
CA TYR B 124 -89.26 27.36 -23.44
C TYR B 124 -89.56 27.13 -21.97
N LYS B 125 -90.64 26.43 -21.65
CA LYS B 125 -90.93 26.13 -20.26
C LYS B 125 -89.96 25.10 -19.70
N HIS B 126 -89.54 24.14 -20.52
CA HIS B 126 -88.70 23.07 -20.02
C HIS B 126 -87.21 23.38 -20.13
N VAL B 127 -86.83 24.25 -21.07
CA VAL B 127 -85.43 24.61 -21.21
C VAL B 127 -85.07 25.75 -20.28
N TYR B 128 -85.88 26.80 -20.28
CA TYR B 128 -85.56 28.01 -19.52
C TYR B 128 -86.17 27.98 -18.12
N SER B 129 -87.49 27.92 -18.03
CA SER B 129 -88.15 28.28 -16.78
C SER B 129 -88.14 27.15 -15.76
N ALA B 130 -88.25 25.89 -16.19
CA ALA B 130 -88.18 24.81 -15.22
C ALA B 130 -86.75 24.53 -14.78
N GLY B 131 -85.78 25.02 -15.52
CA GLY B 131 -84.38 24.83 -15.20
C GLY B 131 -83.73 26.14 -14.79
N TYR B 132 -83.16 26.80 -15.79
CA TYR B 132 -82.36 28.00 -15.60
C TYR B 132 -83.16 29.15 -14.97
N GLY B 133 -84.34 29.43 -15.49
CA GLY B 133 -85.15 30.50 -14.93
C GLY B 133 -85.95 30.06 -13.73
N GLN B 134 -85.26 29.66 -12.67
CA GLN B 134 -85.89 29.08 -11.50
C GLN B 134 -84.99 29.29 -10.30
N PHE B 135 -85.56 29.73 -9.19
CA PHE B 135 -84.77 29.91 -7.98
C PHE B 135 -84.32 28.56 -7.44
N GLY B 136 -83.02 28.33 -7.44
CA GLY B 136 -82.43 27.12 -6.95
C GLY B 136 -82.41 25.97 -7.94
N GLY B 137 -83.14 26.06 -9.04
CA GLY B 137 -83.16 24.97 -10.00
C GLY B 137 -81.87 24.90 -10.78
N GLU B 138 -81.48 23.68 -11.13
CA GLU B 138 -80.26 23.48 -11.89
C GLU B 138 -80.45 23.92 -13.34
N PRO B 139 -79.52 24.68 -13.90
CA PRO B 139 -79.73 25.24 -15.23
C PRO B 139 -79.26 24.27 -16.31
N VAL B 140 -79.67 24.56 -17.54
CA VAL B 140 -79.52 23.64 -18.66
C VAL B 140 -78.24 23.96 -19.41
N GLY B 141 -77.37 22.96 -19.55
CA GLY B 141 -76.13 23.14 -20.26
C GLY B 141 -76.29 23.08 -21.77
N ALA B 142 -76.92 22.02 -22.27
CA ALA B 142 -77.09 21.86 -23.71
C ALA B 142 -78.33 21.04 -23.99
N ILE B 143 -78.84 21.16 -25.22
CA ILE B 143 -80.02 20.42 -25.65
C ILE B 143 -79.59 19.43 -26.73
N ILE B 144 -79.70 18.15 -26.41
CA ILE B 144 -79.43 17.09 -27.40
C ILE B 144 -80.65 16.95 -28.28
N GLY B 145 -80.47 17.21 -29.57
CA GLY B 145 -81.53 16.99 -30.53
C GLY B 145 -81.40 15.64 -31.19
N ASN B 146 -82.34 14.74 -30.92
CA ASN B 146 -82.30 13.39 -31.45
C ASN B 146 -83.05 13.33 -32.78
N TYR B 147 -82.64 14.22 -33.69
CA TYR B 147 -83.41 14.53 -34.88
C TYR B 147 -82.58 14.23 -36.12
N ALA B 148 -83.24 14.31 -37.27
CA ALA B 148 -82.60 14.15 -38.58
C ALA B 148 -83.06 15.32 -39.43
N PHE B 149 -82.22 16.35 -39.53
CA PHE B 149 -82.64 17.60 -40.12
C PHE B 149 -82.51 17.58 -41.64
N THR B 150 -83.53 18.06 -42.30
CA THR B 150 -83.59 18.37 -43.71
C THR B 150 -83.31 19.85 -43.91
N PRO B 151 -83.01 20.29 -45.13
CA PRO B 151 -82.90 21.74 -45.35
C PRO B 151 -84.20 22.41 -45.74
N SER B 152 -85.33 21.73 -45.53
CA SER B 152 -86.62 22.26 -45.93
C SER B 152 -87.09 23.32 -44.94
N THR B 153 -88.20 23.97 -45.30
CA THR B 153 -88.83 25.02 -44.50
C THR B 153 -89.35 24.53 -43.14
N PRO B 154 -89.95 23.34 -42.97
CA PRO B 154 -90.29 22.90 -41.60
C PRO B 154 -89.09 22.49 -40.75
N ASP B 155 -87.86 22.56 -41.26
CA ASP B 155 -86.68 22.32 -40.44
C ASP B 155 -85.73 23.50 -40.37
N MET B 156 -85.93 24.52 -41.20
CA MET B 156 -85.25 25.79 -40.98
C MET B 156 -86.10 26.76 -40.18
N LYS B 157 -87.40 26.50 -40.07
CA LYS B 157 -88.23 27.26 -39.14
C LYS B 157 -88.04 26.77 -37.72
N LEU B 158 -87.74 25.49 -37.54
CA LEU B 158 -87.47 24.97 -36.22
C LEU B 158 -86.15 25.51 -35.67
N LEU B 159 -85.11 25.49 -36.49
CA LEU B 159 -83.80 25.95 -36.01
C LEU B 159 -83.75 27.46 -35.83
N GLN B 160 -84.58 28.20 -36.54
CA GLN B 160 -84.71 29.62 -36.25
C GLN B 160 -85.36 29.82 -34.89
N TYR B 161 -86.26 28.93 -34.51
CA TYR B 161 -86.89 28.96 -33.20
C TYR B 161 -86.13 28.15 -32.15
N MET B 162 -85.01 27.54 -32.52
CA MET B 162 -84.12 26.95 -31.53
C MET B 162 -82.87 27.77 -31.31
N GLY B 163 -82.47 28.57 -32.29
CA GLY B 163 -81.41 29.54 -32.05
C GLY B 163 -81.87 30.67 -31.16
N ALA B 164 -83.14 31.07 -31.27
CA ALA B 164 -83.67 32.08 -30.37
C ALA B 164 -83.93 31.52 -28.99
N LEU B 165 -84.26 30.23 -28.89
CA LEU B 165 -84.38 29.60 -27.58
C LEU B 165 -83.00 29.40 -26.95
N GLY B 166 -82.00 29.05 -27.76
CA GLY B 166 -80.66 28.88 -27.24
C GLY B 166 -79.99 30.17 -26.84
N ALA B 167 -80.45 31.29 -27.36
CA ALA B 167 -79.90 32.58 -26.96
C ALA B 167 -80.59 33.14 -25.73
N MET B 168 -81.67 32.52 -25.27
CA MET B 168 -82.32 32.99 -24.05
C MET B 168 -81.87 32.21 -22.83
N ALA B 169 -81.73 30.89 -22.96
CA ALA B 169 -81.33 30.06 -21.84
C ALA B 169 -79.84 29.76 -21.82
N HIS B 170 -79.09 30.34 -22.77
CA HIS B 170 -77.63 30.18 -22.89
C HIS B 170 -77.21 28.72 -23.01
N ALA B 171 -77.89 28.01 -23.88
CA ALA B 171 -77.58 26.59 -24.04
C ALA B 171 -77.65 26.25 -25.52
N PRO B 172 -76.56 25.78 -26.12
CA PRO B 172 -76.61 25.47 -27.55
C PRO B 172 -77.37 24.18 -27.82
N PHE B 173 -78.11 24.19 -28.91
CA PHE B 173 -78.91 23.04 -29.33
C PHE B 173 -78.09 22.20 -30.31
N ILE B 174 -77.68 21.01 -29.87
CA ILE B 174 -76.90 20.11 -30.68
C ILE B 174 -77.79 19.00 -31.23
N SER B 175 -77.73 18.82 -32.55
CA SER B 175 -78.51 17.81 -33.25
C SER B 175 -77.68 17.38 -34.46
N SER B 176 -78.31 16.72 -35.42
CA SER B 176 -77.57 16.27 -36.58
C SER B 176 -78.36 16.50 -37.86
N VAL B 177 -77.62 16.64 -38.95
CA VAL B 177 -78.20 16.69 -40.28
C VAL B 177 -78.26 15.27 -40.82
N GLY B 178 -79.15 15.07 -41.79
CA GLY B 178 -79.35 13.76 -42.36
C GLY B 178 -78.57 13.56 -43.65
N PRO B 179 -78.70 12.38 -44.24
CA PRO B 179 -78.15 12.17 -45.58
C PRO B 179 -78.76 13.10 -46.60
N GLU B 180 -80.08 13.27 -46.55
CA GLU B 180 -80.80 14.12 -47.49
C GLU B 180 -80.50 15.59 -47.32
N PHE B 181 -79.82 15.97 -46.23
CA PHE B 181 -79.36 17.35 -46.08
C PHE B 181 -78.32 17.68 -47.12
N PHE B 182 -77.39 16.76 -47.37
CA PHE B 182 -76.37 16.98 -48.39
C PHE B 182 -76.88 16.67 -49.79
N GLY B 183 -78.05 16.04 -49.91
CA GLY B 183 -78.61 15.73 -51.21
C GLY B 183 -78.00 14.48 -51.84
N ILE B 184 -77.88 13.42 -51.05
CA ILE B 184 -77.30 12.18 -51.55
C ILE B 184 -78.23 10.98 -51.38
N ASP B 185 -79.21 11.04 -50.47
CA ASP B 185 -80.30 10.05 -50.28
C ASP B 185 -79.83 8.65 -49.87
N SER B 186 -78.54 8.48 -49.67
CA SER B 186 -77.90 7.25 -49.24
C SER B 186 -76.51 7.66 -48.80
N PHE B 187 -76.10 7.30 -47.58
CA PHE B 187 -75.09 8.11 -46.94
C PHE B 187 -73.67 7.77 -47.33
N GLU B 188 -73.37 6.53 -47.70
CA GLU B 188 -71.99 6.11 -47.91
C GLU B 188 -71.33 6.68 -49.15
N GLU B 189 -72.02 7.54 -49.90
CA GLU B 189 -71.42 8.25 -51.02
C GLU B 189 -71.04 9.68 -50.67
N LEU B 190 -70.66 9.93 -49.42
CA LEU B 190 -70.24 11.27 -49.04
C LEU B 190 -68.81 11.63 -49.46
N PRO B 191 -67.78 10.76 -49.35
CA PRO B 191 -66.46 11.16 -49.90
C PRO B 191 -66.42 11.28 -51.40
N ASN B 192 -67.43 10.78 -52.12
CA ASN B 192 -67.49 10.96 -53.55
C ASN B 192 -67.78 12.41 -53.94
N ILE B 193 -68.27 13.22 -53.00
CA ILE B 193 -68.51 14.63 -53.25
C ILE B 193 -67.18 15.34 -53.45
N LYS B 194 -66.99 15.89 -54.64
CA LYS B 194 -65.72 16.50 -55.01
C LYS B 194 -65.68 18.00 -54.77
N ASP B 195 -66.82 18.63 -54.53
CA ASP B 195 -66.86 20.05 -54.20
C ASP B 195 -68.09 20.29 -53.34
N LEU B 196 -67.88 20.39 -52.03
CA LEU B 196 -68.98 20.59 -51.09
C LEU B 196 -69.24 22.07 -50.80
N LYS B 197 -68.30 22.94 -51.17
CA LYS B 197 -68.52 24.37 -51.03
C LYS B 197 -69.58 24.87 -52.00
N SER B 198 -69.57 24.36 -53.22
CA SER B 198 -70.56 24.79 -54.21
C SER B 198 -71.93 24.18 -53.96
N THR B 199 -72.00 23.08 -53.22
CA THR B 199 -73.29 22.47 -52.91
C THR B 199 -74.10 23.37 -51.97
N PHE B 200 -73.42 24.04 -51.04
CA PHE B 200 -74.10 24.88 -50.07
C PHE B 200 -74.47 26.26 -50.61
N GLU B 201 -73.97 26.62 -51.79
CA GLU B 201 -74.32 27.89 -52.44
C GLU B 201 -75.37 27.69 -53.53
N SER B 202 -76.32 26.75 -53.31
CA SER B 202 -77.49 26.37 -54.11
C SER B 202 -78.73 27.10 -53.61
N PRO B 203 -79.67 27.41 -54.50
CA PRO B 203 -80.90 28.10 -54.06
C PRO B 203 -81.85 27.24 -53.25
N LYS B 204 -81.58 25.94 -53.08
CA LYS B 204 -82.36 25.15 -52.14
C LYS B 204 -82.04 25.55 -50.70
N TYR B 205 -80.86 26.10 -50.46
CA TYR B 205 -80.36 26.42 -49.13
C TYR B 205 -80.45 27.91 -48.83
N THR B 206 -81.50 28.60 -49.30
CA THR B 206 -81.64 30.02 -48.98
C THR B 206 -82.08 30.20 -47.54
N LYS B 207 -82.84 29.25 -47.00
CA LYS B 207 -83.19 29.24 -45.59
C LYS B 207 -82.11 28.61 -44.72
N TRP B 208 -80.99 28.19 -45.29
CA TRP B 208 -79.81 27.77 -44.56
C TRP B 208 -78.77 28.86 -44.48
N ARG B 209 -78.45 29.50 -45.61
CA ARG B 209 -77.47 30.57 -45.62
C ARG B 209 -77.99 31.84 -44.97
N SER B 210 -79.30 31.96 -44.79
CA SER B 210 -79.84 33.05 -43.98
C SER B 210 -79.91 32.67 -42.51
N LEU B 211 -79.97 31.38 -42.19
CA LEU B 211 -79.86 30.95 -40.82
C LEU B 211 -78.44 31.17 -40.29
N ARG B 212 -77.44 30.92 -41.14
CA ARG B 212 -76.05 31.01 -40.71
C ARG B 212 -75.64 32.44 -40.42
N GLU B 213 -76.15 33.40 -41.20
CA GLU B 213 -75.80 34.80 -40.98
C GLU B 213 -76.45 35.38 -39.73
N SER B 214 -77.47 34.72 -39.19
CA SER B 214 -78.24 35.28 -38.08
C SER B 214 -77.41 35.29 -36.80
N GLU B 215 -77.82 36.16 -35.88
CA GLU B 215 -77.05 36.38 -34.66
C GLU B 215 -77.26 35.26 -33.66
N ASP B 216 -78.48 34.78 -33.52
CA ASP B 216 -78.78 33.72 -32.55
C ASP B 216 -78.42 32.34 -33.04
N ALA B 217 -77.80 32.20 -34.22
CA ALA B 217 -77.33 30.91 -34.69
C ALA B 217 -76.09 30.43 -33.98
N ARG B 218 -75.53 31.27 -33.11
CA ARG B 218 -74.34 30.95 -32.33
C ARG B 218 -74.58 29.77 -31.40
N TYR B 219 -75.84 29.57 -30.99
CA TYR B 219 -76.23 28.50 -30.08
C TYR B 219 -76.81 27.31 -30.82
N LEU B 220 -76.27 26.99 -31.99
CA LEU B 220 -76.75 25.88 -32.79
C LEU B 220 -75.56 25.17 -33.41
N GLY B 221 -75.25 23.98 -32.91
CA GLY B 221 -74.29 23.09 -33.55
C GLY B 221 -75.03 21.91 -34.15
N LEU B 222 -74.63 21.50 -35.34
CA LEU B 222 -75.22 20.35 -35.99
C LEU B 222 -74.13 19.33 -36.29
N THR B 223 -74.31 18.11 -35.80
CA THR B 223 -73.22 17.19 -35.59
C THR B 223 -73.01 16.29 -36.82
N ALA B 224 -72.29 15.21 -36.59
CA ALA B 224 -71.58 14.24 -37.42
C ALA B 224 -72.45 13.41 -38.35
N PRO B 225 -71.86 12.51 -39.16
CA PRO B 225 -72.69 11.54 -39.89
C PRO B 225 -73.69 10.71 -39.08
N ARG B 226 -73.21 9.72 -38.32
CA ARG B 226 -73.95 8.75 -37.50
C ARG B 226 -72.89 7.86 -36.88
N PHE B 227 -73.31 7.01 -35.94
CA PHE B 227 -72.36 6.07 -35.37
C PHE B 227 -73.09 4.82 -34.96
N LEU B 228 -72.34 3.73 -34.84
CA LEU B 228 -72.87 2.40 -34.59
C LEU B 228 -73.13 2.20 -33.10
N LEU B 229 -74.18 1.45 -32.79
CA LEU B 229 -74.58 1.17 -31.41
C LEU B 229 -74.45 -0.29 -31.02
N ARG B 230 -74.99 -1.20 -31.82
CA ARG B 230 -75.10 -2.59 -31.45
C ARG B 230 -74.32 -3.46 -32.42
N VAL B 231 -73.38 -4.23 -31.89
CA VAL B 231 -72.76 -5.30 -32.67
C VAL B 231 -73.80 -6.37 -32.95
N PRO B 232 -73.97 -6.80 -34.20
CA PRO B 232 -74.89 -7.91 -34.48
C PRO B 232 -74.40 -9.20 -33.83
N TYR B 233 -75.36 -9.97 -33.31
CA TYR B 233 -75.07 -11.06 -32.41
C TYR B 233 -74.47 -12.25 -33.16
N ASP B 234 -73.89 -13.17 -32.39
CA ASP B 234 -73.12 -14.28 -32.95
C ASP B 234 -73.12 -15.39 -31.93
N PRO B 235 -73.25 -16.66 -32.34
CA PRO B 235 -73.25 -17.75 -31.35
C PRO B 235 -71.90 -18.02 -30.70
N ILE B 236 -70.83 -17.35 -31.10
CA ILE B 236 -69.51 -17.50 -30.49
C ILE B 236 -69.08 -16.22 -29.78
N GLU B 237 -69.22 -15.07 -30.46
CA GLU B 237 -68.71 -13.82 -29.92
C GLU B 237 -69.63 -13.25 -28.84
N ASN B 238 -70.86 -12.90 -29.22
CA ASN B 238 -71.85 -12.31 -28.31
C ASN B 238 -73.09 -13.19 -28.32
N PRO B 239 -73.09 -14.27 -27.55
CA PRO B 239 -74.20 -15.24 -27.62
C PRO B 239 -75.42 -14.75 -26.87
N VAL B 240 -76.52 -15.47 -27.05
CA VAL B 240 -77.75 -15.26 -26.31
C VAL B 240 -78.07 -16.52 -25.52
N LYS B 241 -78.89 -16.36 -24.48
CA LYS B 241 -79.12 -17.42 -23.51
C LYS B 241 -80.03 -18.50 -24.11
N SER B 242 -79.52 -19.74 -24.10
CA SER B 242 -80.24 -20.95 -24.55
C SER B 242 -80.69 -20.85 -26.00
N PHE B 243 -79.91 -20.16 -26.83
CA PHE B 243 -80.23 -19.99 -28.24
C PHE B 243 -78.96 -19.59 -28.97
N ASN B 244 -78.89 -19.91 -30.26
CA ASN B 244 -77.78 -19.50 -31.12
C ASN B 244 -78.35 -18.57 -32.19
N TYR B 245 -77.97 -17.30 -32.14
CA TYR B 245 -78.54 -16.26 -32.98
C TYR B 245 -77.45 -15.62 -33.83
N ALA B 246 -77.45 -15.92 -35.12
CA ALA B 246 -76.55 -15.29 -36.08
C ALA B 246 -77.38 -14.28 -36.86
N GLU B 247 -77.19 -12.99 -36.55
CA GLU B 247 -77.96 -11.92 -37.17
C GLU B 247 -77.42 -11.68 -38.57
N ASN B 248 -78.14 -12.18 -39.57
CA ASN B 248 -77.72 -12.08 -40.97
C ASN B 248 -77.89 -10.66 -41.46
N VAL B 249 -76.83 -9.86 -41.40
CA VAL B 249 -76.86 -8.49 -41.86
C VAL B 249 -76.59 -8.49 -43.37
N SER B 250 -77.52 -7.94 -44.14
CA SER B 250 -77.45 -7.96 -45.59
C SER B 250 -76.52 -6.85 -46.08
N ALA B 251 -76.52 -6.62 -47.39
CA ALA B 251 -75.69 -5.58 -47.97
C ALA B 251 -76.23 -4.18 -47.68
N SER B 252 -77.50 -4.07 -47.29
CA SER B 252 -78.05 -2.80 -46.84
C SER B 252 -77.49 -2.48 -45.47
N HIS B 253 -76.76 -1.37 -45.35
CA HIS B 253 -76.19 -0.95 -44.09
C HIS B 253 -77.16 -0.13 -43.26
N GLU B 254 -78.44 -0.12 -43.62
CA GLU B 254 -79.45 0.50 -42.77
C GLU B 254 -79.94 -0.44 -41.68
N HIS B 255 -79.58 -1.72 -41.74
CA HIS B 255 -80.03 -2.68 -40.74
C HIS B 255 -79.17 -2.65 -39.48
N TYR B 256 -77.95 -2.14 -39.56
CA TYR B 256 -77.18 -1.85 -38.36
C TYR B 256 -77.89 -0.80 -37.53
N LEU B 257 -77.79 -0.93 -36.21
CA LEU B 257 -78.44 0.02 -35.30
C LEU B 257 -77.62 1.30 -35.27
N TRP B 258 -77.89 2.17 -36.24
CA TRP B 258 -77.16 3.42 -36.33
C TRP B 258 -77.79 4.46 -35.41
N GLY B 259 -77.02 4.97 -34.47
CA GLY B 259 -77.50 5.96 -33.54
C GLY B 259 -77.40 7.38 -34.08
N ASN B 260 -77.73 8.34 -33.23
CA ASN B 260 -77.64 9.76 -33.54
C ASN B 260 -76.47 10.36 -32.79
N THR B 261 -75.62 11.12 -33.49
CA THR B 261 -74.34 11.53 -32.92
C THR B 261 -74.47 12.74 -31.99
N ALA B 262 -75.67 13.30 -31.85
CA ALA B 262 -75.89 14.28 -30.79
C ALA B 262 -75.77 13.63 -29.42
N PHE B 263 -76.04 12.33 -29.32
CA PHE B 263 -75.65 11.56 -28.16
C PHE B 263 -74.14 11.56 -27.97
N ALA B 264 -73.40 11.23 -29.04
CA ALA B 264 -71.97 11.02 -28.92
C ALA B 264 -71.17 12.30 -28.79
N PHE B 265 -71.69 13.43 -29.31
CA PHE B 265 -70.99 14.69 -29.12
C PHE B 265 -71.24 15.25 -27.73
N ALA B 266 -72.42 15.03 -27.17
CA ALA B 266 -72.68 15.42 -25.80
C ALA B 266 -72.01 14.49 -24.80
N THR B 267 -71.50 13.34 -25.25
CA THR B 267 -70.64 12.54 -24.39
C THR B 267 -69.35 13.29 -24.09
N ARG B 268 -68.84 14.05 -25.06
CA ARG B 268 -67.63 14.81 -24.87
C ARG B 268 -67.86 16.14 -24.18
N LEU B 269 -69.08 16.67 -24.22
CA LEU B 269 -69.41 17.81 -23.36
C LEU B 269 -69.39 17.43 -21.90
N THR B 270 -69.77 16.20 -21.59
CA THR B 270 -69.94 15.81 -20.20
C THR B 270 -68.68 15.14 -19.67
N ASP B 271 -67.98 14.36 -20.49
CA ASP B 271 -66.72 13.79 -20.03
C ASP B 271 -65.60 14.83 -19.97
N SER B 272 -65.80 16.00 -20.56
CA SER B 272 -64.94 17.12 -20.26
C SER B 272 -65.34 17.81 -18.96
N PHE B 273 -66.62 17.81 -18.64
CA PHE B 273 -67.06 18.44 -17.40
C PHE B 273 -66.76 17.56 -16.19
N ALA B 274 -66.74 16.24 -16.36
CA ALA B 274 -66.48 15.37 -15.24
C ALA B 274 -65.02 15.36 -14.83
N LYS B 275 -64.13 15.94 -15.62
CA LYS B 275 -62.72 15.97 -15.33
C LYS B 275 -62.22 17.33 -14.89
N TYR B 276 -62.65 18.41 -15.55
CA TYR B 276 -62.13 19.73 -15.29
C TYR B 276 -63.18 20.72 -14.79
N ARG B 277 -64.44 20.30 -14.70
CA ARG B 277 -65.59 21.14 -14.30
C ARG B 277 -65.77 22.35 -15.20
N TRP B 278 -65.36 22.22 -16.47
CA TRP B 278 -65.66 23.17 -17.51
C TRP B 278 -65.84 22.37 -18.80
N CYS B 279 -66.09 23.07 -19.89
CA CYS B 279 -66.14 22.42 -21.21
C CYS B 279 -65.66 23.34 -22.34
N PRO B 280 -64.34 23.56 -22.45
CA PRO B 280 -63.82 23.88 -23.78
C PRO B 280 -63.17 22.69 -24.45
N ASN B 281 -63.02 21.58 -23.72
CA ASN B 281 -62.21 20.45 -24.15
C ASN B 281 -63.07 19.44 -24.89
N ILE B 282 -63.37 19.75 -26.15
CA ILE B 282 -64.19 18.87 -26.96
C ILE B 282 -63.63 18.62 -28.37
N ILE B 283 -62.45 19.14 -28.69
CA ILE B 283 -61.98 19.05 -30.06
C ILE B 283 -60.64 18.34 -30.18
N GLY B 284 -60.33 17.42 -29.27
CA GLY B 284 -59.03 16.78 -29.29
C GLY B 284 -59.05 15.27 -29.40
N PRO B 285 -58.35 14.73 -30.40
CA PRO B 285 -58.15 13.28 -30.45
C PRO B 285 -57.31 12.75 -29.32
N GLN B 286 -56.48 13.58 -28.71
CA GLN B 286 -55.82 13.26 -27.44
C GLN B 286 -56.12 14.31 -26.39
N SER B 287 -57.17 15.11 -26.58
CA SER B 287 -57.44 16.20 -25.66
C SER B 287 -58.93 16.38 -25.41
N GLY B 288 -59.70 15.31 -25.52
CA GLY B 288 -61.08 15.34 -25.09
C GLY B 288 -62.13 15.43 -26.18
N GLY B 289 -61.81 15.07 -27.42
CA GLY B 289 -62.83 15.01 -28.45
C GLY B 289 -62.81 13.65 -29.10
N ALA B 290 -62.30 12.65 -28.38
CA ALA B 290 -62.11 11.31 -28.92
C ALA B 290 -63.23 10.41 -28.44
N VAL B 291 -64.19 10.12 -29.31
CA VAL B 291 -65.25 9.17 -29.00
C VAL B 291 -64.63 7.77 -29.08
N GLU B 292 -64.32 7.21 -27.92
CA GLU B 292 -63.68 5.90 -27.87
C GLU B 292 -64.72 4.81 -27.66
N ASP B 293 -64.26 3.56 -27.77
CA ASP B 293 -65.03 2.34 -27.52
C ASP B 293 -66.25 2.26 -28.44
N LEU B 294 -66.01 2.44 -29.72
CA LEU B 294 -67.09 2.25 -30.67
C LEU B 294 -67.30 0.78 -30.96
N PRO B 295 -68.51 0.37 -31.32
CA PRO B 295 -68.73 -1.00 -31.75
C PRO B 295 -68.13 -1.26 -33.12
N VAL B 296 -67.47 -2.40 -33.27
CA VAL B 296 -66.94 -2.83 -34.56
C VAL B 296 -67.54 -4.17 -34.92
N HIS B 297 -67.57 -4.45 -36.22
CA HIS B 297 -68.16 -5.69 -36.73
C HIS B 297 -67.24 -6.21 -37.83
N VAL B 298 -66.37 -7.15 -37.47
CA VAL B 298 -65.44 -7.74 -38.42
C VAL B 298 -66.20 -8.75 -39.26
N PHE B 299 -66.35 -8.48 -40.55
CA PHE B 299 -67.01 -9.39 -41.47
C PHE B 299 -66.08 -9.67 -42.64
N GLU B 300 -66.51 -10.62 -43.48
CA GLU B 300 -65.72 -11.03 -44.63
C GLU B 300 -66.08 -10.17 -45.83
N SER B 301 -65.08 -9.49 -46.39
CA SER B 301 -65.26 -8.73 -47.61
C SER B 301 -65.02 -9.62 -48.81
N MET B 302 -64.81 -9.02 -49.98
CA MET B 302 -64.52 -9.77 -51.21
C MET B 302 -63.08 -10.28 -51.17
N GLY B 303 -62.89 -11.32 -50.36
CA GLY B 303 -61.59 -11.97 -50.21
C GLY B 303 -60.90 -11.68 -48.89
N ALA B 304 -60.93 -10.43 -48.45
CA ALA B 304 -60.19 -10.00 -47.28
C ALA B 304 -61.07 -10.02 -46.04
N LEU B 305 -60.44 -9.75 -44.89
CA LEU B 305 -61.12 -9.67 -43.61
C LEU B 305 -61.04 -8.20 -43.16
N GLN B 306 -62.13 -7.47 -43.33
CA GLN B 306 -62.17 -6.06 -42.97
C GLN B 306 -63.15 -5.86 -41.83
N SER B 307 -63.26 -4.61 -41.39
CA SER B 307 -64.17 -4.22 -40.33
C SER B 307 -65.17 -3.21 -40.85
N LYS B 308 -66.41 -3.32 -40.38
CA LYS B 308 -67.41 -2.32 -40.69
C LYS B 308 -67.08 -1.01 -39.99
N ILE B 309 -67.08 0.09 -40.74
CA ILE B 309 -66.69 1.38 -40.18
C ILE B 309 -67.76 1.88 -39.23
N PRO B 310 -67.41 2.22 -37.99
CA PRO B 310 -68.44 2.59 -37.01
C PRO B 310 -69.13 3.90 -37.28
N THR B 311 -68.50 4.82 -38.02
CA THR B 311 -69.23 5.91 -38.65
C THR B 311 -69.38 5.54 -40.12
N GLU B 312 -70.47 5.97 -40.73
CA GLU B 312 -70.86 5.39 -42.02
C GLU B 312 -69.99 5.82 -43.18
N VAL B 313 -69.21 6.88 -43.02
CA VAL B 313 -68.24 7.27 -44.03
C VAL B 313 -66.90 7.48 -43.34
N LEU B 314 -65.83 7.38 -44.12
CA LEU B 314 -64.50 7.75 -43.67
C LEU B 314 -64.28 9.20 -44.10
N ILE B 315 -64.42 10.11 -43.15
CA ILE B 315 -64.26 11.53 -43.44
C ILE B 315 -62.77 11.83 -43.55
N THR B 316 -62.36 12.35 -44.71
CA THR B 316 -60.98 12.71 -44.90
C THR B 316 -60.68 14.02 -44.16
N ASP B 317 -59.42 14.43 -44.21
CA ASP B 317 -59.06 15.67 -43.52
C ASP B 317 -59.48 16.89 -44.30
N ARG B 318 -59.50 16.82 -45.64
CA ARG B 318 -59.97 17.94 -46.43
C ARG B 318 -61.48 18.05 -46.39
N LYS B 319 -62.18 16.92 -46.36
CA LYS B 319 -63.64 16.94 -46.23
C LYS B 319 -64.06 17.47 -44.87
N GLU B 320 -63.29 17.17 -43.83
CA GLU B 320 -63.65 17.66 -42.50
C GLU B 320 -63.33 19.14 -42.36
N PHE B 321 -62.26 19.60 -42.98
CA PHE B 321 -61.96 21.03 -42.97
C PHE B 321 -62.97 21.81 -43.80
N GLU B 322 -63.51 21.20 -44.84
CA GLU B 322 -64.55 21.89 -45.61
C GLU B 322 -65.87 21.87 -44.88
N LEU B 323 -66.12 20.84 -44.06
CA LEU B 323 -67.26 20.88 -43.15
C LEU B 323 -67.04 21.84 -41.99
N ALA B 324 -65.79 22.07 -41.61
CA ALA B 324 -65.52 22.98 -40.49
C ALA B 324 -65.75 24.42 -40.89
N GLU B 325 -65.43 24.77 -42.14
CA GLU B 325 -65.67 26.12 -42.61
C GLU B 325 -67.17 26.36 -42.85
N GLU B 326 -67.91 25.32 -43.19
CA GLU B 326 -69.33 25.44 -43.47
C GLU B 326 -70.22 25.12 -42.27
N GLY B 327 -69.64 25.09 -41.06
CA GLY B 327 -70.42 24.98 -39.86
C GLY B 327 -70.97 23.60 -39.57
N PHE B 328 -70.09 22.63 -39.36
CA PHE B 328 -70.49 21.27 -39.03
C PHE B 328 -69.49 20.67 -38.06
N ILE B 329 -69.99 19.86 -37.15
CA ILE B 329 -69.15 19.17 -36.18
C ILE B 329 -69.01 17.74 -36.69
N ALA B 330 -67.99 17.50 -37.50
CA ALA B 330 -67.81 16.20 -38.12
C ALA B 330 -66.99 15.28 -37.23
N LEU B 331 -67.18 13.98 -37.42
CA LEU B 331 -66.51 12.95 -36.64
C LEU B 331 -65.71 12.06 -37.58
N THR B 332 -64.42 12.34 -37.71
CA THR B 332 -63.55 11.44 -38.44
C THR B 332 -63.28 10.19 -37.61
N MET B 333 -63.20 9.05 -38.28
CA MET B 333 -63.07 7.78 -37.62
C MET B 333 -61.64 7.29 -37.79
N ARG B 334 -61.07 6.73 -36.73
CA ARG B 334 -59.70 6.22 -36.77
C ARG B 334 -59.71 4.91 -37.54
N LYS B 335 -59.35 4.99 -38.82
CA LYS B 335 -59.53 3.89 -39.77
C LYS B 335 -58.74 2.65 -39.37
N GLY B 336 -59.46 1.61 -38.96
CA GLY B 336 -58.85 0.37 -38.56
C GLY B 336 -58.99 0.04 -37.09
N SER B 337 -59.73 0.84 -36.33
CA SER B 337 -59.89 0.57 -34.92
C SER B 337 -61.28 1.03 -34.50
N ASP B 338 -61.50 1.11 -33.19
CA ASP B 338 -62.80 1.44 -32.61
C ASP B 338 -62.79 2.81 -31.97
N ASN B 339 -62.08 3.76 -32.57
CA ASN B 339 -61.99 5.11 -32.04
C ASN B 339 -62.41 6.10 -33.10
N ALA B 340 -62.69 7.32 -32.66
CA ALA B 340 -63.02 8.41 -33.56
C ALA B 340 -62.54 9.69 -32.91
N ALA B 341 -62.77 10.82 -33.58
CA ALA B 341 -62.27 12.08 -33.06
C ALA B 341 -63.05 13.23 -33.65
N PHE B 342 -63.31 14.24 -32.83
CA PHE B 342 -63.73 15.54 -33.31
C PHE B 342 -62.49 16.41 -33.46
N PHE B 343 -62.55 17.38 -34.36
CA PHE B 343 -61.44 18.28 -34.59
C PHE B 343 -61.81 19.75 -34.46
N SER B 344 -63.06 20.10 -34.66
CA SER B 344 -63.49 21.49 -34.61
C SER B 344 -64.98 21.51 -34.33
N ALA B 345 -65.39 22.18 -33.26
CA ALA B 345 -66.78 22.17 -32.84
C ALA B 345 -67.52 23.42 -33.29
N ASN B 346 -67.21 23.93 -34.49
CA ASN B 346 -67.74 25.20 -34.96
C ASN B 346 -69.26 25.17 -35.11
N SER B 347 -69.92 26.18 -34.55
CA SER B 347 -71.35 26.32 -34.74
C SER B 347 -71.64 26.82 -36.14
N ILE B 348 -72.92 26.86 -36.49
CA ILE B 348 -73.30 27.18 -37.86
C ILE B 348 -73.17 28.65 -38.20
N GLN B 349 -72.75 29.49 -37.28
CA GLN B 349 -72.70 30.92 -37.54
C GLN B 349 -71.51 31.24 -38.45
N LYS B 350 -71.70 32.22 -39.33
CA LYS B 350 -70.60 32.54 -40.23
C LYS B 350 -69.81 33.72 -39.71
N PRO B 351 -68.48 33.68 -39.83
CA PRO B 351 -67.67 34.83 -39.45
C PRO B 351 -67.89 35.98 -40.40
N LYS B 352 -68.52 37.04 -39.92
CA LYS B 352 -68.91 38.15 -40.78
C LYS B 352 -67.69 38.97 -41.16
N VAL B 353 -67.53 39.22 -42.46
CA VAL B 353 -66.39 39.99 -42.94
C VAL B 353 -66.62 41.46 -42.62
N PHE B 354 -65.78 42.01 -41.85
CA PHE B 354 -65.76 43.39 -41.42
C PHE B 354 -64.79 44.18 -42.28
N PRO B 355 -65.01 45.49 -42.48
CA PRO B 355 -64.15 46.26 -43.37
C PRO B 355 -62.75 46.45 -42.82
N ASN B 356 -61.83 46.78 -43.72
CA ASN B 356 -60.41 46.77 -43.41
C ASN B 356 -59.92 48.01 -42.68
N THR B 357 -60.56 48.34 -41.58
CA THR B 357 -60.09 49.41 -40.71
C THR B 357 -59.20 48.82 -39.62
N LYS B 358 -58.82 49.65 -38.66
CA LYS B 358 -58.08 49.12 -37.50
C LYS B 358 -59.01 48.34 -36.58
N GLU B 359 -60.21 48.88 -36.33
CA GLU B 359 -61.17 48.18 -35.52
C GLU B 359 -61.86 47.06 -36.27
N GLY B 360 -62.00 47.17 -37.59
CA GLY B 360 -62.69 46.15 -38.35
C GLY B 360 -61.86 44.89 -38.49
N LYS B 361 -60.55 45.05 -38.69
CA LYS B 361 -59.66 43.89 -38.69
C LYS B 361 -59.53 43.30 -37.30
N GLU B 362 -59.77 44.10 -36.27
CA GLU B 362 -59.77 43.58 -34.91
C GLU B 362 -61.07 42.86 -34.58
N ALA B 363 -62.20 43.52 -34.83
CA ALA B 363 -63.50 42.95 -34.45
C ALA B 363 -63.86 41.74 -35.29
N GLU B 364 -63.24 41.56 -36.46
CA GLU B 364 -63.44 40.33 -37.21
C GLU B 364 -62.86 39.14 -36.46
N THR B 365 -61.70 39.32 -35.84
CA THR B 365 -61.12 38.26 -35.03
C THR B 365 -61.86 38.14 -33.71
N ASN B 366 -62.51 39.22 -33.27
CA ASN B 366 -63.34 39.15 -32.07
C ASN B 366 -64.62 38.40 -32.33
N TYR B 367 -65.28 38.68 -33.45
CA TYR B 367 -66.51 38.00 -33.79
C TYR B 367 -66.28 36.55 -34.20
N LYS B 368 -65.07 36.22 -34.63
CA LYS B 368 -64.74 34.85 -34.98
C LYS B 368 -64.72 33.95 -33.76
N LEU B 369 -64.34 34.48 -32.61
CA LEU B 369 -64.29 33.68 -31.40
C LEU B 369 -65.67 33.34 -30.88
N GLY B 370 -66.69 34.09 -31.27
CA GLY B 370 -68.03 33.77 -30.82
C GLY B 370 -68.59 32.51 -31.47
N THR B 371 -68.24 32.26 -32.71
CA THR B 371 -68.89 31.21 -33.47
C THR B 371 -68.38 29.81 -33.16
N GLN B 372 -67.25 29.69 -32.46
CA GLN B 372 -66.51 28.44 -32.54
C GLN B 372 -67.04 27.35 -31.64
N LEU B 373 -67.69 27.70 -30.53
CA LEU B 373 -68.35 26.82 -29.58
C LEU B 373 -67.45 25.76 -28.93
N PRO B 374 -66.23 26.09 -28.50
CA PRO B 374 -65.95 25.64 -27.14
C PRO B 374 -65.98 26.85 -26.24
N TYR B 375 -65.90 28.03 -26.86
CA TYR B 375 -65.79 29.27 -26.13
C TYR B 375 -67.14 29.78 -25.67
N MET B 376 -68.22 29.39 -26.34
CA MET B 376 -69.53 29.66 -25.77
C MET B 376 -69.73 28.89 -24.48
N MET B 377 -69.19 27.68 -24.40
CA MET B 377 -69.46 26.87 -23.23
C MET B 377 -68.64 27.31 -22.02
N ILE B 378 -67.63 28.16 -22.21
CA ILE B 378 -66.99 28.77 -21.05
C ILE B 378 -67.59 30.11 -20.68
N ILE B 379 -68.57 30.60 -21.45
CA ILE B 379 -69.35 31.76 -21.03
C ILE B 379 -70.82 31.46 -20.86
N ASN B 380 -71.31 30.34 -21.36
CA ASN B 380 -72.61 29.88 -20.93
C ASN B 380 -72.58 29.52 -19.45
N ARG B 381 -71.48 28.94 -19.00
CA ARG B 381 -71.29 28.74 -17.57
C ARG B 381 -71.09 30.06 -16.84
N LEU B 382 -70.56 31.07 -17.52
CA LEU B 382 -70.56 32.41 -16.96
C LEU B 382 -71.86 33.15 -17.23
N ALA B 383 -72.90 32.45 -17.65
CA ALA B 383 -74.26 32.95 -17.54
C ALA B 383 -75.09 32.09 -16.62
N HIS B 384 -74.64 30.88 -16.33
CA HIS B 384 -75.40 30.07 -15.40
C HIS B 384 -74.93 30.24 -13.97
N TYR B 385 -73.63 30.38 -13.74
CA TYR B 385 -73.16 30.69 -12.39
C TYR B 385 -73.62 32.06 -11.96
N VAL B 386 -73.54 33.05 -12.84
CA VAL B 386 -73.69 34.42 -12.39
C VAL B 386 -75.17 34.76 -12.24
N LYS B 387 -76.03 34.05 -12.98
CA LYS B 387 -77.47 34.14 -12.74
C LYS B 387 -77.83 33.57 -11.38
N VAL B 388 -77.23 32.45 -11.01
CA VAL B 388 -77.52 31.84 -9.72
C VAL B 388 -76.89 32.63 -8.58
N LEU B 389 -75.67 33.12 -8.78
CA LEU B 389 -74.92 33.74 -7.69
C LEU B 389 -75.49 35.11 -7.33
N GLN B 390 -75.97 35.85 -8.32
CA GLN B 390 -76.60 37.13 -8.09
C GLN B 390 -78.12 37.01 -7.98
N ARG B 391 -78.64 35.80 -7.76
CA ARG B 391 -80.03 35.64 -7.40
C ARG B 391 -80.21 35.58 -5.89
N GLU B 392 -79.26 34.96 -5.20
CA GLU B 392 -79.28 34.92 -3.75
C GLU B 392 -79.11 36.30 -3.14
N GLN B 393 -78.46 37.21 -3.85
CA GLN B 393 -78.08 38.48 -3.27
C GLN B 393 -79.20 39.49 -3.22
N ILE B 394 -80.36 39.23 -3.85
CA ILE B 394 -81.43 40.22 -3.95
C ILE B 394 -82.01 40.49 -2.56
N GLY B 395 -81.99 41.75 -2.16
CA GLY B 395 -82.40 42.12 -0.82
C GLY B 395 -81.27 42.39 0.13
N ALA B 396 -80.03 42.33 -0.31
CA ALA B 396 -78.90 42.53 0.59
C ALA B 396 -78.66 44.00 0.84
N TRP B 397 -77.54 44.31 1.46
CA TRP B 397 -77.10 45.67 1.68
C TRP B 397 -75.78 45.82 0.95
N LYS B 398 -75.83 46.33 -0.27
CA LYS B 398 -74.69 46.25 -1.15
C LYS B 398 -74.40 47.67 -1.62
N GLU B 399 -73.37 47.83 -2.44
CA GLU B 399 -73.06 49.09 -3.12
C GLU B 399 -72.57 48.76 -4.52
N ARG B 400 -72.36 49.80 -5.31
CA ARG B 400 -71.71 49.61 -6.60
C ARG B 400 -70.27 49.14 -6.41
N GLN B 401 -69.56 49.74 -5.45
CA GLN B 401 -68.22 49.27 -5.12
C GLN B 401 -68.25 47.87 -4.52
N ASP B 402 -69.32 47.51 -3.82
CA ASP B 402 -69.46 46.15 -3.34
C ASP B 402 -69.87 45.21 -4.47
N LEU B 403 -70.58 45.72 -5.47
CA LEU B 403 -70.92 44.88 -6.61
C LEU B 403 -69.70 44.61 -7.47
N GLU B 404 -68.80 45.60 -7.61
CA GLU B 404 -67.56 45.38 -8.34
C GLU B 404 -66.69 44.34 -7.69
N ARG B 405 -66.73 44.25 -6.37
CA ARG B 405 -65.83 43.39 -5.62
C ARG B 405 -66.34 41.96 -5.49
N GLU B 406 -67.65 41.77 -5.35
CA GLU B 406 -68.19 40.43 -5.28
C GLU B 406 -68.13 39.70 -6.61
N LEU B 407 -67.85 40.40 -7.71
CA LEU B 407 -67.63 39.78 -9.00
C LEU B 407 -66.16 39.65 -9.36
N ASN B 408 -65.34 40.66 -9.04
CA ASN B 408 -63.93 40.58 -9.38
C ASN B 408 -63.20 39.57 -8.50
N SER B 409 -63.54 39.50 -7.23
CA SER B 409 -62.94 38.46 -6.39
C SER B 409 -63.55 37.10 -6.63
N TRP B 410 -64.65 37.03 -7.38
CA TRP B 410 -65.23 35.76 -7.74
C TRP B 410 -64.63 35.17 -9.01
N ILE B 411 -64.55 35.94 -10.10
CA ILE B 411 -64.11 35.36 -11.35
C ILE B 411 -62.61 35.23 -11.42
N LYS B 412 -61.86 35.86 -10.51
CA LYS B 412 -60.41 35.68 -10.52
C LYS B 412 -59.96 34.44 -9.79
N GLN B 413 -60.85 33.48 -9.57
CA GLN B 413 -60.45 32.10 -9.36
C GLN B 413 -60.62 31.28 -10.62
N TYR B 414 -61.15 31.88 -11.69
CA TYR B 414 -61.24 31.25 -12.99
C TYR B 414 -60.25 31.83 -13.98
N VAL B 415 -59.48 32.83 -13.56
CA VAL B 415 -58.58 33.57 -14.44
C VAL B 415 -57.16 33.19 -14.06
N ALA B 416 -56.40 32.69 -15.02
CA ALA B 416 -54.97 32.43 -14.85
C ALA B 416 -54.25 33.26 -15.89
N ASP B 417 -54.00 34.53 -15.57
CA ASP B 417 -53.41 35.47 -16.51
C ASP B 417 -51.91 35.18 -16.59
N GLN B 418 -51.57 34.23 -17.44
CA GLN B 418 -50.25 33.63 -17.43
C GLN B 418 -49.99 33.07 -18.81
N GLU B 419 -48.78 33.26 -19.31
CA GLU B 419 -48.49 32.93 -20.70
C GLU B 419 -48.41 31.43 -20.92
N ASN B 420 -47.79 30.71 -19.99
CA ASN B 420 -47.68 29.25 -20.09
C ASN B 420 -47.89 28.62 -18.72
N PRO B 421 -49.12 28.48 -18.29
CA PRO B 421 -49.38 27.72 -17.07
C PRO B 421 -49.38 26.24 -17.39
N PRO B 422 -49.34 25.36 -16.38
CA PRO B 422 -49.41 23.92 -16.65
C PRO B 422 -50.76 23.52 -17.24
N ALA B 423 -50.82 22.26 -17.69
CA ALA B 423 -51.97 21.77 -18.43
C ALA B 423 -53.20 21.59 -17.56
N ASP B 424 -53.06 21.63 -16.24
CA ASP B 424 -54.22 21.58 -15.36
C ASP B 424 -54.72 22.96 -15.00
N VAL B 425 -53.85 23.96 -14.96
CA VAL B 425 -54.27 25.32 -14.65
C VAL B 425 -55.01 25.93 -15.84
N ARG B 426 -54.72 25.45 -17.05
CA ARG B 426 -55.39 25.96 -18.23
C ARG B 426 -56.84 25.54 -18.30
N SER B 427 -57.16 24.35 -17.80
CA SER B 427 -58.52 23.84 -17.95
C SER B 427 -59.37 23.99 -16.70
N ARG B 428 -58.76 24.00 -15.51
CA ARG B 428 -59.51 24.40 -14.33
C ARG B 428 -59.84 25.87 -14.34
N ARG B 429 -58.97 26.69 -14.92
CA ARG B 429 -59.16 28.14 -15.05
C ARG B 429 -59.16 28.45 -16.54
N PRO B 430 -60.29 28.29 -17.22
CA PRO B 430 -60.30 28.38 -18.68
C PRO B 430 -60.18 29.80 -19.20
N LEU B 431 -60.48 30.80 -18.40
CA LEU B 431 -60.33 32.17 -18.83
C LEU B 431 -58.87 32.57 -18.75
N ARG B 432 -58.57 33.73 -19.30
CA ARG B 432 -57.23 34.29 -19.25
C ARG B 432 -57.21 35.72 -18.73
N ALA B 433 -58.22 36.52 -19.04
CA ALA B 433 -58.36 37.84 -18.44
C ALA B 433 -59.83 38.22 -18.45
N ALA B 434 -60.23 39.01 -17.48
CA ALA B 434 -61.64 39.35 -17.33
C ALA B 434 -61.76 40.78 -16.81
N ARG B 435 -62.54 41.59 -17.51
CA ARG B 435 -62.76 42.99 -17.16
C ARG B 435 -64.21 43.15 -16.72
N ILE B 436 -64.43 43.82 -15.61
CA ILE B 436 -65.79 44.07 -15.10
C ILE B 436 -65.93 45.55 -14.82
N GLU B 437 -66.83 46.20 -15.54
CA GLU B 437 -67.05 47.64 -15.43
C GLU B 437 -68.50 47.87 -15.03
N VAL B 438 -68.72 48.08 -13.75
CA VAL B 438 -70.08 48.29 -13.23
C VAL B 438 -70.44 49.76 -13.38
N MET B 439 -71.58 50.03 -13.99
CA MET B 439 -72.10 51.37 -14.18
C MET B 439 -73.44 51.48 -13.46
N ASP B 440 -74.11 52.61 -13.63
CA ASP B 440 -75.40 52.84 -12.99
C ASP B 440 -76.50 52.95 -14.03
N VAL B 441 -77.72 53.09 -13.54
CA VAL B 441 -78.85 53.49 -14.37
C VAL B 441 -79.51 54.68 -13.68
N GLU B 442 -79.51 55.82 -14.36
CA GLU B 442 -80.12 57.02 -13.80
C GLU B 442 -81.63 56.97 -13.99
N GLY B 443 -82.32 57.83 -13.24
CA GLY B 443 -83.78 57.82 -13.27
C GLY B 443 -84.36 56.92 -12.21
N ASN B 444 -84.09 55.62 -12.33
CA ASN B 444 -84.39 54.64 -11.29
C ASN B 444 -83.06 54.19 -10.71
N PRO B 445 -82.61 54.77 -9.60
CA PRO B 445 -81.25 54.50 -9.13
C PRO B 445 -81.17 53.15 -8.44
N GLY B 446 -80.06 52.46 -8.69
CA GLY B 446 -79.84 51.13 -8.17
C GLY B 446 -80.12 50.02 -9.17
N TRP B 447 -79.63 50.18 -10.39
CA TRP B 447 -79.77 49.20 -11.46
C TRP B 447 -78.47 49.28 -12.23
N TYR B 448 -77.81 48.14 -12.44
CA TYR B 448 -76.38 48.13 -12.65
C TYR B 448 -75.98 47.46 -13.96
N GLN B 449 -75.53 48.26 -14.92
CA GLN B 449 -75.16 47.74 -16.23
C GLN B 449 -73.68 47.39 -16.18
N VAL B 450 -73.35 46.17 -15.80
CA VAL B 450 -71.96 45.78 -15.66
C VAL B 450 -71.57 45.09 -16.94
N SER B 451 -70.28 45.08 -17.26
CA SER B 451 -69.83 44.51 -18.53
C SER B 451 -68.71 43.52 -18.30
N LEU B 452 -69.06 42.27 -18.02
CA LEU B 452 -68.07 41.22 -17.86
C LEU B 452 -67.47 40.83 -19.20
N SER B 453 -66.16 41.04 -19.35
CA SER B 453 -65.45 40.88 -20.62
C SER B 453 -64.35 39.83 -20.48
N VAL B 454 -64.70 38.57 -20.61
CA VAL B 454 -63.74 37.49 -20.41
C VAL B 454 -62.92 37.26 -21.67
N ARG B 455 -61.88 36.44 -21.56
CA ARG B 455 -60.99 36.18 -22.66
C ARG B 455 -60.39 34.79 -22.46
N PRO B 456 -60.40 33.95 -23.47
CA PRO B 456 -60.01 32.56 -23.26
C PRO B 456 -58.57 32.28 -23.65
N HIS B 457 -58.10 31.06 -23.40
CA HIS B 457 -56.86 30.60 -23.99
C HIS B 457 -57.14 30.05 -25.38
N PHE B 458 -56.06 29.79 -26.13
CA PHE B 458 -56.16 29.46 -27.54
C PHE B 458 -55.50 28.12 -27.82
N LYS B 459 -56.25 27.24 -28.49
CA LYS B 459 -55.84 25.87 -28.75
C LYS B 459 -54.99 25.79 -30.03
N TYR B 460 -54.81 24.57 -30.53
CA TYR B 460 -53.82 24.22 -31.53
C TYR B 460 -54.54 23.78 -32.80
N MET B 461 -54.38 24.52 -33.90
CA MET B 461 -55.07 24.18 -35.14
C MET B 461 -54.30 24.68 -36.36
N GLY B 462 -53.69 23.75 -37.08
CA GLY B 462 -52.98 24.03 -38.32
C GLY B 462 -51.61 24.66 -38.24
N ALA B 463 -50.71 24.26 -39.14
CA ALA B 463 -49.37 24.82 -39.25
C ALA B 463 -48.91 24.64 -40.71
N ASN B 464 -47.61 24.78 -40.96
CA ASN B 464 -47.21 24.67 -42.37
C ASN B 464 -46.10 23.67 -42.66
N PHE B 465 -45.02 23.64 -41.86
CA PHE B 465 -43.94 22.62 -41.94
C PHE B 465 -43.28 22.57 -43.32
N GLU B 466 -42.69 23.69 -43.71
CA GLU B 466 -42.16 23.85 -45.08
C GLU B 466 -40.74 23.30 -45.18
N LEU B 467 -40.63 22.00 -45.46
CA LEU B 467 -39.36 21.29 -45.45
C LEU B 467 -38.43 21.72 -46.58
N SER B 468 -37.16 21.40 -46.41
CA SER B 468 -36.06 21.73 -47.29
C SER B 468 -34.86 20.94 -46.81
N LEU B 469 -33.77 20.97 -47.57
CA LEU B 469 -32.49 20.58 -46.97
C LEU B 469 -31.51 21.73 -47.06
N VAL B 470 -30.64 21.81 -46.06
CA VAL B 470 -29.59 22.83 -46.01
C VAL B 470 -28.26 22.27 -46.52
N GLY B 471 -27.91 21.05 -46.11
CA GLY B 471 -26.72 20.40 -46.56
C GLY B 471 -25.53 20.51 -45.61
N ARG B 472 -25.32 21.69 -45.02
CA ARG B 472 -24.26 21.89 -44.05
C ARG B 472 -24.78 22.02 -42.62
N LEU B 473 -25.81 22.83 -42.42
CA LEU B 473 -26.34 23.03 -41.07
C LEU B 473 -27.33 21.93 -40.71
N SER C 1 -90.72 12.79 33.20
CA SER C 1 -89.80 13.75 32.60
C SER C 1 -89.38 14.81 33.61
N LYS C 2 -88.89 14.36 34.76
CA LYS C 2 -88.42 15.25 35.82
C LYS C 2 -87.10 14.72 36.36
N GLU C 3 -86.08 15.57 36.36
CA GLU C 3 -84.82 15.22 36.98
C GLU C 3 -84.99 15.15 38.49
N GLY C 4 -84.48 14.09 39.11
CA GLY C 4 -84.46 13.99 40.55
C GLY C 4 -83.47 15.01 41.10
N SER C 5 -83.96 15.95 41.90
CA SER C 5 -83.11 16.96 42.54
C SER C 5 -83.34 16.93 44.04
N VAL C 6 -82.55 17.73 44.74
CA VAL C 6 -82.60 17.80 46.19
C VAL C 6 -83.33 19.08 46.58
N ALA C 7 -83.58 19.22 47.86
CA ALA C 7 -84.14 20.47 48.35
C ALA C 7 -83.10 21.58 48.23
N PRO C 8 -83.48 22.77 47.78
CA PRO C 8 -82.51 23.87 47.65
C PRO C 8 -82.09 24.39 49.01
N LYS C 9 -80.91 25.01 49.05
CA LYS C 9 -80.25 25.32 50.32
C LYS C 9 -79.07 26.26 50.09
N GLU C 10 -78.40 26.62 51.20
CA GLU C 10 -77.17 27.43 51.20
C GLU C 10 -76.00 26.61 50.69
N ARG C 11 -76.15 25.32 50.68
CA ARG C 11 -75.21 24.52 49.96
C ARG C 11 -75.63 24.55 48.51
N ILE C 12 -74.76 24.04 47.67
CA ILE C 12 -74.88 24.24 46.25
C ILE C 12 -75.59 23.04 45.64
N ASN C 13 -76.46 23.27 44.67
CA ASN C 13 -77.32 22.18 44.20
C ASN C 13 -77.12 21.87 42.72
N ILE C 14 -76.12 21.02 42.46
CA ILE C 14 -75.77 20.58 41.13
C ILE C 14 -76.85 19.64 40.59
N LYS C 15 -77.34 19.92 39.39
CA LYS C 15 -78.22 19.01 38.68
C LYS C 15 -77.79 18.90 37.23
N TYR C 16 -78.17 17.82 36.56
CA TYR C 16 -77.77 17.56 35.17
C TYR C 16 -78.99 17.59 34.27
N ILE C 17 -79.11 18.62 33.44
CA ILE C 17 -80.15 18.69 32.42
C ILE C 17 -79.49 19.12 31.11
N PRO C 18 -79.50 18.28 30.08
CA PRO C 18 -78.76 18.61 28.85
C PRO C 18 -79.42 19.73 28.08
N ALA C 19 -78.60 20.50 27.36
CA ALA C 19 -79.02 21.78 26.83
C ALA C 19 -79.43 21.66 25.37
N THR C 20 -80.07 22.73 24.89
CA THR C 20 -80.72 22.72 23.59
C THR C 20 -79.70 22.68 22.46
N GLY C 21 -78.56 23.31 22.65
CA GLY C 21 -77.52 23.26 21.63
C GLY C 21 -77.51 24.51 20.77
N ASP C 22 -76.35 24.77 20.17
CA ASP C 22 -76.18 25.88 19.24
C ASP C 22 -75.61 25.30 17.95
N ALA C 23 -76.39 25.39 16.87
CA ALA C 23 -75.96 24.84 15.58
C ALA C 23 -75.19 25.84 14.73
N GLN C 24 -75.75 27.04 14.53
CA GLN C 24 -75.19 28.10 13.70
C GLN C 24 -74.94 27.60 12.27
N ALA C 25 -76.07 27.34 11.59
CA ALA C 25 -76.20 26.59 10.34
C ALA C 25 -75.16 26.95 9.30
N GLU C 26 -74.35 25.97 8.92
CA GLU C 26 -73.12 26.22 8.20
C GLU C 26 -73.38 26.48 6.73
N VAL C 27 -72.58 27.38 6.15
CA VAL C 27 -72.74 27.72 4.74
C VAL C 27 -72.19 26.60 3.88
N ALA C 28 -72.83 26.38 2.72
CA ALA C 28 -72.40 25.35 1.79
C ALA C 28 -72.81 25.81 0.39
N GLU C 29 -71.87 26.41 -0.33
CA GLU C 29 -72.13 26.82 -1.72
C GLU C 29 -71.99 25.59 -2.60
N VAL C 30 -73.11 24.91 -2.83
CA VAL C 30 -73.12 23.82 -3.79
C VAL C 30 -73.03 24.39 -5.19
N GLU C 31 -72.47 23.61 -6.10
CA GLU C 31 -72.24 24.09 -7.45
C GLU C 31 -73.34 23.61 -8.38
N LEU C 32 -73.30 24.08 -9.61
CA LEU C 32 -74.30 23.72 -10.59
C LEU C 32 -73.81 22.55 -11.41
N PRO C 33 -74.50 21.43 -11.42
CA PRO C 33 -74.12 20.35 -12.31
C PRO C 33 -74.49 20.69 -13.75
N LEU C 34 -73.70 20.15 -14.67
CA LEU C 34 -73.91 20.38 -16.10
C LEU C 34 -75.13 19.59 -16.53
N LYS C 35 -76.32 20.15 -16.42
CA LYS C 35 -77.53 19.43 -16.78
C LYS C 35 -77.82 19.59 -18.25
N THR C 36 -78.01 18.47 -18.94
CA THR C 36 -78.41 18.45 -20.33
C THR C 36 -79.83 17.93 -20.45
N LEU C 37 -80.51 18.35 -21.50
CA LEU C 37 -81.87 17.91 -21.75
C LEU C 37 -81.87 17.18 -23.08
N VAL C 38 -81.95 15.85 -23.02
CA VAL C 38 -82.00 15.05 -24.24
C VAL C 38 -83.44 15.06 -24.74
N VAL C 39 -83.66 15.66 -25.90
CA VAL C 39 -85.00 15.79 -26.44
C VAL C 39 -85.07 14.98 -27.73
N GLY C 40 -86.20 14.35 -27.97
CA GLY C 40 -86.35 13.52 -29.15
C GLY C 40 -87.32 12.38 -28.92
N ASP C 41 -87.73 11.77 -30.03
CA ASP C 41 -88.77 10.76 -30.08
C ASP C 41 -88.30 9.49 -29.38
N PHE C 42 -88.90 9.17 -28.24
CA PHE C 42 -88.46 8.05 -27.43
C PHE C 42 -89.46 6.93 -27.33
N LYS C 43 -90.66 7.09 -27.87
CA LYS C 43 -91.68 6.06 -27.87
C LYS C 43 -92.22 5.90 -29.30
N GLY C 44 -93.21 5.04 -29.45
CA GLY C 44 -93.65 4.66 -30.78
C GLY C 44 -94.93 5.31 -31.24
N HIS C 45 -95.25 6.51 -30.75
CA HIS C 45 -96.46 7.19 -31.14
C HIS C 45 -96.28 8.69 -30.95
N ALA C 46 -97.38 9.42 -30.98
CA ALA C 46 -97.41 10.84 -30.68
C ALA C 46 -98.44 11.07 -29.59
N GLU C 47 -97.98 11.54 -28.43
CA GLU C 47 -98.84 11.67 -27.26
C GLU C 47 -99.82 12.83 -27.45
N GLN C 48 -101.06 12.63 -27.00
CA GLN C 48 -102.11 13.61 -27.23
C GLN C 48 -102.05 14.80 -26.27
N THR C 49 -101.28 14.71 -25.18
CA THR C 49 -101.21 15.87 -24.30
C THR C 49 -100.30 16.93 -24.92
N PRO C 50 -100.63 18.22 -24.74
CA PRO C 50 -99.75 19.28 -25.26
C PRO C 50 -98.45 19.32 -24.48
N LEU C 51 -97.49 20.05 -25.05
CA LEU C 51 -96.12 19.97 -24.56
C LEU C 51 -95.96 20.60 -23.19
N GLU C 52 -96.71 21.65 -22.89
CA GLU C 52 -96.54 22.39 -21.65
C GLU C 52 -97.02 21.65 -20.42
N GLU C 53 -97.62 20.48 -20.55
CA GLU C 53 -98.10 19.72 -19.40
C GLU C 53 -97.30 18.47 -19.13
N ARG C 54 -96.67 17.88 -20.14
CA ARG C 54 -95.90 16.68 -19.92
C ARG C 54 -94.60 17.01 -19.21
N ALA C 55 -93.97 15.99 -18.64
CA ALA C 55 -92.87 16.21 -17.72
C ALA C 55 -91.56 15.69 -18.29
N THR C 56 -90.47 16.11 -17.66
CA THR C 56 -89.13 15.62 -17.94
C THR C 56 -88.69 14.70 -16.81
N VAL C 57 -88.13 13.56 -17.16
CA VAL C 57 -87.70 12.58 -16.18
C VAL C 57 -86.17 12.58 -16.11
N THR C 58 -85.63 12.44 -14.91
CA THR C 58 -84.20 12.46 -14.67
C THR C 58 -83.69 11.04 -14.61
N VAL C 59 -82.66 10.76 -15.42
CA VAL C 59 -82.11 9.41 -15.61
C VAL C 59 -80.65 9.41 -15.17
N ASP C 60 -80.30 8.53 -14.26
CA ASP C 60 -78.89 8.21 -14.12
C ASP C 60 -78.68 6.71 -14.26
N LYS C 61 -77.48 6.22 -13.94
CA LYS C 61 -77.14 4.82 -14.19
C LYS C 61 -77.96 3.88 -13.32
N ASN C 62 -78.36 4.32 -12.14
CA ASN C 62 -79.07 3.45 -11.23
C ASN C 62 -80.55 3.34 -11.54
N ASN C 63 -81.17 4.39 -12.10
CA ASN C 63 -82.60 4.37 -12.34
C ASN C 63 -82.96 4.23 -13.81
N PHE C 64 -82.02 3.82 -14.65
CA PHE C 64 -82.36 3.67 -16.06
C PHE C 64 -83.27 2.48 -16.30
N GLU C 65 -83.20 1.46 -15.45
CA GLU C 65 -84.08 0.32 -15.58
C GLU C 65 -85.51 0.63 -15.12
N ALA C 66 -85.68 1.65 -14.28
CA ALA C 66 -87.00 2.05 -13.84
C ALA C 66 -87.65 3.08 -14.75
N VAL C 67 -86.85 3.90 -15.42
CA VAL C 67 -87.39 4.83 -16.41
C VAL C 67 -87.85 4.07 -17.64
N MET C 68 -87.12 3.03 -18.02
CA MET C 68 -87.53 2.24 -19.18
C MET C 68 -88.78 1.42 -18.90
N ARG C 69 -88.95 0.95 -17.66
CA ARG C 69 -90.13 0.15 -17.34
C ARG C 69 -91.39 0.99 -17.29
N GLU C 70 -91.31 2.19 -16.73
CA GLU C 70 -92.49 3.03 -16.58
C GLU C 70 -92.83 3.82 -17.83
N SER C 71 -91.99 3.77 -18.85
CA SER C 71 -92.35 4.40 -20.11
C SER C 71 -93.42 3.61 -20.85
N GLU C 72 -93.40 2.28 -20.70
CA GLU C 72 -94.22 1.32 -21.43
C GLU C 72 -94.04 1.49 -22.94
N LEU C 73 -92.82 1.21 -23.39
CA LEU C 73 -92.53 1.19 -24.82
C LEU C 73 -93.20 -0.01 -25.45
N LYS C 74 -94.40 0.19 -26.00
CA LYS C 74 -95.18 -0.88 -26.61
C LYS C 74 -95.10 -0.73 -28.13
N ILE C 75 -94.30 -1.57 -28.77
CA ILE C 75 -94.09 -1.49 -30.20
C ILE C 75 -94.98 -2.54 -30.86
N THR C 76 -95.99 -2.08 -31.58
CA THR C 76 -96.93 -2.95 -32.30
C THR C 76 -96.80 -2.67 -33.79
N ALA C 77 -96.30 -3.64 -34.55
CA ALA C 77 -96.10 -3.47 -35.97
C ALA C 77 -96.37 -4.78 -36.68
N THR C 78 -96.60 -4.69 -37.99
CA THR C 78 -96.82 -5.85 -38.83
C THR C 78 -95.54 -6.14 -39.61
N VAL C 79 -94.95 -7.30 -39.38
CA VAL C 79 -93.70 -7.68 -40.01
C VAL C 79 -93.94 -8.90 -40.89
N LYS C 80 -92.91 -9.26 -41.65
CA LYS C 80 -93.02 -10.34 -42.62
C LYS C 80 -92.97 -11.70 -41.95
N ASN C 81 -93.80 -12.62 -42.44
CA ASN C 81 -93.88 -13.97 -41.91
C ASN C 81 -92.89 -14.85 -42.68
N LYS C 82 -91.83 -15.29 -42.00
CA LYS C 82 -90.86 -16.21 -42.57
C LYS C 82 -90.84 -17.54 -41.83
N LEU C 83 -91.96 -17.93 -41.21
CA LEU C 83 -92.06 -19.18 -40.48
C LEU C 83 -92.71 -20.28 -41.32
N THR C 84 -93.15 -19.97 -42.54
CA THR C 84 -93.78 -20.96 -43.41
C THR C 84 -93.26 -20.81 -44.83
N ASP C 85 -93.85 -21.52 -45.79
CA ASP C 85 -93.41 -21.46 -47.17
C ASP C 85 -94.03 -20.30 -47.96
N ASP C 86 -94.72 -19.38 -47.28
CA ASP C 86 -95.36 -18.25 -47.93
C ASP C 86 -94.44 -17.04 -47.91
N GLU C 87 -94.24 -16.44 -49.07
CA GLU C 87 -93.49 -15.19 -49.18
C GLU C 87 -94.37 -13.98 -48.91
N ASN C 88 -95.63 -14.03 -49.33
CA ASN C 88 -96.56 -12.91 -49.21
C ASN C 88 -97.40 -12.97 -47.93
N ALA C 89 -96.88 -13.57 -46.86
CA ALA C 89 -97.58 -13.61 -45.59
C ALA C 89 -96.98 -12.59 -44.63
N GLU C 90 -97.84 -12.04 -43.77
CA GLU C 90 -97.44 -11.07 -42.77
C GLU C 90 -97.89 -11.54 -41.39
N LEU C 91 -97.20 -11.06 -40.36
CA LEU C 91 -97.51 -11.49 -39.01
C LEU C 91 -97.26 -10.36 -38.02
N PRO C 92 -98.30 -9.73 -37.48
CA PRO C 92 -98.10 -8.68 -36.48
C PRO C 92 -97.61 -9.25 -35.16
N VAL C 93 -96.92 -8.40 -34.39
CA VAL C 93 -96.33 -8.79 -33.12
C VAL C 93 -96.87 -7.88 -32.02
N GLU C 94 -96.54 -8.22 -30.79
CA GLU C 94 -96.92 -7.44 -29.61
C GLU C 94 -95.77 -7.46 -28.63
N LEU C 95 -95.18 -6.28 -28.37
CA LEU C 95 -93.96 -6.18 -27.60
C LEU C 95 -94.19 -5.34 -26.35
N ASN C 96 -93.64 -5.79 -25.23
CA ASN C 96 -93.70 -5.08 -23.96
C ASN C 96 -92.31 -5.07 -23.37
N PHE C 97 -91.70 -3.88 -23.27
CA PHE C 97 -90.30 -3.74 -22.89
C PHE C 97 -90.22 -3.15 -21.49
N LYS C 98 -89.52 -3.85 -20.60
CA LYS C 98 -89.34 -3.39 -19.23
C LYS C 98 -87.90 -3.31 -18.79
N SER C 99 -86.96 -3.89 -19.53
CA SER C 99 -85.54 -3.83 -19.19
C SER C 99 -84.74 -3.74 -20.47
N LEU C 100 -83.44 -3.45 -20.33
CA LEU C 100 -82.55 -3.39 -21.49
C LEU C 100 -82.35 -4.76 -22.13
N ALA C 101 -82.52 -5.84 -21.37
CA ALA C 101 -82.46 -7.19 -21.92
C ALA C 101 -83.72 -7.57 -22.72
N ASP C 102 -84.75 -6.72 -22.72
CA ASP C 102 -85.92 -6.99 -23.54
C ASP C 102 -85.70 -6.64 -25.01
N PHE C 103 -84.62 -5.94 -25.34
CA PHE C 103 -84.26 -5.77 -26.74
C PHE C 103 -83.64 -7.04 -27.31
N ALA C 104 -83.09 -7.90 -26.47
CA ALA C 104 -82.41 -9.11 -26.89
C ALA C 104 -83.40 -10.13 -27.44
N PRO C 105 -82.99 -10.99 -28.39
CA PRO C 105 -83.93 -11.96 -28.98
C PRO C 105 -84.38 -13.06 -28.03
N ASP C 106 -83.82 -13.17 -26.84
CA ASP C 106 -84.37 -14.10 -25.86
C ASP C 106 -85.72 -13.62 -25.33
N ALA C 107 -85.86 -12.31 -25.12
CA ALA C 107 -87.10 -11.76 -24.61
C ALA C 107 -88.02 -11.21 -25.70
N VAL C 108 -87.51 -11.00 -26.92
CA VAL C 108 -88.40 -10.62 -28.01
C VAL C 108 -89.16 -11.83 -28.51
N ALA C 109 -88.47 -12.95 -28.71
CA ALA C 109 -89.12 -14.18 -29.12
C ALA C 109 -90.01 -14.76 -28.04
N SER C 110 -89.73 -14.48 -26.76
CA SER C 110 -90.59 -14.93 -25.68
C SER C 110 -91.91 -14.17 -25.64
N GLN C 111 -91.97 -12.98 -26.23
CA GLN C 111 -93.19 -12.20 -26.30
C GLN C 111 -93.96 -12.43 -27.58
N VAL C 112 -93.42 -13.22 -28.50
CA VAL C 112 -94.12 -13.62 -29.71
C VAL C 112 -94.60 -15.05 -29.53
N PRO C 113 -95.91 -15.30 -29.50
CA PRO C 113 -96.41 -16.67 -29.25
C PRO C 113 -96.09 -17.65 -30.37
N GLU C 114 -95.85 -17.17 -31.59
CA GLU C 114 -95.43 -18.07 -32.66
C GLU C 114 -93.99 -18.51 -32.48
N LEU C 115 -93.20 -17.79 -31.69
CA LEU C 115 -91.84 -18.18 -31.37
C LEU C 115 -91.69 -18.78 -29.98
N LYS C 116 -92.74 -18.73 -29.16
CA LYS C 116 -92.70 -19.45 -27.89
C LYS C 116 -92.75 -20.95 -28.11
N LYS C 117 -93.41 -21.40 -29.17
CA LYS C 117 -93.48 -22.81 -29.50
C LYS C 117 -92.25 -23.32 -30.24
N LEU C 118 -91.41 -22.41 -30.76
CA LEU C 118 -90.19 -22.84 -31.45
C LEU C 118 -89.00 -22.93 -30.50
N ILE C 119 -88.93 -22.08 -29.48
CA ILE C 119 -87.93 -22.25 -28.44
C ILE C 119 -88.27 -23.47 -27.58
N GLU C 120 -89.56 -23.67 -27.31
CA GLU C 120 -90.01 -24.89 -26.63
C GLU C 120 -89.75 -26.13 -27.48
N LEU C 121 -89.79 -25.98 -28.80
CA LEU C 121 -89.39 -27.06 -29.68
C LEU C 121 -87.90 -27.35 -29.54
N ARG C 122 -87.07 -26.30 -29.43
CA ARG C 122 -85.63 -26.50 -29.30
C ARG C 122 -85.26 -27.03 -27.93
N GLU C 123 -85.93 -26.53 -26.88
CA GLU C 123 -85.70 -27.03 -25.53
C GLU C 123 -86.08 -28.50 -25.39
N ALA C 124 -87.08 -28.94 -26.15
CA ALA C 124 -87.40 -30.37 -26.21
C ALA C 124 -86.37 -31.16 -27.00
N LEU C 125 -85.64 -30.54 -27.92
CA LEU C 125 -84.61 -31.24 -28.68
C LEU C 125 -83.26 -31.24 -27.98
N VAL C 126 -82.95 -30.22 -27.20
CA VAL C 126 -81.74 -30.24 -26.37
C VAL C 126 -81.90 -31.26 -25.24
N ALA C 127 -83.13 -31.43 -24.74
CA ALA C 127 -83.39 -32.44 -23.72
C ALA C 127 -83.22 -33.86 -24.26
N LEU C 128 -83.44 -34.04 -25.56
CA LEU C 128 -83.32 -35.37 -26.15
C LEU C 128 -81.86 -35.80 -26.30
N LYS C 129 -80.99 -34.85 -26.64
CA LYS C 129 -79.62 -35.17 -27.08
C LYS C 129 -78.78 -35.78 -25.96
N GLY C 130 -79.06 -35.44 -24.70
CA GLY C 130 -78.37 -35.99 -23.56
C GLY C 130 -78.52 -37.49 -23.40
N PRO C 131 -79.74 -37.96 -23.13
CA PRO C 131 -79.99 -39.41 -23.06
C PRO C 131 -80.12 -40.12 -24.40
N LEU C 132 -79.76 -39.48 -25.52
CA LEU C 132 -79.92 -40.13 -26.82
C LEU C 132 -78.81 -41.13 -27.08
N GLY C 133 -77.57 -40.65 -27.18
CA GLY C 133 -76.43 -41.48 -27.51
C GLY C 133 -75.83 -42.27 -26.37
N ASN C 134 -76.41 -42.17 -25.17
CA ASN C 134 -75.89 -42.91 -24.02
C ASN C 134 -76.46 -44.33 -23.96
N ILE C 135 -77.76 -44.48 -24.19
CA ILE C 135 -78.41 -45.79 -24.19
C ILE C 135 -78.58 -46.22 -25.65
N PRO C 136 -77.92 -47.28 -26.10
CA PRO C 136 -78.06 -47.74 -27.48
C PRO C 136 -79.31 -48.58 -27.75
N ALA C 137 -80.26 -48.65 -26.83
CA ALA C 137 -81.52 -49.34 -27.04
C ALA C 137 -82.61 -48.45 -27.60
N PHE C 138 -82.30 -47.18 -27.87
CA PHE C 138 -83.28 -46.27 -28.47
C PHE C 138 -83.51 -46.61 -29.93
N ARG C 139 -82.44 -46.93 -30.67
CA ARG C 139 -82.57 -47.29 -32.07
C ARG C 139 -83.19 -48.67 -32.25
N GLU C 140 -83.16 -49.50 -31.22
CA GLU C 140 -83.82 -50.81 -31.28
C GLU C 140 -85.33 -50.66 -31.34
N ARG C 141 -85.88 -49.62 -30.68
CA ARG C 141 -87.30 -49.37 -30.72
C ARG C 141 -87.71 -48.33 -31.75
N LEU C 142 -86.75 -47.70 -32.43
CA LEU C 142 -87.09 -46.94 -33.62
C LEU C 142 -87.51 -47.86 -34.76
N GLN C 143 -86.91 -49.05 -34.83
CA GLN C 143 -87.34 -50.04 -35.79
C GLN C 143 -88.65 -50.69 -35.38
N SER C 144 -88.95 -50.71 -34.08
CA SER C 144 -90.25 -51.18 -33.62
C SER C 144 -91.34 -50.17 -33.94
N LEU C 145 -91.01 -48.88 -33.83
CA LEU C 145 -91.91 -47.85 -34.34
C LEU C 145 -91.96 -47.84 -35.87
N LEU C 146 -90.90 -48.32 -36.53
CA LEU C 146 -90.97 -48.56 -37.96
C LEU C 146 -91.89 -49.73 -38.27
N ASN C 147 -91.94 -50.73 -37.38
CA ASN C 147 -92.85 -51.85 -37.57
C ASN C 147 -94.28 -51.49 -37.14
N SER C 148 -94.43 -50.97 -35.92
CA SER C 148 -95.76 -50.61 -35.40
C SER C 148 -96.07 -49.19 -35.86
N GLU C 149 -96.65 -49.08 -37.05
CA GLU C 149 -97.02 -47.78 -37.60
C GLU C 149 -98.39 -47.31 -37.15
N GLU C 150 -99.27 -48.23 -36.76
CA GLU C 150 -100.63 -47.85 -36.37
C GLU C 150 -100.65 -47.24 -34.97
N SER C 151 -99.98 -47.88 -34.01
CA SER C 151 -99.97 -47.38 -32.65
C SER C 151 -99.07 -46.16 -32.47
N ARG C 152 -98.17 -45.91 -33.42
CA ARG C 152 -97.30 -44.74 -33.33
C ARG C 152 -98.07 -43.47 -33.66
N GLU C 153 -98.86 -43.50 -34.74
CA GLU C 153 -99.61 -42.32 -35.17
C GLU C 153 -100.77 -42.01 -34.25
N LYS C 154 -101.25 -42.99 -33.47
CA LYS C 154 -102.29 -42.69 -32.49
C LYS C 154 -101.74 -41.93 -31.29
N LEU C 155 -100.43 -42.07 -31.03
CA LEU C 155 -99.80 -41.40 -29.90
C LEU C 155 -99.18 -40.06 -30.28
N LEU C 156 -98.99 -39.79 -31.58
CA LEU C 156 -98.44 -38.50 -31.99
C LEU C 156 -99.47 -37.39 -31.85
N ALA C 157 -100.76 -37.71 -31.97
CA ALA C 157 -101.80 -36.71 -31.80
C ALA C 157 -101.99 -36.31 -30.34
N GLU C 158 -101.59 -37.16 -29.40
CA GLU C 158 -101.69 -36.86 -27.98
C GLU C 158 -100.61 -35.87 -27.57
N PRO D 1 -32.32 57.89 -3.69
CA PRO D 1 -32.13 57.34 -5.02
C PRO D 1 -33.45 57.03 -5.70
N THR D 2 -33.47 57.07 -7.03
CA THR D 2 -34.73 56.85 -7.71
C THR D 2 -34.85 55.38 -8.08
N PRO D 3 -36.05 54.82 -8.00
CA PRO D 3 -36.23 53.41 -8.34
C PRO D 3 -36.06 53.13 -9.81
N CYS D 4 -35.60 51.94 -10.10
CA CYS D 4 -35.33 51.48 -11.45
C CYS D 4 -36.51 50.69 -11.97
N TYR D 5 -36.36 50.07 -13.13
CA TYR D 5 -37.43 49.26 -13.71
C TYR D 5 -36.82 48.07 -14.42
N ILE D 6 -37.43 46.91 -14.27
CA ILE D 6 -36.92 45.68 -14.86
C ILE D 6 -38.00 45.01 -15.67
N SER D 7 -37.69 44.64 -16.90
CA SER D 7 -38.59 43.90 -17.77
C SER D 7 -37.99 42.54 -18.07
N ILE D 8 -38.60 41.49 -17.55
CA ILE D 8 -38.09 40.13 -17.68
C ILE D 8 -38.88 39.41 -18.75
N GLU D 9 -38.19 38.73 -19.66
CA GLU D 9 -38.85 37.89 -20.65
C GLU D 9 -38.30 36.47 -20.55
N GLY D 10 -39.18 35.50 -20.29
CA GLY D 10 -38.77 34.14 -20.09
C GLY D 10 -38.62 33.36 -21.37
N GLN D 11 -38.14 32.12 -21.24
CA GLN D 11 -38.14 31.20 -22.37
C GLN D 11 -39.56 30.78 -22.74
N THR D 12 -40.25 30.14 -21.80
CA THR D 12 -41.57 29.60 -22.09
C THR D 12 -42.70 30.47 -21.57
N GLN D 13 -42.46 31.33 -20.59
CA GLN D 13 -43.53 32.10 -19.98
C GLN D 13 -43.70 33.47 -20.58
N GLY D 14 -43.15 33.70 -21.76
CA GLY D 14 -43.38 34.95 -22.47
C GLY D 14 -42.74 36.12 -21.74
N LEU D 15 -43.42 37.25 -21.78
CA LEU D 15 -43.01 38.42 -21.02
C LEU D 15 -43.53 38.23 -19.61
N ILE D 16 -42.63 38.00 -18.65
CA ILE D 16 -43.04 37.68 -17.29
C ILE D 16 -43.64 38.90 -16.61
N THR D 17 -43.00 40.04 -16.75
CA THR D 17 -43.50 41.21 -16.05
C THR D 17 -44.58 41.94 -16.80
N ALA D 18 -45.26 41.33 -17.76
CA ALA D 18 -46.33 42.00 -18.51
C ALA D 18 -47.52 42.17 -17.59
N GLY D 19 -47.68 43.37 -17.05
CA GLY D 19 -48.74 43.62 -16.12
C GLY D 19 -48.32 43.69 -14.67
N ALA D 20 -47.03 43.77 -14.39
CA ALA D 20 -46.58 43.79 -13.01
C ALA D 20 -46.60 45.18 -12.40
N CYS D 21 -47.13 46.17 -13.12
CA CYS D 21 -47.47 47.47 -12.57
C CYS D 21 -48.84 47.90 -13.05
N THR D 22 -49.82 47.03 -12.89
CA THR D 22 -51.20 47.41 -13.06
C THR D 22 -51.82 47.69 -11.71
N ALA D 23 -53.12 47.95 -11.69
CA ALA D 23 -53.82 48.15 -10.44
C ALA D 23 -54.10 46.84 -9.72
N ASP D 24 -54.01 45.71 -10.42
CA ASP D 24 -54.20 44.43 -9.76
C ASP D 24 -52.94 43.95 -9.06
N SER D 25 -51.77 44.34 -9.56
CA SER D 25 -50.53 43.86 -8.96
C SER D 25 -50.25 44.58 -7.64
N ILE D 26 -50.09 45.89 -7.68
CA ILE D 26 -49.57 46.62 -6.53
C ILE D 26 -50.51 47.72 -6.08
N GLY D 27 -51.80 47.59 -6.35
CA GLY D 27 -52.76 48.54 -5.82
C GLY D 27 -52.72 49.89 -6.49
N ASP D 28 -52.47 50.94 -5.72
CA ASP D 28 -52.48 52.30 -6.25
C ASP D 28 -51.09 52.84 -6.50
N SER D 29 -50.05 52.05 -6.31
CA SER D 29 -48.70 52.52 -6.56
C SER D 29 -48.20 52.10 -7.93
N PHE D 30 -49.09 51.89 -8.87
CA PHE D 30 -48.62 51.55 -10.20
C PHE D 30 -48.42 52.83 -10.99
N VAL D 31 -47.63 52.72 -12.05
CA VAL D 31 -47.23 53.86 -12.85
C VAL D 31 -47.69 53.62 -14.28
N GLU D 32 -48.37 54.59 -14.87
CA GLU D 32 -48.73 54.49 -16.27
C GLU D 32 -47.49 54.59 -17.14
N GLY D 33 -47.51 53.88 -18.26
CA GLY D 33 -46.38 53.82 -19.16
C GLY D 33 -45.36 52.76 -18.82
N HIS D 34 -45.35 52.26 -17.60
CA HIS D 34 -44.44 51.21 -17.18
C HIS D 34 -45.25 49.96 -16.85
N GLU D 35 -46.21 49.65 -17.71
CA GLU D 35 -47.12 48.55 -17.46
C GLU D 35 -46.45 47.19 -17.57
N ASP D 36 -45.29 47.11 -18.20
CA ASP D 36 -44.64 45.83 -18.41
C ASP D 36 -43.38 45.68 -17.57
N GLU D 37 -43.17 46.56 -16.60
CA GLU D 37 -41.89 46.66 -15.91
C GLU D 37 -42.13 46.72 -14.42
N MET D 38 -41.47 45.85 -13.66
CA MET D 38 -41.58 45.90 -12.21
C MET D 38 -40.89 47.15 -11.67
N LEU D 39 -41.14 47.45 -10.42
CA LEU D 39 -40.55 48.61 -9.78
C LEU D 39 -39.49 48.14 -8.81
N VAL D 40 -38.23 48.40 -9.12
CA VAL D 40 -37.10 47.82 -8.41
C VAL D 40 -36.60 48.80 -7.36
N GLN D 41 -36.54 48.36 -6.12
CA GLN D 41 -36.19 49.24 -5.02
C GLN D 41 -34.69 49.26 -4.76
N GLN D 42 -34.13 48.12 -4.41
CA GLN D 42 -32.74 48.01 -3.98
C GLN D 42 -31.97 47.21 -5.02
N PHE D 43 -30.65 47.37 -5.05
CA PHE D 43 -29.85 46.72 -6.07
C PHE D 43 -28.48 46.36 -5.50
N ASP D 44 -27.89 45.29 -6.02
CA ASP D 44 -26.57 44.82 -5.59
C ASP D 44 -25.99 43.82 -6.57
N HIS D 45 -24.72 43.97 -6.95
CA HIS D 45 -24.17 43.16 -8.03
C HIS D 45 -22.65 43.21 -8.00
N VAL D 46 -22.01 42.05 -7.91
CA VAL D 46 -20.56 41.93 -7.81
C VAL D 46 -20.06 41.15 -9.02
N VAL D 47 -18.91 41.52 -9.57
CA VAL D 47 -18.27 40.77 -10.64
C VAL D 47 -16.81 40.61 -10.26
N THR D 48 -16.43 39.44 -9.74
CA THR D 48 -15.07 39.27 -9.28
C THR D 48 -14.17 38.74 -10.38
N VAL D 49 -12.86 38.89 -10.16
CA VAL D 49 -11.84 38.27 -11.00
C VAL D 49 -10.78 37.68 -10.07
N PRO D 50 -10.52 36.39 -10.12
CA PRO D 50 -9.50 35.81 -9.26
C PRO D 50 -8.09 36.20 -9.68
N THR D 51 -7.43 37.01 -8.87
CA THR D 51 -6.05 37.42 -9.14
C THR D 51 -5.11 36.72 -8.17
N ASP D 52 -3.93 36.39 -8.64
CA ASP D 52 -2.99 35.70 -7.76
C ASP D 52 -2.35 36.68 -6.78
N PRO D 53 -1.86 36.20 -5.64
CA PRO D 53 -1.05 37.05 -4.78
C PRO D 53 0.32 37.27 -5.40
N GLN D 54 1.09 38.15 -4.74
CA GLN D 54 2.47 38.54 -5.06
C GLN D 54 2.66 38.90 -6.54
N SER D 55 1.62 39.43 -7.16
CA SER D 55 1.63 39.82 -8.57
C SER D 55 0.49 40.81 -8.74
N GLY D 56 0.11 41.04 -9.99
CA GLY D 56 -1.10 41.80 -10.23
C GLY D 56 -1.95 41.16 -11.30
N GLN D 57 -1.48 40.08 -11.88
CA GLN D 57 -2.14 39.56 -13.08
C GLN D 57 -3.39 38.78 -12.71
N PRO D 58 -4.42 38.83 -13.56
CA PRO D 58 -5.63 38.03 -13.30
C PRO D 58 -5.36 36.56 -13.56
N SER D 59 -5.42 35.77 -12.50
CA SER D 59 -5.17 34.33 -12.59
C SER D 59 -6.49 33.58 -12.78
N GLY D 60 -7.12 33.85 -13.91
CA GLY D 60 -8.38 33.20 -14.20
C GLY D 60 -9.41 34.14 -14.77
N GLN D 61 -10.45 33.59 -15.39
CA GLN D 61 -11.49 34.43 -15.96
C GLN D 61 -12.40 34.95 -14.87
N ARG D 62 -13.24 35.91 -15.23
CA ARG D 62 -14.15 36.58 -14.31
C ARG D 62 -15.19 35.60 -13.77
N VAL D 63 -15.74 35.93 -12.60
CA VAL D 63 -16.75 35.12 -11.92
C VAL D 63 -17.90 36.03 -11.59
N HIS D 64 -19.05 35.82 -12.21
CA HIS D 64 -20.19 36.71 -12.02
C HIS D 64 -20.98 36.32 -10.78
N LYS D 65 -20.85 37.10 -9.73
CA LYS D 65 -21.74 37.01 -8.60
C LYS D 65 -23.10 37.59 -9.01
N PRO D 66 -24.21 37.17 -8.40
CA PRO D 66 -25.51 37.47 -8.99
C PRO D 66 -26.00 38.90 -8.74
N PHE D 67 -26.87 39.34 -9.66
CA PHE D 67 -27.84 40.41 -9.41
C PHE D 67 -28.57 40.21 -8.09
N LYS D 68 -28.98 41.30 -7.47
CA LYS D 68 -29.91 41.25 -6.34
C LYS D 68 -30.80 42.47 -6.42
N PHE D 69 -31.96 42.34 -7.05
CA PHE D 69 -32.91 43.45 -7.14
C PHE D 69 -34.15 43.11 -6.33
N THR D 70 -34.73 44.12 -5.70
CA THR D 70 -35.82 43.92 -4.75
C THR D 70 -37.10 44.57 -5.25
N VAL D 71 -38.15 43.78 -5.41
CA VAL D 71 -39.47 44.28 -5.76
C VAL D 71 -40.45 43.83 -4.70
N ALA D 72 -41.64 44.45 -4.72
CA ALA D 72 -42.67 44.03 -3.79
C ALA D 72 -43.40 42.81 -4.34
N LEU D 73 -44.31 42.25 -3.56
CA LEU D 73 -45.13 41.16 -4.05
C LEU D 73 -46.13 41.67 -5.08
N ASN D 74 -46.08 41.09 -6.27
CA ASN D 74 -46.97 41.51 -7.33
C ASN D 74 -47.25 40.33 -8.24
N LYS D 75 -47.72 40.63 -9.44
CA LYS D 75 -48.18 39.60 -10.37
C LYS D 75 -47.03 38.72 -10.85
N ALA D 76 -45.87 39.30 -11.05
CA ALA D 76 -44.76 38.57 -11.63
C ALA D 76 -44.03 37.67 -10.64
N VAL D 77 -44.31 37.77 -9.35
CA VAL D 77 -43.60 36.96 -8.36
C VAL D 77 -43.99 35.49 -8.40
N PRO D 78 -45.26 35.07 -8.57
CA PRO D 78 -45.49 33.65 -8.83
C PRO D 78 -44.94 33.17 -10.16
N LEU D 79 -44.76 34.08 -11.13
CA LEU D 79 -44.13 33.68 -12.37
C LEU D 79 -42.63 33.53 -12.21
N LEU D 80 -42.02 34.29 -11.30
CA LEU D 80 -40.60 34.12 -11.05
C LEU D 80 -40.29 32.96 -10.12
N TYR D 81 -41.28 32.37 -9.47
CA TYR D 81 -41.03 31.14 -8.75
C TYR D 81 -41.26 29.90 -9.58
N ASN D 82 -41.46 30.04 -10.88
CA ASN D 82 -41.31 28.89 -11.78
C ASN D 82 -40.08 29.01 -12.64
N ALA D 83 -39.60 30.22 -12.91
CA ALA D 83 -38.29 30.35 -13.51
C ALA D 83 -37.21 29.88 -12.55
N LEU D 84 -37.48 29.99 -11.25
CA LEU D 84 -36.54 29.55 -10.24
C LEU D 84 -36.56 28.04 -10.07
N SER D 85 -37.70 27.49 -9.70
CA SER D 85 -37.77 26.10 -9.30
C SER D 85 -37.71 25.13 -10.46
N SER D 86 -37.71 25.60 -11.70
CA SER D 86 -37.53 24.71 -12.83
C SER D 86 -36.32 25.05 -13.66
N GLY D 87 -35.55 26.06 -13.27
CA GLY D 87 -34.33 26.38 -13.98
C GLY D 87 -34.55 26.98 -15.34
N GLU D 88 -35.66 27.66 -15.54
CA GLU D 88 -35.94 28.27 -16.84
C GLU D 88 -35.08 29.49 -17.06
N LYS D 89 -34.40 29.54 -18.18
CA LYS D 89 -33.63 30.72 -18.50
C LYS D 89 -34.57 31.84 -18.91
N LEU D 90 -34.11 33.06 -18.74
CA LEU D 90 -34.88 34.24 -19.08
C LEU D 90 -34.16 34.92 -20.24
N LYS D 91 -34.89 35.19 -21.32
CA LYS D 91 -34.25 35.68 -22.54
C LYS D 91 -33.64 37.05 -22.35
N THR D 92 -34.29 37.92 -21.57
CA THR D 92 -33.71 39.23 -21.33
C THR D 92 -34.20 39.79 -20.02
N VAL D 93 -33.39 40.68 -19.45
CA VAL D 93 -33.73 41.45 -18.25
C VAL D 93 -33.14 42.82 -18.48
N GLU D 94 -33.97 43.83 -18.64
CA GLU D 94 -33.47 45.14 -18.99
C GLU D 94 -33.71 46.08 -17.82
N LEU D 95 -32.75 46.12 -16.90
CA LEU D 95 -32.77 47.12 -15.85
C LEU D 95 -32.56 48.49 -16.46
N LYS D 96 -33.24 49.51 -15.92
CA LYS D 96 -33.11 50.87 -16.42
C LYS D 96 -32.99 51.81 -15.23
N TRP D 97 -31.82 52.40 -15.06
CA TRP D 97 -31.57 53.30 -13.95
C TRP D 97 -32.10 54.68 -14.28
N TYR D 98 -33.09 55.15 -13.55
CA TYR D 98 -33.57 56.49 -13.82
C TYR D 98 -32.84 57.50 -12.96
N ARG D 99 -32.91 58.76 -13.38
CA ARG D 99 -32.50 59.87 -12.55
C ARG D 99 -33.23 61.11 -13.03
N THR D 100 -33.24 62.12 -12.16
CA THR D 100 -33.94 63.36 -12.46
C THR D 100 -32.97 64.32 -13.14
N SER D 101 -33.29 64.70 -14.36
CA SER D 101 -32.38 65.52 -15.15
C SER D 101 -32.55 66.99 -14.77
N ILE D 102 -31.92 67.86 -15.56
CA ILE D 102 -31.93 69.28 -15.24
C ILE D 102 -33.27 69.90 -15.60
N GLU D 103 -33.81 69.52 -16.75
CA GLU D 103 -35.08 70.09 -17.21
C GLU D 103 -36.27 69.63 -16.40
N GLY D 104 -36.10 68.63 -15.54
CA GLY D 104 -37.16 68.19 -14.68
C GLY D 104 -37.85 66.92 -15.10
N LYS D 105 -37.21 66.10 -15.91
CA LYS D 105 -37.86 64.91 -16.42
C LYS D 105 -37.00 63.70 -16.11
N GLN D 106 -37.67 62.60 -15.79
CA GLN D 106 -37.00 61.34 -15.57
C GLN D 106 -36.37 60.85 -16.87
N GLU D 107 -35.21 60.21 -16.76
CA GLU D 107 -34.58 59.64 -17.94
C GLU D 107 -33.67 58.51 -17.51
N ASN D 108 -33.55 57.49 -18.35
CA ASN D 108 -32.61 56.42 -18.06
C ASN D 108 -31.23 56.86 -18.48
N PHE D 109 -30.33 56.99 -17.53
CA PHE D 109 -28.98 57.35 -17.87
C PHE D 109 -28.09 56.13 -18.00
N PHE D 110 -28.61 54.94 -17.73
CA PHE D 110 -27.77 53.76 -17.57
C PHE D 110 -28.68 52.55 -17.64
N THR D 111 -28.45 51.65 -18.58
CA THR D 111 -29.23 50.42 -18.64
C THR D 111 -28.28 49.23 -18.65
N THR D 112 -28.61 48.20 -17.87
CA THR D 112 -27.82 46.99 -17.82
C THR D 112 -28.68 45.86 -18.35
N LYS D 113 -28.62 45.62 -19.66
CA LYS D 113 -29.36 44.51 -20.22
C LYS D 113 -28.71 43.19 -19.86
N LEU D 114 -29.29 42.11 -20.33
CA LEU D 114 -28.91 40.80 -19.82
C LEU D 114 -29.41 39.76 -20.81
N GLU D 115 -28.57 38.82 -21.17
CA GLU D 115 -29.03 37.70 -21.99
C GLU D 115 -29.42 36.57 -21.04
N ASN D 116 -29.41 35.31 -21.54
CA ASN D 116 -29.94 34.13 -20.86
C ASN D 116 -29.54 34.03 -19.41
N ALA D 117 -30.52 34.15 -18.53
CA ALA D 117 -30.26 34.46 -17.13
C ALA D 117 -31.22 33.67 -16.25
N SER D 118 -30.74 32.57 -15.69
CA SER D 118 -31.58 31.85 -14.74
C SER D 118 -31.66 32.62 -13.44
N ILE D 119 -32.55 32.18 -12.57
CA ILE D 119 -32.70 32.78 -11.25
C ILE D 119 -32.01 31.88 -10.23
N VAL D 120 -31.09 32.44 -9.46
CA VAL D 120 -30.40 31.63 -8.46
C VAL D 120 -31.25 31.46 -7.23
N ASP D 121 -31.65 32.55 -6.59
CA ASP D 121 -32.54 32.43 -5.45
C ASP D 121 -33.40 33.66 -5.31
N ILE D 122 -34.49 33.50 -4.58
CA ILE D 122 -35.46 34.55 -4.32
C ILE D 122 -35.75 34.58 -2.84
N HIS D 123 -35.52 35.73 -2.21
CA HIS D 123 -35.59 35.86 -0.76
C HIS D 123 -36.81 36.70 -0.39
N CYS D 124 -37.95 36.06 -0.27
CA CYS D 124 -39.18 36.74 0.10
C CYS D 124 -39.23 36.91 1.61
N GLU D 125 -39.37 38.14 2.08
CA GLU D 125 -39.49 38.40 3.51
C GLU D 125 -40.48 39.52 3.73
N MET D 126 -40.89 39.68 4.98
CA MET D 126 -41.77 40.74 5.39
C MET D 126 -41.27 41.19 6.76
N PRO D 127 -41.09 42.48 6.97
CA PRO D 127 -40.62 42.96 8.28
C PRO D 127 -41.68 42.78 9.35
N HIS D 128 -41.26 42.98 10.59
CA HIS D 128 -42.08 42.66 11.73
C HIS D 128 -43.22 43.66 11.87
N CYS D 129 -44.44 43.16 12.03
CA CYS D 129 -45.60 44.05 12.02
C CYS D 129 -45.72 44.86 13.30
N GLN D 130 -45.21 44.33 14.41
CA GLN D 130 -45.20 45.07 15.67
C GLN D 130 -44.24 46.25 15.64
N ASP D 131 -43.22 46.18 14.82
CA ASP D 131 -42.10 47.12 14.87
C ASP D 131 -42.49 48.41 14.15
N PRO D 132 -42.48 49.57 14.82
CA PRO D 132 -42.86 50.81 14.14
C PRO D 132 -41.78 51.43 13.29
N ALA D 133 -40.53 50.98 13.42
CA ALA D 133 -39.47 51.52 12.59
C ALA D 133 -39.56 51.03 11.15
N LYS D 134 -40.18 49.87 10.94
CA LYS D 134 -40.33 49.28 9.62
C LYS D 134 -41.80 49.22 9.22
N SER D 135 -42.53 50.31 9.47
CA SER D 135 -43.95 50.35 9.15
C SER D 135 -44.21 50.76 7.72
N ASP D 136 -43.32 51.53 7.12
CA ASP D 136 -43.52 51.99 5.76
C ASP D 136 -43.26 50.91 4.73
N PHE D 137 -42.50 49.88 5.08
CA PHE D 137 -42.18 48.82 4.14
C PHE D 137 -43.40 47.93 3.96
N THR D 138 -43.48 47.27 2.81
CA THR D 138 -44.57 46.34 2.57
C THR D 138 -44.08 44.90 2.53
N GLN D 139 -43.25 44.58 1.56
CA GLN D 139 -42.61 43.27 1.45
C GLN D 139 -41.26 43.49 0.79
N ASN D 140 -40.49 42.42 0.69
CA ASN D 140 -39.18 42.47 0.05
C ASN D 140 -38.98 41.14 -0.65
N VAL D 141 -39.00 41.15 -1.97
CA VAL D 141 -38.77 39.95 -2.76
C VAL D 141 -37.50 40.21 -3.56
N THR D 142 -36.37 39.69 -3.07
CA THR D 142 -35.07 39.96 -3.67
C THR D 142 -34.74 38.83 -4.62
N VAL D 143 -34.93 39.07 -5.91
CA VAL D 143 -34.74 38.05 -6.93
C VAL D 143 -33.31 38.13 -7.44
N SER D 144 -32.60 37.02 -7.41
CA SER D 144 -31.24 37.02 -7.94
C SER D 144 -31.22 36.52 -9.37
N LEU D 145 -30.13 36.80 -10.05
CA LEU D 145 -30.01 36.39 -11.45
C LEU D 145 -28.54 36.08 -11.72
N SER D 146 -28.20 34.82 -11.89
CA SER D 146 -27.00 34.53 -12.66
C SER D 146 -27.35 34.65 -14.12
N TYR D 147 -26.34 34.75 -14.97
CA TYR D 147 -26.58 35.23 -16.32
C TYR D 147 -25.43 34.86 -17.22
N ARG D 148 -25.74 34.62 -18.49
CA ARG D 148 -24.68 34.36 -19.45
C ARG D 148 -24.01 35.65 -19.88
N LYS D 149 -24.76 36.53 -20.52
CA LYS D 149 -24.22 37.73 -21.13
C LYS D 149 -24.88 38.96 -20.55
N ILE D 150 -24.07 39.90 -20.11
CA ILE D 150 -24.53 41.16 -19.54
C ILE D 150 -23.92 42.30 -20.35
N THR D 151 -24.72 43.34 -20.60
CA THR D 151 -24.25 44.50 -21.35
C THR D 151 -24.64 45.76 -20.59
N TRP D 152 -23.68 46.37 -19.92
CA TRP D 152 -23.88 47.71 -19.38
C TRP D 152 -23.96 48.70 -20.53
N ASP D 153 -24.69 49.78 -20.31
CA ASP D 153 -24.89 50.75 -21.39
C ASP D 153 -25.25 52.08 -20.74
N HIS D 154 -24.34 53.03 -20.78
CA HIS D 154 -24.66 54.38 -20.35
C HIS D 154 -25.25 55.13 -21.53
N VAL D 155 -26.45 55.67 -21.36
CA VAL D 155 -27.18 56.23 -22.48
C VAL D 155 -26.77 57.66 -22.77
N ASN D 156 -26.68 58.51 -21.74
CA ASN D 156 -26.40 59.92 -21.97
C ASN D 156 -24.96 60.20 -22.37
N ALA D 157 -24.06 59.24 -22.29
CA ALA D 157 -22.71 59.42 -22.78
C ALA D 157 -22.30 58.34 -23.75
N GLY D 158 -23.20 57.42 -24.10
CA GLY D 158 -22.98 56.50 -25.19
C GLY D 158 -22.03 55.36 -24.94
N THR D 159 -21.36 55.31 -23.79
CA THR D 159 -20.45 54.19 -23.56
C THR D 159 -21.22 52.91 -23.33
N SER D 160 -20.55 51.78 -23.59
CA SER D 160 -21.21 50.50 -23.46
C SER D 160 -20.18 49.43 -23.15
N GLY D 161 -20.35 48.74 -22.04
CA GLY D 161 -19.51 47.61 -21.73
C GLY D 161 -20.25 46.35 -22.07
N SER D 162 -19.56 45.22 -22.08
CA SER D 162 -20.21 43.96 -22.39
C SER D 162 -19.36 42.82 -21.85
N ASP D 163 -20.02 41.80 -21.34
CA ASP D 163 -19.35 40.56 -21.01
C ASP D 163 -20.19 39.41 -21.56
N ASP D 164 -19.53 38.36 -21.99
CA ASP D 164 -20.25 37.22 -22.51
C ASP D 164 -19.42 35.97 -22.32
N TRP D 165 -20.07 34.91 -21.84
CA TRP D 165 -19.41 33.62 -21.86
C TRP D 165 -19.40 33.02 -23.25
N ARG D 166 -20.40 33.37 -24.06
CA ARG D 166 -20.51 32.78 -25.39
C ARG D 166 -19.39 33.25 -26.30
N LYS D 167 -19.04 34.53 -26.23
CA LYS D 167 -18.02 35.12 -27.08
C LYS D 167 -17.02 35.89 -26.24
N PRO D 168 -16.07 35.21 -25.61
CA PRO D 168 -15.00 35.93 -24.92
C PRO D 168 -14.08 36.53 -25.95
N ILE D 169 -13.26 37.49 -25.51
CA ILE D 169 -12.61 38.39 -26.45
C ILE D 169 -11.44 37.65 -27.08
N GLU D 170 -11.71 37.08 -28.26
CA GLU D 170 -10.90 36.17 -29.08
C GLU D 170 -10.08 35.08 -28.35
N GLY E 1 -42.30 8.15 -104.54
CA GLY E 1 -42.57 8.10 -103.12
C GLY E 1 -41.58 7.23 -102.36
N SER E 2 -40.32 7.26 -102.80
CA SER E 2 -39.29 6.47 -102.13
C SER E 2 -38.88 7.07 -100.79
N LEU E 3 -39.10 8.36 -100.59
CA LEU E 3 -38.83 8.96 -99.28
C LEU E 3 -39.83 8.49 -98.23
N LEU E 4 -41.07 8.19 -98.64
CA LEU E 4 -42.02 7.59 -97.73
C LEU E 4 -41.66 6.14 -97.42
N ASP E 5 -40.97 5.47 -98.36
CA ASP E 5 -40.52 4.10 -98.11
C ASP E 5 -39.40 4.05 -97.10
N GLU E 6 -38.58 5.09 -97.02
CA GLU E 6 -37.51 5.13 -96.02
C GLU E 6 -38.06 5.42 -94.62
N ILE E 7 -39.18 6.13 -94.53
CA ILE E 7 -39.80 6.37 -93.24
C ILE E 7 -40.52 5.11 -92.76
N MET E 8 -41.21 4.41 -93.66
CA MET E 8 -41.90 3.19 -93.29
C MET E 8 -40.95 2.04 -93.00
N ALA E 9 -39.79 2.00 -93.64
CA ALA E 9 -38.76 1.03 -93.27
C ALA E 9 -38.09 1.40 -91.94
N GLN E 10 -38.12 2.68 -91.56
CA GLN E 10 -37.62 3.13 -90.27
C GLN E 10 -38.68 2.83 -89.22
N THR E 11 -38.51 1.71 -88.50
CA THR E 11 -39.56 1.20 -87.62
C THR E 11 -39.75 2.01 -86.35
N ARG E 12 -38.89 2.99 -86.07
CA ARG E 12 -39.08 3.81 -84.88
C ARG E 12 -40.22 4.80 -85.03
N ILE E 13 -40.43 5.35 -86.22
CA ILE E 13 -41.48 6.33 -86.48
C ILE E 13 -42.15 6.02 -87.82
N ALA E 14 -42.50 4.74 -88.04
CA ALA E 14 -43.01 4.35 -89.35
C ALA E 14 -44.46 4.79 -89.59
N PRO E 15 -45.50 4.38 -88.78
CA PRO E 15 -46.87 4.55 -89.28
C PRO E 15 -47.47 5.92 -89.07
N SER E 16 -46.69 6.99 -89.30
CA SER E 16 -47.13 8.39 -89.32
C SER E 16 -47.82 8.79 -88.01
N GLU E 17 -47.07 8.71 -86.91
CA GLU E 17 -47.64 8.97 -85.58
C GLU E 17 -47.10 10.26 -84.98
N GLU E 18 -45.78 10.40 -84.83
CA GLU E 18 -45.20 11.57 -84.21
C GLU E 18 -43.75 11.71 -84.68
N GLY E 19 -43.38 12.92 -85.09
CA GLY E 19 -42.02 13.17 -85.53
C GLY E 19 -41.69 12.71 -86.93
N TYR E 20 -42.71 12.44 -87.74
CA TYR E 20 -42.47 11.99 -89.11
C TYR E 20 -42.26 13.13 -90.09
N ASP E 21 -42.66 14.35 -89.73
CA ASP E 21 -42.41 15.51 -90.58
C ASP E 21 -41.05 16.14 -90.28
N ILE E 22 -40.54 15.97 -89.07
CA ILE E 22 -39.22 16.49 -88.74
C ILE E 22 -38.13 15.61 -89.33
N ALA E 23 -38.27 14.29 -89.19
CA ALA E 23 -37.28 13.36 -89.73
C ALA E 23 -37.30 13.32 -91.25
N LYS E 24 -38.43 13.65 -91.87
CA LYS E 24 -38.46 13.79 -93.33
C LYS E 24 -37.64 15.00 -93.77
N LYS E 25 -37.64 16.07 -92.98
CA LYS E 25 -36.77 17.20 -93.26
C LYS E 25 -35.31 16.89 -92.97
N GLY E 26 -35.03 15.88 -92.16
CA GLY E 26 -33.67 15.49 -91.85
C GLY E 26 -32.99 14.72 -92.95
N VAL E 27 -33.75 13.85 -93.62
CA VAL E 27 -33.20 13.07 -94.72
C VAL E 27 -32.95 13.96 -95.92
N ALA E 28 -33.92 14.83 -96.26
CA ALA E 28 -33.81 15.63 -97.48
C ALA E 28 -32.76 16.73 -97.36
N ALA E 29 -32.45 17.17 -96.13
CA ALA E 29 -31.41 18.19 -95.97
C ALA E 29 -30.02 17.61 -96.12
N PHE E 30 -29.81 16.36 -95.71
CA PHE E 30 -28.49 15.76 -95.78
C PHE E 30 -28.10 15.38 -97.20
N ILE E 31 -29.08 15.06 -98.04
CA ILE E 31 -28.79 14.67 -99.42
C ILE E 31 -28.36 15.90 -100.24
N GLU E 32 -28.89 17.08 -99.91
CA GLU E 32 -28.57 18.29 -100.66
C GLU E 32 -27.13 18.72 -100.45
N ASN E 33 -26.52 18.38 -99.31
CA ASN E 33 -25.12 18.67 -99.06
C ASN E 33 -24.22 17.46 -99.27
N LEU E 34 -24.78 16.31 -99.59
CA LEU E 34 -24.00 15.09 -99.76
C LEU E 34 -23.17 15.11 -101.05
N MET E 35 -23.56 15.90 -102.05
CA MET E 35 -22.90 15.88 -103.35
C MET E 35 -21.52 16.53 -103.34
N GLY E 36 -21.12 17.18 -102.26
CA GLY E 36 -19.76 17.68 -102.17
C GLY E 36 -18.73 16.58 -102.00
N SER E 37 -19.13 15.46 -101.39
CA SER E 37 -18.24 14.32 -101.21
C SER E 37 -19.11 13.08 -101.12
N GLN E 38 -19.12 12.28 -102.18
CA GLN E 38 -19.94 11.09 -102.24
C GLN E 38 -19.32 9.95 -101.42
N HIS E 39 -20.10 9.42 -100.47
CA HIS E 39 -19.64 8.32 -99.64
C HIS E 39 -20.86 7.57 -99.13
N SER E 40 -20.71 6.24 -98.99
CA SER E 40 -21.82 5.36 -98.60
C SER E 40 -21.38 4.48 -97.42
N ALA E 41 -21.51 5.03 -96.21
CA ALA E 41 -21.27 4.30 -94.97
C ALA E 41 -21.86 5.10 -93.83
N GLU E 42 -22.73 4.46 -93.04
CA GLU E 42 -23.37 5.14 -91.91
C GLU E 42 -22.41 5.66 -90.82
N PRO E 43 -21.40 4.92 -90.33
CA PRO E 43 -20.54 5.51 -89.29
C PRO E 43 -19.64 6.61 -89.79
N VAL E 44 -19.27 6.61 -91.06
CA VAL E 44 -18.60 7.77 -91.63
C VAL E 44 -19.62 8.90 -91.79
N ASN E 45 -20.87 8.56 -92.13
CA ASN E 45 -21.93 9.55 -92.19
C ASN E 45 -22.26 10.11 -90.80
N LYS E 46 -22.09 9.31 -89.75
CA LYS E 46 -22.20 9.86 -88.39
C LYS E 46 -21.07 10.85 -88.11
N SER E 47 -19.94 10.70 -88.78
CA SER E 47 -18.93 11.76 -88.77
C SER E 47 -19.22 12.81 -89.82
N LEU E 48 -19.81 12.43 -90.96
CA LEU E 48 -20.13 13.42 -91.99
C LEU E 48 -21.30 14.30 -91.60
N VAL E 49 -22.21 13.82 -90.76
CA VAL E 49 -23.19 14.71 -90.13
C VAL E 49 -22.48 15.68 -89.21
N ASP E 50 -21.53 15.19 -88.41
CA ASP E 50 -20.76 16.05 -87.53
C ASP E 50 -19.83 16.98 -88.31
N GLN E 51 -19.33 16.55 -89.48
CA GLN E 51 -18.57 17.45 -90.32
C GLN E 51 -19.45 18.45 -91.04
N MET E 52 -20.76 18.23 -91.09
CA MET E 52 -21.71 19.24 -91.53
C MET E 52 -22.28 20.05 -90.37
N LEU E 53 -21.88 19.74 -89.14
CA LEU E 53 -22.24 20.56 -87.98
C LEU E 53 -21.11 21.50 -87.57
N VAL E 54 -19.86 21.08 -87.73
CA VAL E 54 -18.73 21.96 -87.44
C VAL E 54 -18.66 23.08 -88.47
N GLU E 55 -18.87 22.75 -89.75
CA GLU E 55 -18.92 23.79 -90.78
C GLU E 55 -20.18 24.64 -90.67
N LEU E 56 -21.25 24.09 -90.07
CA LEU E 56 -22.45 24.88 -89.82
C LEU E 56 -22.22 25.86 -88.67
N ASP E 57 -21.54 25.43 -87.62
CA ASP E 57 -21.25 26.32 -86.50
C ASP E 57 -20.25 27.40 -86.87
N LYS E 58 -19.42 27.18 -87.89
CA LYS E 58 -18.59 28.27 -88.42
C LYS E 58 -19.45 29.30 -89.15
N LYS E 59 -20.60 28.88 -89.67
CA LYS E 59 -21.51 29.83 -90.31
C LYS E 59 -22.38 30.55 -89.30
N ILE E 60 -22.75 29.90 -88.20
CA ILE E 60 -23.70 30.50 -87.26
C ILE E 60 -22.97 31.38 -86.25
N SER E 61 -21.90 30.85 -85.65
CA SER E 61 -21.21 31.59 -84.59
C SER E 61 -20.46 32.79 -85.13
N ALA E 62 -20.08 32.77 -86.41
CA ALA E 62 -19.54 33.98 -87.01
C ALA E 62 -20.60 35.03 -87.24
N GLN E 63 -21.87 34.61 -87.35
CA GLN E 63 -22.96 35.58 -87.42
C GLN E 63 -23.38 36.03 -86.02
N MET E 64 -23.35 35.13 -85.04
CA MET E 64 -23.68 35.50 -83.67
C MET E 64 -22.52 36.15 -82.93
N ASP E 65 -21.36 36.30 -83.56
CA ASP E 65 -20.37 37.25 -83.09
C ASP E 65 -20.49 38.58 -83.82
N GLU E 66 -21.54 38.75 -84.62
CA GLU E 66 -21.81 40.01 -85.28
C GLU E 66 -23.18 40.57 -84.97
N ILE E 67 -24.16 39.73 -84.67
CA ILE E 67 -25.41 40.23 -84.10
C ILE E 67 -25.19 40.68 -82.67
N LEU E 68 -24.35 39.96 -81.93
CA LEU E 68 -23.79 40.48 -80.70
C LEU E 68 -22.63 41.42 -81.05
N HIS E 69 -21.98 41.95 -80.00
CA HIS E 69 -20.74 42.73 -80.10
C HIS E 69 -20.92 44.01 -80.93
N ASN E 70 -22.14 44.53 -80.98
CA ASN E 70 -22.46 45.73 -81.73
C ASN E 70 -22.54 46.91 -80.78
N SER E 71 -22.22 48.11 -81.29
CA SER E 71 -22.15 49.29 -80.45
C SER E 71 -23.52 49.71 -79.93
N GLN E 72 -24.59 49.36 -80.64
CA GLN E 72 -25.93 49.58 -80.11
C GLN E 72 -26.34 48.47 -79.16
N PHE E 73 -25.91 47.24 -79.42
CA PHE E 73 -26.30 46.12 -78.57
C PHE E 73 -25.50 46.08 -77.28
N GLN E 74 -24.17 46.11 -77.40
CA GLN E 74 -23.29 45.89 -76.25
C GLN E 74 -23.36 47.04 -75.25
N ALA E 75 -23.50 48.28 -75.74
CA ALA E 75 -23.65 49.42 -74.83
C ALA E 75 -25.02 49.39 -74.14
N MET E 76 -26.00 48.77 -74.77
CA MET E 76 -27.30 48.56 -74.14
C MET E 76 -27.42 47.18 -73.50
N GLU E 77 -26.37 46.38 -73.55
CA GLU E 77 -26.33 45.16 -72.75
C GLU E 77 -25.57 45.37 -71.45
N SER E 78 -24.45 46.09 -71.51
CA SER E 78 -23.68 46.39 -70.30
C SER E 78 -24.42 47.33 -69.38
N ALA E 79 -25.21 48.24 -69.94
CA ALA E 79 -26.01 49.15 -69.13
C ALA E 79 -27.23 48.49 -68.52
N TRP E 80 -27.54 47.26 -68.90
CA TRP E 80 -28.71 46.56 -68.40
C TRP E 80 -28.38 45.26 -67.67
N ARG E 81 -27.39 44.49 -68.15
CA ARG E 81 -26.95 43.34 -67.38
C ARG E 81 -26.13 43.77 -66.17
N GLY E 82 -25.45 44.91 -66.27
CA GLY E 82 -24.80 45.50 -65.11
C GLY E 82 -25.75 45.96 -64.04
N LEU E 83 -26.99 46.28 -64.41
CA LEU E 83 -28.02 46.51 -63.41
C LEU E 83 -28.36 45.23 -62.67
N LYS E 84 -28.38 44.10 -63.38
CA LYS E 84 -28.68 42.82 -62.75
C LYS E 84 -27.59 42.42 -61.75
N LEU E 85 -26.34 42.82 -62.01
CA LEU E 85 -25.30 42.67 -61.01
C LEU E 85 -25.51 43.60 -59.82
N PHE E 86 -26.24 44.69 -59.98
CA PHE E 86 -26.58 45.50 -58.84
C PHE E 86 -27.85 45.04 -58.15
N VAL E 87 -28.70 44.28 -58.83
CA VAL E 87 -29.90 43.76 -58.19
C VAL E 87 -29.63 42.44 -57.47
N ASP E 88 -28.77 41.59 -58.04
CA ASP E 88 -28.54 40.26 -57.46
C ASP E 88 -27.71 40.32 -56.19
N ARG E 89 -26.81 41.30 -56.07
CA ARG E 89 -25.94 41.34 -54.90
C ARG E 89 -26.60 41.99 -53.70
N THR E 90 -27.37 43.06 -53.92
CA THR E 90 -27.93 43.83 -52.83
C THR E 90 -29.15 43.12 -52.25
N ASP E 91 -29.15 42.94 -50.94
CA ASP E 91 -30.21 42.19 -50.26
C ASP E 91 -31.39 43.12 -50.06
N PHE E 92 -32.43 42.95 -50.87
CA PHE E 92 -33.62 43.79 -50.76
C PHE E 92 -34.47 43.46 -49.56
N ARG E 93 -34.24 42.33 -48.89
CA ARG E 93 -34.92 42.08 -47.64
C ARG E 93 -34.37 42.93 -46.51
N GLU E 94 -33.13 43.38 -46.61
CA GLU E 94 -32.52 44.19 -45.56
C GLU E 94 -32.67 45.69 -45.82
N ASN E 95 -33.91 46.11 -46.09
CA ASN E 95 -34.31 47.52 -46.23
C ASN E 95 -33.50 48.26 -47.29
N ASN E 96 -33.67 47.82 -48.53
CA ASN E 96 -33.02 48.46 -49.67
C ASN E 96 -34.00 48.56 -50.82
N LYS E 97 -34.03 49.71 -51.48
CA LYS E 97 -34.78 49.88 -52.71
C LYS E 97 -33.91 50.64 -53.70
N VAL E 98 -34.21 50.48 -54.99
CA VAL E 98 -33.43 51.15 -56.01
C VAL E 98 -34.37 51.62 -57.12
N GLU E 99 -34.30 52.91 -57.43
CA GLU E 99 -35.09 53.48 -58.50
C GLU E 99 -34.30 53.48 -59.80
N ILE E 100 -35.03 53.35 -60.91
CA ILE E 100 -34.45 53.22 -62.24
C ILE E 100 -35.00 54.34 -63.10
N LEU E 101 -34.12 55.23 -63.56
CA LEU E 101 -34.52 56.38 -64.36
C LEU E 101 -33.90 56.28 -65.74
N HIS E 102 -34.75 56.35 -66.77
CA HIS E 102 -34.30 56.39 -68.16
C HIS E 102 -34.06 57.83 -68.55
N VAL E 103 -32.78 58.23 -68.59
CA VAL E 103 -32.37 59.43 -69.29
C VAL E 103 -31.37 59.00 -70.35
N THR E 104 -30.96 59.94 -71.17
CA THR E 104 -29.71 59.81 -71.88
C THR E 104 -28.78 60.93 -71.43
N LYS E 105 -27.49 60.70 -71.61
CA LYS E 105 -26.47 61.61 -71.08
C LYS E 105 -26.51 62.95 -71.79
N ASP E 106 -26.89 62.98 -73.06
CA ASP E 106 -27.03 64.25 -73.76
C ASP E 106 -28.33 64.94 -73.40
N GLU E 107 -29.35 64.19 -72.99
CA GLU E 107 -30.60 64.80 -72.56
C GLU E 107 -30.46 65.49 -71.22
N LEU E 108 -29.55 64.99 -70.37
CA LEU E 108 -29.53 65.43 -68.98
C LEU E 108 -28.93 66.82 -68.85
N LEU E 109 -27.90 67.12 -69.64
CA LEU E 109 -27.33 68.47 -69.63
C LEU E 109 -28.31 69.47 -70.23
N GLU E 110 -29.07 69.05 -71.24
CA GLU E 110 -30.13 69.89 -71.79
C GLU E 110 -31.22 70.15 -70.76
N ASP E 111 -31.49 69.18 -69.90
CA ASP E 111 -32.47 69.36 -68.84
C ASP E 111 -31.98 70.29 -67.73
N PHE E 112 -30.66 70.39 -67.55
CA PHE E 112 -30.15 71.43 -66.67
C PHE E 112 -30.04 72.78 -67.38
N GLU E 113 -29.94 72.77 -68.72
CA GLU E 113 -30.08 73.97 -69.51
C GLU E 113 -31.55 74.38 -69.61
N PHE E 114 -32.46 73.44 -69.36
CA PHE E 114 -33.90 73.70 -69.43
C PHE E 114 -34.34 74.68 -68.35
N ALA E 115 -33.99 74.40 -67.10
CA ALA E 115 -34.42 75.27 -66.01
C ALA E 115 -33.39 76.38 -65.77
N PRO E 116 -33.85 77.57 -65.36
CA PRO E 116 -32.89 78.64 -65.04
C PRO E 116 -32.11 78.39 -63.77
N GLU E 117 -32.61 77.55 -62.88
CA GLU E 117 -31.94 77.22 -61.63
C GLU E 117 -32.00 75.72 -61.43
N THR E 118 -30.95 75.16 -60.80
CA THR E 118 -30.90 73.73 -60.51
C THR E 118 -32.01 73.28 -59.57
N ALA E 119 -32.56 74.19 -58.78
CA ALA E 119 -33.69 73.92 -57.90
C ALA E 119 -35.03 73.91 -58.62
N GLN E 120 -35.04 74.00 -59.94
CA GLN E 120 -36.27 73.83 -60.71
C GLN E 120 -36.09 72.85 -61.86
N SER E 121 -35.02 72.05 -61.84
CA SER E 121 -34.71 71.16 -62.95
C SER E 121 -35.66 69.95 -62.96
N GLY E 122 -35.52 69.12 -63.99
CA GLY E 122 -36.29 67.90 -64.05
C GLY E 122 -35.64 66.75 -63.30
N LEU E 123 -34.31 66.77 -63.19
CA LEU E 123 -33.64 65.77 -62.37
C LEU E 123 -33.78 66.09 -60.88
N TYR E 124 -33.90 67.38 -60.55
CA TYR E 124 -34.17 67.80 -59.19
C TYR E 124 -35.53 67.32 -58.71
N LYS E 125 -36.46 67.08 -59.63
CA LYS E 125 -37.75 66.56 -59.24
C LYS E 125 -37.64 65.10 -58.80
N HIS E 126 -36.78 64.33 -59.45
CA HIS E 126 -36.71 62.91 -59.15
C HIS E 126 -35.71 62.59 -58.05
N VAL E 127 -34.71 63.43 -57.84
CA VAL E 127 -33.73 63.19 -56.79
C VAL E 127 -34.21 63.77 -55.47
N TYR E 128 -34.67 65.01 -55.48
CA TYR E 128 -35.03 65.71 -54.25
C TYR E 128 -36.52 65.55 -53.94
N SER E 129 -37.39 66.03 -54.82
CA SER E 129 -38.78 66.26 -54.41
C SER E 129 -39.62 65.00 -54.43
N ALA E 130 -39.39 64.08 -55.36
CA ALA E 130 -40.15 62.85 -55.34
C ALA E 130 -39.66 61.88 -54.29
N GLY E 131 -38.46 62.10 -53.77
CA GLY E 131 -37.88 61.26 -52.75
C GLY E 131 -37.77 61.99 -51.44
N TYR E 132 -36.61 62.61 -51.25
CA TYR E 132 -36.24 63.25 -50.00
C TYR E 132 -37.17 64.40 -49.62
N GLY E 133 -37.46 65.29 -50.55
CA GLY E 133 -38.35 66.39 -50.26
C GLY E 133 -39.81 66.01 -50.38
N GLN E 134 -40.26 65.08 -49.54
CA GLN E 134 -41.60 64.52 -49.65
C GLN E 134 -41.99 63.99 -48.29
N PHE E 135 -43.22 64.29 -47.86
CA PHE E 135 -43.70 63.78 -46.59
C PHE E 135 -43.90 62.27 -46.67
N GLY E 136 -43.11 61.53 -45.90
CA GLY E 136 -43.20 60.09 -45.87
C GLY E 136 -42.45 59.36 -46.95
N GLY E 137 -42.01 60.06 -47.99
CA GLY E 137 -41.28 59.40 -49.07
C GLY E 137 -39.88 59.01 -48.65
N GLU E 138 -39.41 57.90 -49.19
CA GLU E 138 -38.08 57.42 -48.88
C GLU E 138 -37.03 58.29 -49.56
N PRO E 139 -36.00 58.71 -48.84
CA PRO E 139 -35.03 59.65 -49.41
C PRO E 139 -33.93 58.93 -50.16
N VAL E 140 -33.20 59.69 -50.95
CA VAL E 140 -32.24 59.15 -51.91
C VAL E 140 -30.85 59.10 -51.28
N GLY E 141 -30.25 57.91 -51.28
CA GLY E 141 -28.93 57.74 -50.72
C GLY E 141 -27.82 58.17 -51.67
N ALA E 142 -27.84 57.68 -52.91
CA ALA E 142 -26.80 58.01 -53.86
C ALA E 142 -27.36 57.91 -55.28
N ILE E 143 -26.68 58.56 -56.21
CA ILE E 143 -27.07 58.55 -57.62
C ILE E 143 -26.00 57.81 -58.40
N ILE E 144 -26.36 56.67 -58.96
CA ILE E 144 -25.45 55.92 -59.83
C ILE E 144 -25.49 56.56 -61.21
N GLY E 145 -24.34 57.07 -61.63
CA GLY E 145 -24.22 57.60 -62.98
C GLY E 145 -23.67 56.57 -63.93
N ASN E 146 -24.49 56.12 -64.87
CA ASN E 146 -24.09 55.07 -65.82
C ASN E 146 -23.47 55.72 -67.07
N TYR E 147 -22.48 56.56 -66.83
CA TYR E 147 -21.97 57.49 -67.82
C TYR E 147 -20.50 57.23 -68.08
N ALA E 148 -19.98 57.90 -69.10
CA ALA E 148 -18.56 57.85 -69.44
C ALA E 148 -18.11 59.30 -69.61
N PHE E 149 -17.49 59.85 -68.59
CA PHE E 149 -17.22 61.28 -68.55
C PHE E 149 -15.94 61.63 -69.29
N THR E 150 -16.01 62.66 -70.09
CA THR E 150 -14.91 63.35 -70.73
C THR E 150 -14.53 64.57 -69.90
N PRO E 151 -13.36 65.17 -70.13
CA PRO E 151 -13.06 66.43 -69.43
C PRO E 151 -13.52 67.66 -70.19
N SER E 152 -14.40 67.49 -71.18
CA SER E 152 -14.83 68.60 -71.99
C SER E 152 -15.87 69.44 -71.26
N THR E 153 -16.22 70.57 -71.87
CA THR E 153 -17.21 71.51 -71.33
C THR E 153 -18.62 70.94 -71.22
N PRO E 154 -19.16 70.11 -72.14
CA PRO E 154 -20.46 69.49 -71.85
C PRO E 154 -20.45 68.40 -70.79
N ASP E 155 -19.29 68.08 -70.18
CA ASP E 155 -19.24 67.15 -69.07
C ASP E 155 -18.68 67.74 -67.79
N MET E 156 -18.10 68.94 -67.86
CA MET E 156 -17.83 69.68 -66.64
C MET E 156 -18.94 70.65 -66.30
N LYS E 157 -19.82 70.95 -67.25
CA LYS E 157 -21.03 71.70 -66.93
C LYS E 157 -22.07 70.80 -66.29
N LEU E 158 -22.07 69.52 -66.65
CA LEU E 158 -22.99 68.57 -66.02
C LEU E 158 -22.61 68.33 -64.56
N LEU E 159 -21.32 68.10 -64.29
CA LEU E 159 -20.90 67.82 -62.93
C LEU E 159 -20.97 69.05 -62.03
N GLN E 160 -20.87 70.24 -62.60
CA GLN E 160 -21.13 71.43 -61.81
C GLN E 160 -22.60 71.50 -61.42
N TYR E 161 -23.48 71.00 -62.27
CA TYR E 161 -24.91 70.93 -61.99
C TYR E 161 -25.30 69.62 -61.33
N MET E 162 -24.36 68.72 -61.08
CA MET E 162 -24.64 67.56 -60.24
C MET E 162 -24.03 67.68 -58.85
N GLY E 163 -22.98 68.47 -58.70
CA GLY E 163 -22.50 68.80 -57.37
C GLY E 163 -23.44 69.71 -56.63
N ALA E 164 -24.10 70.62 -57.36
CA ALA E 164 -25.11 71.47 -56.72
C ALA E 164 -26.38 70.70 -56.43
N LEU E 165 -26.71 69.69 -57.27
CA LEU E 165 -27.84 68.84 -56.96
C LEU E 165 -27.52 67.91 -55.80
N GLY E 166 -26.29 67.42 -55.73
CA GLY E 166 -25.90 66.56 -54.63
C GLY E 166 -25.77 67.27 -53.29
N ALA E 167 -25.59 68.58 -53.33
CA ALA E 167 -25.54 69.34 -52.09
C ALA E 167 -26.91 69.78 -51.61
N MET E 168 -27.95 69.57 -52.41
CA MET E 168 -29.30 69.90 -51.97
C MET E 168 -30.03 68.69 -51.41
N ALA E 169 -29.89 67.54 -52.04
CA ALA E 169 -30.57 66.34 -51.59
C ALA E 169 -29.69 65.45 -50.72
N HIS E 170 -28.46 65.89 -50.43
CA HIS E 170 -27.49 65.18 -49.59
C HIS E 170 -27.20 63.78 -50.10
N ALA E 171 -26.94 63.68 -51.39
CA ALA E 171 -26.67 62.39 -51.98
C ALA E 171 -25.55 62.54 -52.99
N PRO E 172 -24.43 61.85 -52.83
CA PRO E 172 -23.33 62.00 -53.77
C PRO E 172 -23.63 61.28 -55.08
N PHE E 173 -23.19 61.90 -56.17
CA PHE E 173 -23.38 61.37 -57.51
C PHE E 173 -22.15 60.57 -57.89
N ILE E 174 -22.30 59.25 -57.99
CA ILE E 174 -21.20 58.37 -58.35
C ILE E 174 -21.34 57.94 -59.81
N SER E 175 -20.27 58.13 -60.56
CA SER E 175 -20.21 57.79 -61.97
C SER E 175 -18.76 57.42 -62.29
N SER E 176 -18.40 57.38 -63.56
CA SER E 176 -17.04 57.00 -63.90
C SER E 176 -16.49 57.89 -65.00
N VAL E 177 -15.16 58.00 -65.02
CA VAL E 177 -14.46 58.66 -66.09
C VAL E 177 -14.12 57.63 -67.15
N GLY E 178 -13.89 58.10 -68.36
CA GLY E 178 -13.59 57.21 -69.46
C GLY E 178 -12.11 57.07 -69.72
N PRO E 179 -11.76 56.27 -70.72
CA PRO E 179 -10.36 56.24 -71.17
C PRO E 179 -9.88 57.59 -71.67
N GLU E 180 -10.72 58.27 -72.45
CA GLU E 180 -10.38 59.57 -73.01
C GLU E 180 -10.27 60.66 -71.96
N PHE E 181 -10.71 60.40 -70.73
CA PHE E 181 -10.51 61.36 -69.66
C PHE E 181 -9.03 61.49 -69.32
N PHE E 182 -8.32 60.38 -69.30
CA PHE E 182 -6.89 60.42 -69.05
C PHE E 182 -6.09 60.76 -70.29
N GLY E 183 -6.71 60.76 -71.46
CA GLY E 183 -6.02 61.08 -72.70
C GLY E 183 -5.20 59.93 -73.25
N ILE E 184 -5.79 58.74 -73.28
CA ILE E 184 -5.10 57.56 -73.79
C ILE E 184 -5.83 56.86 -74.93
N ASP E 185 -7.15 57.08 -75.09
CA ASP E 185 -7.98 56.63 -76.22
C ASP E 185 -8.09 55.13 -76.39
N SER E 186 -7.47 54.37 -75.49
CA SER E 186 -7.47 52.91 -75.45
C SER E 186 -6.97 52.56 -74.07
N PHE E 187 -7.71 51.74 -73.33
CA PHE E 187 -7.59 51.82 -71.88
C PHE E 187 -6.42 51.05 -71.30
N GLU E 188 -5.99 49.95 -71.93
CA GLU E 188 -5.02 49.06 -71.31
C GLU E 188 -3.60 49.63 -71.25
N GLU E 189 -3.38 50.88 -71.68
CA GLU E 189 -2.10 51.54 -71.52
C GLU E 189 -2.11 52.52 -70.35
N LEU E 190 -2.86 52.23 -69.30
CA LEU E 190 -2.87 53.09 -68.13
C LEU E 190 -1.65 52.93 -67.20
N PRO E 191 -1.16 51.71 -66.88
CA PRO E 191 0.08 51.65 -66.08
C PRO E 191 1.32 52.15 -66.80
N ASN E 192 1.27 52.36 -68.12
CA ASN E 192 2.38 52.94 -68.84
C ASN E 192 2.56 54.41 -68.51
N ILE E 193 1.54 55.05 -67.92
CA ILE E 193 1.65 56.45 -67.51
C ILE E 193 2.64 56.55 -66.36
N LYS E 194 3.72 57.28 -66.58
CA LYS E 194 4.80 57.38 -65.61
C LYS E 194 4.69 58.59 -64.70
N ASP E 195 3.83 59.54 -65.02
CA ASP E 195 3.60 60.69 -64.16
C ASP E 195 2.18 61.17 -64.41
N LEU E 196 1.26 60.81 -63.52
CA LEU E 196 -0.13 61.18 -63.66
C LEU E 196 -0.46 62.47 -62.94
N LYS E 197 0.42 62.94 -62.06
CA LYS E 197 0.22 64.23 -61.40
C LYS E 197 0.38 65.38 -62.38
N SER E 198 1.33 65.28 -63.30
CA SER E 198 1.54 66.34 -64.28
C SER E 198 0.50 66.32 -65.38
N THR E 199 -0.18 65.19 -65.59
CA THR E 199 -1.23 65.12 -66.59
C THR E 199 -2.43 65.98 -66.19
N PHE E 200 -2.74 66.01 -64.90
CA PHE E 200 -3.89 66.75 -64.41
C PHE E 200 -3.63 68.24 -64.26
N GLU E 201 -2.38 68.68 -64.36
CA GLU E 201 -2.03 70.10 -64.32
C GLU E 201 -1.79 70.68 -65.70
N SER E 202 -2.58 70.21 -66.71
CA SER E 202 -2.66 70.60 -68.10
C SER E 202 -3.77 71.61 -68.31
N PRO E 203 -3.63 72.52 -69.28
CA PRO E 203 -4.70 73.51 -69.52
C PRO E 203 -5.95 72.94 -70.17
N LYS E 204 -5.96 71.66 -70.54
CA LYS E 204 -7.22 71.05 -70.98
C LYS E 204 -8.16 70.85 -69.79
N TYR E 205 -7.61 70.76 -68.58
CA TYR E 205 -8.36 70.45 -67.37
C TYR E 205 -8.60 71.70 -66.52
N THR E 206 -8.83 72.86 -67.13
CA THR E 206 -9.12 74.05 -66.33
C THR E 206 -10.53 73.98 -65.77
N LYS E 207 -11.45 73.34 -66.48
CA LYS E 207 -12.78 73.08 -65.97
C LYS E 207 -12.85 71.84 -65.08
N TRP E 208 -11.73 71.17 -64.86
CA TRP E 208 -11.63 70.10 -63.87
C TRP E 208 -11.02 70.58 -62.57
N ARG E 209 -9.91 71.31 -62.64
CA ARG E 209 -9.26 71.83 -61.44
C ARG E 209 -10.05 72.96 -60.80
N SER E 210 -10.98 73.57 -61.53
CA SER E 210 -11.91 74.50 -60.91
C SER E 210 -13.14 73.79 -60.37
N LEU E 211 -13.47 72.62 -60.90
CA LEU E 211 -14.52 71.81 -60.29
C LEU E 211 -14.08 71.25 -58.95
N ARG E 212 -12.80 70.86 -58.84
CA ARG E 212 -12.30 70.22 -57.63
C ARG E 212 -12.24 71.21 -56.47
N GLU E 213 -11.89 72.47 -56.75
CA GLU E 213 -11.81 73.46 -55.69
C GLU E 213 -13.17 73.90 -55.17
N SER E 214 -14.24 73.60 -55.90
CA SER E 214 -15.56 74.09 -55.55
C SER E 214 -16.10 73.39 -54.30
N GLU E 215 -17.04 74.06 -53.64
CA GLU E 215 -17.54 73.58 -52.36
C GLU E 215 -18.51 72.42 -52.53
N ASP E 216 -19.38 72.49 -53.52
CA ASP E 216 -20.36 71.43 -53.74
C ASP E 216 -19.80 70.23 -54.47
N ALA E 217 -18.49 70.17 -54.74
CA ALA E 217 -17.88 68.99 -55.33
C ALA E 217 -17.73 67.85 -54.35
N ARG E 218 -18.04 68.10 -53.08
CA ARG E 218 -17.96 67.10 -52.02
C ARG E 218 -18.89 65.93 -52.28
N TYR E 219 -19.97 66.16 -53.01
CA TYR E 219 -20.98 65.16 -53.33
C TYR E 219 -20.79 64.59 -54.72
N LEU E 220 -19.54 64.41 -55.14
CA LEU E 220 -19.23 63.88 -56.46
C LEU E 220 -18.04 62.94 -56.34
N GLY E 221 -18.29 61.64 -56.46
CA GLY E 221 -17.23 60.65 -56.60
C GLY E 221 -17.24 60.11 -58.02
N LEU E 222 -16.06 59.92 -58.59
CA LEU E 222 -15.94 59.36 -59.94
C LEU E 222 -15.09 58.10 -59.86
N THR E 223 -15.63 57.00 -60.35
CA THR E 223 -15.16 55.68 -59.97
C THR E 223 -14.09 55.17 -60.92
N ALA E 224 -13.88 53.87 -60.87
CA ALA E 224 -12.84 52.96 -61.31
C ALA E 224 -12.64 52.88 -62.82
N PRO E 225 -11.67 52.08 -63.32
CA PRO E 225 -11.64 51.80 -64.76
C PRO E 225 -12.91 51.27 -65.41
N ARG E 226 -13.26 50.00 -65.19
CA ARG E 226 -14.40 49.25 -65.74
C ARG E 226 -14.28 47.86 -65.14
N PHE E 227 -15.30 47.04 -65.35
CA PHE E 227 -15.23 45.67 -64.88
C PHE E 227 -16.05 44.78 -65.79
N LEU E 228 -15.72 43.49 -65.76
CA LEU E 228 -16.29 42.50 -66.66
C LEU E 228 -17.64 42.02 -66.14
N LEU E 229 -18.55 41.73 -67.07
CA LEU E 229 -19.90 41.27 -66.74
C LEU E 229 -20.18 39.85 -67.18
N ARG E 230 -19.89 39.52 -68.43
CA ARG E 230 -20.31 38.25 -69.01
C ARG E 230 -19.10 37.45 -69.44
N VAL E 231 -18.98 36.25 -68.92
CA VAL E 231 -18.02 35.28 -69.45
C VAL E 231 -18.46 34.88 -70.84
N PRO E 232 -17.58 34.93 -71.85
CA PRO E 232 -17.96 34.44 -73.18
C PRO E 232 -18.23 32.95 -73.16
N TYR E 233 -19.25 32.53 -73.91
CA TYR E 233 -19.83 31.21 -73.79
C TYR E 233 -18.90 30.15 -74.39
N ASP E 234 -19.20 28.89 -74.05
CA ASP E 234 -18.34 27.78 -74.39
C ASP E 234 -19.19 26.52 -74.41
N PRO E 235 -18.98 25.60 -75.35
CA PRO E 235 -19.80 24.38 -75.38
C PRO E 235 -19.52 23.39 -74.25
N ILE E 236 -18.53 23.64 -73.40
CA ILE E 236 -18.24 22.78 -72.26
C ILE E 236 -18.49 23.50 -70.93
N GLU E 237 -18.00 24.74 -70.81
CA GLU E 237 -18.07 25.45 -69.54
C GLU E 237 -19.47 26.04 -69.30
N ASN E 238 -19.90 26.96 -70.17
CA ASN E 238 -21.20 27.62 -70.05
C ASN E 238 -21.96 27.39 -71.34
N PRO E 239 -22.62 26.25 -71.48
CA PRO E 239 -23.26 25.90 -72.75
C PRO E 239 -24.60 26.63 -72.92
N VAL E 240 -25.13 26.52 -74.14
CA VAL E 240 -26.46 27.02 -74.46
C VAL E 240 -27.32 25.84 -74.89
N LYS E 241 -28.64 26.04 -74.81
CA LYS E 241 -29.59 24.94 -74.99
C LYS E 241 -29.70 24.57 -76.47
N SER E 242 -29.44 23.28 -76.75
CA SER E 242 -29.56 22.67 -78.08
C SER E 242 -28.66 23.35 -79.12
N PHE E 243 -27.51 23.85 -78.69
CA PHE E 243 -26.58 24.53 -79.57
C PHE E 243 -25.21 24.54 -78.89
N ASN E 244 -24.16 24.60 -79.70
CA ASN E 244 -22.79 24.72 -79.21
C ASN E 244 -22.25 26.06 -79.69
N TYR E 245 -22.01 26.98 -78.76
CA TYR E 245 -21.65 28.36 -79.07
C TYR E 245 -20.29 28.68 -78.46
N ALA E 246 -19.28 28.78 -79.31
CA ALA E 246 -17.94 29.23 -78.90
C ALA E 246 -17.78 30.67 -79.36
N GLU E 247 -17.87 31.61 -78.41
CA GLU E 247 -17.80 33.03 -78.73
C GLU E 247 -16.35 33.40 -78.99
N ASN E 248 -16.01 33.56 -80.27
CA ASN E 248 -14.64 33.85 -80.67
C ASN E 248 -14.30 35.29 -80.34
N VAL E 249 -13.68 35.51 -79.19
CA VAL E 249 -13.27 36.84 -78.76
C VAL E 249 -11.91 37.15 -79.38
N SER E 250 -11.85 38.23 -80.14
CA SER E 250 -10.64 38.59 -80.87
C SER E 250 -9.66 39.30 -79.95
N ALA E 251 -8.60 39.86 -80.54
CA ALA E 251 -7.60 40.58 -79.77
C ALA E 251 -8.12 41.92 -79.26
N SER E 252 -9.18 42.44 -79.87
CA SER E 252 -9.82 43.64 -79.35
C SER E 252 -10.58 43.30 -78.08
N HIS E 253 -10.18 43.91 -76.96
CA HIS E 253 -10.84 43.68 -75.68
C HIS E 253 -12.06 44.57 -75.48
N GLU E 254 -12.54 45.22 -76.54
CA GLU E 254 -13.80 45.94 -76.46
C GLU E 254 -15.00 45.03 -76.68
N HIS E 255 -14.78 43.79 -77.11
CA HIS E 255 -15.88 42.87 -77.36
C HIS E 255 -16.37 42.18 -76.10
N TYR E 256 -15.55 42.12 -75.06
CA TYR E 256 -16.04 41.71 -73.75
C TYR E 256 -17.09 42.69 -73.24
N LEU E 257 -18.07 42.16 -72.53
CA LEU E 257 -19.16 43.00 -72.03
C LEU E 257 -18.64 43.75 -70.81
N TRP E 258 -18.01 44.89 -71.06
CA TRP E 258 -17.45 45.68 -69.98
C TRP E 258 -18.52 46.59 -69.40
N GLY E 259 -18.79 46.44 -68.10
CA GLY E 259 -19.78 47.23 -67.43
C GLY E 259 -19.25 48.57 -66.95
N ASN E 260 -20.09 49.29 -66.22
CA ASN E 260 -19.73 50.57 -65.62
C ASN E 260 -19.60 50.38 -64.12
N THR E 261 -18.51 50.87 -63.53
CA THR E 261 -18.18 50.53 -62.16
C THR E 261 -18.95 51.35 -61.14
N ALA E 262 -19.76 52.32 -61.58
CA ALA E 262 -20.71 52.95 -60.67
C ALA E 262 -21.75 51.96 -60.18
N PHE E 263 -22.03 50.93 -60.98
CA PHE E 263 -22.76 49.76 -60.47
C PHE E 263 -21.99 49.09 -59.35
N ALA E 264 -20.72 48.78 -59.58
CA ALA E 264 -19.96 47.96 -58.66
C ALA E 264 -19.53 48.70 -57.41
N PHE E 265 -19.39 50.02 -57.47
CA PHE E 265 -19.08 50.77 -56.25
C PHE E 265 -20.31 50.97 -55.40
N ALA E 266 -21.48 51.12 -56.01
CA ALA E 266 -22.72 51.16 -55.25
C ALA E 266 -23.14 49.81 -54.74
N THR E 267 -22.52 48.73 -55.21
CA THR E 267 -22.71 47.44 -54.57
C THR E 267 -22.15 47.46 -53.16
N ARG E 268 -21.04 48.17 -52.96
CA ARG E 268 -20.43 48.27 -51.63
C ARG E 268 -21.07 49.32 -50.76
N LEU E 269 -21.76 50.29 -51.34
CA LEU E 269 -22.59 51.17 -50.52
C LEU E 269 -23.77 50.43 -49.92
N THR E 270 -24.29 49.45 -50.65
CA THR E 270 -25.50 48.79 -50.20
C THR E 270 -25.21 47.53 -49.41
N ASP E 271 -24.15 46.78 -49.77
CA ASP E 271 -23.77 45.64 -48.96
C ASP E 271 -23.12 46.05 -47.64
N SER E 272 -22.71 47.31 -47.50
CA SER E 272 -22.40 47.83 -46.18
C SER E 272 -23.65 48.23 -45.41
N PHE E 273 -24.69 48.68 -46.11
CA PHE E 273 -25.91 49.05 -45.43
C PHE E 273 -26.72 47.83 -45.03
N ALA E 274 -26.62 46.74 -45.76
CA ALA E 274 -27.40 45.56 -45.43
C ALA E 274 -26.84 44.82 -44.23
N LYS E 275 -25.66 45.18 -43.76
CA LYS E 275 -25.03 44.51 -42.62
C LYS E 275 -25.04 45.35 -41.37
N TYR E 276 -24.73 46.65 -41.47
CA TYR E 276 -24.57 47.50 -40.30
C TYR E 276 -25.57 48.65 -40.25
N ARG E 277 -26.42 48.80 -41.27
CA ARG E 277 -27.41 49.90 -41.41
C ARG E 277 -26.74 51.27 -41.41
N TRP E 278 -25.50 51.33 -41.87
CA TRP E 278 -24.81 52.58 -42.16
C TRP E 278 -23.92 52.32 -43.36
N CYS E 279 -23.17 53.33 -43.77
CA CYS E 279 -22.17 53.17 -44.82
C CYS E 279 -20.96 54.08 -44.65
N PRO E 280 -20.06 53.74 -43.70
CA PRO E 280 -18.68 54.18 -43.89
C PRO E 280 -17.80 53.06 -44.42
N ASN E 281 -18.33 51.85 -44.49
CA ASN E 281 -17.53 50.64 -44.73
C ASN E 281 -17.50 50.33 -46.22
N ILE E 282 -16.66 51.08 -46.95
CA ILE E 282 -16.55 50.90 -48.39
C ILE E 282 -15.10 50.85 -48.88
N ILE E 283 -14.12 50.88 -47.99
CA ILE E 283 -12.74 51.00 -48.45
C ILE E 283 -11.86 49.84 -47.97
N GLY E 284 -12.42 48.67 -47.74
CA GLY E 284 -11.65 47.58 -47.18
C GLY E 284 -11.63 46.32 -48.03
N PRO E 285 -10.42 45.83 -48.35
CA PRO E 285 -10.32 44.51 -48.99
C PRO E 285 -10.75 43.38 -48.07
N GLN E 286 -10.69 43.58 -46.76
CA GLN E 286 -11.31 42.67 -45.81
C GLN E 286 -12.31 43.40 -44.92
N SER E 287 -12.75 44.59 -45.33
CA SER E 287 -13.61 45.39 -44.46
C SER E 287 -14.70 46.10 -45.25
N GLY E 288 -15.12 45.54 -46.37
CA GLY E 288 -16.29 46.02 -47.07
C GLY E 288 -16.05 46.85 -48.31
N GLY E 289 -14.89 46.75 -48.94
CA GLY E 289 -14.68 47.42 -50.20
C GLY E 289 -14.20 46.42 -51.23
N ALA E 290 -14.49 45.15 -51.00
CA ALA E 290 -13.99 44.07 -51.84
C ALA E 290 -15.10 43.62 -52.79
N VAL E 291 -14.98 44.00 -54.05
CA VAL E 291 -15.90 43.56 -55.09
C VAL E 291 -15.52 42.12 -55.42
N GLU E 292 -16.27 41.17 -54.87
CA GLU E 292 -15.98 39.76 -55.08
C GLU E 292 -16.82 39.19 -56.22
N ASP E 293 -16.49 37.96 -56.59
CA ASP E 293 -17.19 37.16 -57.60
C ASP E 293 -17.20 37.87 -58.96
N LEU E 294 -16.03 38.28 -59.39
CA LEU E 294 -15.93 38.84 -60.73
C LEU E 294 -15.89 37.73 -61.76
N PRO E 295 -16.34 38.00 -62.99
CA PRO E 295 -16.17 37.03 -64.06
C PRO E 295 -14.72 36.94 -64.51
N VAL E 296 -14.26 35.72 -64.74
CA VAL E 296 -12.92 35.49 -65.27
C VAL E 296 -13.04 34.68 -66.55
N HIS E 297 -12.03 34.82 -67.41
CA HIS E 297 -12.01 34.15 -68.71
C HIS E 297 -10.61 33.62 -68.94
N VAL E 298 -10.41 32.34 -68.63
CA VAL E 298 -9.11 31.70 -68.80
C VAL E 298 -8.94 31.39 -70.29
N PHE E 299 -7.99 32.05 -70.93
CA PHE E 299 -7.69 31.80 -72.33
C PHE E 299 -6.21 31.49 -72.47
N GLU E 300 -5.83 31.09 -73.69
CA GLU E 300 -4.45 30.72 -73.98
C GLU E 300 -3.68 31.95 -74.43
N SER E 301 -2.61 32.28 -73.71
CA SER E 301 -1.72 33.35 -74.09
C SER E 301 -0.64 32.82 -75.03
N MET E 302 0.44 33.58 -75.21
CA MET E 302 1.57 33.16 -76.04
C MET E 302 2.38 32.10 -75.31
N GLY E 303 1.81 30.89 -75.28
CA GLY E 303 2.45 29.74 -74.65
C GLY E 303 1.85 29.33 -73.32
N ALA E 304 1.51 30.30 -72.48
CA ALA E 304 1.03 30.02 -71.13
C ALA E 304 -0.48 30.03 -71.07
N LEU E 305 -1.00 29.68 -69.90
CA LEU E 305 -2.44 29.68 -69.63
C LEU E 305 -2.70 30.77 -68.60
N GLN E 306 -3.18 31.92 -69.05
CA GLN E 306 -3.45 33.05 -68.18
C GLN E 306 -4.95 33.32 -68.13
N SER E 307 -5.32 34.32 -67.34
CA SER E 307 -6.71 34.73 -67.19
C SER E 307 -6.85 36.18 -67.63
N LYS E 308 -7.98 36.47 -68.28
CA LYS E 308 -8.30 37.85 -68.62
C LYS E 308 -8.61 38.63 -67.35
N ILE E 309 -7.98 39.79 -67.21
CA ILE E 309 -8.14 40.59 -65.99
C ILE E 309 -9.52 41.20 -65.95
N PRO E 310 -10.29 41.00 -64.87
CA PRO E 310 -11.68 41.46 -64.86
C PRO E 310 -11.83 42.98 -64.81
N THR E 311 -10.83 43.71 -64.31
CA THR E 311 -10.73 45.13 -64.59
C THR E 311 -9.66 45.29 -65.67
N GLU E 312 -9.82 46.30 -66.53
CA GLU E 312 -9.05 46.31 -67.76
C GLU E 312 -7.58 46.65 -67.58
N VAL E 313 -7.20 47.19 -66.43
CA VAL E 313 -5.80 47.40 -66.12
C VAL E 313 -5.54 46.82 -64.73
N LEU E 314 -4.27 46.50 -64.48
CA LEU E 314 -3.81 46.14 -63.15
C LEU E 314 -3.28 47.40 -62.50
N ILE E 315 -4.10 47.99 -61.62
CA ILE E 315 -3.72 49.23 -60.95
C ILE E 315 -2.71 48.88 -59.86
N THR E 316 -1.53 49.48 -59.94
CA THR E 316 -0.53 49.27 -58.91
C THR E 316 -0.90 50.06 -57.65
N ASP E 317 -0.08 49.90 -56.61
CA ASP E 317 -0.37 50.62 -55.39
C ASP E 317 0.04 52.09 -55.47
N ARG E 318 1.09 52.39 -56.24
CA ARG E 318 1.48 53.78 -56.41
C ARG E 318 0.54 54.51 -57.35
N LYS E 319 0.05 53.81 -58.37
CA LYS E 319 -0.92 54.41 -59.29
C LYS E 319 -2.25 54.67 -58.58
N GLU E 320 -2.62 53.79 -57.65
CA GLU E 320 -3.88 53.98 -56.93
C GLU E 320 -3.75 55.10 -55.91
N PHE E 321 -2.58 55.22 -55.27
CA PHE E 321 -2.37 56.31 -54.34
C PHE E 321 -2.29 57.65 -55.07
N GLU E 322 -1.81 57.65 -56.31
CA GLU E 322 -1.78 58.88 -57.08
C GLU E 322 -3.18 59.22 -57.59
N LEU E 323 -4.02 58.22 -57.83
CA LEU E 323 -5.42 58.48 -58.10
C LEU E 323 -6.18 58.89 -56.85
N ALA E 324 -5.73 58.45 -55.67
CA ALA E 324 -6.41 58.80 -54.44
C ALA E 324 -6.18 60.26 -54.08
N GLU E 325 -4.99 60.77 -54.36
CA GLU E 325 -4.71 62.18 -54.09
C GLU E 325 -5.42 63.07 -55.10
N GLU E 326 -5.62 62.58 -56.32
CA GLU E 326 -6.25 63.37 -57.37
C GLU E 326 -7.76 63.12 -57.49
N GLY E 327 -8.37 62.51 -56.47
CA GLY E 327 -9.81 62.42 -56.41
C GLY E 327 -10.42 61.38 -57.32
N PHE E 328 -10.08 60.11 -57.11
CA PHE E 328 -10.64 59.02 -57.89
C PHE E 328 -10.83 57.81 -56.99
N ILE E 329 -11.89 57.06 -57.26
CA ILE E 329 -12.18 55.83 -56.52
C ILE E 329 -11.74 54.69 -57.42
N ALA E 330 -10.48 54.29 -57.29
CA ALA E 330 -9.93 53.27 -58.16
C ALA E 330 -10.18 51.87 -57.59
N LEU E 331 -10.18 50.88 -58.48
CA LEU E 331 -10.44 49.49 -58.12
C LEU E 331 -9.24 48.65 -58.53
N THR E 332 -8.36 48.38 -57.59
CA THR E 332 -7.28 47.45 -57.85
C THR E 332 -7.82 46.02 -57.85
N MET E 333 -7.28 45.20 -58.73
CA MET E 333 -7.77 43.85 -58.94
C MET E 333 -6.79 42.88 -58.30
N ARG E 334 -7.32 41.86 -57.63
CA ARG E 334 -6.47 40.86 -56.98
C ARG E 334 -5.90 39.94 -58.06
N LYS E 335 -4.66 40.21 -58.46
CA LYS E 335 -4.06 39.62 -59.65
C LYS E 335 -3.95 38.11 -59.53
N GLY E 336 -4.74 37.40 -60.31
CA GLY E 336 -4.73 35.95 -60.31
C GLY E 336 -6.00 35.32 -59.80
N SER E 337 -7.03 36.10 -59.49
CA SER E 337 -8.27 35.55 -58.97
C SER E 337 -9.42 36.41 -59.46
N ASP E 338 -10.59 36.19 -58.87
CA ASP E 338 -11.82 36.86 -59.26
C ASP E 338 -12.29 37.87 -58.22
N ASN E 339 -11.34 38.55 -57.59
CA ASN E 339 -11.67 39.53 -56.56
C ASN E 339 -11.03 40.86 -56.91
N ALA E 340 -11.51 41.90 -56.25
CA ALA E 340 -10.95 43.24 -56.42
C ALA E 340 -11.13 43.96 -55.09
N ALA E 341 -10.70 45.21 -55.03
CA ALA E 341 -10.77 45.95 -53.77
C ALA E 341 -10.73 47.43 -54.04
N PHE E 342 -11.51 48.18 -53.26
CA PHE E 342 -11.32 49.62 -53.14
C PHE E 342 -10.43 49.89 -51.94
N PHE E 343 -9.72 51.00 -51.99
CA PHE E 343 -8.83 51.37 -50.89
C PHE E 343 -9.10 52.75 -50.34
N SER E 344 -9.68 53.66 -51.12
CA SER E 344 -9.94 55.02 -50.67
C SER E 344 -11.06 55.58 -51.53
N ALA E 345 -12.13 56.03 -50.88
CA ALA E 345 -13.31 56.50 -51.61
C ALA E 345 -13.34 58.01 -51.72
N ASN E 346 -12.19 58.65 -51.90
CA ASN E 346 -12.09 60.10 -51.87
C ASN E 346 -12.89 60.75 -52.99
N SER E 347 -13.69 61.74 -52.64
CA SER E 347 -14.40 62.53 -53.62
C SER E 347 -13.44 63.48 -54.31
N ILE E 348 -13.93 64.15 -55.35
CA ILE E 348 -13.06 64.97 -56.18
C ILE E 348 -12.65 66.28 -55.54
N GLN E 349 -13.10 66.56 -54.32
CA GLN E 349 -12.81 67.84 -53.71
C GLN E 349 -11.37 67.88 -53.24
N LYS E 350 -10.74 69.04 -53.33
CA LYS E 350 -9.35 69.12 -52.91
C LYS E 350 -9.24 69.66 -51.49
N PRO E 351 -8.36 69.09 -50.69
CA PRO E 351 -8.13 69.63 -49.34
C PRO E 351 -7.46 70.99 -49.42
N LYS E 352 -8.19 72.04 -49.05
CA LYS E 352 -7.69 73.39 -49.22
C LYS E 352 -6.63 73.69 -48.18
N VAL E 353 -5.49 74.20 -48.64
CA VAL E 353 -4.39 74.52 -47.74
C VAL E 353 -4.73 75.80 -46.98
N PHE E 354 -4.81 75.69 -45.72
CA PHE E 354 -5.10 76.76 -44.79
C PHE E 354 -3.80 77.28 -44.18
N PRO E 355 -3.73 78.56 -43.78
CA PRO E 355 -2.46 79.10 -43.29
C PRO E 355 -2.06 78.51 -41.94
N ASN E 356 -0.78 78.68 -41.63
CA ASN E 356 -0.16 77.97 -40.51
C ASN E 356 -0.41 78.64 -39.17
N THR E 357 -1.68 78.88 -38.84
CA THR E 357 -2.03 79.36 -37.52
C THR E 357 -2.38 78.16 -36.64
N LYS E 358 -2.90 78.45 -35.44
CA LYS E 358 -3.38 77.37 -34.59
C LYS E 358 -4.70 76.83 -35.12
N GLU E 359 -5.61 77.72 -35.52
CA GLU E 359 -6.87 77.30 -36.10
C GLU E 359 -6.72 76.83 -37.55
N GLY E 360 -5.76 77.37 -38.28
CA GLY E 360 -5.59 76.98 -39.67
C GLY E 360 -5.03 75.59 -39.82
N LYS E 361 -4.07 75.22 -38.96
CA LYS E 361 -3.57 73.85 -38.95
C LYS E 361 -4.62 72.89 -38.41
N GLU E 362 -5.56 73.40 -37.62
CA GLU E 362 -6.67 72.57 -37.15
C GLU E 362 -7.73 72.41 -38.22
N ALA E 363 -8.21 73.53 -38.78
CA ALA E 363 -9.30 73.47 -39.75
C ALA E 363 -8.90 72.82 -41.06
N GLU E 364 -7.61 72.73 -41.36
CA GLU E 364 -7.17 71.96 -42.51
C GLU E 364 -7.45 70.48 -42.32
N THR E 365 -7.23 69.97 -41.11
CA THR E 365 -7.57 68.59 -40.82
C THR E 365 -9.08 68.43 -40.67
N ASN E 366 -9.78 69.51 -40.33
CA ASN E 366 -11.23 69.46 -40.28
C ASN E 366 -11.84 69.44 -41.68
N TYR E 367 -11.33 70.27 -42.57
CA TYR E 367 -11.82 70.29 -43.94
C TYR E 367 -11.42 69.05 -44.72
N LYS E 368 -10.34 68.38 -44.30
CA LYS E 368 -9.92 67.16 -44.98
C LYS E 368 -10.91 66.04 -44.76
N LEU E 369 -11.58 66.02 -43.61
CA LEU E 369 -12.54 64.96 -43.34
C LEU E 369 -13.80 65.10 -44.16
N GLY E 370 -14.08 66.29 -44.69
CA GLY E 370 -15.26 66.44 -45.52
C GLY E 370 -15.13 65.78 -46.87
N THR E 371 -13.92 65.76 -47.43
CA THR E 371 -13.76 65.35 -48.81
C THR E 371 -13.74 63.84 -49.00
N GLN E 372 -13.63 63.06 -47.92
CA GLN E 372 -13.15 61.69 -48.11
C GLN E 372 -14.24 60.73 -48.53
N LEU E 373 -15.50 61.00 -48.19
CA LEU E 373 -16.70 60.25 -48.58
C LEU E 373 -16.71 58.77 -48.16
N PRO E 374 -16.30 58.42 -46.93
CA PRO E 374 -17.23 57.54 -46.25
C PRO E 374 -17.92 58.34 -45.18
N TYR E 375 -17.33 59.48 -44.85
CA TYR E 375 -17.81 60.31 -43.77
C TYR E 375 -18.97 61.20 -44.17
N MET E 376 -19.10 61.50 -45.45
CA MET E 376 -20.34 62.12 -45.91
C MET E 376 -21.51 61.18 -45.74
N MET E 377 -21.30 59.89 -45.95
CA MET E 377 -22.42 58.98 -45.92
C MET E 377 -22.87 58.66 -44.49
N ILE E 378 -22.07 59.03 -43.47
CA ILE E 378 -22.59 58.95 -42.11
C ILE E 378 -23.20 60.27 -41.65
N ILE E 379 -23.17 61.32 -42.47
CA ILE E 379 -23.92 62.53 -42.19
C ILE E 379 -24.96 62.84 -43.25
N ASN E 380 -24.89 62.22 -44.42
CA ASN E 380 -26.04 62.26 -45.30
C ASN E 380 -27.21 61.52 -44.66
N ARG E 381 -26.93 60.42 -43.96
CA ARG E 381 -27.96 59.77 -43.17
C ARG E 381 -28.37 60.63 -41.99
N LEU E 382 -27.48 61.45 -41.48
CA LEU E 382 -27.88 62.46 -40.50
C LEU E 382 -28.42 63.71 -41.16
N ALA E 383 -28.74 63.66 -42.44
CA ALA E 383 -29.62 64.64 -43.04
C ALA E 383 -30.89 63.99 -43.55
N HIS E 384 -30.90 62.68 -43.70
CA HIS E 384 -32.11 62.04 -44.14
C HIS E 384 -32.98 61.59 -42.96
N TYR E 385 -32.37 61.09 -41.89
CA TYR E 385 -33.14 60.78 -40.70
C TYR E 385 -33.72 62.04 -40.07
N VAL E 386 -32.93 63.10 -40.00
CA VAL E 386 -33.33 64.23 -39.16
C VAL E 386 -34.33 65.09 -39.91
N LYS E 387 -34.30 65.06 -41.24
CA LYS E 387 -35.34 65.68 -42.05
C LYS E 387 -36.67 64.96 -41.86
N VAL E 388 -36.64 63.63 -41.81
CA VAL E 388 -37.86 62.87 -41.63
C VAL E 388 -38.37 62.97 -40.20
N LEU E 389 -37.45 62.93 -39.23
CA LEU E 389 -37.85 62.84 -37.83
C LEU E 389 -38.43 64.16 -37.33
N GLN E 390 -37.90 65.27 -37.81
CA GLN E 390 -38.43 66.59 -37.47
C GLN E 390 -39.43 67.09 -38.50
N ARG E 391 -39.95 66.20 -39.33
CA ARG E 391 -41.09 66.55 -40.18
C ARG E 391 -42.40 66.15 -39.52
N GLU E 392 -42.40 65.02 -38.82
CA GLU E 392 -43.58 64.58 -38.08
C GLU E 392 -43.91 65.53 -36.94
N GLN E 393 -42.92 66.24 -36.42
CA GLN E 393 -43.11 67.01 -35.21
C GLN E 393 -43.79 68.35 -35.44
N ILE E 394 -43.98 68.79 -36.68
CA ILE E 394 -44.53 70.12 -36.96
C ILE E 394 -45.97 70.20 -36.47
N GLY E 395 -46.23 71.18 -35.60
CA GLY E 395 -47.53 71.28 -34.98
C GLY E 395 -47.61 70.78 -33.56
N ALA E 396 -46.49 70.32 -33.00
CA ALA E 396 -46.53 69.77 -31.65
C ALA E 396 -46.54 70.88 -30.61
N TRP E 397 -46.35 70.49 -29.37
CA TRP E 397 -46.21 71.42 -28.26
C TRP E 397 -44.82 71.20 -27.68
N LYS E 398 -43.87 72.00 -28.11
CA LYS E 398 -42.47 71.69 -27.85
C LYS E 398 -41.87 72.93 -27.20
N GLU E 399 -40.59 72.85 -26.83
CA GLU E 399 -39.83 74.00 -26.37
C GLU E 399 -38.43 73.90 -26.95
N ARG E 400 -37.62 74.93 -26.70
CA ARG E 400 -36.21 74.85 -27.04
C ARG E 400 -35.51 73.80 -26.21
N GLN E 401 -35.83 73.74 -24.91
CA GLN E 401 -35.31 72.67 -24.06
C GLN E 401 -35.84 71.32 -24.48
N ASP E 402 -37.06 71.27 -25.01
CA ASP E 402 -37.58 70.01 -25.53
C ASP E 402 -36.97 69.69 -26.88
N LEU E 403 -36.57 70.72 -27.64
CA LEU E 403 -35.90 70.46 -28.90
C LEU E 403 -34.48 69.95 -28.68
N GLU E 404 -33.80 70.45 -27.65
CA GLU E 404 -32.47 69.96 -27.31
C GLU E 404 -32.51 68.51 -26.89
N ARG E 405 -33.58 68.07 -26.26
CA ARG E 405 -33.68 66.73 -25.69
C ARG E 405 -34.13 65.69 -26.68
N GLU E 406 -35.05 66.04 -27.58
CA GLU E 406 -35.47 65.10 -28.60
C GLU E 406 -34.41 64.81 -29.64
N LEU E 407 -33.34 65.61 -29.68
CA LEU E 407 -32.20 65.33 -30.54
C LEU E 407 -31.03 64.71 -29.80
N ASN E 408 -30.76 65.13 -28.57
CA ASN E 408 -29.63 64.57 -27.83
C ASN E 408 -29.92 63.14 -27.38
N SER E 409 -31.15 62.87 -26.96
CA SER E 409 -31.50 61.50 -26.63
C SER E 409 -31.71 60.65 -27.86
N TRP E 410 -31.77 61.26 -29.04
CA TRP E 410 -31.89 60.50 -30.27
C TRP E 410 -30.54 60.10 -30.84
N ILE E 411 -29.60 61.03 -30.98
CA ILE E 411 -28.36 60.71 -31.65
C ILE E 411 -27.39 59.97 -30.73
N LYS E 412 -27.65 59.95 -29.43
CA LYS E 412 -26.77 59.20 -28.53
C LYS E 412 -27.13 57.72 -28.46
N GLN E 413 -27.88 57.21 -29.43
CA GLN E 413 -27.85 55.79 -29.75
C GLN E 413 -26.98 55.51 -30.96
N TYR E 414 -26.42 56.55 -31.58
CA TYR E 414 -25.45 56.41 -32.66
C TYR E 414 -24.06 56.77 -32.22
N VAL E 415 -23.89 57.19 -30.97
CA VAL E 415 -22.62 57.68 -30.46
C VAL E 415 -22.08 56.67 -29.48
N ALA E 416 -20.87 56.17 -29.73
CA ALA E 416 -20.16 55.31 -28.80
C ALA E 416 -18.86 56.00 -28.45
N ASP E 417 -18.93 56.91 -27.47
CA ASP E 417 -17.78 57.73 -27.10
C ASP E 417 -16.84 56.87 -26.27
N GLN E 418 -15.98 56.14 -26.98
CA GLN E 418 -15.22 55.07 -26.38
C GLN E 418 -13.98 54.87 -27.24
N GLU E 419 -12.84 54.66 -26.57
CA GLU E 419 -11.58 54.65 -27.30
C GLU E 419 -11.41 53.37 -28.12
N ASN E 420 -11.79 52.24 -27.56
CA ASN E 420 -11.69 50.96 -28.28
C ASN E 420 -12.93 50.12 -28.00
N PRO E 421 -14.04 50.40 -28.68
CA PRO E 421 -15.19 49.51 -28.60
C PRO E 421 -14.99 48.32 -29.51
N PRO E 422 -15.79 47.27 -29.38
CA PRO E 422 -15.67 46.13 -30.31
C PRO E 422 -16.03 46.51 -31.74
N ALA E 423 -15.74 45.59 -32.65
CA ALA E 423 -15.87 45.85 -34.08
C ALA E 423 -17.32 45.97 -34.54
N ASP E 424 -18.28 45.57 -33.71
CA ASP E 424 -19.68 45.78 -34.06
C ASP E 424 -20.23 47.09 -33.51
N VAL E 425 -19.70 47.55 -32.39
CA VAL E 425 -20.15 48.81 -31.81
C VAL E 425 -19.63 49.99 -32.65
N ARG E 426 -18.50 49.79 -33.34
CA ARG E 426 -17.95 50.85 -34.18
C ARG E 426 -18.78 51.12 -35.41
N SER E 427 -19.42 50.09 -35.96
CA SER E 427 -20.13 50.27 -37.20
C SER E 427 -21.63 50.40 -37.04
N ARG E 428 -22.22 49.82 -35.99
CA ARG E 428 -23.60 50.14 -35.66
C ARG E 428 -23.74 51.57 -35.15
N ARG E 429 -22.71 52.06 -34.45
CA ARG E 429 -22.67 53.42 -33.92
C ARG E 429 -21.48 54.12 -34.55
N PRO E 430 -21.62 54.65 -35.77
CA PRO E 430 -20.46 55.14 -36.52
C PRO E 430 -19.92 56.45 -36.00
N LEU E 431 -20.70 57.21 -35.26
CA LEU E 431 -20.22 58.46 -34.70
C LEU E 431 -19.40 58.17 -33.47
N ARG E 432 -18.74 59.20 -32.96
CA ARG E 432 -17.94 59.10 -31.75
C ARG E 432 -18.30 60.17 -30.74
N ALA E 433 -18.62 61.38 -31.18
CA ALA E 433 -19.14 62.40 -30.29
C ALA E 433 -20.00 63.36 -31.10
N ALA E 434 -21.01 63.93 -30.45
CA ALA E 434 -21.96 64.78 -31.15
C ALA E 434 -22.40 65.91 -30.24
N ARG E 435 -22.28 67.14 -30.73
CA ARG E 435 -22.64 68.34 -29.99
C ARG E 435 -23.85 68.97 -30.65
N ILE E 436 -24.85 69.33 -29.87
CA ILE E 436 -26.06 69.97 -30.38
C ILE E 436 -26.32 71.23 -29.58
N GLU E 437 -26.28 72.38 -30.25
CA GLU E 437 -26.43 73.67 -29.61
C GLU E 437 -27.62 74.36 -30.26
N VAL E 438 -28.77 74.30 -29.62
CA VAL E 438 -29.99 74.89 -30.16
C VAL E 438 -30.04 76.36 -29.74
N MET E 439 -30.23 77.25 -30.69
CA MET E 439 -30.35 78.68 -30.47
C MET E 439 -31.72 79.12 -30.94
N ASP E 440 -31.96 80.42 -30.92
CA ASP E 440 -33.24 80.99 -31.33
C ASP E 440 -33.06 81.84 -32.58
N VAL E 441 -34.18 82.35 -33.07
CA VAL E 441 -34.19 83.41 -34.08
C VAL E 441 -35.09 84.52 -33.55
N GLU E 442 -34.51 85.69 -33.34
CA GLU E 442 -35.28 86.82 -32.85
C GLU E 442 -36.04 87.47 -34.00
N GLY E 443 -37.03 88.28 -33.64
CA GLY E 443 -37.89 88.91 -34.63
C GLY E 443 -39.11 88.06 -34.92
N ASN E 444 -38.90 86.86 -35.46
CA ASN E 444 -39.94 85.86 -35.60
C ASN E 444 -39.62 84.76 -34.61
N PRO E 445 -40.21 84.75 -33.42
CA PRO E 445 -39.78 83.81 -32.39
C PRO E 445 -40.33 82.42 -32.64
N GLY E 446 -39.48 81.42 -32.37
CA GLY E 446 -39.81 80.04 -32.63
C GLY E 446 -39.23 79.49 -33.91
N TRP E 447 -37.95 79.76 -34.14
CA TRP E 447 -37.23 79.27 -35.31
C TRP E 447 -35.81 79.00 -34.81
N TYR E 448 -35.30 77.81 -35.05
CA TYR E 448 -34.25 77.25 -34.19
C TYR E 448 -33.00 76.87 -34.96
N GLN E 449 -31.94 77.65 -34.77
CA GLN E 449 -30.69 77.40 -35.48
C GLN E 449 -29.86 76.46 -34.63
N VAL E 450 -30.00 75.16 -34.83
CA VAL E 450 -29.29 74.21 -34.00
C VAL E 450 -28.05 73.80 -34.77
N SER E 451 -27.02 73.34 -34.07
CA SER E 451 -25.75 73.03 -34.73
C SER E 451 -25.29 71.62 -34.35
N LEU E 452 -25.77 70.62 -35.07
CA LEU E 452 -25.35 69.25 -34.84
C LEU E 452 -23.92 69.05 -35.35
N SER E 453 -23.01 68.70 -34.45
CA SER E 453 -21.57 68.62 -34.72
C SER E 453 -21.06 67.23 -34.42
N VAL E 454 -21.21 66.31 -35.37
CA VAL E 454 -20.83 64.92 -35.16
C VAL E 454 -19.35 64.74 -35.40
N ARG E 455 -18.83 63.56 -35.04
CA ARG E 455 -17.42 63.27 -35.16
C ARG E 455 -17.28 61.77 -35.35
N PRO E 456 -16.52 61.33 -36.33
CA PRO E 456 -16.49 59.89 -36.65
C PRO E 456 -15.32 59.16 -36.03
N HIS E 457 -15.28 57.84 -36.19
CA HIS E 457 -14.08 57.09 -35.90
C HIS E 457 -13.15 57.12 -37.11
N PHE E 458 -11.93 56.65 -36.91
CA PHE E 458 -10.87 56.81 -37.90
C PHE E 458 -10.29 55.45 -38.28
N LYS E 459 -10.24 55.19 -39.59
CA LYS E 459 -9.84 53.91 -40.15
C LYS E 459 -8.32 53.84 -40.29
N TYR E 460 -7.85 52.86 -41.05
CA TYR E 460 -6.46 52.42 -41.09
C TYR E 460 -5.90 52.69 -42.49
N MET E 461 -4.90 53.58 -42.59
CA MET E 461 -4.34 53.92 -43.89
C MET E 461 -2.89 54.38 -43.77
N GLY E 462 -1.97 53.51 -44.22
CA GLY E 462 -0.56 53.81 -44.26
C GLY E 462 0.24 53.75 -42.97
N ALA E 463 1.47 53.27 -43.04
CA ALA E 463 2.40 53.23 -41.92
C ALA E 463 3.82 53.30 -42.47
N ASN E 464 4.82 52.93 -41.64
CA ASN E 464 6.17 53.07 -42.19
C ASN E 464 7.04 51.81 -42.10
N PHE E 465 7.06 51.10 -40.96
CA PHE E 465 7.73 49.80 -40.78
C PHE E 465 9.23 49.86 -41.11
N GLU E 466 9.95 50.69 -40.35
CA GLU E 466 11.36 50.99 -40.64
C GLU E 466 12.28 49.95 -40.01
N LEU E 467 12.51 48.85 -40.74
CA LEU E 467 13.25 47.70 -40.23
C LEU E 467 14.72 48.01 -39.99
N SER E 468 15.34 47.14 -39.20
CA SER E 468 16.73 47.21 -38.76
C SER E 468 17.03 45.88 -38.09
N LEU E 469 18.29 45.66 -37.74
CA LEU E 469 18.57 44.62 -36.75
C LEU E 469 19.27 45.22 -35.55
N VAL E 470 19.01 44.65 -34.38
CA VAL E 470 19.63 45.07 -33.14
C VAL E 470 20.81 44.17 -32.79
N GLY E 471 20.67 42.86 -32.95
CA GLY E 471 21.73 41.92 -32.71
C GLY E 471 21.69 41.25 -31.35
N ARG E 472 21.38 42.00 -30.30
CA ARG E 472 21.25 41.45 -28.95
C ARG E 472 19.81 41.39 -28.48
N LEU E 473 19.05 42.46 -28.66
CA LEU E 473 17.67 42.49 -28.19
C LEU E 473 16.74 41.85 -29.22
N SER F 1 -80.70 39.97 -37.25
CA SER F 1 -79.64 40.58 -36.46
C SER F 1 -80.15 41.03 -35.10
N LYS F 2 -80.78 40.10 -34.37
CA LYS F 2 -81.32 40.38 -33.05
C LYS F 2 -80.98 39.22 -32.13
N GLU F 3 -80.33 39.51 -31.01
CA GLU F 3 -80.08 38.50 -29.99
C GLU F 3 -81.39 38.10 -29.34
N GLY F 4 -81.60 36.79 -29.22
CA GLY F 4 -82.74 36.30 -28.47
C GLY F 4 -82.55 36.60 -27.00
N SER F 5 -83.45 37.39 -26.41
CA SER F 5 -83.41 37.73 -25.00
C SER F 5 -84.74 37.38 -24.36
N VAL F 6 -84.79 37.53 -23.05
CA VAL F 6 -85.98 37.22 -22.27
C VAL F 6 -86.68 38.51 -21.92
N ALA F 7 -87.86 38.38 -21.31
CA ALA F 7 -88.53 39.56 -20.81
C ALA F 7 -87.78 40.10 -19.60
N PRO F 8 -87.61 41.42 -19.50
CA PRO F 8 -86.88 41.99 -18.36
C PRO F 8 -87.70 41.89 -17.08
N LYS F 9 -86.98 41.91 -15.96
CA LYS F 9 -87.58 41.55 -14.68
C LYS F 9 -86.66 41.92 -13.51
N GLU F 10 -87.14 41.64 -12.28
CA GLU F 10 -86.36 41.81 -11.04
C GLU F 10 -85.28 40.77 -10.94
N ARG F 11 -85.42 39.71 -11.70
CA ARG F 11 -84.31 38.83 -11.85
C ARG F 11 -83.39 39.44 -12.90
N ILE F 12 -82.22 38.86 -13.02
CA ILE F 12 -81.14 39.49 -13.76
C ILE F 12 -81.14 38.92 -15.17
N ASN F 13 -80.87 39.77 -16.17
CA ASN F 13 -81.06 39.32 -17.54
C ASN F 13 -79.77 39.38 -18.36
N ILE F 14 -79.00 38.31 -18.25
CA ILE F 14 -77.73 38.15 -18.95
C ILE F 14 -77.99 37.94 -20.44
N LYS F 15 -77.31 38.73 -21.27
CA LYS F 15 -77.32 38.51 -22.71
C LYS F 15 -75.90 38.65 -23.25
N TYR F 16 -75.63 38.06 -24.41
CA TYR F 16 -74.30 38.06 -25.01
C TYR F 16 -74.31 38.84 -26.31
N ILE F 17 -73.69 40.02 -26.31
CA ILE F 17 -73.50 40.82 -27.52
C ILE F 17 -72.05 41.27 -27.55
N PRO F 18 -71.25 40.85 -28.54
CA PRO F 18 -69.82 41.16 -28.54
C PRO F 18 -69.57 42.62 -28.82
N ALA F 19 -68.48 43.13 -28.26
CA ALA F 19 -68.26 44.56 -28.20
C ALA F 19 -67.35 45.05 -29.31
N THR F 20 -67.31 46.37 -29.46
CA THR F 20 -66.66 47.00 -30.60
C THR F 20 -65.15 46.85 -30.53
N GLY F 21 -64.59 46.86 -29.34
CA GLY F 21 -63.16 46.67 -29.20
C GLY F 21 -62.42 47.98 -29.04
N ASP F 22 -61.24 47.89 -28.43
CA ASP F 22 -60.35 49.04 -28.26
C ASP F 22 -59.00 48.66 -28.85
N ALA F 23 -58.59 49.36 -29.91
CA ALA F 23 -57.34 49.07 -30.58
C ALA F 23 -56.16 49.85 -30.02
N GLN F 24 -56.29 51.18 -29.89
CA GLN F 24 -55.25 52.09 -29.41
C GLN F 24 -53.99 51.94 -30.27
N ALA F 25 -54.14 52.39 -31.52
CA ALA F 25 -53.25 52.15 -32.66
C ALA F 25 -51.77 52.33 -32.33
N GLU F 26 -51.02 51.24 -32.47
CA GLU F 26 -49.69 51.13 -31.90
C GLU F 26 -48.68 51.88 -32.74
N VAL F 27 -47.70 52.49 -32.05
CA VAL F 27 -46.65 53.24 -32.74
C VAL F 27 -45.67 52.28 -33.40
N ALA F 28 -45.15 52.69 -34.56
CA ALA F 28 -44.18 51.89 -35.30
C ALA F 28 -43.30 52.85 -36.08
N GLU F 29 -42.12 53.16 -35.53
CA GLU F 29 -41.17 54.01 -36.24
C GLU F 29 -40.43 53.14 -37.24
N VAL F 30 -40.94 53.10 -38.46
CA VAL F 30 -40.22 52.43 -39.52
C VAL F 30 -39.03 53.28 -39.94
N GLU F 31 -38.00 52.63 -40.44
CA GLU F 31 -36.77 53.32 -40.75
C GLU F 31 -36.70 53.62 -42.24
N LEU F 32 -35.68 54.37 -42.64
CA LEU F 32 -35.52 54.76 -44.02
C LEU F 32 -34.60 53.77 -44.72
N PRO F 33 -35.07 53.09 -45.76
CA PRO F 33 -34.15 52.26 -46.53
C PRO F 33 -33.22 53.11 -47.36
N LEU F 34 -32.02 52.57 -47.60
CA LEU F 34 -31.01 53.26 -48.40
C LEU F 34 -31.43 53.20 -49.86
N LYS F 35 -32.22 54.17 -50.31
CA LYS F 35 -32.69 54.15 -51.68
C LYS F 35 -31.68 54.83 -52.59
N THR F 36 -31.29 54.14 -53.65
CA THR F 36 -30.42 54.68 -54.67
C THR F 36 -31.20 54.86 -55.97
N LEU F 37 -30.76 55.81 -56.77
CA LEU F 37 -31.39 56.07 -58.06
C LEU F 37 -30.36 55.81 -59.13
N VAL F 38 -30.50 54.69 -59.83
CA VAL F 38 -29.59 54.36 -60.92
C VAL F 38 -30.05 55.11 -62.15
N VAL F 39 -29.24 56.04 -62.62
CA VAL F 39 -29.61 56.88 -63.75
C VAL F 39 -28.65 56.57 -64.90
N GLY F 40 -29.17 56.58 -66.11
CA GLY F 40 -28.36 56.24 -67.26
C GLY F 40 -29.17 55.61 -68.37
N ASP F 41 -28.55 55.58 -69.54
CA ASP F 41 -29.18 55.15 -70.80
C ASP F 41 -29.49 53.66 -70.74
N PHE F 42 -30.77 53.32 -70.71
CA PHE F 42 -31.19 51.94 -70.53
C PHE F 42 -31.92 51.37 -71.73
N LYS F 43 -32.20 52.18 -72.74
CA LYS F 43 -32.85 51.72 -73.96
C LYS F 43 -32.05 52.20 -75.16
N GLY F 44 -32.55 51.91 -76.36
CA GLY F 44 -31.77 52.15 -77.55
C GLY F 44 -32.15 53.38 -78.34
N HIS F 45 -32.68 54.41 -77.69
CA HIS F 45 -33.08 55.63 -78.38
C HIS F 45 -33.07 56.78 -77.38
N ALA F 46 -33.68 57.89 -77.78
CA ALA F 46 -33.89 59.04 -76.92
C ALA F 46 -35.38 59.37 -76.92
N GLU F 47 -36.01 59.24 -75.75
CA GLU F 47 -37.45 59.41 -75.65
C GLU F 47 -37.85 60.87 -75.82
N GLN F 48 -38.97 61.08 -76.52
CA GLN F 48 -39.38 62.44 -76.86
C GLN F 48 -40.06 63.17 -75.71
N THR F 49 -40.48 62.46 -74.65
CA THR F 49 -41.09 63.18 -73.54
C THR F 49 -40.02 63.90 -72.72
N PRO F 50 -40.30 65.09 -72.20
CA PRO F 50 -39.33 65.78 -71.34
C PRO F 50 -39.17 65.04 -70.02
N LEU F 51 -38.11 65.43 -69.31
CA LEU F 51 -37.68 64.64 -68.17
C LEU F 51 -38.65 64.73 -67.00
N GLU F 52 -39.30 65.87 -66.82
CA GLU F 52 -40.15 66.09 -65.67
C GLU F 52 -41.46 65.31 -65.70
N GLU F 53 -41.76 64.59 -66.78
CA GLU F 53 -42.99 63.81 -66.87
C GLU F 53 -42.77 62.32 -66.82
N ARG F 54 -41.60 61.84 -67.24
CA ARG F 54 -41.36 60.40 -67.20
C ARG F 54 -41.11 59.95 -65.77
N ALA F 55 -41.23 58.65 -65.56
CA ALA F 55 -41.29 58.11 -64.20
C ALA F 55 -40.08 57.26 -63.88
N THR F 56 -39.90 56.99 -62.59
CA THR F 56 -38.88 56.09 -62.09
C THR F 56 -39.55 54.79 -61.65
N VAL F 57 -38.98 53.67 -62.03
CA VAL F 57 -39.54 52.37 -61.71
C VAL F 57 -38.67 51.71 -60.64
N THR F 58 -39.31 51.02 -59.71
CA THR F 58 -38.63 50.37 -58.60
C THR F 58 -38.42 48.91 -58.94
N VAL F 59 -37.17 48.46 -58.82
CA VAL F 59 -36.73 47.12 -59.22
C VAL F 59 -36.20 46.38 -58.01
N ASP F 60 -36.76 45.21 -57.72
CA ASP F 60 -36.02 44.31 -56.85
C ASP F 60 -35.84 42.97 -57.55
N LYS F 61 -35.39 41.94 -56.81
CA LYS F 61 -35.03 40.67 -57.43
C LYS F 61 -36.26 39.95 -57.98
N ASN F 62 -37.42 40.17 -57.40
CA ASN F 62 -38.61 39.46 -57.84
C ASN F 62 -39.25 40.09 -59.06
N ASN F 63 -39.14 41.41 -59.25
CA ASN F 63 -39.82 42.06 -60.36
C ASN F 63 -38.87 42.51 -61.46
N PHE F 64 -37.65 41.99 -61.48
CA PHE F 64 -36.73 42.39 -62.54
C PHE F 64 -37.13 41.82 -63.88
N GLU F 65 -37.80 40.68 -63.89
CA GLU F 65 -38.27 40.10 -65.15
C GLU F 65 -39.48 40.84 -65.70
N ALA F 66 -40.22 41.56 -64.86
CA ALA F 66 -41.36 42.34 -65.31
C ALA F 66 -40.98 43.75 -65.71
N VAL F 67 -39.93 44.32 -65.12
CA VAL F 67 -39.45 45.62 -65.54
C VAL F 67 -38.76 45.51 -66.89
N MET F 68 -38.06 44.40 -67.14
CA MET F 68 -37.41 44.22 -68.43
C MET F 68 -38.42 43.97 -69.54
N ARG F 69 -39.53 43.30 -69.24
CA ARG F 69 -40.52 42.99 -70.26
C ARG F 69 -41.29 44.25 -70.67
N GLU F 70 -41.65 45.09 -69.70
CA GLU F 70 -42.45 46.27 -70.00
C GLU F 70 -41.63 47.44 -70.50
N SER F 71 -40.31 47.34 -70.50
CA SER F 71 -39.50 48.39 -71.10
C SER F 71 -39.58 48.36 -72.61
N GLU F 72 -39.75 47.17 -73.19
CA GLU F 72 -39.68 46.89 -74.63
C GLU F 72 -38.36 47.37 -75.23
N LEU F 73 -37.28 46.74 -74.79
CA LEU F 73 -35.97 47.02 -75.35
C LEU F 73 -35.91 46.43 -76.76
N LYS F 74 -36.19 47.26 -77.76
CA LYS F 74 -36.21 46.84 -79.16
C LYS F 74 -34.95 47.38 -79.84
N ILE F 75 -33.99 46.49 -80.06
CA ILE F 75 -32.72 46.87 -80.66
C ILE F 75 -32.76 46.52 -82.13
N THR F 76 -32.78 47.55 -82.99
CA THR F 76 -32.81 47.40 -84.44
C THR F 76 -31.53 48.01 -85.00
N ALA F 77 -30.66 47.17 -85.56
CA ALA F 77 -29.40 47.64 -86.11
C ALA F 77 -29.04 46.81 -87.33
N THR F 78 -28.14 47.35 -88.13
CA THR F 78 -27.64 46.68 -89.32
C THR F 78 -26.26 46.12 -89.02
N VAL F 79 -26.13 44.79 -89.07
CA VAL F 79 -24.88 44.13 -88.76
C VAL F 79 -24.36 43.42 -90.01
N LYS F 80 -23.15 42.89 -89.91
CA LYS F 80 -22.48 42.28 -91.04
C LYS F 80 -23.04 40.90 -91.33
N ASN F 81 -23.17 40.59 -92.62
CA ASN F 81 -23.69 39.31 -93.08
C ASN F 81 -22.52 38.35 -93.27
N LYS F 82 -22.44 37.34 -92.41
CA LYS F 82 -21.43 36.29 -92.53
C LYS F 82 -22.06 34.93 -92.78
N LEU F 83 -23.24 34.89 -93.40
CA LEU F 83 -23.92 33.65 -93.72
C LEU F 83 -23.69 33.21 -95.16
N THR F 84 -22.97 34.01 -95.96
CA THR F 84 -22.69 33.66 -97.34
C THR F 84 -21.24 33.96 -97.67
N ASP F 85 -20.86 33.87 -98.95
CA ASP F 85 -19.49 34.14 -99.36
C ASP F 85 -19.20 35.61 -99.61
N ASP F 86 -20.11 36.50 -99.25
CA ASP F 86 -19.94 37.93 -99.47
C ASP F 86 -19.37 38.57 -98.22
N GLU F 87 -18.30 39.35 -98.40
CA GLU F 87 -17.71 40.13 -97.32
C GLU F 87 -18.41 41.47 -97.15
N ASN F 88 -18.85 42.08 -98.27
CA ASN F 88 -19.47 43.40 -98.26
C ASN F 88 -20.99 43.35 -98.18
N ALA F 89 -21.54 42.31 -97.56
CA ALA F 89 -22.98 42.21 -97.37
C ALA F 89 -23.35 42.57 -95.94
N GLU F 90 -24.54 43.16 -95.77
CA GLU F 90 -25.06 43.55 -94.47
C GLU F 90 -26.44 42.95 -94.28
N LEU F 91 -26.83 42.79 -93.02
CA LEU F 91 -28.11 42.17 -92.73
C LEU F 91 -28.71 42.76 -91.46
N PRO F 92 -29.75 43.59 -91.57
CA PRO F 92 -30.38 44.12 -90.36
C PRO F 92 -31.16 43.05 -89.61
N VAL F 93 -31.33 43.29 -88.31
CA VAL F 93 -32.00 42.35 -87.42
C VAL F 93 -33.17 43.05 -86.74
N GLU F 94 -33.96 42.25 -86.02
CA GLU F 94 -35.11 42.76 -85.26
C GLU F 94 -35.19 41.98 -83.96
N LEU F 95 -35.00 42.68 -82.85
CA LEU F 95 -34.88 42.05 -81.54
C LEU F 95 -35.98 42.52 -80.60
N ASN F 96 -36.57 41.57 -79.86
CA ASN F 96 -37.59 41.86 -78.86
C ASN F 96 -37.20 41.11 -77.59
N PHE F 97 -36.88 41.85 -76.54
CA PHE F 97 -36.34 41.29 -75.31
C PHE F 97 -37.38 41.35 -74.21
N LYS F 98 -37.69 40.22 -73.61
CA LYS F 98 -38.66 40.15 -72.53
C LYS F 98 -38.14 39.48 -71.27
N SER F 99 -37.01 38.79 -71.33
CA SER F 99 -36.42 38.15 -70.15
C SER F 99 -34.91 38.25 -70.26
N LEU F 100 -34.23 37.92 -69.15
CA LEU F 100 -32.77 37.92 -69.14
C LEU F 100 -32.19 36.84 -70.04
N ALA F 101 -32.93 35.76 -70.29
CA ALA F 101 -32.50 34.74 -71.23
C ALA F 101 -32.63 35.16 -72.70
N ASP F 102 -33.24 36.32 -72.98
CA ASP F 102 -33.29 36.81 -74.34
C ASP F 102 -31.98 37.42 -74.80
N PHE F 103 -31.03 37.67 -73.89
CA PHE F 103 -29.70 38.05 -74.31
C PHE F 103 -28.91 36.87 -74.83
N ALA F 104 -29.30 35.65 -74.44
CA ALA F 104 -28.57 34.44 -74.82
C ALA F 104 -28.79 34.13 -76.31
N PRO F 105 -27.80 33.50 -76.96
CA PRO F 105 -27.93 33.22 -78.40
C PRO F 105 -29.00 32.19 -78.77
N ASP F 106 -29.63 31.53 -77.80
CA ASP F 106 -30.77 30.67 -78.11
C ASP F 106 -31.98 31.51 -78.50
N ALA F 107 -32.18 32.64 -77.84
CA ALA F 107 -33.31 33.51 -78.12
C ALA F 107 -32.98 34.66 -79.05
N VAL F 108 -31.71 34.98 -79.25
CA VAL F 108 -31.36 35.99 -80.24
C VAL F 108 -31.46 35.41 -81.64
N ALA F 109 -30.93 34.20 -81.83
CA ALA F 109 -31.04 33.53 -83.12
C ALA F 109 -32.45 33.09 -83.44
N SER F 110 -33.29 32.86 -82.42
CA SER F 110 -34.69 32.54 -82.66
C SER F 110 -35.49 33.74 -83.14
N GLN F 111 -35.00 34.95 -82.90
CA GLN F 111 -35.67 36.16 -83.37
C GLN F 111 -35.11 36.65 -84.69
N VAL F 112 -34.08 36.00 -85.21
CA VAL F 112 -33.55 36.29 -86.54
C VAL F 112 -34.05 35.20 -87.49
N PRO F 113 -34.86 35.54 -88.50
CA PRO F 113 -35.41 34.49 -89.38
C PRO F 113 -34.37 33.83 -90.27
N GLU F 114 -33.23 34.48 -90.51
CA GLU F 114 -32.15 33.84 -91.25
C GLU F 114 -31.44 32.80 -90.41
N LEU F 115 -31.57 32.86 -89.09
CA LEU F 115 -31.01 31.86 -88.19
C LEU F 115 -32.05 30.89 -87.65
N LYS F 116 -33.34 31.14 -87.89
CA LYS F 116 -34.35 30.15 -87.55
C LYS F 116 -34.27 28.94 -88.46
N LYS F 117 -33.83 29.14 -89.71
CA LYS F 117 -33.67 28.03 -90.64
C LYS F 117 -32.35 27.29 -90.45
N LEU F 118 -31.40 27.86 -89.71
CA LEU F 118 -30.13 27.17 -89.47
C LEU F 118 -30.17 26.32 -88.20
N ILE F 119 -30.92 26.74 -87.18
CA ILE F 119 -31.14 25.87 -86.03
C ILE F 119 -32.07 24.73 -86.42
N GLU F 120 -33.07 25.02 -87.25
CA GLU F 120 -33.94 23.98 -87.80
C GLU F 120 -33.14 23.04 -88.70
N LEU F 121 -32.11 23.56 -89.36
CA LEU F 121 -31.21 22.69 -90.11
C LEU F 121 -30.43 21.77 -89.18
N ARG F 122 -29.99 22.30 -88.03
CA ARG F 122 -29.22 21.49 -87.09
C ARG F 122 -30.11 20.49 -86.36
N GLU F 123 -31.33 20.91 -86.01
CA GLU F 123 -32.30 20.00 -85.37
C GLU F 123 -32.67 18.85 -86.30
N ALA F 124 -32.68 19.10 -87.61
CA ALA F 124 -32.89 18.04 -88.58
C ALA F 124 -31.67 17.13 -88.71
N LEU F 125 -30.47 17.62 -88.39
CA LEU F 125 -29.27 16.80 -88.46
C LEU F 125 -29.01 16.02 -87.17
N VAL F 126 -29.42 16.56 -86.02
CA VAL F 126 -29.35 15.80 -84.77
C VAL F 126 -30.38 14.67 -84.79
N ALA F 127 -31.53 14.89 -85.44
CA ALA F 127 -32.53 13.85 -85.58
C ALA F 127 -32.05 12.72 -86.47
N LEU F 128 -31.14 13.01 -87.41
CA LEU F 128 -30.65 11.98 -88.31
C LEU F 128 -29.67 11.04 -87.63
N LYS F 129 -28.83 11.58 -86.73
CA LYS F 129 -27.67 10.85 -86.20
C LYS F 129 -28.08 9.65 -85.34
N GLY F 130 -29.25 9.72 -84.69
CA GLY F 130 -29.76 8.63 -83.89
C GLY F 130 -30.03 7.36 -84.67
N PRO F 131 -30.99 7.39 -85.59
CA PRO F 131 -31.25 6.23 -86.45
C PRO F 131 -30.29 6.05 -87.61
N LEU F 132 -29.16 6.75 -87.64
CA LEU F 132 -28.25 6.63 -88.77
C LEU F 132 -27.40 5.36 -88.67
N GLY F 133 -26.56 5.29 -87.64
CA GLY F 133 -25.64 4.19 -87.47
C GLY F 133 -26.21 2.94 -86.84
N ASN F 134 -27.51 2.92 -86.56
CA ASN F 134 -28.15 1.75 -85.96
C ASN F 134 -28.58 0.75 -87.03
N ILE F 135 -29.19 1.23 -88.11
CA ILE F 135 -29.63 0.38 -89.21
C ILE F 135 -28.58 0.49 -90.33
N PRO F 136 -27.87 -0.59 -90.65
CA PRO F 136 -26.87 -0.53 -91.73
C PRO F 136 -27.43 -0.65 -93.13
N ALA F 137 -28.74 -0.56 -93.31
CA ALA F 137 -29.35 -0.58 -94.63
C ALA F 137 -29.53 0.82 -95.22
N PHE F 138 -29.08 1.86 -94.51
CA PHE F 138 -29.17 3.21 -95.05
C PHE F 138 -28.15 3.43 -96.15
N ARG F 139 -26.94 2.92 -95.97
CA ARG F 139 -25.90 3.05 -97.00
C ARG F 139 -26.18 2.18 -98.21
N GLU F 140 -27.03 1.15 -98.06
CA GLU F 140 -27.42 0.32 -99.19
C GLU F 140 -28.28 1.11 -100.18
N ARG F 141 -29.08 2.04 -99.68
CA ARG F 141 -29.92 2.87 -100.54
C ARG F 141 -29.30 4.23 -100.83
N LEU F 142 -28.16 4.56 -100.23
CA LEU F 142 -27.38 5.70 -100.71
C LEU F 142 -26.77 5.40 -102.07
N GLN F 143 -26.39 4.14 -102.31
CA GLN F 143 -25.91 3.74 -103.61
C GLN F 143 -27.06 3.61 -104.61
N SER F 144 -28.27 3.34 -104.12
CA SER F 144 -29.43 3.36 -105.00
C SER F 144 -29.80 4.79 -105.40
N LEU F 145 -29.64 5.74 -104.46
CA LEU F 145 -29.75 7.14 -104.82
C LEU F 145 -28.56 7.60 -105.67
N LEU F 146 -27.41 6.93 -105.55
CA LEU F 146 -26.32 7.16 -106.48
C LEU F 146 -26.67 6.61 -107.86
N ASN F 147 -27.44 5.53 -107.92
CA ASN F 147 -27.89 5.00 -109.21
C ASN F 147 -29.07 5.79 -109.76
N SER F 148 -30.12 5.96 -108.95
CA SER F 148 -31.32 6.69 -109.38
C SER F 148 -31.10 8.17 -109.13
N GLU F 149 -30.48 8.85 -110.10
CA GLU F 149 -30.23 10.28 -109.99
C GLU F 149 -31.40 11.13 -110.43
N GLU F 150 -32.27 10.60 -111.29
CA GLU F 150 -33.39 11.39 -111.81
C GLU F 150 -34.50 11.53 -110.77
N SER F 151 -34.88 10.42 -110.13
CA SER F 151 -35.94 10.46 -109.13
C SER F 151 -35.50 11.10 -107.82
N ARG F 152 -34.18 11.19 -107.58
CA ARG F 152 -33.70 11.82 -106.35
C ARG F 152 -33.84 13.33 -106.42
N GLU F 153 -33.47 13.93 -107.54
CA GLU F 153 -33.53 15.39 -107.68
C GLU F 153 -34.96 15.89 -107.82
N LYS F 154 -35.90 15.04 -108.23
CA LYS F 154 -37.30 15.45 -108.25
C LYS F 154 -37.88 15.54 -106.85
N LEU F 155 -37.32 14.79 -105.90
CA LEU F 155 -37.81 14.79 -104.53
C LEU F 155 -37.09 15.79 -103.64
N LEU F 156 -35.93 16.30 -104.06
CA LEU F 156 -35.23 17.30 -103.26
C LEU F 156 -35.92 18.65 -103.32
N ALA F 157 -36.62 18.95 -104.42
CA ALA F 157 -37.34 20.21 -104.52
C ALA F 157 -38.61 20.22 -103.68
N GLU F 158 -39.13 19.06 -103.33
CA GLU F 158 -40.32 18.96 -102.49
C GLU F 158 -39.96 19.24 -101.04
N PRO G 1 -14.51 64.58 5.40
CA PRO G 1 -13.35 64.40 4.53
C PRO G 1 -13.61 64.89 3.12
N THR G 2 -12.56 65.30 2.41
CA THR G 2 -12.78 65.82 1.08
C THR G 2 -12.62 64.72 0.05
N PRO G 3 -13.43 64.72 -1.00
CA PRO G 3 -13.32 63.66 -2.01
C PRO G 3 -12.05 63.77 -2.82
N CYS G 4 -11.58 62.63 -3.27
CA CYS G 4 -10.35 62.51 -4.03
C CYS G 4 -10.68 62.47 -5.51
N TYR G 5 -9.69 62.18 -6.35
CA TYR G 5 -9.90 62.10 -7.78
C TYR G 5 -9.01 61.03 -8.36
N ILE G 6 -9.54 60.23 -9.28
CA ILE G 6 -8.80 59.13 -9.87
C ILE G 6 -8.83 59.23 -11.38
N SER G 7 -7.67 59.12 -12.00
CA SER G 7 -7.56 59.11 -13.46
C SER G 7 -7.00 57.77 -13.90
N ILE G 8 -7.82 56.97 -14.56
CA ILE G 8 -7.46 55.62 -14.96
C ILE G 8 -7.11 55.63 -16.44
N GLU G 9 -5.98 55.02 -16.81
CA GLU G 9 -5.63 54.84 -18.21
C GLU G 9 -5.44 53.36 -18.50
N GLY G 10 -6.20 52.83 -19.45
CA GLY G 10 -6.17 51.41 -19.74
C GLY G 10 -5.08 51.04 -20.73
N GLN G 11 -4.94 49.74 -20.95
CA GLN G 11 -4.06 49.26 -22.03
C GLN G 11 -4.65 49.60 -23.39
N THR G 12 -5.83 49.07 -23.68
CA THR G 12 -6.41 49.24 -25.00
C THR G 12 -7.48 50.32 -25.06
N GLN G 13 -8.08 50.70 -23.94
CA GLN G 13 -9.19 51.63 -23.94
C GLN G 13 -8.76 53.06 -23.69
N GLY G 14 -7.48 53.35 -23.83
CA GLY G 14 -7.02 54.72 -23.73
C GLY G 14 -7.17 55.26 -22.32
N LEU G 15 -7.50 56.54 -22.23
CA LEU G 15 -7.83 57.15 -20.96
C LEU G 15 -9.27 56.82 -20.65
N ILE G 16 -9.49 55.98 -19.65
CA ILE G 16 -10.84 55.50 -19.36
C ILE G 16 -11.70 56.60 -18.79
N THR G 17 -11.16 57.36 -17.85
CA THR G 17 -11.98 58.37 -17.23
C THR G 17 -12.00 59.68 -17.98
N ALA G 18 -11.68 59.70 -19.27
CA ALA G 18 -11.70 60.94 -20.05
C ALA G 18 -13.14 61.33 -20.28
N GLY G 19 -13.62 62.28 -19.50
CA GLY G 19 -15.00 62.68 -19.59
C GLY G 19 -15.90 62.16 -18.50
N ALA G 20 -15.35 61.60 -17.43
CA ALA G 20 -16.16 61.05 -16.37
C ALA G 20 -16.62 62.08 -15.37
N CYS G 21 -16.33 63.35 -15.61
CA CYS G 21 -16.93 64.48 -14.89
C CYS G 21 -17.35 65.56 -15.86
N THR G 22 -18.10 65.17 -16.87
CA THR G 22 -18.79 66.13 -17.71
C THR G 22 -20.23 66.25 -17.26
N ALA G 23 -21.01 67.02 -18.01
CA ALA G 23 -22.43 67.13 -17.71
C ALA G 23 -23.22 65.92 -18.18
N ASP G 24 -22.65 65.11 -19.06
CA ASP G 24 -23.32 63.91 -19.48
C ASP G 24 -23.14 62.76 -18.49
N SER G 25 -22.03 62.74 -17.78
CA SER G 25 -21.78 61.65 -16.85
C SER G 25 -22.64 61.76 -15.60
N ILE G 26 -22.45 62.84 -14.85
CA ILE G 26 -23.03 62.93 -13.52
C ILE G 26 -23.93 64.15 -13.34
N GLY G 27 -24.49 64.65 -14.43
CA GLY G 27 -25.46 65.72 -14.32
C GLY G 27 -24.86 67.07 -13.97
N ASP G 28 -25.29 67.66 -12.86
CA ASP G 28 -24.82 68.97 -12.47
C ASP G 28 -23.76 68.94 -11.38
N SER G 29 -23.31 67.75 -10.97
CA SER G 29 -22.28 67.65 -9.96
C SER G 29 -20.91 67.47 -10.55
N PHE G 30 -20.69 67.93 -11.77
CA PHE G 30 -19.37 67.82 -12.33
C PHE G 30 -18.57 69.05 -11.98
N VAL G 31 -17.26 68.92 -12.07
CA VAL G 31 -16.33 69.96 -11.65
C VAL G 31 -15.48 70.34 -12.84
N GLU G 32 -15.39 71.63 -13.14
CA GLU G 32 -14.48 72.09 -14.18
C GLU G 32 -13.04 71.90 -13.75
N GLY G 33 -12.19 71.61 -14.73
CA GLY G 33 -10.79 71.33 -14.47
C GLY G 33 -10.48 69.89 -14.14
N HIS G 34 -11.47 69.12 -13.72
CA HIS G 34 -11.29 67.71 -13.42
C HIS G 34 -12.09 66.89 -14.41
N GLU G 35 -11.99 67.27 -15.68
CA GLU G 35 -12.78 66.63 -16.72
C GLU G 35 -12.34 65.21 -17.01
N ASP G 36 -11.14 64.82 -16.61
CA ASP G 36 -10.63 63.50 -16.92
C ASP G 36 -10.54 62.61 -15.69
N GLU G 37 -11.16 63.00 -14.59
CA GLU G 37 -10.93 62.35 -13.31
C GLU G 37 -12.26 62.09 -12.64
N MET G 38 -12.50 60.85 -12.23
CA MET G 38 -13.72 60.53 -11.50
C MET G 38 -13.68 61.17 -10.11
N LEU G 39 -14.83 61.18 -9.46
CA LEU G 39 -14.94 61.76 -8.13
C LEU G 39 -15.10 60.63 -7.13
N VAL G 40 -14.07 60.42 -6.32
CA VAL G 40 -13.98 59.24 -5.46
C VAL G 40 -14.48 59.58 -4.06
N GLN G 41 -15.45 58.82 -3.59
CA GLN G 41 -16.08 59.13 -2.32
C GLN G 41 -15.39 58.45 -1.15
N GLN G 42 -15.37 57.12 -1.15
CA GLN G 42 -14.87 56.31 -0.05
C GLN G 42 -13.61 55.61 -0.49
N PHE G 43 -12.78 55.19 0.48
CA PHE G 43 -11.51 54.58 0.15
C PHE G 43 -11.16 53.53 1.20
N ASP G 44 -10.42 52.50 0.78
CA ASP G 44 -9.98 51.42 1.67
C ASP G 44 -8.89 50.58 1.03
N HIS G 45 -7.82 50.29 1.76
CA HIS G 45 -6.65 49.66 1.15
C HIS G 45 -5.76 49.05 2.22
N VAL G 46 -5.48 47.75 2.10
CA VAL G 46 -4.69 47.01 3.09
C VAL G 46 -3.46 46.48 2.38
N VAL G 47 -2.31 46.47 3.06
CA VAL G 47 -1.09 45.84 2.55
C VAL G 47 -0.54 44.98 3.66
N THR G 48 -0.75 43.68 3.59
CA THR G 48 -0.32 42.82 4.68
C THR G 48 1.09 42.29 4.43
N VAL G 49 1.72 41.80 5.51
CA VAL G 49 2.97 41.08 5.45
C VAL G 49 2.85 39.86 6.36
N PRO G 50 3.01 38.66 5.86
CA PRO G 50 2.91 37.48 6.73
C PRO G 50 4.11 37.34 7.64
N THR G 51 3.90 37.53 8.94
CA THR G 51 4.95 37.38 9.93
C THR G 51 4.71 36.11 10.73
N ASP G 52 5.79 35.46 11.12
CA ASP G 52 5.63 34.23 11.87
C ASP G 52 5.28 34.53 13.32
N PRO G 53 4.64 33.58 14.01
CA PRO G 53 4.48 33.73 15.47
C PRO G 53 5.80 33.52 16.17
N GLN G 54 5.77 33.77 17.48
CA GLN G 54 6.88 33.61 18.45
C GLN G 54 8.19 34.26 17.97
N SER G 55 8.08 35.33 17.20
CA SER G 55 9.21 36.06 16.65
C SER G 55 8.70 37.44 16.28
N GLY G 56 9.47 38.15 15.47
CA GLY G 56 8.96 39.38 14.91
C GLY G 56 9.27 39.49 13.43
N GLN G 57 9.99 38.52 12.91
CA GLN G 57 10.52 38.69 11.57
C GLN G 57 9.45 38.44 10.51
N PRO G 58 9.51 39.15 9.38
CA PRO G 58 8.55 38.90 8.30
C PRO G 58 8.86 37.60 7.60
N SER G 59 7.95 36.64 7.73
CA SER G 59 8.11 35.31 7.12
C SER G 59 7.46 35.29 5.75
N GLY G 60 7.98 36.10 4.85
CA GLY G 60 7.43 36.15 3.52
C GLY G 60 7.29 37.56 2.99
N GLN G 61 7.14 37.69 1.68
CA GLN G 61 6.99 39.01 1.09
C GLN G 61 5.60 39.54 1.33
N ARG G 62 5.42 40.83 1.05
CA ARG G 62 4.16 41.52 1.25
C ARG G 62 3.07 40.96 0.35
N VAL G 63 1.82 41.15 0.76
CA VAL G 63 0.65 40.70 0.03
C VAL G 63 -0.29 41.87 -0.11
N HIS G 64 -0.49 42.35 -1.33
CA HIS G 64 -1.30 43.54 -1.55
C HIS G 64 -2.78 43.18 -1.62
N LYS G 65 -3.50 43.50 -0.58
CA LYS G 65 -4.96 43.48 -0.63
C LYS G 65 -5.42 44.68 -1.46
N PRO G 66 -6.60 44.62 -2.10
CA PRO G 66 -6.90 45.59 -3.14
C PRO G 66 -7.33 46.95 -2.63
N PHE G 67 -7.12 47.96 -3.48
CA PHE G 67 -7.86 49.22 -3.47
C PHE G 67 -9.35 48.99 -3.36
N LYS G 68 -10.07 49.93 -2.74
CA LYS G 68 -11.53 49.95 -2.80
C LYS G 68 -11.96 51.41 -2.83
N PHE G 69 -12.15 51.97 -4.02
CA PHE G 69 -12.61 53.33 -4.15
C PHE G 69 -14.02 53.35 -4.73
N THR G 70 -14.85 54.29 -4.27
CA THR G 70 -16.27 54.31 -4.60
C THR G 70 -16.61 55.55 -5.41
N VAL G 71 -17.15 55.35 -6.61
CA VAL G 71 -17.64 56.44 -7.44
C VAL G 71 -19.10 56.17 -7.77
N ALA G 72 -19.78 57.19 -8.26
CA ALA G 72 -21.16 57.02 -8.68
C ALA G 72 -21.19 56.43 -10.08
N LEU G 73 -22.40 56.11 -10.56
CA LEU G 73 -22.53 55.66 -11.94
C LEU G 73 -22.29 56.80 -12.90
N ASN G 74 -21.34 56.61 -13.80
CA ASN G 74 -21.00 57.65 -14.76
C ASN G 74 -20.50 57.00 -16.03
N LYS G 75 -19.80 57.80 -16.85
CA LYS G 75 -19.38 57.36 -18.17
C LYS G 75 -18.34 56.26 -18.09
N ALA G 76 -17.45 56.33 -17.11
CA ALA G 76 -16.35 55.39 -17.05
C ALA G 76 -16.75 54.03 -16.48
N VAL G 77 -17.93 53.87 -15.92
CA VAL G 77 -18.32 52.59 -15.32
C VAL G 77 -18.58 51.49 -16.35
N PRO G 78 -19.22 51.72 -17.51
CA PRO G 78 -19.20 50.67 -18.53
C PRO G 78 -17.83 50.41 -19.11
N LEU G 79 -16.92 51.38 -19.05
CA LEU G 79 -15.56 51.12 -19.48
C LEU G 79 -14.79 50.30 -18.45
N LEU G 80 -15.12 50.45 -17.18
CA LEU G 80 -14.48 49.63 -16.16
C LEU G 80 -15.06 48.24 -16.04
N TYR G 81 -16.20 47.97 -16.66
CA TYR G 81 -16.67 46.60 -16.73
C TYR G 81 -16.19 45.86 -17.95
N ASN G 82 -15.26 46.43 -18.72
CA ASN G 82 -14.50 45.64 -19.67
C ASN G 82 -13.06 45.45 -19.24
N ALA G 83 -12.52 46.37 -18.45
CA ALA G 83 -11.25 46.10 -17.83
C ALA G 83 -11.39 44.98 -16.81
N LEU G 84 -12.57 44.81 -16.24
CA LEU G 84 -12.83 43.75 -15.29
C LEU G 84 -13.03 42.41 -15.97
N SER G 85 -14.03 42.32 -16.83
CA SER G 85 -14.44 41.03 -17.37
C SER G 85 -13.52 40.50 -18.44
N SER G 86 -12.51 41.25 -18.86
CA SER G 86 -11.54 40.73 -19.79
C SER G 86 -10.13 40.74 -19.24
N GLY G 87 -9.94 41.17 -18.00
CA GLY G 87 -8.63 41.14 -17.40
C GLY G 87 -7.65 42.14 -17.97
N GLU G 88 -8.14 43.25 -18.48
CA GLU G 88 -7.26 44.25 -19.06
C GLU G 88 -6.53 45.01 -17.97
N LYS G 89 -5.21 45.07 -18.09
CA LYS G 89 -4.46 45.85 -17.14
C LYS G 89 -4.65 47.33 -17.43
N LEU G 90 -4.46 48.14 -16.41
CA LEU G 90 -4.62 49.58 -16.52
C LEU G 90 -3.24 50.19 -16.32
N LYS G 91 -2.81 51.04 -17.25
CA LYS G 91 -1.42 51.52 -17.22
C LYS G 91 -1.16 52.40 -16.01
N THR G 92 -2.15 53.19 -15.59
CA THR G 92 -1.94 54.02 -14.42
C THR G 92 -3.26 54.35 -13.76
N VAL G 93 -3.20 54.61 -12.45
CA VAL G 93 -4.33 55.08 -11.66
C VAL G 93 -3.73 56.08 -10.69
N GLU G 94 -4.08 57.34 -10.83
CA GLU G 94 -3.46 58.37 -10.01
C GLU G 94 -4.50 58.94 -9.07
N LEU G 95 -4.65 58.33 -7.91
CA LEU G 95 -5.46 58.90 -6.86
C LEU G 95 -4.80 60.17 -6.35
N LYS G 96 -5.61 61.16 -6.01
CA LYS G 96 -5.09 62.43 -5.50
C LYS G 96 -5.93 62.86 -4.31
N TRP G 97 -5.34 62.83 -3.12
CA TRP G 97 -6.04 63.18 -1.91
C TRP G 97 -6.04 64.69 -1.74
N TYR G 98 -7.20 65.31 -1.78
CA TYR G 98 -7.23 66.75 -1.58
C TYR G 98 -7.45 67.07 -0.12
N ARG G 99 -7.12 68.30 0.24
CA ARG G 99 -7.48 68.85 1.53
C ARG G 99 -7.50 70.35 1.41
N THR G 100 -8.15 70.99 2.36
CA THR G 100 -8.29 72.44 2.36
C THR G 100 -7.13 73.04 3.14
N SER G 101 -6.34 73.85 2.46
CA SER G 101 -5.14 74.40 3.07
C SER G 101 -5.48 75.63 3.89
N ILE G 102 -4.46 76.34 4.35
CA ILE G 102 -4.66 77.48 5.24
C ILE G 102 -5.15 78.67 4.45
N GLU G 103 -4.58 78.91 3.26
CA GLU G 103 -4.95 80.06 2.45
C GLU G 103 -6.34 79.93 1.85
N GLY G 104 -6.95 78.76 1.91
CA GLY G 104 -8.31 78.58 1.43
C GLY G 104 -8.43 77.90 0.10
N LYS G 105 -7.42 77.15 -0.32
CA LYS G 105 -7.44 76.54 -1.62
C LYS G 105 -7.22 75.04 -1.50
N GLN G 106 -7.91 74.29 -2.34
CA GLN G 106 -7.73 72.85 -2.39
C GLN G 106 -6.34 72.53 -2.91
N GLU G 107 -5.74 71.47 -2.39
CA GLU G 107 -4.45 71.04 -2.88
C GLU G 107 -4.29 69.56 -2.60
N ASN G 108 -3.58 68.87 -3.48
CA ASN G 108 -3.28 67.47 -3.23
C ASN G 108 -2.09 67.38 -2.30
N PHE G 109 -2.31 66.86 -1.12
CA PHE G 109 -1.21 66.68 -0.21
C PHE G 109 -0.61 65.29 -0.29
N PHE G 110 -1.17 64.41 -1.10
CA PHE G 110 -0.84 63.00 -1.04
C PHE G 110 -1.38 62.35 -2.30
N THR G 111 -0.53 61.75 -3.11
CA THR G 111 -0.99 61.02 -4.29
C THR G 111 -0.46 59.61 -4.25
N THR G 112 -1.31 58.64 -4.57
CA THR G 112 -0.91 57.24 -4.62
C THR G 112 -1.04 56.78 -6.06
N LYS G 113 0.02 56.92 -6.84
CA LYS G 113 -0.01 56.43 -8.21
C LYS G 113 0.05 54.93 -8.24
N LEU G 114 0.03 54.36 -9.44
CA LEU G 114 -0.20 52.94 -9.55
C LEU G 114 0.24 52.52 -10.95
N GLU G 115 1.01 51.46 -11.05
CA GLU G 115 1.35 50.92 -12.36
C GLU G 115 0.32 49.83 -12.70
N ASN G 116 0.67 48.89 -13.59
CA ASN G 116 -0.22 47.90 -14.19
C ASN G 116 -1.14 47.24 -13.18
N ALA G 117 -2.43 47.51 -13.32
CA ALA G 117 -3.38 47.28 -12.24
C ALA G 117 -4.68 46.75 -12.81
N SER G 118 -4.88 45.45 -12.76
CA SER G 118 -6.16 44.91 -13.17
C SER G 118 -7.23 45.25 -12.15
N ILE G 119 -8.48 45.00 -12.50
CA ILE G 119 -9.59 45.20 -11.60
C ILE G 119 -10.02 43.85 -11.04
N VAL G 120 -10.07 43.73 -9.72
CA VAL G 120 -10.47 42.46 -9.13
C VAL G 120 -11.98 42.32 -9.14
N ASP G 121 -12.68 43.25 -8.50
CA ASP G 121 -14.14 43.20 -8.56
C ASP G 121 -14.72 44.59 -8.45
N ILE G 122 -15.97 44.71 -8.88
CA ILE G 122 -16.72 45.96 -8.87
C ILE G 122 -18.07 45.69 -8.26
N HIS G 123 -18.40 46.40 -7.19
CA HIS G 123 -19.59 46.14 -6.38
C HIS G 123 -20.58 47.28 -6.58
N CYS G 124 -21.40 47.17 -7.63
CA CYS G 124 -22.42 48.18 -7.92
C CYS G 124 -23.64 47.91 -7.05
N GLU G 125 -24.04 48.90 -6.28
CA GLU G 125 -25.24 48.78 -5.47
C GLU G 125 -25.99 50.10 -5.46
N MET G 126 -27.23 50.05 -4.98
CA MET G 126 -28.05 51.22 -4.82
C MET G 126 -28.81 51.02 -3.52
N PRO G 127 -28.84 52.00 -2.63
CA PRO G 127 -29.57 51.85 -1.38
C PRO G 127 -31.07 51.84 -1.62
N HIS G 128 -31.80 51.48 -0.57
CA HIS G 128 -33.23 51.23 -0.67
C HIS G 128 -33.98 52.55 -0.86
N CYS G 129 -34.86 52.59 -1.86
CA CYS G 129 -35.51 53.84 -2.20
C CYS G 129 -36.59 54.22 -1.19
N GLN G 130 -37.18 53.25 -0.52
CA GLN G 130 -38.15 53.52 0.53
C GLN G 130 -37.52 54.15 1.77
N ASP G 131 -36.23 53.88 1.99
CA ASP G 131 -35.57 54.22 3.24
C ASP G 131 -35.19 55.69 3.25
N PRO G 132 -35.67 56.49 4.20
CA PRO G 132 -35.32 57.92 4.20
C PRO G 132 -33.98 58.23 4.80
N ALA G 133 -33.34 57.28 5.49
CA ALA G 133 -32.01 57.54 6.02
C ALA G 133 -30.94 57.55 4.95
N LYS G 134 -31.18 56.88 3.83
CA LYS G 134 -30.25 56.81 2.73
C LYS G 134 -30.82 57.49 1.49
N SER G 135 -31.42 58.66 1.68
CA SER G 135 -32.02 59.37 0.57
C SER G 135 -31.03 60.25 -0.17
N ASP G 136 -29.97 60.70 0.51
CA ASP G 136 -29.00 61.57 -0.13
C ASP G 136 -28.05 60.81 -1.05
N PHE G 137 -27.92 59.50 -0.86
CA PHE G 137 -27.01 58.72 -1.68
C PHE G 137 -27.63 58.52 -3.06
N THR G 138 -26.79 58.31 -4.06
CA THR G 138 -27.29 58.03 -5.39
C THR G 138 -27.02 56.59 -5.81
N GLN G 139 -25.75 56.23 -5.93
CA GLN G 139 -25.32 54.87 -6.21
C GLN G 139 -23.97 54.67 -5.54
N ASN G 140 -23.47 53.44 -5.61
CA ASN G 140 -22.17 53.12 -5.04
C ASN G 140 -21.54 52.09 -5.95
N VAL G 141 -20.49 52.47 -6.67
CA VAL G 141 -19.77 51.56 -7.54
C VAL G 141 -18.35 51.47 -6.98
N THR G 142 -18.09 50.43 -6.22
CA THR G 142 -16.82 50.26 -5.52
C THR G 142 -15.90 49.44 -6.38
N VAL G 143 -14.96 50.07 -7.07
CA VAL G 143 -14.08 49.40 -8.00
C VAL G 143 -12.81 49.01 -7.28
N SER G 144 -12.44 47.74 -7.33
CA SER G 144 -11.21 47.32 -6.70
C SER G 144 -10.08 47.28 -7.70
N LEU G 145 -8.85 47.26 -7.19
CA LEU G 145 -7.68 47.23 -8.05
C LEU G 145 -6.60 46.44 -7.36
N SER G 146 -6.30 45.25 -7.86
CA SER G 146 -4.98 44.71 -7.60
C SER G 146 -4.02 45.36 -8.56
N TYR G 147 -2.73 45.27 -8.27
CA TYR G 147 -1.79 46.16 -8.92
C TYR G 147 -0.38 45.61 -8.81
N ARG G 148 0.43 45.89 -9.83
CA ARG G 148 1.83 45.48 -9.76
C ARG G 148 2.62 46.44 -8.88
N LYS G 149 2.71 47.69 -9.28
CA LYS G 149 3.57 48.68 -8.63
C LYS G 149 2.75 49.85 -8.15
N ILE G 150 2.92 50.20 -6.89
CA ILE G 150 2.24 51.31 -6.26
C ILE G 150 3.28 52.27 -5.71
N THR G 151 3.04 53.56 -5.86
CA THR G 151 3.96 54.59 -5.35
C THR G 151 3.17 55.62 -4.58
N TRP G 152 3.24 55.55 -3.25
CA TRP G 152 2.74 56.64 -2.44
C TRP G 152 3.63 57.85 -2.60
N ASP G 153 3.06 59.03 -2.43
CA ASP G 153 3.83 60.25 -2.65
C ASP G 153 3.14 61.37 -1.88
N HIS G 154 3.76 61.81 -0.80
CA HIS G 154 3.27 62.99 -0.11
C HIS G 154 3.88 64.21 -0.76
N VAL G 155 3.04 65.14 -1.21
CA VAL G 155 3.51 66.25 -2.02
C VAL G 155 4.05 67.39 -1.18
N ASN G 156 3.31 67.80 -0.14
CA ASN G 156 3.71 68.96 0.65
C ASN G 156 4.90 68.71 1.56
N ALA G 157 5.35 67.48 1.72
CA ALA G 157 6.56 67.20 2.47
C ALA G 157 7.54 66.38 1.67
N GLY G 158 7.24 66.06 0.42
CA GLY G 158 8.20 65.48 -0.48
C GLY G 158 8.54 64.03 -0.29
N THR G 159 8.04 63.36 0.76
CA THR G 159 8.35 61.96 0.94
C THR G 159 7.67 61.11 -0.12
N SER G 160 8.23 59.94 -0.36
CA SER G 160 7.69 59.06 -1.39
C SER G 160 8.03 57.63 -1.07
N GLY G 161 7.01 56.79 -0.93
CA GLY G 161 7.23 55.37 -0.77
C GLY G 161 7.00 54.70 -2.09
N SER G 162 7.39 53.43 -2.20
CA SER G 162 7.20 52.70 -3.45
C SER G 162 7.25 51.21 -3.16
N ASP G 163 6.40 50.47 -3.84
CA ASP G 163 6.51 49.02 -3.84
C ASP G 163 6.40 48.55 -5.28
N ASP G 164 7.11 47.48 -5.60
CA ASP G 164 7.05 46.94 -6.95
C ASP G 164 7.34 45.47 -6.91
N TRP G 165 6.53 44.69 -7.62
CA TRP G 165 6.90 43.31 -7.84
C TRP G 165 7.99 43.18 -8.88
N ARG G 166 8.06 44.12 -9.82
CA ARG G 166 9.02 44.04 -10.90
C ARG G 166 10.44 44.22 -10.38
N LYS G 167 10.64 45.15 -9.47
CA LYS G 167 11.96 45.48 -8.94
C LYS G 167 11.91 45.48 -7.41
N PRO G 168 11.96 44.32 -6.79
CA PRO G 168 12.09 44.29 -5.33
C PRO G 168 13.48 44.72 -4.95
N ILE G 169 13.65 45.08 -3.67
CA ILE G 169 14.83 45.84 -3.27
C ILE G 169 16.01 44.89 -3.21
N GLU G 170 16.77 44.84 -4.30
CA GLU G 170 17.87 43.94 -4.64
C GLU G 170 17.74 42.46 -4.25
N GLY H 1 58.11 54.20 -80.42
CA GLY H 1 56.81 53.85 -79.88
C GLY H 1 56.77 52.47 -79.24
N SER H 2 57.88 52.09 -78.60
CA SER H 2 57.94 50.79 -77.95
C SER H 2 57.14 50.75 -76.65
N LEU H 3 56.89 51.91 -76.04
CA LEU H 3 56.04 51.94 -74.85
C LEU H 3 54.59 51.66 -75.20
N LEU H 4 54.16 52.04 -76.41
CA LEU H 4 52.83 51.67 -76.88
C LEU H 4 52.75 50.19 -77.20
N ASP H 5 53.88 49.58 -77.57
CA ASP H 5 53.91 48.14 -77.83
C ASP H 5 53.78 47.34 -76.55
N GLU H 6 54.25 47.87 -75.42
CA GLU H 6 54.10 47.16 -74.15
C GLU H 6 52.67 47.25 -73.63
N ILE H 7 51.95 48.32 -73.98
CA ILE H 7 50.55 48.43 -73.59
C ILE H 7 49.68 47.51 -74.45
N MET H 8 49.96 47.45 -75.75
CA MET H 8 49.20 46.58 -76.65
C MET H 8 49.50 45.10 -76.43
N ALA H 9 50.71 44.77 -75.99
CA ALA H 9 51.00 43.40 -75.59
C ALA H 9 50.37 43.06 -74.25
N GLN H 10 50.08 44.06 -73.43
CA GLN H 10 49.38 43.87 -72.16
C GLN H 10 47.89 43.77 -72.46
N THR H 11 47.38 42.54 -72.53
CA THR H 11 46.03 42.29 -73.03
C THR H 11 44.92 42.71 -72.08
N ARG H 12 45.25 43.12 -70.85
CA ARG H 12 44.23 43.57 -69.92
C ARG H 12 43.69 44.95 -70.27
N ILE H 13 44.54 45.84 -70.77
CA ILE H 13 44.14 47.20 -71.13
C ILE H 13 44.79 47.60 -72.46
N ALA H 14 44.72 46.71 -73.45
CA ALA H 14 45.44 46.95 -74.71
C ALA H 14 44.78 48.00 -75.59
N PRO H 15 43.49 47.86 -76.07
CA PRO H 15 43.06 48.72 -77.18
C PRO H 15 42.57 50.11 -76.78
N SER H 16 43.27 50.76 -75.84
CA SER H 16 43.07 52.15 -75.43
C SER H 16 41.62 52.42 -75.00
N GLU H 17 41.19 51.74 -73.95
CA GLU H 17 39.82 51.82 -73.48
C GLU H 17 39.70 52.54 -72.14
N GLU H 18 40.38 52.06 -71.11
CA GLU H 18 40.28 52.65 -69.78
C GLU H 18 41.52 52.29 -68.99
N GLY H 19 42.12 53.29 -68.34
CA GLY H 19 43.30 53.07 -67.53
C GLY H 19 44.59 52.92 -68.29
N TYR H 20 44.63 53.34 -69.56
CA TYR H 20 45.85 53.23 -70.35
C TYR H 20 46.79 54.41 -70.15
N ASP H 21 46.30 55.53 -69.62
CA ASP H 21 47.17 56.66 -69.32
C ASP H 21 47.78 56.55 -67.92
N ILE H 22 47.11 55.84 -67.01
CA ILE H 22 47.66 55.65 -65.67
C ILE H 22 48.76 54.59 -65.69
N ALA H 23 48.52 53.47 -66.38
CA ALA H 23 49.52 52.41 -66.47
C ALA H 23 50.71 52.80 -67.32
N LYS H 24 50.54 53.73 -68.25
CA LYS H 24 51.69 54.29 -68.98
C LYS H 24 52.58 55.10 -68.05
N LYS H 25 51.98 55.80 -67.08
CA LYS H 25 52.77 56.49 -66.07
C LYS H 25 53.41 55.53 -65.09
N GLY H 26 52.89 54.31 -64.98
CA GLY H 26 53.45 53.32 -64.08
C GLY H 26 54.72 52.68 -64.60
N VAL H 27 54.76 52.43 -65.91
CA VAL H 27 55.94 51.84 -66.53
C VAL H 27 57.09 52.83 -66.55
N ALA H 28 56.81 54.08 -66.94
CA ALA H 28 57.86 55.08 -67.12
C ALA H 28 58.44 55.55 -65.79
N ALA H 29 57.67 55.44 -64.70
CA ALA H 29 58.19 55.85 -63.40
C ALA H 29 59.14 54.80 -62.82
N PHE H 30 58.89 53.52 -63.10
CA PHE H 30 59.72 52.46 -62.53
C PHE H 30 61.07 52.36 -63.23
N ILE H 31 61.14 52.75 -64.50
CA ILE H 31 62.41 52.68 -65.25
C ILE H 31 63.36 53.78 -64.78
N GLU H 32 62.82 54.93 -64.35
CA GLU H 32 63.64 56.05 -63.92
C GLU H 32 64.37 55.76 -62.61
N ASN H 33 63.82 54.89 -61.77
CA ASN H 33 64.46 54.47 -60.53
C ASN H 33 65.13 53.11 -60.65
N LEU H 34 65.02 52.45 -61.80
CA LEU H 34 65.59 51.11 -61.97
C LEU H 34 67.10 51.13 -62.08
N MET H 35 67.69 52.27 -62.48
CA MET H 35 69.12 52.34 -62.73
C MET H 35 69.98 52.31 -61.48
N GLY H 36 69.37 52.40 -60.29
CA GLY H 36 70.14 52.23 -59.07
C GLY H 36 70.59 50.81 -58.84
N SER H 37 69.82 49.84 -59.34
CA SER H 37 70.18 48.42 -59.23
C SER H 37 69.54 47.69 -60.40
N GLN H 38 70.36 47.30 -61.38
CA GLN H 38 69.86 46.64 -62.57
C GLN H 38 69.54 45.19 -62.28
N HIS H 39 68.31 44.78 -62.56
CA HIS H 39 67.88 43.40 -62.37
C HIS H 39 66.71 43.12 -63.31
N SER H 40 66.62 41.88 -63.79
CA SER H 40 65.62 41.48 -64.78
C SER H 40 64.92 40.21 -64.31
N ALA H 41 63.90 40.38 -63.46
CA ALA H 41 63.03 39.31 -63.01
C ALA H 41 61.78 39.93 -62.39
N GLU H 42 60.61 39.53 -62.88
CA GLU H 42 59.34 40.07 -62.37
C GLU H 42 59.07 39.80 -60.87
N PRO H 43 59.27 38.59 -60.30
CA PRO H 43 58.97 38.46 -58.86
C PRO H 43 59.95 39.17 -57.96
N VAL H 44 61.20 39.36 -58.40
CA VAL H 44 62.09 40.25 -57.66
C VAL H 44 61.65 41.70 -57.86
N ASN H 45 61.16 42.02 -59.06
CA ASN H 45 60.59 43.35 -59.31
C ASN H 45 59.32 43.57 -58.51
N LYS H 46 58.53 42.52 -58.24
CA LYS H 46 57.41 42.66 -57.31
C LYS H 46 57.90 42.96 -55.89
N SER H 47 59.12 42.54 -55.56
CA SER H 47 59.75 43.02 -54.34
C SER H 47 60.45 44.35 -54.57
N LEU H 48 60.99 44.59 -55.77
CA LEU H 48 61.67 45.85 -56.03
C LEU H 48 60.67 47.01 -56.17
N VAL H 49 59.43 46.74 -56.58
CA VAL H 49 58.38 47.74 -56.46
C VAL H 49 58.10 48.03 -55.00
N ASP H 50 58.02 46.97 -54.18
CA ASP H 50 57.82 47.14 -52.75
C ASP H 50 59.03 47.77 -52.06
N GLN H 51 60.24 47.52 -52.58
CA GLN H 51 61.41 48.22 -52.04
C GLN H 51 61.49 49.65 -52.52
N MET H 52 60.72 50.02 -53.55
CA MET H 52 60.54 51.42 -53.92
C MET H 52 59.30 52.02 -53.28
N LEU H 53 58.54 51.25 -52.50
CA LEU H 53 57.44 51.79 -51.71
C LEU H 53 57.82 52.00 -50.26
N VAL H 54 58.69 51.16 -49.71
CA VAL H 54 59.17 51.36 -48.34
C VAL H 54 60.08 52.59 -48.28
N GLU H 55 60.96 52.76 -49.27
CA GLU H 55 61.78 53.95 -49.33
C GLU H 55 60.96 55.18 -49.69
N LEU H 56 59.84 55.00 -50.38
CA LEU H 56 58.93 56.11 -50.66
C LEU H 56 58.19 56.55 -49.39
N ASP H 57 57.75 55.59 -48.58
CA ASP H 57 57.06 55.92 -47.34
C ASP H 57 58.00 56.53 -46.30
N LYS H 58 59.30 56.28 -46.41
CA LYS H 58 60.26 57.02 -45.58
C LYS H 58 60.36 58.47 -46.03
N LYS H 59 60.07 58.75 -47.31
CA LYS H 59 60.06 60.12 -47.78
C LYS H 59 58.76 60.84 -47.47
N ILE H 60 57.63 60.11 -47.46
CA ILE H 60 56.35 60.77 -47.29
C ILE H 60 56.00 60.93 -45.82
N SER H 61 56.15 59.85 -45.04
CA SER H 61 55.75 59.91 -43.63
C SER H 61 56.67 60.78 -42.81
N ALA H 62 57.92 60.97 -43.24
CA ALA H 62 58.77 61.95 -42.58
C ALA H 62 58.35 63.36 -42.91
N GLN H 63 57.66 63.57 -44.03
CA GLN H 63 57.08 64.88 -44.32
C GLN H 63 55.75 65.06 -43.62
N MET H 64 54.95 64.00 -43.53
CA MET H 64 53.67 64.06 -42.84
C MET H 64 53.80 63.92 -41.33
N ASP H 65 55.00 63.74 -40.80
CA ASP H 65 55.27 64.01 -39.40
C ASP H 65 55.81 65.42 -39.20
N GLU H 66 55.82 66.23 -40.25
CA GLU H 66 56.24 67.62 -40.15
C GLU H 66 55.18 68.59 -40.64
N ILE H 67 54.31 68.19 -41.57
CA ILE H 67 53.13 68.99 -41.85
C ILE H 67 52.14 68.88 -40.70
N LEU H 68 52.04 67.71 -40.11
CA LEU H 68 51.40 67.58 -38.81
C LEU H 68 52.41 67.99 -37.73
N HIS H 69 51.99 67.88 -36.47
CA HIS H 69 52.85 68.06 -35.28
C HIS H 69 53.44 69.47 -35.21
N ASN H 70 52.77 70.45 -35.80
CA ASN H 70 53.23 71.83 -35.81
C ASN H 70 52.45 72.61 -34.75
N SER H 71 53.10 73.66 -34.21
CA SER H 71 52.50 74.41 -33.11
C SER H 71 51.29 75.20 -33.55
N GLN H 72 51.19 75.55 -34.83
CA GLN H 72 49.98 76.16 -35.34
C GLN H 72 48.93 75.11 -35.67
N PHE H 73 49.35 73.94 -36.14
CA PHE H 73 48.40 72.90 -36.52
C PHE H 73 47.85 72.16 -35.30
N GLN H 74 48.75 71.65 -34.45
CA GLN H 74 48.35 70.78 -33.35
C GLN H 74 47.56 71.52 -32.29
N ALA H 75 47.91 72.78 -32.02
CA ALA H 75 47.12 73.57 -31.07
C ALA H 75 45.76 73.94 -31.63
N MET H 76 45.64 73.99 -32.94
CA MET H 76 44.35 74.17 -33.60
C MET H 76 43.72 72.87 -34.04
N GLU H 77 44.36 71.73 -33.75
CA GLU H 77 43.70 70.45 -33.91
C GLU H 77 43.13 69.95 -32.59
N SER H 78 43.88 70.11 -31.50
CA SER H 78 43.40 69.71 -30.19
C SER H 78 42.24 70.57 -29.72
N ALA H 79 42.25 71.85 -30.10
CA ALA H 79 41.16 72.75 -29.75
C ALA H 79 39.91 72.51 -30.58
N TRP H 80 39.99 71.68 -31.61
CA TRP H 80 38.85 71.44 -32.49
C TRP H 80 38.43 69.98 -32.53
N ARG H 81 39.36 69.03 -32.51
CA ARG H 81 38.98 67.63 -32.38
C ARG H 81 38.52 67.32 -30.96
N GLY H 82 39.06 68.04 -29.98
CA GLY H 82 38.56 67.95 -28.62
C GLY H 82 37.14 68.45 -28.45
N LEU H 83 36.70 69.35 -29.34
CA LEU H 83 35.28 69.70 -29.38
C LEU H 83 34.45 68.53 -29.86
N LYS H 84 34.96 67.77 -30.83
CA LYS H 84 34.23 66.61 -31.34
C LYS H 84 34.08 65.53 -30.27
N LEU H 85 35.05 65.42 -29.36
CA LEU H 85 34.88 64.57 -28.19
C LEU H 85 33.83 65.12 -27.23
N PHE H 86 33.56 66.43 -27.27
CA PHE H 86 32.47 66.95 -26.47
C PHE H 86 31.14 66.89 -27.20
N VAL H 87 31.15 66.78 -28.52
CA VAL H 87 29.90 66.66 -29.26
C VAL H 87 29.44 65.21 -29.35
N ASP H 88 30.38 64.27 -29.51
CA ASP H 88 30.01 62.88 -29.71
C ASP H 88 29.50 62.21 -28.44
N ARG H 89 29.98 62.64 -27.27
CA ARG H 89 29.58 61.98 -26.03
C ARG H 89 28.24 62.48 -25.51
N THR H 90 28.00 63.79 -25.61
CA THR H 90 26.81 64.39 -25.02
C THR H 90 25.60 64.12 -25.89
N ASP H 91 24.54 63.61 -25.28
CA ASP H 91 23.34 63.22 -26.01
C ASP H 91 22.49 64.46 -26.24
N PHE H 92 22.51 64.98 -27.47
CA PHE H 92 21.74 66.17 -27.79
C PHE H 92 20.25 65.91 -27.88
N ARG H 93 19.82 64.65 -27.94
CA ARG H 93 18.40 64.37 -27.86
C ARG H 93 17.86 64.56 -26.46
N GLU H 94 18.70 64.44 -25.44
CA GLU H 94 18.26 64.59 -24.05
C GLU H 94 18.43 66.02 -23.54
N ASN H 95 17.93 66.98 -24.31
CA ASN H 95 17.83 68.41 -23.94
C ASN H 95 19.20 69.00 -23.60
N ASN H 96 20.07 69.05 -24.59
CA ASN H 96 21.39 69.65 -24.44
C ASN H 96 21.72 70.46 -25.67
N LYS H 97 22.28 71.66 -25.46
CA LYS H 97 22.81 72.46 -26.54
C LYS H 97 24.14 73.02 -26.09
N VAL H 98 24.98 73.37 -27.07
CA VAL H 98 26.30 73.92 -26.75
C VAL H 98 26.63 75.02 -27.74
N GLU H 99 26.96 76.20 -27.21
CA GLU H 99 27.36 77.32 -28.03
C GLU H 99 28.87 77.36 -28.19
N ILE H 100 29.31 77.85 -29.34
CA ILE H 100 30.72 77.88 -29.72
C ILE H 100 31.12 79.32 -29.99
N LEU H 101 32.04 79.84 -29.19
CA LEU H 101 32.48 81.22 -29.30
C LEU H 101 33.95 81.27 -29.68
N HIS H 102 34.26 81.97 -30.76
CA HIS H 102 35.64 82.21 -31.19
C HIS H 102 36.15 83.46 -30.50
N VAL H 103 36.96 83.27 -29.46
CA VAL H 103 37.81 84.33 -28.95
C VAL H 103 39.24 83.83 -29.05
N THR H 104 40.18 84.71 -28.75
CA THR H 104 41.49 84.26 -28.34
C THR H 104 41.74 84.71 -26.90
N LYS H 105 42.65 84.02 -26.24
CA LYS H 105 42.87 84.23 -24.81
C LYS H 105 43.47 85.60 -24.53
N ASP H 106 44.25 86.14 -25.46
CA ASP H 106 44.77 87.49 -25.28
C ASP H 106 43.72 88.54 -25.62
N GLU H 107 42.75 88.20 -26.46
CA GLU H 107 41.68 89.14 -26.78
C GLU H 107 40.72 89.29 -25.62
N LEU H 108 40.56 88.24 -24.82
CA LEU H 108 39.49 88.22 -23.83
C LEU H 108 39.80 89.13 -22.65
N LEU H 109 41.05 89.18 -22.22
CA LEU H 109 41.43 90.10 -21.15
C LEU H 109 41.36 91.54 -21.62
N GLU H 110 41.70 91.78 -22.89
CA GLU H 110 41.53 93.11 -23.48
C GLU H 110 40.06 93.51 -23.54
N ASP H 111 39.17 92.53 -23.74
CA ASP H 111 37.74 92.81 -23.76
C ASP H 111 37.19 93.09 -22.36
N PHE H 112 37.84 92.58 -21.32
CA PHE H 112 37.49 93.02 -19.97
C PHE H 112 38.17 94.32 -19.61
N GLU H 113 39.29 94.64 -20.25
CA GLU H 113 39.88 95.96 -20.17
C GLU H 113 39.10 96.97 -21.00
N PHE H 114 38.31 96.47 -21.97
CA PHE H 114 37.50 97.31 -22.86
C PHE H 114 36.41 98.04 -22.08
N ALA H 115 35.62 97.31 -21.32
CA ALA H 115 34.53 97.94 -20.58
C ALA H 115 34.99 98.39 -19.20
N PRO H 116 34.43 99.49 -18.68
CA PRO H 116 34.79 99.92 -17.33
C PRO H 116 34.24 99.02 -16.23
N GLU H 117 33.19 98.26 -16.53
CA GLU H 117 32.60 97.34 -15.57
C GLU H 117 32.35 96.01 -16.26
N THR H 118 32.46 94.92 -15.51
CA THR H 118 32.20 93.58 -16.02
C THR H 118 30.77 93.40 -16.50
N ALA H 119 29.84 94.21 -16.00
CA ALA H 119 28.44 94.18 -16.42
C ALA H 119 28.21 94.94 -17.73
N GLN H 120 29.27 95.40 -18.40
CA GLN H 120 29.13 95.98 -19.73
C GLN H 120 30.12 95.38 -20.72
N SER H 121 30.72 94.24 -20.40
CA SER H 121 31.76 93.65 -21.22
C SER H 121 31.16 93.01 -22.47
N GLY H 122 32.03 92.53 -23.34
CA GLY H 122 31.57 91.81 -24.52
C GLY H 122 31.33 90.35 -24.26
N LEU H 123 32.04 89.76 -23.29
CA LEU H 123 31.75 88.39 -22.91
C LEU H 123 30.50 88.31 -22.04
N TYR H 124 30.21 89.38 -21.30
CA TYR H 124 28.97 89.47 -20.53
C TYR H 124 27.75 89.49 -21.44
N LYS H 125 27.92 89.95 -22.68
CA LYS H 125 26.81 89.92 -23.62
C LYS H 125 26.48 88.51 -24.05
N HIS H 126 27.48 87.65 -24.20
CA HIS H 126 27.22 86.31 -24.70
C HIS H 126 26.94 85.30 -23.60
N VAL H 127 27.42 85.55 -22.39
CA VAL H 127 27.16 84.64 -21.29
C VAL H 127 25.83 84.97 -20.62
N TYR H 128 25.62 86.24 -20.30
CA TYR H 128 24.45 86.65 -19.54
C TYR H 128 23.29 87.04 -20.45
N SER H 129 23.48 88.07 -21.28
CA SER H 129 22.33 88.75 -21.88
C SER H 129 21.79 88.02 -23.10
N ALA H 130 22.65 87.40 -23.90
CA ALA H 130 22.13 86.65 -25.04
C ALA H 130 21.54 85.30 -24.63
N GLY H 131 21.86 84.85 -23.43
CA GLY H 131 21.37 83.59 -22.91
C GLY H 131 20.41 83.81 -21.77
N TYR H 132 20.98 83.79 -20.57
CA TYR H 132 20.24 83.84 -19.32
C TYR H 132 19.41 85.12 -19.17
N GLY H 133 20.01 86.27 -19.42
CA GLY H 133 19.28 87.51 -19.32
C GLY H 133 18.48 87.84 -20.55
N GLN H 134 17.52 86.99 -20.88
CA GLN H 134 16.77 87.10 -22.13
C GLN H 134 15.43 86.43 -21.94
N PHE H 135 14.37 87.08 -22.38
CA PHE H 135 13.04 86.49 -22.29
C PHE H 135 12.93 85.30 -23.23
N GLY H 136 12.77 84.11 -22.67
CA GLY H 136 12.64 82.90 -23.43
C GLY H 136 13.93 82.26 -23.87
N GLY H 137 15.05 82.96 -23.78
CA GLY H 137 16.31 82.39 -24.19
C GLY H 137 16.81 81.34 -23.21
N GLU H 138 17.48 80.34 -23.74
CA GLU H 138 18.02 79.28 -22.92
C GLU H 138 19.23 79.77 -22.13
N PRO H 139 19.30 79.50 -20.83
CA PRO H 139 20.37 80.07 -20.01
C PRO H 139 21.60 79.18 -20.02
N VAL H 140 22.71 79.76 -19.57
CA VAL H 140 24.03 79.16 -19.70
C VAL H 140 24.36 78.35 -18.45
N GLY H 141 24.68 77.07 -18.65
CA GLY H 141 25.03 76.22 -17.55
C GLY H 141 26.46 76.39 -17.08
N ALA H 142 27.42 76.31 -18.01
CA ALA H 142 28.83 76.44 -17.65
C ALA H 142 29.60 76.97 -18.83
N ILE H 143 30.78 77.52 -18.54
CA ILE H 143 31.67 78.06 -19.56
C ILE H 143 32.91 77.20 -19.63
N ILE H 144 33.10 76.52 -20.75
CA ILE H 144 34.31 75.74 -20.97
C ILE H 144 35.42 76.69 -21.41
N GLY H 145 36.47 76.78 -20.61
CA GLY H 145 37.63 77.54 -20.98
C GLY H 145 38.68 76.69 -21.63
N ASN H 146 38.92 76.91 -22.92
CA ASN H 146 39.89 76.11 -23.68
C ASN H 146 41.27 76.75 -23.61
N TYR H 147 41.71 76.99 -22.38
CA TYR H 147 42.84 77.86 -22.10
C TYR H 147 43.92 77.09 -21.38
N ALA H 148 45.07 77.73 -21.22
CA ALA H 148 46.20 77.20 -20.47
C ALA H 148 46.67 78.30 -19.53
N PHE H 149 46.24 78.23 -18.27
CA PHE H 149 46.42 79.33 -17.36
C PHE H 149 47.80 79.31 -16.70
N THR H 150 48.42 80.45 -16.66
CA THR H 150 49.62 80.77 -15.92
C THR H 150 49.23 81.41 -14.59
N PRO H 151 50.14 81.50 -13.62
CA PRO H 151 49.81 82.26 -12.41
C PRO H 151 50.18 83.73 -12.50
N SER H 152 50.43 84.23 -13.71
CA SER H 152 50.86 85.62 -13.88
C SER H 152 49.68 86.57 -13.76
N THR H 153 49.99 87.86 -13.76
CA THR H 153 49.01 88.93 -13.66
C THR H 153 48.04 89.00 -14.86
N PRO H 154 48.42 88.77 -16.12
CA PRO H 154 47.38 88.70 -17.16
C PRO H 154 46.51 87.45 -17.13
N ASP H 155 46.71 86.52 -16.21
CA ASP H 155 45.82 85.38 -16.04
C ASP H 155 45.16 85.32 -14.67
N MET H 156 45.60 86.12 -13.71
CA MET H 156 44.83 86.31 -12.49
C MET H 156 43.92 87.51 -12.58
N LYS H 157 44.15 88.40 -13.53
CA LYS H 157 43.20 89.46 -13.81
C LYS H 157 42.02 88.95 -14.62
N LEU H 158 42.27 87.94 -15.47
CA LEU H 158 41.18 87.34 -16.23
C LEU H 158 40.24 86.57 -15.31
N LEU H 159 40.79 85.76 -14.41
CA LEU H 159 39.95 84.95 -13.54
C LEU H 159 39.23 85.78 -12.49
N GLN H 160 39.79 86.92 -12.12
CA GLN H 160 39.05 87.85 -11.28
C GLN H 160 37.85 88.42 -12.02
N TYR H 161 37.99 88.59 -13.33
CA TYR H 161 36.89 89.05 -14.18
C TYR H 161 36.08 87.90 -14.76
N MET H 162 36.42 86.66 -14.44
CA MET H 162 35.55 85.54 -14.76
C MET H 162 34.81 85.00 -13.56
N GLY H 163 35.36 85.20 -12.35
CA GLY H 163 34.59 84.90 -11.16
C GLY H 163 33.46 85.87 -10.94
N ALA H 164 33.67 87.14 -11.30
CA ALA H 164 32.59 88.12 -11.23
C ALA H 164 31.57 87.92 -12.33
N LEU H 165 32.00 87.43 -13.50
CA LEU H 165 31.05 87.07 -14.53
C LEU H 165 30.27 85.81 -14.16
N GLY H 166 30.95 84.85 -13.54
CA GLY H 166 30.28 83.63 -13.12
C GLY H 166 29.32 83.82 -11.96
N ALA H 167 29.49 84.89 -11.19
CA ALA H 167 28.57 85.17 -10.12
C ALA H 167 27.38 85.99 -10.56
N MET H 168 27.38 86.48 -11.80
CA MET H 168 26.23 87.20 -12.31
C MET H 168 25.29 86.32 -13.12
N ALA H 169 25.84 85.43 -13.95
CA ALA H 169 25.04 84.56 -14.77
C ALA H 169 24.84 83.18 -14.16
N HIS H 170 25.36 82.97 -12.95
CA HIS H 170 25.26 81.70 -12.20
C HIS H 170 25.79 80.52 -12.99
N ALA H 171 26.96 80.69 -13.55
CA ALA H 171 27.56 79.62 -14.33
C ALA H 171 29.05 79.56 -14.05
N PRO H 172 29.56 78.44 -13.54
CA PRO H 172 30.98 78.37 -13.22
C PRO H 172 31.82 78.25 -14.49
N PHE H 173 32.97 78.91 -14.46
CA PHE H 173 33.90 78.91 -15.58
C PHE H 173 34.93 77.81 -15.35
N ILE H 174 34.87 76.75 -16.17
CA ILE H 174 35.79 75.64 -16.06
C ILE H 174 36.85 75.74 -17.15
N SER H 175 38.11 75.66 -16.73
CA SER H 175 39.25 75.74 -17.62
C SER H 175 40.36 74.90 -16.99
N SER H 176 41.59 75.07 -17.45
CA SER H 176 42.67 74.26 -16.91
C SER H 176 43.91 75.10 -16.67
N VAL H 177 44.72 74.65 -15.73
CA VAL H 177 46.03 75.22 -15.49
C VAL H 177 47.04 74.48 -16.34
N GLY H 178 48.16 75.13 -16.60
CA GLY H 178 49.18 74.56 -17.44
C GLY H 178 50.28 73.89 -16.64
N PRO H 179 51.27 73.33 -17.35
CA PRO H 179 52.46 72.83 -16.66
C PRO H 179 53.20 73.93 -15.92
N GLU H 180 53.34 75.09 -16.55
CA GLU H 180 54.05 76.22 -15.97
C GLU H 180 53.30 76.83 -14.78
N PHE H 181 52.05 76.45 -14.55
CA PHE H 181 51.35 76.88 -13.36
C PHE H 181 51.98 76.28 -12.11
N PHE H 182 52.36 75.02 -12.18
CA PHE H 182 53.01 74.38 -11.05
C PHE H 182 54.50 74.68 -11.00
N GLY H 183 55.06 75.27 -12.05
CA GLY H 183 56.48 75.60 -12.09
C GLY H 183 57.36 74.42 -12.41
N ILE H 184 56.99 73.65 -13.43
CA ILE H 184 57.77 72.48 -13.82
C ILE H 184 58.22 72.52 -15.28
N ASP H 185 57.56 73.30 -16.14
CA ASP H 185 57.93 73.59 -17.54
C ASP H 185 57.95 72.37 -18.47
N SER H 186 57.59 71.21 -17.95
CA SER H 186 57.51 69.94 -18.67
C SER H 186 56.69 69.04 -17.77
N PHE H 187 55.62 68.43 -18.29
CA PHE H 187 54.55 68.06 -17.38
C PHE H 187 54.76 66.72 -16.67
N GLU H 188 55.48 65.78 -17.27
CA GLU H 188 55.54 64.43 -16.73
C GLU H 188 56.36 64.31 -15.45
N GLU H 189 56.89 65.40 -14.91
CA GLU H 189 57.55 65.40 -13.61
C GLU H 189 56.65 65.92 -12.50
N LEU H 190 55.35 65.68 -12.60
CA LEU H 190 54.44 66.10 -11.54
C LEU H 190 54.43 65.18 -10.31
N PRO H 191 54.44 63.83 -10.42
CA PRO H 191 54.55 63.04 -9.18
C PRO H 191 55.88 63.15 -8.47
N ASN H 192 56.90 63.73 -9.11
CA ASN H 192 58.16 63.96 -8.44
C ASN H 192 58.06 65.06 -7.40
N ILE H 193 57.01 65.88 -7.45
CA ILE H 193 56.78 66.92 -6.45
C ILE H 193 56.48 66.26 -5.12
N LYS H 194 57.33 66.50 -4.13
CA LYS H 194 57.21 65.85 -2.84
C LYS H 194 56.47 66.69 -1.81
N ASP H 195 56.23 67.98 -2.09
CA ASP H 195 55.44 68.82 -1.20
C ASP H 195 54.81 69.90 -2.06
N LEU H 196 53.53 69.72 -2.38
CA LEU H 196 52.81 70.67 -3.21
C LEU H 196 52.08 71.72 -2.40
N LYS H 197 51.94 71.50 -1.09
CA LYS H 197 51.34 72.51 -0.23
C LYS H 197 52.26 73.71 -0.06
N SER H 198 53.57 73.48 0.04
CA SER H 198 54.50 74.58 0.19
C SER H 198 54.75 75.32 -1.11
N THR H 199 54.47 74.70 -2.24
CA THR H 199 54.64 75.36 -3.53
C THR H 199 53.61 76.49 -3.69
N PHE H 200 52.40 76.29 -3.20
CA PHE H 200 51.35 77.27 -3.34
C PHE H 200 51.44 78.41 -2.34
N GLU H 201 52.28 78.29 -1.32
CA GLU H 201 52.51 79.35 -0.33
C GLU H 201 53.79 80.13 -0.63
N SER H 202 54.09 80.34 -1.94
CA SER H 202 55.17 81.10 -2.54
C SER H 202 54.70 82.51 -2.90
N PRO H 203 55.59 83.51 -2.86
CA PRO H 203 55.18 84.87 -3.21
C PRO H 203 54.91 85.09 -4.69
N LYS H 204 55.16 84.10 -5.55
CA LYS H 204 54.73 84.22 -6.94
C LYS H 204 53.21 84.11 -7.04
N TYR H 205 52.57 83.46 -6.07
CA TYR H 205 51.14 83.19 -6.09
C TYR H 205 50.36 84.11 -5.17
N THR H 206 50.75 85.38 -5.06
CA THR H 206 49.99 86.31 -4.24
C THR H 206 48.69 86.69 -4.92
N LYS H 207 48.67 86.71 -6.25
CA LYS H 207 47.45 86.92 -7.01
C LYS H 207 46.66 85.63 -7.21
N TRP H 208 47.14 84.51 -6.67
CA TRP H 208 46.38 83.27 -6.61
C TRP H 208 45.71 83.07 -5.26
N ARG H 209 46.47 83.24 -4.17
CA ARG H 209 45.92 83.08 -2.83
C ARG H 209 44.99 84.22 -2.45
N SER H 210 45.02 85.33 -3.17
CA SER H 210 44.00 86.35 -3.00
C SER H 210 42.79 86.11 -3.89
N LEU H 211 42.98 85.38 -4.99
CA LEU H 211 41.83 84.96 -5.79
C LEU H 211 41.01 83.91 -5.05
N ARG H 212 41.68 83.00 -4.33
CA ARG H 212 41.00 81.91 -3.66
C ARG H 212 40.14 82.41 -2.50
N GLU H 213 40.62 83.42 -1.78
CA GLU H 213 39.86 83.95 -0.66
C GLU H 213 38.64 84.75 -1.09
N SER H 214 38.57 85.15 -2.36
CA SER H 214 37.50 86.04 -2.81
C SER H 214 36.17 85.30 -2.85
N GLU H 215 35.10 86.09 -2.80
CA GLU H 215 33.75 85.53 -2.70
C GLU H 215 33.26 84.99 -4.02
N ASP H 216 33.54 85.68 -5.12
CA ASP H 216 33.08 85.25 -6.43
C ASP H 216 33.95 84.18 -7.05
N ALA H 217 34.95 83.67 -6.34
CA ALA H 217 35.76 82.55 -6.83
C ALA H 217 35.02 81.23 -6.78
N ARG H 218 33.83 81.22 -6.19
CA ARG H 218 33.01 80.03 -6.08
C ARG H 218 32.61 79.48 -7.44
N TYR H 219 32.55 80.35 -8.45
CA TYR H 219 32.16 79.99 -9.81
C TYR H 219 33.37 79.81 -10.70
N LEU H 220 34.45 79.24 -10.17
CA LEU H 220 35.67 79.03 -10.94
C LEU H 220 36.26 77.68 -10.55
N GLY H 221 36.16 76.70 -11.43
CA GLY H 221 36.87 75.44 -11.30
C GLY H 221 37.97 75.39 -12.34
N LEU H 222 39.14 74.88 -11.93
CA LEU H 222 40.25 74.72 -12.85
C LEU H 222 40.67 73.26 -12.87
N THR H 223 40.68 72.68 -14.05
CA THR H 223 40.61 71.23 -14.20
C THR H 223 42.02 70.60 -14.24
N ALA H 224 42.05 69.38 -14.73
CA ALA H 224 43.00 68.28 -14.72
C ALA H 224 44.32 68.55 -15.44
N PRO H 225 45.26 67.59 -15.45
CA PRO H 225 46.43 67.73 -16.33
C PRO H 225 46.16 68.00 -17.81
N ARG H 226 45.73 66.99 -18.57
CA ARG H 226 45.46 66.98 -20.01
C ARG H 226 45.01 65.56 -20.31
N PHE H 227 44.52 65.36 -21.53
CA PHE H 227 44.14 64.01 -21.92
C PHE H 227 44.35 63.83 -23.42
N LEU H 228 44.47 62.57 -23.83
CA LEU H 228 44.81 62.21 -25.19
C LEU H 228 43.56 62.22 -26.08
N LEU H 229 43.74 62.61 -27.33
CA LEU H 229 42.65 62.69 -28.30
C LEU H 229 42.79 61.72 -29.45
N ARG H 230 43.94 61.66 -30.10
CA ARG H 230 44.11 60.91 -31.33
C ARG H 230 45.16 59.82 -31.14
N VAL H 231 44.76 58.58 -31.39
CA VAL H 231 45.73 57.50 -31.51
C VAL H 231 46.57 57.73 -32.76
N PRO H 232 47.89 57.68 -32.67
CA PRO H 232 48.72 57.79 -33.89
C PRO H 232 48.49 56.61 -34.82
N TYR H 233 48.47 56.90 -36.11
CA TYR H 233 47.96 55.97 -37.12
C TYR H 233 48.95 54.83 -37.34
N ASP H 234 48.46 53.78 -38.00
CA ASP H 234 49.21 52.55 -38.16
C ASP H 234 48.67 51.83 -39.38
N PRO H 235 49.51 51.21 -40.20
CA PRO H 235 49.00 50.52 -41.40
C PRO H 235 48.24 49.23 -41.10
N ILE H 236 48.16 48.78 -39.85
CA ILE H 236 47.40 47.60 -39.47
C ILE H 236 46.22 47.96 -38.57
N GLU H 237 46.46 48.78 -37.55
CA GLU H 237 45.43 49.08 -36.56
C GLU H 237 44.42 50.10 -37.08
N ASN H 238 44.88 51.32 -37.38
CA ASN H 238 44.02 52.41 -37.85
C ASN H 238 44.59 52.90 -39.18
N PRO H 239 44.25 52.22 -40.28
CA PRO H 239 44.88 52.56 -41.56
C PRO H 239 44.24 53.79 -42.19
N VAL H 240 44.87 54.25 -43.26
CA VAL H 240 44.35 55.33 -44.08
C VAL H 240 44.13 54.81 -45.49
N LYS H 241 43.29 55.51 -46.24
CA LYS H 241 42.81 55.02 -47.53
C LYS H 241 43.92 55.15 -48.58
N SER H 242 44.25 54.02 -49.21
CA SER H 242 45.21 53.91 -50.32
C SER H 242 46.61 54.41 -49.92
N PHE H 243 46.97 54.24 -48.65
CA PHE H 243 48.26 54.67 -48.15
C PHE H 243 48.54 53.92 -46.85
N ASN H 244 49.83 53.74 -46.54
CA ASN H 244 50.27 53.14 -45.29
C ASN H 244 51.02 54.21 -44.50
N TYR H 245 50.45 54.63 -43.38
CA TYR H 245 50.97 55.76 -42.61
C TYR H 245 51.32 55.30 -41.20
N ALA H 246 52.61 55.20 -40.91
CA ALA H 246 53.10 54.90 -39.56
C ALA H 246 53.61 56.21 -38.98
N GLU H 247 52.84 56.78 -38.06
CA GLU H 247 53.18 58.07 -37.46
C GLU H 247 54.28 57.85 -36.43
N ASN H 248 55.50 58.20 -36.80
CA ASN H 248 56.66 57.99 -35.94
C ASN H 248 56.66 59.00 -34.81
N VAL H 249 56.12 58.60 -33.67
CA VAL H 249 56.07 59.46 -32.49
C VAL H 249 57.40 59.32 -31.74
N SER H 250 58.08 60.45 -31.55
CA SER H 250 59.40 60.46 -30.95
C SER H 250 59.28 60.39 -29.44
N ALA H 251 60.41 60.59 -28.75
CA ALA H 251 60.42 60.58 -27.29
C ALA H 251 59.76 61.80 -26.70
N SER H 252 59.62 62.87 -27.47
CA SER H 252 58.87 64.04 -27.03
C SER H 252 57.38 63.69 -27.03
N HIS H 253 56.76 63.75 -25.86
CA HIS H 253 55.33 63.47 -25.73
C HIS H 253 54.46 64.68 -26.00
N GLU H 254 55.04 65.75 -26.56
CA GLU H 254 54.25 66.88 -27.02
C GLU H 254 53.67 66.66 -28.41
N HIS H 255 54.09 65.62 -29.11
CA HIS H 255 53.60 65.36 -30.47
C HIS H 255 52.27 64.62 -30.47
N TYR H 256 51.94 63.94 -29.38
CA TYR H 256 50.59 63.41 -29.22
C TYR H 256 49.59 64.57 -29.17
N LEU H 257 48.40 64.32 -29.72
CA LEU H 257 47.37 65.36 -29.76
C LEU H 257 46.74 65.45 -28.37
N TRP H 258 47.37 66.23 -27.52
CA TRP H 258 46.87 66.38 -26.15
C TRP H 258 45.79 67.45 -26.11
N GLY H 259 44.59 67.07 -25.67
CA GLY H 259 43.48 67.98 -25.59
C GLY H 259 43.47 68.77 -24.29
N ASN H 260 42.41 69.55 -24.12
CA ASN H 260 42.19 70.33 -22.90
C ASN H 260 41.07 69.69 -22.10
N THR H 261 41.27 69.49 -20.80
CA THR H 261 40.36 68.67 -20.01
C THR H 261 39.11 69.43 -19.57
N ALA H 262 39.01 70.71 -19.88
CA ALA H 262 37.74 71.41 -19.71
C ALA H 262 36.69 70.86 -20.67
N PHE H 263 37.12 70.31 -21.80
CA PHE H 263 36.24 69.47 -22.61
C PHE H 263 35.78 68.25 -21.83
N ALA H 264 36.73 67.51 -21.25
CA ALA H 264 36.41 66.22 -20.65
C ALA H 264 35.69 66.33 -19.32
N PHE H 265 35.88 67.43 -18.58
CA PHE H 265 35.13 67.60 -17.35
C PHE H 265 33.71 68.07 -17.62
N ALA H 266 33.50 68.85 -18.67
CA ALA H 266 32.14 69.20 -19.07
C ALA H 266 31.43 68.06 -19.77
N THR H 267 32.15 67.00 -20.15
CA THR H 267 31.48 65.79 -20.59
C THR H 267 30.69 65.17 -19.44
N ARG H 268 31.22 65.26 -18.22
CA ARG H 268 30.55 64.72 -17.06
C ARG H 268 29.50 65.65 -16.49
N LEU H 269 29.57 66.94 -16.78
CA LEU H 269 28.46 67.83 -16.47
C LEU H 269 27.24 67.51 -17.31
N THR H 270 27.47 67.08 -18.55
CA THR H 270 26.35 66.90 -19.46
C THR H 270 25.86 65.47 -19.47
N ASP H 271 26.75 64.49 -19.33
CA ASP H 271 26.30 63.11 -19.21
C ASP H 271 25.65 62.82 -17.86
N SER H 272 25.84 63.70 -16.87
CA SER H 272 24.99 63.64 -15.70
C SER H 272 23.64 64.29 -15.93
N PHE H 273 23.59 65.32 -16.77
CA PHE H 273 22.31 65.96 -17.05
C PHE H 273 21.46 65.15 -18.00
N ALA H 274 22.08 64.36 -18.89
CA ALA H 274 21.30 63.58 -19.83
C ALA H 274 20.65 62.37 -19.18
N LYS H 275 21.00 62.04 -17.95
CA LYS H 275 20.46 60.89 -17.25
C LYS H 275 19.47 61.27 -16.16
N TYR H 276 19.79 62.28 -15.35
CA TYR H 276 18.99 62.63 -14.19
C TYR H 276 18.38 64.02 -14.26
N ARG H 277 18.69 64.80 -15.31
CA ARG H 277 18.25 66.19 -15.49
C ARG H 277 18.68 67.11 -14.36
N TRP H 278 19.81 66.76 -13.73
CA TRP H 278 20.50 67.62 -12.78
C TRP H 278 21.98 67.36 -12.95
N CYS H 279 22.80 68.04 -12.14
CA CYS H 279 24.23 67.78 -12.13
C CYS H 279 24.86 67.99 -10.75
N PRO H 280 24.64 67.07 -9.80
CA PRO H 280 25.64 66.90 -8.75
C PRO H 280 26.55 65.71 -8.99
N ASN H 281 26.24 64.91 -10.00
CA ASN H 281 26.87 63.61 -10.20
C ASN H 281 28.07 63.76 -11.13
N ILE H 282 29.17 64.24 -10.58
CA ILE H 282 30.39 64.44 -11.36
C ILE H 282 31.65 63.93 -10.68
N ILE H 283 31.53 63.29 -9.51
CA ILE H 283 32.73 62.94 -8.76
C ILE H 283 32.84 61.44 -8.49
N GLY H 284 32.27 60.60 -9.34
CA GLY H 284 32.27 59.18 -9.08
C GLY H 284 32.90 58.31 -10.15
N PRO H 285 33.87 57.48 -9.76
CA PRO H 285 34.39 56.47 -10.68
C PRO H 285 33.37 55.42 -11.06
N GLN H 286 32.36 55.20 -10.22
CA GLN H 286 31.19 54.42 -10.60
C GLN H 286 29.91 55.21 -10.42
N SER H 287 30.01 56.54 -10.34
CA SER H 287 28.84 57.35 -10.05
C SER H 287 28.82 58.64 -10.85
N GLY H 288 29.44 58.65 -12.02
CA GLY H 288 29.32 59.75 -12.94
C GLY H 288 30.48 60.72 -13.02
N GLY H 289 31.68 60.33 -12.62
CA GLY H 289 32.83 61.16 -12.83
C GLY H 289 33.91 60.39 -13.55
N ALA H 290 33.51 59.35 -14.27
CA ALA H 290 34.43 58.43 -14.93
C ALA H 290 34.51 58.78 -16.41
N VAL H 291 35.61 59.43 -16.81
CA VAL H 291 35.86 59.72 -18.22
C VAL H 291 36.30 58.40 -18.86
N GLU H 292 35.38 57.75 -19.55
CA GLU H 292 35.67 56.47 -20.18
C GLU H 292 36.05 56.65 -21.64
N ASP H 293 36.51 55.56 -22.24
CA ASP H 293 36.86 55.45 -23.66
C ASP H 293 37.96 56.44 -24.04
N LEU H 294 39.03 56.43 -23.26
CA LEU H 294 40.17 57.24 -23.63
C LEU H 294 40.98 56.56 -24.71
N PRO H 295 41.69 57.32 -25.55
CA PRO H 295 42.61 56.71 -26.49
C PRO H 295 43.84 56.15 -25.79
N VAL H 296 44.27 54.97 -26.22
CA VAL H 296 45.48 54.36 -25.71
C VAL H 296 46.40 54.07 -26.90
N HIS H 297 47.70 54.00 -26.60
CA HIS H 297 48.72 53.78 -27.62
C HIS H 297 49.73 52.80 -27.06
N VAL H 298 49.57 51.52 -27.40
CA VAL H 298 50.47 50.48 -26.94
C VAL H 298 51.73 50.55 -27.77
N PHE H 299 52.84 50.91 -27.14
CA PHE H 299 54.13 50.95 -27.81
C PHE H 299 55.13 50.10 -27.04
N GLU H 300 56.31 49.94 -27.63
CA GLU H 300 57.37 49.13 -27.04
C GLU H 300 58.24 49.98 -26.13
N SER H 301 58.31 49.61 -24.87
CA SER H 301 59.19 50.27 -23.91
C SER H 301 60.57 49.61 -23.97
N MET H 302 61.39 49.87 -22.95
CA MET H 302 62.72 49.27 -22.84
C MET H 302 62.58 47.80 -22.44
N GLY H 303 62.18 46.98 -23.41
CA GLY H 303 62.02 45.56 -23.22
C GLY H 303 60.58 45.09 -23.14
N ALA H 304 59.74 45.82 -22.42
CA ALA H 304 58.37 45.40 -22.16
C ALA H 304 57.41 46.03 -23.15
N LEU H 305 56.15 45.63 -23.06
CA LEU H 305 55.07 46.16 -23.87
C LEU H 305 54.12 46.92 -22.95
N GLN H 306 54.24 48.24 -22.94
CA GLN H 306 53.42 49.07 -22.08
C GLN H 306 52.49 49.92 -22.94
N SER H 307 51.67 50.72 -22.26
CA SER H 307 50.73 51.62 -22.91
C SER H 307 51.05 53.05 -22.52
N LYS H 308 50.90 53.96 -23.48
CA LYS H 308 51.02 55.38 -23.18
C LYS H 308 49.86 55.84 -22.32
N ILE H 309 50.16 56.53 -21.23
CA ILE H 309 49.12 56.93 -20.28
C ILE H 309 48.27 58.05 -20.89
N PRO H 310 46.94 57.88 -20.94
CA PRO H 310 46.12 58.88 -21.63
C PRO H 310 46.04 60.22 -20.95
N THR H 311 46.27 60.30 -19.64
CA THR H 311 46.61 61.56 -19.00
C THR H 311 48.11 61.54 -18.76
N GLU H 312 48.73 62.73 -18.82
CA GLU H 312 50.19 62.76 -18.96
C GLU H 312 50.94 62.38 -17.70
N VAL H 313 50.27 62.36 -16.55
CA VAL H 313 50.87 61.86 -15.33
C VAL H 313 49.91 60.87 -14.70
N LEU H 314 50.46 59.99 -13.87
CA LEU H 314 49.66 59.10 -13.02
C LEU H 314 49.50 59.80 -11.69
N ILE H 315 48.34 60.39 -11.47
CA ILE H 315 48.07 61.11 -10.23
C ILE H 315 47.79 60.10 -9.14
N THR H 316 48.59 60.13 -8.08
CA THR H 316 48.37 59.23 -6.95
C THR H 316 47.18 59.72 -6.13
N ASP H 317 46.83 58.94 -5.11
CA ASP H 317 45.70 59.34 -4.29
C ASP H 317 46.07 60.46 -3.31
N ARG H 318 47.32 60.49 -2.85
CA ARG H 318 47.75 61.58 -1.98
C ARG H 318 47.96 62.87 -2.75
N LYS H 319 48.46 62.76 -3.99
CA LYS H 319 48.61 63.94 -4.83
C LYS H 319 47.26 64.52 -5.22
N GLU H 320 46.26 63.66 -5.42
CA GLU H 320 44.94 64.16 -5.79
C GLU H 320 44.24 64.78 -4.59
N PHE H 321 44.44 64.20 -3.40
CA PHE H 321 43.87 64.80 -2.21
C PHE H 321 44.55 66.12 -1.87
N GLU H 322 45.83 66.27 -2.20
CA GLU H 322 46.49 67.54 -1.97
C GLU H 322 46.08 68.57 -3.01
N LEU H 323 45.72 68.12 -4.22
CA LEU H 323 45.10 69.01 -5.19
C LEU H 323 43.66 69.34 -4.83
N ALA H 324 42.98 68.43 -4.12
CA ALA H 324 41.60 68.68 -3.74
C ALA H 324 41.51 69.74 -2.66
N GLU H 325 42.46 69.75 -1.73
CA GLU H 325 42.47 70.77 -0.70
C GLU H 325 42.88 72.13 -1.26
N GLU H 326 43.71 72.14 -2.30
CA GLU H 326 44.20 73.37 -2.89
C GLU H 326 43.37 73.83 -4.09
N GLY H 327 42.17 73.28 -4.27
CA GLY H 327 41.25 73.78 -5.27
C GLY H 327 41.57 73.39 -6.69
N PHE H 328 41.55 72.10 -6.99
CA PHE H 328 41.80 71.62 -8.34
C PHE H 328 40.94 70.40 -8.60
N ILE H 329 40.48 70.28 -9.84
CA ILE H 329 39.67 69.14 -10.26
C ILE H 329 40.62 68.21 -11.01
N ALA H 330 41.25 67.30 -10.30
CA ALA H 330 42.25 66.43 -10.91
C ALA H 330 41.59 65.17 -11.47
N LEU H 331 42.26 64.57 -12.45
CA LEU H 331 41.77 63.38 -13.14
C LEU H 331 42.79 62.26 -12.98
N THR H 332 42.57 61.40 -12.00
CA THR H 332 43.39 60.21 -11.88
C THR H 332 43.01 59.21 -12.96
N MET H 333 44.01 58.52 -13.49
CA MET H 333 43.83 57.62 -14.61
C MET H 333 43.89 56.19 -14.10
N ARG H 334 43.00 55.35 -14.61
CA ARG H 334 42.96 53.94 -14.21
C ARG H 334 44.12 53.23 -14.86
N LYS H 335 45.20 53.05 -14.09
CA LYS H 335 46.49 52.61 -14.63
C LYS H 335 46.41 51.22 -15.24
N GLY H 336 46.54 51.16 -16.56
CA GLY H 336 46.48 49.91 -17.28
C GLY H 336 45.28 49.76 -18.19
N SER H 337 44.45 50.79 -18.33
CA SER H 337 43.28 50.68 -19.16
C SER H 337 43.00 52.05 -19.77
N ASP H 338 41.81 52.19 -20.36
CA ASP H 338 41.41 53.40 -21.07
C ASP H 338 40.33 54.17 -20.31
N ASN H 339 40.42 54.18 -18.99
CA ASN H 339 39.44 54.87 -18.16
C ASN H 339 40.15 55.86 -17.25
N ALA H 340 39.37 56.77 -16.70
CA ALA H 340 39.88 57.73 -15.73
C ALA H 340 38.74 58.05 -14.78
N ALA H 341 39.00 58.94 -13.82
CA ALA H 341 37.99 59.24 -12.84
C ALA H 341 38.28 60.59 -12.19
N PHE H 342 37.22 61.34 -11.92
CA PHE H 342 37.28 62.46 -11.01
C PHE H 342 36.87 61.99 -9.63
N PHE H 343 37.38 62.66 -8.61
CA PHE H 343 37.04 62.31 -7.24
C PHE H 343 36.49 63.45 -6.42
N SER H 344 36.80 64.69 -6.78
CA SER H 344 36.33 65.85 -6.02
C SER H 344 36.36 67.03 -6.95
N ALA H 345 35.23 67.70 -7.11
CA ALA H 345 35.11 68.80 -8.06
C ALA H 345 35.22 70.16 -7.38
N ASN H 346 36.09 70.26 -6.37
CA ASN H 346 36.17 71.48 -5.55
C ASN H 346 36.61 72.68 -6.37
N SER H 347 35.86 73.78 -6.22
CA SER H 347 36.26 75.03 -6.84
C SER H 347 37.43 75.63 -6.07
N ILE H 348 37.98 76.71 -6.62
CA ILE H 348 39.20 77.28 -6.06
C ILE H 348 38.97 78.05 -4.77
N GLN H 349 37.75 78.17 -4.29
CA GLN H 349 37.48 78.97 -3.11
C GLN H 349 37.98 78.25 -1.86
N LYS H 350 38.47 79.03 -0.90
CA LYS H 350 38.97 78.40 0.30
C LYS H 350 37.92 78.41 1.40
N PRO H 351 37.80 77.31 2.15
CA PRO H 351 36.89 77.31 3.30
C PRO H 351 37.40 78.23 4.38
N LYS H 352 36.70 79.33 4.63
CA LYS H 352 37.19 80.34 5.56
C LYS H 352 37.01 79.85 6.99
N VAL H 353 38.08 79.94 7.77
CA VAL H 353 38.04 79.50 9.15
C VAL H 353 37.27 80.53 9.97
N PHE H 354 36.21 80.13 10.54
CA PHE H 354 35.33 80.91 11.39
C PHE H 354 35.65 80.64 12.86
N PRO H 355 35.42 81.59 13.75
CA PRO H 355 35.81 81.40 15.16
C PRO H 355 34.96 80.34 15.85
N ASN H 356 35.49 79.85 16.97
CA ASN H 356 34.95 78.67 17.62
C ASN H 356 33.74 78.97 18.51
N THR H 357 32.73 79.63 17.96
CA THR H 357 31.48 79.81 18.66
C THR H 357 30.53 78.69 18.29
N LYS H 358 29.27 78.81 18.73
CA LYS H 358 28.26 77.85 18.30
C LYS H 358 27.87 78.09 16.85
N GLU H 359 27.68 79.35 16.48
CA GLU H 359 27.36 79.67 15.09
C GLU H 359 28.58 79.61 14.20
N GLY H 360 29.77 79.89 14.72
CA GLY H 360 30.96 79.87 13.89
C GLY H 360 31.37 78.48 13.49
N LYS H 361 31.26 77.52 14.42
CA LYS H 361 31.49 76.12 14.07
C LYS H 361 30.40 75.59 13.16
N GLU H 362 29.21 76.19 13.20
CA GLU H 362 28.15 75.81 12.29
C GLU H 362 28.35 76.42 10.92
N ALA H 363 28.56 77.74 10.86
CA ALA H 363 28.66 78.42 9.58
C ALA H 363 29.92 78.06 8.81
N GLU H 364 30.94 77.53 9.48
CA GLU H 364 32.10 77.00 8.78
C GLU H 364 31.73 75.79 7.94
N THR H 365 30.87 74.93 8.48
CA THR H 365 30.39 73.80 7.70
C THR H 365 29.36 74.24 6.68
N ASN H 366 28.71 75.38 6.93
CA ASN H 366 27.78 75.93 5.95
C ASN H 366 28.53 76.55 4.77
N TYR H 367 29.58 77.32 5.07
CA TYR H 367 30.38 77.93 4.01
C TYR H 367 31.20 76.91 3.25
N LYS H 368 31.49 75.76 3.85
CA LYS H 368 32.24 74.72 3.17
C LYS H 368 31.43 74.09 2.05
N LEU H 369 30.11 74.03 2.20
CA LEU H 369 29.27 73.45 1.16
C LEU H 369 29.17 74.34 -0.07
N GLY H 370 29.47 75.63 0.06
CA GLY H 370 29.43 76.50 -1.10
C GLY H 370 30.56 76.25 -2.07
N THR H 371 31.73 75.89 -1.57
CA THR H 371 32.92 75.84 -2.40
C THR H 371 33.02 74.59 -3.24
N GLN H 372 32.21 73.57 -2.99
CA GLN H 372 32.59 72.24 -3.45
C GLN H 372 32.24 71.98 -4.91
N LEU H 373 31.22 72.65 -5.44
CA LEU H 373 30.78 72.61 -6.84
C LEU H 373 30.38 71.22 -7.36
N PRO H 374 29.65 70.41 -6.61
CA PRO H 374 28.52 69.85 -7.32
C PRO H 374 27.27 70.53 -6.82
N TYR H 375 27.40 71.18 -5.66
CA TYR H 375 26.28 71.79 -4.99
C TYR H 375 25.93 73.15 -5.55
N MET H 376 26.89 73.83 -6.17
CA MET H 376 26.53 75.01 -6.93
C MET H 376 25.65 74.65 -8.11
N MET H 377 25.89 73.51 -8.73
CA MET H 377 25.16 73.19 -9.93
C MET H 377 23.75 72.71 -9.63
N ILE H 378 23.42 72.40 -8.37
CA ILE H 378 22.02 72.18 -8.03
C ILE H 378 21.33 73.43 -7.54
N ILE H 379 22.05 74.55 -7.42
CA ILE H 379 21.41 75.84 -7.16
C ILE H 379 21.63 76.84 -8.28
N ASN H 380 22.59 76.61 -9.17
CA ASN H 380 22.60 77.37 -10.41
C ASN H 380 21.36 77.05 -11.23
N ARG H 381 20.94 75.79 -11.23
CA ARG H 381 19.66 75.43 -11.83
C ARG H 381 18.50 76.01 -11.04
N LEU H 382 18.66 76.21 -9.74
CA LEU H 382 17.67 76.97 -8.98
C LEU H 382 17.91 78.47 -9.06
N ALA H 383 18.75 78.92 -9.98
CA ALA H 383 18.73 80.30 -10.42
C ALA H 383 18.34 80.42 -11.87
N HIS H 384 18.42 79.33 -12.62
CA HIS H 384 18.00 79.42 -14.01
C HIS H 384 16.54 79.06 -14.19
N TYR H 385 16.02 78.07 -13.44
CA TYR H 385 14.59 77.81 -13.49
C TYR H 385 13.80 78.95 -12.92
N VAL H 386 14.26 79.52 -11.80
CA VAL H 386 13.39 80.42 -11.07
C VAL H 386 13.41 81.80 -11.70
N LYS H 387 14.49 82.13 -12.42
CA LYS H 387 14.52 83.33 -13.24
C LYS H 387 13.55 83.22 -14.40
N VAL H 388 13.48 82.05 -15.02
CA VAL H 388 12.57 81.85 -16.14
C VAL H 388 11.13 81.75 -15.66
N LEU H 389 10.91 81.06 -14.55
CA LEU H 389 9.55 80.75 -14.12
C LEU H 389 8.85 81.99 -13.57
N GLN H 390 9.59 82.87 -12.90
CA GLN H 390 9.05 84.13 -12.42
C GLN H 390 9.28 85.27 -13.39
N ARG H 391 9.60 84.97 -14.65
CA ARG H 391 9.59 85.99 -15.69
C ARG H 391 8.27 86.00 -16.42
N GLU H 392 7.67 84.83 -16.62
CA GLU H 392 6.36 84.74 -17.24
C GLU H 392 5.28 85.38 -16.39
N GLN H 393 5.49 85.43 -15.07
CA GLN H 393 4.44 85.84 -14.16
C GLN H 393 4.25 87.34 -14.08
N ILE H 394 5.15 88.15 -14.65
CA ILE H 394 5.09 89.60 -14.50
C ILE H 394 3.84 90.14 -15.17
N GLY H 395 3.01 90.85 -14.39
CA GLY H 395 1.75 91.32 -14.89
C GLY H 395 0.55 90.52 -14.44
N ALA H 396 0.75 89.49 -13.60
CA ALA H 396 -0.36 88.66 -13.19
C ALA H 396 -1.15 89.32 -12.08
N TRP H 397 -2.05 88.56 -11.48
CA TRP H 397 -2.81 88.99 -10.33
C TRP H 397 -2.45 88.06 -9.19
N LYS H 398 -1.50 88.46 -8.37
CA LYS H 398 -0.87 87.54 -7.43
C LYS H 398 -0.99 88.16 -6.05
N GLU H 399 -0.51 87.46 -5.04
CA GLU H 399 -0.39 88.00 -3.69
C GLU H 399 0.91 87.49 -3.10
N ARG H 400 1.24 87.97 -1.89
CA ARG H 400 2.36 87.40 -1.17
C ARG H 400 2.08 85.96 -0.78
N GLN H 401 0.85 85.68 -0.33
CA GLN H 401 0.45 84.30 -0.06
C GLN H 401 0.42 83.47 -1.34
N ASP H 402 0.10 84.10 -2.47
CA ASP H 402 0.17 83.37 -3.73
C ASP H 402 1.60 83.22 -4.20
N LEU H 403 2.48 84.16 -3.82
CA LEU H 403 3.89 84.00 -4.18
C LEU H 403 4.54 82.91 -3.35
N GLU H 404 4.15 82.76 -2.08
CA GLU H 404 4.66 81.67 -1.25
C GLU H 404 4.25 80.32 -1.78
N ARG H 405 3.08 80.22 -2.39
CA ARG H 405 2.53 78.96 -2.82
C ARG H 405 3.01 78.53 -4.20
N GLU H 406 3.19 79.46 -5.12
CA GLU H 406 3.70 79.11 -6.43
C GLU H 406 5.17 78.71 -6.40
N LEU H 407 5.88 78.95 -5.30
CA LEU H 407 7.24 78.48 -5.13
C LEU H 407 7.34 77.24 -4.26
N ASN H 408 6.53 77.14 -3.20
CA ASN H 408 6.59 75.98 -2.33
C ASN H 408 6.01 74.75 -3.00
N SER H 409 4.92 74.91 -3.75
CA SER H 409 4.41 73.77 -4.51
C SER H 409 5.24 73.48 -5.74
N TRP H 410 6.15 74.37 -6.10
CA TRP H 410 7.04 74.11 -7.21
C TRP H 410 8.29 73.36 -6.81
N ILE H 411 8.99 73.80 -5.77
CA ILE H 411 10.27 73.18 -5.45
C ILE H 411 10.10 71.88 -4.67
N LYS H 412 8.90 71.60 -4.17
CA LYS H 412 8.69 70.33 -3.48
C LYS H 412 8.37 69.19 -4.43
N GLN H 413 8.67 69.34 -5.72
CA GLN H 413 8.89 68.20 -6.58
C GLN H 413 10.37 67.93 -6.77
N TYR H 414 11.23 68.76 -6.20
CA TYR H 414 12.67 68.54 -6.20
C TYR H 414 13.18 68.13 -4.83
N VAL H 415 12.30 68.07 -3.84
CA VAL H 415 12.67 67.83 -2.45
C VAL H 415 12.18 66.44 -2.09
N ALA H 416 13.09 65.58 -1.65
CA ALA H 416 12.75 64.27 -1.11
C ALA H 416 13.28 64.23 0.31
N ASP H 417 12.49 64.75 1.25
CA ASP H 417 12.92 64.89 2.64
C ASP H 417 12.80 63.51 3.28
N GLN H 418 13.85 62.72 3.12
CA GLN H 418 13.80 61.31 3.42
C GLN H 418 15.21 60.84 3.70
N GLU H 419 15.36 60.00 4.71
CA GLU H 419 16.70 59.66 5.18
C GLU H 419 17.42 58.73 4.22
N ASN H 420 16.70 57.75 3.67
CA ASN H 420 17.28 56.81 2.71
C ASN H 420 16.29 56.53 1.59
N PRO H 421 16.17 57.42 0.63
CA PRO H 421 15.38 57.12 -0.56
C PRO H 421 16.18 56.26 -1.51
N PRO H 422 15.56 55.66 -2.52
CA PRO H 422 16.33 54.89 -3.52
C PRO H 422 17.27 55.77 -4.33
N ALA H 423 18.14 55.10 -5.09
CA ALA H 423 19.21 55.79 -5.81
C ALA H 423 18.71 56.63 -6.97
N ASP H 424 17.45 56.47 -7.38
CA ASP H 424 16.89 57.33 -8.41
C ASP H 424 16.17 58.53 -7.83
N VAL H 425 15.61 58.40 -6.62
CA VAL H 425 14.93 59.52 -5.99
C VAL H 425 15.95 60.54 -5.49
N ARG H 426 17.18 60.09 -5.20
CA ARG H 426 18.21 61.00 -4.73
C ARG H 426 18.69 61.93 -5.82
N SER H 427 18.72 61.47 -7.06
CA SER H 427 19.29 62.27 -8.13
C SER H 427 18.25 62.97 -9.00
N ARG H 428 17.04 62.42 -9.12
CA ARG H 428 15.96 63.19 -9.71
C ARG H 428 15.53 64.33 -8.81
N ARG H 429 15.60 64.14 -7.49
CA ARG H 429 15.25 65.15 -6.50
C ARG H 429 16.50 65.41 -5.67
N PRO H 430 17.41 66.27 -6.16
CA PRO H 430 18.71 66.42 -5.51
C PRO H 430 18.67 67.17 -4.21
N LEU H 431 17.64 67.96 -3.97
CA LEU H 431 17.52 68.67 -2.72
C LEU H 431 17.03 67.72 -1.64
N ARG H 432 17.07 68.20 -0.41
CA ARG H 432 16.57 67.44 0.73
C ARG H 432 15.58 68.22 1.58
N ALA H 433 15.78 69.53 1.72
CA ALA H 433 14.80 70.38 2.36
C ALA H 433 14.96 71.79 1.84
N ALA H 434 13.86 72.52 1.79
CA ALA H 434 13.87 73.85 1.20
C ALA H 434 12.92 74.76 1.97
N ARG H 435 13.42 75.91 2.41
CA ARG H 435 12.66 76.89 3.16
C ARG H 435 12.48 78.13 2.30
N ILE H 436 11.26 78.64 2.22
CA ILE H 436 10.97 79.84 1.45
C ILE H 436 10.23 80.83 2.34
N GLU H 437 10.82 81.97 2.59
CA GLU H 437 10.27 82.99 3.48
C GLU H 437 10.09 84.27 2.68
N VAL H 438 8.89 84.50 2.20
CA VAL H 438 8.60 85.69 1.40
C VAL H 438 8.28 86.85 2.33
N MET H 439 8.97 87.96 2.13
CA MET H 439 8.77 89.18 2.90
C MET H 439 8.33 90.29 1.95
N ASP H 440 8.22 91.50 2.46
CA ASP H 440 7.79 92.64 1.66
C ASP H 440 8.92 93.65 1.54
N VAL H 441 8.65 94.69 0.76
CA VAL H 441 9.49 95.89 0.75
C VAL H 441 8.57 97.08 0.99
N GLU H 442 8.79 97.79 2.09
CA GLU H 442 7.98 98.95 2.39
C GLU H 442 8.46 100.16 1.60
N GLY H 443 7.60 101.18 1.54
CA GLY H 443 7.90 102.35 0.73
C GLY H 443 7.36 102.23 -0.67
N ASN H 444 7.88 101.25 -1.41
CA ASN H 444 7.32 100.86 -2.71
C ASN H 444 6.69 99.50 -2.53
N PRO H 445 5.39 99.41 -2.29
CA PRO H 445 4.79 98.13 -1.92
C PRO H 445 4.62 97.23 -3.13
N GLY H 446 4.88 95.95 -2.92
CA GLY H 446 4.83 94.96 -3.97
C GLY H 446 6.19 94.59 -4.54
N TRP H 447 7.15 94.35 -3.67
CA TRP H 447 8.50 93.95 -4.04
C TRP H 447 8.94 92.99 -2.96
N TYR H 448 9.39 91.80 -3.33
CA TYR H 448 9.33 90.65 -2.46
C TYR H 448 10.68 90.01 -2.20
N GLN H 449 11.20 90.17 -1.00
CA GLN H 449 12.51 89.64 -0.64
C GLN H 449 12.30 88.24 -0.10
N VAL H 450 12.33 87.24 -0.97
CA VAL H 450 12.06 85.88 -0.52
C VAL H 450 13.41 85.22 -0.31
N SER H 451 13.46 84.20 0.54
CA SER H 451 14.73 83.57 0.88
C SER H 451 14.65 82.06 0.69
N LEU H 452 14.90 81.60 -0.53
CA LEU H 452 14.93 80.17 -0.81
C LEU H 452 16.19 79.54 -0.22
N SER H 453 16.01 78.61 0.71
CA SER H 453 17.09 78.02 1.49
C SER H 453 17.11 76.50 1.30
N VAL H 454 17.74 76.05 0.23
CA VAL H 454 17.75 74.64 -0.11
C VAL H 454 18.84 73.91 0.68
N ARG H 455 18.82 72.59 0.62
CA ARG H 455 19.75 71.77 1.37
C ARG H 455 19.94 70.46 0.60
N PRO H 456 21.16 70.03 0.37
CA PRO H 456 21.39 68.88 -0.50
C PRO H 456 21.57 67.58 0.25
N HIS H 457 21.66 66.47 -0.47
CA HIS H 457 22.14 65.24 0.12
C HIS H 457 23.66 65.22 0.12
N PHE H 458 24.23 64.23 0.81
CA PHE H 458 25.66 64.20 1.09
C PHE H 458 26.26 62.90 0.58
N LYS H 459 27.32 63.02 -0.21
CA LYS H 459 27.97 61.90 -0.89
C LYS H 459 28.99 61.23 0.03
N TYR H 460 29.86 60.41 -0.56
CA TYR H 460 30.71 59.46 0.15
C TYR H 460 32.17 59.85 -0.08
N MET H 461 32.88 60.21 0.99
CA MET H 461 34.27 60.65 0.84
C MET H 461 35.06 60.38 2.11
N GLY H 462 35.94 59.38 2.06
CA GLY H 462 36.84 59.06 3.15
C GLY H 462 36.28 58.31 4.35
N ALA H 463 37.07 57.39 4.91
CA ALA H 463 36.73 56.65 6.11
C ALA H 463 38.03 56.27 6.81
N ASN H 464 37.97 55.30 7.75
CA ASN H 464 39.22 54.99 8.44
C ASN H 464 39.63 53.52 8.44
N PHE H 465 38.71 52.59 8.71
CA PHE H 465 38.92 51.13 8.60
C PHE H 465 40.08 50.64 9.47
N GLU H 466 39.94 50.84 10.78
CA GLU H 466 41.03 50.58 11.73
C GLU H 466 41.05 49.12 12.16
N LEU H 467 41.73 48.28 11.38
CA LEU H 467 41.72 46.83 11.57
C LEU H 467 42.44 46.42 12.85
N SER H 468 42.16 45.18 13.25
CA SER H 468 42.64 44.53 14.47
C SER H 468 42.24 43.07 14.36
N LEU H 469 42.72 42.25 15.29
CA LEU H 469 42.06 40.96 15.49
C LEU H 469 41.55 40.84 16.90
N VAL H 470 40.43 40.13 17.05
CA VAL H 470 39.84 39.88 18.36
C VAL H 470 40.24 38.51 18.89
N GLY H 471 40.22 37.48 18.04
CA GLY H 471 40.65 36.16 18.41
C GLY H 471 39.51 35.22 18.78
N ARG H 472 38.51 35.70 19.51
CA ARG H 472 37.34 34.91 19.88
C ARG H 472 36.10 35.33 19.11
N LEU H 473 35.82 36.62 19.04
CA LEU H 473 34.62 37.10 18.38
C LEU H 473 34.86 37.23 16.87
N SER I 1 -17.56 78.94 -54.38
CA SER I 1 -17.52 78.79 -52.94
C SER I 1 -18.89 79.01 -52.33
N LYS I 2 -19.90 78.28 -52.84
CA LYS I 2 -21.26 78.37 -52.35
C LYS I 2 -21.82 76.97 -52.22
N GLU I 3 -22.31 76.63 -51.03
CA GLU I 3 -23.01 75.38 -50.83
C GLU I 3 -24.34 75.39 -51.56
N GLY I 4 -24.62 74.32 -52.31
CA GLY I 4 -25.92 74.17 -52.92
C GLY I 4 -26.96 73.94 -51.86
N SER I 5 -27.94 74.84 -51.77
CA SER I 5 -29.03 74.71 -50.80
C SER I 5 -30.36 74.78 -51.54
N VAL I 6 -31.43 74.58 -50.79
CA VAL I 6 -32.77 74.59 -51.34
C VAL I 6 -33.44 75.90 -50.98
N ALA I 7 -34.62 76.11 -51.52
CA ALA I 7 -35.40 77.27 -51.10
C ALA I 7 -35.88 77.09 -49.67
N PRO I 8 -35.81 78.12 -48.83
CA PRO I 8 -36.27 77.99 -47.44
C PRO I 8 -37.78 77.88 -47.37
N LYS I 9 -38.25 77.29 -46.28
CA LYS I 9 -39.64 76.87 -46.18
C LYS I 9 -40.00 76.48 -44.74
N GLU I 10 -41.27 76.08 -44.55
CA GLU I 10 -41.79 75.56 -43.28
C GLU I 10 -41.25 74.17 -43.01
N ARG I 11 -40.77 73.54 -44.04
CA ARG I 11 -40.01 72.35 -43.83
C ARG I 11 -38.60 72.78 -43.45
N ILE I 12 -37.82 71.82 -43.01
CA ILE I 12 -36.56 72.12 -42.36
C ILE I 12 -35.45 72.02 -43.40
N ASN I 13 -34.48 72.92 -43.33
CA ASN I 13 -33.50 73.00 -44.42
C ASN I 13 -32.07 72.73 -43.95
N ILE I 14 -31.73 71.45 -43.91
CA ILE I 14 -30.42 70.98 -43.51
C ILE I 14 -29.39 71.33 -44.58
N LYS I 15 -28.29 71.96 -44.17
CA LYS I 15 -27.16 72.17 -45.05
C LYS I 15 -25.87 71.84 -44.31
N TYR I 16 -24.80 71.55 -45.05
CA TYR I 16 -23.52 71.16 -44.47
C TYR I 16 -22.46 72.21 -44.78
N ILE I 17 -22.04 72.96 -43.76
CA ILE I 17 -20.93 73.89 -43.88
C ILE I 17 -20.02 73.68 -42.68
N PRO I 18 -18.77 73.26 -42.89
CA PRO I 18 -17.90 72.93 -41.76
C PRO I 18 -17.47 74.17 -40.99
N ALA I 19 -17.23 73.98 -39.70
CA ALA I 19 -17.11 75.11 -38.80
C ALA I 19 -15.65 75.46 -38.52
N THR I 20 -15.46 76.63 -37.92
CA THR I 20 -14.14 77.22 -37.77
C THR I 20 -13.29 76.43 -36.78
N GLY I 21 -13.90 75.87 -35.76
CA GLY I 21 -13.16 75.06 -34.81
C GLY I 21 -12.80 75.83 -33.56
N ASP I 22 -12.57 75.09 -32.48
CA ASP I 22 -12.14 75.65 -31.21
C ASP I 22 -10.86 74.92 -30.80
N ALA I 23 -9.75 75.65 -30.74
CA ALA I 23 -8.47 75.07 -30.40
C ALA I 23 -8.18 75.07 -28.90
N GLN I 24 -8.32 76.25 -28.26
CA GLN I 24 -8.03 76.46 -26.84
C GLN I 24 -6.59 76.03 -26.51
N ALA I 25 -5.67 76.84 -27.05
CA ALA I 25 -4.22 76.58 -27.18
C ALA I 25 -3.59 76.02 -25.92
N GLU I 26 -3.07 74.81 -26.04
CA GLU I 26 -2.73 73.99 -24.89
C GLU I 26 -1.42 74.44 -24.26
N VAL I 27 -1.35 74.36 -22.92
CA VAL I 27 -0.15 74.76 -22.21
C VAL I 27 0.94 73.71 -22.39
N ALA I 28 2.18 74.17 -22.44
CA ALA I 28 3.32 73.26 -22.58
C ALA I 28 4.52 73.94 -21.92
N GLU I 29 4.80 73.57 -20.67
CA GLU I 29 5.97 74.10 -19.96
C GLU I 29 7.18 73.31 -20.44
N VAL I 30 7.84 73.84 -21.47
CA VAL I 30 9.11 73.26 -21.89
C VAL I 30 10.17 73.60 -20.87
N GLU I 31 11.18 72.74 -20.76
CA GLU I 31 12.20 72.91 -19.75
C GLU I 31 13.43 73.56 -20.36
N LEU I 32 14.40 73.89 -19.50
CA LEU I 32 15.61 74.54 -19.93
C LEU I 32 16.68 73.50 -20.18
N PRO I 33 17.21 73.40 -21.39
CA PRO I 33 18.34 72.51 -21.61
C PRO I 33 19.59 73.08 -21.00
N LEU I 34 20.49 72.19 -20.59
CA LEU I 34 21.75 72.58 -19.98
C LEU I 34 22.66 73.12 -21.06
N LYS I 35 22.59 74.40 -21.35
CA LYS I 35 23.40 74.97 -22.41
C LYS I 35 24.75 75.39 -21.88
N THR I 36 25.81 74.92 -22.53
CA THR I 36 27.17 75.31 -22.21
C THR I 36 27.73 76.16 -23.34
N LEU I 37 28.68 77.02 -23.00
CA LEU I 37 29.33 77.87 -23.98
C LEU I 37 30.79 77.51 -23.99
N VAL I 38 31.22 76.79 -25.01
CA VAL I 38 32.63 76.43 -25.15
C VAL I 38 33.36 77.63 -25.74
N VAL I 39 34.26 78.22 -24.98
CA VAL I 39 34.96 79.41 -25.41
C VAL I 39 36.45 79.07 -25.53
N GLY I 40 37.10 79.63 -26.53
CA GLY I 40 38.51 79.32 -26.75
C GLY I 40 38.88 79.43 -28.22
N ASP I 41 40.18 79.47 -28.44
CA ASP I 41 40.79 79.72 -29.75
C ASP I 41 40.50 78.55 -30.68
N PHE I 42 39.69 78.78 -31.70
CA PHE I 42 39.25 77.72 -32.59
C PHE I 42 39.74 77.87 -34.01
N LYS I 43 40.41 78.98 -34.35
CA LYS I 43 40.98 79.18 -35.67
C LYS I 43 42.43 79.61 -35.53
N GLY I 44 43.06 79.91 -36.65
CA GLY I 44 44.50 80.12 -36.64
C GLY I 44 44.95 81.56 -36.70
N HIS I 45 44.13 82.48 -36.19
CA HIS I 45 44.49 83.89 -36.22
C HIS I 45 43.74 84.61 -35.10
N ALA I 46 43.74 85.94 -35.16
CA ALA I 46 42.96 86.78 -34.26
C ALA I 46 42.07 87.68 -35.10
N GLU I 47 40.77 87.52 -34.96
CA GLU I 47 39.81 88.24 -35.81
C GLU I 47 39.76 89.70 -35.43
N GLN I 48 39.66 90.56 -36.45
CA GLN I 48 39.73 92.00 -36.22
C GLN I 48 38.42 92.60 -35.70
N THR I 49 37.30 91.87 -35.78
CA THR I 49 36.07 92.43 -35.23
C THR I 49 36.09 92.37 -33.70
N PRO I 50 35.54 93.37 -33.02
CA PRO I 50 35.47 93.31 -31.56
C PRO I 50 34.50 92.24 -31.12
N LEU I 51 34.58 91.93 -29.82
CA LEU I 51 33.91 90.75 -29.31
C LEU I 51 32.39 90.91 -29.30
N GLU I 52 31.89 92.12 -29.07
CA GLU I 52 30.46 92.34 -28.92
C GLU I 52 29.68 92.22 -30.22
N GLU I 53 30.34 92.03 -31.36
CA GLU I 53 29.63 91.91 -32.62
C GLU I 53 29.68 90.52 -33.21
N ARG I 54 30.69 89.72 -32.88
CA ARG I 54 30.76 88.37 -33.42
C ARG I 54 29.75 87.48 -32.73
N ALA I 55 29.46 86.34 -33.35
CA ALA I 55 28.33 85.53 -32.94
C ALA I 55 28.78 84.19 -32.37
N THR I 56 27.85 83.52 -31.69
CA THR I 56 28.02 82.17 -31.20
C THR I 56 27.23 81.22 -32.07
N VAL I 57 27.84 80.11 -32.46
CA VAL I 57 27.20 79.13 -33.32
C VAL I 57 26.85 77.89 -32.49
N THR I 58 25.69 77.31 -32.77
CA THR I 58 25.19 76.15 -32.05
C THR I 58 25.54 74.89 -32.83
N VAL I 59 26.18 73.95 -32.14
CA VAL I 59 26.73 72.73 -32.74
C VAL I 59 26.05 71.53 -32.11
N ASP I 60 25.45 70.68 -32.91
CA ASP I 60 25.16 69.34 -32.41
C ASP I 60 25.77 68.30 -33.33
N LYS I 61 25.42 67.02 -33.15
CA LYS I 61 26.08 65.95 -33.89
C LYS I 61 25.77 66.00 -35.37
N ASN I 62 24.61 66.52 -35.74
CA ASN I 62 24.21 66.53 -37.13
C ASN I 62 24.83 67.69 -37.91
N ASN I 63 25.09 68.82 -37.26
CA ASN I 63 25.59 69.98 -37.98
C ASN I 63 27.05 70.28 -37.71
N PHE I 64 27.79 69.33 -37.15
CA PHE I 64 29.20 69.59 -36.89
C PHE I 64 30.01 69.64 -38.17
N GLU I 65 29.57 68.94 -39.22
CA GLU I 65 30.26 68.99 -40.49
C GLU I 65 30.01 70.29 -41.24
N ALA I 66 28.91 70.99 -40.92
CA ALA I 66 28.61 72.26 -41.55
C ALA I 66 29.21 73.44 -40.79
N VAL I 67 29.39 73.31 -39.48
CA VAL I 67 30.07 74.35 -38.71
C VAL I 67 31.56 74.35 -39.02
N MET I 68 32.13 73.17 -39.24
CA MET I 68 33.54 73.10 -39.58
C MET I 68 33.82 73.61 -40.99
N ARG I 69 32.88 73.41 -41.92
CA ARG I 69 33.10 73.87 -43.28
C ARG I 69 32.99 75.38 -43.40
N GLU I 70 32.04 75.99 -42.70
CA GLU I 70 31.84 77.43 -42.80
C GLU I 70 32.77 78.24 -41.92
N SER I 71 33.57 77.58 -41.08
CA SER I 71 34.57 78.31 -40.32
C SER I 71 35.72 78.76 -41.21
N GLU I 72 36.05 77.95 -42.22
CA GLU I 72 37.22 78.10 -43.10
C GLU I 72 38.51 78.13 -42.28
N LEU I 73 38.79 77.01 -41.62
CA LEU I 73 40.04 76.84 -40.90
C LEU I 73 41.18 76.71 -41.90
N LYS I 74 41.83 77.82 -42.20
CA LYS I 74 42.92 77.86 -43.19
C LYS I 74 44.24 77.98 -42.43
N ILE I 75 44.96 76.88 -42.34
CA ILE I 75 46.22 76.83 -41.61
C ILE I 75 47.35 76.97 -42.61
N THR I 76 48.05 78.10 -42.55
CA THR I 76 49.19 78.39 -43.42
C THR I 76 50.43 78.53 -42.55
N ALA I 77 51.38 77.60 -42.68
CA ALA I 77 52.59 77.62 -41.88
C ALA I 77 53.75 77.11 -42.72
N THR I 78 54.95 77.42 -42.25
CA THR I 78 56.18 76.95 -42.90
C THR I 78 56.75 75.81 -42.07
N VAL I 79 56.83 74.63 -42.69
CA VAL I 79 57.30 73.43 -42.02
C VAL I 79 58.58 72.96 -42.70
N LYS I 80 59.21 71.96 -42.08
CA LYS I 80 60.51 71.48 -42.54
C LYS I 80 60.36 70.60 -43.77
N ASN I 81 61.29 70.75 -44.72
CA ASN I 81 61.29 69.99 -45.95
C ASN I 81 62.12 68.73 -45.75
N LYS I 82 61.44 67.58 -45.75
CA LYS I 82 62.11 66.28 -45.65
C LYS I 82 61.88 65.44 -46.90
N LEU I 83 61.66 66.09 -48.05
CA LEU I 83 61.47 65.39 -49.31
C LEU I 83 62.74 65.31 -50.15
N THR I 84 63.83 65.92 -49.69
CA THR I 84 65.10 65.89 -50.42
C THR I 84 66.25 65.64 -49.45
N ASP I 85 67.48 65.75 -49.92
CA ASP I 85 68.66 65.52 -49.08
C ASP I 85 69.07 66.75 -48.27
N ASP I 86 68.27 67.80 -48.24
CA ASP I 86 68.59 69.02 -47.53
C ASP I 86 67.97 68.97 -46.14
N GLU I 87 68.79 69.24 -45.13
CA GLU I 87 68.30 69.38 -43.75
C GLU I 87 67.80 70.78 -43.46
N ASN I 88 68.44 71.80 -44.05
CA ASN I 88 68.11 73.20 -43.79
C ASN I 88 67.13 73.76 -44.80
N ALA I 89 66.26 72.93 -45.37
CA ALA I 89 65.24 73.39 -46.30
C ALA I 89 63.88 73.47 -45.61
N GLU I 90 63.07 74.42 -46.03
CA GLU I 90 61.74 74.61 -45.48
C GLU I 90 60.73 74.63 -46.62
N LEU I 91 59.49 74.30 -46.29
CA LEU I 91 58.45 74.23 -47.32
C LEU I 91 57.10 74.63 -46.74
N PRO I 92 56.59 75.81 -47.08
CA PRO I 92 55.26 76.20 -46.60
C PRO I 92 54.15 75.40 -47.27
N VAL I 93 53.02 75.31 -46.57
CA VAL I 93 51.88 74.52 -47.01
C VAL I 93 50.66 75.43 -47.09
N GLU I 94 49.58 74.89 -47.65
CA GLU I 94 48.31 75.60 -47.76
C GLU I 94 47.19 74.59 -47.51
N LEU I 95 46.43 74.79 -46.43
CA LEU I 95 45.45 73.83 -45.98
C LEU I 95 44.05 74.44 -45.99
N ASN I 96 43.08 73.66 -46.46
CA ASN I 96 41.68 74.06 -46.48
C ASN I 96 40.86 72.90 -45.92
N PHE I 97 40.25 73.11 -44.75
CA PHE I 97 39.58 72.04 -44.02
C PHE I 97 38.07 72.24 -44.10
N LYS I 98 37.37 71.21 -44.57
CA LYS I 98 35.91 71.27 -44.68
C LYS I 98 35.21 70.12 -43.99
N SER I 99 35.91 69.06 -43.60
CA SER I 99 35.31 67.94 -42.90
C SER I 99 36.30 67.41 -41.88
N LEU I 100 35.81 66.53 -41.01
CA LEU I 100 36.68 65.90 -40.00
C LEU I 100 37.72 64.97 -40.64
N ALA I 101 37.44 64.44 -41.82
CA ALA I 101 38.41 63.63 -42.55
C ALA I 101 39.51 64.47 -43.21
N ASP I 102 39.40 65.80 -43.18
CA ASP I 102 40.48 66.63 -43.70
C ASP I 102 41.66 66.74 -42.75
N PHE I 103 41.52 66.30 -41.49
CA PHE I 103 42.67 66.18 -40.62
C PHE I 103 43.52 64.97 -40.96
N ALA I 104 42.93 63.97 -41.63
CA ALA I 104 43.62 62.73 -41.95
C ALA I 104 44.67 62.97 -43.05
N PRO I 105 45.76 62.19 -43.05
CA PRO I 105 46.82 62.41 -44.06
C PRO I 105 46.43 62.07 -45.49
N ASP I 106 45.25 61.50 -45.73
CA ASP I 106 44.79 61.34 -47.10
C ASP I 106 44.40 62.68 -47.71
N ALA I 107 43.79 63.55 -46.92
CA ALA I 107 43.36 64.85 -47.41
C ALA I 107 44.34 65.97 -47.09
N VAL I 108 45.29 65.75 -46.18
CA VAL I 108 46.32 66.75 -45.96
C VAL I 108 47.36 66.70 -47.07
N ALA I 109 47.79 65.48 -47.42
CA ALA I 109 48.73 65.31 -48.53
C ALA I 109 48.10 65.63 -49.87
N SER I 110 46.79 65.50 -50.01
CA SER I 110 46.11 65.87 -51.25
C SER I 110 46.07 67.38 -51.44
N GLN I 111 46.20 68.15 -50.37
CA GLN I 111 46.22 69.60 -50.47
C GLN I 111 47.63 70.16 -50.56
N VAL I 112 48.64 69.31 -50.47
CA VAL I 112 50.04 69.71 -50.66
C VAL I 112 50.45 69.25 -52.05
N PRO I 113 50.77 70.17 -52.97
CA PRO I 113 51.11 69.75 -54.35
C PRO I 113 52.42 68.98 -54.45
N GLU I 114 53.33 69.13 -53.48
CA GLU I 114 54.54 68.33 -53.47
C GLU I 114 54.27 66.89 -53.06
N LEU I 115 53.12 66.64 -52.42
CA LEU I 115 52.72 65.29 -52.06
C LEU I 115 51.63 64.73 -52.97
N LYS I 116 51.05 65.56 -53.84
CA LYS I 116 50.13 65.04 -54.85
C LYS I 116 50.87 64.21 -55.89
N LYS I 117 52.13 64.54 -56.16
CA LYS I 117 52.95 63.79 -57.10
C LYS I 117 53.55 62.53 -56.48
N LEU I 118 53.56 62.43 -55.16
CA LEU I 118 54.10 61.23 -54.52
C LEU I 118 53.04 60.16 -54.29
N ILE I 119 51.79 60.56 -54.04
CA ILE I 119 50.71 59.57 -54.02
C ILE I 119 50.41 59.09 -55.43
N GLU I 120 50.49 60.00 -56.41
CA GLU I 120 50.37 59.61 -57.82
C GLU I 120 51.54 58.73 -58.24
N LEU I 121 52.71 58.92 -57.63
CA LEU I 121 53.81 57.99 -57.85
C LEU I 121 53.50 56.62 -57.28
N ARG I 122 52.87 56.57 -56.10
CA ARG I 122 52.56 55.28 -55.49
C ARG I 122 51.41 54.59 -56.22
N GLU I 123 50.40 55.36 -56.64
CA GLU I 123 49.29 54.80 -57.41
C GLU I 123 49.75 54.24 -58.74
N ALA I 124 50.80 54.83 -59.32
CA ALA I 124 51.42 54.27 -60.52
C ALA I 124 52.22 53.01 -60.22
N LEU I 125 52.70 52.84 -58.99
CA LEU I 125 53.45 51.64 -58.63
C LEU I 125 52.55 50.50 -58.16
N VAL I 126 51.41 50.81 -57.55
CA VAL I 126 50.42 49.78 -57.22
C VAL I 126 49.78 49.23 -58.49
N ALA I 127 49.62 50.10 -59.50
CA ALA I 127 49.08 49.67 -60.79
C ALA I 127 50.05 48.74 -61.51
N LEU I 128 51.35 48.87 -61.25
CA LEU I 128 52.33 48.03 -61.93
C LEU I 128 52.35 46.61 -61.37
N LYS I 129 52.15 46.47 -60.05
CA LYS I 129 52.40 45.20 -59.35
C LYS I 129 51.43 44.11 -59.77
N GLY I 130 50.22 44.47 -60.17
CA GLY I 130 49.23 43.52 -60.64
C GLY I 130 49.64 42.75 -61.89
N PRO I 131 49.79 43.45 -63.01
CA PRO I 131 50.28 42.80 -64.24
C PRO I 131 51.78 42.56 -64.30
N LEU I 132 52.52 42.70 -63.19
CA LEU I 132 53.97 42.53 -63.24
C LEU I 132 54.35 41.05 -63.24
N GLY I 133 54.03 40.34 -62.17
CA GLY I 133 54.41 38.95 -62.01
C GLY I 133 53.51 37.95 -62.70
N ASN I 134 52.50 38.40 -63.43
CA ASN I 134 51.61 37.48 -64.14
C ASN I 134 52.15 37.10 -65.51
N ILE I 135 52.66 38.08 -66.25
CA ILE I 135 53.26 37.84 -67.56
C ILE I 135 54.78 37.80 -67.40
N PRO I 136 55.43 36.67 -67.63
CA PRO I 136 56.88 36.59 -67.50
C PRO I 136 57.67 37.12 -68.69
N ALA I 137 57.02 37.81 -69.64
CA ALA I 137 57.70 38.42 -70.77
C ALA I 137 58.12 39.86 -70.50
N PHE I 138 57.85 40.36 -69.29
CA PHE I 138 58.27 41.73 -68.95
C PHE I 138 59.78 41.80 -68.73
N ARG I 139 60.36 40.79 -68.08
CA ARG I 139 61.80 40.76 -67.86
C ARG I 139 62.57 40.46 -69.14
N GLU I 140 61.90 39.89 -70.16
CA GLU I 140 62.54 39.67 -71.45
C GLU I 140 62.83 40.97 -72.16
N ARG I 141 61.98 41.98 -71.96
CA ARG I 141 62.20 43.28 -72.56
C ARG I 141 62.86 44.28 -71.62
N LEU I 142 63.07 43.91 -70.36
CA LEU I 142 63.96 44.71 -69.51
C LEU I 142 65.41 44.57 -69.97
N GLN I 143 65.78 43.39 -70.47
CA GLN I 143 67.10 43.21 -71.05
C GLN I 143 67.19 43.86 -72.43
N SER I 144 66.06 44.01 -73.12
CA SER I 144 66.06 44.77 -74.37
C SER I 144 66.20 46.25 -74.11
N LEU I 145 65.60 46.75 -73.03
CA LEU I 145 65.86 48.11 -72.58
C LEU I 145 67.26 48.24 -71.99
N LEU I 146 67.83 47.14 -71.50
CA LEU I 146 69.25 47.14 -71.14
C LEU I 146 70.13 47.20 -72.39
N ASN I 147 69.67 46.62 -73.49
CA ASN I 147 70.41 46.69 -74.75
C ASN I 147 70.16 48.04 -75.44
N SER I 148 68.89 48.39 -75.65
CA SER I 148 68.54 49.65 -76.32
C SER I 148 68.52 50.76 -75.27
N GLU I 149 69.69 51.36 -75.04
CA GLU I 149 69.80 52.45 -74.08
C GLU I 149 69.48 53.82 -74.69
N GLU I 150 69.63 53.96 -76.01
CA GLU I 150 69.38 55.26 -76.64
C GLU I 150 67.90 55.56 -76.76
N SER I 151 67.11 54.58 -77.24
CA SER I 151 65.68 54.79 -77.41
C SER I 151 64.93 54.77 -76.08
N ARG I 152 65.53 54.23 -75.02
CA ARG I 152 64.87 54.23 -73.72
C ARG I 152 64.88 55.61 -73.08
N GLU I 153 66.04 56.29 -73.13
CA GLU I 153 66.16 57.61 -72.51
C GLU I 153 65.42 58.69 -73.29
N LYS I 154 65.15 58.47 -74.58
CA LYS I 154 64.34 59.41 -75.34
C LYS I 154 62.88 59.34 -74.94
N LEU I 155 62.43 58.19 -74.43
CA LEU I 155 61.04 58.01 -74.03
C LEU I 155 60.80 58.33 -72.55
N LEU I 156 61.86 58.39 -71.74
CA LEU I 156 61.67 58.72 -70.33
C LEU I 156 61.35 60.20 -70.15
N ALA I 157 61.82 61.06 -71.05
CA ALA I 157 61.51 62.48 -70.97
C ALA I 157 60.07 62.79 -71.36
N GLU I 158 59.44 61.91 -72.13
CA GLU I 158 58.05 62.09 -72.53
C GLU I 158 57.12 61.78 -71.37
N PRO J 1 -10.76 60.29 25.69
CA PRO J 1 -9.37 59.88 25.92
C PRO J 1 -8.39 60.80 25.24
N THR J 2 -7.18 60.92 25.78
CA THR J 2 -6.24 61.83 25.18
C THR J 2 -5.36 61.10 24.18
N PRO J 3 -5.01 61.73 23.07
CA PRO J 3 -4.17 61.07 22.07
C PRO J 3 -2.76 60.85 22.55
N CYS J 4 -2.16 59.80 22.05
CA CYS J 4 -0.82 59.39 22.41
C CYS J 4 0.17 59.92 21.38
N TYR J 5 1.42 59.48 21.46
CA TYR J 5 2.43 59.91 20.50
C TYR J 5 3.39 58.76 20.26
N ILE J 6 3.78 58.56 19.01
CA ILE J 6 4.66 57.45 18.63
C ILE J 6 5.84 57.98 17.86
N SER J 7 7.04 57.58 18.24
CA SER J 7 8.26 57.92 17.55
C SER J 7 8.90 56.66 17.01
N ILE J 8 8.90 56.50 15.70
CA ILE J 8 9.41 55.29 15.04
C ILE J 8 10.79 55.57 14.51
N GLU J 9 11.74 54.68 14.75
CA GLU J 9 13.06 54.76 14.16
C GLU J 9 13.36 53.48 13.39
N GLY J 10 13.64 53.61 12.09
CA GLY J 10 13.84 52.46 11.24
C GLY J 10 15.27 51.97 11.25
N GLN J 11 15.49 50.84 10.57
CA GLN J 11 16.85 50.36 10.35
C GLN J 11 17.60 51.28 9.41
N THR J 12 17.09 51.42 8.18
CA THR J 12 17.80 52.18 7.17
C THR J 12 17.24 53.58 6.96
N GLN J 13 16.00 53.83 7.34
CA GLN J 13 15.36 55.11 7.05
C GLN J 13 15.47 56.09 8.20
N GLY J 14 16.37 55.84 9.15
CA GLY J 14 16.62 56.80 10.20
C GLY J 14 15.43 56.93 11.12
N LEU J 15 15.20 58.15 11.59
CA LEU J 15 14.01 58.46 12.37
C LEU J 15 12.88 58.69 11.38
N ILE J 16 11.91 57.78 11.34
CA ILE J 16 10.86 57.84 10.35
C ILE J 16 9.92 59.00 10.63
N THR J 17 9.52 59.17 11.87
CA THR J 17 8.57 60.22 12.17
C THR J 17 9.20 61.56 12.40
N ALA J 18 10.43 61.80 11.95
CA ALA J 18 11.08 63.10 12.14
C ALA J 18 10.41 64.11 11.25
N GLY J 19 9.53 64.92 11.81
CA GLY J 19 8.78 65.86 11.03
C GLY J 19 7.35 65.48 10.75
N ALA J 20 6.82 64.48 11.41
CA ALA J 20 5.46 64.05 11.14
C ALA J 20 4.43 64.85 11.89
N CYS J 21 4.83 65.89 12.61
CA CYS J 21 3.94 66.90 13.14
C CYS J 21 4.50 68.29 12.89
N THR J 22 4.84 68.55 11.64
CA THR J 22 5.13 69.91 11.21
C THR J 22 3.90 70.50 10.54
N ALA J 23 4.06 71.70 9.99
CA ALA J 23 2.97 72.30 9.25
C ALA J 23 2.83 71.73 7.86
N ASP J 24 3.84 71.04 7.37
CA ASP J 24 3.72 70.40 6.06
C ASP J 24 3.01 69.06 6.14
N SER J 25 3.11 68.36 7.27
CA SER J 25 2.48 67.05 7.38
C SER J 25 0.97 67.18 7.53
N ILE J 26 0.52 67.81 8.61
CA ILE J 26 -0.89 67.75 8.97
C ILE J 26 -1.52 69.13 9.07
N GLY J 27 -0.97 70.11 8.36
CA GLY J 27 -1.61 71.41 8.31
C GLY J 27 -1.48 72.22 9.58
N ASP J 28 -2.60 72.60 10.17
CA ASP J 28 -2.59 73.43 11.38
C ASP J 28 -2.82 72.64 12.64
N SER J 29 -2.91 71.32 12.57
CA SER J 29 -3.10 70.52 13.77
C SER J 29 -1.80 69.95 14.28
N PHE J 30 -0.69 70.59 14.01
CA PHE J 30 0.56 70.09 14.55
C PHE J 30 0.80 70.73 15.90
N VAL J 31 1.65 70.08 16.69
CA VAL J 31 1.91 70.48 18.06
C VAL J 31 3.39 70.78 18.18
N GLU J 32 3.72 71.93 18.75
CA GLU J 32 5.12 72.25 19.03
C GLU J 32 5.65 71.35 20.14
N GLY J 33 6.92 71.02 20.05
CA GLY J 33 7.55 70.12 20.99
C GLY J 33 7.42 68.65 20.66
N HIS J 34 6.47 68.28 19.82
CA HIS J 34 6.29 66.91 19.38
C HIS J 34 6.57 66.80 17.90
N GLU J 35 7.65 67.44 17.48
CA GLU J 35 7.97 67.53 16.06
C GLU J 35 8.43 66.19 15.49
N ASP J 36 8.82 65.25 16.33
CA ASP J 36 9.33 63.98 15.84
C ASP J 36 8.37 62.83 16.10
N GLU J 37 7.13 63.11 16.47
CA GLU J 37 6.22 62.10 16.99
C GLU J 37 4.88 62.25 16.32
N MET J 38 4.36 61.16 15.74
CA MET J 38 3.04 61.19 15.15
C MET J 38 1.97 61.35 16.23
N LEU J 39 0.77 61.66 15.82
CA LEU J 39 -0.35 61.83 16.74
C LEU J 39 -1.27 60.65 16.60
N VAL J 40 -1.31 59.79 17.62
CA VAL J 40 -1.98 58.50 17.54
C VAL J 40 -3.37 58.61 18.12
N GLN J 41 -4.37 58.23 17.34
CA GLN J 41 -5.76 58.42 17.74
C GLN J 41 -6.29 57.20 18.49
N GLN J 42 -6.33 56.04 17.84
CA GLN J 42 -6.94 54.83 18.36
C GLN J 42 -5.85 53.81 18.63
N PHE J 43 -6.14 52.83 19.48
CA PHE J 43 -5.12 51.86 19.86
C PHE J 43 -5.79 50.53 20.14
N ASP J 44 -5.04 49.44 19.90
CA ASP J 44 -5.53 48.07 20.11
C ASP J 44 -4.38 47.07 20.10
N HIS J 45 -4.33 46.15 21.06
CA HIS J 45 -3.16 45.30 21.21
C HIS J 45 -3.50 44.10 22.07
N VAL J 46 -3.30 42.89 21.54
CA VAL J 46 -3.62 41.64 22.23
C VAL J 46 -2.33 40.85 22.42
N VAL J 47 -2.19 40.18 23.55
CA VAL J 47 -1.06 39.27 23.79
C VAL J 47 -1.65 37.98 24.33
N THR J 48 -1.77 36.97 23.48
CA THR J 48 -2.40 35.73 23.93
C THR J 48 -1.38 34.75 24.48
N VAL J 49 -1.88 33.77 25.24
CA VAL J 49 -1.09 32.63 25.68
C VAL J 49 -1.94 31.38 25.48
N PRO J 50 -1.49 30.42 24.71
CA PRO J 50 -2.27 29.21 24.51
C PRO J 50 -2.29 28.32 25.74
N THR J 51 -3.44 28.21 26.39
CA THR J 51 -3.61 27.36 27.55
C THR J 51 -4.43 26.14 27.18
N ASP J 52 -4.11 25.00 27.79
CA ASP J 52 -4.85 23.80 27.46
C ASP J 52 -6.21 23.80 28.15
N PRO J 53 -7.17 23.07 27.62
CA PRO J 53 -8.42 22.86 28.35
C PRO J 53 -8.19 21.92 29.53
N GLN J 54 -9.26 21.77 30.33
CA GLN J 54 -9.36 20.90 31.51
C GLN J 54 -8.16 21.03 32.48
N SER J 55 -7.59 22.23 32.53
CA SER J 55 -6.44 22.53 33.37
C SER J 55 -6.40 24.03 33.53
N GLY J 56 -5.28 24.55 33.97
CA GLY J 56 -5.08 25.98 33.94
C GLY J 56 -3.72 26.36 33.43
N GLN J 57 -2.89 25.38 33.13
CA GLN J 57 -1.50 25.68 32.86
C GLN J 57 -1.32 26.21 31.45
N PRO J 58 -0.36 27.12 31.24
CA PRO J 58 -0.08 27.60 29.89
C PRO J 58 0.63 26.54 29.06
N SER J 59 -0.06 26.06 28.02
CA SER J 59 0.47 25.03 27.16
C SER J 59 1.16 25.66 25.95
N GLY J 60 2.22 26.40 26.25
CA GLY J 60 2.97 27.05 25.19
C GLY J 60 3.35 28.47 25.52
N GLN J 61 4.31 29.02 24.78
CA GLN J 61 4.74 30.37 25.04
C GLN J 61 3.72 31.35 24.48
N ARG J 62 3.88 32.62 24.87
CA ARG J 62 2.98 33.69 24.46
C ARG J 62 3.03 33.92 22.96
N VAL J 63 1.95 34.49 22.43
CA VAL J 63 1.81 34.80 21.02
C VAL J 63 1.40 36.26 20.90
N HIS J 64 2.27 37.09 20.36
CA HIS J 64 1.99 38.52 20.28
C HIS J 64 1.14 38.85 19.07
N LYS J 65 -0.12 39.15 19.30
CA LYS J 65 -0.94 39.76 18.29
C LYS J 65 -0.53 41.22 18.12
N PRO J 66 -0.72 41.83 16.96
CA PRO J 66 -0.04 43.10 16.69
C PRO J 66 -0.66 44.31 17.35
N PHE J 67 0.18 45.33 17.55
CA PHE J 67 -0.24 46.72 17.69
C PHE J 67 -1.23 47.12 16.62
N LYS J 68 -2.11 48.06 16.95
CA LYS J 68 -2.95 48.71 15.93
C LYS J 68 -3.13 50.16 16.37
N PHE J 69 -2.28 51.05 15.87
CA PHE J 69 -2.42 52.47 16.19
C PHE J 69 -2.80 53.23 14.93
N THR J 70 -3.63 54.26 15.09
CA THR J 70 -4.21 54.97 13.96
C THR J 70 -3.74 56.41 13.92
N VAL J 71 -3.12 56.80 12.81
CA VAL J 71 -2.71 58.18 12.60
C VAL J 71 -3.34 58.65 11.29
N ALA J 72 -3.31 59.97 11.09
CA ALA J 72 -3.82 60.51 9.84
C ALA J 72 -2.75 60.41 8.77
N LEU J 73 -3.10 60.78 7.54
CA LEU J 73 -2.10 60.83 6.48
C LEU J 73 -1.15 61.98 6.70
N ASN J 74 0.13 61.68 6.77
CA ASN J 74 1.13 62.70 7.01
C ASN J 74 2.43 62.28 6.35
N LYS J 75 3.52 62.91 6.77
CA LYS J 75 4.82 62.73 6.14
C LYS J 75 5.34 61.32 6.33
N ALA J 76 5.11 60.72 7.49
CA ALA J 76 5.69 59.43 7.79
C ALA J 76 4.95 58.27 7.15
N VAL J 77 3.78 58.47 6.56
CA VAL J 77 3.02 57.37 5.97
C VAL J 77 3.66 56.82 4.69
N PRO J 78 4.20 57.62 3.75
CA PRO J 78 4.98 56.98 2.68
C PRO J 78 6.27 56.34 3.17
N LEU J 79 6.80 56.77 4.31
CA LEU J 79 7.95 56.10 4.87
C LEU J 79 7.57 54.79 5.53
N LEU J 80 6.36 54.69 6.06
CA LEU J 80 5.91 53.43 6.63
C LEU J 80 5.40 52.45 5.60
N TYR J 81 5.21 52.87 4.35
CA TYR J 81 4.92 51.90 3.31
C TYR J 81 6.17 51.40 2.61
N ASN J 82 7.36 51.72 3.11
CA ASN J 82 8.55 50.98 2.72
C ASN J 82 9.07 50.09 3.83
N ALA J 83 8.80 50.43 5.08
CA ALA J 83 9.05 49.48 6.14
C ALA J 83 8.12 48.29 6.03
N LEU J 84 6.95 48.49 5.44
CA LEU J 84 6.00 47.42 5.24
C LEU J 84 6.37 46.54 4.06
N SER J 85 6.44 47.12 2.88
CA SER J 85 6.58 46.34 1.66
C SER J 85 7.98 45.79 1.45
N SER J 86 8.94 46.12 2.29
CA SER J 86 10.26 45.53 2.18
C SER J 86 10.67 44.80 3.44
N GLY J 87 9.82 44.74 4.45
CA GLY J 87 10.12 43.98 5.65
C GLY J 87 11.19 44.58 6.50
N GLU J 88 11.35 45.91 6.45
CA GLU J 88 12.38 46.56 7.24
C GLU J 88 11.98 46.59 8.71
N LYS J 89 12.87 46.14 9.57
CA LYS J 89 12.60 46.22 10.99
C LYS J 89 12.76 47.66 11.44
N LEU J 90 12.09 47.99 12.53
CA LEU J 90 12.14 49.33 13.09
C LEU J 90 12.83 49.21 14.43
N LYS J 91 13.86 50.02 14.66
CA LYS J 91 14.69 49.86 15.86
C LYS J 91 13.92 50.17 17.13
N THR J 92 13.02 51.15 17.09
CA THR J 92 12.24 51.44 18.27
C THR J 92 10.92 52.09 17.89
N VAL J 93 9.93 51.93 18.76
CA VAL J 93 8.64 52.59 18.66
C VAL J 93 8.26 52.93 20.09
N GLU J 94 8.20 54.20 20.41
CA GLU J 94 7.96 54.59 21.79
C GLU J 94 6.61 55.27 21.89
N LEU J 95 5.57 54.46 22.08
CA LEU J 95 4.26 55.01 22.39
C LEU J 95 4.29 55.68 23.75
N LYS J 96 3.58 56.79 23.89
CA LYS J 96 3.52 57.52 25.15
C LYS J 96 2.09 57.91 25.44
N TRP J 97 1.50 57.29 26.46
CA TRP J 97 0.12 57.55 26.81
C TRP J 97 0.04 58.81 27.66
N TYR J 98 -0.60 59.85 27.17
CA TYR J 98 -0.74 61.04 27.98
C TYR J 98 -2.02 61.00 28.78
N ARG J 99 -2.05 61.81 29.82
CA ARG J 99 -3.29 62.08 30.54
C ARG J 99 -3.15 63.43 31.22
N THR J 100 -4.29 63.98 31.61
CA THR J 100 -4.31 65.29 32.24
C THR J 100 -4.21 65.11 33.75
N SER J 101 -3.17 65.66 34.34
CA SER J 101 -2.91 65.45 35.76
C SER J 101 -3.73 66.43 36.58
N ILE J 102 -3.45 66.48 37.88
CA ILE J 102 -4.23 67.29 38.79
C ILE J 102 -3.86 68.76 38.64
N GLU J 103 -2.57 69.05 38.52
CA GLU J 103 -2.10 70.43 38.40
C GLU J 103 -2.46 71.07 37.08
N GLY J 104 -2.92 70.31 36.11
CA GLY J 104 -3.36 70.85 34.85
C GLY J 104 -2.39 70.70 33.71
N LYS J 105 -1.49 69.74 33.78
CA LYS J 105 -0.48 69.59 32.76
C LYS J 105 -0.50 68.17 32.23
N GLN J 106 -0.28 68.05 30.93
CA GLN J 106 -0.17 66.75 30.30
C GLN J 106 1.07 66.03 30.80
N GLU J 107 0.97 64.71 30.94
CA GLU J 107 2.13 63.93 31.34
C GLU J 107 1.95 62.50 30.85
N ASN J 108 3.07 61.86 30.52
CA ASN J 108 2.99 60.46 30.15
C ASN J 108 2.96 59.63 31.41
N PHE J 109 1.87 58.93 31.61
CA PHE J 109 1.80 58.07 32.77
C PHE J 109 2.17 56.63 32.42
N PHE J 110 2.45 56.34 31.16
CA PHE J 110 2.55 54.96 30.71
C PHE J 110 3.21 54.98 29.34
N THR J 111 4.35 54.32 29.17
CA THR J 111 4.99 54.24 27.87
C THR J 111 5.22 52.78 27.54
N THR J 112 4.94 52.40 26.30
CA THR J 112 5.16 51.04 25.83
C THR J 112 6.21 51.10 24.75
N LYS J 113 7.48 50.98 25.12
CA LYS J 113 8.53 50.97 24.12
C LYS J 113 8.54 49.64 23.37
N LEU J 114 9.46 49.50 22.44
CA LEU J 114 9.37 48.40 21.50
C LEU J 114 10.73 48.25 20.85
N GLU J 115 11.25 47.04 20.77
CA GLU J 115 12.47 46.80 20.02
C GLU J 115 12.08 46.39 18.61
N ASN J 116 12.97 45.67 17.90
CA ASN J 116 12.86 45.37 16.47
C ASN J 116 11.49 44.91 16.05
N ALA J 117 10.83 45.72 15.23
CA ALA J 117 9.39 45.62 15.06
C ALA J 117 9.04 45.88 13.61
N SER J 118 8.83 44.83 12.84
CA SER J 118 8.37 45.02 11.48
C SER J 118 6.92 45.46 11.47
N ILE J 119 6.44 45.87 10.31
CA ILE J 119 5.05 46.27 10.14
C ILE J 119 4.32 45.13 9.47
N VAL J 120 3.24 44.67 10.08
CA VAL J 120 2.47 43.59 9.49
C VAL J 120 1.56 44.10 8.39
N ASP J 121 0.66 45.02 8.72
CA ASP J 121 -0.17 45.61 7.68
C ASP J 121 -0.57 47.02 8.05
N ILE J 122 -0.97 47.77 7.03
CA ILE J 122 -1.38 49.16 7.16
C ILE J 122 -2.71 49.32 6.43
N HIS J 123 -3.72 49.78 7.14
CA HIS J 123 -5.10 49.83 6.63
C HIS J 123 -5.49 51.28 6.43
N CYS J 124 -5.15 51.83 5.27
CA CYS J 124 -5.50 53.20 4.93
C CYS J 124 -6.93 53.25 4.42
N GLU J 125 -7.77 54.06 5.07
CA GLU J 125 -9.14 54.23 4.63
C GLU J 125 -9.55 55.67 4.80
N MET J 126 -10.68 56.02 4.19
CA MET J 126 -11.26 57.34 4.31
C MET J 126 -12.76 57.12 4.38
N PRO J 127 -13.45 57.73 5.34
CA PRO J 127 -14.90 57.56 5.44
C PRO J 127 -15.61 58.24 4.28
N HIS J 128 -16.91 57.95 4.18
CA HIS J 128 -17.68 58.36 3.02
C HIS J 128 -17.95 59.86 3.08
N CYS J 129 -17.68 60.55 1.98
CA CYS J 129 -17.76 62.01 1.97
C CYS J 129 -19.19 62.51 1.98
N GLN J 130 -20.13 61.71 1.45
CA GLN J 130 -21.54 62.08 1.49
C GLN J 130 -22.11 62.00 2.89
N ASP J 131 -21.53 61.17 3.76
CA ASP J 131 -22.12 60.83 5.04
C ASP J 131 -21.84 61.94 6.04
N PRO J 132 -22.85 62.57 6.64
CA PRO J 132 -22.60 63.64 7.59
C PRO J 132 -22.25 63.17 8.98
N ALA J 133 -22.44 61.90 9.30
CA ALA J 133 -22.08 61.41 10.62
C ALA J 133 -20.57 61.27 10.77
N LYS J 134 -19.85 61.11 9.67
CA LYS J 134 -18.40 60.96 9.68
C LYS J 134 -17.73 62.13 8.97
N SER J 135 -18.21 63.34 9.26
CA SER J 135 -17.66 64.53 8.63
C SER J 135 -16.45 65.07 9.34
N ASP J 136 -16.33 64.83 10.64
CA ASP J 136 -15.21 65.34 11.40
C ASP J 136 -13.93 64.55 11.16
N PHE J 137 -14.04 63.32 10.70
CA PHE J 137 -12.87 62.49 10.48
C PHE J 137 -12.16 62.96 9.22
N THR J 138 -10.86 62.71 9.15
CA THR J 138 -10.10 63.05 7.96
C THR J 138 -9.65 61.81 7.19
N GLN J 139 -8.81 61.00 7.80
CA GLN J 139 -8.37 59.72 7.25
C GLN J 139 -8.10 58.80 8.42
N ASN J 140 -7.78 57.55 8.11
CA ASN J 140 -7.46 56.56 9.12
C ASN J 140 -6.40 55.66 8.55
N VAL J 141 -5.18 55.75 9.06
CA VAL J 141 -4.08 54.91 8.64
C VAL J 141 -3.68 54.08 9.84
N THR J 142 -4.17 52.84 9.91
CA THR J 142 -3.96 51.98 11.06
C THR J 142 -2.75 51.11 10.80
N VAL J 143 -1.62 51.47 11.38
CA VAL J 143 -0.37 50.77 11.14
C VAL J 143 -0.19 49.70 12.20
N SER J 144 0.03 48.46 11.78
CA SER J 144 0.26 47.39 12.74
C SER J 144 1.74 47.18 12.95
N LEU J 145 2.07 46.49 14.04
CA LEU J 145 3.46 46.22 14.36
C LEU J 145 3.53 44.89 15.06
N SER J 146 4.07 43.88 14.39
CA SER J 146 4.63 42.78 15.15
C SER J 146 6.01 43.21 15.62
N TYR J 147 6.55 42.49 16.60
CA TYR J 147 7.67 43.05 17.36
C TYR J 147 8.41 41.95 18.09
N ARG J 148 9.71 42.13 18.22
CA ARG J 148 10.49 41.18 19.01
C ARG J 148 10.31 41.42 20.49
N LYS J 149 10.71 42.58 20.98
CA LYS J 149 10.75 42.89 22.39
C LYS J 149 9.92 44.10 22.69
N ILE J 150 9.03 43.98 23.66
CA ILE J 150 8.16 45.05 24.10
C ILE J 150 8.39 45.28 25.58
N THR J 151 8.40 46.54 26.00
CA THR J 151 8.59 46.90 27.40
C THR J 151 7.53 47.90 27.81
N TRP J 152 6.51 47.45 28.52
CA TRP J 152 5.59 48.36 29.17
C TRP J 152 6.31 49.08 30.30
N ASP J 153 5.87 50.29 30.60
CA ASP J 153 6.56 51.08 31.62
C ASP J 153 5.57 52.12 32.14
N HIS J 154 5.09 51.93 33.35
CA HIS J 154 4.29 52.97 33.99
C HIS J 154 5.22 53.95 34.67
N VAL J 155 5.11 55.22 34.33
CA VAL J 155 6.08 56.20 34.77
C VAL J 155 5.77 56.73 36.17
N ASN J 156 4.51 57.10 36.42
CA ASN J 156 4.16 57.71 37.70
C ASN J 156 4.15 56.75 38.88
N ALA J 157 4.25 55.44 38.63
CA ALA J 157 4.37 54.48 39.71
C ALA J 157 5.57 53.57 39.54
N GLY J 158 6.38 53.78 38.50
CA GLY J 158 7.66 53.14 38.38
C GLY J 158 7.64 51.68 37.99
N THR J 159 6.49 51.03 37.87
CA THR J 159 6.49 49.64 37.47
C THR J 159 6.88 49.49 36.01
N SER J 160 7.37 48.31 35.67
CA SER J 160 7.84 48.08 34.31
C SER J 160 7.74 46.59 33.99
N GLY J 161 6.98 46.27 32.95
CA GLY J 161 6.94 44.91 32.47
C GLY J 161 7.84 44.79 31.26
N SER J 162 8.10 43.56 30.82
CA SER J 162 8.96 43.37 29.67
C SER J 162 8.71 41.99 29.10
N ASP J 163 8.72 41.88 27.78
CA ASP J 163 8.72 40.60 27.12
C ASP J 163 9.78 40.64 26.04
N ASP J 164 10.43 39.51 25.81
CA ASP J 164 11.44 39.45 24.78
C ASP J 164 11.54 38.04 24.24
N TRP J 165 11.60 37.92 22.93
CA TRP J 165 11.94 36.63 22.36
C TRP J 165 13.42 36.35 22.48
N ARG J 166 14.25 37.40 22.50
CA ARG J 166 15.69 37.21 22.54
C ARG J 166 16.14 36.63 23.86
N LYS J 167 15.56 37.10 24.96
CA LYS J 167 15.94 36.68 26.30
C LYS J 167 14.70 36.28 27.08
N PRO J 168 14.19 35.08 26.86
CA PRO J 168 13.10 34.59 27.72
C PRO J 168 13.66 34.26 29.08
N ILE J 169 12.76 34.13 30.06
CA ILE J 169 13.18 34.20 31.45
C ILE J 169 13.79 32.85 31.81
N GLU J 170 15.13 32.79 31.71
CA GLU J 170 16.04 31.65 31.82
C GLU J 170 15.59 30.32 31.20
N GLY K 1 101.06 44.80 23.71
CA GLY K 1 99.82 44.89 22.95
C GLY K 1 99.24 43.55 22.57
N SER K 2 99.39 42.56 23.47
CA SER K 2 98.86 41.23 23.21
C SER K 2 97.35 41.18 23.33
N LEU K 3 96.74 42.11 24.08
CA LEU K 3 95.29 42.16 24.14
C LEU K 3 94.68 42.64 22.83
N LEU K 4 95.40 43.48 22.10
CA LEU K 4 94.95 43.86 20.75
C LEU K 4 95.11 42.69 19.78
N ASP K 5 96.07 41.79 20.04
CA ASP K 5 96.25 40.62 19.20
C ASP K 5 95.11 39.62 19.39
N GLU K 6 94.52 39.57 20.58
CA GLU K 6 93.39 38.66 20.80
C GLU K 6 92.11 39.19 20.15
N ILE K 7 92.00 40.51 20.01
CA ILE K 7 90.84 41.08 19.33
C ILE K 7 90.97 40.90 17.83
N MET K 8 92.19 41.11 17.28
CA MET K 8 92.41 40.93 15.85
C MET K 8 92.36 39.47 15.43
N ALA K 9 92.73 38.54 16.31
CA ALA K 9 92.53 37.12 16.03
C ALA K 9 91.07 36.72 16.14
N GLN K 10 90.28 37.47 16.90
CA GLN K 10 88.83 37.26 17.01
C GLN K 10 88.19 37.88 15.78
N THR K 11 87.88 37.05 14.78
CA THR K 11 87.46 37.54 13.47
C THR K 11 86.04 38.11 13.45
N ARG K 12 85.28 37.98 14.53
CA ARG K 12 83.93 38.54 14.56
C ARG K 12 83.94 40.05 14.70
N ILE K 13 84.88 40.61 15.47
CA ILE K 13 84.98 42.05 15.69
C ILE K 13 86.44 42.48 15.63
N ALA K 14 87.16 42.02 14.59
CA ALA K 14 88.59 42.28 14.52
C ALA K 14 88.94 43.73 14.14
N PRO K 15 88.54 44.27 12.93
CA PRO K 15 89.20 45.51 12.50
C PRO K 15 88.64 46.79 13.08
N SER K 16 88.33 46.80 14.39
CA SER K 16 87.93 47.98 15.16
C SER K 16 86.73 48.70 14.55
N GLU K 17 85.60 47.99 14.47
CA GLU K 17 84.41 48.52 13.84
C GLU K 17 83.30 48.81 14.83
N GLU K 18 82.87 47.81 15.61
CA GLU K 18 81.76 48.00 16.55
C GLU K 18 81.86 46.94 17.64
N GLY K 19 81.76 47.36 18.89
CA GLY K 19 81.80 46.44 20.00
C GLY K 19 83.20 45.99 20.40
N TYR K 20 84.24 46.70 19.96
CA TYR K 20 85.59 46.31 20.31
C TYR K 20 86.05 46.87 21.65
N ASP K 21 85.37 47.90 22.16
CA ASP K 21 85.69 48.41 23.49
C ASP K 21 84.95 47.67 24.59
N ILE K 22 83.79 47.09 24.27
CA ILE K 22 83.05 46.31 25.27
C ILE K 22 83.69 44.94 25.46
N ALA K 23 84.06 44.27 24.36
CA ALA K 23 84.69 42.96 24.46
C ALA K 23 86.10 43.04 25.01
N LYS K 24 86.78 44.18 24.87
CA LYS K 24 88.07 44.37 25.53
C LYS K 24 87.90 44.44 27.04
N LYS K 25 86.79 45.02 27.51
CA LYS K 25 86.48 45.01 28.93
C LYS K 25 86.05 43.63 29.41
N GLY K 26 85.61 42.76 28.50
CA GLY K 26 85.19 41.42 28.86
C GLY K 26 86.35 40.48 29.11
N VAL K 27 87.41 40.62 28.31
CA VAL K 27 88.59 39.77 28.48
C VAL K 27 89.33 40.16 29.75
N ALA K 28 89.52 41.46 29.98
CA ALA K 28 90.33 41.92 31.10
C ALA K 28 89.64 41.72 32.45
N ALA K 29 88.30 41.65 32.46
CA ALA K 29 87.60 41.41 33.71
C ALA K 29 87.67 39.95 34.13
N PHE K 30 87.70 39.02 33.17
CA PHE K 30 87.71 37.61 33.50
C PHE K 30 89.08 37.15 34.00
N ILE K 31 90.15 37.80 33.55
CA ILE K 31 91.48 37.42 33.98
C ILE K 31 91.73 37.84 35.43
N GLU K 32 91.11 38.93 35.87
CA GLU K 32 91.31 39.43 37.22
C GLU K 32 90.69 38.50 38.27
N ASN K 33 89.66 37.75 37.90
CA ASN K 33 89.05 36.77 38.80
C ASN K 33 89.49 35.35 38.51
N LEU K 34 90.32 35.15 37.47
CA LEU K 34 90.74 33.81 37.09
C LEU K 34 91.76 33.23 38.07
N MET K 35 92.47 34.06 38.83
CA MET K 35 93.54 33.59 39.69
C MET K 35 93.04 32.86 40.94
N GLY K 36 91.74 32.84 41.21
CA GLY K 36 91.23 32.04 42.29
C GLY K 36 91.26 30.56 42.01
N SER K 37 91.17 30.18 40.73
CA SER K 37 91.23 28.78 40.31
C SER K 37 91.76 28.76 38.88
N GLN K 38 93.01 28.35 38.72
CA GLN K 38 93.64 28.33 37.40
C GLN K 38 93.17 27.11 36.60
N HIS K 39 92.63 27.37 35.42
CA HIS K 39 92.17 26.31 34.53
C HIS K 39 92.20 26.82 33.10
N SER K 40 92.49 25.92 32.16
CA SER K 40 92.67 26.27 30.75
C SER K 40 91.81 25.35 29.88
N ALA K 41 90.53 25.69 29.73
CA ALA K 41 89.61 25.00 28.84
C ALA K 41 88.40 25.89 28.64
N GLU K 42 88.06 26.17 27.38
CA GLU K 42 86.90 27.02 27.07
C GLU K 42 85.54 26.49 27.55
N PRO K 43 85.16 25.21 27.38
CA PRO K 43 83.83 24.82 27.88
C PRO K 43 83.73 24.76 29.39
N VAL K 44 84.84 24.53 30.10
CA VAL K 44 84.82 24.70 31.54
C VAL K 44 84.76 26.19 31.87
N ASN K 45 85.43 27.02 31.05
CA ASN K 45 85.34 28.47 31.20
C ASN K 45 83.94 28.99 30.88
N LYS K 46 83.22 28.32 29.98
CA LYS K 46 81.80 28.65 29.78
C LYS K 46 80.99 28.31 31.01
N SER K 47 81.44 27.34 31.81
CA SER K 47 80.86 27.15 33.14
C SER K 47 81.50 28.07 34.16
N LEU K 48 82.81 28.37 34.01
CA LEU K 48 83.46 29.26 34.95
C LEU K 48 83.01 30.71 34.79
N VAL K 49 82.59 31.12 33.58
CA VAL K 49 81.89 32.39 33.45
C VAL K 49 80.56 32.35 34.19
N ASP K 50 79.83 31.24 34.04
CA ASP K 50 78.57 31.08 34.76
C ASP K 50 78.78 30.91 36.26
N GLN K 51 79.91 30.33 36.69
CA GLN K 51 80.22 30.28 38.10
C GLN K 51 80.70 31.63 38.63
N MET K 52 81.07 32.55 37.75
CA MET K 52 81.30 33.94 38.14
C MET K 52 80.07 34.81 37.94
N LEU K 53 78.96 34.24 37.45
CA LEU K 53 77.69 34.95 37.40
C LEU K 53 76.76 34.57 38.55
N VAL K 54 76.82 33.31 39.01
CA VAL K 54 76.03 32.90 40.17
C VAL K 54 76.57 33.56 41.43
N GLU K 55 77.89 33.61 41.58
CA GLU K 55 78.48 34.32 42.71
C GLU K 55 78.32 35.82 42.59
N LEU K 56 78.18 36.33 41.36
CA LEU K 56 77.89 37.75 41.16
C LEU K 56 76.46 38.09 41.56
N ASP K 57 75.51 37.21 41.21
CA ASP K 57 74.12 37.43 41.58
C ASP K 57 73.88 37.29 43.07
N LYS K 58 74.74 36.55 43.78
CA LYS K 58 74.69 36.56 45.23
C LYS K 58 75.16 37.89 45.79
N LYS K 59 76.01 38.61 45.06
CA LYS K 59 76.43 39.92 45.50
C LYS K 59 75.42 41.00 45.13
N ILE K 60 74.71 40.85 44.01
CA ILE K 60 73.82 41.91 43.55
C ILE K 60 72.44 41.78 44.19
N SER K 61 71.87 40.57 44.18
CA SER K 61 70.51 40.40 44.68
C SER K 61 70.45 40.53 46.20
N ALA K 62 71.56 40.28 46.89
CA ALA K 62 71.58 40.58 48.32
C ALA K 62 71.63 42.08 48.58
N GLN K 63 72.11 42.86 47.62
CA GLN K 63 72.04 44.31 47.73
C GLN K 63 70.68 44.84 47.29
N MET K 64 70.10 44.23 46.26
CA MET K 64 68.78 44.63 45.80
C MET K 64 67.65 44.04 46.63
N ASP K 65 67.94 43.22 47.62
CA ASP K 65 66.99 42.96 48.69
C ASP K 65 67.21 43.88 49.88
N GLU K 66 68.09 44.87 49.73
CA GLU K 66 68.31 45.87 50.77
C GLU K 66 68.09 47.29 50.29
N ILE K 67 68.30 47.56 49.00
CA ILE K 67 67.84 48.84 48.45
C ILE K 67 66.32 48.84 48.34
N LEU K 68 65.75 47.69 47.99
CA LEU K 68 64.32 47.49 48.20
C LEU K 68 64.08 47.12 49.66
N HIS K 69 62.82 46.84 50.00
CA HIS K 69 62.40 46.31 51.30
C HIS K 69 62.75 47.24 52.46
N ASN K 70 62.85 48.54 52.18
CA ASN K 70 63.18 49.54 53.18
C ASN K 70 61.90 50.25 53.61
N SER K 71 61.90 50.72 54.87
CA SER K 71 60.69 51.31 55.44
C SER K 71 60.33 52.64 54.78
N GLN K 72 61.31 53.34 54.21
CA GLN K 72 61.01 54.51 53.42
C GLN K 72 60.59 54.15 51.99
N PHE K 73 61.18 53.08 51.44
CA PHE K 73 60.88 52.70 50.07
C PHE K 73 59.55 51.95 49.98
N GLN K 74 59.40 50.90 50.79
CA GLN K 74 58.25 50.00 50.66
C GLN K 74 56.95 50.68 51.07
N ALA K 75 56.98 51.54 52.09
CA ALA K 75 55.78 52.28 52.47
C ALA K 75 55.43 53.33 51.43
N MET K 76 56.40 53.80 50.66
CA MET K 76 56.16 54.69 49.54
C MET K 76 56.07 53.94 48.21
N GLU K 77 56.19 52.63 48.23
CA GLU K 77 55.88 51.84 47.04
C GLU K 77 54.47 51.27 47.11
N SER K 78 54.06 50.79 48.29
CA SER K 78 52.70 50.27 48.46
C SER K 78 51.67 51.38 48.36
N ALA K 79 52.01 52.59 48.81
CA ALA K 79 51.10 53.72 48.72
C ALA K 79 51.01 54.28 47.30
N TRP K 80 51.85 53.82 46.38
CA TRP K 80 51.85 54.34 45.02
C TRP K 80 51.57 53.27 43.97
N ARG K 81 52.10 52.05 44.14
CA ARG K 81 51.72 50.96 43.25
C ARG K 81 50.29 50.50 43.54
N GLY K 82 49.86 50.62 44.80
CA GLY K 82 48.47 50.36 45.13
C GLY K 82 47.51 51.35 44.51
N LEU K 83 47.97 52.56 44.20
CA LEU K 83 47.16 53.47 43.40
C LEU K 83 47.00 52.95 41.97
N LYS K 84 48.06 52.34 41.42
CA LYS K 84 47.98 51.79 40.07
C LYS K 84 47.00 50.63 40.00
N LEU K 85 46.85 49.87 41.09
CA LEU K 85 45.80 48.89 41.16
C LEU K 85 44.42 49.52 41.25
N PHE K 86 44.33 50.77 41.70
CA PHE K 86 43.05 51.47 41.66
C PHE K 86 42.83 52.17 40.34
N VAL K 87 43.88 52.45 39.57
CA VAL K 87 43.72 53.08 38.28
C VAL K 87 43.46 52.05 37.19
N ASP K 88 44.11 50.89 37.26
CA ASP K 88 44.00 49.90 36.19
C ASP K 88 42.66 49.18 36.20
N ARG K 89 42.02 49.02 37.36
CA ARG K 89 40.78 48.27 37.42
C ARG K 89 39.58 49.13 37.05
N THR K 90 39.56 50.38 37.49
CA THR K 90 38.39 51.24 37.30
C THR K 90 38.34 51.76 35.88
N ASP K 91 37.20 51.60 35.23
CA ASP K 91 37.05 51.96 33.83
C ASP K 91 36.76 53.46 33.77
N PHE K 92 37.76 54.24 33.39
CA PHE K 92 37.61 55.68 33.29
C PHE K 92 36.77 56.12 32.10
N ARG K 93 36.52 55.23 31.14
CA ARG K 93 35.58 55.55 30.07
C ARG K 93 34.14 55.56 30.56
N GLU K 94 33.84 54.82 31.62
CA GLU K 94 32.48 54.75 32.14
C GLU K 94 32.22 55.76 33.25
N ASN K 95 32.56 57.02 32.98
CA ASN K 95 32.27 58.18 33.83
C ASN K 95 32.82 58.01 35.24
N ASN K 96 34.15 57.98 35.32
CA ASN K 96 34.84 57.89 36.60
C ASN K 96 36.05 58.80 36.58
N LYS K 97 36.27 59.53 37.67
CA LYS K 97 37.47 60.31 37.85
C LYS K 97 37.95 60.10 39.28
N VAL K 98 39.24 60.32 39.51
CA VAL K 98 39.80 60.16 40.84
C VAL K 98 40.82 61.25 41.10
N GLU K 99 40.65 61.96 42.21
CA GLU K 99 41.58 63.00 42.60
C GLU K 99 42.62 62.44 43.55
N ILE K 100 43.82 63.01 43.49
CA ILE K 100 44.98 62.54 44.25
C ILE K 100 45.48 63.70 45.11
N LEU K 101 45.41 63.53 46.41
CA LEU K 101 45.82 64.57 47.35
C LEU K 101 47.01 64.09 48.17
N HIS K 102 48.09 64.87 48.16
CA HIS K 102 49.27 64.61 48.98
C HIS K 102 49.06 65.28 50.33
N VAL K 103 48.72 64.48 51.34
CA VAL K 103 48.87 64.89 52.72
C VAL K 103 49.78 63.89 53.38
N THR K 104 50.13 64.17 54.63
CA THR K 104 50.59 63.10 55.51
C THR K 104 49.61 63.00 56.67
N LYS K 105 49.61 61.82 57.30
CA LYS K 105 48.62 61.51 58.31
C LYS K 105 48.79 62.37 59.56
N ASP K 106 50.03 62.76 59.87
CA ASP K 106 50.25 63.67 60.99
C ASP K 106 49.92 65.10 60.63
N GLU K 107 50.00 65.45 59.35
CA GLU K 107 49.64 66.80 58.93
C GLU K 107 48.14 67.02 58.98
N LEU K 108 47.36 65.95 58.78
CA LEU K 108 45.93 66.11 58.56
C LEU K 108 45.21 66.43 59.86
N LEU K 109 45.63 65.83 60.97
CA LEU K 109 45.04 66.15 62.26
C LEU K 109 45.42 67.57 62.69
N GLU K 110 46.64 67.99 62.37
CA GLU K 110 47.05 69.37 62.60
C GLU K 110 46.23 70.35 61.78
N ASP K 111 45.82 69.94 60.57
CA ASP K 111 44.98 70.79 59.74
C ASP K 111 43.55 70.86 60.26
N PHE K 112 43.09 69.86 60.98
CA PHE K 112 41.83 70.00 61.70
C PHE K 112 42.00 70.74 63.01
N GLU K 113 43.20 70.72 63.59
CA GLU K 113 43.52 71.60 64.69
C GLU K 113 43.76 73.03 64.23
N PHE K 114 44.03 73.20 62.93
CA PHE K 114 44.28 74.51 62.33
C PHE K 114 43.03 75.39 62.38
N ALA K 115 41.91 74.88 61.88
CA ALA K 115 40.69 75.67 61.85
C ALA K 115 39.89 75.48 63.13
N PRO K 116 39.18 76.51 63.59
CA PRO K 116 38.33 76.36 64.77
C PRO K 116 37.11 75.50 64.52
N GLU K 117 36.68 75.36 63.28
CA GLU K 117 35.52 74.56 62.92
C GLU K 117 35.88 73.71 61.71
N THR K 118 35.29 72.51 61.64
CA THR K 118 35.52 71.61 60.52
C THR K 118 35.03 72.19 59.20
N ALA K 119 34.09 73.13 59.24
CA ALA K 119 33.59 73.82 58.06
C ALA K 119 34.51 74.94 57.59
N GLN K 120 35.69 75.08 58.18
CA GLN K 120 36.70 76.01 57.66
C GLN K 120 38.06 75.35 57.50
N SER K 121 38.12 74.03 57.52
CA SER K 121 39.38 73.32 57.47
C SER K 121 40.00 73.38 56.07
N GLY K 122 41.20 72.83 55.94
CA GLY K 122 41.83 72.74 54.65
C GLY K 122 41.43 71.50 53.88
N LEU K 123 41.07 70.42 54.58
CA LEU K 123 40.55 69.26 53.90
C LEU K 123 39.09 69.47 53.48
N TYR K 124 38.36 70.31 54.22
CA TYR K 124 37.01 70.69 53.84
C TYR K 124 37.00 71.49 52.54
N LYS K 125 38.10 72.15 52.21
CA LYS K 125 38.18 72.87 50.94
C LYS K 125 38.27 71.90 49.78
N HIS K 126 38.97 70.79 49.94
CA HIS K 126 39.17 69.87 48.83
C HIS K 126 38.08 68.82 48.72
N VAL K 127 37.41 68.49 49.82
CA VAL K 127 36.34 67.51 49.77
C VAL K 127 35.03 68.16 49.39
N TYR K 128 34.68 69.26 50.06
CA TYR K 128 33.39 69.89 49.87
C TYR K 128 33.43 70.98 48.80
N SER K 129 34.24 72.01 49.02
CA SER K 129 34.06 73.24 48.26
C SER K 129 34.67 73.19 46.88
N ALA K 130 35.80 72.52 46.70
CA ALA K 130 36.37 72.41 45.37
C ALA K 130 35.65 71.39 44.51
N GLY K 131 34.86 70.52 45.13
CA GLY K 131 34.11 69.50 44.45
C GLY K 131 32.63 69.76 44.53
N TYR K 132 32.02 69.17 45.55
CA TYR K 132 30.57 69.18 45.73
C TYR K 132 30.00 70.58 45.89
N GLY K 133 30.60 71.40 46.75
CA GLY K 133 30.12 72.75 46.94
C GLY K 133 30.64 73.72 45.90
N GLN K 134 30.29 73.48 44.64
CA GLN K 134 30.84 74.23 43.53
C GLN K 134 29.85 74.17 42.38
N PHE K 135 29.59 75.30 41.75
CA PHE K 135 28.69 75.32 40.60
C PHE K 135 29.33 74.62 39.42
N GLY K 136 28.74 73.50 39.02
CA GLY K 136 29.23 72.72 37.90
C GLY K 136 30.34 71.74 38.23
N GLY K 137 30.96 71.85 39.39
CA GLY K 137 32.04 70.95 39.73
C GLY K 137 31.52 69.57 40.07
N GLU K 138 32.32 68.57 39.73
CA GLU K 138 31.94 67.18 40.00
C GLU K 138 32.06 66.89 41.49
N PRO K 139 31.06 66.25 42.09
CA PRO K 139 31.07 66.07 43.54
C PRO K 139 31.80 64.78 43.92
N VAL K 140 32.12 64.68 45.21
CA VAL K 140 33.00 63.65 45.72
C VAL K 140 32.18 62.47 46.21
N GLY K 141 32.47 61.29 45.68
CA GLY K 141 31.78 60.09 46.08
C GLY K 141 32.28 59.50 47.37
N ALA K 142 33.59 59.30 47.49
CA ALA K 142 34.15 58.70 48.69
C ALA K 142 35.60 59.17 48.87
N ILE K 143 36.09 59.06 50.10
CA ILE K 143 37.46 59.45 50.42
C ILE K 143 38.22 58.20 50.79
N ILE K 144 39.21 57.85 49.98
CA ILE K 144 40.09 56.72 50.28
C ILE K 144 41.14 57.20 51.28
N GLY K 145 41.14 56.60 52.46
CA GLY K 145 42.16 56.89 53.44
C GLY K 145 43.29 55.89 53.37
N ASN K 146 44.46 56.33 52.95
CA ASN K 146 45.63 55.45 52.79
C ASN K 146 46.43 55.40 54.09
N TYR K 147 45.72 55.08 55.18
CA TYR K 147 46.20 55.28 56.53
C TYR K 147 46.26 53.94 57.26
N ALA K 148 46.86 53.98 58.45
CA ALA K 148 46.91 52.82 59.34
C ALA K 148 46.48 53.32 60.71
N PHE K 149 45.22 53.09 61.06
CA PHE K 149 44.64 53.71 62.24
C PHE K 149 44.95 52.92 63.50
N THR K 150 45.34 53.63 64.52
CA THR K 150 45.47 53.18 65.90
C THR K 150 44.20 53.54 66.66
N PRO K 151 43.98 52.96 67.85
CA PRO K 151 42.85 53.42 68.65
C PRO K 151 43.20 54.56 69.60
N SER K 152 44.32 55.21 69.38
CA SER K 152 44.77 56.27 70.28
C SER K 152 44.00 57.56 70.02
N THR K 153 44.22 58.54 70.88
CA THR K 153 43.59 59.86 70.82
C THR K 153 43.96 60.66 69.55
N PRO K 154 45.19 60.66 69.02
CA PRO K 154 45.40 61.33 67.71
C PRO K 154 44.81 60.61 66.51
N ASP K 155 44.15 59.46 66.69
CA ASP K 155 43.44 58.81 65.59
C ASP K 155 41.96 58.63 65.84
N MET K 156 41.48 58.87 67.05
CA MET K 156 40.05 59.02 67.28
C MET K 156 39.61 60.47 67.22
N LYS K 157 40.55 61.41 67.32
CA LYS K 157 40.23 62.81 67.07
C LYS K 157 40.16 63.08 65.58
N LEU K 158 40.93 62.35 64.78
CA LEU K 158 40.86 62.50 63.34
C LEU K 158 39.54 61.98 62.80
N LEU K 159 39.13 60.79 63.23
CA LEU K 159 37.89 60.20 62.72
C LEU K 159 36.66 60.93 63.23
N GLN K 160 36.74 61.58 64.38
CA GLN K 160 35.65 62.45 64.79
C GLN K 160 35.54 63.65 63.86
N TYR K 161 36.67 64.12 63.35
CA TYR K 161 36.70 65.21 62.39
C TYR K 161 36.64 64.73 60.95
N MET K 162 36.54 63.42 60.72
CA MET K 162 36.24 62.92 59.40
C MET K 162 34.81 62.42 59.27
N GLY K 163 34.18 62.02 60.38
CA GLY K 163 32.76 61.75 60.35
C GLY K 163 31.94 63.01 60.20
N ALA K 164 32.41 64.11 60.78
CA ALA K 164 31.73 65.39 60.59
C ALA K 164 31.99 65.95 59.20
N LEU K 165 33.16 65.67 58.63
CA LEU K 165 33.39 66.07 57.24
C LEU K 165 32.59 65.21 56.28
N GLY K 166 32.46 63.90 56.58
CA GLY K 166 31.68 63.03 55.74
C GLY K 166 30.19 63.27 55.81
N ALA K 167 29.72 63.90 56.87
CA ALA K 167 28.30 64.23 56.97
C ALA K 167 27.98 65.57 56.33
N MET K 168 28.98 66.33 55.92
CA MET K 168 28.72 67.59 55.24
C MET K 168 28.78 67.44 53.73
N ALA K 169 29.73 66.68 53.21
CA ALA K 169 29.87 66.50 51.77
C ALA K 169 29.21 65.23 51.27
N HIS K 170 28.56 64.47 52.16
CA HIS K 170 27.85 63.23 51.86
C HIS K 170 28.76 62.20 51.20
N ALA K 171 29.92 62.00 51.78
CA ALA K 171 30.86 61.06 51.22
C ALA K 171 31.53 60.30 52.36
N PRO K 172 31.40 58.98 52.41
CA PRO K 172 32.01 58.23 53.50
C PRO K 172 33.51 58.13 53.33
N PHE K 173 34.21 58.20 54.46
CA PHE K 173 35.67 58.12 54.50
C PHE K 173 36.06 56.67 54.76
N ILE K 174 36.63 56.02 53.75
CA ILE K 174 37.07 54.63 53.85
C ILE K 174 38.57 54.58 54.04
N SER K 175 39.00 53.87 55.09
CA SER K 175 40.40 53.70 55.43
C SER K 175 40.54 52.33 56.07
N SER K 176 41.65 52.09 56.76
CA SER K 176 41.84 50.78 57.37
C SER K 176 42.43 50.93 58.77
N VAL K 177 42.15 49.93 59.59
CA VAL K 177 42.76 49.80 60.89
C VAL K 177 44.03 48.98 60.74
N GLY K 178 44.94 49.12 61.70
CA GLY K 178 46.21 48.44 61.65
C GLY K 178 46.21 47.17 62.48
N PRO K 179 47.35 46.47 62.49
CA PRO K 179 47.49 45.35 63.41
C PRO K 179 47.39 45.79 64.86
N GLU K 180 48.02 46.91 65.21
CA GLU K 180 48.02 47.42 66.57
C GLU K 180 46.65 47.92 67.01
N PHE K 181 45.70 48.06 66.09
CA PHE K 181 44.34 48.40 66.46
C PHE K 181 43.71 47.26 67.26
N PHE K 182 43.94 46.02 66.84
CA PHE K 182 43.41 44.88 67.57
C PHE K 182 44.29 44.50 68.75
N GLY K 183 45.48 45.07 68.88
CA GLY K 183 46.36 44.77 69.98
C GLY K 183 47.12 43.46 69.80
N ILE K 184 47.68 43.25 68.62
CA ILE K 184 48.42 42.02 68.35
C ILE K 184 49.86 42.27 67.89
N ASP K 185 50.17 43.47 67.37
CA ASP K 185 51.53 43.95 67.03
C ASP K 185 52.24 43.15 65.93
N SER K 186 51.56 42.16 65.37
CA SER K 186 52.03 41.31 64.29
C SER K 186 50.79 40.62 63.76
N PHE K 187 50.54 40.69 62.46
CA PHE K 187 49.16 40.56 62.03
C PHE K 187 48.68 39.13 61.88
N GLU K 188 49.55 38.18 61.56
CA GLU K 188 49.12 36.83 61.22
C GLU K 188 48.58 36.01 62.40
N GLU K 189 48.50 36.59 63.60
CA GLU K 189 47.87 35.94 64.74
C GLU K 189 46.46 36.45 64.98
N LEU K 190 45.75 36.83 63.93
CA LEU K 190 44.37 37.28 64.09
C LEU K 190 43.35 36.15 64.28
N PRO K 191 43.39 35.01 63.55
CA PRO K 191 42.44 33.93 63.88
C PRO K 191 42.69 33.28 65.22
N ASN K 192 43.83 33.51 65.86
CA ASN K 192 44.07 32.99 67.19
C ASN K 192 43.22 33.70 68.24
N ILE K 193 42.66 34.86 67.91
CA ILE K 193 41.77 35.57 68.82
C ILE K 193 40.49 34.76 68.99
N LYS K 194 40.23 34.33 70.22
CA LYS K 194 39.10 33.46 70.50
C LYS K 194 37.87 34.21 70.97
N ASP K 195 37.99 35.49 71.31
CA ASP K 195 36.84 36.30 71.68
C ASP K 195 37.17 37.75 71.34
N LEU K 196 36.66 38.22 70.21
CA LEU K 196 36.92 39.57 69.75
C LEU K 196 35.87 40.57 70.23
N LYS K 197 34.73 40.06 70.72
CA LYS K 197 33.71 40.95 71.28
C LYS K 197 34.18 41.55 72.59
N SER K 198 34.87 40.77 73.42
CA SER K 198 35.36 41.28 74.69
C SER K 198 36.58 42.18 74.54
N THR K 199 37.29 42.07 73.42
CA THR K 199 38.44 42.94 73.19
C THR K 199 38.00 44.38 72.98
N PHE K 200 36.86 44.58 72.32
CA PHE K 200 36.37 45.92 72.02
C PHE K 200 35.66 46.58 73.20
N GLU K 201 35.36 45.83 74.25
CA GLU K 201 34.76 46.37 75.47
C GLU K 201 35.78 46.60 76.57
N SER K 202 37.02 47.01 76.19
CA SER K 202 38.18 47.39 76.97
C SER K 202 38.23 48.90 77.18
N PRO K 203 38.75 49.37 78.31
CA PRO K 203 38.84 50.82 78.52
C PRO K 203 39.88 51.53 77.67
N LYS K 204 40.68 50.83 76.88
CA LYS K 204 41.51 51.50 75.90
C LYS K 204 40.68 52.08 74.76
N TYR K 205 39.50 51.51 74.53
CA TYR K 205 38.64 51.87 73.40
C TYR K 205 37.48 52.75 73.84
N THR K 206 37.67 53.64 74.80
CA THR K 206 36.58 54.54 75.20
C THR K 206 36.35 55.60 74.13
N LYS K 207 37.41 56.01 73.43
CA LYS K 207 37.28 56.90 72.30
C LYS K 207 36.92 56.18 71.01
N TRP K 208 36.73 54.87 71.05
CA TRP K 208 36.19 54.10 69.94
C TRP K 208 34.70 53.82 70.11
N ARG K 209 34.30 53.36 71.30
CA ARG K 209 32.90 53.07 71.56
C ARG K 209 32.07 54.33 71.69
N SER K 210 32.70 55.49 71.90
CA SER K 210 31.99 56.75 71.83
C SER K 210 31.97 57.30 70.41
N LEU K 211 32.93 56.91 69.57
CA LEU K 211 32.86 57.25 68.15
C LEU K 211 31.74 56.48 67.47
N ARG K 212 31.54 55.22 67.85
CA ARG K 212 30.55 54.37 67.19
C ARG K 212 29.13 54.84 67.48
N GLU K 213 28.87 55.31 68.70
CA GLU K 213 27.54 55.77 69.06
C GLU K 213 27.18 57.10 68.40
N SER K 214 28.15 57.82 67.88
CA SER K 214 27.91 59.17 67.36
C SER K 214 27.11 59.11 66.07
N GLU K 215 26.45 60.23 65.76
CA GLU K 215 25.54 60.28 64.63
C GLU K 215 26.29 60.38 63.31
N ASP K 216 27.34 61.18 63.27
CA ASP K 216 28.10 61.37 62.03
C ASP K 216 29.09 60.25 61.75
N ALA K 217 29.10 59.18 62.55
CA ALA K 217 29.94 58.02 62.27
C ALA K 217 29.41 57.18 61.13
N ARG K 218 28.21 57.50 60.64
CA ARG K 218 27.58 56.79 59.54
C ARG K 218 28.41 56.88 58.26
N TYR K 219 29.21 57.92 58.11
CA TYR K 219 30.04 58.16 56.95
C TYR K 219 31.48 57.75 57.19
N LEU K 220 31.69 56.66 57.92
CA LEU K 220 33.03 56.17 58.23
C LEU K 220 33.02 54.66 58.16
N GLY K 221 33.63 54.10 57.12
CA GLY K 221 33.91 52.68 57.04
C GLY K 221 35.40 52.45 57.20
N LEU K 222 35.76 51.41 57.95
CA LEU K 222 37.17 51.07 58.14
C LEU K 222 37.38 49.63 57.67
N THR K 223 38.32 49.46 56.75
CA THR K 223 38.34 48.28 55.89
C THR K 223 39.19 47.16 56.51
N ALA K 224 39.56 46.23 55.65
CA ALA K 224 40.08 44.88 55.74
C ALA K 224 41.46 44.76 56.39
N PRO K 225 42.00 43.53 56.54
CA PRO K 225 43.42 43.41 56.92
C PRO K 225 44.44 44.17 56.09
N ARG K 226 44.75 43.70 54.88
CA ARG K 226 45.73 44.21 53.91
C ARG K 226 45.66 43.26 52.74
N PHE K 227 46.33 43.62 51.65
CA PHE K 227 46.36 42.73 50.50
C PHE K 227 47.67 42.91 49.76
N LEU K 228 48.03 41.89 48.99
CA LEU K 228 49.31 41.83 48.30
C LEU K 228 49.26 42.60 46.99
N LEU K 229 50.39 43.22 46.64
CA LEU K 229 50.50 44.02 45.42
C LEU K 229 51.46 43.44 44.40
N ARG K 230 52.67 43.08 44.82
CA ARG K 230 53.73 42.71 43.88
C ARG K 230 54.17 41.28 44.15
N VAL K 231 54.09 40.45 43.12
CA VAL K 231 54.73 39.13 43.17
C VAL K 231 56.24 39.33 43.18
N PRO K 232 56.97 38.71 44.10
CA PRO K 232 58.43 38.79 44.06
C PRO K 232 58.99 38.14 42.82
N TYR K 233 60.02 38.77 42.25
CA TYR K 233 60.48 38.46 40.91
C TYR K 233 61.23 37.12 40.88
N ASP K 234 61.41 36.60 39.67
CA ASP K 234 61.95 35.27 39.47
C ASP K 234 62.57 35.23 38.08
N PRO K 235 63.71 34.56 37.90
CA PRO K 235 64.33 34.51 36.56
C PRO K 235 63.59 33.64 35.55
N ILE K 236 62.53 32.93 35.95
CA ILE K 236 61.72 32.14 35.04
C ILE K 236 60.31 32.69 34.91
N GLU K 237 59.67 33.02 36.03
CA GLU K 237 58.27 33.43 36.01
C GLU K 237 58.11 34.88 35.56
N ASN K 238 58.67 35.81 36.32
CA ASN K 238 58.57 37.24 36.04
C ASN K 238 59.99 37.80 35.96
N PRO K 239 60.64 37.67 34.81
CA PRO K 239 62.04 38.06 34.71
C PRO K 239 62.21 39.57 34.57
N VAL K 240 63.47 40.00 34.66
CA VAL K 240 63.84 41.39 34.42
C VAL K 240 64.81 41.41 33.24
N LYS K 241 64.91 42.59 32.62
CA LYS K 241 65.64 42.73 31.37
C LYS K 241 67.15 42.67 31.61
N SER K 242 67.81 41.73 30.94
CA SER K 242 69.28 41.54 30.94
C SER K 242 69.82 41.27 32.35
N PHE K 243 69.02 40.62 33.18
CA PHE K 243 69.41 40.30 34.55
C PHE K 243 68.52 39.16 35.05
N ASN K 244 69.04 38.39 36.00
CA ASN K 244 68.28 37.34 36.67
C ASN K 244 68.16 37.71 38.13
N TYR K 245 66.93 38.00 38.56
CA TYR K 245 66.68 38.54 39.90
C TYR K 245 65.75 37.60 40.65
N ALA K 246 66.28 36.89 41.63
CA ALA K 246 65.50 36.06 42.53
C ALA K 246 65.38 36.79 43.85
N GLU K 247 64.21 37.37 44.12
CA GLU K 247 63.98 38.17 45.31
C GLU K 247 63.82 37.22 46.50
N ASN K 248 64.86 37.10 47.31
CA ASN K 248 64.87 36.19 48.44
C ASN K 248 64.00 36.76 49.56
N VAL K 249 62.74 36.32 49.61
CA VAL K 249 61.81 36.74 50.64
C VAL K 249 62.01 35.86 51.87
N SER K 250 62.32 36.48 53.00
CA SER K 250 62.63 35.77 54.22
C SER K 250 61.35 35.33 54.91
N ALA K 251 61.49 34.84 56.15
CA ALA K 251 60.33 34.41 56.93
C ALA K 251 59.50 35.59 57.42
N SER K 252 60.07 36.79 57.45
CA SER K 252 59.31 37.98 57.76
C SER K 252 58.40 38.31 56.58
N HIS K 253 57.09 38.29 56.81
CA HIS K 253 56.13 38.61 55.77
C HIS K 253 55.86 40.10 55.66
N GLU K 254 56.70 40.94 56.28
CA GLU K 254 56.62 42.37 56.07
C GLU K 254 57.36 42.83 54.82
N HIS K 255 58.15 41.95 54.21
CA HIS K 255 58.91 42.31 53.03
C HIS K 255 58.09 42.23 51.75
N TYR K 256 57.00 41.48 51.76
CA TYR K 256 56.04 41.55 50.67
C TYR K 256 55.44 42.95 50.60
N LEU K 257 55.15 43.40 49.38
CA LEU K 257 54.61 44.73 49.18
C LEU K 257 53.11 44.69 49.54
N TRP K 258 52.83 44.86 50.82
CA TRP K 258 51.46 44.82 51.29
C TRP K 258 50.81 46.18 51.12
N GLY K 259 49.73 46.23 50.35
CA GLY K 259 49.02 47.47 50.11
C GLY K 259 48.01 47.79 51.19
N ASN K 260 47.26 48.86 50.96
CA ASN K 260 46.18 49.28 51.86
C ASN K 260 44.84 48.98 51.20
N THR K 261 43.93 48.36 51.94
CA THR K 261 42.72 47.81 51.33
C THR K 261 41.65 48.86 51.09
N ALA K 262 41.87 50.11 51.51
CA ALA K 262 41.00 51.19 51.09
C ALA K 262 41.10 51.43 49.60
N PHE K 263 42.24 51.09 49.00
CA PHE K 263 42.33 50.96 47.54
C PHE K 263 41.40 49.88 47.02
N ALA K 264 41.47 48.69 47.62
CA ALA K 264 40.76 47.54 47.07
C ALA K 264 39.28 47.57 47.36
N PHE K 265 38.84 48.22 48.43
CA PHE K 265 37.41 48.35 48.67
C PHE K 265 36.78 49.42 47.79
N ALA K 266 37.52 50.48 47.48
CA ALA K 266 37.04 51.46 46.53
C ALA K 266 37.13 50.98 45.10
N THR K 267 37.82 49.87 44.85
CA THR K 267 37.72 49.23 43.54
C THR K 267 36.31 48.71 43.31
N ARG K 268 35.67 48.22 44.37
CA ARG K 268 34.31 47.71 44.27
C ARG K 268 33.25 48.80 44.32
N LEU K 269 33.57 49.96 44.87
CA LEU K 269 32.69 51.11 44.73
C LEU K 269 32.62 51.58 43.29
N THR K 270 33.73 51.46 42.57
CA THR K 270 33.78 52.03 41.24
C THR K 270 33.43 51.01 40.17
N ASP K 271 33.82 49.75 40.36
CA ASP K 271 33.41 48.72 39.42
C ASP K 271 31.94 48.36 39.56
N SER K 272 31.29 48.76 40.65
CA SER K 272 29.83 48.74 40.68
C SER K 272 29.23 49.94 39.98
N PHE K 273 29.91 51.08 40.01
CA PHE K 273 29.38 52.25 39.32
C PHE K 273 29.59 52.17 37.82
N ALA K 274 30.64 51.49 37.38
CA ALA K 274 30.89 51.41 35.94
C ALA K 274 29.95 50.46 35.23
N LYS K 275 29.17 49.67 35.97
CA LYS K 275 28.24 48.72 35.39
C LYS K 275 26.79 49.15 35.50
N TYR K 276 26.38 49.66 36.66
CA TYR K 276 24.98 49.98 36.90
C TYR K 276 24.72 51.45 37.17
N ARG K 277 25.76 52.29 37.20
CA ARG K 277 25.69 53.73 37.51
C ARG K 277 25.08 54.00 38.89
N TRP K 278 25.25 53.06 39.81
CA TRP K 278 24.94 53.25 41.22
C TRP K 278 25.97 52.45 42.00
N CYS K 279 25.84 52.46 43.32
CA CYS K 279 26.68 51.62 44.16
C CYS K 279 25.96 51.16 45.43
N PRO K 280 25.05 50.19 45.32
CA PRO K 280 24.80 49.33 46.49
C PRO K 280 25.51 48.00 46.37
N ASN K 281 26.09 47.72 45.21
CA ASN K 281 26.59 46.38 44.88
C ASN K 281 28.05 46.25 45.27
N ILE K 282 28.31 46.06 46.56
CA ILE K 282 29.66 45.94 47.06
C ILE K 282 29.86 44.77 48.02
N ILE K 283 28.84 43.95 48.25
CA ILE K 283 28.96 42.93 49.28
C ILE K 283 28.75 41.52 48.74
N GLY K 284 29.05 41.27 47.47
CA GLY K 284 28.79 39.97 46.89
C GLY K 284 29.99 39.25 46.32
N PRO K 285 30.24 38.03 46.76
CA PRO K 285 31.26 37.19 46.10
C PRO K 285 30.91 36.83 44.69
N GLN K 286 29.61 36.82 44.34
CA GLN K 286 29.18 36.74 42.96
C GLN K 286 28.30 37.92 42.59
N SER K 287 28.34 39.00 43.36
CA SER K 287 27.43 40.11 43.13
C SER K 287 28.11 41.45 43.34
N GLY K 288 29.42 41.53 43.14
CA GLY K 288 30.12 42.79 43.12
C GLY K 288 30.92 43.16 44.35
N GLY K 289 31.31 42.20 45.18
CA GLY K 289 32.19 42.49 46.28
C GLY K 289 33.39 41.58 46.23
N ALA K 290 33.68 41.05 45.05
CA ALA K 290 34.73 40.06 44.86
C ALA K 290 35.98 40.74 44.30
N VAL K 291 36.98 40.94 45.14
CA VAL K 291 38.25 41.49 44.71
C VAL K 291 39.00 40.35 44.00
N GLU K 292 38.97 40.36 42.68
CA GLU K 292 39.59 39.31 41.90
C GLU K 292 40.99 39.72 41.47
N ASP K 293 41.70 38.74 40.89
CA ASP K 293 43.05 38.91 40.31
C ASP K 293 44.06 39.40 41.37
N LEU K 294 44.07 38.73 42.49
CA LEU K 294 45.08 39.06 43.49
C LEU K 294 46.41 38.42 43.11
N PRO K 295 47.52 39.02 43.53
CA PRO K 295 48.83 38.36 43.34
C PRO K 295 48.98 37.17 44.27
N VAL K 296 49.53 36.09 43.72
CA VAL K 296 49.86 34.91 44.51
C VAL K 296 51.33 34.60 44.36
N HIS K 297 51.88 33.92 45.36
CA HIS K 297 53.29 33.59 45.40
C HIS K 297 53.42 32.14 45.88
N VAL K 298 53.55 31.22 44.94
CA VAL K 298 53.69 29.81 45.27
C VAL K 298 55.13 29.56 45.72
N PHE K 299 55.30 29.23 46.99
CA PHE K 299 56.62 28.92 47.53
C PHE K 299 56.58 27.54 48.19
N GLU K 300 57.75 27.08 48.59
CA GLU K 300 57.88 25.76 49.20
C GLU K 300 57.72 25.88 50.71
N SER K 301 56.74 25.17 51.25
CA SER K 301 56.54 25.10 52.70
C SER K 301 57.38 23.97 53.27
N MET K 302 57.08 23.56 54.50
CA MET K 302 57.77 22.45 55.15
C MET K 302 57.32 21.12 54.53
N GLY K 303 57.82 20.87 53.33
CA GLY K 303 57.52 19.65 52.60
C GLY K 303 56.56 19.82 51.43
N ALA K 304 55.51 20.61 51.62
CA ALA K 304 54.47 20.76 50.62
C ALA K 304 54.70 21.99 49.76
N LEU K 305 53.85 22.13 48.75
CA LEU K 305 53.87 23.28 47.84
C LEU K 305 52.60 24.07 48.09
N GLN K 306 52.70 25.17 48.84
CA GLN K 306 51.56 25.99 49.17
C GLN K 306 51.70 27.35 48.50
N SER K 307 50.69 28.20 48.71
CA SER K 307 50.68 29.56 48.18
C SER K 307 50.61 30.55 49.33
N LYS K 308 51.31 31.66 49.18
CA LYS K 308 51.20 32.75 50.14
C LYS K 308 49.83 33.39 50.03
N ILE K 309 49.17 33.54 51.17
CA ILE K 309 47.80 34.08 51.19
C ILE K 309 47.82 35.56 50.84
N PRO K 310 47.05 36.00 49.85
CA PRO K 310 47.14 37.39 49.41
C PRO K 310 46.59 38.40 50.41
N THR K 311 45.69 38.00 51.30
CA THR K 311 45.43 38.76 52.50
C THR K 311 46.14 38.05 53.64
N GLU K 312 46.61 38.82 54.63
CA GLU K 312 47.60 38.28 55.56
C GLU K 312 47.03 37.28 56.55
N VAL K 313 45.71 37.23 56.70
CA VAL K 313 45.08 36.19 57.51
C VAL K 313 43.97 35.57 56.69
N LEU K 314 43.60 34.34 57.06
CA LEU K 314 42.42 33.68 56.52
C LEU K 314 41.28 33.96 57.49
N ILE K 315 40.44 34.92 57.11
CA ILE K 315 39.30 35.30 57.96
C ILE K 315 38.23 34.23 57.84
N THR K 316 37.87 33.63 58.97
CA THR K 316 36.82 32.64 58.97
C THR K 316 35.45 33.32 58.85
N ASP K 317 34.41 32.52 58.77
CA ASP K 317 33.07 33.10 58.65
C ASP K 317 32.57 33.63 59.97
N ARG K 318 32.96 33.01 61.09
CA ARG K 318 32.56 33.52 62.39
C ARG K 318 33.34 34.76 62.77
N LYS K 319 34.63 34.80 62.39
CA LYS K 319 35.43 35.99 62.64
C LYS K 319 34.94 37.17 61.81
N GLU K 320 34.47 36.91 60.60
CA GLU K 320 33.99 38.00 59.76
C GLU K 320 32.63 38.49 60.23
N PHE K 321 31.79 37.58 60.71
CA PHE K 321 30.51 38.01 61.27
C PHE K 321 30.70 38.76 62.58
N GLU K 322 31.74 38.43 63.34
CA GLU K 322 32.01 39.20 64.56
C GLU K 322 32.62 40.54 64.24
N LEU K 323 33.35 40.64 63.13
CA LEU K 323 33.79 41.95 62.64
C LEU K 323 32.64 42.73 62.02
N ALA K 324 31.63 42.04 61.49
CA ALA K 324 30.51 42.74 60.87
C ALA K 324 29.62 43.38 61.92
N GLU K 325 29.46 42.73 63.07
CA GLU K 325 28.68 43.32 64.15
C GLU K 325 29.42 44.47 64.81
N GLU K 326 30.74 44.42 64.81
CA GLU K 326 31.56 45.45 65.45
C GLU K 326 32.03 46.53 64.48
N GLY K 327 31.43 46.61 63.31
CA GLY K 327 31.69 47.71 62.40
C GLY K 327 33.01 47.64 61.66
N PHE K 328 33.19 46.61 60.82
CA PHE K 328 34.39 46.47 60.03
C PHE K 328 34.04 45.86 58.69
N ILE K 329 34.74 46.29 57.66
CA ILE K 329 34.55 45.76 56.31
C ILE K 329 35.69 44.79 56.08
N ALA K 330 35.48 43.53 56.43
CA ALA K 330 36.52 42.53 56.33
C ALA K 330 36.53 41.88 54.96
N LEU K 331 37.69 41.35 54.59
CA LEU K 331 37.91 40.73 53.29
C LEU K 331 38.35 39.29 53.49
N THR K 332 37.41 38.36 53.43
CA THR K 332 37.77 36.96 53.45
C THR K 332 38.38 36.56 52.11
N MET K 333 39.37 35.69 52.16
CA MET K 333 40.12 35.30 50.98
C MET K 333 39.69 33.91 50.57
N ARG K 334 39.53 33.69 49.27
CA ARG K 334 39.13 32.39 48.75
C ARG K 334 40.33 31.45 48.83
N LYS K 335 40.37 30.63 49.88
CA LYS K 335 41.55 29.87 50.24
C LYS K 335 41.96 28.88 49.16
N GLY K 336 43.08 29.15 48.51
CA GLY K 336 43.58 28.29 47.46
C GLY K 336 43.56 28.91 46.08
N SER K 337 43.21 30.18 45.96
CA SER K 337 43.17 30.84 44.66
C SER K 337 43.53 32.30 44.84
N ASP K 338 43.29 33.08 43.80
CA ASP K 338 43.65 34.49 43.75
C ASP K 338 42.43 35.40 43.82
N ASN K 339 41.43 35.01 44.60
CA ASN K 339 40.21 35.78 44.72
C ASN K 339 39.94 36.07 46.19
N ALA K 340 39.06 37.03 46.42
CA ALA K 340 38.63 37.37 47.76
C ALA K 340 37.20 37.87 47.67
N ALA K 341 36.63 38.25 48.80
CA ALA K 341 35.24 38.67 48.80
C ALA K 341 34.95 39.53 50.01
N PHE K 342 34.12 40.54 49.82
CA PHE K 342 33.47 41.23 50.93
C PHE K 342 32.11 40.60 51.14
N PHE K 343 31.62 40.68 52.37
CA PHE K 343 30.32 40.13 52.69
C PHE K 343 29.37 41.13 53.33
N SER K 344 29.89 42.17 53.97
CA SER K 344 29.05 43.14 54.66
C SER K 344 29.85 44.42 54.78
N ALA K 345 29.32 45.53 54.26
CA ALA K 345 30.04 46.79 54.22
C ALA K 345 29.62 47.71 55.35
N ASN K 346 29.33 47.16 56.53
CA ASN K 346 28.78 47.94 57.63
C ASN K 346 29.73 49.02 58.12
N SER K 347 29.20 50.24 58.25
CA SER K 347 29.97 51.32 58.81
C SER K 347 30.09 51.14 60.31
N ILE K 348 30.90 51.99 60.94
CA ILE K 348 31.21 51.81 62.36
C ILE K 348 30.08 52.21 63.28
N GLN K 349 28.96 52.68 62.76
CA GLN K 349 27.89 53.17 63.61
C GLN K 349 27.16 51.99 64.26
N LYS K 350 26.72 52.18 65.49
CA LYS K 350 26.04 51.07 66.16
C LYS K 350 24.54 51.22 66.05
N PRO K 351 23.83 50.13 65.82
CA PRO K 351 22.36 50.18 65.81
C PRO K 351 21.83 50.44 67.20
N LYS K 352 21.26 51.63 67.41
CA LYS K 352 20.84 52.03 68.75
C LYS K 352 19.59 51.29 69.14
N VAL K 353 19.61 50.70 70.34
CA VAL K 353 18.46 49.95 70.82
C VAL K 353 17.39 50.93 71.26
N PHE K 354 16.28 50.87 70.64
CA PHE K 354 15.10 51.67 70.89
C PHE K 354 14.12 50.89 71.76
N PRO K 355 13.29 51.56 72.57
CA PRO K 355 12.41 50.84 73.48
C PRO K 355 11.30 50.09 72.75
N ASN K 356 10.71 49.13 73.46
CA ASN K 356 9.82 48.16 72.85
C ASN K 356 8.39 48.67 72.65
N THR K 357 8.25 49.81 72.00
CA THR K 357 6.95 50.31 71.63
C THR K 357 6.62 49.85 70.21
N LYS K 358 5.52 50.35 69.66
CA LYS K 358 5.22 50.07 68.27
C LYS K 358 6.15 50.85 67.34
N GLU K 359 6.37 52.13 67.65
CA GLU K 359 7.30 52.93 66.87
C GLU K 359 8.75 52.62 67.18
N GLY K 360 9.06 52.19 68.40
CA GLY K 360 10.43 51.92 68.76
C GLY K 360 10.95 50.65 68.11
N LYS K 361 10.11 49.62 68.04
CA LYS K 361 10.48 48.41 67.31
C LYS K 361 10.53 48.67 65.82
N GLU K 362 9.80 49.67 65.34
CA GLU K 362 9.87 50.05 63.94
C GLU K 362 11.11 50.89 63.65
N ALA K 363 11.33 51.95 64.43
CA ALA K 363 12.43 52.86 64.15
C ALA K 363 13.80 52.22 64.42
N GLU K 364 13.85 51.14 65.20
CA GLU K 364 15.10 50.40 65.34
C GLU K 364 15.49 49.75 64.03
N THR K 365 14.52 49.22 63.30
CA THR K 365 14.81 48.65 61.98
C THR K 365 15.01 49.77 60.96
N ASN K 366 14.46 50.95 61.23
CA ASN K 366 14.71 52.09 60.36
C ASN K 366 16.11 52.64 60.56
N TYR K 367 16.55 52.77 61.81
CA TYR K 367 17.88 53.26 62.09
C TYR K 367 18.96 52.24 61.73
N LYS K 368 18.60 50.96 61.66
CA LYS K 368 19.56 49.94 61.28
C LYS K 368 19.95 50.07 59.81
N LEU K 369 19.04 50.53 58.97
CA LEU K 369 19.34 50.67 57.56
C LEU K 369 20.29 51.82 57.28
N GLY K 370 20.41 52.77 58.21
CA GLY K 370 21.34 53.87 58.00
C GLY K 370 22.78 53.44 58.11
N THR K 371 23.07 52.49 58.99
CA THR K 371 24.45 52.19 59.33
C THR K 371 25.15 51.30 58.31
N GLN K 372 24.41 50.69 57.38
CA GLN K 372 24.96 49.53 56.72
C GLN K 372 25.91 49.86 55.58
N LEU K 373 25.74 51.01 54.93
CA LEU K 373 26.59 51.56 53.88
C LEU K 373 26.72 50.67 52.63
N PRO K 374 25.64 50.07 52.11
CA PRO K 374 25.51 50.27 50.68
C PRO K 374 24.38 51.24 50.46
N TYR K 375 23.56 51.41 51.49
CA TYR K 375 22.36 52.22 51.40
C TYR K 375 22.65 53.70 51.55
N MET K 376 23.75 54.06 52.21
CA MET K 376 24.18 55.44 52.16
C MET K 376 24.58 55.83 50.75
N MET K 377 25.18 54.92 50.01
CA MET K 377 25.69 55.29 48.70
C MET K 377 24.57 55.39 47.67
N ILE K 378 23.36 54.91 47.97
CA ILE K 378 22.24 55.20 47.08
C ILE K 378 21.47 56.44 47.52
N ILE K 379 21.85 57.07 48.63
CA ILE K 379 21.31 58.37 48.99
C ILE K 379 22.37 59.45 49.04
N ASN K 380 23.65 59.11 49.09
CA ASN K 380 24.66 60.10 48.83
C ASN K 380 24.56 60.58 47.40
N ARG K 381 24.26 59.67 46.46
CA ARG K 381 23.95 60.07 45.10
C ARG K 381 22.65 60.85 45.02
N LEU K 382 21.72 60.58 45.93
CA LEU K 382 20.54 61.44 46.06
C LEU K 382 20.81 62.65 46.93
N ALA K 383 22.07 62.94 47.23
CA ALA K 383 22.45 64.26 47.68
C ALA K 383 23.38 64.93 46.70
N HIS K 384 23.98 64.17 45.80
CA HIS K 384 24.84 64.82 44.82
C HIS K 384 24.09 65.18 43.55
N TYR K 385 23.15 64.33 43.10
CA TYR K 385 22.32 64.72 41.97
C TYR K 385 21.42 65.89 42.33
N VAL K 386 20.83 65.87 43.51
CA VAL K 386 19.75 66.81 43.78
C VAL K 386 20.32 68.16 44.15
N LYS K 387 21.55 68.18 44.66
CA LYS K 387 22.26 69.44 44.85
C LYS K 387 22.60 70.08 43.52
N VAL K 388 23.01 69.28 42.55
CA VAL K 388 23.35 69.80 41.23
C VAL K 388 22.10 70.18 40.46
N LEU K 389 21.04 69.38 40.56
CA LEU K 389 19.87 69.56 39.72
C LEU K 389 19.06 70.77 40.15
N GLN K 390 19.00 71.03 41.46
CA GLN K 390 18.34 72.21 41.99
C GLN K 390 19.30 73.38 42.20
N ARG K 391 20.48 73.32 41.59
CA ARG K 391 21.34 74.49 41.54
C ARG K 391 21.13 75.27 40.26
N GLU K 392 20.88 74.58 39.16
CA GLU K 392 20.58 75.22 37.89
C GLU K 392 19.27 75.99 37.95
N GLN K 393 18.35 75.58 38.82
CA GLN K 393 17.01 76.11 38.80
C GLN K 393 16.88 77.47 39.48
N ILE K 394 17.91 77.95 40.18
CA ILE K 394 17.79 79.18 40.96
C ILE K 394 17.60 80.37 40.03
N GLY K 395 16.51 81.10 40.24
CA GLY K 395 16.15 82.18 39.35
C GLY K 395 15.05 81.87 38.38
N ALA K 396 14.46 80.67 38.44
CA ALA K 396 13.44 80.30 37.49
C ALA K 396 12.10 80.90 37.88
N TRP K 397 11.05 80.43 37.21
CA TRP K 397 9.70 80.81 37.53
C TRP K 397 8.97 79.53 37.91
N LYS K 398 8.90 79.26 39.20
CA LYS K 398 8.50 77.94 39.65
C LYS K 398 7.36 78.14 40.63
N GLU K 399 6.81 77.04 41.15
CA GLU K 399 5.83 77.07 42.23
C GLU K 399 6.13 75.91 43.17
N ARG K 400 5.39 75.86 44.27
CA ARG K 400 5.46 74.69 45.13
C ARG K 400 4.93 73.46 44.42
N GLN K 401 3.82 73.61 43.69
CA GLN K 401 3.31 72.51 42.87
C GLN K 401 4.28 72.17 41.74
N ASP K 402 5.01 73.16 41.23
CA ASP K 402 6.03 72.87 40.24
C ASP K 402 7.27 72.26 40.89
N LEU K 403 7.53 72.59 42.15
CA LEU K 403 8.65 71.97 42.83
C LEU K 403 8.35 70.51 43.16
N GLU K 404 7.09 70.19 43.51
CA GLU K 404 6.71 68.81 43.75
C GLU K 404 6.83 67.96 42.51
N ARG K 405 6.62 68.54 41.33
CA ARG K 405 6.57 67.80 40.09
C ARG K 405 7.94 67.62 39.46
N GLU K 406 8.82 68.61 39.57
CA GLU K 406 10.17 68.46 39.04
C GLU K 406 11.02 67.48 39.84
N LEU K 407 10.57 67.09 41.03
CA LEU K 407 11.23 66.05 41.81
C LEU K 407 10.55 64.70 41.71
N ASN K 408 9.22 64.66 41.69
CA ASN K 408 8.52 63.39 41.61
C ASN K 408 8.67 62.76 40.23
N SER K 409 8.61 63.56 39.18
CA SER K 409 8.86 63.01 37.85
C SER K 409 10.33 62.76 37.60
N TRP K 410 11.21 63.24 38.47
CA TRP K 410 12.63 62.95 38.35
C TRP K 410 13.03 61.67 39.03
N ILE K 411 12.64 61.46 40.29
CA ILE K 411 13.14 60.30 41.01
C ILE K 411 12.36 59.03 40.65
N LYS K 412 11.23 59.15 39.98
CA LYS K 412 10.51 57.96 39.55
C LYS K 412 11.03 57.37 38.25
N GLN K 413 12.24 57.73 37.85
CA GLN K 413 13.03 56.90 36.95
C GLN K 413 14.06 56.09 37.72
N TYR K 414 14.16 56.29 39.03
CA TYR K 414 15.01 55.49 39.89
C TYR K 414 14.21 54.54 40.76
N VAL K 415 12.89 54.59 40.66
CA VAL K 415 12.00 53.82 41.53
C VAL K 415 11.37 52.74 40.70
N ALA K 416 11.53 51.49 41.12
CA ALA K 416 10.85 50.35 40.51
C ALA K 416 10.04 49.68 41.61
N ASP K 417 8.84 50.22 41.85
CA ASP K 417 7.99 49.75 42.95
C ASP K 417 7.35 48.44 42.52
N GLN K 418 8.09 47.37 42.74
CA GLN K 418 7.76 46.09 42.14
C GLN K 418 8.39 45.02 43.02
N GLU K 419 7.64 43.93 43.24
CA GLU K 419 8.06 42.94 44.23
C GLU K 419 9.23 42.11 43.72
N ASN K 420 9.20 41.71 42.45
CA ASN K 420 10.28 40.94 41.86
C ASN K 420 10.56 41.42 40.45
N PRO K 421 11.29 42.52 40.30
CA PRO K 421 11.74 42.93 38.98
C PRO K 421 12.96 42.11 38.59
N PRO K 422 13.36 42.13 37.31
CA PRO K 422 14.59 41.43 36.92
C PRO K 422 15.84 42.02 37.56
N ALA K 423 16.94 41.29 37.40
CA ALA K 423 18.19 41.63 38.09
C ALA K 423 18.84 42.90 37.55
N ASP K 424 18.41 43.40 36.40
CA ASP K 424 18.92 44.66 35.90
C ASP K 424 18.06 45.85 36.34
N VAL K 425 16.76 45.63 36.53
CA VAL K 425 15.89 46.70 36.98
C VAL K 425 16.14 47.01 38.45
N ARG K 426 16.64 46.03 39.21
CA ARG K 426 16.91 46.24 40.62
C ARG K 426 18.12 47.15 40.83
N SER K 427 19.09 47.10 39.95
CA SER K 427 20.32 47.84 40.18
C SER K 427 20.41 49.13 39.37
N ARG K 428 19.76 49.19 38.21
CA ARG K 428 19.61 50.48 37.54
C ARG K 428 18.66 51.39 38.31
N ARG K 429 17.66 50.82 38.95
CA ARG K 429 16.69 51.56 39.77
C ARG K 429 16.79 51.04 41.19
N PRO K 430 17.75 51.53 41.97
CA PRO K 430 18.03 50.92 43.28
C PRO K 430 17.00 51.23 44.32
N LEU K 431 16.20 52.27 44.16
CA LEU K 431 15.17 52.59 45.11
C LEU K 431 13.98 51.68 44.88
N ARG K 432 13.04 51.72 45.79
CA ARG K 432 11.80 50.96 45.69
C ARG K 432 10.57 51.81 45.87
N ALA K 433 10.61 52.80 46.75
CA ALA K 433 9.54 53.78 46.85
C ALA K 433 10.11 55.08 47.38
N ALA K 434 9.50 56.19 46.99
CA ALA K 434 10.03 57.50 47.36
C ALA K 434 8.88 58.46 47.58
N ARG K 435 8.87 59.12 48.73
CA ARG K 435 7.84 60.07 49.11
C ARG K 435 8.46 61.45 49.15
N ILE K 436 7.80 62.44 48.55
CA ILE K 436 8.29 63.81 48.55
C ILE K 436 7.16 64.72 49.01
N GLU K 437 7.37 65.39 50.14
CA GLU K 437 6.36 66.25 50.75
C GLU K 437 6.93 67.65 50.84
N VAL K 438 6.60 68.50 49.89
CA VAL K 438 7.11 69.86 49.86
C VAL K 438 6.22 70.74 50.73
N MET K 439 6.83 71.47 51.66
CA MET K 439 6.14 72.39 52.55
C MET K 439 6.67 73.80 52.30
N ASP K 440 6.24 74.75 53.11
CA ASP K 440 6.67 76.13 52.96
C ASP K 440 7.47 76.56 54.18
N VAL K 441 7.97 77.79 54.12
CA VAL K 441 8.52 78.48 55.27
C VAL K 441 7.82 79.82 55.38
N GLU K 442 7.11 80.03 56.47
CA GLU K 442 6.41 81.29 56.68
C GLU K 442 7.38 82.35 57.18
N GLY K 443 6.96 83.60 57.09
CA GLY K 443 7.81 84.72 57.46
C GLY K 443 8.60 85.22 56.28
N ASN K 444 9.48 84.38 55.73
CA ASN K 444 10.16 84.64 54.46
C ASN K 444 9.58 83.68 53.45
N PRO K 445 8.60 84.09 52.65
CA PRO K 445 7.90 83.12 51.80
C PRO K 445 8.73 82.77 50.57
N GLY K 446 8.67 81.49 50.21
CA GLY K 446 9.44 80.95 49.12
C GLY K 446 10.70 80.23 49.55
N TRP K 447 10.58 79.37 50.55
CA TRP K 447 11.68 78.56 51.06
C TRP K 447 11.04 77.24 51.45
N TYR K 448 11.58 76.13 50.96
CA TYR K 448 10.80 74.92 50.80
C TYR K 448 11.39 73.73 51.53
N GLN K 449 10.75 73.31 52.61
CA GLN K 449 11.24 72.20 53.40
C GLN K 449 10.62 70.92 52.86
N VAL K 450 11.30 70.29 51.91
CA VAL K 450 10.73 69.11 51.28
C VAL K 450 11.35 67.91 51.97
N SER K 451 10.67 66.77 51.93
CA SER K 451 11.15 65.60 52.67
C SER K 451 11.19 64.38 51.75
N LEU K 452 12.30 64.23 51.04
CA LEU K 452 12.49 63.05 50.19
C LEU K 452 12.75 61.82 51.03
N SER K 453 11.87 60.83 50.93
CA SER K 453 11.88 59.65 51.79
C SER K 453 12.00 58.39 50.93
N VAL K 454 13.22 58.03 50.56
CA VAL K 454 13.44 56.89 49.67
C VAL K 454 13.43 55.60 50.46
N ARG K 455 13.43 54.46 49.75
CA ARG K 455 13.36 53.17 50.36
C ARG K 455 14.04 52.18 49.43
N PRO K 456 14.94 51.36 49.91
CA PRO K 456 15.73 50.52 49.02
C PRO K 456 15.19 49.11 48.88
N HIS K 457 15.80 48.32 48.01
CA HIS K 457 15.57 46.88 48.01
C HIS K 457 16.49 46.22 49.04
N PHE K 458 16.24 44.94 49.30
CA PHE K 458 16.88 44.23 50.39
C PHE K 458 17.61 42.99 49.88
N LYS K 459 18.88 42.88 50.22
CA LYS K 459 19.77 41.83 49.75
C LYS K 459 19.63 40.57 50.60
N TYR K 460 20.58 39.66 50.44
CA TYR K 460 20.51 38.27 50.92
C TYR K 460 21.58 38.07 51.98
N MET K 461 21.18 37.78 53.21
CA MET K 461 22.15 37.62 54.30
C MET K 461 21.60 36.69 55.39
N GLY K 462 22.13 35.48 55.44
CA GLY K 462 21.80 34.50 56.47
C GLY K 462 20.49 33.76 56.36
N ALA K 463 20.48 32.48 56.73
CA ALA K 463 19.28 31.64 56.77
C ALA K 463 19.50 30.56 57.83
N ASN K 464 18.68 29.50 57.80
CA ASN K 464 18.88 28.51 58.86
C ASN K 464 19.06 27.07 58.41
N PHE K 465 18.26 26.58 57.44
CA PHE K 465 18.43 25.27 56.79
C PHE K 465 18.41 24.11 57.80
N GLU K 466 17.29 23.97 58.50
CA GLU K 466 17.18 23.03 59.63
C GLU K 466 16.80 21.64 59.13
N LEU K 467 17.81 20.85 58.75
CA LEU K 467 17.60 19.55 58.11
C LEU K 467 16.99 18.52 59.07
N SER K 468 16.46 17.47 58.47
CA SER K 468 15.76 16.36 59.12
C SER K 468 15.55 15.30 58.05
N LEU K 469 15.07 14.13 58.46
CA LEU K 469 14.48 13.24 57.47
C LEU K 469 13.03 12.96 57.83
N VAL K 470 12.21 12.77 56.79
CA VAL K 470 10.80 12.44 56.95
C VAL K 470 10.58 10.94 56.82
N GLY K 471 11.21 10.30 55.83
CA GLY K 471 11.12 8.88 55.65
C GLY K 471 10.11 8.44 54.61
N ARG K 472 8.93 9.07 54.57
CA ARG K 472 7.93 8.78 53.56
C ARG K 472 7.79 9.87 52.52
N LEU K 473 7.72 11.14 52.95
CA LEU K 473 7.56 12.24 52.02
C LEU K 473 8.89 12.67 51.45
N SER L 1 35.55 90.72 -1.11
CA SER L 1 34.42 90.17 -0.38
C SER L 1 33.11 90.78 -0.88
N LYS L 2 32.89 90.71 -2.19
CA LYS L 2 31.67 91.22 -2.81
C LYS L 2 31.18 90.22 -3.83
N GLU L 3 29.92 89.80 -3.69
CA GLU L 3 29.30 88.95 -4.69
C GLU L 3 29.10 89.73 -5.98
N GLY L 4 29.47 89.13 -7.11
CA GLY L 4 29.18 89.72 -8.39
C GLY L 4 27.69 89.66 -8.65
N SER L 5 27.06 90.82 -8.80
CA SER L 5 25.63 90.90 -9.10
C SER L 5 25.42 91.74 -10.35
N VAL L 6 24.17 91.80 -10.79
CA VAL L 6 23.80 92.53 -11.98
C VAL L 6 23.15 93.84 -11.57
N ALA L 7 22.87 94.68 -12.55
CA ALA L 7 22.12 95.88 -12.28
C ALA L 7 20.68 95.52 -11.93
N PRO L 8 20.09 96.15 -10.92
CA PRO L 8 18.71 95.84 -10.54
C PRO L 8 17.74 96.36 -11.58
N LYS L 9 16.55 95.74 -11.61
CA LYS L 9 15.62 95.94 -12.72
C LYS L 9 14.25 95.35 -12.38
N GLU L 10 13.31 95.50 -13.35
CA GLU L 10 11.96 94.91 -13.28
C GLU L 10 12.03 93.41 -13.49
N ARG L 11 13.12 92.95 -14.02
CA ARG L 11 13.36 91.54 -13.99
C ARG L 11 13.94 91.21 -12.62
N ILE L 12 14.01 89.94 -12.33
CA ILE L 12 14.26 89.48 -10.98
C ILE L 12 15.76 89.23 -10.84
N ASN L 13 16.33 89.56 -9.69
CA ASN L 13 17.79 89.53 -9.57
C ASN L 13 18.26 88.56 -8.49
N ILE L 14 18.39 87.31 -8.88
CA ILE L 14 18.84 86.22 -8.02
C ILE L 14 20.33 86.39 -7.71
N LYS L 15 20.69 86.35 -6.43
CA LYS L 15 22.09 86.31 -6.03
C LYS L 15 22.26 85.28 -4.93
N TYR L 16 23.48 84.79 -4.75
CA TYR L 16 23.78 83.74 -3.77
C TYR L 16 24.69 84.29 -2.69
N ILE L 17 24.17 84.47 -1.48
CA ILE L 17 24.96 84.85 -0.32
C ILE L 17 24.56 83.95 0.84
N PRO L 18 25.45 83.11 1.36
CA PRO L 18 25.08 82.14 2.39
C PRO L 18 24.76 82.80 3.71
N ALA L 19 23.87 82.20 4.47
CA ALA L 19 23.25 82.86 5.61
C ALA L 19 23.94 82.47 6.91
N THR L 20 23.60 83.23 7.96
CA THR L 20 24.31 83.14 9.23
C THR L 20 24.01 81.82 9.94
N GLY L 21 22.80 81.31 9.78
CA GLY L 21 22.47 80.03 10.39
C GLY L 21 21.71 80.19 11.69
N ASP L 22 20.98 79.15 12.05
CA ASP L 22 20.24 79.10 13.31
C ASP L 22 20.65 77.83 14.02
N ALA L 23 21.30 77.97 15.17
CA ALA L 23 21.78 76.82 15.93
C ALA L 23 20.76 76.29 16.93
N GLN L 24 20.21 77.17 17.78
CA GLN L 24 19.26 76.84 18.83
C GLN L 24 19.84 75.78 19.77
N ALA L 25 20.87 76.24 20.52
CA ALA L 25 21.83 75.44 21.29
C ALA L 25 21.18 74.32 22.11
N GLU L 26 21.56 73.09 21.79
CA GLU L 26 20.81 71.93 22.22
C GLU L 26 21.12 71.58 23.67
N VAL L 27 20.09 71.12 24.39
CA VAL L 27 20.25 70.76 25.79
C VAL L 27 21.01 69.44 25.90
N ALA L 28 21.83 69.31 26.94
CA ALA L 28 22.60 68.10 27.18
C ALA L 28 22.82 68.00 28.69
N GLU L 29 21.98 67.21 29.36
CA GLU L 29 22.14 66.97 30.79
C GLU L 29 23.22 65.92 30.97
N VAL L 30 24.46 66.37 31.14
CA VAL L 30 25.54 65.46 31.46
C VAL L 30 25.38 65.02 32.91
N GLU L 31 25.86 63.82 33.22
CA GLU L 31 25.67 63.26 34.54
C GLU L 31 26.93 63.47 35.38
N LEU L 32 26.83 63.11 36.64
CA LEU L 32 27.94 63.29 37.57
C LEU L 32 28.75 62.01 37.63
N PRO L 33 30.02 62.03 37.30
CA PRO L 33 30.85 60.85 37.49
C PRO L 33 31.15 60.64 38.96
N LEU L 34 31.32 59.38 39.34
CA LEU L 34 31.61 59.01 40.72
C LEU L 34 33.04 59.39 41.02
N LYS L 35 33.27 60.62 41.46
CA LYS L 35 34.63 61.07 41.73
C LYS L 35 35.04 60.70 43.15
N THR L 36 36.18 60.03 43.28
CA THR L 36 36.76 59.72 44.57
C THR L 36 38.02 60.53 44.77
N LEU L 37 38.35 60.76 46.03
CA LEU L 37 39.55 61.51 46.38
C LEU L 37 40.43 60.58 47.19
N VAL L 38 41.49 60.07 46.57
CA VAL L 38 42.43 59.21 47.26
C VAL L 38 43.38 60.09 48.05
N VAL L 39 43.34 60.02 49.36
CA VAL L 39 44.16 60.86 50.21
C VAL L 39 45.12 59.97 50.97
N GLY L 40 46.34 60.46 51.17
CA GLY L 40 47.35 59.66 51.84
C GLY L 40 48.74 60.01 51.36
N ASP L 41 49.72 59.56 52.15
CA ASP L 41 51.13 59.89 51.98
C ASP L 41 51.66 59.26 50.70
N PHE L 42 51.99 60.10 49.72
CA PHE L 42 52.39 59.62 48.41
C PHE L 42 53.83 59.94 48.06
N LYS L 43 54.55 60.69 48.89
CA LYS L 43 55.95 61.02 48.67
C LYS L 43 56.72 60.72 49.95
N GLY L 44 58.01 61.03 49.93
CA GLY L 44 58.87 60.60 51.01
C GLY L 44 59.24 61.68 52.02
N HIS L 45 58.39 62.67 52.21
CA HIS L 45 58.67 63.75 53.14
C HIS L 45 57.35 64.36 53.60
N ALA L 46 57.44 65.53 54.22
CA ALA L 46 56.29 66.33 54.60
C ALA L 46 56.45 67.71 54.02
N GLU L 47 55.56 68.09 53.12
CA GLU L 47 55.68 69.34 52.39
C GLU L 47 55.39 70.53 53.29
N GLN L 48 56.17 71.60 53.11
CA GLN L 48 56.09 72.75 54.00
C GLN L 48 54.90 73.66 53.70
N THR L 49 54.27 73.53 52.53
CA THR L 49 53.11 74.38 52.28
C THR L 49 51.91 73.89 53.08
N PRO L 50 51.07 74.79 53.58
CA PRO L 50 49.86 74.36 54.28
C PRO L 50 48.87 73.72 53.32
N LEU L 51 47.87 73.05 53.91
CA LEU L 51 47.02 72.17 53.13
C LEU L 51 46.10 72.95 52.19
N GLU L 52 45.67 74.14 52.59
CA GLU L 52 44.69 74.90 51.81
C GLU L 52 45.25 75.49 50.53
N GLU L 53 46.54 75.37 50.26
CA GLU L 53 47.13 75.92 49.05
C GLU L 53 47.57 74.86 48.06
N ARG L 54 47.90 73.65 48.52
CA ARG L 54 48.33 72.60 47.60
C ARG L 54 47.13 72.07 46.83
N ALA L 55 47.40 71.39 45.73
CA ALA L 55 46.36 71.05 44.77
C ALA L 55 46.14 69.54 44.71
N THR L 56 45.01 69.18 44.10
CA THR L 56 44.68 67.79 43.80
C THR L 56 44.86 67.56 42.32
N VAL L 57 45.50 66.44 41.96
CA VAL L 57 45.77 66.11 40.57
C VAL L 57 44.85 64.97 40.15
N THR L 58 44.35 65.03 38.93
CA THR L 58 43.43 64.04 38.39
C THR L 58 44.21 63.02 37.58
N VAL L 59 44.03 61.74 37.90
CA VAL L 59 44.78 60.64 37.33
C VAL L 59 43.83 59.71 36.61
N ASP L 60 44.09 59.44 35.33
CA ASP L 60 43.46 58.27 34.73
C ASP L 60 44.54 57.38 34.13
N LYS L 61 44.12 56.38 33.35
CA LYS L 61 45.07 55.38 32.86
C LYS L 61 46.06 55.96 31.88
N ASN L 62 45.68 57.01 31.15
CA ASN L 62 46.56 57.58 30.15
C ASN L 62 47.58 58.54 30.73
N ASN L 63 47.27 59.22 31.82
CA ASN L 63 48.19 60.21 32.37
C ASN L 63 48.86 59.77 33.65
N PHE L 64 48.83 58.48 33.97
CA PHE L 64 49.47 58.04 35.19
C PHE L 64 50.98 58.10 35.09
N GLU L 65 51.53 57.97 33.87
CA GLU L 65 52.97 58.08 33.69
C GLU L 65 53.45 59.52 33.78
N ALA L 66 52.57 60.50 33.56
CA ALA L 66 52.93 61.91 33.67
C ALA L 66 52.73 62.45 35.07
N VAL L 67 51.78 61.89 35.83
CA VAL L 67 51.61 62.29 37.21
C VAL L 67 52.76 61.75 38.06
N MET L 68 53.24 60.56 37.74
CA MET L 68 54.37 59.99 38.47
C MET L 68 55.67 60.72 38.17
N ARG L 69 55.84 61.20 36.94
CA ARG L 69 57.07 61.88 36.57
C ARG L 69 57.16 63.26 37.21
N GLU L 70 56.04 64.00 37.25
CA GLU L 70 56.05 65.35 37.78
C GLU L 70 55.93 65.41 39.30
N SER L 71 55.74 64.28 39.95
CA SER L 71 55.75 64.27 41.40
C SER L 71 57.17 64.41 41.94
N GLU L 72 58.15 63.87 41.20
CA GLU L 72 59.55 63.74 41.60
C GLU L 72 59.68 63.00 42.93
N LEU L 73 59.29 61.72 42.91
CA LEU L 73 59.46 60.86 44.06
C LEU L 73 60.94 60.55 44.22
N LYS L 74 61.62 61.30 45.07
CA LYS L 74 63.05 61.16 45.30
C LYS L 74 63.25 60.49 46.65
N ILE L 75 63.59 59.21 46.64
CA ILE L 75 63.75 58.44 47.86
C ILE L 75 65.24 58.35 48.17
N THR L 76 65.66 59.02 49.24
CA THR L 76 67.05 59.03 49.69
C THR L 76 67.11 58.39 51.07
N ALA L 77 67.75 57.23 51.16
CA ALA L 77 67.84 56.52 52.42
C ALA L 77 69.19 55.82 52.51
N THR L 78 69.56 55.44 53.72
CA THR L 78 70.79 54.71 53.98
C THR L 78 70.45 53.24 54.22
N VAL L 79 70.93 52.37 53.35
CA VAL L 79 70.64 50.95 53.43
C VAL L 79 71.94 50.20 53.70
N LYS L 80 71.80 48.89 53.95
CA LYS L 80 72.92 48.06 54.32
C LYS L 80 73.79 47.72 53.12
N ASN L 81 75.10 47.71 53.34
CA ASN L 81 76.07 47.40 52.29
C ASN L 81 76.35 45.91 52.32
N LYS L 82 75.90 45.20 51.29
CA LYS L 82 76.19 43.78 51.12
C LYS L 82 77.02 43.50 49.88
N LEU L 83 77.82 44.46 49.44
CA LEU L 83 78.68 44.30 48.29
C LEU L 83 80.12 43.94 48.66
N THR L 84 80.43 43.87 49.95
CA THR L 84 81.77 43.52 50.41
C THR L 84 81.68 42.55 51.58
N ASP L 85 82.81 42.26 52.22
CA ASP L 85 82.83 41.32 53.34
C ASP L 85 82.50 41.97 54.68
N ASP L 86 82.02 43.21 54.67
CA ASP L 86 81.69 43.94 55.90
C ASP L 86 80.20 43.77 56.20
N GLU L 87 79.89 43.37 57.42
CA GLU L 87 78.53 43.30 57.90
C GLU L 87 78.04 44.64 58.42
N ASN L 88 78.92 45.42 59.06
CA ASN L 88 78.57 46.68 59.68
C ASN L 88 78.80 47.88 58.76
N ALA L 89 78.70 47.68 57.45
CA ALA L 89 78.84 48.77 56.50
C ALA L 89 77.48 49.21 55.99
N GLU L 90 77.36 50.50 55.70
CA GLU L 90 76.12 51.08 55.17
C GLU L 90 76.42 51.83 53.89
N LEU L 91 75.40 51.98 53.06
CA LEU L 91 75.59 52.63 51.78
C LEU L 91 74.34 53.39 51.36
N PRO L 92 74.34 54.72 51.44
CA PRO L 92 73.17 55.48 50.99
C PRO L 92 73.00 55.45 49.48
N VAL L 93 71.76 55.64 49.04
CA VAL L 93 71.40 55.58 47.63
C VAL L 93 70.75 56.90 47.22
N GLU L 94 70.52 57.04 45.92
CA GLU L 94 69.87 58.22 45.36
C GLU L 94 68.96 57.76 44.22
N LEU L 95 67.66 57.94 44.39
CA LEU L 95 66.66 57.40 43.48
C LEU L 95 65.85 58.52 42.84
N ASN L 96 65.62 58.39 41.54
CA ASN L 96 64.79 59.33 40.78
C ASN L 96 63.82 58.51 39.94
N PHE L 97 62.53 58.62 40.24
CA PHE L 97 61.51 57.79 39.65
C PHE L 97 60.66 58.61 38.68
N LYS L 98 60.57 58.15 37.45
CA LYS L 98 59.80 58.84 36.42
C LYS L 98 58.76 57.96 35.74
N SER L 99 58.85 56.64 35.88
CA SER L 99 57.89 55.73 35.28
C SER L 99 57.66 54.57 36.23
N LEU L 100 56.64 53.76 35.93
CA LEU L 100 56.34 52.59 36.74
C LEU L 100 57.44 51.53 36.63
N ALA L 101 58.18 51.51 35.53
CA ALA L 101 59.33 50.62 35.39
C ALA L 101 60.54 51.06 36.21
N ASP L 102 60.51 52.23 36.83
CA ASP L 102 61.60 52.64 37.71
C ASP L 102 61.55 51.97 39.06
N PHE L 103 60.44 51.30 39.41
CA PHE L 103 60.45 50.47 40.60
C PHE L 103 61.19 49.16 40.39
N ALA L 104 61.33 48.74 39.13
CA ALA L 104 61.97 47.48 38.79
C ALA L 104 63.47 47.55 39.04
N PRO L 105 64.12 46.41 39.38
CA PRO L 105 65.56 46.43 39.67
C PRO L 105 66.45 46.71 38.48
N ASP L 106 65.92 46.77 37.25
CA ASP L 106 66.73 47.21 36.12
C ASP L 106 67.02 48.71 36.21
N ALA L 107 66.04 49.50 36.67
CA ALA L 107 66.22 50.94 36.77
C ALA L 107 66.60 51.40 38.17
N VAL L 108 66.44 50.56 39.19
CA VAL L 108 66.92 50.93 40.52
C VAL L 108 68.43 50.74 40.59
N ALA L 109 68.93 49.62 40.08
CA ALA L 109 70.37 49.39 40.04
C ALA L 109 71.09 50.30 39.06
N SER L 110 70.38 50.78 38.02
CA SER L 110 70.99 51.73 37.10
C SER L 110 71.17 53.11 37.72
N GLN L 111 70.42 53.42 38.77
CA GLN L 111 70.55 54.69 39.47
C GLN L 111 71.50 54.60 40.66
N VAL L 112 72.01 53.41 40.97
CA VAL L 112 73.01 53.23 42.01
C VAL L 112 74.36 53.05 41.31
N PRO L 113 75.32 53.96 41.49
CA PRO L 113 76.61 53.83 40.77
C PRO L 113 77.45 52.65 41.23
N GLU L 114 77.23 52.14 42.44
CA GLU L 114 77.93 50.92 42.86
C GLU L 114 77.38 49.70 42.16
N LEU L 115 76.18 49.76 41.60
CA LEU L 115 75.60 48.67 40.84
C LEU L 115 75.64 48.91 39.34
N LYS L 116 76.02 50.11 38.89
CA LYS L 116 76.25 50.33 37.47
C LYS L 116 77.49 49.60 36.99
N LYS L 117 78.48 49.42 37.88
CA LYS L 117 79.69 48.71 37.53
C LYS L 117 79.53 47.20 37.65
N LEU L 118 78.46 46.72 38.30
CA LEU L 118 78.24 45.28 38.40
C LEU L 118 77.38 44.74 37.27
N ILE L 119 76.44 45.54 36.76
CA ILE L 119 75.74 45.15 35.55
C ILE L 119 76.68 45.25 34.34
N GLU L 120 77.53 46.27 34.32
CA GLU L 120 78.57 46.39 33.30
C GLU L 120 79.57 45.25 33.41
N LEU L 121 79.80 44.75 34.63
CA LEU L 121 80.61 43.55 34.80
C LEU L 121 79.92 42.33 34.19
N ARG L 122 78.60 42.23 34.37
CA ARG L 122 77.87 41.07 33.83
C ARG L 122 77.73 41.17 32.32
N GLU L 123 77.49 42.38 31.80
CA GLU L 123 77.42 42.59 30.36
C GLU L 123 78.75 42.28 29.67
N ALA L 124 79.86 42.50 30.36
CA ALA L 124 81.16 42.09 29.86
C ALA L 124 81.36 40.58 29.92
N LEU L 125 80.67 39.89 30.83
CA LEU L 125 80.79 38.44 30.92
C LEU L 125 79.83 37.70 29.98
N VAL L 126 78.66 38.28 29.70
CA VAL L 126 77.77 37.71 28.70
C VAL L 126 78.38 37.88 27.31
N ALA L 127 79.11 38.97 27.08
CA ALA L 127 79.81 39.18 25.81
C ALA L 127 80.93 38.18 25.61
N LEU L 128 81.51 37.67 26.69
CA LEU L 128 82.61 36.73 26.58
C LEU L 128 82.12 35.34 26.17
N LYS L 129 80.95 34.92 26.67
CA LYS L 129 80.50 33.54 26.58
C LYS L 129 80.21 33.11 25.14
N GLY L 130 79.81 34.06 24.28
CA GLY L 130 79.55 33.78 22.89
C GLY L 130 80.77 33.30 22.11
N PRO L 131 81.78 34.15 21.96
CA PRO L 131 83.02 33.73 21.31
C PRO L 131 83.97 32.91 22.18
N LEU L 132 83.53 32.40 23.33
CA LEU L 132 84.45 31.67 24.20
C LEU L 132 84.63 30.23 23.71
N GLY L 133 83.55 29.45 23.71
CA GLY L 133 83.61 28.05 23.35
C GLY L 133 83.58 27.74 21.88
N ASN L 134 83.57 28.77 21.02
CA ASN L 134 83.56 28.56 19.58
C ASN L 134 84.98 28.38 19.02
N ILE L 135 85.91 29.22 19.46
CA ILE L 135 87.30 29.14 19.05
C ILE L 135 88.08 28.41 20.14
N PRO L 136 88.62 27.22 19.88
CA PRO L 136 89.39 26.51 20.91
C PRO L 136 90.83 26.97 21.07
N ALA L 137 91.22 28.09 20.47
CA ALA L 137 92.56 28.65 20.63
C ALA L 137 92.64 29.65 21.79
N PHE L 138 91.53 29.86 22.52
CA PHE L 138 91.57 30.75 23.66
C PHE L 138 92.31 30.12 24.83
N ARG L 139 92.09 28.82 25.07
CA ARG L 139 92.79 28.13 26.15
C ARG L 139 94.26 27.91 25.83
N GLU L 140 94.65 27.98 24.55
CA GLU L 140 96.05 27.87 24.18
C GLU L 140 96.84 29.09 24.65
N ARG L 141 96.21 30.25 24.69
CA ARG L 141 96.87 31.46 25.17
C ARG L 141 96.54 31.78 26.63
N LEU L 142 95.65 31.01 27.27
CA LEU L 142 95.55 31.08 28.72
C LEU L 142 96.78 30.49 29.38
N GLN L 143 97.36 29.45 28.76
CA GLN L 143 98.62 28.90 29.26
C GLN L 143 99.79 29.81 28.92
N SER L 144 99.67 30.61 27.86
CA SER L 144 100.69 31.61 27.57
C SER L 144 100.62 32.77 28.56
N LEU L 145 99.41 33.15 28.97
CA LEU L 145 99.26 34.07 30.09
C LEU L 145 99.65 33.44 31.41
N LEU L 146 99.56 32.11 31.51
CA LEU L 146 100.12 31.41 32.65
C LEU L 146 101.65 31.44 32.62
N ASN L 147 102.23 31.44 31.41
CA ASN L 147 103.68 31.56 31.28
C ASN L 147 104.14 33.00 31.42
N SER L 148 103.54 33.92 30.64
CA SER L 148 103.91 35.33 30.68
C SER L 148 103.10 36.01 31.79
N GLU L 149 103.64 35.96 33.00
CA GLU L 149 102.99 36.59 34.15
C GLU L 149 103.33 38.06 34.29
N GLU L 150 104.47 38.51 33.76
CA GLU L 150 104.88 39.90 33.91
C GLU L 150 104.09 40.82 32.98
N SER L 151 103.96 40.44 31.71
CA SER L 151 103.24 41.27 30.76
C SER L 151 101.73 41.21 30.94
N ARG L 152 101.22 40.19 31.65
CA ARG L 152 99.79 40.09 31.89
C ARG L 152 99.34 41.10 32.94
N GLU L 153 100.09 41.22 34.04
CA GLU L 153 99.72 42.12 35.12
C GLU L 153 99.94 43.59 34.74
N LYS L 154 100.79 43.87 33.76
CA LYS L 154 100.95 45.24 33.28
C LYS L 154 99.75 45.68 32.47
N LEU L 155 99.02 44.74 31.87
CA LEU L 155 97.86 45.05 31.05
C LEU L 155 96.56 45.01 31.82
N LEU L 156 96.54 44.39 33.01
CA LEU L 156 95.32 44.37 33.82
C LEU L 156 95.03 45.73 34.44
N ALA L 157 96.07 46.53 34.71
CA ALA L 157 95.86 47.86 35.26
C ALA L 157 95.32 48.84 34.23
N GLU L 158 95.53 48.56 32.94
CA GLU L 158 95.01 49.42 31.88
C GLU L 158 93.50 49.21 31.72
N PRO M 1 -24.82 49.32 36.91
CA PRO M 1 -24.19 48.33 37.77
C PRO M 1 -23.01 48.89 38.54
N THR M 2 -22.72 48.34 39.70
CA THR M 2 -21.64 48.89 40.49
C THR M 2 -20.33 48.17 40.17
N PRO M 3 -19.21 48.88 40.14
CA PRO M 3 -17.94 48.24 39.83
C PRO M 3 -17.48 47.32 40.93
N CYS M 4 -16.76 46.29 40.55
CA CYS M 4 -16.25 45.28 41.44
C CYS M 4 -14.82 45.61 41.82
N TYR M 5 -14.14 44.68 42.49
CA TYR M 5 -12.75 44.88 42.89
C TYR M 5 -12.01 43.56 42.81
N ILE M 6 -10.80 43.58 42.31
CA ILE M 6 -10.00 42.36 42.14
C ILE M 6 -8.66 42.54 42.80
N SER M 7 -8.27 41.57 43.62
CA SER M 7 -6.96 41.55 44.24
C SER M 7 -6.18 40.34 43.75
N ILE M 8 -5.14 40.57 42.97
CA ILE M 8 -4.36 39.51 42.35
C ILE M 8 -3.08 39.31 43.15
N GLU M 9 -2.75 38.07 43.46
CA GLU M 9 -1.47 37.76 44.08
C GLU M 9 -0.72 36.74 43.23
N GLY M 10 0.48 37.09 42.79
CA GLY M 10 1.24 36.26 41.89
C GLY M 10 2.07 35.22 42.62
N GLN M 11 2.72 34.35 41.83
CA GLN M 11 3.69 33.43 42.40
C GLN M 11 4.93 34.17 42.85
N THR M 12 5.61 34.84 41.94
CA THR M 12 6.88 35.49 42.25
C THR M 12 6.75 36.99 42.46
N GLN M 13 5.71 37.62 41.96
CA GLN M 13 5.59 39.07 42.02
C GLN M 13 4.77 39.55 43.20
N GLY M 14 4.56 38.69 44.18
CA GLY M 14 3.90 39.11 45.41
C GLY M 14 2.46 39.48 45.16
N LEU M 15 1.99 40.49 45.87
CA LEU M 15 0.66 41.04 45.64
C LEU M 15 0.78 41.99 44.47
N ILE M 16 0.19 41.62 43.33
CA ILE M 16 0.35 42.40 42.11
C ILE M 16 -0.40 43.72 42.22
N THR M 17 -1.63 43.68 42.70
CA THR M 17 -2.39 44.91 42.73
C THR M 17 -2.15 45.73 43.98
N ALA M 18 -1.04 45.55 44.68
CA ALA M 18 -0.76 46.34 45.88
C ALA M 18 -0.41 47.75 45.47
N GLY M 19 -1.37 48.65 45.57
CA GLY M 19 -1.16 50.00 45.13
C GLY M 19 -1.81 50.36 43.81
N ALA M 20 -2.69 49.53 43.30
CA ALA M 20 -3.31 49.81 42.02
C ALA M 20 -4.52 50.72 42.12
N CYS M 21 -4.80 51.25 43.31
CA CYS M 21 -5.73 52.35 43.51
C CYS M 21 -5.14 53.38 44.44
N THR M 22 -3.93 53.82 44.14
CA THR M 22 -3.37 54.98 44.79
C THR M 22 -3.54 56.20 43.90
N ALA M 23 -2.98 57.32 44.31
CA ALA M 23 -3.02 58.52 43.49
C ALA M 23 -2.03 58.46 42.36
N ASP M 24 -1.04 57.57 42.43
CA ASP M 24 -0.10 57.44 41.34
C ASP M 24 -0.63 56.56 40.22
N SER M 25 -1.50 55.62 40.53
CA SER M 25 -2.01 54.72 39.51
C SER M 25 -3.04 55.41 38.62
N ILE M 26 -4.14 55.85 39.21
CA ILE M 26 -5.29 56.30 38.43
C ILE M 26 -5.69 57.73 38.75
N GLY M 27 -4.77 58.54 39.24
CA GLY M 27 -5.06 59.94 39.44
C GLY M 27 -5.96 60.22 40.61
N ASP M 28 -7.10 60.85 40.37
CA ASP M 28 -8.02 61.23 41.43
C ASP M 28 -9.21 60.30 41.56
N SER M 29 -9.24 59.21 40.79
CA SER M 29 -10.34 58.26 40.89
C SER M 29 -9.99 57.08 41.76
N PHE M 30 -9.07 57.24 42.70
CA PHE M 30 -8.78 56.14 43.57
C PHE M 30 -9.69 56.20 44.78
N VAL M 31 -9.82 55.06 45.46
CA VAL M 31 -10.74 54.91 46.56
C VAL M 31 -9.94 54.51 47.79
N GLU M 32 -10.15 55.20 48.90
CA GLU M 32 -9.53 54.81 50.15
C GLU M 32 -10.12 53.50 50.65
N GLY M 33 -9.29 52.70 51.29
CA GLY M 33 -9.69 51.40 51.77
C GLY M 33 -9.56 50.28 50.76
N HIS M 34 -9.47 50.59 49.48
CA HIS M 34 -9.28 49.62 48.43
C HIS M 34 -7.94 49.82 47.78
N GLU M 35 -6.93 50.04 48.61
CA GLU M 35 -5.60 50.36 48.11
C GLU M 35 -4.92 49.19 47.44
N ASP M 36 -5.39 47.97 47.67
CA ASP M 36 -4.74 46.80 47.12
C ASP M 36 -5.56 46.14 46.02
N GLU M 37 -6.59 46.81 45.53
CA GLU M 37 -7.58 46.17 44.68
C GLU M 37 -7.85 47.06 43.48
N MET M 38 -7.75 46.50 42.28
CA MET M 38 -8.08 47.25 41.08
C MET M 38 -9.57 47.52 41.02
N LEU M 39 -9.96 48.41 40.12
CA LEU M 39 -11.36 48.78 39.96
C LEU M 39 -11.84 48.18 38.66
N VAL M 40 -12.72 47.19 38.74
CA VAL M 40 -13.10 46.37 37.60
C VAL M 40 -14.40 46.88 37.02
N GLN M 41 -14.39 47.21 35.73
CA GLN M 41 -15.54 47.83 35.11
C GLN M 41 -16.50 46.79 34.52
N GLN M 42 -16.04 46.00 33.58
CA GLN M 42 -16.87 45.07 32.82
C GLN M 42 -16.47 43.65 33.19
N PHE M 43 -17.35 42.70 32.96
CA PHE M 43 -17.09 41.32 33.35
C PHE M 43 -17.75 40.37 32.37
N ASP M 44 -17.15 39.18 32.20
CA ASP M 44 -17.66 38.15 31.31
C ASP M 44 -16.99 36.82 31.56
N HIS M 45 -17.77 35.73 31.65
CA HIS M 45 -17.20 34.45 32.09
C HIS M 45 -18.14 33.32 31.71
N VAL M 46 -17.63 32.34 30.96
CA VAL M 46 -18.43 31.21 30.47
C VAL M 46 -17.83 29.94 31.05
N VAL M 47 -18.67 28.97 31.40
CA VAL M 47 -18.20 27.65 31.84
C VAL M 47 -19.04 26.63 31.08
N THR M 48 -18.48 26.05 30.03
CA THR M 48 -19.26 25.13 29.22
C THR M 48 -19.11 23.69 29.71
N VAL M 49 -20.05 22.84 29.28
CA VAL M 49 -19.97 21.42 29.48
C VAL M 49 -20.36 20.74 28.16
N PRO M 50 -19.50 19.94 27.57
CA PRO M 50 -19.87 19.28 26.32
C PRO M 50 -20.89 18.18 26.52
N THR M 51 -22.10 18.39 26.03
CA THR M 51 -23.17 17.40 26.11
C THR M 51 -23.40 16.79 24.74
N ASP M 52 -23.74 15.51 24.71
CA ASP M 52 -23.97 14.88 23.42
C ASP M 52 -25.34 15.26 22.86
N PRO M 53 -25.52 15.18 21.55
CA PRO M 53 -26.87 15.32 20.99
C PRO M 53 -27.70 14.09 21.30
N GLN M 54 -28.98 14.18 20.95
CA GLN M 54 -30.02 13.14 21.07
C GLN M 54 -30.06 12.49 22.46
N SER M 55 -29.71 13.25 23.48
CA SER M 55 -29.68 12.80 24.86
C SER M 55 -29.73 14.04 25.73
N GLY M 56 -29.39 13.88 26.99
CA GLY M 56 -29.20 15.04 27.83
C GLY M 56 -27.95 14.93 28.67
N GLN M 57 -27.25 13.82 28.57
CA GLN M 57 -26.18 13.56 29.53
C GLN M 57 -24.93 14.35 29.16
N PRO M 58 -24.15 14.78 30.16
CA PRO M 58 -22.90 15.47 29.88
C PRO M 58 -21.84 14.48 29.37
N SER M 59 -21.46 14.65 28.11
CA SER M 59 -20.47 13.78 27.48
C SER M 59 -19.08 14.37 27.63
N GLY M 60 -18.64 14.48 28.87
CA GLY M 60 -17.33 15.02 29.13
C GLY M 60 -17.31 15.99 30.29
N GLN M 61 -16.13 16.27 30.82
CA GLN M 61 -16.02 17.19 31.94
C GLN M 61 -16.16 18.62 31.45
N ARG M 62 -16.32 19.53 32.40
CA ARG M 62 -16.51 20.94 32.13
C ARG M 62 -15.28 21.55 31.47
N VAL M 63 -15.48 22.65 30.75
CA VAL M 63 -14.43 23.36 30.05
C VAL M 63 -14.54 24.82 30.43
N HIS M 64 -13.54 25.33 31.15
CA HIS M 64 -13.60 26.70 31.66
C HIS M 64 -13.14 27.68 30.60
N LYS M 65 -14.06 28.40 30.02
CA LYS M 65 -13.73 29.56 29.22
C LYS M 65 -13.30 30.69 30.16
N PRO M 66 -12.47 31.63 29.71
CA PRO M 66 -11.79 32.51 30.67
C PRO M 66 -12.66 33.63 31.21
N PHE M 67 -12.27 34.10 32.41
CA PHE M 67 -12.59 35.44 32.91
C PHE M 67 -12.32 36.50 31.86
N LYS M 68 -13.08 37.60 31.91
CA LYS M 68 -12.75 38.79 31.14
C LYS M 68 -13.15 39.99 31.98
N PHE M 69 -12.22 40.54 32.74
CA PHE M 69 -12.50 41.73 33.52
C PHE M 69 -11.71 42.91 32.99
N THR M 70 -12.29 44.10 33.02
CA THR M 70 -11.72 45.28 32.39
C THR M 70 -11.35 46.33 33.41
N VAL M 71 -10.08 46.71 33.45
CA VAL M 71 -9.61 47.79 34.29
C VAL M 71 -8.93 48.83 33.42
N ALA M 72 -8.71 50.01 33.98
CA ALA M 72 -8.01 51.05 33.25
C ALA M 72 -6.51 50.80 33.35
N LEU M 73 -5.72 51.62 32.64
CA LEU M 73 -4.28 51.54 32.77
C LEU M 73 -3.83 52.07 34.12
N ASN M 74 -3.13 51.24 34.87
CA ASN M 74 -2.68 51.63 36.20
C ASN M 74 -1.38 50.91 36.51
N LYS M 75 -1.04 50.87 37.79
CA LYS M 75 0.24 50.34 38.25
C LYS M 75 0.36 48.86 37.99
N ALA M 76 -0.73 48.12 38.15
CA ALA M 76 -0.68 46.68 38.04
C ALA M 76 -0.65 46.16 36.62
N VAL M 77 -0.88 47.00 35.61
CA VAL M 77 -0.90 46.53 34.23
C VAL M 77 0.48 46.15 33.69
N PRO M 78 1.58 46.87 33.96
CA PRO M 78 2.89 46.29 33.61
C PRO M 78 3.24 45.06 34.41
N LEU M 79 2.67 44.89 35.59
CA LEU M 79 2.90 43.66 36.34
C LEU M 79 2.10 42.51 35.77
N LEU M 80 0.94 42.79 35.17
CA LEU M 80 0.17 41.73 34.54
C LEU M 80 0.66 41.39 33.15
N TYR M 81 1.55 42.18 32.57
CA TYR M 81 2.17 41.76 31.33
C TYR M 81 3.46 41.01 31.54
N ASN M 82 3.78 40.63 32.78
CA ASN M 82 4.79 39.61 33.01
C ASN M 82 4.20 38.31 33.50
N ALA M 83 3.04 38.36 34.15
CA ALA M 83 2.32 37.14 34.42
C ALA M 83 1.80 36.54 33.12
N LEU M 84 1.58 37.37 32.12
CA LEU M 84 1.11 36.90 30.82
C LEU M 84 2.26 36.32 30.01
N SER M 85 3.27 37.12 29.71
CA SER M 85 4.28 36.73 28.76
C SER M 85 5.28 35.73 29.31
N SER M 86 5.21 35.37 30.58
CA SER M 86 6.07 34.34 31.12
C SER M 86 5.29 33.18 31.70
N GLY M 87 3.96 33.21 31.63
CA GLY M 87 3.17 32.09 32.09
C GLY M 87 3.15 31.92 33.59
N GLU M 88 3.32 32.99 34.33
CA GLU M 88 3.33 32.90 35.78
C GLU M 88 1.94 32.69 36.31
N LYS M 89 1.77 31.68 37.15
CA LYS M 89 0.48 31.47 37.76
C LYS M 89 0.26 32.52 38.84
N LEU M 90 -0.99 32.77 39.14
CA LEU M 90 -1.37 33.76 40.14
C LEU M 90 -2.03 32.98 41.27
N LYS M 91 -1.56 33.18 42.51
CA LYS M 91 -2.02 32.36 43.61
C LYS M 91 -3.48 32.59 43.93
N THR M 92 -3.95 33.82 43.79
CA THR M 92 -5.36 34.08 44.05
C THR M 92 -5.83 35.30 43.29
N VAL M 93 -7.13 35.34 43.00
CA VAL M 93 -7.80 36.47 42.39
C VAL M 93 -9.16 36.53 43.07
N GLU M 94 -9.40 37.56 43.86
CA GLU M 94 -10.63 37.60 44.63
C GLU M 94 -11.50 38.74 44.10
N LEU M 95 -12.31 38.42 43.11
CA LEU M 95 -13.33 39.36 42.65
C LEU M 95 -14.38 39.55 43.74
N LYS M 96 -14.87 40.76 43.89
CA LYS M 96 -15.89 41.06 44.89
C LYS M 96 -16.97 41.92 44.28
N TRP M 97 -18.15 41.36 44.11
CA TRP M 97 -19.26 42.07 43.50
C TRP M 97 -19.94 42.94 44.53
N TYR M 98 -19.89 44.24 44.35
CA TYR M 98 -20.58 45.11 45.31
C TYR M 98 -22.00 45.39 44.84
N ARG M 99 -22.81 45.81 45.79
CA ARG M 99 -24.13 46.36 45.48
C ARG M 99 -24.54 47.27 46.61
N THR M 100 -25.51 48.12 46.33
CA THR M 100 -25.99 49.08 47.30
C THR M 100 -27.13 48.46 48.08
N SER M 101 -26.95 48.32 49.40
CA SER M 101 -27.93 47.64 50.22
C SER M 101 -29.05 48.60 50.60
N ILE M 102 -29.91 48.16 51.51
CA ILE M 102 -31.08 48.94 51.87
C ILE M 102 -30.69 50.09 52.79
N GLU M 103 -29.79 49.82 53.75
CA GLU M 103 -29.38 50.85 54.70
C GLU M 103 -28.52 51.93 54.07
N GLY M 104 -28.05 51.73 52.85
CA GLY M 104 -27.29 52.74 52.16
C GLY M 104 -25.81 52.52 52.12
N LYS M 105 -25.35 51.29 52.29
CA LYS M 105 -23.94 51.02 52.36
C LYS M 105 -23.57 49.96 51.34
N GLN M 106 -22.41 50.12 50.73
CA GLN M 106 -21.89 49.14 49.81
C GLN M 106 -21.56 47.85 50.56
N GLU M 107 -21.79 46.72 49.91
CA GLU M 107 -21.43 45.44 50.50
C GLU M 107 -21.19 44.43 49.40
N ASN M 108 -20.28 43.50 49.65
CA ASN M 108 -20.09 42.43 48.69
C ASN M 108 -21.13 41.37 48.93
N PHE M 109 -21.98 41.17 47.95
CA PHE M 109 -22.98 40.13 48.07
C PHE M 109 -22.52 38.83 47.43
N PHE M 110 -21.36 38.81 46.79
CA PHE M 110 -20.99 37.71 45.93
C PHE M 110 -19.50 37.84 45.65
N THR M 111 -18.71 36.83 45.99
CA THR M 111 -17.29 36.85 45.68
C THR M 111 -16.92 35.59 44.93
N THR M 112 -16.13 35.73 43.87
CA THR M 112 -15.67 34.59 43.09
C THR M 112 -14.17 34.51 43.26
N LYS M 113 -13.70 33.77 44.25
CA LYS M 113 -12.27 33.59 44.43
C LYS M 113 -11.73 32.66 43.37
N LEU M 114 -10.42 32.42 43.42
CA LEU M 114 -9.76 31.76 42.30
C LEU M 114 -8.43 31.24 42.80
N GLU M 115 -8.10 30.00 42.49
CA GLU M 115 -6.78 29.49 42.79
C GLU M 115 -5.91 29.70 41.57
N ASN M 116 -4.83 28.91 41.43
CA ASN M 116 -3.76 29.09 40.44
C ASN M 116 -4.27 29.39 39.05
N ALA M 117 -3.99 30.60 38.58
CA ALA M 117 -4.72 31.17 37.46
C ALA M 117 -3.76 31.94 36.57
N SER M 118 -3.32 31.34 35.49
CA SER M 118 -2.50 32.08 34.54
C SER M 118 -3.36 33.08 33.79
N ILE M 119 -2.71 33.96 33.06
CA ILE M 119 -3.39 34.93 32.22
C ILE M 119 -3.34 34.46 30.78
N VAL M 120 -4.51 34.34 30.15
CA VAL M 120 -4.54 33.89 28.77
C VAL M 120 -4.19 35.04 27.83
N ASP M 121 -4.95 36.11 27.85
CA ASP M 121 -4.61 37.26 27.03
C ASP M 121 -5.09 38.54 27.68
N ILE M 122 -4.50 39.65 27.23
CA ILE M 122 -4.80 40.98 27.73
C ILE M 122 -5.01 41.88 26.52
N HIS M 123 -6.17 42.50 26.45
CA HIS M 123 -6.59 43.27 25.28
C HIS M 123 -6.62 44.75 25.63
N CYS M 124 -5.46 45.40 25.51
CA CYS M 124 -5.36 46.83 25.79
C CYS M 124 -5.82 47.62 24.58
N GLU M 125 -6.81 48.47 24.77
CA GLU M 125 -7.28 49.33 23.69
C GLU M 125 -7.60 50.71 24.23
N MET M 126 -7.79 51.65 23.31
CA MET M 126 -8.19 53.00 23.65
C MET M 126 -9.16 53.42 22.56
N PRO M 127 -10.31 53.96 22.92
CA PRO M 127 -11.27 54.40 21.90
C PRO M 127 -10.77 55.62 21.15
N HIS M 128 -11.47 55.93 20.07
CA HIS M 128 -11.00 56.95 19.13
C HIS M 128 -11.15 58.34 19.74
N CYS M 129 -10.09 59.13 19.68
CA CYS M 129 -10.08 60.42 20.37
C CYS M 129 -10.93 61.45 19.64
N GLN M 130 -11.10 61.32 18.33
CA GLN M 130 -11.98 62.21 17.58
C GLN M 130 -13.45 61.99 17.90
N ASP M 131 -13.80 60.79 18.34
CA ASP M 131 -15.19 60.38 18.46
C ASP M 131 -15.78 60.94 19.75
N PRO M 132 -16.84 61.74 19.69
CA PRO M 132 -17.41 62.30 20.92
C PRO M 132 -18.34 61.35 21.66
N ALA M 133 -18.75 60.25 21.05
CA ALA M 133 -19.59 59.29 21.76
C ALA M 133 -18.81 58.50 22.79
N LYS M 134 -17.51 58.36 22.61
CA LYS M 134 -16.64 57.62 23.52
C LYS M 134 -15.64 58.55 24.19
N SER M 135 -16.11 59.72 24.62
CA SER M 135 -15.23 60.69 25.25
C SER M 135 -15.05 60.44 26.73
N ASP M 136 -16.03 59.82 27.39
CA ASP M 136 -15.93 59.57 28.82
C ASP M 136 -15.01 58.42 29.15
N PHE M 137 -14.75 57.52 28.21
CA PHE M 137 -13.89 56.38 28.46
C PHE M 137 -12.44 56.84 28.50
N THR M 138 -11.61 56.09 29.22
CA THR M 138 -10.19 56.41 29.27
C THR M 138 -9.36 55.37 28.54
N GLN M 139 -9.36 54.14 29.02
CA GLN M 139 -8.71 53.01 28.38
C GLN M 139 -9.51 51.76 28.73
N ASN M 140 -9.11 50.64 28.14
CA ASN M 140 -9.77 49.37 28.41
C ASN M 140 -8.70 48.30 28.36
N VAL M 141 -8.37 47.73 29.51
CA VAL M 141 -7.40 46.66 29.58
C VAL M 141 -8.15 45.44 30.09
N THR M 142 -8.53 44.56 29.18
CA THR M 142 -9.36 43.40 29.50
C THR M 142 -8.45 42.21 29.73
N VAL M 143 -8.22 41.88 30.99
CA VAL M 143 -7.30 40.81 31.35
C VAL M 143 -8.08 39.52 31.51
N SER M 144 -7.65 38.49 30.81
CA SER M 144 -8.31 37.20 30.93
C SER M 144 -7.61 36.32 31.93
N LEU M 145 -8.30 35.30 32.39
CA LEU M 145 -7.72 34.38 33.38
C LEU M 145 -8.28 33.00 33.12
N SER M 146 -7.46 32.09 32.62
CA SER M 146 -7.77 30.69 32.85
C SER M 146 -7.30 30.36 34.25
N TYR M 147 -7.77 29.24 34.79
CA TYR M 147 -7.68 29.04 36.22
C TYR M 147 -7.85 27.57 36.56
N ARG M 148 -7.18 27.13 37.61
CA ARG M 148 -7.37 25.76 38.07
C ARG M 148 -8.66 25.63 38.86
N LYS M 149 -8.75 26.33 39.98
CA LYS M 149 -9.84 26.18 40.93
C LYS M 149 -10.54 27.49 41.13
N ILE M 150 -11.86 27.48 40.99
CA ILE M 150 -12.68 28.66 41.17
C ILE M 150 -13.72 28.35 42.23
N THR M 151 -14.01 29.31 43.10
CA THR M 151 -15.00 29.15 44.16
C THR M 151 -15.93 30.34 44.17
N TRP M 152 -17.13 30.17 43.64
CA TRP M 152 -18.16 31.17 43.82
C TRP M 152 -18.61 31.17 45.27
N ASP M 153 -19.07 32.31 45.75
CA ASP M 153 -19.44 32.42 47.15
C ASP M 153 -20.41 33.59 47.29
N HIS M 154 -21.67 33.29 47.53
CA HIS M 154 -22.62 34.34 47.84
C HIS M 154 -22.57 34.60 49.33
N VAL M 155 -22.32 35.84 49.72
CA VAL M 155 -22.06 36.15 51.11
C VAL M 155 -23.34 36.35 51.91
N ASN M 156 -24.29 37.12 51.38
CA ASN M 156 -25.50 37.44 52.14
C ASN M 156 -26.47 36.28 52.27
N ALA M 157 -26.27 35.18 51.54
CA ALA M 157 -27.08 34.00 51.72
C ALA M 157 -26.26 32.76 51.99
N GLY M 158 -24.93 32.90 52.08
CA GLY M 158 -24.10 31.83 52.56
C GLY M 158 -23.83 30.68 51.60
N THR M 159 -24.46 30.66 50.43
CA THR M 159 -24.18 29.56 49.50
C THR M 159 -22.80 29.68 48.92
N SER M 160 -22.27 28.55 48.47
CA SER M 160 -20.91 28.53 47.94
C SER M 160 -20.77 27.39 46.96
N GLY M 161 -20.41 27.73 45.73
CA GLY M 161 -20.10 26.70 44.76
C GLY M 161 -18.61 26.55 44.65
N SER M 162 -18.14 25.51 43.98
CA SER M 162 -16.70 25.31 43.85
C SER M 162 -16.46 24.38 42.66
N ASP M 163 -15.41 24.66 41.92
CA ASP M 163 -14.91 23.73 40.93
C ASP M 163 -13.41 23.63 41.08
N ASP M 164 -12.89 22.44 40.82
CA ASP M 164 -11.45 22.25 40.93
C ASP M 164 -11.02 21.14 40.00
N TRP M 165 -9.94 21.39 39.27
CA TRP M 165 -9.33 20.28 38.55
C TRP M 165 -8.54 19.39 39.48
N ARG M 166 -8.02 19.94 40.57
CA ARG M 166 -7.19 19.16 41.48
C ARG M 166 -7.99 18.10 42.20
N LYS M 167 -9.20 18.44 42.63
CA LYS M 167 -10.05 17.53 43.39
C LYS M 167 -11.44 17.49 42.77
N PRO M 168 -11.62 16.73 41.69
CA PRO M 168 -12.97 16.53 41.17
C PRO M 168 -13.73 15.63 42.11
N ILE M 169 -15.06 15.63 41.96
CA ILE M 169 -15.91 15.12 43.02
C ILE M 169 -15.87 13.59 42.95
N GLU M 170 -14.99 13.01 43.77
CA GLU M 170 -14.57 11.61 43.87
C GLU M 170 -14.39 10.83 42.56
N GLY N 1 43.61 -10.63 103.75
CA GLY N 1 43.48 -9.82 102.56
C GLY N 1 43.38 -10.63 101.28
N SER N 2 42.73 -11.79 101.37
CA SER N 2 42.57 -12.64 100.19
C SER N 2 41.55 -12.09 99.21
N LEU N 3 40.63 -11.23 99.66
CA LEU N 3 39.69 -10.60 98.74
C LEU N 3 40.39 -9.57 97.87
N LEU N 4 41.45 -8.93 98.39
CA LEU N 4 42.25 -8.04 97.56
C LEU N 4 43.09 -8.84 96.56
N ASP N 5 43.42 -10.09 96.90
CA ASP N 5 44.15 -10.94 95.97
C ASP N 5 43.29 -11.38 94.79
N GLU N 6 41.98 -11.51 95.00
CA GLU N 6 41.09 -11.87 93.90
C GLU N 6 40.86 -10.70 92.96
N ILE N 7 40.95 -9.47 93.47
CA ILE N 7 40.81 -8.30 92.61
C ILE N 7 42.09 -8.08 91.81
N MET N 8 43.25 -8.27 92.44
CA MET N 8 44.52 -8.12 91.73
C MET N 8 44.78 -9.23 90.73
N ALA N 9 44.26 -10.44 90.99
CA ALA N 9 44.33 -11.50 89.98
C ALA N 9 43.34 -11.26 88.86
N GLN N 10 42.28 -10.50 89.11
CA GLN N 10 41.33 -10.10 88.08
C GLN N 10 41.93 -8.94 87.30
N THR N 11 42.51 -9.25 86.13
CA THR N 11 43.32 -8.28 85.41
C THR N 11 42.52 -7.19 84.71
N ARG N 12 41.17 -7.28 84.71
CA ARG N 12 40.36 -6.24 84.09
C ARG N 12 40.30 -4.98 84.95
N ILE N 13 40.28 -5.11 86.27
CA ILE N 13 40.21 -3.97 87.18
C ILE N 13 41.17 -4.19 88.36
N ALA N 14 42.41 -4.60 88.06
CA ALA N 14 43.33 -4.97 89.13
C ALA N 14 43.90 -3.76 89.89
N PRO N 15 44.63 -2.79 89.25
CA PRO N 15 45.43 -1.87 90.08
C PRO N 15 44.67 -0.69 90.67
N SER N 16 43.44 -0.92 91.16
CA SER N 16 42.63 0.04 91.90
C SER N 16 42.41 1.34 91.13
N GLU N 17 41.78 1.22 89.96
CA GLU N 17 41.58 2.37 89.08
C GLU N 17 40.13 2.81 89.00
N GLU N 18 39.21 1.92 88.62
CA GLU N 18 37.81 2.27 88.48
C GLU N 18 36.96 1.01 88.59
N GLY N 19 35.90 1.07 89.41
CA GLY N 19 35.02 -0.06 89.57
C GLY N 19 35.52 -1.15 90.49
N TYR N 20 36.53 -0.85 91.32
CA TYR N 20 37.05 -1.85 92.23
C TYR N 20 36.28 -1.94 93.53
N ASP N 21 35.49 -0.92 93.87
CA ASP N 21 34.66 -0.98 95.06
C ASP N 21 33.30 -1.61 94.76
N ILE N 22 32.84 -1.54 93.52
CA ILE N 22 31.57 -2.17 93.15
C ILE N 22 31.75 -3.68 93.00
N ALA N 23 32.83 -4.10 92.32
CA ALA N 23 33.09 -5.52 92.13
C ALA N 23 33.50 -6.21 93.43
N LYS N 24 34.07 -5.47 94.39
CA LYS N 24 34.32 -6.04 95.71
C LYS N 24 33.01 -6.32 96.44
N LYS N 25 31.99 -5.49 96.23
CA LYS N 25 30.67 -5.78 96.77
C LYS N 25 29.98 -6.91 96.04
N GLY N 26 30.41 -7.22 94.82
CA GLY N 26 29.82 -8.31 94.05
C GLY N 26 30.29 -9.67 94.50
N VAL N 27 31.57 -9.77 94.85
CA VAL N 27 32.12 -11.05 95.32
C VAL N 27 31.57 -11.38 96.70
N ALA N 28 31.55 -10.40 97.60
CA ALA N 28 31.15 -10.67 98.99
C ALA N 28 29.66 -10.92 99.13
N ALA N 29 28.85 -10.43 98.20
CA ALA N 29 27.41 -10.69 98.27
C ALA N 29 27.06 -12.09 97.80
N PHE N 30 27.81 -12.64 96.84
CA PHE N 30 27.52 -13.96 96.31
C PHE N 30 27.92 -15.07 97.27
N ILE N 31 28.94 -14.83 98.09
CA ILE N 31 29.40 -15.84 99.03
C ILE N 31 28.41 -15.99 100.18
N GLU N 32 27.72 -14.91 100.55
CA GLU N 32 26.78 -14.94 101.66
C GLU N 32 25.53 -15.78 101.33
N ASN N 33 25.18 -15.89 100.06
CA ASN N 33 24.07 -16.72 99.63
C ASN N 33 24.52 -18.05 99.06
N LEU N 34 25.83 -18.29 98.95
CA LEU N 34 26.35 -19.51 98.37
C LEU N 34 26.16 -20.73 99.28
N MET N 35 26.00 -20.51 100.58
CA MET N 35 25.95 -21.61 101.54
C MET N 35 24.63 -22.38 101.50
N GLY N 36 23.63 -21.92 100.75
CA GLY N 36 22.42 -22.70 100.59
C GLY N 36 22.62 -23.92 99.70
N SER N 37 23.57 -23.84 98.76
CA SER N 37 23.90 -24.95 97.88
C SER N 37 25.35 -24.81 97.46
N GLN N 38 26.23 -25.64 98.01
CA GLN N 38 27.65 -25.55 97.72
C GLN N 38 27.95 -26.17 96.36
N HIS N 39 28.59 -25.40 95.49
CA HIS N 39 28.97 -25.87 94.17
C HIS N 39 30.15 -25.04 93.69
N SER N 40 31.05 -25.67 92.92
CA SER N 40 32.29 -25.04 92.47
C SER N 40 32.44 -25.24 90.96
N ALA N 41 31.79 -24.36 90.19
CA ALA N 41 31.92 -24.31 88.73
C ALA N 41 31.37 -22.98 88.24
N GLU N 42 32.19 -22.25 87.49
CA GLU N 42 31.78 -20.93 86.98
C GLU N 42 30.55 -20.96 86.05
N PRO N 43 30.42 -21.85 85.05
CA PRO N 43 29.20 -21.76 84.21
C PRO N 43 27.93 -22.19 84.92
N VAL N 44 28.02 -23.07 85.93
CA VAL N 44 26.87 -23.31 86.78
C VAL N 44 26.63 -22.09 87.67
N ASN N 45 27.71 -21.43 88.11
CA ASN N 45 27.58 -20.19 88.86
C ASN N 45 27.02 -19.06 88.00
N LYS N 46 27.28 -19.08 86.69
CA LYS N 46 26.60 -18.14 85.79
C LYS N 46 25.11 -18.43 85.72
N SER N 47 24.71 -19.69 85.97
CA SER N 47 23.30 -19.98 86.19
C SER N 47 22.91 -19.75 87.64
N LEU N 48 23.82 -19.99 88.59
CA LEU N 48 23.50 -19.76 90.00
C LEU N 48 23.41 -18.28 90.34
N VAL N 49 24.13 -17.41 89.61
CA VAL N 49 23.86 -15.98 89.71
C VAL N 49 22.46 -15.67 89.18
N ASP N 50 22.10 -16.27 88.04
CA ASP N 50 20.76 -16.08 87.49
C ASP N 50 19.69 -16.73 88.35
N GLN N 51 20.01 -17.84 89.05
CA GLN N 51 19.06 -18.40 90.00
C GLN N 51 18.98 -17.59 91.29
N MET N 52 19.94 -16.71 91.54
CA MET N 52 19.82 -15.71 92.60
C MET N 52 19.26 -14.39 92.09
N LEU N 53 18.96 -14.27 90.80
CA LEU N 53 18.26 -13.12 90.27
C LEU N 53 16.78 -13.37 90.05
N VAL N 54 16.40 -14.61 89.72
CA VAL N 54 14.99 -14.96 89.59
C VAL N 54 14.33 -14.97 90.96
N GLU N 55 15.02 -15.53 91.96
CA GLU N 55 14.49 -15.49 93.33
C GLU N 55 14.54 -14.08 93.91
N LEU N 56 15.46 -13.24 93.42
CA LEU N 56 15.49 -11.84 93.84
C LEU N 56 14.32 -11.06 93.23
N ASP N 57 14.00 -11.31 91.97
CA ASP N 57 12.88 -10.64 91.34
C ASP N 57 11.54 -11.08 91.90
N LYS N 58 11.47 -12.28 92.49
CA LYS N 58 10.27 -12.66 93.24
C LYS N 58 10.15 -11.87 94.53
N LYS N 59 11.28 -11.41 95.06
CA LYS N 59 11.24 -10.57 96.26
C LYS N 59 10.95 -9.11 95.93
N ILE N 60 11.40 -8.63 94.77
CA ILE N 60 11.27 -7.21 94.46
C ILE N 60 9.93 -6.92 93.80
N SER N 61 9.55 -7.71 92.79
CA SER N 61 8.33 -7.43 92.06
C SER N 61 7.08 -7.72 92.88
N ALA N 62 7.19 -8.59 93.89
CA ALA N 62 6.08 -8.75 94.82
C ALA N 62 5.95 -7.55 95.74
N GLN N 63 7.04 -6.81 95.95
CA GLN N 63 6.96 -5.56 96.71
C GLN N 63 6.51 -4.41 95.80
N MET N 64 6.96 -4.40 94.55
CA MET N 64 6.54 -3.37 93.62
C MET N 64 5.18 -3.63 92.99
N ASP N 65 4.53 -4.75 93.32
CA ASP N 65 3.10 -4.87 93.11
C ASP N 65 2.32 -4.50 94.36
N GLU N 66 2.99 -3.97 95.37
CA GLU N 66 2.34 -3.50 96.58
C GLU N 66 2.64 -2.04 96.89
N ILE N 67 3.80 -1.54 96.49
CA ILE N 67 4.01 -0.09 96.53
C ILE N 67 3.18 0.58 95.44
N LEU N 68 3.08 -0.06 94.28
CA LEU N 68 2.04 0.30 93.32
C LEU N 68 0.73 -0.32 93.77
N HIS N 69 -0.32 -0.13 92.94
CA HIS N 69 -1.63 -0.77 93.09
C HIS N 69 -2.31 -0.44 94.42
N ASN N 70 -1.98 0.71 94.99
CA ASN N 70 -2.54 1.16 96.25
C ASN N 70 -3.64 2.19 95.98
N SER N 71 -4.62 2.24 96.88
CA SER N 71 -5.78 3.10 96.67
C SER N 71 -5.42 4.58 96.74
N GLN N 72 -4.35 4.93 97.45
CA GLN N 72 -3.86 6.30 97.42
C GLN N 72 -2.99 6.55 96.20
N PHE N 73 -2.23 5.54 95.76
CA PHE N 73 -1.34 5.72 94.62
C PHE N 73 -2.09 5.66 93.30
N GLN N 74 -2.87 4.59 93.09
CA GLN N 74 -3.49 4.34 91.80
C GLN N 74 -4.58 5.36 91.48
N ALA N 75 -5.33 5.81 92.49
CA ALA N 75 -6.34 6.84 92.25
C ALA N 75 -5.68 8.18 91.98
N MET N 76 -4.47 8.40 92.47
CA MET N 76 -3.70 9.58 92.14
C MET N 76 -2.71 9.35 91.01
N GLU N 77 -2.70 8.15 90.43
CA GLU N 77 -1.97 7.94 89.19
C GLU N 77 -2.89 8.02 87.98
N SER N 78 -4.09 7.45 88.09
CA SER N 78 -5.07 7.53 87.00
C SER N 78 -5.58 8.95 86.81
N ALA N 79 -5.69 9.72 87.90
CA ALA N 79 -6.12 11.11 87.80
C ALA N 79 -5.02 12.02 87.26
N TRP N 80 -3.80 11.53 87.11
CA TRP N 80 -2.70 12.36 86.64
C TRP N 80 -2.07 11.85 85.35
N ARG N 81 -1.93 10.53 85.18
CA ARG N 81 -1.49 10.01 83.89
C ARG N 81 -2.60 10.12 82.86
N GLY N 82 -3.85 10.06 83.29
CA GLY N 82 -4.97 10.33 82.41
C GLY N 82 -5.02 11.76 81.92
N LEU N 83 -4.45 12.69 82.67
CA LEU N 83 -4.26 14.04 82.16
C LEU N 83 -3.24 14.07 81.03
N LYS N 84 -2.19 13.24 81.14
CA LYS N 84 -1.18 13.19 80.09
C LYS N 84 -1.75 12.62 78.79
N LEU N 85 -2.73 11.72 78.90
CA LEU N 85 -3.47 11.29 77.72
C LEU N 85 -4.34 12.40 77.16
N PHE N 86 -4.72 13.39 77.97
CA PHE N 86 -5.42 14.54 77.43
C PHE N 86 -4.48 15.62 76.93
N VAL N 87 -3.23 15.62 77.38
CA VAL N 87 -2.27 16.61 76.89
C VAL N 87 -1.59 16.12 75.61
N ASP N 88 -1.30 14.83 75.51
CA ASP N 88 -0.55 14.32 74.36
C ASP N 88 -1.39 14.27 73.10
N ARG N 89 -2.71 14.07 73.21
CA ARG N 89 -3.53 13.94 72.01
C ARG N 89 -3.93 15.28 71.43
N THR N 90 -4.25 16.25 72.29
CA THR N 90 -4.77 17.53 71.83
C THR N 90 -3.65 18.41 71.30
N ASP N 91 -3.83 18.93 70.10
CA ASP N 91 -2.79 19.70 69.43
C ASP N 91 -2.86 21.12 69.95
N PHE N 92 -1.91 21.49 70.82
CA PHE N 92 -1.89 22.82 71.41
C PHE N 92 -1.43 23.88 70.41
N ARG N 93 -0.85 23.49 69.28
CA ARG N 93 -0.55 24.47 68.25
C ARG N 93 -1.80 24.94 67.54
N GLU N 94 -2.87 24.14 67.53
CA GLU N 94 -4.10 24.50 66.83
C GLU N 94 -5.10 25.18 67.77
N ASN N 95 -4.64 26.20 68.50
CA ASN N 95 -5.45 27.08 69.34
C ASN N 95 -6.24 26.30 70.40
N ASN N 96 -5.51 25.68 71.32
CA ASN N 96 -6.12 24.96 72.42
C ASN N 96 -5.33 25.24 73.68
N LYS N 97 -6.05 25.48 74.77
CA LYS N 97 -5.44 25.59 76.09
C LYS N 97 -6.30 24.81 77.08
N VAL N 98 -5.70 24.39 78.18
CA VAL N 98 -6.43 23.63 79.19
C VAL N 98 -5.97 24.07 80.57
N GLU N 99 -6.93 24.45 81.41
CA GLU N 99 -6.65 24.84 82.78
C GLU N 99 -6.81 23.65 83.70
N ILE N 100 -6.01 23.65 84.77
CA ILE N 100 -5.94 22.55 85.72
C ILE N 100 -6.27 23.09 87.10
N LEU N 101 -7.37 22.60 87.68
CA LEU N 101 -7.83 23.07 88.97
C LEU N 101 -7.79 21.92 89.98
N HIS N 102 -7.10 22.15 91.09
CA HIS N 102 -7.04 21.20 92.20
C HIS N 102 -8.23 21.48 93.12
N VAL N 103 -9.26 20.65 93.02
CA VAL N 103 -10.26 20.57 94.07
C VAL N 103 -10.28 19.12 94.55
N THR N 104 -11.05 18.86 95.59
CA THR N 104 -11.50 17.51 95.83
C THR N 104 -13.03 17.50 95.74
N LYS N 105 -13.57 16.30 95.47
CA LYS N 105 -14.98 16.18 95.19
C LYS N 105 -15.85 16.49 96.41
N ASP N 106 -15.34 16.22 97.60
CA ASP N 106 -16.06 16.60 98.81
C ASP N 106 -15.92 18.08 99.13
N GLU N 107 -14.84 18.70 98.66
CA GLU N 107 -14.67 20.13 98.88
C GLU N 107 -15.61 20.94 97.99
N LEU N 108 -15.96 20.40 96.83
CA LEU N 108 -16.64 21.20 95.83
C LEU N 108 -18.10 21.42 96.19
N LEU N 109 -18.76 20.41 96.76
CA LEU N 109 -20.13 20.58 97.21
C LEU N 109 -20.20 21.52 98.42
N GLU N 110 -19.18 21.46 99.28
CA GLU N 110 -19.07 22.41 100.39
C GLU N 110 -18.88 23.83 99.89
N ASP N 111 -18.18 23.99 98.76
CA ASP N 111 -17.98 25.31 98.17
C ASP N 111 -19.26 25.83 97.52
N PHE N 112 -20.15 24.96 97.09
CA PHE N 112 -21.48 25.41 96.69
C PHE N 112 -22.40 25.61 97.88
N GLU N 113 -22.14 24.92 98.98
CA GLU N 113 -22.79 25.23 100.24
C GLU N 113 -22.23 26.50 100.87
N PHE N 114 -21.02 26.89 100.46
CA PHE N 114 -20.35 28.08 100.97
C PHE N 114 -21.11 29.35 100.59
N ALA N 115 -21.41 29.52 99.31
CA ALA N 115 -22.09 30.73 98.87
C ALA N 115 -23.60 30.55 98.90
N PRO N 116 -24.35 31.62 99.20
CA PRO N 116 -25.82 31.50 99.17
C PRO N 116 -26.39 31.36 97.79
N GLU N 117 -25.66 31.76 96.76
CA GLU N 117 -26.10 31.66 95.38
C GLU N 117 -24.94 31.12 94.54
N THR N 118 -25.29 30.35 93.50
CA THR N 118 -24.28 29.79 92.59
C THR N 118 -23.50 30.87 91.85
N ALA N 119 -24.08 32.06 91.71
CA ALA N 119 -23.41 33.21 91.10
C ALA N 119 -22.44 33.92 92.03
N GLN N 120 -22.19 33.37 93.21
CA GLN N 120 -21.14 33.89 94.09
C GLN N 120 -20.22 32.80 94.60
N SER N 121 -20.23 31.63 93.97
CA SER N 121 -19.46 30.49 94.45
C SER N 121 -17.98 30.68 94.14
N GLY N 122 -17.17 29.73 94.62
CA GLY N 122 -15.75 29.75 94.30
C GLY N 122 -15.44 29.07 93.00
N LEU N 123 -16.25 28.09 92.59
CA LEU N 123 -16.07 27.51 91.27
C LEU N 123 -16.60 28.41 90.18
N TYR N 124 -17.60 29.23 90.50
CA TYR N 124 -18.10 30.25 89.58
C TYR N 124 -17.04 31.30 89.28
N LYS N 125 -16.09 31.50 90.18
CA LYS N 125 -15.01 32.43 89.92
C LYS N 125 -14.06 31.90 88.86
N HIS N 126 -13.81 30.59 88.87
CA HIS N 126 -12.83 30.03 87.94
C HIS N 126 -13.43 29.61 86.61
N VAL N 127 -14.73 29.31 86.58
CA VAL N 127 -15.37 28.92 85.33
C VAL N 127 -15.84 30.15 84.57
N TYR N 128 -16.54 31.05 85.25
CA TYR N 128 -17.15 32.19 84.59
C TYR N 128 -16.23 33.41 84.60
N SER N 129 -15.87 33.90 85.78
CA SER N 129 -15.34 35.26 85.88
C SER N 129 -13.86 35.34 85.52
N ALA N 130 -13.07 34.33 85.86
CA ALA N 130 -11.67 34.37 85.48
C ALA N 130 -11.46 34.04 84.01
N GLY N 131 -12.45 33.44 83.38
CA GLY N 131 -12.40 33.07 81.98
C GLY N 131 -13.34 33.91 81.15
N TYR N 132 -14.55 33.37 80.99
CA TYR N 132 -15.57 33.93 80.11
C TYR N 132 -15.99 35.34 80.53
N GLY N 133 -16.28 35.55 81.80
CA GLY N 133 -16.67 36.86 82.25
C GLY N 133 -15.50 37.77 82.54
N GLN N 134 -14.72 38.06 81.51
CA GLN N 134 -13.47 38.80 81.67
C GLN N 134 -13.16 39.48 80.36
N PHE N 135 -12.77 40.75 80.41
CA PHE N 135 -12.39 41.47 79.20
C PHE N 135 -11.09 40.91 78.65
N GLY N 136 -11.17 40.31 77.47
CA GLY N 136 -10.01 39.75 76.81
C GLY N 136 -9.64 38.35 77.23
N GLY N 137 -10.19 37.86 78.34
CA GLY N 137 -9.84 36.53 78.79
C GLY N 137 -10.47 35.45 77.92
N GLU N 138 -9.75 34.35 77.77
CA GLU N 138 -10.24 33.25 76.97
C GLU N 138 -11.37 32.52 77.69
N PRO N 139 -12.47 32.23 77.02
CA PRO N 139 -13.63 31.66 77.70
C PRO N 139 -13.55 30.14 77.75
N VAL N 140 -14.38 29.56 78.61
CA VAL N 140 -14.29 28.14 78.96
C VAL N 140 -15.22 27.33 78.06
N GLY N 141 -14.66 26.34 77.38
CA GLY N 141 -15.44 25.48 76.52
C GLY N 141 -16.19 24.41 77.25
N ALA N 142 -15.50 23.64 78.10
CA ALA N 142 -16.14 22.56 78.83
C ALA N 142 -15.40 22.31 80.13
N ILE N 143 -16.08 21.66 81.07
CA ILE N 143 -15.50 21.32 82.36
C ILE N 143 -15.38 19.81 82.45
N ILE N 144 -14.14 19.32 82.51
CA ILE N 144 -13.89 17.90 82.70
C ILE N 144 -14.04 17.59 84.18
N GLY N 145 -15.01 16.74 84.51
CA GLY N 145 -15.16 16.28 85.87
C GLY N 145 -14.46 14.97 86.09
N ASN N 146 -13.40 14.97 86.89
CA ASN N 146 -12.60 13.76 87.14
C ASN N 146 -13.17 13.03 88.36
N TYR N 147 -14.46 12.74 88.29
CA TYR N 147 -15.24 12.32 89.44
C TYR N 147 -15.84 10.95 89.20
N ALA N 148 -16.43 10.40 90.25
CA ALA N 148 -17.14 9.12 90.18
C ALA N 148 -18.49 9.34 90.88
N PHE N 149 -19.53 9.58 90.10
CA PHE N 149 -20.79 10.03 90.64
C PHE N 149 -21.64 8.86 91.13
N THR N 150 -22.20 9.02 92.30
CA THR N 150 -23.23 8.19 92.90
C THR N 150 -24.59 8.82 92.63
N PRO N 151 -25.68 8.09 92.82
CA PRO N 151 -26.99 8.73 92.72
C PRO N 151 -27.50 9.30 94.03
N SER N 152 -26.62 9.46 95.01
CA SER N 152 -27.03 9.92 96.33
C SER N 152 -27.24 11.43 96.32
N THR N 153 -27.75 11.94 97.43
CA THR N 153 -28.04 13.36 97.63
C THR N 153 -26.79 14.25 97.61
N PRO N 154 -25.61 13.88 98.16
CA PRO N 154 -24.43 14.74 97.94
C PRO N 154 -23.86 14.70 96.53
N ASP N 155 -24.42 13.95 95.60
CA ASP N 155 -24.01 13.99 94.21
C ASP N 155 -25.11 14.39 93.24
N MET N 156 -26.35 14.46 93.69
CA MET N 156 -27.39 15.13 92.92
C MET N 156 -27.56 16.57 93.32
N LYS N 157 -27.04 16.96 94.48
CA LYS N 157 -26.98 18.38 94.84
C LYS N 157 -25.83 19.07 94.13
N LEU N 158 -24.75 18.33 93.86
CA LEU N 158 -23.64 18.90 93.11
C LEU N 158 -24.02 19.15 91.67
N LEU N 159 -24.66 18.17 91.02
CA LEU N 159 -25.02 18.33 89.62
C LEU N 159 -26.14 19.34 89.41
N GLN N 160 -26.98 19.54 90.42
CA GLN N 160 -27.94 20.65 90.34
C GLN N 160 -27.22 21.98 90.38
N TYR N 161 -26.12 22.05 91.11
CA TYR N 161 -25.28 23.25 91.17
C TYR N 161 -24.20 23.26 90.11
N MET N 162 -24.12 22.24 89.26
CA MET N 162 -23.26 22.31 88.09
C MET N 162 -24.04 22.51 86.80
N GLY N 163 -25.32 22.12 86.78
CA GLY N 163 -26.16 22.50 85.66
C GLY N 163 -26.49 23.97 85.66
N ALA N 164 -26.63 24.57 86.85
CA ALA N 164 -26.85 26.01 86.93
C ALA N 164 -25.57 26.77 86.65
N LEU N 165 -24.41 26.21 86.99
CA LEU N 165 -23.16 26.83 86.60
C LEU N 165 -22.90 26.69 85.11
N GLY N 166 -23.27 25.54 84.53
CA GLY N 166 -23.09 25.35 83.11
C GLY N 166 -24.04 26.17 82.25
N ALA N 167 -25.15 26.62 82.83
CA ALA N 167 -26.07 27.47 82.09
C ALA N 167 -25.71 28.94 82.20
N MET N 168 -24.75 29.29 83.05
CA MET N 168 -24.32 30.67 83.13
C MET N 168 -23.09 30.95 82.29
N ALA N 169 -22.12 30.04 82.28
CA ALA N 169 -20.90 30.22 81.51
C ALA N 169 -20.95 29.54 80.16
N HIS N 170 -22.07 28.93 79.81
CA HIS N 170 -22.30 28.24 78.54
C HIS N 170 -21.27 27.14 78.28
N ALA N 171 -21.04 26.33 79.29
CA ALA N 171 -20.06 25.27 79.14
C ALA N 171 -20.58 24.01 79.81
N PRO N 172 -20.75 22.91 79.08
CA PRO N 172 -21.28 21.71 79.70
C PRO N 172 -20.24 21.03 80.58
N PHE N 173 -20.72 20.49 81.69
CA PHE N 173 -19.87 19.79 82.65
C PHE N 173 -19.89 18.30 82.34
N ILE N 174 -18.77 17.78 81.85
CA ILE N 174 -18.65 16.38 81.50
C ILE N 174 -17.89 15.64 82.60
N SER N 175 -18.48 14.55 83.09
CA SER N 175 -17.91 13.72 84.14
C SER N 175 -18.40 12.30 83.88
N SER N 176 -18.28 11.43 84.87
CA SER N 176 -18.70 10.05 84.67
C SER N 176 -19.46 9.54 85.89
N VAL N 177 -20.31 8.56 85.64
CA VAL N 177 -20.98 7.83 86.68
C VAL N 177 -20.13 6.62 87.04
N GLY N 178 -20.34 6.11 88.25
CA GLY N 178 -19.57 5.00 88.73
C GLY N 178 -20.27 3.66 88.53
N PRO N 179 -19.61 2.58 88.96
CA PRO N 179 -20.31 1.28 88.99
C PRO N 179 -21.51 1.30 89.91
N GLU N 180 -21.36 1.90 91.08
CA GLU N 180 -22.43 1.96 92.08
C GLU N 180 -23.59 2.85 91.63
N PHE N 181 -23.42 3.63 90.56
CA PHE N 181 -24.53 4.39 90.02
C PHE N 181 -25.58 3.45 89.45
N PHE N 182 -25.15 2.41 88.74
CA PHE N 182 -26.10 1.44 88.21
C PHE N 182 -26.52 0.40 89.24
N GLY N 183 -25.87 0.37 90.41
CA GLY N 183 -26.23 -0.58 91.43
C GLY N 183 -25.70 -1.97 91.20
N ILE N 184 -24.42 -2.07 90.83
CA ILE N 184 -23.79 -3.36 90.57
C ILE N 184 -22.55 -3.62 91.42
N ASP N 185 -21.91 -2.57 91.97
CA ASP N 185 -20.81 -2.64 92.93
C ASP N 185 -19.53 -3.32 92.43
N SER N 186 -19.53 -3.73 91.17
CA SER N 186 -18.41 -4.36 90.48
C SER N 186 -18.76 -4.28 89.01
N PHE N 187 -17.87 -3.75 88.19
CA PHE N 187 -18.36 -3.15 86.95
C PHE N 187 -18.58 -4.15 85.82
N GLU N 188 -17.84 -5.25 85.77
CA GLU N 188 -17.87 -6.13 84.60
C GLU N 188 -19.16 -6.94 84.46
N GLU N 189 -20.15 -6.74 85.34
CA GLU N 189 -21.46 -7.35 85.20
C GLU N 189 -22.48 -6.39 84.63
N LEU N 190 -22.07 -5.46 83.78
CA LEU N 190 -23.01 -4.54 83.16
C LEU N 190 -23.82 -5.14 81.99
N PRO N 191 -23.25 -5.94 81.06
CA PRO N 191 -24.12 -6.55 80.04
C PRO N 191 -25.07 -7.60 80.59
N ASN N 192 -24.88 -8.05 81.83
CA ASN N 192 -25.82 -8.99 82.44
C ASN N 192 -27.14 -8.31 82.78
N ILE N 193 -27.17 -6.97 82.81
CA ILE N 193 -28.41 -6.25 83.05
C ILE N 193 -29.35 -6.45 81.87
N LYS N 194 -30.49 -7.06 82.13
CA LYS N 194 -31.43 -7.41 81.08
C LYS N 194 -32.53 -6.38 80.87
N ASP N 195 -32.68 -5.43 81.79
CA ASP N 195 -33.64 -4.33 81.61
C ASP N 195 -33.11 -3.14 82.38
N LEU N 196 -32.51 -2.20 81.67
CA LEU N 196 -31.94 -1.02 82.29
C LEU N 196 -32.92 0.15 82.33
N LYS N 197 -34.00 0.07 81.57
CA LYS N 197 -35.04 1.09 81.63
C LYS N 197 -35.79 1.05 82.95
N SER N 198 -36.05 -0.15 83.47
CA SER N 198 -36.76 -0.27 84.74
C SER N 198 -35.87 0.03 85.93
N THR N 199 -34.55 -0.04 85.77
CA THR N 199 -33.63 0.29 86.86
C THR N 199 -33.69 1.77 87.17
N PHE N 200 -33.84 2.62 86.15
CA PHE N 200 -33.85 4.06 86.34
C PHE N 200 -35.19 4.60 86.82
N GLU N 201 -36.24 3.78 86.81
CA GLU N 201 -37.56 4.15 87.32
C GLU N 201 -37.80 3.61 88.72
N SER N 202 -36.74 3.56 89.55
CA SER N 202 -36.66 3.17 90.95
C SER N 202 -36.73 4.40 91.86
N PRO N 203 -37.30 4.26 93.07
CA PRO N 203 -37.37 5.41 93.97
C PRO N 203 -36.05 5.82 94.58
N LYS N 204 -34.96 5.10 94.34
CA LYS N 204 -33.64 5.60 94.72
C LYS N 204 -33.21 6.78 93.84
N TYR N 205 -33.76 6.85 92.62
CA TYR N 205 -33.37 7.84 91.62
C TYR N 205 -34.40 8.96 91.51
N THR N 206 -35.01 9.38 92.61
CA THR N 206 -35.95 10.50 92.54
C THR N 206 -35.20 11.81 92.36
N LYS N 207 -34.00 11.91 92.90
CA LYS N 207 -33.13 13.06 92.66
C LYS N 207 -32.35 12.96 91.36
N TRP N 208 -32.54 11.89 90.59
CA TRP N 208 -32.00 11.77 89.24
C TRP N 208 -33.05 12.10 88.18
N ARG N 209 -34.25 11.54 88.31
CA ARG N 209 -35.32 11.82 87.36
C ARG N 209 -35.89 13.22 87.50
N SER N 210 -35.63 13.88 88.63
CA SER N 210 -35.95 15.29 88.74
C SER N 210 -34.82 16.18 88.25
N LEU N 211 -33.59 15.66 88.24
CA LEU N 211 -32.49 16.38 87.62
C LEU N 211 -32.64 16.40 86.11
N ARG N 212 -33.11 15.28 85.53
CA ARG N 212 -33.21 15.16 84.09
C ARG N 212 -34.29 16.07 83.52
N GLU N 213 -35.39 16.24 84.24
CA GLU N 213 -36.46 17.10 83.75
C GLU N 213 -36.11 18.58 83.83
N SER N 214 -35.08 18.95 84.57
CA SER N 214 -34.77 20.35 84.81
C SER N 214 -34.22 21.00 83.55
N GLU N 215 -34.33 22.33 83.51
CA GLU N 215 -33.97 23.08 82.31
C GLU N 215 -32.48 23.23 82.16
N ASP N 216 -31.77 23.47 83.26
CA ASP N 216 -30.33 23.66 83.20
C ASP N 216 -29.55 22.37 83.16
N ALA N 217 -30.21 21.22 83.06
CA ALA N 217 -29.52 19.93 82.89
C ALA N 217 -28.98 19.76 81.50
N ARG N 218 -29.28 20.68 80.58
CA ARG N 218 -28.81 20.64 79.21
C ARG N 218 -27.29 20.72 79.13
N TYR N 219 -26.67 21.33 80.13
CA TYR N 219 -25.22 21.51 80.19
C TYR N 219 -24.56 20.47 81.08
N LEU N 220 -25.06 19.24 81.06
CA LEU N 220 -24.51 18.18 81.88
C LEU N 220 -24.51 16.89 81.07
N GLY N 221 -23.33 16.44 80.66
CA GLY N 221 -23.15 15.12 80.08
C GLY N 221 -22.39 14.26 81.07
N LEU N 222 -22.81 13.00 81.19
CA LEU N 222 -22.12 12.05 82.05
C LEU N 222 -21.67 10.86 81.22
N THR N 223 -20.38 10.58 81.28
CA THR N 223 -19.73 9.79 80.25
C THR N 223 -19.74 8.29 80.58
N ALA N 224 -18.87 7.57 79.90
CA ALA N 224 -18.68 6.16 79.62
C ALA N 224 -18.38 5.28 80.84
N PRO N 225 -18.20 3.96 80.67
CA PRO N 225 -17.66 3.16 81.78
C PRO N 225 -16.35 3.61 82.40
N ARG N 226 -15.21 3.41 81.73
CA ARG N 226 -13.84 3.71 82.13
C ARG N 226 -12.97 3.26 80.97
N PHE N 227 -11.69 3.59 81.03
CA PHE N 227 -10.79 3.14 79.99
C PHE N 227 -9.40 2.95 80.57
N LEU N 228 -8.60 2.13 79.88
CA LEU N 228 -7.29 1.72 80.35
C LEU N 228 -6.25 2.77 80.01
N LEU N 229 -5.26 2.94 80.90
CA LEU N 229 -4.20 3.92 80.72
C LEU N 229 -2.82 3.31 80.54
N ARG N 230 -2.44 2.37 81.40
CA ARG N 230 -1.07 1.86 81.43
C ARG N 230 -1.07 0.38 81.15
N VAL N 231 -0.34 -0.02 80.12
CA VAL N 231 -0.02 -1.43 79.92
C VAL N 231 0.88 -1.91 81.04
N PRO N 232 0.57 -3.02 81.72
CA PRO N 232 1.48 -3.54 82.73
C PRO N 232 2.79 -4.00 82.11
N TYR N 233 3.88 -3.73 82.82
CA TYR N 233 5.22 -3.82 82.26
C TYR N 233 5.64 -5.28 82.08
N ASP N 234 6.71 -5.45 81.29
CA ASP N 234 7.14 -6.78 80.88
C ASP N 234 8.62 -6.69 80.53
N PRO N 235 9.43 -7.69 80.88
CA PRO N 235 10.87 -7.62 80.54
C PRO N 235 11.18 -7.77 79.07
N ILE N 236 10.21 -8.05 78.21
CA ILE N 236 10.42 -8.14 76.77
C ILE N 236 9.70 -7.03 76.02
N GLU N 237 8.43 -6.80 76.35
CA GLU N 237 7.62 -5.84 75.60
C GLU N 237 7.92 -4.40 75.98
N ASN N 238 7.68 -4.04 77.25
CA ASN N 238 7.90 -2.69 77.75
C ASN N 238 8.84 -2.78 78.95
N PRO N 239 10.15 -2.85 78.71
CA PRO N 239 11.09 -3.08 79.81
C PRO N 239 11.36 -1.81 80.60
N VAL N 240 12.05 -1.98 81.71
CA VAL N 240 12.53 -0.88 82.54
C VAL N 240 14.04 -0.94 82.59
N LYS N 241 14.65 0.20 82.92
CA LYS N 241 16.09 0.37 82.81
C LYS N 241 16.80 -0.39 83.94
N SER N 242 17.71 -1.29 83.55
CA SER N 242 18.58 -2.07 84.45
C SER N 242 17.78 -2.93 85.43
N PHE N 243 16.59 -3.39 85.01
CA PHE N 243 15.74 -4.21 85.84
C PHE N 243 14.77 -4.95 84.94
N ASN N 244 14.29 -6.11 85.41
CA ASN N 244 13.27 -6.88 84.72
C ASN N 244 12.03 -6.92 85.60
N TYR N 245 10.96 -6.26 85.16
CA TYR N 245 9.76 -6.07 85.96
C TYR N 245 8.57 -6.69 85.26
N ALA N 246 8.09 -7.81 85.79
CA ALA N 246 6.87 -8.45 85.30
C ALA N 246 5.77 -8.14 86.32
N GLU N 247 4.87 -7.23 85.95
CA GLU N 247 3.80 -6.78 86.84
C GLU N 247 2.73 -7.86 86.89
N ASN N 248 2.72 -8.63 87.97
CA ASN N 248 1.77 -9.74 88.12
C ASN N 248 0.39 -9.19 88.41
N VAL N 249 -0.43 -9.06 87.36
CA VAL N 249 -1.79 -8.58 87.50
C VAL N 249 -2.68 -9.77 87.84
N SER N 250 -3.37 -9.68 88.97
CA SER N 250 -4.19 -10.78 89.47
C SER N 250 -5.53 -10.81 88.76
N ALA N 251 -6.45 -11.64 89.27
CA ALA N 251 -7.78 -11.74 88.68
C ALA N 251 -8.63 -10.51 88.99
N SER N 252 -8.27 -9.73 89.99
CA SER N 252 -8.94 -8.46 90.24
C SER N 252 -8.53 -7.46 89.16
N HIS N 253 -9.51 -6.99 88.39
CA HIS N 253 -9.25 -6.01 87.34
C HIS N 253 -9.26 -4.59 87.86
N GLU N 254 -9.23 -4.39 89.18
CA GLU N 254 -9.06 -3.06 89.73
C GLU N 254 -7.60 -2.64 89.80
N HIS N 255 -6.66 -3.56 89.56
CA HIS N 255 -5.25 -3.24 89.63
C HIS N 255 -4.73 -2.60 88.35
N TYR N 256 -5.42 -2.78 87.23
CA TYR N 256 -5.13 -2.01 86.03
C TYR N 256 -5.38 -0.54 86.29
N LEU N 257 -4.57 0.31 85.68
CA LEU N 257 -4.70 1.75 85.87
C LEU N 257 -5.88 2.24 85.04
N TRP N 258 -7.06 2.15 85.62
CA TRP N 258 -8.27 2.56 84.92
C TRP N 258 -8.48 4.05 85.08
N GLY N 259 -8.51 4.77 83.96
CA GLY N 259 -8.70 6.20 83.97
C GLY N 259 -10.16 6.60 84.03
N ASN N 260 -10.40 7.91 83.93
CA ASN N 260 -11.74 8.47 83.90
C ASN N 260 -12.03 8.96 82.49
N THR N 261 -13.20 8.60 81.96
CA THR N 261 -13.45 8.81 80.53
C THR N 261 -13.88 10.25 80.21
N ALA N 262 -14.04 11.10 81.22
CA ALA N 262 -14.19 12.52 80.95
C ALA N 262 -12.93 13.10 80.33
N PHE N 263 -11.78 12.50 80.62
CA PHE N 263 -10.56 12.76 79.84
C PHE N 263 -10.76 12.37 78.39
N ALA N 264 -11.23 11.14 78.15
CA ALA N 264 -11.26 10.60 76.79
C ALA N 264 -12.39 11.18 75.95
N PHE N 265 -13.48 11.63 76.57
CA PHE N 265 -14.52 12.27 75.78
C PHE N 265 -14.16 13.71 75.43
N ALA N 266 -13.44 14.39 76.30
CA ALA N 266 -12.94 15.71 75.97
C ALA N 266 -11.76 15.66 75.02
N THR N 267 -11.17 14.48 74.79
CA THR N 267 -10.22 14.33 73.71
C THR N 267 -10.91 14.54 72.36
N ARG N 268 -12.15 14.10 72.24
CA ARG N 268 -12.90 14.26 71.01
C ARG N 268 -13.55 15.62 70.87
N LEU N 269 -13.76 16.34 71.98
CA LEU N 269 -14.14 17.75 71.87
C LEU N 269 -13.01 18.58 71.31
N THR N 270 -11.78 18.22 71.60
CA THR N 270 -10.66 19.06 71.22
C THR N 270 -10.06 18.62 69.89
N ASP N 271 -10.01 17.32 69.63
CA ASP N 271 -9.55 16.87 68.32
C ASP N 271 -10.56 17.14 67.21
N SER N 272 -11.81 17.46 67.56
CA SER N 272 -12.71 18.03 66.58
C SER N 272 -12.47 19.52 66.41
N PHE N 273 -12.04 20.21 67.46
CA PHE N 273 -11.78 21.64 67.33
C PHE N 273 -10.45 21.90 66.63
N ALA N 274 -9.49 20.99 66.75
CA ALA N 274 -8.20 21.22 66.12
C ALA N 274 -8.23 21.00 64.62
N LYS N 275 -9.32 20.45 64.09
CA LYS N 275 -9.45 20.18 62.66
C LYS N 275 -10.40 21.13 61.96
N TYR N 276 -11.55 21.43 62.56
CA TYR N 276 -12.58 22.21 61.91
C TYR N 276 -12.90 23.52 62.61
N ARG N 277 -12.27 23.80 63.76
CA ARG N 277 -12.50 24.97 64.60
C ARG N 277 -13.95 25.09 65.07
N TRP N 278 -14.63 23.95 65.20
CA TRP N 278 -15.92 23.84 65.83
C TRP N 278 -15.96 22.51 66.54
N CYS N 279 -17.09 22.19 67.16
CA CYS N 279 -17.29 20.88 67.77
C CYS N 279 -18.75 20.42 67.72
N PRO N 280 -19.25 20.01 66.56
CA PRO N 280 -20.35 19.05 66.58
C PRO N 280 -19.88 17.62 66.31
N ASN N 281 -18.61 17.46 65.96
CA ASN N 281 -18.10 16.20 65.44
C ASN N 281 -17.53 15.36 66.58
N ILE N 282 -18.42 14.72 67.33
CA ILE N 282 -18.00 13.91 68.47
C ILE N 282 -18.69 12.55 68.52
N ILE N 283 -19.51 12.20 67.53
CA ILE N 283 -20.30 10.99 67.65
C ILE N 283 -20.05 10.00 66.50
N GLY N 284 -18.86 10.02 65.91
CA GLY N 284 -18.60 9.17 64.76
C GLY N 284 -17.44 8.22 64.91
N PRO N 285 -17.70 6.92 64.69
CA PRO N 285 -16.59 5.96 64.61
C PRO N 285 -15.68 6.19 63.42
N GLN N 286 -16.18 6.82 62.36
CA GLN N 286 -15.35 7.33 61.29
C GLN N 286 -15.53 8.82 61.09
N SER N 287 -16.10 9.52 62.08
CA SER N 287 -16.42 10.92 61.91
C SER N 287 -16.13 11.74 63.16
N GLY N 288 -15.18 11.31 63.97
CA GLY N 288 -14.70 12.11 65.07
C GLY N 288 -15.18 11.74 66.45
N GLY N 289 -15.64 10.52 66.67
CA GLY N 289 -15.97 10.08 68.01
C GLY N 289 -15.24 8.80 68.34
N ALA N 290 -14.14 8.56 67.63
CA ALA N 290 -13.40 7.31 67.75
C ALA N 290 -12.17 7.54 68.63
N VAL N 291 -12.24 7.05 69.88
CA VAL N 291 -11.10 7.10 70.78
C VAL N 291 -10.14 6.02 70.33
N GLU N 292 -9.09 6.41 69.60
CA GLU N 292 -8.12 5.46 69.08
C GLU N 292 -6.93 5.34 70.00
N ASP N 293 -6.08 4.36 69.69
CA ASP N 293 -4.80 4.09 70.37
C ASP N 293 -5.02 3.81 71.85
N LEU N 294 -5.92 2.90 72.14
CA LEU N 294 -6.09 2.47 73.52
C LEU N 294 -5.01 1.47 73.89
N PRO N 295 -4.66 1.39 75.17
CA PRO N 295 -3.75 0.34 75.62
C PRO N 295 -4.43 -1.02 75.62
N VAL N 296 -3.71 -2.03 75.16
CA VAL N 296 -4.19 -3.40 75.19
C VAL N 296 -3.18 -4.24 75.97
N HIS N 297 -3.68 -5.35 76.52
CA HIS N 297 -2.86 -6.24 77.33
C HIS N 297 -3.23 -7.67 76.95
N VAL N 298 -2.43 -8.27 76.07
CA VAL N 298 -2.66 -9.64 75.62
C VAL N 298 -2.16 -10.57 76.71
N PHE N 299 -3.08 -11.29 77.34
CA PHE N 299 -2.73 -12.27 78.36
C PHE N 299 -3.33 -13.62 77.99
N GLU N 300 -2.96 -14.64 78.77
CA GLU N 300 -3.41 -16.00 78.51
C GLU N 300 -4.70 -16.24 79.28
N SER N 301 -5.75 -16.60 78.55
CA SER N 301 -7.02 -16.98 79.14
C SER N 301 -7.02 -18.47 79.45
N MET N 302 -8.19 -19.04 79.69
CA MET N 302 -8.34 -20.48 79.95
C MET N 302 -8.16 -21.25 78.64
N GLY N 303 -6.91 -21.34 78.20
CA GLY N 303 -6.56 -22.06 77.00
C GLY N 303 -6.19 -21.18 75.82
N ALA N 304 -6.94 -20.11 75.61
CA ALA N 304 -6.78 -19.27 74.44
C ALA N 304 -5.90 -18.06 74.76
N LEU N 305 -5.61 -17.29 73.71
CA LEU N 305 -4.83 -16.06 73.83
C LEU N 305 -5.77 -14.90 73.49
N GLN N 306 -6.26 -14.22 74.52
CA GLN N 306 -7.18 -13.11 74.33
C GLN N 306 -6.52 -11.81 74.76
N SER N 307 -7.26 -10.72 74.62
CA SER N 307 -6.80 -9.40 75.01
C SER N 307 -7.72 -8.84 76.08
N LYS N 308 -7.13 -8.13 77.04
CA LYS N 308 -7.93 -7.41 78.03
C LYS N 308 -8.66 -6.26 77.36
N ILE N 309 -9.96 -6.16 77.61
CA ILE N 309 -10.77 -5.13 76.95
C ILE N 309 -10.43 -3.75 77.53
N PRO N 310 -10.08 -2.78 76.70
CA PRO N 310 -9.63 -1.48 77.23
C PRO N 310 -10.73 -0.67 77.90
N THR N 311 -11.99 -0.89 77.57
CA THR N 311 -13.09 -0.47 78.42
C THR N 311 -13.59 -1.70 79.15
N GLU N 312 -14.06 -1.51 80.39
CA GLU N 312 -14.23 -2.65 81.28
C GLU N 312 -15.39 -3.55 80.92
N VAL N 313 -16.32 -3.09 80.08
CA VAL N 313 -17.38 -3.94 79.56
C VAL N 313 -17.41 -3.77 78.05
N LEU N 314 -17.98 -4.78 77.39
CA LEU N 314 -18.28 -4.70 75.97
C LEU N 314 -19.73 -4.24 75.85
N ILE N 315 -19.91 -2.96 75.56
CA ILE N 315 -21.24 -2.39 75.44
C ILE N 315 -21.84 -2.83 74.11
N THR N 316 -22.98 -3.51 74.17
CA THR N 316 -23.65 -3.92 72.94
C THR N 316 -24.34 -2.72 72.31
N ASP N 317 -24.94 -2.95 71.15
CA ASP N 317 -25.62 -1.85 70.49
C ASP N 317 -26.98 -1.55 71.11
N ARG N 318 -27.65 -2.57 71.66
CA ARG N 318 -28.91 -2.33 72.35
C ARG N 318 -28.69 -1.69 73.70
N LYS N 319 -27.62 -2.09 74.39
CA LYS N 319 -27.30 -1.48 75.67
C LYS N 319 -26.88 -0.02 75.50
N GLU N 320 -26.21 0.29 74.40
CA GLU N 320 -25.79 1.68 74.16
C GLU N 320 -26.97 2.54 73.75
N PHE N 321 -27.90 1.97 72.97
CA PHE N 321 -29.10 2.72 72.62
C PHE N 321 -29.99 2.92 73.83
N GLU N 322 -29.99 2.00 74.78
CA GLU N 322 -30.77 2.19 75.99
C GLU N 322 -30.09 3.19 76.92
N LEU N 323 -28.76 3.28 76.88
CA LEU N 323 -28.07 4.35 77.56
C LEU N 323 -28.25 5.69 76.85
N ALA N 324 -28.44 5.66 75.53
CA ALA N 324 -28.61 6.91 74.79
C ALA N 324 -29.95 7.55 75.09
N GLU N 325 -30.99 6.73 75.26
CA GLU N 325 -32.30 7.26 75.60
C GLU N 325 -32.34 7.76 77.05
N GLU N 326 -31.55 7.16 77.92
CA GLU N 326 -31.53 7.52 79.33
C GLU N 326 -30.43 8.52 79.68
N GLY N 327 -29.85 9.18 78.68
CA GLY N 327 -28.94 10.27 78.93
C GLY N 327 -27.55 9.86 79.39
N PHE N 328 -26.83 9.14 78.55
CA PHE N 328 -25.47 8.73 78.87
C PHE N 328 -24.63 8.72 77.60
N ILE N 329 -23.37 9.09 77.74
CA ILE N 329 -22.43 9.10 76.63
C ILE N 329 -21.60 7.83 76.78
N ALA N 330 -22.05 6.74 76.19
CA ALA N 330 -21.38 5.47 76.34
C ALA N 330 -20.29 5.29 75.29
N LEU N 331 -19.32 4.45 75.61
CA LEU N 331 -18.17 4.19 74.74
C LEU N 331 -18.13 2.70 74.43
N THR N 332 -18.67 2.31 73.28
CA THR N 332 -18.52 0.95 72.82
C THR N 332 -17.11 0.73 72.32
N MET N 333 -16.58 -0.45 72.58
CA MET N 333 -15.20 -0.77 72.27
C MET N 333 -15.17 -1.69 71.05
N ARG N 334 -14.24 -1.43 70.14
CA ARG N 334 -14.11 -2.25 68.93
C ARG N 334 -13.48 -3.57 69.31
N LYS N 335 -14.33 -4.59 69.48
CA LYS N 335 -13.93 -5.86 70.10
C LYS N 335 -12.87 -6.58 69.28
N GLY N 336 -11.66 -6.64 69.83
CA GLY N 336 -10.55 -7.29 69.18
C GLY N 336 -9.45 -6.37 68.75
N SER N 337 -9.51 -5.07 69.09
CA SER N 337 -8.48 -4.14 68.69
C SER N 337 -8.36 -3.07 69.77
N ASP N 338 -7.64 -2.00 69.44
CA ASP N 338 -7.33 -0.93 70.38
C ASP N 338 -8.09 0.34 70.04
N ASN N 339 -9.33 0.22 69.59
CA ASN N 339 -10.13 1.36 69.22
C ASN N 339 -11.46 1.31 69.96
N ALA N 340 -12.13 2.45 69.98
CA ALA N 340 -13.46 2.54 70.58
C ALA N 340 -14.22 3.60 69.81
N ALA N 341 -15.45 3.86 70.23
CA ALA N 341 -16.28 4.80 69.49
C ALA N 341 -17.39 5.32 70.38
N PHE N 342 -17.70 6.60 70.23
CA PHE N 342 -18.94 7.15 70.72
C PHE N 342 -19.97 7.13 69.60
N PHE N 343 -21.23 7.06 69.97
CA PHE N 343 -22.30 7.04 68.99
C PHE N 343 -23.34 8.12 69.19
N SER N 344 -23.51 8.61 70.40
CA SER N 344 -24.52 9.63 70.69
C SER N 344 -24.09 10.35 71.95
N ALA N 345 -23.97 11.67 71.86
CA ALA N 345 -23.45 12.46 72.98
C ALA N 345 -24.57 13.13 73.76
N ASN N 346 -25.71 12.44 73.91
CA ASN N 346 -26.89 13.04 74.53
C ASN N 346 -26.66 13.44 75.97
N SER N 347 -27.04 14.67 76.30
CA SER N 347 -26.98 15.12 77.67
C SER N 347 -28.12 14.49 78.47
N ILE N 348 -28.10 14.70 79.78
CA ILE N 348 -29.05 14.02 80.66
C ILE N 348 -30.46 14.58 80.59
N GLN N 349 -30.70 15.62 79.79
CA GLN N 349 -32.01 16.24 79.76
C GLN N 349 -32.99 15.35 79.02
N LYS N 350 -34.25 15.35 79.48
CA LYS N 350 -35.23 14.50 78.83
C LYS N 350 -36.04 15.30 77.81
N PRO N 351 -36.32 14.71 76.65
CA PRO N 351 -37.20 15.39 75.69
C PRO N 351 -38.61 15.45 76.21
N LYS N 352 -39.08 16.65 76.53
CA LYS N 352 -40.38 16.79 77.17
C LYS N 352 -41.49 16.56 76.15
N VAL N 353 -42.44 15.71 76.51
CA VAL N 353 -43.54 15.42 75.61
C VAL N 353 -44.51 16.59 75.61
N PHE N 354 -44.68 17.18 74.49
CA PHE N 354 -45.58 18.30 74.24
C PHE N 354 -46.88 17.80 73.65
N PRO N 355 -48.00 18.50 73.86
CA PRO N 355 -49.29 17.99 73.38
C PRO N 355 -49.40 18.01 71.86
N ASN N 356 -50.35 17.24 71.36
CA ASN N 356 -50.43 16.94 69.93
C ASN N 356 -51.13 18.05 69.12
N THR N 357 -50.65 19.28 69.27
CA THR N 357 -51.12 20.36 68.42
C THR N 357 -50.20 20.49 67.22
N LYS N 358 -50.41 21.55 66.43
CA LYS N 358 -49.49 21.83 65.33
C LYS N 358 -48.17 22.37 65.86
N GLU N 359 -48.23 23.29 66.83
CA GLU N 359 -47.02 23.81 67.44
C GLU N 359 -46.40 22.84 68.43
N GLY N 360 -47.20 22.01 69.08
CA GLY N 360 -46.68 21.08 70.05
C GLY N 360 -45.89 19.95 69.43
N LYS N 361 -46.38 19.43 68.30
CA LYS N 361 -45.62 18.45 67.55
C LYS N 361 -44.40 19.07 66.90
N GLU N 362 -44.41 20.37 66.67
CA GLU N 362 -43.24 21.06 66.16
C GLU N 362 -42.23 21.33 67.26
N ALA N 363 -42.68 21.94 68.37
CA ALA N 363 -41.76 22.33 69.43
C ALA N 363 -41.18 21.14 70.18
N GLU N 364 -41.80 19.97 70.08
CA GLU N 364 -41.19 18.76 70.63
C GLU N 364 -39.93 18.40 69.87
N THR N 365 -39.95 18.55 68.54
CA THR N 365 -38.75 18.32 67.76
C THR N 365 -37.78 19.47 67.92
N ASN N 366 -38.28 20.65 68.28
CA ASN N 366 -37.40 21.78 68.56
C ASN N 366 -36.69 21.61 69.89
N TYR N 367 -37.42 21.19 70.92
CA TYR N 367 -36.81 20.97 72.22
C TYR N 367 -35.92 19.75 72.25
N LYS N 368 -36.13 18.80 71.33
CA LYS N 368 -35.27 17.63 71.25
C LYS N 368 -33.87 17.99 70.79
N LEU N 369 -33.74 19.01 69.95
CA LEU N 369 -32.42 19.39 69.47
C LEU N 369 -31.59 20.06 70.55
N GLY N 370 -32.23 20.57 71.61
CA GLY N 370 -31.46 21.18 72.67
C GLY N 370 -30.69 20.18 73.50
N THR N 371 -31.25 18.99 73.69
CA THR N 371 -30.69 18.05 74.65
C THR N 371 -29.50 17.28 74.13
N GLN N 372 -29.21 17.32 72.83
CA GLN N 372 -28.40 16.26 72.25
C GLN N 372 -26.91 16.48 72.45
N LEU N 373 -26.46 17.72 72.57
CA LEU N 373 -25.08 18.13 72.86
C LEU N 373 -24.04 17.66 71.84
N PRO N 374 -24.31 17.75 70.53
CA PRO N 374 -23.24 18.38 69.77
C PRO N 374 -23.70 19.76 69.37
N TYR N 375 -25.02 19.96 69.46
CA TYR N 375 -25.63 21.19 69.01
C TYR N 375 -25.53 22.29 70.04
N MET N 376 -25.38 21.95 71.32
CA MET N 376 -25.03 22.98 72.28
C MET N 376 -23.65 23.54 71.99
N MET N 377 -22.74 22.71 71.53
CA MET N 377 -21.37 23.19 71.37
C MET N 377 -21.21 24.03 70.11
N ILE N 378 -22.20 24.04 69.21
CA ILE N 378 -22.16 25.02 68.13
C ILE N 378 -22.93 26.29 68.47
N ILE N 379 -23.56 26.35 69.64
CA ILE N 379 -24.12 27.62 70.12
C ILE N 379 -23.50 28.08 71.42
N ASN N 380 -22.78 27.22 72.13
CA ASN N 380 -21.92 27.73 73.18
C ASN N 380 -20.81 28.58 72.58
N ARG N 381 -20.29 28.19 71.42
CA ARG N 381 -19.37 29.05 70.69
C ARG N 381 -20.08 30.28 70.16
N LEU N 382 -21.38 30.19 69.88
CA LEU N 382 -22.14 31.39 69.59
C LEU N 382 -22.64 32.09 70.84
N ALA N 383 -22.11 31.73 72.00
CA ALA N 383 -22.20 32.57 73.17
C ALA N 383 -20.82 33.04 73.62
N HIS N 384 -19.77 32.38 73.15
CA HIS N 384 -18.45 32.85 73.54
C HIS N 384 -17.88 33.83 72.53
N TYR N 385 -18.12 33.62 71.23
CA TYR N 385 -17.71 34.63 70.26
C TYR N 385 -18.49 35.91 70.43
N VAL N 386 -19.80 35.81 70.65
CA VAL N 386 -20.62 36.99 70.54
C VAL N 386 -20.53 37.83 71.81
N LYS N 387 -20.20 37.18 72.93
CA LYS N 387 -19.87 37.91 74.15
C LYS N 387 -18.58 38.69 73.99
N VAL N 388 -17.58 38.10 73.34
CA VAL N 388 -16.31 38.78 73.13
C VAL N 388 -16.44 39.85 72.07
N LEU N 389 -17.18 39.57 70.99
CA LEU N 389 -17.21 40.46 69.84
C LEU N 389 -18.01 41.73 70.14
N GLN N 390 -19.08 41.61 70.93
CA GLN N 390 -19.85 42.75 71.36
C GLN N 390 -19.40 43.29 72.70
N ARG N 391 -18.21 42.93 73.16
CA ARG N 391 -17.60 43.59 74.31
C ARG N 391 -16.68 44.71 73.88
N GLU N 392 -15.98 44.52 72.76
CA GLU N 392 -15.13 45.56 72.21
C GLU N 392 -15.94 46.75 71.74
N GLN N 393 -17.20 46.54 71.38
CA GLN N 393 -17.97 47.58 70.73
C GLN N 393 -18.54 48.60 71.68
N ILE N 394 -18.47 48.39 73.00
CA ILE N 394 -19.11 49.28 73.97
C ILE N 394 -18.45 50.65 73.93
N GLY N 395 -19.25 51.68 73.68
CA GLY N 395 -18.72 53.01 73.51
C GLY N 395 -18.62 53.48 72.08
N ALA N 396 -19.06 52.68 71.11
CA ALA N 396 -18.94 53.06 69.73
C ALA N 396 -20.04 54.03 69.33
N TRP N 397 -20.14 54.26 68.03
CA TRP N 397 -21.21 55.07 67.46
C TRP N 397 -21.98 54.17 66.54
N LYS N 398 -23.07 53.58 67.04
CA LYS N 398 -23.72 52.49 66.34
C LYS N 398 -25.19 52.88 66.19
N GLU N 399 -25.96 52.02 65.55
CA GLU N 399 -27.41 52.15 65.48
C GLU N 399 -28.02 50.77 65.59
N ARG N 400 -29.35 50.73 65.64
CA ARG N 400 -30.03 49.45 65.57
C ARG N 400 -29.84 48.81 64.21
N GLN N 401 -29.91 49.61 63.14
CA GLN N 401 -29.60 49.11 61.80
C GLN N 401 -28.14 48.72 61.68
N ASP N 402 -27.25 49.40 62.42
CA ASP N 402 -25.85 49.01 62.42
C ASP N 402 -25.65 47.78 63.30
N LEU N 403 -26.49 47.60 64.31
CA LEU N 403 -26.37 46.39 65.13
C LEU N 403 -26.88 45.17 64.36
N GLU N 404 -27.92 45.33 63.54
CA GLU N 404 -28.39 44.24 62.70
C GLU N 404 -27.36 43.80 61.70
N ARG N 405 -26.53 44.72 61.22
CA ARG N 405 -25.58 44.45 60.15
C ARG N 405 -24.27 43.89 60.64
N GLU N 406 -23.79 44.34 61.80
CA GLU N 406 -22.55 43.79 62.35
C GLU N 406 -22.72 42.36 62.86
N LEU N 407 -23.96 41.88 63.00
CA LEU N 407 -24.21 40.49 63.34
C LEU N 407 -24.60 39.65 62.15
N ASN N 408 -25.38 40.18 61.21
CA ASN N 408 -25.78 39.40 60.05
C ASN N 408 -24.62 39.18 59.09
N SER N 409 -23.78 40.19 58.89
CA SER N 409 -22.59 39.99 58.08
C SER N 409 -21.51 39.22 58.81
N TRP N 410 -21.67 39.02 60.11
CA TRP N 410 -20.73 38.21 60.86
C TRP N 410 -21.08 36.73 60.85
N ILE N 411 -22.32 36.36 61.16
CA ILE N 411 -22.63 34.95 61.29
C ILE N 411 -22.85 34.30 59.94
N LYS N 412 -23.00 35.07 58.87
CA LYS N 412 -23.14 34.46 57.55
C LYS N 412 -21.81 34.10 56.91
N GLN N 413 -20.74 34.00 57.70
CA GLN N 413 -19.59 33.21 57.33
C GLN N 413 -19.59 31.87 58.03
N TYR N 414 -20.57 31.63 58.90
CA TYR N 414 -20.78 30.33 59.53
C TYR N 414 -21.99 29.61 58.97
N VAL N 415 -22.71 30.23 58.06
CA VAL N 415 -23.95 29.71 57.53
C VAL N 415 -23.72 29.28 56.10
N ALA N 416 -24.00 28.01 55.81
CA ALA N 416 -23.96 27.49 54.45
C ALA N 416 -25.35 26.95 54.15
N ASP N 417 -26.25 27.84 53.74
CA ASP N 417 -27.65 27.49 53.51
C ASP N 417 -27.74 26.75 52.19
N GLN N 418 -27.51 25.45 52.26
CA GLN N 418 -27.28 24.65 51.08
C GLN N 418 -27.65 23.22 51.42
N GLU N 419 -28.30 22.54 50.49
CA GLU N 419 -28.87 21.23 50.80
C GLU N 419 -27.79 20.17 50.90
N ASN N 420 -26.81 20.19 50.00
CA ASN N 420 -25.72 19.23 50.02
C ASN N 420 -24.41 19.93 49.70
N PRO N 421 -23.81 20.60 50.67
CA PRO N 421 -22.47 21.14 50.48
C PRO N 421 -21.44 20.03 50.68
N PRO N 422 -20.18 20.24 50.29
CA PRO N 422 -19.16 19.22 50.55
C PRO N 422 -18.90 19.02 52.04
N ALA N 423 -18.13 17.97 52.34
CA ALA N 423 -17.93 17.55 53.71
C ALA N 423 -17.06 18.52 54.51
N ASP N 424 -16.38 19.45 53.85
CA ASP N 424 -15.63 20.47 54.57
C ASP N 424 -16.45 21.72 54.82
N VAL N 425 -17.40 22.03 53.94
CA VAL N 425 -18.24 23.20 54.13
C VAL N 425 -19.25 22.95 55.24
N ARG N 426 -19.59 21.68 55.48
CA ARG N 426 -20.54 21.35 56.54
C ARG N 426 -19.96 21.57 57.92
N SER N 427 -18.67 21.36 58.09
CA SER N 427 -18.08 21.42 59.42
C SER N 427 -17.33 22.71 59.69
N ARG N 428 -16.80 23.38 58.66
CA ARG N 428 -16.31 24.74 58.86
C ARG N 428 -17.46 25.71 59.09
N ARG N 429 -18.61 25.45 58.46
CA ARG N 429 -19.80 26.27 58.62
C ARG N 429 -20.90 25.39 59.18
N PRO N 430 -20.93 25.18 60.51
CA PRO N 430 -21.82 24.17 61.08
C PRO N 430 -23.26 24.58 61.10
N LEU N 431 -23.57 25.86 60.99
CA LEU N 431 -24.95 26.29 60.96
C LEU N 431 -25.51 26.08 59.57
N ARG N 432 -26.82 26.26 59.45
CA ARG N 432 -27.49 26.15 58.17
C ARG N 432 -28.36 27.35 57.86
N ALA N 433 -28.99 27.95 58.86
CA ALA N 433 -29.69 29.21 58.68
C ALA N 433 -29.72 29.94 60.01
N ALA N 434 -29.73 31.27 59.95
CA ALA N 434 -29.66 32.07 61.17
C ALA N 434 -30.49 33.33 60.99
N ARG N 435 -31.40 33.58 61.94
CA ARG N 435 -32.28 34.72 61.92
C ARG N 435 -31.91 35.63 63.07
N ILE N 436 -31.78 36.93 62.79
CA ILE N 436 -31.44 37.92 63.82
C ILE N 436 -32.45 39.04 63.75
N GLU N 437 -33.20 39.22 64.84
CA GLU N 437 -34.26 40.21 64.91
C GLU N 437 -33.95 41.15 66.06
N VAL N 438 -33.36 42.29 65.76
CA VAL N 438 -32.98 43.26 66.78
C VAL N 438 -34.18 44.15 67.08
N MET N 439 -34.53 44.26 68.36
CA MET N 439 -35.63 45.09 68.83
C MET N 439 -35.05 46.14 69.77
N ASP N 440 -35.92 46.92 70.39
CA ASP N 440 -35.50 47.97 71.31
C ASP N 440 -35.96 47.67 72.72
N VAL N 441 -35.57 48.54 73.65
CA VAL N 441 -36.13 48.56 74.98
C VAL N 441 -36.59 49.99 75.24
N GLU N 442 -37.89 50.17 75.46
CA GLU N 442 -38.43 51.48 75.72
C GLU N 442 -38.21 51.85 77.18
N GLY N 443 -38.35 53.14 77.48
CA GLY N 443 -38.08 53.63 78.82
C GLY N 443 -36.65 54.07 78.98
N ASN N 444 -35.72 53.13 78.85
CA ASN N 444 -34.29 53.42 78.77
C ASN N 444 -33.86 53.12 77.34
N PRO N 445 -33.80 54.12 76.47
CA PRO N 445 -33.57 53.82 75.05
C PRO N 445 -32.12 53.50 74.77
N GLY N 446 -31.91 52.53 73.90
CA GLY N 446 -30.59 52.04 73.56
C GLY N 446 -30.19 50.76 74.29
N TRP N 447 -31.10 49.80 74.30
CA TRP N 447 -30.88 48.50 74.91
C TRP N 447 -31.61 47.51 74.03
N TYR N 448 -30.94 46.46 73.56
CA TYR N 448 -31.32 45.79 72.33
C TYR N 448 -31.59 44.31 72.52
N GLN N 449 -32.86 43.93 72.45
CA GLN N 449 -33.24 42.54 72.66
C GLN N 449 -33.20 41.85 71.30
N VAL N 450 -32.07 41.29 70.92
CA VAL N 450 -31.95 40.68 69.60
C VAL N 450 -32.17 39.20 69.79
N SER N 451 -32.60 38.51 68.74
CA SER N 451 -32.94 37.09 68.86
C SER N 451 -32.22 36.28 67.78
N LEU N 452 -30.99 35.87 68.07
CA LEU N 452 -30.24 35.03 67.16
C LEU N 452 -30.79 33.62 67.16
N SER N 453 -31.28 33.16 66.01
CA SER N 453 -32.00 31.89 65.88
C SER N 453 -31.30 31.01 64.86
N VAL N 454 -30.28 30.28 65.31
CA VAL N 454 -29.48 29.46 64.41
C VAL N 454 -30.15 28.12 64.17
N ARG N 455 -29.63 27.36 63.21
CA ARG N 455 -30.20 26.08 62.85
C ARG N 455 -29.08 25.21 62.31
N PRO N 456 -28.95 23.99 62.76
CA PRO N 456 -27.79 23.18 62.39
C PRO N 456 -28.07 22.23 61.24
N HIS N 457 -27.02 21.53 60.78
CA HIS N 457 -27.22 20.39 59.91
C HIS N 457 -27.51 19.15 60.74
N PHE N 458 -27.92 18.08 60.06
CA PHE N 458 -28.42 16.89 60.72
C PHE N 458 -27.61 15.67 60.31
N LYS N 459 -27.14 14.93 61.31
CA LYS N 459 -26.25 13.78 61.12
C LYS N 459 -27.05 12.51 60.85
N TYR N 460 -26.39 11.36 60.95
CA TYR N 460 -26.86 10.08 60.45
C TYR N 460 -27.07 9.14 61.65
N MET N 461 -28.31 8.72 61.88
CA MET N 461 -28.59 7.86 63.03
C MET N 461 -29.83 7.00 62.78
N GLY N 462 -29.59 5.70 62.56
CA GLY N 462 -30.65 4.72 62.39
C GLY N 462 -31.37 4.66 61.06
N ALA N 463 -31.72 3.46 60.61
CA ALA N 463 -32.49 3.23 59.40
C ALA N 463 -33.25 1.92 59.57
N ASN N 464 -33.76 1.34 58.46
CA ASN N 464 -34.52 0.12 58.66
C ASN N 464 -34.09 -1.07 57.81
N PHE N 465 -33.83 -0.88 56.51
CA PHE N 465 -33.26 -1.91 55.61
C PHE N 465 -34.10 -3.19 55.56
N GLU N 466 -35.35 -3.03 55.10
CA GLU N 466 -36.35 -4.11 55.15
C GLU N 466 -36.23 -5.01 53.92
N LEU N 467 -35.35 -6.01 54.00
CA LEU N 467 -35.02 -6.86 52.87
C LEU N 467 -36.18 -7.76 52.44
N SER N 468 -36.05 -8.28 51.23
CA SER N 468 -37.04 -9.12 50.54
C SER N 468 -36.35 -9.65 49.30
N LEU N 469 -37.01 -10.56 48.59
CA LEU N 469 -36.61 -10.80 47.21
C LEU N 469 -37.78 -10.53 46.28
N VAL N 470 -37.45 -10.05 45.08
CA VAL N 470 -38.44 -9.80 44.05
C VAL N 470 -38.53 -10.96 43.06
N GLY N 471 -37.38 -11.49 42.64
CA GLY N 471 -37.34 -12.64 41.76
C GLY N 471 -37.13 -12.29 40.30
N ARG N 472 -37.78 -11.24 39.81
CA ARG N 472 -37.60 -10.79 38.43
C ARG N 472 -36.81 -9.49 38.34
N LEU N 473 -37.15 -8.50 39.16
CA LEU N 473 -36.47 -7.21 39.11
C LEU N 473 -35.19 -7.24 39.93
N SER O 1 25.53 63.55 69.32
CA SER O 1 24.25 63.36 68.67
C SER O 1 23.88 64.56 67.83
N LYS O 2 24.79 64.97 66.94
CA LYS O 2 24.57 66.10 66.05
C LYS O 2 25.04 65.72 64.66
N GLU O 3 24.16 65.86 63.67
CA GLU O 3 24.55 65.66 62.28
C GLU O 3 25.49 66.79 61.85
N GLY O 4 26.59 66.43 61.20
CA GLY O 4 27.46 67.42 60.62
C GLY O 4 26.76 68.08 59.43
N SER O 5 26.55 69.38 59.51
CA SER O 5 25.93 70.14 58.43
C SER O 5 26.82 71.30 58.04
N VAL O 6 26.42 72.00 56.99
CA VAL O 6 27.18 73.13 56.47
C VAL O 6 26.51 74.41 56.91
N ALA O 7 27.15 75.52 56.62
CA ALA O 7 26.52 76.80 56.86
C ALA O 7 25.36 77.00 55.89
N PRO O 8 24.22 77.50 56.36
CA PRO O 8 23.08 77.72 55.46
C PRO O 8 23.33 78.87 54.52
N LYS O 9 22.62 78.85 53.38
CA LYS O 9 22.96 79.72 52.27
C LYS O 9 21.84 79.70 51.22
N GLU O 10 22.05 80.49 50.14
CA GLU O 10 21.15 80.53 48.96
C GLU O 10 21.31 79.27 48.14
N ARG O 11 22.38 78.56 48.36
CA ARG O 11 22.45 77.23 47.83
C ARG O 11 21.68 76.33 48.78
N ILE O 12 21.46 75.12 48.34
CA ILE O 12 20.53 74.23 49.01
C ILE O 12 21.30 73.34 49.96
N ASN O 13 20.74 73.07 51.14
CA ASN O 13 21.53 72.39 52.17
C ASN O 13 20.91 71.05 52.58
N ILE O 14 21.26 70.03 51.82
CA ILE O 14 20.80 68.67 52.05
C ILE O 14 21.46 68.10 53.30
N LYS O 15 20.66 67.55 54.20
CA LYS O 15 21.18 66.82 55.36
C LYS O 15 20.37 65.54 55.53
N TYR O 16 20.94 64.55 56.21
CA TYR O 16 20.30 63.24 56.41
C TYR O 16 20.01 63.03 57.88
N ILE O 17 18.74 63.07 58.26
CA ILE O 17 18.31 62.74 59.61
C ILE O 17 17.11 61.80 59.50
N PRO O 18 17.20 60.56 59.97
CA PRO O 18 16.12 59.59 59.76
C PRO O 18 14.91 59.93 60.61
N ALA O 19 13.74 59.57 60.09
CA ALA O 19 12.49 60.08 60.62
C ALA O 19 11.85 59.09 61.58
N THR O 20 10.84 59.58 62.30
CA THR O 20 10.24 58.85 63.41
C THR O 20 9.45 57.65 62.91
N GLY O 21 8.83 57.76 61.76
CA GLY O 21 8.11 56.63 61.21
C GLY O 21 6.62 56.72 61.48
N ASP O 22 5.84 56.03 60.64
CA ASP O 22 4.39 55.94 60.80
C ASP O 22 4.03 54.47 60.80
N ALA O 23 3.51 54.00 61.94
CA ALA O 23 3.15 52.59 62.09
C ALA O 23 1.73 52.29 61.66
N GLN O 24 0.75 53.04 62.19
CA GLN O 24 -0.68 52.86 61.94
C GLN O 24 -1.11 51.44 62.30
N ALA O 25 -1.07 51.19 63.62
CA ALA O 25 -1.14 49.88 64.29
C ALA O 25 -2.22 48.96 63.73
N GLU O 26 -1.79 47.83 63.18
CA GLU O 26 -2.62 47.02 62.32
C GLU O 26 -3.60 46.19 63.14
N VAL O 27 -4.81 46.01 62.58
CA VAL O 27 -5.83 45.24 63.26
C VAL O 27 -5.51 43.76 63.16
N ALA O 28 -5.86 43.01 64.22
CA ALA O 28 -5.64 41.57 64.25
C ALA O 28 -6.71 40.97 65.15
N GLU O 29 -7.77 40.46 64.54
CA GLU O 29 -8.82 39.78 65.31
C GLU O 29 -8.36 38.37 65.59
N VAL O 30 -7.72 38.20 66.75
CA VAL O 30 -7.37 36.86 67.20
C VAL O 30 -8.63 36.14 67.64
N GLU O 31 -8.62 34.82 67.53
CA GLU O 31 -9.81 34.04 67.82
C GLU O 31 -9.71 33.45 69.22
N LEU O 32 -10.79 32.82 69.65
CA LEU O 32 -10.85 32.25 70.98
C LEU O 32 -10.46 30.79 70.92
N PRO O 33 -9.43 30.37 71.62
CA PRO O 33 -9.13 28.95 71.69
C PRO O 33 -10.13 28.23 72.57
N LEU O 34 -10.37 26.96 72.24
CA LEU O 34 -11.30 26.14 73.00
C LEU O 34 -10.67 25.77 74.32
N LYS O 35 -10.84 26.61 75.34
CA LYS O 35 -10.22 26.35 76.63
C LYS O 35 -11.12 25.47 77.47
N THR O 36 -10.56 24.38 77.98
CA THR O 36 -11.24 23.49 78.89
C THR O 36 -10.62 23.60 80.28
N LEU O 37 -11.41 23.32 81.29
CA LEU O 37 -10.94 23.35 82.66
C LEU O 37 -11.09 21.95 83.23
N VAL O 38 -9.98 21.24 83.34
CA VAL O 38 -10.00 19.90 83.92
C VAL O 38 -10.01 20.05 85.43
N VAL O 39 -11.09 19.62 86.07
CA VAL O 39 -11.25 19.78 87.50
C VAL O 39 -11.30 18.38 88.12
N GLY O 40 -10.71 18.24 89.30
CA GLY O 40 -10.65 16.93 89.93
C GLY O 40 -9.42 16.78 90.79
N ASP O 41 -9.48 15.76 91.65
CA ASP O 41 -8.49 15.50 92.69
C ASP O 41 -7.17 15.09 92.04
N PHE O 42 -6.15 15.95 92.17
CA PHE O 42 -4.89 15.73 91.49
C PHE O 42 -3.73 15.50 92.44
N LYS O 43 -3.94 15.62 93.75
CA LYS O 43 -2.90 15.37 94.74
C LYS O 43 -3.46 14.43 95.81
N GLY O 44 -2.66 14.16 96.82
CA GLY O 44 -3.02 13.12 97.77
C GLY O 44 -3.55 13.60 99.10
N HIS O 45 -4.19 14.77 99.11
CA HIS O 45 -4.73 15.32 100.36
C HIS O 45 -5.86 16.28 100.01
N ALA O 46 -6.26 17.06 101.00
CA ALA O 46 -7.24 18.13 100.83
C ALA O 46 -6.62 19.43 101.33
N GLU O 47 -6.44 20.38 100.43
CA GLU O 47 -5.73 21.62 100.75
C GLU O 47 -6.58 22.51 101.65
N GLN O 48 -5.93 23.15 102.63
CA GLN O 48 -6.66 23.93 103.62
C GLN O 48 -7.09 25.29 103.12
N THR O 49 -6.55 25.78 102.00
CA THR O 49 -7.01 27.07 101.50
C THR O 49 -8.40 26.93 100.86
N PRO O 50 -9.27 27.92 101.02
CA PRO O 50 -10.58 27.86 100.36
C PRO O 50 -10.43 28.00 98.86
N LEU O 51 -11.51 27.68 98.16
CA LEU O 51 -11.44 27.51 96.73
C LEU O 51 -11.21 28.82 95.99
N GLU O 52 -11.76 29.92 96.51
CA GLU O 52 -11.70 31.20 95.81
C GLU O 52 -10.32 31.83 95.81
N GLU O 53 -9.33 31.25 96.48
CA GLU O 53 -7.99 31.82 96.51
C GLU O 53 -6.97 31.00 95.74
N ARG O 54 -7.18 29.70 95.60
CA ARG O 54 -6.24 28.88 94.87
C ARG O 54 -6.37 29.14 93.37
N ALA O 55 -5.35 28.73 92.63
CA ALA O 55 -5.22 29.15 91.24
C ALA O 55 -5.35 27.97 90.29
N THR O 56 -5.56 28.30 89.02
CA THR O 56 -5.58 27.33 87.94
C THR O 56 -4.29 27.47 87.13
N VAL O 57 -3.67 26.33 86.82
CA VAL O 57 -2.40 26.33 86.09
C VAL O 57 -2.66 25.84 84.67
N THR O 58 -1.98 26.46 83.71
CA THR O 58 -2.14 26.14 82.30
C THR O 58 -1.06 25.15 81.88
N VAL O 59 -1.48 24.05 81.27
CA VAL O 59 -0.60 22.93 80.92
C VAL O 59 -0.64 22.73 79.43
N ASP O 60 0.52 22.76 78.79
CA ASP O 60 0.58 22.17 77.45
C ASP O 60 1.68 21.13 77.40
N LYS O 61 2.02 20.65 76.19
CA LYS O 61 2.95 19.53 76.07
C LYS O 61 4.35 19.90 76.52
N ASN O 62 4.73 21.16 76.40
CA ASN O 62 6.07 21.56 76.75
C ASN O 62 6.27 21.79 78.23
N ASN O 63 5.23 22.21 78.95
CA ASN O 63 5.39 22.53 80.36
C ASN O 63 4.75 21.50 81.29
N PHE O 64 4.43 20.30 80.78
CA PHE O 64 3.83 19.31 81.66
C PHE O 64 4.84 18.76 82.65
N GLU O 65 6.12 18.76 82.30
CA GLU O 65 7.14 18.31 83.23
C GLU O 65 7.41 19.31 84.33
N ALA O 66 7.09 20.59 84.10
CA ALA O 66 7.27 21.62 85.12
C ALA O 66 6.05 21.77 86.02
N VAL O 67 4.86 21.49 85.50
CA VAL O 67 3.66 21.51 86.33
C VAL O 67 3.67 20.32 87.28
N MET O 68 4.17 19.18 86.83
CA MET O 68 4.24 18.01 87.70
C MET O 68 5.29 18.17 88.79
N ARG O 69 6.39 18.86 88.49
CA ARG O 69 7.44 19.03 89.48
C ARG O 69 7.04 20.01 90.57
N GLU O 70 6.37 21.10 90.21
CA GLU O 70 5.99 22.12 91.18
C GLU O 70 4.72 21.79 91.95
N SER O 71 4.03 20.71 91.58
CA SER O 71 2.89 20.29 92.37
C SER O 71 3.33 19.67 93.69
N GLU O 72 4.48 18.99 93.68
CA GLU O 72 5.00 18.18 94.79
C GLU O 72 4.00 17.11 95.21
N LEU O 73 3.74 16.18 94.28
CA LEU O 73 2.89 15.04 94.58
C LEU O 73 3.63 14.10 95.51
N LYS O 74 3.41 14.24 96.81
CA LYS O 74 4.08 13.44 97.83
C LYS O 74 3.09 12.40 98.35
N ILE O 75 3.26 11.16 97.93
CA ILE O 75 2.36 10.08 98.29
C ILE O 75 3.01 9.29 99.42
N THR O 76 2.43 9.39 100.62
CA THR O 76 2.91 8.69 101.81
C THR O 76 1.82 7.72 102.26
N ALA O 77 2.09 6.43 102.15
CA ALA O 77 1.12 5.42 102.53
C ALA O 77 1.84 4.22 103.13
N THR O 78 1.08 3.40 103.84
CA THR O 78 1.59 2.18 104.45
C THR O 78 1.14 0.99 103.60
N VAL O 79 2.10 0.27 103.03
CA VAL O 79 1.81 -0.85 102.16
C VAL O 79 2.34 -2.12 102.79
N LYS O 80 2.02 -3.25 102.17
CA LYS O 80 2.37 -4.55 102.72
C LYS O 80 3.83 -4.87 102.48
N ASN O 81 4.46 -5.48 103.48
CA ASN O 81 5.87 -5.86 103.42
C ASN O 81 5.95 -7.29 102.88
N LYS O 82 6.48 -7.42 101.66
CA LYS O 82 6.73 -8.72 101.05
C LYS O 82 8.22 -8.97 100.80
N LEU O 83 9.08 -8.35 101.60
CA LEU O 83 10.51 -8.52 101.49
C LEU O 83 11.07 -9.54 102.48
N THR O 84 10.22 -10.10 103.34
CA THR O 84 10.67 -11.10 104.31
C THR O 84 9.64 -12.23 104.38
N ASP O 85 9.80 -13.13 105.35
CA ASP O 85 8.89 -14.26 105.50
C ASP O 85 7.64 -13.93 106.31
N ASP O 86 7.40 -12.66 106.62
CA ASP O 86 6.25 -12.25 107.41
C ASP O 86 5.11 -11.85 106.47
N GLU O 87 3.93 -12.41 106.72
CA GLU O 87 2.72 -12.02 106.01
C GLU O 87 2.06 -10.80 106.64
N ASN O 88 2.12 -10.70 107.98
CA ASN O 88 1.45 -9.62 108.71
C ASN O 88 2.37 -8.43 108.98
N ALA O 89 3.35 -8.19 108.12
CA ALA O 89 4.23 -7.04 108.25
C ALA O 89 3.82 -5.95 107.27
N GLU O 90 4.04 -4.71 107.68
CA GLU O 90 3.73 -3.54 106.86
C GLU O 90 4.95 -2.65 106.76
N LEU O 91 5.00 -1.86 105.69
CA LEU O 91 6.17 -1.01 105.47
C LEU O 91 5.76 0.28 104.78
N PRO O 92 5.76 1.41 105.50
CA PRO O 92 5.43 2.68 104.85
C PRO O 92 6.53 3.14 103.91
N VAL O 93 6.14 3.96 102.93
CA VAL O 93 7.05 4.46 101.91
C VAL O 93 7.02 5.98 101.91
N GLU O 94 7.94 6.57 101.14
CA GLU O 94 8.04 8.01 100.98
C GLU O 94 8.37 8.31 99.54
N LEU O 95 7.46 8.98 98.83
CA LEU O 95 7.56 9.18 97.40
C LEU O 95 7.63 10.67 97.07
N ASN O 96 8.52 11.02 96.15
CA ASN O 96 8.66 12.40 95.67
C ASN O 96 8.71 12.33 94.14
N PHE O 97 7.70 12.89 93.49
CA PHE O 97 7.52 12.77 92.05
C PHE O 97 7.81 14.11 91.39
N LYS O 98 8.74 14.10 90.43
CA LYS O 98 9.10 15.30 89.71
C LYS O 98 9.00 15.17 88.20
N SER O 99 8.88 13.96 87.67
CA SER O 99 8.75 13.75 86.23
C SER O 99 7.81 12.58 86.00
N LEU O 100 7.41 12.40 84.73
CA LEU O 100 6.54 11.28 84.37
C LEU O 100 7.25 9.93 84.52
N ALA O 101 8.58 9.92 84.43
CA ALA O 101 9.35 8.70 84.68
C ALA O 101 9.45 8.34 86.16
N ASP O 102 8.98 9.19 87.07
CA ASP O 102 8.95 8.85 88.47
C ASP O 102 7.82 7.90 88.83
N PHE O 103 6.85 7.69 87.94
CA PHE O 103 5.87 6.65 88.15
C PHE O 103 6.45 5.26 87.87
N ALA O 104 7.52 5.19 87.09
CA ALA O 104 8.12 3.93 86.70
C ALA O 104 8.83 3.28 87.88
N PRO O 105 8.91 1.94 87.93
CA PRO O 105 9.55 1.26 89.07
C PRO O 105 11.06 1.47 89.18
N ASP O 106 11.70 2.08 88.19
CA ASP O 106 13.11 2.44 88.36
C ASP O 106 13.27 3.58 89.36
N ALA O 107 12.35 4.55 89.35
CA ALA O 107 12.42 5.68 90.25
C ALA O 107 11.55 5.53 91.48
N VAL O 108 10.61 4.59 91.49
CA VAL O 108 9.86 4.33 92.72
C VAL O 108 10.71 3.52 93.69
N ALA O 109 11.37 2.48 93.18
CA ALA O 109 12.25 1.68 94.02
C ALA O 109 13.51 2.44 94.43
N SER O 110 13.93 3.45 93.65
CA SER O 110 15.06 4.27 94.05
C SER O 110 14.73 5.20 95.20
N GLN O 111 13.44 5.49 95.42
CA GLN O 111 13.01 6.33 96.52
C GLN O 111 12.63 5.53 97.75
N VAL O 112 12.65 4.20 97.66
CA VAL O 112 12.43 3.33 98.80
C VAL O 112 13.78 2.79 99.25
N PRO O 113 14.25 3.13 100.46
CA PRO O 113 15.59 2.68 100.88
C PRO O 113 15.70 1.18 101.09
N GLU O 114 14.59 0.48 101.33
CA GLU O 114 14.63 -0.97 101.42
C GLU O 114 14.81 -1.61 100.05
N LEU O 115 14.52 -0.88 98.98
CA LEU O 115 14.75 -1.36 97.63
C LEU O 115 15.98 -0.76 96.98
N LYS O 116 16.61 0.25 97.60
CA LYS O 116 17.88 0.74 97.11
C LYS O 116 18.99 -0.28 97.32
N LYS O 117 18.87 -1.10 98.37
CA LYS O 117 19.85 -2.14 98.64
C LYS O 117 19.61 -3.40 97.83
N LEU O 118 18.43 -3.54 97.22
CA LEU O 118 18.17 -4.72 96.41
C LEU O 118 18.54 -4.51 94.94
N ILE O 119 18.40 -3.28 94.43
CA ILE O 119 18.93 -2.98 93.10
C ILE O 119 20.46 -2.95 93.15
N GLU O 120 21.02 -2.42 94.24
CA GLU O 120 22.47 -2.47 94.44
C GLU O 120 22.95 -3.91 94.61
N LEU O 121 22.09 -4.77 95.17
CA LEU O 121 22.41 -6.20 95.19
C LEU O 121 22.43 -6.79 93.80
N ARG O 122 21.48 -6.37 92.95
CA ARG O 122 21.44 -6.91 91.58
C ARG O 122 22.56 -6.34 90.72
N GLU O 123 22.88 -5.05 90.89
CA GLU O 123 23.99 -4.43 90.17
C GLU O 123 25.32 -5.08 90.56
N ALA O 124 25.45 -5.54 91.79
CA ALA O 124 26.62 -6.30 92.19
C ALA O 124 26.63 -7.71 91.60
N LEU O 125 25.47 -8.27 91.27
CA LEU O 125 25.42 -9.59 90.66
C LEU O 125 25.56 -9.56 89.15
N VAL O 126 25.11 -8.49 88.49
CA VAL O 126 25.35 -8.32 87.06
C VAL O 126 26.84 -8.04 86.82
N ALA O 127 27.49 -7.35 87.75
CA ALA O 127 28.92 -7.11 87.65
C ALA O 127 29.73 -8.39 87.79
N LEU O 128 29.20 -9.38 88.51
CA LEU O 128 29.92 -10.62 88.71
C LEU O 128 29.90 -11.50 87.47
N LYS O 129 28.78 -11.50 86.73
CA LYS O 129 28.54 -12.48 85.66
C LYS O 129 29.49 -12.32 84.48
N GLY O 130 29.96 -11.10 84.23
CA GLY O 130 30.92 -10.83 83.18
C GLY O 130 32.24 -11.54 83.34
N PRO O 131 33.01 -11.20 84.38
CA PRO O 131 34.27 -11.90 84.66
C PRO O 131 34.11 -13.25 85.35
N LEU O 132 32.92 -13.83 85.42
CA LEU O 132 32.74 -15.09 86.12
C LEU O 132 33.19 -16.26 85.27
N GLY O 133 32.52 -16.49 84.14
CA GLY O 133 32.78 -17.62 83.27
C GLY O 133 33.94 -17.45 82.31
N ASN O 134 34.65 -16.33 82.37
CA ASN O 134 35.78 -16.10 81.48
C ASN O 134 37.07 -16.69 82.05
N ILE O 135 37.32 -16.49 83.34
CA ILE O 135 38.48 -17.03 84.02
C ILE O 135 38.05 -18.29 84.77
N PRO O 136 38.54 -19.48 84.40
CA PRO O 136 38.16 -20.70 85.11
C PRO O 136 38.92 -20.95 86.40
N ALA O 137 39.68 -19.98 86.92
CA ALA O 137 40.37 -20.11 88.18
C ALA O 137 39.53 -19.60 89.36
N PHE O 138 38.30 -19.16 89.11
CA PHE O 138 37.43 -18.73 90.20
C PHE O 138 36.93 -19.92 91.01
N ARG O 139 36.56 -21.01 90.33
CA ARG O 139 36.10 -22.21 91.03
C ARG O 139 37.23 -22.92 91.75
N GLU O 140 38.48 -22.67 91.36
CA GLU O 140 39.63 -23.24 92.06
C GLU O 140 39.77 -22.67 93.46
N ARG O 141 39.39 -21.41 93.64
CA ARG O 141 39.45 -20.77 94.95
C ARG O 141 38.10 -20.77 95.68
N LEU O 142 37.03 -21.24 95.02
CA LEU O 142 35.81 -21.54 95.77
C LEU O 142 36.01 -22.76 96.66
N GLN O 143 36.81 -23.72 96.19
CA GLN O 143 37.16 -24.87 97.03
C GLN O 143 38.17 -24.49 98.11
N SER O 144 38.97 -23.44 97.86
CA SER O 144 39.86 -22.93 98.90
C SER O 144 39.06 -22.19 99.96
N LEU O 145 38.01 -21.46 99.56
CA LEU O 145 37.07 -20.91 100.52
C LEU O 145 36.23 -21.99 101.17
N LEU O 146 36.04 -23.13 100.49
CA LEU O 146 35.45 -24.29 101.14
C LEU O 146 36.40 -24.90 102.16
N ASN O 147 37.71 -24.81 101.92
CA ASN O 147 38.69 -25.28 102.88
C ASN O 147 38.90 -24.27 104.00
N SER O 148 39.20 -23.02 103.64
CA SER O 148 39.45 -21.96 104.62
C SER O 148 38.10 -21.34 105.01
N GLU O 149 37.46 -21.96 106.00
CA GLU O 149 36.17 -21.47 106.49
C GLU O 149 36.32 -20.36 107.54
N GLU O 150 37.44 -20.32 108.25
CA GLU O 150 37.61 -19.33 109.32
C GLU O 150 37.91 -17.95 108.75
N SER O 151 38.83 -17.87 107.79
CA SER O 151 39.19 -16.58 107.21
C SER O 151 38.13 -16.05 106.26
N ARG O 152 37.22 -16.92 105.78
CA ARG O 152 36.16 -16.45 104.89
C ARG O 152 35.09 -15.69 105.66
N GLU O 153 34.67 -16.22 106.81
CA GLU O 153 33.62 -15.58 107.59
C GLU O 153 34.10 -14.30 108.29
N LYS O 154 35.42 -14.14 108.48
CA LYS O 154 35.93 -12.90 109.02
C LYS O 154 35.87 -11.78 107.99
N LEU O 155 35.88 -12.11 106.70
CA LEU O 155 35.84 -11.12 105.64
C LEU O 155 34.44 -10.82 105.15
N LEU O 156 33.46 -11.69 105.46
CA LEU O 156 32.08 -11.42 105.06
C LEU O 156 31.46 -10.30 105.88
N ALA O 157 31.91 -10.13 107.12
CA ALA O 157 31.38 -9.05 107.96
C ALA O 157 31.92 -7.69 107.54
N GLU O 158 33.05 -7.65 106.85
CA GLU O 158 33.61 -6.39 106.36
C GLU O 158 32.84 -5.90 105.15
N PRO P 1 -42.63 42.62 27.86
CA PRO P 1 -42.97 41.25 28.23
C PRO P 1 -42.85 41.03 29.74
N THR P 2 -43.61 40.10 30.28
CA THR P 2 -43.58 39.91 31.71
C THR P 2 -42.57 38.82 32.06
N PRO P 3 -41.84 38.97 33.16
CA PRO P 3 -40.85 37.96 33.53
C PRO P 3 -41.49 36.66 33.98
N CYS P 4 -40.77 35.58 33.73
CA CYS P 4 -41.22 34.24 34.04
C CYS P 4 -40.64 33.81 35.38
N TYR P 5 -40.81 32.55 35.74
CA TYR P 5 -40.27 32.03 36.99
C TYR P 5 -39.82 30.60 36.78
N ILE P 6 -38.68 30.23 37.35
CA ILE P 6 -38.12 28.91 37.17
C ILE P 6 -37.83 28.30 38.53
N SER P 7 -38.27 27.08 38.75
CA SER P 7 -37.98 26.33 39.96
C SER P 7 -37.17 25.09 39.60
N ILE P 8 -35.91 25.07 40.01
CA ILE P 8 -34.98 24.00 39.67
C ILE P 8 -34.85 23.07 40.86
N GLU P 9 -34.94 21.77 40.64
CA GLU P 9 -34.68 20.78 41.67
C GLU P 9 -33.59 19.84 41.21
N GLY P 10 -32.50 19.76 41.97
CA GLY P 10 -31.36 18.97 41.58
C GLY P 10 -31.48 17.52 42.00
N GLN P 11 -30.50 16.72 41.57
CA GLN P 11 -30.39 15.35 42.08
C GLN P 11 -29.98 15.34 43.54
N THR P 12 -28.80 15.89 43.84
CA THR P 12 -28.28 15.83 45.19
C THR P 12 -28.47 17.11 45.98
N GLN P 13 -28.67 18.24 45.33
CA GLN P 13 -28.73 19.52 46.02
C GLN P 13 -30.16 19.95 46.34
N GLY P 14 -31.10 19.01 46.28
CA GLY P 14 -32.46 19.32 46.70
C GLY P 14 -33.12 20.31 45.77
N LEU P 15 -33.93 21.19 46.35
CA LEU P 15 -34.52 22.29 45.61
C LEU P 15 -33.49 23.39 45.54
N ILE P 16 -32.95 23.63 44.35
CA ILE P 16 -31.85 24.59 44.19
C ILE P 16 -32.34 26.01 44.41
N THR P 17 -33.46 26.35 43.83
CA THR P 17 -33.91 27.72 43.94
C THR P 17 -34.73 27.98 45.18
N ALA P 18 -34.63 27.16 46.22
CA ALA P 18 -35.38 27.38 47.45
C ALA P 18 -34.78 28.57 48.17
N GLY P 19 -35.42 29.73 48.04
CA GLY P 19 -34.90 30.92 48.62
C GLY P 19 -34.23 31.87 47.67
N ALA P 20 -34.38 31.68 46.37
CA ALA P 20 -33.72 32.53 45.41
C ALA P 20 -34.50 33.80 45.11
N CYS P 21 -35.59 34.04 45.82
CA CYS P 21 -36.27 35.33 45.84
C CYS P 21 -36.62 35.70 47.27
N THR P 22 -35.64 35.66 48.15
CA THR P 22 -35.78 36.24 49.47
C THR P 22 -35.13 37.62 49.48
N ALA P 23 -35.08 38.23 50.66
CA ALA P 23 -34.41 39.51 50.78
C ALA P 23 -32.90 39.35 50.83
N ASP P 24 -32.40 38.15 51.09
CA ASP P 24 -30.97 37.95 51.08
C ASP P 24 -30.43 37.74 49.67
N SER P 25 -31.24 37.19 48.77
CA SER P 25 -30.76 36.92 47.43
C SER P 25 -30.65 38.21 46.61
N ILE P 26 -31.77 38.88 46.39
CA ILE P 26 -31.82 39.96 45.43
C ILE P 26 -32.27 41.28 46.05
N GLY P 27 -32.07 41.45 47.35
CA GLY P 27 -32.36 42.73 47.96
C GLY P 27 -33.83 43.02 48.11
N ASP P 28 -34.30 44.12 47.53
CA ASP P 28 -35.68 44.53 47.66
C ASP P 28 -36.53 44.19 46.46
N SER P 29 -35.98 43.49 45.48
CA SER P 29 -36.76 43.11 44.31
C SER P 29 -37.28 41.69 44.42
N PHE P 30 -37.47 41.19 45.63
CA PHE P 30 -38.03 39.86 45.73
C PHE P 30 -39.54 39.96 45.80
N VAL P 31 -40.19 38.84 45.49
CA VAL P 31 -41.64 38.79 45.38
C VAL P 31 -42.15 37.76 46.38
N GLU P 32 -43.13 38.14 47.19
CA GLU P 32 -43.77 37.19 48.07
C GLU P 32 -44.57 36.18 47.27
N GLY P 33 -44.62 34.95 47.78
CA GLY P 33 -45.29 33.86 47.10
C GLY P 33 -44.43 33.11 46.09
N HIS P 34 -43.36 33.72 45.62
CA HIS P 34 -42.44 33.09 44.69
C HIS P 34 -41.10 32.88 45.36
N GLU P 35 -41.14 32.41 46.60
CA GLU P 35 -39.94 32.27 47.40
C GLU P 35 -39.04 31.16 46.90
N ASP P 36 -39.54 30.24 46.10
CA ASP P 36 -38.75 29.11 45.65
C ASP P 36 -38.40 29.19 44.17
N GLU P 37 -38.60 30.34 43.54
CA GLU P 37 -38.55 30.45 42.10
C GLU P 37 -37.72 31.66 41.72
N MET P 38 -36.71 31.47 40.86
CA MET P 38 -35.93 32.60 40.39
C MET P 38 -36.77 33.48 39.47
N LEU P 39 -36.27 34.66 39.19
CA LEU P 39 -36.96 35.61 38.34
C LEU P 39 -36.24 35.67 37.01
N VAL P 40 -36.86 35.16 35.96
CA VAL P 40 -36.22 34.93 34.68
C VAL P 40 -36.52 36.10 33.74
N GLN P 41 -35.47 36.72 33.22
CA GLN P 41 -35.65 37.92 32.42
C GLN P 41 -35.81 37.60 30.95
N GLN P 42 -34.80 36.99 30.34
CA GLN P 42 -34.72 36.75 28.91
C GLN P 42 -34.82 35.25 28.66
N PHE P 43 -35.21 34.86 27.45
CA PHE P 43 -35.42 33.45 27.15
C PHE P 43 -35.07 33.18 25.70
N ASP P 44 -34.61 31.96 25.42
CA ASP P 44 -34.23 31.54 24.07
C ASP P 44 -34.09 30.03 23.98
N HIS P 45 -34.66 29.40 22.96
CA HIS P 45 -34.72 27.94 22.93
C HIS P 45 -35.02 27.46 21.53
N VAL P 46 -34.16 26.62 20.96
CA VAL P 46 -34.29 26.11 19.60
C VAL P 46 -34.43 24.60 19.67
N VAL P 47 -35.26 24.02 18.81
CA VAL P 47 -35.37 22.57 18.69
C VAL P 47 -35.30 22.24 17.19
N THR P 48 -34.15 21.80 16.73
CA THR P 48 -34.01 21.56 15.30
C THR P 48 -34.37 20.13 14.94
N VAL P 49 -34.62 19.92 13.64
CA VAL P 49 -34.77 18.59 13.07
C VAL P 49 -33.99 18.55 11.77
N PRO P 50 -33.02 17.66 11.62
CA PRO P 50 -32.28 17.60 10.37
C PRO P 50 -33.09 17.02 9.23
N THR P 51 -33.42 17.85 8.26
CA THR P 51 -34.16 17.42 7.08
C THR P 51 -33.22 17.39 5.88
N ASP P 52 -33.45 16.43 4.99
CA ASP P 52 -32.59 16.35 3.82
C ASP P 52 -32.95 17.41 2.79
N PRO P 53 -32.03 17.78 1.93
CA PRO P 53 -32.38 18.62 0.79
C PRO P 53 -33.18 17.83 -0.23
N GLN P 54 -33.66 18.55 -1.24
CA GLN P 54 -34.43 18.05 -2.41
C GLN P 54 -35.58 17.12 -2.02
N SER P 55 -36.15 17.34 -0.86
CA SER P 55 -37.25 16.55 -0.33
C SER P 55 -37.93 17.40 0.73
N GLY P 56 -38.74 16.76 1.56
CA GLY P 56 -39.25 17.45 2.72
C GLY P 56 -39.17 16.60 3.96
N GLN P 57 -38.71 15.36 3.82
CA GLN P 57 -38.84 14.44 4.93
C GLN P 57 -37.76 14.69 5.97
N PRO P 58 -38.08 14.45 7.25
CA PRO P 58 -37.06 14.58 8.30
C PRO P 58 -36.06 13.44 8.24
N SER P 59 -34.82 13.77 7.92
CA SER P 59 -33.76 12.78 7.80
C SER P 59 -33.01 12.66 9.13
N GLY P 60 -33.74 12.22 10.15
CA GLY P 60 -33.14 12.07 11.45
C GLY P 60 -34.01 12.57 12.58
N GLN P 61 -33.72 12.16 13.79
CA GLN P 61 -34.50 12.59 14.93
C GLN P 61 -34.14 14.02 15.30
N ARG P 62 -34.97 14.61 16.16
CA ARG P 62 -34.81 15.99 16.59
C ARG P 62 -33.52 16.17 17.39
N VAL P 63 -33.04 17.40 17.41
CA VAL P 63 -31.81 17.78 18.12
C VAL P 63 -32.14 18.98 18.99
N HIS P 64 -32.10 18.79 20.31
CA HIS P 64 -32.49 19.85 21.23
C HIS P 64 -31.33 20.80 21.47
N LYS P 65 -31.40 21.98 20.90
CA LYS P 65 -30.52 23.07 21.28
C LYS P 65 -30.97 23.58 22.65
N PRO P 66 -30.08 24.17 23.44
CA PRO P 66 -30.40 24.38 24.86
C PRO P 66 -31.32 25.56 25.13
N PHE P 67 -32.01 25.46 26.26
CA PHE P 67 -32.56 26.61 27.00
C PHE P 67 -31.53 27.71 27.16
N LYS P 68 -31.98 28.95 27.22
CA LYS P 68 -31.13 30.07 27.63
C LYS P 68 -31.99 31.04 28.41
N PHE P 69 -32.02 30.90 29.73
CA PHE P 69 -32.78 31.83 30.57
C PHE P 69 -31.82 32.65 31.40
N THR P 70 -32.16 33.91 31.64
CA THR P 70 -31.27 34.87 32.27
C THR P 70 -31.83 35.33 33.61
N VAL P 71 -31.07 35.12 34.67
CA VAL P 71 -31.43 35.62 35.99
C VAL P 71 -30.29 36.47 36.50
N ALA P 72 -30.56 37.23 37.55
CA ALA P 72 -29.51 38.04 38.17
C ALA P 72 -28.70 37.16 39.12
N LEU P 73 -27.64 37.73 39.68
CA LEU P 73 -26.87 37.02 40.69
C LEU P 73 -27.66 36.91 41.97
N ASN P 74 -27.87 35.70 42.44
CA ASN P 74 -28.63 35.48 43.65
C ASN P 74 -28.13 34.22 44.32
N LYS P 75 -28.94 33.67 45.22
CA LYS P 75 -28.55 32.55 46.07
C LYS P 75 -28.33 31.29 45.25
N ALA P 76 -29.14 31.08 44.23
CA ALA P 76 -29.08 29.83 43.48
C ALA P 76 -27.93 29.78 42.48
N VAL P 77 -27.24 30.88 42.22
CA VAL P 77 -26.17 30.88 41.22
C VAL P 77 -24.92 30.12 41.68
N PRO P 78 -24.44 30.19 42.93
CA PRO P 78 -23.40 29.24 43.32
C PRO P 78 -23.87 27.81 43.38
N LEU P 79 -25.17 27.57 43.55
CA LEU P 79 -25.66 26.20 43.47
C LEU P 79 -25.73 25.70 42.04
N LEU P 80 -25.95 26.60 41.09
CA LEU P 80 -25.95 26.20 39.69
C LEU P 80 -24.56 26.09 39.11
N TYR P 81 -23.53 26.56 39.79
CA TYR P 81 -22.18 26.28 39.34
C TYR P 81 -21.60 25.02 39.95
N ASN P 82 -22.40 24.22 40.64
CA ASN P 82 -22.01 22.84 40.92
C ASN P 82 -22.81 21.84 40.14
N ALA P 83 -24.02 22.20 39.73
CA ALA P 83 -24.72 21.37 38.76
C ALA P 83 -24.02 21.43 37.41
N LEU P 84 -23.32 22.53 37.14
CA LEU P 84 -22.58 22.67 35.90
C LEU P 84 -21.27 21.92 35.93
N SER P 85 -20.40 22.27 36.87
CA SER P 85 -19.04 21.77 36.86
C SER P 85 -18.91 20.33 37.32
N SER P 86 -19.99 19.70 37.77
CA SER P 86 -19.94 18.30 38.11
C SER P 86 -20.91 17.46 37.31
N GLY P 87 -21.64 18.07 36.38
CA GLY P 87 -22.54 17.31 35.53
C GLY P 87 -23.74 16.74 36.24
N GLU P 88 -24.19 17.40 37.30
CA GLU P 88 -25.34 16.90 38.04
C GLU P 88 -26.62 17.16 37.27
N LYS P 89 -27.42 16.12 37.08
CA LYS P 89 -28.69 16.33 36.43
C LYS P 89 -29.64 17.01 37.40
N LEU P 90 -30.63 17.68 36.83
CA LEU P 90 -31.63 18.40 37.61
C LEU P 90 -32.96 17.69 37.38
N LYS P 91 -33.64 17.32 38.46
CA LYS P 91 -34.83 16.50 38.33
C LYS P 91 -35.96 17.23 37.62
N THR P 92 -36.09 18.52 37.84
CA THR P 92 -37.13 19.27 37.16
C THR P 92 -36.77 20.73 37.05
N VAL P 93 -37.31 21.39 36.04
CA VAL P 93 -37.20 22.82 35.83
C VAL P 93 -38.56 23.26 35.31
N GLU P 94 -39.29 24.02 36.08
CA GLU P 94 -40.65 24.37 35.68
C GLU P 94 -40.71 25.86 35.38
N LEU P 95 -40.41 26.21 34.14
CA LEU P 95 -40.63 27.58 33.68
C LEU P 95 -42.12 27.87 33.65
N LYS P 96 -42.50 29.09 34.00
CA LYS P 96 -43.90 29.48 34.01
C LYS P 96 -44.02 30.86 33.38
N TRP P 97 -44.63 30.92 32.21
CA TRP P 97 -44.79 32.16 31.48
C TRP P 97 -45.98 32.92 32.02
N TYR P 98 -45.77 34.07 32.62
CA TYR P 98 -46.91 34.84 33.09
C TYR P 98 -47.38 35.81 32.03
N ARG P 99 -48.61 36.26 32.20
CA ARG P 99 -49.14 37.37 31.41
C ARG P 99 -50.27 38.01 32.20
N THR P 100 -50.59 39.23 31.82
CA THR P 100 -51.62 39.99 32.50
C THR P 100 -52.96 39.72 31.83
N SER P 101 -53.91 39.16 32.59
CA SER P 101 -55.17 38.75 32.03
C SER P 101 -56.11 39.94 31.95
N ILE P 102 -57.38 39.66 31.62
CA ILE P 102 -58.35 40.73 31.43
C ILE P 102 -58.80 41.30 32.77
N GLU P 103 -59.03 40.43 33.75
CA GLU P 103 -59.50 40.87 35.06
C GLU P 103 -58.45 41.61 35.85
N GLY P 104 -57.20 41.59 35.41
CA GLY P 104 -56.15 42.33 36.07
C GLY P 104 -55.23 41.52 36.94
N LYS P 105 -55.14 40.23 36.72
CA LYS P 105 -54.35 39.38 37.59
C LYS P 105 -53.35 38.60 36.75
N GLN P 106 -52.16 38.42 37.29
CA GLN P 106 -51.15 37.61 36.65
C GLN P 106 -51.60 36.16 36.62
N GLU P 107 -51.25 35.45 35.55
CA GLU P 107 -51.56 34.03 35.47
C GLU P 107 -50.58 33.37 34.52
N ASN P 108 -50.25 32.11 34.80
CA ASN P 108 -49.41 31.38 33.89
C ASN P 108 -50.27 30.83 32.77
N PHE P 109 -50.00 31.29 31.56
CA PHE P 109 -50.74 30.77 30.44
C PHE P 109 -50.00 29.66 29.74
N PHE P 110 -48.79 29.33 30.17
CA PHE P 110 -47.92 28.46 29.41
C PHE P 110 -46.80 28.02 30.33
N THR P 111 -46.62 26.73 30.55
CA THR P 111 -45.53 26.23 31.36
C THR P 111 -44.75 25.20 30.55
N THR P 112 -43.43 25.28 30.61
CA THR P 112 -42.57 24.33 29.93
C THR P 112 -41.80 23.57 30.99
N LYS P 113 -42.34 22.46 31.47
CA LYS P 113 -41.62 21.66 32.44
C LYS P 113 -40.47 20.92 31.76
N LEU P 114 -39.74 20.15 32.55
CA LEU P 114 -38.48 19.62 32.07
C LEU P 114 -38.09 18.46 32.97
N GLU P 115 -37.69 17.35 32.40
CA GLU P 115 -37.16 16.26 33.20
C GLU P 115 -35.64 16.42 33.25
N ASN P 116 -34.91 15.32 33.51
CA ASN P 116 -33.48 15.30 33.80
C ASN P 116 -32.66 16.16 32.85
N ALA P 117 -32.08 17.22 33.40
CA ALA P 117 -31.60 18.33 32.60
C ALA P 117 -30.29 18.85 33.17
N SER P 118 -29.18 18.44 32.58
CA SER P 118 -27.91 19.00 33.00
C SER P 118 -27.79 20.44 32.53
N ILE P 119 -26.78 21.13 33.02
CA ILE P 119 -26.50 22.49 32.60
C ILE P 119 -25.33 22.46 31.63
N VAL P 120 -25.53 23.03 30.44
CA VAL P 120 -24.46 23.05 29.45
C VAL P 120 -23.46 24.14 29.76
N ASP P 121 -23.91 25.39 29.80
CA ASP P 121 -23.00 26.47 30.18
C ASP P 121 -23.76 27.59 30.84
N ILE P 122 -23.01 28.42 31.57
CA ILE P 122 -23.53 29.55 32.30
C ILE P 122 -22.68 30.76 31.96
N HIS P 123 -23.29 31.80 31.45
CA HIS P 123 -22.58 32.97 30.93
C HIS P 123 -22.82 34.16 31.86
N CYS P 124 -22.02 34.27 32.89
CA CYS P 124 -22.12 35.37 33.84
C CYS P 124 -21.41 36.59 33.27
N GLU P 125 -22.12 37.71 33.14
CA GLU P 125 -21.51 38.93 32.68
C GLU P 125 -22.10 40.10 33.44
N MET P 126 -21.44 41.25 33.30
CA MET P 126 -21.90 42.49 33.90
C MET P 126 -21.60 43.57 32.87
N PRO P 127 -22.56 44.42 32.54
CA PRO P 127 -22.31 45.49 31.58
C PRO P 127 -21.37 46.54 32.14
N HIS P 128 -20.92 47.41 31.23
CA HIS P 128 -19.85 48.35 31.57
C HIS P 128 -20.38 49.45 32.49
N CYS P 129 -19.66 49.69 33.59
CA CYS P 129 -20.16 50.61 34.60
C CYS P 129 -20.06 52.06 34.16
N GLN P 130 -19.12 52.39 33.27
CA GLN P 130 -19.02 53.73 32.74
C GLN P 130 -20.17 54.07 31.80
N ASP P 131 -20.77 53.06 31.18
CA ASP P 131 -21.72 53.27 30.10
C ASP P 131 -23.08 53.63 30.67
N PRO P 132 -23.64 54.79 30.33
CA PRO P 132 -24.95 55.17 30.88
C PRO P 132 -26.14 54.53 30.17
N ALA P 133 -25.94 53.93 29.01
CA ALA P 133 -27.04 53.26 28.33
C ALA P 133 -27.42 51.96 29.02
N LYS P 134 -26.49 51.34 29.74
CA LYS P 134 -26.73 50.08 30.43
C LYS P 134 -26.62 50.27 31.93
N SER P 135 -27.22 51.35 32.45
CA SER P 135 -27.15 51.64 33.87
C SER P 135 -28.24 50.93 34.65
N ASP P 136 -29.36 50.63 34.02
CA ASP P 136 -30.45 49.97 34.73
C ASP P 136 -30.21 48.50 34.95
N PHE P 137 -29.32 47.88 34.17
CA PHE P 137 -29.05 46.46 34.32
C PHE P 137 -28.20 46.24 35.56
N THR P 138 -28.30 45.04 36.12
CA THR P 138 -27.47 44.70 37.27
C THR P 138 -26.42 43.66 36.91
N GLN P 139 -26.86 42.46 36.54
CA GLN P 139 -25.99 41.39 36.08
C GLN P 139 -26.79 40.56 35.09
N ASN P 140 -26.13 39.60 34.48
CA ASN P 140 -26.77 38.70 33.53
C ASN P 140 -26.13 37.34 33.69
N VAL P 141 -26.87 36.39 34.24
CA VAL P 141 -26.39 35.03 34.41
C VAL P 141 -27.28 34.15 33.54
N THR P 142 -26.82 33.80 32.35
CA THR P 142 -27.61 33.07 31.37
C THR P 142 -27.30 31.59 31.52
N VAL P 143 -28.18 30.86 32.18
CA VAL P 143 -27.94 29.46 32.46
C VAL P 143 -28.58 28.63 31.36
N SER P 144 -27.80 27.75 30.75
CA SER P 144 -28.35 26.88 29.72
C SER P 144 -28.75 25.54 30.29
N LEU P 145 -29.57 24.82 29.55
CA LEU P 145 -30.03 23.52 30.01
C LEU P 145 -30.22 22.63 28.79
N SER P 146 -29.36 21.65 28.62
CA SER P 146 -29.78 20.49 27.83
C SER P 146 -30.62 19.62 28.73
N TYR P 147 -31.37 18.71 28.12
CA TYR P 147 -32.47 18.08 28.85
C TYR P 147 -32.90 16.81 28.18
N ARG P 148 -33.34 15.85 28.98
CA ARG P 148 -33.87 14.62 28.41
C ARG P 148 -35.28 14.83 27.89
N LYS P 149 -36.21 15.15 28.78
CA LYS P 149 -37.63 15.22 28.46
C LYS P 149 -38.16 16.59 28.77
N ILE P 150 -38.84 17.18 27.79
CA ILE P 150 -39.45 18.49 27.92
C ILE P 150 -40.93 18.36 27.63
N THR P 151 -41.76 19.07 28.39
CA THR P 151 -43.21 19.05 28.20
C THR P 151 -43.73 20.47 28.18
N TRP P 152 -44.03 20.98 26.99
CA TRP P 152 -44.77 22.22 26.89
C TRP P 152 -46.20 22.00 27.37
N ASP P 153 -46.81 23.05 27.89
CA ASP P 153 -48.16 22.90 28.44
C ASP P 153 -48.80 24.28 28.45
N HIS P 154 -49.76 24.49 27.56
CA HIS P 154 -50.55 25.71 27.62
C HIS P 154 -51.70 25.49 28.59
N VAL P 155 -51.81 26.36 29.58
CA VAL P 155 -52.75 26.12 30.67
C VAL P 155 -54.15 26.61 30.33
N ASN P 156 -54.28 27.82 29.79
CA ASN P 156 -55.60 28.39 29.54
C ASN P 156 -56.33 27.77 28.36
N ALA P 157 -55.67 26.93 27.57
CA ALA P 157 -56.34 26.21 26.51
C ALA P 157 -56.10 24.71 26.59
N GLY P 158 -55.38 24.25 27.60
CA GLY P 158 -55.29 22.85 27.88
C GLY P 158 -54.41 22.02 26.97
N THR P 159 -53.85 22.58 25.91
CA THR P 159 -53.00 21.79 25.04
C THR P 159 -51.69 21.46 25.73
N SER P 160 -51.05 20.39 25.29
CA SER P 160 -49.81 19.95 25.91
C SER P 160 -48.98 19.18 24.89
N GLY P 161 -47.77 19.67 24.65
CA GLY P 161 -46.84 18.92 23.83
C GLY P 161 -45.87 18.20 24.71
N SER P 162 -45.09 17.28 24.14
CA SER P 162 -44.12 16.54 24.93
C SER P 162 -43.07 15.97 24.00
N ASP P 163 -41.82 15.97 24.46
CA ASP P 163 -40.76 15.25 23.79
C ASP P 163 -39.99 14.47 24.83
N ASP P 164 -39.51 13.31 24.45
CA ASP P 164 -38.74 12.51 25.39
C ASP P 164 -37.78 11.63 24.63
N TRP P 165 -36.54 11.59 25.08
CA TRP P 165 -35.63 10.58 24.57
C TRP P 165 -35.92 9.22 25.14
N ARG P 166 -36.47 9.17 26.35
CA ARG P 166 -36.71 7.90 27.01
C ARG P 166 -37.81 7.12 26.32
N LYS P 167 -38.87 7.80 25.90
CA LYS P 167 -40.02 7.17 25.27
C LYS P 167 -40.36 7.88 23.97
N PRO P 168 -39.64 7.61 22.90
CA PRO P 168 -40.04 8.15 21.61
C PRO P 168 -41.29 7.43 21.13
N ILE P 169 -41.97 8.03 20.16
CA ILE P 169 -43.35 7.66 19.88
C ILE P 169 -43.32 6.35 19.10
N GLU P 170 -43.47 5.24 19.84
CA GLU P 170 -43.34 3.82 19.47
C GLU P 170 -42.21 3.45 18.50
N GLY Q 1 -56.80 -56.68 79.67
CA GLY Q 1 -55.91 -55.59 79.35
C GLY Q 1 -54.98 -55.89 78.19
N SER Q 2 -55.48 -56.63 77.21
CA SER Q 2 -54.68 -56.98 76.04
C SER Q 2 -54.47 -55.79 75.11
N LEU Q 3 -55.38 -54.79 75.16
CA LEU Q 3 -55.18 -53.59 74.35
C LEU Q 3 -54.02 -52.75 74.88
N LEU Q 4 -53.78 -52.80 76.19
CA LEU Q 4 -52.59 -52.15 76.74
C LEU Q 4 -51.33 -52.89 76.37
N ASP Q 5 -51.43 -54.21 76.14
CA ASP Q 5 -50.28 -55.00 75.72
C ASP Q 5 -49.89 -54.67 74.29
N GLU Q 6 -50.84 -54.30 73.44
CA GLU Q 6 -50.51 -53.92 72.06
C GLU Q 6 -49.87 -52.55 72.00
N ILE Q 7 -50.18 -51.67 72.95
CA ILE Q 7 -49.53 -50.36 73.00
C ILE Q 7 -48.11 -50.49 73.54
N MET Q 8 -47.92 -51.32 74.58
CA MET Q 8 -46.59 -51.52 75.14
C MET Q 8 -45.68 -52.33 74.21
N ALA Q 9 -46.23 -53.21 73.38
CA ALA Q 9 -45.43 -53.86 72.36
C ALA Q 9 -45.12 -52.93 71.20
N GLN Q 10 -45.94 -51.89 71.01
CA GLN Q 10 -45.67 -50.86 70.00
C GLN Q 10 -44.65 -49.90 70.57
N THR Q 11 -43.38 -50.08 70.20
CA THR Q 11 -42.27 -49.38 70.85
C THR Q 11 -42.17 -47.91 70.49
N ARG Q 12 -42.97 -47.42 69.53
CA ARG Q 12 -42.94 -46.01 69.17
C ARG Q 12 -43.61 -45.14 70.23
N ILE Q 13 -44.68 -45.62 70.86
CA ILE Q 13 -45.41 -44.87 71.88
C ILE Q 13 -45.78 -45.78 73.04
N ALA Q 14 -44.81 -46.57 73.51
CA ALA Q 14 -45.12 -47.58 74.52
C ALA Q 14 -45.34 -47.00 75.92
N PRO Q 15 -44.35 -46.27 76.57
CA PRO Q 15 -44.50 -46.06 78.02
C PRO Q 15 -45.39 -44.89 78.41
N SER Q 16 -46.52 -44.71 77.73
CA SER Q 16 -47.57 -43.74 78.05
C SER Q 16 -47.04 -42.31 78.16
N GLU Q 17 -46.50 -41.81 77.04
CA GLU Q 17 -45.87 -40.50 77.01
C GLU Q 17 -46.68 -39.48 76.20
N GLU Q 18 -46.95 -39.77 74.94
CA GLU Q 18 -47.67 -38.83 74.09
C GLU Q 18 -48.31 -39.59 72.94
N GLY Q 19 -49.59 -39.31 72.69
CA GLY Q 19 -50.31 -39.96 71.60
C GLY Q 19 -50.77 -41.36 71.89
N TYR Q 20 -50.81 -41.78 73.16
CA TYR Q 20 -51.26 -43.12 73.49
C TYR Q 20 -52.77 -43.22 73.63
N ASP Q 21 -53.48 -42.10 73.79
CA ASP Q 21 -54.93 -42.14 73.82
C ASP Q 21 -55.53 -42.03 72.44
N ILE Q 22 -54.82 -41.42 71.49
CA ILE Q 22 -55.31 -41.33 70.12
C ILE Q 22 -55.13 -42.67 69.40
N ALA Q 23 -53.96 -43.29 69.55
CA ALA Q 23 -53.71 -44.58 68.91
C ALA Q 23 -54.52 -45.72 69.53
N LYS Q 24 -54.91 -45.58 70.79
CA LYS Q 24 -55.84 -46.54 71.39
C LYS Q 24 -57.22 -46.44 70.75
N LYS Q 25 -57.64 -45.24 70.38
CA LYS Q 25 -58.88 -45.08 69.63
C LYS Q 25 -58.74 -45.57 68.19
N GLY Q 26 -57.52 -45.66 67.67
CA GLY Q 26 -57.30 -46.14 66.32
C GLY Q 26 -57.42 -47.64 66.18
N VAL Q 27 -56.95 -48.36 67.18
CA VAL Q 27 -57.03 -49.83 67.16
C VAL Q 27 -58.47 -50.28 67.36
N ALA Q 28 -59.18 -49.67 68.32
CA ALA Q 28 -60.53 -50.12 68.67
C ALA Q 28 -61.55 -49.75 67.60
N ALA Q 29 -61.27 -48.72 66.80
CA ALA Q 29 -62.20 -48.35 65.73
C ALA Q 29 -62.09 -49.29 64.54
N PHE Q 30 -60.89 -49.81 64.26
CA PHE Q 30 -60.69 -50.67 63.10
C PHE Q 30 -61.25 -52.06 63.33
N ILE Q 31 -61.28 -52.52 64.58
CA ILE Q 31 -61.79 -53.85 64.88
C ILE Q 31 -63.31 -53.88 64.76
N GLU Q 32 -63.99 -52.77 65.04
CA GLU Q 32 -65.44 -52.71 64.97
C GLU Q 32 -65.96 -52.81 63.54
N ASN Q 33 -65.16 -52.40 62.56
CA ASN Q 33 -65.52 -52.53 61.15
C ASN Q 33 -64.83 -53.71 60.48
N LEU Q 34 -63.98 -54.43 61.19
CA LEU Q 34 -63.24 -55.54 60.60
C LEU Q 34 -64.12 -56.76 60.35
N MET Q 35 -65.25 -56.88 61.06
CA MET Q 35 -66.08 -58.08 60.97
C MET Q 35 -66.88 -58.18 59.67
N GLY Q 36 -66.86 -57.15 58.83
CA GLY Q 36 -67.49 -57.26 57.52
C GLY Q 36 -66.70 -58.14 56.58
N SER Q 37 -65.38 -58.21 56.76
CA SER Q 37 -64.53 -59.07 55.94
C SER Q 37 -63.31 -59.44 56.77
N GLN Q 38 -63.24 -60.68 57.24
CA GLN Q 38 -62.16 -61.12 58.10
C GLN Q 38 -60.91 -61.40 57.25
N HIS Q 39 -59.80 -60.76 57.62
CA HIS Q 39 -58.54 -60.96 56.94
C HIS Q 39 -57.41 -60.61 57.90
N SER Q 40 -56.28 -61.32 57.77
CA SER Q 40 -55.15 -61.16 58.68
C SER Q 40 -53.87 -60.98 57.88
N ALA Q 41 -53.60 -59.73 57.48
CA ALA Q 41 -52.37 -59.34 56.81
C ALA Q 41 -52.26 -57.82 56.85
N GLU Q 42 -51.14 -57.31 57.37
CA GLU Q 42 -50.95 -55.87 57.47
C GLU Q 42 -50.93 -55.11 56.14
N PRO Q 43 -50.26 -55.54 55.06
CA PRO Q 43 -50.32 -54.73 53.83
C PRO Q 43 -51.66 -54.76 53.14
N VAL Q 44 -52.44 -55.83 53.30
CA VAL Q 44 -53.83 -55.79 52.85
C VAL Q 44 -54.64 -54.89 53.78
N ASN Q 45 -54.30 -54.90 55.08
CA ASN Q 45 -54.93 -53.98 56.02
C ASN Q 45 -54.55 -52.54 55.75
N LYS Q 46 -53.34 -52.29 55.22
CA LYS Q 46 -53.01 -50.94 54.75
C LYS Q 46 -53.87 -50.55 53.55
N SER Q 47 -54.34 -51.52 52.79
CA SER Q 47 -55.38 -51.24 51.80
C SER Q 47 -56.77 -51.30 52.43
N LEU Q 48 -56.99 -52.15 53.43
CA LEU Q 48 -58.29 -52.21 54.07
C LEU Q 48 -58.57 -50.99 54.94
N VAL Q 49 -57.53 -50.34 55.48
CA VAL Q 49 -57.71 -49.03 56.08
C VAL Q 49 -58.12 -48.02 55.01
N ASP Q 50 -57.45 -48.07 53.85
CA ASP Q 50 -57.81 -47.19 52.74
C ASP Q 50 -59.17 -47.53 52.14
N GLN Q 51 -59.57 -48.81 52.19
CA GLN Q 51 -60.92 -49.17 51.76
C GLN Q 51 -61.96 -48.80 52.80
N MET Q 52 -61.55 -48.50 54.03
CA MET Q 52 -62.44 -47.90 55.02
C MET Q 52 -62.33 -46.38 55.04
N LEU Q 53 -61.46 -45.80 54.20
CA LEU Q 53 -61.42 -44.35 54.03
C LEU Q 53 -62.16 -43.88 52.78
N VAL Q 54 -62.16 -44.69 51.72
CA VAL Q 54 -62.92 -44.36 50.52
C VAL Q 54 -64.41 -44.48 50.80
N GLU Q 55 -64.82 -45.53 51.52
CA GLU Q 55 -66.22 -45.66 51.92
C GLU Q 55 -66.60 -44.63 52.97
N LEU Q 56 -65.63 -44.15 53.75
CA LEU Q 56 -65.89 -43.08 54.71
C LEU Q 56 -66.10 -41.75 53.99
N ASP Q 57 -65.29 -41.47 52.97
CA ASP Q 57 -65.44 -40.24 52.21
C ASP Q 57 -66.70 -40.22 51.38
N LYS Q 58 -67.26 -41.38 51.04
CA LYS Q 58 -68.58 -41.42 50.43
C LYS Q 58 -69.66 -41.05 51.44
N LYS Q 59 -69.40 -41.28 52.74
CA LYS Q 59 -70.35 -40.87 53.77
C LYS Q 59 -70.20 -39.40 54.12
N ILE Q 60 -68.98 -38.85 54.07
CA ILE Q 60 -68.77 -37.48 54.52
C ILE Q 60 -69.04 -36.48 53.41
N SER Q 61 -68.49 -36.73 52.21
CA SER Q 61 -68.62 -35.76 51.13
C SER Q 61 -70.05 -35.72 50.59
N ALA Q 62 -70.82 -36.79 50.75
CA ALA Q 62 -72.23 -36.71 50.42
C ALA Q 62 -73.01 -35.89 51.44
N GLN Q 63 -72.49 -35.77 52.66
CA GLN Q 63 -73.10 -34.87 53.64
C GLN Q 63 -72.61 -33.44 53.42
N MET Q 64 -71.34 -33.27 53.07
CA MET Q 64 -70.81 -31.94 52.81
C MET Q 64 -71.15 -31.41 51.42
N ASP Q 65 -71.83 -32.19 50.59
CA ASP Q 65 -72.53 -31.64 49.45
C ASP Q 65 -73.98 -31.35 49.77
N GLU Q 66 -74.37 -31.46 51.04
CA GLU Q 66 -75.70 -31.11 51.48
C GLU Q 66 -75.72 -30.08 52.59
N ILE Q 67 -74.68 -30.01 53.42
CA ILE Q 67 -74.54 -28.86 54.30
C ILE Q 67 -74.14 -27.63 53.51
N LEU Q 68 -73.31 -27.81 52.48
CA LEU Q 68 -73.15 -26.80 51.46
C LEU Q 68 -74.32 -26.91 50.48
N HIS Q 69 -74.29 -26.06 49.44
CA HIS Q 69 -75.22 -26.10 48.31
C HIS Q 69 -76.67 -25.90 48.72
N ASN Q 70 -76.90 -25.21 49.83
CA ASN Q 70 -78.22 -24.94 50.35
C ASN Q 70 -78.63 -23.53 49.98
N SER Q 71 -79.94 -23.31 49.82
CA SER Q 71 -80.44 -22.02 49.35
C SER Q 71 -80.23 -20.91 50.38
N GLN Q 72 -80.14 -21.27 51.67
CA GLN Q 72 -79.76 -20.28 52.68
C GLN Q 72 -78.25 -20.09 52.74
N PHE Q 73 -77.49 -21.15 52.51
CA PHE Q 73 -76.04 -21.05 52.60
C PHE Q 73 -75.45 -20.42 51.35
N GLN Q 74 -75.79 -20.96 50.18
CA GLN Q 74 -75.14 -20.55 48.93
C GLN Q 74 -75.50 -19.13 48.53
N ALA Q 75 -76.74 -18.71 48.78
CA ALA Q 75 -77.12 -17.32 48.51
C ALA Q 75 -76.47 -16.36 49.49
N MET Q 76 -76.11 -16.83 50.68
CA MET Q 76 -75.35 -16.04 51.63
C MET Q 76 -73.86 -16.34 51.57
N GLU Q 77 -73.43 -17.21 50.66
CA GLU Q 77 -72.00 -17.36 50.39
C GLU Q 77 -71.60 -16.55 49.16
N SER Q 78 -72.44 -16.57 48.11
CA SER Q 78 -72.15 -15.79 46.92
C SER Q 78 -72.26 -14.29 47.18
N ALA Q 79 -73.15 -13.89 48.07
CA ALA Q 79 -73.28 -12.49 48.44
C ALA Q 79 -72.17 -12.00 49.35
N TRP Q 80 -71.33 -12.90 49.85
CA TRP Q 80 -70.26 -12.53 50.76
C TRP Q 80 -68.87 -12.87 50.25
N ARG Q 81 -68.70 -14.02 49.58
CA ARG Q 81 -67.42 -14.29 48.93
C ARG Q 81 -67.26 -13.44 47.67
N GLY Q 82 -68.37 -13.09 47.03
CA GLY Q 82 -68.32 -12.13 45.94
C GLY Q 82 -67.91 -10.74 46.36
N LEU Q 83 -68.13 -10.39 47.62
CA LEU Q 83 -67.57 -9.16 48.16
C LEU Q 83 -66.05 -9.25 48.26
N LYS Q 84 -65.53 -10.42 48.62
CA LYS Q 84 -64.09 -10.61 48.71
C LYS Q 84 -63.42 -10.50 47.35
N LEU Q 85 -64.13 -10.89 46.28
CA LEU Q 85 -63.65 -10.62 44.93
C LEU Q 85 -63.70 -9.13 44.60
N PHE Q 86 -64.52 -8.35 45.28
CA PHE Q 86 -64.49 -6.92 45.09
C PHE Q 86 -63.48 -6.24 46.02
N VAL Q 87 -63.09 -6.89 47.10
CA VAL Q 87 -62.08 -6.31 47.98
C VAL Q 87 -60.66 -6.65 47.51
N ASP Q 88 -60.46 -7.87 47.01
CA ASP Q 88 -59.10 -8.30 46.64
C ASP Q 88 -58.61 -7.63 45.36
N ARG Q 89 -59.49 -7.27 44.44
CA ARG Q 89 -59.04 -6.71 43.18
C ARG Q 89 -58.77 -5.22 43.27
N THR Q 90 -59.61 -4.49 44.01
CA THR Q 90 -59.51 -3.04 44.05
C THR Q 90 -58.39 -2.61 44.97
N ASP Q 91 -57.51 -1.75 44.47
CA ASP Q 91 -56.33 -1.34 45.21
C ASP Q 91 -56.74 -0.22 46.17
N PHE Q 92 -56.85 -0.55 47.45
CA PHE Q 92 -57.25 0.43 48.45
C PHE Q 92 -56.15 1.42 48.77
N ARG Q 93 -54.91 1.16 48.36
CA ARG Q 93 -53.87 2.17 48.50
C ARG Q 93 -54.03 3.31 47.51
N GLU Q 94 -54.69 3.06 46.38
CA GLU Q 94 -54.88 4.09 45.36
C GLU Q 94 -56.21 4.82 45.52
N ASN Q 95 -56.47 5.30 46.74
CA ASN Q 95 -57.60 6.18 47.08
C ASN Q 95 -58.94 5.55 46.72
N ASN Q 96 -59.26 4.45 47.39
CA ASN Q 96 -60.53 3.77 47.21
C ASN Q 96 -61.06 3.33 48.56
N LYS Q 97 -62.35 3.52 48.77
CA LYS Q 97 -63.03 3.00 49.94
C LYS Q 97 -64.36 2.42 49.50
N VAL Q 98 -64.89 1.49 50.29
CA VAL Q 98 -66.16 0.86 49.95
C VAL Q 98 -66.98 0.65 51.22
N GLU Q 99 -68.21 1.16 51.20
CA GLU Q 99 -69.11 0.99 52.32
C GLU Q 99 -69.99 -0.23 52.11
N ILE Q 100 -70.36 -0.87 53.22
CA ILE Q 100 -71.11 -2.12 53.23
C ILE Q 100 -72.40 -1.89 54.01
N LEU Q 101 -73.53 -2.02 53.33
CA LEU Q 101 -74.83 -1.78 53.95
C LEU Q 101 -75.64 -3.07 53.93
N HIS Q 102 -76.11 -3.48 55.11
CA HIS Q 102 -77.00 -4.62 55.25
C HIS Q 102 -78.43 -4.15 55.09
N VAL Q 103 -79.01 -4.39 53.93
CA VAL Q 103 -80.45 -4.35 53.76
C VAL Q 103 -80.88 -5.72 53.27
N THR Q 104 -82.19 -5.90 53.18
CA THR Q 104 -82.71 -6.95 52.31
C THR Q 104 -83.54 -6.29 51.23
N LYS Q 105 -83.71 -7.01 50.12
CA LYS Q 105 -84.35 -6.44 48.94
C LYS Q 105 -85.81 -6.15 49.16
N ASP Q 106 -86.47 -6.94 50.02
CA ASP Q 106 -87.85 -6.65 50.35
C ASP Q 106 -87.97 -5.52 51.36
N GLU Q 107 -86.93 -5.30 52.17
CA GLU Q 107 -86.96 -4.20 53.13
C GLU Q 107 -86.79 -2.87 52.43
N LEU Q 108 -86.08 -2.86 51.29
CA LEU Q 108 -85.67 -1.59 50.70
C LEU Q 108 -86.83 -0.89 50.02
N LEU Q 109 -87.71 -1.65 49.36
CA LEU Q 109 -88.90 -1.04 48.76
C LEU Q 109 -89.86 -0.56 49.83
N GLU Q 110 -89.94 -1.28 50.96
CA GLU Q 110 -90.73 -0.81 52.10
C GLU Q 110 -90.15 0.47 52.68
N ASP Q 111 -88.84 0.64 52.63
CA ASP Q 111 -88.20 1.85 53.12
C ASP Q 111 -88.43 3.03 52.17
N PHE Q 112 -88.66 2.78 50.89
CA PHE Q 112 -89.12 3.84 50.01
C PHE Q 112 -90.62 4.06 50.12
N GLU Q 113 -91.36 3.05 50.54
CA GLU Q 113 -92.75 3.23 50.92
C GLU Q 113 -92.87 3.92 52.29
N PHE Q 114 -91.80 3.85 53.08
CA PHE Q 114 -91.76 4.46 54.41
C PHE Q 114 -91.87 5.98 54.34
N ALA Q 115 -91.02 6.61 53.54
CA ALA Q 115 -91.03 8.06 53.45
C ALA Q 115 -91.98 8.53 52.36
N PRO Q 116 -92.63 9.69 52.54
CA PRO Q 116 -93.51 10.22 51.48
C PRO Q 116 -92.74 10.72 50.26
N GLU Q 117 -91.47 11.06 50.42
CA GLU Q 117 -90.64 11.53 49.33
C GLU Q 117 -89.29 10.82 49.39
N THR Q 118 -88.70 10.59 48.22
CA THR Q 118 -87.39 9.95 48.14
C THR Q 118 -86.29 10.76 48.80
N ALA Q 119 -86.49 12.07 48.95
CA ALA Q 119 -85.56 12.94 49.64
C ALA Q 119 -85.69 12.88 51.16
N GLN Q 120 -86.50 11.97 51.69
CA GLN Q 120 -86.55 11.74 53.13
C GLN Q 120 -86.44 10.26 53.47
N SER Q 121 -85.99 9.43 52.54
CA SER Q 121 -85.94 7.99 52.74
C SER Q 121 -84.80 7.61 53.67
N GLY Q 122 -84.72 6.32 54.00
CA GLY Q 122 -83.62 5.83 54.80
C GLY Q 122 -82.40 5.47 53.97
N LEU Q 123 -82.60 5.10 52.71
CA LEU Q 123 -81.47 4.87 51.84
C LEU Q 123 -80.88 6.19 51.35
N TYR Q 124 -81.72 7.23 51.26
CA TYR Q 124 -81.23 8.58 50.94
C TYR Q 124 -80.33 9.12 52.03
N LYS Q 125 -80.47 8.63 53.25
CA LYS Q 125 -79.57 9.06 54.32
C LYS Q 125 -78.18 8.49 54.13
N HIS Q 126 -78.07 7.26 53.64
CA HIS Q 126 -76.77 6.63 53.52
C HIS Q 126 -76.09 6.88 52.19
N VAL Q 127 -76.85 7.18 51.14
CA VAL Q 127 -76.25 7.47 49.85
C VAL Q 127 -75.89 8.94 49.73
N TYR Q 128 -76.83 9.82 50.08
CA TYR Q 128 -76.63 11.25 49.90
C TYR Q 128 -76.03 11.91 51.14
N SER Q 129 -76.75 11.85 52.27
CA SER Q 129 -76.45 12.77 53.35
C SER Q 129 -75.27 12.31 54.21
N ALA Q 130 -75.10 11.01 54.42
CA ALA Q 130 -73.94 10.57 55.19
C ALA Q 130 -72.67 10.60 54.37
N GLY Q 131 -72.78 10.68 53.06
CA GLY Q 131 -71.65 10.73 52.17
C GLY Q 131 -71.53 12.09 51.51
N TYR Q 132 -72.15 12.18 50.32
CA TYR Q 132 -72.04 13.34 49.45
C TYR Q 132 -72.58 14.61 50.10
N GLY Q 133 -73.75 14.56 50.69
CA GLY Q 133 -74.31 15.74 51.33
C GLY Q 133 -73.80 15.93 52.74
N GLN Q 134 -72.49 16.15 52.86
CA GLN Q 134 -71.84 16.21 54.17
C GLN Q 134 -70.58 17.04 54.02
N PHE Q 135 -70.35 17.94 54.96
CA PHE Q 135 -69.13 18.75 54.92
C PHE Q 135 -67.93 17.87 55.23
N GLY Q 136 -67.05 17.72 54.25
CA GLY Q 136 -65.85 16.93 54.39
C GLY Q 136 -66.01 15.45 54.17
N GLY Q 137 -67.24 14.94 54.13
CA GLY Q 137 -67.45 13.53 53.93
C GLY Q 137 -67.17 13.11 52.51
N GLU Q 138 -66.66 11.90 52.36
CA GLU Q 138 -66.35 11.38 51.03
C GLU Q 138 -67.63 11.03 50.28
N PRO Q 139 -67.77 11.42 49.03
CA PRO Q 139 -69.04 11.24 48.33
C PRO Q 139 -69.08 9.87 47.65
N VAL Q 140 -70.29 9.48 47.24
CA VAL Q 140 -70.56 8.13 46.77
C VAL Q 140 -70.43 8.07 45.26
N GLY Q 141 -69.58 7.17 44.77
CA GLY Q 141 -69.39 7.01 43.35
C GLY Q 141 -70.48 6.19 42.69
N ALA Q 142 -70.76 5.00 43.23
CA ALA Q 142 -71.77 4.13 42.63
C ALA Q 142 -72.37 3.23 43.71
N ILE Q 143 -73.55 2.70 43.42
CA ILE Q 143 -74.25 1.80 44.33
C ILE Q 143 -74.29 0.42 43.70
N ILE Q 144 -73.61 -0.53 44.31
CA ILE Q 144 -73.67 -1.92 43.87
C ILE Q 144 -74.94 -2.54 44.40
N GLY Q 145 -75.82 -2.95 43.50
CA GLY Q 145 -77.02 -3.66 43.90
C GLY Q 145 -76.81 -5.16 43.82
N ASN Q 146 -76.81 -5.83 44.97
CA ASN Q 146 -76.58 -7.27 45.03
C ASN Q 146 -77.91 -8.02 44.92
N TYR Q 147 -78.65 -7.70 43.87
CA TYR Q 147 -80.05 -8.06 43.75
C TYR Q 147 -80.27 -8.92 42.51
N ALA Q 148 -81.48 -9.45 42.40
CA ALA Q 148 -81.91 -10.22 41.24
C ALA Q 148 -83.26 -9.65 40.82
N PHE Q 149 -83.25 -8.79 39.81
CA PHE Q 149 -84.44 -8.03 39.46
C PHE Q 149 -85.38 -8.81 38.57
N THR Q 150 -86.64 -8.76 38.90
CA THR Q 150 -87.77 -9.21 38.10
C THR Q 150 -88.35 -8.03 37.35
N PRO Q 151 -89.18 -8.24 36.34
CA PRO Q 151 -89.87 -7.11 35.72
C PRO Q 151 -91.20 -6.78 36.36
N SER Q 152 -91.45 -7.28 37.57
CA SER Q 152 -92.73 -7.08 38.24
C SER Q 152 -92.80 -5.68 38.85
N THR Q 153 -93.97 -5.34 39.35
CA THR Q 153 -94.25 -4.06 39.98
C THR Q 153 -93.45 -3.81 41.27
N PRO Q 154 -93.19 -4.78 42.17
CA PRO Q 154 -92.28 -4.47 43.28
C PRO Q 154 -90.81 -4.36 42.91
N ASP Q 155 -90.44 -4.51 41.64
CA ASP Q 155 -89.07 -4.26 41.19
C ASP Q 155 -88.96 -3.17 40.14
N MET Q 156 -90.06 -2.71 39.57
CA MET Q 156 -90.04 -1.48 38.80
C MET Q 156 -90.42 -0.27 39.63
N LYS Q 157 -91.01 -0.48 40.80
CA LYS Q 157 -91.22 0.61 41.74
C LYS Q 157 -89.93 0.91 42.49
N LEU Q 158 -89.09 -0.11 42.71
CA LEU Q 158 -87.80 0.12 43.34
C LEU Q 158 -86.88 0.91 42.43
N LEU Q 159 -86.79 0.53 41.16
CA LEU Q 159 -85.87 1.20 40.26
C LEU Q 159 -86.35 2.60 39.89
N GLN Q 160 -87.65 2.85 39.96
CA GLN Q 160 -88.12 4.22 39.83
C GLN Q 160 -87.68 5.07 41.01
N TYR Q 161 -87.59 4.46 42.18
CA TYR Q 161 -87.09 5.12 43.38
C TYR Q 161 -85.59 4.97 43.56
N MET Q 162 -84.90 4.29 42.64
CA MET Q 162 -83.45 4.32 42.63
C MET Q 162 -82.89 5.20 41.52
N GLY Q 163 -83.65 5.40 40.45
CA GLY Q 163 -83.25 6.39 39.47
C GLY Q 163 -83.41 7.80 39.99
N ALA Q 164 -84.41 8.04 40.83
CA ALA Q 164 -84.55 9.35 41.46
C ALA Q 164 -83.53 9.55 42.56
N LEU Q 165 -83.13 8.48 43.23
CA LEU Q 165 -82.04 8.59 44.20
C LEU Q 165 -80.70 8.78 43.51
N GLY Q 166 -80.50 8.11 42.37
CA GLY Q 166 -79.27 8.27 41.62
C GLY Q 166 -79.13 9.62 40.94
N ALA Q 167 -80.24 10.31 40.72
CA ALA Q 167 -80.18 11.64 40.14
C ALA Q 167 -79.99 12.72 41.18
N MET Q 168 -80.08 12.39 42.45
CA MET Q 168 -79.84 13.37 43.50
C MET Q 168 -78.42 13.32 44.02
N ALA Q 169 -77.86 12.14 44.20
CA ALA Q 169 -76.50 11.99 44.71
C ALA Q 169 -75.47 11.80 43.62
N HIS Q 170 -75.90 11.85 42.35
CA HIS Q 170 -75.05 11.71 41.17
C HIS Q 170 -74.25 10.40 41.19
N ALA Q 171 -74.94 9.32 41.46
CA ALA Q 171 -74.28 8.02 41.52
C ALA Q 171 -75.18 6.98 40.88
N PRO Q 172 -74.74 6.31 39.83
CA PRO Q 172 -75.60 5.32 39.19
C PRO Q 172 -75.69 4.05 40.01
N PHE Q 173 -76.89 3.47 40.02
CA PHE Q 173 -77.17 2.25 40.75
C PHE Q 173 -76.98 1.05 39.81
N ILE Q 174 -75.93 0.27 40.07
CA ILE Q 174 -75.63 -0.90 39.24
C ILE Q 174 -76.07 -2.15 39.97
N SER Q 175 -76.85 -2.98 39.28
CA SER Q 175 -77.38 -4.23 39.80
C SER Q 175 -77.52 -5.18 38.62
N SER Q 176 -78.27 -6.25 38.79
CA SER Q 176 -78.42 -7.21 37.70
C SER Q 176 -79.85 -7.68 37.58
N VAL Q 177 -80.21 -8.09 36.37
CA VAL Q 177 -81.48 -8.73 36.11
C VAL Q 177 -81.29 -10.23 36.28
N GLY Q 178 -82.40 -10.92 36.51
CA GLY Q 178 -82.35 -12.35 36.73
C GLY Q 178 -82.67 -13.14 35.48
N PRO Q 179 -82.65 -14.47 35.60
CA PRO Q 179 -83.14 -15.30 34.50
C PRO Q 179 -84.58 -15.05 34.18
N GLU Q 180 -85.42 -14.91 35.22
CA GLU Q 180 -86.85 -14.69 35.05
C GLU Q 180 -87.16 -13.31 34.48
N PHE Q 181 -86.19 -12.42 34.41
CA PHE Q 181 -86.40 -11.13 33.75
C PHE Q 181 -86.61 -11.34 32.26
N PHE Q 182 -85.83 -12.22 31.65
CA PHE Q 182 -85.99 -12.51 30.24
C PHE Q 182 -87.11 -13.51 29.98
N GLY Q 183 -87.64 -14.14 31.01
CA GLY Q 183 -88.72 -15.10 30.85
C GLY Q 183 -88.25 -16.46 30.38
N ILE Q 184 -87.21 -16.97 31.00
CA ILE Q 184 -86.67 -18.28 30.63
C ILE Q 184 -86.61 -19.26 31.80
N ASP Q 185 -86.61 -18.79 33.05
CA ASP Q 185 -86.73 -19.58 34.28
C ASP Q 185 -85.58 -20.56 34.54
N SER Q 186 -84.58 -20.57 33.66
CA SER Q 186 -83.39 -21.40 33.73
C SER Q 186 -82.42 -20.77 32.74
N PHE Q 187 -81.21 -20.44 33.17
CA PHE Q 187 -80.50 -19.38 32.48
C PHE Q 187 -79.76 -19.83 31.22
N GLU Q 188 -79.31 -21.08 31.14
CA GLU Q 188 -78.44 -21.48 30.05
C GLU Q 188 -79.14 -21.60 28.69
N GLU Q 189 -80.41 -21.27 28.60
CA GLU Q 189 -81.11 -21.20 27.33
C GLU Q 189 -81.25 -19.77 26.81
N LEU Q 190 -80.28 -18.92 27.10
CA LEU Q 190 -80.33 -17.55 26.60
C LEU Q 190 -79.90 -17.41 25.13
N PRO Q 191 -78.85 -18.06 24.61
CA PRO Q 191 -78.58 -17.94 23.17
C PRO Q 191 -79.64 -18.60 22.29
N ASN Q 192 -80.52 -19.42 22.85
CA ASN Q 192 -81.61 -20.00 22.07
C ASN Q 192 -82.64 -18.95 21.70
N ILE Q 193 -82.64 -17.80 22.37
CA ILE Q 193 -83.56 -16.71 22.03
C ILE Q 193 -83.19 -16.17 20.65
N LYS Q 194 -84.11 -16.28 19.71
CA LYS Q 194 -83.84 -15.89 18.33
C LYS Q 194 -84.30 -14.48 18.00
N ASP Q 195 -85.09 -13.85 18.87
CA ASP Q 195 -85.48 -12.46 18.68
C ASP Q 195 -85.74 -11.88 20.06
N LEU Q 196 -84.78 -11.11 20.55
CA LEU Q 196 -84.89 -10.50 21.88
C LEU Q 196 -85.46 -9.10 21.83
N LYS Q 197 -85.52 -8.50 20.63
CA LYS Q 197 -86.16 -7.20 20.48
C LYS Q 197 -87.66 -7.29 20.66
N SER Q 198 -88.28 -8.36 20.16
CA SER Q 198 -89.72 -8.51 20.30
C SER Q 198 -90.13 -8.96 21.69
N THR Q 199 -89.20 -9.54 22.45
CA THR Q 199 -89.51 -9.95 23.82
C THR Q 199 -89.74 -8.73 24.70
N PHE Q 200 -88.99 -7.66 24.49
CA PHE Q 200 -89.09 -6.47 25.31
C PHE Q 200 -90.26 -5.57 24.92
N GLU Q 201 -90.92 -5.82 23.79
CA GLU Q 201 -92.10 -5.08 23.37
C GLU Q 201 -93.39 -5.84 23.67
N SER Q 202 -93.42 -6.57 24.81
CA SER Q 202 -94.49 -7.33 25.42
C SER Q 202 -95.21 -6.50 26.48
N PRO Q 203 -96.52 -6.72 26.67
CA PRO Q 203 -97.24 -5.94 27.69
C PRO Q 203 -96.91 -6.32 29.12
N LYS Q 204 -96.09 -7.34 29.36
CA LYS Q 204 -95.58 -7.57 30.71
C LYS Q 204 -94.58 -6.49 31.12
N TYR Q 205 -93.95 -5.85 30.14
CA TYR Q 205 -92.88 -4.88 30.37
C TYR Q 205 -93.36 -3.45 30.18
N THR Q 206 -94.60 -3.13 30.56
CA THR Q 206 -95.06 -1.76 30.46
C THR Q 206 -94.42 -0.88 31.53
N LYS Q 207 -94.12 -1.47 32.68
CA LYS Q 207 -93.37 -0.77 33.72
C LYS Q 207 -91.87 -0.83 33.50
N TRP Q 208 -91.41 -1.45 32.42
CA TRP Q 208 -90.01 -1.41 32.00
C TRP Q 208 -89.79 -0.37 30.90
N ARG Q 209 -90.63 -0.39 29.86
CA ARG Q 209 -90.51 0.57 28.77
C ARG Q 209 -90.92 1.97 29.18
N SER Q 210 -91.64 2.12 30.29
CA SER Q 210 -91.87 3.44 30.84
C SER Q 210 -90.76 3.87 31.80
N LEU Q 211 -90.04 2.91 32.37
CA LEU Q 211 -88.84 3.24 33.14
C LEU Q 211 -87.73 3.74 32.23
N ARG Q 212 -87.60 3.13 31.05
CA ARG Q 212 -86.51 3.47 30.14
C ARG Q 212 -86.67 4.88 29.57
N GLU Q 213 -87.90 5.28 29.29
CA GLU Q 213 -88.13 6.61 28.74
C GLU Q 213 -87.93 7.72 29.77
N SER Q 214 -87.89 7.39 31.05
CA SER Q 214 -87.84 8.41 32.10
C SER Q 214 -86.48 9.09 32.13
N GLU Q 215 -86.47 10.29 32.69
CA GLU Q 215 -85.27 11.12 32.67
C GLU Q 215 -84.25 10.66 33.68
N ASP Q 216 -84.68 10.27 34.88
CA ASP Q 216 -83.77 9.85 35.92
C ASP Q 216 -83.30 8.41 35.76
N ALA Q 217 -83.67 7.72 34.69
CA ALA Q 217 -83.17 6.38 34.41
C ALA Q 217 -81.72 6.38 33.95
N ARG Q 218 -81.15 7.56 33.72
CA ARG Q 218 -79.78 7.71 33.29
C ARG Q 218 -78.79 7.16 34.31
N TYR Q 219 -79.19 7.14 35.58
CA TYR Q 219 -78.36 6.67 36.68
C TYR Q 219 -78.71 5.26 37.08
N LEU Q 220 -79.04 4.41 36.12
CA LEU Q 220 -79.40 3.02 36.38
C LEU Q 220 -78.80 2.14 35.30
N GLY Q 221 -77.78 1.38 35.65
CA GLY Q 221 -77.26 0.32 34.79
C GLY Q 221 -77.61 -1.02 35.40
N LEU Q 222 -78.01 -1.96 34.54
CA LEU Q 222 -78.32 -3.32 35.00
C LEU Q 222 -77.43 -4.30 34.25
N THR Q 223 -76.71 -5.11 35.01
CA THR Q 223 -75.52 -5.77 34.50
C THR Q 223 -75.84 -7.15 33.92
N ALA Q 224 -74.80 -7.95 33.79
CA ALA Q 224 -74.52 -9.17 33.05
C ALA Q 224 -75.33 -10.39 33.47
N PRO Q 225 -75.14 -11.56 32.83
CA PRO Q 225 -75.73 -12.79 33.38
C PRO Q 225 -75.42 -13.13 34.83
N ARG Q 226 -74.21 -13.59 35.14
CA ARG Q 226 -73.69 -14.03 36.44
C ARG Q 226 -72.26 -14.44 36.17
N PHE Q 227 -71.52 -14.72 37.25
CA PHE Q 227 -70.16 -15.20 37.06
C PHE Q 227 -69.79 -16.11 38.22
N LEU Q 228 -68.79 -16.96 37.98
CA LEU Q 228 -68.39 -18.00 38.92
C LEU Q 228 -67.45 -17.43 39.97
N LEU Q 229 -67.56 -17.96 41.20
CA LEU Q 229 -66.74 -17.51 42.32
C LEU Q 229 -65.79 -18.57 42.84
N ARG Q 230 -66.28 -19.78 43.09
CA ARG Q 230 -65.50 -20.79 43.77
C ARG Q 230 -65.33 -22.01 42.87
N VAL Q 231 -64.08 -22.37 42.62
CA VAL Q 231 -63.77 -23.66 42.01
C VAL Q 231 -64.15 -24.77 42.99
N PRO Q 232 -64.92 -25.78 42.58
CA PRO Q 232 -65.19 -26.90 43.47
C PRO Q 232 -63.92 -27.67 43.79
N TYR Q 233 -63.82 -28.11 45.05
CA TYR Q 233 -62.57 -28.59 45.61
C TYR Q 233 -62.22 -29.96 45.06
N ASP Q 234 -60.96 -30.35 45.27
CA ASP Q 234 -60.41 -31.56 44.68
C ASP Q 234 -59.25 -32.01 45.53
N PRO Q 235 -59.07 -33.32 45.76
CA PRO Q 235 -57.94 -33.76 46.60
C PRO Q 235 -56.56 -33.61 45.95
N ILE Q 236 -56.48 -33.20 44.70
CA ILE Q 236 -55.20 -32.97 44.02
C ILE Q 236 -55.01 -31.49 43.69
N GLU Q 237 -56.03 -30.85 43.12
CA GLU Q 237 -55.89 -29.48 42.65
C GLU Q 237 -55.96 -28.47 43.80
N ASN Q 238 -57.09 -28.41 44.49
CA ASN Q 238 -57.33 -27.48 45.59
C ASN Q 238 -57.71 -28.29 46.81
N PRO Q 239 -56.74 -28.83 47.54
CA PRO Q 239 -57.05 -29.74 48.65
C PRO Q 239 -57.48 -28.97 49.90
N VAL Q 240 -57.95 -29.74 50.87
CA VAL Q 240 -58.29 -29.22 52.19
C VAL Q 240 -57.42 -29.92 53.22
N LYS Q 241 -57.27 -29.28 54.38
CA LYS Q 241 -56.31 -29.72 55.39
C LYS Q 241 -56.81 -30.98 56.09
N SER Q 242 -55.98 -32.04 56.04
CA SER Q 242 -56.21 -33.32 56.71
C SER Q 242 -57.50 -34.00 56.27
N PHE Q 243 -57.89 -33.79 55.00
CA PHE Q 243 -59.11 -34.36 54.45
C PHE Q 243 -58.99 -34.34 52.94
N ASN Q 244 -59.70 -35.26 52.29
CA ASN Q 244 -59.78 -35.31 50.83
C ASN Q 244 -61.24 -35.07 50.45
N TYR Q 245 -61.50 -33.93 49.81
CA TYR Q 245 -62.87 -33.48 49.53
C TYR Q 245 -63.05 -33.32 48.03
N ALA Q 246 -63.79 -34.23 47.42
CA ALA Q 246 -64.17 -34.13 46.02
C ALA Q 246 -65.63 -33.68 45.97
N GLU Q 247 -65.84 -32.42 45.62
CA GLU Q 247 -67.18 -31.83 45.61
C GLU Q 247 -67.91 -32.32 44.36
N ASN Q 248 -68.81 -33.28 44.54
CA ASN Q 248 -69.53 -33.88 43.42
C ASN Q 248 -70.58 -32.90 42.91
N VAL Q 249 -70.22 -32.16 41.87
CA VAL Q 249 -71.14 -31.21 41.25
C VAL Q 249 -71.99 -31.95 40.23
N SER Q 250 -73.31 -31.89 40.41
CA SER Q 250 -74.24 -32.64 39.59
C SER Q 250 -74.48 -31.90 38.27
N ALA Q 251 -75.46 -32.37 37.50
CA ALA Q 251 -75.81 -31.73 36.24
C ALA Q 251 -76.51 -30.40 36.44
N SER Q 252 -77.06 -30.16 37.62
CA SER Q 252 -77.63 -28.86 37.94
C SER Q 252 -76.49 -27.86 38.15
N HIS Q 253 -76.44 -26.83 37.30
CA HIS Q 253 -75.41 -25.80 37.42
C HIS Q 253 -75.79 -24.71 38.41
N GLU Q 254 -76.80 -24.92 39.23
CA GLU Q 254 -77.10 -24.00 40.32
C GLU Q 254 -76.26 -24.28 41.55
N HIS Q 255 -75.54 -25.40 41.59
CA HIS Q 255 -74.73 -25.73 42.75
C HIS Q 255 -73.38 -25.04 42.74
N TYR Q 256 -72.92 -24.60 41.58
CA TYR Q 256 -71.76 -23.72 41.53
C TYR Q 256 -72.06 -22.41 42.24
N LEU Q 257 -71.05 -21.85 42.89
CA LEU Q 257 -71.23 -20.61 43.64
C LEU Q 257 -71.26 -19.46 42.64
N TRP Q 258 -72.44 -19.21 42.10
CA TRP Q 258 -72.58 -18.14 41.12
C TRP Q 258 -72.79 -16.80 41.82
N GLY Q 259 -71.90 -15.86 41.56
CA GLY Q 259 -71.97 -14.55 42.16
C GLY Q 259 -72.89 -13.61 41.40
N ASN Q 260 -72.90 -12.36 41.85
CA ASN Q 260 -73.66 -11.30 41.20
C ASN Q 260 -72.70 -10.35 40.50
N THR Q 261 -72.98 -10.02 39.25
CA THR Q 261 -72.00 -9.34 38.42
C THR Q 261 -71.95 -7.83 38.69
N ALA Q 262 -72.83 -7.31 39.55
CA ALA Q 262 -72.64 -5.94 40.02
C ALA Q 262 -71.36 -5.80 40.84
N PHE Q 263 -70.92 -6.89 41.47
CA PHE Q 263 -69.56 -6.95 42.00
C PHE Q 263 -68.53 -6.80 40.89
N ALA Q 264 -68.67 -7.60 39.83
CA ALA Q 264 -67.62 -7.67 38.81
C ALA Q 264 -67.62 -6.46 37.89
N PHE Q 265 -68.75 -5.78 37.71
CA PHE Q 265 -68.72 -4.57 36.90
C PHE Q 265 -68.18 -3.38 37.68
N ALA Q 266 -68.42 -3.35 38.98
CA ALA Q 266 -67.80 -2.33 39.81
C ALA Q 266 -66.33 -2.60 40.08
N THR Q 267 -65.85 -3.80 39.75
CA THR Q 267 -64.41 -4.02 39.75
C THR Q 267 -63.74 -3.18 38.67
N ARG Q 268 -64.41 -3.00 37.54
CA ARG Q 268 -63.87 -2.20 36.45
C ARG Q 268 -64.11 -0.71 36.63
N LEU Q 269 -65.08 -0.32 37.44
CA LEU Q 269 -65.18 1.08 37.84
C LEU Q 269 -64.02 1.49 38.72
N THR Q 270 -63.54 0.57 39.54
CA THR Q 270 -62.53 0.94 40.51
C THR Q 270 -61.12 0.68 39.99
N ASP Q 271 -60.92 -0.40 39.22
CA ASP Q 271 -59.62 -0.61 38.60
C ASP Q 271 -59.35 0.36 37.46
N SER Q 272 -60.36 1.06 36.97
CA SER Q 272 -60.10 2.22 36.13
C SER Q 272 -59.76 3.45 36.94
N PHE Q 273 -60.32 3.57 38.15
CA PHE Q 273 -59.99 4.71 38.98
C PHE Q 273 -58.64 4.58 39.63
N ALA Q 274 -58.18 3.37 39.89
CA ALA Q 274 -56.90 3.19 40.53
C ALA Q 274 -55.73 3.43 39.60
N LYS Q 275 -55.99 3.57 38.31
CA LYS Q 275 -54.94 3.79 37.31
C LYS Q 275 -54.92 5.21 36.79
N TYR Q 276 -56.08 5.78 36.47
CA TYR Q 276 -56.15 7.07 35.82
C TYR Q 276 -56.85 8.14 36.64
N ARG Q 277 -57.38 7.78 37.82
CA ARG Q 277 -58.15 8.67 38.71
C ARG Q 277 -59.39 9.24 38.03
N TRP Q 278 -59.93 8.51 37.07
CA TRP Q 278 -61.23 8.79 36.48
C TRP Q 278 -61.87 7.44 36.16
N CYS Q 279 -63.06 7.48 35.57
CA CYS Q 279 -63.69 6.26 35.09
C CYS Q 279 -64.56 6.50 33.85
N PRO Q 280 -63.95 6.68 32.67
CA PRO Q 280 -64.66 6.31 31.45
C PRO Q 280 -64.22 4.96 30.91
N ASN Q 281 -63.18 4.38 31.50
CA ASN Q 281 -62.50 3.22 30.93
C ASN Q 281 -63.09 1.95 31.51
N ILE Q 282 -64.26 1.56 30.99
CA ILE Q 282 -64.93 0.36 31.46
C ILE Q 282 -65.44 -0.54 30.34
N ILE Q 283 -65.17 -0.21 29.08
CA ILE Q 283 -65.77 -0.96 27.99
C ILE Q 283 -64.74 -1.59 27.06
N GLY Q 284 -63.55 -1.91 27.54
CA GLY Q 284 -62.52 -2.43 26.68
C GLY Q 284 -61.97 -3.79 27.06
N PRO Q 285 -61.99 -4.73 26.12
CA PRO Q 285 -61.30 -6.01 26.35
C PRO Q 285 -59.79 -5.86 26.44
N GLN Q 286 -59.23 -4.80 25.86
CA GLN Q 286 -57.85 -4.42 26.10
C GLN Q 286 -57.76 -3.00 26.62
N SER Q 287 -58.85 -2.44 27.12
CA SER Q 287 -58.86 -1.04 27.52
C SER Q 287 -59.65 -0.82 28.80
N GLY Q 288 -59.74 -1.81 29.66
CA GLY Q 288 -60.30 -1.64 30.97
C GLY Q 288 -61.72 -2.14 31.20
N GLY Q 289 -62.20 -3.06 30.39
CA GLY Q 289 -63.48 -3.66 30.66
C GLY Q 289 -63.35 -5.17 30.68
N ALA Q 290 -62.14 -5.65 30.93
CA ALA Q 290 -61.81 -7.06 30.87
C ALA Q 290 -61.79 -7.64 32.28
N VAL Q 291 -62.83 -8.37 32.66
CA VAL Q 291 -62.86 -9.07 33.94
C VAL Q 291 -61.95 -10.29 33.80
N GLU Q 292 -60.74 -10.18 34.32
CA GLU Q 292 -59.77 -11.26 34.20
C GLU Q 292 -59.80 -12.13 35.45
N ASP Q 293 -59.06 -13.24 35.37
CA ASP Q 293 -58.85 -14.21 36.46
C ASP Q 293 -60.18 -14.78 36.97
N LEU Q 294 -60.98 -15.26 36.04
CA LEU Q 294 -62.20 -15.93 36.45
C LEU Q 294 -61.88 -17.36 36.88
N PRO Q 295 -62.69 -17.94 37.76
CA PRO Q 295 -62.54 -19.36 38.09
C PRO Q 295 -63.00 -20.24 36.94
N VAL Q 296 -62.22 -21.28 36.67
CA VAL Q 296 -62.59 -22.28 35.67
C VAL Q 296 -62.63 -23.64 36.33
N HIS Q 297 -63.42 -24.55 35.74
CA HIS Q 297 -63.60 -25.89 36.27
C HIS Q 297 -63.56 -26.86 35.10
N VAL Q 298 -62.40 -27.46 34.87
CA VAL Q 298 -62.23 -28.42 33.79
C VAL Q 298 -62.84 -29.74 34.24
N PHE Q 299 -63.92 -30.15 33.59
CA PHE Q 299 -64.55 -31.43 33.87
C PHE Q 299 -64.66 -32.24 32.58
N GLU Q 300 -65.09 -33.49 32.75
CA GLU Q 300 -65.22 -34.39 31.62
C GLU Q 300 -66.61 -34.28 31.01
N SER Q 301 -66.68 -33.93 29.74
CA SER Q 301 -67.93 -33.89 29.00
C SER Q 301 -68.22 -35.27 28.42
N MET Q 302 -69.15 -35.33 27.47
CA MET Q 302 -69.49 -36.58 26.79
C MET Q 302 -68.38 -36.96 25.81
N GLY Q 303 -67.28 -37.45 26.37
CA GLY Q 303 -66.12 -37.87 25.61
C GLY Q 303 -64.93 -36.94 25.66
N ALA Q 304 -65.18 -35.64 25.58
CA ALA Q 304 -64.11 -34.65 25.50
C ALA Q 304 -63.80 -34.07 26.87
N LEU Q 305 -62.76 -33.24 26.90
CA LEU Q 305 -62.34 -32.53 28.11
C LEU Q 305 -62.60 -31.05 27.88
N GLN Q 306 -63.69 -30.55 28.44
CA GLN Q 306 -64.05 -29.15 28.27
C GLN Q 306 -63.95 -28.43 29.61
N SER Q 307 -64.25 -27.14 29.58
CA SER Q 307 -64.24 -26.30 30.77
C SER Q 307 -65.62 -25.73 31.01
N LYS Q 308 -66.01 -25.62 32.28
CA LYS Q 308 -67.25 -24.95 32.62
C LYS Q 308 -67.11 -23.46 32.37
N ILE Q 309 -68.09 -22.90 31.66
CA ILE Q 309 -68.03 -21.49 31.28
C ILE Q 309 -68.23 -20.61 32.52
N PRO Q 310 -67.32 -19.68 32.80
CA PRO Q 310 -67.43 -18.90 34.04
C PRO Q 310 -68.59 -17.93 34.06
N THR Q 311 -69.10 -17.49 32.93
CA THR Q 311 -70.43 -16.90 32.86
C THR Q 311 -71.35 -17.94 32.29
N GLU Q 312 -72.62 -17.93 32.72
CA GLU Q 312 -73.47 -19.10 32.51
C GLU Q 312 -73.91 -19.28 31.07
N VAL Q 313 -73.79 -18.25 30.23
CA VAL Q 313 -74.04 -18.40 28.80
C VAL Q 313 -72.86 -17.82 28.05
N LEU Q 314 -72.70 -18.27 26.80
CA LEU Q 314 -71.75 -17.68 25.88
C LEU Q 314 -72.51 -16.63 25.07
N ILE Q 315 -72.34 -15.38 25.44
CA ILE Q 315 -73.04 -14.29 24.76
C ILE Q 315 -72.35 -14.04 23.43
N THR Q 316 -73.09 -14.16 22.34
CA THR Q 316 -72.55 -13.89 21.03
C THR Q 316 -72.42 -12.39 20.82
N ASP Q 317 -71.87 -12.01 19.67
CA ASP Q 317 -71.70 -10.58 19.41
C ASP Q 317 -73.01 -9.92 18.99
N ARG Q 318 -73.88 -10.67 18.32
CA ARG Q 318 -75.18 -10.12 17.94
C ARG Q 318 -76.11 -10.05 19.14
N LYS Q 319 -76.03 -11.03 20.03
CA LYS Q 319 -76.83 -11.01 21.25
C LYS Q 319 -76.39 -9.88 22.17
N GLU Q 320 -75.09 -9.57 22.19
CA GLU Q 320 -74.61 -8.50 23.05
C GLU Q 320 -74.96 -7.14 22.46
N PHE Q 321 -74.92 -7.02 21.14
CA PHE Q 321 -75.33 -5.77 20.51
C PHE Q 321 -76.84 -5.56 20.65
N GLU Q 322 -77.62 -6.63 20.70
CA GLU Q 322 -79.04 -6.47 20.92
C GLU Q 322 -79.35 -6.15 22.37
N LEU Q 323 -78.51 -6.62 23.29
CA LEU Q 323 -78.60 -6.18 24.69
C LEU Q 323 -78.08 -4.76 24.86
N ALA Q 324 -77.16 -4.33 24.00
CA ALA Q 324 -76.62 -2.97 24.12
C ALA Q 324 -77.65 -1.94 23.69
N GLU Q 325 -78.44 -2.26 22.67
CA GLU Q 325 -79.48 -1.34 22.23
C GLU Q 325 -80.63 -1.30 23.23
N GLU Q 326 -80.88 -2.40 23.93
CA GLU Q 326 -81.98 -2.48 24.88
C GLU Q 326 -81.56 -2.18 26.31
N GLY Q 327 -80.39 -1.58 26.50
CA GLY Q 327 -79.99 -1.10 27.81
C GLY Q 327 -79.55 -2.16 28.79
N PHE Q 328 -78.46 -2.86 28.47
CA PHE Q 328 -77.92 -3.87 29.34
C PHE Q 328 -76.40 -3.88 29.24
N ILE Q 329 -75.74 -4.13 30.36
CA ILE Q 329 -74.29 -4.20 30.40
C ILE Q 329 -73.95 -5.70 30.41
N ALA Q 330 -73.78 -6.27 29.23
CA ALA Q 330 -73.55 -7.70 29.12
C ALA Q 330 -72.06 -8.02 29.21
N LEU Q 331 -71.76 -9.24 29.61
CA LEU Q 331 -70.39 -9.71 29.79
C LEU Q 331 -70.16 -10.93 28.90
N THR Q 332 -69.60 -10.70 27.73
CA THR Q 332 -69.19 -11.82 26.89
C THR Q 332 -67.94 -12.46 27.47
N MET Q 333 -67.87 -13.78 27.37
CA MET Q 333 -66.80 -14.55 27.98
C MET Q 333 -65.85 -15.00 26.88
N ARG Q 334 -64.55 -14.93 27.16
CA ARG Q 334 -63.53 -15.34 26.18
C ARG Q 334 -63.51 -16.85 26.14
N LYS Q 335 -64.20 -17.43 25.15
CA LYS Q 335 -64.48 -18.86 25.10
C LYS Q 335 -63.22 -19.70 25.03
N GLY Q 336 -62.94 -20.42 26.11
CA GLY Q 336 -61.77 -21.26 26.18
C GLY Q 336 -60.72 -20.81 27.16
N SER Q 337 -61.00 -19.76 27.95
CA SER Q 337 -60.02 -19.28 28.92
C SER Q 337 -60.77 -18.71 30.11
N ASP Q 338 -60.04 -18.00 30.96
CA ASP Q 338 -60.57 -17.47 32.21
C ASP Q 338 -60.71 -15.96 32.17
N ASN Q 339 -61.09 -15.42 31.02
CA ASN Q 339 -61.24 -13.99 30.85
C ASN Q 339 -62.64 -13.68 30.34
N ALA Q 340 -63.02 -12.42 30.45
CA ALA Q 340 -64.29 -11.95 29.93
C ALA Q 340 -64.10 -10.50 29.53
N ALA Q 341 -65.16 -9.87 29.05
CA ALA Q 341 -65.04 -8.51 28.57
C ALA Q 341 -66.40 -7.84 28.56
N PHE Q 342 -66.42 -6.56 28.92
CA PHE Q 342 -67.55 -5.70 28.62
C PHE Q 342 -67.28 -4.97 27.31
N PHE Q 343 -68.33 -4.60 26.62
CA PHE Q 343 -68.19 -3.89 25.36
C PHE Q 343 -68.94 -2.58 25.30
N SER Q 344 -69.99 -2.43 26.10
CA SER Q 344 -70.80 -1.20 26.07
C SER Q 344 -71.51 -1.11 27.40
N ALA Q 345 -71.31 -0.01 28.11
CA ALA Q 345 -71.86 0.15 29.45
C ALA Q 345 -73.14 0.98 29.45
N ASN Q 346 -73.98 0.82 28.42
CA ASN Q 346 -75.16 1.66 28.25
C ASN Q 346 -76.16 1.50 29.37
N SER Q 347 -76.60 2.63 29.92
CA SER Q 347 -77.65 2.62 30.92
C SER Q 347 -78.98 2.33 30.25
N ILE Q 348 -80.01 2.14 31.07
CA ILE Q 348 -81.31 1.70 30.55
C ILE Q 348 -82.08 2.80 29.85
N GLN Q 349 -81.55 4.02 29.77
CA GLN Q 349 -82.30 5.12 29.19
C GLN Q 349 -82.34 4.97 27.67
N LYS Q 350 -83.46 5.37 27.08
CA LYS Q 350 -83.56 5.23 25.63
C LYS Q 350 -83.21 6.55 24.95
N PRO Q 351 -82.47 6.49 23.84
CA PRO Q 351 -82.21 7.71 23.07
C PRO Q 351 -83.47 8.21 22.42
N LYS Q 352 -83.98 9.35 22.87
CA LYS Q 352 -85.26 9.85 22.41
C LYS Q 352 -85.13 10.40 21.01
N VAL Q 353 -86.01 9.97 20.12
CA VAL Q 353 -85.97 10.43 18.74
C VAL Q 353 -86.51 11.85 18.68
N PHE Q 354 -85.71 12.75 18.27
CA PHE Q 354 -86.00 14.16 18.09
C PHE Q 354 -86.34 14.44 16.64
N PRO Q 355 -87.15 15.46 16.35
CA PRO Q 355 -87.56 15.70 14.96
C PRO Q 355 -86.42 16.19 14.08
N ASN Q 356 -86.62 16.07 12.77
CA ASN Q 356 -85.54 16.25 11.81
C ASN Q 356 -85.28 17.71 11.48
N THR Q 357 -85.05 18.54 12.48
CA THR Q 357 -84.63 19.91 12.26
C THR Q 357 -83.11 19.98 12.30
N LYS Q 358 -82.58 21.20 12.28
CA LYS Q 358 -81.14 21.35 12.46
C LYS Q 358 -80.75 21.11 13.91
N GLU Q 359 -81.52 21.66 14.85
CA GLU Q 359 -81.25 21.42 16.26
C GLU Q 359 -81.71 20.05 16.72
N GLY Q 360 -82.73 19.49 16.10
CA GLY Q 360 -83.23 18.20 16.51
C GLY Q 360 -82.30 17.07 16.13
N LYS Q 361 -81.71 17.14 14.94
CA LYS Q 361 -80.69 16.18 14.55
C LYS Q 361 -79.42 16.37 15.36
N GLU Q 362 -79.20 17.58 15.88
CA GLU Q 362 -78.05 17.82 16.75
C GLU Q 362 -78.32 17.32 18.16
N ALA Q 363 -79.44 17.72 18.75
CA ALA Q 363 -79.72 17.38 20.14
C ALA Q 363 -80.01 15.90 20.33
N GLU Q 364 -80.36 15.17 19.26
CA GLU Q 364 -80.46 13.73 19.36
C GLU Q 364 -79.11 13.10 19.63
N THR Q 365 -78.06 13.61 18.99
CA THR Q 365 -76.72 13.12 19.25
C THR Q 365 -76.21 13.66 20.58
N ASN Q 366 -76.76 14.79 21.03
CA ASN Q 366 -76.42 15.30 22.35
C ASN Q 366 -77.05 14.48 23.46
N TYR Q 367 -78.33 14.15 23.30
CA TYR Q 367 -79.02 13.33 24.29
C TYR Q 367 -78.54 11.89 24.30
N LYS Q 368 -77.96 11.43 23.18
CA LYS Q 368 -77.43 10.07 23.13
C LYS Q 368 -76.21 9.91 24.01
N LEU Q 369 -75.42 10.98 24.17
CA LEU Q 369 -74.24 10.89 25.01
C LEU Q 369 -74.57 10.81 26.49
N GLY Q 370 -75.77 11.23 26.88
CA GLY Q 370 -76.14 11.13 28.27
C GLY Q 370 -76.38 9.71 28.72
N THR Q 371 -76.91 8.87 27.85
CA THR Q 371 -77.37 7.55 28.26
C THR Q 371 -76.26 6.54 28.40
N GLN Q 372 -75.05 6.81 27.91
CA GLN Q 372 -74.14 5.72 27.63
C GLN Q 372 -73.39 5.21 28.85
N LEU Q 373 -73.18 6.06 29.86
CA LEU Q 373 -72.56 5.75 31.16
C LEU Q 373 -71.13 5.20 31.07
N PRO Q 374 -70.24 5.74 30.24
CA PRO Q 374 -68.97 6.05 30.86
C PRO Q 374 -68.89 7.55 31.03
N TYR Q 375 -69.75 8.26 30.30
CA TYR Q 375 -69.71 9.70 30.26
C TYR Q 375 -70.42 10.33 31.44
N MET Q 376 -71.37 9.61 32.05
CA MET Q 376 -71.89 10.08 33.33
C MET Q 376 -70.81 10.06 34.39
N MET Q 377 -69.92 9.08 34.35
CA MET Q 377 -68.96 8.97 35.42
C MET Q 377 -67.82 9.98 35.27
N ILE Q 378 -67.70 10.66 34.14
CA ILE Q 378 -66.78 11.79 34.07
C ILE Q 378 -67.46 13.11 34.37
N ILE Q 379 -68.78 13.11 34.61
CA ILE Q 379 -69.46 14.29 35.12
C ILE Q 379 -70.09 14.08 36.47
N ASN Q 380 -70.26 12.83 36.91
CA ASN Q 380 -70.56 12.61 38.31
C ASN Q 380 -69.39 13.05 39.17
N ARG Q 381 -68.17 12.81 38.70
CA ARG Q 381 -67.00 13.37 39.37
C ARG Q 381 -66.95 14.88 39.24
N LEU Q 382 -67.52 15.43 38.16
CA LEU Q 382 -67.70 16.87 38.09
C LEU Q 382 -68.97 17.32 38.77
N ALA Q 383 -69.59 16.46 39.57
CA ALA Q 383 -70.55 16.91 40.57
C ALA Q 383 -70.06 16.60 41.96
N HIS Q 384 -69.09 15.72 42.11
CA HIS Q 384 -68.58 15.45 43.43
C HIS Q 384 -67.39 16.35 43.78
N TYR Q 385 -66.51 16.63 42.82
CA TYR Q 385 -65.45 17.59 43.09
C TYR Q 385 -66.01 18.99 43.30
N VAL Q 386 -66.98 19.39 42.48
CA VAL Q 386 -67.34 20.79 42.45
C VAL Q 386 -68.27 21.10 43.62
N LYS Q 387 -68.99 20.11 44.12
CA LYS Q 387 -69.73 20.25 45.36
C LYS Q 387 -68.80 20.43 46.54
N VAL Q 388 -67.71 19.68 46.57
CA VAL Q 388 -66.75 19.79 47.67
C VAL Q 388 -65.94 21.06 47.55
N LEU Q 389 -65.54 21.43 46.34
CA LEU Q 389 -64.61 22.54 46.15
C LEU Q 389 -65.29 23.88 46.41
N GLN Q 390 -66.56 24.00 46.04
CA GLN Q 390 -67.33 25.21 46.33
C GLN Q 390 -68.11 25.10 47.63
N ARG Q 391 -67.77 24.15 48.49
CA ARG Q 391 -68.30 24.14 49.84
C ARG Q 391 -67.36 24.85 50.80
N GLU Q 392 -66.05 24.69 50.59
CA GLU Q 392 -65.07 25.39 51.40
C GLU Q 392 -65.13 26.90 51.20
N GLN Q 393 -65.61 27.34 50.05
CA GLN Q 393 -65.52 28.74 49.70
C GLN Q 393 -66.59 29.61 50.34
N ILE Q 394 -67.60 29.02 50.98
CA ILE Q 394 -68.73 29.79 51.52
C ILE Q 394 -68.25 30.70 52.64
N GLY Q 395 -68.50 32.00 52.50
CA GLY Q 395 -67.99 32.97 53.42
C GLY Q 395 -66.78 33.73 52.96
N ALA Q 396 -66.30 33.49 51.75
CA ALA Q 396 -65.11 34.16 51.28
C ALA Q 396 -65.42 35.57 50.81
N TRP Q 397 -64.44 36.17 50.16
CA TRP Q 397 -64.61 37.48 49.55
C TRP Q 397 -64.36 37.29 48.06
N LYS Q 398 -65.44 37.12 47.31
CA LYS Q 398 -65.31 36.64 45.95
C LYS Q 398 -66.06 37.63 45.07
N GLU Q 399 -66.05 37.40 43.76
CA GLU Q 399 -66.86 38.14 42.81
C GLU Q 399 -67.37 37.17 41.77
N ARG Q 400 -68.21 37.68 40.87
CA ARG Q 400 -68.61 36.89 39.71
C ARG Q 400 -67.43 36.64 38.80
N GLN Q 401 -66.60 37.66 38.58
CA GLN Q 401 -65.37 37.46 37.82
C GLN Q 401 -64.40 36.56 38.56
N ASP Q 402 -64.42 36.57 39.89
CA ASP Q 402 -63.60 35.63 40.64
C ASP Q 402 -64.21 34.24 40.63
N LEU Q 403 -65.54 34.15 40.51
CA LEU Q 403 -66.16 32.84 40.42
C LEU Q 403 -65.90 32.21 39.05
N GLU Q 404 -65.86 33.02 37.98
CA GLU Q 404 -65.53 32.51 36.66
C GLU Q 404 -64.11 31.98 36.61
N ARG Q 405 -63.20 32.56 37.38
CA ARG Q 405 -61.78 32.23 37.31
C ARG Q 405 -61.41 31.05 38.18
N GLU Q 406 -62.03 30.91 39.35
CA GLU Q 406 -61.74 29.77 40.20
C GLU Q 406 -62.30 28.47 39.64
N LEU Q 407 -63.17 28.53 38.64
CA LEU Q 407 -63.64 27.34 37.95
C LEU Q 407 -62.96 27.11 36.62
N ASN Q 408 -62.66 28.16 35.85
CA ASN Q 408 -62.00 27.98 34.57
C ASN Q 408 -60.55 27.57 34.73
N SER Q 409 -59.85 28.15 35.72
CA SER Q 409 -58.49 27.70 35.97
C SER Q 409 -58.45 26.38 36.71
N TRP Q 410 -59.60 25.90 37.20
CA TRP Q 410 -59.65 24.60 37.84
C TRP Q 410 -59.90 23.47 36.85
N ILE Q 411 -60.92 23.60 35.98
CA ILE Q 411 -61.26 22.47 35.12
C ILE Q 411 -60.34 22.37 33.92
N LYS Q 412 -59.54 23.40 33.63
CA LYS Q 412 -58.60 23.30 32.52
C LYS Q 412 -57.30 22.61 32.90
N GLN Q 413 -57.29 21.87 34.01
CA GLN Q 413 -56.32 20.80 34.18
C GLN Q 413 -56.94 19.44 33.88
N TYR Q 414 -58.23 19.40 33.56
CA TYR Q 414 -58.90 18.19 33.11
C TYR Q 414 -59.22 18.24 31.62
N VAL Q 415 -58.89 19.34 30.95
CA VAL Q 415 -59.24 19.56 29.57
C VAL Q 415 -57.99 19.49 28.73
N ALA Q 416 -57.96 18.59 27.75
CA ALA Q 416 -56.87 18.51 26.78
C ALA Q 416 -57.49 18.71 25.41
N ASP Q 417 -57.67 19.98 25.04
CA ASP Q 417 -58.35 20.34 23.79
C ASP Q 417 -57.37 20.10 22.65
N GLN Q 418 -57.34 18.87 22.18
CA GLN Q 418 -56.29 18.40 21.31
C GLN Q 418 -56.83 17.23 20.52
N GLU Q 419 -56.51 17.18 19.23
CA GLU Q 419 -57.15 16.21 18.36
C GLU Q 419 -56.61 14.81 18.60
N ASN Q 420 -55.31 14.67 18.79
CA ASN Q 420 -54.69 13.38 19.05
C ASN Q 420 -53.62 13.51 20.13
N PRO Q 421 -54.02 13.57 21.40
CA PRO Q 421 -53.03 13.52 22.47
C PRO Q 421 -52.62 12.08 22.71
N PRO Q 422 -51.54 11.83 23.46
CA PRO Q 422 -51.16 10.46 23.78
C PRO Q 422 -52.20 9.75 24.65
N ALA Q 423 -52.01 8.44 24.81
CA ALA Q 423 -53.00 7.60 25.47
C ALA Q 423 -53.07 7.85 26.97
N ASP Q 424 -52.11 8.56 27.55
CA ASP Q 424 -52.20 8.91 28.95
C ASP Q 424 -52.84 10.27 29.17
N VAL Q 425 -52.70 11.19 28.21
CA VAL Q 425 -53.32 12.49 28.33
C VAL Q 425 -54.83 12.39 28.11
N ARG Q 426 -55.27 11.37 27.36
CA ARG Q 426 -56.69 11.19 27.13
C ARG Q 426 -57.44 10.74 28.36
N SER Q 427 -56.80 9.97 29.23
CA SER Q 427 -57.50 9.41 30.36
C SER Q 427 -57.22 10.14 31.67
N ARG Q 428 -56.06 10.76 31.82
CA ARG Q 428 -55.87 11.67 32.94
C ARG Q 428 -56.72 12.93 32.78
N ARG Q 429 -56.92 13.37 31.53
CA ARG Q 429 -57.73 14.54 31.22
C ARG Q 429 -58.88 14.08 30.33
N PRO Q 430 -59.95 13.55 30.92
CA PRO Q 430 -60.98 12.89 30.11
C PRO Q 430 -61.85 13.84 29.35
N LEU Q 431 -61.92 15.11 29.73
CA LEU Q 431 -62.70 16.08 29.00
C LEU Q 431 -61.93 16.52 27.77
N ARG Q 432 -62.61 17.26 26.91
CA ARG Q 432 -62.02 17.81 25.71
C ARG Q 432 -62.24 19.30 25.56
N ALA Q 433 -63.40 19.79 25.98
CA ALA Q 433 -63.63 21.22 26.04
C ALA Q 433 -64.69 21.49 27.10
N ALA Q 434 -64.59 22.67 27.73
CA ALA Q 434 -65.50 22.98 28.83
C ALA Q 434 -65.81 24.47 28.80
N ARG Q 435 -67.11 24.80 28.82
CA ARG Q 435 -67.58 26.17 28.80
C ARG Q 435 -68.23 26.47 30.13
N ILE Q 436 -67.90 27.61 30.73
CA ILE Q 436 -68.47 28.03 32.00
C ILE Q 436 -69.00 29.44 31.85
N GLU Q 437 -70.30 29.61 32.01
CA GLU Q 437 -70.97 30.90 31.83
C GLU Q 437 -71.66 31.25 33.14
N VAL Q 438 -71.02 32.07 33.95
CA VAL Q 438 -71.57 32.47 35.24
C VAL Q 438 -72.51 33.64 35.04
N MET Q 439 -73.73 33.53 35.54
CA MET Q 439 -74.73 34.58 35.48
C MET Q 439 -75.10 34.98 36.90
N ASP Q 440 -76.10 35.84 37.03
CA ASP Q 440 -76.53 36.31 38.34
C ASP Q 440 -77.95 35.86 38.62
N VAL Q 441 -78.42 36.17 39.82
CA VAL Q 441 -79.82 36.07 40.17
C VAL Q 441 -80.26 37.42 40.72
N GLU Q 442 -81.20 38.05 40.04
CA GLU Q 442 -81.69 39.34 40.49
C GLU Q 442 -82.71 39.16 41.60
N GLY Q 443 -82.99 40.25 42.32
CA GLY Q 443 -83.87 40.18 43.46
C GLY Q 443 -83.13 39.91 44.75
N ASN Q 444 -82.50 38.74 44.83
CA ASN Q 444 -81.56 38.42 45.90
C ASN Q 444 -80.18 38.37 45.28
N PRO Q 445 -79.40 39.45 45.35
CA PRO Q 445 -78.14 39.49 44.59
C PRO Q 445 -77.06 38.68 45.27
N GLY Q 446 -76.27 38.00 44.45
CA GLY Q 446 -75.23 37.12 44.92
C GLY Q 446 -75.60 35.66 44.93
N TRP Q 447 -76.20 35.19 43.84
CA TRP Q 447 -76.60 33.80 43.66
C TRP Q 447 -76.37 33.52 42.19
N TYR Q 448 -75.64 32.46 41.87
CA TYR Q 448 -74.91 32.39 40.61
C TYR Q 448 -75.28 31.17 39.78
N GLN Q 449 -75.99 31.39 38.70
CA GLN Q 449 -76.44 30.30 37.84
C GLN Q 449 -75.36 30.07 36.80
N VAL Q 450 -74.40 29.22 37.08
CA VAL Q 450 -73.30 29.01 36.15
C VAL Q 450 -73.63 27.77 35.34
N SER Q 451 -73.08 27.65 34.14
CA SER Q 451 -73.42 26.54 33.26
C SER Q 451 -72.17 25.84 32.77
N LEU Q 452 -71.67 24.89 33.56
CA LEU Q 452 -70.51 24.09 33.15
C LEU Q 452 -70.90 23.11 32.05
N SER Q 453 -70.29 23.26 30.88
CA SER Q 453 -70.67 22.50 29.68
C SER Q 453 -69.47 21.72 29.17
N VAL Q 454 -69.23 20.54 29.73
CA VAL Q 454 -68.06 19.75 29.38
C VAL Q 454 -68.32 18.95 28.12
N ARG Q 455 -67.29 18.33 27.57
CA ARG Q 455 -67.38 17.58 26.34
C ARG Q 455 -66.30 16.51 26.36
N PRO Q 456 -66.63 15.27 26.08
CA PRO Q 456 -65.66 14.19 26.26
C PRO Q 456 -64.94 13.80 24.99
N HIS Q 457 -63.98 12.90 25.09
CA HIS Q 457 -63.44 12.23 23.92
C HIS Q 457 -64.32 11.05 23.54
N PHE Q 458 -64.06 10.49 22.36
CA PHE Q 458 -64.94 9.49 21.77
C PHE Q 458 -64.16 8.21 21.48
N LYS Q 459 -64.70 7.09 21.97
CA LYS Q 459 -64.05 5.79 21.89
C LYS Q 459 -64.36 5.11 20.55
N TYR Q 460 -64.09 3.81 20.48
CA TYR Q 460 -64.03 3.04 19.24
C TYR Q 460 -65.13 1.99 19.26
N MET Q 461 -66.09 2.08 18.34
CA MET Q 461 -67.21 1.14 18.33
C MET Q 461 -67.78 0.98 16.91
N GLY Q 462 -67.50 -0.16 16.30
CA GLY Q 462 -68.04 -0.52 15.01
C GLY Q 462 -67.42 0.11 13.78
N ALA Q 463 -67.32 -0.66 12.69
CA ALA Q 463 -66.82 -0.18 11.40
C ALA Q 463 -67.46 -1.05 10.31
N ASN Q 464 -66.90 -1.02 9.09
CA ASN Q 464 -67.56 -1.81 8.05
C ASN Q 464 -66.68 -2.78 7.30
N PHE Q 465 -65.47 -2.37 6.87
CA PHE Q 465 -64.45 -3.24 6.26
C PHE Q 465 -64.96 -3.97 5.01
N GLU Q 466 -65.35 -3.18 4.00
CA GLU Q 466 -66.01 -3.71 2.81
C GLU Q 466 -65.00 -4.18 1.78
N LEU Q 467 -64.57 -5.44 1.92
CA LEU Q 467 -63.49 -6.00 1.10
C LEU Q 467 -63.89 -6.16 -0.36
N SER Q 468 -62.87 -6.32 -1.20
CA SER Q 468 -62.94 -6.44 -2.65
C SER Q 468 -61.55 -6.83 -3.12
N LEU Q 469 -61.42 -7.15 -4.40
CA LEU Q 469 -60.09 -7.14 -4.98
C LEU Q 469 -60.04 -6.16 -6.14
N VAL Q 470 -58.87 -5.55 -6.32
CA VAL Q 470 -58.63 -4.62 -7.41
C VAL Q 470 -57.94 -5.30 -8.59
N GLY Q 471 -56.94 -6.14 -8.31
CA GLY Q 471 -56.24 -6.88 -9.32
C GLY Q 471 -54.94 -6.27 -9.79
N ARG Q 472 -54.90 -4.95 -9.97
CA ARG Q 472 -53.69 -4.25 -10.35
C ARG Q 472 -53.09 -3.44 -9.21
N LEU Q 473 -53.92 -2.67 -8.50
CA LEU Q 473 -53.42 -1.83 -7.42
C LEU Q 473 -53.30 -2.63 -6.13
N SER R 1 -37.62 24.56 86.49
CA SER R 1 -37.88 25.12 85.17
C SER R 1 -37.38 26.56 85.07
N LYS R 2 -36.11 26.76 85.43
CA LYS R 2 -35.49 28.09 85.37
C LYS R 2 -34.11 27.95 84.77
N GLU R 3 -33.85 28.72 83.71
CA GLU R 3 -32.51 28.77 83.13
C GLU R 3 -31.57 29.47 84.10
N GLY R 4 -30.40 28.87 84.32
CA GLY R 4 -29.37 29.53 85.09
C GLY R 4 -28.83 30.72 84.33
N SER R 5 -28.97 31.92 84.88
CA SER R 5 -28.46 33.13 84.26
C SER R 5 -27.57 33.86 85.25
N VAL R 6 -26.95 34.93 84.76
CA VAL R 6 -26.04 35.72 85.56
C VAL R 6 -26.75 37.00 85.99
N ALA R 7 -26.08 37.77 86.84
CA ALA R 7 -26.62 39.06 87.20
C ALA R 7 -26.54 40.00 85.98
N PRO R 8 -27.58 40.78 85.72
CA PRO R 8 -27.54 41.70 84.57
C PRO R 8 -26.59 42.85 84.82
N LYS R 9 -26.11 43.44 83.72
CA LYS R 9 -24.99 44.37 83.79
C LYS R 9 -24.83 45.12 82.46
N GLU R 10 -23.81 46.02 82.42
CA GLU R 10 -23.42 46.75 81.21
C GLU R 10 -22.71 45.84 80.24
N ARG R 11 -22.26 44.71 80.73
CA ARG R 11 -21.85 43.68 79.82
C ARG R 11 -23.10 42.96 79.36
N ILE R 12 -22.93 42.13 78.35
CA ILE R 12 -24.05 41.58 77.63
C ILE R 12 -24.38 40.21 78.21
N ASN R 13 -25.67 39.89 78.33
CA ASN R 13 -26.03 38.69 79.07
C ASN R 13 -26.79 37.68 78.20
N ILE R 14 -26.01 36.86 77.50
CA ILE R 14 -26.51 35.81 76.63
C ILE R 14 -27.13 34.69 77.47
N LYS R 15 -28.35 34.30 77.13
CA LYS R 15 -28.99 33.13 77.72
C LYS R 15 -29.66 32.32 76.62
N TYR R 16 -29.90 31.04 76.88
CA TYR R 16 -30.48 30.12 75.89
C TYR R 16 -31.84 29.65 76.37
N ILE R 17 -32.91 30.12 75.73
CA ILE R 17 -34.26 29.63 75.99
C ILE R 17 -34.91 29.37 74.65
N PRO R 18 -35.28 28.12 74.33
CA PRO R 18 -35.80 27.81 73.01
C PRO R 18 -37.19 28.37 72.79
N ALA R 19 -37.50 28.69 71.55
CA ALA R 19 -38.66 29.51 71.25
C ALA R 19 -39.85 28.65 70.82
N THR R 20 -41.01 29.31 70.78
CA THR R 20 -42.28 28.62 70.60
C THR R 20 -42.41 28.05 69.18
N GLY R 21 -41.86 28.73 68.20
CA GLY R 21 -41.90 28.22 66.84
C GLY R 21 -43.00 28.85 66.03
N ASP R 22 -42.82 28.82 64.71
CA ASP R 22 -43.83 29.32 63.77
C ASP R 22 -44.11 28.19 62.79
N ALA R 23 -45.34 27.69 62.79
CA ALA R 23 -45.72 26.58 61.92
C ALA R 23 -46.26 27.04 60.57
N GLN R 24 -47.23 27.95 60.58
CA GLN R 24 -47.91 28.47 59.39
C GLN R 24 -48.51 27.32 58.57
N ALA R 25 -49.54 26.72 59.17
CA ALA R 25 -50.16 25.43 58.82
C ALA R 25 -50.39 25.25 57.33
N GLU R 26 -49.74 24.25 56.77
CA GLU R 26 -49.59 24.14 55.32
C GLU R 26 -50.85 23.61 54.67
N VAL R 27 -51.15 24.13 53.47
CA VAL R 27 -52.34 23.71 52.75
C VAL R 27 -52.12 22.32 52.16
N ALA R 28 -53.20 21.54 52.12
CA ALA R 28 -53.13 20.18 51.56
C ALA R 28 -54.52 19.86 51.01
N GLU R 29 -54.70 20.04 49.71
CA GLU R 29 -55.96 19.68 49.06
C GLU R 29 -55.96 18.18 48.82
N VAL R 30 -56.50 17.44 49.78
CA VAL R 30 -56.70 16.01 49.58
C VAL R 30 -57.84 15.80 48.60
N GLU R 31 -57.79 14.69 47.88
CA GLU R 31 -58.76 14.45 46.84
C GLU R 31 -59.85 13.51 47.35
N LEU R 32 -60.87 13.30 46.53
CA LEU R 32 -61.98 12.46 46.91
C LEU R 32 -61.75 11.05 46.40
N PRO R 33 -61.69 10.06 47.27
CA PRO R 33 -61.62 8.68 46.79
C PRO R 33 -62.95 8.25 46.22
N LEU R 34 -62.88 7.34 45.25
CA LEU R 34 -64.07 6.81 44.60
C LEU R 34 -64.75 5.86 45.56
N LYS R 35 -65.65 6.36 46.41
CA LYS R 35 -66.31 5.52 47.38
C LYS R 35 -67.55 4.91 46.78
N THR R 36 -67.66 3.58 46.88
CA THR R 36 -68.84 2.86 46.46
C THR R 36 -69.56 2.29 47.68
N LEU R 37 -70.86 2.10 47.53
CA LEU R 37 -71.66 1.55 48.61
C LEU R 37 -72.25 0.24 48.10
N VAL R 38 -71.70 -0.88 48.56
CA VAL R 38 -72.22 -2.18 48.17
C VAL R 38 -73.43 -2.48 49.04
N VAL R 39 -74.60 -2.56 48.43
CA VAL R 39 -75.83 -2.76 49.18
C VAL R 39 -76.40 -4.12 48.77
N GLY R 40 -76.99 -4.82 49.72
CA GLY R 40 -77.51 -6.14 49.45
C GLY R 40 -77.46 -7.03 50.67
N ASP R 41 -78.21 -8.13 50.57
CA ASP R 41 -78.45 -9.08 51.65
C ASP R 41 -77.15 -9.80 52.00
N PHE R 42 -76.62 -9.52 53.19
CA PHE R 42 -75.32 -10.06 53.57
C PHE R 42 -75.39 -11.01 54.76
N LYS R 43 -76.56 -11.18 55.37
CA LYS R 43 -76.74 -12.11 56.48
C LYS R 43 -77.95 -12.99 56.18
N GLY R 44 -78.29 -13.85 57.14
CA GLY R 44 -79.29 -14.86 56.89
C GLY R 44 -80.66 -14.58 57.47
N HIS R 45 -81.02 -13.31 57.65
CA HIS R 45 -82.31 -12.96 58.22
C HIS R 45 -82.69 -11.56 57.75
N ALA R 46 -83.69 -10.99 58.40
CA ALA R 46 -84.10 -9.61 58.19
C ALA R 46 -84.08 -8.90 59.53
N GLU R 47 -83.21 -7.89 59.66
CA GLU R 47 -83.01 -7.22 60.93
C GLU R 47 -84.21 -6.34 61.28
N GLN R 48 -84.56 -6.34 62.57
CA GLN R 48 -85.76 -5.64 63.01
C GLN R 48 -85.58 -4.14 63.14
N THR R 49 -84.34 -3.63 63.14
CA THR R 49 -84.18 -2.19 63.22
C THR R 49 -84.51 -1.54 61.87
N PRO R 50 -85.13 -0.37 61.86
CA PRO R 50 -85.39 0.33 60.59
C PRO R 50 -84.10 0.80 59.96
N LEU R 51 -84.21 1.18 58.69
CA LEU R 51 -83.02 1.40 57.88
C LEU R 51 -82.25 2.65 58.31
N GLU R 52 -82.96 3.66 58.77
CA GLU R 52 -82.32 4.94 59.09
C GLU R 52 -81.47 4.92 60.33
N GLU R 53 -81.43 3.81 61.08
CA GLU R 53 -80.61 3.72 62.29
C GLU R 53 -79.42 2.80 62.15
N ARG R 54 -79.48 1.81 61.28
CA ARG R 54 -78.36 0.90 61.12
C ARG R 54 -77.24 1.60 60.35
N ALA R 55 -76.04 1.03 60.44
CA ALA R 55 -74.85 1.72 60.00
C ALA R 55 -74.21 1.04 58.80
N THR R 56 -73.31 1.75 58.14
CA THR R 56 -72.49 1.23 57.07
C THR R 56 -71.07 1.03 57.58
N VAL R 57 -70.49 -0.12 57.27
CA VAL R 57 -69.15 -0.44 57.73
C VAL R 57 -68.19 -0.35 56.55
N THR R 58 -66.99 0.15 56.80
CA THR R 58 -65.97 0.34 55.78
C THR R 58 -65.02 -0.84 55.79
N VAL R 59 -64.83 -1.46 54.62
CA VAL R 59 -64.06 -2.69 54.46
C VAL R 59 -62.90 -2.43 53.54
N ASP R 60 -61.68 -2.71 54.00
CA ASP R 60 -60.61 -2.87 53.03
C ASP R 60 -59.94 -4.23 53.22
N LYS R 61 -58.80 -4.44 52.56
CA LYS R 61 -58.18 -5.76 52.55
C LYS R 61 -57.67 -6.16 53.93
N ASN R 62 -57.30 -5.20 54.77
CA ASN R 62 -56.75 -5.51 56.07
C ASN R 62 -57.81 -5.82 57.11
N ASN R 63 -59.00 -5.23 56.99
CA ASN R 63 -60.02 -5.41 58.02
C ASN R 63 -61.18 -6.28 57.56
N PHE R 64 -61.00 -7.03 56.48
CA PHE R 64 -62.10 -7.88 56.03
C PHE R 64 -62.31 -9.06 56.96
N GLU R 65 -61.26 -9.50 57.65
CA GLU R 65 -61.40 -10.59 58.61
C GLU R 65 -62.08 -10.14 59.89
N ALA R 66 -62.05 -8.84 60.20
CA ALA R 66 -62.71 -8.32 61.38
C ALA R 66 -64.15 -7.91 61.11
N VAL R 67 -64.47 -7.52 59.88
CA VAL R 67 -65.85 -7.24 59.53
C VAL R 67 -66.65 -8.53 59.44
N MET R 68 -66.03 -9.60 58.97
CA MET R 68 -66.73 -10.87 58.88
C MET R 68 -66.95 -11.48 60.26
N ARG R 69 -66.02 -11.26 61.19
CA ARG R 69 -66.16 -11.84 62.53
C ARG R 69 -67.25 -11.13 63.33
N GLU R 70 -67.33 -9.81 63.22
CA GLU R 70 -68.29 -9.04 64.01
C GLU R 70 -69.68 -9.02 63.39
N SER R 71 -69.84 -9.55 62.18
CA SER R 71 -71.17 -9.65 61.62
C SER R 71 -71.98 -10.74 62.30
N GLU R 72 -71.31 -11.80 62.74
CA GLU R 72 -71.91 -13.03 63.27
C GLU R 72 -72.88 -13.65 62.27
N LEU R 73 -72.33 -14.08 61.14
CA LEU R 73 -73.13 -14.79 60.15
C LEU R 73 -73.44 -16.18 60.68
N LYS R 74 -74.62 -16.33 61.29
CA LYS R 74 -75.06 -17.59 61.88
C LYS R 74 -76.10 -18.21 60.97
N ILE R 75 -75.71 -19.24 60.23
CA ILE R 75 -76.58 -19.88 59.27
C ILE R 75 -77.12 -21.16 59.92
N THR R 76 -78.41 -21.17 60.21
CA THR R 76 -79.10 -22.31 60.81
C THR R 76 -80.15 -22.81 59.83
N ALA R 77 -79.94 -24.02 59.31
CA ALA R 77 -80.87 -24.57 58.34
C ALA R 77 -80.96 -26.08 58.54
N THR R 78 -82.02 -26.66 57.99
CA THR R 78 -82.23 -28.10 58.05
C THR R 78 -81.87 -28.70 56.70
N VAL R 79 -80.87 -29.57 56.67
CA VAL R 79 -80.38 -30.16 55.44
C VAL R 79 -80.61 -31.66 55.50
N LYS R 80 -80.35 -32.32 54.37
CA LYS R 80 -80.62 -33.75 54.25
C LYS R 80 -79.56 -34.57 54.95
N ASN R 81 -80.01 -35.65 55.60
CA ASN R 81 -79.13 -36.56 56.33
C ASN R 81 -78.69 -37.66 55.38
N LYS R 82 -77.40 -37.66 55.02
CA LYS R 82 -76.82 -38.72 54.21
C LYS R 82 -75.73 -39.48 54.96
N LEU R 83 -75.82 -39.54 56.28
CA LEU R 83 -74.87 -40.26 57.11
C LEU R 83 -75.36 -41.66 57.49
N THR R 84 -76.59 -42.02 57.11
CA THR R 84 -77.13 -43.33 57.42
C THR R 84 -77.84 -43.91 56.19
N ASP R 85 -78.55 -45.02 56.36
CA ASP R 85 -79.26 -45.65 55.24
C ASP R 85 -80.64 -45.07 55.00
N ASP R 86 -80.99 -43.96 55.64
CA ASP R 86 -82.30 -43.33 55.49
C ASP R 86 -82.23 -42.26 54.43
N GLU R 87 -83.15 -42.31 53.48
CA GLU R 87 -83.30 -41.26 52.47
C GLU R 87 -84.16 -40.12 52.98
N ASN R 88 -85.17 -40.41 53.78
CA ASN R 88 -86.13 -39.41 54.27
C ASN R 88 -85.75 -38.85 55.64
N ALA R 89 -84.46 -38.82 55.96
CA ALA R 89 -84.00 -38.23 57.21
C ALA R 89 -83.42 -36.84 56.96
N GLU R 90 -83.58 -35.97 57.96
CA GLU R 90 -83.07 -34.61 57.89
C GLU R 90 -82.21 -34.33 59.12
N LEU R 91 -81.31 -33.37 58.99
CA LEU R 91 -80.40 -33.08 60.08
C LEU R 91 -80.05 -31.59 60.09
N PRO R 92 -80.59 -30.82 61.04
CA PRO R 92 -80.22 -29.40 61.12
C PRO R 92 -78.79 -29.21 61.60
N VAL R 93 -78.22 -28.06 61.22
CA VAL R 93 -76.83 -27.73 61.54
C VAL R 93 -76.80 -26.41 62.30
N GLU R 94 -75.61 -26.08 62.80
CA GLU R 94 -75.37 -24.82 63.51
C GLU R 94 -74.00 -24.30 63.11
N LEU R 95 -73.97 -23.14 62.46
CA LEU R 95 -72.76 -22.61 61.87
C LEU R 95 -72.40 -21.26 62.49
N ASN R 96 -71.13 -21.07 62.78
CA ASN R 96 -70.60 -19.82 63.30
C ASN R 96 -69.36 -19.46 62.50
N PHE R 97 -69.43 -18.37 61.74
CA PHE R 97 -68.39 -18.00 60.79
C PHE R 97 -67.63 -16.78 61.30
N LYS R 98 -66.32 -16.92 61.42
CA LYS R 98 -65.48 -15.82 61.89
C LYS R 98 -64.35 -15.47 60.94
N SER R 99 -64.04 -16.32 59.97
CA SER R 99 -62.97 -16.04 59.00
C SER R 99 -63.40 -16.59 57.65
N LEU R 100 -62.65 -16.22 56.61
CA LEU R 100 -62.91 -16.72 55.26
C LEU R 100 -62.66 -18.21 55.14
N ALA R 101 -61.79 -18.78 56.00
CA ALA R 101 -61.56 -20.22 56.03
C ALA R 101 -62.69 -20.98 56.70
N ASP R 102 -63.67 -20.29 57.30
CA ASP R 102 -64.82 -20.98 57.86
C ASP R 102 -65.83 -21.41 56.80
N PHE R 103 -65.70 -20.94 55.57
CA PHE R 103 -66.50 -21.49 54.48
C PHE R 103 -65.98 -22.85 54.03
N ALA R 104 -64.71 -23.15 54.30
CA ALA R 104 -64.08 -24.38 53.86
C ALA R 104 -64.63 -25.57 54.65
N PRO R 105 -64.66 -26.76 54.05
CA PRO R 105 -65.21 -27.94 54.76
C PRO R 105 -64.38 -28.43 55.93
N ASP R 106 -63.18 -27.89 56.16
CA ASP R 106 -62.46 -28.22 57.38
C ASP R 106 -63.12 -27.59 58.60
N ALA R 107 -63.62 -26.37 58.46
CA ALA R 107 -64.25 -25.66 59.56
C ALA R 107 -65.77 -25.78 59.55
N VAL R 108 -66.38 -26.19 58.44
CA VAL R 108 -67.82 -26.45 58.47
C VAL R 108 -68.12 -27.78 59.14
N ALA R 109 -67.35 -28.81 58.80
CA ALA R 109 -67.50 -30.11 59.44
C ALA R 109 -67.06 -30.10 60.90
N SER R 110 -66.15 -29.20 61.27
CA SER R 110 -65.75 -29.07 62.67
C SER R 110 -66.83 -28.44 63.52
N GLN R 111 -67.77 -27.72 62.92
CA GLN R 111 -68.87 -27.12 63.64
C GLN R 111 -70.11 -28.00 63.63
N VAL R 112 -70.07 -29.12 62.93
CA VAL R 112 -71.15 -30.11 62.95
C VAL R 112 -70.72 -31.26 63.84
N PRO R 113 -71.39 -31.51 64.97
CA PRO R 113 -70.94 -32.58 65.87
C PRO R 113 -71.09 -33.97 65.30
N GLU R 114 -71.98 -34.18 64.33
CA GLU R 114 -72.07 -35.47 63.66
C GLU R 114 -70.90 -35.72 62.73
N LEU R 115 -70.18 -34.66 62.34
CA LEU R 115 -68.99 -34.79 61.53
C LEU R 115 -67.70 -34.61 62.31
N LYS R 116 -67.79 -34.19 63.58
CA LYS R 116 -66.61 -34.16 64.43
C LYS R 116 -66.16 -35.56 64.78
N LYS R 117 -67.09 -36.52 64.86
CA LYS R 117 -66.75 -37.90 65.13
C LYS R 117 -66.30 -38.66 63.89
N LEU R 118 -66.53 -38.11 62.70
CA LEU R 118 -66.07 -38.79 61.49
C LEU R 118 -64.68 -38.35 61.06
N ILE R 119 -64.31 -37.09 61.32
CA ILE R 119 -62.92 -36.69 61.12
C ILE R 119 -62.04 -37.31 62.19
N GLU R 120 -62.55 -37.40 63.42
CA GLU R 120 -61.84 -38.12 64.49
C GLU R 120 -61.75 -39.61 64.18
N LEU R 121 -62.72 -40.14 63.46
CA LEU R 121 -62.61 -41.51 62.97
C LEU R 121 -61.50 -41.63 61.93
N ARG R 122 -61.37 -40.64 61.04
CA ARG R 122 -60.34 -40.70 60.02
C ARG R 122 -58.95 -40.45 60.60
N GLU R 123 -58.86 -39.52 61.57
CA GLU R 123 -57.59 -39.26 62.24
C GLU R 123 -57.11 -40.47 63.03
N ALA R 124 -58.04 -41.28 63.55
CA ALA R 124 -57.69 -42.54 64.17
C ALA R 124 -57.26 -43.59 63.15
N LEU R 125 -57.70 -43.49 61.90
CA LEU R 125 -57.30 -44.44 60.87
C LEU R 125 -56.01 -44.05 60.17
N VAL R 126 -55.73 -42.74 60.06
CA VAL R 126 -54.43 -42.31 59.54
C VAL R 126 -53.33 -42.63 60.56
N ALA R 127 -53.65 -42.56 61.85
CA ALA R 127 -52.69 -42.92 62.89
C ALA R 127 -52.37 -44.41 62.87
N LEU R 128 -53.30 -45.24 62.39
CA LEU R 128 -53.07 -46.68 62.36
C LEU R 128 -52.12 -47.07 61.24
N LYS R 129 -52.20 -46.40 60.08
CA LYS R 129 -51.55 -46.84 58.85
C LYS R 129 -50.02 -46.77 58.95
N GLY R 130 -49.49 -45.86 59.75
CA GLY R 130 -48.07 -45.73 59.97
C GLY R 130 -47.42 -46.95 60.60
N PRO R 131 -47.78 -47.26 61.85
CA PRO R 131 -47.26 -48.48 62.49
C PRO R 131 -47.95 -49.77 62.07
N LEU R 132 -48.76 -49.78 61.01
CA LEU R 132 -49.47 -51.00 60.63
C LEU R 132 -48.55 -51.96 59.87
N GLY R 133 -48.07 -51.55 58.71
CA GLY R 133 -47.26 -52.40 57.86
C GLY R 133 -45.79 -52.46 58.21
N ASN R 134 -45.37 -51.81 59.29
CA ASN R 134 -43.97 -51.85 59.70
C ASN R 134 -43.67 -53.05 60.57
N ILE R 135 -44.54 -53.35 61.53
CA ILE R 135 -44.40 -54.51 62.42
C ILE R 135 -45.30 -55.61 61.89
N PRO R 136 -44.75 -56.74 61.42
CA PRO R 136 -45.59 -57.84 60.92
C PRO R 136 -46.17 -58.73 62.01
N ALA R 137 -46.09 -58.36 63.29
CA ALA R 137 -46.69 -59.12 64.36
C ALA R 137 -48.11 -58.67 64.68
N PHE R 138 -48.64 -57.69 63.94
CA PHE R 138 -50.02 -57.25 64.15
C PHE R 138 -51.01 -58.29 63.64
N ARG R 139 -50.73 -58.90 62.47
CA ARG R 139 -51.60 -59.92 61.93
C ARG R 139 -51.52 -61.23 62.72
N GLU R 140 -50.44 -61.42 63.49
CA GLU R 140 -50.34 -62.60 64.34
C GLU R 140 -51.35 -62.55 65.47
N ARG R 141 -51.68 -61.35 65.96
CA ARG R 141 -52.67 -61.20 67.02
C ARG R 141 -54.05 -60.84 66.50
N LEU R 142 -54.19 -60.60 65.19
CA LEU R 142 -55.53 -60.56 64.61
C LEU R 142 -56.17 -61.94 64.60
N GLN R 143 -55.35 -62.98 64.41
CA GLN R 143 -55.85 -64.35 64.51
C GLN R 143 -56.08 -64.75 65.97
N SER R 144 -55.36 -64.12 66.90
CA SER R 144 -55.65 -64.34 68.32
C SER R 144 -56.95 -63.67 68.73
N LEU R 145 -57.23 -62.48 68.17
CA LEU R 145 -58.54 -61.88 68.32
C LEU R 145 -59.61 -62.64 67.54
N LEU R 146 -59.22 -63.35 66.48
CA LEU R 146 -60.13 -64.28 65.84
C LEU R 146 -60.39 -65.50 66.73
N ASN R 147 -59.41 -65.90 67.53
CA ASN R 147 -59.60 -66.99 68.47
C ASN R 147 -60.33 -66.52 69.72
N SER R 148 -59.82 -65.46 70.37
CA SER R 148 -60.41 -64.94 71.59
C SER R 148 -61.52 -63.95 71.20
N GLU R 149 -62.72 -64.48 70.99
CA GLU R 149 -63.87 -63.65 70.63
C GLU R 149 -64.57 -63.06 71.83
N GLU R 150 -64.46 -63.69 73.01
CA GLU R 150 -65.17 -63.21 74.18
C GLU R 150 -64.49 -61.99 74.78
N SER R 151 -63.17 -62.03 74.94
CA SER R 151 -62.45 -60.91 75.52
C SER R 151 -62.31 -59.73 74.55
N ARG R 152 -62.50 -59.96 73.25
CA ARG R 152 -62.41 -58.88 72.29
C ARG R 152 -63.64 -57.98 72.37
N GLU R 153 -64.83 -58.58 72.43
CA GLU R 153 -66.07 -57.81 72.46
C GLU R 153 -66.28 -57.10 73.79
N LYS R 154 -65.64 -57.58 74.87
CA LYS R 154 -65.72 -56.87 76.13
C LYS R 154 -64.89 -55.59 76.11
N LEU R 155 -63.87 -55.52 75.27
CA LEU R 155 -63.01 -54.35 75.17
C LEU R 155 -63.46 -53.37 74.10
N LEU R 156 -64.33 -53.79 73.17
CA LEU R 156 -64.82 -52.86 72.15
C LEU R 156 -65.81 -51.86 72.74
N ALA R 157 -66.54 -52.26 73.79
CA ALA R 157 -67.48 -51.34 74.43
C ALA R 157 -66.76 -50.27 75.25
N GLU R 158 -65.53 -50.52 75.68
CA GLU R 158 -64.76 -49.54 76.43
C GLU R 158 -64.24 -48.44 75.51
N PRO A 1 -2.00 -8.92 -22.85
CA PRO A 1 -2.02 -9.60 -24.14
C PRO A 1 -3.42 -10.05 -24.53
N THR A 2 -3.70 -10.15 -25.82
CA THR A 2 -5.04 -10.51 -26.22
C THR A 2 -5.14 -12.01 -26.41
N PRO A 3 -6.25 -12.62 -26.05
CA PRO A 3 -6.39 -14.07 -26.20
C PRO A 3 -6.49 -14.49 -27.65
N CYS A 4 -6.00 -15.68 -27.92
CA CYS A 4 -5.96 -16.26 -29.24
C CYS A 4 -7.17 -17.16 -29.44
N TYR A 5 -7.18 -17.91 -30.54
CA TYR A 5 -8.28 -18.82 -30.82
C TYR A 5 -7.75 -20.04 -31.52
N ILE A 6 -8.24 -21.22 -31.14
CA ILE A 6 -7.76 -22.47 -31.70
C ILE A 6 -8.94 -23.28 -32.21
N SER A 7 -8.82 -23.77 -33.44
CA SER A 7 -9.82 -24.64 -34.05
C SER A 7 -9.19 -25.99 -34.33
N ILE A 8 -9.62 -27.01 -33.60
CA ILE A 8 -9.05 -28.35 -33.69
C ILE A 8 -9.97 -29.22 -34.52
N GLU A 9 -9.43 -29.96 -35.47
CA GLU A 9 -10.20 -30.93 -36.23
C GLU A 9 -9.55 -32.29 -36.10
N GLY A 10 -10.30 -33.27 -35.59
CA GLY A 10 -9.75 -34.59 -35.34
C GLY A 10 -9.80 -35.50 -36.54
N GLN A 11 -9.22 -36.68 -36.39
CA GLN A 11 -9.37 -37.72 -37.41
C GLN A 11 -10.80 -38.24 -37.45
N THR A 12 -11.26 -38.82 -36.34
CA THR A 12 -12.56 -39.44 -36.31
C THR A 12 -13.63 -38.59 -35.67
N GLN A 13 -13.28 -37.61 -34.85
CA GLN A 13 -14.26 -36.84 -34.11
C GLN A 13 -14.63 -35.55 -34.80
N GLY A 14 -14.32 -35.42 -36.08
CA GLY A 14 -14.77 -34.27 -36.85
C GLY A 14 -14.10 -33.00 -36.38
N LEU A 15 -14.85 -31.91 -36.39
CA LEU A 15 -14.38 -30.65 -35.84
C LEU A 15 -14.61 -30.71 -34.34
N ILE A 16 -13.54 -30.79 -33.57
CA ILE A 16 -13.67 -30.98 -32.12
C ILE A 16 -14.20 -29.73 -31.46
N THR A 17 -13.69 -28.57 -31.83
CA THR A 17 -14.13 -27.37 -31.16
C THR A 17 -15.38 -26.77 -31.76
N ALA A 18 -16.18 -27.52 -32.50
CA ALA A 18 -17.40 -26.98 -33.09
C ALA A 18 -18.42 -26.78 -31.98
N GLY A 19 -18.56 -25.54 -31.54
CA GLY A 19 -19.44 -25.23 -30.44
C GLY A 19 -18.76 -24.99 -29.12
N ALA A 20 -17.44 -24.82 -29.09
CA ALA A 20 -16.75 -24.63 -27.84
C ALA A 20 -16.75 -23.19 -27.38
N CYS A 21 -17.46 -22.31 -28.06
CA CYS A 21 -17.80 -20.97 -27.59
C CYS A 21 -19.25 -20.67 -27.84
N THR A 22 -20.12 -21.56 -27.40
CA THR A 22 -21.54 -21.27 -27.35
C THR A 22 -21.91 -20.88 -25.92
N ALA A 23 -23.20 -20.69 -25.69
CA ALA A 23 -23.66 -20.39 -24.35
C ALA A 23 -23.71 -21.62 -23.47
N ASP A 24 -23.67 -22.81 -24.07
CA ASP A 24 -23.66 -24.02 -23.26
C ASP A 24 -22.25 -24.36 -22.78
N SER A 25 -21.23 -23.97 -23.52
CA SER A 25 -19.87 -24.31 -23.13
C SER A 25 -19.39 -23.46 -21.96
N ILE A 26 -19.33 -22.15 -22.17
CA ILE A 26 -18.66 -21.27 -21.22
C ILE A 26 -19.57 -20.17 -20.69
N GLY A 27 -20.88 -20.40 -20.70
CA GLY A 27 -21.78 -19.45 -20.08
C GLY A 27 -21.96 -18.17 -20.88
N ASP A 28 -21.66 -17.04 -20.26
CA ASP A 28 -21.85 -15.75 -20.91
C ASP A 28 -20.58 -15.16 -21.47
N SER A 29 -19.46 -15.88 -21.42
CA SER A 29 -18.22 -15.38 -21.97
C SER A 29 -17.95 -15.91 -23.36
N PHE A 30 -19.00 -16.26 -24.10
CA PHE A 30 -18.76 -16.72 -25.45
C PHE A 30 -18.79 -15.53 -26.38
N VAL A 31 -18.21 -15.71 -27.56
CA VAL A 31 -18.05 -14.64 -28.53
C VAL A 31 -18.75 -15.06 -29.81
N GLU A 32 -19.60 -14.19 -30.35
CA GLU A 32 -20.20 -14.46 -31.65
C GLU A 32 -19.16 -14.39 -32.74
N GLY A 33 -19.34 -15.23 -33.76
CA GLY A 33 -18.40 -15.33 -34.84
C GLY A 33 -17.27 -16.30 -34.62
N HIS A 34 -16.99 -16.65 -33.37
CA HIS A 34 -15.95 -17.61 -33.04
C HIS A 34 -16.60 -18.84 -32.45
N GLU A 35 -17.67 -19.30 -33.07
CA GLU A 35 -18.44 -20.40 -32.54
C GLU A 35 -17.72 -21.73 -32.65
N ASP A 36 -16.69 -21.83 -33.48
CA ASP A 36 -16.00 -23.09 -33.69
C ASP A 36 -14.61 -23.08 -33.09
N GLU A 37 -14.27 -22.10 -32.28
CA GLU A 37 -12.89 -21.87 -31.86
C GLU A 37 -12.86 -21.66 -30.36
N MET A 38 -12.01 -22.41 -29.66
CA MET A 38 -11.84 -22.20 -28.23
C MET A 38 -11.15 -20.87 -27.96
N LEU A 39 -11.18 -20.45 -26.72
CA LEU A 39 -10.57 -19.19 -26.32
C LEU A 39 -9.31 -19.51 -25.52
N VAL A 40 -8.16 -19.22 -26.10
CA VAL A 40 -6.88 -19.66 -25.57
C VAL A 40 -6.26 -18.55 -24.75
N GLN A 41 -5.94 -18.86 -23.50
CA GLN A 41 -5.45 -17.84 -22.58
C GLN A 41 -3.94 -17.72 -22.61
N GLN A 42 -3.23 -18.79 -22.26
CA GLN A 42 -1.78 -18.78 -22.10
C GLN A 42 -1.17 -19.65 -23.20
N PHE A 43 0.10 -19.43 -23.49
CA PHE A 43 0.74 -20.15 -24.58
C PHE A 43 2.21 -20.37 -24.26
N ASP A 44 2.78 -21.46 -24.78
CA ASP A 44 4.18 -21.82 -24.57
C ASP A 44 4.63 -22.89 -25.55
N HIS A 45 5.80 -22.72 -26.17
CA HIS A 45 6.19 -23.61 -27.26
C HIS A 45 7.68 -23.49 -27.53
N VAL A 46 8.40 -24.61 -27.45
CA VAL A 46 9.85 -24.64 -27.62
C VAL A 46 10.17 -25.51 -28.83
N VAL A 47 11.17 -25.14 -29.62
CA VAL A 47 11.65 -25.98 -30.72
C VAL A 47 13.16 -26.02 -30.60
N THR A 48 13.71 -27.10 -30.07
CA THR A 48 15.14 -27.16 -29.85
C THR A 48 15.85 -27.77 -31.05
N VAL A 49 17.16 -27.53 -31.12
CA VAL A 49 18.05 -28.17 -32.07
C VAL A 49 19.30 -28.61 -31.32
N PRO A 50 19.64 -29.89 -31.28
CA PRO A 50 20.84 -30.32 -30.59
C PRO A 50 22.12 -29.91 -31.31
N THR A 51 22.87 -28.98 -30.73
CA THR A 51 24.13 -28.54 -31.28
C THR A 51 25.27 -29.09 -30.45
N ASP A 52 26.38 -29.40 -31.11
CA ASP A 52 27.51 -29.95 -30.37
C ASP A 52 28.25 -28.84 -29.63
N PRO A 53 28.97 -29.17 -28.57
CA PRO A 53 29.87 -28.20 -27.97
C PRO A 53 31.07 -27.97 -28.86
N GLN A 54 31.89 -26.99 -28.44
CA GLN A 54 33.17 -26.57 -29.07
C GLN A 54 33.06 -26.35 -30.59
N SER A 55 31.88 -25.95 -31.04
CA SER A 55 31.59 -25.71 -32.45
C SER A 55 30.38 -24.81 -32.50
N GLY A 56 29.76 -24.73 -33.66
CA GLY A 56 28.48 -24.07 -33.74
C GLY A 56 27.48 -24.86 -34.56
N GLN A 57 27.92 -25.97 -35.11
CA GLN A 57 27.08 -26.63 -36.10
C GLN A 57 25.97 -27.44 -35.42
N PRO A 58 24.80 -27.53 -36.05
CA PRO A 58 23.72 -28.35 -35.50
C PRO A 58 24.04 -29.84 -35.66
N SER A 59 24.23 -30.51 -34.54
CA SER A 59 24.56 -31.93 -34.53
C SER A 59 23.28 -32.76 -34.39
N GLY A 60 22.43 -32.64 -35.40
CA GLY A 60 21.19 -33.38 -35.38
C GLY A 60 20.00 -32.56 -35.83
N GLN A 61 18.91 -33.22 -36.17
CA GLN A 61 17.73 -32.51 -36.60
C GLN A 61 17.00 -31.92 -35.41
N ARG A 62 16.05 -31.04 -35.71
CA ARG A 62 15.28 -30.33 -34.69
C ARG A 62 14.43 -31.29 -33.87
N VAL A 63 14.09 -30.87 -32.66
CA VAL A 63 13.28 -31.65 -31.72
C VAL A 63 12.16 -30.76 -31.26
N HIS A 64 10.92 -31.10 -31.62
CA HIS A 64 9.78 -30.26 -31.31
C HIS A 64 9.27 -30.55 -29.90
N LYS A 65 9.54 -29.66 -28.98
CA LYS A 65 8.88 -29.67 -27.69
C LYS A 65 7.43 -29.20 -27.89
N PRO A 66 6.50 -29.60 -27.03
CA PRO A 66 5.08 -29.43 -27.38
C PRO A 66 4.56 -28.02 -27.19
N PHE A 67 3.50 -27.72 -27.95
CA PHE A 67 2.52 -26.68 -27.63
C PHE A 67 2.06 -26.76 -26.18
N LYS A 68 1.71 -25.63 -25.60
CA LYS A 68 1.02 -25.62 -24.31
C LYS A 68 0.04 -24.45 -24.33
N PHE A 69 -1.20 -24.70 -24.71
CA PHE A 69 -2.22 -23.67 -24.72
C PHE A 69 -3.27 -23.97 -23.67
N THR A 70 -3.79 -22.93 -23.03
CA THR A 70 -4.67 -23.07 -21.87
C THR A 70 -6.06 -22.56 -22.17
N VAL A 71 -7.06 -23.41 -22.05
CA VAL A 71 -8.45 -23.02 -22.19
C VAL A 71 -9.19 -23.39 -20.92
N ALA A 72 -10.39 -22.85 -20.76
CA ALA A 72 -11.21 -23.21 -19.62
C ALA A 72 -11.93 -24.51 -19.90
N LEU A 73 -12.65 -25.03 -18.91
CA LEU A 73 -13.47 -26.21 -19.12
C LEU A 73 -14.66 -25.86 -19.99
N ASN A 74 -14.81 -26.56 -21.09
CA ASN A 74 -15.91 -26.30 -22.00
C ASN A 74 -16.27 -27.58 -22.72
N LYS A 75 -16.97 -27.45 -23.84
CA LYS A 75 -17.53 -28.59 -24.55
C LYS A 75 -16.44 -29.46 -25.16
N ALA A 76 -15.37 -28.84 -25.64
CA ALA A 76 -14.34 -29.58 -26.35
C ALA A 76 -13.39 -30.33 -25.44
N VAL A 77 -13.43 -30.10 -24.12
CA VAL A 77 -12.48 -30.76 -23.22
C VAL A 77 -12.77 -32.26 -23.03
N PRO A 78 -14.02 -32.75 -22.93
CA PRO A 78 -14.20 -34.20 -23.01
C PRO A 78 -13.89 -34.78 -24.36
N LEU A 79 -13.94 -33.98 -25.42
CA LEU A 79 -13.53 -34.48 -26.73
C LEU A 79 -12.02 -34.54 -26.84
N LEU A 80 -11.30 -33.66 -26.14
CA LEU A 80 -9.85 -33.72 -26.15
C LEU A 80 -9.30 -34.76 -25.19
N TYR A 81 -10.10 -35.33 -24.32
CA TYR A 81 -9.64 -36.45 -23.53
C TYR A 81 -9.93 -37.79 -24.19
N ASN A 82 -10.38 -37.81 -25.44
CA ASN A 82 -10.33 -39.02 -26.23
C ASN A 82 -9.28 -38.95 -27.33
N ALA A 83 -8.96 -37.76 -27.79
CA ALA A 83 -7.79 -37.63 -28.64
C ALA A 83 -6.53 -37.92 -27.87
N LEU A 84 -6.55 -37.69 -26.57
CA LEU A 84 -5.40 -37.98 -25.71
C LEU A 84 -5.29 -39.46 -25.40
N SER A 85 -6.30 -40.02 -24.76
CA SER A 85 -6.21 -41.36 -24.23
C SER A 85 -6.30 -42.45 -25.28
N SER A 86 -6.55 -42.11 -26.53
CA SER A 86 -6.53 -43.10 -27.58
C SER A 86 -5.53 -42.81 -28.66
N GLY A 87 -4.76 -41.72 -28.53
CA GLY A 87 -3.73 -41.41 -29.49
C GLY A 87 -4.24 -40.98 -30.83
N GLU A 88 -5.42 -40.38 -30.88
CA GLU A 88 -5.97 -39.93 -32.14
C GLU A 88 -5.26 -38.69 -32.63
N LYS A 89 -4.80 -38.74 -33.88
CA LYS A 89 -4.19 -37.56 -34.45
C LYS A 89 -5.26 -36.54 -34.78
N LEU A 90 -4.86 -35.28 -34.83
CA LEU A 90 -5.76 -34.18 -35.12
C LEU A 90 -5.33 -33.60 -36.45
N LYS A 91 -6.26 -33.48 -37.39
CA LYS A 91 -5.89 -33.11 -38.75
C LYS A 91 -5.36 -31.68 -38.82
N THR A 92 -5.90 -30.78 -38.01
CA THR A 92 -5.38 -29.42 -38.02
C THR A 92 -5.66 -28.73 -36.70
N VAL A 93 -4.81 -27.76 -36.38
CA VAL A 93 -4.97 -26.88 -35.23
C VAL A 93 -4.53 -25.52 -35.69
N GLU A 94 -5.45 -24.57 -35.78
CA GLU A 94 -5.11 -23.28 -36.34
C GLU A 94 -5.19 -22.24 -35.24
N LEU A 95 -4.09 -22.04 -34.54
CA LEU A 95 -3.98 -20.95 -33.61
C LEU A 95 -3.98 -19.63 -34.37
N LYS A 96 -4.61 -18.61 -33.81
CA LYS A 96 -4.67 -17.30 -34.44
C LYS A 96 -4.41 -16.23 -33.41
N TRP A 97 -3.27 -15.56 -33.53
CA TRP A 97 -2.87 -14.54 -32.57
C TRP A 97 -3.54 -13.24 -32.92
N TYR A 98 -4.41 -12.74 -32.07
CA TYR A 98 -5.03 -11.46 -32.37
C TYR A 98 -4.23 -10.33 -31.76
N ARG A 99 -4.47 -9.13 -32.28
CA ARG A 99 -3.97 -7.92 -31.67
C ARG A 99 -4.85 -6.77 -32.10
N THR A 100 -4.79 -5.69 -31.36
CA THR A 100 -5.61 -4.51 -31.63
C THR A 100 -4.85 -3.59 -32.57
N SER A 101 -5.42 -3.36 -33.74
CA SER A 101 -4.74 -2.58 -34.76
C SER A 101 -4.93 -1.10 -34.51
N ILE A 102 -4.52 -0.27 -35.48
CA ILE A 102 -4.56 1.17 -35.31
C ILE A 102 -5.98 1.68 -35.46
N GLU A 103 -6.72 1.16 -36.44
CA GLU A 103 -8.08 1.60 -36.69
C GLU A 103 -9.06 1.17 -35.63
N GLY A 104 -8.67 0.28 -34.73
CA GLY A 104 -9.51 -0.12 -33.63
C GLY A 104 -10.18 -1.45 -33.79
N LYS A 105 -9.66 -2.32 -34.63
CA LYS A 105 -10.30 -3.59 -34.90
C LYS A 105 -9.32 -4.72 -34.63
N GLN A 106 -9.84 -5.82 -34.10
CA GLN A 106 -9.04 -7.01 -33.88
C GLN A 106 -8.65 -7.60 -35.23
N GLU A 107 -7.44 -8.16 -35.29
CA GLU A 107 -7.01 -8.82 -36.50
C GLU A 107 -5.95 -9.86 -36.15
N ASN A 108 -5.92 -10.95 -36.90
CA ASN A 108 -4.88 -11.93 -36.68
C ASN A 108 -3.63 -11.48 -37.41
N PHE A 109 -2.59 -11.20 -36.66
CA PHE A 109 -1.35 -10.82 -37.29
C PHE A 109 -0.41 -12.00 -37.47
N PHE A 110 -0.80 -13.18 -37.00
CA PHE A 110 0.14 -14.29 -36.90
C PHE A 110 -0.67 -15.55 -36.66
N THR A 111 -0.56 -16.53 -37.54
CA THR A 111 -1.26 -17.80 -37.33
C THR A 111 -0.25 -18.92 -37.40
N THR A 112 -0.36 -19.88 -36.48
CA THR A 112 0.52 -21.04 -36.48
C THR A 112 -0.34 -22.26 -36.72
N LYS A 113 -0.52 -22.63 -37.98
CA LYS A 113 -1.28 -23.84 -38.29
C LYS A 113 -0.48 -25.07 -37.93
N LEU A 114 -1.07 -26.24 -38.17
CA LEU A 114 -0.51 -27.45 -37.62
C LEU A 114 -1.11 -28.62 -38.38
N GLU A 115 -0.29 -29.55 -38.81
CA GLU A 115 -0.82 -30.77 -39.41
C GLU A 115 -0.93 -31.82 -38.32
N ASN A 116 -0.93 -33.11 -38.68
CA ASN A 116 -1.25 -34.25 -37.80
C ASN A 116 -0.57 -34.17 -36.45
N ALA A 117 -1.38 -34.01 -35.41
CA ALA A 117 -0.89 -33.53 -34.13
C ALA A 117 -1.61 -34.27 -33.01
N SER A 118 -0.96 -35.28 -32.45
CA SER A 118 -1.55 -35.94 -31.29
C SER A 118 -1.44 -35.03 -30.08
N ILE A 119 -2.12 -35.42 -29.01
CA ILE A 119 -2.05 -34.70 -27.75
C ILE A 119 -1.13 -35.45 -26.81
N VAL A 120 -0.12 -34.75 -26.28
CA VAL A 120 0.80 -35.42 -25.37
C VAL A 120 0.20 -35.50 -23.98
N ASP A 121 -0.13 -34.37 -23.38
CA ASP A 121 -0.79 -34.40 -22.08
C ASP A 121 -1.69 -33.21 -21.90
N ILE A 122 -2.62 -33.34 -20.96
CA ILE A 122 -3.59 -32.32 -20.63
C ILE A 122 -3.59 -32.15 -19.13
N HIS A 123 -3.34 -30.93 -18.67
CA HIS A 123 -3.14 -30.65 -17.24
C HIS A 123 -4.31 -29.82 -16.73
N CYS A 124 -5.38 -30.51 -16.33
CA CYS A 124 -6.56 -29.85 -15.79
C CYS A 124 -6.33 -29.53 -14.33
N GLU A 125 -6.47 -28.25 -13.97
CA GLU A 125 -6.33 -27.86 -12.58
C GLU A 125 -7.35 -26.77 -12.27
N MET A 126 -7.52 -26.50 -10.97
CA MET A 126 -8.38 -25.45 -10.51
C MET A 126 -7.66 -24.82 -9.32
N PRO A 127 -7.54 -23.50 -9.27
CA PRO A 127 -6.86 -22.88 -8.13
C PRO A 127 -7.69 -22.99 -6.86
N HIS A 128 -7.06 -22.64 -5.75
CA HIS A 128 -7.63 -22.88 -4.44
C HIS A 128 -8.78 -21.91 -4.19
N CYS A 129 -9.92 -22.45 -3.75
CA CYS A 129 -11.12 -21.63 -3.62
C CYS A 129 -11.06 -20.70 -2.42
N GLN A 130 -10.30 -21.08 -1.39
CA GLN A 130 -10.11 -20.21 -0.23
C GLN A 130 -9.26 -18.99 -0.56
N ASP A 131 -8.40 -19.10 -1.55
CA ASP A 131 -7.37 -18.10 -1.81
C ASP A 131 -7.98 -16.93 -2.56
N PRO A 132 -7.91 -15.70 -2.02
CA PRO A 132 -8.51 -14.56 -2.73
C PRO A 132 -7.64 -13.98 -3.83
N ALA A 133 -6.36 -14.35 -3.89
CA ALA A 133 -5.52 -13.85 -4.97
C ALA A 133 -5.84 -14.50 -6.30
N LYS A 134 -6.41 -15.70 -6.29
CA LYS A 134 -6.77 -16.43 -7.49
C LYS A 134 -8.28 -16.61 -7.59
N SER A 135 -9.02 -15.54 -7.30
CA SER A 135 -10.46 -15.61 -7.34
C SER A 135 -11.02 -15.36 -8.73
N ASP A 136 -10.32 -14.61 -9.56
CA ASP A 136 -10.80 -14.32 -10.90
C ASP A 136 -10.66 -15.49 -11.85
N PHE A 137 -9.78 -16.44 -11.55
CA PHE A 137 -9.57 -17.57 -12.43
C PHE A 137 -10.74 -18.53 -12.28
N THR A 138 -10.99 -19.31 -13.33
CA THR A 138 -12.03 -20.32 -13.26
C THR A 138 -11.46 -21.73 -13.25
N GLN A 139 -10.80 -22.12 -14.34
CA GLN A 139 -10.11 -23.39 -14.44
C GLN A 139 -8.92 -23.18 -15.37
N ASN A 140 -8.11 -24.21 -15.51
CA ASN A 140 -6.96 -24.17 -16.39
C ASN A 140 -6.80 -25.56 -16.98
N VAL A 141 -7.07 -25.69 -18.27
CA VAL A 141 -6.91 -26.95 -18.97
C VAL A 141 -5.83 -26.72 -20.02
N THR A 142 -4.61 -27.13 -19.72
CA THR A 142 -3.46 -26.86 -20.58
C THR A 142 -3.24 -28.06 -21.48
N VAL A 143 -3.67 -27.97 -22.71
CA VAL A 143 -3.60 -29.09 -23.63
C VAL A 143 -2.31 -29.00 -24.43
N SER A 144 -1.53 -30.06 -24.43
CA SER A 144 -0.30 -30.05 -25.20
C SER A 144 -0.52 -30.70 -26.56
N LEU A 145 0.41 -30.44 -27.47
CA LEU A 145 0.30 -30.99 -28.82
C LEU A 145 1.70 -31.25 -29.34
N SER A 146 2.09 -32.51 -29.45
CA SER A 146 3.15 -32.82 -30.39
C SER A 146 2.52 -32.88 -31.77
N TYR A 147 3.34 -32.81 -32.80
CA TYR A 147 2.82 -32.49 -34.12
C TYR A 147 3.81 -32.91 -35.19
N ARG A 148 3.28 -33.30 -36.34
CA ARG A 148 4.16 -33.61 -37.46
C ARG A 148 4.64 -32.34 -38.14
N LYS A 149 3.72 -31.56 -38.69
CA LYS A 149 4.06 -30.41 -39.51
C LYS A 149 3.43 -29.16 -38.93
N ILE A 150 4.25 -28.13 -38.76
CA ILE A 150 3.82 -26.86 -38.24
C ILE A 150 4.17 -25.78 -39.25
N THR A 151 3.29 -24.82 -39.44
CA THR A 151 3.51 -23.72 -40.37
C THR A 151 3.19 -22.41 -39.68
N TRP A 152 4.22 -21.68 -39.27
CA TRP A 152 4.03 -20.31 -38.84
C TRP A 152 3.67 -19.45 -40.03
N ASP A 153 2.92 -18.39 -39.78
CA ASP A 153 2.46 -17.55 -40.89
C ASP A 153 2.13 -16.17 -40.31
N HIS A 154 2.96 -15.19 -40.62
CA HIS A 154 2.62 -13.83 -40.26
C HIS A 154 1.78 -13.24 -41.37
N VAL A 155 0.60 -12.74 -41.04
CA VAL A 155 -0.37 -12.35 -42.04
C VAL A 155 -0.12 -10.93 -42.54
N ASN A 156 0.10 -9.97 -41.64
CA ASN A 156 0.23 -8.58 -42.04
C ASN A 156 1.55 -8.26 -42.74
N ALA A 157 2.52 -9.18 -42.74
CA ALA A 157 3.74 -8.99 -43.49
C ALA A 157 4.02 -10.14 -44.43
N GLY A 158 3.15 -11.13 -44.50
CA GLY A 158 3.21 -12.14 -45.52
C GLY A 158 4.28 -13.20 -45.35
N THR A 159 5.15 -13.11 -44.35
CA THR A 159 6.16 -14.14 -44.19
C THR A 159 5.54 -15.44 -43.70
N SER A 160 6.22 -16.54 -43.97
CA SER A 160 5.70 -17.84 -43.60
C SER A 160 6.84 -18.82 -43.40
N GLY A 161 6.93 -19.38 -42.21
CA GLY A 161 7.88 -20.43 -41.97
C GLY A 161 7.17 -21.77 -42.03
N SER A 162 7.93 -22.86 -42.06
CA SER A 162 7.33 -24.17 -42.12
C SER A 162 8.33 -25.20 -41.65
N ASP A 163 7.86 -26.20 -40.92
CA ASP A 163 8.65 -27.36 -40.61
C ASP A 163 7.81 -28.59 -40.87
N ASP A 164 8.45 -29.66 -41.32
CA ASP A 164 7.73 -30.88 -41.58
C ASP A 164 8.66 -32.06 -41.43
N TRP A 165 8.19 -33.08 -40.74
CA TRP A 165 8.92 -34.33 -40.76
C TRP A 165 8.70 -35.08 -42.06
N ARG A 166 7.56 -34.88 -42.70
CA ARG A 166 7.23 -35.60 -43.92
C ARG A 166 8.14 -35.18 -45.06
N LYS A 167 8.40 -33.89 -45.19
CA LYS A 167 9.20 -33.34 -46.28
C LYS A 167 10.28 -32.43 -45.71
N PRO A 168 11.37 -33.00 -45.22
CA PRO A 168 12.51 -32.17 -44.83
C PRO A 168 13.18 -31.62 -46.08
N ILE A 169 13.99 -30.59 -45.89
CA ILE A 169 14.39 -29.76 -47.02
C ILE A 169 15.46 -30.51 -47.79
N GLU A 170 15.02 -31.21 -48.83
CA GLU A 170 15.73 -32.17 -49.70
C GLU A 170 16.74 -33.12 -49.05
N GLY B 1 -27.25 -69.63 -114.62
CA GLY B 1 -27.24 -69.56 -113.17
C GLY B 1 -26.08 -70.29 -112.54
N SER B 2 -24.92 -70.25 -113.22
CA SER B 2 -23.73 -70.90 -112.69
C SER B 2 -23.12 -70.16 -111.51
N LEU B 3 -23.40 -68.85 -111.39
CA LEU B 3 -22.92 -68.11 -110.23
C LEU B 3 -23.67 -68.50 -108.97
N LEU B 4 -24.93 -68.91 -109.11
CA LEU B 4 -25.67 -69.45 -107.97
C LEU B 4 -25.15 -70.84 -107.60
N ASP B 5 -24.60 -71.58 -108.57
CA ASP B 5 -24.03 -72.88 -108.29
C ASP B 5 -22.73 -72.77 -107.51
N GLU B 6 -21.98 -71.68 -107.70
CA GLU B 6 -20.75 -71.50 -106.94
C GLU B 6 -21.04 -71.09 -105.50
N ILE B 7 -22.17 -70.42 -105.27
CA ILE B 7 -22.56 -70.08 -103.90
C ILE B 7 -23.08 -71.30 -103.17
N MET B 8 -23.89 -72.13 -103.85
CA MET B 8 -24.42 -73.34 -103.23
C MET B 8 -23.34 -74.40 -103.02
N ALA B 9 -22.31 -74.44 -103.87
CA ALA B 9 -21.18 -75.32 -103.60
C ALA B 9 -20.30 -74.79 -102.48
N GLN B 10 -20.35 -73.48 -102.22
CA GLN B 10 -19.64 -72.87 -101.11
C GLN B 10 -20.46 -73.11 -99.85
N THR B 11 -20.08 -74.12 -99.07
CA THR B 11 -20.91 -74.60 -97.96
C THR B 11 -20.92 -73.67 -96.76
N ARG B 12 -20.10 -72.62 -96.74
CA ARG B 12 -20.11 -71.68 -95.62
C ARG B 12 -21.33 -70.77 -95.65
N ILE B 13 -21.78 -70.35 -96.83
CA ILE B 13 -22.93 -69.47 -96.97
C ILE B 13 -23.82 -69.95 -98.11
N ALA B 14 -24.11 -71.26 -98.15
CA ALA B 14 -24.83 -71.82 -99.28
C ALA B 14 -26.33 -71.49 -99.29
N PRO B 15 -27.17 -71.85 -98.24
CA PRO B 15 -28.61 -71.80 -98.49
C PRO B 15 -29.27 -70.44 -98.30
N SER B 16 -28.61 -69.37 -98.78
CA SER B 16 -29.14 -68.00 -98.83
C SER B 16 -29.61 -67.50 -97.47
N GLU B 17 -28.67 -67.43 -96.53
CA GLU B 17 -28.98 -67.05 -95.16
C GLU B 17 -28.43 -65.68 -94.79
N GLU B 18 -27.12 -65.47 -94.91
CA GLU B 18 -26.51 -64.20 -94.53
C GLU B 18 -25.20 -64.04 -95.28
N GLY B 19 -24.98 -62.87 -95.88
CA GLY B 19 -23.75 -62.60 -96.58
C GLY B 19 -23.67 -63.19 -97.97
N TYR B 20 -24.80 -63.60 -98.56
CA TYR B 20 -24.78 -64.18 -99.89
C TYR B 20 -24.83 -63.14 -100.99
N ASP B 21 -25.26 -61.91 -100.68
CA ASP B 21 -25.24 -60.84 -101.67
C ASP B 21 -23.90 -60.12 -101.71
N ILE B 22 -23.16 -60.13 -100.60
CA ILE B 22 -21.84 -59.51 -100.58
C ILE B 22 -20.82 -60.39 -101.28
N ALA B 23 -20.83 -61.69 -101.00
CA ALA B 23 -19.91 -62.63 -101.62
C ALA B 23 -20.21 -62.84 -103.10
N LYS B 24 -21.45 -62.64 -103.53
CA LYS B 24 -21.77 -62.65 -104.96
C LYS B 24 -21.14 -61.45 -105.67
N LYS B 25 -21.06 -60.30 -104.99
CA LYS B 25 -20.34 -59.17 -105.54
C LYS B 25 -18.83 -59.38 -105.52
N GLY B 26 -18.34 -60.28 -104.68
CA GLY B 26 -16.92 -60.56 -104.60
C GLY B 26 -16.41 -61.42 -105.74
N VAL B 27 -17.21 -62.38 -106.15
CA VAL B 27 -16.83 -63.26 -107.26
C VAL B 27 -16.86 -62.49 -108.58
N ALA B 28 -17.93 -61.71 -108.80
CA ALA B 28 -18.12 -61.04 -110.08
C ALA B 28 -17.14 -59.88 -110.27
N ALA B 29 -16.64 -59.31 -109.18
CA ALA B 29 -15.67 -58.22 -109.32
C ALA B 29 -14.28 -58.74 -109.68
N PHE B 30 -13.92 -59.93 -109.21
CA PHE B 30 -12.59 -60.47 -109.46
C PHE B 30 -12.45 -60.97 -110.89
N ILE B 31 -13.55 -61.43 -111.50
CA ILE B 31 -13.49 -61.95 -112.86
C ILE B 31 -13.32 -60.81 -113.86
N GLU B 32 -13.86 -59.62 -113.54
CA GLU B 32 -13.76 -58.48 -114.45
C GLU B 32 -12.34 -57.95 -114.57
N ASN B 33 -11.51 -58.15 -113.55
CA ASN B 33 -10.10 -57.76 -113.60
C ASN B 33 -9.18 -58.93 -113.86
N LEU B 34 -9.71 -60.15 -113.96
CA LEU B 34 -8.89 -61.34 -114.16
C LEU B 34 -8.33 -61.42 -115.57
N MET B 35 -8.95 -60.75 -116.55
CA MET B 35 -8.56 -60.88 -117.95
C MET B 35 -7.24 -60.17 -118.28
N GLY B 36 -6.68 -59.39 -117.35
CA GLY B 36 -5.37 -58.81 -117.58
C GLY B 36 -4.26 -59.83 -117.51
N SER B 37 -4.45 -60.89 -116.72
CA SER B 37 -3.47 -61.98 -116.62
C SER B 37 -4.22 -63.24 -116.24
N GLN B 38 -4.37 -64.16 -117.20
CA GLN B 38 -5.11 -65.38 -116.98
C GLN B 38 -4.27 -66.38 -116.19
N HIS B 39 -4.81 -66.85 -115.07
CA HIS B 39 -4.13 -67.84 -114.24
C HIS B 39 -5.18 -68.58 -113.44
N SER B 40 -4.91 -69.87 -113.19
CA SER B 40 -5.87 -70.75 -112.51
C SER B 40 -5.17 -71.49 -111.36
N ALA B 41 -5.10 -70.82 -110.21
CA ALA B 41 -4.57 -71.41 -108.97
C ALA B 41 -4.99 -70.51 -107.82
N GLU B 42 -5.66 -71.10 -106.81
CA GLU B 42 -6.12 -70.33 -105.65
C GLU B 42 -5.02 -69.66 -104.83
N PRO B 43 -3.88 -70.29 -104.47
CA PRO B 43 -2.88 -69.55 -103.68
C PRO B 43 -2.17 -68.46 -104.44
N VAL B 44 -2.04 -68.59 -105.76
CA VAL B 44 -1.58 -67.46 -106.56
C VAL B 44 -2.69 -66.41 -106.63
N ASN B 45 -3.94 -66.84 -106.69
CA ASN B 45 -5.07 -65.91 -106.62
C ASN B 45 -5.17 -65.23 -105.27
N LYS B 46 -4.76 -65.90 -104.19
CA LYS B 46 -4.64 -65.22 -102.90
C LYS B 46 -3.56 -64.15 -102.93
N SER B 47 -2.55 -64.31 -103.80
CA SER B 47 -1.64 -63.21 -104.09
C SER B 47 -2.20 -62.29 -105.16
N LEU B 48 -2.96 -62.82 -106.13
CA LEU B 48 -3.53 -61.97 -107.16
C LEU B 48 -4.67 -61.11 -106.64
N VAL B 49 -5.37 -61.55 -105.59
CA VAL B 49 -6.28 -60.65 -104.88
C VAL B 49 -5.48 -59.54 -104.21
N ASP B 50 -4.36 -59.91 -103.56
CA ASP B 50 -3.49 -58.91 -102.94
C ASP B 50 -2.79 -58.02 -103.96
N GLN B 51 -2.50 -58.55 -105.16
CA GLN B 51 -1.97 -57.71 -106.22
C GLN B 51 -3.04 -56.83 -106.85
N MET B 52 -4.32 -57.13 -106.62
CA MET B 52 -5.40 -56.21 -106.96
C MET B 52 -5.80 -55.32 -105.79
N LEU B 53 -5.15 -55.48 -104.63
CA LEU B 53 -5.34 -54.55 -103.52
C LEU B 53 -4.23 -53.52 -103.42
N VAL B 54 -3.00 -53.90 -103.79
CA VAL B 54 -1.91 -52.93 -103.81
C VAL B 54 -2.10 -51.92 -104.93
N GLU B 55 -2.53 -52.40 -106.11
CA GLU B 55 -2.84 -51.48 -107.20
C GLU B 55 -4.10 -50.69 -106.93
N LEU B 56 -5.00 -51.22 -106.10
CA LEU B 56 -6.19 -50.47 -105.69
C LEU B 56 -5.82 -49.36 -104.71
N ASP B 57 -4.92 -49.64 -103.77
CA ASP B 57 -4.49 -48.62 -102.82
C ASP B 57 -3.65 -47.54 -103.48
N LYS B 58 -3.02 -47.83 -104.61
CA LYS B 58 -2.39 -46.76 -105.40
C LYS B 58 -3.43 -45.86 -106.04
N LYS B 59 -4.63 -46.39 -106.29
CA LYS B 59 -5.70 -45.56 -106.83
C LYS B 59 -6.42 -44.78 -105.74
N ILE B 60 -6.53 -45.33 -104.53
CA ILE B 60 -7.32 -44.67 -103.49
C ILE B 60 -6.48 -43.66 -102.73
N SER B 61 -5.28 -44.07 -102.29
CA SER B 61 -4.47 -43.19 -101.47
C SER B 61 -3.90 -42.01 -102.26
N ALA B 62 -3.79 -42.15 -103.58
CA ALA B 62 -3.44 -40.99 -104.39
C ALA B 62 -4.60 -40.03 -104.51
N GLN B 63 -5.83 -40.51 -104.33
CA GLN B 63 -6.99 -39.62 -104.27
C GLN B 63 -7.15 -39.03 -102.88
N MET B 64 -6.89 -39.82 -101.84
CA MET B 64 -6.97 -39.32 -100.47
C MET B 64 -5.75 -38.55 -100.04
N ASP B 65 -4.74 -38.41 -100.88
CA ASP B 65 -3.75 -37.36 -100.71
C ASP B 65 -4.09 -36.13 -101.52
N GLU B 66 -5.28 -36.09 -102.12
CA GLU B 66 -5.76 -34.93 -102.83
C GLU B 66 -7.09 -34.40 -102.33
N ILE B 67 -7.93 -35.26 -101.75
CA ILE B 67 -9.09 -34.76 -101.01
C ILE B 67 -8.62 -34.15 -99.70
N LEU B 68 -7.61 -34.74 -99.07
CA LEU B 68 -6.88 -34.07 -98.02
C LEU B 68 -5.86 -33.11 -98.67
N HIS B 69 -5.07 -32.44 -97.83
CA HIS B 69 -3.93 -31.61 -98.24
C HIS B 69 -4.35 -30.44 -99.14
N ASN B 70 -5.58 -29.99 -99.01
CA ASN B 70 -6.12 -28.90 -99.81
C ASN B 70 -6.10 -27.63 -98.97
N SER B 71 -5.98 -26.48 -99.64
CA SER B 71 -5.82 -25.20 -98.94
C SER B 71 -7.09 -24.80 -98.22
N GLN B 72 -8.25 -25.28 -98.67
CA GLN B 72 -9.49 -25.07 -97.91
C GLN B 72 -9.63 -26.09 -96.80
N PHE B 73 -9.17 -27.32 -97.02
CA PHE B 73 -9.33 -28.36 -96.01
C PHE B 73 -8.28 -28.22 -94.89
N GLN B 74 -7.00 -28.15 -95.27
CA GLN B 74 -5.91 -28.19 -94.30
C GLN B 74 -5.88 -26.95 -93.43
N ALA B 75 -6.19 -25.77 -93.99
CA ALA B 75 -6.26 -24.56 -93.18
C ALA B 75 -7.46 -24.57 -92.24
N MET B 76 -8.50 -25.31 -92.59
CA MET B 76 -9.64 -25.51 -91.71
C MET B 76 -9.55 -26.82 -90.94
N GLU B 77 -8.46 -27.57 -91.11
CA GLU B 77 -8.20 -28.70 -90.22
C GLU B 77 -7.22 -28.31 -89.12
N SER B 78 -6.18 -27.54 -89.47
CA SER B 78 -5.22 -27.07 -88.47
C SER B 78 -5.84 -26.07 -87.51
N ALA B 79 -6.79 -25.27 -87.99
CA ALA B 79 -7.48 -24.32 -87.15
C ALA B 79 -8.51 -24.97 -86.24
N TRP B 80 -8.79 -26.25 -86.43
CA TRP B 80 -9.81 -26.95 -85.64
C TRP B 80 -9.25 -28.14 -84.88
N ARG B 81 -8.34 -28.91 -85.45
CA ARG B 81 -7.67 -29.95 -84.68
C ARG B 81 -6.67 -29.35 -83.70
N GLY B 82 -6.10 -28.20 -84.05
CA GLY B 82 -5.28 -27.46 -83.10
C GLY B 82 -6.05 -26.93 -81.90
N LEU B 83 -7.36 -26.71 -82.05
CA LEU B 83 -8.19 -26.43 -80.90
C LEU B 83 -8.30 -27.64 -79.99
N LYS B 84 -8.37 -28.84 -80.57
CA LYS B 84 -8.45 -30.06 -79.78
C LYS B 84 -7.18 -30.29 -78.97
N LEU B 85 -6.03 -29.85 -79.50
CA LEU B 85 -4.81 -29.85 -78.73
C LEU B 85 -4.85 -28.81 -77.61
N PHE B 86 -5.68 -27.78 -77.73
CA PHE B 86 -5.86 -26.86 -76.62
C PHE B 86 -6.94 -27.32 -75.66
N VAL B 87 -7.85 -28.19 -76.09
CA VAL B 87 -8.87 -28.70 -75.18
C VAL B 87 -8.37 -29.91 -74.41
N ASP B 88 -7.58 -30.77 -75.04
CA ASP B 88 -7.17 -32.02 -74.39
C ASP B 88 -6.11 -31.79 -73.32
N ARG B 89 -5.27 -30.75 -73.46
CA ARG B 89 -4.20 -30.55 -72.50
C ARG B 89 -4.68 -29.80 -71.26
N THR B 90 -5.54 -28.81 -71.43
CA THR B 90 -5.94 -27.95 -70.32
C THR B 90 -6.96 -28.66 -69.46
N ASP B 91 -6.71 -28.68 -68.16
CA ASP B 91 -7.57 -29.41 -67.23
C ASP B 91 -8.77 -28.52 -66.89
N PHE B 92 -9.92 -28.83 -67.46
CA PHE B 92 -11.12 -28.06 -67.22
C PHE B 92 -11.71 -28.28 -65.83
N ARG B 93 -11.28 -29.33 -65.13
CA ARG B 93 -11.69 -29.48 -63.74
C ARG B 93 -11.01 -28.47 -62.83
N GLU B 94 -9.84 -27.98 -63.20
CA GLU B 94 -9.09 -27.03 -62.38
C GLU B 94 -9.39 -25.58 -62.75
N ASN B 95 -10.69 -25.25 -62.82
CA ASN B 95 -11.20 -23.90 -63.00
C ASN B 95 -10.66 -23.24 -64.28
N ASN B 96 -11.04 -23.80 -65.41
CA ASN B 96 -10.65 -23.27 -66.70
C ASN B 96 -11.84 -23.34 -67.65
N LYS B 97 -12.06 -22.27 -68.40
CA LYS B 97 -13.04 -22.27 -69.48
C LYS B 97 -12.43 -21.58 -70.68
N VAL B 98 -12.95 -21.89 -71.86
CA VAL B 98 -12.44 -21.29 -73.08
C VAL B 98 -13.60 -20.99 -74.03
N GLU B 99 -13.67 -19.74 -74.47
CA GLU B 99 -14.69 -19.32 -75.42
C GLU B 99 -14.16 -19.42 -76.83
N ILE B 100 -15.06 -19.71 -77.76
CA ILE B 100 -14.75 -19.95 -79.16
C ILE B 100 -15.52 -18.96 -80.01
N LEU B 101 -14.80 -18.09 -80.71
CA LEU B 101 -15.42 -17.05 -81.52
C LEU B 101 -15.07 -17.26 -82.99
N HIS B 102 -16.10 -17.35 -83.83
CA HIS B 102 -15.93 -17.44 -85.28
C HIS B 102 -15.84 -16.03 -85.84
N VAL B 103 -14.64 -15.59 -86.17
CA VAL B 103 -14.44 -14.45 -87.05
C VAL B 103 -13.63 -14.93 -88.23
N THR B 104 -13.45 -14.07 -89.20
CA THR B 104 -12.35 -14.22 -90.12
C THR B 104 -11.44 -13.02 -89.98
N LYS B 105 -10.19 -13.20 -90.38
CA LYS B 105 -9.16 -12.18 -90.15
C LYS B 105 -9.41 -10.93 -90.96
N ASP B 106 -10.02 -11.06 -92.13
CA ASP B 106 -10.38 -9.88 -92.91
C ASP B 106 -11.64 -9.21 -92.37
N GLU B 107 -12.51 -9.96 -91.70
CA GLU B 107 -13.70 -9.37 -91.10
C GLU B 107 -13.35 -8.54 -89.88
N LEU B 108 -12.28 -8.91 -89.17
CA LEU B 108 -12.03 -8.32 -87.87
C LEU B 108 -11.51 -6.89 -87.99
N LEU B 109 -10.67 -6.63 -88.99
CA LEU B 109 -10.20 -5.25 -89.21
C LEU B 109 -11.33 -4.37 -89.71
N GLU B 110 -12.24 -4.94 -90.51
CA GLU B 110 -13.45 -4.22 -90.93
C GLU B 110 -14.34 -3.90 -89.74
N ASP B 111 -14.36 -4.78 -88.74
CA ASP B 111 -15.15 -4.54 -87.54
C ASP B 111 -14.52 -3.47 -86.65
N PHE B 112 -13.21 -3.28 -86.72
CA PHE B 112 -12.61 -2.13 -86.08
C PHE B 112 -12.73 -0.87 -86.92
N GLU B 113 -12.87 -1.02 -88.24
CA GLU B 113 -13.25 0.08 -89.10
C GLU B 113 -14.73 0.41 -88.96
N PHE B 114 -15.51 -0.54 -88.45
CA PHE B 114 -16.96 -0.38 -88.25
C PHE B 114 -17.25 0.70 -87.22
N ALA B 115 -16.66 0.58 -86.04
CA ALA B 115 -16.93 1.54 -84.98
C ALA B 115 -15.96 2.71 -85.04
N PRO B 116 -16.41 3.92 -84.66
CA PRO B 116 -15.49 5.07 -84.64
C PRO B 116 -14.46 4.99 -83.53
N GLU B 117 -14.73 4.23 -82.47
CA GLU B 117 -13.81 4.07 -81.36
C GLU B 117 -13.73 2.59 -81.00
N THR B 118 -12.55 2.16 -80.54
CA THR B 118 -12.34 0.78 -80.13
C THR B 118 -13.23 0.38 -78.96
N ALA B 119 -13.69 1.34 -78.16
CA ALA B 119 -14.60 1.10 -77.06
C ALA B 119 -16.05 0.95 -77.50
N GLN B 120 -16.32 0.90 -78.80
CA GLN B 120 -17.65 0.58 -79.29
C GLN B 120 -17.62 -0.51 -80.36
N SER B 121 -16.52 -1.25 -80.47
CA SER B 121 -16.37 -2.24 -81.53
C SER B 121 -17.21 -3.47 -81.24
N GLY B 122 -17.21 -4.41 -82.19
CA GLY B 122 -17.89 -5.67 -81.98
C GLY B 122 -17.03 -6.69 -81.27
N LEU B 123 -15.71 -6.60 -81.42
CA LEU B 123 -14.84 -7.48 -80.65
C LEU B 123 -14.71 -7.00 -79.21
N TYR B 124 -14.86 -5.69 -78.99
CA TYR B 124 -14.89 -5.14 -77.64
C TYR B 124 -16.11 -5.63 -76.86
N LYS B 125 -17.17 -6.01 -77.56
CA LYS B 125 -18.32 -6.56 -76.88
C LYS B 125 -18.04 -7.95 -76.33
N HIS B 126 -17.27 -8.75 -77.06
CA HIS B 126 -17.04 -10.12 -76.63
C HIS B 126 -15.82 -10.27 -75.72
N VAL B 127 -14.86 -9.36 -75.80
CA VAL B 127 -13.70 -9.44 -74.94
C VAL B 127 -13.96 -8.75 -73.61
N TYR B 128 -14.49 -7.52 -73.66
CA TYR B 128 -14.68 -6.72 -72.46
C TYR B 128 -16.06 -6.92 -71.84
N SER B 129 -17.11 -6.59 -72.57
CA SER B 129 -18.40 -6.38 -71.94
C SER B 129 -19.15 -7.67 -71.67
N ALA B 130 -19.03 -8.67 -72.54
CA ALA B 130 -19.70 -9.93 -72.26
C ALA B 130 -18.96 -10.76 -71.22
N GLY B 131 -17.70 -10.43 -70.97
CA GLY B 131 -16.88 -11.12 -70.01
C GLY B 131 -16.57 -10.25 -68.81
N TYR B 132 -15.43 -9.56 -68.91
CA TYR B 132 -14.89 -8.76 -67.82
C TYR B 132 -15.81 -7.64 -67.39
N GLY B 133 -16.33 -6.87 -68.32
CA GLY B 133 -17.23 -5.79 -67.97
C GLY B 133 -18.66 -6.24 -67.77
N GLN B 134 -18.87 -7.11 -66.79
CA GLN B 134 -20.16 -7.74 -66.58
C GLN B 134 -20.26 -8.14 -65.12
N PHE B 135 -21.39 -7.86 -64.50
CA PHE B 135 -21.59 -8.25 -63.11
C PHE B 135 -21.71 -9.76 -63.00
N GLY B 136 -20.75 -10.38 -62.34
CA GLY B 136 -20.72 -11.81 -62.14
C GLY B 136 -20.13 -12.61 -63.28
N GLY B 137 -19.94 -12.01 -64.46
CA GLY B 137 -19.39 -12.74 -65.57
C GLY B 137 -17.91 -13.01 -65.39
N GLU B 138 -17.49 -14.15 -65.91
CA GLU B 138 -16.08 -14.53 -65.81
C GLU B 138 -15.23 -13.69 -66.77
N PRO B 139 -14.12 -13.15 -66.32
CA PRO B 139 -13.35 -12.22 -67.14
C PRO B 139 -12.35 -12.97 -68.02
N VAL B 140 -11.83 -12.25 -69.01
CA VAL B 140 -11.04 -12.84 -70.07
C VAL B 140 -9.57 -12.77 -69.72
N GLY B 141 -8.90 -13.91 -69.72
CA GLY B 141 -7.48 -13.96 -69.43
C GLY B 141 -6.60 -13.58 -70.60
N ALA B 142 -6.83 -14.20 -71.75
CA ALA B 142 -6.01 -13.93 -72.93
C ALA B 142 -6.81 -14.21 -74.19
N ILE B 143 -6.37 -13.62 -75.30
CA ILE B 143 -7.01 -13.80 -76.59
C ILE B 143 -6.05 -14.57 -77.49
N ILE B 144 -6.43 -15.78 -77.86
CA ILE B 144 -5.66 -16.57 -78.80
C ILE B 144 -5.99 -16.09 -80.21
N GLY B 145 -4.98 -15.56 -80.90
CA GLY B 145 -5.16 -15.18 -82.28
C GLY B 145 -4.71 -16.28 -83.22
N ASN B 146 -5.67 -16.88 -83.94
CA ASN B 146 -5.38 -17.99 -84.84
C ASN B 146 -5.05 -17.46 -86.24
N TYR B 147 -4.10 -16.55 -86.28
CA TYR B 147 -3.85 -15.71 -87.44
C TYR B 147 -2.44 -15.92 -87.95
N ALA B 148 -2.16 -15.33 -89.11
CA ALA B 148 -0.84 -15.34 -89.71
C ALA B 148 -0.53 -13.90 -90.11
N PHE B 149 0.24 -13.22 -89.27
CA PHE B 149 0.41 -11.78 -89.44
C PHE B 149 1.49 -11.44 -90.44
N THR B 150 1.20 -10.51 -91.30
CA THR B 150 2.11 -9.85 -92.21
C THR B 150 2.56 -8.53 -91.58
N PRO B 151 3.62 -7.91 -92.09
CA PRO B 151 3.96 -6.56 -91.59
C PRO B 151 3.28 -5.44 -92.36
N SER B 152 2.25 -5.75 -93.13
CA SER B 152 1.59 -4.75 -93.96
C SER B 152 0.66 -3.89 -93.12
N THR B 153 0.12 -2.86 -93.76
CA THR B 153 -0.80 -1.91 -93.14
C THR B 153 -2.12 -2.55 -92.69
N PRO B 154 -2.77 -3.49 -93.41
CA PRO B 154 -3.96 -4.14 -92.81
C PRO B 154 -3.66 -5.12 -91.68
N ASP B 155 -2.40 -5.32 -91.28
CA ASP B 155 -2.08 -6.12 -90.11
C ASP B 155 -1.33 -5.35 -89.03
N MET B 156 -0.86 -4.14 -89.32
CA MET B 156 -0.41 -3.26 -88.25
C MET B 156 -1.51 -2.31 -87.80
N LYS B 157 -2.57 -2.16 -88.59
CA LYS B 157 -3.74 -1.46 -88.11
C LYS B 157 -4.58 -2.33 -87.20
N LEU B 158 -4.56 -3.64 -87.43
CA LEU B 158 -5.27 -4.55 -86.54
C LEU B 158 -4.62 -4.61 -85.17
N LEU B 159 -3.29 -4.74 -85.14
CA LEU B 159 -2.60 -4.87 -83.85
C LEU B 159 -2.58 -3.56 -83.08
N GLN B 160 -2.67 -2.43 -83.78
CA GLN B 160 -2.87 -1.17 -83.07
C GLN B 160 -4.23 -1.13 -82.40
N TYR B 161 -5.22 -1.77 -83.02
CA TYR B 161 -6.56 -1.88 -82.47
C TYR B 161 -6.73 -3.12 -81.62
N MET B 162 -5.70 -3.95 -81.47
CA MET B 162 -5.73 -5.02 -80.49
C MET B 162 -4.89 -4.72 -79.26
N GLY B 163 -3.88 -3.87 -79.39
CA GLY B 163 -3.19 -3.38 -78.22
C GLY B 163 -4.04 -2.44 -77.39
N ALA B 164 -4.88 -1.64 -78.06
CA ALA B 164 -5.81 -0.79 -77.34
C ALA B 164 -6.95 -1.58 -76.74
N LEU B 165 -7.35 -2.68 -77.39
CA LEU B 165 -8.34 -3.56 -76.79
C LEU B 165 -7.76 -4.34 -75.62
N GLY B 166 -6.50 -4.76 -75.75
CA GLY B 166 -5.85 -5.48 -74.67
C GLY B 166 -5.52 -4.61 -73.46
N ALA B 167 -5.45 -3.30 -73.64
CA ALA B 167 -5.22 -2.41 -72.52
C ALA B 167 -6.49 -2.00 -71.83
N MET B 168 -7.65 -2.34 -72.39
CA MET B 168 -8.91 -2.03 -71.73
C MET B 168 -9.44 -3.21 -70.93
N ALA B 169 -9.34 -4.42 -71.46
CA ALA B 169 -9.84 -5.60 -70.77
C ALA B 169 -8.76 -6.35 -70.01
N HIS B 170 -7.53 -5.81 -70.00
CA HIS B 170 -6.37 -6.38 -69.30
C HIS B 170 -6.08 -7.82 -69.73
N ALA B 171 -6.07 -8.03 -71.03
CA ALA B 171 -5.81 -9.37 -71.53
C ALA B 171 -4.93 -9.27 -72.75
N PRO B 172 -3.75 -9.88 -72.73
CA PRO B 172 -2.86 -9.79 -73.89
C PRO B 172 -3.35 -10.65 -75.04
N PHE B 173 -3.17 -10.13 -76.24
CA PHE B 173 -3.57 -10.81 -77.47
C PHE B 173 -2.38 -11.58 -78.01
N ILE B 174 -2.45 -12.91 -77.94
CA ILE B 174 -1.37 -13.77 -78.42
C ILE B 174 -1.76 -14.36 -79.77
N SER B 175 -0.86 -14.20 -80.74
CA SER B 175 -1.05 -14.68 -82.10
C SER B 175 0.34 -15.02 -82.64
N SER B 176 0.46 -15.17 -83.96
CA SER B 176 1.75 -15.52 -84.52
C SER B 176 2.02 -14.73 -85.78
N VAL B 177 3.31 -14.56 -86.07
CA VAL B 177 3.75 -13.97 -87.30
C VAL B 177 3.96 -15.10 -88.31
N GLY B 178 3.93 -14.76 -89.59
CA GLY B 178 4.07 -15.73 -90.63
C GLY B 178 5.48 -15.82 -91.16
N PRO B 179 5.69 -16.72 -92.13
CA PRO B 179 6.98 -16.73 -92.83
C PRO B 179 7.27 -15.42 -93.55
N GLU B 180 6.26 -14.86 -94.21
CA GLU B 180 6.40 -13.62 -94.95
C GLU B 180 6.62 -12.41 -94.05
N PHE B 181 6.44 -12.56 -92.74
CA PHE B 181 6.77 -11.49 -91.81
C PHE B 181 8.27 -11.25 -91.79
N PHE B 182 9.05 -12.31 -91.80
CA PHE B 182 10.50 -12.16 -91.83
C PHE B 182 11.03 -11.93 -93.24
N GLY B 183 10.20 -12.09 -94.27
CA GLY B 183 10.62 -11.88 -95.64
C GLY B 183 11.40 -13.03 -96.22
N ILE B 184 10.89 -14.25 -96.03
CA ILE B 184 11.56 -15.44 -96.54
C ILE B 184 10.67 -16.28 -97.44
N ASP B 185 9.34 -16.16 -97.36
CA ASP B 185 8.34 -16.75 -98.26
C ASP B 185 8.31 -18.28 -98.26
N SER B 186 9.14 -18.91 -97.44
CA SER B 186 9.25 -20.35 -97.26
C SER B 186 10.01 -20.53 -95.96
N PHE B 187 9.49 -21.31 -95.02
CA PHE B 187 9.88 -21.05 -93.64
C PHE B 187 11.19 -21.71 -93.22
N GLU B 188 11.56 -22.84 -93.82
CA GLU B 188 12.69 -23.60 -93.31
C GLU B 188 14.05 -22.96 -93.58
N GLU B 189 14.10 -21.77 -94.16
CA GLU B 189 15.33 -21.02 -94.31
C GLU B 189 15.48 -19.93 -93.27
N LEU B 190 14.97 -20.15 -92.07
CA LEU B 190 15.11 -19.15 -91.01
C LEU B 190 16.49 -19.17 -90.32
N PRO B 191 17.13 -20.32 -90.00
CA PRO B 191 18.49 -20.23 -89.44
C PRO B 191 19.54 -19.74 -90.44
N ASN B 192 19.21 -19.68 -91.73
CA ASN B 192 20.14 -19.13 -92.70
C ASN B 192 20.27 -17.62 -92.55
N ILE B 193 19.33 -16.97 -91.85
CA ILE B 193 19.42 -15.53 -91.60
C ILE B 193 20.61 -15.27 -90.69
N LYS B 194 21.57 -14.51 -91.18
CA LYS B 194 22.81 -14.26 -90.44
C LYS B 194 22.79 -12.97 -89.65
N ASP B 195 21.81 -12.10 -89.90
CA ASP B 195 21.67 -10.87 -89.11
C ASP B 195 20.20 -10.49 -89.14
N LEU B 196 19.50 -10.80 -88.05
CA LEU B 196 18.07 -10.52 -87.95
C LEU B 196 17.79 -9.17 -87.31
N LYS B 197 18.80 -8.57 -86.67
CA LYS B 197 18.63 -7.23 -86.11
C LYS B 197 18.53 -6.18 -87.21
N SER B 198 19.29 -6.34 -88.28
CA SER B 198 19.24 -5.38 -89.38
C SER B 198 18.02 -5.56 -90.24
N THR B 199 17.39 -6.73 -90.20
CA THR B 199 16.17 -6.96 -90.98
C THR B 199 15.02 -6.13 -90.44
N PHE B 200 14.96 -5.97 -89.12
CA PHE B 200 13.86 -5.24 -88.50
C PHE B 200 14.05 -3.73 -88.54
N GLU B 201 15.23 -3.24 -88.92
CA GLU B 201 15.48 -1.81 -89.08
C GLU B 201 15.41 -1.39 -90.54
N SER B 202 14.49 -1.99 -91.32
CA SER B 202 14.11 -1.77 -92.71
C SER B 202 12.91 -0.83 -92.79
N PRO B 203 12.81 -0.02 -93.85
CA PRO B 203 11.65 0.87 -93.98
C PRO B 203 10.35 0.18 -94.31
N LYS B 204 10.34 -1.13 -94.56
CA LYS B 204 9.08 -1.85 -94.67
C LYS B 204 8.40 -1.96 -93.31
N TYR B 205 9.17 -1.90 -92.23
CA TYR B 205 8.68 -2.10 -90.87
C TYR B 205 8.52 -0.80 -90.11
N THR B 206 8.09 0.28 -90.78
CA THR B 206 7.88 1.54 -90.06
C THR B 206 6.61 1.46 -89.23
N LYS B 207 5.62 0.70 -89.69
CA LYS B 207 4.43 0.43 -88.90
C LYS B 207 4.61 -0.70 -87.90
N TRP B 208 5.80 -1.30 -87.84
CA TRP B 208 6.16 -2.25 -86.79
C TRP B 208 6.96 -1.59 -85.69
N ARG B 209 7.99 -0.83 -86.04
CA ARG B 209 8.81 -0.15 -85.04
C ARG B 209 8.08 1.01 -84.38
N SER B 210 6.99 1.48 -84.96
CA SER B 210 6.13 2.43 -84.28
C SER B 210 5.07 1.73 -83.43
N LEU B 211 4.73 0.48 -83.77
CA LEU B 211 3.88 -0.31 -82.90
C LEU B 211 4.60 -0.69 -81.62
N ARG B 212 5.89 -1.01 -81.73
CA ARG B 212 6.66 -1.48 -80.58
C ARG B 212 6.86 -0.37 -79.55
N GLU B 213 7.07 0.86 -80.01
CA GLU B 213 7.28 1.96 -79.09
C GLU B 213 6.01 2.38 -78.37
N SER B 214 4.85 1.95 -78.84
CA SER B 214 3.59 2.42 -78.28
C SER B 214 3.35 1.83 -76.89
N GLU B 215 2.50 2.52 -76.14
CA GLU B 215 2.28 2.16 -74.74
C GLU B 215 1.38 0.94 -74.60
N ASP B 216 0.33 0.85 -75.42
CA ASP B 216 -0.59 -0.26 -75.34
C ASP B 216 -0.10 -1.52 -76.04
N ALA B 217 1.13 -1.53 -76.55
CA ALA B 217 1.71 -2.73 -77.14
C ALA B 217 2.12 -3.75 -76.10
N ARG B 218 2.03 -3.38 -74.82
CA ARG B 218 2.38 -4.26 -73.71
C ARG B 218 1.50 -5.50 -73.67
N TYR B 219 0.28 -5.40 -74.20
CA TYR B 219 -0.69 -6.48 -74.22
C TYR B 219 -0.72 -7.18 -75.56
N LEU B 220 0.44 -7.34 -76.19
CA LEU B 220 0.52 -8.01 -77.49
C LEU B 220 1.78 -8.86 -77.52
N GLY B 221 1.60 -10.17 -77.46
CA GLY B 221 2.67 -11.12 -77.71
C GLY B 221 2.43 -11.81 -79.04
N LEU B 222 3.50 -12.00 -79.81
CA LEU B 222 3.41 -12.70 -81.08
C LEU B 222 4.34 -13.89 -81.05
N THR B 223 3.79 -15.07 -81.32
CA THR B 223 4.42 -16.32 -80.91
C THR B 223 5.33 -16.88 -82.01
N ALA B 224 5.63 -18.16 -81.87
CA ALA B 224 6.64 -19.05 -82.41
C ALA B 224 6.55 -19.29 -83.92
N PRO B 225 7.46 -20.09 -84.51
CA PRO B 225 7.25 -20.52 -85.90
C PRO B 225 5.91 -21.17 -86.24
N ARG B 226 5.70 -22.42 -85.84
CA ARG B 226 4.53 -23.28 -86.08
C ARG B 226 4.86 -24.59 -85.39
N PHE B 227 3.87 -25.48 -85.31
CA PHE B 227 4.12 -26.78 -84.73
C PHE B 227 3.22 -27.81 -85.38
N LEU B 228 3.64 -29.07 -85.29
CA LEU B 228 2.97 -30.19 -85.96
C LEU B 228 1.78 -30.67 -85.15
N LEU B 229 0.73 -31.10 -85.85
CA LEU B 229 -0.49 -31.59 -85.22
C LEU B 229 -0.76 -33.06 -85.47
N ARG B 230 -0.69 -33.51 -86.71
CA ARG B 230 -1.12 -34.85 -87.07
C ARG B 230 0.05 -35.63 -87.66
N VAL B 231 0.35 -36.77 -87.04
CA VAL B 231 1.25 -37.74 -87.66
C VAL B 231 0.58 -38.31 -88.90
N PRO B 232 1.25 -38.33 -90.05
CA PRO B 232 0.67 -38.97 -91.23
C PRO B 232 0.51 -40.47 -91.01
N TYR B 233 -0.60 -41.00 -91.52
CA TYR B 233 -1.05 -42.34 -91.16
C TYR B 233 -0.19 -43.40 -91.81
N ASP B 234 -0.33 -44.63 -91.31
CA ASP B 234 0.53 -45.73 -91.70
C ASP B 234 -0.22 -47.02 -91.43
N PRO B 235 -0.13 -48.03 -92.30
CA PRO B 235 -0.86 -49.29 -92.05
C PRO B 235 -0.30 -50.13 -90.92
N ILE B 236 0.81 -49.75 -90.29
CA ILE B 236 1.37 -50.46 -89.15
C ILE B 236 1.32 -49.61 -87.88
N GLU B 237 1.74 -48.35 -87.98
CA GLU B 237 1.85 -47.50 -86.79
C GLU B 237 0.50 -46.97 -86.34
N ASN B 238 -0.15 -46.17 -87.20
CA ASN B 238 -1.44 -45.56 -86.89
C ASN B 238 -2.43 -45.96 -87.99
N PRO B 239 -3.02 -47.15 -87.88
CA PRO B 239 -3.86 -47.66 -88.97
C PRO B 239 -5.25 -47.02 -88.95
N VAL B 240 -5.99 -47.30 -90.01
CA VAL B 240 -7.39 -46.89 -90.12
C VAL B 240 -8.23 -48.16 -90.26
N LYS B 241 -9.52 -48.01 -89.95
CA LYS B 241 -10.42 -49.17 -89.84
C LYS B 241 -10.77 -49.70 -91.22
N SER B 242 -10.48 -51.00 -91.43
CA SER B 242 -10.81 -51.75 -92.64
C SER B 242 -10.17 -51.15 -93.89
N PHE B 243 -9.00 -50.55 -93.75
CA PHE B 243 -8.29 -49.92 -94.85
C PHE B 243 -6.83 -49.77 -94.45
N ASN B 244 -5.94 -49.74 -95.45
CA ASN B 244 -4.52 -49.51 -95.25
C ASN B 244 -4.18 -48.20 -95.95
N TYR B 245 -3.83 -47.18 -95.17
CA TYR B 245 -3.63 -45.82 -95.69
C TYR B 245 -2.21 -45.37 -95.39
N ALA B 246 -1.38 -45.31 -96.42
CA ALA B 246 -0.04 -44.75 -96.32
C ALA B 246 -0.06 -43.36 -96.93
N GLU B 247 -0.03 -42.34 -96.09
CA GLU B 247 -0.12 -40.95 -96.54
C GLU B 247 1.22 -40.55 -97.11
N ASN B 248 1.31 -40.51 -98.44
CA ASN B 248 2.56 -40.19 -99.13
C ASN B 248 2.85 -38.70 -99.01
N VAL B 249 3.66 -38.34 -98.02
CA VAL B 249 4.05 -36.95 -97.82
C VAL B 249 5.25 -36.65 -98.71
N SER B 250 5.09 -35.64 -99.57
CA SER B 250 6.11 -35.31 -100.56
C SER B 250 7.20 -34.46 -99.92
N ALA B 251 8.08 -33.92 -100.75
CA ALA B 251 9.16 -33.06 -100.25
C ALA B 251 8.65 -31.71 -99.80
N SER B 252 7.46 -31.31 -100.23
CA SER B 252 6.85 -30.09 -99.71
C SER B 252 6.37 -30.34 -98.29
N HIS B 253 6.93 -29.59 -97.33
CA HIS B 253 6.54 -29.71 -95.94
C HIS B 253 5.32 -28.87 -95.59
N GLU B 254 4.60 -28.35 -96.60
CA GLU B 254 3.33 -27.70 -96.34
C GLU B 254 2.19 -28.68 -96.24
N HIS B 255 2.40 -29.95 -96.58
CA HIS B 255 1.34 -30.95 -96.53
C HIS B 255 1.14 -31.51 -95.13
N TYR B 256 2.15 -31.41 -94.27
CA TYR B 256 1.95 -31.70 -92.86
C TYR B 256 0.94 -30.74 -92.26
N LEU B 257 0.14 -31.23 -91.32
CA LEU B 257 -0.88 -30.41 -90.69
C LEU B 257 -0.21 -29.49 -89.67
N TRP B 258 0.29 -28.37 -90.16
CA TRP B 258 0.99 -27.44 -89.28
C TRP B 258 -0.02 -26.52 -88.60
N GLY B 259 -0.02 -26.55 -87.27
CA GLY B 259 -0.93 -25.73 -86.49
C GLY B 259 -0.40 -24.33 -86.26
N ASN B 260 -1.14 -23.58 -85.45
CA ASN B 260 -0.77 -22.22 -85.06
C ASN B 260 -0.34 -22.25 -83.60
N THR B 261 0.80 -21.64 -83.29
CA THR B 261 1.41 -21.82 -81.97
C THR B 261 0.78 -20.92 -80.90
N ALA B 262 -0.16 -20.06 -81.27
CA ALA B 262 -0.96 -19.37 -80.26
C ALA B 262 -1.83 -20.37 -79.49
N PHE B 263 -2.18 -21.49 -80.10
CA PHE B 263 -2.71 -22.63 -79.38
C PHE B 263 -1.70 -23.14 -78.36
N ALA B 264 -0.48 -23.40 -78.80
CA ALA B 264 0.50 -24.09 -77.96
C ALA B 264 1.09 -23.19 -76.90
N PHE B 265 1.14 -21.87 -77.11
CA PHE B 265 1.62 -20.99 -76.06
C PHE B 265 0.55 -20.75 -75.00
N ALA B 266 -0.72 -20.74 -75.39
CA ALA B 266 -1.78 -20.66 -74.41
C ALA B 266 -2.01 -21.98 -73.70
N THR B 267 -1.42 -23.07 -74.18
CA THR B 267 -1.39 -24.29 -73.40
C THR B 267 -0.58 -24.09 -72.12
N ARG B 268 0.49 -23.31 -72.21
CA ARG B 268 1.33 -23.05 -71.05
C ARG B 268 0.79 -21.93 -70.17
N LEU B 269 -0.07 -21.07 -70.69
CA LEU B 269 -0.79 -20.15 -69.82
C LEU B 269 -1.77 -20.88 -68.94
N THR B 270 -2.35 -21.96 -69.45
CA THR B 270 -3.41 -22.62 -68.71
C THR B 270 -2.88 -23.78 -67.87
N ASP B 271 -1.87 -24.50 -68.36
CA ASP B 271 -1.26 -25.53 -67.53
C ASP B 271 -0.41 -24.95 -66.41
N SER B 272 -0.07 -23.66 -66.48
CA SER B 272 0.45 -22.99 -65.29
C SER B 272 -0.65 -22.58 -64.35
N PHE B 273 -1.83 -22.26 -64.87
CA PHE B 273 -2.93 -21.87 -64.00
C PHE B 273 -3.56 -23.07 -63.33
N ALA B 274 -3.53 -24.23 -63.97
CA ALA B 274 -4.15 -25.41 -63.38
C ALA B 274 -3.33 -25.99 -62.24
N LYS B 275 -2.10 -25.53 -62.05
CA LYS B 275 -1.23 -26.03 -61.00
C LYS B 275 -1.07 -25.06 -59.85
N TYR B 276 -0.86 -23.77 -60.13
CA TYR B 276 -0.56 -22.79 -59.11
C TYR B 276 -1.60 -21.70 -58.97
N ARG B 277 -2.64 -21.69 -59.82
CA ARG B 277 -3.70 -20.68 -59.87
C ARG B 277 -3.15 -19.27 -60.13
N TRP B 278 -2.02 -19.20 -60.82
CA TRP B 278 -1.48 -17.96 -61.36
C TRP B 278 -0.83 -18.30 -62.69
N CYS B 279 -0.23 -17.30 -63.32
CA CYS B 279 0.55 -17.53 -64.53
C CYS B 279 1.72 -16.56 -64.68
N PRO B 280 2.79 -16.73 -63.90
CA PRO B 280 4.09 -16.26 -64.39
C PRO B 280 4.93 -17.38 -64.97
N ASN B 281 4.48 -18.62 -64.82
CA ASN B 281 5.30 -19.80 -65.10
C ASN B 281 5.08 -20.26 -66.53
N ILE B 282 5.70 -19.56 -67.47
CA ILE B 282 5.56 -19.88 -68.88
C ILE B 282 6.89 -19.92 -69.63
N ILE B 283 8.02 -19.75 -68.96
CA ILE B 283 9.27 -19.61 -69.69
C ILE B 283 10.31 -20.66 -69.28
N GLY B 284 9.87 -21.83 -68.82
CA GLY B 284 10.81 -22.81 -68.33
C GLY B 284 10.77 -24.16 -69.03
N PRO B 285 11.92 -24.62 -69.54
CA PRO B 285 11.99 -26.00 -70.05
C PRO B 285 11.82 -27.03 -68.97
N GLN B 286 12.11 -26.70 -67.72
CA GLN B 286 11.74 -27.52 -66.58
C GLN B 286 10.88 -26.75 -65.59
N SER B 287 10.29 -25.64 -66.02
CA SER B 287 9.55 -24.79 -65.09
C SER B 287 8.29 -24.23 -65.71
N GLY B 288 7.71 -24.92 -66.66
CA GLY B 288 6.40 -24.58 -67.17
C GLY B 288 6.34 -23.88 -68.51
N GLY B 289 7.37 -23.98 -69.34
CA GLY B 289 7.29 -23.45 -70.68
C GLY B 289 7.64 -24.53 -71.68
N ALA B 290 7.49 -25.78 -71.28
CA ALA B 290 7.88 -26.92 -72.08
C ALA B 290 6.66 -27.52 -72.76
N VAL B 291 6.51 -27.26 -74.06
CA VAL B 291 5.44 -27.87 -74.84
C VAL B 291 5.85 -29.31 -75.10
N GLU B 292 5.29 -30.24 -74.33
CA GLU B 292 5.64 -31.64 -74.45
C GLU B 292 4.64 -32.36 -75.35
N ASP B 293 4.98 -33.62 -75.66
CA ASP B 293 4.15 -34.55 -76.43
C ASP B 293 3.84 -34.00 -77.83
N LEU B 294 4.87 -33.57 -78.51
CA LEU B 294 4.68 -33.15 -79.88
C LEU B 294 4.61 -34.37 -80.80
N PRO B 295 3.91 -34.25 -81.93
CA PRO B 295 3.95 -35.34 -82.93
C PRO B 295 5.29 -35.39 -83.62
N VAL B 296 5.80 -36.61 -83.83
CA VAL B 296 7.01 -36.83 -84.59
C VAL B 296 6.71 -37.78 -85.73
N HIS B 297 7.53 -37.68 -86.78
CA HIS B 297 7.35 -38.48 -87.99
C HIS B 297 8.72 -38.97 -88.43
N VAL B 298 9.07 -40.20 -88.05
CA VAL B 298 10.34 -40.78 -88.41
C VAL B 298 10.25 -41.25 -89.86
N PHE B 299 11.02 -40.60 -90.73
CA PHE B 299 11.07 -41.00 -92.13
C PHE B 299 12.52 -41.24 -92.54
N GLU B 300 12.69 -41.75 -93.75
CA GLU B 300 14.01 -42.07 -94.27
C GLU B 300 14.60 -40.87 -94.98
N SER B 301 15.75 -40.41 -94.51
CA SER B 301 16.49 -39.33 -95.16
C SER B 301 17.40 -39.92 -96.23
N MET B 302 18.37 -39.13 -96.69
CA MET B 302 19.35 -39.58 -97.68
C MET B 302 20.35 -40.52 -97.02
N GLY B 303 19.89 -41.75 -96.76
CA GLY B 303 20.72 -42.77 -96.16
C GLY B 303 20.39 -43.08 -94.71
N ALA B 304 20.16 -42.04 -93.91
CA ALA B 304 19.96 -42.20 -92.48
C ALA B 304 18.49 -42.26 -92.13
N LEU B 305 18.22 -42.51 -90.85
CA LEU B 305 16.87 -42.54 -90.31
C LEU B 305 16.74 -41.36 -89.36
N GLN B 306 16.09 -40.30 -89.82
CA GLN B 306 15.92 -39.10 -89.02
C GLN B 306 14.44 -38.90 -88.71
N SER B 307 14.16 -37.84 -87.96
CA SER B 307 12.80 -37.48 -87.58
C SER B 307 12.46 -36.10 -88.13
N LYS B 308 11.22 -35.93 -88.57
CA LYS B 308 10.76 -34.62 -88.97
C LYS B 308 10.63 -33.71 -87.76
N ILE B 309 11.20 -32.52 -87.84
CA ILE B 309 11.22 -31.61 -86.70
C ILE B 309 9.81 -31.06 -86.45
N PRO B 310 9.28 -31.18 -85.24
CA PRO B 310 7.89 -30.78 -85.00
C PRO B 310 7.66 -29.29 -85.06
N THR B 311 8.66 -28.46 -84.85
CA THR B 311 8.62 -27.07 -85.27
C THR B 311 9.46 -26.97 -86.53
N GLU B 312 9.07 -26.07 -87.44
CA GLU B 312 9.59 -26.15 -88.80
C GLU B 312 11.04 -25.73 -88.94
N VAL B 313 11.60 -25.05 -87.95
CA VAL B 313 13.02 -24.75 -87.93
C VAL B 313 13.58 -25.15 -86.57
N LEU B 314 14.88 -25.37 -86.54
CA LEU B 314 15.61 -25.58 -85.29
C LEU B 314 16.16 -24.22 -84.88
N ILE B 315 15.49 -23.59 -83.93
CA ILE B 315 15.90 -22.27 -83.47
C ILE B 315 17.10 -22.44 -82.56
N THR B 316 18.21 -21.79 -82.92
CA THR B 316 19.40 -21.84 -82.09
C THR B 316 19.23 -20.94 -80.88
N ASP B 317 20.23 -20.95 -80.00
CA ASP B 317 20.12 -20.12 -78.81
C ASP B 317 20.40 -18.66 -79.12
N ARG B 318 21.27 -18.39 -80.09
CA ARG B 318 21.52 -17.00 -80.47
C ARG B 318 20.38 -16.42 -81.28
N LYS B 319 19.75 -17.25 -82.12
CA LYS B 319 18.58 -16.81 -82.87
C LYS B 319 17.40 -16.54 -81.95
N GLU B 320 17.27 -17.32 -80.89
CA GLU B 320 16.16 -17.12 -79.96
C GLU B 320 16.41 -15.89 -79.09
N PHE B 321 17.66 -15.66 -78.71
CA PHE B 321 17.96 -14.45 -77.96
C PHE B 321 17.82 -13.21 -78.81
N GLU B 322 18.06 -13.32 -80.12
CA GLU B 322 17.85 -12.16 -80.99
C GLU B 322 16.36 -11.95 -81.24
N LEU B 323 15.56 -13.01 -81.23
CA LEU B 323 14.12 -12.86 -81.24
C LEU B 323 13.58 -12.35 -79.91
N ALA B 324 14.27 -12.65 -78.82
CA ALA B 324 13.82 -12.20 -77.51
C ALA B 324 14.00 -10.69 -77.35
N GLU B 325 15.09 -10.17 -77.89
CA GLU B 325 15.32 -8.73 -77.83
C GLU B 325 14.37 -7.98 -78.76
N GLU B 326 13.97 -8.60 -79.86
CA GLU B 326 13.10 -7.96 -80.84
C GLU B 326 11.63 -8.29 -80.64
N GLY B 327 11.25 -8.82 -79.47
CA GLY B 327 9.86 -8.98 -79.12
C GLY B 327 9.17 -10.15 -79.79
N PHE B 328 9.63 -11.36 -79.52
CA PHE B 328 9.01 -12.55 -80.07
C PHE B 328 9.07 -13.67 -79.05
N ILE B 329 8.04 -14.50 -79.03
CA ILE B 329 7.97 -15.65 -78.13
C ILE B 329 8.32 -16.85 -78.99
N ALA B 330 9.60 -17.19 -79.07
CA ALA B 330 10.05 -18.27 -79.92
C ALA B 330 10.01 -19.60 -79.19
N LEU B 331 9.91 -20.68 -79.95
CA LEU B 331 9.82 -22.04 -79.43
C LEU B 331 10.97 -22.86 -79.98
N THR B 332 12.03 -22.97 -79.20
CA THR B 332 13.11 -23.88 -79.58
C THR B 332 12.68 -25.31 -79.34
N MET B 333 13.10 -26.20 -80.22
CA MET B 333 12.67 -27.59 -80.20
C MET B 333 13.82 -28.44 -79.68
N ARG B 334 13.50 -29.40 -78.82
CA ARG B 334 14.51 -30.28 -78.26
C ARG B 334 14.93 -31.28 -79.33
N LYS B 335 16.05 -31.00 -79.98
CA LYS B 335 16.46 -31.69 -81.21
C LYS B 335 16.71 -33.16 -80.97
N GLY B 336 15.82 -33.99 -81.51
CA GLY B 336 15.93 -35.43 -81.38
C GLY B 336 14.83 -36.06 -80.56
N SER B 337 13.83 -35.30 -80.15
CA SER B 337 12.75 -35.86 -79.35
C SER B 337 11.47 -35.11 -79.68
N ASP B 338 10.45 -35.32 -78.85
CA ASP B 338 9.12 -34.77 -79.07
C ASP B 338 8.79 -33.67 -78.05
N ASN B 339 9.79 -32.88 -77.68
CA ASN B 339 9.59 -31.81 -76.71
C ASN B 339 10.06 -30.49 -77.31
N ALA B 340 9.64 -29.41 -76.67
CA ALA B 340 10.07 -28.08 -77.06
C ALA B 340 10.09 -27.24 -75.80
N ALA B 341 10.44 -25.96 -75.95
CA ALA B 341 10.55 -25.11 -74.79
C ALA B 341 10.43 -23.65 -75.19
N PHE B 342 9.77 -22.86 -74.35
CA PHE B 342 9.88 -21.42 -74.41
C PHE B 342 10.96 -20.97 -73.44
N PHE B 343 11.57 -19.84 -73.73
CA PHE B 343 12.61 -19.31 -72.86
C PHE B 343 12.37 -17.89 -72.39
N SER B 344 11.58 -17.11 -73.13
CA SER B 344 11.32 -15.72 -72.78
C SER B 344 10.03 -15.31 -73.45
N ALA B 345 9.07 -14.84 -72.67
CA ALA B 345 7.75 -14.53 -73.19
C ALA B 345 7.58 -13.04 -73.44
N ASN B 346 8.64 -12.35 -73.89
CA ASN B 346 8.64 -10.90 -74.02
C ASN B 346 7.60 -10.42 -75.02
N SER B 347 6.82 -9.44 -74.61
CA SER B 347 5.88 -8.80 -75.51
C SER B 347 6.63 -7.89 -76.47
N ILE B 348 5.91 -7.36 -77.45
CA ILE B 348 6.56 -6.59 -78.51
C ILE B 348 6.99 -5.20 -78.09
N GLN B 349 6.74 -4.80 -76.84
CA GLN B 349 7.05 -3.45 -76.43
C GLN B 349 8.56 -3.29 -76.24
N LYS B 350 9.07 -2.11 -76.57
CA LYS B 350 10.51 -1.92 -76.44
C LYS B 350 10.84 -1.23 -75.12
N PRO B 351 11.91 -1.67 -74.45
CA PRO B 351 12.34 -0.97 -73.24
C PRO B 351 12.88 0.40 -73.57
N LYS B 352 12.17 1.44 -73.17
CA LYS B 352 12.53 2.79 -73.57
C LYS B 352 13.75 3.26 -72.79
N VAL B 353 14.74 3.76 -73.51
CA VAL B 353 15.97 4.23 -72.87
C VAL B 353 15.69 5.56 -72.18
N PHE B 354 15.84 5.59 -70.93
CA PHE B 354 15.67 6.74 -70.06
C PHE B 354 17.02 7.39 -69.77
N PRO B 355 17.07 8.70 -69.52
CA PRO B 355 18.38 9.36 -69.33
C PRO B 355 19.06 8.94 -68.04
N ASN B 356 20.36 9.20 -68.00
CA ASN B 356 21.22 8.64 -66.96
C ASN B 356 21.19 9.44 -65.66
N THR B 357 20.00 9.66 -65.12
CA THR B 357 19.87 10.25 -63.81
C THR B 357 19.76 9.15 -62.76
N LYS B 358 19.47 9.53 -61.52
CA LYS B 358 19.21 8.53 -60.50
C LYS B 358 17.86 7.87 -60.70
N GLU B 359 16.84 8.66 -61.01
CA GLU B 359 15.52 8.12 -61.29
C GLU B 359 15.43 7.51 -62.68
N GLY B 360 16.20 8.01 -63.64
CA GLY B 360 16.12 7.49 -64.99
C GLY B 360 16.75 6.12 -65.11
N LYS B 361 17.88 5.89 -64.43
CA LYS B 361 18.45 4.57 -64.38
C LYS B 361 17.60 3.62 -63.55
N GLU B 362 16.78 4.15 -62.64
CA GLU B 362 15.86 3.32 -61.90
C GLU B 362 14.62 3.00 -62.72
N ALA B 363 13.97 4.03 -63.29
CA ALA B 363 12.72 3.81 -64.01
C ALA B 363 12.91 3.04 -65.30
N GLU B 364 14.14 2.99 -65.84
CA GLU B 364 14.40 2.12 -66.98
C GLU B 364 14.26 0.66 -66.60
N THR B 365 14.73 0.30 -65.41
CA THR B 365 14.55 -1.07 -64.92
C THR B 365 13.12 -1.29 -64.47
N ASN B 366 12.42 -0.21 -64.12
CA ASN B 366 11.01 -0.33 -63.77
C ASN B 366 10.15 -0.53 -65.01
N TYR B 367 10.43 0.22 -66.07
CA TYR B 367 9.68 0.07 -67.31
C TYR B 367 10.02 -1.21 -68.04
N LYS B 368 11.20 -1.78 -67.77
CA LYS B 368 11.58 -3.05 -68.40
C LYS B 368 10.73 -4.19 -67.88
N LEU B 369 10.28 -4.12 -66.62
CA LEU B 369 9.47 -5.19 -66.08
C LEU B 369 8.06 -5.20 -66.65
N GLY B 370 7.61 -4.09 -67.22
CA GLY B 370 6.30 -4.08 -67.83
C GLY B 370 6.21 -4.88 -69.10
N THR B 371 7.28 -4.90 -69.88
CA THR B 371 7.21 -5.45 -71.21
C THR B 371 7.30 -6.96 -71.25
N GLN B 372 7.67 -7.62 -70.16
CA GLN B 372 8.20 -8.97 -70.30
C GLN B 372 7.11 -10.03 -70.41
N LEU B 373 5.93 -9.79 -69.87
CA LEU B 373 4.73 -10.63 -69.94
C LEU B 373 4.91 -12.06 -69.38
N PRO B 374 5.56 -12.25 -68.23
CA PRO B 374 4.84 -13.10 -67.30
C PRO B 374 4.30 -12.23 -66.19
N TYR B 375 4.86 -11.03 -66.10
CA TYR B 375 4.54 -10.11 -65.02
C TYR B 375 3.27 -9.34 -65.29
N MET B 376 2.88 -9.17 -66.54
CA MET B 376 1.54 -8.66 -66.81
C MET B 376 0.49 -9.64 -66.32
N MET B 377 0.74 -10.93 -66.44
CA MET B 377 -0.29 -11.89 -66.11
C MET B 377 -0.43 -12.07 -64.59
N ILE B 378 0.50 -11.56 -63.79
CA ILE B 378 0.26 -11.52 -62.35
C ILE B 378 -0.35 -10.19 -61.92
N ILE B 379 -0.54 -9.24 -62.82
CA ILE B 379 -1.31 -8.03 -62.51
C ILE B 379 -2.54 -7.90 -63.37
N ASN B 380 -2.65 -8.64 -64.47
CA ASN B 380 -3.94 -8.75 -65.11
C ASN B 380 -4.92 -9.47 -64.19
N ARG B 381 -4.43 -10.48 -63.47
CA ARG B 381 -5.26 -11.08 -62.43
C ARG B 381 -5.50 -10.13 -61.27
N LEU B 382 -4.58 -9.20 -61.03
CA LEU B 382 -4.86 -8.12 -60.09
C LEU B 382 -5.60 -6.97 -60.75
N ALA B 383 -6.15 -7.18 -61.94
CA ALA B 383 -7.19 -6.32 -62.45
C ALA B 383 -8.49 -7.08 -62.63
N HIS B 384 -8.42 -8.40 -62.66
CA HIS B 384 -9.67 -9.14 -62.79
C HIS B 384 -10.26 -9.50 -61.43
N TYR B 385 -9.42 -9.85 -60.44
CA TYR B 385 -9.94 -10.07 -59.10
C TYR B 385 -10.48 -8.79 -58.51
N VAL B 386 -9.75 -7.67 -58.69
CA VAL B 386 -10.08 -6.49 -57.91
C VAL B 386 -11.25 -5.76 -58.52
N LYS B 387 -11.46 -5.94 -59.83
CA LYS B 387 -12.68 -5.47 -60.47
C LYS B 387 -13.89 -6.22 -59.97
N VAL B 388 -13.77 -7.52 -59.79
CA VAL B 388 -14.89 -8.34 -59.31
C VAL B 388 -15.11 -8.11 -57.82
N LEU B 389 -14.04 -7.99 -57.05
CA LEU B 389 -14.16 -7.95 -55.60
C LEU B 389 -14.72 -6.62 -55.12
N GLN B 390 -14.36 -5.53 -55.79
CA GLN B 390 -14.91 -4.22 -55.50
C GLN B 390 -16.12 -3.88 -56.35
N ARG B 391 -16.73 -4.87 -56.98
CA ARG B 391 -18.03 -4.68 -57.61
C ARG B 391 -19.17 -5.07 -56.68
N GLU B 392 -18.96 -6.12 -55.88
CA GLU B 392 -19.93 -6.52 -54.89
C GLU B 392 -20.12 -5.48 -53.81
N GLN B 393 -19.10 -4.67 -53.56
CA GLN B 393 -19.11 -3.78 -52.42
C GLN B 393 -19.92 -2.51 -52.64
N ILE B 394 -20.36 -2.22 -53.85
CA ILE B 394 -21.05 -0.95 -54.15
C ILE B 394 -22.36 -0.89 -53.40
N GLY B 395 -22.53 0.15 -52.60
CA GLY B 395 -23.69 0.26 -51.75
C GLY B 395 -23.46 -0.09 -50.30
N ALA B 396 -22.24 -0.43 -49.92
CA ALA B 396 -21.99 -0.83 -48.55
C ALA B 396 -21.87 0.38 -47.64
N TRP B 397 -21.42 0.13 -46.42
CA TRP B 397 -21.14 1.18 -45.46
C TRP B 397 -19.66 1.10 -45.13
N LYS B 398 -18.87 1.89 -45.82
CA LYS B 398 -17.43 1.69 -45.81
C LYS B 398 -16.79 3.02 -45.40
N GLU B 399 -15.48 3.04 -45.30
CA GLU B 399 -14.72 4.26 -45.09
C GLU B 399 -13.45 4.17 -45.92
N ARG B 400 -12.69 5.26 -45.93
CA ARG B 400 -11.36 5.22 -46.54
C ARG B 400 -10.45 4.30 -45.75
N GLN B 401 -10.51 4.36 -44.42
CA GLN B 401 -9.76 3.42 -43.59
C GLN B 401 -10.27 2.00 -43.76
N ASP B 402 -11.56 1.83 -44.04
CA ASP B 402 -12.08 0.51 -44.32
C ASP B 402 -11.71 0.08 -45.74
N LEU B 403 -11.54 1.04 -46.65
CA LEU B 403 -11.10 0.67 -47.99
C LEU B 403 -9.64 0.26 -47.99
N GLU B 404 -8.80 0.91 -47.17
CA GLU B 404 -7.41 0.52 -47.05
C GLU B 404 -7.26 -0.88 -46.49
N ARG B 405 -8.17 -1.31 -45.62
CA ARG B 405 -8.06 -2.57 -44.92
C ARG B 405 -8.62 -3.73 -45.70
N GLU B 406 -9.71 -3.53 -46.44
CA GLU B 406 -10.25 -4.60 -47.26
C GLU B 406 -9.38 -4.94 -48.45
N LEU B 407 -8.40 -4.10 -48.78
CA LEU B 407 -7.42 -4.41 -49.81
C LEU B 407 -6.10 -4.89 -49.26
N ASN B 408 -5.63 -4.33 -48.15
CA ASN B 408 -4.35 -4.75 -47.58
C ASN B 408 -4.45 -6.14 -46.96
N SER B 409 -5.56 -6.42 -46.27
CA SER B 409 -5.74 -7.77 -45.76
C SER B 409 -6.12 -8.75 -46.84
N TRP B 410 -6.45 -8.28 -48.04
CA TRP B 410 -6.73 -9.16 -49.15
C TRP B 410 -5.50 -9.56 -49.92
N ILE B 411 -4.66 -8.60 -50.33
CA ILE B 411 -3.54 -8.93 -51.19
C ILE B 411 -2.38 -9.52 -50.40
N LYS B 412 -2.39 -9.41 -49.09
CA LYS B 412 -1.31 -10.02 -48.31
C LYS B 412 -1.54 -11.50 -48.03
N GLN B 413 -2.42 -12.15 -48.78
CA GLN B 413 -2.36 -13.58 -48.96
C GLN B 413 -1.71 -13.96 -50.29
N TYR B 414 -1.36 -12.97 -51.10
CA TYR B 414 -0.60 -13.17 -52.32
C TYR B 414 0.83 -12.69 -52.20
N VAL B 415 1.20 -12.13 -51.05
CA VAL B 415 2.50 -11.53 -50.84
C VAL B 415 3.28 -12.40 -49.90
N ALA B 416 4.45 -12.85 -50.33
CA ALA B 416 5.38 -13.59 -49.48
C ALA B 416 6.67 -12.80 -49.45
N ASP B 417 6.73 -11.80 -48.57
CA ASP B 417 7.87 -10.88 -48.52
C ASP B 417 9.01 -11.59 -47.81
N GLN B 418 9.76 -12.35 -48.59
CA GLN B 418 10.70 -13.31 -48.05
C GLN B 418 11.76 -13.55 -49.10
N GLU B 419 13.02 -13.64 -48.66
CA GLU B 419 14.13 -13.65 -49.61
C GLU B 419 14.22 -14.99 -50.32
N ASN B 420 14.04 -16.09 -49.60
CA ASN B 420 14.08 -17.42 -50.19
C ASN B 420 12.98 -18.30 -49.60
N PRO B 421 11.75 -18.15 -50.08
CA PRO B 421 10.70 -19.07 -49.68
C PRO B 421 10.81 -20.34 -50.50
N PRO B 422 10.11 -21.42 -50.12
CA PRO B 422 10.13 -22.64 -50.93
C PRO B 422 9.48 -22.43 -52.30
N ALA B 423 9.66 -23.44 -53.16
CA ALA B 423 9.25 -23.33 -54.55
C ALA B 423 7.74 -23.33 -54.73
N ASP B 424 6.97 -23.68 -53.70
CA ASP B 424 5.53 -23.59 -53.78
C ASP B 424 5.00 -22.26 -53.27
N VAL B 425 5.70 -21.64 -52.32
CA VAL B 425 5.28 -20.35 -51.81
C VAL B 425 5.55 -19.26 -52.83
N ARG B 426 6.54 -19.47 -53.70
CA ARG B 426 6.86 -18.48 -54.73
C ARG B 426 5.79 -18.39 -55.79
N SER B 427 5.13 -19.49 -56.10
CA SER B 427 4.19 -19.49 -57.21
C SER B 427 2.73 -19.41 -56.76
N ARG B 428 2.40 -19.91 -55.57
CA ARG B 428 1.09 -19.62 -55.01
C ARG B 428 0.96 -18.16 -54.62
N ARG B 429 2.05 -17.54 -54.19
CA ARG B 429 2.10 -16.13 -53.81
C ARG B 429 3.10 -15.44 -54.73
N PRO B 430 2.69 -15.06 -55.94
CA PRO B 430 3.67 -14.59 -56.93
C PRO B 430 4.20 -13.21 -56.66
N LEU B 431 3.51 -12.42 -55.86
CA LEU B 431 4.00 -11.10 -55.53
C LEU B 431 5.06 -11.20 -54.45
N ARG B 432 5.73 -10.10 -54.19
CA ARG B 432 6.74 -10.03 -53.15
C ARG B 432 6.52 -8.87 -52.19
N ALA B 433 6.03 -7.74 -52.68
CA ALA B 433 5.62 -6.65 -51.81
C ALA B 433 4.55 -5.83 -52.53
N ALA B 434 3.65 -5.24 -51.75
CA ALA B 434 2.53 -4.52 -52.33
C ALA B 434 2.19 -3.32 -51.46
N ARG B 435 2.13 -2.14 -52.08
CA ARG B 435 1.83 -0.90 -51.40
C ARG B 435 0.48 -0.40 -51.88
N ILE B 436 -0.38 -0.01 -50.95
CA ILE B 436 -1.70 0.52 -51.30
C ILE B 436 -1.89 1.84 -50.58
N GLU B 437 -2.06 2.90 -51.35
CA GLU B 437 -2.18 4.25 -50.82
C GLU B 437 -3.51 4.81 -51.29
N VAL B 438 -4.53 4.75 -50.44
CA VAL B 438 -5.85 5.23 -50.78
C VAL B 438 -5.92 6.73 -50.50
N MET B 439 -6.35 7.50 -51.48
CA MET B 439 -6.52 8.94 -51.38
C MET B 439 -7.98 9.27 -51.62
N ASP B 440 -8.30 10.55 -51.68
CA ASP B 440 -9.67 11.00 -51.89
C ASP B 440 -9.79 11.72 -53.22
N VAL B 441 -11.03 12.12 -53.54
CA VAL B 441 -11.29 13.06 -54.61
C VAL B 441 -12.15 14.16 -54.03
N GLU B 442 -11.62 15.39 -54.05
CA GLU B 442 -12.37 16.52 -53.53
C GLU B 442 -13.37 17.00 -54.57
N GLY B 443 -14.32 17.81 -54.10
CA GLY B 443 -15.39 18.28 -54.97
C GLY B 443 -16.59 17.35 -54.94
N ASN B 444 -16.39 16.11 -55.39
CA ASN B 444 -17.37 15.04 -55.22
C ASN B 444 -16.80 14.07 -54.21
N PRO B 445 -17.16 14.17 -52.94
CA PRO B 445 -16.48 13.36 -51.93
C PRO B 445 -16.96 11.93 -51.94
N GLY B 446 -16.02 11.01 -51.74
CA GLY B 446 -16.29 9.59 -51.78
C GLY B 446 -15.92 8.93 -53.09
N TRP B 447 -14.73 9.24 -53.60
CA TRP B 447 -14.21 8.67 -54.83
C TRP B 447 -12.71 8.52 -54.59
N TYR B 448 -12.16 7.33 -54.81
CA TYR B 448 -10.95 6.93 -54.12
C TYR B 448 -9.84 6.53 -55.07
N GLN B 449 -8.82 7.37 -55.18
CA GLN B 449 -7.71 7.12 -56.08
C GLN B 449 -6.67 6.32 -55.32
N VAL B 450 -6.75 5.00 -55.37
CA VAL B 450 -5.83 4.18 -54.60
C VAL B 450 -4.74 3.75 -55.56
N SER B 451 -3.56 3.42 -55.03
CA SER B 451 -2.42 3.09 -55.88
C SER B 451 -1.81 1.77 -55.47
N LEU B 452 -2.34 0.67 -55.98
CA LEU B 452 -1.78 -0.64 -55.72
C LEU B 452 -0.48 -0.84 -56.46
N SER B 453 0.61 -1.02 -55.72
CA SER B 453 1.97 -1.07 -56.27
C SER B 453 2.63 -2.40 -55.94
N VAL B 454 2.37 -3.41 -56.75
CA VAL B 454 2.87 -4.75 -56.49
C VAL B 454 4.30 -4.89 -56.97
N ARG B 455 4.95 -6.00 -56.63
CA ARG B 455 6.33 -6.23 -56.98
C ARG B 455 6.54 -7.73 -57.05
N PRO B 456 7.13 -8.24 -58.11
CA PRO B 456 7.20 -9.70 -58.30
C PRO B 456 8.51 -10.29 -57.83
N HIS B 457 8.61 -11.61 -57.87
CA HIS B 457 9.89 -12.28 -57.76
C HIS B 457 10.58 -12.33 -59.12
N PHE B 458 11.85 -12.71 -59.11
CA PHE B 458 12.69 -12.62 -60.30
C PHE B 458 13.27 -13.98 -60.67
N LYS B 459 13.09 -14.37 -61.92
CA LYS B 459 13.47 -15.68 -62.42
C LYS B 459 14.94 -15.70 -62.85
N TYR B 460 15.32 -16.73 -63.59
CA TYR B 460 16.71 -17.09 -63.86
C TYR B 460 16.98 -16.95 -65.35
N MET B 461 17.88 -16.03 -65.73
CA MET B 461 18.15 -15.80 -67.14
C MET B 461 19.57 -15.26 -67.35
N GLY B 462 20.44 -16.13 -67.88
CA GLY B 462 21.80 -15.76 -68.22
C GLY B 462 22.82 -15.65 -67.11
N ALA B 463 24.05 -16.07 -67.38
CA ALA B 463 25.18 -15.95 -66.45
C ALA B 463 26.46 -15.87 -67.26
N ASN B 464 27.63 -16.09 -66.62
CA ASN B 464 28.83 -15.95 -67.43
C ASN B 464 29.80 -17.14 -67.39
N PHE B 465 30.07 -17.72 -66.21
CA PHE B 465 30.84 -18.97 -66.04
C PHE B 465 32.25 -18.87 -66.66
N GLU B 466 33.04 -17.93 -66.13
CA GLU B 466 34.35 -17.59 -66.72
C GLU B 466 35.44 -18.52 -66.19
N LEU B 467 35.61 -19.67 -66.83
CA LEU B 467 36.50 -20.72 -66.37
C LEU B 467 37.97 -20.31 -66.45
N SER B 468 38.79 -21.07 -65.71
CA SER B 468 40.22 -20.88 -65.56
C SER B 468 40.74 -22.11 -64.84
N LEU B 469 42.06 -22.23 -64.72
CA LEU B 469 42.58 -23.15 -63.71
C LEU B 469 43.46 -22.37 -62.73
N VAL B 470 43.46 -22.84 -61.48
CA VAL B 470 44.27 -22.26 -60.43
C VAL B 470 45.56 -23.05 -60.23
N GLY B 471 45.46 -24.38 -60.23
CA GLY B 471 46.62 -25.24 -60.11
C GLY B 471 46.88 -25.75 -58.71
N ARG B 472 46.73 -24.92 -57.70
CA ARG B 472 46.89 -25.32 -56.30
C ARG B 472 45.57 -25.41 -55.56
N LEU B 473 44.72 -24.40 -55.68
CA LEU B 473 43.45 -24.38 -54.97
C LEU B 473 42.40 -25.17 -55.73
N SER C 1 -54.46 -32.71 -44.54
CA SER C 1 -53.31 -31.97 -44.03
C SER C 1 -53.59 -31.40 -42.66
N LYS C 2 -54.02 -32.27 -41.73
CA LYS C 2 -54.31 -31.89 -40.36
C LYS C 2 -53.72 -32.93 -39.42
N GLU C 3 -52.90 -32.47 -38.48
CA GLU C 3 -52.39 -33.36 -37.43
C GLU C 3 -53.52 -33.76 -36.50
N GLY C 4 -53.62 -35.05 -36.22
CA GLY C 4 -54.57 -35.51 -35.22
C GLY C 4 -54.12 -35.04 -33.85
N SER C 5 -54.95 -34.24 -33.19
CA SER C 5 -54.67 -33.76 -31.85
C SER C 5 -55.83 -34.11 -30.92
N VAL C 6 -55.65 -33.81 -29.64
CA VAL C 6 -56.64 -34.09 -28.63
C VAL C 6 -57.35 -32.80 -28.27
N ALA C 7 -58.38 -32.92 -27.45
CA ALA C 7 -59.03 -31.74 -26.93
C ALA C 7 -58.10 -31.03 -25.95
N PRO C 8 -58.00 -29.70 -26.02
CA PRO C 8 -57.12 -28.98 -25.10
C PRO C 8 -57.66 -28.99 -23.68
N LYS C 9 -56.76 -28.81 -22.72
CA LYS C 9 -57.08 -29.06 -21.32
C LYS C 9 -55.99 -28.52 -20.40
N GLU C 10 -56.21 -28.69 -19.08
CA GLU C 10 -55.23 -28.35 -18.04
C GLU C 10 -54.08 -29.32 -18.04
N ARG C 11 -54.28 -30.45 -18.66
CA ARG C 11 -53.16 -31.29 -18.94
C ARG C 11 -52.49 -30.76 -20.20
N ILE C 12 -51.33 -31.27 -20.49
CA ILE C 12 -50.46 -30.69 -21.47
C ILE C 12 -50.68 -31.40 -22.79
N ASN C 13 -50.67 -30.66 -23.90
CA ASN C 13 -51.08 -31.26 -25.17
C ASN C 13 -49.97 -31.22 -26.22
N ILE C 14 -49.11 -32.23 -26.15
CA ILE C 14 -48.00 -32.41 -27.07
C ILE C 14 -48.51 -32.78 -28.45
N LYS C 15 -48.06 -32.06 -29.47
CA LYS C 15 -48.32 -32.43 -30.86
C LYS C 15 -47.04 -32.28 -31.67
N TYR C 16 -46.96 -32.98 -32.81
CA TYR C 16 -45.76 -32.97 -33.65
C TYR C 16 -46.08 -32.34 -34.99
N ILE C 17 -45.54 -31.13 -35.22
CA ILE C 17 -45.64 -30.47 -36.51
C ILE C 17 -44.25 -29.95 -36.88
N PRO C 18 -43.63 -30.43 -37.95
CA PRO C 18 -42.25 -30.06 -38.26
C PRO C 18 -42.16 -28.62 -38.72
N ALA C 19 -41.02 -28.01 -38.43
CA ALA C 19 -40.89 -26.57 -38.54
C ALA C 19 -40.24 -26.16 -39.86
N THR C 20 -40.32 -24.85 -40.14
CA THR C 20 -39.94 -24.32 -41.44
C THR C 20 -38.44 -24.39 -41.65
N GLY C 21 -37.67 -24.22 -40.60
CA GLY C 21 -36.23 -24.33 -40.72
C GLY C 21 -35.56 -22.97 -40.82
N ASP C 22 -34.28 -22.94 -40.47
CA ASP C 22 -33.46 -21.73 -40.57
C ASP C 22 -32.22 -22.11 -41.37
N ALA C 23 -32.07 -21.51 -42.55
CA ALA C 23 -30.96 -21.80 -43.43
C ALA C 23 -29.74 -20.92 -43.18
N GLN C 24 -29.94 -19.58 -43.15
CA GLN C 24 -28.90 -18.58 -42.98
C GLN C 24 -27.80 -18.75 -44.04
N ALA C 25 -28.21 -18.45 -45.28
CA ALA C 25 -27.54 -18.77 -46.55
C ALA C 25 -26.04 -18.48 -46.52
N GLU C 26 -25.26 -19.55 -46.71
CA GLU C 26 -23.84 -19.52 -46.39
C GLU C 26 -23.04 -18.82 -47.48
N VAL C 27 -22.01 -18.09 -47.06
CA VAL C 27 -21.17 -17.37 -48.00
C VAL C 27 -20.27 -18.34 -48.75
N ALA C 28 -20.00 -18.04 -50.01
CA ALA C 28 -19.13 -18.88 -50.84
C ALA C 28 -18.48 -17.96 -51.87
N GLU C 29 -17.26 -17.52 -51.60
CA GLU C 29 -16.50 -16.71 -52.55
C GLU C 29 -15.90 -17.64 -53.59
N VAL C 30 -16.63 -17.85 -54.68
CA VAL C 30 -16.08 -18.59 -55.79
C VAL C 30 -15.04 -17.72 -56.51
N GLU C 31 -14.08 -18.38 -57.13
CA GLU C 31 -12.99 -17.65 -57.75
C GLU C 31 -13.23 -17.52 -59.24
N LEU C 32 -12.35 -16.76 -59.90
CA LEU C 32 -12.47 -16.53 -61.31
C LEU C 32 -11.64 -17.53 -62.07
N PRO C 33 -12.23 -18.34 -62.94
CA PRO C 33 -11.43 -19.22 -63.78
C PRO C 33 -10.74 -18.42 -64.87
N LEU C 34 -9.58 -18.91 -65.27
CA LEU C 34 -8.78 -18.26 -66.31
C LEU C 34 -9.45 -18.49 -67.65
N LYS C 35 -10.38 -17.62 -68.03
CA LYS C 35 -11.11 -17.81 -69.29
C LYS C 35 -10.33 -17.19 -70.43
N THR C 36 -10.09 -17.98 -71.48
CA THR C 36 -9.48 -17.49 -72.70
C THR C 36 -10.49 -17.49 -73.82
N LEU C 37 -10.27 -16.62 -74.79
CA LEU C 37 -11.16 -16.52 -75.94
C LEU C 37 -10.33 -16.84 -77.16
N VAL C 38 -10.51 -18.05 -77.71
CA VAL C 38 -9.81 -18.44 -78.92
C VAL C 38 -10.54 -17.85 -80.10
N VAL C 39 -9.90 -16.94 -80.81
CA VAL C 39 -10.53 -16.25 -81.93
C VAL C 39 -9.79 -16.63 -83.20
N GLY C 40 -10.52 -16.78 -84.28
CA GLY C 40 -9.91 -17.20 -85.53
C GLY C 40 -10.87 -17.98 -86.40
N ASP C 41 -10.49 -18.11 -87.66
CA ASP C 41 -11.30 -18.70 -88.72
C ASP C 41 -11.50 -20.18 -88.46
N PHE C 42 -12.72 -20.58 -88.15
CA PHE C 42 -13.00 -21.96 -87.76
C PHE C 42 -13.90 -22.69 -88.74
N LYS C 43 -14.43 -22.01 -89.76
CA LYS C 43 -15.27 -22.64 -90.77
C LYS C 43 -14.73 -22.24 -92.14
N GLY C 44 -15.43 -22.68 -93.19
CA GLY C 44 -14.91 -22.54 -94.53
C GLY C 44 -15.51 -21.42 -95.36
N HIS C 45 -15.98 -20.35 -94.70
CA HIS C 45 -16.59 -19.23 -95.42
C HIS C 45 -16.47 -17.99 -94.56
N ALA C 46 -17.22 -16.95 -94.94
CA ALA C 46 -17.35 -15.73 -94.16
C ALA C 46 -18.82 -15.47 -93.91
N GLU C 47 -19.21 -15.50 -92.64
CA GLU C 47 -20.62 -15.40 -92.27
C GLU C 47 -21.14 -14.00 -92.50
N GLN C 48 -22.38 -13.91 -92.99
CA GLN C 48 -22.94 -12.62 -93.37
C GLN C 48 -23.45 -11.80 -92.18
N THR C 49 -23.62 -12.41 -91.00
CA THR C 49 -24.05 -11.61 -89.87
C THR C 49 -22.89 -10.75 -89.34
N PRO C 50 -23.16 -9.53 -88.90
CA PRO C 50 -22.09 -8.71 -88.32
C PRO C 50 -21.63 -9.29 -86.99
N LEU C 51 -20.49 -8.77 -86.53
CA LEU C 51 -19.79 -9.41 -85.42
C LEU C 51 -20.54 -9.24 -84.10
N GLU C 52 -21.22 -8.12 -83.91
CA GLU C 52 -21.86 -7.83 -82.64
C GLU C 52 -23.09 -8.67 -82.35
N GLU C 53 -23.53 -9.51 -83.27
CA GLU C 53 -24.70 -10.34 -83.05
C GLU C 53 -24.37 -11.83 -82.89
N ARG C 54 -23.27 -12.29 -83.48
CA ARG C 54 -22.93 -13.70 -83.36
C ARG C 54 -22.40 -13.98 -81.97
N ALA C 55 -22.37 -15.26 -81.61
CA ALA C 55 -22.15 -15.64 -80.23
C ALA C 55 -20.83 -16.40 -80.07
N THR C 56 -20.40 -16.51 -78.81
CA THR C 56 -19.25 -17.32 -78.43
C THR C 56 -19.74 -18.58 -77.75
N VAL C 57 -19.16 -19.71 -78.13
CA VAL C 57 -19.56 -21.00 -77.58
C VAL C 57 -18.47 -21.50 -76.64
N THR C 58 -18.88 -22.11 -75.53
CA THR C 58 -17.96 -22.60 -74.52
C THR C 58 -17.71 -24.08 -74.76
N VAL C 59 -16.43 -24.46 -74.84
CA VAL C 59 -16.00 -25.80 -75.19
C VAL C 59 -15.19 -26.38 -74.04
N ASP C 60 -15.60 -27.54 -73.54
CA ASP C 60 -14.65 -28.31 -72.74
C ASP C 60 -14.51 -29.71 -73.33
N LYS C 61 -13.86 -30.61 -72.60
CA LYS C 61 -13.55 -31.93 -73.15
C LYS C 61 -14.80 -32.77 -73.39
N ASN C 62 -15.84 -32.53 -72.61
CA ASN C 62 -17.04 -33.34 -72.74
C ASN C 62 -17.94 -32.89 -73.86
N ASN C 63 -17.96 -31.60 -74.21
CA ASN C 63 -18.87 -31.10 -75.22
C ASN C 63 -18.18 -30.73 -76.52
N PHE C 64 -16.95 -31.19 -76.73
CA PHE C 64 -16.27 -30.84 -77.97
C PHE C 64 -16.89 -31.57 -79.16
N GLU C 65 -17.47 -32.76 -78.93
CA GLU C 65 -18.12 -33.49 -80.00
C GLU C 65 -19.45 -32.87 -80.38
N ALA C 66 -20.08 -32.11 -79.49
CA ALA C 66 -21.34 -31.43 -79.78
C ALA C 66 -21.13 -30.05 -80.38
N VAL C 67 -20.04 -29.38 -80.05
CA VAL C 67 -19.72 -28.10 -80.68
C VAL C 67 -19.30 -28.32 -82.13
N MET C 68 -18.58 -29.42 -82.40
CA MET C 68 -18.17 -29.70 -83.77
C MET C 68 -19.35 -30.12 -84.64
N ARG C 69 -20.33 -30.81 -84.05
CA ARG C 69 -21.48 -31.27 -84.85
C ARG C 69 -22.40 -30.11 -85.21
N GLU C 70 -22.63 -29.19 -84.27
CA GLU C 70 -23.55 -28.08 -84.53
C GLU C 70 -22.92 -26.94 -85.28
N SER C 71 -21.61 -26.97 -85.53
CA SER C 71 -21.00 -25.96 -86.37
C SER C 71 -21.38 -26.16 -87.83
N GLU C 72 -21.56 -27.40 -88.25
CA GLU C 72 -21.75 -27.83 -89.64
C GLU C 72 -20.61 -27.36 -90.53
N LEU C 73 -19.42 -27.88 -90.25
CA LEU C 73 -18.26 -27.60 -91.08
C LEU C 73 -18.41 -28.33 -92.41
N LYS C 74 -18.94 -27.63 -93.41
CA LYS C 74 -19.20 -28.20 -94.73
C LYS C 74 -18.13 -27.68 -95.68
N ILE C 75 -17.17 -28.53 -96.01
CA ILE C 75 -16.05 -28.16 -96.86
C ILE C 75 -16.35 -28.67 -98.27
N THR C 76 -16.59 -27.73 -99.19
CA THR C 76 -16.88 -28.04 -100.60
C THR C 76 -15.78 -27.43 -101.45
N ALA C 77 -14.98 -28.29 -102.08
CA ALA C 77 -13.87 -27.82 -102.90
C ALA C 77 -13.70 -28.75 -104.09
N THR C 78 -13.00 -28.25 -105.10
CA THR C 78 -12.69 -29.03 -106.29
C THR C 78 -11.24 -29.48 -106.21
N VAL C 79 -11.03 -30.80 -106.17
CA VAL C 79 -9.70 -31.37 -106.03
C VAL C 79 -9.39 -32.18 -107.29
N LYS C 80 -8.13 -32.63 -107.36
CA LYS C 80 -7.64 -33.33 -108.55
C LYS C 80 -8.16 -34.76 -108.59
N ASN C 81 -8.51 -35.21 -109.80
CA ASN C 81 -9.01 -36.56 -110.02
C ASN C 81 -7.84 -37.47 -110.34
N LYS C 82 -7.53 -38.38 -109.42
CA LYS C 82 -6.49 -39.38 -109.63
C LYS C 82 -7.06 -40.80 -109.62
N LEU C 83 -8.33 -40.95 -110.00
CA LEU C 83 -8.97 -42.26 -110.06
C LEU C 83 -8.98 -42.84 -111.47
N THR C 84 -8.48 -42.10 -112.46
CA THR C 84 -8.44 -42.58 -113.84
C THR C 84 -7.10 -42.24 -114.47
N ASP C 85 -6.96 -42.45 -115.77
CA ASP C 85 -5.71 -42.17 -116.47
C ASP C 85 -5.58 -40.71 -116.91
N ASP C 86 -6.48 -39.82 -116.47
CA ASP C 86 -6.45 -38.42 -116.85
C ASP C 86 -5.68 -37.63 -115.79
N GLU C 87 -4.72 -36.83 -116.26
CA GLU C 87 -4.01 -35.89 -115.40
C GLU C 87 -4.76 -34.58 -115.23
N ASN C 88 -5.44 -34.12 -116.28
CA ASN C 88 -6.13 -32.84 -116.29
C ASN C 88 -7.59 -32.96 -115.90
N ALA C 89 -7.96 -33.95 -115.09
CA ALA C 89 -9.32 -34.10 -114.62
C ALA C 89 -9.44 -33.60 -113.19
N GLU C 90 -10.61 -33.07 -112.86
CA GLU C 90 -10.90 -32.57 -111.53
C GLU C 90 -12.18 -33.21 -111.01
N LEU C 91 -12.31 -33.25 -109.69
CA LEU C 91 -13.47 -33.89 -109.10
C LEU C 91 -13.87 -33.21 -107.80
N PRO C 92 -14.96 -32.45 -107.78
CA PRO C 92 -15.40 -31.81 -106.53
C PRO C 92 -15.94 -32.83 -105.55
N VAL C 93 -15.88 -32.47 -104.26
CA VAL C 93 -16.30 -33.34 -103.17
C VAL C 93 -17.37 -32.63 -102.35
N GLU C 94 -17.97 -33.38 -101.42
CA GLU C 94 -18.97 -32.84 -100.51
C GLU C 94 -18.76 -33.48 -99.15
N LEU C 95 -18.41 -32.66 -98.16
CA LEU C 95 -18.00 -33.16 -96.85
C LEU C 95 -18.94 -32.64 -95.77
N ASN C 96 -19.31 -33.52 -94.85
CA ASN C 96 -20.14 -33.17 -93.69
C ASN C 96 -19.48 -33.77 -92.46
N PHE C 97 -19.01 -32.91 -91.56
CA PHE C 97 -18.21 -33.30 -90.41
C PHE C 97 -19.03 -33.17 -89.14
N LYS C 98 -19.15 -34.25 -88.39
CA LYS C 98 -19.89 -34.25 -87.14
C LYS C 98 -19.10 -34.75 -85.95
N SER C 99 -17.95 -35.39 -86.15
CA SER C 99 -17.12 -35.87 -85.06
C SER C 99 -15.66 -35.71 -85.46
N LEU C 100 -14.76 -35.89 -84.49
CA LEU C 100 -13.33 -35.82 -84.75
C LEU C 100 -12.85 -36.96 -85.63
N ALA C 101 -13.56 -38.09 -85.65
CA ALA C 101 -13.24 -39.19 -86.54
C ALA C 101 -13.68 -38.92 -87.99
N ASP C 102 -14.39 -37.83 -88.26
CA ASP C 102 -14.74 -37.50 -89.63
C ASP C 102 -13.58 -36.87 -90.38
N PHE C 103 -12.50 -36.47 -89.70
CA PHE C 103 -11.30 -36.08 -90.41
C PHE C 103 -10.54 -37.28 -90.96
N ALA C 104 -10.76 -38.46 -90.39
CA ALA C 104 -10.05 -39.67 -90.78
C ALA C 104 -10.51 -40.14 -92.16
N PRO C 105 -9.62 -40.80 -92.93
CA PRO C 105 -10.00 -41.24 -94.29
C PRO C 105 -11.05 -42.34 -94.34
N ASP C 106 -11.43 -42.93 -93.20
CA ASP C 106 -12.55 -43.87 -93.21
C ASP C 106 -13.87 -43.14 -93.43
N ALA C 107 -14.01 -41.95 -92.85
CA ALA C 107 -15.25 -41.18 -92.99
C ALA C 107 -15.17 -40.12 -94.07
N VAL C 108 -13.97 -39.76 -94.55
CA VAL C 108 -13.89 -38.85 -95.68
C VAL C 108 -14.21 -39.58 -96.98
N ALA C 109 -13.64 -40.77 -97.15
CA ALA C 109 -13.94 -41.59 -98.33
C ALA C 109 -15.37 -42.12 -98.32
N SER C 110 -15.98 -42.28 -97.14
CA SER C 110 -17.37 -42.70 -97.06
C SER C 110 -18.32 -41.60 -97.50
N GLN C 111 -17.89 -40.34 -97.47
CA GLN C 111 -18.71 -39.23 -97.92
C GLN C 111 -18.45 -38.87 -99.36
N VAL C 112 -17.49 -39.52 -100.01
CA VAL C 112 -17.24 -39.34 -101.44
C VAL C 112 -17.83 -40.54 -102.17
N PRO C 113 -18.85 -40.35 -103.02
CA PRO C 113 -19.47 -41.52 -103.68
C PRO C 113 -18.56 -42.22 -104.68
N GLU C 114 -17.55 -41.54 -105.21
CA GLU C 114 -16.58 -42.21 -106.08
C GLU C 114 -15.65 -43.12 -105.29
N LEU C 115 -15.55 -42.91 -103.98
CA LEU C 115 -14.76 -43.79 -103.11
C LEU C 115 -15.61 -44.74 -102.29
N LYS C 116 -16.93 -44.58 -102.30
CA LYS C 116 -17.79 -45.58 -101.68
C LYS C 116 -17.80 -46.87 -102.47
N LYS C 117 -17.61 -46.80 -103.79
CA LYS C 117 -17.54 -47.98 -104.63
C LYS C 117 -16.17 -48.63 -104.62
N LEU C 118 -15.15 -47.94 -104.14
CA LEU C 118 -13.81 -48.54 -104.08
C LEU C 118 -13.55 -49.24 -102.75
N ILE C 119 -14.12 -48.75 -101.65
CA ILE C 119 -14.06 -49.51 -100.41
C ILE C 119 -14.97 -50.73 -100.50
N GLU C 120 -16.13 -50.58 -101.15
CA GLU C 120 -17.01 -51.72 -101.42
C GLU C 120 -16.33 -52.70 -102.36
N LEU C 121 -15.48 -52.22 -103.26
CA LEU C 121 -14.67 -53.11 -104.07
C LEU C 121 -13.67 -53.88 -103.22
N ARG C 122 -13.06 -53.21 -102.24
CA ARG C 122 -12.08 -53.88 -101.38
C ARG C 122 -12.75 -54.84 -100.41
N GLU C 123 -13.90 -54.45 -99.87
CA GLU C 123 -14.66 -55.32 -98.98
C GLU C 123 -15.14 -56.58 -99.70
N ALA C 124 -15.41 -56.47 -101.01
CA ALA C 124 -15.72 -57.65 -101.81
C ALA C 124 -14.48 -58.50 -102.08
N LEU C 125 -13.28 -57.92 -102.04
CA LEU C 125 -12.06 -58.68 -102.26
C LEU C 125 -11.51 -59.30 -100.99
N VAL C 126 -11.73 -58.66 -99.83
CA VAL C 126 -11.38 -59.28 -98.55
C VAL C 126 -12.31 -60.45 -98.27
N ALA C 127 -13.57 -60.36 -98.69
CA ALA C 127 -14.51 -61.46 -98.55
C ALA C 127 -14.13 -62.66 -99.40
N LEU C 128 -13.44 -62.43 -100.52
CA LEU C 128 -13.06 -63.52 -101.40
C LEU C 128 -11.90 -64.33 -100.83
N LYS C 129 -10.95 -63.66 -100.16
CA LYS C 129 -9.67 -64.27 -99.80
C LYS C 129 -9.82 -65.38 -98.77
N GLY C 130 -10.85 -65.30 -97.91
CA GLY C 130 -11.11 -66.33 -96.92
C GLY C 130 -11.45 -67.69 -97.52
N PRO C 131 -12.56 -67.80 -98.23
CA PRO C 131 -12.90 -69.07 -98.90
C PRO C 131 -12.16 -69.31 -100.20
N LEU C 132 -11.11 -68.57 -100.53
CA LEU C 132 -10.42 -68.77 -101.80
C LEU C 132 -9.47 -69.97 -101.74
N GLY C 133 -8.45 -69.89 -100.88
CA GLY C 133 -7.45 -70.93 -100.79
C GLY C 133 -7.81 -72.12 -99.95
N ASN C 134 -9.03 -72.18 -99.41
CA ASN C 134 -9.45 -73.30 -98.60
C ASN C 134 -10.01 -74.44 -99.46
N ILE C 135 -10.84 -74.11 -100.44
CA ILE C 135 -11.41 -75.09 -101.36
C ILE C 135 -10.61 -75.05 -102.65
N PRO C 136 -9.90 -76.12 -103.01
CA PRO C 136 -9.12 -76.13 -104.26
C PRO C 136 -9.93 -76.42 -105.51
N ALA C 137 -11.26 -76.42 -105.44
CA ALA C 137 -12.10 -76.61 -106.61
C ALA C 137 -12.48 -75.29 -107.28
N PHE C 138 -11.99 -74.17 -106.77
CA PHE C 138 -12.26 -72.88 -107.41
C PHE C 138 -11.48 -72.73 -108.71
N ARG C 139 -10.22 -73.17 -108.72
CA ARG C 139 -9.41 -73.09 -109.94
C ARG C 139 -9.86 -74.11 -110.99
N GLU C 140 -10.58 -75.15 -110.58
CA GLU C 140 -11.12 -76.11 -111.52
C GLU C 140 -12.21 -75.48 -112.39
N ARG C 141 -12.97 -74.53 -111.84
CA ARG C 141 -14.00 -73.84 -112.60
C ARG C 141 -13.54 -72.50 -113.14
N LEU C 142 -12.33 -72.04 -112.80
CA LEU C 142 -11.75 -70.93 -113.53
C LEU C 142 -11.37 -71.35 -114.95
N GLN C 143 -10.96 -72.60 -115.12
CA GLN C 143 -10.71 -73.12 -116.46
C GLN C 143 -12.01 -73.41 -117.19
N SER C 144 -13.09 -73.67 -116.47
CA SER C 144 -14.40 -73.81 -117.09
C SER C 144 -14.92 -72.46 -117.54
N LEU C 145 -14.67 -71.41 -116.75
CA LEU C 145 -14.93 -70.05 -117.22
C LEU C 145 -13.96 -69.63 -118.31
N LEU C 146 -12.76 -70.23 -118.36
CA LEU C 146 -11.89 -70.05 -119.51
C LEU C 146 -12.44 -70.76 -120.74
N ASN C 147 -13.15 -71.87 -120.54
CA ASN C 147 -13.78 -72.56 -121.66
C ASN C 147 -15.09 -71.89 -122.05
N SER C 148 -15.99 -71.70 -121.07
CA SER C 148 -17.29 -71.08 -121.33
C SER C 148 -17.13 -69.56 -121.26
N GLU C 149 -16.76 -68.97 -122.40
CA GLU C 149 -16.58 -67.52 -122.47
C GLU C 149 -17.88 -66.78 -122.77
N GLU C 150 -18.86 -67.45 -123.39
CA GLU C 150 -20.10 -66.76 -123.75
C GLU C 150 -21.00 -66.57 -122.54
N SER C 151 -21.18 -67.62 -121.73
CA SER C 151 -22.04 -67.53 -120.56
C SER C 151 -21.39 -66.74 -119.42
N ARG C 152 -20.07 -66.55 -119.45
CA ARG C 152 -19.42 -65.78 -118.40
C ARG C 152 -19.67 -64.29 -118.57
N GLU C 153 -19.55 -63.79 -119.82
CA GLU C 153 -19.74 -62.37 -120.07
C GLU C 153 -21.20 -61.94 -119.98
N LYS C 154 -22.14 -62.88 -120.11
CA LYS C 154 -23.55 -62.55 -119.92
C LYS C 154 -23.86 -62.34 -118.44
N LEU C 155 -23.08 -62.94 -117.55
CA LEU C 155 -23.30 -62.82 -116.11
C LEU C 155 -22.50 -61.70 -115.47
N LEU C 156 -21.47 -61.18 -116.16
CA LEU C 156 -20.70 -60.08 -115.61
C LEU C 156 -21.49 -58.77 -115.67
N ALA C 157 -22.39 -58.63 -116.63
CA ALA C 157 -23.22 -57.42 -116.72
C ALA C 157 -24.30 -57.39 -115.65
N GLU C 158 -24.68 -58.54 -115.10
CA GLU C 158 -25.67 -58.59 -114.04
C GLU C 158 -25.06 -58.14 -112.72
N PRO D 1 16.70 -0.44 -18.09
CA PRO D 1 17.69 -0.65 -19.14
C PRO D 1 17.14 -0.34 -20.53
N THR D 2 18.00 0.05 -21.45
CA THR D 2 17.51 0.42 -22.76
C THR D 2 17.54 -0.78 -23.68
N PRO D 3 16.55 -0.94 -24.56
CA PRO D 3 16.54 -2.09 -25.46
C PRO D 3 17.63 -2.00 -26.52
N CYS D 4 18.08 -3.16 -26.93
CA CYS D 4 19.14 -3.31 -27.90
C CYS D 4 18.55 -3.51 -29.29
N TYR D 5 19.38 -3.84 -30.27
CA TYR D 5 18.91 -4.09 -31.62
C TYR D 5 19.76 -5.17 -32.25
N ILE D 6 19.12 -6.08 -32.97
CA ILE D 6 19.80 -7.21 -33.58
C ILE D 6 19.48 -7.28 -35.06
N SER D 7 20.51 -7.39 -35.89
CA SER D 7 20.35 -7.56 -37.32
C SER D 7 20.91 -8.90 -37.74
N ILE D 8 20.03 -9.81 -38.14
CA ILE D 8 20.40 -11.17 -38.49
C ILE D 8 20.47 -11.30 -40.00
N GLU D 9 21.54 -11.90 -40.51
CA GLU D 9 21.64 -12.21 -41.93
C GLU D 9 21.89 -13.69 -42.11
N GLY D 10 20.99 -14.36 -42.84
CA GLY D 10 21.07 -15.80 -42.99
C GLY D 10 21.98 -16.22 -44.14
N GLN D 11 22.16 -17.53 -44.26
CA GLN D 11 22.84 -18.07 -45.42
C GLN D 11 21.99 -17.91 -46.68
N THR D 12 20.82 -18.52 -46.69
CA THR D 12 19.99 -18.52 -47.87
C THR D 12 18.85 -17.51 -47.83
N GLN D 13 18.45 -17.05 -46.65
CA GLN D 13 17.30 -16.18 -46.52
C GLN D 13 17.67 -14.72 -46.50
N GLY D 14 18.88 -14.38 -46.92
CA GLY D 14 19.25 -12.99 -47.04
C GLY D 14 19.34 -12.30 -45.69
N LEU D 15 18.94 -11.03 -45.66
CA LEU D 15 18.82 -10.31 -44.42
C LEU D 15 17.48 -10.67 -43.80
N ILE D 16 17.50 -11.42 -42.69
CA ILE D 16 16.28 -11.94 -42.10
C ILE D 16 15.47 -10.82 -41.48
N THR D 17 16.11 -9.93 -40.74
CA THR D 17 15.35 -8.90 -40.08
C THR D 17 15.10 -7.69 -40.94
N ALA D 18 15.18 -7.79 -42.26
CA ALA D 18 14.93 -6.64 -43.14
C ALA D 18 13.45 -6.35 -43.12
N GLY D 19 13.06 -5.35 -42.35
CA GLY D 19 11.66 -5.02 -42.21
C GLY D 19 11.03 -5.47 -40.92
N ALA D 20 11.81 -5.88 -39.93
CA ALA D 20 11.23 -6.37 -38.69
C ALA D 20 10.91 -5.24 -37.72
N CYS D 21 11.06 -4.00 -38.13
CA CYS D 21 10.53 -2.83 -37.42
C CYS D 21 9.87 -1.89 -38.39
N THR D 22 8.96 -2.41 -39.20
CA THR D 22 8.06 -1.59 -39.98
C THR D 22 6.73 -1.49 -39.27
N ALA D 23 5.76 -0.84 -39.91
CA ALA D 23 4.43 -0.77 -39.36
C ALA D 23 3.66 -2.06 -39.56
N ASP D 24 4.11 -2.93 -40.45
CA ASP D 24 3.43 -4.20 -40.61
C ASP D 24 3.88 -5.23 -39.57
N SER D 25 5.11 -5.12 -39.08
CA SER D 25 5.60 -6.10 -38.13
C SER D 25 4.99 -5.88 -36.75
N ILE D 26 5.24 -4.73 -36.15
CA ILE D 26 4.92 -4.53 -34.75
C ILE D 26 3.98 -3.34 -34.52
N GLY D 27 3.20 -2.98 -35.52
CA GLY D 27 2.20 -1.95 -35.33
C GLY D 27 2.76 -0.56 -35.24
N ASP D 28 2.50 0.13 -34.13
CA ASP D 28 2.95 1.50 -33.95
C ASP D 28 4.18 1.63 -33.10
N SER D 29 4.79 0.52 -32.68
CA SER D 29 5.99 0.58 -31.88
C SER D 29 7.24 0.40 -32.71
N PHE D 30 7.19 0.74 -33.98
CA PHE D 30 8.39 0.63 -34.78
C PHE D 30 9.15 1.94 -34.70
N VAL D 31 10.44 1.86 -35.02
CA VAL D 31 11.35 2.99 -34.89
C VAL D 31 11.93 3.28 -36.27
N GLU D 32 11.87 4.54 -36.69
CA GLU D 32 12.53 4.93 -37.92
C GLU D 32 14.04 4.86 -37.76
N GLY D 33 14.72 4.50 -38.85
CA GLY D 33 16.15 4.32 -38.85
C GLY D 33 16.62 2.94 -38.45
N HIS D 34 15.78 2.17 -37.78
CA HIS D 34 16.10 0.81 -37.39
C HIS D 34 15.20 -0.15 -38.12
N GLU D 35 15.03 0.09 -39.42
CA GLU D 35 14.10 -0.69 -40.22
C GLU D 35 14.58 -2.11 -40.46
N ASP D 36 15.86 -2.39 -40.26
CA ASP D 36 16.40 -3.71 -40.53
C ASP D 36 16.77 -4.46 -39.26
N GLU D 37 16.35 -3.99 -38.10
CA GLU D 37 16.86 -4.48 -36.83
C GLU D 37 15.70 -4.73 -35.90
N MET D 38 15.62 -5.94 -35.33
CA MET D 38 14.59 -6.23 -34.35
C MET D 38 14.84 -5.44 -33.07
N LEU D 39 13.84 -5.42 -32.21
CA LEU D 39 13.93 -4.71 -30.94
C LEU D 39 14.05 -5.73 -29.83
N VAL D 40 15.21 -5.81 -29.21
CA VAL D 40 15.55 -6.88 -28.28
C VAL D 40 15.30 -6.42 -26.86
N GLN D 41 14.49 -7.17 -26.13
CA GLN D 41 14.09 -6.75 -24.80
C GLN D 41 15.03 -7.29 -23.73
N GLN D 42 15.15 -8.59 -23.60
CA GLN D 42 15.89 -9.25 -22.54
C GLN D 42 17.11 -9.93 -23.15
N PHE D 43 18.11 -10.21 -22.33
CA PHE D 43 19.35 -10.78 -22.84
C PHE D 43 19.96 -11.69 -21.78
N ASP D 44 20.68 -12.73 -22.24
CA ASP D 44 21.34 -13.68 -21.36
C ASP D 44 22.36 -14.53 -22.11
N HIS D 45 23.56 -14.70 -21.57
CA HIS D 45 24.63 -15.32 -22.34
C HIS D 45 25.74 -15.77 -21.40
N VAL D 46 26.09 -17.06 -21.44
CA VAL D 46 27.09 -17.65 -20.57
C VAL D 46 28.21 -18.20 -21.44
N VAL D 47 29.46 -18.08 -21.00
CA VAL D 47 30.60 -18.69 -21.69
C VAL D 47 31.41 -19.40 -20.62
N THR D 48 31.28 -20.71 -20.51
CA THR D 48 31.97 -21.43 -19.46
C THR D 48 33.34 -21.91 -19.92
N VAL D 49 34.19 -22.24 -18.95
CA VAL D 49 35.46 -22.92 -19.18
C VAL D 49 35.59 -24.02 -18.15
N PRO D 50 35.73 -25.27 -18.56
CA PRO D 50 35.89 -26.34 -17.58
C PRO D 50 37.23 -26.33 -16.90
N THR D 51 37.26 -26.01 -15.61
CA THR D 51 38.49 -26.00 -14.83
C THR D 51 38.49 -27.19 -13.89
N ASP D 52 39.67 -27.75 -13.65
CA ASP D 52 39.74 -28.90 -12.76
C ASP D 52 39.64 -28.46 -11.31
N PRO D 53 39.21 -29.35 -10.42
CA PRO D 53 39.31 -29.07 -8.99
C PRO D 53 40.76 -29.12 -8.54
N GLN D 54 40.95 -28.74 -7.27
CA GLN D 54 42.24 -28.74 -6.53
C GLN D 54 43.39 -28.09 -7.31
N SER D 55 43.06 -27.11 -8.14
CA SER D 55 44.02 -26.39 -8.97
C SER D 55 43.35 -25.09 -9.36
N GLY D 56 43.91 -24.42 -10.36
CA GLY D 56 43.22 -23.29 -10.94
C GLY D 56 43.24 -23.32 -12.44
N GLN D 57 43.91 -24.31 -13.02
CA GLN D 57 44.17 -24.25 -14.44
C GLN D 57 42.92 -24.67 -15.24
N PRO D 58 42.72 -24.08 -16.41
CA PRO D 58 41.61 -24.49 -17.27
C PRO D 58 41.87 -25.86 -17.88
N SER D 59 41.07 -26.84 -17.50
CA SER D 59 41.21 -28.20 -17.99
C SER D 59 40.31 -28.42 -19.20
N GLY D 60 40.59 -27.67 -20.26
CA GLY D 60 39.80 -27.79 -21.45
C GLY D 60 39.47 -26.45 -22.09
N GLN D 61 39.07 -26.47 -23.34
CA GLN D 61 38.73 -25.24 -24.02
C GLN D 61 37.36 -24.76 -23.57
N ARG D 62 37.05 -23.51 -23.93
CA ARG D 62 35.80 -22.87 -23.55
C ARG D 62 34.60 -23.57 -24.17
N VAL D 63 33.44 -23.40 -23.54
CA VAL D 63 32.19 -23.99 -23.98
C VAL D 63 31.15 -22.88 -24.05
N HIS D 64 30.70 -22.55 -25.25
CA HIS D 64 29.79 -21.43 -25.42
C HIS D 64 28.35 -21.87 -25.16
N LYS D 65 27.81 -21.47 -24.03
CA LYS D 65 26.38 -21.56 -23.80
C LYS D 65 25.68 -20.49 -24.65
N PRO D 66 24.43 -20.68 -25.04
CA PRO D 66 23.86 -19.83 -26.09
C PRO D 66 23.43 -18.46 -25.63
N PHE D 67 23.42 -17.53 -26.60
CA PHE D 67 22.61 -16.31 -26.57
C PHE D 67 21.18 -16.61 -26.15
N LYS D 68 20.54 -15.64 -25.51
CA LYS D 68 19.09 -15.70 -25.27
C LYS D 68 18.56 -14.27 -25.36
N PHE D 69 18.11 -13.86 -26.53
CA PHE D 69 17.54 -12.53 -26.70
C PHE D 69 16.05 -12.65 -27.00
N THR D 70 15.26 -11.71 -26.49
CA THR D 70 13.81 -11.79 -26.53
C THR D 70 13.24 -10.67 -27.37
N VAL D 71 12.50 -11.03 -28.41
CA VAL D 71 11.79 -10.06 -29.24
C VAL D 71 10.31 -10.43 -29.25
N ALA D 72 9.48 -9.50 -29.70
CA ALA D 72 8.06 -9.78 -29.83
C ALA D 72 7.81 -10.52 -31.13
N LEU D 73 6.57 -10.94 -31.34
CA LEU D 73 6.20 -11.56 -32.60
C LEU D 73 6.18 -10.51 -33.70
N ASN D 74 6.95 -10.74 -34.75
CA ASN D 74 7.02 -9.80 -35.84
C ASN D 74 7.33 -10.55 -37.12
N LYS D 75 7.80 -9.82 -38.14
CA LYS D 75 8.00 -10.37 -39.47
C LYS D 75 9.11 -11.41 -39.48
N ALA D 76 10.16 -11.19 -38.71
CA ALA D 76 11.32 -12.06 -38.77
C ALA D 76 11.14 -13.37 -38.02
N VAL D 77 10.08 -13.53 -37.22
CA VAL D 77 9.90 -14.74 -36.43
C VAL D 77 9.53 -15.97 -37.29
N PRO D 78 8.67 -15.89 -38.32
CA PRO D 78 8.57 -17.05 -39.22
C PRO D 78 9.83 -17.29 -40.03
N LEU D 79 10.66 -16.29 -40.23
CA LEU D 79 11.93 -16.53 -40.89
C LEU D 79 12.93 -17.19 -39.96
N LEU D 80 12.84 -16.93 -38.66
CA LEU D 80 13.72 -17.59 -37.72
C LEU D 80 13.25 -18.98 -37.35
N TYR D 81 12.05 -19.38 -37.72
CA TYR D 81 11.66 -20.76 -37.55
C TYR D 81 11.96 -21.61 -38.77
N ASN D 82 12.68 -21.09 -39.76
CA ASN D 82 13.31 -21.94 -40.75
C ASN D 82 14.81 -22.00 -40.60
N ALA D 83 15.43 -20.98 -40.02
CA ALA D 83 16.82 -21.12 -39.62
C ALA D 83 16.95 -22.12 -38.50
N LEU D 84 15.89 -22.29 -37.71
CA LEU D 84 15.90 -23.26 -36.62
C LEU D 84 15.67 -24.67 -37.13
N SER D 85 14.53 -24.90 -37.76
CA SER D 85 14.11 -26.25 -38.07
C SER D 85 14.86 -26.86 -39.26
N SER D 86 15.72 -26.10 -39.93
CA SER D 86 16.52 -26.67 -40.98
C SER D 86 18.01 -26.53 -40.72
N GLY D 87 18.40 -25.96 -39.58
CA GLY D 87 19.81 -25.87 -39.24
C GLY D 87 20.59 -24.89 -40.08
N GLU D 88 19.93 -23.87 -40.60
CA GLU D 88 20.61 -22.90 -41.43
C GLU D 88 21.49 -21.99 -40.58
N LYS D 89 22.75 -21.87 -40.97
CA LYS D 89 23.61 -20.96 -40.25
C LYS D 89 23.26 -19.53 -40.64
N LEU D 90 23.59 -18.60 -39.76
CA LEU D 90 23.32 -17.20 -39.97
C LEU D 90 24.66 -16.50 -40.09
N LYS D 91 24.85 -15.74 -41.17
CA LYS D 91 26.18 -15.19 -41.46
C LYS D 91 26.60 -14.17 -40.41
N THR D 92 25.67 -13.38 -39.89
CA THR D 92 26.03 -12.43 -38.87
C THR D 92 24.83 -12.09 -37.99
N VAL D 93 25.12 -11.70 -36.76
CA VAL D 93 24.14 -11.20 -35.81
C VAL D 93 24.82 -10.08 -35.07
N GLU D 94 24.37 -8.86 -35.27
CA GLU D 94 25.07 -7.72 -34.68
C GLU D 94 24.19 -7.09 -33.62
N LEU D 95 24.30 -7.59 -32.40
CA LEU D 95 23.66 -6.95 -31.26
C LEU D 95 24.31 -5.60 -31.01
N LYS D 96 23.51 -4.62 -30.63
CA LYS D 96 24.03 -3.28 -30.35
C LYS D 96 23.41 -2.77 -29.07
N TRP D 97 24.20 -2.64 -28.02
CA TRP D 97 23.73 -2.19 -26.73
C TRP D 97 23.65 -0.69 -26.71
N TYR D 98 22.46 -0.12 -26.59
CA TYR D 98 22.37 1.32 -26.52
C TYR D 98 22.41 1.79 -25.08
N ARG D 99 22.72 3.07 -24.92
CA ARG D 99 22.57 3.73 -23.63
C ARG D 99 22.42 5.21 -23.89
N THR D 100 21.92 5.91 -22.90
CA THR D 100 21.68 7.35 -23.01
C THR D 100 22.91 8.08 -22.54
N SER D 101 23.52 8.86 -23.43
CA SER D 101 24.77 9.52 -23.11
C SER D 101 24.50 10.82 -22.37
N ILE D 102 25.55 11.62 -22.19
CA ILE D 102 25.44 12.83 -21.39
C ILE D 102 24.72 13.91 -22.18
N GLU D 103 25.04 14.05 -23.47
CA GLU D 103 24.44 15.09 -24.30
C GLU D 103 22.98 14.82 -24.60
N GLY D 104 22.47 13.64 -24.32
CA GLY D 104 21.08 13.34 -24.50
C GLY D 104 20.75 12.52 -25.72
N LYS D 105 21.70 11.78 -26.25
CA LYS D 105 21.48 11.03 -27.47
C LYS D 105 21.83 9.57 -27.24
N GLN D 106 21.04 8.70 -27.85
CA GLN D 106 21.32 7.28 -27.80
C GLN D 106 22.61 6.97 -28.55
N GLU D 107 23.36 6.00 -28.04
CA GLU D 107 24.56 5.59 -28.74
C GLU D 107 24.87 4.15 -28.36
N ASN D 108 25.45 3.41 -29.29
CA ASN D 108 25.88 2.06 -28.96
C ASN D 108 27.23 2.13 -28.29
N PHE D 109 27.27 1.72 -27.03
CA PHE D 109 28.53 1.70 -26.34
C PHE D 109 29.21 0.34 -26.40
N PHE D 110 28.56 -0.64 -27.01
CA PHE D 110 29.00 -2.03 -26.87
C PHE D 110 28.28 -2.83 -27.94
N THR D 111 29.00 -3.48 -28.83
CA THR D 111 28.38 -4.34 -29.83
C THR D 111 29.00 -5.72 -29.75
N THR D 112 28.17 -6.75 -29.81
CA THR D 112 28.65 -8.13 -29.81
C THR D 112 28.28 -8.75 -31.14
N LYS D 113 29.17 -8.64 -32.12
CA LYS D 113 28.91 -9.27 -33.41
C LYS D 113 29.07 -10.77 -33.30
N LEU D 114 28.87 -11.46 -34.41
CA LEU D 114 28.72 -12.90 -34.35
C LEU D 114 28.92 -13.43 -35.76
N GLU D 115 29.73 -14.47 -35.90
CA GLU D 115 29.84 -15.13 -37.19
C GLU D 115 28.86 -16.29 -37.22
N ASN D 116 29.10 -17.30 -38.07
CA ASN D 116 28.18 -18.40 -38.39
C ASN D 116 27.51 -18.99 -37.17
N ALA D 117 26.19 -18.80 -37.07
CA ALA D 117 25.49 -18.96 -35.81
C ALA D 117 24.14 -19.61 -36.08
N SER D 118 24.04 -20.90 -35.85
CA SER D 118 22.75 -21.55 -35.96
C SER D 118 21.87 -21.16 -34.78
N ILE D 119 20.60 -21.51 -34.86
CA ILE D 119 19.67 -21.26 -33.78
C ILE D 119 19.44 -22.56 -33.04
N VAL D 120 19.66 -22.55 -31.72
CA VAL D 120 19.46 -23.76 -30.93
C VAL D 120 17.99 -23.97 -30.65
N ASP D 121 17.34 -23.02 -29.98
CA ASP D 121 15.92 -23.14 -29.75
C ASP D 121 15.27 -21.78 -29.66
N ILE D 122 13.96 -21.77 -29.84
CA ILE D 122 13.14 -20.56 -29.82
C ILE D 122 11.95 -20.84 -28.92
N HIS D 123 11.78 -20.03 -27.88
CA HIS D 123 10.78 -20.26 -26.85
C HIS D 123 9.69 -19.21 -26.96
N CYS D 124 8.70 -19.46 -27.81
CA CYS D 124 7.58 -18.55 -27.99
C CYS D 124 6.57 -18.77 -26.89
N GLU D 125 6.25 -17.73 -26.14
CA GLU D 125 5.23 -17.83 -25.11
C GLU D 125 4.41 -16.54 -25.09
N MET D 126 3.30 -16.61 -24.37
CA MET D 126 2.44 -15.47 -24.17
C MET D 126 1.94 -15.57 -22.73
N PRO D 127 2.02 -14.50 -21.96
CA PRO D 127 1.54 -14.55 -20.57
C PRO D 127 0.03 -14.66 -20.51
N HIS D 128 -0.45 -14.94 -19.31
CA HIS D 128 -1.86 -15.27 -19.13
C HIS D 128 -2.72 -14.03 -19.28
N CYS D 129 -3.77 -14.13 -20.08
CA CYS D 129 -4.57 -12.96 -20.41
C CYS D 129 -5.46 -12.52 -19.26
N GLN D 130 -5.84 -13.44 -18.39
CA GLN D 130 -6.62 -13.11 -17.20
C GLN D 130 -5.81 -12.32 -16.18
N ASP D 131 -4.49 -12.50 -16.19
CA ASP D 131 -3.63 -11.99 -15.12
C ASP D 131 -3.36 -10.51 -15.34
N PRO D 132 -3.71 -9.64 -14.39
CA PRO D 132 -3.46 -8.20 -14.59
C PRO D 132 -2.04 -7.77 -14.30
N ALA D 133 -1.23 -8.61 -13.66
CA ALA D 133 0.16 -8.23 -13.41
C ALA D 133 1.00 -8.28 -14.67
N LYS D 134 0.60 -9.07 -15.66
CA LYS D 134 1.32 -9.23 -16.91
C LYS D 134 0.48 -8.72 -18.07
N SER D 135 -0.15 -7.56 -17.88
CA SER D 135 -1.01 -6.99 -18.91
C SER D 135 -0.23 -6.15 -19.91
N ASP D 136 0.89 -5.58 -19.50
CA ASP D 136 1.68 -4.74 -20.39
C ASP D 136 2.48 -5.55 -21.40
N PHE D 137 2.74 -6.81 -21.12
CA PHE D 137 3.52 -7.63 -22.02
C PHE D 137 2.68 -8.01 -23.22
N THR D 138 3.33 -8.28 -24.35
CA THR D 138 2.60 -8.73 -25.52
C THR D 138 2.89 -10.19 -25.84
N GLN D 139 4.14 -10.50 -26.18
CA GLN D 139 4.60 -11.87 -26.40
C GLN D 139 6.06 -11.92 -26.00
N ASN D 140 6.63 -13.11 -26.04
CA ASN D 140 8.03 -13.31 -25.71
C ASN D 140 8.55 -14.40 -26.62
N VAL D 141 9.40 -14.05 -27.56
CA VAL D 141 10.02 -15.01 -28.46
C VAL D 141 11.51 -14.97 -28.18
N THR D 142 12.00 -15.92 -27.38
CA THR D 142 13.38 -15.94 -26.94
C THR D 142 14.18 -16.81 -27.88
N VAL D 143 14.91 -16.20 -28.79
CA VAL D 143 15.65 -16.94 -29.81
C VAL D 143 17.06 -17.18 -29.30
N SER D 144 17.50 -18.42 -29.31
CA SER D 144 18.85 -18.72 -28.89
C SER D 144 19.78 -18.80 -30.08
N LEU D 145 21.08 -18.72 -29.82
CA LEU D 145 22.06 -18.77 -30.88
C LEU D 145 23.30 -19.44 -30.35
N SER D 146 23.59 -20.65 -30.78
CA SER D 146 24.97 -21.09 -30.73
C SER D 146 25.69 -20.50 -31.91
N TYR D 147 27.00 -20.50 -31.87
CA TYR D 147 27.75 -19.64 -32.77
C TYR D 147 29.19 -20.10 -32.88
N ARG D 148 29.77 -19.90 -34.06
CA ARG D 148 31.18 -20.22 -34.22
C ARG D 148 32.07 -19.14 -33.61
N LYS D 149 31.98 -17.93 -34.14
CA LYS D 149 32.87 -16.85 -33.77
C LYS D 149 32.08 -15.66 -33.25
N ILE D 150 32.47 -15.17 -32.08
CA ILE D 150 31.84 -14.04 -31.45
C ILE D 150 32.90 -12.99 -31.21
N THR D 151 32.54 -11.72 -31.42
CA THR D 151 33.47 -10.60 -31.21
C THR D 151 32.77 -9.53 -30.40
N TRP D 152 33.08 -9.46 -29.12
CA TRP D 152 32.67 -8.31 -28.32
C TRP D 152 33.44 -7.09 -28.77
N ASP D 153 32.83 -5.92 -28.60
CA ASP D 153 33.46 -4.70 -29.09
C ASP D 153 32.85 -3.53 -28.31
N HIS D 154 33.63 -2.95 -27.41
CA HIS D 154 33.19 -1.73 -26.76
C HIS D 154 33.59 -0.55 -27.64
N VAL D 155 32.62 0.27 -27.99
CA VAL D 155 32.86 1.31 -28.99
C VAL D 155 33.46 2.57 -28.37
N ASN D 156 32.90 3.04 -27.25
CA ASN D 156 33.36 4.30 -26.68
C ASN D 156 34.72 4.22 -25.99
N ALA D 157 35.26 3.03 -25.81
CA ALA D 157 36.61 2.89 -25.29
C ALA D 157 37.49 2.04 -26.17
N GLY D 158 36.98 1.57 -27.31
CA GLY D 158 37.80 0.95 -28.32
C GLY D 158 38.26 -0.46 -28.05
N THR D 159 38.00 -1.03 -26.88
CA THR D 159 38.44 -2.39 -26.63
C THR D 159 37.63 -3.38 -27.44
N SER D 160 38.22 -4.55 -27.68
CA SER D 160 37.56 -5.55 -28.49
C SER D 160 38.06 -6.93 -28.11
N GLY D 161 37.14 -7.79 -27.69
CA GLY D 161 37.48 -9.17 -27.45
C GLY D 161 37.06 -10.00 -28.63
N SER D 162 37.50 -11.25 -28.69
CA SER D 162 37.14 -12.11 -29.80
C SER D 162 37.33 -13.56 -29.38
N ASP D 163 36.44 -14.42 -29.82
CA ASP D 163 36.63 -15.85 -29.70
C ASP D 163 36.29 -16.47 -31.03
N ASP D 164 37.00 -17.54 -31.37
CA ASP D 164 36.72 -18.21 -32.62
C ASP D 164 37.12 -19.67 -32.51
N TRP D 165 36.24 -20.55 -32.98
CA TRP D 165 36.65 -21.92 -33.12
C TRP D 165 37.54 -22.11 -34.35
N ARG D 166 37.37 -21.28 -35.36
CA ARG D 166 38.12 -21.42 -36.59
C ARG D 166 39.60 -21.12 -36.39
N LYS D 167 39.89 -20.08 -35.62
CA LYS D 167 41.26 -19.64 -35.39
C LYS D 167 41.50 -19.47 -33.89
N PRO D 168 41.75 -20.56 -33.16
CA PRO D 168 42.15 -20.43 -31.77
C PRO D 168 43.55 -19.88 -31.71
N ILE D 169 43.93 -19.40 -30.54
CA ILE D 169 45.11 -18.53 -30.46
C ILE D 169 46.34 -19.41 -30.52
N GLU D 170 46.88 -19.54 -31.73
CA GLU D 170 47.97 -20.42 -32.20
C GLU D 170 48.02 -21.85 -31.64
N GLY E 1 72.47 -16.37 -114.95
CA GLY E 1 71.33 -16.71 -114.14
C GLY E 1 71.50 -18.01 -113.38
N SER E 2 72.73 -18.27 -112.94
CA SER E 2 73.01 -19.49 -112.18
C SER E 2 72.47 -19.43 -110.76
N LEU E 3 72.25 -18.22 -110.21
CA LEU E 3 71.64 -18.11 -108.90
C LEU E 3 70.17 -18.50 -108.93
N LEU E 4 69.50 -18.27 -110.07
CA LEU E 4 68.13 -18.75 -110.24
C LEU E 4 68.10 -20.26 -110.39
N ASP E 5 69.19 -20.85 -110.91
CA ASP E 5 69.26 -22.31 -111.03
C ASP E 5 69.42 -22.98 -109.68
N GLU E 6 70.07 -22.31 -108.71
CA GLU E 6 70.20 -22.87 -107.38
C GLU E 6 68.89 -22.80 -106.60
N ILE E 7 68.04 -21.82 -106.91
CA ILE E 7 66.74 -21.74 -106.27
C ILE E 7 65.79 -22.78 -106.85
N MET E 8 65.83 -22.96 -108.17
CA MET E 8 64.97 -23.96 -108.81
C MET E 8 65.41 -25.39 -108.52
N ALA E 9 66.71 -25.61 -108.29
CA ALA E 9 67.15 -26.92 -107.82
C ALA E 9 66.81 -27.14 -106.37
N GLN E 10 66.62 -26.08 -105.59
CA GLN E 10 66.18 -26.16 -104.21
C GLN E 10 64.66 -26.37 -104.21
N THR E 11 64.23 -27.62 -104.05
CA THR E 11 62.85 -27.99 -104.26
C THR E 11 61.91 -27.52 -103.15
N ARG E 12 62.43 -26.97 -102.06
CA ARG E 12 61.57 -26.48 -100.99
C ARG E 12 60.88 -25.17 -101.37
N ILE E 13 61.56 -24.29 -102.11
CA ILE E 13 61.01 -23.01 -102.51
C ILE E 13 61.37 -22.72 -103.97
N ALA E 14 61.17 -23.72 -104.84
CA ALA E 14 61.62 -23.57 -106.22
C ALA E 14 60.74 -22.65 -107.06
N PRO E 15 59.39 -22.91 -107.26
CA PRO E 15 58.71 -22.20 -108.35
C PRO E 15 58.22 -20.80 -108.00
N SER E 16 59.03 -20.02 -107.28
CA SER E 16 58.80 -18.59 -106.97
C SER E 16 57.46 -18.35 -106.30
N GLU E 17 57.28 -18.95 -105.12
CA GLU E 17 56.01 -18.88 -104.41
C GLU E 17 56.09 -18.03 -103.14
N GLU E 18 56.99 -18.36 -102.23
CA GLU E 18 57.10 -17.64 -100.97
C GLU E 18 58.49 -17.85 -100.39
N GLY E 19 59.13 -16.75 -99.98
CA GLY E 19 60.46 -16.83 -99.39
C GLY E 19 61.59 -16.99 -100.37
N TYR E 20 61.36 -16.72 -101.66
CA TYR E 20 62.41 -16.85 -102.65
C TYR E 20 63.29 -15.60 -102.75
N ASP E 21 62.83 -14.46 -102.25
CA ASP E 21 63.66 -13.27 -102.23
C ASP E 21 64.53 -13.21 -100.98
N ILE E 22 64.10 -13.83 -99.89
CA ILE E 22 64.90 -13.86 -98.67
C ILE E 22 66.04 -14.86 -98.80
N ALA E 23 65.76 -16.05 -99.32
CA ALA E 23 66.79 -17.07 -99.49
C ALA E 23 67.78 -16.71 -100.60
N LYS E 24 67.37 -15.89 -101.57
CA LYS E 24 68.31 -15.37 -102.55
C LYS E 24 69.31 -14.42 -101.90
N LYS E 25 68.86 -13.65 -100.90
CA LYS E 25 69.78 -12.81 -100.13
C LYS E 25 70.65 -13.63 -99.20
N GLY E 26 70.25 -14.85 -98.88
CA GLY E 26 71.04 -15.71 -98.01
C GLY E 26 72.22 -16.34 -98.71
N VAL E 27 72.03 -16.73 -99.97
CA VAL E 27 73.11 -17.33 -100.75
C VAL E 27 74.17 -16.28 -101.08
N ALA E 28 73.73 -15.10 -101.53
CA ALA E 28 74.66 -14.08 -102.00
C ALA E 28 75.45 -13.44 -100.86
N ALA E 29 74.90 -13.46 -99.64
CA ALA E 29 75.63 -12.90 -98.51
C ALA E 29 76.74 -13.83 -98.03
N PHE E 30 76.53 -15.14 -98.13
CA PHE E 30 77.52 -16.09 -97.63
C PHE E 30 78.73 -16.20 -98.56
N ILE E 31 78.54 -15.95 -99.86
CA ILE E 31 79.63 -16.04 -100.81
C ILE E 31 80.57 -14.85 -100.65
N GLU E 32 80.04 -13.68 -100.25
CA GLU E 32 80.86 -12.48 -100.10
C GLU E 32 81.84 -12.59 -98.93
N ASN E 33 81.51 -13.40 -97.91
CA ASN E 33 82.41 -13.64 -96.80
C ASN E 33 83.14 -14.97 -96.90
N LEU E 34 82.85 -15.76 -97.94
CA LEU E 34 83.46 -17.08 -98.09
C LEU E 34 84.93 -17.00 -98.50
N MET E 35 85.35 -15.88 -99.11
CA MET E 35 86.71 -15.77 -99.65
C MET E 35 87.79 -15.62 -98.58
N GLY E 36 87.41 -15.44 -97.31
CA GLY E 36 88.40 -15.43 -96.25
C GLY E 36 88.98 -16.81 -95.97
N SER E 37 88.20 -17.86 -96.22
CA SER E 37 88.67 -19.23 -96.04
C SER E 37 87.88 -20.11 -96.99
N GLN E 38 88.52 -20.56 -98.07
CA GLN E 38 87.85 -21.37 -99.07
C GLN E 38 87.70 -22.80 -98.59
N HIS E 39 86.46 -23.30 -98.59
CA HIS E 39 86.17 -24.67 -98.18
C HIS E 39 84.87 -25.10 -98.85
N SER E 40 84.78 -26.39 -99.19
CA SER E 40 83.64 -26.94 -99.91
C SER E 40 83.12 -28.19 -99.20
N ALA E 41 82.27 -27.98 -98.19
CA ALA E 41 81.58 -29.04 -97.48
C ALA E 41 80.43 -28.41 -96.69
N GLU E 42 79.22 -28.93 -96.90
CA GLU E 42 78.04 -28.40 -96.20
C GLU E 42 78.07 -28.51 -94.68
N PRO E 43 78.45 -29.65 -94.04
CA PRO E 43 78.44 -29.64 -92.57
C PRO E 43 79.52 -28.79 -91.94
N VAL E 44 80.65 -28.59 -92.62
CA VAL E 44 81.60 -27.58 -92.16
C VAL E 44 81.03 -26.19 -92.42
N ASN E 45 80.30 -26.02 -93.52
CA ASN E 45 79.60 -24.76 -93.78
C ASN E 45 78.49 -24.51 -92.78
N LYS E 46 77.86 -25.57 -92.26
CA LYS E 46 76.92 -25.39 -91.16
C LYS E 46 77.64 -24.92 -89.89
N SER E 47 78.93 -25.23 -89.75
CA SER E 47 79.73 -24.58 -88.73
C SER E 47 80.30 -23.25 -89.22
N LEU E 48 80.59 -23.13 -90.51
CA LEU E 48 81.10 -21.86 -91.03
C LEU E 48 80.02 -20.78 -91.09
N VAL E 49 78.75 -21.16 -91.23
CA VAL E 49 77.67 -20.20 -91.00
C VAL E 49 77.65 -19.77 -89.54
N ASP E 50 77.81 -20.73 -88.63
CA ASP E 50 77.86 -20.42 -87.20
C ASP E 50 79.13 -19.66 -86.83
N GLN E 51 80.24 -19.91 -87.54
CA GLN E 51 81.44 -19.10 -87.31
C GLN E 51 81.33 -17.72 -87.93
N MET E 52 80.37 -17.51 -88.83
CA MET E 52 80.02 -16.17 -89.28
C MET E 52 78.87 -15.56 -88.48
N LEU E 53 78.34 -16.28 -87.49
CA LEU E 53 77.37 -15.72 -86.56
C LEU E 53 78.00 -15.32 -85.24
N VAL E 54 79.02 -16.06 -84.78
CA VAL E 54 79.73 -15.69 -83.57
C VAL E 54 80.55 -14.42 -83.79
N GLU E 55 81.20 -14.32 -84.95
CA GLU E 55 81.92 -13.09 -85.28
C GLU E 55 80.97 -11.95 -85.60
N LEU E 56 79.74 -12.27 -86.04
CA LEU E 56 78.73 -11.23 -86.23
C LEU E 56 78.21 -10.70 -84.90
N ASP E 57 78.00 -11.60 -83.93
CA ASP E 57 77.54 -11.17 -82.61
C ASP E 57 78.60 -10.39 -81.85
N LYS E 58 79.87 -10.59 -82.17
CA LYS E 58 80.91 -9.72 -81.63
C LYS E 58 80.83 -8.32 -82.22
N LYS E 59 80.29 -8.20 -83.44
CA LYS E 59 80.11 -6.89 -84.03
C LYS E 59 78.83 -6.22 -83.55
N ILE E 60 77.78 -6.98 -83.25
CA ILE E 60 76.50 -6.37 -82.90
C ILE E 60 76.43 -6.08 -81.40
N SER E 61 76.79 -7.05 -80.57
CA SER E 61 76.66 -6.87 -79.12
C SER E 61 77.67 -5.86 -78.58
N ALA E 62 78.79 -5.67 -79.27
CA ALA E 62 79.69 -4.59 -78.88
C ALA E 62 79.12 -3.23 -79.25
N GLN E 63 78.22 -3.18 -80.23
CA GLN E 63 77.50 -1.94 -80.53
C GLN E 63 76.31 -1.75 -79.59
N MET E 64 75.61 -2.83 -79.26
CA MET E 64 74.49 -2.77 -78.34
C MET E 64 74.91 -2.73 -76.88
N ASP E 65 76.20 -2.80 -76.59
CA ASP E 65 76.70 -2.36 -75.29
C ASP E 65 77.18 -0.91 -75.33
N GLU E 66 76.94 -0.22 -76.44
CA GLU E 66 77.26 1.19 -76.56
C GLU E 66 76.07 2.05 -76.92
N ILE E 67 75.08 1.51 -77.62
CA ILE E 67 73.81 2.22 -77.76
C ILE E 67 73.06 2.19 -76.42
N LEU E 68 73.16 1.06 -75.71
CA LEU E 68 72.79 1.05 -74.30
C LEU E 68 73.94 1.63 -73.48
N HIS E 69 73.78 1.62 -72.16
CA HIS E 69 74.83 1.98 -71.18
C HIS E 69 75.33 3.41 -71.36
N ASN E 70 74.49 4.29 -71.91
CA ASN E 70 74.84 5.68 -72.14
C ASN E 70 74.22 6.54 -71.03
N SER E 71 74.89 7.66 -70.73
CA SER E 71 74.47 8.50 -69.61
C SER E 71 73.13 9.18 -69.87
N GLN E 72 72.78 9.38 -71.14
CA GLN E 72 71.44 9.87 -71.47
C GLN E 72 70.43 8.74 -71.48
N PHE E 73 70.83 7.54 -71.91
CA PHE E 73 69.91 6.43 -72.00
C PHE E 73 69.65 5.80 -70.64
N GLN E 74 70.73 5.44 -69.93
CA GLN E 74 70.60 4.66 -68.69
C GLN E 74 69.97 5.48 -67.57
N ALA E 75 70.27 6.78 -67.50
CA ALA E 75 69.64 7.62 -66.49
C ALA E 75 68.17 7.85 -66.81
N MET E 76 67.79 7.76 -68.08
CA MET E 76 66.39 7.81 -68.48
C MET E 76 65.79 6.43 -68.67
N GLU E 77 66.54 5.37 -68.40
CA GLU E 77 65.96 4.05 -68.31
C GLU E 77 65.69 3.66 -66.87
N SER E 78 66.61 3.98 -65.96
CA SER E 78 66.41 3.69 -64.54
C SER E 78 65.31 4.55 -63.95
N ALA E 79 65.16 5.77 -64.44
CA ALA E 79 64.09 6.64 -63.96
C ALA E 79 62.73 6.26 -64.52
N TRP E 80 62.66 5.34 -65.46
CA TRP E 80 61.40 4.94 -66.07
C TRP E 80 61.07 3.47 -65.89
N ARG E 81 62.07 2.58 -65.96
CA ARG E 81 61.82 1.18 -65.63
C ARG E 81 61.66 1.01 -64.12
N GLY E 82 62.32 1.86 -63.33
CA GLY E 82 62.08 1.88 -61.91
C GLY E 82 60.69 2.32 -61.52
N LEU E 83 60.02 3.10 -62.38
CA LEU E 83 58.62 3.38 -62.18
C LEU E 83 57.78 2.12 -62.38
N LYS E 84 58.16 1.28 -63.35
CA LYS E 84 57.43 0.04 -63.59
C LYS E 84 57.55 -0.92 -62.42
N LEU E 85 58.68 -0.88 -61.71
CA LEU E 85 58.80 -1.61 -60.45
C LEU E 85 57.91 -1.01 -59.36
N PHE E 86 57.55 0.26 -59.47
CA PHE E 86 56.59 0.82 -58.53
C PHE E 86 55.15 0.61 -58.99
N VAL E 87 54.93 0.36 -60.26
CA VAL E 87 53.57 0.10 -60.73
C VAL E 87 53.20 -1.37 -60.59
N ASP E 88 54.16 -2.27 -60.83
CA ASP E 88 53.85 -3.70 -60.83
C ASP E 88 53.64 -4.25 -59.42
N ARG E 89 54.29 -3.67 -58.41
CA ARG E 89 54.18 -4.22 -57.07
C ARG E 89 52.93 -3.72 -56.35
N THR E 90 52.59 -2.45 -56.52
CA THR E 90 51.49 -1.85 -55.78
C THR E 90 50.16 -2.27 -56.36
N ASP E 91 49.27 -2.76 -55.51
CA ASP E 91 47.99 -3.29 -55.96
C ASP E 91 47.03 -2.13 -56.13
N PHE E 92 46.78 -1.75 -57.38
CA PHE E 92 45.88 -0.63 -57.67
C PHE E 92 44.42 -0.98 -57.45
N ARG E 93 44.08 -2.25 -57.29
CA ARG E 93 42.72 -2.59 -56.92
C ARG E 93 42.43 -2.28 -55.46
N GLU E 94 43.47 -2.23 -54.62
CA GLU E 94 43.29 -1.97 -53.20
C GLU E 94 43.45 -0.48 -52.86
N ASN E 95 42.74 0.37 -53.61
CA ASN E 95 42.63 1.81 -53.37
C ASN E 95 43.99 2.50 -53.35
N ASN E 96 44.64 2.49 -54.50
CA ASN E 96 45.93 3.16 -54.66
C ASN E 96 45.96 3.86 -56.00
N LYS E 97 46.47 5.09 -56.02
CA LYS E 97 46.73 5.80 -57.26
C LYS E 97 48.09 6.48 -57.14
N VAL E 98 48.70 6.75 -58.28
CA VAL E 98 50.01 7.40 -58.27
C VAL E 98 50.07 8.42 -59.42
N GLU E 99 50.42 9.65 -59.07
CA GLU E 99 50.58 10.70 -60.05
C GLU E 99 52.02 10.79 -60.51
N ILE E 100 52.21 11.19 -61.76
CA ILE E 100 53.51 11.23 -62.41
C ILE E 100 53.75 12.65 -62.89
N LEU E 101 54.77 13.30 -62.34
CA LEU E 101 55.08 14.68 -62.67
C LEU E 101 56.46 14.77 -63.32
N HIS E 102 56.50 15.36 -64.51
CA HIS E 102 57.76 15.61 -65.22
C HIS E 102 58.31 16.95 -64.75
N VAL E 103 59.31 16.92 -63.89
CA VAL E 103 60.16 18.07 -63.65
C VAL E 103 61.57 17.64 -63.98
N THR E 104 62.49 18.59 -63.94
CA THR E 104 63.89 18.24 -63.76
C THR E 104 64.37 18.87 -62.45
N LYS E 105 65.44 18.29 -61.92
CA LYS E 105 65.90 18.66 -60.59
C LYS E 105 66.44 20.08 -60.55
N ASP E 106 67.00 20.56 -61.66
CA ASP E 106 67.44 21.94 -61.72
C ASP E 106 66.28 22.90 -61.94
N GLU E 107 65.20 22.42 -62.56
CA GLU E 107 64.02 23.26 -62.75
C GLU E 107 63.29 23.50 -61.43
N LEU E 108 63.36 22.54 -60.52
CA LEU E 108 62.50 22.56 -59.35
C LEU E 108 62.95 23.61 -58.34
N LEU E 109 64.27 23.76 -58.17
CA LEU E 109 64.77 24.81 -57.29
C LEU E 109 64.52 26.20 -57.86
N GLU E 110 64.59 26.31 -59.20
CA GLU E 110 64.22 27.55 -59.87
C GLU E 110 62.75 27.87 -59.68
N ASP E 111 61.90 26.85 -59.61
CA ASP E 111 60.48 27.05 -59.38
C ASP E 111 60.19 27.45 -57.94
N PHE E 112 61.04 27.08 -56.99
CA PHE E 112 60.93 27.64 -55.66
C PHE E 112 61.58 29.01 -55.56
N GLU E 113 62.53 29.31 -56.43
CA GLU E 113 63.03 30.67 -56.59
C GLU E 113 62.04 31.54 -57.35
N PHE E 114 61.13 30.90 -58.09
CA PHE E 114 60.12 31.60 -58.88
C PHE E 114 59.14 32.35 -57.99
N ALA E 115 58.55 31.68 -57.01
CA ALA E 115 57.58 32.33 -56.14
C ALA E 115 58.26 32.94 -54.93
N PRO E 116 57.73 34.06 -54.42
CA PRO E 116 58.31 34.66 -53.20
C PRO E 116 58.04 33.84 -51.95
N GLU E 117 57.01 33.01 -51.96
CA GLU E 117 56.67 32.17 -50.83
C GLU E 117 56.38 30.76 -51.33
N THR E 118 56.71 29.76 -50.50
CA THR E 118 56.45 28.37 -50.84
C THR E 118 54.98 28.07 -51.01
N ALA E 119 54.10 28.87 -50.41
CA ALA E 119 52.66 28.74 -50.55
C ALA E 119 52.13 29.33 -51.84
N GLN E 120 53.01 29.78 -52.75
CA GLN E 120 52.59 30.20 -54.08
C GLN E 120 53.42 29.55 -55.17
N SER E 121 54.15 28.48 -54.87
CA SER E 121 55.04 27.86 -55.83
C SER E 121 54.26 27.06 -56.86
N GLY E 122 54.99 26.53 -57.85
CA GLY E 122 54.37 25.67 -58.83
C GLY E 122 54.28 24.23 -58.39
N LEU E 123 55.19 23.79 -57.53
CA LEU E 123 55.08 22.45 -56.97
C LEU E 123 54.02 22.40 -55.87
N TYR E 124 53.80 23.53 -55.19
CA TYR E 124 52.73 23.65 -54.22
C TYR E 124 51.36 23.51 -54.86
N LYS E 125 51.26 23.84 -56.15
CA LYS E 125 49.99 23.66 -56.85
C LYS E 125 49.68 22.19 -57.07
N HIS E 126 50.70 21.37 -57.34
CA HIS E 126 50.45 19.97 -57.65
C HIS E 126 50.45 19.07 -56.42
N VAL E 127 51.13 19.48 -55.35
CA VAL E 127 51.14 18.67 -54.13
C VAL E 127 49.95 19.01 -53.26
N TYR E 128 49.71 20.30 -53.03
CA TYR E 128 48.67 20.73 -52.10
C TYR E 128 47.34 20.97 -52.80
N SER E 129 47.31 21.91 -53.74
CA SER E 129 46.02 22.45 -54.17
C SER E 129 45.31 21.58 -55.19
N ALA E 130 46.03 20.91 -56.08
CA ALA E 130 45.36 20.02 -57.01
C ALA E 130 44.97 18.71 -56.38
N GLY E 131 45.53 18.39 -55.21
CA GLY E 131 45.24 17.18 -54.50
C GLY E 131 44.50 17.47 -53.21
N TYR E 132 45.29 17.61 -52.15
CA TYR E 132 44.78 17.75 -50.79
C TYR E 132 43.91 18.99 -50.62
N GLY E 133 44.37 20.15 -51.09
CA GLY E 133 43.59 21.36 -50.96
C GLY E 133 42.55 21.51 -52.04
N GLN E 134 41.61 20.58 -52.10
CA GLN E 134 40.64 20.51 -53.18
C GLN E 134 39.41 19.80 -52.66
N PHE E 135 38.23 20.35 -52.96
CA PHE E 135 37.00 19.70 -52.56
C PHE E 135 36.79 18.43 -53.34
N GLY E 136 36.82 17.29 -52.64
CA GLY E 136 36.63 16.00 -53.25
C GLY E 136 37.86 15.38 -53.86
N GLY E 137 38.92 16.14 -54.05
CA GLY E 137 40.13 15.59 -54.65
C GLY E 137 40.87 14.70 -53.69
N GLU E 138 41.49 13.67 -54.25
CA GLU E 138 42.25 12.72 -53.44
C GLU E 138 43.55 13.36 -52.96
N PRO E 139 43.89 13.23 -51.68
CA PRO E 139 45.04 13.94 -51.14
C PRO E 139 46.31 13.12 -51.30
N VAL E 140 47.44 13.79 -51.13
CA VAL E 140 48.76 13.25 -51.46
C VAL E 140 49.36 12.60 -50.22
N GLY E 141 49.72 11.32 -50.35
CA GLY E 141 50.34 10.60 -49.26
C GLY E 141 51.82 10.90 -49.11
N ALA E 142 52.58 10.77 -50.19
CA ALA E 142 54.02 11.00 -50.12
C ALA E 142 54.53 11.44 -51.48
N ILE E 143 55.70 12.08 -51.48
CA ILE E 143 56.34 12.55 -52.70
C ILE E 143 57.61 11.74 -52.92
N ILE E 144 57.63 10.96 -53.98
CA ILE E 144 58.82 10.22 -54.37
C ILE E 144 59.76 11.17 -55.10
N GLY E 145 60.93 11.39 -54.52
CA GLY E 145 61.94 12.18 -55.18
C GLY E 145 62.92 11.31 -55.94
N ASN E 146 62.89 11.40 -57.27
CA ASN E 146 63.74 10.57 -58.12
C ASN E 146 65.08 11.28 -58.37
N TYR E 147 65.72 11.68 -57.28
CA TYR E 147 66.82 12.63 -57.32
C TYR E 147 68.07 11.99 -56.74
N ALA E 148 69.19 12.71 -56.88
CA ALA E 148 70.47 12.31 -56.31
C ALA E 148 71.02 13.53 -55.58
N PHE E 149 70.84 13.57 -54.28
CA PHE E 149 71.13 14.78 -53.52
C PHE E 149 72.58 14.89 -53.14
N THR E 150 73.14 16.06 -53.33
CA THR E 150 74.42 16.51 -52.86
C THR E 150 74.24 17.27 -51.56
N PRO E 151 75.31 17.51 -50.80
CA PRO E 151 75.16 18.38 -49.63
C PRO E 151 75.41 19.85 -49.93
N SER E 152 75.39 20.24 -51.20
CA SER E 152 75.69 21.60 -51.59
C SER E 152 74.49 22.51 -51.34
N THR E 153 74.70 23.80 -51.51
CA THR E 153 73.68 24.83 -51.33
C THR E 153 72.50 24.72 -52.31
N PRO E 154 72.66 24.38 -53.61
CA PRO E 154 71.45 24.16 -54.41
C PRO E 154 70.69 22.86 -54.10
N ASP E 155 71.13 22.05 -53.14
CA ASP E 155 70.36 20.90 -52.70
C ASP E 155 69.98 20.94 -51.23
N MET E 156 70.53 21.86 -50.45
CA MET E 156 69.99 22.14 -49.13
C MET E 156 69.00 23.29 -49.15
N LYS E 157 68.99 24.08 -50.22
CA LYS E 157 67.93 25.06 -50.40
C LYS E 157 66.67 24.40 -50.92
N LEU E 158 66.81 23.32 -51.69
CA LEU E 158 65.64 22.59 -52.16
C LEU E 158 64.94 21.88 -51.01
N LEU E 159 65.70 21.19 -50.17
CA LEU E 159 65.10 20.44 -49.07
C LEU E 159 64.55 21.34 -47.99
N GLN E 160 65.08 22.55 -47.85
CA GLN E 160 64.44 23.52 -46.97
C GLN E 160 63.09 23.95 -47.52
N TYR E 161 62.96 23.98 -48.84
CA TYR E 161 61.71 24.29 -49.50
C TYR E 161 60.89 23.05 -49.80
N MET E 162 61.36 21.87 -49.43
CA MET E 162 60.52 20.68 -49.47
C MET E 162 60.06 20.24 -48.09
N GLY E 163 60.81 20.59 -47.05
CA GLY E 163 60.31 20.38 -45.71
C GLY E 163 59.17 21.32 -45.37
N ALA E 164 59.22 22.55 -45.90
CA ALA E 164 58.12 23.48 -45.69
C ALA E 164 56.92 23.11 -46.56
N LEU E 165 57.16 22.52 -47.73
CA LEU E 165 56.05 22.01 -48.52
C LEU E 165 55.46 20.75 -47.90
N GLY E 166 56.29 19.90 -47.33
CA GLY E 166 55.80 18.70 -46.68
C GLY E 166 55.06 18.96 -45.37
N ALA E 167 55.30 20.12 -44.76
CA ALA E 167 54.58 20.48 -43.55
C ALA E 167 53.27 21.17 -43.84
N MET E 168 53.01 21.53 -45.10
CA MET E 168 51.74 22.14 -45.43
C MET E 168 50.74 21.13 -45.96
N ALA E 169 51.17 20.18 -46.79
CA ALA E 169 50.29 19.19 -47.36
C ALA E 169 50.31 17.87 -46.59
N HIS E 170 51.05 17.81 -45.48
CA HIS E 170 51.17 16.64 -44.61
C HIS E 170 51.64 15.40 -45.37
N ALA E 171 52.68 15.58 -46.16
CA ALA E 171 53.18 14.45 -46.95
C ALA E 171 54.70 14.50 -46.95
N PRO E 172 55.37 13.47 -46.44
CA PRO E 172 56.83 13.51 -46.41
C PRO E 172 57.42 13.29 -47.79
N PHE E 173 58.51 14.01 -48.05
CA PHE E 173 59.22 13.93 -49.32
C PHE E 173 60.34 12.91 -49.20
N ILE E 174 60.19 11.78 -49.87
CA ILE E 174 61.20 10.72 -49.84
C ILE E 174 62.02 10.76 -51.12
N SER E 175 63.34 10.78 -50.95
CA SER E 175 64.30 10.82 -52.05
C SER E 175 65.54 10.11 -51.57
N SER E 176 66.66 10.30 -52.27
CA SER E 176 67.88 9.60 -51.87
C SER E 176 69.08 10.53 -51.97
N VAL E 177 70.08 10.21 -51.16
CA VAL E 177 71.36 10.88 -51.22
C VAL E 177 72.24 10.10 -52.19
N GLY E 178 73.26 10.77 -52.71
CA GLY E 178 74.14 10.16 -53.68
C GLY E 178 75.41 9.63 -53.05
N PRO E 179 76.28 9.05 -53.87
CA PRO E 179 77.62 8.69 -53.38
C PRO E 179 78.40 9.89 -52.91
N GLU E 180 78.34 10.99 -53.67
CA GLU E 180 79.06 12.21 -53.34
C GLU E 180 78.52 12.91 -52.10
N PHE E 181 77.36 12.49 -51.60
CA PHE E 181 76.86 13.01 -50.34
C PHE E 181 77.76 12.58 -49.18
N PHE E 182 78.20 11.33 -49.20
CA PHE E 182 79.10 10.86 -48.17
C PHE E 182 80.54 11.23 -48.44
N GLY E 183 80.85 11.73 -49.63
CA GLY E 183 82.21 12.13 -49.96
C GLY E 183 83.10 10.96 -50.34
N ILE E 184 82.60 10.07 -51.19
CA ILE E 184 83.38 8.91 -51.61
C ILE E 184 83.54 8.82 -53.12
N ASP E 185 82.67 9.46 -53.92
CA ASP E 185 82.76 9.62 -55.38
C ASP E 185 82.69 8.32 -56.18
N SER E 186 82.51 7.19 -55.48
CA SER E 186 82.38 5.86 -56.05
C SER E 186 81.81 5.01 -54.92
N PHE E 187 80.71 4.30 -55.16
CA PHE E 187 79.85 3.97 -54.04
C PHE E 187 80.29 2.74 -53.27
N GLU E 188 80.95 1.77 -53.90
CA GLU E 188 81.20 0.49 -53.25
C GLU E 188 82.26 0.55 -52.15
N GLU E 189 82.79 1.72 -51.82
CA GLU E 189 83.69 1.89 -50.68
C GLU E 189 82.97 2.46 -49.47
N LEU E 190 81.70 2.17 -49.30
CA LEU E 190 80.98 2.65 -48.13
C LEU E 190 81.26 1.87 -46.84
N PRO E 191 81.35 0.52 -46.81
CA PRO E 191 81.73 -0.13 -45.54
C PRO E 191 83.17 0.13 -45.13
N ASN E 192 84.01 0.68 -46.00
CA ASN E 192 85.36 1.04 -45.62
C ASN E 192 85.37 2.24 -44.68
N ILE E 193 84.27 3.00 -44.61
CA ILE E 193 84.17 4.13 -43.69
C ILE E 193 84.17 3.60 -42.26
N LYS E 194 85.18 3.99 -41.49
CA LYS E 194 85.34 3.48 -40.15
C LYS E 194 84.75 4.38 -39.08
N ASP E 195 84.38 5.61 -39.43
CA ASP E 195 83.72 6.50 -38.48
C ASP E 195 82.86 7.46 -39.31
N LEU E 196 81.56 7.19 -39.36
CA LEU E 196 80.63 8.00 -40.12
C LEU E 196 79.99 9.10 -39.29
N LYS E 197 80.11 9.01 -37.95
CA LYS E 197 79.62 10.08 -37.10
C LYS E 197 80.46 11.33 -37.23
N SER E 198 81.78 11.18 -37.36
CA SER E 198 82.66 12.34 -37.50
C SER E 198 82.60 12.94 -38.88
N THR E 199 82.15 12.18 -39.88
CA THR E 199 82.04 12.72 -41.23
C THR E 199 80.93 13.76 -41.30
N PHE E 200 79.85 13.56 -40.56
CA PHE E 200 78.71 14.47 -40.60
C PHE E 200 78.91 15.71 -39.73
N GLU E 201 79.95 15.75 -38.89
CA GLU E 201 80.28 16.92 -38.08
C GLU E 201 81.41 17.72 -38.69
N SER E 202 81.45 17.81 -40.04
CA SER E 202 82.34 18.54 -40.93
C SER E 202 81.72 19.88 -41.31
N PRO E 203 82.53 20.92 -41.53
CA PRO E 203 81.97 22.22 -41.93
C PRO E 203 81.42 22.27 -43.35
N LYS E 204 81.57 21.21 -44.14
CA LYS E 204 80.87 21.15 -45.42
C LYS E 204 79.37 20.96 -45.22
N TYR E 205 78.98 20.39 -44.09
CA TYR E 205 77.58 20.04 -43.80
C TYR E 205 76.94 21.02 -42.84
N THR E 206 77.25 22.32 -42.94
CA THR E 206 76.60 23.28 -42.07
C THR E 206 75.17 23.52 -42.53
N LYS E 207 74.91 23.41 -43.82
CA LYS E 207 73.55 23.46 -44.35
C LYS E 207 72.82 22.13 -44.25
N TRP E 208 73.47 21.09 -43.71
CA TRP E 208 72.82 19.83 -43.40
C TRP E 208 72.44 19.74 -41.93
N ARG E 209 73.37 20.07 -41.03
CA ARG E 209 73.09 20.03 -39.60
C ARG E 209 72.16 21.14 -39.15
N SER E 210 72.00 22.18 -39.97
CA SER E 210 70.96 23.16 -39.70
C SER E 210 69.63 22.78 -40.32
N LEU E 211 69.65 21.93 -41.36
CA LEU E 211 68.40 21.37 -41.87
C LEU E 211 67.81 20.38 -40.90
N ARG E 212 68.67 19.58 -40.24
CA ARG E 212 68.19 18.54 -39.35
C ARG E 212 67.54 19.12 -38.09
N GLU E 213 68.08 20.22 -37.58
CA GLU E 213 67.50 20.83 -36.39
C GLU E 213 66.17 21.51 -36.65
N SER E 214 65.83 21.77 -37.90
CA SER E 214 64.65 22.55 -38.23
C SER E 214 63.38 21.75 -37.94
N GLU E 215 62.28 22.49 -37.76
CA GLU E 215 61.03 21.88 -37.35
C GLU E 215 60.34 21.17 -38.50
N ASP E 216 60.36 21.76 -39.68
CA ASP E 216 59.68 21.16 -40.83
C ASP E 216 60.50 20.08 -41.52
N ALA E 217 61.64 19.69 -40.96
CA ALA E 217 62.42 18.57 -41.49
C ALA E 217 61.80 17.23 -41.17
N ARG E 218 60.75 17.22 -40.35
CA ARG E 218 60.04 16.01 -39.98
C ARG E 218 59.43 15.30 -41.17
N TYR E 219 59.13 16.06 -42.23
CA TYR E 219 58.52 15.53 -43.44
C TYR E 219 59.54 15.31 -44.55
N LEU E 220 60.74 14.87 -44.18
CA LEU E 220 61.80 14.62 -45.14
C LEU E 220 62.55 13.36 -44.75
N GLY E 221 62.35 12.29 -45.49
CA GLY E 221 63.17 11.09 -45.38
C GLY E 221 64.05 10.98 -46.59
N LEU E 222 65.31 10.58 -46.39
CA LEU E 222 66.24 10.37 -47.48
C LEU E 222 66.74 8.95 -47.44
N THR E 223 66.57 8.24 -48.55
CA THR E 223 66.57 6.78 -48.54
C THR E 223 67.98 6.22 -48.79
N ALA E 224 68.01 4.95 -49.16
CA ALA E 224 69.02 3.91 -49.22
C ALA E 224 70.17 4.17 -50.20
N PRO E 225 71.15 3.26 -50.31
CA PRO E 225 72.12 3.37 -51.41
C PRO E 225 71.56 3.46 -52.83
N ARG E 226 71.07 2.36 -53.39
CA ARG E 226 70.53 2.18 -54.74
C ARG E 226 70.12 0.71 -54.81
N PHE E 227 69.44 0.35 -55.90
CA PHE E 227 69.08 -1.04 -56.07
C PHE E 227 69.01 -1.37 -57.55
N LEU E 228 69.14 -2.66 -57.86
CA LEU E 228 69.25 -3.14 -59.23
C LEU E 228 67.86 -3.30 -59.84
N LEU E 229 67.77 -3.02 -61.15
CA LEU E 229 66.52 -3.10 -61.89
C LEU E 229 66.50 -4.20 -62.94
N ARG E 230 67.52 -4.26 -63.79
CA ARG E 230 67.50 -5.13 -64.95
C ARG E 230 68.64 -6.14 -64.86
N VAL E 231 68.29 -7.42 -64.91
CA VAL E 231 69.29 -8.46 -65.12
C VAL E 231 69.86 -8.32 -66.52
N PRO E 232 71.18 -8.29 -66.69
CA PRO E 232 71.75 -8.28 -68.04
C PRO E 232 71.43 -9.55 -68.79
N TYR E 233 71.14 -9.41 -70.08
CA TYR E 233 70.53 -10.46 -70.87
C TYR E 233 71.53 -11.57 -71.18
N ASP E 234 71.00 -12.71 -71.62
CA ASP E 234 71.79 -13.91 -71.81
C ASP E 234 71.08 -14.78 -72.82
N PRO E 235 71.80 -15.45 -73.74
CA PRO E 235 71.11 -16.29 -74.73
C PRO E 235 70.51 -17.57 -74.18
N ILE E 236 70.70 -17.89 -72.90
CA ILE E 236 70.11 -19.06 -72.27
C ILE E 236 69.10 -18.65 -71.19
N GLU E 237 69.47 -17.72 -70.31
CA GLU E 237 68.62 -17.37 -69.18
C GLU E 237 67.47 -16.46 -69.59
N ASN E 238 67.78 -15.27 -70.09
CA ASN E 238 66.78 -14.28 -70.49
C ASN E 238 67.04 -13.91 -71.94
N PRO E 239 66.56 -14.71 -72.89
CA PRO E 239 66.90 -14.48 -74.29
C PRO E 239 66.08 -13.36 -74.90
N VAL E 240 66.47 -12.97 -76.11
CA VAL E 240 65.72 -12.02 -76.91
C VAL E 240 65.29 -12.71 -78.20
N LYS E 241 64.27 -12.13 -78.83
CA LYS E 241 63.59 -12.77 -79.96
C LYS E 241 64.47 -12.71 -81.21
N SER E 242 64.76 -13.88 -81.78
CA SER E 242 65.50 -14.06 -83.03
C SER E 242 66.91 -13.46 -82.97
N PHE E 243 67.51 -13.47 -81.78
CA PHE E 243 68.85 -12.92 -81.58
C PHE E 243 69.42 -13.52 -80.30
N ASN E 244 70.74 -13.59 -80.23
CA ASN E 244 71.44 -14.03 -79.03
C ASN E 244 72.26 -12.86 -78.51
N TYR E 245 71.89 -12.34 -77.35
CA TYR E 245 72.46 -11.11 -76.81
C TYR E 245 73.10 -11.41 -75.45
N ALA E 246 74.42 -11.41 -75.40
CA ALA E 246 75.17 -11.53 -74.16
C ALA E 246 75.70 -10.15 -73.81
N GLU E 247 75.08 -9.52 -72.81
CA GLU E 247 75.43 -8.16 -72.42
C GLU E 247 76.72 -8.21 -71.61
N ASN E 248 77.83 -7.85 -72.24
CA ASN E 248 79.14 -7.91 -71.61
C ASN E 248 79.27 -6.78 -70.60
N VAL E 249 78.99 -7.09 -69.33
CA VAL E 249 79.10 -6.11 -68.26
C VAL E 249 80.54 -6.09 -67.78
N SER E 250 81.18 -4.93 -67.84
CA SER E 250 82.59 -4.78 -67.50
C SER E 250 82.76 -4.70 -65.99
N ALA E 251 83.99 -4.37 -65.56
CA ALA E 251 84.26 -4.23 -64.14
C ALA E 251 83.65 -2.96 -63.55
N SER E 252 83.28 -2.01 -64.38
CA SER E 252 82.54 -0.84 -63.91
C SER E 252 81.12 -1.24 -63.59
N HIS E 253 80.72 -1.11 -62.33
CA HIS E 253 79.37 -1.44 -61.91
C HIS E 253 78.39 -0.30 -62.12
N GLU E 254 78.77 0.72 -62.88
CA GLU E 254 77.83 1.76 -63.28
C GLU E 254 77.01 1.36 -64.50
N HIS E 255 77.38 0.27 -65.18
CA HIS E 255 76.65 -0.14 -66.36
C HIS E 255 75.41 -0.94 -66.04
N TYR E 256 75.32 -1.53 -64.84
CA TYR E 256 74.06 -2.09 -64.38
C TYR E 256 73.02 -1.00 -64.25
N LEU E 257 71.77 -1.35 -64.54
CA LEU E 257 70.68 -0.39 -64.47
C LEU E 257 70.32 -0.17 -63.01
N TRP E 258 71.04 0.73 -62.37
CA TRP E 258 70.80 0.99 -60.96
C TRP E 258 69.67 2.01 -60.81
N GLY E 259 68.61 1.62 -60.11
CA GLY E 259 67.47 2.49 -59.90
C GLY E 259 67.66 3.40 -58.70
N ASN E 260 66.59 4.14 -58.41
CA ASN E 260 66.55 5.03 -57.24
C ASN E 260 65.64 4.42 -56.19
N THR E 261 66.11 4.38 -54.94
CA THR E 261 65.42 3.60 -53.92
C THR E 261 64.22 4.34 -53.32
N ALA E 262 63.97 5.59 -53.72
CA ALA E 262 62.71 6.23 -53.38
C ALA E 262 61.55 5.53 -54.05
N PHE E 263 61.78 4.88 -55.19
CA PHE E 263 60.84 3.92 -55.73
C PHE E 263 60.61 2.76 -54.77
N ALA E 264 61.70 2.15 -54.31
CA ALA E 264 61.60 0.91 -53.54
C ALA E 264 61.13 1.13 -52.11
N PHE E 265 61.38 2.31 -51.53
CA PHE E 265 60.86 2.57 -50.20
C PHE E 265 59.39 2.93 -50.23
N ALA E 266 58.94 3.59 -51.29
CA ALA E 266 57.51 3.83 -51.46
C ALA E 266 56.76 2.59 -51.89
N THR E 267 57.45 1.54 -52.31
CA THR E 267 56.80 0.25 -52.49
C THR E 267 56.29 -0.28 -51.16
N ARG E 268 57.04 -0.04 -50.08
CA ARG E 268 56.63 -0.49 -48.76
C ARG E 268 55.64 0.44 -48.09
N LEU E 269 55.56 1.71 -48.50
CA LEU E 269 54.47 2.57 -48.07
C LEU E 269 53.14 2.09 -48.63
N THR E 270 53.16 1.55 -49.84
CA THR E 270 51.92 1.22 -50.50
C THR E 270 51.53 -0.23 -50.28
N ASP E 271 52.50 -1.14 -50.22
CA ASP E 271 52.17 -2.52 -49.88
C ASP E 271 51.82 -2.70 -48.41
N SER E 272 52.11 -1.71 -47.57
CA SER E 272 51.51 -1.69 -46.24
C SER E 272 50.10 -1.13 -46.28
N PHE E 273 49.82 -0.21 -47.19
CA PHE E 273 48.47 0.35 -47.27
C PHE E 273 47.51 -0.61 -47.96
N ALA E 274 48.01 -1.46 -48.86
CA ALA E 274 47.12 -2.37 -49.56
C ALA E 274 46.69 -3.54 -48.69
N LYS E 275 47.29 -3.71 -47.53
CA LYS E 275 46.96 -4.81 -46.62
C LYS E 275 46.18 -4.36 -45.41
N TYR E 276 46.57 -3.25 -44.77
CA TYR E 276 45.98 -2.83 -43.52
C TYR E 276 45.28 -1.48 -43.60
N ARG E 277 45.32 -0.80 -44.75
CA ARG E 277 44.77 0.54 -44.99
C ARG E 277 45.35 1.59 -44.04
N TRP E 278 46.59 1.37 -43.62
CA TRP E 278 47.39 2.36 -42.90
C TRP E 278 48.82 2.17 -43.35
N CYS E 279 49.72 2.95 -42.77
CA CYS E 279 51.16 2.77 -43.01
C CYS E 279 52.00 3.15 -41.80
N PRO E 280 52.03 2.33 -40.75
CA PRO E 280 53.22 2.33 -39.90
C PRO E 280 54.15 1.17 -40.20
N ASN E 281 53.71 0.25 -41.06
CA ASN E 281 54.39 -1.04 -41.24
C ASN E 281 55.37 -0.93 -42.39
N ILE E 282 56.53 -0.33 -42.11
CA ILE E 282 57.56 -0.16 -43.13
C ILE E 282 58.95 -0.53 -42.66
N ILE E 283 59.11 -1.04 -41.44
CA ILE E 283 60.45 -1.26 -40.91
C ILE E 283 60.71 -2.71 -40.53
N GLY E 284 60.04 -3.67 -41.15
CA GLY E 284 60.19 -5.05 -40.77
C GLY E 284 60.67 -5.99 -41.85
N PRO E 285 61.75 -6.73 -41.57
CA PRO E 285 62.15 -7.81 -42.48
C PRO E 285 61.15 -8.94 -42.56
N GLN E 286 60.34 -9.12 -41.52
CA GLN E 286 59.18 -10.00 -41.59
C GLN E 286 57.90 -9.25 -41.24
N SER E 287 57.93 -7.92 -41.31
CA SER E 287 56.77 -7.14 -40.89
C SER E 287 56.52 -5.94 -41.78
N GLY E 288 56.90 -6.03 -43.05
CA GLY E 288 56.53 -5.04 -44.03
C GLY E 288 57.59 -4.03 -44.43
N GLY E 289 58.87 -4.32 -44.22
CA GLY E 289 59.90 -3.46 -44.72
C GLY E 289 60.88 -4.25 -45.56
N ALA E 290 60.42 -5.38 -46.09
CA ALA E 290 61.26 -6.31 -46.83
C ALA E 290 61.04 -6.12 -48.32
N VAL E 291 61.99 -5.46 -48.99
CA VAL E 291 61.95 -5.32 -50.44
C VAL E 291 62.35 -6.66 -51.03
N GLU E 292 61.37 -7.44 -51.47
CA GLU E 292 61.63 -8.76 -52.00
C GLU E 292 61.72 -8.71 -53.52
N ASP E 293 62.12 -9.85 -54.09
CA ASP E 293 62.21 -10.08 -55.54
C ASP E 293 63.15 -9.09 -56.22
N LEU E 294 64.33 -8.96 -55.66
CA LEU E 294 65.33 -8.13 -56.32
C LEU E 294 65.98 -8.90 -57.48
N PRO E 295 66.45 -8.19 -58.49
CA PRO E 295 67.23 -8.86 -59.54
C PRO E 295 68.61 -9.28 -59.05
N VAL E 296 69.02 -10.48 -59.42
CA VAL E 296 70.35 -10.97 -59.11
C VAL E 296 71.05 -11.33 -60.41
N HIS E 297 72.38 -11.30 -60.37
CA HIS E 297 73.20 -11.58 -61.54
C HIS E 297 74.37 -12.45 -61.09
N VAL E 298 74.23 -13.77 -61.27
CA VAL E 298 75.27 -14.71 -60.90
C VAL E 298 76.35 -14.66 -61.96
N PHE E 299 77.53 -14.18 -61.60
CA PHE E 299 78.66 -14.16 -62.50
C PHE E 299 79.85 -14.86 -61.86
N GLU E 300 80.91 -15.03 -62.66
CA GLU E 300 82.10 -15.72 -62.20
C GLU E 300 83.07 -14.73 -61.58
N SER E 301 83.40 -14.96 -60.31
CA SER E 301 84.40 -14.15 -59.62
C SER E 301 85.79 -14.75 -59.87
N MET E 302 86.77 -14.34 -59.06
CA MET E 302 88.13 -14.86 -59.16
C MET E 302 88.17 -16.28 -58.59
N GLY E 303 87.65 -17.22 -59.39
CA GLY E 303 87.63 -18.62 -59.03
C GLY E 303 86.26 -19.16 -58.62
N ALA E 304 85.53 -18.39 -57.84
CA ALA E 304 84.26 -18.85 -57.27
C ALA E 304 83.09 -18.37 -58.12
N LEU E 305 81.90 -18.83 -57.74
CA LEU E 305 80.65 -18.44 -58.39
C LEU E 305 79.85 -17.63 -57.37
N GLN E 306 79.87 -16.32 -57.51
CA GLN E 306 79.17 -15.44 -56.60
C GLN E 306 78.04 -14.73 -57.33
N SER E 307 77.31 -13.90 -56.59
CA SER E 307 76.21 -13.13 -57.13
C SER E 307 76.49 -11.65 -56.95
N LYS E 308 76.10 -10.84 -57.93
CA LYS E 308 76.18 -9.41 -57.80
C LYS E 308 75.17 -8.92 -56.78
N ILE E 309 75.62 -8.11 -55.84
CA ILE E 309 74.76 -7.65 -54.75
C ILE E 309 73.73 -6.65 -55.30
N PRO E 310 72.44 -6.88 -55.07
CA PRO E 310 71.42 -6.01 -55.68
C PRO E 310 71.38 -4.61 -55.12
N THR E 311 71.86 -4.38 -53.90
CA THR E 311 72.22 -3.04 -53.46
C THR E 311 73.73 -2.95 -53.51
N GLU E 312 74.25 -1.76 -53.81
CA GLU E 312 75.65 -1.67 -54.23
C GLU E 312 76.64 -1.88 -53.10
N VAL E 313 76.21 -1.80 -51.86
CA VAL E 313 77.07 -2.14 -50.73
C VAL E 313 76.30 -3.11 -49.83
N LEU E 314 77.06 -3.86 -49.04
CA LEU E 314 76.49 -4.70 -47.98
C LEU E 314 76.55 -3.87 -46.70
N ILE E 315 75.40 -3.31 -46.33
CA ILE E 315 75.32 -2.48 -45.14
C ILE E 315 75.33 -3.38 -43.92
N THR E 316 76.31 -3.19 -43.04
CA THR E 316 76.36 -3.98 -41.82
C THR E 316 75.32 -3.46 -40.83
N ASP E 317 75.22 -4.14 -39.69
CA ASP E 317 74.24 -3.71 -38.71
C ASP E 317 74.71 -2.48 -37.93
N ARG E 318 76.02 -2.34 -37.73
CA ARG E 318 76.53 -1.14 -37.06
C ARG E 318 76.49 0.06 -37.98
N LYS E 319 76.76 -0.15 -39.27
CA LYS E 319 76.68 0.93 -40.25
C LYS E 319 75.24 1.41 -40.41
N GLU E 320 74.28 0.48 -40.33
CA GLU E 320 72.89 0.88 -40.49
C GLU E 320 72.38 1.57 -39.24
N PHE E 321 72.84 1.15 -38.06
CA PHE E 321 72.45 1.85 -36.84
C PHE E 321 73.09 3.22 -36.77
N GLU E 322 74.28 3.39 -37.36
CA GLU E 322 74.89 4.72 -37.38
C GLU E 322 74.21 5.60 -38.42
N LEU E 323 73.67 5.02 -39.48
CA LEU E 323 72.82 5.76 -40.40
C LEU E 323 71.45 6.05 -39.79
N ALA E 324 70.98 5.20 -38.89
CA ALA E 324 69.68 5.41 -38.28
C ALA E 324 69.72 6.58 -37.30
N GLU E 325 70.83 6.74 -36.58
CA GLU E 325 70.96 7.86 -35.67
C GLU E 325 71.16 9.17 -36.42
N GLU E 326 71.78 9.11 -37.60
CA GLU E 326 72.06 10.30 -38.40
C GLU E 326 70.99 10.58 -39.45
N GLY E 327 69.83 9.96 -39.34
CA GLY E 327 68.70 10.30 -40.18
C GLY E 327 68.77 9.78 -41.60
N PHE E 328 68.79 8.46 -41.76
CA PHE E 328 68.81 7.85 -43.08
C PHE E 328 68.00 6.57 -43.06
N ILE E 329 67.33 6.29 -44.16
CA ILE E 329 66.54 5.08 -44.31
C ILE E 329 67.39 4.13 -45.14
N ALA E 330 68.20 3.32 -44.48
CA ALA E 330 69.12 2.44 -45.18
C ALA E 330 68.47 1.11 -45.48
N LEU E 331 68.97 0.44 -46.51
CA LEU E 331 68.45 -0.84 -46.98
C LEU E 331 69.56 -1.89 -46.91
N THR E 332 69.58 -2.66 -45.83
CA THR E 332 70.49 -3.78 -45.75
C THR E 332 69.99 -4.90 -46.64
N MET E 333 70.92 -5.60 -47.29
CA MET E 333 70.58 -6.62 -48.26
C MET E 333 70.84 -7.98 -47.64
N ARG E 334 69.92 -8.92 -47.88
CA ARG E 334 70.06 -10.27 -47.34
C ARG E 334 71.13 -11.00 -48.13
N LYS E 335 72.34 -11.04 -47.58
CA LYS E 335 73.54 -11.47 -48.31
C LYS E 335 73.45 -12.92 -48.76
N GLY E 336 73.32 -13.10 -50.08
CA GLY E 336 73.21 -14.43 -50.65
C GLY E 336 71.88 -14.73 -51.28
N SER E 337 70.97 -13.77 -51.35
CA SER E 337 69.67 -14.03 -51.94
C SER E 337 69.18 -12.74 -52.60
N ASP E 338 67.91 -12.72 -52.96
CA ASP E 338 67.29 -11.63 -53.69
C ASP E 338 66.33 -10.83 -52.82
N ASN E 339 66.66 -10.66 -51.55
CA ASN E 339 65.81 -9.94 -50.62
C ASN E 339 66.61 -8.84 -49.95
N ALA E 340 65.89 -7.90 -49.34
CA ALA E 340 66.50 -6.82 -48.60
C ALA E 340 65.55 -6.46 -47.48
N ALA E 341 65.91 -5.46 -46.68
CA ALA E 341 65.09 -5.11 -45.54
C ALA E 341 65.39 -3.69 -45.11
N PHE E 342 64.35 -2.97 -44.71
CA PHE E 342 64.52 -1.74 -43.94
C PHE E 342 64.41 -2.09 -42.47
N PHE E 343 65.05 -1.30 -41.63
CA PHE E 343 65.01 -1.52 -40.20
C PHE E 343 64.53 -0.31 -39.40
N SER E 344 64.68 0.89 -39.93
CA SER E 344 64.30 2.10 -39.21
C SER E 344 64.06 3.18 -40.24
N ALA E 345 62.87 3.77 -40.24
CA ALA E 345 62.50 4.75 -41.24
C ALA E 345 62.65 6.18 -40.73
N ASN E 346 63.67 6.44 -39.92
CA ASN E 346 63.83 7.73 -39.25
C ASN E 346 64.03 8.87 -40.25
N SER E 347 63.25 9.93 -40.07
CA SER E 347 63.43 11.13 -40.87
C SER E 347 64.68 11.87 -40.40
N ILE E 348 65.04 12.91 -41.15
CA ILE E 348 66.31 13.59 -40.89
C ILE E 348 66.28 14.49 -39.67
N GLN E 349 65.14 14.59 -38.97
CA GLN E 349 65.05 15.50 -37.85
C GLN E 349 65.82 14.95 -36.66
N LYS E 350 66.43 15.85 -35.89
CA LYS E 350 67.20 15.36 -34.75
C LYS E 350 66.38 15.44 -33.47
N PRO E 351 66.47 14.44 -32.61
CA PRO E 351 65.79 14.51 -31.32
C PRO E 351 66.43 15.56 -30.44
N LYS E 352 65.72 16.64 -30.18
CA LYS E 352 66.29 17.77 -29.45
C LYS E 352 66.42 17.43 -27.98
N VAL E 353 67.62 17.66 -27.43
CA VAL E 353 67.86 17.37 -26.03
C VAL E 353 67.19 18.44 -25.18
N PHE E 354 66.29 18.05 -24.38
CA PHE E 354 65.53 18.86 -23.46
C PHE E 354 66.15 18.77 -22.06
N PRO E 355 66.02 19.81 -21.23
CA PRO E 355 66.67 19.79 -19.92
C PRO E 355 66.05 18.77 -18.97
N ASN E 356 66.81 18.43 -17.94
CA ASN E 356 66.48 17.30 -17.08
C ASN E 356 65.45 17.63 -16.01
N THR E 357 64.31 18.17 -16.42
CA THR E 357 63.21 18.38 -15.50
C THR E 357 62.27 17.17 -15.57
N LYS E 358 61.12 17.27 -14.92
CA LYS E 358 60.11 16.22 -15.04
C LYS E 358 59.45 16.29 -16.40
N GLU E 359 59.09 17.49 -16.85
CA GLU E 359 58.51 17.66 -18.18
C GLU E 359 59.54 17.56 -19.29
N GLY E 360 60.78 17.93 -19.03
CA GLY E 360 61.79 17.90 -20.06
C GLY E 360 62.22 16.48 -20.40
N LYS E 361 62.34 15.63 -19.38
CA LYS E 361 62.60 14.22 -19.63
C LYS E 361 61.40 13.53 -20.26
N GLU E 362 60.21 14.08 -20.05
CA GLU E 362 59.02 13.55 -20.70
C GLU E 362 58.92 14.02 -22.13
N ALA E 363 59.02 15.34 -22.36
CA ALA E 363 58.82 15.88 -23.70
C ALA E 363 59.95 15.50 -24.66
N GLU E 364 61.11 15.09 -24.14
CA GLU E 364 62.16 14.55 -25.00
C GLU E 364 61.71 13.25 -25.63
N THR E 365 61.03 12.40 -24.86
CA THR E 365 60.49 11.16 -25.43
C THR E 365 59.26 11.46 -26.26
N ASN E 366 58.58 12.58 -25.99
CA ASN E 366 57.47 12.97 -26.83
C ASN E 366 57.93 13.50 -28.18
N TYR E 367 58.96 14.34 -28.18
CA TYR E 367 59.49 14.87 -29.41
C TYR E 367 60.24 13.82 -30.22
N LYS E 368 60.71 12.75 -29.57
CA LYS E 368 61.39 11.69 -30.29
C LYS E 368 60.42 10.91 -31.17
N LEU E 369 59.17 10.81 -30.77
CA LEU E 369 58.19 10.08 -31.56
C LEU E 369 57.80 10.82 -32.82
N GLY E 370 58.04 12.13 -32.87
CA GLY E 370 57.71 12.87 -34.08
C GLY E 370 58.66 12.56 -35.22
N THR E 371 59.92 12.32 -34.92
CA THR E 371 60.93 12.24 -35.96
C THR E 371 60.96 10.91 -36.69
N GLN E 372 60.28 9.88 -36.19
CA GLN E 372 60.65 8.54 -36.58
C GLN E 372 60.06 8.11 -37.91
N LEU E 373 58.92 8.67 -38.31
CA LEU E 373 58.23 8.46 -39.59
C LEU E 373 57.84 7.01 -39.89
N PRO E 374 57.31 6.24 -38.92
CA PRO E 374 56.10 5.55 -39.35
C PRO E 374 54.93 6.22 -38.68
N TYR E 375 55.23 7.00 -37.63
CA TYR E 375 54.22 7.62 -36.82
C TYR E 375 53.68 8.89 -37.42
N MET E 376 54.45 9.55 -38.29
CA MET E 376 53.88 10.62 -39.07
C MET E 376 52.82 10.09 -40.02
N MET E 377 53.02 8.91 -40.56
CA MET E 377 52.10 8.43 -41.56
C MET E 377 50.80 7.91 -40.95
N ILE E 378 50.74 7.73 -39.63
CA ILE E 378 49.45 7.47 -39.00
C ILE E 378 48.79 8.73 -38.51
N ILE E 379 49.43 9.89 -38.64
CA ILE E 379 48.76 11.17 -38.38
C ILE E 379 48.71 12.05 -39.61
N ASN E 380 49.49 11.77 -40.65
CA ASN E 380 49.22 12.40 -41.93
C ASN E 380 47.87 11.93 -42.46
N ARG E 381 47.54 10.65 -42.25
CA ARG E 381 46.20 10.18 -42.57
C ARG E 381 45.17 10.78 -41.63
N LEU E 382 45.56 11.13 -40.41
CA LEU E 382 44.69 11.91 -39.55
C LEU E 382 44.80 13.40 -39.81
N ALA E 383 45.41 13.79 -40.92
CA ALA E 383 45.22 15.12 -41.48
C ALA E 383 44.56 15.06 -42.83
N HIS E 384 44.56 13.89 -43.47
CA HIS E 384 43.89 13.82 -44.75
C HIS E 384 42.45 13.37 -44.62
N TYR E 385 42.16 12.45 -43.70
CA TYR E 385 40.76 12.10 -43.44
C TYR E 385 40.01 13.27 -42.84
N VAL E 386 40.63 13.97 -41.89
CA VAL E 386 39.86 14.90 -41.08
C VAL E 386 39.66 16.20 -41.84
N LYS E 387 40.57 16.51 -42.78
CA LYS E 387 40.36 17.61 -43.70
C LYS E 387 39.20 17.33 -44.64
N VAL E 388 39.09 16.09 -45.11
CA VAL E 388 38.01 15.74 -46.02
C VAL E 388 36.69 15.61 -45.27
N LEU E 389 36.73 15.04 -44.06
CA LEU E 389 35.51 14.71 -43.35
C LEU E 389 34.83 15.97 -42.80
N GLN E 390 35.62 16.95 -42.37
CA GLN E 390 35.10 18.22 -41.92
C GLN E 390 35.06 19.26 -43.03
N ARG E 391 35.15 18.85 -44.28
CA ARG E 391 34.88 19.74 -45.40
C ARG E 391 33.46 19.62 -45.87
N GLU E 392 32.90 18.41 -45.83
CA GLU E 392 31.51 18.18 -46.17
C GLU E 392 30.58 18.86 -45.18
N GLN E 393 31.02 19.07 -43.95
CA GLN E 393 30.14 19.51 -42.90
C GLN E 393 29.86 21.01 -42.91
N ILE E 394 30.57 21.79 -43.73
CA ILE E 394 30.45 23.24 -43.71
C ILE E 394 29.05 23.65 -44.17
N GLY E 395 28.35 24.39 -43.33
CA GLY E 395 26.98 24.75 -43.60
C GLY E 395 25.94 23.94 -42.85
N ALA E 396 26.37 23.03 -41.99
CA ALA E 396 25.41 22.18 -41.29
C ALA E 396 24.81 22.92 -40.10
N TRP E 397 24.10 22.18 -39.28
CA TRP E 397 23.53 22.69 -38.04
C TRP E 397 24.17 21.90 -36.92
N LYS E 398 25.23 22.44 -36.34
CA LYS E 398 26.07 21.66 -35.47
C LYS E 398 26.17 22.42 -34.15
N GLU E 399 26.89 21.85 -33.18
CA GLU E 399 27.23 22.53 -31.94
C GLU E 399 28.65 22.16 -31.57
N ARG E 400 29.15 22.77 -30.50
CA ARG E 400 30.43 22.35 -29.96
C ARG E 400 30.33 20.95 -29.38
N GLN E 401 29.22 20.66 -28.68
CA GLN E 401 28.98 19.30 -28.20
C GLN E 401 28.77 18.34 -29.36
N ASP E 402 28.20 18.82 -30.47
CA ASP E 402 28.07 17.97 -31.65
C ASP E 402 29.41 17.85 -32.36
N LEU E 403 30.27 18.85 -32.26
CA LEU E 403 31.58 18.72 -32.86
C LEU E 403 32.46 17.76 -32.08
N GLU E 404 32.32 17.73 -30.75
CA GLU E 404 33.06 16.77 -29.93
C GLU E 404 32.65 15.34 -30.24
N ARG E 405 31.40 15.13 -30.60
CA ARG E 405 30.85 13.79 -30.79
C ARG E 405 31.11 13.24 -32.18
N GLU E 406 31.05 14.08 -33.21
CA GLU E 406 31.33 13.62 -34.56
C GLU E 406 32.81 13.30 -34.78
N LEU E 407 33.68 13.69 -33.86
CA LEU E 407 35.07 13.31 -33.91
C LEU E 407 35.42 12.17 -32.96
N ASN E 408 34.83 12.15 -31.76
CA ASN E 408 35.14 11.09 -30.81
C ASN E 408 34.53 9.77 -31.24
N SER E 409 33.32 9.79 -31.77
CA SER E 409 32.75 8.56 -32.30
C SER E 409 33.34 8.18 -33.64
N TRP E 410 34.11 9.07 -34.25
CA TRP E 410 34.79 8.73 -35.49
C TRP E 410 36.14 8.10 -35.27
N ILE E 411 37.00 8.68 -34.43
CA ILE E 411 38.35 8.16 -34.31
C ILE E 411 38.41 6.94 -33.39
N LYS E 412 37.36 6.66 -32.63
CA LYS E 412 37.37 5.47 -31.80
C LYS E 412 36.96 4.21 -32.56
N GLN E 413 37.01 4.24 -33.89
CA GLN E 413 37.13 3.02 -34.67
C GLN E 413 38.56 2.81 -35.12
N TYR E 414 39.46 3.73 -34.81
CA TYR E 414 40.88 3.59 -35.05
C TYR E 414 41.66 3.35 -33.78
N VAL E 415 41.00 3.36 -32.64
CA VAL E 415 41.63 3.28 -31.33
C VAL E 415 41.32 1.92 -30.75
N ALA E 416 42.35 1.16 -30.41
CA ALA E 416 42.21 -0.10 -29.70
C ALA E 416 43.00 0.03 -28.41
N ASP E 417 42.37 0.62 -27.39
CA ASP E 417 43.04 0.91 -26.12
C ASP E 417 43.13 -0.38 -25.34
N GLN E 418 44.19 -1.13 -25.63
CA GLN E 418 44.28 -2.51 -25.20
C GLN E 418 45.76 -2.86 -25.15
N GLU E 419 46.16 -3.59 -24.11
CA GLU E 419 47.58 -3.81 -23.88
C GLU E 419 48.16 -4.81 -24.87
N ASN E 420 47.43 -5.88 -25.16
CA ASN E 420 47.88 -6.88 -26.13
C ASN E 420 46.72 -7.33 -27.00
N PRO E 421 46.36 -6.54 -28.01
CA PRO E 421 45.38 -7.01 -28.98
C PRO E 421 46.05 -7.93 -29.98
N PRO E 422 45.29 -8.67 -30.79
CA PRO E 422 45.91 -9.49 -31.83
C PRO E 422 46.62 -8.66 -32.90
N ALA E 423 47.37 -9.37 -33.75
CA ALA E 423 48.24 -8.71 -34.72
C ALA E 423 47.47 -8.02 -35.84
N ASP E 424 46.18 -8.29 -35.98
CA ASP E 424 45.37 -7.58 -36.96
C ASP E 424 44.70 -6.35 -36.36
N VAL E 425 44.38 -6.38 -35.07
CA VAL E 425 43.76 -5.24 -34.43
C VAL E 425 44.78 -4.12 -34.24
N ARG E 426 46.07 -4.47 -34.14
CA ARG E 426 47.10 -3.46 -33.97
C ARG E 426 47.32 -2.63 -35.22
N SER E 427 47.13 -3.23 -36.39
CA SER E 427 47.44 -2.52 -37.62
C SER E 427 46.22 -1.96 -38.33
N ARG E 428 45.05 -2.58 -38.16
CA ARG E 428 43.82 -1.93 -38.61
C ARG E 428 43.48 -0.73 -37.75
N ARG E 429 43.82 -0.78 -36.47
CA ARG E 429 43.59 0.32 -35.53
C ARG E 429 44.95 0.73 -34.99
N PRO E 430 45.69 1.57 -35.72
CA PRO E 430 47.08 1.85 -35.35
C PRO E 430 47.23 2.75 -34.15
N LEU E 431 46.21 3.50 -33.78
CA LEU E 431 46.28 4.33 -32.60
C LEU E 431 46.07 3.48 -31.37
N ARG E 432 46.30 4.09 -30.22
CA ARG E 432 46.08 3.43 -28.94
C ARG E 432 45.23 4.25 -28.00
N ALA E 433 45.36 5.57 -28.02
CA ALA E 433 44.45 6.44 -27.28
C ALA E 433 44.42 7.79 -27.96
N ALA E 434 43.27 8.46 -27.86
CA ALA E 434 43.09 9.72 -28.57
C ALA E 434 42.23 10.65 -27.72
N ARG E 435 42.73 11.87 -27.51
CA ARG E 435 42.05 12.88 -26.72
C ARG E 435 41.63 14.01 -27.63
N ILE E 436 40.38 14.45 -27.52
CA ILE E 436 39.88 15.55 -28.34
C ILE E 436 39.24 16.58 -27.41
N GLU E 437 39.80 17.78 -27.40
CA GLU E 437 39.35 18.85 -26.51
C GLU E 437 38.94 20.03 -27.38
N VAL E 438 37.65 20.16 -27.65
CA VAL E 438 37.14 21.24 -28.49
C VAL E 438 36.92 22.47 -27.63
N MET E 439 37.48 23.59 -28.07
CA MET E 439 37.35 24.87 -27.39
C MET E 439 36.66 25.84 -28.34
N ASP E 440 36.56 27.10 -27.94
CA ASP E 440 35.92 28.12 -28.75
C ASP E 440 36.94 29.18 -29.18
N VAL E 441 36.46 30.11 -29.98
CA VAL E 441 37.19 31.34 -30.27
C VAL E 441 36.25 32.50 -29.98
N GLU E 442 36.62 33.33 -29.02
CA GLU E 442 35.80 34.48 -28.67
C GLU E 442 36.05 35.62 -29.65
N GLY E 443 35.13 36.58 -29.65
CA GLY E 443 35.18 37.67 -30.60
C GLY E 443 34.40 37.37 -31.86
N ASN E 444 34.83 36.35 -32.59
CA ASN E 444 34.07 35.80 -33.71
C ASN E 444 33.59 34.43 -33.27
N PRO E 445 32.36 34.30 -32.78
CA PRO E 445 31.93 33.05 -32.19
C PRO E 445 31.59 32.01 -33.24
N GLY E 446 31.98 30.77 -32.96
CA GLY E 446 31.80 29.67 -33.89
C GLY E 446 33.05 29.31 -34.68
N TRP E 447 34.17 29.22 -33.98
CA TRP E 447 35.45 28.86 -34.57
C TRP E 447 36.15 28.03 -33.51
N TYR E 448 36.62 26.84 -33.85
CA TYR E 448 36.78 25.78 -32.87
C TYR E 448 38.21 25.24 -32.82
N GLN E 449 38.93 25.55 -31.76
CA GLN E 449 40.31 25.13 -31.63
C GLN E 449 40.31 23.78 -30.92
N VAL E 450 40.24 22.70 -31.67
CA VAL E 450 40.15 21.38 -31.05
C VAL E 450 41.56 20.82 -31.04
N SER E 451 41.84 19.90 -30.13
CA SER E 451 43.20 19.37 -29.98
C SER E 451 43.19 17.86 -30.00
N LEU E 452 43.24 17.28 -31.20
CA LEU E 452 43.32 15.83 -31.34
C LEU E 452 44.70 15.33 -30.95
N SER E 453 44.75 14.49 -29.91
CA SER E 453 46.01 14.04 -29.31
C SER E 453 46.09 12.52 -29.36
N VAL E 454 46.54 11.98 -30.48
CA VAL E 454 46.59 10.54 -30.67
C VAL E 454 47.84 9.96 -30.05
N ARG E 455 47.91 8.64 -29.97
CA ARG E 455 49.01 7.95 -29.35
C ARG E 455 49.15 6.59 -30.01
N PRO E 456 50.33 6.19 -30.42
CA PRO E 456 50.46 4.97 -31.21
C PRO E 456 50.87 3.77 -30.39
N HIS E 457 50.91 2.59 -31.01
CA HIS E 457 51.57 1.46 -30.41
C HIS E 457 53.07 1.50 -30.70
N PHE E 458 53.82 0.63 -30.03
CA PHE E 458 55.27 0.70 -30.04
C PHE E 458 55.85 -0.62 -30.53
N LYS E 459 56.74 -0.53 -31.53
CA LYS E 459 57.33 -1.68 -32.20
C LYS E 459 58.55 -2.19 -31.44
N TYR E 460 59.34 -3.03 -32.09
CA TYR E 460 60.38 -3.85 -31.49
C TYR E 460 61.73 -3.42 -32.02
N MET E 461 62.61 -2.92 -31.16
CA MET E 461 63.91 -2.42 -31.61
C MET E 461 64.95 -2.51 -30.50
N GLY E 462 65.86 -3.47 -30.62
CA GLY E 462 66.98 -3.64 -29.70
C GLY E 462 66.70 -4.28 -28.35
N ALA E 463 67.64 -5.09 -27.87
CA ALA E 463 67.58 -5.71 -26.56
C ALA E 463 69.01 -5.97 -26.09
N ASN E 464 69.20 -6.82 -25.07
CA ASN E 464 70.58 -6.99 -24.61
C ASN E 464 71.08 -8.42 -24.54
N PHE E 465 70.28 -9.37 -24.02
CA PHE E 465 70.57 -10.83 -24.03
C PHE E 465 71.91 -11.16 -23.36
N GLU E 466 72.01 -10.83 -22.07
CA GLU E 466 73.26 -10.92 -21.32
C GLU E 466 73.48 -12.33 -20.77
N LEU E 467 74.05 -13.21 -21.58
CA LEU E 467 74.18 -14.62 -21.26
C LEU E 467 75.15 -14.88 -20.10
N SER E 468 75.03 -16.08 -19.54
CA SER E 468 75.77 -16.57 -18.38
C SER E 468 75.47 -18.05 -18.27
N LEU E 469 76.17 -18.74 -17.37
CA LEU E 469 75.65 -20.03 -16.94
C LEU E 469 75.42 -20.01 -15.44
N VAL E 470 74.41 -20.77 -15.00
CA VAL E 470 74.08 -20.90 -13.60
C VAL E 470 74.67 -22.18 -13.02
N GLY E 471 74.57 -23.29 -13.76
CA GLY E 471 75.13 -24.55 -13.34
C GLY E 471 74.16 -25.50 -12.67
N ARG E 472 73.29 -24.99 -11.82
CA ARG E 472 72.26 -25.80 -11.17
C ARG E 472 70.87 -25.53 -11.71
N LEU E 473 70.50 -24.26 -11.84
CA LEU E 473 69.16 -23.92 -12.31
C LEU E 473 69.10 -23.93 -13.83
N SER F 1 1.50 7.26 -77.25
CA SER F 1 1.83 7.28 -75.83
C SER F 1 0.58 7.49 -74.99
N LYS F 2 -0.44 6.67 -75.22
CA LYS F 2 -1.70 6.74 -74.49
C LYS F 2 -2.13 5.33 -74.12
N GLU F 3 -2.36 5.10 -72.83
CA GLU F 3 -2.92 3.84 -72.37
C GLU F 3 -4.36 3.71 -72.84
N GLY F 4 -4.69 2.56 -73.41
CA GLY F 4 -6.08 2.28 -73.75
C GLY F 4 -6.89 2.11 -72.48
N SER F 5 -7.89 2.96 -72.28
CA SER F 5 -8.77 2.89 -71.12
C SER F 5 -10.21 2.82 -71.59
N VAL F 6 -11.11 2.64 -70.64
CA VAL F 6 -12.53 2.52 -70.91
C VAL F 6 -13.20 3.84 -70.55
N ALA F 7 -14.47 3.93 -70.87
CA ALA F 7 -15.23 5.08 -70.43
C ALA F 7 -15.43 5.03 -68.92
N PRO F 8 -15.27 6.14 -68.22
CA PRO F 8 -15.45 6.14 -66.76
C PRO F 8 -16.91 5.97 -66.38
N LYS F 9 -17.13 5.48 -65.16
CA LYS F 9 -18.44 5.00 -64.76
C LYS F 9 -18.50 4.75 -63.25
N GLU F 10 -19.69 4.31 -62.78
CA GLU F 10 -19.92 3.91 -61.39
C GLU F 10 -19.25 2.58 -61.10
N ARG F 11 -18.92 1.87 -62.15
CA ARG F 11 -18.05 0.75 -61.96
C ARG F 11 -16.64 1.29 -61.91
N ILE F 12 -15.72 0.43 -61.53
CA ILE F 12 -14.39 0.85 -61.18
C ILE F 12 -13.49 0.69 -62.39
N ASN F 13 -12.57 1.64 -62.61
CA ASN F 13 -11.83 1.65 -63.86
C ASN F 13 -10.32 1.51 -63.66
N ILE F 14 -9.90 0.25 -63.55
CA ILE F 14 -8.50 -0.11 -63.37
C ILE F 14 -7.72 0.18 -64.65
N LYS F 15 -6.61 0.90 -64.53
CA LYS F 15 -5.68 1.08 -65.62
C LYS F 15 -4.26 0.89 -65.12
N TYR F 16 -3.33 0.58 -66.03
CA TYR F 16 -1.93 0.31 -65.67
C TYR F 16 -1.02 1.37 -66.27
N ILE F 17 -0.48 2.25 -65.42
CA ILE F 17 0.52 3.22 -65.85
C ILE F 17 1.65 3.18 -64.84
N PRO F 18 2.87 2.80 -65.25
CA PRO F 18 3.96 2.64 -64.28
C PRO F 18 4.44 3.96 -63.73
N ALA F 19 4.92 3.94 -62.50
CA ALA F 19 5.14 5.16 -61.74
C ALA F 19 6.59 5.60 -61.80
N THR F 20 6.80 6.84 -61.35
CA THR F 20 8.09 7.51 -61.51
C THR F 20 9.16 6.87 -60.64
N GLY F 21 8.79 6.39 -59.47
CA GLY F 21 9.76 5.73 -58.61
C GLY F 21 10.30 6.64 -57.54
N ASP F 22 10.78 6.04 -56.46
CA ASP F 22 11.40 6.75 -55.35
C ASP F 22 12.77 6.13 -55.13
N ALA F 23 13.82 6.93 -55.36
CA ALA F 23 15.19 6.44 -55.22
C ALA F 23 15.75 6.63 -53.81
N GLN F 24 15.66 7.85 -53.27
CA GLN F 24 16.19 8.23 -51.95
C GLN F 24 17.68 7.92 -51.87
N ALA F 25 18.43 8.70 -52.66
CA ALA F 25 19.84 8.50 -53.04
C ALA F 25 20.74 8.10 -51.87
N GLU F 26 21.31 6.91 -51.98
CA GLU F 26 21.91 6.24 -50.84
C GLU F 26 23.29 6.82 -50.52
N VAL F 27 23.61 6.88 -49.23
CA VAL F 27 24.89 7.42 -48.80
C VAL F 27 25.99 6.41 -49.08
N ALA F 28 27.17 6.91 -49.42
CA ALA F 28 28.33 6.07 -49.70
C ALA F 28 29.58 6.87 -49.35
N GLU F 29 30.11 6.65 -48.14
CA GLU F 29 31.35 7.30 -47.74
C GLU F 29 32.50 6.54 -48.36
N VAL F 30 32.93 6.98 -49.54
CA VAL F 30 34.12 6.41 -50.14
C VAL F 30 35.34 6.92 -49.38
N GLU F 31 36.41 6.13 -49.39
CA GLU F 31 37.58 6.45 -48.61
C GLU F 31 38.63 7.10 -49.50
N LEU F 32 39.71 7.56 -48.89
CA LEU F 32 40.78 8.22 -49.61
C LEU F 32 41.85 7.21 -49.96
N PRO F 33 42.15 7.01 -51.23
CA PRO F 33 43.27 6.15 -51.58
C PRO F 33 44.58 6.86 -51.28
N LEU F 34 45.60 6.05 -50.96
CA LEU F 34 46.92 6.57 -50.65
C LEU F 34 47.56 7.03 -51.94
N LYS F 35 47.36 8.28 -52.33
CA LYS F 35 47.91 8.78 -53.58
C LYS F 35 49.31 9.31 -53.36
N THR F 36 50.25 8.82 -54.16
CA THR F 36 51.62 9.32 -54.15
C THR F 36 51.90 10.07 -55.44
N LEU F 37 52.84 10.99 -55.36
CA LEU F 37 53.23 11.78 -56.53
C LEU F 37 54.69 11.49 -56.78
N VAL F 38 54.97 10.69 -57.81
CA VAL F 38 56.34 10.39 -58.18
C VAL F 38 56.87 11.54 -59.01
N VAL F 39 57.85 12.26 -58.49
CA VAL F 39 58.38 13.42 -59.17
C VAL F 39 59.83 13.14 -59.54
N GLY F 40 60.25 13.63 -60.70
CA GLY F 40 61.60 13.36 -61.16
C GLY F 40 61.69 13.34 -62.67
N ASP F 41 62.92 13.41 -63.15
CA ASP F 41 63.25 13.55 -64.56
C ASP F 41 62.87 12.28 -65.31
N PHE F 42 61.86 12.37 -66.17
CA PHE F 42 61.34 11.19 -66.85
C PHE F 42 61.55 11.21 -68.36
N LYS F 43 62.07 12.30 -68.91
CA LYS F 43 62.35 12.40 -70.33
C LYS F 43 63.77 12.91 -70.51
N GLY F 44 64.17 13.12 -71.76
CA GLY F 44 65.56 13.40 -72.05
C GLY F 44 65.90 14.84 -72.34
N HIS F 45 65.13 15.77 -71.77
CA HIS F 45 65.37 17.19 -71.99
C HIS F 45 64.80 17.98 -70.82
N ALA F 46 64.69 19.30 -71.01
CA ALA F 46 64.05 20.19 -70.07
C ALA F 46 62.96 20.95 -70.81
N GLU F 47 61.71 20.74 -70.40
CA GLU F 47 60.57 21.31 -71.11
C GLU F 47 60.48 22.82 -70.87
N GLN F 48 60.13 23.55 -71.93
CA GLN F 48 60.14 25.00 -71.85
C GLN F 48 58.93 25.58 -71.15
N THR F 49 57.86 24.80 -70.94
CA THR F 49 56.72 25.36 -70.21
C THR F 49 57.03 25.46 -68.73
N PRO F 50 56.56 26.50 -68.05
CA PRO F 50 56.77 26.59 -66.60
C PRO F 50 55.97 25.53 -65.87
N LEU F 51 56.31 25.36 -64.60
CA LEU F 51 55.83 24.21 -63.86
C LEU F 51 54.33 24.30 -63.57
N GLU F 52 53.80 25.50 -63.36
CA GLU F 52 52.42 25.67 -62.96
C GLU F 52 51.42 25.38 -64.07
N GLU F 53 51.85 25.10 -65.29
CA GLU F 53 50.94 24.81 -66.38
C GLU F 53 50.96 23.36 -66.83
N ARG F 54 52.07 22.66 -66.63
CA ARG F 54 52.14 21.26 -67.04
C ARG F 54 51.34 20.40 -66.07
N ALA F 55 51.01 19.19 -66.51
CA ALA F 55 50.04 18.37 -65.82
C ALA F 55 50.68 17.12 -65.23
N THR F 56 49.94 16.49 -64.33
CA THR F 56 50.30 15.20 -63.75
C THR F 56 49.42 14.13 -64.35
N VAL F 57 50.02 13.01 -64.74
CA VAL F 57 49.30 11.92 -65.37
C VAL F 57 49.20 10.77 -64.37
N THR F 58 48.05 10.11 -64.37
CA THR F 58 47.77 9.01 -63.46
C THR F 58 48.06 7.69 -64.15
N VAL F 59 48.89 6.85 -63.52
CA VAL F 59 49.38 5.61 -64.09
C VAL F 59 48.92 4.45 -63.22
N ASP F 60 48.25 3.47 -63.82
CA ASP F 60 48.15 2.19 -63.14
C ASP F 60 48.66 1.09 -64.07
N LYS F 61 48.43 -0.17 -63.69
CA LYS F 61 49.01 -1.29 -64.43
C LYS F 61 48.42 -1.41 -65.83
N ASN F 62 47.18 -0.99 -66.01
CA ASN F 62 46.53 -1.14 -67.31
C ASN F 62 46.90 -0.05 -68.29
N ASN F 63 47.21 1.16 -67.83
CA ASN F 63 47.49 2.25 -68.74
C ASN F 63 48.94 2.65 -68.78
N PHE F 64 49.84 1.80 -68.29
CA PHE F 64 51.25 2.16 -68.32
C PHE F 64 51.80 2.12 -69.74
N GLU F 65 51.23 1.28 -70.60
CA GLU F 65 51.66 1.22 -71.99
C GLU F 65 51.19 2.43 -72.79
N ALA F 66 50.12 3.10 -72.34
CA ALA F 66 49.62 4.29 -73.01
C ALA F 66 50.27 5.56 -72.50
N VAL F 67 50.70 5.59 -71.24
CA VAL F 67 51.43 6.74 -70.72
C VAL F 67 52.83 6.77 -71.32
N MET F 68 53.43 5.61 -71.53
CA MET F 68 54.77 5.57 -72.13
C MET F 68 54.73 5.95 -73.61
N ARG F 69 53.65 5.60 -74.31
CA ARG F 69 53.57 5.91 -75.73
C ARG F 69 53.34 7.40 -75.97
N GLU F 70 52.50 8.04 -75.16
CA GLU F 70 52.18 9.44 -75.36
C GLU F 70 53.21 10.39 -74.75
N SER F 71 54.19 9.87 -74.03
CA SER F 71 55.26 10.72 -73.54
C SER F 71 56.20 11.12 -74.67
N GLU F 72 56.37 10.23 -75.66
CA GLU F 72 57.35 10.34 -76.74
C GLU F 72 58.77 10.53 -76.21
N LEU F 73 59.24 9.49 -75.51
CA LEU F 73 60.62 9.47 -75.04
C LEU F 73 61.55 9.29 -76.23
N LYS F 74 62.06 10.39 -76.75
CA LYS F 74 62.95 10.38 -77.92
C LYS F 74 64.36 10.64 -77.45
N ILE F 75 65.18 9.59 -77.40
CA ILE F 75 66.54 9.68 -76.91
C ILE F 75 67.46 9.76 -78.13
N THR F 76 68.08 10.93 -78.32
CA THR F 76 69.01 11.18 -79.42
C THR F 76 70.38 11.48 -78.83
N ALA F 77 71.34 10.59 -79.04
CA ALA F 77 72.67 10.75 -78.50
C ALA F 77 73.69 10.21 -79.49
N THR F 78 74.94 10.62 -79.30
CA THR F 78 76.05 10.16 -80.11
C THR F 78 76.84 9.13 -79.32
N VAL F 79 76.89 7.90 -79.83
CA VAL F 79 77.56 6.81 -79.14
C VAL F 79 78.72 6.34 -80.00
N LYS F 80 79.52 5.43 -79.43
CA LYS F 80 80.73 4.97 -80.09
C LYS F 80 80.41 3.96 -81.18
N ASN F 81 81.14 4.06 -82.29
CA ASN F 81 80.97 3.17 -83.43
C ASN F 81 81.90 1.98 -83.26
N LYS F 82 81.33 0.80 -83.02
CA LYS F 82 82.08 -0.44 -82.94
C LYS F 82 81.68 -1.42 -84.04
N LEU F 83 81.21 -0.92 -85.17
CA LEU F 83 80.82 -1.75 -86.30
C LEU F 83 81.92 -1.85 -87.36
N THR F 84 83.03 -1.15 -87.18
CA THR F 84 84.14 -1.19 -88.13
C THR F 84 85.46 -1.28 -87.38
N ASP F 85 86.58 -1.16 -88.09
CA ASP F 85 87.90 -1.25 -87.48
C ASP F 85 88.39 0.08 -86.89
N ASP F 86 87.52 1.08 -86.81
CA ASP F 86 87.89 2.40 -86.28
C ASP F 86 87.54 2.47 -84.80
N GLU F 87 88.52 2.88 -83.99
CA GLU F 87 88.30 3.13 -82.58
C GLU F 87 87.76 4.54 -82.34
N ASN F 88 88.20 5.52 -83.12
CA ASN F 88 87.83 6.91 -82.95
C ASN F 88 86.64 7.33 -83.79
N ALA F 89 85.75 6.40 -84.11
CA ALA F 89 84.53 6.71 -84.85
C ALA F 89 83.34 6.79 -83.91
N GLU F 90 82.38 7.65 -84.27
CA GLU F 90 81.17 7.83 -83.50
C GLU F 90 79.97 7.68 -84.42
N LEU F 91 78.84 7.32 -83.82
CA LEU F 91 77.63 7.09 -84.61
C LEU F 91 76.39 7.48 -83.83
N PRO F 92 75.75 8.59 -84.17
CA PRO F 92 74.51 8.98 -83.49
C PRO F 92 73.36 8.05 -83.84
N VAL F 93 72.38 7.97 -82.94
CA VAL F 93 71.24 7.09 -83.08
C VAL F 93 69.96 7.93 -83.00
N GLU F 94 68.83 7.27 -83.28
CA GLU F 94 67.51 7.90 -83.21
C GLU F 94 66.53 6.88 -82.66
N LEU F 95 65.99 7.15 -81.49
CA LEU F 95 65.18 6.20 -80.75
C LEU F 95 63.76 6.73 -80.55
N ASN F 96 62.77 5.87 -80.75
CA ASN F 96 61.37 6.19 -80.53
C ASN F 96 60.76 5.06 -79.71
N PHE F 97 60.36 5.36 -78.48
CA PHE F 97 59.91 4.34 -77.53
C PHE F 97 58.41 4.46 -77.33
N LYS F 98 57.70 3.35 -77.56
CA LYS F 98 56.25 3.31 -77.39
C LYS F 98 55.76 2.23 -76.47
N SER F 99 56.60 1.25 -76.13
CA SER F 99 56.21 0.17 -75.22
C SER F 99 57.43 -0.19 -74.37
N LEU F 100 57.17 -1.00 -73.33
CA LEU F 100 58.25 -1.46 -72.46
C LEU F 100 59.21 -2.40 -73.19
N ALA F 101 58.75 -3.08 -74.24
CA ALA F 101 59.62 -3.90 -75.07
C ALA F 101 60.52 -3.09 -76.00
N ASP F 102 60.33 -1.78 -76.08
CA ASP F 102 61.23 -0.95 -76.87
C ASP F 102 62.56 -0.69 -76.18
N PHE F 103 62.67 -1.00 -74.88
CA PHE F 103 63.98 -0.96 -74.25
C PHE F 103 64.84 -2.17 -74.63
N ALA F 104 64.21 -3.24 -75.07
CA ALA F 104 64.90 -4.48 -75.40
C ALA F 104 65.71 -4.30 -76.70
N PRO F 105 66.83 -5.03 -76.85
CA PRO F 105 67.67 -4.86 -78.05
C PRO F 105 67.04 -5.37 -79.34
N ASP F 106 65.89 -6.03 -79.29
CA ASP F 106 65.18 -6.36 -80.53
C ASP F 106 64.58 -5.11 -81.18
N ALA F 107 64.07 -4.19 -80.36
CA ALA F 107 63.47 -2.98 -80.88
C ALA F 107 64.42 -1.78 -80.86
N VAL F 108 65.54 -1.85 -80.13
CA VAL F 108 66.52 -0.78 -80.22
C VAL F 108 67.33 -0.92 -81.50
N ALA F 109 67.78 -2.13 -81.82
CA ALA F 109 68.50 -2.37 -83.06
C ALA F 109 67.61 -2.23 -84.28
N SER F 110 66.30 -2.44 -84.14
CA SER F 110 65.39 -2.24 -85.27
C SER F 110 65.20 -0.76 -85.59
N GLN F 111 65.48 0.13 -84.65
CA GLN F 111 65.38 1.56 -84.87
C GLN F 111 66.70 2.17 -85.28
N VAL F 112 67.77 1.38 -85.32
CA VAL F 112 69.07 1.83 -85.81
C VAL F 112 69.26 1.25 -87.21
N PRO F 113 69.33 2.07 -88.27
CA PRO F 113 69.44 1.53 -89.62
C PRO F 113 70.75 0.82 -89.89
N GLU F 114 71.81 1.12 -89.15
CA GLU F 114 73.05 0.38 -89.30
C GLU F 114 72.97 -1.01 -88.71
N LEU F 115 71.99 -1.26 -87.84
CA LEU F 115 71.75 -2.58 -87.28
C LEU F 115 70.54 -3.28 -87.90
N LYS F 116 69.75 -2.58 -88.72
CA LYS F 116 68.71 -3.24 -89.48
C LYS F 116 69.29 -4.15 -90.56
N LYS F 117 70.46 -3.78 -91.09
CA LYS F 117 71.12 -4.59 -92.10
C LYS F 117 71.92 -5.74 -91.50
N LEU F 118 72.19 -5.71 -90.19
CA LEU F 118 72.92 -6.80 -89.56
C LEU F 118 71.99 -7.89 -89.03
N ILE F 119 70.80 -7.54 -88.58
CA ILE F 119 69.80 -8.56 -88.25
C ILE F 119 69.29 -9.21 -89.54
N GLU F 120 69.10 -8.41 -90.59
CA GLU F 120 68.75 -8.95 -91.90
C GLU F 120 69.88 -9.81 -92.45
N LEU F 121 71.12 -9.50 -92.10
CA LEU F 121 72.23 -10.38 -92.45
C LEU F 121 72.12 -11.71 -91.70
N ARG F 122 71.73 -11.66 -90.42
CA ARG F 122 71.63 -12.89 -89.64
C ARG F 122 70.41 -13.71 -90.06
N GLU F 123 69.29 -13.05 -90.36
CA GLU F 123 68.10 -13.73 -90.84
C GLU F 123 68.35 -14.42 -92.17
N ALA F 124 69.22 -13.83 -93.01
CA ALA F 124 69.64 -14.50 -94.24
C ALA F 124 70.57 -15.67 -93.98
N LEU F 125 71.28 -15.68 -92.85
CA LEU F 125 72.17 -16.80 -92.53
C LEU F 125 71.45 -17.92 -91.79
N VAL F 126 70.42 -17.61 -91.00
CA VAL F 126 69.60 -18.65 -90.39
C VAL F 126 68.77 -19.35 -91.45
N ALA F 127 68.35 -18.61 -92.49
CA ALA F 127 67.62 -19.21 -93.61
C ALA F 127 68.50 -20.16 -94.41
N LEU F 128 69.81 -19.93 -94.42
CA LEU F 128 70.71 -20.79 -95.19
C LEU F 128 70.92 -22.14 -94.50
N LYS F 129 70.99 -22.15 -93.17
CA LYS F 129 71.45 -23.32 -92.41
C LYS F 129 70.49 -24.51 -92.52
N GLY F 130 69.20 -24.25 -92.73
CA GLY F 130 68.21 -25.29 -92.89
C GLY F 130 68.44 -26.16 -94.12
N PRO F 131 68.32 -25.58 -95.32
CA PRO F 131 68.62 -26.34 -96.54
C PRO F 131 70.10 -26.50 -96.87
N LEU F 132 71.02 -26.21 -95.95
CA LEU F 132 72.44 -26.31 -96.26
C LEU F 132 72.90 -27.76 -96.20
N GLY F 133 72.84 -28.37 -95.02
CA GLY F 133 73.35 -29.71 -94.80
C GLY F 133 72.42 -30.83 -95.20
N ASN F 134 71.25 -30.52 -95.77
CA ASN F 134 70.31 -31.53 -96.19
C ASN F 134 70.61 -32.03 -97.60
N ILE F 135 70.91 -31.13 -98.52
CA ILE F 135 71.26 -31.47 -99.90
C ILE F 135 72.78 -31.41 -100.03
N PRO F 136 73.45 -32.53 -100.27
CA PRO F 136 74.91 -32.52 -100.41
C PRO F 136 75.41 -32.08 -101.79
N ALA F 137 74.55 -31.54 -102.64
CA ALA F 137 74.97 -31.02 -103.94
C ALA F 137 75.33 -29.54 -103.89
N PHE F 138 75.26 -28.92 -102.71
CA PHE F 138 75.64 -27.51 -102.59
C PHE F 138 77.15 -27.34 -102.68
N ARG F 139 77.92 -28.25 -102.05
CA ARG F 139 79.37 -28.18 -102.12
C ARG F 139 79.90 -28.57 -103.49
N GLU F 140 79.10 -29.29 -104.29
CA GLU F 140 79.50 -29.61 -105.65
C GLU F 140 79.56 -28.38 -106.53
N ARG F 141 78.69 -27.40 -106.27
CA ARG F 141 78.70 -26.16 -107.03
C ARG F 141 79.45 -25.03 -106.33
N LEU F 142 79.93 -25.25 -105.10
CA LEU F 142 80.90 -24.33 -104.52
C LEU F 142 82.24 -24.44 -105.25
N GLN F 143 82.59 -25.65 -105.69
CA GLN F 143 83.79 -25.83 -106.50
C GLN F 143 83.58 -25.32 -107.93
N SER F 144 82.33 -25.30 -108.39
CA SER F 144 82.04 -24.69 -109.69
C SER F 144 82.13 -23.18 -109.60
N LEU F 145 81.70 -22.61 -108.47
CA LEU F 145 81.96 -21.19 -108.21
C LEU F 145 83.43 -20.93 -107.93
N LEU F 146 84.16 -21.94 -107.45
CA LEU F 146 85.62 -21.83 -107.38
C LEU F 146 86.23 -21.86 -108.76
N ASN F 147 85.62 -22.58 -109.70
CA ASN F 147 86.10 -22.60 -111.08
C ASN F 147 85.64 -21.35 -111.84
N SER F 148 84.33 -21.08 -111.83
CA SER F 148 83.78 -19.93 -112.53
C SER F 148 83.87 -18.71 -111.62
N GLU F 149 85.02 -18.03 -111.68
CA GLU F 149 85.24 -16.84 -110.86
C GLU F 149 84.71 -15.57 -111.52
N GLU F 150 84.59 -15.56 -112.85
CA GLU F 150 84.15 -14.35 -113.55
C GLU F 150 82.65 -14.14 -113.41
N SER F 151 81.87 -15.19 -113.63
CA SER F 151 80.41 -15.09 -113.53
C SER F 151 79.93 -14.99 -112.09
N ARG F 152 80.75 -15.38 -111.12
CA ARG F 152 80.34 -15.28 -109.72
C ARG F 152 80.38 -13.84 -109.23
N GLU F 153 81.46 -13.11 -109.57
CA GLU F 153 81.60 -11.74 -109.11
C GLU F 153 80.66 -10.78 -109.84
N LYS F 154 80.17 -11.16 -111.02
CA LYS F 154 79.17 -10.34 -111.71
C LYS F 154 77.81 -10.44 -111.02
N LEU F 155 77.56 -11.54 -110.32
CA LEU F 155 76.28 -11.74 -109.64
C LEU F 155 76.29 -11.29 -108.19
N LEU F 156 77.48 -11.09 -107.60
CA LEU F 156 77.54 -10.61 -106.22
C LEU F 156 77.16 -9.14 -106.12
N ALA F 157 77.39 -8.36 -107.18
CA ALA F 157 77.00 -6.95 -107.18
C ALA F 157 75.51 -6.76 -107.31
N GLU F 158 74.79 -7.75 -107.86
CA GLU F 158 73.35 -7.67 -107.99
C GLU F 158 72.68 -7.92 -106.64
N PRO G 1 24.47 -2.34 1.41
CA PRO G 1 25.89 -2.65 1.40
C PRO G 1 26.67 -1.76 0.45
N THR G 2 27.94 -1.53 0.74
CA THR G 2 28.69 -0.63 -0.11
C THR G 2 29.42 -1.42 -1.18
N PRO G 3 29.51 -0.89 -2.40
CA PRO G 3 30.18 -1.62 -3.48
C PRO G 3 31.67 -1.72 -3.26
N CYS G 4 32.25 -2.80 -3.75
CA CYS G 4 33.66 -3.10 -3.63
C CYS G 4 34.39 -2.63 -4.88
N TYR G 5 35.66 -2.99 -5.00
CA TYR G 5 36.45 -2.62 -6.17
C TYR G 5 37.42 -3.74 -6.48
N ILE G 6 37.58 -4.06 -7.76
CA ILE G 6 38.44 -5.15 -8.19
C ILE G 6 39.42 -4.64 -9.24
N SER G 7 40.69 -4.94 -9.04
CA SER G 7 41.74 -4.62 -9.99
C SER G 7 42.35 -5.90 -10.52
N ILE G 8 42.12 -6.20 -11.79
CA ILE G 8 42.57 -7.44 -12.41
C ILE G 8 43.82 -7.16 -13.23
N GLU G 9 44.84 -7.98 -13.09
CA GLU G 9 46.03 -7.89 -13.93
C GLU G 9 46.26 -9.22 -14.62
N GLY G 10 46.28 -9.22 -15.95
CA GLY G 10 46.40 -10.45 -16.71
C GLY G 10 47.84 -10.86 -16.92
N GLN G 11 48.01 -12.04 -17.52
CA GLN G 11 49.33 -12.47 -17.96
C GLN G 11 49.82 -11.62 -19.11
N THR G 12 49.10 -11.66 -20.23
CA THR G 12 49.54 -10.96 -21.43
C THR G 12 48.85 -9.63 -21.65
N GLN G 13 47.69 -9.40 -21.07
CA GLN G 13 46.92 -8.19 -21.34
C GLN G 13 47.18 -7.09 -20.34
N GLY G 14 48.26 -7.20 -19.57
CA GLY G 14 48.64 -6.11 -18.67
C GLY G 14 47.63 -5.94 -17.56
N LEU G 15 47.41 -4.69 -17.18
CA LEU G 15 46.37 -4.37 -16.21
C LEU G 15 45.06 -4.29 -16.98
N ILE G 16 44.17 -5.25 -16.75
CA ILE G 16 42.94 -5.35 -17.52
C ILE G 16 41.99 -4.20 -17.18
N THR G 17 41.83 -3.93 -15.89
CA THR G 17 40.87 -2.90 -15.53
C THR G 17 41.45 -1.51 -15.55
N ALA G 18 42.55 -1.26 -16.25
CA ALA G 18 43.13 0.07 -16.32
C ALA G 18 42.24 0.95 -17.17
N GLY G 19 41.43 1.76 -16.51
CA GLY G 19 40.49 2.60 -17.22
C GLY G 19 39.06 2.12 -17.18
N ALA G 20 38.72 1.16 -16.33
CA ALA G 20 37.37 0.63 -16.30
C ALA G 20 36.45 1.47 -15.44
N CYS G 21 36.91 2.59 -14.91
CA CYS G 21 36.06 3.61 -14.32
C CYS G 21 36.47 4.98 -14.81
N THR G 22 36.55 5.14 -16.12
CA THR G 22 36.66 6.45 -16.73
C THR G 22 35.29 6.90 -17.20
N ALA G 23 35.25 8.04 -17.87
CA ALA G 23 34.01 8.51 -18.45
C ALA G 23 33.66 7.78 -19.72
N ASP G 24 34.60 7.09 -20.34
CA ASP G 24 34.28 6.32 -21.52
C ASP G 24 33.69 4.96 -21.18
N SER G 25 34.04 4.39 -20.03
CA SER G 25 33.54 3.08 -19.68
C SER G 25 32.09 3.13 -19.26
N ILE G 26 31.79 3.85 -18.18
CA ILE G 26 30.50 3.77 -17.54
C ILE G 26 29.80 5.12 -17.45
N GLY G 27 30.13 6.05 -18.35
CA GLY G 27 29.41 7.30 -18.40
C GLY G 27 29.72 8.24 -17.26
N ASP G 28 28.71 8.63 -16.49
CA ASP G 28 28.88 9.58 -15.41
C ASP G 28 28.95 8.93 -14.05
N SER G 29 28.94 7.61 -13.97
CA SER G 29 29.02 6.92 -12.69
C SER G 29 30.44 6.47 -12.39
N PHE G 30 31.44 7.15 -12.94
CA PHE G 30 32.79 6.76 -12.60
C PHE G 30 33.24 7.55 -11.39
N VAL G 31 34.26 7.04 -10.72
CA VAL G 31 34.75 7.59 -9.47
C VAL G 31 36.20 7.98 -9.66
N GLU G 32 36.56 9.20 -9.29
CA GLU G 32 37.95 9.61 -9.30
C GLU G 32 38.73 8.86 -8.24
N GLY G 33 40.00 8.58 -8.55
CA GLY G 33 40.86 7.82 -7.67
C GLY G 33 40.76 6.32 -7.83
N HIS G 34 39.69 5.81 -8.42
CA HIS G 34 39.53 4.41 -8.68
C HIS G 34 39.54 4.16 -10.17
N GLU G 35 40.48 4.80 -10.86
CA GLU G 35 40.53 4.75 -12.31
C GLU G 35 40.95 3.38 -12.82
N ASP G 36 41.55 2.55 -12.00
CA ASP G 36 42.05 1.27 -12.45
C ASP G 36 41.24 0.10 -11.90
N GLU G 37 40.08 0.36 -11.32
CA GLU G 37 39.36 -0.63 -10.54
C GLU G 37 37.90 -0.63 -10.97
N MET G 38 37.36 -1.79 -11.32
CA MET G 38 35.94 -1.88 -11.64
C MET G 38 35.10 -1.67 -10.39
N LEU G 39 33.82 -1.46 -10.59
CA LEU G 39 32.89 -1.25 -9.49
C LEU G 39 32.03 -2.50 -9.34
N VAL G 40 32.24 -3.23 -8.25
CA VAL G 40 31.67 -4.55 -8.07
C VAL G 40 30.40 -4.45 -7.24
N GLN G 41 29.30 -4.96 -7.78
CA GLN G 41 28.01 -4.81 -7.14
C GLN G 41 27.70 -5.96 -6.18
N GLN G 42 27.63 -7.18 -6.71
CA GLN G 42 27.21 -8.35 -5.97
C GLN G 42 28.39 -9.29 -5.82
N PHE G 43 28.34 -10.17 -4.83
CA PHE G 43 29.47 -11.05 -4.56
C PHE G 43 28.97 -12.39 -4.04
N ASP G 44 29.73 -13.45 -4.32
CA ASP G 44 29.39 -14.81 -3.88
C ASP G 44 30.58 -15.74 -4.02
N HIS G 45 30.86 -16.55 -3.00
CA HIS G 45 32.10 -17.33 -3.00
C HIS G 45 32.02 -18.44 -1.98
N VAL G 46 32.20 -19.69 -2.42
CA VAL G 46 32.08 -20.87 -1.57
C VAL G 46 33.44 -21.57 -1.55
N VAL G 47 33.84 -22.11 -0.41
CA VAL G 47 35.05 -22.93 -0.31
C VAL G 47 34.67 -24.19 0.45
N THR G 48 34.46 -25.29 -0.25
CA THR G 48 34.01 -26.50 0.42
C THR G 48 35.18 -27.36 0.85
N VAL G 49 34.91 -28.28 1.79
CA VAL G 49 35.84 -29.32 2.18
C VAL G 49 35.06 -30.62 2.27
N PRO G 50 35.42 -31.65 1.51
CA PRO G 50 34.70 -32.92 1.60
C PRO G 50 34.97 -33.66 2.89
N THR G 51 33.97 -33.75 3.75
CA THR G 51 34.08 -34.48 5.00
C THR G 51 33.29 -35.78 4.91
N ASP G 52 33.80 -36.82 5.55
CA ASP G 52 33.09 -38.09 5.49
C ASP G 52 31.88 -38.08 6.42
N PRO G 53 30.89 -38.92 6.16
CA PRO G 53 29.82 -39.11 7.14
C PRO G 53 30.33 -39.90 8.33
N GLN G 54 29.45 -40.01 9.34
CA GLN G 54 29.63 -40.76 10.60
C GLN G 54 30.97 -40.46 11.29
N SER G 55 31.47 -39.25 11.12
CA SER G 55 32.73 -38.80 11.68
C SER G 55 32.70 -37.28 11.69
N GLY G 56 33.85 -36.66 11.86
CA GLY G 56 33.93 -35.24 11.66
C GLY G 56 35.14 -34.85 10.85
N GLN G 57 35.97 -35.82 10.49
CA GLN G 57 37.26 -35.48 9.94
C GLN G 57 37.13 -35.09 8.46
N PRO G 58 37.98 -34.17 8.00
CA PRO G 58 37.97 -33.81 6.57
C PRO G 58 38.57 -34.92 5.73
N SER G 59 37.73 -35.54 4.90
CA SER G 59 38.16 -36.64 4.05
C SER G 59 38.58 -36.11 2.67
N GLY G 60 39.62 -35.29 2.68
CA GLY G 60 40.10 -34.72 1.45
C GLY G 60 40.44 -33.25 1.56
N GLN G 61 41.21 -32.75 0.61
CA GLN G 61 41.58 -31.35 0.64
C GLN G 61 40.42 -30.48 0.19
N ARG G 62 40.56 -29.18 0.42
CA ARG G 62 39.53 -28.21 0.11
C ARG G 62 39.27 -28.13 -1.40
N VAL G 63 38.08 -27.67 -1.75
CA VAL G 63 37.65 -27.53 -3.14
C VAL G 63 37.13 -26.11 -3.32
N HIS G 64 37.83 -25.30 -4.10
CA HIS G 64 37.44 -23.90 -4.24
C HIS G 64 36.35 -23.74 -5.30
N LYS G 65 35.15 -23.49 -4.86
CA LYS G 65 34.10 -23.03 -5.75
C LYS G 65 34.39 -21.58 -6.13
N PRO G 66 33.94 -21.10 -7.29
CA PRO G 66 34.47 -19.85 -7.81
C PRO G 66 33.89 -18.59 -7.15
N PHE G 67 34.69 -17.53 -7.23
CA PHE G 67 34.21 -16.14 -7.14
C PHE G 67 33.01 -15.91 -8.03
N LYS G 68 32.14 -14.99 -7.64
CA LYS G 68 31.09 -14.48 -8.52
C LYS G 68 30.88 -13.01 -8.20
N PHE G 69 31.57 -12.14 -8.93
CA PHE G 69 31.40 -10.70 -8.73
C PHE G 69 30.73 -10.10 -9.96
N THR G 70 29.88 -9.11 -9.75
CA THR G 70 29.04 -8.55 -10.79
C THR G 70 29.41 -7.09 -11.07
N VAL G 71 29.79 -6.80 -12.31
CA VAL G 71 30.04 -5.43 -12.73
C VAL G 71 29.16 -5.13 -13.93
N ALA G 72 29.05 -3.85 -14.26
CA ALA G 72 28.28 -3.47 -15.43
C ALA G 72 29.13 -3.62 -16.68
N LEU G 73 28.54 -3.42 -17.85
CA LEU G 73 29.31 -3.43 -19.08
C LEU G 73 30.21 -2.21 -19.15
N ASN G 74 31.50 -2.44 -19.30
CA ASN G 74 32.45 -1.35 -19.37
C ASN G 74 33.63 -1.77 -20.22
N LYS G 75 34.75 -1.06 -20.07
CA LYS G 75 35.91 -1.25 -20.92
C LYS G 75 36.55 -2.59 -20.71
N ALA G 76 36.57 -3.07 -19.48
CA ALA G 76 37.29 -4.30 -19.17
C ALA G 76 36.53 -5.56 -19.54
N VAL G 77 35.26 -5.46 -19.91
CA VAL G 77 34.47 -6.66 -20.24
C VAL G 77 34.89 -7.32 -21.55
N PRO G 78 35.20 -6.60 -22.65
CA PRO G 78 35.81 -7.31 -23.78
C PRO G 78 37.20 -7.83 -23.49
N LEU G 79 37.90 -7.25 -22.52
CA LEU G 79 39.19 -7.80 -22.14
C LEU G 79 39.03 -9.05 -21.30
N LEU G 80 37.95 -9.16 -20.53
CA LEU G 80 37.70 -10.37 -19.77
C LEU G 80 37.08 -11.47 -20.59
N TYR G 81 36.62 -11.20 -21.80
CA TYR G 81 36.22 -12.29 -22.68
C TYR G 81 37.34 -12.80 -23.56
N ASN G 82 38.58 -12.38 -23.32
CA ASN G 82 39.72 -13.09 -23.86
C ASN G 82 40.51 -13.82 -22.80
N ALA G 83 40.44 -13.36 -21.56
CA ALA G 83 40.96 -14.19 -20.48
C ALA G 83 40.12 -15.42 -20.29
N LEU G 84 38.84 -15.34 -20.66
CA LEU G 84 37.94 -16.48 -20.57
C LEU G 84 38.15 -17.46 -21.71
N SER G 85 37.96 -17.00 -22.93
CA SER G 85 37.92 -17.90 -24.06
C SER G 85 39.28 -18.41 -24.50
N SER G 86 40.36 -17.93 -23.90
CA SER G 86 41.67 -18.47 -24.20
C SER G 86 42.36 -19.04 -22.98
N GLY G 87 41.71 -19.04 -21.83
CA GLY G 87 42.28 -19.64 -20.64
C GLY G 87 43.47 -18.90 -20.07
N GLU G 88 43.51 -17.59 -20.27
CA GLU G 88 44.63 -16.80 -19.76
C GLU G 88 44.51 -16.63 -18.27
N LYS G 89 45.58 -16.96 -17.55
CA LYS G 89 45.56 -16.73 -16.12
C LYS G 89 45.71 -15.24 -15.85
N LEU G 90 45.24 -14.83 -14.69
CA LEU G 90 45.30 -13.44 -14.27
C LEU G 90 46.23 -13.38 -13.08
N LYS G 91 47.24 -12.49 -13.14
CA LYS G 91 48.27 -12.49 -12.12
C LYS G 91 47.74 -12.10 -10.76
N THR G 92 46.78 -11.17 -10.72
CA THR G 92 46.21 -10.78 -9.43
C THR G 92 44.82 -10.24 -9.61
N VAL G 93 44.02 -10.36 -8.55
CA VAL G 93 42.68 -9.79 -8.47
C VAL G 93 42.55 -9.31 -7.03
N GLU G 94 42.48 -8.01 -6.83
CA GLU G 94 42.47 -7.50 -5.47
C GLU G 94 41.11 -6.87 -5.18
N LEU G 95 40.20 -7.70 -4.71
CA LEU G 95 38.93 -7.19 -4.22
C LEU G 95 39.17 -6.38 -2.95
N LYS G 96 38.41 -5.30 -2.79
CA LYS G 96 38.55 -4.45 -1.62
C LYS G 96 37.17 -4.10 -1.09
N TRP G 97 36.83 -4.62 0.07
CA TRP G 97 35.52 -4.40 0.66
C TRP G 97 35.51 -3.06 1.39
N TYR G 98 34.72 -2.12 0.93
CA TYR G 98 34.66 -0.85 1.63
C TYR G 98 33.56 -0.87 2.66
N ARG G 99 33.66 0.05 3.60
CA ARG G 99 32.56 0.33 4.53
C ARG G 99 32.74 1.75 5.04
N THR G 100 31.66 2.29 5.58
CA THR G 100 31.66 3.65 6.08
C THR G 100 32.05 3.64 7.55
N SER G 101 33.15 4.30 7.87
CA SER G 101 33.69 4.25 9.22
C SER G 101 32.97 5.27 10.10
N ILE G 102 33.49 5.47 11.31
CA ILE G 102 32.83 6.35 12.27
C ILE G 102 33.07 7.81 11.91
N GLU G 103 34.29 8.14 11.51
CA GLU G 103 34.63 9.52 11.18
C GLU G 103 33.98 10.00 9.88
N GLY G 104 33.40 9.11 9.11
CA GLY G 104 32.70 9.50 7.91
C GLY G 104 33.44 9.26 6.63
N LYS G 105 34.42 8.37 6.61
CA LYS G 105 35.23 8.16 5.43
C LYS G 105 35.20 6.70 5.05
N GLN G 106 35.18 6.45 3.75
CA GLN G 106 35.26 5.09 3.24
C GLN G 106 36.62 4.49 3.56
N GLU G 107 36.64 3.20 3.85
CA GLU G 107 37.91 2.52 4.08
C GLU G 107 37.74 1.05 3.78
N ASN G 108 38.80 0.43 3.29
CA ASN G 108 38.76 -1.01 3.08
C ASN G 108 39.02 -1.70 4.39
N PHE G 109 38.04 -2.43 4.88
CA PHE G 109 38.25 -3.17 6.10
C PHE G 109 38.65 -4.60 5.84
N PHE G 110 38.70 -5.02 4.57
CA PHE G 110 38.82 -6.44 4.24
C PHE G 110 39.20 -6.52 2.78
N THR G 111 40.33 -7.14 2.46
CA THR G 111 40.72 -7.33 1.08
C THR G 111 40.98 -8.81 0.84
N THR G 112 40.50 -9.34 -0.28
CA THR G 112 40.73 -10.73 -0.64
C THR G 112 41.55 -10.72 -1.92
N LYS G 113 42.87 -10.74 -1.79
CA LYS G 113 43.72 -10.80 -2.97
C LYS G 113 43.67 -12.20 -3.57
N LEU G 114 44.41 -12.39 -4.64
CA LEU G 114 44.22 -13.60 -5.44
C LEU G 114 45.46 -13.75 -6.32
N GLU G 115 46.02 -14.93 -6.38
CA GLU G 115 47.09 -15.20 -7.33
C GLU G 115 46.47 -15.77 -8.59
N ASN G 116 47.26 -16.51 -9.39
CA ASN G 116 46.91 -16.97 -10.74
C ASN G 116 45.52 -17.54 -10.84
N ALA G 117 44.66 -16.85 -11.58
CA ALA G 117 43.23 -17.05 -11.47
C ALA G 117 42.60 -16.96 -12.84
N SER G 118 42.31 -18.11 -13.45
CA SER G 118 41.60 -18.08 -14.71
C SER G 118 40.14 -17.71 -14.48
N ILE G 119 39.43 -17.46 -15.56
CA ILE G 119 38.01 -17.14 -15.49
C ILE G 119 37.24 -18.38 -15.89
N VAL G 120 36.32 -18.83 -15.04
CA VAL G 120 35.53 -20.00 -15.36
C VAL G 120 34.41 -19.65 -16.32
N ASP G 121 33.52 -18.75 -15.91
CA ASP G 121 32.48 -18.32 -16.81
C ASP G 121 32.06 -16.89 -16.52
N ILE G 122 31.42 -16.28 -17.51
CA ILE G 122 30.94 -14.91 -17.43
C ILE G 122 29.51 -14.89 -17.91
N HIS G 123 28.61 -14.41 -17.06
CA HIS G 123 27.17 -14.49 -17.30
C HIS G 123 26.64 -13.08 -17.56
N CYS G 124 26.71 -12.65 -18.81
CA CYS G 124 26.22 -11.34 -19.20
C CYS G 124 24.72 -11.41 -19.42
N GLU G 125 23.96 -10.58 -18.71
CA GLU G 125 22.52 -10.53 -18.90
C GLU G 125 22.06 -9.09 -18.78
N MET G 126 20.81 -8.87 -19.20
CA MET G 126 20.17 -7.58 -19.09
C MET G 126 18.73 -7.86 -18.71
N PRO G 127 18.19 -7.19 -17.70
CA PRO G 127 16.80 -7.43 -17.31
C PRO G 127 15.84 -6.90 -18.36
N HIS G 128 14.57 -7.26 -18.19
CA HIS G 128 13.57 -7.01 -19.21
C HIS G 128 13.21 -5.53 -19.25
N CYS G 129 13.22 -4.96 -20.45
CA CYS G 129 13.05 -3.51 -20.56
C CYS G 129 11.61 -3.08 -20.32
N GLN G 130 10.65 -3.97 -20.59
CA GLN G 130 9.25 -3.68 -20.30
C GLN G 130 8.95 -3.64 -18.82
N ASP G 131 9.74 -4.34 -18.01
CA ASP G 131 9.43 -4.57 -16.61
C ASP G 131 9.82 -3.35 -15.79
N PRO G 132 8.88 -2.70 -15.09
CA PRO G 132 9.25 -1.52 -14.30
C PRO G 132 9.88 -1.82 -12.96
N ALA G 133 9.83 -3.06 -12.49
CA ALA G 133 10.48 -3.39 -11.23
C ALA G 133 11.99 -3.44 -11.36
N LYS G 134 12.51 -3.68 -12.55
CA LYS G 134 13.93 -3.76 -12.81
C LYS G 134 14.37 -2.64 -13.74
N SER G 135 13.88 -1.43 -13.50
CA SER G 135 14.21 -0.29 -14.33
C SER G 135 15.50 0.38 -13.92
N ASP G 136 15.87 0.29 -12.64
CA ASP G 136 17.09 0.93 -12.17
C ASP G 136 18.34 0.18 -12.57
N PHE G 137 18.23 -1.10 -12.89
CA PHE G 137 19.40 -1.88 -13.25
C PHE G 137 19.83 -1.51 -14.66
N THR G 138 21.11 -1.71 -14.95
CA THR G 138 21.60 -1.46 -16.30
C THR G 138 21.97 -2.75 -17.01
N GLN G 139 22.98 -3.46 -16.50
CA GLN G 139 23.39 -4.76 -17.00
C GLN G 139 23.94 -5.53 -15.82
N ASN G 140 24.28 -6.79 -16.07
CA ASN G 140 24.85 -7.65 -15.04
C ASN G 140 25.85 -8.56 -15.73
N VAL G 141 27.13 -8.35 -15.47
CA VAL G 141 28.18 -9.18 -16.02
C VAL G 141 28.85 -9.85 -14.84
N THR G 142 28.49 -11.09 -14.57
CA THR G 142 28.96 -11.82 -13.40
C THR G 142 30.16 -12.65 -13.79
N VAL G 143 31.34 -12.18 -13.48
CA VAL G 143 32.57 -12.84 -13.90
C VAL G 143 33.02 -13.77 -12.79
N SER G 144 33.24 -15.03 -13.14
CA SER G 144 33.72 -15.98 -12.14
C SER G 144 35.23 -16.11 -12.19
N LEU G 145 35.79 -16.66 -11.13
CA LEU G 145 37.24 -16.81 -11.05
C LEU G 145 37.54 -18.07 -10.26
N SER G 146 38.01 -19.11 -10.92
CA SER G 146 38.78 -20.09 -10.18
C SER G 146 40.18 -19.55 -10.03
N TYR G 147 40.95 -20.13 -9.11
CA TYR G 147 42.15 -19.44 -8.66
C TYR G 147 43.08 -20.41 -7.97
N ARG G 148 44.38 -20.15 -8.10
CA ARG G 148 45.35 -20.98 -7.39
C ARG G 148 45.43 -20.59 -5.93
N LYS G 149 45.84 -19.37 -5.66
CA LYS G 149 46.13 -18.91 -4.30
C LYS G 149 45.27 -17.71 -3.96
N ILE G 150 44.60 -17.77 -2.83
CA ILE G 150 43.75 -16.70 -2.34
C ILE G 150 44.23 -16.31 -0.96
N THR G 151 44.24 -15.01 -0.68
CA THR G 151 44.67 -14.50 0.62
C THR G 151 43.63 -13.50 1.12
N TRP G 152 42.80 -13.93 2.06
CA TRP G 152 41.96 -13.00 2.79
C TRP G 152 42.83 -12.13 3.68
N ASP G 153 42.37 -10.92 3.95
CA ASP G 153 43.18 -9.99 4.73
C ASP G 153 42.22 -8.95 5.33
N HIS G 154 42.01 -9.03 6.63
CA HIS G 154 41.27 -7.97 7.30
C HIS G 154 42.25 -6.88 7.69
N VAL G 155 41.98 -5.66 7.27
CA VAL G 155 42.95 -4.59 7.41
C VAL G 155 42.86 -3.93 8.78
N ASN G 156 41.65 -3.60 9.24
CA ASN G 156 41.50 -2.87 10.50
C ASN G 156 41.79 -3.70 11.74
N ALA G 157 41.93 -5.02 11.61
CA ALA G 157 42.32 -5.85 12.73
C ALA G 157 43.52 -6.71 12.42
N GLY G 158 44.10 -6.58 11.24
CA GLY G 158 45.37 -7.17 10.93
C GLY G 158 45.39 -8.66 10.68
N THR G 159 44.28 -9.37 10.85
CA THR G 159 44.31 -10.80 10.59
C THR G 159 44.43 -11.08 9.11
N SER G 160 44.92 -12.27 8.79
CA SER G 160 45.14 -12.62 7.40
C SER G 160 45.09 -14.13 7.24
N GLY G 161 44.17 -14.61 6.41
CA GLY G 161 44.14 -16.00 6.08
C GLY G 161 44.80 -16.21 4.74
N SER G 162 45.06 -17.46 4.37
CA SER G 162 45.70 -17.74 3.09
C SER G 162 45.43 -19.18 2.72
N ASP G 163 45.21 -19.42 1.44
CA ASP G 163 45.18 -20.77 0.92
C ASP G 163 46.01 -20.80 -0.34
N ASP G 164 46.67 -21.92 -0.58
CA ASP G 164 47.48 -22.03 -1.78
C ASP G 164 47.58 -23.49 -2.18
N TRP G 165 47.39 -23.75 -3.47
CA TRP G 165 47.72 -25.07 -3.96
C TRP G 165 49.21 -25.26 -4.11
N ARG G 166 49.94 -24.18 -4.35
CA ARG G 166 51.38 -24.28 -4.57
C ARG G 166 52.10 -24.69 -3.31
N LYS G 167 51.71 -24.14 -2.18
CA LYS G 167 52.36 -24.40 -0.90
C LYS G 167 51.33 -24.78 0.15
N PRO G 168 50.86 -26.02 0.15
CA PRO G 168 50.00 -26.46 1.24
C PRO G 168 50.82 -26.62 2.49
N ILE G 169 50.13 -26.68 3.62
CA ILE G 169 50.79 -26.45 4.91
C ILE G 169 51.56 -27.73 5.27
N GLU G 170 52.85 -27.72 4.91
CA GLU G 170 53.85 -28.80 4.97
C GLU G 170 53.38 -30.20 4.57
N GLY H 1 134.72 -12.43 -20.66
CA GLY H 1 133.37 -12.47 -21.17
C GLY H 1 132.82 -13.88 -21.30
N SER H 2 133.21 -14.75 -20.36
CA SER H 2 132.73 -16.12 -20.38
C SER H 2 131.27 -16.25 -19.96
N LEU H 3 130.75 -15.26 -19.21
CA LEU H 3 129.33 -15.28 -18.87
C LEU H 3 128.46 -14.97 -20.07
N LEU H 4 128.97 -14.18 -21.02
CA LEU H 4 128.26 -13.97 -22.28
C LEU H 4 128.31 -15.23 -23.14
N ASP H 5 129.36 -16.04 -22.99
CA ASP H 5 129.45 -17.30 -23.73
C ASP H 5 128.44 -18.33 -23.24
N GLU H 6 128.09 -18.28 -21.95
CA GLU H 6 127.09 -19.21 -21.43
C GLU H 6 125.68 -18.81 -21.87
N ILE H 7 125.45 -17.52 -22.11
CA ILE H 7 124.15 -17.07 -22.60
C ILE H 7 124.01 -17.42 -24.08
N MET H 8 125.08 -17.21 -24.87
CA MET H 8 125.05 -17.53 -26.29
C MET H 8 125.02 -19.03 -26.54
N ALA H 9 125.61 -19.84 -25.67
CA ALA H 9 125.46 -21.29 -25.78
C ALA H 9 124.08 -21.75 -25.35
N GLN H 10 123.39 -20.96 -24.53
CA GLN H 10 122.02 -21.23 -24.12
C GLN H 10 121.10 -20.78 -25.25
N THR H 11 120.67 -21.72 -26.09
CA THR H 11 119.99 -21.40 -27.33
C THR H 11 118.56 -20.90 -27.14
N ARG H 12 118.02 -20.96 -25.92
CA ARG H 12 116.66 -20.46 -25.69
C ARG H 12 116.59 -18.95 -25.69
N ILE H 13 117.62 -18.26 -25.18
CA ILE H 13 117.66 -16.80 -25.12
C ILE H 13 119.05 -16.31 -25.51
N ALA H 14 119.59 -16.84 -26.61
CA ALA H 14 120.97 -16.52 -26.98
C ALA H 14 121.14 -15.12 -27.56
N PRO H 15 120.48 -14.72 -28.71
CA PRO H 15 120.96 -13.50 -29.39
C PRO H 15 120.43 -12.19 -28.82
N SER H 16 120.37 -12.06 -27.49
CA SER H 16 120.05 -10.82 -26.76
C SER H 16 118.70 -10.23 -27.21
N GLU H 17 117.64 -11.01 -26.99
CA GLU H 17 116.30 -10.60 -27.44
C GLU H 17 115.39 -10.27 -26.27
N GLU H 18 115.17 -11.20 -25.35
CA GLU H 18 114.27 -10.96 -24.23
C GLU H 18 114.64 -11.89 -23.08
N GLY H 19 114.74 -11.34 -21.88
CA GLY H 19 115.06 -12.13 -20.71
C GLY H 19 116.52 -12.47 -20.55
N TYR H 20 117.41 -11.77 -21.24
CA TYR H 20 118.83 -12.04 -21.13
C TYR H 20 119.49 -11.33 -19.97
N ASP H 21 118.85 -10.29 -19.43
CA ASP H 21 119.38 -9.61 -18.25
C ASP H 21 118.91 -10.27 -16.96
N ILE H 22 117.76 -10.94 -16.99
CA ILE H 22 117.27 -11.64 -15.80
C ILE H 22 118.03 -12.94 -15.60
N ALA H 23 118.22 -13.72 -16.68
CA ALA H 23 118.95 -14.97 -16.60
C ALA H 23 120.44 -14.77 -16.33
N LYS H 24 121.00 -13.62 -16.72
CA LYS H 24 122.37 -13.30 -16.33
C LYS H 24 122.47 -13.07 -14.82
N LYS H 25 121.44 -12.50 -14.21
CA LYS H 25 121.41 -12.38 -12.76
C LYS H 25 121.17 -13.71 -12.08
N GLY H 26 120.62 -14.70 -12.79
CA GLY H 26 120.38 -16.01 -12.23
C GLY H 26 121.63 -16.86 -12.13
N VAL H 27 122.50 -16.75 -13.12
CA VAL H 27 123.75 -17.52 -13.11
C VAL H 27 124.69 -16.96 -12.04
N ALA H 28 124.82 -15.64 -11.98
CA ALA H 28 125.80 -15.02 -11.09
C ALA H 28 125.39 -15.10 -9.63
N ALA H 29 124.09 -15.24 -9.35
CA ALA H 29 123.64 -15.38 -7.98
C ALA H 29 123.89 -16.78 -7.43
N PHE H 30 123.81 -17.80 -8.29
CA PHE H 30 123.97 -19.17 -7.83
C PHE H 30 125.44 -19.51 -7.57
N ILE H 31 126.36 -18.86 -8.27
CA ILE H 31 127.78 -19.12 -8.07
C ILE H 31 128.27 -18.54 -6.75
N GLU H 32 127.66 -17.44 -6.31
CA GLU H 32 128.08 -16.78 -5.07
C GLU H 32 127.73 -17.62 -3.84
N ASN H 33 126.70 -18.46 -3.92
CA ASN H 33 126.34 -19.36 -2.84
C ASN H 33 126.81 -20.79 -3.08
N LEU H 34 127.44 -21.06 -4.22
CA LEU H 34 127.88 -22.41 -4.55
C LEU H 34 129.09 -22.84 -3.74
N MET H 35 129.87 -21.89 -3.21
CA MET H 35 131.12 -22.21 -2.53
C MET H 35 130.92 -22.83 -1.15
N GLY H 36 129.70 -22.88 -0.64
CA GLY H 36 129.45 -23.58 0.61
C GLY H 36 129.53 -25.09 0.46
N SER H 37 129.22 -25.60 -0.74
CA SER H 37 129.31 -27.03 -1.02
C SER H 37 129.56 -27.19 -2.50
N GLN H 38 130.79 -27.55 -2.88
CA GLN H 38 131.15 -27.68 -4.28
C GLN H 38 130.63 -28.99 -4.85
N HIS H 39 129.86 -28.89 -5.93
CA HIS H 39 129.32 -30.06 -6.61
C HIS H 39 129.05 -29.70 -8.06
N SER H 40 129.22 -30.69 -8.95
CA SER H 40 129.09 -30.48 -10.40
C SER H 40 128.17 -31.53 -10.99
N ALA H 41 126.86 -31.27 -10.91
CA ALA H 41 125.84 -32.10 -11.54
C ALA H 41 124.54 -31.30 -11.58
N GLU H 42 123.96 -31.17 -12.79
CA GLU H 42 122.71 -30.41 -12.94
C GLU H 42 121.51 -30.95 -12.16
N PRO H 43 121.19 -32.26 -12.13
CA PRO H 43 120.01 -32.68 -11.34
C PRO H 43 120.19 -32.56 -9.84
N VAL H 44 121.42 -32.67 -9.35
CA VAL H 44 121.66 -32.34 -7.95
C VAL H 44 121.57 -30.83 -7.76
N ASN H 45 122.01 -30.06 -8.77
CA ASN H 45 121.85 -28.61 -8.74
C ASN H 45 120.38 -28.20 -8.83
N LYS H 46 119.55 -29.00 -9.52
CA LYS H 46 118.11 -28.76 -9.47
C LYS H 46 117.56 -29.00 -8.07
N SER H 47 118.22 -29.86 -7.29
CA SER H 47 117.91 -29.93 -5.87
C SER H 47 118.68 -28.88 -5.07
N LEU H 48 119.89 -28.53 -5.50
CA LEU H 48 120.66 -27.51 -4.79
C LEU H 48 120.09 -26.11 -5.01
N VAL H 49 119.42 -25.86 -6.13
CA VAL H 49 118.63 -24.64 -6.25
C VAL H 49 117.47 -24.67 -5.27
N ASP H 50 116.79 -25.83 -5.17
CA ASP H 50 115.71 -25.97 -4.20
C ASP H 50 116.21 -25.97 -2.76
N GLN H 51 117.43 -26.45 -2.52
CA GLN H 51 118.00 -26.32 -1.18
C GLN H 51 118.48 -24.90 -0.89
N MET H 52 118.62 -24.06 -1.91
CA MET H 52 118.81 -22.64 -1.71
C MET H 52 117.51 -21.85 -1.75
N LEU H 53 116.37 -22.52 -1.95
CA LEU H 53 115.07 -21.89 -1.83
C LEU H 53 114.40 -22.19 -0.49
N VAL H 54 114.63 -23.38 0.07
CA VAL H 54 114.11 -23.71 1.38
C VAL H 54 114.82 -22.89 2.46
N GLU H 55 116.14 -22.76 2.34
CA GLU H 55 116.89 -21.91 3.27
C GLU H 55 116.60 -20.43 3.03
N LEU H 56 116.20 -20.07 1.81
CA LEU H 56 115.78 -18.69 1.53
C LEU H 56 114.43 -18.39 2.16
N ASP H 57 113.49 -19.34 2.09
CA ASP H 57 112.18 -19.15 2.70
C ASP H 57 112.24 -19.14 4.22
N LYS H 58 113.27 -19.76 4.81
CA LYS H 58 113.49 -19.60 6.25
C LYS H 58 113.96 -18.19 6.57
N LYS H 59 114.61 -17.53 5.62
CA LYS H 59 115.01 -16.15 5.84
C LYS H 59 113.88 -15.16 5.58
N ILE H 60 112.98 -15.47 4.63
CA ILE H 60 111.95 -14.50 4.26
C ILE H 60 110.74 -14.63 5.17
N SER H 61 110.25 -15.86 5.37
CA SER H 61 109.03 -16.05 6.15
C SER H 61 109.23 -15.76 7.63
N ALA H 62 110.47 -15.88 8.11
CA ALA H 62 110.74 -15.42 9.47
C ALA H 62 110.73 -13.91 9.57
N GLN H 63 110.97 -13.22 8.47
CA GLN H 63 110.83 -11.76 8.45
C GLN H 63 109.37 -11.35 8.24
N MET H 64 108.65 -12.09 7.40
CA MET H 64 107.24 -11.82 7.17
C MET H 64 106.33 -12.37 8.25
N ASP H 65 106.87 -13.06 9.25
CA ASP H 65 106.15 -13.25 10.50
C ASP H 65 106.53 -12.20 11.52
N GLU H 66 107.29 -11.19 11.13
CA GLU H 66 107.62 -10.08 11.99
C GLU H 66 107.23 -8.73 11.43
N ILE H 67 107.17 -8.58 10.11
CA ILE H 67 106.53 -7.40 9.53
C ILE H 67 105.03 -7.48 9.72
N LEU H 68 104.47 -8.69 9.60
CA LEU H 68 103.13 -8.94 10.09
C LEU H 68 103.19 -9.16 11.60
N HIS H 69 102.04 -9.47 12.20
CA HIS H 69 101.91 -9.87 13.61
C HIS H 69 102.40 -8.80 14.58
N ASN H 70 102.36 -7.54 14.17
CA ASN H 70 102.80 -6.42 14.98
C ASN H 70 101.58 -5.73 15.59
N SER H 71 101.78 -5.13 16.77
CA SER H 71 100.66 -4.55 17.50
C SER H 71 100.10 -3.31 16.80
N GLN H 72 100.90 -2.63 15.98
CA GLN H 72 100.38 -1.57 15.16
C GLN H 72 99.73 -2.10 13.89
N PHE H 73 100.28 -3.19 13.34
CA PHE H 73 99.74 -3.73 12.09
C PHE H 73 98.48 -4.55 12.33
N GLN H 74 98.56 -5.51 13.25
CA GLN H 74 97.48 -6.48 13.44
C GLN H 74 96.22 -5.83 14.02
N ALA H 75 96.39 -4.85 14.92
CA ALA H 75 95.23 -4.14 15.45
C ALA H 75 94.61 -3.23 14.41
N MET H 76 95.39 -2.79 13.43
CA MET H 76 94.88 -2.04 12.30
C MET H 76 94.61 -2.93 11.08
N GLU H 77 94.81 -4.23 11.20
CA GLU H 77 94.34 -5.16 10.19
C GLU H 77 93.01 -5.79 10.58
N SER H 78 92.86 -6.15 11.85
CA SER H 78 91.60 -6.71 12.32
C SER H 78 90.49 -5.68 12.34
N ALA H 79 90.83 -4.42 12.59
CA ALA H 79 89.85 -3.34 12.57
C ALA H 79 89.45 -2.95 11.14
N TRP H 80 90.13 -3.46 10.13
CA TRP H 80 89.84 -3.09 8.75
C TRP H 80 89.45 -4.28 7.88
N ARG H 81 90.08 -5.44 8.07
CA ARG H 81 89.61 -6.64 7.37
C ARG H 81 88.30 -7.14 7.98
N GLY H 82 88.10 -6.91 9.28
CA GLY H 82 86.83 -7.19 9.89
C GLY H 82 85.70 -6.33 9.38
N LEU H 83 86.01 -5.13 8.87
CA LEU H 83 85.00 -4.36 8.16
C LEU H 83 84.62 -5.04 6.85
N LYS H 84 85.59 -5.64 6.16
CA LYS H 84 85.30 -6.34 4.91
C LYS H 84 84.40 -7.55 5.13
N LEU H 85 84.52 -8.19 6.30
CA LEU H 85 83.57 -9.22 6.68
C LEU H 85 82.18 -8.64 6.97
N PHE H 86 82.09 -7.36 7.31
CA PHE H 86 80.79 -6.73 7.44
C PHE H 86 80.27 -6.19 6.12
N VAL H 87 81.15 -5.94 5.15
CA VAL H 87 80.69 -5.46 3.86
C VAL H 87 80.31 -6.62 2.94
N ASP H 88 81.04 -7.73 3.00
CA ASP H 88 80.81 -8.83 2.08
C ASP H 88 79.54 -9.61 2.40
N ARG H 89 79.15 -9.67 3.68
CA ARG H 89 77.99 -10.48 4.05
C ARG H 89 76.68 -9.72 3.83
N THR H 90 76.66 -8.43 4.15
CA THR H 90 75.42 -7.66 4.11
C THR H 90 75.07 -7.30 2.68
N ASP H 91 73.84 -7.58 2.28
CA ASP H 91 73.41 -7.38 0.91
C ASP H 91 73.01 -5.92 0.76
N PHE H 92 73.87 -5.13 0.11
CA PHE H 92 73.59 -3.72 -0.08
C PHE H 92 72.52 -3.45 -1.12
N ARG H 93 72.16 -4.45 -1.92
CA ARG H 93 71.03 -4.28 -2.82
C ARG H 93 69.70 -4.29 -2.07
N GLU H 94 69.65 -4.93 -0.89
CA GLU H 94 68.42 -5.03 -0.12
C GLU H 94 68.30 -3.91 0.91
N ASN H 95 68.50 -2.66 0.46
CA ASN H 95 68.29 -1.44 1.24
C ASN H 95 69.12 -1.42 2.53
N ASN H 96 70.44 -1.38 2.36
CA ASN H 96 71.36 -1.31 3.47
C ASN H 96 72.47 -0.34 3.13
N LYS H 97 72.83 0.51 4.09
CA LYS H 97 74.00 1.36 3.96
C LYS H 97 74.75 1.34 5.28
N VAL H 98 76.04 1.64 5.23
CA VAL H 98 76.85 1.65 6.44
C VAL H 98 77.83 2.81 6.39
N GLU H 99 77.82 3.63 7.44
CA GLU H 99 78.73 4.75 7.54
C GLU H 99 79.96 4.34 8.33
N ILE H 100 81.09 4.96 7.97
CA ILE H 100 82.40 4.64 8.54
C ILE H 100 82.97 5.89 9.16
N LEU H 101 83.17 5.87 10.48
CA LEU H 101 83.67 7.01 11.21
C LEU H 101 85.02 6.69 11.84
N HIS H 102 86.02 7.52 11.53
CA HIS H 102 87.35 7.41 12.13
C HIS H 102 87.36 8.20 13.42
N VAL H 103 87.26 7.50 14.56
CA VAL H 103 87.64 8.07 15.84
C VAL H 103 88.73 7.19 16.40
N THR H 104 89.28 7.61 17.52
CA THR H 104 89.98 6.68 18.40
C THR H 104 89.24 6.65 19.73
N LYS H 105 89.44 5.55 20.45
CA LYS H 105 88.67 5.30 21.66
C LYS H 105 89.02 6.28 22.76
N ASP H 106 90.26 6.77 22.79
CA ASP H 106 90.62 7.80 23.76
C ASP H 106 90.13 9.18 23.34
N GLU H 107 89.95 9.39 22.04
CA GLU H 107 89.43 10.67 21.56
C GLU H 107 87.95 10.81 21.88
N LEU H 108 87.22 9.69 21.94
CA LEU H 108 85.77 9.76 22.00
C LEU H 108 85.28 10.18 23.36
N LEU H 109 85.94 9.72 24.43
CA LEU H 109 85.58 10.15 25.78
C LEU H 109 85.94 11.62 25.99
N GLU H 110 87.05 12.06 25.38
CA GLU H 110 87.40 13.47 25.41
C GLU H 110 86.37 14.33 24.67
N ASP H 111 85.77 13.77 23.61
CA ASP H 111 84.74 14.48 22.88
C ASP H 111 83.43 14.54 23.64
N PHE H 112 83.18 13.60 24.55
CA PHE H 112 82.07 13.76 25.47
C PHE H 112 82.43 14.64 26.66
N GLU H 113 83.71 14.74 26.99
CA GLU H 113 84.18 15.75 27.92
C GLU H 113 84.22 17.13 27.28
N PHE H 114 84.24 17.17 25.95
CA PHE H 114 84.28 18.42 25.19
C PHE H 114 83.01 19.24 25.40
N ALA H 115 81.85 18.62 25.17
CA ALA H 115 80.60 19.35 25.30
C ALA H 115 80.06 19.25 26.72
N PRO H 116 79.38 20.29 27.21
CA PRO H 116 78.77 20.22 28.54
C PRO H 116 77.59 19.29 28.63
N GLU H 117 76.94 19.00 27.50
CA GLU H 117 75.80 18.11 27.46
C GLU H 117 75.99 17.15 26.28
N THR H 118 75.48 15.91 26.44
CA THR H 118 75.55 14.91 25.39
C THR H 118 74.78 15.33 24.14
N ALA H 119 73.81 16.22 24.26
CA ALA H 119 73.05 16.75 23.15
C ALA H 119 73.79 17.86 22.40
N GLN H 120 75.05 18.13 22.73
CA GLN H 120 75.86 19.04 21.95
C GLN H 120 77.22 18.44 21.59
N SER H 121 77.38 17.13 21.72
CA SER H 121 78.66 16.48 21.50
C SER H 121 78.98 16.41 20.01
N GLY H 122 80.19 15.92 19.71
CA GLY H 122 80.56 15.71 18.32
C GLY H 122 80.11 14.38 17.77
N LEU H 123 79.96 13.38 18.63
CA LEU H 123 79.40 12.12 18.17
C LEU H 123 77.89 12.22 18.03
N TYR H 124 77.25 13.09 18.81
CA TYR H 124 75.83 13.37 18.65
C TYR H 124 75.52 14.02 17.33
N LYS H 125 76.49 14.69 16.73
CA LYS H 125 76.29 15.28 15.41
C LYS H 125 76.21 14.20 14.33
N HIS H 126 77.02 13.13 14.47
CA HIS H 126 77.06 12.12 13.43
C HIS H 126 76.05 11.00 13.64
N VAL H 127 75.62 10.77 14.86
CA VAL H 127 74.63 9.73 15.11
C VAL H 127 73.22 10.27 14.95
N TYR H 128 72.94 11.42 15.56
CA TYR H 128 71.59 11.97 15.57
C TYR H 128 71.35 12.93 14.41
N SER H 129 72.12 14.02 14.37
CA SER H 129 71.71 15.15 13.54
C SER H 129 72.06 14.98 12.07
N ALA H 130 73.18 14.35 11.75
CA ALA H 130 73.49 14.13 10.35
C ALA H 130 72.69 12.99 9.75
N GLY H 131 72.11 12.15 10.60
CA GLY H 131 71.31 11.03 10.17
C GLY H 131 69.85 11.23 10.51
N TYR H 132 69.48 10.72 11.67
CA TYR H 132 68.10 10.68 12.13
C TYR H 132 67.49 12.07 12.26
N GLY H 133 68.17 12.99 12.91
CA GLY H 133 67.64 14.33 13.06
C GLY H 133 67.89 15.20 11.85
N GLN H 134 67.33 14.81 10.71
CA GLN H 134 67.61 15.47 9.44
C GLN H 134 66.43 15.23 8.53
N PHE H 135 65.97 16.28 7.85
CA PHE H 135 64.89 16.13 6.91
C PHE H 135 65.34 15.34 5.70
N GLY H 136 64.76 14.15 5.52
CA GLY H 136 65.09 13.29 4.41
C GLY H 136 66.29 12.40 4.60
N GLY H 137 67.12 12.67 5.61
CA GLY H 137 68.29 11.86 5.83
C GLY H 137 67.95 10.50 6.39
N GLU H 138 68.74 9.52 6.00
CA GLU H 138 68.51 8.15 6.46
C GLU H 138 68.92 8.01 7.92
N PRO H 139 68.11 7.41 8.77
CA PRO H 139 68.39 7.37 10.20
C PRO H 139 69.26 6.18 10.56
N VAL H 140 69.83 6.23 11.76
CA VAL H 140 70.86 5.31 12.19
C VAL H 140 70.23 4.14 12.93
N GLY H 141 70.50 2.93 12.47
CA GLY H 141 69.97 1.74 13.11
C GLY H 141 70.75 1.32 14.34
N ALA H 142 72.07 1.20 14.22
CA ALA H 142 72.89 0.76 15.34
C ALA H 142 74.30 1.31 15.18
N ILE H 143 75.03 1.37 16.30
CA ILE H 143 76.39 1.85 16.32
C ILE H 143 77.32 0.68 16.65
N ILE H 144 78.14 0.29 15.70
CA ILE H 144 79.15 -0.74 15.93
C ILE H 144 80.32 -0.10 16.65
N GLY H 145 80.58 -0.57 17.87
CA GLY H 145 81.75 -0.13 18.59
C GLY H 145 82.91 -1.08 18.41
N ASN H 146 83.96 -0.62 17.73
CA ASN H 146 85.12 -1.46 17.43
C ASN H 146 86.15 -1.33 18.56
N TYR H 147 85.68 -1.57 19.77
CA TYR H 147 86.41 -1.21 20.99
C TYR H 147 86.68 -2.45 21.82
N ALA H 148 87.49 -2.26 22.86
CA ALA H 148 87.79 -3.30 23.83
C ALA H 148 87.59 -2.69 25.21
N PHE H 149 86.43 -2.94 25.81
CA PHE H 149 86.04 -2.22 27.01
C PHE H 149 86.64 -2.86 28.27
N THR H 150 87.15 -2.03 29.13
CA THR H 150 87.58 -2.32 30.48
C THR H 150 86.46 -1.95 31.44
N PRO H 151 86.50 -2.40 32.69
CA PRO H 151 85.51 -1.91 33.65
C PRO H 151 85.94 -0.67 34.40
N SER H 152 86.97 0.02 33.90
CA SER H 152 87.50 1.19 34.59
C SER H 152 86.61 2.40 34.37
N THR H 153 86.92 3.48 35.07
CA THR H 153 86.21 4.74 35.00
C THR H 153 86.27 5.42 33.62
N PRO H 154 87.39 5.42 32.86
CA PRO H 154 87.29 5.97 31.49
C PRO H 154 86.54 5.09 30.49
N ASP H 155 86.01 3.94 30.90
CA ASP H 155 85.15 3.14 30.04
C ASP H 155 83.75 2.92 30.58
N MET H 156 83.49 3.26 31.84
CA MET H 156 82.13 3.36 32.31
C MET H 156 81.59 4.78 32.20
N LYS H 157 82.46 5.76 32.03
CA LYS H 157 82.01 7.11 31.71
C LYS H 157 81.64 7.22 30.24
N LEU H 158 82.30 6.44 29.39
CA LEU H 158 81.94 6.44 27.97
C LEU H 158 80.58 5.79 27.76
N LEU H 159 80.35 4.64 28.38
CA LEU H 159 79.08 3.94 28.18
C LEU H 159 77.91 4.65 28.84
N GLN H 160 78.16 5.43 29.89
CA GLN H 160 77.11 6.28 30.41
C GLN H 160 76.75 7.37 29.42
N TYR H 161 77.73 7.84 28.65
CA TYR H 161 77.51 8.82 27.60
C TYR H 161 77.21 8.18 26.26
N MET H 162 77.16 6.86 26.17
CA MET H 162 76.65 6.19 24.98
C MET H 162 75.25 5.62 25.18
N GLY H 163 74.88 5.32 26.42
CA GLY H 163 73.50 4.98 26.70
C GLY H 163 72.58 6.17 26.59
N ALA H 164 73.08 7.35 26.96
CA ALA H 164 72.28 8.56 26.78
C ALA H 164 72.24 8.98 25.33
N LEU H 165 73.29 8.70 24.56
CA LEU H 165 73.24 8.96 23.13
C LEU H 165 72.33 7.96 22.43
N GLY H 166 72.35 6.69 22.87
CA GLY H 166 71.49 5.69 22.28
C GLY H 166 70.03 5.87 22.62
N ALA H 167 69.71 6.59 23.68
CA ALA H 167 68.33 6.86 24.02
C ALA H 167 67.80 8.11 23.33
N MET H 168 68.65 8.87 22.66
CA MET H 168 68.18 10.03 21.92
C MET H 168 67.96 9.72 20.46
N ALA H 169 68.85 8.95 19.84
CA ALA H 169 68.73 8.62 18.43
C ALA H 169 68.09 7.28 18.19
N HIS H 170 67.66 6.59 19.26
CA HIS H 170 66.99 5.29 19.21
C HIS H 170 67.84 4.23 18.50
N ALA H 171 69.10 4.17 18.86
CA ALA H 171 69.97 3.22 18.22
C ALA H 171 70.89 2.62 19.27
N PRO H 172 70.86 1.31 19.47
CA PRO H 172 71.72 0.70 20.49
C PRO H 172 73.17 0.66 20.04
N PHE H 173 74.06 0.89 21.01
CA PHE H 173 75.50 0.88 20.77
C PHE H 173 76.03 -0.51 21.08
N ILE H 174 76.45 -1.23 20.05
CA ILE H 174 76.99 -2.58 20.21
C ILE H 174 78.51 -2.54 20.11
N SER H 175 79.16 -3.11 21.10
CA SER H 175 80.62 -3.17 21.18
C SER H 175 80.97 -4.46 21.92
N SER H 176 82.19 -4.57 22.40
CA SER H 176 82.59 -5.79 23.08
C SER H 176 83.42 -5.47 24.32
N VAL H 177 83.37 -6.39 25.27
CA VAL H 177 84.22 -6.34 26.44
C VAL H 177 85.49 -7.12 26.12
N GLY H 178 86.56 -6.82 26.87
CA GLY H 178 87.83 -7.44 26.64
C GLY H 178 88.07 -8.61 27.57
N PRO H 179 89.24 -9.25 27.42
CA PRO H 179 89.64 -10.26 28.42
C PRO H 179 89.78 -9.68 29.80
N GLU H 180 90.38 -8.49 29.92
CA GLU H 180 90.60 -7.84 31.20
C GLU H 180 89.31 -7.36 31.84
N PHE H 181 88.19 -7.38 31.11
CA PHE H 181 86.90 -7.07 31.72
C PHE H 181 86.52 -8.14 32.72
N PHE H 182 86.75 -9.40 32.38
CA PHE H 182 86.45 -10.48 33.30
C PHE H 182 87.55 -10.69 34.33
N GLY H 183 88.71 -10.05 34.15
CA GLY H 183 89.80 -10.19 35.09
C GLY H 183 90.60 -11.47 34.91
N ILE H 184 90.94 -11.78 33.67
CA ILE H 184 91.70 -12.99 33.37
C ILE H 184 93.00 -12.72 32.62
N ASP H 185 93.13 -11.57 31.94
CA ASP H 185 94.36 -11.07 31.30
C ASP H 185 94.91 -11.94 30.17
N SER H 186 94.20 -13.02 29.84
CA SER H 186 94.53 -13.96 28.78
C SER H 186 93.27 -14.76 28.57
N PHE H 187 92.76 -14.84 27.35
CA PHE H 187 91.34 -15.08 27.20
C PHE H 187 90.94 -16.55 27.27
N GLU H 188 91.80 -17.48 26.89
CA GLU H 188 91.40 -18.88 26.77
C GLU H 188 91.16 -19.58 28.10
N GLU H 189 91.26 -18.88 29.23
CA GLU H 189 90.91 -19.44 30.53
C GLU H 189 89.53 -18.98 30.99
N LEU H 190 88.61 -18.74 30.06
CA LEU H 190 87.27 -18.35 30.46
C LEU H 190 86.37 -19.50 30.94
N PRO H 191 86.35 -20.71 30.33
CA PRO H 191 85.55 -21.79 30.94
C PRO H 191 86.09 -22.29 32.26
N ASN H 192 87.32 -21.93 32.63
CA ASN H 192 87.84 -22.30 33.95
C ASN H 192 87.15 -21.53 35.07
N ILE H 193 86.46 -20.43 34.74
CA ILE H 193 85.71 -19.67 35.73
C ILE H 193 84.54 -20.52 36.22
N LYS H 194 84.55 -20.84 37.52
CA LYS H 194 83.56 -21.73 38.09
C LYS H 194 82.38 -20.99 38.72
N ASP H 195 82.48 -19.68 38.91
CA ASP H 195 81.36 -18.89 39.41
C ASP H 195 81.52 -17.47 38.87
N LEU H 196 80.78 -17.15 37.82
CA LEU H 196 80.86 -15.84 37.19
C LEU H 196 79.85 -14.86 37.77
N LYS H 197 78.86 -15.35 38.51
CA LYS H 197 77.91 -14.47 39.18
C LYS H 197 78.58 -13.70 40.32
N SER H 198 79.46 -14.35 41.07
CA SER H 198 80.13 -13.69 42.16
C SER H 198 81.23 -12.76 41.69
N THR H 199 81.73 -12.95 40.47
CA THR H 199 82.76 -12.05 39.94
C THR H 199 82.19 -10.66 39.69
N PHE H 200 80.93 -10.60 39.24
CA PHE H 200 80.31 -9.32 38.91
C PHE H 200 79.79 -8.58 40.13
N GLU H 201 79.75 -9.22 41.30
CA GLU H 201 79.34 -8.58 42.55
C GLU H 201 80.53 -8.19 43.40
N SER H 202 81.64 -7.76 42.75
CA SER H 202 82.91 -7.24 43.26
C SER H 202 82.89 -5.72 43.30
N PRO H 203 83.59 -5.11 44.26
CA PRO H 203 83.61 -3.63 44.31
C PRO H 203 84.41 -2.97 43.22
N LYS H 204 85.10 -3.72 42.35
CA LYS H 204 85.69 -3.11 41.17
C LYS H 204 84.63 -2.71 40.17
N TYR H 205 83.47 -3.34 40.22
CA TYR H 205 82.38 -3.15 39.25
C TYR H 205 81.26 -2.29 39.82
N THR H 206 81.57 -1.29 40.63
CA THR H 206 80.52 -0.42 41.14
C THR H 206 80.03 0.52 40.05
N LYS H 207 80.90 0.90 39.12
CA LYS H 207 80.50 1.66 37.95
C LYS H 207 79.95 0.79 36.83
N TRP H 208 79.87 -0.52 37.03
CA TRP H 208 79.18 -1.44 36.13
C TRP H 208 77.78 -1.76 36.61
N ARG H 209 77.63 -2.11 37.89
CA ARG H 209 76.33 -2.44 38.44
C ARG H 209 75.45 -1.21 38.63
N SER H 210 76.03 -0.01 38.59
CA SER H 210 75.23 1.20 38.53
C SER H 210 74.91 1.59 37.10
N LEU H 211 75.72 1.16 36.13
CA LEU H 211 75.36 1.34 34.74
C LEU H 211 74.19 0.45 34.35
N ARG H 212 74.15 -0.78 34.88
CA ARG H 212 73.12 -1.74 34.51
C ARG H 212 71.75 -1.31 35.03
N GLU H 213 71.70 -0.72 36.22
CA GLU H 213 70.42 -0.29 36.78
C GLU H 213 69.86 0.94 36.09
N SER H 214 70.66 1.65 35.32
CA SER H 214 70.24 2.91 34.73
C SER H 214 69.21 2.68 33.63
N GLU H 215 68.43 3.73 33.35
CA GLU H 215 67.33 3.61 32.41
C GLU H 215 67.80 3.61 30.97
N ASP H 216 68.78 4.46 30.65
CA ASP H 216 69.27 4.55 29.28
C ASP H 216 70.26 3.45 28.92
N ALA H 217 70.50 2.48 29.80
CA ALA H 217 71.35 1.34 29.47
C ALA H 217 70.68 0.35 28.54
N ARG H 218 69.39 0.56 28.26
CA ARG H 218 68.61 -0.29 27.38
C ARG H 218 69.18 -0.31 25.97
N TYR H 219 69.86 0.76 25.57
CA TYR H 219 70.44 0.92 24.24
C TYR H 219 71.93 0.60 24.24
N LEU H 220 72.34 -0.39 25.02
CA LEU H 220 73.75 -0.78 25.11
C LEU H 220 73.83 -2.30 25.19
N GLY H 221 74.28 -2.92 24.11
CA GLY H 221 74.63 -4.33 24.11
C GLY H 221 76.14 -4.47 24.00
N LEU H 222 76.70 -5.40 24.77
CA LEU H 222 78.13 -5.66 24.71
C LEU H 222 78.36 -7.12 24.35
N THR H 223 79.11 -7.35 23.29
CA THR H 223 79.06 -8.61 22.56
C THR H 223 80.08 -9.61 23.10
N ALA H 224 80.35 -10.60 22.28
CA ALA H 224 80.97 -11.92 22.40
C ALA H 224 82.44 -11.90 22.78
N PRO H 225 83.09 -13.07 22.94
CA PRO H 225 84.57 -13.08 23.05
C PRO H 225 85.36 -12.37 21.97
N ARG H 226 85.47 -12.94 20.78
CA ARG H 226 86.21 -12.50 19.59
C ARG H 226 85.98 -13.57 18.54
N PHE H 227 86.41 -13.29 17.31
CA PHE H 227 86.29 -14.30 16.28
C PHE H 227 87.42 -14.13 15.28
N LEU H 228 87.70 -15.21 14.55
CA LEU H 228 88.82 -15.29 13.64
C LEU H 228 88.48 -14.67 12.30
N LEU H 229 89.47 -14.03 11.68
CA LEU H 229 89.30 -13.37 10.39
C LEU H 229 90.09 -14.00 9.26
N ARG H 230 91.38 -14.25 9.46
CA ARG H 230 92.27 -14.67 8.39
C ARG H 230 92.85 -16.04 8.70
N VAL H 231 92.63 -16.98 7.80
CA VAL H 231 93.36 -18.25 7.84
C VAL H 231 94.83 -17.97 7.54
N PRO H 232 95.76 -18.46 8.36
CA PRO H 232 97.19 -18.30 8.03
C PRO H 232 97.54 -19.06 6.76
N TYR H 233 98.39 -18.45 5.95
CA TYR H 233 98.62 -18.88 4.59
C TYR H 233 99.43 -20.17 4.54
N ASP H 234 99.43 -20.81 3.37
CA ASP H 234 100.01 -22.12 3.20
C ASP H 234 100.36 -22.28 1.74
N PRO H 235 101.49 -22.91 1.40
CA PRO H 235 101.84 -23.07 -0.02
C PRO H 235 100.99 -24.08 -0.79
N ILE H 236 100.08 -24.79 -0.13
CA ILE H 236 99.18 -25.73 -0.79
C ILE H 236 97.72 -25.25 -0.69
N GLU H 237 97.29 -24.84 0.50
CA GLU H 237 95.88 -24.51 0.71
C GLU H 237 95.55 -23.12 0.16
N ASN H 238 96.17 -22.09 0.72
CA ASN H 238 95.92 -20.70 0.33
C ASN H 238 97.26 -20.08 -0.09
N PRO H 239 97.68 -20.31 -1.32
CA PRO H 239 99.02 -19.86 -1.73
C PRO H 239 99.05 -18.37 -2.04
N VAL H 240 100.27 -17.87 -2.24
CA VAL H 240 100.49 -16.50 -2.68
C VAL H 240 101.23 -16.55 -4.02
N LYS H 241 101.13 -15.44 -4.76
CA LYS H 241 101.60 -15.40 -6.14
C LYS H 241 103.12 -15.36 -6.18
N SER H 242 103.72 -16.34 -6.88
CA SER H 242 105.16 -16.45 -7.13
C SER H 242 105.98 -16.54 -5.85
N PHE H 243 105.39 -17.14 -4.81
CA PHE H 243 106.06 -17.29 -3.52
C PHE H 243 105.37 -18.40 -2.76
N ASN H 244 106.10 -19.04 -1.85
CA ASN H 244 105.55 -20.06 -0.96
C ASN H 244 105.68 -19.54 0.46
N TYR H 245 104.54 -19.26 1.09
CA TYR H 245 104.50 -18.59 2.39
C TYR H 245 103.78 -19.50 3.40
N ALA H 246 104.55 -20.07 4.32
CA ALA H 246 104.00 -20.84 5.43
C ALA H 246 104.10 -19.97 6.67
N GLU H 247 102.95 -19.44 7.10
CA GLU H 247 102.89 -18.52 8.24
C GLU H 247 103.02 -19.34 9.52
N ASN H 248 104.21 -19.32 10.12
CA ASN H 248 104.49 -20.10 11.31
C ASN H 248 103.80 -19.47 12.51
N VAL H 249 102.62 -19.96 12.84
CA VAL H 249 101.86 -19.47 13.99
C VAL H 249 102.35 -20.21 15.23
N SER H 250 102.82 -19.45 16.22
CA SER H 250 103.41 -20.01 17.42
C SER H 250 102.31 -20.44 18.39
N ALA H 251 102.72 -20.78 19.62
CA ALA H 251 101.76 -21.19 20.64
C ALA H 251 100.96 -20.00 21.18
N SER H 252 101.44 -18.78 20.97
CA SER H 252 100.66 -17.60 21.30
C SER H 252 99.53 -17.44 20.31
N HIS H 253 98.28 -17.50 20.79
CA HIS H 253 97.12 -17.35 19.92
C HIS H 253 96.75 -15.89 19.72
N GLU H 254 97.62 -14.95 20.09
CA GLU H 254 97.41 -13.55 19.76
C GLU H 254 97.88 -13.21 18.35
N HIS H 255 98.59 -14.11 17.69
CA HIS H 255 99.09 -13.83 16.35
C HIS H 255 98.05 -14.08 15.27
N TYR H 256 97.03 -14.88 15.56
CA TYR H 256 95.87 -14.98 14.68
C TYR H 256 95.18 -13.63 14.59
N LEU H 257 94.64 -13.33 13.41
CA LEU H 257 93.98 -12.05 13.20
C LEU H 257 92.59 -12.12 13.84
N TRP H 258 92.55 -11.83 15.13
CA TRP H 258 91.29 -11.89 15.86
C TRP H 258 90.53 -10.59 15.69
N GLY H 259 89.32 -10.67 15.14
CA GLY H 259 88.50 -9.50 14.92
C GLY H 259 87.69 -9.12 16.15
N ASN H 260 86.83 -8.12 15.96
CA ASN H 260 85.92 -7.66 17.01
C ASN H 260 84.50 -8.09 16.65
N THR H 261 83.79 -8.68 17.61
CA THR H 261 82.53 -9.35 17.30
C THR H 261 81.36 -8.38 17.17
N ALA H 262 81.58 -7.09 17.43
CA ALA H 262 80.56 -6.10 17.08
C ALA H 262 80.36 -6.01 15.57
N PHE H 263 81.40 -6.37 14.80
CA PHE H 263 81.22 -6.64 13.38
C PHE H 263 80.29 -7.81 13.16
N ALA H 264 80.55 -8.93 13.83
CA ALA H 264 79.83 -10.16 13.55
C ALA H 264 78.42 -10.18 14.11
N PHE H 265 78.15 -9.44 15.18
CA PHE H 265 76.79 -9.36 15.67
C PHE H 265 75.93 -8.42 14.83
N ALA H 266 76.53 -7.37 14.30
CA ALA H 266 75.81 -6.51 13.36
C ALA H 266 75.67 -7.14 11.99
N THR H 267 76.37 -8.23 11.72
CA THR H 267 76.07 -9.02 10.53
C THR H 267 74.68 -9.63 10.62
N ARG H 268 74.29 -10.03 11.83
CA ARG H 268 72.97 -10.62 12.03
C ARG H 268 71.87 -9.58 12.19
N LEU H 269 72.21 -8.34 12.55
CA LEU H 269 71.23 -7.27 12.48
C LEU H 269 70.86 -6.96 11.04
N THR H 270 71.81 -7.10 10.14
CA THR H 270 71.59 -6.67 8.77
C THR H 270 71.12 -7.82 7.89
N ASP H 271 71.62 -9.04 8.12
CA ASP H 271 71.11 -10.18 7.38
C ASP H 271 69.72 -10.59 7.84
N SER H 272 69.25 -10.11 8.99
CA SER H 272 67.84 -10.19 9.30
C SER H 272 67.04 -9.12 8.62
N PHE H 273 67.64 -7.95 8.40
CA PHE H 273 66.91 -6.88 7.73
C PHE H 273 66.84 -7.11 6.23
N ALA H 274 67.82 -7.78 5.65
CA ALA H 274 67.82 -8.01 4.22
C ALA H 274 66.82 -9.08 3.80
N LYS H 275 66.25 -9.81 4.75
CA LYS H 275 65.29 -10.86 4.45
C LYS H 275 63.86 -10.49 4.79
N TYR H 276 63.64 -9.88 5.96
CA TYR H 276 62.29 -9.61 6.44
C TYR H 276 61.98 -8.13 6.61
N ARG H 277 62.96 -7.24 6.36
CA ARG H 277 62.85 -5.79 6.53
C ARG H 277 62.49 -5.40 7.97
N TRP H 278 62.89 -6.22 8.93
CA TRP H 278 62.84 -5.91 10.34
C TRP H 278 64.05 -6.56 10.98
N CYS H 279 64.17 -6.42 12.29
CA CYS H 279 65.21 -7.12 13.04
C CYS H 279 64.78 -7.48 14.46
N PRO H 280 63.92 -8.50 14.62
CA PRO H 280 63.95 -9.24 15.89
C PRO H 280 64.72 -10.54 15.77
N ASN H 281 65.10 -10.91 14.54
CA ASN H 281 65.61 -12.25 14.26
C ASN H 281 67.13 -12.26 14.36
N ILE H 282 67.63 -12.31 15.59
CA ILE H 282 69.06 -12.30 15.84
C ILE H 282 69.51 -13.35 16.85
N ILE H 283 68.62 -14.20 17.34
CA ILE H 283 68.99 -15.09 18.43
C ILE H 283 68.79 -16.57 18.07
N GLY H 284 68.86 -16.94 16.80
CA GLY H 284 68.58 -18.29 16.41
C GLY H 284 69.71 -19.00 15.68
N PRO H 285 70.11 -20.18 16.19
CA PRO H 285 71.04 -21.02 15.43
C PRO H 285 70.46 -21.55 14.15
N GLN H 286 69.14 -21.66 14.06
CA GLN H 286 68.45 -21.90 12.80
C GLN H 286 67.43 -20.81 12.49
N SER H 287 67.55 -19.66 13.14
CA SER H 287 66.54 -18.62 12.99
C SER H 287 67.16 -17.23 12.94
N GLY H 288 68.39 -17.12 12.48
CA GLY H 288 68.98 -15.83 12.20
C GLY H 288 69.97 -15.30 13.21
N GLY H 289 70.57 -16.14 14.04
CA GLY H 289 71.63 -15.69 14.91
C GLY H 289 72.86 -16.55 14.72
N ALA H 290 72.96 -17.18 13.55
CA ALA H 290 74.02 -18.13 13.27
C ALA H 290 75.09 -17.45 12.42
N VAL H 291 76.21 -17.11 13.03
CA VAL H 291 77.35 -16.56 12.30
C VAL H 291 78.02 -17.72 11.58
N GLU H 292 77.75 -17.85 10.29
CA GLU H 292 78.27 -18.95 9.51
C GLU H 292 79.55 -18.52 8.78
N ASP H 293 80.20 -19.52 8.17
CA ASP H 293 81.40 -19.35 7.33
C ASP H 293 82.55 -18.70 8.12
N LEU H 294 82.82 -19.24 9.28
CA LEU H 294 83.97 -18.76 10.02
C LEU H 294 85.25 -19.37 9.46
N PRO H 295 86.38 -18.68 9.60
CA PRO H 295 87.66 -19.29 9.22
C PRO H 295 88.08 -20.36 10.21
N VAL H 296 88.59 -21.47 9.67
CA VAL H 296 89.13 -22.54 10.50
C VAL H 296 90.57 -22.79 10.09
N HIS H 297 91.33 -23.33 11.03
CA HIS H 297 92.76 -23.58 10.82
C HIS H 297 93.08 -24.96 11.41
N VAL H 298 93.09 -25.97 10.56
CA VAL H 298 93.38 -27.33 10.99
C VAL H 298 94.89 -27.46 11.18
N PHE H 299 95.32 -27.65 12.41
CA PHE H 299 96.73 -27.83 12.71
C PHE H 299 96.91 -29.13 13.49
N GLU H 300 98.17 -29.50 13.70
CA GLU H 300 98.50 -30.73 14.41
C GLU H 300 98.62 -30.45 15.89
N SER H 301 97.81 -31.14 16.68
CA SER H 301 97.88 -31.07 18.13
C SER H 301 98.89 -32.09 18.64
N MET H 302 98.86 -32.38 19.94
CA MET H 302 99.74 -33.38 20.55
C MET H 302 99.26 -34.78 20.16
N GLY H 303 99.54 -35.14 18.91
CA GLY H 303 99.20 -36.45 18.38
C GLY H 303 98.04 -36.45 17.41
N ALA H 304 96.99 -35.70 17.72
CA ALA H 304 95.76 -35.72 16.93
C ALA H 304 95.75 -34.57 15.92
N LEU H 305 94.72 -34.58 15.08
CA LEU H 305 94.49 -33.53 14.09
C LEU H 305 93.23 -32.78 14.50
N GLN H 306 93.40 -31.60 15.10
CA GLN H 306 92.28 -30.81 15.56
C GLN H 306 92.20 -29.52 14.76
N SER H 307 91.20 -28.71 15.08
CA SER H 307 90.99 -27.42 14.44
C SER H 307 91.07 -26.31 15.48
N LYS H 308 91.66 -25.19 15.08
CA LYS H 308 91.65 -24.01 15.94
C LYS H 308 90.24 -23.45 16.04
N ILE H 309 89.80 -23.21 17.27
CA ILE H 309 88.42 -22.74 17.49
C ILE H 309 88.28 -21.31 17.00
N PRO H 310 87.31 -21.02 16.15
CA PRO H 310 87.21 -19.68 15.56
C PRO H 310 86.80 -18.61 16.55
N THR H 311 86.11 -18.95 17.63
CA THR H 311 86.03 -18.07 18.80
C THR H 311 86.99 -18.62 19.83
N GLU H 312 87.58 -17.73 20.63
CA GLU H 312 88.75 -18.12 21.40
C GLU H 312 88.45 -19.03 22.57
N VAL H 313 87.19 -19.14 22.98
CA VAL H 313 86.80 -20.11 23.99
C VAL H 313 85.60 -20.88 23.46
N LEU H 314 85.39 -22.06 24.02
CA LEU H 314 84.18 -22.84 23.78
C LEU H 314 83.22 -22.51 24.91
N ILE H 315 82.25 -21.65 24.63
CA ILE H 315 81.29 -21.24 25.63
C ILE H 315 80.29 -22.36 25.82
N THR H 316 80.18 -22.85 27.05
CA THR H 316 79.22 -23.88 27.35
C THR H 316 77.82 -23.28 27.43
N ASP H 317 76.82 -24.15 27.64
CA ASP H 317 75.47 -23.64 27.71
C ASP H 317 75.17 -23.00 29.06
N ARG H 318 75.81 -23.47 30.14
CA ARG H 318 75.62 -22.86 31.43
C ARG H 318 76.38 -21.54 31.53
N LYS H 319 77.57 -21.47 30.91
CA LYS H 319 78.31 -20.23 30.88
C LYS H 319 77.61 -19.17 30.06
N GLU H 320 76.93 -19.58 28.98
CA GLU H 320 76.23 -18.62 28.15
C GLU H 320 74.95 -18.15 28.84
N PHE H 321 74.27 -19.04 29.56
CA PHE H 321 73.10 -18.62 30.31
C PHE H 321 73.47 -17.72 31.47
N GLU H 322 74.66 -17.91 32.06
CA GLU H 322 75.10 -17.02 33.11
C GLU H 322 75.54 -15.68 32.55
N LEU H 323 76.05 -15.66 31.31
CA LEU H 323 76.29 -14.40 30.63
C LEU H 323 75.00 -13.74 30.18
N ALA H 324 73.96 -14.54 29.91
CA ALA H 324 72.69 -13.97 29.46
C ALA H 324 71.98 -13.25 30.60
N GLU H 325 72.08 -13.79 31.82
CA GLU H 325 71.48 -13.13 32.96
C GLU H 325 72.25 -11.87 33.35
N GLU H 326 73.55 -11.86 33.11
CA GLU H 326 74.40 -10.73 33.48
C GLU H 326 74.61 -9.74 32.33
N GLY H 327 73.80 -9.82 31.28
CA GLY H 327 73.80 -8.80 30.25
C GLY H 327 74.95 -8.89 29.28
N PHE H 328 75.05 -9.99 28.53
CA PHE H 328 76.09 -10.16 27.54
C PHE H 328 75.53 -10.92 26.35
N ILE H 329 76.00 -10.58 25.17
CA ILE H 329 75.59 -11.25 23.94
C ILE H 329 76.73 -12.19 23.59
N ALA H 330 76.67 -13.41 24.10
CA ALA H 330 77.75 -14.36 23.89
C ALA H 330 77.55 -15.15 22.61
N LEU H 331 78.66 -15.66 22.07
CA LEU H 331 78.67 -16.42 20.81
C LEU H 331 79.24 -17.79 21.07
N THR H 332 78.36 -18.77 21.28
CA THR H 332 78.81 -20.14 21.36
C THR H 332 79.19 -20.65 19.99
N MET H 333 80.24 -21.46 19.92
CA MET H 333 80.77 -21.93 18.65
C MET H 333 80.38 -23.39 18.47
N ARG H 334 79.98 -23.74 17.26
CA ARG H 334 79.59 -25.11 16.95
C ARG H 334 80.84 -25.97 16.88
N LYS H 335 81.13 -26.67 17.97
CA LYS H 335 82.42 -27.34 18.19
C LYS H 335 82.67 -28.42 17.14
N GLY H 336 83.63 -28.16 16.26
CA GLY H 336 83.98 -29.11 15.22
C GLY H 336 83.67 -28.63 13.83
N SER H 337 83.21 -27.40 13.65
CA SER H 337 82.89 -26.89 12.33
C SER H 337 83.17 -25.40 12.30
N ASP H 338 82.68 -24.75 11.25
CA ASP H 338 82.94 -23.34 10.99
C ASP H 338 81.69 -22.49 11.22
N ASN H 339 80.88 -22.85 12.19
CA ASN H 339 79.65 -22.12 12.48
C ASN H 339 79.65 -21.69 13.94
N ALA H 340 78.76 -20.76 14.25
CA ALA H 340 78.57 -20.29 15.60
C ALA H 340 77.12 -19.89 15.74
N ALA H 341 76.74 -19.41 16.93
CA ALA H 341 75.34 -19.06 17.15
C ALA H 341 75.23 -18.09 18.30
N PHE H 342 74.32 -17.14 18.18
CA PHE H 342 73.85 -16.38 19.32
C PHE H 342 72.59 -17.04 19.86
N PHE H 343 72.34 -16.86 21.14
CA PHE H 343 71.16 -17.43 21.76
C PHE H 343 70.29 -16.43 22.48
N SER H 344 70.83 -15.30 22.90
CA SER H 344 70.07 -14.30 23.64
C SER H 344 70.79 -12.97 23.48
N ALA H 345 70.09 -11.97 22.97
CA ALA H 345 70.71 -10.67 22.67
C ALA H 345 70.44 -9.66 23.77
N ASN H 346 70.43 -10.09 25.03
CA ASN H 346 70.03 -9.23 26.15
C ASN H 346 70.97 -8.06 26.32
N SER H 347 70.41 -6.86 26.43
CA SER H 347 71.19 -5.68 26.73
C SER H 347 71.60 -5.69 28.19
N ILE H 348 72.45 -4.75 28.57
CA ILE H 348 73.04 -4.75 29.91
C ILE H 348 72.08 -4.31 31.00
N GLN H 349 70.84 -3.96 30.65
CA GLN H 349 69.92 -3.44 31.65
C GLN H 349 69.41 -4.58 32.53
N LYS H 350 69.20 -4.28 33.80
CA LYS H 350 68.74 -5.34 34.69
C LYS H 350 67.23 -5.28 34.86
N PRO H 351 66.56 -6.42 34.87
CA PRO H 351 65.12 -6.44 35.14
C PRO H 351 64.85 -6.06 36.58
N LYS H 352 64.25 -4.89 36.79
CA LYS H 352 64.07 -4.37 38.13
C LYS H 352 62.95 -5.12 38.83
N VAL H 353 63.24 -5.58 40.05
CA VAL H 353 62.26 -6.33 40.82
C VAL H 353 61.22 -5.36 41.37
N PHE H 354 60.03 -5.54 40.97
CA PHE H 354 58.86 -4.77 41.37
C PHE H 354 58.11 -5.51 42.49
N PRO H 355 57.41 -4.79 43.37
CA PRO H 355 56.76 -5.45 44.50
C PRO H 355 55.59 -6.33 44.07
N ASN H 356 55.22 -7.24 44.97
CA ASN H 356 54.29 -8.31 44.63
C ASN H 356 52.83 -7.90 44.67
N THR H 357 52.49 -6.83 43.96
CA THR H 357 51.09 -6.45 43.80
C THR H 357 50.55 -7.08 42.53
N LYS H 358 49.33 -6.69 42.15
CA LYS H 358 48.79 -7.13 40.87
C LYS H 358 49.48 -6.41 39.71
N GLU H 359 49.67 -5.10 39.85
CA GLU H 359 50.37 -4.34 38.82
C GLU H 359 51.87 -4.54 38.88
N GLY H 360 52.44 -4.82 40.05
CA GLY H 360 53.86 -4.99 40.17
C GLY H 360 54.34 -6.29 39.56
N LYS H 361 53.57 -7.37 39.76
CA LYS H 361 53.89 -8.62 39.08
C LYS H 361 53.63 -8.53 37.59
N GLU H 362 52.76 -7.62 37.17
CA GLU H 362 52.54 -7.39 35.75
C GLU H 362 53.64 -6.53 35.15
N ALA H 363 53.94 -5.38 35.76
CA ALA H 363 54.90 -4.45 35.19
C ALA H 363 56.34 -4.99 35.25
N GLU H 364 56.61 -5.98 36.11
CA GLU H 364 57.91 -6.64 36.08
C GLU H 364 58.10 -7.40 34.78
N THR H 365 57.03 -8.06 34.31
CA THR H 365 57.11 -8.75 33.02
C THR H 365 57.05 -7.73 31.88
N ASN H 366 56.48 -6.56 32.13
CA ASN H 366 56.48 -5.51 31.13
C ASN H 366 57.85 -4.87 30.99
N TYR H 367 58.50 -4.59 32.11
CA TYR H 367 59.83 -4.01 32.08
C TYR H 367 60.88 -5.00 31.63
N LYS H 368 60.62 -6.30 31.75
CA LYS H 368 61.55 -7.31 31.29
C LYS H 368 61.64 -7.32 29.77
N LEU H 369 60.56 -6.99 29.09
CA LEU H 369 60.58 -6.99 27.63
C LEU H 369 61.38 -5.83 27.06
N GLY H 370 61.61 -4.78 27.85
CA GLY H 370 62.41 -3.68 27.36
C GLY H 370 63.87 -4.01 27.24
N THR H 371 64.39 -4.84 28.13
CA THR H 371 65.82 -5.04 28.22
C THR H 371 66.38 -5.99 27.18
N GLN H 372 65.52 -6.73 26.47
CA GLN H 372 66.02 -7.95 25.82
C GLN H 372 66.71 -7.69 24.50
N LEU H 373 66.35 -6.62 23.80
CA LEU H 373 66.94 -6.15 22.55
C LEU H 373 66.90 -7.16 21.39
N PRO H 374 65.78 -7.86 21.15
CA PRO H 374 65.37 -7.82 19.76
C PRO H 374 64.14 -6.94 19.66
N TYR H 375 63.54 -6.70 20.82
CA TYR H 375 62.29 -5.96 20.88
C TYR H 375 62.50 -4.47 20.83
N MET H 376 63.67 -3.98 21.23
CA MET H 376 63.99 -2.58 20.96
C MET H 376 64.09 -2.33 19.47
N MET H 377 64.60 -3.29 18.72
CA MET H 377 64.83 -3.04 17.31
C MET H 377 63.54 -3.11 16.50
N ILE H 378 62.44 -3.62 17.07
CA ILE H 378 61.16 -3.47 16.40
C ILE H 378 60.40 -2.23 16.86
N ILE H 379 60.94 -1.46 17.81
CA ILE H 379 60.38 -0.16 18.14
C ILE H 379 61.36 0.97 17.89
N ASN H 380 62.65 0.68 17.73
CA ASN H 380 63.52 1.70 17.16
C ASN H 380 63.11 2.02 15.74
N ARG H 381 62.71 0.99 14.98
CA ARG H 381 62.13 1.24 13.67
C ARG H 381 60.79 1.93 13.78
N LEU H 382 60.06 1.72 14.87
CA LEU H 382 58.87 2.53 15.13
C LEU H 382 59.21 3.84 15.82
N ALA H 383 60.47 4.22 15.84
CA ALA H 383 60.85 5.61 16.08
C ALA H 383 61.53 6.21 14.88
N HIS H 384 62.01 5.39 13.95
CA HIS H 384 62.61 5.96 12.77
C HIS H 384 61.61 6.15 11.64
N TYR H 385 60.67 5.22 11.46
CA TYR H 385 59.62 5.44 10.48
C TYR H 385 58.73 6.59 10.89
N VAL H 386 58.37 6.67 12.17
CA VAL H 386 57.29 7.58 12.55
C VAL H 386 57.83 8.99 12.67
N LYS H 387 59.13 9.13 12.94
CA LYS H 387 59.78 10.43 12.86
C LYS H 387 59.82 10.94 11.42
N VAL H 388 60.09 10.05 10.48
CA VAL H 388 60.14 10.45 9.08
C VAL H 388 58.75 10.69 8.53
N LEU H 389 57.79 9.85 8.92
CA LEU H 389 56.46 9.88 8.30
C LEU H 389 55.67 11.09 8.77
N GLN H 390 55.84 11.49 10.03
CA GLN H 390 55.21 12.68 10.55
C GLN H 390 56.10 13.90 10.47
N ARG H 391 57.15 13.85 9.65
CA ARG H 391 57.91 15.05 9.32
C ARG H 391 57.41 15.68 8.03
N GLU H 392 57.01 14.86 7.08
CA GLU H 392 56.44 15.35 5.83
C GLU H 392 55.11 16.04 6.07
N GLN H 393 54.40 15.69 7.13
CA GLN H 393 53.04 16.15 7.32
C GLN H 393 52.95 17.56 7.88
N ILE H 394 54.05 18.16 8.33
CA ILE H 394 54.01 19.47 8.98
C ILE H 394 53.55 20.53 8.00
N GLY H 395 52.48 21.23 8.35
CA GLY H 395 51.89 22.19 7.45
C GLY H 395 50.64 21.72 6.75
N ALA H 396 50.17 20.51 7.03
CA ALA H 396 49.00 19.99 6.34
C ALA H 396 47.73 20.56 6.93
N TRP H 397 46.61 19.98 6.51
CA TRP H 397 45.31 20.32 7.05
C TRP H 397 44.77 19.06 7.68
N LYS H 398 44.96 18.92 8.98
CA LYS H 398 44.74 17.64 9.63
C LYS H 398 43.78 17.88 10.79
N GLU H 399 43.42 16.83 11.50
CA GLU H 399 42.66 16.92 12.74
C GLU H 399 43.21 15.89 13.71
N ARG H 400 42.69 15.91 14.93
CA ARG H 400 43.00 14.85 15.87
C ARG H 400 42.43 13.53 15.41
N GLN H 401 41.20 13.53 14.89
CA GLN H 401 40.63 12.34 14.29
C GLN H 401 41.38 11.93 13.04
N ASP H 402 41.94 12.89 12.30
CA ASP H 402 42.77 12.54 11.17
C ASP H 402 44.15 12.07 11.62
N LEU H 403 44.61 12.54 12.77
CA LEU H 403 45.89 12.06 13.27
C LEU H 403 45.76 10.63 13.80
N GLU H 404 44.61 10.28 14.41
CA GLU H 404 44.37 8.92 14.86
C GLU H 404 44.32 7.95 13.69
N ARG H 405 43.84 8.39 12.54
CA ARG H 405 43.62 7.52 11.40
C ARG H 405 44.86 7.33 10.54
N GLU H 406 45.68 8.38 10.38
CA GLU H 406 46.90 8.23 9.62
C GLU H 406 47.96 7.40 10.33
N LEU H 407 47.77 7.11 11.62
CA LEU H 407 48.64 6.20 12.35
C LEU H 407 48.04 4.81 12.52
N ASN H 408 46.74 4.71 12.75
CA ASN H 408 46.13 3.40 12.93
C ASN H 408 46.06 2.63 11.62
N SER H 409 45.75 3.31 10.52
CA SER H 409 45.77 2.64 9.23
C SER H 409 47.18 2.43 8.72
N TRP H 410 48.18 3.05 9.36
CA TRP H 410 49.57 2.82 9.00
C TRP H 410 50.18 1.63 9.71
N ILE H 411 50.04 1.54 11.03
CA ILE H 411 50.75 0.49 11.74
C ILE H 411 50.01 -0.84 11.66
N LYS H 412 48.76 -0.85 11.21
CA LYS H 412 48.06 -2.11 11.06
C LYS H 412 48.37 -2.81 9.74
N GLN H 413 49.46 -2.43 9.08
CA GLN H 413 50.11 -3.32 8.13
C GLN H 413 51.33 -3.99 8.75
N TYR H 414 51.65 -3.65 9.99
CA TYR H 414 52.71 -4.31 10.75
C TYR H 414 52.15 -5.19 11.85
N VAL H 415 50.84 -5.22 12.01
CA VAL H 415 50.18 -5.93 13.09
C VAL H 415 49.47 -7.13 12.52
N ALA H 416 49.80 -8.32 13.01
CA ALA H 416 49.10 -9.55 12.66
C ALA H 416 48.55 -10.13 13.95
N ASP H 417 47.38 -9.64 14.36
CA ASP H 417 46.79 -10.02 15.64
C ASP H 417 46.17 -11.40 15.47
N GLN H 418 47.01 -12.41 15.65
CA GLN H 418 46.68 -13.76 15.26
C GLN H 418 47.51 -14.70 16.10
N GLU H 419 46.90 -15.79 16.55
CA GLU H 419 47.57 -16.64 17.53
C GLU H 419 48.67 -17.47 16.89
N ASN H 420 48.43 -18.00 15.70
CA ASN H 420 49.43 -18.78 14.98
C ASN H 420 49.42 -18.44 13.50
N PRO H 421 50.03 -17.33 13.11
CA PRO H 421 50.19 -17.04 11.70
C PRO H 421 51.37 -17.84 11.15
N PRO H 422 51.53 -17.93 9.83
CA PRO H 422 52.70 -18.62 9.27
C PRO H 422 54.00 -17.90 9.60
N ALA H 423 55.11 -18.58 9.31
CA ALA H 423 56.44 -18.10 9.71
C ALA H 423 56.89 -16.87 8.94
N ASP H 424 56.22 -16.53 7.85
CA ASP H 424 56.53 -15.30 7.15
C ASP H 424 55.69 -14.12 7.62
N VAL H 425 54.47 -14.38 8.08
CA VAL H 425 53.62 -13.31 8.59
C VAL H 425 54.13 -12.83 9.94
N ARG H 426 54.82 -13.70 10.68
CA ARG H 426 55.34 -13.32 11.98
C ARG H 426 56.49 -12.34 11.88
N SER H 427 57.29 -12.44 10.83
CA SER H 427 58.48 -11.61 10.74
C SER H 427 58.34 -10.42 9.81
N ARG H 428 57.48 -10.51 8.79
CA ARG H 428 57.12 -9.31 8.05
C ARG H 428 56.27 -8.37 8.90
N ARG H 429 55.44 -8.92 9.78
CA ARG H 429 54.60 -8.14 10.68
C ARG H 429 55.00 -8.50 12.11
N PRO H 430 56.05 -7.88 12.63
CA PRO H 430 56.61 -8.33 13.92
C PRO H 430 55.78 -7.97 15.10
N LEU H 431 54.90 -6.99 14.99
CA LEU H 431 54.04 -6.63 16.10
C LEU H 431 52.89 -7.61 16.19
N ARG H 432 52.13 -7.51 17.26
CA ARG H 432 50.96 -8.35 17.46
C ARG H 432 49.72 -7.54 17.80
N ALA H 433 49.86 -6.46 18.55
CA ALA H 433 48.76 -5.54 18.77
C ALA H 433 49.33 -4.16 19.06
N ALA H 434 48.58 -3.13 18.68
CA ALA H 434 49.08 -1.76 18.81
C ALA H 434 47.92 -0.84 19.16
N ARG H 435 48.09 -0.06 20.22
CA ARG H 435 47.09 0.87 20.70
C ARG H 435 47.62 2.28 20.50
N ILE H 436 46.79 3.16 19.93
CA ILE H 436 47.17 4.55 19.72
C ILE H 436 46.08 5.44 20.29
N GLU H 437 46.45 6.24 21.28
CA GLU H 437 45.52 7.10 21.99
C GLU H 437 46.00 8.54 21.84
N VAL H 438 45.43 9.26 20.90
CA VAL H 438 45.84 10.64 20.64
C VAL H 438 45.07 11.56 21.58
N MET H 439 45.79 12.42 22.29
CA MET H 439 45.22 13.39 23.22
C MET H 439 45.60 14.78 22.73
N ASP H 440 45.26 15.80 23.51
CA ASP H 440 45.56 17.18 23.15
C ASP H 440 46.55 17.77 24.14
N VAL H 441 46.94 19.01 23.87
CA VAL H 441 47.64 19.84 24.83
C VAL H 441 46.88 21.16 24.94
N GLU H 442 46.38 21.45 26.12
CA GLU H 442 45.65 22.68 26.33
C GLU H 442 46.62 23.83 26.54
N GLY H 443 46.10 25.05 26.40
CA GLY H 443 46.92 26.24 26.49
C GLY H 443 47.45 26.66 25.14
N ASN H 444 48.26 25.80 24.52
CA ASN H 444 48.67 25.96 23.13
C ASN H 444 47.99 24.86 22.34
N PRO H 445 46.85 25.14 21.71
CA PRO H 445 46.07 24.06 21.10
C PRO H 445 46.66 23.61 19.79
N GLY H 446 46.63 22.30 19.57
CA GLY H 446 47.22 21.69 18.40
C GLY H 446 48.59 21.08 18.65
N TRP H 447 48.72 20.33 19.73
CA TRP H 447 49.95 19.64 20.10
C TRP H 447 49.49 18.33 20.72
N TYR H 448 50.01 17.20 20.25
CA TYR H 448 49.28 15.95 20.35
C TYR H 448 50.08 14.86 21.07
N GLN H 449 49.68 14.54 22.29
CA GLN H 449 50.40 13.55 23.08
C GLN H 449 49.78 12.19 22.78
N VAL H 450 50.30 11.49 21.79
CA VAL H 450 49.71 10.22 21.40
C VAL H 450 50.53 9.14 22.06
N SER H 451 49.93 7.97 22.28
CA SER H 451 50.61 6.91 23.01
C SER H 451 50.58 5.60 22.22
N LEU H 452 51.54 5.42 21.32
CA LEU H 452 51.64 4.18 20.57
C LEU H 452 52.15 3.06 21.46
N SER H 453 51.33 2.03 21.63
CA SER H 453 51.59 0.93 22.58
C SER H 453 51.62 -0.39 21.84
N VAL H 454 52.77 -0.73 21.27
CA VAL H 454 52.90 -1.94 20.48
C VAL H 454 53.13 -3.14 21.37
N ARG H 455 53.07 -4.35 20.78
CA ARG H 455 53.21 -5.58 21.52
C ARG H 455 53.76 -6.62 20.57
N PRO H 456 54.80 -7.34 20.95
CA PRO H 456 55.47 -8.24 20.00
C PRO H 456 55.01 -9.67 20.11
N HIS H 457 55.49 -10.52 19.21
CA HIS H 457 55.38 -11.96 19.40
C HIS H 457 56.51 -12.46 20.29
N PHE H 458 56.39 -13.72 20.71
CA PHE H 458 57.28 -14.27 21.72
C PHE H 458 57.98 -15.52 21.19
N LYS H 459 59.30 -15.53 21.31
CA LYS H 459 60.15 -16.59 20.76
C LYS H 459 60.27 -17.75 21.74
N TYR H 460 61.23 -18.62 21.49
CA TYR H 460 61.35 -19.95 22.10
C TYR H 460 62.61 -19.99 22.95
N MET H 461 62.46 -20.17 24.27
CA MET H 461 63.63 -20.17 25.15
C MET H 461 63.36 -20.99 26.42
N GLY H 462 63.97 -22.17 26.48
CA GLY H 462 63.91 -23.04 27.64
C GLY H 462 62.64 -23.85 27.86
N ALA H 463 62.80 -25.08 28.34
CA ALA H 463 61.69 -25.97 28.69
C ALA H 463 62.17 -26.92 29.78
N ASN H 464 61.44 -28.02 30.02
CA ASN H 464 61.90 -28.88 31.12
C ASN H 464 62.10 -30.34 30.77
N PHE H 465 61.17 -30.97 30.03
CA PHE H 465 61.30 -32.35 29.48
C PHE H 465 61.56 -33.38 30.58
N GLU H 466 60.59 -33.50 31.50
CA GLU H 466 60.76 -34.32 32.70
C GLU H 466 60.39 -35.79 32.43
N LEU H 467 61.36 -36.55 31.94
CA LEU H 467 61.13 -37.92 31.49
C LEU H 467 60.79 -38.87 32.63
N SER H 468 60.22 -40.01 32.25
CA SER H 468 59.74 -41.07 33.13
C SER H 468 59.41 -42.25 32.23
N LEU H 469 59.08 -43.39 32.83
CA LEU H 469 58.37 -44.41 32.06
C LEU H 469 57.05 -44.72 32.72
N VAL H 470 56.06 -45.06 31.89
CA VAL H 470 54.75 -45.44 32.34
C VAL H 470 54.59 -46.95 32.40
N GLY H 471 55.08 -47.66 31.38
CA GLY H 471 55.04 -49.10 31.35
C GLY H 471 53.89 -49.69 30.57
N ARG H 472 52.69 -49.13 30.70
CA ARG H 472 51.53 -49.59 29.95
C ARG H 472 51.13 -48.61 28.84
N LEU H 473 51.06 -47.31 29.16
CA LEU H 473 50.64 -46.33 28.18
C LEU H 473 51.82 -45.89 27.32
N SER I 1 62.73 27.30 -36.63
CA SER I 1 61.80 26.77 -35.64
C SER I 1 60.38 27.26 -35.93
N LYS I 2 59.92 27.03 -37.16
CA LYS I 2 58.58 27.43 -37.59
C LYS I 2 57.97 26.28 -38.39
N GLU I 3 56.80 25.83 -37.97
CA GLU I 3 56.05 24.84 -38.75
C GLU I 3 55.56 25.47 -40.04
N GLY I 4 55.76 24.77 -41.15
CA GLY I 4 55.19 25.21 -42.41
C GLY I 4 53.69 25.05 -42.37
N SER I 5 52.96 26.15 -42.50
CA SER I 5 51.51 26.14 -42.53
C SER I 5 51.00 26.82 -43.79
N VAL I 6 49.69 26.77 -43.98
CA VAL I 6 49.06 27.36 -45.14
C VAL I 6 48.40 28.66 -44.74
N ALA I 7 47.89 29.37 -45.73
CA ALA I 7 47.12 30.56 -45.43
C ALA I 7 45.80 30.17 -44.77
N PRO I 8 45.38 30.88 -43.73
CA PRO I 8 44.11 30.54 -43.07
C PRO I 8 42.92 30.89 -43.95
N LYS I 9 41.81 30.22 -43.69
CA LYS I 9 40.67 30.25 -44.62
C LYS I 9 39.43 29.64 -43.96
N GLU I 10 38.32 29.64 -44.74
CA GLU I 10 37.06 28.99 -44.35
C GLU I 10 37.18 27.48 -44.42
N ARG I 11 38.19 27.02 -45.11
CA ARG I 11 38.52 25.64 -44.99
C ARG I 11 39.36 25.49 -43.73
N ILE I 12 39.57 24.26 -43.35
CA ILE I 12 40.11 23.95 -42.04
C ILE I 12 41.62 23.79 -42.15
N ASN I 13 42.37 24.28 -41.18
CA ASN I 13 43.82 24.33 -41.34
C ASN I 13 44.55 23.51 -40.28
N ILE I 14 44.69 22.23 -40.57
CA ILE I 14 45.38 21.27 -39.70
C ILE I 14 46.87 21.54 -39.72
N LYS I 15 47.48 21.66 -38.53
CA LYS I 15 48.92 21.73 -38.40
C LYS I 15 49.37 20.83 -37.27
N TYR I 16 50.63 20.42 -37.28
CA TYR I 16 51.18 19.50 -36.28
C TYR I 16 52.24 20.21 -35.45
N ILE I 17 51.93 20.49 -34.19
CA ILE I 17 52.90 21.03 -33.25
C ILE I 17 52.78 20.24 -31.95
N PRO I 18 53.83 19.51 -31.53
CA PRO I 18 53.71 18.63 -30.37
C PRO I 18 53.61 19.42 -29.08
N ALA I 19 52.92 18.84 -28.10
CA ALA I 19 52.48 19.60 -26.93
C ALA I 19 53.43 19.39 -25.76
N THR I 20 53.24 20.23 -24.75
CA THR I 20 54.17 20.32 -23.63
C THR I 20 54.10 19.07 -22.75
N GLY I 21 52.92 18.49 -22.62
CA GLY I 21 52.80 17.27 -21.85
C GLY I 21 52.30 17.53 -20.45
N ASP I 22 51.71 16.50 -19.85
CA ASP I 22 51.23 16.55 -18.48
C ASP I 22 51.85 15.37 -17.74
N ALA I 23 52.70 15.68 -16.75
CA ALA I 23 53.39 14.64 -16.00
C ALA I 23 52.61 14.17 -14.77
N GLN I 24 52.17 15.11 -13.92
CA GLN I 24 51.45 14.84 -12.67
C GLN I 24 52.28 13.92 -11.77
N ALA I 25 53.39 14.51 -11.28
CA ALA I 25 54.53 13.84 -10.64
C ALA I 25 54.13 12.79 -9.61
N GLU I 26 54.52 11.56 -9.88
CA GLU I 26 53.95 10.41 -9.19
C GLU I 26 54.55 10.24 -7.81
N VAL I 27 53.70 9.80 -6.86
CA VAL I 27 54.16 9.60 -5.49
C VAL I 27 55.01 8.34 -5.41
N ALA I 28 56.01 8.37 -4.53
CA ALA I 28 56.89 7.23 -4.32
C ALA I 28 57.40 7.30 -2.89
N GLU I 29 56.75 6.55 -2.00
CA GLU I 29 57.19 6.47 -0.61
C GLU I 29 58.36 5.50 -0.54
N VAL I 30 59.57 6.03 -0.67
CA VAL I 30 60.76 5.21 -0.46
C VAL I 30 60.90 4.92 1.03
N GLU I 31 61.52 3.79 1.33
CA GLU I 31 61.62 3.37 2.71
C GLU I 31 62.99 3.73 3.28
N LEU I 32 63.16 3.49 4.57
CA LEU I 32 64.41 3.81 5.24
C LEU I 32 65.30 2.59 5.26
N PRO I 33 66.48 2.65 4.69
CA PRO I 33 67.41 1.53 4.83
C PRO I 33 67.99 1.50 6.23
N LEU I 34 68.31 0.29 6.68
CA LEU I 34 68.87 0.10 8.01
C LEU I 34 70.32 0.58 7.99
N LYS I 35 70.54 1.86 8.27
CA LYS I 35 71.89 2.40 8.22
C LYS I 35 72.58 2.20 9.56
N THR I 36 73.77 1.61 9.53
CA THR I 36 74.60 1.46 10.71
C THR I 36 75.82 2.35 10.60
N LEU I 37 76.37 2.74 11.73
CA LEU I 37 77.55 3.57 11.77
C LEU I 37 78.63 2.78 12.48
N VAL I 38 79.58 2.26 11.72
CA VAL I 38 80.70 1.52 12.30
C VAL I 38 81.72 2.52 12.79
N VAL I 39 81.92 2.59 14.10
CA VAL I 39 82.82 3.56 14.68
C VAL I 39 83.99 2.81 15.32
N GLY I 40 85.17 3.38 15.24
CA GLY I 40 86.35 2.71 15.76
C GLY I 40 87.59 3.07 15.00
N ASP I 41 88.73 2.75 15.62
CA ASP I 41 90.05 3.13 15.15
C ASP I 41 90.38 2.40 13.86
N PHE I 42 90.46 3.14 12.76
CA PHE I 42 90.65 2.54 11.45
C PHE I 42 91.98 2.89 10.79
N LYS I 43 92.77 3.77 11.40
CA LYS I 43 94.08 4.13 10.89
C LYS I 43 95.10 4.02 12.01
N GLY I 44 96.34 4.39 11.71
CA GLY I 44 97.42 4.12 12.64
C GLY I 44 97.90 5.30 13.45
N HIS I 45 97.02 6.27 13.70
CA HIS I 45 97.40 7.46 14.46
C HIS I 45 96.14 8.05 15.10
N ALA I 46 96.28 9.28 15.58
CA ALA I 46 95.16 10.06 16.11
C ALA I 46 95.12 11.38 15.36
N GLU I 47 94.04 11.61 14.63
CA GLU I 47 93.94 12.79 13.77
C GLU I 47 93.75 14.05 14.59
N GLN I 48 94.41 15.14 14.16
CA GLN I 48 94.41 16.36 14.94
C GLN I 48 93.13 17.18 14.78
N THR I 49 92.29 16.89 13.78
CA THR I 49 91.05 17.65 13.68
C THR I 49 90.06 17.18 14.74
N PRO I 50 89.27 18.09 15.30
CA PRO I 50 88.24 17.68 16.27
C PRO I 50 87.14 16.90 15.57
N LEU I 51 86.32 16.25 16.40
CA LEU I 51 85.40 15.25 15.89
C LEU I 51 84.27 15.88 15.07
N GLU I 52 83.84 17.08 15.44
CA GLU I 52 82.69 17.70 14.80
C GLU I 52 82.95 18.17 13.38
N GLU I 53 84.18 18.09 12.88
CA GLU I 53 84.49 18.54 11.53
C GLU I 53 84.81 17.39 10.57
N ARG I 54 85.29 16.26 11.08
CA ARG I 54 85.61 15.15 10.20
C ARG I 54 84.34 14.47 9.74
N ALA I 55 84.44 13.70 8.68
CA ALA I 55 83.27 13.21 7.97
C ALA I 55 83.14 11.69 8.09
N THR I 56 81.95 11.21 7.75
CA THR I 56 81.66 9.78 7.66
C THR I 56 81.57 9.40 6.19
N VAL I 57 82.21 8.29 5.84
CA VAL I 57 82.23 7.83 4.45
C VAL I 57 81.34 6.60 4.34
N THR I 58 80.61 6.51 3.22
CA THR I 58 79.68 5.42 2.97
C THR I 58 80.37 4.36 2.13
N VAL I 59 80.33 3.11 2.60
CA VAL I 59 81.05 2.00 2.00
C VAL I 59 80.04 0.94 1.58
N ASP I 60 80.07 0.56 0.30
CA ASP I 60 79.42 -0.70 -0.05
C ASP I 60 80.43 -1.60 -0.76
N LYS I 61 79.95 -2.70 -1.34
CA LYS I 61 80.86 -3.69 -1.91
C LYS I 61 81.60 -3.17 -3.12
N ASN I 62 81.01 -2.22 -3.86
CA ASN I 62 81.66 -1.73 -5.06
C ASN I 62 82.69 -0.66 -4.79
N ASN I 63 82.55 0.12 -3.71
CA ASN I 63 83.48 1.21 -3.46
C ASN I 63 84.41 0.94 -2.29
N PHE I 64 84.53 -0.31 -1.85
CA PHE I 64 85.41 -0.58 -0.74
C PHE I 64 86.88 -0.45 -1.14
N GLU I 65 87.19 -0.69 -2.42
CA GLU I 65 88.56 -0.53 -2.89
C GLU I 65 88.95 0.93 -3.04
N ALA I 66 87.98 1.83 -3.18
CA ALA I 66 88.25 3.26 -3.27
C ALA I 66 88.28 3.94 -1.91
N VAL I 67 87.53 3.43 -0.94
CA VAL I 67 87.61 3.96 0.42
C VAL I 67 88.92 3.57 1.06
N MET I 68 89.42 2.37 0.77
CA MET I 68 90.69 1.94 1.33
C MET I 68 91.87 2.70 0.71
N ARG I 69 91.76 3.05 -0.57
CA ARG I 69 92.86 3.76 -1.22
C ARG I 69 92.97 5.20 -0.76
N GLU I 70 91.83 5.88 -0.58
CA GLU I 70 91.84 7.28 -0.19
C GLU I 70 92.02 7.49 1.30
N SER I 71 92.01 6.43 2.10
CA SER I 71 92.31 6.58 3.52
C SER I 71 93.79 6.85 3.75
N GLU I 72 94.64 6.28 2.89
CA GLU I 72 96.11 6.26 3.03
C GLU I 72 96.53 5.67 4.37
N LEU I 73 96.23 4.38 4.54
CA LEU I 73 96.68 3.65 5.72
C LEU I 73 98.18 3.44 5.62
N LYS I 74 98.95 4.32 6.24
CA LYS I 74 100.40 4.27 6.20
C LYS I 74 100.90 3.76 7.55
N ILE I 75 101.31 2.50 7.60
CA ILE I 75 101.76 1.87 8.83
C ILE I 75 103.28 1.89 8.84
N THR I 76 103.84 2.69 9.75
CA THR I 76 105.29 2.82 9.92
C THR I 76 105.65 2.33 11.31
N ALA I 77 106.37 1.22 11.39
CA ALA I 77 106.75 0.65 12.67
C ALA I 77 108.13 0.02 12.56
N THR I 78 108.75 -0.19 13.71
CA THR I 78 110.05 -0.83 13.81
C THR I 78 109.86 -2.28 14.24
N VAL I 79 110.24 -3.22 13.38
CA VAL I 79 110.06 -4.63 13.66
C VAL I 79 111.44 -5.29 13.74
N LYS I 80 111.44 -6.56 14.13
CA LYS I 80 112.66 -7.29 14.37
C LYS I 80 113.31 -7.72 13.05
N ASN I 81 114.64 -7.63 13.01
CA ASN I 81 115.41 -8.00 11.82
C ASN I 81 115.80 -9.47 11.95
N LYS I 82 115.22 -10.31 11.09
CA LYS I 82 115.56 -11.73 11.02
C LYS I 82 116.16 -12.09 9.67
N LEU I 83 116.80 -11.14 8.99
CA LEU I 83 117.44 -11.38 7.71
C LEU I 83 118.94 -11.63 7.84
N THR I 84 119.49 -11.55 9.04
CA THR I 84 120.91 -11.78 9.26
C THR I 84 121.11 -12.63 10.52
N ASP I 85 122.36 -12.79 10.95
CA ASP I 85 122.66 -13.60 12.13
C ASP I 85 122.53 -12.83 13.44
N ASP I 86 121.99 -11.61 13.41
CA ASP I 86 121.83 -10.79 14.60
C ASP I 86 120.44 -10.99 15.19
N GLU I 87 120.40 -11.28 16.50
CA GLU I 87 119.15 -11.36 17.23
C GLU I 87 118.68 -10.00 17.70
N ASN I 88 119.61 -9.11 18.07
CA ASN I 88 119.29 -7.81 18.63
C ASN I 88 119.27 -6.70 17.57
N ALA I 89 118.95 -7.04 16.33
CA ALA I 89 118.82 -6.05 15.27
C ALA I 89 117.36 -5.74 15.00
N GLU I 90 117.09 -4.50 14.60
CA GLU I 90 115.76 -4.05 14.29
C GLU I 90 115.76 -3.42 12.90
N LEU I 91 114.59 -3.41 12.27
CA LEU I 91 114.49 -2.89 10.92
C LEU I 91 113.12 -2.24 10.69
N PRO I 92 113.05 -0.91 10.63
CA PRO I 92 111.77 -0.26 10.35
C PRO I 92 111.33 -0.47 8.91
N VAL I 93 110.01 -0.39 8.71
CA VAL I 93 109.40 -0.61 7.40
C VAL I 93 108.59 0.62 7.00
N GLU I 94 108.13 0.62 5.76
CA GLU I 94 107.30 1.68 5.22
C GLU I 94 106.23 1.05 4.34
N LEU I 95 104.97 1.20 4.73
CA LEU I 95 103.86 0.51 4.10
C LEU I 95 102.86 1.51 3.51
N ASN I 96 102.41 1.24 2.30
CA ASN I 96 101.38 2.05 1.63
C ASN I 96 100.34 1.10 1.08
N PHE I 97 99.12 1.18 1.61
CA PHE I 97 98.06 0.23 1.31
C PHE I 97 97.00 0.91 0.45
N LYS I 98 96.71 0.32 -0.70
CA LYS I 98 95.71 0.85 -1.61
C LYS I 98 94.64 -0.15 -2.00
N SER I 99 94.83 -1.44 -1.75
CA SER I 99 93.84 -2.46 -2.06
C SER I 99 93.87 -3.52 -0.97
N LEU I 100 92.87 -4.40 -0.99
CA LEU I 100 92.81 -5.50 -0.04
C LEU I 100 93.94 -6.51 -0.25
N ALA I 101 94.48 -6.59 -1.47
CA ALA I 101 95.63 -7.45 -1.74
C ALA I 101 96.94 -6.86 -1.22
N ASP I 102 96.94 -5.63 -0.72
CA ASP I 102 98.14 -5.08 -0.12
C ASP I 102 98.40 -5.60 1.29
N PHE I 103 97.43 -6.28 1.91
CA PHE I 103 97.70 -6.98 3.15
C PHE I 103 98.48 -8.27 2.91
N ALA I 104 98.42 -8.81 1.70
CA ALA I 104 99.06 -10.07 1.37
C ALA I 104 100.58 -9.91 1.32
N PRO I 105 101.35 -10.96 1.63
CA PRO I 105 102.82 -10.84 1.64
C PRO I 105 103.45 -10.64 0.27
N ASP I 106 102.69 -10.74 -0.83
CA ASP I 106 103.24 -10.39 -2.13
C ASP I 106 103.45 -8.88 -2.24
N ALA I 107 102.52 -8.10 -1.69
CA ALA I 107 102.62 -6.64 -1.76
C ALA I 107 103.21 -6.02 -0.51
N VAL I 108 103.31 -6.74 0.60
CA VAL I 108 104.01 -6.22 1.76
C VAL I 108 105.51 -6.32 1.56
N ALA I 109 105.99 -7.46 1.08
CA ALA I 109 107.39 -7.63 0.78
C ALA I 109 107.85 -6.80 -0.40
N SER I 110 106.94 -6.47 -1.33
CA SER I 110 107.29 -5.58 -2.44
C SER I 110 107.48 -4.15 -2.00
N GLN I 111 106.93 -3.75 -0.86
CA GLN I 111 107.11 -2.41 -0.32
C GLN I 111 108.26 -2.33 0.67
N VAL I 112 108.89 -3.45 0.98
CA VAL I 112 110.09 -3.47 1.82
C VAL I 112 111.29 -3.66 0.90
N PRO I 113 112.20 -2.69 0.80
CA PRO I 113 113.34 -2.83 -0.13
C PRO I 113 114.33 -3.91 0.25
N GLU I 114 114.38 -4.30 1.53
CA GLU I 114 115.23 -5.43 1.92
C GLU I 114 114.64 -6.75 1.47
N LEU I 115 113.36 -6.80 1.15
CA LEU I 115 112.72 -8.00 0.62
C LEU I 115 112.46 -7.92 -0.88
N LYS I 116 112.67 -6.75 -1.50
CA LYS I 116 112.61 -6.68 -2.95
C LYS I 116 113.79 -7.39 -3.59
N LYS I 117 114.94 -7.42 -2.91
CA LYS I 117 116.11 -8.12 -3.40
C LYS I 117 116.07 -9.61 -3.11
N LEU I 118 115.19 -10.06 -2.23
CA LEU I 118 115.09 -11.49 -1.95
C LEU I 118 114.07 -12.20 -2.84
N ILE I 119 113.00 -11.50 -3.23
CA ILE I 119 112.11 -12.06 -4.23
C ILE I 119 112.79 -12.04 -5.60
N GLU I 120 113.56 -10.98 -5.89
CA GLU I 120 114.37 -10.92 -7.10
C GLU I 120 115.46 -12.00 -7.08
N LEU I 121 115.95 -12.34 -5.88
CA LEU I 121 116.84 -13.48 -5.76
C LEU I 121 116.15 -14.79 -6.10
N ARG I 122 114.90 -14.94 -5.66
CA ARG I 122 114.16 -16.18 -5.93
C ARG I 122 113.73 -16.25 -7.40
N GLU I 123 113.32 -15.12 -7.97
CA GLU I 123 112.96 -15.07 -9.39
C GLU I 123 114.15 -15.39 -10.28
N ALA I 124 115.36 -15.03 -9.84
CA ALA I 124 116.57 -15.43 -10.55
C ALA I 124 116.88 -16.91 -10.38
N LEU I 125 116.42 -17.54 -9.30
CA LEU I 125 116.65 -18.96 -9.09
C LEU I 125 115.59 -19.84 -9.74
N VAL I 126 114.35 -19.35 -9.85
CA VAL I 126 113.33 -20.07 -10.61
C VAL I 126 113.65 -20.02 -12.11
N ALA I 127 114.26 -18.92 -12.57
CA ALA I 127 114.68 -18.82 -13.96
C ALA I 127 115.81 -19.79 -14.28
N LEU I 128 116.62 -20.14 -13.28
CA LEU I 128 117.75 -21.04 -13.52
C LEU I 128 117.28 -22.49 -13.69
N LYS I 129 116.26 -22.90 -12.93
CA LYS I 129 115.89 -24.31 -12.81
C LYS I 129 115.36 -24.90 -14.12
N GLY I 130 114.75 -24.08 -14.96
CA GLY I 130 114.26 -24.51 -16.25
C GLY I 130 115.34 -25.01 -17.19
N PRO I 131 116.24 -24.13 -17.62
CA PRO I 131 117.37 -24.56 -18.46
C PRO I 131 118.51 -25.24 -17.71
N LEU I 132 118.34 -25.63 -16.46
CA LEU I 132 119.45 -26.24 -15.71
C LEU I 132 119.64 -27.70 -16.09
N GLY I 133 118.63 -28.53 -15.80
CA GLY I 133 118.72 -29.95 -16.03
C GLY I 133 118.43 -30.42 -17.44
N ASN I 134 118.19 -29.49 -18.37
CA ASN I 134 117.92 -29.85 -19.75
C ASN I 134 119.21 -30.02 -20.55
N ILE I 135 120.15 -29.10 -20.38
CA ILE I 135 121.45 -29.15 -21.06
C ILE I 135 122.47 -29.72 -20.07
N PRO I 136 123.03 -30.90 -20.31
CA PRO I 136 124.03 -31.47 -19.39
C PRO I 136 125.44 -30.91 -19.55
N ALA I 137 125.63 -29.84 -20.33
CA ALA I 137 126.93 -29.21 -20.48
C ALA I 137 127.16 -28.09 -19.46
N PHE I 138 126.19 -27.86 -18.56
CA PHE I 138 126.39 -26.84 -17.53
C PHE I 138 127.37 -27.31 -16.47
N ARG I 139 127.30 -28.58 -16.07
CA ARG I 139 128.23 -29.12 -15.09
C ARG I 139 129.63 -29.30 -15.66
N GLU I 140 129.75 -29.35 -16.99
CA GLU I 140 131.07 -29.42 -17.62
C GLU I 140 131.85 -28.13 -17.42
N ARG I 141 131.16 -27.00 -17.37
CA ARG I 141 131.81 -25.72 -17.14
C ARG I 141 131.74 -25.26 -15.69
N LEU I 142 131.04 -26.00 -14.82
CA LEU I 142 131.21 -25.78 -13.38
C LEU I 142 132.59 -26.23 -12.93
N GLN I 143 133.10 -27.30 -13.54
CA GLN I 143 134.47 -27.74 -13.25
C GLN I 143 135.50 -26.81 -13.89
N SER I 144 135.12 -26.13 -14.98
CA SER I 144 136.00 -25.12 -15.56
C SER I 144 136.03 -23.87 -14.68
N LEU I 145 134.90 -23.51 -14.08
CA LEU I 145 134.90 -22.48 -13.06
C LEU I 145 135.57 -22.95 -11.79
N LEU I 146 135.59 -24.26 -11.53
CA LEU I 146 136.41 -24.80 -10.46
C LEU I 146 137.89 -24.71 -10.80
N ASN I 147 138.24 -24.81 -12.08
CA ASN I 147 139.63 -24.63 -12.50
C ASN I 147 140.00 -23.16 -12.59
N SER I 148 139.21 -22.37 -13.32
CA SER I 148 139.47 -20.94 -13.50
C SER I 148 138.85 -20.19 -12.33
N GLU I 149 139.61 -20.07 -11.24
CA GLU I 149 139.14 -19.36 -10.06
C GLU I 149 139.39 -17.87 -10.12
N GLU I 150 140.38 -17.43 -10.91
CA GLU I 150 140.72 -16.01 -10.96
C GLU I 150 139.71 -15.24 -11.81
N SER I 151 139.37 -15.75 -12.99
CA SER I 151 138.42 -15.06 -13.86
C SER I 151 136.99 -15.18 -13.38
N ARG I 152 136.70 -16.14 -12.50
CA ARG I 152 135.34 -16.28 -11.98
C ARG I 152 135.02 -15.19 -10.96
N GLU I 153 135.96 -14.92 -10.04
CA GLU I 153 135.73 -13.93 -9.01
C GLU I 153 135.78 -12.50 -9.55
N LYS I 154 136.41 -12.28 -10.71
CA LYS I 154 136.38 -10.97 -11.33
C LYS I 154 135.02 -10.67 -11.93
N LEU I 155 134.26 -11.71 -12.29
CA LEU I 155 132.95 -11.54 -12.90
C LEU I 155 131.82 -11.56 -11.89
N LEU I 156 132.07 -12.05 -10.66
CA LEU I 156 131.03 -12.05 -9.64
C LEU I 156 130.77 -10.65 -9.10
N ALA I 157 131.78 -9.77 -9.12
CA ALA I 157 131.59 -8.40 -8.67
C ALA I 157 130.80 -7.58 -9.67
N GLU I 158 130.78 -7.97 -10.93
CA GLU I 158 130.01 -7.25 -11.95
C GLU I 158 128.52 -7.56 -11.80
N PRO J 1 13.54 -12.73 16.14
CA PRO J 1 14.39 -13.60 16.96
C PRO J 1 15.65 -12.89 17.42
N THR J 2 16.20 -13.31 18.55
CA THR J 2 17.36 -12.62 19.06
C THR J 2 18.63 -13.30 18.57
N PRO J 3 19.67 -12.54 18.25
CA PRO J 3 20.91 -13.16 17.76
C PRO J 3 21.63 -13.93 18.85
N CYS J 4 22.34 -14.95 18.42
CA CYS J 4 23.07 -15.85 19.29
C CYS J 4 24.53 -15.40 19.35
N TYR J 5 25.37 -16.21 19.97
CA TYR J 5 26.80 -15.90 20.06
C TYR J 5 27.59 -17.19 19.98
N ILE J 6 28.70 -17.17 19.25
CA ILE J 6 29.52 -18.35 19.05
C ILE J 6 30.96 -18.03 19.41
N SER J 7 31.56 -18.89 20.23
CA SER J 7 32.96 -18.79 20.59
C SER J 7 33.71 -20.00 20.07
N ILE J 8 34.57 -19.80 19.09
CA ILE J 8 35.29 -20.89 18.43
C ILE J 8 36.70 -20.94 18.98
N GLU J 9 37.18 -22.12 19.34
CA GLU J 9 38.57 -22.30 19.73
C GLU J 9 39.21 -23.36 18.85
N GLY J 10 40.28 -22.99 18.16
CA GLY J 10 40.92 -23.89 17.22
C GLY J 10 41.94 -24.80 17.86
N GLN J 11 42.47 -25.71 17.06
CA GLN J 11 43.61 -26.51 17.51
C GLN J 11 44.86 -25.67 17.65
N THR J 12 45.31 -25.07 16.54
CA THR J 12 46.55 -24.33 16.55
C THR J 12 46.37 -22.83 16.64
N GLN J 13 45.21 -22.30 16.28
CA GLN J 13 45.01 -20.87 16.22
C GLN J 13 44.40 -20.31 17.49
N GLY J 14 44.43 -21.06 18.58
CA GLY J 14 43.99 -20.55 19.86
C GLY J 14 42.49 -20.28 19.86
N LEU J 15 42.10 -19.22 20.55
CA LEU J 15 40.72 -18.77 20.52
C LEU J 15 40.55 -17.93 19.27
N ILE J 16 39.79 -18.46 18.31
CA ILE J 16 39.66 -17.80 17.01
C ILE J 16 38.85 -16.52 17.13
N THR J 17 37.74 -16.56 17.84
CA THR J 17 36.92 -15.38 17.91
C THR J 17 37.33 -14.42 18.99
N ALA J 18 38.56 -14.47 19.48
CA ALA J 18 39.01 -13.55 20.53
C ALA J 18 39.18 -12.17 19.91
N GLY J 19 38.20 -11.31 20.12
CA GLY J 19 38.23 -10.01 19.52
C GLY J 19 37.32 -9.82 18.33
N ALA J 20 36.41 -10.76 18.07
CA ALA J 20 35.55 -10.64 16.92
C ALA J 20 34.32 -9.77 17.17
N CYS J 21 34.23 -9.15 18.32
CA CYS J 21 33.28 -8.07 18.60
C CYS J 21 33.96 -6.93 19.30
N THR J 22 35.06 -6.46 18.73
CA THR J 22 35.66 -5.21 19.14
C THR J 22 35.23 -4.11 18.19
N ALA J 23 35.77 -2.92 18.38
CA ALA J 23 35.50 -1.82 17.46
C ALA J 23 36.28 -1.95 16.17
N ASP J 24 37.32 -2.77 16.14
CA ASP J 24 38.04 -2.98 14.89
C ASP J 24 37.37 -3.99 13.99
N SER J 25 36.64 -4.95 14.56
CA SER J 25 36.01 -5.97 13.75
C SER J 25 34.80 -5.43 13.01
N ILE J 26 33.80 -4.98 13.76
CA ILE J 26 32.50 -4.68 13.17
C ILE J 26 32.05 -3.25 13.43
N GLY J 27 32.99 -2.34 13.64
CA GLY J 27 32.65 -0.94 13.76
C GLY J 27 31.96 -0.58 15.06
N ASP J 28 30.75 -0.04 14.98
CA ASP J 28 30.03 0.40 16.15
C ASP J 28 28.96 -0.57 16.60
N SER J 29 28.85 -1.73 15.96
CA SER J 29 27.85 -2.72 16.36
C SER J 29 28.45 -3.78 17.26
N PHE J 30 29.51 -3.47 17.98
CA PHE J 30 30.04 -4.46 18.89
C PHE J 30 29.37 -4.32 20.24
N VAL J 31 29.46 -5.38 21.03
CA VAL J 31 28.77 -5.46 22.31
C VAL J 31 29.81 -5.68 23.38
N GLU J 32 29.77 -4.87 24.44
CA GLU J 32 30.63 -5.10 25.58
C GLU J 32 30.23 -6.38 26.31
N GLY J 33 31.23 -7.07 26.86
CA GLY J 33 31.01 -8.34 27.52
C GLY J 33 31.04 -9.55 26.62
N HIS J 34 30.85 -9.36 25.32
CA HIS J 34 30.90 -10.44 24.35
C HIS J 34 32.09 -10.23 23.44
N GLU J 35 33.22 -9.88 24.03
CA GLU J 35 34.40 -9.54 23.26
C GLU J 35 35.03 -10.75 22.58
N ASP J 36 34.70 -11.96 23.01
CA ASP J 36 35.31 -13.16 22.46
C ASP J 36 34.35 -13.96 21.62
N GLU J 37 33.19 -13.41 21.26
CA GLU J 37 32.11 -14.19 20.69
C GLU J 37 31.56 -13.45 19.48
N MET J 38 31.48 -14.12 18.35
CA MET J 38 30.88 -13.52 17.17
C MET J 38 29.38 -13.33 17.37
N LEU J 39 28.78 -12.56 16.49
CA LEU J 39 27.34 -12.29 16.56
C LEU J 39 26.66 -13.04 15.44
N VAL J 40 25.90 -14.06 15.78
CA VAL J 40 25.36 -15.02 14.83
C VAL J 40 23.94 -14.63 14.47
N GLN J 41 23.68 -14.45 13.17
CA GLN J 41 22.40 -13.96 12.73
C GLN J 41 21.42 -15.09 12.44
N GLN J 42 21.75 -15.96 11.50
CA GLN J 42 20.86 -17.01 11.02
C GLN J 42 21.42 -18.35 11.43
N PHE J 43 20.58 -19.37 11.47
CA PHE J 43 21.01 -20.68 11.94
C PHE J 43 20.24 -21.77 11.20
N ASP J 44 20.88 -22.92 11.03
CA ASP J 44 20.29 -24.07 10.35
C ASP J 44 21.07 -25.34 10.61
N HIS J 45 20.40 -26.45 10.94
CA HIS J 45 21.13 -27.64 11.38
C HIS J 45 20.22 -28.86 11.30
N VAL J 46 20.63 -29.88 10.57
CA VAL J 46 19.85 -31.09 10.36
C VAL J 46 20.63 -32.27 10.92
N VAL J 47 19.94 -33.23 11.53
CA VAL J 47 20.57 -34.46 11.99
C VAL J 47 19.69 -35.61 11.50
N THR J 48 20.07 -36.28 10.43
CA THR J 48 19.22 -37.31 9.87
C THR J 48 19.55 -38.67 10.47
N VAL J 49 18.61 -39.61 10.32
CA VAL J 49 18.82 -41.01 10.63
C VAL J 49 18.24 -41.83 9.49
N PRO J 50 19.03 -42.65 8.82
CA PRO J 50 18.47 -43.47 7.73
C PRO J 50 17.59 -44.58 8.23
N THR J 51 16.29 -44.49 7.96
CA THR J 51 15.34 -45.52 8.34
C THR J 51 14.89 -46.27 7.11
N ASP J 52 14.64 -47.57 7.26
CA ASP J 52 14.22 -48.34 6.11
C ASP J 52 12.75 -48.08 5.79
N PRO J 53 12.33 -48.31 4.56
CA PRO J 53 10.90 -48.31 4.26
C PRO J 53 10.22 -49.54 4.85
N GLN J 54 8.90 -49.55 4.73
CA GLN J 54 7.97 -50.62 5.16
C GLN J 54 8.23 -51.12 6.58
N SER J 55 8.72 -50.24 7.44
CA SER J 55 9.04 -50.54 8.82
C SER J 55 9.07 -49.21 9.56
N GLY J 56 9.66 -49.22 10.74
CA GLY J 56 9.91 -47.97 11.43
C GLY J 56 11.31 -47.91 12.01
N GLN J 57 12.04 -49.00 11.88
CA GLN J 57 13.28 -49.10 12.63
C GLN J 57 14.39 -48.30 11.96
N PRO J 58 15.30 -47.72 12.74
CA PRO J 58 16.45 -47.01 12.15
C PRO J 58 17.44 -47.99 11.55
N SER J 59 17.58 -47.94 10.23
CA SER J 59 18.48 -48.83 9.51
C SER J 59 19.84 -48.16 9.33
N GLY J 60 20.49 -47.90 10.44
CA GLY J 60 21.80 -47.26 10.39
C GLY J 60 21.96 -46.16 11.43
N GLN J 61 23.20 -45.79 11.69
CA GLN J 61 23.45 -44.74 12.67
C GLN J 61 23.13 -43.38 12.09
N ARG J 62 23.08 -42.39 12.96
CA ARG J 62 22.74 -41.02 12.59
C ARG J 62 23.79 -40.43 11.64
N VAL J 63 23.38 -39.42 10.87
CA VAL J 63 24.23 -38.73 9.92
C VAL J 63 24.09 -37.25 10.18
N HIS J 64 25.17 -36.62 10.65
CA HIS J 64 25.11 -35.22 11.02
C HIS J 64 25.30 -34.33 9.80
N LYS J 65 24.24 -33.72 9.34
CA LYS J 65 24.33 -32.63 8.38
C LYS J 65 24.86 -31.39 9.11
N PRO J 66 25.51 -30.46 8.42
CA PRO J 66 26.30 -29.46 9.15
C PRO J 66 25.47 -28.33 9.73
N PHE J 67 26.04 -27.72 10.78
CA PHE J 67 25.74 -26.35 11.20
C PHE J 67 25.73 -25.38 10.02
N LYS J 68 24.92 -24.34 10.12
CA LYS J 68 25.01 -23.22 9.18
C LYS J 68 24.70 -21.95 9.96
N PHE J 69 25.71 -21.28 10.47
CA PHE J 69 25.51 -20.03 11.19
C PHE J 69 26.11 -18.88 10.38
N THR J 70 25.46 -17.72 10.43
CA THR J 70 25.81 -16.59 9.58
C THR J 70 26.30 -15.42 10.41
N VAL J 71 27.52 -14.98 10.15
CA VAL J 71 28.06 -13.79 10.79
C VAL J 71 28.49 -12.81 9.70
N ALA J 72 28.73 -11.57 10.09
CA ALA J 72 29.22 -10.59 9.15
C ALA J 72 30.72 -10.74 8.98
N LEU J 73 31.30 -9.98 8.06
CA LEU J 73 32.75 -9.97 7.91
C LEU J 73 33.40 -9.27 9.09
N ASN J 74 34.28 -9.97 9.77
CA ASN J 74 34.94 -9.42 10.94
C ASN J 74 36.32 -10.05 11.06
N LYS J 75 36.90 -9.93 12.25
CA LYS J 75 38.28 -10.34 12.49
C LYS J 75 38.45 -11.84 12.36
N ALA J 76 37.46 -12.61 12.80
CA ALA J 76 37.59 -14.05 12.83
C ALA J 76 37.40 -14.71 11.47
N VAL J 77 36.93 -14.00 10.46
CA VAL J 77 36.67 -14.61 9.15
C VAL J 77 37.95 -14.98 8.40
N PRO J 78 39.03 -14.18 8.37
CA PRO J 78 40.28 -14.74 7.84
C PRO J 78 40.87 -15.85 8.67
N LEU J 79 40.54 -15.92 9.96
CA LEU J 79 40.99 -17.05 10.76
C LEU J 79 40.17 -18.30 10.46
N LEU J 80 38.91 -18.14 10.08
CA LEU J 80 38.11 -19.30 9.72
C LEU J 80 38.35 -19.75 8.30
N TYR J 81 39.06 -19.00 7.48
CA TYR J 81 39.47 -19.50 6.19
C TYR J 81 40.83 -20.18 6.23
N ASN J 82 41.40 -20.40 7.40
CA ASN J 82 42.50 -21.34 7.53
C ASN J 82 42.10 -22.60 8.25
N ALA J 83 41.09 -22.54 9.10
CA ALA J 83 40.51 -23.76 9.62
C ALA J 83 39.81 -24.52 8.53
N LEU J 84 39.33 -23.81 7.51
CA LEU J 84 38.68 -24.44 6.36
C LEU J 84 39.67 -25.06 5.41
N SER J 85 40.55 -24.24 4.85
CA SER J 85 41.40 -24.68 3.76
C SER J 85 42.55 -25.57 4.20
N SER J 86 42.74 -25.78 5.49
CA SER J 86 43.74 -26.71 5.95
C SER J 86 43.18 -27.84 6.77
N GLY J 87 41.86 -27.89 6.96
CA GLY J 87 41.24 -28.98 7.68
C GLY J 87 41.52 -28.99 9.15
N GLU J 88 41.76 -27.84 9.74
CA GLU J 88 42.06 -27.77 11.16
C GLU J 88 40.79 -27.99 11.97
N LYS J 89 40.86 -28.91 12.91
CA LYS J 89 39.72 -29.12 13.78
C LYS J 89 39.64 -27.98 14.78
N LEU J 90 38.45 -27.74 15.30
CA LEU J 90 38.20 -26.69 16.26
C LEU J 90 37.82 -27.36 17.56
N LYS J 91 38.50 -27.01 18.65
CA LYS J 91 38.31 -27.74 19.90
C LYS J 91 36.92 -27.54 20.47
N THR J 92 36.35 -26.35 20.31
CA THR J 92 35.00 -26.15 20.81
C THR J 92 34.32 -25.02 20.04
N VAL J 93 32.99 -25.10 19.99
CA VAL J 93 32.14 -24.06 19.43
C VAL J 93 30.93 -24.00 20.35
N GLU J 94 30.76 -22.91 21.07
CA GLU J 94 29.69 -22.84 22.05
C GLU J 94 28.67 -21.81 21.60
N LEU J 95 27.71 -22.27 20.81
CA LEU J 95 26.56 -21.43 20.48
C LEU J 95 25.74 -21.19 21.72
N LYS J 96 25.19 -19.99 21.86
CA LYS J 96 24.37 -19.64 22.99
C LYS J 96 23.14 -18.90 22.52
N TRP J 97 21.98 -19.53 22.65
CA TRP J 97 20.72 -18.96 22.19
C TRP J 97 20.19 -18.01 23.25
N TYR J 98 20.11 -16.73 22.94
CA TYR J 98 19.57 -15.81 23.92
C TYR J 98 18.08 -15.65 23.72
N ARG J 99 17.42 -15.16 24.76
CA ARG J 99 16.03 -14.73 24.65
C ARG J 99 15.78 -13.72 25.75
N THR J 100 14.72 -12.94 25.59
CA THR J 100 14.36 -11.91 26.54
C THR J 100 13.43 -12.50 27.58
N SER J 101 13.86 -12.48 28.84
CA SER J 101 13.11 -13.13 29.90
C SER J 101 12.01 -12.19 30.39
N ILE J 102 11.37 -12.57 31.49
CA ILE J 102 10.24 -11.81 32.01
C ILE J 102 10.72 -10.56 32.71
N GLU J 103 11.79 -10.67 33.49
CA GLU J 103 12.31 -9.54 34.24
C GLU J 103 12.97 -8.49 33.36
N GLY J 104 13.21 -8.79 32.09
CA GLY J 104 13.74 -7.82 31.18
C GLY J 104 15.21 -7.97 30.87
N LYS J 105 15.78 -9.15 31.08
CA LYS J 105 17.20 -9.34 30.89
C LYS J 105 17.43 -10.49 29.92
N GLN J 106 18.45 -10.34 29.08
CA GLN J 106 18.85 -11.39 28.18
C GLN J 106 19.39 -12.57 28.97
N GLU J 107 19.13 -13.77 28.49
CA GLU J 107 19.69 -14.95 29.13
C GLU J 107 19.78 -16.07 28.11
N ASN J 108 20.78 -16.92 28.26
CA ASN J 108 20.87 -18.08 27.38
C ASN J 108 19.96 -19.16 27.92
N PHE J 109 18.95 -19.51 27.15
CA PHE J 109 18.08 -20.58 27.57
C PHE J 109 18.49 -21.91 26.97
N PHE J 110 19.51 -21.93 26.13
CA PHE J 110 19.80 -23.11 25.32
C PHE J 110 21.18 -22.93 24.74
N THR J 111 22.09 -23.85 25.02
CA THR J 111 23.43 -23.80 24.44
C THR J 111 23.73 -25.11 23.76
N THR J 112 24.30 -25.05 22.57
CA THR J 112 24.68 -26.25 21.82
C THR J 112 26.19 -26.24 21.70
N LYS J 113 26.89 -26.84 22.66
CA LYS J 113 28.33 -26.92 22.57
C LYS J 113 28.74 -27.94 21.51
N LEU J 114 30.04 -28.11 21.33
CA LEU J 114 30.51 -28.85 20.17
C LEU J 114 31.95 -29.25 20.45
N GLU J 115 32.30 -30.49 20.20
CA GLU J 115 33.69 -30.90 20.30
C GLU J 115 34.31 -30.79 18.92
N ASN J 116 35.39 -31.53 18.65
CA ASN J 116 36.24 -31.41 17.46
C ASN J 116 35.46 -31.29 16.17
N ALA J 117 35.56 -30.12 15.54
CA ALA J 117 34.60 -29.71 14.53
C ALA J 117 35.31 -28.99 13.41
N SER J 118 35.59 -29.69 12.32
CA SER J 118 36.16 -29.01 11.17
C SER J 118 35.11 -28.14 10.50
N ILE J 119 35.54 -27.32 9.57
CA ILE J 119 34.65 -26.47 8.80
C ILE J 119 34.47 -27.10 7.42
N VAL J 120 33.21 -27.33 7.05
CA VAL J 120 32.96 -27.93 5.74
C VAL J 120 33.05 -26.87 4.65
N ASP J 121 32.23 -25.84 4.72
CA ASP J 121 32.32 -24.77 3.75
C ASP J 121 31.89 -23.46 4.34
N ILE J 122 32.31 -22.38 3.69
CA ILE J 122 32.02 -21.02 4.11
C ILE J 122 31.53 -20.27 2.89
N HIS J 123 30.32 -19.71 2.97
CA HIS J 123 29.65 -19.10 1.84
C HIS J 123 29.58 -17.59 2.04
N CYS J 124 30.65 -16.90 1.64
CA CYS J 124 30.70 -15.45 1.76
C CYS J 124 29.96 -14.82 0.58
N GLU J 125 28.97 -13.99 0.87
CA GLU J 125 28.25 -13.29 -0.17
C GLU J 125 27.94 -11.87 0.30
N MET J 126 27.53 -11.04 -0.66
CA MET J 126 27.10 -9.69 -0.38
C MET J 126 25.92 -9.43 -1.30
N PRO J 127 24.82 -8.91 -0.78
CA PRO J 127 23.66 -8.63 -1.63
C PRO J 127 23.93 -7.48 -2.57
N HIS J 128 23.02 -7.32 -3.53
CA HIS J 128 23.23 -6.39 -4.62
C HIS J 128 23.10 -4.95 -4.14
N CYS J 129 24.07 -4.12 -4.48
CA CYS J 129 24.13 -2.77 -3.94
C CYS J 129 23.08 -1.86 -4.57
N GLN J 130 22.68 -2.14 -5.81
CA GLN J 130 21.62 -1.38 -6.46
C GLN J 130 20.25 -1.64 -5.84
N ASP J 131 20.07 -2.80 -5.23
CA ASP J 131 18.76 -3.26 -4.81
C ASP J 131 18.38 -2.60 -3.49
N PRO J 132 17.28 -1.86 -3.42
CA PRO J 132 16.91 -1.20 -2.16
C PRO J 132 16.21 -2.10 -1.17
N ALA J 133 15.76 -3.29 -1.57
CA ALA J 133 15.15 -4.20 -0.62
C ALA J 133 16.15 -4.84 0.31
N LYS J 134 17.40 -4.93 -0.11
CA LYS J 134 18.48 -5.52 0.69
C LYS J 134 19.51 -4.49 1.05
N SER J 135 19.07 -3.30 1.46
CA SER J 135 19.97 -2.23 1.81
C SER J 135 20.45 -2.31 3.25
N ASP J 136 19.65 -2.90 4.14
CA ASP J 136 20.03 -2.99 5.53
C ASP J 136 21.08 -4.05 5.79
N PHE J 137 21.21 -5.03 4.89
CA PHE J 137 22.18 -6.09 5.10
C PHE J 137 23.58 -5.56 4.82
N THR J 138 24.58 -6.19 5.44
CA THR J 138 25.95 -5.79 5.16
C THR J 138 26.70 -6.87 4.40
N GLN J 139 26.88 -8.04 4.98
CA GLN J 139 27.48 -9.19 4.34
C GLN J 139 26.84 -10.43 4.95
N ASN J 140 27.20 -11.60 4.42
CA ASN J 140 26.69 -12.85 4.92
C ASN J 140 27.81 -13.87 4.76
N VAL J 141 28.38 -14.30 5.89
CA VAL J 141 29.43 -15.31 5.88
C VAL J 141 28.87 -16.50 6.63
N THR J 142 28.39 -17.49 5.90
CA THR J 142 27.71 -18.65 6.48
C THR J 142 28.72 -19.76 6.65
N VAL J 143 29.21 -19.94 7.86
CA VAL J 143 30.25 -20.91 8.14
C VAL J 143 29.61 -22.22 8.56
N SER J 144 29.97 -23.31 7.89
CA SER J 144 29.43 -24.59 8.27
C SER J 144 30.38 -25.33 9.20
N LEU J 145 29.85 -26.33 9.88
CA LEU J 145 30.67 -27.11 10.81
C LEU J 145 30.17 -28.54 10.81
N SER J 146 30.93 -29.46 10.24
CA SER J 146 30.78 -30.83 10.67
C SER J 146 31.51 -30.99 11.98
N TYR J 147 31.24 -32.06 12.70
CA TYR J 147 31.61 -32.11 14.10
C TYR J 147 31.61 -33.54 14.60
N ARG J 148 32.50 -33.82 15.54
CA ARG J 148 32.49 -35.14 16.16
C ARG J 148 31.39 -35.25 17.19
N LYS J 149 31.46 -34.44 18.24
CA LYS J 149 30.57 -34.55 19.38
C LYS J 149 29.83 -33.25 19.60
N ILE J 150 28.51 -33.34 19.71
CA ILE J 150 27.65 -32.19 19.94
C ILE J 150 26.86 -32.44 21.21
N THR J 151 26.67 -31.40 22.02
CA THR J 151 25.92 -31.51 23.26
C THR J 151 24.93 -30.35 23.33
N TRP J 152 23.67 -30.64 23.05
CA TRP J 152 22.62 -29.69 23.35
C TRP J 152 22.45 -29.56 24.85
N ASP J 153 22.01 -28.39 25.29
CA ASP J 153 21.90 -28.16 26.73
C ASP J 153 20.90 -27.03 26.92
N HIS J 154 19.72 -27.36 27.43
CA HIS J 154 18.78 -26.33 27.82
C HIS J 154 19.09 -25.91 29.24
N VAL J 155 19.32 -24.61 29.46
CA VAL J 155 19.82 -24.14 30.74
C VAL J 155 18.70 -23.94 31.74
N ASN J 156 17.62 -23.27 31.33
CA ASN J 156 16.56 -22.93 32.28
C ASN J 156 15.71 -24.11 32.70
N ALA J 157 15.84 -25.27 32.07
CA ALA J 157 15.15 -26.47 32.51
C ALA J 157 16.10 -27.62 32.73
N GLY J 158 17.40 -27.42 32.55
CA GLY J 158 18.40 -28.39 32.96
C GLY J 158 18.54 -29.61 32.09
N THR J 159 17.72 -29.80 31.06
CA THR J 159 17.88 -30.97 30.21
C THR J 159 19.13 -30.85 29.36
N SER J 160 19.65 -31.99 28.93
CA SER J 160 20.88 -32.00 28.15
C SER J 160 20.90 -33.23 27.27
N GLY J 161 21.00 -33.02 25.97
CA GLY J 161 21.20 -34.12 25.07
C GLY J 161 22.65 -34.20 24.68
N SER J 162 23.06 -35.28 24.04
CA SER J 162 24.45 -35.44 23.65
C SER J 162 24.54 -36.47 22.54
N ASP J 163 25.41 -36.22 21.58
CA ASP J 163 25.77 -37.22 20.59
C ASP J 163 27.27 -37.24 20.47
N ASP J 164 27.83 -38.43 20.23
CA ASP J 164 29.26 -38.52 20.08
C ASP J 164 29.59 -39.70 19.20
N TRP J 165 30.49 -39.49 18.25
CA TRP J 165 31.03 -40.62 17.53
C TRP J 165 32.04 -41.38 18.37
N ARG J 166 32.72 -40.69 19.28
CA ARG J 166 33.76 -41.31 20.09
C ARG J 166 33.18 -42.33 21.04
N LYS J 167 32.06 -42.01 21.67
CA LYS J 167 31.42 -42.88 22.66
C LYS J 167 29.94 -43.06 22.32
N PRO J 168 29.62 -43.92 21.39
CA PRO J 168 28.22 -44.26 21.15
C PRO J 168 27.70 -45.08 22.31
N ILE J 169 26.38 -45.16 22.41
CA ILE J 169 25.77 -45.61 23.66
C ILE J 169 25.91 -47.13 23.74
N GLU J 170 26.96 -47.56 24.42
CA GLU J 170 27.49 -48.93 24.57
C GLU J 170 27.47 -49.84 23.33
N GLY K 1 97.26 -61.72 73.91
CA GLY K 1 96.85 -61.04 72.70
C GLY K 1 96.58 -61.99 71.54
N SER K 2 96.03 -63.16 71.87
CA SER K 2 95.71 -64.14 70.84
C SER K 2 94.49 -63.75 70.02
N LEU K 3 93.61 -62.90 70.57
CA LEU K 3 92.48 -62.41 69.78
C LEU K 3 92.93 -61.44 68.69
N LEU K 4 94.01 -60.70 68.93
CA LEU K 4 94.60 -59.88 67.88
C LEU K 4 95.28 -60.73 66.82
N ASP K 5 95.75 -61.92 67.21
CA ASP K 5 96.36 -62.84 66.24
C ASP K 5 95.32 -63.43 65.30
N GLU K 6 94.08 -63.61 65.77
CA GLU K 6 93.03 -64.12 64.90
C GLU K 6 92.54 -63.07 63.92
N ILE K 7 92.64 -61.79 64.29
CA ILE K 7 92.27 -60.72 63.36
C ILE K 7 93.35 -60.54 62.31
N MET K 8 94.63 -60.60 62.72
CA MET K 8 95.73 -60.46 61.77
C MET K 8 95.87 -61.67 60.85
N ALA K 9 95.50 -62.86 61.32
CA ALA K 9 95.44 -64.01 60.42
C ALA K 9 94.24 -63.95 59.49
N GLN K 10 93.20 -63.21 59.86
CA GLN K 10 92.05 -62.98 59.00
C GLN K 10 92.41 -61.88 58.01
N THR K 11 92.78 -62.28 56.79
CA THR K 11 93.37 -61.36 55.83
C THR K 11 92.37 -60.39 55.22
N ARG K 12 91.07 -60.55 55.48
CA ARG K 12 90.09 -59.63 54.94
C ARG K 12 90.10 -58.28 55.66
N ILE K 13 90.34 -58.28 56.96
CA ILE K 13 90.37 -57.05 57.76
C ILE K 13 91.54 -57.09 58.75
N ALA K 14 92.72 -57.47 58.25
CA ALA K 14 93.85 -57.67 59.14
C ALA K 14 94.48 -56.37 59.66
N PRO K 15 95.00 -55.42 58.80
CA PRO K 15 95.88 -54.40 59.38
C PRO K 15 95.16 -53.19 59.99
N SER K 16 94.07 -53.44 60.72
CA SER K 16 93.33 -52.44 61.51
C SER K 16 92.89 -51.23 60.67
N GLU K 17 92.06 -51.51 59.67
CA GLU K 17 91.62 -50.49 58.73
C GLU K 17 90.15 -50.12 58.90
N GLU K 18 89.25 -51.10 58.79
CA GLU K 18 87.82 -50.83 58.88
C GLU K 18 87.10 -52.11 59.28
N GLY K 19 86.22 -52.01 60.27
CA GLY K 19 85.45 -53.15 60.71
C GLY K 19 86.19 -54.11 61.62
N TYR K 20 87.32 -53.69 62.21
CA TYR K 20 88.08 -54.56 63.09
C TYR K 20 87.56 -54.54 64.52
N ASP K 21 86.78 -53.52 64.91
CA ASP K 21 86.19 -53.50 66.23
C ASP K 21 84.85 -54.23 66.27
N ILE K 22 84.16 -54.31 65.14
CA ILE K 22 82.89 -55.04 65.08
C ILE K 22 83.14 -56.55 65.04
N ALA K 23 84.09 -56.99 64.21
CA ALA K 23 84.41 -58.41 64.12
C ALA K 23 85.11 -58.93 65.36
N LYS K 24 85.79 -58.07 66.12
CA LYS K 24 86.33 -58.47 67.42
C LYS K 24 85.21 -58.75 68.41
N LYS K 25 84.11 -57.99 68.33
CA LYS K 25 82.94 -58.28 69.14
C LYS K 25 82.21 -59.52 68.67
N GLY K 26 82.41 -59.93 67.43
CA GLY K 26 81.77 -61.12 66.89
C GLY K 26 82.41 -62.41 67.36
N VAL K 27 83.73 -62.41 67.48
CA VAL K 27 84.44 -63.60 67.95
C VAL K 27 84.19 -63.81 69.43
N ALA K 28 84.26 -62.74 70.23
CA ALA K 28 84.16 -62.87 71.68
C ALA K 28 82.74 -63.19 72.13
N ALA K 29 81.74 -62.83 71.34
CA ALA K 29 80.36 -63.15 71.70
C ALA K 29 80.04 -64.62 71.45
N PHE K 30 80.63 -65.22 70.42
CA PHE K 30 80.32 -66.61 70.08
C PHE K 30 80.97 -67.58 71.05
N ILE K 31 82.12 -67.21 71.63
CA ILE K 31 82.81 -68.10 72.56
C ILE K 31 82.06 -68.17 73.89
N GLU K 32 81.39 -67.08 74.28
CA GLU K 32 80.67 -67.04 75.55
C GLU K 32 79.45 -67.97 75.55
N ASN K 33 78.87 -68.23 74.38
CA ASN K 33 77.75 -69.16 74.26
C ASN K 33 78.18 -70.53 73.74
N LEU K 34 79.47 -70.70 73.41
CA LEU K 34 79.95 -71.97 72.85
C LEU K 34 80.01 -73.08 73.90
N MET K 35 80.09 -72.73 75.18
CA MET K 35 80.29 -73.72 76.24
C MET K 35 79.05 -74.56 76.53
N GLY K 36 77.90 -74.22 75.93
CA GLY K 36 76.74 -75.09 76.08
C GLY K 36 76.85 -76.37 75.29
N SER K 37 77.59 -76.35 74.19
CA SER K 37 77.83 -77.54 73.38
C SER K 37 79.16 -77.37 72.67
N GLN K 38 80.18 -78.09 73.12
CA GLN K 38 81.51 -77.97 72.55
C GLN K 38 81.60 -78.71 71.22
N HIS K 39 82.01 -78.00 70.18
CA HIS K 39 82.17 -78.60 68.86
C HIS K 39 83.18 -77.76 68.08
N SER K 40 83.96 -78.43 67.22
CA SER K 40 85.05 -77.78 66.48
C SER K 40 84.92 -78.14 64.99
N ALA K 41 84.08 -77.38 64.28
CA ALA K 41 83.93 -77.49 62.82
C ALA K 41 83.21 -76.24 62.33
N GLU K 42 83.82 -75.55 61.37
CA GLU K 42 83.22 -74.32 60.82
C GLU K 42 81.86 -74.50 60.15
N PRO K 43 81.60 -75.51 59.29
CA PRO K 43 80.24 -75.58 58.71
C PRO K 43 79.16 -75.99 59.68
N VAL K 44 79.50 -76.74 60.73
CA VAL K 44 78.55 -76.94 61.80
C VAL K 44 78.40 -75.65 62.61
N ASN K 45 79.49 -74.90 62.76
CA ASN K 45 79.42 -73.59 63.40
C ASN K 45 78.63 -72.60 62.55
N LYS K 46 78.64 -72.73 61.23
CA LYS K 46 77.74 -71.93 60.40
C LYS K 46 76.28 -72.31 60.65
N SER K 47 76.03 -73.54 61.09
CA SER K 47 74.71 -73.88 61.60
C SER K 47 74.58 -73.52 63.07
N LEU K 48 75.67 -73.60 63.84
CA LEU K 48 75.60 -73.24 65.26
C LEU K 48 75.47 -71.74 65.47
N VAL K 49 75.97 -70.93 64.53
CA VAL K 49 75.64 -69.51 64.54
C VAL K 49 74.15 -69.33 64.27
N ASP K 50 73.62 -70.07 63.29
CA ASP K 50 72.20 -70.00 62.98
C ASP K 50 71.35 -70.61 64.10
N GLN K 51 71.87 -71.60 64.82
CA GLN K 51 71.16 -72.11 65.99
C GLN K 51 71.26 -71.18 67.18
N MET K 52 72.19 -70.22 67.15
CA MET K 52 72.21 -69.12 68.12
C MET K 52 71.47 -67.89 67.61
N LEU K 53 70.93 -67.94 66.39
CA LEU K 53 70.06 -66.88 65.90
C LEU K 53 68.59 -67.23 66.01
N VAL K 54 68.24 -68.51 65.85
CA VAL K 54 66.86 -68.94 66.04
C VAL K 54 66.46 -68.84 67.52
N GLU K 55 67.36 -69.25 68.41
CA GLU K 55 67.10 -69.09 69.84
C GLU K 55 67.17 -67.62 70.26
N LEU K 56 67.91 -66.80 69.53
CA LEU K 56 67.93 -65.37 69.79
C LEU K 56 66.63 -64.71 69.36
N ASP K 57 66.08 -65.11 68.21
CA ASP K 57 64.81 -64.56 67.74
C ASP K 57 63.65 -65.01 68.60
N LYS K 58 63.76 -66.14 69.30
CA LYS K 58 62.76 -66.50 70.29
C LYS K 58 62.84 -65.58 71.51
N LYS K 59 64.01 -65.00 71.77
CA LYS K 59 64.12 -64.05 72.86
C LYS K 59 63.68 -62.65 72.45
N ILE K 60 63.89 -62.27 71.19
CA ILE K 60 63.59 -60.90 70.77
C ILE K 60 62.13 -60.75 70.37
N SER K 61 61.64 -61.67 69.53
CA SER K 61 60.28 -61.53 69.02
C SER K 61 59.24 -61.79 70.09
N ALA K 62 59.58 -62.54 71.14
CA ALA K 62 58.68 -62.64 72.27
C ALA K 62 58.64 -61.37 73.09
N GLN K 63 59.70 -60.55 73.01
CA GLN K 63 59.68 -59.23 73.64
C GLN K 63 58.99 -58.22 72.74
N MET K 64 59.19 -58.31 71.43
CA MET K 64 58.53 -57.41 70.49
C MET K 64 57.11 -57.81 70.17
N ASP K 65 56.61 -58.91 70.72
CA ASP K 65 55.18 -59.12 70.81
C ASP K 65 54.62 -58.67 72.15
N GLU K 66 55.43 -58.01 72.96
CA GLU K 66 54.99 -57.44 74.22
C GLU K 66 55.24 -55.95 74.33
N ILE K 67 56.26 -55.42 73.65
CA ILE K 67 56.38 -53.97 73.51
C ILE K 67 55.32 -53.46 72.55
N LEU K 68 55.03 -54.23 71.50
CA LEU K 68 53.83 -54.02 70.72
C LEU K 68 52.66 -54.67 71.47
N HIS K 69 51.47 -54.61 70.86
CA HIS K 69 50.25 -55.30 71.31
C HIS K 69 49.81 -54.85 72.71
N ASN K 70 50.16 -53.63 73.10
CA ASN K 70 49.82 -53.09 74.40
C ASN K 70 48.63 -52.15 74.24
N SER K 71 47.83 -52.04 75.31
CA SER K 71 46.58 -51.27 75.24
C SER K 71 46.85 -49.78 75.10
N GLN K 72 48.01 -49.31 75.55
CA GLN K 72 48.39 -47.92 75.29
C GLN K 72 49.00 -47.76 73.91
N PHE K 73 49.72 -48.77 73.44
CA PHE K 73 50.38 -48.66 72.14
C PHE K 73 49.39 -48.91 71.00
N GLN K 74 48.67 -50.03 71.04
CA GLN K 74 47.84 -50.45 69.93
C GLN K 74 46.64 -49.53 69.73
N ALA K 75 46.06 -49.01 70.81
CA ALA K 75 44.96 -48.06 70.68
C ALA K 75 45.46 -46.71 70.15
N MET K 76 46.73 -46.40 70.38
CA MET K 76 47.34 -45.21 69.80
C MET K 76 48.10 -45.52 68.52
N GLU K 77 48.09 -46.78 68.07
CA GLU K 77 48.59 -47.08 66.73
C GLU K 77 47.45 -47.17 65.73
N SER K 78 46.33 -47.78 66.12
CA SER K 78 45.16 -47.87 65.24
C SER K 78 44.53 -46.51 65.01
N ALA K 79 44.58 -45.64 66.02
CA ALA K 79 44.05 -44.29 65.88
C ALA K 79 44.94 -43.38 65.05
N TRP K 80 46.16 -43.83 64.72
CA TRP K 80 47.09 -43.01 63.97
C TRP K 80 47.50 -43.62 62.64
N ARG K 81 47.70 -44.94 62.57
CA ARG K 81 47.93 -45.57 61.28
C ARG K 81 46.64 -45.63 60.46
N GLY K 82 45.50 -45.71 61.14
CA GLY K 82 44.21 -45.58 60.46
C GLY K 82 43.98 -44.22 59.86
N LEU K 83 44.61 -43.18 60.39
CA LEU K 83 44.60 -41.89 59.73
C LEU K 83 45.38 -41.94 58.43
N LYS K 84 46.50 -42.68 58.41
CA LYS K 84 47.30 -42.80 57.19
C LYS K 84 46.53 -43.53 56.10
N LEU K 85 45.65 -44.47 56.47
CA LEU K 85 44.74 -45.06 55.51
C LEU K 85 43.69 -44.06 55.03
N PHE K 86 43.42 -43.01 55.79
CA PHE K 86 42.54 -41.96 55.29
C PHE K 86 43.30 -40.90 54.52
N VAL K 87 44.61 -40.78 54.72
CA VAL K 87 45.39 -39.81 53.95
C VAL K 87 45.84 -40.39 52.62
N ASP K 88 46.20 -41.68 52.58
CA ASP K 88 46.76 -42.26 51.38
C ASP K 88 45.70 -42.50 50.30
N ARG K 89 44.44 -42.75 50.69
CA ARG K 89 43.43 -43.05 49.69
C ARG K 89 42.84 -41.79 49.08
N THR K 90 42.62 -40.75 49.88
CA THR K 90 41.94 -39.56 49.41
C THR K 90 42.87 -38.70 48.60
N ASP K 91 42.43 -38.32 47.40
CA ASP K 91 43.27 -37.57 46.48
C ASP K 91 43.21 -36.10 46.86
N PHE K 92 44.26 -35.60 47.50
CA PHE K 92 44.31 -34.21 47.93
C PHE K 92 44.50 -33.24 46.77
N ARG K 93 44.88 -33.72 45.59
CA ARG K 93 44.91 -32.85 44.43
C ARG K 93 43.52 -32.52 43.93
N GLU K 94 42.54 -33.37 44.19
CA GLU K 94 41.17 -33.15 43.73
C GLU K 94 40.31 -32.43 44.77
N ASN K 95 40.84 -31.32 45.29
CA ASN K 95 40.13 -30.38 46.18
C ASN K 95 39.61 -31.08 47.45
N ASN K 96 40.54 -31.55 48.26
CA ASN K 96 40.21 -32.19 49.52
C ASN K 96 41.19 -31.74 50.59
N LYS K 97 40.67 -31.41 51.77
CA LYS K 97 41.51 -31.14 52.92
C LYS K 97 40.90 -31.85 54.12
N VAL K 98 41.73 -32.11 55.13
CA VAL K 98 41.27 -32.79 56.33
C VAL K 98 41.94 -32.19 57.55
N GLU K 99 41.13 -31.76 58.51
CA GLU K 99 41.63 -31.21 59.75
C GLU K 99 41.73 -32.31 60.80
N ILE K 100 42.72 -32.15 61.69
CA ILE K 100 43.04 -33.13 62.71
C ILE K 100 42.93 -32.47 64.07
N LEU K 101 42.00 -32.95 64.90
CA LEU K 101 41.77 -32.37 66.20
C LEU K 101 42.08 -33.40 67.28
N HIS K 102 42.95 -33.03 68.22
CA HIS K 102 43.26 -33.84 69.39
C HIS K 102 42.26 -33.53 70.49
N VAL K 103 41.28 -34.40 70.68
CA VAL K 103 40.50 -34.43 71.89
C VAL K 103 40.69 -35.81 72.50
N THR K 104 40.15 -36.00 73.69
CA THR K 104 39.83 -37.34 74.15
C THR K 104 38.33 -37.43 74.35
N LYS K 105 37.83 -38.66 74.31
CA LYS K 105 36.39 -38.89 74.31
C LYS K 105 35.76 -38.50 75.64
N ASP K 106 36.50 -38.61 76.74
CA ASP K 106 35.99 -38.15 78.02
C ASP K 106 36.08 -36.64 78.16
N GLU K 107 37.01 -36.00 77.45
CA GLU K 107 37.12 -34.55 77.49
C GLU K 107 35.97 -33.90 76.73
N LEU K 108 35.46 -34.58 75.70
CA LEU K 108 34.54 -33.92 74.78
C LEU K 108 33.16 -33.74 75.40
N LEU K 109 32.70 -34.71 76.18
CA LEU K 109 31.42 -34.56 76.88
C LEU K 109 31.52 -33.51 77.97
N GLU K 110 32.69 -33.42 78.62
CA GLU K 110 32.94 -32.36 79.60
C GLU K 110 32.94 -30.99 78.93
N ASP K 111 33.40 -30.92 77.68
CA ASP K 111 33.38 -29.66 76.94
C ASP K 111 31.98 -29.27 76.50
N PHE K 112 31.07 -30.23 76.34
CA PHE K 112 29.68 -29.88 76.16
C PHE K 112 28.98 -29.61 77.48
N GLU K 113 29.50 -30.15 78.58
CA GLU K 113 29.07 -29.76 79.91
C GLU K 113 29.66 -28.40 80.29
N PHE K 114 30.73 -27.99 79.60
CA PHE K 114 31.40 -26.72 79.86
C PHE K 114 30.50 -25.54 79.52
N ALA K 115 29.96 -25.52 78.30
CA ALA K 115 29.12 -24.40 77.89
C ALA K 115 27.66 -24.66 78.24
N PRO K 116 26.90 -23.60 78.56
CA PRO K 116 25.47 -23.78 78.84
C PRO K 116 24.66 -24.11 77.60
N GLU K 117 25.15 -23.78 76.42
CA GLU K 117 24.47 -24.05 75.17
C GLU K 117 25.48 -24.62 74.19
N THR K 118 25.00 -25.52 73.31
CA THR K 118 25.85 -26.11 72.28
C THR K 118 26.40 -25.08 71.30
N ALA K 119 25.74 -23.94 71.16
CA ALA K 119 26.19 -22.84 70.32
C ALA K 119 27.27 -21.99 70.98
N GLN K 120 27.78 -22.39 72.14
CA GLN K 120 28.93 -21.73 72.74
C GLN K 120 30.00 -22.72 73.16
N SER K 121 29.95 -23.95 72.67
CA SER K 121 30.88 -24.99 73.09
C SER K 121 32.26 -24.77 72.48
N GLY K 122 33.21 -25.61 72.89
CA GLY K 122 34.53 -25.56 72.30
C GLY K 122 34.65 -26.35 71.02
N LEU K 123 33.84 -27.40 70.88
CA LEU K 123 33.82 -28.13 69.62
C LEU K 123 33.03 -27.36 68.56
N TYR K 124 32.05 -26.56 68.99
CA TYR K 124 31.33 -25.68 68.09
C TYR K 124 32.22 -24.62 67.49
N LYS K 125 33.32 -24.28 68.17
CA LYS K 125 34.26 -23.32 67.62
C LYS K 125 35.03 -23.93 66.46
N HIS K 126 35.37 -25.20 66.53
CA HIS K 126 36.19 -25.81 65.50
C HIS K 126 35.38 -26.40 64.35
N VAL K 127 34.13 -26.77 64.60
CA VAL K 127 33.29 -27.32 63.55
C VAL K 127 32.60 -26.21 62.78
N TYR K 128 31.98 -25.28 63.49
CA TYR K 128 31.19 -24.24 62.86
C TYR K 128 32.00 -22.98 62.57
N SER K 129 32.54 -22.35 63.61
CA SER K 129 32.98 -20.97 63.46
C SER K 129 34.36 -20.86 62.83
N ALA K 130 35.27 -21.78 63.10
CA ALA K 130 36.58 -21.71 62.45
C ALA K 130 36.52 -22.20 61.01
N GLY K 131 35.47 -22.90 60.64
CA GLY K 131 35.29 -23.42 59.30
C GLY K 131 34.15 -22.71 58.59
N TYR K 132 32.97 -23.33 58.72
CA TYR K 132 31.77 -22.92 58.01
C TYR K 132 31.34 -21.49 58.36
N GLY K 133 31.28 -21.17 59.64
CA GLY K 133 30.88 -19.82 60.04
C GLY K 133 32.03 -18.85 60.00
N GLN K 134 32.59 -18.62 58.81
CA GLN K 134 33.79 -17.81 58.66
C GLN K 134 33.80 -17.26 57.25
N PHE K 135 34.10 -15.98 57.11
CA PHE K 135 34.19 -15.38 55.79
C PHE K 135 35.40 -15.93 55.04
N GLY K 136 35.15 -16.65 53.97
CA GLY K 136 36.20 -17.22 53.14
C GLY K 136 36.74 -18.54 53.62
N GLY K 137 36.45 -18.94 54.86
CA GLY K 137 36.96 -20.20 55.36
C GLY K 137 36.25 -21.40 54.74
N GLU K 138 37.00 -22.47 54.57
CA GLU K 138 36.44 -23.68 53.98
C GLU K 138 35.53 -24.37 54.97
N PRO K 139 34.34 -24.79 54.56
CA PRO K 139 33.37 -25.34 55.51
C PRO K 139 33.57 -26.84 55.68
N VAL K 140 32.96 -27.36 56.73
CA VAL K 140 33.20 -28.73 57.19
C VAL K 140 32.18 -29.66 56.58
N GLY K 141 32.67 -30.70 55.90
CA GLY K 141 31.81 -31.69 55.28
C GLY K 141 31.29 -32.71 56.26
N ALA K 142 32.17 -33.35 57.02
CA ALA K 142 31.75 -34.38 57.97
C ALA K 142 32.75 -34.45 59.11
N ILE K 143 32.30 -35.02 60.22
CA ILE K 143 33.12 -35.20 61.41
C ILE K 143 33.37 -36.68 61.62
N ILE K 144 34.62 -37.10 61.47
CA ILE K 144 35.00 -38.47 61.75
C ILE K 144 35.16 -38.63 63.25
N GLY K 145 34.32 -39.48 63.85
CA GLY K 145 34.46 -39.80 65.25
C GLY K 145 35.29 -41.05 65.45
N ASN K 146 36.47 -40.91 66.03
CA ASN K 146 37.38 -42.04 66.24
C ASN K 146 37.11 -42.68 67.60
N TYR K 147 35.85 -43.03 67.82
CA TYR K 147 35.33 -43.36 69.14
C TYR K 147 34.79 -44.78 69.14
N ALA K 148 34.45 -45.25 70.34
CA ALA K 148 33.82 -46.55 70.54
C ALA K 148 32.63 -46.32 71.45
N PHE K 149 31.45 -46.22 70.86
CA PHE K 149 30.28 -45.78 71.60
C PHE K 149 29.61 -46.92 72.35
N THR K 150 29.27 -46.67 73.59
CA THR K 150 28.44 -47.47 74.45
C THR K 150 27.01 -46.95 74.39
N PRO K 151 26.02 -47.72 74.85
CA PRO K 151 24.67 -47.15 74.95
C PRO K 151 24.39 -46.47 76.28
N SER K 152 25.42 -46.16 77.05
CA SER K 152 25.24 -45.57 78.37
C SER K 152 24.92 -44.09 78.25
N THR K 153 24.59 -43.49 79.39
CA THR K 153 24.26 -42.08 79.50
C THR K 153 25.42 -41.14 79.15
N PRO K 154 26.69 -41.39 79.50
CA PRO K 154 27.75 -40.49 78.98
C PRO K 154 28.06 -40.65 77.50
N ASP K 155 27.37 -41.54 76.76
CA ASP K 155 27.52 -41.62 75.32
C ASP K 155 26.23 -41.37 74.55
N MET K 156 25.09 -41.32 75.23
CA MET K 156 23.89 -40.79 74.61
C MET K 156 23.70 -39.31 74.90
N LYS K 157 24.40 -38.78 75.89
CA LYS K 157 24.42 -37.35 76.09
C LYS K 157 25.38 -36.68 75.11
N LEU K 158 26.43 -37.39 74.71
CA LEU K 158 27.34 -36.85 73.72
C LEU K 158 26.67 -36.77 72.35
N LEU K 159 25.99 -37.83 71.94
CA LEU K 159 25.37 -37.85 70.62
C LEU K 159 24.17 -36.93 70.54
N GLN K 160 23.51 -36.66 71.66
CA GLN K 160 22.48 -35.63 71.67
C GLN K 160 23.10 -34.25 71.44
N TYR K 161 24.31 -34.05 71.93
CA TYR K 161 25.06 -32.82 71.71
C TYR K 161 25.93 -32.86 70.46
N MET K 162 25.91 -33.97 69.72
CA MET K 162 26.52 -33.98 68.40
C MET K 162 25.51 -33.95 67.28
N GLY K 163 24.28 -34.41 67.54
CA GLY K 163 23.22 -34.19 66.57
C GLY K 163 22.79 -32.74 66.50
N ALA K 164 22.84 -32.03 67.62
CA ALA K 164 22.55 -30.61 67.61
C ALA K 164 23.69 -29.81 67.01
N LEU K 165 24.92 -30.29 67.18
CA LEU K 165 26.05 -29.64 66.49
C LEU K 165 26.02 -29.93 65.01
N GLY K 166 25.64 -31.15 64.62
CA GLY K 166 25.55 -31.48 63.21
C GLY K 166 24.41 -30.81 62.48
N ALA K 167 23.39 -30.36 63.21
CA ALA K 167 22.30 -29.63 62.59
C ALA K 167 22.58 -28.15 62.49
N MET K 168 23.65 -27.66 63.09
CA MET K 168 23.99 -26.26 62.97
C MET K 168 25.02 -26.01 61.88
N ALA K 169 26.02 -26.87 61.76
CA ALA K 169 27.06 -26.71 60.76
C ALA K 169 26.82 -27.54 59.51
N HIS K 170 25.68 -28.24 59.46
CA HIS K 170 25.27 -29.07 58.32
C HIS K 170 26.32 -30.14 57.98
N ALA K 171 26.78 -30.82 58.99
CA ALA K 171 27.80 -31.85 58.76
C ALA K 171 27.49 -33.05 59.64
N PRO K 172 27.26 -34.22 59.07
CA PRO K 172 26.93 -35.38 59.89
C PRO K 172 28.17 -35.91 60.61
N PHE K 173 27.95 -36.35 61.84
CA PHE K 173 29.01 -36.89 62.68
C PHE K 173 29.03 -38.41 62.52
N ILE K 174 30.07 -38.92 61.88
CA ILE K 174 30.22 -40.36 61.65
C ILE K 174 31.23 -40.93 62.64
N SER K 175 30.81 -41.98 63.34
CA SER K 175 31.62 -42.67 64.32
C SER K 175 31.19 -44.13 64.31
N SER K 176 31.55 -44.88 65.35
CA SER K 176 31.20 -46.29 65.37
C SER K 176 30.73 -46.72 66.74
N VAL K 177 29.91 -47.76 66.76
CA VAL K 177 29.49 -48.39 67.98
C VAL K 177 30.48 -49.51 68.29
N GLY K 178 30.54 -49.91 69.55
CA GLY K 178 31.46 -50.92 69.98
C GLY K 178 30.82 -52.29 70.05
N PRO K 179 31.62 -53.30 70.45
CA PRO K 179 31.04 -54.61 70.73
C PRO K 179 30.04 -54.56 71.85
N GLU K 180 30.36 -53.83 72.93
CA GLU K 180 29.49 -53.71 74.09
C GLU K 180 28.21 -52.93 73.80
N PHE K 181 28.12 -52.27 72.65
CA PHE K 181 26.88 -51.64 72.25
C PHE K 181 25.80 -52.67 71.99
N PHE K 182 26.16 -53.76 71.33
CA PHE K 182 25.22 -54.82 71.07
C PHE K 182 25.05 -55.76 72.26
N GLY K 183 25.91 -55.65 73.27
CA GLY K 183 25.82 -56.50 74.45
C GLY K 183 26.40 -57.88 74.24
N ILE K 184 27.59 -57.95 73.65
CA ILE K 184 28.24 -59.23 73.40
C ILE K 184 29.63 -59.33 74.01
N ASP K 185 30.30 -58.21 74.31
CA ASP K 185 31.56 -58.11 75.06
C ASP K 185 32.76 -58.77 74.38
N SER K 186 32.56 -59.32 73.19
CA SER K 186 33.57 -59.97 72.37
C SER K 186 32.94 -60.07 70.99
N PHE K 187 33.62 -59.58 69.95
CA PHE K 187 32.87 -59.14 68.79
C PHE K 187 32.51 -60.27 67.83
N GLU K 188 33.31 -61.33 67.73
CA GLU K 188 33.11 -62.32 66.68
C GLU K 188 31.87 -63.21 66.88
N GLU K 189 31.06 -62.97 67.91
CA GLU K 189 29.79 -63.66 68.08
C GLU K 189 28.61 -62.80 67.63
N LEU K 190 28.81 -61.97 66.63
CA LEU K 190 27.69 -61.16 66.12
C LEU K 190 26.74 -61.92 65.19
N PRO K 191 27.16 -62.78 64.25
CA PRO K 191 26.16 -63.54 63.48
C PRO K 191 25.41 -64.57 64.31
N ASN K 192 25.86 -64.88 65.52
CA ASN K 192 25.12 -65.78 66.39
C ASN K 192 23.84 -65.14 66.91
N ILE K 193 23.73 -63.82 66.82
CA ILE K 193 22.50 -63.12 67.22
C ILE K 193 21.38 -63.50 66.28
N LYS K 194 20.35 -64.14 66.81
CA LYS K 194 19.26 -64.65 65.99
C LYS K 194 18.08 -63.69 65.90
N ASP K 195 18.03 -62.66 66.74
CA ASP K 195 16.98 -61.65 66.64
C ASP K 195 17.56 -60.36 67.19
N LEU K 196 17.95 -59.46 66.28
CA LEU K 196 18.55 -58.19 66.66
C LEU K 196 17.52 -57.08 66.78
N LYS K 197 16.31 -57.29 66.26
CA LYS K 197 15.24 -56.32 66.42
C LYS K 197 14.76 -56.26 67.87
N SER K 198 14.68 -57.41 68.53
CA SER K 198 14.23 -57.42 69.92
C SER K 198 15.31 -56.95 70.88
N THR K 199 16.57 -56.98 70.46
CA THR K 199 17.65 -56.49 71.32
C THR K 199 17.55 -54.98 71.50
N PHE K 200 17.15 -54.27 70.46
CA PHE K 200 17.08 -52.82 70.51
C PHE K 200 15.82 -52.30 71.18
N GLU K 201 14.85 -53.16 71.45
CA GLU K 201 13.63 -52.79 72.16
C GLU K 201 13.68 -53.19 73.63
N SER K 202 14.88 -53.11 74.25
CA SER K 202 15.26 -53.33 75.63
C SER K 202 15.27 -52.03 76.42
N PRO K 203 14.96 -52.06 77.71
CA PRO K 203 14.97 -50.82 78.50
C PRO K 203 16.36 -50.27 78.79
N LYS K 204 17.43 -50.97 78.42
CA LYS K 204 18.75 -50.37 78.50
C LYS K 204 18.92 -49.29 77.44
N TYR K 205 18.15 -49.36 76.35
CA TYR K 205 18.28 -48.46 75.20
C TYR K 205 17.19 -47.41 75.18
N THR K 206 16.76 -46.90 76.34
CA THR K 206 15.75 -45.86 76.34
C THR K 206 16.36 -44.52 75.89
N LYS K 207 17.64 -44.32 76.17
CA LYS K 207 18.36 -43.15 75.66
C LYS K 207 18.89 -43.36 74.25
N TRP K 208 18.62 -44.52 73.64
CA TRP K 208 18.90 -44.76 72.23
C TRP K 208 17.66 -44.58 71.37
N ARG K 209 16.54 -45.19 71.78
CA ARG K 209 15.30 -45.07 71.03
C ARG K 209 14.67 -43.69 71.15
N SER K 210 15.08 -42.90 72.13
CA SER K 210 14.69 -41.50 72.17
C SER K 210 15.66 -40.62 71.39
N LEU K 211 16.90 -41.06 71.20
CA LEU K 211 17.80 -40.37 70.30
C LEU K 211 17.38 -40.53 68.85
N ARG K 212 16.89 -41.72 68.49
CA ARG K 212 16.52 -42.01 67.11
C ARG K 212 15.30 -41.21 66.67
N GLU K 213 14.34 -41.02 67.57
CA GLU K 213 13.14 -40.27 67.22
C GLU K 213 13.40 -38.78 67.08
N SER K 214 14.52 -38.28 67.58
CA SER K 214 14.77 -36.85 67.62
C SER K 214 15.04 -36.31 66.22
N GLU K 215 14.82 -35.00 66.07
CA GLU K 215 14.89 -34.37 64.75
C GLU K 215 16.32 -34.16 64.31
N ASP K 216 17.21 -33.76 65.23
CA ASP K 216 18.59 -33.50 64.87
C ASP K 216 19.44 -34.77 64.80
N ALA K 217 18.85 -35.95 64.95
CA ALA K 217 19.58 -37.20 64.77
C ALA K 217 19.87 -37.51 63.31
N ARG K 218 19.33 -36.70 62.40
CA ARG K 218 19.54 -36.87 60.97
C ARG K 218 21.01 -36.72 60.59
N TYR K 219 21.77 -35.97 61.38
CA TYR K 219 23.19 -35.72 61.13
C TYR K 219 24.07 -36.62 61.98
N LEU K 220 23.66 -37.86 62.19
CA LEU K 220 24.43 -38.81 62.98
C LEU K 220 24.36 -40.18 62.32
N GLY K 221 25.47 -40.61 61.73
CA GLY K 221 25.63 -41.97 61.25
C GLY K 221 26.62 -42.69 62.15
N LEU K 222 26.32 -43.94 62.47
CA LEU K 222 27.22 -44.76 63.28
C LEU K 222 27.59 -46.00 62.49
N THR K 223 28.88 -46.22 62.32
CA THR K 223 29.38 -47.09 61.26
C THR K 223 29.55 -48.53 61.74
N ALA K 224 30.31 -49.28 60.97
CA ALA K 224 30.54 -50.70 60.80
C ALA K 224 31.14 -51.42 62.01
N PRO K 225 31.36 -52.75 61.94
CA PRO K 225 32.15 -53.41 62.99
C PRO K 225 33.52 -52.82 63.31
N ARG K 226 34.52 -53.03 62.46
CA ARG K 226 35.92 -52.62 62.56
C ARG K 226 36.58 -53.16 61.29
N PHE K 227 37.83 -52.75 61.07
CA PHE K 227 38.54 -53.28 59.92
C PHE K 227 40.03 -53.33 60.23
N LEU K 228 40.74 -54.18 59.49
CA LEU K 228 42.15 -54.47 59.73
C LEU K 228 43.03 -53.40 59.09
N LEU K 229 44.15 -53.10 59.75
CA LEU K 229 45.10 -52.09 59.29
C LEU K 229 46.45 -52.66 58.90
N ARG K 230 47.05 -53.47 59.75
CA ARG K 230 48.43 -53.90 59.57
C ARG K 230 48.48 -55.42 59.44
N VAL K 231 49.03 -55.88 58.33
CA VAL K 231 49.40 -57.29 58.20
C VAL K 231 50.53 -57.59 59.18
N PRO K 232 50.43 -58.63 60.00
CA PRO K 232 51.55 -59.01 60.87
C PRO K 232 52.74 -59.46 60.05
N TYR K 233 53.93 -59.07 60.51
CA TYR K 233 55.15 -59.15 59.70
C TYR K 233 55.63 -60.60 59.59
N ASP K 234 56.53 -60.80 58.63
CA ASP K 234 56.96 -62.14 58.27
C ASP K 234 58.35 -62.02 57.64
N PRO K 235 59.28 -62.93 57.91
CA PRO K 235 60.61 -62.83 57.31
C PRO K 235 60.67 -63.12 55.82
N ILE K 236 59.57 -63.54 55.19
CA ILE K 236 59.51 -63.78 53.75
C ILE K 236 58.59 -62.78 53.05
N GLU K 237 57.39 -62.58 53.60
CA GLU K 237 56.39 -61.76 52.94
C GLU K 237 56.66 -60.27 53.12
N ASN K 238 56.63 -59.79 54.36
CA ASN K 238 56.84 -58.38 54.68
C ASN K 238 58.00 -58.30 55.68
N PRO K 239 59.24 -58.32 55.19
CA PRO K 239 60.38 -58.39 56.10
C PRO K 239 60.70 -57.02 56.71
N VAL K 240 61.60 -57.06 57.68
CA VAL K 240 62.15 -55.84 58.28
C VAL K 240 63.65 -55.82 58.05
N LYS K 241 64.23 -54.62 58.14
CA LYS K 241 65.61 -54.40 57.75
C LYS K 241 66.56 -54.98 58.78
N SER K 242 67.44 -55.89 58.31
CA SER K 242 68.52 -56.52 59.09
C SER K 242 67.97 -57.30 60.29
N PHE K 243 66.78 -57.87 60.15
CA PHE K 243 66.14 -58.63 61.21
C PHE K 243 65.07 -59.51 60.59
N ASN K 244 64.78 -60.63 61.24
CA ASN K 244 63.70 -61.53 60.84
C ASN K 244 62.66 -61.53 61.95
N TYR K 245 61.48 -60.99 61.66
CA TYR K 245 60.44 -60.76 62.66
C TYR K 245 59.18 -61.52 62.26
N ALA K 246 58.89 -62.60 62.98
CA ALA K 246 57.65 -63.34 62.81
C ALA K 246 56.74 -62.97 63.97
N GLU K 247 55.73 -62.16 63.70
CA GLU K 247 54.82 -61.67 64.74
C GLU K 247 53.84 -62.78 65.10
N ASN K 248 54.09 -63.43 66.23
CA ASN K 248 53.27 -64.56 66.67
C ASN K 248 51.92 -64.06 67.16
N VAL K 249 50.93 -64.08 66.28
CA VAL K 249 49.58 -63.67 66.64
C VAL K 249 48.86 -64.85 67.26
N SER K 250 48.38 -64.67 68.49
CA SER K 250 47.75 -65.74 69.25
C SER K 250 46.30 -65.92 68.81
N ALA K 251 45.56 -66.74 69.56
CA ALA K 251 44.16 -66.96 69.26
C ALA K 251 43.30 -65.76 69.59
N SER K 252 43.79 -64.85 70.43
CA SER K 252 43.09 -63.60 70.68
C SER K 252 43.21 -62.71 69.46
N HIS K 253 42.08 -62.37 68.84
CA HIS K 253 42.07 -61.50 67.68
C HIS K 253 42.05 -60.02 68.05
N GLU K 254 42.32 -59.68 69.31
CA GLU K 254 42.50 -58.29 69.69
C GLU K 254 43.91 -57.80 69.44
N HIS K 255 44.85 -58.69 69.11
CA HIS K 255 46.24 -58.30 68.87
C HIS K 255 46.45 -57.77 67.47
N TYR K 256 45.57 -58.11 66.53
CA TYR K 256 45.58 -57.46 65.23
C TYR K 256 45.28 -55.97 65.38
N LEU K 257 45.90 -55.16 64.54
CA LEU K 257 45.72 -53.71 64.62
C LEU K 257 44.37 -53.37 63.99
N TRP K 258 43.33 -53.47 64.80
CA TRP K 258 41.99 -53.19 64.30
C TRP K 258 41.70 -51.70 64.36
N GLY K 259 41.41 -51.11 63.20
CA GLY K 259 41.13 -49.69 63.12
C GLY K 259 39.68 -49.37 63.42
N ASN K 260 39.35 -48.09 63.24
CA ASN K 260 37.99 -47.61 63.42
C ASN K 260 37.40 -47.28 62.05
N THR K 261 36.18 -47.76 61.78
CA THR K 261 35.65 -47.71 60.43
C THR K 261 35.07 -46.35 60.06
N ALA K 262 35.05 -45.39 60.99
CA ALA K 262 34.75 -44.01 60.62
C ALA K 262 35.84 -43.45 59.72
N PHE K 263 37.06 -43.96 59.82
CA PHE K 263 38.08 -43.72 58.82
C PHE K 263 37.64 -44.28 57.47
N ALA K 264 37.23 -45.55 57.44
CA ALA K 264 36.97 -46.23 56.18
C ALA K 264 35.68 -45.80 55.52
N PHE K 265 34.69 -45.35 56.29
CA PHE K 265 33.47 -44.85 55.66
C PHE K 265 33.66 -43.44 55.11
N ALA K 266 34.49 -42.63 55.75
CA ALA K 266 34.82 -41.33 55.20
C ALA K 266 35.81 -41.42 54.05
N THR K 267 36.41 -42.58 53.84
CA THR K 267 37.16 -42.81 52.61
C THR K 267 36.22 -42.77 51.40
N ARG K 268 35.01 -43.29 51.57
CA ARG K 268 34.04 -43.30 50.49
C ARG K 268 33.28 -41.99 50.36
N LEU K 269 33.24 -41.16 51.41
CA LEU K 269 32.74 -39.80 51.24
C LEU K 269 33.67 -38.98 50.39
N THR K 270 34.98 -39.24 50.48
CA THR K 270 35.93 -38.40 49.81
C THR K 270 36.31 -38.95 48.44
N ASP K 271 36.39 -40.27 48.29
CA ASP K 271 36.63 -40.83 46.97
C ASP K 271 35.41 -40.73 46.06
N SER K 272 34.23 -40.44 46.61
CA SER K 272 33.13 -40.02 45.77
C SER K 272 33.23 -38.55 45.41
N PHE K 273 33.80 -37.73 46.29
CA PHE K 273 33.94 -36.31 45.98
C PHE K 273 35.08 -36.06 45.00
N ALA K 274 36.12 -36.90 45.03
CA ALA K 274 37.24 -36.68 44.14
C ALA K 274 36.94 -37.07 42.70
N LYS K 275 35.81 -37.72 42.45
CA LYS K 275 35.43 -38.15 41.11
C LYS K 275 34.32 -37.32 40.52
N TYR K 276 33.27 -37.02 41.30
CA TYR K 276 32.09 -36.37 40.78
C TYR K 276 31.82 -35.00 41.41
N ARG K 277 32.63 -34.58 42.38
CA ARG K 277 32.48 -33.33 43.14
C ARG K 277 31.14 -33.23 43.86
N TRP K 278 30.58 -34.39 44.22
CA TRP K 278 29.44 -34.49 45.11
C TRP K 278 29.63 -35.74 45.94
N CYS K 279 28.66 -36.04 46.79
CA CYS K 279 28.67 -37.29 47.54
C CYS K 279 27.27 -37.82 47.83
N PRO K 280 26.58 -38.38 46.82
CA PRO K 280 25.57 -39.38 47.15
C PRO K 280 26.08 -40.81 46.94
N ASN K 281 27.27 -40.95 46.36
CA ASN K 281 27.77 -42.24 45.87
C ASN K 281 28.60 -42.90 46.96
N ILE K 282 27.90 -43.50 47.93
CA ILE K 282 28.58 -44.17 49.04
C ILE K 282 28.00 -45.55 49.35
N ILE K 283 27.04 -46.04 48.57
CA ILE K 283 26.38 -47.28 48.96
C ILE K 283 26.48 -48.36 47.89
N GLY K 284 27.53 -48.35 47.07
CA GLY K 284 27.62 -49.30 45.98
C GLY K 284 28.86 -50.18 45.99
N PRO K 285 28.66 -51.50 45.96
CA PRO K 285 29.80 -52.41 45.76
C PRO K 285 30.44 -52.27 44.40
N GLN K 286 29.71 -51.77 43.40
CA GLN K 286 30.30 -51.34 42.15
C GLN K 286 29.97 -49.89 41.84
N SER K 287 29.55 -49.12 42.85
CA SER K 287 29.12 -47.76 42.61
C SER K 287 29.57 -46.80 43.70
N GLY K 288 30.68 -47.09 44.35
CA GLY K 288 31.30 -46.16 45.25
C GLY K 288 31.12 -46.40 46.73
N GLY K 289 30.79 -47.61 47.15
CA GLY K 289 30.75 -47.92 48.56
C GLY K 289 31.62 -49.12 48.86
N ALA K 290 32.58 -49.38 47.99
CA ALA K 290 33.42 -50.57 48.07
C ALA K 290 34.76 -50.19 48.68
N VAL K 291 34.96 -50.54 49.94
CA VAL K 291 36.25 -50.34 50.60
C VAL K 291 37.18 -51.42 50.08
N GLU K 292 38.04 -51.06 49.14
CA GLU K 292 38.95 -52.02 48.53
C GLU K 292 40.31 -51.98 49.21
N ASP K 293 41.15 -52.93 48.83
CA ASP K 293 42.55 -53.06 49.28
C ASP K 293 42.64 -53.20 50.81
N LEU K 294 41.86 -54.11 51.34
CA LEU K 294 41.98 -54.39 52.75
C LEU K 294 43.18 -55.30 53.01
N PRO K 295 43.77 -55.21 54.21
CA PRO K 295 44.83 -56.17 54.57
C PRO K 295 44.25 -57.56 54.83
N VAL K 296 44.94 -58.58 54.33
CA VAL K 296 44.57 -59.96 54.59
C VAL K 296 45.76 -60.67 55.23
N HIS K 297 45.45 -61.73 55.97
CA HIS K 297 46.47 -62.48 56.70
C HIS K 297 46.14 -63.96 56.53
N VAL K 298 46.79 -64.61 55.57
CA VAL K 298 46.59 -66.03 55.31
C VAL K 298 47.34 -66.82 56.37
N PHE K 299 46.61 -67.50 57.23
CA PHE K 299 47.21 -68.35 58.24
C PHE K 299 46.64 -69.76 58.14
N GLU K 300 47.23 -70.67 58.91
CA GLU K 300 46.82 -72.07 58.90
C GLU K 300 45.71 -72.30 59.91
N SER K 301 44.57 -72.77 59.43
CA SER K 301 43.46 -73.15 60.30
C SER K 301 43.64 -74.60 60.74
N MET K 302 42.56 -75.20 61.26
CA MET K 302 42.58 -76.60 61.68
C MET K 302 42.55 -77.50 60.45
N GLY K 303 43.71 -77.58 59.79
CA GLY K 303 43.88 -78.41 58.61
C GLY K 303 43.95 -77.65 57.30
N ALA K 304 43.10 -76.64 57.13
CA ALA K 304 42.99 -75.92 55.88
C ALA K 304 43.82 -74.65 55.90
N LEU K 305 43.86 -73.98 54.75
CA LEU K 305 44.55 -72.70 54.59
C LEU K 305 43.49 -71.64 54.33
N GLN K 306 43.16 -70.88 55.37
CA GLN K 306 42.15 -69.85 55.26
C GLN K 306 42.79 -68.48 55.43
N SER K 307 41.96 -67.44 55.33
CA SER K 307 42.39 -66.07 55.50
C SER K 307 41.66 -65.43 56.66
N LYS K 308 42.35 -64.59 57.42
CA LYS K 308 41.71 -63.82 58.47
C LYS K 308 40.80 -62.78 57.85
N ILE K 309 39.56 -62.72 58.33
CA ILE K 309 38.57 -61.81 57.75
C ILE K 309 38.91 -60.37 58.12
N PRO K 310 39.04 -59.47 57.14
CA PRO K 310 39.48 -58.11 57.45
C PRO K 310 38.48 -57.29 58.24
N THR K 311 37.20 -57.59 58.19
CA THR K 311 36.26 -57.13 59.19
C THR K 311 35.99 -58.29 60.12
N GLU K 312 35.73 -58.00 61.39
CA GLU K 312 35.82 -59.04 62.41
C GLU K 312 34.67 -60.04 62.36
N VAL K 313 33.58 -59.72 61.68
CA VAL K 313 32.51 -60.67 61.46
C VAL K 313 32.17 -60.67 59.98
N LEU K 314 31.56 -61.77 59.54
CA LEU K 314 30.99 -61.87 58.20
C LEU K 314 29.53 -61.49 58.33
N ILE K 315 29.20 -60.26 57.95
CA ILE K 315 27.83 -59.78 58.04
C ILE K 315 27.04 -60.37 56.90
N THR K 316 25.97 -61.10 57.23
CA THR K 316 25.11 -61.67 56.21
C THR K 316 24.23 -60.58 55.61
N ASP K 317 23.44 -60.96 54.62
CA ASP K 317 22.57 -59.99 53.99
C ASP K 317 21.35 -59.68 54.84
N ARG K 318 20.86 -60.67 55.60
CA ARG K 318 19.73 -60.42 56.49
C ARG K 318 20.16 -59.63 57.71
N LYS K 319 21.37 -59.89 58.22
CA LYS K 319 21.89 -59.13 59.35
C LYS K 319 22.16 -57.68 58.95
N GLU K 320 22.58 -57.46 57.72
CA GLU K 320 22.86 -56.09 57.28
C GLU K 320 21.57 -55.34 57.03
N PHE K 321 20.56 -56.02 56.50
CA PHE K 321 19.26 -55.39 56.31
C PHE K 321 18.58 -55.09 57.65
N GLU K 322 18.84 -55.92 58.67
CA GLU K 322 18.29 -55.63 59.98
C GLU K 322 19.06 -54.50 60.66
N LEU K 323 20.34 -54.36 60.35
CA LEU K 323 21.08 -53.17 60.79
C LEU K 323 20.69 -51.93 59.99
N ALA K 324 20.25 -52.12 58.75
CA ALA K 324 19.86 -50.97 57.94
C ALA K 324 18.54 -50.36 58.42
N GLU K 325 17.61 -51.21 58.88
CA GLU K 325 16.36 -50.71 59.41
C GLU K 325 16.56 -50.06 60.77
N GLU K 326 17.55 -50.53 61.54
CA GLU K 326 17.80 -50.01 62.88
C GLU K 326 18.87 -48.93 62.91
N GLY K 327 19.22 -48.35 61.76
CA GLY K 327 20.08 -47.19 61.72
C GLY K 327 21.55 -47.48 61.93
N PHE K 328 22.15 -48.26 61.05
CA PHE K 328 23.57 -48.57 61.14
C PHE K 328 24.16 -48.66 59.74
N ILE K 329 25.40 -48.22 59.60
CA ILE K 329 26.10 -48.29 58.32
C ILE K 329 27.04 -49.49 58.44
N ALA K 330 26.56 -50.66 58.04
CA ALA K 330 27.33 -51.87 58.19
C ALA K 330 28.21 -52.11 56.96
N LEU K 331 29.29 -52.85 57.17
CA LEU K 331 30.26 -53.17 56.13
C LEU K 331 30.36 -54.67 55.95
N THR K 332 29.63 -55.19 54.99
CA THR K 332 29.78 -56.60 54.64
C THR K 332 31.09 -56.80 53.89
N MET K 333 31.75 -57.92 54.16
CA MET K 333 33.05 -58.20 53.61
C MET K 333 32.91 -59.24 52.51
N ARG K 334 33.64 -59.04 51.41
CA ARG K 334 33.59 -59.97 50.29
C ARG K 334 34.37 -61.22 50.66
N LYS K 335 33.64 -62.26 51.09
CA LYS K 335 34.24 -63.43 51.73
C LYS K 335 35.18 -64.17 50.81
N GLY K 336 36.46 -64.12 51.11
CA GLY K 336 37.48 -64.78 50.32
C GLY K 336 38.42 -63.84 49.60
N SER K 337 38.32 -62.54 49.82
CA SER K 337 39.20 -61.60 49.14
C SER K 337 39.45 -60.42 50.07
N ASP K 338 40.01 -59.36 49.52
CA ASP K 338 40.42 -58.17 50.26
C ASP K 338 39.52 -56.98 49.96
N ASN K 339 38.24 -57.22 49.76
CA ASN K 339 37.30 -56.16 49.45
C ASN K 339 36.15 -56.20 50.45
N ALA K 340 35.40 -55.10 50.48
CA ALA K 340 34.22 -55.00 51.31
C ALA K 340 33.25 -54.08 50.60
N ALA K 341 32.10 -53.84 51.22
CA ALA K 341 31.09 -53.02 50.58
C ALA K 341 30.13 -52.47 51.60
N PHE K 342 29.71 -51.22 51.40
CA PHE K 342 28.55 -50.68 52.07
C PHE K 342 27.34 -50.87 51.18
N PHE K 343 26.17 -50.97 51.79
CA PHE K 343 24.94 -51.15 51.03
C PHE K 343 23.88 -50.11 51.33
N SER K 344 23.91 -49.48 52.50
CA SER K 344 22.91 -48.50 52.88
C SER K 344 23.51 -47.62 53.95
N ALA K 345 23.53 -46.32 53.72
CA ALA K 345 24.19 -45.39 54.63
C ALA K 345 23.19 -44.70 55.55
N ASN K 346 22.16 -45.42 55.99
CA ASN K 346 21.07 -44.82 56.76
C ASN K 346 21.54 -44.26 58.08
N SER K 347 21.14 -43.02 58.36
CA SER K 347 21.43 -42.41 59.65
C SER K 347 20.51 -43.02 60.70
N ILE K 348 20.76 -42.66 61.95
CA ILE K 348 20.04 -43.29 63.06
C ILE K 348 18.61 -42.81 63.21
N GLN K 349 18.15 -41.88 62.38
CA GLN K 349 16.81 -41.33 62.56
C GLN K 349 15.77 -42.34 62.11
N LYS K 350 14.63 -42.35 62.79
CA LYS K 350 13.61 -43.32 62.42
C LYS K 350 12.56 -42.68 61.52
N PRO K 351 12.12 -43.40 60.50
CA PRO K 351 11.03 -42.87 59.65
C PRO K 351 9.73 -42.83 60.43
N LYS K 352 9.25 -41.63 60.72
CA LYS K 352 8.09 -41.47 61.58
C LYS K 352 6.83 -41.86 60.83
N VAL K 353 6.02 -42.71 61.44
CA VAL K 353 4.78 -43.16 60.80
C VAL K 353 3.76 -42.04 60.88
N PHE K 354 3.34 -41.59 59.78
CA PHE K 354 2.35 -40.54 59.58
C PHE K 354 0.98 -41.17 59.31
N PRO K 355 -0.12 -40.51 59.66
CA PRO K 355 -1.43 -41.13 59.49
C PRO K 355 -1.82 -41.27 58.03
N ASN K 356 -2.80 -42.15 57.80
CA ASN K 356 -3.13 -42.58 56.45
C ASN K 356 -4.03 -41.62 55.69
N THR K 357 -3.63 -40.36 55.61
CA THR K 357 -4.32 -39.40 54.79
C THR K 357 -3.66 -39.35 53.41
N LYS K 358 -4.08 -38.39 52.58
CA LYS K 358 -3.40 -38.19 51.31
C LYS K 358 -2.05 -37.53 51.52
N GLU K 359 -1.99 -36.52 52.39
CA GLU K 359 -0.73 -35.88 52.69
C GLU K 359 0.13 -36.71 53.64
N GLY K 360 -0.48 -37.50 54.50
CA GLY K 360 0.29 -38.29 55.45
C GLY K 360 1.01 -39.44 54.79
N LYS K 361 0.36 -40.10 53.83
CA LYS K 361 1.04 -41.12 53.05
C LYS K 361 2.08 -40.51 52.12
N GLU K 362 1.92 -39.24 51.77
CA GLU K 362 2.93 -38.56 50.98
C GLU K 362 4.11 -38.12 51.83
N ALA K 363 3.82 -37.42 52.94
CA ALA K 363 4.91 -36.87 53.76
C ALA K 363 5.70 -37.94 54.49
N GLU K 364 5.15 -39.15 54.63
CA GLU K 364 5.93 -40.26 55.16
C GLU K 364 7.04 -40.64 54.21
N THR K 365 6.77 -40.63 52.91
CA THR K 365 7.82 -40.89 51.93
C THR K 365 8.73 -39.67 51.79
N ASN K 366 8.21 -38.49 52.13
CA ASN K 366 9.05 -37.30 52.12
C ASN K 366 10.00 -37.29 53.30
N TYR K 367 9.52 -37.63 54.48
CA TYR K 367 10.36 -37.69 55.66
C TYR K 367 11.33 -38.85 55.63
N LYS K 368 11.02 -39.90 54.86
CA LYS K 368 11.92 -41.03 54.73
C LYS K 368 13.18 -40.66 53.98
N LEU K 369 13.09 -39.72 53.04
CA LEU K 369 14.26 -39.33 52.28
C LEU K 369 15.24 -38.50 53.11
N GLY K 370 14.78 -37.91 54.21
CA GLY K 370 15.69 -37.16 55.04
C GLY K 370 16.66 -38.03 55.80
N THR K 371 16.23 -39.22 56.21
CA THR K 371 17.02 -40.02 57.13
C THR K 371 18.14 -40.78 56.46
N GLN K 372 18.17 -40.87 55.14
CA GLN K 372 18.94 -41.93 54.52
C GLN K 372 20.42 -41.64 54.40
N LEU K 373 20.80 -40.37 54.33
CA LEU K 373 22.18 -39.86 54.29
C LEU K 373 23.04 -40.38 53.13
N PRO K 374 22.53 -40.45 51.91
CA PRO K 374 23.39 -39.86 50.89
C PRO K 374 22.76 -38.55 50.46
N TYR K 375 21.48 -38.40 50.78
CA TYR K 375 20.71 -37.26 50.35
C TYR K 375 20.92 -36.05 51.22
N MET K 376 21.32 -36.24 52.47
CA MET K 376 21.79 -35.10 53.25
C MET K 376 23.05 -34.50 52.65
N MET K 377 23.91 -35.33 52.11
CA MET K 377 25.18 -34.82 51.64
C MET K 377 25.05 -34.10 50.29
N ILE K 378 23.91 -34.24 49.60
CA ILE K 378 23.67 -33.38 48.44
C ILE K 378 22.90 -32.13 48.79
N ILE K 379 22.50 -31.96 50.05
CA ILE K 379 21.94 -30.68 50.52
C ILE K 379 22.77 -30.05 51.62
N ASN K 380 23.67 -30.80 52.26
CA ASN K 380 24.67 -30.14 53.07
C ASN K 380 25.59 -29.29 52.19
N ARG K 381 25.90 -29.79 50.99
CA ARG K 381 26.61 -28.97 50.01
C ARG K 381 25.73 -27.84 49.51
N LEU K 382 24.42 -28.01 49.50
CA LEU K 382 23.53 -26.90 49.25
C LEU K 382 23.23 -26.10 50.51
N ALA K 383 23.99 -26.30 51.57
CA ALA K 383 24.07 -25.33 52.64
C ALA K 383 25.46 -24.76 52.77
N HIS K 384 26.45 -25.41 52.17
CA HIS K 384 27.79 -24.84 52.25
C HIS K 384 28.08 -23.95 51.06
N TYR K 385 27.63 -24.30 49.86
CA TYR K 385 27.78 -23.40 48.73
C TYR K 385 26.96 -22.14 48.93
N VAL K 386 25.73 -22.28 49.40
CA VAL K 386 24.81 -21.15 49.35
C VAL K 386 25.09 -20.19 50.49
N LYS K 387 25.66 -20.69 51.59
CA LYS K 387 26.17 -19.82 52.64
C LYS K 387 27.34 -19.00 52.15
N VAL K 388 28.24 -19.61 51.38
CA VAL K 388 29.40 -18.89 50.87
C VAL K 388 29.00 -17.94 49.75
N LEU K 389 28.09 -18.38 48.88
CA LEU K 389 27.79 -17.62 47.67
C LEU K 389 26.97 -16.37 48.00
N GLN K 390 26.08 -16.46 48.98
CA GLN K 390 25.33 -15.31 49.44
C GLN K 390 25.98 -14.61 50.62
N ARG K 391 27.26 -14.86 50.86
CA ARG K 391 28.02 -14.05 51.81
C ARG K 391 28.76 -12.94 51.11
N GLU K 392 29.26 -13.22 49.90
CA GLU K 392 29.91 -12.20 49.09
C GLU K 392 28.96 -11.10 48.68
N GLN K 393 27.67 -11.42 48.58
CA GLN K 393 26.72 -10.49 48.00
C GLN K 393 26.27 -9.40 48.94
N ILE K 394 26.59 -9.46 50.23
CA ILE K 394 26.09 -8.51 51.23
C ILE K 394 26.63 -7.12 50.92
N GLY K 395 25.74 -6.16 50.74
CA GLY K 395 26.14 -4.84 50.33
C GLY K 395 25.92 -4.52 48.87
N ALA K 396 25.37 -5.44 48.10
CA ALA K 396 25.21 -5.21 46.68
C ALA K 396 23.99 -4.34 46.41
N TRP K 397 23.62 -4.25 45.15
CA TRP K 397 22.42 -3.56 44.72
C TRP K 397 21.54 -4.60 44.05
N LYS K 398 20.62 -5.17 44.81
CA LYS K 398 19.93 -6.36 44.36
C LYS K 398 18.43 -6.08 44.46
N GLU K 399 17.61 -7.04 44.06
CA GLU K 399 16.16 -6.98 44.26
C GLU K 399 15.69 -8.37 44.63
N ARG K 400 14.39 -8.47 44.94
CA ARG K 400 13.80 -9.78 45.12
C ARG K 400 13.79 -10.56 43.82
N GLN K 401 13.46 -9.88 42.72
CA GLN K 401 13.55 -10.50 41.39
C GLN K 401 14.98 -10.82 41.03
N ASP K 402 15.94 -10.03 41.50
CA ASP K 402 17.33 -10.36 41.28
C ASP K 402 17.79 -11.47 42.21
N LEU K 403 17.16 -11.59 43.38
CA LEU K 403 17.51 -12.69 44.27
C LEU K 403 16.96 -14.00 43.74
N GLU K 404 15.78 -13.98 43.12
CA GLU K 404 15.24 -15.18 42.50
C GLU K 404 16.10 -15.68 41.36
N ARG K 405 16.74 -14.77 40.65
CA ARG K 405 17.49 -15.10 39.44
C ARG K 405 18.91 -15.55 39.72
N GLU K 406 19.57 -14.95 40.71
CA GLU K 406 20.91 -15.39 41.07
C GLU K 406 20.94 -16.75 41.74
N LEU K 407 19.79 -17.27 42.16
CA LEU K 407 19.70 -18.63 42.68
C LEU K 407 19.16 -19.63 41.67
N ASN K 408 18.18 -19.23 40.85
CA ASN K 408 17.63 -20.15 39.86
C ASN K 408 18.60 -20.41 38.74
N SER K 409 19.32 -19.38 38.29
CA SER K 409 20.34 -19.62 37.27
C SER K 409 21.58 -20.25 37.86
N TRP K 410 21.70 -20.31 39.18
CA TRP K 410 22.81 -20.99 39.80
C TRP K 410 22.57 -22.47 40.00
N ILE K 411 21.44 -22.87 40.58
CA ILE K 411 21.25 -24.28 40.90
C ILE K 411 20.82 -25.08 39.69
N LYS K 412 20.44 -24.44 38.59
CA LYS K 412 20.09 -25.20 37.40
C LYS K 412 21.29 -25.55 36.55
N GLN K 413 22.49 -25.51 37.12
CA GLN K 413 23.61 -26.28 36.61
C GLN K 413 23.83 -27.54 37.43
N TYR K 414 23.05 -27.73 38.49
CA TYR K 414 23.06 -28.95 39.28
C TYR K 414 21.82 -29.79 39.03
N VAL K 415 20.89 -29.32 38.21
CA VAL K 415 19.61 -29.95 38.00
C VAL K 415 19.60 -30.53 36.59
N ALA K 416 19.36 -31.83 36.48
CA ALA K 416 19.18 -32.50 35.20
C ALA K 416 17.80 -33.12 35.22
N ASP K 417 16.79 -32.33 34.90
CA ASP K 417 15.39 -32.76 34.99
C ASP K 417 15.11 -33.64 33.79
N GLN K 418 15.43 -34.92 33.95
CA GLN K 418 15.49 -35.84 32.82
C GLN K 418 15.30 -37.24 33.37
N GLU K 419 14.52 -38.04 32.65
CA GLU K 419 14.11 -39.33 33.19
C GLU K 419 15.27 -40.33 33.18
N ASN K 420 16.05 -40.35 32.11
CA ASN K 420 17.19 -41.26 32.00
C ASN K 420 18.37 -40.53 31.37
N PRO K 421 19.09 -39.72 32.14
CA PRO K 421 20.33 -39.15 31.64
C PRO K 421 21.44 -40.18 31.74
N PRO K 422 22.60 -39.95 31.10
CA PRO K 422 23.73 -40.88 31.25
C PRO K 422 24.27 -40.90 32.67
N ALA K 423 25.15 -41.87 32.92
CA ALA K 423 25.64 -42.13 34.27
C ALA K 423 26.58 -41.05 34.78
N ASP K 424 27.05 -40.16 33.92
CA ASP K 424 27.85 -39.03 34.38
C ASP K 424 27.01 -37.80 34.66
N VAL K 425 25.89 -37.64 33.96
CA VAL K 425 25.02 -36.49 34.19
C VAL K 425 24.26 -36.67 35.50
N ARG K 426 24.05 -37.92 35.92
CA ARG K 426 23.34 -38.18 37.17
C ARG K 426 24.15 -37.80 38.38
N SER K 427 25.47 -37.93 38.31
CA SER K 427 26.29 -37.70 39.49
C SER K 427 26.98 -36.34 39.49
N ARG K 428 27.27 -35.76 38.32
CA ARG K 428 27.69 -34.37 38.29
C ARG K 428 26.54 -33.44 38.64
N ARG K 429 25.32 -33.81 38.28
CA ARG K 429 24.11 -33.04 38.58
C ARG K 429 23.21 -33.91 39.43
N PRO K 430 23.45 -33.97 40.74
CA PRO K 430 22.75 -34.97 41.58
C PRO K 430 21.30 -34.63 41.84
N LEU K 431 20.90 -33.38 41.67
CA LEU K 431 19.51 -33.02 41.86
C LEU K 431 18.72 -33.41 40.63
N ARG K 432 17.41 -33.31 40.74
CA ARG K 432 16.51 -33.59 39.64
C ARG K 432 15.52 -32.47 39.39
N ALA K 433 15.04 -31.80 40.43
CA ALA K 433 14.24 -30.60 40.27
C ALA K 433 14.41 -29.73 41.50
N ALA K 434 14.30 -28.43 41.32
CA ALA K 434 14.53 -27.49 42.42
C ALA K 434 13.60 -26.31 42.29
N ARG K 435 12.88 -26.01 43.36
CA ARG K 435 11.92 -24.91 43.41
C ARG K 435 12.45 -23.86 44.36
N ILE K 436 12.43 -22.60 43.95
CA ILE K 436 12.89 -21.49 44.79
C ILE K 436 11.81 -20.43 44.82
N GLU K 437 11.26 -20.17 46.00
CA GLU K 437 10.17 -19.24 46.18
C GLU K 437 10.63 -18.17 47.16
N VAL K 438 11.07 -17.03 46.64
CA VAL K 438 11.56 -15.95 47.47
C VAL K 438 10.39 -15.09 47.91
N MET K 439 10.28 -14.87 49.21
CA MET K 439 9.24 -14.04 49.81
C MET K 439 9.91 -12.86 50.51
N ASP K 440 9.12 -12.07 51.21
CA ASP K 440 9.63 -10.90 51.92
C ASP K 440 9.45 -11.08 53.42
N VAL K 441 9.96 -10.10 54.16
CA VAL K 441 9.65 -9.95 55.57
C VAL K 441 9.15 -8.53 55.78
N GLU K 442 7.90 -8.39 56.22
CA GLU K 442 7.34 -7.08 56.46
C GLU K 442 7.80 -6.56 57.81
N GLY K 443 7.63 -5.24 58.00
CA GLY K 443 8.11 -4.60 59.21
C GLY K 443 9.52 -4.07 59.05
N ASN K 444 10.47 -4.98 58.84
CA ASN K 444 11.83 -4.63 58.45
C ASN K 444 12.01 -5.06 57.01
N PRO K 445 11.84 -4.17 56.04
CA PRO K 445 11.80 -4.60 54.64
C PRO K 445 13.21 -4.88 54.12
N GLY K 446 13.31 -5.93 53.32
CA GLY K 446 14.57 -6.38 52.79
C GLY K 446 15.19 -7.55 53.54
N TRP K 447 14.37 -8.56 53.81
CA TRP K 447 14.79 -9.76 54.49
C TRP K 447 13.97 -10.88 53.87
N TYR K 448 14.62 -11.93 53.39
CA TYR K 448 14.06 -12.75 52.32
C TYR K 448 13.93 -14.21 52.70
N GLN K 449 12.72 -14.67 52.92
CA GLN K 449 12.46 -16.05 53.32
C GLN K 449 12.29 -16.87 52.06
N VAL K 450 13.38 -17.41 51.53
CA VAL K 450 13.28 -18.15 50.27
C VAL K 450 13.20 -19.62 50.64
N SER K 451 12.63 -20.43 49.76
CA SER K 451 12.42 -21.84 50.08
C SER K 451 12.99 -22.72 48.97
N LEU K 452 14.27 -23.04 49.06
CA LEU K 452 14.89 -23.94 48.09
C LEU K 452 14.45 -25.37 48.35
N SER K 453 13.79 -25.97 47.36
CA SER K 453 13.14 -27.28 47.49
C SER K 453 13.71 -28.23 46.44
N VAL K 454 14.84 -28.85 46.75
CA VAL K 454 15.50 -29.73 45.80
C VAL K 454 14.89 -31.12 45.82
N ARG K 455 15.28 -31.95 44.87
CA ARG K 455 14.74 -33.29 44.74
C ARG K 455 15.79 -34.16 44.07
N PRO K 456 16.09 -35.32 44.61
CA PRO K 456 17.21 -36.10 44.11
C PRO K 456 16.80 -37.18 43.13
N HIS K 457 17.78 -37.87 42.55
CA HIS K 457 17.50 -39.10 41.84
C HIS K 457 17.46 -40.26 42.82
N PHE K 458 17.01 -41.42 42.34
CA PHE K 458 16.72 -42.56 43.20
C PHE K 458 17.52 -43.78 42.77
N LYS K 459 18.23 -44.38 43.71
CA LYS K 459 19.14 -45.49 43.47
C LYS K 459 18.39 -46.82 43.48
N TYR K 460 19.14 -47.92 43.56
CA TYR K 460 18.66 -49.27 43.30
C TYR K 460 18.75 -50.08 44.58
N MET K 461 17.61 -50.54 45.10
CA MET K 461 17.60 -51.28 46.36
C MET K 461 16.41 -52.23 46.44
N GLY K 462 16.68 -53.53 46.30
CA GLY K 462 15.68 -54.57 46.43
C GLY K 462 14.73 -54.80 45.28
N ALA K 463 14.39 -56.07 45.02
CA ALA K 463 13.42 -56.46 44.01
C ALA K 463 12.80 -57.78 44.45
N ASN K 464 12.13 -58.50 43.52
CA ASN K 464 11.50 -59.73 43.98
C ASN K 464 11.85 -60.99 43.18
N PHE K 465 11.86 -60.93 41.84
CA PHE K 465 12.31 -62.01 40.95
C PHE K 465 11.56 -63.33 41.19
N GLU K 466 10.25 -63.28 40.97
CA GLU K 466 9.36 -64.40 41.31
C GLU K 466 9.30 -65.42 40.17
N LEU K 467 10.25 -66.36 40.18
CA LEU K 467 10.42 -67.31 39.09
C LEU K 467 9.27 -68.30 38.99
N SER K 468 9.19 -68.95 37.83
CA SER K 468 8.16 -69.90 37.43
C SER K 468 8.63 -70.53 36.14
N LEU K 469 7.92 -71.54 35.66
CA LEU K 469 8.07 -71.91 34.26
C LEU K 469 6.73 -71.80 33.55
N VAL K 470 6.79 -71.45 32.26
CA VAL K 470 5.61 -71.34 31.42
C VAL K 470 5.42 -72.60 30.60
N GLY K 471 6.50 -73.12 30.02
CA GLY K 471 6.45 -74.35 29.25
C GLY K 471 6.36 -74.16 27.75
N ARG K 472 5.56 -73.21 27.30
CA ARG K 472 5.44 -72.89 25.87
C ARG K 472 6.11 -71.57 25.51
N LEU K 473 5.87 -70.52 26.28
CA LEU K 473 6.43 -69.21 25.98
C LEU K 473 7.85 -69.08 26.53
N SER L 1 67.98 7.36 36.68
CA SER L 1 66.61 7.03 36.30
C SER L 1 66.01 8.12 35.44
N LYS L 2 66.70 8.47 34.36
CA LYS L 2 66.25 9.49 33.41
C LYS L 2 66.48 8.99 32.01
N GLU L 3 65.42 8.97 31.19
CA GLU L 3 65.55 8.66 29.79
C GLU L 3 66.31 9.77 29.08
N GLY L 4 67.30 9.40 28.27
CA GLY L 4 67.97 10.36 27.42
C GLY L 4 67.02 10.85 26.35
N SER L 5 66.73 12.15 26.34
CA SER L 5 65.86 12.75 25.33
C SER L 5 66.60 13.90 24.66
N VAL L 6 65.95 14.47 23.66
CA VAL L 6 66.51 15.56 22.88
C VAL L 6 65.85 16.85 23.33
N ALA L 7 66.36 17.96 22.81
CA ALA L 7 65.70 19.22 23.05
C ALA L 7 64.36 19.27 22.31
N PRO L 8 63.30 19.75 22.93
CA PRO L 8 62.00 19.81 22.25
C PRO L 8 61.99 20.87 21.17
N LYS L 9 61.09 20.69 20.20
CA LYS L 9 61.14 21.45 18.97
C LYS L 9 59.85 21.27 18.16
N GLU L 10 59.80 21.94 16.99
CA GLU L 10 58.71 21.81 16.01
C GLU L 10 58.78 20.48 15.30
N ARG L 11 59.93 19.85 15.38
CA ARG L 11 59.98 18.48 14.97
C ARG L 11 59.48 17.65 16.14
N ILE L 12 59.26 16.39 15.87
CA ILE L 12 58.53 15.54 16.78
C ILE L 12 59.53 14.79 17.65
N ASN L 13 59.22 14.62 18.93
CA ASN L 13 60.23 14.09 19.85
C ASN L 13 59.80 12.78 20.50
N ILE L 14 60.06 11.70 19.79
CA ILE L 14 59.75 10.35 20.24
C ILE L 14 60.67 9.95 21.38
N LYS L 15 60.10 9.47 22.48
CA LYS L 15 60.86 8.89 23.56
C LYS L 15 60.20 7.60 24.01
N TYR L 16 60.96 6.72 24.67
CA TYR L 16 60.46 5.42 25.11
C TYR L 16 60.46 5.34 26.62
N ILE L 17 59.28 5.36 27.23
CA ILE L 17 59.14 5.15 28.67
C ILE L 17 58.01 4.15 28.88
N PRO L 18 58.28 2.97 29.44
CA PRO L 18 57.24 1.94 29.54
C PRO L 18 56.18 2.30 30.56
N ALA L 19 54.97 1.83 30.32
CA ALA L 19 53.80 2.32 31.04
C ALA L 19 53.43 1.42 32.20
N THR L 20 52.54 1.94 33.04
CA THR L 20 52.21 1.31 34.31
C THR L 20 51.43 0.01 34.10
N GLY L 21 50.60 -0.03 33.08
CA GLY L 21 49.85 -1.24 32.79
C GLY L 21 48.44 -1.20 33.34
N ASP L 22 47.58 -2.00 32.73
CA ASP L 22 46.19 -2.15 33.16
C ASP L 22 45.94 -3.63 33.40
N ALA L 23 45.67 -4.01 34.64
CA ALA L 23 45.45 -5.40 34.99
C ALA L 23 43.99 -5.82 34.88
N GLN L 24 43.08 -5.06 35.51
CA GLN L 24 41.65 -5.34 35.57
C GLN L 24 41.40 -6.74 36.14
N ALA L 25 41.70 -6.84 37.44
CA ALA L 25 41.85 -8.07 38.24
C ALA L 25 40.74 -9.09 37.98
N GLU L 26 41.15 -10.25 37.47
CA GLU L 26 40.22 -11.20 36.87
C GLU L 26 39.47 -11.98 37.93
N VAL L 27 38.20 -12.27 37.65
CA VAL L 27 37.37 -13.02 38.58
C VAL L 27 37.77 -14.49 38.57
N ALA L 28 37.68 -15.13 39.74
CA ALA L 28 38.00 -16.54 39.86
C ALA L 28 37.17 -17.10 41.01
N GLU L 29 36.05 -17.73 40.68
CA GLU L 29 35.20 -18.37 41.68
C GLU L 29 35.81 -19.72 42.01
N VAL L 30 36.66 -19.73 43.04
CA VAL L 30 37.18 -21.00 43.53
C VAL L 30 36.07 -21.72 44.28
N GLU L 31 36.16 -23.05 44.29
CA GLU L 31 35.11 -23.84 44.88
C GLU L 31 35.50 -24.27 46.29
N LEU L 32 34.57 -24.90 46.98
CA LEU L 32 34.79 -25.34 48.34
C LEU L 32 35.26 -26.78 48.35
N PRO L 33 36.44 -27.06 48.86
CA PRO L 33 36.84 -28.46 49.01
C PRO L 33 36.08 -29.12 50.14
N LEU L 34 35.87 -30.43 49.99
CA LEU L 34 35.15 -31.21 50.98
C LEU L 34 36.05 -31.39 52.20
N LYS L 35 36.01 -30.46 53.14
CA LYS L 35 36.88 -30.56 54.30
C LYS L 35 36.22 -31.38 55.38
N THR L 36 36.94 -32.39 55.87
CA THR L 36 36.49 -33.19 56.99
C THR L 36 37.37 -32.92 58.20
N LEU L 37 36.79 -33.13 59.37
CA LEU L 37 37.51 -32.92 60.62
C LEU L 37 37.57 -34.26 61.33
N VAL L 38 38.73 -34.90 61.31
CA VAL L 38 38.92 -36.17 62.00
C VAL L 38 39.18 -35.86 63.46
N VAL L 39 38.26 -36.27 64.33
CA VAL L 39 38.37 -35.97 65.74
C VAL L 39 38.53 -37.29 66.49
N GLY L 40 39.34 -37.27 67.54
CA GLY L 40 39.59 -38.50 68.28
C GLY L 40 40.98 -38.49 68.90
N ASP L 41 41.15 -39.42 69.84
CA ASP L 41 42.34 -39.53 70.68
C ASP L 41 43.54 -39.92 69.84
N PHE L 42 44.49 -39.02 69.68
CA PHE L 42 45.63 -39.25 68.80
C PHE L 42 46.96 -39.31 69.52
N LYS L 43 46.98 -39.06 70.84
CA LYS L 43 48.20 -39.15 71.63
C LYS L 43 47.92 -40.00 72.86
N GLY L 44 48.91 -40.13 73.73
CA GLY L 44 48.81 -41.07 74.82
C GLY L 44 48.50 -40.47 76.17
N HIS L 45 47.81 -39.33 76.20
CA HIS L 45 47.47 -38.68 77.46
C HIS L 45 46.22 -37.84 77.26
N ALA L 46 45.96 -36.96 78.22
CA ALA L 46 44.90 -35.96 78.15
C ALA L 46 45.52 -34.59 78.39
N GLU L 47 45.46 -33.73 77.38
CA GLU L 47 46.12 -32.44 77.44
C GLU L 47 45.40 -31.51 78.40
N GLN L 48 46.18 -30.73 79.16
CA GLN L 48 45.60 -29.89 80.19
C GLN L 48 44.99 -28.60 79.66
N THR L 49 45.27 -28.22 78.42
CA THR L 49 44.64 -27.01 77.90
C THR L 49 43.17 -27.28 77.56
N PRO L 50 42.27 -26.33 77.78
CA PRO L 50 40.88 -26.52 77.40
C PRO L 50 40.73 -26.54 75.89
N LEU L 51 39.55 -26.98 75.45
CA LEU L 51 39.37 -27.31 74.04
C LEU L 51 39.36 -26.07 73.16
N GLU L 52 38.85 -24.96 73.66
CA GLU L 52 38.69 -23.76 72.86
C GLU L 52 40.00 -23.06 72.51
N GLU L 53 41.13 -23.50 73.04
CA GLU L 53 42.42 -22.88 72.75
C GLU L 53 43.33 -23.72 71.89
N ARG L 54 43.18 -25.05 71.91
CA ARG L 54 44.03 -25.89 71.09
C ARG L 54 43.61 -25.80 69.64
N ALA L 55 44.49 -26.23 68.75
CA ALA L 55 44.33 -25.96 67.33
C ALA L 55 44.09 -27.24 66.55
N THR L 56 43.63 -27.07 65.31
CA THR L 56 43.48 -28.15 64.35
C THR L 56 44.58 -28.03 63.30
N VAL L 57 45.21 -29.15 62.99
CA VAL L 57 46.31 -29.17 62.03
C VAL L 57 45.82 -29.82 60.74
N THR L 58 46.27 -29.29 59.61
CA THR L 58 45.87 -29.76 58.30
C THR L 58 46.92 -30.72 57.78
N VAL L 59 46.48 -31.91 57.37
CA VAL L 59 47.34 -33.02 56.97
C VAL L 59 47.04 -33.38 55.52
N ASP L 60 48.06 -33.36 54.67
CA ASP L 60 47.90 -34.08 53.41
C ASP L 60 49.04 -35.08 53.25
N LYS L 61 49.18 -35.66 52.06
CA LYS L 61 50.15 -36.75 51.87
C LYS L 61 51.58 -36.26 51.99
N ASN L 62 51.84 -35.00 51.68
CA ASN L 62 53.20 -34.50 51.72
C ASN L 62 53.66 -34.10 53.11
N ASN L 63 52.74 -33.66 53.97
CA ASN L 63 53.14 -33.19 55.30
C ASN L 63 52.76 -34.13 56.42
N PHE L 64 52.43 -35.39 56.10
CA PHE L 64 52.08 -36.31 57.16
C PHE L 64 53.28 -36.71 58.00
N GLU L 65 54.47 -36.68 57.41
CA GLU L 65 55.68 -36.98 58.17
C GLU L 65 56.08 -35.85 59.09
N ALA L 66 55.64 -34.62 58.81
CA ALA L 66 55.93 -33.48 59.67
C ALA L 66 54.89 -33.28 60.75
N VAL L 67 53.65 -33.69 60.51
CA VAL L 67 52.64 -33.63 61.56
C VAL L 67 52.90 -34.72 62.60
N MET L 68 53.38 -35.88 62.17
CA MET L 68 53.69 -36.93 63.12
C MET L 68 54.92 -36.60 63.96
N ARG L 69 55.89 -35.89 63.39
CA ARG L 69 57.11 -35.57 64.13
C ARG L 69 56.84 -34.50 65.18
N GLU L 70 56.04 -33.49 64.85
CA GLU L 70 55.79 -32.39 65.78
C GLU L 70 54.71 -32.71 66.80
N SER L 71 54.03 -33.85 66.68
CA SER L 71 53.09 -34.24 67.71
C SER L 71 53.81 -34.69 68.98
N GLU L 72 54.99 -35.31 68.81
CA GLU L 72 55.77 -35.97 69.86
C GLU L 72 54.93 -37.04 70.58
N LEU L 73 54.56 -38.06 69.81
CA LEU L 73 53.87 -39.21 70.37
C LEU L 73 54.84 -40.01 71.23
N LYS L 74 54.85 -39.74 72.53
CA LYS L 74 55.76 -40.40 73.48
C LYS L 74 54.95 -41.41 74.28
N ILE L 75 55.13 -42.69 73.94
CA ILE L 75 54.39 -43.77 74.58
C ILE L 75 55.29 -44.39 75.63
N THR L 76 54.94 -44.20 76.91
CA THR L 76 55.68 -44.74 78.03
C THR L 76 54.77 -45.70 78.78
N ALA L 77 55.11 -46.99 78.75
CA ALA L 77 54.30 -48.01 79.41
C ALA L 77 55.19 -49.09 79.96
N THR L 78 54.63 -49.86 80.89
CA THR L 78 55.34 -50.99 81.50
C THR L 78 54.81 -52.28 80.88
N VAL L 79 55.70 -53.00 80.20
CA VAL L 79 55.32 -54.22 79.50
C VAL L 79 56.07 -55.40 80.14
N LYS L 80 55.70 -56.60 79.72
CA LYS L 80 56.23 -57.82 80.31
C LYS L 80 57.65 -58.09 79.82
N ASN L 81 58.49 -58.57 80.74
CA ASN L 81 59.88 -58.87 80.45
C ASN L 81 59.97 -60.34 80.03
N LYS L 82 60.27 -60.58 78.76
CA LYS L 82 60.49 -61.92 78.24
C LYS L 82 61.91 -62.12 77.73
N LEU L 83 62.86 -61.37 78.29
CA LEU L 83 64.27 -61.49 77.91
C LEU L 83 65.06 -62.38 78.86
N THR L 84 64.44 -62.87 79.92
CA THR L 84 65.11 -63.74 80.88
C THR L 84 64.21 -64.90 81.26
N ASP L 85 64.60 -65.69 82.27
CA ASP L 85 63.82 -66.84 82.69
C ASP L 85 62.72 -66.49 83.69
N ASP L 86 62.46 -65.20 83.92
CA ASP L 86 61.45 -64.77 84.87
C ASP L 86 60.14 -64.52 84.14
N GLU L 87 59.06 -65.12 84.67
CA GLU L 87 57.71 -64.86 84.17
C GLU L 87 57.10 -63.62 84.80
N ASN L 88 57.40 -63.36 86.07
CA ASN L 88 56.81 -62.25 86.82
C ASN L 88 57.68 -61.00 86.79
N ALA L 89 58.46 -60.80 85.73
CA ALA L 89 59.27 -59.61 85.58
C ALA L 89 58.61 -58.64 84.60
N GLU L 90 58.82 -57.35 84.84
CA GLU L 90 58.27 -56.30 83.99
C GLU L 90 59.39 -55.37 83.56
N LEU L 91 59.19 -54.70 82.44
CA LEU L 91 60.23 -53.82 81.92
C LEU L 91 59.62 -52.62 81.20
N PRO L 92 59.66 -51.43 81.79
CA PRO L 92 59.14 -50.25 81.10
C PRO L 92 60.01 -49.84 79.92
N VAL L 93 59.39 -49.15 78.97
CA VAL L 93 60.05 -48.74 77.74
C VAL L 93 59.93 -47.22 77.61
N GLU L 94 60.63 -46.68 76.61
CA GLU L 94 60.60 -45.25 76.30
C GLU L 94 60.64 -45.09 74.80
N LEU L 95 59.56 -44.55 74.23
CA LEU L 95 59.39 -44.50 72.79
C LEU L 95 59.29 -43.05 72.31
N ASN L 96 59.96 -42.75 71.21
CA ASN L 96 59.91 -41.44 70.57
C ASN L 96 59.68 -41.66 69.09
N PHE L 97 58.52 -41.22 68.59
CA PHE L 97 58.09 -41.51 67.23
C PHE L 97 58.16 -40.24 66.39
N LYS L 98 58.89 -40.31 65.28
CA LYS L 98 59.02 -39.16 64.39
C LYS L 98 58.65 -39.47 62.95
N SER L 99 58.52 -40.73 62.56
CA SER L 99 58.14 -41.10 61.21
C SER L 99 57.26 -42.34 61.28
N LEU L 100 56.64 -42.67 60.15
CA LEU L 100 55.80 -43.86 60.06
C LEU L 100 56.61 -45.15 60.20
N ALA L 101 57.90 -45.11 59.87
CA ALA L 101 58.78 -46.25 60.06
C ALA L 101 59.18 -46.45 61.53
N ASP L 102 58.82 -45.52 62.42
CA ASP L 102 59.09 -45.72 63.84
C ASP L 102 58.11 -46.68 64.50
N PHE L 103 57.01 -47.03 63.82
CA PHE L 103 56.16 -48.09 64.33
C PHE L 103 56.77 -49.47 64.08
N ALA L 104 57.68 -49.57 63.11
CA ALA L 104 58.29 -50.84 62.73
C ALA L 104 59.25 -51.32 63.82
N PRO L 105 59.42 -52.64 63.97
CA PRO L 105 60.31 -53.15 65.04
C PRO L 105 61.79 -52.87 64.83
N ASP L 106 62.20 -52.32 63.68
CA ASP L 106 63.58 -51.88 63.54
C ASP L 106 63.85 -50.63 64.37
N ALA L 107 62.88 -49.73 64.44
CA ALA L 107 63.04 -48.49 65.20
C ALA L 107 62.43 -48.57 66.59
N VAL L 108 61.57 -49.55 66.87
CA VAL L 108 61.08 -49.70 68.24
C VAL L 108 62.15 -50.36 69.10
N ALA L 109 62.79 -51.42 68.58
CA ALA L 109 63.87 -52.08 69.30
C ALA L 109 65.12 -51.21 69.39
N SER L 110 65.31 -50.29 68.45
CA SER L 110 66.44 -49.36 68.54
C SER L 110 66.25 -48.33 69.64
N GLN L 111 65.03 -48.08 70.06
CA GLN L 111 64.75 -47.16 71.14
C GLN L 111 64.66 -47.84 72.49
N VAL L 112 64.76 -49.17 72.53
CA VAL L 112 64.82 -49.92 73.77
C VAL L 112 66.26 -50.33 74.01
N PRO L 113 66.92 -49.85 75.07
CA PRO L 113 68.35 -50.18 75.26
C PRO L 113 68.59 -51.64 75.59
N GLU L 114 67.60 -52.37 76.10
CA GLU L 114 67.76 -53.80 76.32
C GLU L 114 67.72 -54.57 75.01
N LEU L 115 67.19 -53.98 73.95
CA LEU L 115 67.19 -54.59 72.62
C LEU L 115 68.24 -54.00 71.69
N LYS L 116 68.89 -52.90 72.09
CA LYS L 116 70.02 -52.40 71.32
C LYS L 116 71.21 -53.34 71.41
N LYS L 117 71.36 -54.04 72.54
CA LYS L 117 72.43 -55.00 72.71
C LYS L 117 72.14 -56.35 72.09
N LEU L 118 70.87 -56.61 71.73
CA LEU L 118 70.54 -57.89 71.10
C LEU L 118 70.62 -57.81 69.58
N ILE L 119 70.30 -56.65 68.99
CA ILE L 119 70.55 -56.48 67.56
C ILE L 119 72.05 -56.36 67.31
N GLU L 120 72.78 -55.69 68.21
CA GLU L 120 74.24 -55.65 68.14
C GLU L 120 74.83 -57.04 68.35
N LEU L 121 74.16 -57.88 69.13
CA LEU L 121 74.57 -59.27 69.24
C LEU L 121 74.37 -60.00 67.93
N ARG L 122 73.26 -59.74 67.24
CA ARG L 122 72.99 -60.41 65.96
C ARG L 122 73.89 -59.90 64.86
N GLU L 123 74.15 -58.58 64.84
CA GLU L 123 75.06 -57.99 63.86
C GLU L 123 76.48 -58.51 64.04
N ALA L 124 76.87 -58.84 65.27
CA ALA L 124 78.15 -59.49 65.51
C ALA L 124 78.14 -60.94 65.06
N LEU L 125 76.99 -61.60 65.01
CA LEU L 125 76.91 -62.98 64.56
C LEU L 125 76.75 -63.11 63.05
N VAL L 126 76.11 -62.13 62.40
CA VAL L 126 76.08 -62.11 60.93
C VAL L 126 77.46 -61.79 60.38
N ALA L 127 78.23 -60.96 61.10
CA ALA L 127 79.60 -60.66 60.70
C ALA L 127 80.51 -61.88 60.81
N LEU L 128 80.19 -62.81 61.70
CA LEU L 128 81.02 -64.00 61.88
C LEU L 128 80.83 -64.99 60.75
N LYS L 129 79.60 -65.13 60.24
CA LYS L 129 79.23 -66.24 59.36
C LYS L 129 79.93 -66.15 58.00
N GLY L 130 80.26 -64.95 57.55
CA GLY L 130 80.97 -64.75 56.30
C GLY L 130 82.36 -65.38 56.28
N PRO L 131 83.28 -64.87 57.11
CA PRO L 131 84.61 -65.48 57.21
C PRO L 131 84.68 -66.76 58.04
N LEU L 132 83.56 -67.38 58.40
CA LEU L 132 83.61 -68.57 59.24
C LEU L 132 83.97 -69.81 58.43
N GLY L 133 83.12 -70.18 57.48
CA GLY L 133 83.30 -71.38 56.69
C GLY L 133 84.23 -71.26 55.51
N ASN L 134 84.86 -70.10 55.32
CA ASN L 134 85.79 -69.92 54.21
C ASN L 134 87.19 -70.38 54.58
N ILE L 135 87.66 -70.03 55.77
CA ILE L 135 88.98 -70.44 56.26
C ILE L 135 88.78 -71.62 57.19
N PRO L 136 89.28 -72.82 56.85
CA PRO L 136 89.13 -73.98 57.73
C PRO L 136 90.12 -74.06 58.88
N ALA L 137 90.89 -72.99 59.14
CA ALA L 137 91.82 -72.95 60.26
C ALA L 137 91.18 -72.38 61.52
N PHE L 138 89.90 -72.01 61.47
CA PHE L 138 89.22 -71.51 62.66
C PHE L 138 88.96 -72.63 63.66
N ARG L 139 88.55 -73.81 63.18
CA ARG L 139 88.32 -74.94 64.07
C ARG L 139 89.61 -75.53 64.62
N GLU L 140 90.74 -75.25 63.96
CA GLU L 140 92.03 -75.69 64.48
C GLU L 140 92.39 -74.96 65.76
N ARG L 141 91.97 -73.70 65.90
CA ARG L 141 92.24 -72.94 67.10
C ARG L 141 91.05 -72.93 68.07
N LEU L 142 89.91 -73.51 67.69
CA LEU L 142 88.87 -73.79 68.68
C LEU L 142 89.32 -74.90 69.62
N GLN L 143 90.08 -75.86 69.11
CA GLN L 143 90.65 -76.89 69.97
C GLN L 143 91.82 -76.34 70.79
N SER L 144 92.49 -75.29 70.29
CA SER L 144 93.51 -74.63 71.09
C SER L 144 92.90 -73.82 72.21
N LEU L 145 91.73 -73.19 71.95
CA LEU L 145 90.95 -72.59 73.02
C LEU L 145 90.32 -73.64 73.92
N LEU L 146 90.10 -74.85 73.40
CA LEU L 146 89.71 -75.97 74.25
C LEU L 146 90.88 -76.40 75.12
N ASN L 147 92.11 -76.28 74.63
CA ASN L 147 93.28 -76.59 75.43
C ASN L 147 93.63 -75.46 76.38
N SER L 148 93.77 -74.24 75.85
CA SER L 148 94.12 -73.07 76.66
C SER L 148 92.83 -72.49 77.24
N GLU L 149 92.43 -73.02 78.40
CA GLU L 149 91.24 -72.54 79.07
C GLU L 149 91.49 -71.33 79.96
N GLU L 150 92.73 -71.16 80.44
CA GLU L 150 93.02 -70.05 81.34
C GLU L 150 93.12 -68.72 80.60
N SER L 151 93.84 -68.70 79.48
CA SER L 151 93.98 -67.47 78.72
C SER L 151 92.73 -67.09 77.94
N ARG L 152 91.81 -68.05 77.74
CA ARG L 152 90.58 -67.73 77.02
C ARG L 152 89.62 -66.94 77.91
N GLU L 153 89.46 -67.37 79.17
CA GLU L 153 88.53 -66.70 80.07
C GLU L 153 89.04 -65.34 80.53
N LYS L 154 90.36 -65.09 80.45
CA LYS L 154 90.88 -63.77 80.76
C LYS L 154 90.55 -62.77 79.67
N LEU L 155 90.34 -63.25 78.43
CA LEU L 155 90.05 -62.38 77.31
C LEU L 155 88.55 -62.21 77.07
N LEU L 156 87.71 -63.08 77.66
CA LEU L 156 86.27 -62.93 77.49
C LEU L 156 85.74 -61.76 78.31
N ALA L 157 86.39 -61.43 79.43
CA ALA L 157 85.96 -60.30 80.24
C ALA L 157 86.31 -58.96 79.59
N GLU L 158 87.29 -58.93 78.69
CA GLU L 158 87.66 -57.72 77.99
C GLU L 158 86.64 -57.39 76.91
N PRO M 1 -5.15 -21.21 11.37
CA PRO M 1 -5.31 -22.54 11.94
C PRO M 1 -4.91 -22.59 13.41
N THR M 2 -5.49 -23.50 14.17
CA THR M 2 -5.17 -23.53 15.59
C THR M 2 -4.04 -24.53 15.84
N PRO M 3 -3.13 -24.22 16.75
CA PRO M 3 -2.02 -25.13 17.02
C PRO M 3 -2.47 -26.41 17.70
N CYS M 4 -1.75 -27.47 17.43
CA CYS M 4 -2.03 -28.79 17.95
C CYS M 4 -1.18 -29.04 19.18
N TYR M 5 -1.19 -30.27 19.68
CA TYR M 5 -0.41 -30.63 20.85
C TYR M 5 0.10 -32.05 20.69
N ILE M 6 1.35 -32.29 21.06
CA ILE M 6 1.96 -33.60 20.92
C ILE M 6 2.55 -34.04 22.24
N SER M 7 2.24 -35.26 22.65
CA SER M 7 2.79 -35.87 23.85
C SER M 7 3.61 -37.09 23.47
N ILE M 8 4.92 -37.00 23.62
CA ILE M 8 5.84 -38.05 23.21
C ILE M 8 6.26 -38.84 24.44
N GLU M 9 6.21 -40.17 24.36
CA GLU M 9 6.73 -41.02 25.42
C GLU M 9 7.78 -41.95 24.85
N GLY M 10 9.00 -41.89 25.38
CA GLY M 10 10.10 -42.67 24.86
C GLY M 10 10.17 -44.06 25.44
N GLN M 11 11.10 -44.85 24.90
CA GLN M 11 11.40 -46.15 25.50
C GLN M 11 12.07 -45.99 26.86
N THR M 12 13.24 -45.35 26.86
CA THR M 12 14.01 -45.24 28.10
C THR M 12 13.89 -43.90 28.78
N GLN M 13 13.49 -42.84 28.07
CA GLN M 13 13.46 -41.51 28.63
C GLN M 13 12.11 -41.13 29.17
N GLY M 14 11.23 -42.10 29.39
CA GLY M 14 9.96 -41.82 30.04
C GLY M 14 9.07 -40.97 29.16
N LEU M 15 8.32 -40.07 29.80
CA LEU M 15 7.53 -39.10 29.08
C LEU M 15 8.45 -37.95 28.71
N ILE M 16 8.73 -37.81 27.42
CA ILE M 16 9.72 -36.83 26.97
C ILE M 16 9.18 -35.42 27.14
N THR M 17 7.95 -35.19 26.74
CA THR M 17 7.44 -33.84 26.81
C THR M 17 6.85 -33.49 28.16
N ALA M 18 7.21 -34.19 29.23
CA ALA M 18 6.67 -33.88 30.56
C ALA M 18 7.32 -32.59 31.04
N GLY M 19 6.60 -31.50 30.92
CA GLY M 19 7.13 -30.21 31.28
C GLY M 19 7.54 -29.34 30.12
N ALA M 20 7.16 -29.68 28.90
CA ALA M 20 7.56 -28.90 27.75
C ALA M 20 6.66 -27.71 27.50
N CYS M 21 5.70 -27.44 28.37
CA CYS M 21 4.95 -26.20 28.41
C CYS M 21 4.85 -25.70 29.83
N THR M 22 5.98 -25.60 30.50
CA THR M 22 6.06 -24.89 31.76
C THR M 22 6.59 -23.48 31.52
N ALA M 23 6.82 -22.74 32.59
CA ALA M 23 7.42 -21.43 32.47
C ALA M 23 8.92 -21.50 32.24
N ASP M 24 9.53 -22.65 32.51
CA ASP M 24 10.95 -22.77 32.24
C ASP M 24 11.23 -23.11 30.79
N SER M 25 10.31 -23.79 30.11
CA SER M 25 10.54 -24.18 28.73
C SER M 25 10.41 -22.99 27.79
N ILE M 26 9.23 -22.40 27.74
CA ILE M 26 8.93 -21.42 26.69
C ILE M 26 8.50 -20.08 27.26
N GLY M 27 8.93 -19.76 28.47
CA GLY M 27 8.68 -18.43 29.01
C GLY M 27 7.24 -18.20 29.42
N ASP M 28 6.60 -17.20 28.83
CA ASP M 28 5.24 -16.85 29.19
C ASP M 28 4.21 -17.35 28.21
N SER M 29 4.61 -18.12 27.21
CA SER M 29 3.66 -18.66 26.26
C SER M 29 3.26 -20.09 26.60
N PHE M 30 3.33 -20.47 27.86
CA PHE M 30 2.90 -21.80 28.20
C PHE M 30 1.43 -21.78 28.55
N VAL M 31 0.81 -22.95 28.48
CA VAL M 31 -0.63 -23.09 28.66
C VAL M 31 -0.86 -24.02 29.83
N GLU M 32 -1.71 -23.60 30.77
CA GLU M 32 -2.10 -24.49 31.86
C GLU M 32 -2.97 -25.62 31.33
N GLY M 33 -2.83 -26.79 31.94
CA GLY M 33 -3.54 -27.98 31.52
C GLY M 33 -2.84 -28.78 30.44
N HIS M 34 -1.91 -28.17 29.71
CA HIS M 34 -1.15 -28.86 28.69
C HIS M 34 0.30 -28.92 29.11
N GLU M 35 0.52 -29.26 30.37
CA GLU M 35 1.86 -29.25 30.93
C GLU M 35 2.73 -30.37 30.38
N ASP M 36 2.15 -31.39 29.77
CA ASP M 36 2.92 -32.51 29.29
C ASP M 36 2.98 -32.58 27.77
N GLU M 37 2.59 -31.51 27.08
CA GLU M 37 2.36 -31.57 25.65
C GLU M 37 3.02 -30.36 25.01
N MET M 38 3.85 -30.59 24.00
CA MET M 38 4.46 -29.48 23.27
C MET M 38 3.39 -28.75 22.46
N LEU M 39 3.76 -27.58 21.97
CA LEU M 39 2.85 -26.76 21.18
C LEU M 39 3.31 -26.81 19.74
N VAL M 40 2.53 -27.46 18.89
CA VAL M 40 2.94 -27.79 17.52
C VAL M 40 2.39 -26.75 16.57
N GLN M 41 3.27 -26.14 15.80
CA GLN M 41 2.87 -25.04 14.94
C GLN M 41 2.46 -25.52 13.55
N GLN M 42 3.38 -26.14 12.82
CA GLN M 42 3.19 -26.53 11.44
C GLN M 42 3.16 -28.05 11.36
N PHE M 43 2.57 -28.58 10.29
CA PHE M 43 2.43 -30.02 10.17
C PHE M 43 2.51 -30.43 8.71
N ASP M 44 2.99 -31.65 8.47
CA ASP M 44 3.12 -32.20 7.12
C ASP M 44 3.36 -33.70 7.15
N HIS M 45 2.65 -34.46 6.32
CA HIS M 45 2.68 -35.92 6.44
C HIS M 45 2.15 -36.56 5.17
N VAL M 46 2.96 -37.42 4.54
CA VAL M 46 2.61 -38.07 3.28
C VAL M 46 2.59 -39.57 3.52
N VAL M 47 1.66 -40.29 2.89
CA VAL M 47 1.63 -41.74 2.94
C VAL M 47 1.44 -42.22 1.50
N THR M 48 2.51 -42.65 0.85
CA THR M 48 2.40 -43.04 -0.54
C THR M 48 2.07 -44.51 -0.69
N VAL M 49 1.60 -44.88 -1.88
CA VAL M 49 1.43 -46.27 -2.28
C VAL M 49 1.96 -46.40 -3.70
N PRO M 50 2.94 -47.26 -3.95
CA PRO M 50 3.44 -47.42 -5.31
C PRO M 50 2.47 -48.15 -6.21
N THR M 51 1.91 -47.44 -7.18
CA THR M 51 0.99 -48.03 -8.14
C THR M 51 1.68 -48.15 -9.49
N ASP M 52 1.36 -49.21 -10.23
CA ASP M 52 2.00 -49.37 -11.52
C ASP M 52 1.37 -48.45 -12.55
N PRO M 53 2.09 -48.12 -13.62
CA PRO M 53 1.47 -47.43 -14.74
C PRO M 53 0.55 -48.37 -15.50
N GLN M 54 -0.16 -47.78 -16.47
CA GLN M 54 -1.09 -48.44 -17.42
C GLN M 54 -2.09 -49.38 -16.73
N SER M 55 -2.44 -49.06 -15.50
CA SER M 55 -3.36 -49.85 -14.69
C SER M 55 -3.89 -48.93 -13.61
N GLY M 56 -4.48 -49.51 -12.58
CA GLY M 56 -4.82 -48.73 -11.41
C GLY M 56 -4.45 -49.43 -10.13
N GLN M 57 -3.94 -50.65 -10.24
CA GLN M 57 -3.79 -51.46 -9.05
C GLN M 57 -2.56 -51.05 -8.25
N PRO M 58 -2.61 -51.16 -6.93
CA PRO M 58 -1.43 -50.86 -6.12
C PRO M 58 -0.39 -51.96 -6.25
N SER M 59 0.75 -51.60 -6.84
CA SER M 59 1.85 -52.55 -7.06
C SER M 59 2.83 -52.49 -5.90
N GLY M 60 2.34 -52.86 -4.73
CA GLY M 60 3.18 -52.84 -3.56
C GLY M 60 2.50 -52.26 -2.34
N GLN M 61 3.05 -52.53 -1.16
CA GLN M 61 2.46 -52.01 0.05
C GLN M 61 2.79 -50.53 0.21
N ARG M 62 2.09 -49.90 1.15
CA ARG M 62 2.23 -48.47 1.41
C ARG M 62 3.64 -48.14 1.91
N VAL M 63 4.03 -46.89 1.73
CA VAL M 63 5.34 -46.38 2.15
C VAL M 63 5.09 -45.11 2.95
N HIS M 64 5.40 -45.15 4.25
CA HIS M 64 5.12 -44.02 5.12
C HIS M 64 6.23 -42.99 5.04
N LYS M 65 5.97 -41.89 4.38
CA LYS M 65 6.82 -40.73 4.48
C LYS M 65 6.61 -40.09 5.85
N PRO M 66 7.59 -39.37 6.40
CA PRO M 66 7.54 -39.04 7.82
C PRO M 66 6.60 -37.88 8.15
N PHE M 67 6.14 -37.89 9.41
CA PHE M 67 5.66 -36.70 10.12
C PHE M 67 6.62 -35.54 9.97
N LYS M 68 6.10 -34.32 10.00
CA LYS M 68 6.94 -33.12 10.13
C LYS M 68 6.17 -32.12 10.97
N PHE M 69 6.40 -32.12 12.27
CA PHE M 69 5.75 -31.15 13.15
C PHE M 69 6.79 -30.19 13.70
N THR M 70 6.41 -28.93 13.87
CA THR M 70 7.34 -27.86 14.23
C THR M 70 7.01 -27.29 15.59
N VAL M 71 7.97 -27.35 16.51
CA VAL M 71 7.83 -26.73 17.82
C VAL M 71 8.99 -25.78 18.02
N ALA M 72 8.86 -24.92 19.02
CA ALA M 72 9.95 -24.00 19.34
C ALA M 72 10.98 -24.72 20.20
N LEU M 73 12.09 -24.05 20.48
CA LEU M 73 13.09 -24.61 21.39
C LEU M 73 12.56 -24.62 22.80
N ASN M 74 12.53 -25.79 23.42
CA ASN M 74 12.02 -25.91 24.77
C ASN M 74 12.72 -27.07 25.46
N LYS M 75 12.12 -27.55 26.53
CA LYS M 75 12.75 -28.56 27.39
C LYS M 75 12.91 -29.87 26.68
N ALA M 76 11.94 -30.24 25.86
CA ALA M 76 11.94 -31.56 25.23
C ALA M 76 12.87 -31.66 24.04
N VAL M 77 13.42 -30.56 23.54
CA VAL M 77 14.29 -30.61 22.36
C VAL M 77 15.65 -31.26 22.64
N PRO M 78 16.35 -31.02 23.77
CA PRO M 78 17.52 -31.88 24.03
C PRO M 78 17.17 -33.32 24.32
N LEU M 79 15.94 -33.60 24.75
CA LEU M 79 15.53 -34.98 24.91
C LEU M 79 15.24 -35.64 23.57
N LEU M 80 14.78 -34.87 22.59
CA LEU M 80 14.55 -35.42 21.27
C LEU M 80 15.80 -35.52 20.44
N TYR M 81 16.91 -34.92 20.87
CA TYR M 81 18.17 -35.18 20.19
C TYR M 81 18.93 -36.35 20.79
N ASN M 82 18.34 -37.11 21.70
CA ASN M 82 18.87 -38.42 22.03
C ASN M 82 18.01 -39.54 21.51
N ALA M 83 16.71 -39.29 21.32
CA ALA M 83 15.91 -40.26 20.59
C ALA M 83 16.34 -40.30 19.13
N LEU M 84 16.89 -39.21 18.63
CA LEU M 84 17.38 -39.16 17.26
C LEU M 84 18.73 -39.83 17.11
N SER M 85 19.73 -39.35 17.82
CA SER M 85 21.09 -39.78 17.60
C SER M 85 21.40 -41.15 18.15
N SER M 86 20.48 -41.78 18.87
CA SER M 86 20.69 -43.13 19.32
C SER M 86 19.64 -44.10 18.81
N GLY M 87 18.70 -43.64 17.99
CA GLY M 87 17.73 -44.52 17.41
C GLY M 87 16.72 -45.07 18.38
N GLU M 88 16.43 -44.33 19.44
CA GLU M 88 15.48 -44.80 20.43
C GLU M 88 14.06 -44.68 19.90
N LYS M 89 13.32 -45.77 19.97
CA LYS M 89 11.93 -45.72 19.57
C LYS M 89 11.13 -44.97 20.63
N LEU M 90 10.01 -44.41 20.20
CA LEU M 90 9.13 -43.67 21.09
C LEU M 90 7.84 -44.45 21.19
N LYS M 91 7.39 -44.74 22.41
CA LYS M 91 6.26 -45.64 22.58
C LYS M 91 4.97 -45.05 22.04
N THR M 92 4.80 -43.73 22.17
CA THR M 92 3.59 -43.13 21.63
C THR M 92 3.83 -41.66 21.32
N VAL M 93 3.06 -41.15 20.37
CA VAL M 93 3.02 -39.74 20.00
C VAL M 93 1.58 -39.44 19.71
N GLU M 94 0.94 -38.62 20.54
CA GLU M 94 -0.48 -38.39 20.38
C GLU M 94 -0.70 -36.94 19.96
N LEU M 95 -0.67 -36.71 18.65
CA LEU M 95 -1.06 -35.42 18.12
C LEU M 95 -2.55 -35.21 18.35
N LYS M 96 -2.94 -33.97 18.65
CA LYS M 96 -4.33 -33.65 18.89
C LYS M 96 -4.67 -32.36 18.17
N TRP M 97 -5.50 -32.46 17.14
CA TRP M 97 -5.86 -31.30 16.33
C TRP M 97 -6.99 -30.55 17.02
N TYR M 98 -6.75 -29.33 17.45
CA TYR M 98 -7.82 -28.58 18.06
C TYR M 98 -8.56 -27.76 17.03
N ARG M 99 -9.77 -27.35 17.38
CA ARG M 99 -10.50 -26.36 16.61
C ARG M 99 -11.49 -25.70 17.54
N THR M 100 -11.98 -24.54 17.12
CA THR M 100 -12.92 -23.77 17.91
C THR M 100 -14.34 -24.17 17.54
N SER M 101 -15.07 -24.69 18.51
CA SER M 101 -16.39 -25.23 18.24
C SER M 101 -17.42 -24.10 18.24
N ILE M 102 -18.69 -24.47 18.20
CA ILE M 102 -19.76 -23.47 18.09
C ILE M 102 -19.98 -22.80 19.43
N GLU M 103 -19.97 -23.56 20.51
CA GLU M 103 -20.21 -23.01 21.84
C GLU M 103 -19.08 -22.14 22.34
N GLY M 104 -17.93 -22.14 21.67
CA GLY M 104 -16.84 -21.28 22.04
C GLY M 104 -15.72 -21.95 22.79
N LYS M 105 -15.59 -23.25 22.68
CA LYS M 105 -14.58 -23.96 23.45
C LYS M 105 -13.71 -24.77 22.52
N GLN M 106 -12.43 -24.84 22.83
CA GLN M 106 -11.50 -25.67 22.09
C GLN M 106 -11.85 -27.14 22.29
N GLU M 107 -11.66 -27.93 21.24
CA GLU M 107 -11.88 -29.36 21.36
C GLU M 107 -11.05 -30.07 20.31
N ASN M 108 -10.59 -31.27 20.64
CA ASN M 108 -9.88 -32.06 19.66
C ASN M 108 -10.90 -32.77 18.77
N PHE M 109 -10.90 -32.42 17.51
CA PHE M 109 -11.80 -33.09 16.59
C PHE M 109 -11.12 -34.24 15.88
N PHE M 110 -9.83 -34.45 16.11
CA PHE M 110 -9.06 -35.37 15.28
C PHE M 110 -7.76 -35.64 16.00
N THR M 111 -7.47 -36.90 16.30
CA THR M 111 -6.20 -37.26 16.92
C THR M 111 -5.52 -38.31 16.09
N THR M 112 -4.22 -38.17 15.88
CA THR M 112 -3.44 -39.15 15.13
C THR M 112 -2.43 -39.75 16.09
N LYS M 113 -2.79 -40.82 16.77
CA LYS M 113 -1.85 -41.48 17.66
C LYS M 113 -0.81 -42.23 16.85
N LEU M 114 0.11 -42.87 17.55
CA LEU M 114 1.29 -43.39 16.89
C LEU M 114 1.92 -44.42 17.80
N GLU M 115 2.29 -45.57 17.28
CA GLU M 115 3.04 -46.53 18.07
C GLU M 115 4.51 -46.30 17.80
N ASN M 116 5.36 -47.33 18.01
CA ASN M 116 6.82 -47.24 18.01
C ASN M 116 7.39 -46.45 16.86
N ALA M 117 7.99 -45.32 17.18
CA ALA M 117 8.22 -44.27 16.19
C ALA M 117 9.58 -43.63 16.45
N SER M 118 10.59 -44.05 15.69
CA SER M 118 11.87 -43.37 15.82
C SER M 118 11.80 -42.00 15.19
N ILE M 119 12.84 -41.22 15.40
CA ILE M 119 12.94 -39.88 14.81
C ILE M 119 13.90 -39.96 13.63
N VAL M 120 13.44 -39.53 12.46
CA VAL M 120 14.31 -39.57 11.29
C VAL M 120 15.26 -38.40 11.29
N ASP M 121 14.75 -37.18 11.30
CA ASP M 121 15.62 -36.03 11.39
C ASP M 121 14.93 -34.88 12.08
N ILE M 122 15.74 -33.94 12.56
CA ILE M 122 15.29 -32.76 13.27
C ILE M 122 15.98 -31.56 12.66
N HIS M 123 15.22 -30.60 12.18
CA HIS M 123 15.74 -29.47 11.42
C HIS M 123 15.58 -28.20 12.25
N CYS M 124 16.57 -27.94 13.10
CA CYS M 124 16.57 -26.74 13.94
C CYS M 124 17.08 -25.57 13.14
N GLU M 125 16.27 -24.51 13.04
CA GLU M 125 16.70 -23.30 12.35
C GLU M 125 16.19 -22.09 13.10
N MET M 126 16.72 -20.93 12.73
CA MET M 126 16.30 -19.67 13.27
C MET M 126 16.32 -18.68 12.10
N PRO M 127 15.27 -17.91 11.90
CA PRO M 127 15.25 -16.94 10.80
C PRO M 127 16.21 -15.80 11.06
N HIS M 128 16.43 -15.01 10.02
CA HIS M 128 17.46 -13.99 10.04
C HIS M 128 17.05 -12.84 10.94
N CYS M 129 17.94 -12.43 11.84
CA CYS M 129 17.58 -11.44 12.84
C CYS M 129 17.49 -10.04 12.26
N GLN M 130 18.23 -9.77 11.19
CA GLN M 130 18.13 -8.48 10.50
C GLN M 130 16.80 -8.31 9.78
N ASP M 131 16.17 -9.40 9.40
CA ASP M 131 15.02 -9.35 8.50
C ASP M 131 13.77 -9.00 9.29
N PRO M 132 13.07 -7.91 8.95
CA PRO M 132 11.87 -7.54 9.70
C PRO M 132 10.62 -8.32 9.31
N ALA M 133 10.64 -9.03 8.19
CA ALA M 133 9.48 -9.82 7.81
C ALA M 133 9.32 -11.06 8.68
N LYS M 134 10.41 -11.55 9.26
CA LYS M 134 10.39 -12.74 10.09
C LYS M 134 10.77 -12.38 11.52
N SER M 135 10.21 -11.28 12.03
CA SER M 135 10.52 -10.84 13.39
C SER M 135 9.65 -11.50 14.43
N ASP M 136 8.45 -11.94 14.07
CA ASP M 136 7.55 -12.56 15.02
C ASP M 136 7.94 -14.00 15.34
N PHE M 137 8.70 -14.64 14.46
CA PHE M 137 9.09 -16.03 14.69
C PHE M 137 10.18 -16.07 15.75
N THR M 138 10.27 -17.21 16.44
CA THR M 138 11.33 -17.38 17.43
C THR M 138 12.36 -18.41 16.98
N GLN M 139 11.95 -19.66 16.83
CA GLN M 139 12.77 -20.72 16.30
C GLN M 139 11.86 -21.69 15.57
N ASN M 140 12.47 -22.68 14.94
CA ASN M 140 11.72 -23.71 14.22
C ASN M 140 12.47 -25.01 14.39
N VAL M 141 11.92 -25.93 15.16
CA VAL M 141 12.51 -27.24 15.35
C VAL M 141 11.53 -28.25 14.77
N THR M 142 11.80 -28.69 13.54
CA THR M 142 10.89 -29.57 12.82
C THR M 142 11.32 -31.00 13.04
N VAL M 143 10.63 -31.70 13.92
CA VAL M 143 11.01 -33.06 14.30
C VAL M 143 10.24 -34.03 13.41
N SER M 144 10.95 -34.93 12.75
CA SER M 144 10.28 -35.92 11.93
C SER M 144 10.09 -37.22 12.70
N LEU M 145 9.20 -38.05 12.21
CA LEU M 145 8.91 -39.32 12.87
C LEU M 145 8.57 -40.34 11.80
N SER M 146 9.44 -41.29 11.56
CA SER M 146 8.97 -42.53 10.99
C SER M 146 8.37 -43.35 12.10
N TYR M 147 7.58 -44.37 11.75
CA TYR M 147 6.68 -44.96 12.73
C TYR M 147 6.22 -46.32 12.28
N ARG M 148 6.01 -47.22 13.24
CA ARG M 148 5.46 -48.52 12.90
C ARG M 148 3.97 -48.43 12.65
N LYS M 149 3.21 -48.06 13.66
CA LYS M 149 1.76 -48.11 13.62
C LYS M 149 1.19 -46.73 13.89
N ILE M 150 0.31 -46.28 13.01
CA ILE M 150 -0.36 -45.00 13.14
C ILE M 150 -1.86 -45.24 13.15
N THR M 151 -2.58 -44.49 13.98
CA THR M 151 -4.03 -44.61 14.07
C THR M 151 -4.64 -43.22 14.03
N TRP M 152 -5.19 -42.86 12.88
CA TRP M 152 -6.02 -41.67 12.81
C TRP M 152 -7.31 -41.92 13.56
N ASP M 153 -7.89 -40.84 14.10
CA ASP M 153 -9.10 -41.01 14.91
C ASP M 153 -9.82 -39.66 14.90
N HIS M 154 -10.94 -39.60 14.21
CA HIS M 154 -11.79 -38.42 14.30
C HIS M 154 -12.72 -38.59 15.49
N VAL M 155 -12.71 -37.62 16.40
CA VAL M 155 -13.41 -37.79 17.67
C VAL M 155 -14.87 -37.42 17.56
N ASN M 156 -15.19 -36.27 16.94
CA ASN M 156 -16.56 -35.80 16.90
C ASN M 156 -17.45 -36.58 15.95
N ALA M 157 -16.91 -37.46 15.12
CA ALA M 157 -17.72 -38.32 14.29
C ALA M 157 -17.36 -39.78 14.46
N GLY M 158 -16.43 -40.10 15.35
CA GLY M 158 -16.18 -41.47 15.75
C GLY M 158 -15.44 -42.34 14.77
N THR M 159 -15.13 -41.88 13.56
CA THR M 159 -14.40 -42.71 12.63
C THR M 159 -12.96 -42.90 13.08
N SER M 160 -12.35 -43.98 12.62
CA SER M 160 -10.98 -44.28 13.03
C SER M 160 -10.31 -45.11 11.97
N GLY M 161 -9.21 -44.61 11.44
CA GLY M 161 -8.41 -45.38 10.52
C GLY M 161 -7.23 -45.96 11.27
N SER M 162 -6.50 -46.88 10.65
CA SER M 162 -5.36 -47.49 11.30
C SER M 162 -4.46 -48.10 10.25
N ASP M 163 -3.16 -47.98 10.45
CA ASP M 163 -2.20 -48.72 9.67
C ASP M 163 -1.19 -49.35 10.62
N ASP M 164 -0.71 -50.53 10.25
CA ASP M 164 0.28 -51.17 11.10
C ASP M 164 1.13 -52.08 10.25
N TRP M 165 2.44 -52.02 10.47
CA TRP M 165 3.30 -53.02 9.88
C TRP M 165 3.22 -54.33 10.63
N ARG M 166 2.92 -54.28 11.92
CA ARG M 166 2.89 -55.48 12.74
C ARG M 166 1.73 -56.38 12.34
N LYS M 167 0.57 -55.80 12.07
CA LYS M 167 -0.63 -56.56 11.74
C LYS M 167 -1.26 -56.00 10.47
N PRO M 168 -0.74 -56.35 9.31
CA PRO M 168 -1.41 -55.97 8.07
C PRO M 168 -2.67 -56.79 7.92
N ILE M 169 -3.56 -56.34 7.04
CA ILE M 169 -4.93 -56.82 7.07
C ILE M 169 -4.97 -58.21 6.44
N GLU M 170 -4.89 -59.22 7.29
CA GLU M 170 -4.74 -60.66 7.04
C GLU M 170 -3.79 -61.09 5.90
N GLY N 1 -2.45 -114.97 74.21
CA GLY N 1 -1.71 -113.86 73.63
C GLY N 1 -1.00 -114.24 72.34
N SER N 2 -1.62 -115.11 71.56
CA SER N 2 -1.03 -115.53 70.29
C SER N 2 -1.09 -114.45 69.23
N LEU N 3 -2.03 -113.50 69.35
CA LEU N 3 -2.07 -112.38 68.42
C LEU N 3 -0.90 -111.43 68.63
N LEU N 4 -0.41 -111.32 69.86
CA LEU N 4 0.81 -110.56 70.11
C LEU N 4 2.03 -111.29 69.57
N ASP N 5 1.97 -112.62 69.50
CA ASP N 5 3.08 -113.39 68.94
C ASP N 5 3.18 -113.20 67.42
N GLU N 6 2.05 -112.97 66.75
CA GLU N 6 2.09 -112.72 65.32
C GLU N 6 2.62 -111.33 65.00
N ILE N 7 2.43 -110.38 65.90
CA ILE N 7 2.98 -109.04 65.69
C ILE N 7 4.48 -109.04 65.95
N MET N 8 4.92 -109.74 67.01
CA MET N 8 6.35 -109.82 67.32
C MET N 8 7.12 -110.67 66.31
N ALA N 9 6.48 -111.66 65.70
CA ALA N 9 7.12 -112.38 64.60
C ALA N 9 7.14 -111.57 63.33
N GLN N 10 6.24 -110.60 63.20
CA GLN N 10 6.24 -109.67 62.06
C GLN N 10 7.28 -108.60 62.34
N THR N 11 8.47 -108.76 61.74
CA THR N 11 9.63 -107.94 62.09
C THR N 11 9.55 -106.51 61.58
N ARG N 12 8.56 -106.17 60.75
CA ARG N 12 8.42 -104.81 60.26
C ARG N 12 7.90 -103.86 61.33
N ILE N 13 7.00 -104.32 62.20
CA ILE N 13 6.43 -103.49 63.27
C ILE N 13 6.34 -104.30 64.56
N ALA N 14 7.44 -104.99 64.91
CA ALA N 14 7.40 -105.89 66.05
C ALA N 14 7.41 -105.18 67.40
N PRO N 15 8.45 -104.34 67.79
CA PRO N 15 8.55 -103.99 69.21
C PRO N 15 7.69 -102.81 69.65
N SER N 16 6.43 -102.77 69.18
CA SER N 16 5.39 -101.82 69.62
C SER N 16 5.83 -100.36 69.47
N GLU N 17 6.12 -99.97 68.23
CA GLU N 17 6.64 -98.64 67.96
C GLU N 17 5.63 -97.75 67.23
N GLU N 18 5.15 -98.18 66.07
CA GLU N 18 4.22 -97.38 65.28
C GLU N 18 3.42 -98.29 64.36
N GLY N 19 2.11 -98.10 64.34
CA GLY N 19 1.25 -98.89 63.48
C GLY N 19 0.94 -100.28 63.99
N TYR N 20 1.16 -100.56 65.27
CA TYR N 20 0.88 -101.88 65.82
C TYR N 20 -0.56 -102.05 66.25
N ASP N 21 -1.30 -100.95 66.44
CA ASP N 21 -2.72 -101.05 66.76
C ASP N 21 -3.58 -101.13 65.51
N ILE N 22 -3.10 -100.59 64.39
CA ILE N 22 -3.84 -100.67 63.14
C ILE N 22 -3.72 -102.06 62.52
N ALA N 23 -2.50 -102.61 62.50
CA ALA N 23 -2.28 -103.94 61.96
C ALA N 23 -2.87 -105.04 62.82
N LYS N 24 -3.03 -104.79 64.12
CA LYS N 24 -3.76 -105.73 64.98
C LYS N 24 -5.23 -105.78 64.61
N LYS N 25 -5.80 -104.64 64.21
CA LYS N 25 -7.17 -104.62 63.70
C LYS N 25 -7.27 -105.25 62.32
N GLY N 26 -6.17 -105.34 61.58
CA GLY N 26 -6.18 -105.95 60.27
C GLY N 26 -6.22 -107.46 60.30
N VAL N 27 -5.50 -108.05 61.25
CA VAL N 27 -5.49 -109.50 61.40
C VAL N 27 -6.84 -110.00 61.90
N ALA N 28 -7.39 -109.33 62.93
CA ALA N 28 -8.62 -109.80 63.56
C ALA N 28 -9.84 -109.61 62.68
N ALA N 29 -9.80 -108.65 61.76
CA ALA N 29 -10.94 -108.45 60.86
C ALA N 29 -10.98 -109.51 59.76
N PHE N 30 -9.82 -109.99 59.32
CA PHE N 30 -9.79 -110.96 58.22
C PHE N 30 -10.20 -112.35 58.69
N ILE N 31 -9.96 -112.67 59.96
CA ILE N 31 -10.31 -113.99 60.48
C ILE N 31 -11.83 -114.12 60.65
N GLU N 32 -12.51 -112.99 60.94
CA GLU N 32 -13.95 -113.02 61.15
C GLU N 32 -14.72 -113.30 59.87
N ASN N 33 -14.16 -112.96 58.71
CA ASN N 33 -14.76 -113.25 57.43
C ASN N 33 -14.13 -114.46 56.74
N LEU N 34 -13.10 -115.06 57.35
CA LEU N 34 -12.41 -116.20 56.74
C LEU N 34 -13.25 -117.48 56.78
N MET N 35 -14.21 -117.57 57.70
CA MET N 35 -14.96 -118.81 57.90
C MET N 35 -15.96 -119.09 56.79
N GLY N 36 -16.19 -118.15 55.86
CA GLY N 36 -17.03 -118.44 54.71
C GLY N 36 -16.38 -119.37 53.72
N SER N 37 -15.05 -119.36 53.65
CA SER N 37 -14.31 -120.26 52.76
C SER N 37 -12.93 -120.47 53.38
N GLN N 38 -12.70 -121.65 53.95
CA GLN N 38 -11.44 -121.95 54.61
C GLN N 38 -10.36 -122.25 53.58
N HIS N 39 -9.25 -121.52 53.66
CA HIS N 39 -8.12 -121.73 52.76
C HIS N 39 -6.87 -121.22 53.45
N SER N 40 -5.73 -121.89 53.19
CA SER N 40 -4.46 -121.58 53.84
C SER N 40 -3.36 -121.41 52.78
N ALA N 41 -3.27 -120.20 52.22
CA ALA N 41 -2.22 -119.83 51.29
C ALA N 41 -2.21 -118.31 51.17
N GLU N 42 -1.04 -117.70 51.41
CA GLU N 42 -0.93 -116.24 51.34
C GLU N 42 -1.22 -115.63 49.96
N PRO N 43 -0.73 -116.15 48.81
CA PRO N 43 -1.07 -115.47 47.55
C PRO N 43 -2.53 -115.64 47.13
N VAL N 44 -3.18 -116.72 47.55
CA VAL N 44 -4.62 -116.80 47.37
C VAL N 44 -5.31 -115.85 48.35
N ASN N 45 -4.74 -115.71 49.55
CA ASN N 45 -5.25 -114.72 50.51
C ASN N 45 -5.02 -113.30 50.03
N LYS N 46 -3.96 -113.05 49.25
CA LYS N 46 -3.82 -111.75 48.61
C LYS N 46 -4.90 -111.52 47.57
N SER N 47 -5.45 -112.60 47.00
CA SER N 47 -6.66 -112.48 46.22
C SER N 47 -7.90 -112.53 47.09
N LEU N 48 -7.86 -113.27 48.20
CA LEU N 48 -9.02 -113.33 49.09
C LEU N 48 -9.21 -112.05 49.87
N VAL N 49 -8.14 -111.29 50.13
CA VAL N 49 -8.29 -109.93 50.62
C VAL N 49 -8.97 -109.07 49.56
N ASP N 50 -8.53 -109.21 48.31
CA ASP N 50 -9.15 -108.47 47.20
C ASP N 50 -10.57 -108.94 46.93
N GLN N 51 -10.87 -110.23 47.16
CA GLN N 51 -12.24 -110.69 47.04
C GLN N 51 -13.09 -110.27 48.23
N MET N 52 -12.48 -109.83 49.33
CA MET N 52 -13.20 -109.16 50.40
C MET N 52 -13.20 -107.64 50.25
N LEU N 53 -12.56 -107.11 49.21
CA LEU N 53 -12.64 -105.69 48.89
C LEU N 53 -13.64 -105.40 47.78
N VAL N 54 -13.77 -106.33 46.82
CA VAL N 54 -14.77 -106.16 45.77
C VAL N 54 -16.17 -106.32 46.33
N GLU N 55 -16.36 -107.30 47.22
CA GLU N 55 -17.65 -107.46 47.88
C GLU N 55 -17.89 -106.35 48.89
N LEU N 56 -16.84 -105.74 49.42
CA LEU N 56 -16.98 -104.58 50.30
C LEU N 56 -17.40 -103.34 49.52
N ASP N 57 -16.84 -103.14 48.33
CA ASP N 57 -17.20 -102.00 47.50
C ASP N 57 -18.61 -102.14 46.93
N LYS N 58 -19.13 -103.36 46.82
CA LYS N 58 -20.54 -103.53 46.50
C LYS N 58 -21.42 -103.10 47.66
N LYS N 59 -20.91 -103.17 48.89
CA LYS N 59 -21.68 -102.70 50.03
C LYS N 59 -21.57 -101.20 50.21
N ILE N 60 -20.43 -100.60 49.86
CA ILE N 60 -20.23 -99.18 50.15
C ILE N 60 -20.77 -98.32 49.01
N SER N 61 -20.43 -98.67 47.76
CA SER N 61 -20.84 -97.83 46.64
C SER N 61 -22.34 -97.92 46.38
N ALA N 62 -22.99 -99.00 46.80
CA ALA N 62 -24.45 -99.03 46.73
C ALA N 62 -25.07 -98.15 47.80
N GLN N 63 -24.34 -97.87 48.88
CA GLN N 63 -24.81 -96.89 49.86
C GLN N 63 -24.47 -95.48 49.43
N MET N 64 -23.31 -95.28 48.82
CA MET N 64 -22.92 -93.96 48.33
C MET N 64 -23.55 -93.62 46.99
N ASP N 65 -24.32 -94.50 46.39
CA ASP N 65 -25.27 -94.11 45.36
C ASP N 65 -26.65 -93.86 45.93
N GLU N 66 -26.78 -93.86 47.25
CA GLU N 66 -28.03 -93.53 47.90
C GLU N 66 -27.91 -92.38 48.89
N ILE N 67 -26.74 -92.17 49.49
CA ILE N 67 -26.52 -90.94 50.22
C ILE N 67 -26.36 -89.78 49.25
N LEU N 68 -25.73 -90.03 48.11
CA LEU N 68 -25.83 -89.12 46.98
C LEU N 68 -27.15 -89.39 46.25
N HIS N 69 -27.38 -88.66 45.15
CA HIS N 69 -28.50 -88.88 44.22
C HIS N 69 -29.86 -88.70 44.90
N ASN N 70 -29.91 -87.90 45.96
CA ASN N 70 -31.13 -87.65 46.70
C ASN N 70 -31.70 -86.30 46.28
N SER N 71 -33.03 -86.17 46.37
CA SER N 71 -33.70 -84.96 45.88
C SER N 71 -33.38 -83.75 46.74
N GLN N 72 -33.02 -83.95 48.00
CA GLN N 72 -32.53 -82.85 48.83
C GLN N 72 -31.06 -82.58 48.58
N PHE N 73 -30.28 -83.62 48.31
CA PHE N 73 -28.84 -83.44 48.11
C PHE N 73 -28.53 -82.91 46.71
N GLN N 74 -29.05 -83.60 45.67
CA GLN N 74 -28.68 -83.29 44.29
C GLN N 74 -29.20 -81.93 43.84
N ALA N 75 -30.40 -81.55 44.29
CA ALA N 75 -30.93 -80.22 43.96
C ALA N 75 -30.17 -79.13 44.70
N MET N 76 -29.57 -79.44 45.84
CA MET N 76 -28.69 -78.53 46.55
C MET N 76 -27.23 -78.76 46.22
N GLU N 77 -26.91 -79.70 45.34
CA GLU N 77 -25.57 -79.81 44.80
C GLU N 77 -25.45 -79.12 43.45
N SER N 78 -26.46 -79.29 42.59
CA SER N 78 -26.46 -78.62 41.29
C SER N 78 -26.61 -77.11 41.43
N ALA N 79 -27.35 -76.67 42.44
CA ALA N 79 -27.52 -75.25 42.68
C ALA N 79 -26.29 -74.61 43.31
N TRP N 80 -25.30 -75.40 43.73
CA TRP N 80 -24.12 -74.89 44.37
C TRP N 80 -22.83 -75.22 43.63
N ARG N 81 -22.71 -76.41 43.06
CA ARG N 81 -21.55 -76.69 42.20
C ARG N 81 -21.69 -75.97 40.86
N GLY N 82 -22.92 -75.75 40.41
CA GLY N 82 -23.15 -74.91 39.25
C GLY N 82 -22.77 -73.46 39.45
N LEU N 83 -22.77 -72.98 40.69
CA LEU N 83 -22.19 -71.68 40.98
C LEU N 83 -20.69 -71.69 40.80
N LYS N 84 -20.03 -72.79 41.16
CA LYS N 84 -18.59 -72.90 40.99
C LYS N 84 -18.20 -72.89 39.51
N LEU N 85 -19.06 -73.43 38.65
CA LEU N 85 -18.86 -73.29 37.22
C LEU N 85 -19.07 -71.85 36.76
N PHE N 86 -19.81 -71.04 37.51
CA PHE N 86 -19.91 -69.63 37.18
C PHE N 86 -18.79 -68.82 37.82
N VAL N 87 -18.15 -69.32 38.87
CA VAL N 87 -17.05 -68.60 39.48
C VAL N 87 -15.73 -68.92 38.78
N ASP N 88 -15.54 -70.17 38.36
CA ASP N 88 -14.25 -70.57 37.78
C ASP N 88 -14.04 -70.02 36.37
N ARG N 89 -15.11 -69.82 35.62
CA ARG N 89 -14.95 -69.37 34.23
C ARG N 89 -14.77 -67.86 34.14
N THR N 90 -15.50 -67.10 34.94
CA THR N 90 -15.51 -65.65 34.83
C THR N 90 -14.25 -65.07 35.47
N ASP N 91 -13.56 -64.22 34.72
CA ASP N 91 -12.28 -63.68 35.19
C ASP N 91 -12.59 -62.48 36.08
N PHE N 92 -12.43 -62.68 37.40
CA PHE N 92 -12.70 -61.62 38.35
C PHE N 92 -11.63 -60.54 38.36
N ARG N 93 -10.47 -60.79 37.74
CA ARG N 93 -9.50 -59.72 37.58
C ARG N 93 -9.93 -58.70 36.54
N GLU N 94 -10.77 -59.10 35.59
CA GLU N 94 -11.21 -58.20 34.53
C GLU N 94 -12.53 -57.52 34.86
N ASN N 95 -12.59 -56.92 36.06
CA ASN N 95 -13.69 -56.07 36.53
C ASN N 95 -15.04 -56.81 36.50
N ASN N 96 -15.14 -57.84 37.33
CA ASN N 96 -16.37 -58.60 37.46
C ASN N 96 -16.61 -58.92 38.92
N LYS N 97 -17.85 -58.76 39.36
CA LYS N 97 -18.27 -59.20 40.69
C LYS N 97 -19.60 -59.89 40.56
N VAL N 98 -19.91 -60.75 41.52
CA VAL N 98 -21.18 -61.47 41.50
C VAL N 98 -21.73 -61.58 42.91
N GLU N 99 -22.97 -61.14 43.10
CA GLU N 99 -23.63 -61.23 44.38
C GLU N 99 -24.44 -62.51 44.46
N ILE N 100 -24.56 -63.04 45.68
CA ILE N 100 -25.20 -64.31 45.95
C ILE N 100 -26.33 -64.08 46.93
N LEU N 101 -27.56 -64.33 46.50
CA LEU N 101 -28.74 -64.10 47.33
C LEU N 101 -29.45 -65.41 47.60
N HIS N 102 -29.66 -65.72 48.89
CA HIS N 102 -30.42 -66.89 49.31
C HIS N 102 -31.89 -66.51 49.38
N VAL N 103 -32.66 -66.90 48.38
CA VAL N 103 -34.10 -66.94 48.49
C VAL N 103 -34.53 -68.37 48.24
N THR N 104 -35.80 -68.64 48.40
CA THR N 104 -36.41 -69.79 47.76
C THR N 104 -37.48 -69.30 46.80
N LYS N 105 -37.79 -70.14 45.82
CA LYS N 105 -38.67 -69.73 44.73
C LYS N 105 -40.10 -69.50 45.22
N ASP N 106 -40.53 -70.21 46.25
CA ASP N 106 -41.84 -69.96 46.82
C ASP N 106 -41.84 -68.74 47.72
N GLU N 107 -40.69 -68.38 48.29
CA GLU N 107 -40.61 -67.18 49.12
C GLU N 107 -40.67 -65.93 48.27
N LEU N 108 -40.18 -66.01 47.03
CA LEU N 108 -39.98 -64.79 46.24
C LEU N 108 -41.30 -64.23 45.74
N LEU N 109 -42.23 -65.10 45.34
CA LEU N 109 -43.55 -64.62 44.93
C LEU N 109 -44.32 -64.06 46.12
N GLU N 110 -44.15 -64.66 47.30
CA GLU N 110 -44.73 -64.12 48.52
C GLU N 110 -44.15 -62.75 48.86
N ASP N 111 -42.88 -62.53 48.54
CA ASP N 111 -42.25 -61.24 48.76
C ASP N 111 -42.73 -60.18 47.78
N PHE N 112 -43.18 -60.58 46.59
CA PHE N 112 -43.87 -59.65 45.72
C PHE N 112 -45.33 -59.48 46.10
N GLU N 113 -45.91 -60.48 46.75
CA GLU N 113 -47.22 -60.32 47.38
C GLU N 113 -47.11 -59.52 48.67
N PHE N 114 -45.91 -59.43 49.24
CA PHE N 114 -45.67 -58.68 50.47
C PHE N 114 -45.90 -57.19 50.27
N ALA N 115 -45.26 -56.61 49.27
CA ALA N 115 -45.39 -55.17 49.05
C ALA N 115 -46.56 -54.88 48.11
N PRO N 116 -47.24 -53.74 48.31
CA PRO N 116 -48.33 -53.37 47.39
C PRO N 116 -47.84 -52.96 46.02
N GLU N 117 -46.58 -52.55 45.89
CA GLU N 117 -46.02 -52.14 44.62
C GLU N 117 -44.64 -52.79 44.48
N THR N 118 -44.26 -53.12 43.25
CA THR N 118 -42.95 -53.70 42.97
C THR N 118 -41.80 -52.77 43.34
N ALA N 119 -42.05 -51.46 43.39
CA ALA N 119 -41.06 -50.47 43.80
C ALA N 119 -40.92 -50.38 45.31
N GLN N 120 -41.54 -51.26 46.08
CA GLN N 120 -41.31 -51.34 47.52
C GLN N 120 -41.03 -52.77 47.97
N SER N 121 -40.70 -53.67 47.05
CA SER N 121 -40.53 -55.08 47.38
C SER N 121 -39.20 -55.29 48.10
N GLY N 122 -38.98 -56.54 48.53
CA GLY N 122 -37.71 -56.89 49.14
C GLY N 122 -36.66 -57.27 48.14
N LEU N 123 -37.07 -57.79 46.98
CA LEU N 123 -36.10 -58.04 45.92
C LEU N 123 -35.70 -56.76 45.21
N TYR N 124 -36.61 -55.77 45.18
CA TYR N 124 -36.29 -54.46 44.66
C TYR N 124 -35.24 -53.75 45.49
N LYS N 125 -35.11 -54.10 46.76
CA LYS N 125 -34.06 -53.53 47.58
C LYS N 125 -32.69 -54.05 47.18
N HIS N 126 -32.60 -55.31 46.80
CA HIS N 126 -31.30 -55.89 46.50
C HIS N 126 -30.90 -55.74 45.04
N VAL N 127 -31.87 -55.60 44.14
CA VAL N 127 -31.54 -55.42 42.73
C VAL N 127 -31.31 -53.96 42.41
N TYR N 128 -32.22 -53.09 42.85
CA TYR N 128 -32.17 -51.68 42.49
C TYR N 128 -31.39 -50.86 43.52
N SER N 129 -31.88 -50.83 44.77
CA SER N 129 -31.44 -49.79 45.69
C SER N 129 -30.10 -50.09 46.34
N ALA N 130 -29.80 -51.35 46.63
CA ALA N 130 -28.49 -51.65 47.20
C ALA N 130 -27.40 -51.65 46.15
N GLY N 131 -27.77 -51.71 44.89
CA GLY N 131 -26.83 -51.70 43.79
C GLY N 131 -26.92 -50.42 42.99
N TYR N 132 -27.75 -50.49 41.95
CA TYR N 132 -27.90 -49.42 40.96
C TYR N 132 -28.38 -48.12 41.58
N GLY N 133 -29.43 -48.17 42.39
CA GLY N 133 -29.94 -46.96 43.01
C GLY N 133 -29.18 -46.59 44.26
N GLN N 134 -27.89 -46.29 44.12
CA GLN N 134 -27.01 -46.06 45.25
C GLN N 134 -25.86 -45.20 44.79
N PHE N 135 -25.52 -44.18 45.56
CA PHE N 135 -24.40 -43.32 45.22
C PHE N 135 -23.10 -44.10 45.37
N GLY N 136 -22.41 -44.31 44.26
CA GLY N 136 -21.15 -45.02 44.24
C GLY N 136 -21.25 -46.53 44.19
N GLY N 137 -22.42 -47.10 44.45
CA GLY N 137 -22.56 -48.53 44.43
C GLY N 137 -22.53 -49.08 43.02
N GLU N 138 -21.98 -50.28 42.89
CA GLU N 138 -21.88 -50.92 41.59
C GLU N 138 -23.26 -51.41 41.14
N PRO N 139 -23.66 -51.16 39.91
CA PRO N 139 -25.01 -51.49 39.48
C PRO N 139 -25.09 -52.92 38.95
N VAL N 140 -26.32 -53.41 38.83
CA VAL N 140 -26.59 -54.81 38.56
C VAL N 140 -26.74 -55.02 37.06
N GLY N 141 -25.94 -55.93 36.51
CA GLY N 141 -26.01 -56.23 35.10
C GLY N 141 -27.14 -57.18 34.74
N ALA N 142 -27.24 -58.31 35.44
CA ALA N 142 -28.27 -59.29 35.13
C ALA N 142 -28.59 -60.10 36.38
N ILE N 143 -29.76 -60.71 36.38
CA ILE N 143 -30.22 -61.53 37.49
C ILE N 143 -30.29 -62.99 37.02
N ILE N 144 -29.43 -63.83 37.58
CA ILE N 144 -29.48 -65.25 37.28
C ILE N 144 -30.59 -65.87 38.11
N GLY N 145 -31.59 -66.43 37.44
CA GLY N 145 -32.63 -67.15 38.13
C GLY N 145 -32.34 -68.64 38.16
N ASN N 146 -32.09 -69.18 39.34
CA ASN N 146 -31.74 -70.59 39.50
C ASN N 146 -33.01 -71.41 39.73
N TYR N 147 -33.96 -71.24 38.81
CA TYR N 147 -35.34 -71.68 38.99
C TYR N 147 -35.72 -72.68 37.91
N ALA N 148 -36.89 -73.27 38.09
CA ALA N 148 -37.47 -74.18 37.11
C ALA N 148 -38.91 -73.74 36.91
N PHE N 149 -39.16 -72.99 35.84
CA PHE N 149 -40.44 -72.32 35.67
C PHE N 149 -41.47 -73.24 35.04
N THR N 150 -42.65 -73.23 35.60
CA THR N 150 -43.87 -73.81 35.09
C THR N 150 -44.67 -72.75 34.35
N PRO N 151 -45.66 -73.12 33.54
CA PRO N 151 -46.53 -72.09 32.97
C PRO N 151 -47.73 -71.75 33.82
N SER N 152 -47.72 -72.14 35.09
CA SER N 152 -48.86 -71.92 35.97
C SER N 152 -48.91 -70.48 36.44
N THR N 153 -49.99 -70.14 37.13
CA THR N 153 -50.23 -68.82 37.68
C THR N 153 -49.22 -68.39 38.76
N PRO N 154 -48.74 -69.25 39.68
CA PRO N 154 -47.65 -68.77 40.56
C PRO N 154 -46.29 -68.62 39.90
N ASP N 155 -46.14 -68.90 38.60
CA ASP N 155 -44.91 -68.63 37.88
C ASP N 155 -45.07 -67.65 36.73
N MET N 156 -46.29 -67.31 36.35
CA MET N 156 -46.50 -66.18 35.46
C MET N 156 -46.80 -64.91 36.24
N LYS N 157 -47.15 -65.02 37.52
CA LYS N 157 -47.24 -63.84 38.37
C LYS N 157 -45.87 -63.40 38.82
N LEU N 158 -44.94 -64.35 38.96
CA LEU N 158 -43.57 -63.99 39.31
C LEU N 158 -42.89 -63.25 38.17
N LEU N 159 -43.01 -63.76 36.95
CA LEU N 159 -42.33 -63.15 35.82
C LEU N 159 -42.96 -61.82 35.43
N GLN N 160 -44.24 -61.62 35.72
CA GLN N 160 -44.82 -60.31 35.56
C GLN N 160 -44.23 -59.32 36.54
N TYR N 161 -43.87 -59.79 37.72
CA TYR N 161 -43.21 -58.98 38.74
C TYR N 161 -41.70 -59.03 38.63
N MET N 162 -41.15 -59.77 37.68
CA MET N 162 -39.72 -59.68 37.37
C MET N 162 -39.45 -58.90 36.10
N GLY N 163 -40.41 -58.85 35.18
CA GLY N 163 -40.28 -57.96 34.05
C GLY N 163 -40.42 -56.50 34.45
N ALA N 164 -41.27 -56.22 35.44
CA ALA N 164 -41.37 -54.87 35.96
C ALA N 164 -40.18 -54.50 36.81
N LEU N 165 -39.58 -55.47 37.50
CA LEU N 165 -38.34 -55.20 38.22
C LEU N 165 -37.18 -55.01 37.27
N GLY N 166 -37.15 -55.80 36.18
CA GLY N 166 -36.09 -55.66 35.20
C GLY N 166 -36.18 -54.38 34.38
N ALA N 167 -37.35 -53.78 34.31
CA ALA N 167 -37.49 -52.52 33.60
C ALA N 167 -37.20 -51.31 34.48
N MET N 168 -37.02 -51.53 35.78
CA MET N 168 -36.65 -50.42 36.66
C MET N 168 -35.16 -50.34 36.90
N ALA N 169 -34.49 -51.47 37.08
CA ALA N 169 -33.06 -51.49 37.33
C ALA N 169 -32.24 -51.74 36.08
N HIS N 170 -32.90 -51.86 34.92
CA HIS N 170 -32.28 -52.08 33.61
C HIS N 170 -31.42 -53.34 33.60
N ALA N 171 -31.96 -54.42 34.11
CA ALA N 171 -31.21 -55.66 34.16
C ALA N 171 -32.14 -56.81 33.81
N PRO N 172 -31.86 -57.57 32.76
CA PRO N 172 -32.75 -58.67 32.39
C PRO N 172 -32.60 -59.84 33.35
N PHE N 173 -33.73 -60.48 33.63
CA PHE N 173 -33.78 -61.63 34.52
C PHE N 173 -33.69 -62.90 33.68
N ILE N 174 -32.57 -63.60 33.80
CA ILE N 174 -32.34 -64.83 33.05
C ILE N 174 -32.55 -66.03 33.97
N SER N 175 -33.40 -66.95 33.53
CA SER N 175 -33.73 -68.17 34.26
C SER N 175 -34.02 -69.25 33.22
N SER N 176 -34.65 -70.33 33.63
CA SER N 176 -34.92 -71.41 32.69
C SER N 176 -36.32 -71.96 32.90
N VAL N 177 -36.87 -72.51 31.82
CA VAL N 177 -38.11 -73.24 31.88
C VAL N 177 -37.80 -74.70 32.14
N GLY N 178 -38.79 -75.42 32.66
CA GLY N 178 -38.61 -76.80 33.00
C GLY N 178 -39.09 -77.74 31.91
N PRO N 179 -38.97 -79.05 32.16
CA PRO N 179 -39.59 -80.02 31.25
C PRO N 179 -41.09 -79.88 31.20
N GLU N 180 -41.72 -79.68 32.36
CA GLU N 180 -43.16 -79.53 32.45
C GLU N 180 -43.68 -78.24 31.83
N PHE N 181 -42.79 -77.31 31.48
CA PHE N 181 -43.21 -76.12 30.75
C PHE N 181 -43.68 -76.49 29.36
N PHE N 182 -42.97 -77.40 28.70
CA PHE N 182 -43.39 -77.85 27.38
C PHE N 182 -44.46 -78.91 27.43
N GLY N 183 -44.74 -79.47 28.61
CA GLY N 183 -45.76 -80.49 28.75
C GLY N 183 -45.30 -81.86 28.34
N ILE N 184 -44.11 -82.27 28.79
CA ILE N 184 -43.56 -83.57 28.45
C ILE N 184 -43.23 -84.41 29.66
N ASP N 185 -43.02 -83.82 30.85
CA ASP N 185 -42.86 -84.47 32.15
C ASP N 185 -41.62 -85.36 32.27
N SER N 186 -40.80 -85.41 31.21
CA SER N 186 -39.56 -86.17 31.13
C SER N 186 -38.85 -85.60 29.92
N PHE N 187 -37.60 -85.17 30.07
CA PHE N 187 -37.10 -84.15 29.16
C PHE N 187 -36.59 -84.70 27.83
N GLU N 188 -36.08 -85.92 27.79
CA GLU N 188 -35.39 -86.40 26.59
C GLU N 188 -36.32 -86.70 25.41
N GLU N 189 -37.62 -86.44 25.53
CA GLU N 189 -38.55 -86.55 24.42
C GLU N 189 -38.87 -85.19 23.81
N LEU N 190 -37.93 -84.27 23.83
CA LEU N 190 -38.17 -82.96 23.21
C LEU N 190 -38.03 -82.95 21.68
N PRO N 191 -37.05 -83.60 21.03
CA PRO N 191 -37.08 -83.63 19.56
C PRO N 191 -38.22 -84.43 18.97
N ASN N 192 -38.93 -85.23 19.77
CA ASN N 192 -40.09 -85.94 19.27
C ASN N 192 -41.25 -84.99 19.01
N ILE N 193 -41.21 -83.77 19.55
CA ILE N 193 -42.24 -82.78 19.29
C ILE N 193 -42.17 -82.36 17.83
N LYS N 194 -43.25 -82.62 17.10
CA LYS N 194 -43.27 -82.38 15.66
C LYS N 194 -43.88 -81.02 15.29
N ASP N 195 -44.54 -80.35 16.24
CA ASP N 195 -45.05 -79.01 15.99
C ASP N 195 -45.09 -78.29 17.33
N LEU N 196 -44.11 -77.43 17.56
CA LEU N 196 -44.00 -76.69 18.81
C LEU N 196 -44.68 -75.33 18.73
N LYS N 197 -45.00 -74.87 17.53
CA LYS N 197 -45.74 -73.61 17.38
C LYS N 197 -47.18 -73.77 17.86
N SER N 198 -47.80 -74.91 17.58
CA SER N 198 -49.18 -75.13 18.01
C SER N 198 -49.28 -75.44 19.49
N THR N 199 -48.18 -75.88 20.11
CA THR N 199 -48.20 -76.16 21.55
C THR N 199 -48.36 -74.87 22.34
N PHE N 200 -47.73 -73.79 21.87
CA PHE N 200 -47.76 -72.52 22.59
C PHE N 200 -49.04 -71.73 22.35
N GLU N 201 -49.87 -72.14 21.40
CA GLU N 201 -51.17 -71.51 21.15
C GLU N 201 -52.32 -72.29 21.76
N SER N 202 -52.08 -72.90 22.95
CA SER N 202 -52.97 -73.64 23.83
C SER N 202 -53.54 -72.74 24.91
N PRO N 203 -54.76 -73.00 25.38
CA PRO N 203 -55.34 -72.16 26.44
C PRO N 203 -54.72 -72.35 27.81
N LYS N 204 -53.79 -73.30 27.98
CA LYS N 204 -53.03 -73.36 29.22
C LYS N 204 -52.05 -72.20 29.32
N TYR N 205 -51.66 -71.64 28.18
CA TYR N 205 -50.63 -70.60 28.11
C TYR N 205 -51.24 -69.22 27.88
N THR N 206 -52.40 -68.92 28.46
CA THR N 206 -52.97 -67.59 28.31
C THR N 206 -52.20 -66.58 29.15
N LYS N 207 -51.65 -67.02 30.29
CA LYS N 207 -50.77 -66.18 31.08
C LYS N 207 -49.33 -66.18 30.59
N TRP N 208 -49.04 -66.89 29.50
CA TRP N 208 -47.76 -66.83 28.81
C TRP N 208 -47.83 -65.91 27.60
N ARG N 209 -48.84 -66.07 26.75
CA ARG N 209 -48.98 -65.24 25.58
C ARG N 209 -49.41 -63.82 25.91
N SER N 210 -49.91 -63.59 27.12
CA SER N 210 -50.13 -62.22 27.58
C SER N 210 -48.89 -61.66 28.26
N LEU N 211 -48.01 -62.51 28.77
CA LEU N 211 -46.72 -62.04 29.25
C LEU N 211 -45.84 -61.59 28.11
N ARG N 212 -45.89 -62.31 26.98
CA ARG N 212 -45.01 -62.01 25.85
C ARG N 212 -45.37 -60.69 25.20
N GLU N 213 -46.66 -60.37 25.12
CA GLU N 213 -47.08 -59.12 24.50
C GLU N 213 -46.77 -57.90 25.35
N SER N 214 -46.47 -58.09 26.63
CA SER N 214 -46.29 -56.97 27.55
C SER N 214 -45.00 -56.22 27.26
N GLU N 215 -44.97 -54.96 27.68
CA GLU N 215 -43.86 -54.08 27.35
C GLU N 215 -42.62 -54.38 28.19
N ASP N 216 -42.81 -54.66 29.48
CA ASP N 216 -41.68 -54.92 30.35
C ASP N 216 -41.16 -56.36 30.26
N ALA N 217 -41.67 -57.16 29.33
CA ALA N 217 -41.14 -58.50 29.10
C ALA N 217 -39.81 -58.48 28.37
N ARG N 218 -39.37 -57.30 27.92
CA ARG N 218 -38.12 -57.13 27.21
C ARG N 218 -36.93 -57.51 28.07
N TYR N 219 -37.07 -57.42 29.39
CA TYR N 219 -36.01 -57.72 30.35
C TYR N 219 -36.19 -59.11 30.96
N LEU N 220 -36.64 -60.07 30.15
CA LEU N 220 -36.85 -61.43 30.62
C LEU N 220 -36.40 -62.39 29.53
N GLY N 221 -35.28 -63.06 29.74
CA GLY N 221 -34.86 -64.17 28.90
C GLY N 221 -34.99 -65.47 29.69
N LEU N 222 -35.47 -66.51 29.03
CA LEU N 222 -35.61 -67.82 29.66
C LEU N 222 -34.80 -68.83 28.86
N THR N 223 -33.89 -69.52 29.53
CA THR N 223 -32.78 -70.18 28.87
C THR N 223 -33.12 -71.62 28.51
N ALA N 224 -32.07 -72.37 28.25
CA ALA N 224 -31.84 -73.65 27.58
C ALA N 224 -32.47 -74.86 28.27
N PRO N 225 -32.33 -76.08 27.72
CA PRO N 225 -32.71 -77.28 28.48
C PRO N 225 -32.12 -77.44 29.87
N ARG N 226 -30.85 -77.80 29.99
CA ARG N 226 -30.06 -78.07 31.20
C ARG N 226 -28.68 -78.45 30.69
N PHE N 227 -27.73 -78.57 31.63
CA PHE N 227 -26.41 -79.00 31.23
C PHE N 227 -25.76 -79.76 32.38
N LEU N 228 -24.77 -80.58 32.04
CA LEU N 228 -24.12 -81.49 32.97
C LEU N 228 -23.04 -80.76 33.76
N LEU N 229 -22.89 -81.16 35.03
CA LEU N 229 -21.91 -80.56 35.93
C LEU N 229 -20.80 -81.51 36.34
N ARG N 230 -21.15 -82.71 36.80
CA ARG N 230 -20.19 -83.61 37.41
C ARG N 230 -20.10 -84.90 36.62
N VAL N 231 -18.90 -85.22 36.17
CA VAL N 231 -18.63 -86.56 35.63
C VAL N 231 -18.74 -87.57 36.77
N PRO N 232 -19.50 -88.65 36.61
CA PRO N 232 -19.52 -89.69 37.65
C PRO N 232 -18.16 -90.35 37.79
N TYR N 233 -17.80 -90.64 39.04
CA TYR N 233 -16.43 -91.01 39.39
C TYR N 233 -16.10 -92.41 38.92
N ASP N 234 -14.80 -92.71 38.92
CA ASP N 234 -14.29 -93.95 38.35
C ASP N 234 -12.96 -94.25 39.00
N PRO N 235 -12.65 -95.51 39.32
CA PRO N 235 -11.35 -95.80 39.95
C PRO N 235 -10.14 -95.66 39.04
N ILE N 236 -10.32 -95.38 37.75
CA ILE N 236 -9.21 -95.16 36.83
C ILE N 236 -9.19 -93.71 36.33
N GLU N 237 -10.34 -93.20 35.91
CA GLU N 237 -10.39 -91.87 35.29
C GLU N 237 -10.30 -90.76 36.32
N ASN N 238 -11.29 -90.68 37.21
CA ASN N 238 -11.37 -89.64 38.24
C ASN N 238 -11.47 -90.34 39.60
N PRO N 239 -10.34 -90.75 40.17
CA PRO N 239 -10.37 -91.54 41.40
C PRO N 239 -10.61 -90.67 42.62
N VAL N 240 -10.85 -91.35 43.74
CA VAL N 240 -10.96 -90.70 45.05
C VAL N 240 -9.86 -91.25 45.95
N LYS N 241 -9.55 -90.49 46.99
CA LYS N 241 -8.39 -90.77 47.84
C LYS N 241 -8.66 -91.96 48.73
N SER N 242 -7.79 -92.98 48.63
CA SER N 242 -7.79 -94.19 49.45
C SER N 242 -9.10 -94.98 49.33
N PHE N 243 -9.72 -94.93 48.15
CA PHE N 243 -10.98 -95.62 47.91
C PHE N 243 -11.16 -95.75 46.40
N ASN N 244 -11.90 -96.77 45.99
CA ASN N 244 -12.26 -96.98 44.58
C ASN N 244 -13.78 -96.85 44.47
N TYR N 245 -14.23 -95.80 43.80
CA TYR N 245 -15.65 -95.45 43.75
C TYR N 245 -16.12 -95.46 42.30
N ALA N 246 -16.90 -96.47 41.94
CA ALA N 246 -17.55 -96.54 40.63
C ALA N 246 -19.01 -96.17 40.82
N GLU N 247 -19.37 -94.96 40.40
CA GLU N 247 -20.72 -94.45 40.59
C GLU N 247 -21.64 -95.10 39.55
N ASN N 248 -22.42 -96.08 40.00
CA ASN N 248 -23.30 -96.83 39.11
C ASN N 248 -24.49 -95.97 38.72
N VAL N 249 -24.39 -95.32 37.56
CA VAL N 249 -25.46 -94.49 37.05
C VAL N 249 -26.45 -95.38 36.28
N SER N 250 -27.70 -95.37 36.71
CA SER N 250 -28.73 -96.25 36.16
C SER N 250 -29.25 -95.67 34.84
N ALA N 251 -30.33 -96.27 34.33
CA ALA N 251 -30.94 -95.78 33.11
C ALA N 251 -31.69 -94.48 33.31
N SER N 252 -32.03 -94.14 34.55
CA SER N 252 -32.60 -92.83 34.84
C SER N 252 -31.52 -91.77 34.74
N HIS N 253 -31.70 -90.83 33.80
CA HIS N 253 -30.75 -89.75 33.61
C HIS N 253 -31.01 -88.58 34.54
N GLU N 254 -31.83 -88.75 35.57
CA GLU N 254 -31.99 -87.74 36.60
C GLU N 254 -30.91 -87.83 37.67
N HIS N 255 -30.12 -88.91 37.68
CA HIS N 255 -29.08 -89.08 38.68
C HIS N 255 -27.81 -88.32 38.35
N TYR N 256 -27.61 -87.99 37.08
CA TYR N 256 -26.53 -87.05 36.72
C TYR N 256 -26.80 -85.70 37.35
N LEU N 257 -25.72 -85.02 37.74
CA LEU N 257 -25.84 -83.72 38.38
C LEU N 257 -26.14 -82.68 37.30
N TRP N 258 -27.42 -82.54 36.98
CA TRP N 258 -27.81 -81.61 35.95
C TRP N 258 -27.98 -80.21 36.54
N GLY N 259 -27.22 -79.26 36.02
CA GLY N 259 -27.26 -77.90 36.50
C GLY N 259 -28.37 -77.09 35.84
N ASN N 260 -28.39 -75.79 36.17
CA ASN N 260 -29.33 -74.85 35.59
C ASN N 260 -28.58 -73.94 34.62
N THR N 261 -29.11 -73.76 33.42
CA THR N 261 -28.35 -73.13 32.35
C THR N 261 -28.36 -71.60 32.45
N ALA N 262 -29.09 -71.03 33.42
CA ALA N 262 -28.92 -69.61 33.71
C ALA N 262 -27.53 -69.32 34.26
N PHE N 263 -26.90 -70.32 34.88
CA PHE N 263 -25.47 -70.26 35.15
C PHE N 263 -24.67 -70.17 33.86
N ALA N 264 -24.95 -71.08 32.92
CA ALA N 264 -24.12 -71.21 31.74
C ALA N 264 -24.36 -70.11 30.71
N PHE N 265 -25.55 -69.52 30.68
CA PHE N 265 -25.77 -68.39 29.78
C PHE N 265 -25.16 -67.11 30.33
N ALA N 266 -25.15 -66.94 31.64
CA ALA N 266 -24.46 -65.81 32.23
C ALA N 266 -22.95 -65.98 32.23
N THR N 267 -22.46 -67.17 31.93
CA THR N 267 -21.03 -67.33 31.67
C THR N 267 -20.64 -66.57 30.41
N ARG N 268 -21.53 -66.56 29.41
CA ARG N 268 -21.26 -65.85 28.17
C ARG N 268 -21.55 -64.35 28.26
N LEU N 269 -22.39 -63.93 29.20
CA LEU N 269 -22.51 -62.50 29.46
C LEU N 269 -21.23 -61.94 30.06
N THR N 270 -20.54 -62.74 30.85
CA THR N 270 -19.39 -62.23 31.57
C THR N 270 -18.09 -62.48 30.81
N ASP N 271 -17.97 -63.61 30.13
CA ASP N 271 -16.80 -63.82 29.29
C ASP N 271 -16.80 -62.96 28.04
N SER N 272 -17.94 -62.38 27.68
CA SER N 272 -17.92 -61.30 26.70
C SER N 272 -17.52 -59.98 27.32
N PHE N 273 -17.85 -59.76 28.59
CA PHE N 273 -17.46 -58.52 29.23
C PHE N 273 -15.99 -58.51 29.61
N ALA N 274 -15.42 -59.67 29.90
CA ALA N 274 -14.03 -59.71 30.30
C ALA N 274 -13.08 -59.51 29.13
N LYS N 275 -13.57 -59.53 27.90
CA LYS N 275 -12.75 -59.36 26.72
C LYS N 275 -12.93 -58.00 26.05
N TYR N 276 -14.16 -57.52 25.92
CA TYR N 276 -14.44 -56.32 25.17
C TYR N 276 -15.05 -55.21 26.01
N ARG N 277 -15.33 -55.46 27.30
CA ARG N 277 -15.98 -54.53 28.23
C ARG N 277 -17.35 -54.09 27.75
N TRP N 278 -18.03 -54.95 26.99
CA TRP N 278 -19.42 -54.80 26.64
C TRP N 278 -20.01 -56.20 26.57
N CYS N 279 -21.28 -56.29 26.23
CA CYS N 279 -21.93 -57.58 26.00
C CYS N 279 -23.02 -57.52 24.93
N PRO N 280 -22.65 -57.44 23.65
CA PRO N 280 -23.56 -57.97 22.63
C PRO N 280 -23.14 -59.35 22.15
N ASN N 281 -21.95 -59.80 22.57
CA ASN N 281 -21.32 -60.99 22.00
C ASN N 281 -21.71 -62.23 22.80
N ILE N 282 -22.91 -62.72 22.56
CA ILE N 282 -23.41 -63.89 23.26
C ILE N 282 -24.05 -64.92 22.35
N ILE N 283 -24.04 -64.72 21.04
CA ILE N 283 -24.79 -65.61 20.16
C ILE N 283 -23.91 -66.29 19.11
N GLY N 284 -22.63 -66.50 19.39
CA GLY N 284 -21.75 -67.05 18.39
C GLY N 284 -21.04 -68.33 18.79
N PRO N 285 -21.18 -69.37 17.96
CA PRO N 285 -20.36 -70.58 18.16
C PRO N 285 -18.88 -70.35 17.96
N GLN N 286 -18.52 -69.34 17.19
CA GLN N 286 -17.14 -68.86 17.12
C GLN N 286 -17.05 -67.38 17.47
N SER N 287 -18.07 -66.84 18.11
CA SER N 287 -18.10 -65.40 18.37
C SER N 287 -18.65 -65.08 19.75
N GLY N 288 -18.51 -65.98 20.70
CA GLY N 288 -18.82 -65.69 22.08
C GLY N 288 -20.13 -66.23 22.63
N GLY N 289 -20.70 -67.26 22.01
CA GLY N 289 -21.87 -67.90 22.59
C GLY N 289 -21.62 -69.38 22.72
N ALA N 290 -20.35 -69.77 22.78
CA ALA N 290 -19.95 -71.17 22.79
C ALA N 290 -19.62 -71.58 24.21
N VAL N 291 -20.52 -72.33 24.85
CA VAL N 291 -20.26 -72.89 26.18
C VAL N 291 -19.31 -74.06 25.98
N GLU N 292 -18.03 -73.85 26.24
CA GLU N 292 -17.03 -74.88 26.06
C GLU N 292 -16.76 -75.61 27.36
N ASP N 293 -15.98 -76.69 27.24
CA ASP N 293 -15.50 -77.52 28.36
C ASP N 293 -16.67 -78.10 29.16
N LEU N 294 -17.59 -78.71 28.46
CA LEU N 294 -18.66 -79.40 29.16
C LEU N 294 -18.18 -80.76 29.66
N PRO N 295 -18.76 -81.27 30.73
CA PRO N 295 -18.45 -82.64 31.16
C PRO N 295 -19.06 -83.66 30.21
N VAL N 296 -18.28 -84.70 29.89
CA VAL N 296 -18.75 -85.80 29.08
C VAL N 296 -18.57 -87.09 29.87
N HIS N 297 -19.39 -88.08 29.53
CA HIS N 297 -19.38 -89.37 30.22
C HIS N 297 -19.50 -90.47 29.16
N VAL N 298 -18.36 -91.02 28.77
CA VAL N 298 -18.34 -92.08 27.77
C VAL N 298 -18.75 -93.38 28.44
N PHE N 299 -19.90 -93.91 28.06
CA PHE N 299 -20.38 -95.17 28.59
C PHE N 299 -20.68 -96.13 27.43
N GLU N 300 -20.98 -97.37 27.78
CA GLU N 300 -21.26 -98.40 26.80
C GLU N 300 -22.74 -98.42 26.47
N SER N 301 -23.07 -98.21 25.20
CA SER N 301 -24.44 -98.31 24.72
C SER N 301 -24.74 -99.76 24.34
N MET N 302 -25.82 -99.97 23.59
CA MET N 302 -26.19 -101.30 23.11
C MET N 302 -25.26 -101.72 21.98
N GLY N 303 -24.04 -102.09 22.36
CA GLY N 303 -23.02 -102.54 21.44
C GLY N 303 -21.91 -101.55 21.18
N ALA N 304 -22.25 -100.28 21.02
CA ALA N 304 -21.30 -99.26 20.64
C ALA N 304 -20.77 -98.51 21.85
N LEU N 305 -19.81 -97.64 21.61
CA LEU N 305 -19.22 -96.79 22.63
C LEU N 305 -19.62 -95.35 22.32
N GLN N 306 -20.62 -94.84 23.03
CA GLN N 306 -21.11 -93.49 22.80
C GLN N 306 -20.80 -92.62 24.02
N SER N 307 -21.19 -91.36 23.93
CA SER N 307 -21.01 -90.40 25.01
C SER N 307 -22.37 -89.87 25.45
N LYS N 308 -22.51 -89.66 26.75
CA LYS N 308 -23.71 -89.01 27.27
C LYS N 308 -23.73 -87.55 26.85
N ILE N 309 -24.85 -87.12 26.30
CA ILE N 309 -24.96 -85.75 25.77
C ILE N 309 -24.99 -84.76 26.94
N PRO N 310 -24.12 -83.76 26.94
CA PRO N 310 -24.04 -82.87 28.10
C PRO N 310 -25.23 -81.95 28.26
N THR N 311 -25.98 -81.66 27.20
CA THR N 311 -27.33 -81.14 27.34
C THR N 311 -28.28 -82.30 27.06
N GLU N 312 -29.43 -82.30 27.73
CA GLU N 312 -30.24 -83.53 27.80
C GLU N 312 -30.92 -83.87 26.49
N VAL N 313 -31.03 -82.95 25.56
CA VAL N 313 -31.54 -83.25 24.23
C VAL N 313 -30.55 -82.70 23.21
N LEU N 314 -30.61 -83.27 22.01
CA LEU N 314 -29.89 -82.73 20.86
C LEU N 314 -30.86 -81.83 20.12
N ILE N 315 -30.71 -80.52 20.32
CA ILE N 315 -31.59 -79.56 19.69
C ILE N 315 -31.19 -79.41 18.23
N THR N 316 -32.12 -79.70 17.32
CA THR N 316 -31.84 -79.53 15.91
C THR N 316 -31.86 -78.06 15.54
N ASP N 317 -31.55 -77.77 14.28
CA ASP N 317 -31.54 -76.38 13.85
C ASP N 317 -32.95 -75.84 13.63
N ARG N 318 -33.89 -76.70 13.21
CA ARG N 318 -35.26 -76.25 13.04
C ARG N 318 -35.95 -76.11 14.39
N LYS N 319 -35.64 -76.99 15.34
CA LYS N 319 -36.19 -76.86 16.68
C LYS N 319 -35.67 -75.62 17.38
N GLU N 320 -34.41 -75.26 17.13
CA GLU N 320 -33.85 -74.07 17.78
C GLU N 320 -34.40 -72.80 17.14
N PHE N 321 -34.62 -72.82 15.82
CA PHE N 321 -35.23 -71.67 15.18
C PHE N 321 -36.69 -71.51 15.58
N GLU N 322 -37.37 -72.61 15.87
CA GLU N 322 -38.74 -72.50 16.35
C GLU N 322 -38.78 -72.05 17.81
N LEU N 323 -37.75 -72.38 18.59
CA LEU N 323 -37.62 -71.79 19.91
C LEU N 323 -37.18 -70.34 19.85
N ALA N 324 -36.46 -69.94 18.79
CA ALA N 324 -36.01 -68.56 18.68
C ALA N 324 -37.17 -67.64 18.36
N GLU N 325 -38.12 -68.10 17.54
CA GLU N 325 -39.28 -67.28 17.24
C GLU N 325 -40.23 -67.19 18.42
N GLU N 326 -40.26 -68.23 19.26
CA GLU N 326 -41.15 -68.27 20.42
C GLU N 326 -40.48 -67.79 21.70
N GLY N 327 -39.34 -67.12 21.60
CA GLY N 327 -38.75 -66.47 22.76
C GLY N 327 -38.05 -67.40 23.73
N PHE N 328 -37.00 -68.08 23.27
CA PHE N 328 -36.23 -68.97 24.12
C PHE N 328 -34.77 -68.90 23.71
N ILE N 329 -33.89 -69.00 24.70
CA ILE N 329 -32.45 -69.00 24.47
C ILE N 329 -32.02 -70.45 24.56
N ALA N 330 -32.04 -71.15 23.43
CA ALA N 330 -31.73 -72.57 23.42
C ALA N 330 -30.24 -72.80 23.24
N LEU N 331 -29.78 -73.96 23.70
CA LEU N 331 -28.37 -74.34 23.65
C LEU N 331 -28.23 -75.62 22.86
N THR N 332 -27.91 -75.50 21.57
CA THR N 332 -27.60 -76.68 20.79
C THR N 332 -26.21 -77.20 21.17
N MET N 333 -26.07 -78.52 21.19
CA MET N 333 -24.86 -79.15 21.65
C MET N 333 -24.10 -79.68 20.44
N ARG N 334 -22.78 -79.51 20.45
CA ARG N 334 -21.94 -79.97 19.34
C ARG N 334 -21.82 -81.49 19.43
N LYS N 335 -22.64 -82.20 18.65
CA LYS N 335 -22.84 -83.63 18.80
C LYS N 335 -21.56 -84.41 18.57
N GLY N 336 -21.02 -84.99 19.64
CA GLY N 336 -19.80 -85.77 19.56
C GLY N 336 -18.62 -85.16 20.29
N SER N 337 -18.81 -84.06 21.00
CA SER N 337 -17.72 -83.42 21.71
C SER N 337 -18.26 -82.77 22.97
N ASP N 338 -17.44 -81.94 23.59
CA ASP N 338 -17.75 -81.30 24.86
C ASP N 338 -18.01 -79.80 24.69
N ASN N 339 -18.63 -79.42 23.60
CA ASN N 339 -18.91 -78.02 23.33
C ASN N 339 -20.40 -77.84 23.06
N ALA N 340 -20.84 -76.60 23.13
CA ALA N 340 -22.21 -76.25 22.82
C ALA N 340 -22.20 -74.84 22.25
N ALA N 341 -23.37 -74.32 21.93
CA ALA N 341 -23.45 -73.01 21.31
C ALA N 341 -24.82 -72.41 21.50
N PHE N 342 -24.86 -71.11 21.73
CA PHE N 342 -26.09 -70.34 21.57
C PHE N 342 -26.11 -69.75 20.17
N PHE N 343 -27.30 -69.51 19.66
CA PHE N 343 -27.44 -68.93 18.34
C PHE N 343 -28.28 -67.66 18.30
N SER N 344 -29.18 -67.47 19.26
CA SER N 344 -30.05 -66.31 19.28
C SER N 344 -30.51 -66.11 20.71
N ALA N 345 -30.26 -64.92 21.26
CA ALA N 345 -30.57 -64.65 22.66
C ALA N 345 -31.87 -63.91 22.83
N ASN N 346 -32.88 -64.21 22.00
CA ASN N 346 -34.12 -63.45 21.97
C ASN N 346 -34.88 -63.54 23.28
N SER N 347 -35.29 -62.38 23.79
CA SER N 347 -36.13 -62.34 24.97
C SER N 347 -37.54 -62.76 24.61
N ILE N 348 -38.38 -62.91 25.64
CA ILE N 348 -39.71 -63.46 25.42
C ILE N 348 -40.68 -62.49 24.78
N GLN N 349 -40.26 -61.26 24.48
CA GLN N 349 -41.18 -60.28 23.95
C GLN N 349 -41.49 -60.58 22.50
N LYS N 350 -42.72 -60.31 22.09
CA LYS N 350 -43.08 -60.60 20.71
C LYS N 350 -42.97 -59.36 19.84
N PRO N 351 -42.45 -59.49 18.63
CA PRO N 351 -42.42 -58.35 17.71
C PRO N 351 -43.81 -57.99 17.27
N LYS N 352 -44.29 -56.83 17.70
CA LYS N 352 -45.67 -56.45 17.45
C LYS N 352 -45.84 -56.03 16.00
N VAL N 353 -46.85 -56.60 15.35
CA VAL N 353 -47.11 -56.29 13.95
C VAL N 353 -47.75 -54.92 13.86
N PHE N 354 -47.10 -54.03 13.22
CA PHE N 354 -47.51 -52.66 12.97
C PHE N 354 -48.13 -52.55 11.58
N PRO N 355 -49.05 -51.62 11.36
CA PRO N 355 -49.74 -51.54 10.06
C PRO N 355 -48.81 -51.09 8.94
N ASN N 356 -49.24 -51.37 7.71
CA ASN N 356 -48.38 -51.24 6.55
C ASN N 356 -48.29 -49.81 6.02
N THR N 357 -47.94 -48.87 6.88
CA THR N 357 -47.66 -47.51 6.46
C THR N 357 -46.17 -47.36 6.20
N LYS N 358 -45.73 -46.13 5.96
CA LYS N 358 -44.29 -45.89 5.83
C LYS N 358 -43.62 -45.95 7.20
N GLU N 359 -44.25 -45.34 8.21
CA GLU N 359 -43.71 -45.41 9.56
C GLU N 359 -43.97 -46.75 10.23
N GLY N 360 -45.05 -47.43 9.87
CA GLY N 360 -45.38 -48.69 10.50
C GLY N 360 -44.45 -49.80 10.06
N LYS N 361 -44.10 -49.82 8.77
CA LYS N 361 -43.11 -50.77 8.29
C LYS N 361 -41.73 -50.43 8.80
N GLU N 362 -41.49 -49.16 9.16
CA GLU N 362 -40.23 -48.78 9.77
C GLU N 362 -40.19 -49.13 11.24
N ALA N 363 -41.21 -48.73 12.00
CA ALA N 363 -41.20 -48.93 13.44
C ALA N 363 -41.34 -50.41 13.83
N GLU N 364 -41.83 -51.25 12.92
CA GLU N 364 -41.81 -52.69 13.17
C GLU N 364 -40.40 -53.21 13.23
N THR N 365 -39.52 -52.72 12.36
CA THR N 365 -38.13 -53.11 12.40
C THR N 365 -37.42 -52.41 13.56
N ASN N 366 -37.96 -51.26 13.99
CA ASN N 366 -37.40 -50.60 15.16
C ASN N 366 -37.77 -51.32 16.44
N TYR N 367 -39.02 -51.75 16.56
CA TYR N 367 -39.45 -52.47 17.74
C TYR N 367 -38.87 -53.88 17.79
N LYS N 368 -38.48 -54.44 16.64
CA LYS N 368 -37.89 -55.76 16.61
C LYS N 368 -36.51 -55.76 17.25
N LEU N 369 -35.79 -54.65 17.15
CA LEU N 369 -34.46 -54.58 17.75
C LEU N 369 -34.50 -54.51 19.27
N GLY N 370 -35.63 -54.13 19.84
CA GLY N 370 -35.73 -54.09 21.28
C GLY N 370 -35.77 -55.47 21.91
N THR N 371 -36.40 -56.43 21.24
CA THR N 371 -36.69 -57.70 21.86
C THR N 371 -35.50 -58.65 21.88
N GLN N 372 -34.43 -58.36 21.15
CA GLN N 372 -33.52 -59.44 20.79
C GLN N 372 -32.52 -59.77 21.88
N LEU N 373 -32.19 -58.81 22.75
CA LEU N 373 -31.32 -58.95 23.92
C LEU N 373 -29.89 -59.43 23.62
N PRO N 374 -29.21 -58.93 22.58
CA PRO N 374 -27.87 -58.50 22.91
C PRO N 374 -27.86 -56.99 22.92
N TYR N 375 -28.88 -56.42 22.30
CA TYR N 375 -28.96 -54.98 22.13
C TYR N 375 -29.48 -54.27 23.35
N MET N 376 -30.24 -54.96 24.20
CA MET N 376 -30.54 -54.38 25.50
C MET N 376 -29.28 -54.23 26.33
N MET N 377 -28.36 -55.17 26.21
CA MET N 377 -27.20 -55.12 27.08
C MET N 377 -26.19 -54.07 26.63
N ILE N 378 -26.33 -53.52 25.42
CA ILE N 378 -25.51 -52.36 25.08
C ILE N 378 -26.22 -51.04 25.38
N ILE N 379 -27.46 -51.08 25.86
CA ILE N 379 -28.12 -49.88 26.38
C ILE N 379 -28.47 -50.00 27.85
N ASN N 380 -28.46 -51.19 28.42
CA ASN N 380 -28.48 -51.27 29.87
C ASN N 380 -27.20 -50.68 30.44
N ARG N 381 -26.08 -50.92 29.76
CA ARG N 381 -24.85 -50.22 30.14
C ARG N 381 -24.93 -48.73 29.85
N LEU N 382 -25.72 -48.34 28.86
CA LEU N 382 -26.02 -46.92 28.68
C LEU N 382 -27.17 -46.46 29.56
N ALA N 383 -27.56 -47.26 30.54
CA ALA N 383 -28.35 -46.77 31.66
C ALA N 383 -27.58 -46.89 32.95
N HIS N 384 -26.54 -47.71 32.99
CA HIS N 384 -25.78 -47.80 34.21
C HIS N 384 -24.62 -46.81 34.23
N TYR N 385 -23.94 -46.59 33.10
CA TYR N 385 -22.93 -45.56 33.06
C TYR N 385 -23.52 -44.18 33.24
N VAL N 386 -24.65 -43.92 32.60
CA VAL N 386 -25.12 -42.54 32.51
C VAL N 386 -25.83 -42.15 33.79
N LYS N 387 -26.37 -43.12 34.52
CA LYS N 387 -26.88 -42.89 35.86
C LYS N 387 -25.75 -42.54 36.81
N VAL N 388 -24.63 -43.22 36.70
CA VAL N 388 -23.48 -42.95 37.57
C VAL N 388 -22.80 -41.66 37.18
N LEU N 389 -22.68 -41.40 35.88
CA LEU N 389 -21.87 -40.27 35.42
C LEU N 389 -22.58 -38.95 35.67
N GLN N 390 -23.89 -38.93 35.55
CA GLN N 390 -24.68 -37.74 35.87
C GLN N 390 -25.20 -37.74 37.29
N ARG N 391 -24.64 -38.58 38.16
CA ARG N 391 -24.90 -38.47 39.59
C ARG N 391 -23.85 -37.62 40.28
N GLU N 392 -22.60 -37.73 39.82
CA GLU N 392 -21.53 -36.90 40.36
C GLU N 392 -21.73 -35.43 40.04
N GLN N 393 -22.44 -35.13 38.96
CA GLN N 393 -22.52 -33.78 38.47
C GLN N 393 -23.51 -32.91 39.22
N ILE N 394 -24.34 -33.47 40.10
CA ILE N 394 -25.40 -32.70 40.77
C ILE N 394 -24.78 -31.65 41.67
N GLY N 395 -25.15 -30.40 41.46
CA GLY N 395 -24.54 -29.31 42.18
C GLY N 395 -23.49 -28.54 41.42
N ALA N 396 -23.24 -28.88 40.16
CA ALA N 396 -22.20 -28.21 39.41
C ALA N 396 -22.69 -26.88 38.88
N TRP N 397 -21.89 -26.28 38.00
CA TRP N 397 -22.26 -25.07 37.31
C TRP N 397 -22.29 -25.40 35.83
N LYS N 398 -23.47 -25.72 35.32
CA LYS N 398 -23.58 -26.33 34.00
C LYS N 398 -24.54 -25.48 33.20
N GLU N 399 -24.75 -25.85 31.94
CA GLU N 399 -25.77 -25.25 31.09
C GLU N 399 -26.41 -26.34 30.27
N ARG N 400 -27.44 -25.98 29.50
CA ARG N 400 -27.99 -26.92 28.54
C ARG N 400 -26.99 -27.20 27.44
N GLN N 401 -26.28 -26.17 26.97
CA GLN N 401 -25.21 -26.38 26.01
C GLN N 401 -24.05 -27.16 26.62
N ASP N 402 -23.83 -27.00 27.93
CA ASP N 402 -22.82 -27.82 28.59
C ASP N 402 -23.33 -29.22 28.83
N LEU N 403 -24.64 -29.39 28.98
CA LEU N 403 -25.18 -30.74 29.13
C LEU N 403 -25.12 -31.50 27.81
N GLU N 404 -25.35 -30.80 26.68
CA GLU N 404 -25.23 -31.43 25.37
C GLU N 404 -23.82 -31.90 25.10
N ARG N 405 -22.83 -31.19 25.62
CA ARG N 405 -21.43 -31.46 25.31
C ARG N 405 -20.82 -32.52 26.20
N GLU N 406 -21.18 -32.56 27.48
CA GLU N 406 -20.67 -33.59 28.36
C GLU N 406 -21.24 -34.97 28.05
N LEU N 407 -22.28 -35.07 27.24
CA LEU N 407 -22.79 -36.34 26.75
C LEU N 407 -22.35 -36.68 25.35
N ASN N 408 -22.28 -35.70 24.44
CA ASN N 408 -21.86 -35.99 23.08
C ASN N 408 -20.38 -36.30 23.01
N SER N 409 -19.56 -35.59 23.77
CA SER N 409 -18.14 -35.94 23.80
C SER N 409 -17.88 -37.18 24.63
N TRP N 410 -18.87 -37.64 25.38
CA TRP N 410 -18.72 -38.88 26.14
C TRP N 410 -19.08 -40.11 25.33
N ILE N 411 -20.23 -40.13 24.67
CA ILE N 411 -20.65 -41.36 24.00
C ILE N 411 -19.97 -41.54 22.65
N LYS N 412 -19.30 -40.51 22.13
CA LYS N 412 -18.59 -40.68 20.88
C LYS N 412 -17.19 -41.26 21.06
N GLN N 413 -16.93 -41.89 22.21
CA GLN N 413 -15.88 -42.88 22.29
C GLN N 413 -16.43 -44.29 22.24
N TYR N 414 -17.76 -44.42 22.19
CA TYR N 414 -18.42 -45.69 21.99
C TYR N 414 -19.01 -45.83 20.60
N VAL N 415 -18.89 -44.80 19.78
CA VAL N 415 -19.52 -44.74 18.47
C VAL N 415 -18.43 -44.85 17.42
N ALA N 416 -18.53 -45.84 16.54
CA ALA N 416 -17.64 -45.97 15.40
C ALA N 416 -18.52 -45.93 14.15
N ASP N 417 -18.84 -44.74 13.71
CA ASP N 417 -19.77 -44.54 12.58
C ASP N 417 -19.01 -44.86 11.30
N GLN N 418 -18.98 -46.14 10.97
CA GLN N 418 -18.09 -46.63 9.95
C GLN N 418 -18.69 -47.91 9.40
N GLU N 419 -18.61 -48.07 8.08
CA GLU N 419 -19.33 -49.17 7.44
C GLU N 419 -18.67 -50.51 7.71
N ASN N 420 -17.35 -50.56 7.66
CA ASN N 420 -16.59 -51.79 7.92
C ASN N 420 -15.36 -51.48 8.75
N PRO N 421 -15.51 -51.31 10.06
CA PRO N 421 -14.34 -51.20 10.92
C PRO N 421 -13.79 -52.58 11.20
N PRO N 422 -12.58 -52.69 11.76
CA PRO N 422 -12.05 -54.01 12.14
C PRO N 422 -12.85 -54.65 13.25
N ALA N 423 -12.55 -55.94 13.49
CA ALA N 423 -13.34 -56.75 14.40
C ALA N 423 -13.15 -56.35 15.87
N ASP N 424 -12.14 -55.54 16.18
CA ASP N 424 -11.99 -55.04 17.53
C ASP N 424 -12.68 -53.70 17.73
N VAL N 425 -12.78 -52.88 16.68
CA VAL N 425 -13.46 -51.60 16.79
C VAL N 425 -14.97 -51.81 16.88
N ARG N 426 -15.47 -52.91 16.35
CA ARG N 426 -16.90 -53.18 16.40
C ARG N 426 -17.36 -53.53 17.79
N SER N 427 -16.52 -54.19 18.58
CA SER N 427 -16.96 -54.66 19.88
C SER N 427 -16.49 -53.78 21.04
N ARG N 428 -15.37 -53.08 20.90
CA ARG N 428 -15.03 -52.05 21.87
C ARG N 428 -15.98 -50.86 21.75
N ARG N 429 -16.44 -50.56 20.53
CA ARG N 429 -17.38 -49.47 20.28
C ARG N 429 -18.63 -50.09 19.67
N PRO N 430 -19.54 -50.61 20.51
CA PRO N 430 -20.66 -51.40 19.98
C PRO N 430 -21.72 -50.58 19.30
N LEU N 431 -21.80 -49.28 19.57
CA LEU N 431 -22.77 -48.43 18.93
C LEU N 431 -22.28 -48.09 17.53
N ARG N 432 -23.16 -47.49 16.75
CA ARG N 432 -22.83 -47.04 15.41
C ARG N 432 -23.18 -45.59 15.18
N ALA N 433 -24.27 -45.10 15.75
CA ALA N 433 -24.59 -43.68 15.73
C ALA N 433 -25.44 -43.35 16.93
N ALA N 434 -25.32 -42.12 17.41
CA ALA N 434 -26.01 -41.73 18.64
C ALA N 434 -26.43 -40.28 18.54
N ARG N 435 -27.71 -40.02 18.77
CA ARG N 435 -28.29 -38.68 18.71
C ARG N 435 -28.70 -38.26 20.11
N ILE N 436 -28.33 -37.05 20.52
CA ILE N 436 -28.69 -36.53 21.82
C ILE N 436 -29.33 -35.17 21.65
N GLU N 437 -30.58 -35.05 22.04
CA GLU N 437 -31.36 -33.83 21.87
C GLU N 437 -31.82 -33.37 23.24
N VAL N 438 -31.10 -32.44 23.83
CA VAL N 438 -31.42 -31.93 25.17
C VAL N 438 -32.46 -30.82 25.04
N MET N 439 -33.55 -30.95 25.77
CA MET N 439 -34.62 -29.97 25.80
C MET N 439 -34.75 -29.43 27.22
N ASP N 440 -35.75 -28.60 27.46
CA ASP N 440 -35.97 -28.03 28.78
C ASP N 440 -37.27 -28.52 29.37
N VAL N 441 -37.53 -28.10 30.61
CA VAL N 441 -38.83 -28.23 31.23
C VAL N 441 -39.25 -26.85 31.72
N GLU N 442 -40.35 -26.35 31.18
CA GLU N 442 -40.83 -25.04 31.59
C GLU N 442 -41.61 -25.15 32.89
N GLY N 443 -41.81 -24.02 33.54
CA GLY N 443 -42.47 -24.00 34.83
C GLY N 443 -41.47 -24.09 35.97
N ASN N 444 -40.77 -25.21 36.05
CA ASN N 444 -39.62 -25.38 36.94
C ASN N 444 -38.39 -25.42 36.07
N PRO N 445 -37.69 -24.31 35.88
CA PRO N 445 -36.60 -24.28 34.90
C PRO N 445 -35.35 -24.95 35.43
N GLY N 446 -34.68 -25.68 34.54
CA GLY N 446 -33.50 -26.46 34.88
C GLY N 446 -33.78 -27.92 35.10
N TRP N 447 -34.53 -28.53 34.19
CA TRP N 447 -34.86 -29.95 34.23
C TRP N 447 -34.90 -30.38 32.77
N TYR N 448 -34.17 -31.43 32.43
CA TYR N 448 -33.69 -31.59 31.06
C TYR N 448 -34.11 -32.91 30.44
N GLN N 449 -35.03 -32.85 29.50
CA GLN N 449 -35.55 -34.04 28.85
C GLN N 449 -34.68 -34.33 27.64
N VAL N 450 -33.62 -35.11 27.82
CA VAL N 450 -32.70 -35.35 26.72
C VAL N 450 -33.09 -36.69 26.11
N SER N 451 -32.77 -36.91 24.84
CA SER N 451 -33.20 -38.12 24.16
C SER N 451 -32.01 -38.81 23.50
N LEU N 452 -31.31 -39.64 24.26
CA LEU N 452 -30.20 -40.41 23.71
C LEU N 452 -30.72 -41.53 22.82
N SER N 453 -30.36 -41.48 21.54
CA SER N 453 -30.89 -42.38 20.51
C SER N 453 -29.75 -43.15 19.85
N VAL N 454 -29.34 -44.25 20.48
CA VAL N 454 -28.20 -45.02 19.98
C VAL N 454 -28.65 -45.96 18.87
N ARG N 455 -27.69 -46.58 18.20
CA ARG N 455 -27.95 -47.46 17.09
C ARG N 455 -26.82 -48.47 17.01
N PRO N 456 -27.11 -49.75 16.91
CA PRO N 456 -26.05 -50.75 17.00
C PRO N 456 -25.56 -51.24 15.65
N HIS N 457 -24.53 -52.07 15.66
CA HIS N 457 -24.18 -52.83 14.47
C HIS N 457 -25.03 -54.08 14.39
N PHE N 458 -24.96 -54.76 13.24
CA PHE N 458 -25.86 -55.86 12.93
C PHE N 458 -25.07 -57.13 12.61
N LYS N 459 -25.42 -58.21 13.29
CA LYS N 459 -24.72 -59.48 13.22
C LYS N 459 -25.23 -60.31 12.05
N TYR N 460 -24.88 -61.59 12.05
CA TYR N 460 -24.99 -62.49 10.90
C TYR N 460 -26.00 -63.59 11.24
N MET N 461 -27.12 -63.65 10.51
CA MET N 461 -28.15 -64.63 10.81
C MET N 461 -28.97 -64.98 9.56
N GLY N 462 -28.73 -66.16 9.01
CA GLY N 462 -29.48 -66.69 7.87
C GLY N 462 -29.15 -66.16 6.50
N ALA N 463 -29.19 -67.03 5.50
CA ALA N 463 -28.99 -66.68 4.10
C ALA N 463 -29.76 -67.68 3.24
N ASN N 464 -29.44 -67.75 1.93
CA ASN N 464 -30.23 -68.68 1.12
C ASN N 464 -29.43 -69.68 0.31
N PHE N 465 -28.36 -69.27 -0.38
CA PHE N 465 -27.40 -70.15 -1.09
C PHE N 465 -28.09 -71.02 -2.14
N GLU N 466 -28.72 -70.37 -3.13
CA GLU N 466 -29.56 -71.05 -4.12
C GLU N 466 -28.73 -71.59 -5.27
N LEU N 467 -28.20 -72.80 -5.10
CA LEU N 467 -27.26 -73.39 -6.05
C LEU N 467 -27.90 -73.73 -7.38
N SER N 468 -27.05 -73.92 -8.38
CA SER N 468 -27.38 -74.20 -9.78
C SER N 468 -26.09 -74.58 -10.47
N LEU N 469 -26.18 -75.02 -11.72
CA LEU N 469 -24.98 -75.01 -12.55
C LEU N 469 -25.21 -74.15 -13.78
N VAL N 470 -24.14 -73.51 -14.25
CA VAL N 470 -24.18 -72.69 -15.44
C VAL N 470 -23.68 -73.46 -16.65
N GLY N 471 -22.58 -74.20 -16.49
CA GLY N 471 -22.05 -75.03 -17.55
C GLY N 471 -20.90 -74.40 -18.32
N ARG N 472 -20.99 -73.11 -18.62
CA ARG N 472 -19.91 -72.39 -19.30
C ARG N 472 -19.17 -71.43 -18.37
N LEU N 473 -19.90 -70.64 -17.60
CA LEU N 473 -19.26 -69.67 -16.72
C LEU N 473 -18.86 -70.32 -15.41
N SER O 1 12.00 -32.60 69.38
CA SER O 1 11.47 -32.20 68.09
C SER O 1 11.84 -30.76 67.77
N LYS O 2 13.12 -30.46 67.84
CA LYS O 2 13.64 -29.12 67.54
C LYS O 2 14.88 -29.25 66.69
N GLU O 3 14.89 -28.60 65.54
CA GLU O 3 16.09 -28.52 64.71
C GLU O 3 17.14 -27.69 65.40
N GLY O 4 18.37 -28.19 65.45
CA GLY O 4 19.47 -27.41 65.94
C GLY O 4 19.78 -26.28 64.97
N SER O 5 19.67 -25.04 65.43
CA SER O 5 19.97 -23.87 64.61
C SER O 5 20.98 -23.01 65.33
N VAL O 6 21.42 -21.96 64.64
CA VAL O 6 22.41 -21.04 65.16
C VAL O 6 21.70 -19.77 65.61
N ALA O 7 22.46 -18.89 66.22
CA ALA O 7 21.91 -17.58 66.55
C ALA O 7 21.71 -16.77 65.27
N PRO O 8 20.58 -16.08 65.14
CA PRO O 8 20.34 -15.29 63.92
C PRO O 8 21.24 -14.07 63.86
N LYS O 9 21.45 -13.58 62.65
CA LYS O 9 22.50 -12.59 62.40
C LYS O 9 22.36 -11.99 61.00
N GLU O 10 23.27 -11.05 60.69
CA GLU O 10 23.39 -10.44 59.36
C GLU O 10 23.96 -11.41 58.36
N ARG O 11 24.57 -12.46 58.85
CA ARG O 11 24.88 -13.54 57.98
C ARG O 11 23.62 -14.38 57.85
N ILE O 12 23.65 -15.31 56.92
CA ILE O 12 22.46 -15.99 56.48
C ILE O 12 22.34 -17.30 57.24
N ASN O 13 21.12 -17.66 57.62
CA ASN O 13 20.98 -18.80 58.54
C ASN O 13 20.15 -19.93 57.93
N ILE O 14 20.84 -20.78 57.18
CA ILE O 14 20.26 -21.94 56.53
C ILE O 14 19.88 -23.00 57.57
N LYS O 15 18.64 -23.48 57.52
CA LYS O 15 18.23 -24.61 58.33
C LYS O 15 17.41 -25.56 57.47
N TYR O 16 17.33 -26.82 57.88
CA TYR O 16 16.63 -27.86 57.12
C TYR O 16 15.42 -28.35 57.90
N ILE O 17 14.22 -28.01 57.44
CA ILE O 17 12.98 -28.53 57.99
C ILE O 17 12.10 -28.97 56.84
N PRO O 18 11.77 -30.25 56.72
CA PRO O 18 11.03 -30.74 55.55
C PRO O 18 9.59 -30.27 55.57
N ALA O 19 9.04 -30.10 54.38
CA ALA O 19 7.78 -29.38 54.22
C ALA O 19 6.59 -30.33 54.13
N THR O 20 5.40 -29.74 54.24
CA THR O 20 4.17 -30.51 54.38
C THR O 20 3.82 -31.23 53.09
N GLY O 21 4.13 -30.64 51.95
CA GLY O 21 3.87 -31.28 50.68
C GLY O 21 2.59 -30.80 50.04
N ASP O 22 2.52 -30.97 48.72
CA ASP O 22 1.33 -30.63 47.95
C ASP O 22 0.95 -31.86 47.15
N ALA O 23 -0.22 -32.43 47.44
CA ALA O 23 -0.69 -33.63 46.78
C ALA O 23 -1.49 -33.35 45.51
N GLN O 24 -2.52 -32.49 45.62
CA GLN O 24 -3.43 -32.13 44.53
C GLN O 24 -4.09 -33.40 43.96
N ALA O 25 -4.96 -33.98 44.81
CA ALA O 25 -5.53 -35.33 44.71
C ALA O 25 -6.03 -35.67 43.32
N GLU O 26 -5.43 -36.71 42.73
CA GLU O 26 -5.54 -36.96 41.31
C GLU O 26 -6.87 -37.60 40.97
N VAL O 27 -7.42 -37.25 39.81
CA VAL O 27 -8.69 -37.80 39.37
C VAL O 27 -8.49 -39.23 38.89
N ALA O 28 -9.49 -40.07 39.13
CA ALA O 28 -9.45 -41.47 38.71
C ALA O 28 -10.88 -41.92 38.47
N GLU O 29 -11.31 -41.89 37.21
CA GLU O 29 -12.65 -42.37 36.85
C GLU O 29 -12.59 -43.89 36.76
N VAL O 30 -12.89 -44.55 37.88
CA VAL O 30 -13.02 -45.99 37.85
C VAL O 30 -14.32 -46.37 37.14
N GLU O 31 -14.32 -47.54 36.54
CA GLU O 31 -15.45 -47.95 35.74
C GLU O 31 -16.35 -48.88 36.54
N LEU O 32 -17.50 -49.22 35.96
CA LEU O 32 -18.46 -50.07 36.62
C LEU O 32 -18.22 -51.51 36.22
N PRO O 33 -17.94 -52.40 37.15
CA PRO O 33 -17.85 -53.82 36.79
C PRO O 33 -19.24 -54.39 36.53
N LEU O 34 -19.29 -55.37 35.66
CA LEU O 34 -20.55 -56.03 35.30
C LEU O 34 -20.97 -56.91 36.47
N LYS O 35 -21.72 -56.36 37.42
CA LYS O 35 -22.13 -57.12 38.59
C LYS O 35 -23.42 -57.87 38.29
N THR O 36 -23.40 -59.17 38.53
CA THR O 36 -24.59 -60.00 38.42
C THR O 36 -25.02 -60.45 39.80
N LEU O 37 -26.31 -60.74 39.93
CA LEU O 37 -26.87 -61.21 41.18
C LEU O 37 -27.45 -62.58 40.93
N VAL O 38 -26.75 -63.62 41.39
CA VAL O 38 -27.24 -64.98 41.24
C VAL O 38 -28.23 -65.24 42.35
N VAL O 39 -29.50 -65.44 41.99
CA VAL O 39 -30.54 -65.63 42.97
C VAL O 39 -31.09 -67.05 42.81
N GLY O 40 -31.43 -67.67 43.92
CA GLY O 40 -31.91 -69.04 43.88
C GLY O 40 -31.57 -69.80 45.15
N ASP O 41 -32.25 -70.94 45.30
CA ASP O 41 -32.21 -71.76 46.51
C ASP O 41 -30.83 -72.38 46.66
N PHE O 42 -30.10 -71.95 47.68
CA PHE O 42 -28.72 -72.38 47.86
C PHE O 42 -28.49 -73.20 49.11
N LYS O 43 -29.51 -73.36 49.96
CA LYS O 43 -29.42 -74.18 51.17
C LYS O 43 -30.60 -75.14 51.21
N GLY O 44 -30.69 -75.91 52.27
CA GLY O 44 -31.66 -76.99 52.31
C GLY O 44 -32.91 -76.72 53.13
N HIS O 45 -33.31 -75.46 53.25
CA HIS O 45 -34.50 -75.11 54.03
C HIS O 45 -35.05 -73.79 53.51
N ALA O 46 -35.95 -73.20 54.28
CA ALA O 46 -36.49 -71.87 54.02
C ALA O 46 -36.26 -71.02 55.26
N GLU O 47 -35.46 -69.97 55.12
CA GLU O 47 -35.06 -69.15 56.26
C GLU O 47 -36.23 -68.31 56.76
N GLN O 48 -36.34 -68.18 58.08
CA GLN O 48 -37.48 -67.50 58.66
C GLN O 48 -37.38 -65.98 58.62
N THR O 49 -36.21 -65.42 58.33
CA THR O 49 -36.14 -63.97 58.25
C THR O 49 -36.76 -63.49 56.92
N PRO O 50 -37.44 -62.35 56.93
CA PRO O 50 -37.98 -61.81 55.67
C PRO O 50 -36.87 -61.35 54.76
N LEU O 51 -37.24 -61.11 53.51
CA LEU O 51 -36.25 -60.93 52.46
C LEU O 51 -35.51 -59.60 52.61
N GLU O 52 -36.18 -58.56 53.10
CA GLU O 52 -35.58 -57.24 53.16
C GLU O 52 -34.50 -57.09 54.23
N GLU O 53 -34.25 -58.10 55.04
CA GLU O 53 -33.22 -58.02 56.07
C GLU O 53 -32.01 -58.90 55.80
N ARG O 54 -32.17 -59.98 55.05
CA ARG O 54 -31.04 -60.84 54.76
C ARG O 54 -30.13 -60.17 53.73
N ALA O 55 -28.90 -60.67 53.64
CA ALA O 55 -27.86 -59.96 52.91
C ALA O 55 -27.42 -60.75 51.69
N THR O 56 -26.71 -60.06 50.81
CA THR O 56 -26.07 -60.66 49.64
C THR O 56 -24.57 -60.72 49.89
N VAL O 57 -23.98 -61.87 49.57
CA VAL O 57 -22.55 -62.09 49.81
C VAL O 57 -21.84 -62.07 48.45
N THR O 58 -20.65 -61.48 48.42
CA THR O 58 -19.87 -61.35 47.21
C THR O 58 -18.85 -62.48 47.15
N VAL O 59 -18.83 -63.21 46.03
CA VAL O 59 -18.03 -64.41 45.84
C VAL O 59 -17.07 -64.19 44.69
N ASP O 60 -15.78 -64.37 44.93
CA ASP O 60 -14.90 -64.57 43.79
C ASP O 60 -14.11 -65.86 43.97
N LYS O 61 -13.11 -66.09 43.14
CA LYS O 61 -12.40 -67.37 43.14
C LYS O 61 -11.62 -67.60 44.42
N ASN O 62 -11.18 -66.53 45.07
CA ASN O 62 -10.37 -66.68 46.27
C ASN O 62 -11.20 -66.92 47.51
N ASN O 63 -12.42 -66.40 47.58
CA ASN O 63 -13.21 -66.53 48.79
C ASN O 63 -14.36 -67.50 48.65
N PHE O 64 -14.35 -68.36 47.63
CA PHE O 64 -15.45 -69.30 47.49
C PHE O 64 -15.40 -70.38 48.56
N GLU O 65 -14.22 -70.70 49.07
CA GLU O 65 -14.10 -71.69 50.13
C GLU O 65 -14.55 -71.13 51.48
N ALA O 66 -14.55 -69.81 51.64
CA ALA O 66 -15.02 -69.18 52.87
C ALA O 66 -16.51 -68.89 52.85
N VAL O 67 -17.07 -68.64 51.68
CA VAL O 67 -18.52 -68.46 51.57
C VAL O 67 -19.23 -69.80 51.77
N MET O 68 -18.63 -70.89 51.28
CA MET O 68 -19.24 -72.19 51.45
C MET O 68 -19.16 -72.66 52.91
N ARG O 69 -18.09 -72.30 53.61
CA ARG O 69 -17.94 -72.74 55.00
C ARG O 69 -18.90 -72.00 55.93
N GLU O 70 -19.10 -70.70 55.71
CA GLU O 70 -19.94 -69.91 56.60
C GLU O 70 -21.41 -70.01 56.25
N SER O 71 -21.77 -70.68 55.16
CA SER O 71 -23.17 -70.91 54.87
C SER O 71 -23.76 -71.96 55.80
N GLU O 72 -22.94 -72.93 56.20
CA GLU O 72 -23.34 -74.12 56.96
C GLU O 72 -24.45 -74.90 56.23
N LEU O 73 -24.09 -75.41 55.06
CA LEU O 73 -25.00 -76.26 54.31
C LEU O 73 -25.12 -77.61 55.02
N LYS O 74 -26.15 -77.75 55.85
CA LYS O 74 -26.37 -78.96 56.64
C LYS O 74 -27.53 -79.72 56.01
N ILE O 75 -27.21 -80.79 55.31
CA ILE O 75 -28.21 -81.59 54.61
C ILE O 75 -28.51 -82.81 55.46
N THR O 76 -29.74 -82.85 56.00
CA THR O 76 -30.21 -83.95 56.83
C THR O 76 -31.39 -84.61 56.13
N ALA O 77 -31.21 -85.85 55.69
CA ALA O 77 -32.25 -86.56 54.97
C ALA O 77 -32.20 -88.03 55.34
N THR O 78 -33.30 -88.72 55.06
CA THR O 78 -33.40 -90.16 55.29
C THR O 78 -33.27 -90.88 53.96
N VAL O 79 -32.22 -91.69 53.83
CA VAL O 79 -31.93 -92.39 52.59
C VAL O 79 -32.04 -93.89 52.83
N LYS O 80 -31.95 -94.65 51.75
CA LYS O 80 -32.15 -96.10 51.81
C LYS O 80 -30.91 -96.79 52.37
N ASN O 81 -31.16 -97.81 53.20
CA ASN O 81 -30.09 -98.59 53.83
C ASN O 81 -29.76 -99.77 52.92
N LYS O 82 -28.58 -99.74 52.33
CA LYS O 82 -28.08 -100.84 51.52
C LYS O 82 -26.82 -101.47 52.12
N LEU O 83 -26.67 -101.39 53.43
CA LEU O 83 -25.52 -101.98 54.12
C LEU O 83 -25.84 -103.34 54.72
N THR O 84 -27.08 -103.81 54.61
CA THR O 84 -27.47 -105.11 55.15
C THR O 84 -28.36 -105.84 54.14
N ASP O 85 -28.94 -106.96 54.55
CA ASP O 85 -29.79 -107.74 53.67
C ASP O 85 -31.25 -107.26 53.63
N ASP O 86 -31.54 -106.10 54.22
CA ASP O 86 -32.89 -105.57 54.28
C ASP O 86 -33.09 -104.60 53.12
N GLU O 87 -34.18 -104.81 52.37
CA GLU O 87 -34.59 -103.88 51.33
C GLU O 87 -35.41 -102.72 51.87
N ASN O 88 -36.24 -102.98 52.88
CA ASN O 88 -37.14 -102.00 53.45
C ASN O 88 -36.56 -101.27 54.65
N ALA O 89 -35.24 -101.12 54.71
CA ALA O 89 -34.58 -100.39 55.79
C ALA O 89 -34.17 -99.01 55.30
N GLU O 90 -34.19 -98.05 56.22
CA GLU O 90 -33.80 -96.68 55.93
C GLU O 90 -32.75 -96.24 56.94
N LEU O 91 -31.96 -95.25 56.54
CA LEU O 91 -30.88 -94.79 57.40
C LEU O 91 -30.64 -93.30 57.20
N PRO O 92 -31.03 -92.46 58.15
CA PRO O 92 -30.77 -91.02 58.03
C PRO O 92 -29.29 -90.71 58.20
N VAL O 93 -28.87 -89.58 57.62
CA VAL O 93 -27.48 -89.15 57.62
C VAL O 93 -27.39 -87.76 58.23
N GLU O 94 -26.16 -87.31 58.45
CA GLU O 94 -25.89 -85.98 58.98
C GLU O 94 -24.65 -85.43 58.28
N LEU O 95 -24.83 -84.35 57.53
CA LEU O 95 -23.78 -83.83 56.66
C LEU O 95 -23.42 -82.41 57.07
N ASN O 96 -22.11 -82.12 57.09
CA ASN O 96 -21.60 -80.79 57.38
C ASN O 96 -20.55 -80.46 56.32
N PHE O 97 -20.85 -79.47 55.49
CA PHE O 97 -20.03 -79.15 54.32
C PHE O 97 -19.28 -77.85 54.57
N LYS O 98 -17.95 -77.90 54.43
CA LYS O 98 -17.12 -76.72 54.62
C LYS O 98 -16.20 -76.42 53.44
N SER O 99 -16.02 -77.35 52.51
CA SER O 99 -15.19 -77.13 51.35
C SER O 99 -15.82 -77.84 50.15
N LEU O 100 -15.30 -77.54 48.97
CA LEU O 100 -15.78 -78.20 47.75
C LEU O 100 -15.45 -79.68 47.72
N ALA O 101 -14.40 -80.11 48.43
CA ALA O 101 -14.08 -81.52 48.57
C ALA O 101 -15.01 -82.27 49.51
N ASP O 102 -15.90 -81.57 50.22
CA ASP O 102 -16.87 -82.25 51.06
C ASP O 102 -18.02 -82.84 50.26
N PHE O 103 -18.17 -82.50 48.99
CA PHE O 103 -19.11 -83.20 48.13
C PHE O 103 -18.59 -84.57 47.72
N ALA O 104 -17.28 -84.76 47.77
CA ALA O 104 -16.66 -86.01 47.34
C ALA O 104 -16.96 -87.14 48.33
N PRO O 105 -17.03 -88.39 47.87
CA PRO O 105 -17.36 -89.51 48.77
C PRO O 105 -16.28 -89.83 49.81
N ASP O 106 -15.11 -89.21 49.74
CA ASP O 106 -14.15 -89.37 50.83
C ASP O 106 -14.60 -88.64 52.09
N ALA O 107 -15.21 -87.47 51.92
CA ALA O 107 -15.67 -86.68 53.06
C ALA O 107 -17.15 -86.88 53.35
N VAL O 108 -17.93 -87.45 52.43
CA VAL O 108 -19.31 -87.75 52.75
C VAL O 108 -19.39 -89.02 53.60
N ALA O 109 -18.63 -90.06 53.21
CA ALA O 109 -18.57 -91.28 54.00
C ALA O 109 -17.87 -91.08 55.33
N SER O 110 -16.96 -90.10 55.42
CA SER O 110 -16.32 -89.80 56.71
C SER O 110 -17.27 -89.15 57.69
N GLN O 111 -18.34 -88.54 57.22
CA GLN O 111 -19.33 -87.92 58.08
C GLN O 111 -20.49 -88.86 58.39
N VAL O 112 -20.51 -90.05 57.80
CA VAL O 112 -21.49 -91.07 58.12
C VAL O 112 -20.82 -92.10 59.02
N PRO O 113 -21.25 -92.26 60.29
CA PRO O 113 -20.56 -93.20 61.18
C PRO O 113 -20.73 -94.66 60.79
N GLU O 114 -21.76 -95.01 60.02
CA GLU O 114 -21.89 -96.37 59.52
C GLU O 114 -20.89 -96.66 58.41
N LEU O 115 -20.34 -95.62 57.78
CA LEU O 115 -19.31 -95.78 56.76
C LEU O 115 -17.91 -95.44 57.27
N LYS O 116 -17.79 -94.89 58.48
CA LYS O 116 -16.48 -94.72 59.09
C LYS O 116 -15.86 -96.05 59.47
N LYS O 117 -16.71 -97.03 59.81
CA LYS O 117 -16.23 -98.37 60.16
C LYS O 117 -15.96 -99.23 58.93
N LEU O 118 -16.46 -98.83 57.76
CA LEU O 118 -16.19 -99.60 56.55
C LEU O 118 -14.93 -99.14 55.82
N ILE O 119 -14.61 -97.84 55.88
CA ILE O 119 -13.31 -97.40 55.38
C ILE O 119 -12.20 -97.86 56.31
N GLU O 120 -12.46 -97.84 57.63
CA GLU O 120 -11.52 -98.40 58.59
C GLU O 120 -11.38 -99.91 58.42
N LEU O 121 -12.44 -100.57 57.95
CA LEU O 121 -12.33 -101.97 57.58
C LEU O 121 -11.42 -102.15 56.38
N ARG O 122 -11.53 -101.26 55.39
CA ARG O 122 -10.71 -101.38 54.19
C ARG O 122 -9.26 -101.00 54.47
N GLU O 123 -9.05 -99.96 55.29
CA GLU O 123 -7.70 -99.57 55.69
C GLU O 123 -7.00 -100.66 56.48
N ALA O 124 -7.76 -101.45 57.23
CA ALA O 124 -7.20 -102.62 57.90
C ALA O 124 -6.90 -103.75 56.92
N LEU O 125 -7.58 -103.81 55.78
CA LEU O 125 -7.32 -104.84 54.78
C LEU O 125 -6.21 -104.47 53.82
N VAL O 126 -6.04 -103.17 53.52
CA VAL O 126 -4.90 -102.72 52.73
C VAL O 126 -3.61 -102.88 53.53
N ALA O 127 -3.69 -102.69 54.85
CA ALA O 127 -2.53 -102.90 55.72
C ALA O 127 -2.11 -104.36 55.78
N LEU O 128 -3.05 -105.28 55.57
CA LEU O 128 -2.73 -106.70 55.63
C LEU O 128 -1.99 -107.16 54.40
N LYS O 129 -2.33 -106.62 53.22
CA LYS O 129 -1.89 -107.16 51.94
C LYS O 129 -0.38 -107.01 51.72
N GLY O 130 0.23 -105.99 52.32
CA GLY O 130 1.65 -105.77 52.24
C GLY O 130 2.49 -106.88 52.85
N PRO O 131 2.39 -107.07 54.16
CA PRO O 131 3.10 -108.19 54.81
C PRO O 131 2.44 -109.55 54.66
N LEU O 132 1.45 -109.71 53.78
CA LEU O 132 0.77 -111.00 53.66
C LEU O 132 1.59 -111.99 52.84
N GLY O 133 1.82 -111.68 51.56
CA GLY O 133 2.51 -112.57 50.66
C GLY O 133 4.02 -112.53 50.72
N ASN O 134 4.59 -111.74 51.63
CA ASN O 134 6.04 -111.67 51.77
C ASN O 134 6.58 -112.76 52.69
N ILE O 135 5.93 -112.99 53.82
CA ILE O 135 6.32 -114.04 54.76
C ILE O 135 5.40 -115.24 54.53
N PRO O 136 5.94 -116.38 54.07
CA PRO O 136 5.10 -117.56 53.85
C PRO O 136 4.79 -118.37 55.11
N ALA O 137 5.09 -117.85 56.30
CA ALA O 137 4.75 -118.52 57.55
C ALA O 137 3.39 -118.11 58.09
N PHE O 138 2.66 -117.25 57.37
CA PHE O 138 1.32 -116.86 57.81
C PHE O 138 0.33 -117.99 57.60
N ARG O 139 0.43 -118.70 56.47
CA ARG O 139 -0.47 -119.83 56.20
C ARG O 139 -0.15 -121.03 57.08
N GLU O 140 1.07 -121.09 57.65
CA GLU O 140 1.42 -122.16 58.56
C GLU O 140 0.64 -122.04 59.86
N ARG O 141 0.32 -120.81 60.29
CA ARG O 141 -0.46 -120.61 61.50
C ARG O 141 -1.94 -120.37 61.22
N LEU O 142 -2.34 -120.28 59.95
CA LEU O 142 -3.77 -120.36 59.63
C LEU O 142 -4.29 -121.77 59.88
N GLN O 143 -3.46 -122.78 59.64
CA GLN O 143 -3.83 -124.15 59.97
C GLN O 143 -3.76 -124.40 61.47
N SER O 144 -2.93 -123.64 62.18
CA SER O 144 -2.93 -123.72 63.64
C SER O 144 -4.17 -123.07 64.23
N LEU O 145 -4.62 -121.98 63.61
CA LEU O 145 -5.92 -121.43 63.97
C LEU O 145 -7.06 -122.32 63.49
N LEU O 146 -6.83 -123.12 62.44
CA LEU O 146 -7.79 -124.16 62.08
C LEU O 146 -7.79 -125.27 63.12
N ASN O 147 -6.64 -125.55 63.75
CA ASN O 147 -6.58 -126.54 64.81
C ASN O 147 -7.10 -125.97 66.13
N SER O 148 -6.55 -124.83 66.56
CA SER O 148 -6.94 -124.20 67.82
C SER O 148 -8.16 -123.32 67.55
N GLU O 149 -9.34 -123.93 67.64
CA GLU O 149 -10.58 -123.20 67.42
C GLU O 149 -11.09 -122.52 68.68
N GLU O 150 -10.71 -123.01 69.86
CA GLU O 150 -11.23 -122.45 71.11
C GLU O 150 -10.54 -121.13 71.44
N SER O 151 -9.21 -121.10 71.35
CA SER O 151 -8.47 -119.88 71.66
C SER O 151 -8.59 -118.81 70.58
N ARG O 152 -9.01 -119.19 69.37
CA ARG O 152 -9.18 -118.20 68.31
C ARG O 152 -10.43 -117.38 68.53
N GLU O 153 -11.54 -118.02 68.88
CA GLU O 153 -12.81 -117.31 69.08
C GLU O 153 -12.81 -116.49 70.36
N LYS O 154 -11.95 -116.81 71.33
CA LYS O 154 -11.84 -115.97 72.51
C LYS O 154 -11.12 -114.65 72.21
N LEU O 155 -10.28 -114.64 71.17
CA LEU O 155 -9.54 -113.45 70.80
C LEU O 155 -10.25 -112.60 69.75
N LEU O 156 -11.25 -113.15 69.05
CA LEU O 156 -11.99 -112.37 68.07
C LEU O 156 -12.91 -111.37 68.74
N ALA O 157 -13.40 -111.67 69.94
CA ALA O 157 -14.26 -110.75 70.66
C ALA O 157 -13.49 -109.56 71.22
N GLU O 158 -12.19 -109.70 71.42
CA GLU O 158 -11.36 -108.61 71.92
C GLU O 158 -11.10 -107.59 70.81
N PRO P 1 -12.94 -19.33 -8.12
CA PRO P 1 -13.53 -20.56 -8.60
C PRO P 1 -14.44 -21.19 -7.56
N THR P 2 -15.45 -21.94 -8.01
CA THR P 2 -16.38 -22.51 -7.05
C THR P 2 -15.93 -23.90 -6.65
N PRO P 3 -16.10 -24.29 -5.39
CA PRO P 3 -15.68 -25.62 -4.96
C PRO P 3 -16.54 -26.71 -5.54
N CYS P 4 -15.93 -27.86 -5.74
CA CYS P 4 -16.55 -29.03 -6.31
C CYS P 4 -17.05 -29.95 -5.21
N TYR P 5 -17.48 -31.15 -5.58
CA TYR P 5 -17.95 -32.11 -4.60
C TYR P 5 -17.58 -33.50 -5.05
N ILE P 6 -17.13 -34.34 -4.14
CA ILE P 6 -16.68 -35.70 -4.46
C ILE P 6 -17.41 -36.70 -3.57
N SER P 7 -17.96 -37.72 -4.18
CA SER P 7 -18.61 -38.82 -3.47
C SER P 7 -17.85 -40.10 -3.73
N ILE P 8 -17.18 -40.62 -2.72
CA ILE P 8 -16.34 -41.81 -2.84
C ILE P 8 -17.09 -43.01 -2.31
N GLU P 9 -17.10 -44.11 -3.06
CA GLU P 9 -17.66 -45.36 -2.57
C GLU P 9 -16.61 -46.44 -2.64
N GLY P 10 -16.31 -47.06 -1.49
CA GLY P 10 -15.25 -48.04 -1.42
C GLY P 10 -15.71 -49.44 -1.77
N GLN P 11 -14.75 -50.36 -1.82
CA GLN P 11 -15.11 -51.77 -1.96
C GLN P 11 -15.76 -52.29 -0.70
N THR P 12 -15.05 -52.25 0.43
CA THR P 12 -15.56 -52.83 1.65
C THR P 12 -16.13 -51.80 2.62
N GLN P 13 -15.77 -50.53 2.50
CA GLN P 13 -16.18 -49.53 3.46
C GLN P 13 -17.42 -48.78 3.03
N GLY P 14 -18.17 -49.31 2.06
CA GLY P 14 -19.43 -48.71 1.68
C GLY P 14 -19.24 -47.35 1.05
N LEU P 15 -20.17 -46.45 1.32
CA LEU P 15 -20.04 -45.07 0.90
C LEU P 15 -19.14 -44.37 1.90
N ILE P 16 -17.93 -44.01 1.47
CA ILE P 16 -16.95 -43.45 2.40
C ILE P 16 -17.36 -42.05 2.84
N THR P 17 -17.78 -41.23 1.91
CA THR P 17 -18.10 -39.87 2.28
C THR P 17 -19.51 -39.69 2.78
N ALA P 18 -20.18 -40.75 3.24
CA ALA P 18 -21.55 -40.62 3.75
C ALA P 18 -21.50 -39.92 5.08
N GLY P 19 -21.80 -38.63 5.09
CA GLY P 19 -21.71 -37.86 6.30
C GLY P 19 -20.51 -36.96 6.40
N ALA P 20 -19.77 -36.74 5.31
CA ALA P 20 -18.59 -35.92 5.36
C ALA P 20 -18.89 -34.45 5.22
N CYS P 21 -20.15 -34.06 5.17
CA CYS P 21 -20.59 -32.68 5.31
C CYS P 21 -21.77 -32.59 6.26
N THR P 22 -21.62 -33.17 7.44
CA THR P 22 -22.56 -32.95 8.52
C THR P 22 -21.98 -31.90 9.46
N ALA P 23 -22.68 -31.66 10.55
CA ALA P 23 -22.18 -30.74 11.56
C ALA P 23 -21.10 -31.37 12.42
N ASP P 24 -20.98 -32.69 12.40
CA ASP P 24 -19.91 -33.33 13.16
C ASP P 24 -18.59 -33.33 12.40
N SER P 25 -18.63 -33.33 11.07
CA SER P 25 -17.41 -33.39 10.29
C SER P 25 -16.70 -32.03 10.30
N ILE P 26 -17.35 -31.01 9.77
CA ILE P 26 -16.67 -29.75 9.50
C ILE P 26 -17.32 -28.56 10.20
N GLY P 27 -18.02 -28.81 11.30
CA GLY P 27 -18.55 -27.71 12.08
C GLY P 27 -19.73 -27.03 11.45
N ASP P 28 -19.62 -25.73 11.20
CA ASP P 28 -20.71 -24.94 10.66
C ASP P 28 -20.57 -24.67 9.18
N SER P 29 -19.56 -25.23 8.52
CA SER P 29 -19.39 -25.03 7.09
C SER P 29 -19.95 -26.18 6.29
N PHE P 30 -20.93 -26.89 6.82
CA PHE P 30 -21.52 -27.96 6.03
C PHE P 30 -22.67 -27.41 5.23
N VAL P 31 -23.04 -28.14 4.19
CA VAL P 31 -24.05 -27.70 3.24
C VAL P 31 -25.16 -28.73 3.23
N GLU P 32 -26.40 -28.29 3.38
CA GLU P 32 -27.53 -29.18 3.25
C GLU P 32 -27.66 -29.65 1.80
N GLY P 33 -28.12 -30.89 1.63
CA GLY P 33 -28.25 -31.49 0.33
C GLY P 33 -27.00 -32.17 -0.17
N HIS P 34 -25.85 -31.84 0.36
CA HIS P 34 -24.59 -32.47 -0.02
C HIS P 34 -24.05 -33.25 1.16
N GLU P 35 -24.94 -34.00 1.82
CA GLU P 35 -24.57 -34.70 3.02
C GLU P 35 -23.64 -35.88 2.76
N ASP P 36 -23.56 -36.35 1.52
CA ASP P 36 -22.74 -37.51 1.21
C ASP P 36 -21.50 -37.16 0.41
N GLU P 37 -21.16 -35.89 0.32
CA GLU P 37 -20.15 -35.43 -0.62
C GLU P 37 -19.20 -34.49 0.09
N MET P 38 -17.90 -34.75 -0.01
CA MET P 38 -16.92 -33.85 0.57
C MET P 38 -16.88 -32.54 -0.21
N LEU P 39 -16.24 -31.55 0.37
CA LEU P 39 -16.12 -30.24 -0.26
C LEU P 39 -14.69 -30.07 -0.74
N VAL P 40 -14.51 -30.07 -2.06
CA VAL P 40 -13.19 -30.14 -2.67
C VAL P 40 -12.73 -28.74 -3.03
N GLN P 41 -11.55 -28.37 -2.54
CA GLN P 41 -11.07 -27.01 -2.72
C GLN P 41 -10.22 -26.87 -3.98
N GLN P 42 -9.11 -27.58 -4.05
CA GLN P 42 -8.14 -27.46 -5.12
C GLN P 42 -8.16 -28.73 -5.96
N PHE P 43 -7.68 -28.64 -7.19
CA PHE P 43 -7.72 -29.78 -8.09
C PHE P 43 -6.52 -29.76 -9.01
N ASP P 44 -6.07 -30.95 -9.44
CA ASP P 44 -4.94 -31.10 -10.34
C ASP P 44 -4.87 -32.51 -10.92
N HIS P 45 -4.67 -32.63 -12.23
CA HIS P 45 -4.79 -33.94 -12.88
C HIS P 45 -4.13 -33.91 -14.24
N VAL P 46 -3.17 -34.81 -14.47
CA VAL P 46 -2.40 -34.88 -15.71
C VAL P 46 -2.65 -36.22 -16.35
N VAL P 47 -2.74 -36.27 -17.68
CA VAL P 47 -2.84 -37.53 -18.42
C VAL P 47 -1.84 -37.45 -19.55
N THR P 48 -0.69 -38.10 -19.39
CA THR P 48 0.34 -37.99 -20.40
C THR P 48 0.21 -39.09 -21.45
N VAL P 49 0.87 -38.87 -22.59
CA VAL P 49 1.03 -39.87 -23.62
C VAL P 49 2.48 -39.83 -24.09
N PRO P 50 3.23 -40.90 -23.99
CA PRO P 50 4.62 -40.88 -24.46
C PRO P 50 4.72 -40.85 -25.97
N THR P 51 5.18 -39.73 -26.52
CA THR P 51 5.37 -39.58 -27.94
C THR P 51 6.86 -39.60 -28.26
N ASP P 52 7.21 -40.16 -29.40
CA ASP P 52 8.63 -40.21 -29.75
C ASP P 52 9.10 -38.86 -30.27
N PRO P 53 10.40 -38.58 -30.18
CA PRO P 53 10.94 -37.40 -30.85
C PRO P 53 10.97 -37.62 -32.35
N GLN P 54 11.33 -36.54 -33.05
CA GLN P 54 11.50 -36.44 -34.52
C GLN P 54 10.31 -37.03 -35.30
N SER P 55 9.12 -36.95 -34.73
CA SER P 55 7.90 -37.47 -35.31
C SER P 55 6.75 -36.75 -34.63
N GLY P 56 5.55 -37.30 -34.77
CA GLY P 56 4.45 -36.80 -33.98
C GLY P 56 3.64 -37.93 -33.40
N GLN P 57 3.99 -39.16 -33.74
CA GLN P 57 3.10 -40.26 -33.41
C GLN P 57 3.23 -40.65 -31.94
N PRO P 58 2.13 -41.10 -31.32
CA PRO P 58 2.20 -41.56 -29.93
C PRO P 58 2.90 -42.92 -29.85
N SER P 59 4.07 -42.92 -29.21
CA SER P 59 4.87 -44.13 -29.07
C SER P 59 4.54 -44.82 -27.76
N GLY P 60 3.29 -45.26 -27.64
CA GLY P 60 2.87 -45.93 -26.44
C GLY P 60 1.51 -45.49 -25.96
N GLN P 61 0.89 -46.27 -25.09
CA GLN P 61 -0.41 -45.92 -24.58
C GLN P 61 -0.30 -44.83 -23.53
N ARG P 62 -1.44 -44.25 -23.17
CA ARG P 62 -1.51 -43.15 -22.22
C ARG P 62 -1.05 -43.60 -20.83
N VAL P 63 -0.63 -42.64 -20.03
CA VAL P 63 -0.15 -42.87 -18.68
C VAL P 63 -0.89 -41.91 -17.76
N HIS P 64 -1.74 -42.43 -16.89
CA HIS P 64 -2.56 -41.58 -16.04
C HIS P 64 -1.80 -41.14 -14.80
N LYS P 65 -1.39 -39.90 -14.78
CA LYS P 65 -0.91 -39.28 -13.56
C LYS P 65 -2.11 -39.02 -12.64
N PRO P 66 -1.93 -38.98 -11.32
CA PRO P 66 -3.09 -39.05 -10.44
C PRO P 66 -3.87 -37.76 -10.31
N PHE P 67 -5.16 -37.92 -9.96
CA PHE P 67 -5.96 -36.89 -9.30
C PHE P 67 -5.22 -36.26 -8.13
N LYS P 68 -5.52 -35.00 -7.86
CA LYS P 68 -5.07 -34.36 -6.61
C LYS P 68 -6.16 -33.40 -6.17
N PHE P 69 -7.07 -33.86 -5.32
CA PHE P 69 -8.12 -33.00 -4.80
C PHE P 69 -7.91 -32.76 -3.32
N THR P 70 -8.23 -31.56 -2.85
CA THR P 70 -7.91 -31.13 -1.49
C THR P 70 -9.17 -30.89 -0.70
N VAL P 71 -9.34 -31.60 0.41
CA VAL P 71 -10.44 -31.38 1.33
C VAL P 71 -9.87 -31.09 2.71
N ALA P 72 -10.71 -30.58 3.60
CA ALA P 72 -10.27 -30.35 4.96
C ALA P 72 -10.36 -31.64 5.76
N LEU P 73 -9.89 -31.61 6.99
CA LEU P 73 -10.04 -32.76 7.87
C LEU P 73 -11.49 -32.94 8.26
N ASN P 74 -12.04 -34.12 7.98
CA ASN P 74 -13.42 -34.39 8.29
C ASN P 74 -13.59 -35.88 8.56
N LYS P 75 -14.83 -36.34 8.49
CA LYS P 75 -15.17 -37.70 8.86
C LYS P 75 -14.55 -38.71 7.92
N ALA P 76 -14.50 -38.39 6.63
CA ALA P 76 -14.04 -39.35 5.65
C ALA P 76 -12.53 -39.50 5.58
N VAL P 77 -11.76 -38.65 6.25
CA VAL P 77 -10.30 -38.73 6.17
C VAL P 77 -9.73 -39.93 6.91
N PRO P 78 -10.19 -40.34 8.11
CA PRO P 78 -9.74 -41.64 8.62
C PRO P 78 -10.23 -42.81 7.80
N LEU P 79 -11.32 -42.67 7.05
CA LEU P 79 -11.74 -43.74 6.17
C LEU P 79 -10.88 -43.80 4.92
N LEU P 80 -10.35 -42.66 4.48
CA LEU P 80 -9.45 -42.67 3.34
C LEU P 80 -8.03 -43.06 3.69
N TYR P 81 -7.68 -43.13 4.97
CA TYR P 81 -6.40 -43.70 5.33
C TYR P 81 -6.46 -45.18 5.58
N ASN P 82 -7.57 -45.84 5.28
CA ASN P 82 -7.55 -47.30 5.15
C ASN P 82 -7.71 -47.75 3.73
N ALA P 83 -8.32 -46.94 2.87
CA ALA P 83 -8.26 -47.22 1.45
C ALA P 83 -6.84 -47.03 0.94
N LEU P 84 -6.06 -46.19 1.60
CA LEU P 84 -4.68 -45.96 1.22
C LEU P 84 -3.77 -47.07 1.71
N SER P 85 -3.72 -47.27 3.01
CA SER P 85 -2.72 -48.15 3.60
C SER P 85 -3.03 -49.63 3.42
N SER P 86 -4.18 -49.98 2.86
CA SER P 86 -4.47 -51.37 2.56
C SER P 86 -4.72 -51.61 1.09
N GLY P 87 -4.62 -50.58 0.25
CA GLY P 87 -4.78 -50.77 -1.18
C GLY P 87 -6.18 -51.08 -1.61
N GLU P 88 -7.18 -50.63 -0.87
CA GLU P 88 -8.56 -50.91 -1.22
C GLU P 88 -8.98 -50.06 -2.41
N LYS P 89 -9.53 -50.71 -3.42
CA LYS P 89 -10.04 -49.96 -4.55
C LYS P 89 -11.33 -49.28 -4.15
N LEU P 90 -11.66 -48.22 -4.85
CA LEU P 90 -12.86 -47.45 -4.60
C LEU P 90 -13.76 -47.60 -5.82
N LYS P 91 -15.00 -48.00 -5.61
CA LYS P 91 -15.85 -48.35 -6.74
C LYS P 91 -16.19 -47.15 -7.60
N THR P 92 -16.35 -45.98 -6.99
CA THR P 92 -16.61 -44.79 -7.79
C THR P 92 -16.17 -43.54 -7.05
N VAL P 93 -15.86 -42.51 -7.82
CA VAL P 93 -15.54 -41.18 -7.32
C VAL P 93 -16.17 -40.22 -8.31
N GLU P 94 -17.17 -39.49 -7.89
CA GLU P 94 -17.91 -38.64 -8.83
C GLU P 94 -17.65 -37.19 -8.46
N LEU P 95 -16.59 -36.63 -9.02
CA LEU P 95 -16.34 -35.20 -8.92
C LEU P 95 -17.42 -34.45 -9.70
N LYS P 96 -17.84 -33.31 -9.18
CA LYS P 96 -18.87 -32.51 -9.83
C LYS P 96 -18.45 -31.05 -9.80
N TRP P 97 -18.12 -30.50 -10.95
CA TRP P 97 -17.67 -29.12 -11.04
C TRP P 97 -18.87 -28.20 -11.07
N TYR P 98 -19.02 -27.36 -10.06
CA TYR P 98 -20.14 -26.43 -10.08
C TYR P 98 -19.71 -25.12 -10.71
N ARG P 99 -20.71 -24.36 -11.14
CA ARG P 99 -20.51 -22.98 -11.54
C ARG P 99 -21.82 -22.25 -11.39
N THR P 100 -21.74 -20.93 -11.35
CA THR P 100 -22.91 -20.09 -11.17
C THR P 100 -23.48 -19.75 -12.53
N SER P 101 -24.72 -20.15 -12.77
CA SER P 101 -25.32 -19.97 -14.09
C SER P 101 -25.89 -18.57 -14.21
N ILE P 102 -26.65 -18.34 -15.29
CA ILE P 102 -27.16 -17.00 -15.56
C ILE P 102 -28.34 -16.70 -14.66
N GLU P 103 -29.23 -17.67 -14.45
CA GLU P 103 -30.41 -17.46 -13.64
C GLU P 103 -30.09 -17.33 -12.15
N GLY P 104 -28.87 -17.63 -11.73
CA GLY P 104 -28.48 -17.44 -10.37
C GLY P 104 -28.43 -18.71 -9.54
N LYS P 105 -28.31 -19.86 -10.17
CA LYS P 105 -28.33 -21.11 -9.44
C LYS P 105 -27.09 -21.92 -9.76
N GLN P 106 -26.58 -22.61 -8.75
CA GLN P 106 -25.46 -23.50 -8.94
C GLN P 106 -25.87 -24.67 -9.81
N GLU P 107 -24.96 -25.14 -10.64
CA GLU P 107 -25.24 -26.31 -11.46
C GLU P 107 -23.93 -26.99 -11.81
N ASN P 108 -23.96 -28.31 -11.93
CA ASN P 108 -22.77 -29.01 -12.38
C ASN P 108 -22.70 -28.94 -13.89
N PHE P 109 -21.68 -28.29 -14.39
CA PHE P 109 -21.52 -28.23 -15.83
C PHE P 109 -20.59 -29.31 -16.34
N PHE P 110 -19.99 -30.11 -15.45
CA PHE P 110 -18.89 -30.97 -15.83
C PHE P 110 -18.70 -31.97 -14.70
N THR P 111 -18.81 -33.26 -14.98
CA THR P 111 -18.56 -34.28 -13.97
C THR P 111 -17.52 -35.24 -14.48
N THR P 112 -16.56 -35.60 -13.64
CA THR P 112 -15.53 -36.57 -14.02
C THR P 112 -15.71 -37.78 -13.12
N LYS P 113 -16.52 -38.75 -13.54
CA LYS P 113 -16.67 -39.96 -12.77
C LYS P 113 -15.42 -40.82 -12.87
N LEU P 114 -15.46 -41.96 -12.20
CA LEU P 114 -14.23 -42.72 -12.01
C LEU P 114 -14.62 -44.13 -11.61
N GLU P 115 -14.02 -45.12 -12.23
CA GLU P 115 -14.23 -46.50 -11.79
C GLU P 115 -13.11 -46.85 -10.81
N ASN P 116 -12.81 -48.14 -10.65
CA ASN P 116 -11.93 -48.69 -9.62
C ASN P 116 -10.64 -47.92 -9.44
N ALA P 117 -10.50 -47.28 -8.29
CA ALA P 117 -9.53 -46.20 -8.13
C ALA P 117 -8.90 -46.31 -6.76
N SER P 118 -7.71 -46.87 -6.68
CA SER P 118 -6.99 -46.87 -5.41
C SER P 118 -6.49 -45.48 -5.11
N ILE P 119 -6.01 -45.29 -3.89
CA ILE P 119 -5.42 -44.03 -3.46
C ILE P 119 -3.91 -44.17 -3.49
N VAL P 120 -3.24 -43.28 -4.20
CA VAL P 120 -1.78 -43.35 -4.26
C VAL P 120 -1.17 -42.75 -3.01
N ASP P 121 -1.44 -41.47 -2.75
CA ASP P 121 -0.94 -40.88 -1.52
C ASP P 121 -1.87 -39.79 -1.04
N ILE P 122 -1.72 -39.46 0.24
CA ILE P 122 -2.53 -38.45 0.90
C ILE P 122 -1.58 -37.54 1.67
N HIS P 123 -1.63 -36.25 1.37
CA HIS P 123 -0.67 -35.27 1.88
C HIS P 123 -1.37 -34.35 2.86
N CYS P 124 -1.45 -34.77 4.12
CA CYS P 124 -2.09 -33.98 5.17
C CYS P 124 -1.09 -32.95 5.68
N GLU P 125 -1.46 -31.68 5.62
CA GLU P 125 -0.61 -30.63 6.15
C GLU P 125 -1.47 -29.58 6.81
N MET P 126 -0.81 -28.69 7.56
CA MET P 126 -1.45 -27.58 8.21
C MET P 126 -0.48 -26.42 8.09
N PRO P 127 -0.92 -25.25 7.66
CA PRO P 127 -0.02 -24.10 7.56
C PRO P 127 0.40 -23.60 8.91
N HIS P 128 1.38 -22.70 8.91
CA HIS P 128 2.02 -22.28 10.14
C HIS P 128 1.09 -21.36 10.92
N CYS P 129 0.93 -21.63 12.21
CA CYS P 129 -0.05 -20.91 13.00
C CYS P 129 0.41 -19.50 13.34
N GLN P 130 1.72 -19.27 13.40
CA GLN P 130 2.25 -17.93 13.62
C GLN P 130 2.04 -17.02 12.43
N ASP P 131 1.92 -17.58 11.23
CA ASP P 131 1.94 -16.81 10.00
C ASP P 131 0.58 -16.19 9.75
N PRO P 132 0.46 -14.87 9.64
CA PRO P 132 -0.85 -14.26 9.42
C PRO P 132 -1.31 -14.29 7.98
N ALA P 133 -0.44 -14.60 7.02
CA ALA P 133 -0.87 -14.68 5.64
C ALA P 133 -1.69 -15.93 5.37
N LYS P 134 -1.52 -16.96 6.16
CA LYS P 134 -2.23 -18.22 6.01
C LYS P 134 -3.13 -18.48 7.21
N SER P 135 -3.84 -17.44 7.66
CA SER P 135 -4.71 -17.56 8.81
C SER P 135 -6.09 -18.06 8.45
N ASP P 136 -6.54 -17.83 7.22
CA ASP P 136 -7.87 -18.26 6.81
C ASP P 136 -7.93 -19.75 6.51
N PHE P 137 -6.80 -20.38 6.24
CA PHE P 137 -6.80 -21.79 5.92
C PHE P 137 -6.99 -22.60 7.20
N THR P 138 -7.53 -23.80 7.06
CA THR P 138 -7.68 -24.68 8.21
C THR P 138 -6.74 -25.86 8.15
N GLN P 139 -6.91 -26.72 7.16
CA GLN P 139 -6.02 -27.85 6.90
C GLN P 139 -6.03 -28.10 5.41
N ASN P 140 -5.20 -29.04 4.98
CA ASN P 140 -5.12 -29.39 3.57
C ASN P 140 -4.84 -30.88 3.52
N VAL P 141 -5.82 -31.67 3.07
CA VAL P 141 -5.66 -33.10 2.93
C VAL P 141 -5.83 -33.39 1.44
N THR P 142 -4.71 -33.54 0.74
CA THR P 142 -4.71 -33.71 -0.71
C THR P 142 -4.68 -35.19 -1.02
N VAL P 143 -5.82 -35.75 -1.37
CA VAL P 143 -5.94 -37.19 -1.60
C VAL P 143 -5.73 -37.46 -3.08
N SER P 144 -4.81 -38.34 -3.41
CA SER P 144 -4.60 -38.69 -4.80
C SER P 144 -5.37 -39.93 -5.17
N LEU P 145 -5.54 -40.14 -6.47
CA LEU P 145 -6.28 -41.29 -6.95
C LEU P 145 -5.69 -41.73 -8.27
N SER P 146 -4.99 -42.86 -8.28
CA SER P 146 -4.87 -43.57 -9.54
C SER P 146 -6.15 -44.33 -9.77
N TYR P 147 -6.38 -44.77 -11.00
CA TYR P 147 -7.73 -45.18 -11.37
C TYR P 147 -7.69 -46.04 -12.62
N ARG P 148 -8.61 -46.98 -12.70
CA ARG P 148 -8.71 -47.79 -13.91
C ARG P 148 -9.41 -47.01 -15.02
N LYS P 149 -10.67 -46.66 -14.81
CA LYS P 149 -11.51 -46.06 -15.83
C LYS P 149 -12.02 -44.71 -15.38
N ILE P 150 -11.84 -43.71 -16.22
CA ILE P 150 -12.29 -42.35 -15.95
C ILE P 150 -13.21 -41.93 -17.08
N THR P 151 -14.28 -41.23 -16.75
CA THR P 151 -15.24 -40.74 -17.73
C THR P 151 -15.51 -39.27 -17.48
N TRP P 152 -14.92 -38.40 -18.28
CA TRP P 152 -15.32 -37.01 -18.28
C TRP P 152 -16.71 -36.88 -18.87
N ASP P 153 -17.45 -35.87 -18.44
CA ASP P 153 -18.82 -35.72 -18.90
C ASP P 153 -19.22 -34.26 -18.72
N HIS P 154 -19.33 -33.54 -19.82
CA HIS P 154 -19.87 -32.19 -19.74
C HIS P 154 -21.39 -32.28 -19.83
N VAL P 155 -22.08 -31.71 -18.84
CA VAL P 155 -23.51 -31.91 -18.72
C VAL P 155 -24.29 -30.94 -19.58
N ASN P 156 -23.94 -29.65 -19.54
CA ASN P 156 -24.72 -28.65 -20.26
C ASN P 156 -24.53 -28.68 -21.77
N ALA P 157 -23.58 -29.43 -22.28
CA ALA P 157 -23.43 -29.60 -23.71
C ALA P 157 -23.41 -31.06 -24.12
N GLY P 158 -23.57 -31.98 -23.18
CA GLY P 158 -23.78 -33.37 -23.49
C GLY P 158 -22.58 -34.16 -23.94
N THR P 159 -21.42 -33.55 -24.15
CA THR P 159 -20.27 -34.32 -24.58
C THR P 159 -19.77 -35.21 -23.45
N SER P 160 -19.06 -36.27 -23.83
CA SER P 160 -18.59 -37.23 -22.84
C SER P 160 -17.35 -37.92 -23.38
N GLY P 161 -16.26 -37.81 -22.65
CA GLY P 161 -15.07 -38.56 -22.99
C GLY P 161 -14.98 -39.76 -22.08
N SER P 162 -14.08 -40.69 -22.39
CA SER P 162 -13.93 -41.88 -21.57
C SER P 162 -12.57 -42.50 -21.84
N ASP P 163 -11.95 -42.99 -20.79
CA ASP P 163 -10.76 -43.82 -20.93
C ASP P 163 -10.93 -45.04 -20.06
N ASP P 164 -10.40 -46.17 -20.52
CA ASP P 164 -10.50 -47.37 -19.73
C ASP P 164 -9.34 -48.28 -20.06
N TRP P 165 -8.73 -48.84 -19.03
CA TRP P 165 -7.77 -49.90 -19.27
C TRP P 165 -8.47 -51.21 -19.58
N ARG P 166 -9.68 -51.40 -19.07
CA ARG P 166 -10.39 -52.65 -19.27
C ARG P 166 -10.81 -52.83 -20.71
N LYS P 167 -11.27 -51.77 -21.35
CA LYS P 167 -11.76 -51.82 -22.73
C LYS P 167 -11.11 -50.72 -23.55
N PRO P 168 -9.87 -50.91 -23.99
CA PRO P 168 -9.28 -49.96 -24.92
C PRO P 168 -9.95 -50.09 -26.26
N ILE P 169 -9.76 -49.07 -27.10
CA ILE P 169 -10.63 -48.92 -28.26
C ILE P 169 -10.20 -49.92 -29.33
N GLU P 170 -10.87 -51.07 -29.33
CA GLU P 170 -10.64 -52.30 -30.09
C GLU P 170 -9.18 -52.76 -30.27
N GLY Q 1 -64.74 -118.92 -20.07
CA GLY Q 1 -63.79 -118.12 -19.32
C GLY Q 1 -62.34 -118.39 -19.71
N SER Q 2 -62.13 -118.66 -21.00
CA SER Q 2 -60.77 -118.92 -21.49
C SER Q 2 -59.93 -117.65 -21.56
N LEU Q 3 -60.56 -116.48 -21.64
CA LEU Q 3 -59.80 -115.23 -21.60
C LEU Q 3 -59.23 -114.97 -20.22
N LEU Q 4 -59.91 -115.42 -19.17
CA LEU Q 4 -59.35 -115.35 -17.82
C LEU Q 4 -58.21 -116.35 -17.65
N ASP Q 5 -58.23 -117.45 -18.40
CA ASP Q 5 -57.14 -118.41 -18.35
C ASP Q 5 -55.87 -117.88 -18.99
N GLU Q 6 -56.00 -117.01 -20.00
CA GLU Q 6 -54.82 -116.42 -20.62
C GLU Q 6 -54.20 -115.35 -19.73
N ILE Q 7 -55.00 -114.70 -18.89
CA ILE Q 7 -54.46 -113.72 -17.95
C ILE Q 7 -53.76 -114.43 -16.80
N MET Q 8 -54.36 -115.52 -16.29
CA MET Q 8 -53.75 -116.27 -15.19
C MET Q 8 -52.51 -117.04 -15.64
N ALA Q 9 -52.44 -117.47 -16.90
CA ALA Q 9 -51.21 -118.05 -17.42
C ALA Q 9 -50.16 -116.99 -17.67
N GLN Q 10 -50.56 -115.74 -17.86
CA GLN Q 10 -49.63 -114.62 -18.00
C GLN Q 10 -49.17 -114.22 -16.61
N THR Q 11 -47.99 -114.69 -16.21
CA THR Q 11 -47.54 -114.57 -14.83
C THR Q 11 -47.12 -113.15 -14.42
N ARG Q 12 -47.05 -112.21 -15.37
CA ARG Q 12 -46.70 -110.84 -15.03
C ARG Q 12 -47.83 -110.11 -14.33
N ILE Q 13 -49.09 -110.37 -14.71
CA ILE Q 13 -50.25 -109.71 -14.11
C ILE Q 13 -51.35 -110.74 -13.88
N ALA Q 14 -51.00 -111.89 -13.30
CA ALA Q 14 -51.97 -112.98 -13.17
C ALA Q 14 -53.02 -112.74 -12.07
N PRO Q 15 -52.67 -112.56 -10.76
CA PRO Q 15 -53.72 -112.70 -9.73
C PRO Q 15 -54.55 -111.45 -9.50
N SER Q 16 -54.95 -110.75 -10.58
CA SER Q 16 -55.87 -109.61 -10.57
C SER Q 16 -55.44 -108.50 -9.61
N GLU Q 17 -54.27 -107.94 -9.88
CA GLU Q 17 -53.69 -106.92 -9.01
C GLU Q 17 -53.68 -105.54 -9.63
N GLU Q 18 -53.06 -105.38 -10.80
CA GLU Q 18 -52.97 -104.07 -11.43
C GLU Q 18 -52.75 -104.26 -12.93
N GLY Q 19 -53.52 -103.54 -13.74
CA GLY Q 19 -53.38 -103.63 -15.18
C GLY Q 19 -54.02 -104.84 -15.82
N TYR Q 20 -54.92 -105.52 -15.12
CA TYR Q 20 -55.57 -106.69 -15.69
C TYR Q 20 -56.79 -106.36 -16.52
N ASP Q 21 -57.35 -105.15 -16.36
CA ASP Q 21 -58.46 -104.73 -17.20
C ASP Q 21 -57.98 -104.08 -18.49
N ILE Q 22 -56.78 -103.51 -18.49
CA ILE Q 22 -56.23 -102.91 -19.70
C ILE Q 22 -55.72 -103.99 -20.65
N ALA Q 23 -54.98 -104.97 -20.11
CA ALA Q 23 -54.46 -106.06 -20.93
C ALA Q 23 -55.55 -106.99 -21.43
N LYS Q 24 -56.69 -107.08 -20.71
CA LYS Q 24 -57.83 -107.83 -21.22
C LYS Q 24 -58.44 -107.14 -22.44
N LYS Q 25 -58.41 -105.80 -22.47
CA LYS Q 25 -58.83 -105.07 -23.65
C LYS Q 25 -57.81 -105.17 -24.78
N GLY Q 26 -56.56 -105.52 -24.48
CA GLY Q 26 -55.54 -105.67 -25.49
C GLY Q 26 -55.65 -106.97 -26.26
N VAL Q 27 -56.00 -108.04 -25.57
CA VAL Q 27 -56.16 -109.33 -26.22
C VAL Q 27 -57.39 -109.34 -27.11
N ALA Q 28 -58.52 -108.81 -26.60
CA ALA Q 28 -59.78 -108.89 -27.33
C ALA Q 28 -59.81 -107.96 -28.52
N ALA Q 29 -59.01 -106.89 -28.51
CA ALA Q 29 -58.97 -105.99 -29.67
C ALA Q 29 -58.17 -106.57 -30.82
N PHE Q 30 -57.12 -107.34 -30.51
CA PHE Q 30 -56.27 -107.89 -31.56
C PHE Q 30 -56.93 -109.05 -32.30
N ILE Q 31 -57.82 -109.79 -31.62
CA ILE Q 31 -58.49 -110.92 -32.24
C ILE Q 31 -59.55 -110.43 -33.24
N GLU Q 32 -60.15 -109.26 -32.98
CA GLU Q 32 -61.19 -108.73 -33.86
C GLU Q 32 -60.64 -108.29 -35.21
N ASN Q 33 -59.36 -107.92 -35.26
CA ASN Q 33 -58.71 -107.55 -36.51
C ASN Q 33 -57.83 -108.67 -37.06
N LEU Q 34 -57.72 -109.79 -36.35
CA LEU Q 34 -56.85 -110.88 -36.78
C LEU Q 34 -57.43 -111.64 -37.97
N MET Q 35 -58.75 -111.58 -38.17
CA MET Q 35 -59.41 -112.38 -39.21
C MET Q 35 -59.14 -111.89 -40.63
N GLY Q 36 -58.50 -110.73 -40.79
CA GLY Q 36 -58.10 -110.30 -42.12
C GLY Q 36 -56.95 -111.11 -42.69
N SER Q 37 -56.10 -111.64 -41.82
CA SER Q 37 -54.98 -112.48 -42.24
C SER Q 37 -54.64 -113.41 -41.09
N GLN Q 38 -55.00 -114.69 -41.22
CA GLN Q 38 -54.78 -115.66 -40.16
C GLN Q 38 -53.31 -116.08 -40.14
N HIS Q 39 -52.68 -115.94 -38.98
CA HIS Q 39 -51.30 -116.36 -38.79
C HIS Q 39 -51.07 -116.64 -37.31
N SER Q 40 -50.20 -117.61 -37.03
CA SER Q 40 -49.95 -118.06 -35.66
C SER Q 40 -48.44 -118.09 -35.40
N ALA Q 41 -47.88 -116.93 -35.03
CA ALA Q 41 -46.49 -116.79 -34.62
C ALA Q 41 -46.34 -115.46 -33.92
N GLU Q 42 -45.82 -115.48 -32.69
CA GLU Q 42 -45.63 -114.25 -31.91
C GLU Q 42 -44.69 -113.21 -32.54
N PRO Q 43 -43.49 -113.54 -33.08
CA PRO Q 43 -42.67 -112.46 -33.65
C PRO Q 43 -43.22 -111.88 -34.94
N VAL Q 44 -43.98 -112.66 -35.71
CA VAL Q 44 -44.72 -112.06 -36.82
C VAL Q 44 -45.88 -111.23 -36.29
N ASN Q 45 -46.49 -111.68 -35.18
CA ASN Q 45 -47.52 -110.89 -34.52
C ASN Q 45 -46.94 -109.62 -33.90
N LYS Q 46 -45.68 -109.64 -33.47
CA LYS Q 46 -45.02 -108.40 -33.05
C LYS Q 46 -44.84 -107.45 -34.24
N SER Q 47 -44.76 -108.00 -35.46
CA SER Q 47 -44.87 -107.15 -36.63
C SER Q 47 -46.32 -106.91 -37.03
N LEU Q 48 -47.21 -107.90 -36.79
CA LEU Q 48 -48.61 -107.71 -37.13
C LEU Q 48 -49.31 -106.74 -36.19
N VAL Q 49 -48.83 -106.61 -34.95
CA VAL Q 49 -49.28 -105.50 -34.09
C VAL Q 49 -48.81 -104.18 -34.68
N ASP Q 50 -47.54 -104.13 -35.12
CA ASP Q 50 -47.02 -102.92 -35.76
C ASP Q 50 -47.66 -102.66 -37.12
N GLN Q 51 -48.07 -103.71 -37.83
CA GLN Q 51 -48.83 -103.50 -39.07
C GLN Q 51 -50.27 -103.09 -38.80
N MET Q 52 -50.76 -103.29 -37.58
CA MET Q 52 -52.02 -102.71 -37.15
C MET Q 52 -51.85 -101.36 -36.45
N LEU Q 53 -50.62 -100.88 -36.31
CA LEU Q 53 -50.37 -99.53 -35.82
C LEU Q 53 -50.07 -98.56 -36.94
N VAL Q 54 -49.41 -99.01 -38.02
CA VAL Q 54 -49.17 -98.16 -39.16
C VAL Q 54 -50.47 -97.86 -39.90
N GLU Q 55 -51.33 -98.88 -40.06
CA GLU Q 55 -52.64 -98.65 -40.65
C GLU Q 55 -53.56 -97.88 -39.71
N LEU Q 56 -53.31 -97.96 -38.40
CA LEU Q 56 -54.07 -97.13 -37.45
C LEU Q 56 -53.65 -95.67 -37.52
N ASP Q 57 -52.34 -95.41 -37.67
CA ASP Q 57 -51.87 -94.04 -37.79
C ASP Q 57 -52.28 -93.40 -39.11
N LYS Q 58 -52.54 -94.20 -40.14
CA LYS Q 58 -53.13 -93.65 -41.35
C LYS Q 58 -54.58 -93.24 -41.12
N LYS Q 59 -55.26 -93.86 -40.16
CA LYS Q 59 -56.61 -93.47 -39.82
C LYS Q 59 -56.64 -92.26 -38.88
N ILE Q 60 -55.65 -92.12 -38.00
CA ILE Q 60 -55.70 -91.06 -36.99
C ILE Q 60 -55.10 -89.79 -37.54
N SER Q 61 -53.91 -89.87 -38.15
CA SER Q 61 -53.23 -88.66 -38.61
C SER Q 61 -53.93 -88.02 -39.80
N ALA Q 62 -54.69 -88.80 -40.57
CA ALA Q 62 -55.52 -88.21 -41.61
C ALA Q 62 -56.71 -87.48 -41.01
N GLN Q 63 -57.13 -87.84 -39.80
CA GLN Q 63 -58.15 -87.09 -39.10
C GLN Q 63 -57.57 -85.88 -38.39
N MET Q 64 -56.36 -86.03 -37.82
CA MET Q 64 -55.70 -84.92 -37.16
C MET Q 64 -54.99 -83.98 -38.12
N ASP Q 65 -55.02 -84.26 -39.42
CA ASP Q 65 -54.74 -83.23 -40.41
C ASP Q 65 -56.03 -82.59 -40.91
N GLU Q 66 -57.16 -82.90 -40.30
CA GLU Q 66 -58.42 -82.27 -40.62
C GLU Q 66 -59.09 -81.61 -39.44
N ILE Q 67 -58.85 -82.09 -38.22
CA ILE Q 67 -59.26 -81.33 -37.04
C ILE Q 67 -58.35 -80.12 -36.88
N LEU Q 68 -57.07 -80.28 -37.18
CA LEU Q 68 -56.20 -79.14 -37.40
C LEU Q 68 -56.43 -78.61 -38.81
N HIS Q 69 -55.66 -77.58 -39.19
CA HIS Q 69 -55.61 -77.03 -40.55
C HIS Q 69 -56.95 -76.50 -41.03
N ASN Q 70 -57.80 -76.09 -40.10
CA ASN Q 70 -59.12 -75.56 -40.40
C ASN Q 70 -59.08 -74.04 -40.32
N SER Q 71 -59.94 -73.39 -41.12
CA SER Q 71 -59.91 -71.93 -41.21
C SER Q 71 -60.36 -71.26 -39.93
N GLN Q 72 -61.16 -71.94 -39.11
CA GLN Q 72 -61.48 -71.43 -37.78
C GLN Q 72 -60.38 -71.74 -36.78
N PHE Q 73 -59.73 -72.90 -36.93
CA PHE Q 73 -58.71 -73.28 -35.97
C PHE Q 73 -57.39 -72.58 -36.25
N GLN Q 74 -56.91 -72.65 -37.49
CA GLN Q 74 -55.57 -72.16 -37.82
C GLN Q 74 -55.48 -70.64 -37.73
N ALA Q 75 -56.55 -69.93 -38.11
CA ALA Q 75 -56.54 -68.48 -37.97
C ALA Q 75 -56.64 -68.05 -36.51
N MET Q 76 -57.19 -68.90 -35.66
CA MET Q 76 -57.20 -68.68 -34.22
C MET Q 76 -56.07 -69.41 -33.51
N GLU Q 77 -55.21 -70.10 -34.25
CA GLU Q 77 -53.97 -70.61 -33.67
C GLU Q 77 -52.79 -69.69 -33.98
N SER Q 78 -52.73 -69.17 -35.20
CA SER Q 78 -51.66 -68.23 -35.57
C SER Q 78 -51.82 -66.91 -34.83
N ALA Q 79 -53.06 -66.49 -34.57
CA ALA Q 79 -53.29 -65.26 -33.83
C ALA Q 79 -53.03 -65.41 -32.34
N TRP Q 80 -52.80 -66.63 -31.85
CA TRP Q 80 -52.58 -66.85 -30.44
C TRP Q 80 -51.23 -67.47 -30.13
N ARG Q 81 -50.73 -68.40 -30.96
CA ARG Q 81 -49.36 -68.89 -30.78
C ARG Q 81 -48.36 -67.83 -31.22
N GLY Q 82 -48.73 -66.99 -32.19
CA GLY Q 82 -47.91 -65.85 -32.54
C GLY Q 82 -47.78 -64.82 -31.43
N LEU Q 83 -48.77 -64.76 -30.53
CA LEU Q 83 -48.61 -63.95 -29.33
C LEU Q 83 -47.55 -64.55 -28.41
N LYS Q 84 -47.49 -65.88 -28.33
CA LYS Q 84 -46.47 -66.53 -27.50
C LYS Q 84 -45.07 -66.28 -28.02
N LEU Q 85 -44.92 -66.13 -29.34
CA LEU Q 85 -43.65 -65.68 -29.90
C LEU Q 85 -43.36 -64.24 -29.56
N PHE Q 86 -44.38 -63.44 -29.26
CA PHE Q 86 -44.12 -62.09 -28.78
C PHE Q 86 -43.93 -62.04 -27.27
N VAL Q 87 -44.40 -63.03 -26.54
CA VAL Q 87 -44.19 -63.06 -25.09
C VAL Q 87 -42.85 -63.68 -24.74
N ASP Q 88 -42.45 -64.72 -25.46
CA ASP Q 88 -41.23 -65.46 -25.10
C ASP Q 88 -39.96 -64.68 -25.43
N ARG Q 89 -39.99 -63.83 -26.47
CA ARG Q 89 -38.78 -63.13 -26.86
C ARG Q 89 -38.54 -61.88 -26.03
N THR Q 90 -39.59 -61.14 -25.71
CA THR Q 90 -39.46 -59.85 -25.04
C THR Q 90 -39.18 -60.06 -23.56
N ASP Q 91 -38.14 -59.42 -23.06
CA ASP Q 91 -37.71 -59.60 -21.67
C ASP Q 91 -38.58 -58.72 -20.79
N PHE Q 92 -39.53 -59.31 -20.09
CA PHE Q 92 -40.42 -58.56 -19.22
C PHE Q 92 -39.74 -58.08 -17.95
N ARG Q 93 -38.57 -58.60 -17.62
CA ARG Q 93 -37.81 -58.05 -16.51
C ARG Q 93 -37.21 -56.70 -16.84
N GLU Q 94 -36.97 -56.42 -18.11
CA GLU Q 94 -36.35 -55.16 -18.53
C GLU Q 94 -37.40 -54.11 -18.89
N ASN Q 95 -38.37 -53.90 -18.00
CA ASN Q 95 -39.37 -52.84 -18.07
C ASN Q 95 -40.19 -52.90 -19.36
N ASN Q 96 -40.94 -53.97 -19.51
CA ASN Q 96 -41.81 -54.15 -20.66
C ASN Q 96 -43.14 -54.73 -20.20
N LYS Q 97 -44.23 -54.20 -20.73
CA LYS Q 97 -45.54 -54.77 -20.52
C LYS Q 97 -46.29 -54.77 -21.85
N VAL Q 98 -47.27 -55.65 -21.98
CA VAL Q 98 -48.04 -55.73 -23.21
C VAL Q 98 -49.50 -55.99 -22.87
N GLU Q 99 -50.37 -55.14 -23.40
CA GLU Q 99 -51.81 -55.29 -23.21
C GLU Q 99 -52.40 -56.07 -24.36
N ILE Q 100 -53.46 -56.83 -24.06
CA ILE Q 100 -54.11 -57.73 -24.99
C ILE Q 100 -55.57 -57.33 -25.11
N LEU Q 101 -55.98 -56.90 -26.30
CA LEU Q 101 -57.34 -56.45 -26.54
C LEU Q 101 -58.03 -57.35 -27.54
N HIS Q 102 -59.19 -57.89 -27.15
CA HIS Q 102 -60.03 -58.70 -28.03
C HIS Q 102 -60.96 -57.76 -28.79
N VAL Q 103 -60.63 -57.50 -30.05
CA VAL Q 103 -61.59 -56.95 -30.99
C VAL Q 103 -61.70 -57.94 -32.13
N THR Q 104 -62.62 -57.68 -33.04
CA THR Q 104 -62.51 -58.24 -34.38
C THR Q 104 -62.37 -57.08 -35.37
N LYS Q 105 -61.81 -57.41 -36.52
CA LYS Q 105 -61.46 -56.38 -37.50
C LYS Q 105 -62.70 -55.71 -38.09
N ASP Q 106 -63.80 -56.44 -38.19
CA ASP Q 106 -65.04 -55.82 -38.65
C ASP Q 106 -65.71 -55.01 -37.55
N GLU Q 107 -65.46 -55.36 -36.29
CA GLU Q 107 -66.03 -54.60 -35.18
C GLU Q 107 -65.34 -53.25 -35.03
N LEU Q 108 -64.07 -53.17 -35.42
CA LEU Q 108 -63.27 -51.99 -35.08
C LEU Q 108 -63.65 -50.81 -35.96
N LEU Q 109 -63.93 -51.04 -37.24
CA LEU Q 109 -64.37 -49.96 -38.11
C LEU Q 109 -65.77 -49.49 -37.72
N GLU Q 110 -66.61 -50.41 -37.27
CA GLU Q 110 -67.93 -50.04 -36.74
C GLU Q 110 -67.80 -49.20 -35.48
N ASP Q 111 -66.77 -49.47 -34.67
CA ASP Q 111 -66.52 -48.67 -33.47
C ASP Q 111 -65.99 -47.29 -33.80
N PHE Q 112 -65.33 -47.11 -34.94
CA PHE Q 112 -65.02 -45.77 -35.40
C PHE Q 112 -66.19 -45.12 -36.10
N GLU Q 113 -67.10 -45.92 -36.65
CA GLU Q 113 -68.38 -45.41 -37.11
C GLU Q 113 -69.32 -45.11 -35.95
N PHE Q 114 -69.05 -45.70 -34.79
CA PHE Q 114 -69.85 -45.51 -33.59
C PHE Q 114 -69.78 -44.07 -33.09
N ALA Q 115 -68.57 -43.55 -32.90
CA ALA Q 115 -68.43 -42.20 -32.39
C ALA Q 115 -68.37 -41.19 -33.52
N PRO Q 116 -68.89 -39.98 -33.31
CA PRO Q 116 -68.81 -38.94 -34.35
C PRO Q 116 -67.41 -38.41 -34.55
N GLU Q 117 -66.53 -38.55 -33.56
CA GLU Q 117 -65.16 -38.09 -33.65
C GLU Q 117 -64.25 -39.19 -33.10
N THR Q 118 -63.04 -39.27 -33.68
CA THR Q 118 -62.05 -40.25 -33.24
C THR Q 118 -61.62 -40.04 -31.79
N ALA Q 119 -61.78 -38.83 -31.27
CA ALA Q 119 -61.47 -38.50 -29.89
C ALA Q 119 -62.57 -38.91 -28.93
N GLN Q 120 -63.60 -39.62 -29.39
CA GLN Q 120 -64.60 -40.19 -28.51
C GLN Q 120 -64.86 -41.66 -28.80
N SER Q 121 -63.96 -42.32 -29.53
CA SER Q 121 -64.16 -43.70 -29.93
C SER Q 121 -63.94 -44.65 -28.76
N GLY Q 122 -64.20 -45.94 -29.01
CA GLY Q 122 -63.93 -46.94 -28.00
C GLY Q 122 -62.50 -47.44 -28.02
N LEU Q 123 -61.85 -47.38 -29.18
CA LEU Q 123 -60.43 -47.72 -29.21
C LEU Q 123 -59.58 -46.58 -28.68
N TYR Q 124 -60.08 -45.34 -28.82
CA TYR Q 124 -59.42 -44.19 -28.21
C TYR Q 124 -59.41 -44.26 -26.70
N LYS Q 125 -60.37 -44.97 -26.12
CA LYS Q 125 -60.38 -45.14 -24.66
C LYS Q 125 -59.25 -46.06 -24.21
N HIS Q 126 -58.93 -47.08 -24.99
CA HIS Q 126 -57.92 -48.05 -24.58
C HIS Q 126 -56.51 -47.68 -25.00
N VAL Q 127 -56.38 -46.89 -26.07
CA VAL Q 127 -55.05 -46.49 -26.51
C VAL Q 127 -54.61 -45.23 -25.79
N TYR Q 128 -55.47 -44.22 -25.73
CA TYR Q 128 -55.10 -42.93 -25.17
C TYR Q 128 -55.43 -42.84 -23.69
N SER Q 129 -56.71 -42.96 -23.33
CA SER Q 129 -57.14 -42.50 -22.02
C SER Q 129 -56.86 -43.51 -20.91
N ALA Q 130 -56.96 -44.80 -21.19
CA ALA Q 130 -56.64 -45.78 -20.15
C ALA Q 130 -55.14 -45.94 -19.97
N GLY Q 131 -54.35 -45.48 -20.93
CA GLY Q 131 -52.92 -45.56 -20.88
C GLY Q 131 -52.29 -44.20 -20.72
N TYR Q 132 -51.97 -43.62 -21.88
CA TYR Q 132 -51.23 -42.36 -21.96
C TYR Q 132 -51.97 -41.20 -21.29
N GLY Q 133 -53.25 -41.03 -21.60
CA GLY Q 133 -54.00 -39.94 -21.00
C GLY Q 133 -54.53 -40.29 -19.63
N GLN Q 134 -53.63 -40.55 -18.69
CA GLN Q 134 -54.00 -41.04 -17.37
C GLN Q 134 -52.90 -40.65 -16.39
N PHE Q 135 -53.29 -40.13 -15.24
CA PHE Q 135 -52.30 -39.77 -14.23
C PHE Q 135 -51.66 -41.02 -13.66
N GLY Q 136 -50.36 -41.19 -13.90
CA GLY Q 136 -49.62 -42.32 -13.41
C GLY Q 136 -49.70 -43.57 -14.27
N GLY Q 137 -50.63 -43.63 -15.20
CA GLY Q 137 -50.75 -44.81 -16.04
C GLY Q 137 -49.63 -44.90 -17.05
N GLU Q 138 -49.23 -46.13 -17.34
CA GLU Q 138 -48.16 -46.36 -18.31
C GLU Q 138 -48.65 -46.09 -19.72
N PRO Q 139 -47.90 -45.35 -20.53
CA PRO Q 139 -48.39 -44.94 -21.84
C PRO Q 139 -48.07 -45.99 -22.89
N VAL Q 140 -48.72 -45.86 -24.04
CA VAL Q 140 -48.72 -46.87 -25.08
C VAL Q 140 -47.62 -46.58 -26.09
N GLY Q 141 -46.73 -47.54 -26.30
CA GLY Q 141 -45.67 -47.38 -27.26
C GLY Q 141 -46.08 -47.62 -28.69
N ALA Q 142 -46.75 -48.74 -28.96
CA ALA Q 142 -47.16 -49.07 -30.32
C ALA Q 142 -48.37 -49.98 -30.27
N ILE Q 143 -49.11 -50.02 -31.37
CA ILE Q 143 -50.29 -50.85 -31.50
C ILE Q 143 -50.01 -51.93 -32.53
N ILE Q 144 -49.97 -53.18 -32.09
CA ILE Q 144 -49.82 -54.31 -32.99
C ILE Q 144 -51.17 -54.61 -33.61
N GLY Q 145 -51.25 -54.48 -34.93
CA GLY Q 145 -52.46 -54.85 -35.64
C GLY Q 145 -52.36 -56.25 -36.18
N ASN Q 146 -53.17 -57.16 -35.65
CA ASN Q 146 -53.14 -58.57 -36.05
C ASN Q 146 -54.11 -58.81 -37.20
N TYR Q 147 -53.95 -58.01 -38.24
CA TYR Q 147 -54.94 -57.85 -39.29
C TYR Q 147 -54.34 -58.25 -40.64
N ALA Q 148 -55.21 -58.31 -41.63
CA ALA Q 148 -54.81 -58.59 -43.01
C ALA Q 148 -55.50 -57.54 -43.88
N PHE Q 149 -54.77 -56.48 -44.23
CA PHE Q 149 -55.38 -55.33 -44.85
C PHE Q 149 -55.54 -55.51 -46.36
N THR Q 150 -56.69 -55.14 -46.85
CA THR Q 150 -57.04 -54.99 -48.25
C THR Q 150 -56.90 -53.53 -48.64
N PRO Q 151 -56.87 -53.21 -49.93
CA PRO Q 151 -56.90 -51.79 -50.30
C PRO Q 151 -58.30 -51.23 -50.49
N SER Q 152 -59.31 -51.94 -50.00
CA SER Q 152 -60.68 -51.51 -50.19
C SER Q 152 -61.04 -50.38 -49.24
N THR Q 153 -62.23 -49.82 -49.44
CA THR Q 153 -62.77 -48.73 -48.64
C THR Q 153 -63.00 -49.10 -47.16
N PRO Q 154 -63.48 -50.29 -46.77
CA PRO Q 154 -63.51 -50.60 -45.33
C PRO Q 154 -62.15 -50.85 -44.69
N ASP Q 155 -61.05 -50.78 -45.42
CA ASP Q 155 -59.72 -50.87 -44.83
C ASP Q 155 -58.86 -49.64 -45.07
N MET Q 156 -59.27 -48.72 -45.93
CA MET Q 156 -58.66 -47.41 -45.96
C MET Q 156 -59.41 -46.41 -45.11
N LYS Q 157 -60.64 -46.71 -44.72
CA LYS Q 157 -61.34 -45.90 -43.74
C LYS Q 157 -60.85 -46.23 -42.34
N LEU Q 158 -60.44 -47.46 -42.11
CA LEU Q 158 -59.89 -47.83 -40.82
C LEU Q 158 -58.53 -47.17 -40.58
N LEU Q 159 -57.65 -47.22 -41.59
CA LEU Q 159 -56.32 -46.66 -41.42
C LEU Q 159 -56.34 -45.14 -41.39
N GLN Q 160 -57.34 -44.51 -42.00
CA GLN Q 160 -57.50 -43.08 -41.82
C GLN Q 160 -57.89 -42.76 -40.38
N TYR Q 161 -58.65 -43.65 -39.75
CA TYR Q 161 -59.03 -43.51 -38.35
C TYR Q 161 -58.04 -44.17 -37.41
N MET Q 162 -56.97 -44.76 -37.92
CA MET Q 162 -55.87 -45.19 -37.07
C MET Q 162 -54.66 -44.29 -37.17
N GLY Q 163 -54.50 -43.58 -38.28
CA GLY Q 163 -53.49 -42.54 -38.34
C GLY Q 163 -53.84 -41.35 -37.49
N ALA Q 164 -55.13 -41.03 -37.40
CA ALA Q 164 -55.55 -39.96 -36.52
C ALA Q 164 -55.51 -40.38 -35.06
N LEU Q 165 -55.73 -41.67 -34.78
CA LEU Q 165 -55.56 -42.15 -33.42
C LEU Q 165 -54.08 -42.22 -33.04
N GLY Q 166 -53.23 -42.61 -34.00
CA GLY Q 166 -51.80 -42.65 -33.73
C GLY Q 166 -51.16 -41.29 -33.60
N ALA Q 167 -51.78 -40.25 -34.12
CA ALA Q 167 -51.26 -38.91 -33.95
C ALA Q 167 -51.74 -38.25 -32.67
N MET Q 168 -52.67 -38.87 -31.97
CA MET Q 168 -53.11 -38.31 -30.69
C MET Q 168 -52.40 -38.94 -29.51
N ALA Q 169 -52.18 -40.26 -29.54
CA ALA Q 169 -51.52 -40.93 -28.45
C ALA Q 169 -50.04 -41.15 -28.68
N HIS Q 170 -49.52 -40.65 -29.81
CA HIS Q 170 -48.10 -40.74 -30.20
C HIS Q 170 -47.62 -42.19 -30.25
N ALA Q 171 -48.39 -43.03 -30.90
CA ALA Q 171 -48.03 -44.42 -30.99
C ALA Q 171 -48.35 -44.93 -32.38
N PRO Q 172 -47.37 -45.41 -33.14
CA PRO Q 172 -47.66 -45.88 -34.50
C PRO Q 172 -48.36 -47.21 -34.47
N PHE Q 173 -49.29 -47.37 -35.41
CA PHE Q 173 -50.08 -48.59 -35.56
C PHE Q 173 -49.40 -49.49 -36.58
N ILE Q 174 -48.84 -50.60 -36.11
CA ILE Q 174 -48.15 -51.55 -36.99
C ILE Q 174 -49.05 -52.75 -37.24
N SER Q 175 -49.24 -53.06 -38.52
CA SER Q 175 -50.06 -54.18 -38.96
C SER Q 175 -49.46 -54.70 -40.26
N SER Q 176 -50.20 -55.48 -41.02
CA SER Q 176 -49.65 -56.03 -42.25
C SER Q 176 -50.69 -55.97 -43.36
N VAL Q 177 -50.18 -55.91 -44.59
CA VAL Q 177 -50.99 -56.03 -45.77
C VAL Q 177 -51.07 -57.50 -46.15
N GLY Q 178 -52.10 -57.85 -46.92
CA GLY Q 178 -52.31 -59.22 -47.31
C GLY Q 178 -51.78 -59.51 -48.69
N PRO Q 179 -51.94 -60.76 -49.13
CA PRO Q 179 -51.62 -61.08 -50.54
C PRO Q 179 -52.49 -60.30 -51.49
N GLU Q 180 -53.78 -60.19 -51.20
CA GLU Q 180 -54.72 -59.48 -52.06
C GLU Q 180 -54.49 -57.98 -52.09
N PHE Q 181 -53.65 -57.46 -51.21
CA PHE Q 181 -53.27 -56.05 -51.28
C PHE Q 181 -52.46 -55.78 -52.53
N PHE Q 182 -51.54 -56.68 -52.86
CA PHE Q 182 -50.75 -56.52 -54.08
C PHE Q 182 -51.48 -57.01 -55.31
N GLY Q 183 -52.61 -57.68 -55.15
CA GLY Q 183 -53.38 -58.17 -56.29
C GLY Q 183 -52.81 -59.45 -56.89
N ILE Q 184 -52.47 -60.41 -56.05
CA ILE Q 184 -51.92 -61.67 -56.52
C ILE Q 184 -52.71 -62.89 -56.06
N ASP Q 185 -53.52 -62.78 -54.99
CA ASP Q 185 -54.47 -63.80 -54.51
C ASP Q 185 -53.85 -65.11 -54.05
N SER Q 186 -52.53 -65.20 -54.09
CA SER Q 186 -51.73 -66.35 -53.68
C SER Q 186 -50.32 -65.83 -53.55
N PHE Q 187 -49.67 -66.03 -52.41
CA PHE Q 187 -48.61 -65.11 -52.05
C PHE Q 187 -47.26 -65.42 -52.69
N GLU Q 188 -46.96 -66.68 -52.98
CA GLU Q 188 -45.62 -67.05 -53.41
C GLU Q 188 -45.24 -66.58 -54.81
N GLU Q 189 -46.11 -65.84 -55.50
CA GLU Q 189 -45.79 -65.23 -56.78
C GLU Q 189 -45.45 -63.75 -56.64
N LEU Q 190 -44.87 -63.36 -55.52
CA LEU Q 190 -44.47 -61.96 -55.35
C LEU Q 190 -43.17 -61.58 -56.07
N PRO Q 191 -42.08 -62.37 -56.09
CA PRO Q 191 -40.92 -61.97 -56.90
C PRO Q 191 -41.17 -62.02 -58.40
N ASN Q 192 -42.26 -62.64 -58.85
CA ASN Q 192 -42.59 -62.61 -60.27
C ASN Q 192 -43.05 -61.22 -60.72
N ILE Q 193 -43.41 -60.35 -59.77
CA ILE Q 193 -43.79 -58.98 -60.12
C ILE Q 193 -42.57 -58.24 -60.65
N LYS Q 194 -42.64 -57.81 -61.90
CA LYS Q 194 -41.51 -57.18 -62.55
C LYS Q 194 -41.53 -55.66 -62.47
N ASP Q 195 -42.65 -55.07 -62.08
CA ASP Q 195 -42.71 -53.62 -61.89
C ASP Q 195 -43.79 -53.36 -60.83
N LEU Q 196 -43.34 -53.10 -59.60
CA LEU Q 196 -44.25 -52.86 -58.49
C LEU Q 196 -44.56 -51.38 -58.30
N LYS Q 197 -43.77 -50.51 -58.93
CA LYS Q 197 -44.05 -49.07 -58.88
C LYS Q 197 -45.30 -48.73 -59.68
N SER Q 198 -45.50 -49.38 -60.82
CA SER Q 198 -46.67 -49.10 -61.63
C SER Q 198 -47.92 -49.74 -61.07
N THR Q 199 -47.78 -50.77 -60.22
CA THR Q 199 -48.95 -51.39 -59.60
C THR Q 199 -49.63 -50.44 -58.63
N PHE Q 200 -48.83 -49.64 -57.91
CA PHE Q 200 -49.37 -48.74 -56.91
C PHE Q 200 -49.94 -47.45 -57.50
N GLU Q 201 -49.69 -47.18 -58.79
CA GLU Q 201 -50.25 -46.02 -59.48
C GLU Q 201 -51.46 -46.38 -60.32
N SER Q 202 -52.28 -47.34 -59.83
CA SER Q 202 -53.55 -47.86 -60.34
C SER Q 202 -54.72 -47.14 -59.68
N PRO Q 203 -55.84 -46.97 -60.40
CA PRO Q 203 -57.00 -46.31 -59.79
C PRO Q 203 -57.73 -47.12 -58.74
N LYS Q 204 -57.34 -48.37 -58.51
CA LYS Q 204 -57.88 -49.09 -57.36
C LYS Q 204 -57.32 -48.53 -56.05
N TYR Q 205 -56.15 -47.90 -56.11
CA TYR Q 205 -55.44 -47.42 -54.93
C TYR Q 205 -55.58 -45.91 -54.76
N THR Q 206 -56.73 -45.33 -55.08
CA THR Q 206 -56.91 -43.89 -54.88
C THR Q 206 -57.09 -43.59 -53.40
N LYS Q 207 -57.67 -44.51 -52.64
CA LYS Q 207 -57.74 -44.38 -51.20
C LYS Q 207 -56.48 -44.86 -50.49
N TRP Q 208 -55.46 -45.28 -51.24
CA TRP Q 208 -54.14 -45.57 -50.70
C TRP Q 208 -53.17 -44.42 -50.93
N ARG Q 209 -53.12 -43.89 -52.15
CA ARG Q 209 -52.23 -42.78 -52.46
C ARG Q 209 -52.71 -41.47 -51.86
N SER Q 210 -53.97 -41.40 -51.43
CA SER Q 210 -54.42 -40.26 -50.64
C SER Q 210 -54.19 -40.48 -49.15
N LEU Q 211 -54.09 -41.73 -48.71
CA LEU Q 211 -53.70 -42.01 -47.34
C LEU Q 211 -52.23 -41.67 -47.12
N ARG Q 212 -51.39 -41.95 -48.13
CA ARG Q 212 -49.95 -41.75 -47.99
C ARG Q 212 -49.59 -40.27 -47.92
N GLU Q 213 -50.30 -39.43 -48.66
CA GLU Q 213 -50.01 -38.00 -48.65
C GLU Q 213 -50.47 -37.33 -47.37
N SER Q 214 -51.31 -37.97 -46.57
CA SER Q 214 -51.89 -37.34 -45.40
C SER Q 214 -50.85 -37.15 -44.31
N GLU Q 215 -51.14 -36.20 -43.42
CA GLU Q 215 -50.17 -35.82 -42.39
C GLU Q 215 -50.10 -36.84 -41.26
N ASP Q 216 -51.25 -37.36 -40.84
CA ASP Q 216 -51.28 -38.31 -39.75
C ASP Q 216 -50.93 -39.73 -40.16
N ALA Q 217 -50.54 -39.96 -41.41
CA ALA Q 217 -50.08 -41.27 -41.85
C ALA Q 217 -48.69 -41.61 -41.33
N ARG Q 218 -48.03 -40.65 -40.69
CA ARG Q 218 -46.71 -40.83 -40.13
C ARG Q 218 -46.69 -41.91 -39.05
N TYR Q 219 -47.82 -42.14 -38.40
CA TYR Q 219 -47.96 -43.11 -37.32
C TYR Q 219 -48.60 -44.40 -37.82
N LEU Q 220 -48.26 -44.82 -39.03
CA LEU Q 220 -48.81 -46.03 -39.62
C LEU Q 220 -47.70 -46.74 -40.39
N GLY Q 221 -47.22 -47.85 -39.85
CA GLY Q 221 -46.35 -48.76 -40.57
C GLY Q 221 -47.10 -50.04 -40.90
N LEU Q 222 -46.89 -50.55 -42.11
CA LEU Q 222 -47.52 -51.79 -42.52
C LEU Q 222 -46.44 -52.78 -42.92
N THR Q 223 -46.45 -53.95 -42.28
CA THR Q 223 -45.28 -54.80 -42.21
C THR Q 223 -45.23 -55.79 -43.37
N ALA Q 224 -44.42 -56.82 -43.18
CA ALA Q 224 -43.81 -57.83 -44.03
C ALA Q 224 -44.78 -58.79 -44.70
N PRO Q 225 -44.30 -59.75 -45.51
CA PRO Q 225 -45.17 -60.84 -45.97
C PRO Q 225 -45.93 -61.61 -44.90
N ARG Q 226 -45.27 -62.50 -44.16
CA ARG Q 226 -45.77 -63.41 -43.12
C ARG Q 226 -44.56 -64.18 -42.64
N PHE Q 227 -44.73 -64.94 -41.57
CA PHE Q 227 -43.63 -65.76 -41.10
C PHE Q 227 -44.18 -67.01 -40.43
N LEU Q 228 -43.34 -68.03 -40.36
CA LEU Q 228 -43.72 -69.35 -39.88
C LEU Q 228 -43.68 -69.41 -38.36
N LEU Q 229 -44.61 -70.17 -37.78
CA LEU Q 229 -44.72 -70.31 -36.33
C LEU Q 229 -44.43 -71.71 -35.84
N ARG Q 230 -45.03 -72.73 -36.43
CA ARG Q 230 -44.98 -74.09 -35.91
C ARG Q 230 -44.34 -75.02 -36.93
N VAL Q 231 -43.27 -75.68 -36.52
CA VAL Q 231 -42.72 -76.79 -37.30
C VAL Q 231 -43.72 -77.93 -37.27
N PRO Q 232 -44.10 -78.50 -38.42
CA PRO Q 232 -44.97 -79.68 -38.40
C PRO Q 232 -44.30 -80.86 -37.74
N TYR Q 233 -45.08 -81.61 -36.98
CA TYR Q 233 -44.55 -82.60 -36.04
C TYR Q 233 -44.02 -83.82 -36.78
N ASP Q 234 -43.25 -84.63 -36.06
CA ASP Q 234 -42.53 -85.75 -36.64
C ASP Q 234 -42.26 -86.75 -35.54
N PRO Q 235 -42.37 -88.05 -35.80
CA PRO Q 235 -42.11 -89.04 -34.74
C PRO Q 235 -40.64 -89.18 -34.32
N ILE Q 236 -39.72 -88.50 -35.00
CA ILE Q 236 -38.30 -88.51 -34.63
C ILE Q 236 -37.85 -87.14 -34.15
N GLU Q 237 -38.18 -86.08 -34.88
CA GLU Q 237 -37.67 -84.75 -34.58
C GLU Q 237 -38.41 -84.11 -33.41
N ASN Q 238 -39.71 -83.88 -33.57
CA ASN Q 238 -40.54 -83.24 -32.55
C ASN Q 238 -41.70 -84.18 -32.24
N PRO Q 239 -41.49 -85.17 -31.37
CA PRO Q 239 -42.52 -86.18 -31.14
C PRO Q 239 -43.61 -85.67 -30.21
N VAL Q 240 -44.67 -86.48 -30.12
CA VAL Q 240 -45.75 -86.23 -29.17
C VAL Q 240 -45.82 -87.43 -28.22
N LYS Q 241 -46.44 -87.19 -27.06
CA LYS Q 241 -46.43 -88.15 -25.97
C LYS Q 241 -47.35 -89.33 -26.28
N SER Q 242 -46.77 -90.54 -26.25
CA SER Q 242 -47.47 -91.82 -26.43
C SER Q 242 -48.19 -91.92 -27.77
N PHE Q 243 -47.63 -91.27 -28.79
CA PHE Q 243 -48.22 -91.27 -30.13
C PHE Q 243 -47.13 -90.89 -31.13
N ASN Q 244 -47.29 -91.34 -32.37
CA ASN Q 244 -46.39 -90.97 -33.46
C ASN Q 244 -47.21 -90.18 -34.48
N TYR Q 245 -46.91 -88.91 -34.63
CA TYR Q 245 -47.71 -87.99 -35.43
C TYR Q 245 -46.83 -87.39 -36.54
N ALA Q 246 -47.06 -87.83 -37.77
CA ALA Q 246 -46.40 -87.25 -38.94
C ALA Q 246 -47.43 -86.38 -39.64
N GLU Q 247 -47.28 -85.06 -39.50
CA GLU Q 247 -48.22 -84.09 -40.05
C GLU Q 247 -47.97 -83.99 -41.55
N ASN Q 248 -48.83 -84.62 -42.34
CA ASN Q 248 -48.67 -84.66 -43.79
C ASN Q 248 -49.05 -83.30 -44.37
N VAL Q 249 -48.04 -82.45 -44.59
CA VAL Q 249 -48.26 -81.14 -45.19
C VAL Q 249 -48.27 -81.29 -46.70
N SER Q 250 -49.37 -80.87 -47.32
CA SER Q 250 -49.57 -81.04 -48.75
C SER Q 250 -48.82 -79.94 -49.52
N ALA Q 251 -49.09 -79.86 -50.82
CA ALA Q 251 -48.46 -78.84 -51.66
C ALA Q 251 -49.03 -77.45 -51.38
N SER Q 252 -50.21 -77.37 -50.78
CA SER Q 252 -50.74 -76.08 -50.36
C SER Q 252 -49.96 -75.59 -49.14
N HIS Q 253 -49.30 -74.44 -49.29
CA HIS Q 253 -48.53 -73.86 -48.20
C HIS Q 253 -49.38 -73.01 -47.28
N GLU Q 254 -50.71 -73.09 -47.39
CA GLU Q 254 -51.59 -72.44 -46.42
C GLU Q 254 -51.79 -73.27 -45.17
N HIS Q 255 -51.36 -74.54 -45.18
CA HIS Q 255 -51.55 -75.41 -44.02
C HIS Q 255 -50.48 -75.20 -42.96
N TYR Q 256 -49.33 -74.64 -43.32
CA TYR Q 256 -48.37 -74.19 -42.32
C TYR Q 256 -48.98 -73.09 -41.47
N LEU Q 257 -48.62 -73.07 -40.20
CA LEU Q 257 -49.15 -72.07 -39.28
C LEU Q 257 -48.44 -70.74 -39.53
N TRP Q 258 -48.95 -70.00 -40.50
CA TRP Q 258 -48.33 -68.73 -40.84
C TRP Q 258 -48.85 -67.63 -39.94
N GLY Q 259 -47.94 -66.98 -39.22
CA GLY Q 259 -48.31 -65.92 -38.30
C GLY Q 259 -48.42 -64.57 -38.99
N ASN Q 260 -48.65 -63.54 -38.18
CA ASN Q 260 -48.71 -62.17 -38.65
C ASN Q 260 -47.46 -61.43 -38.20
N THR Q 261 -46.82 -60.71 -39.12
CA THR Q 261 -45.49 -60.18 -38.84
C THR Q 261 -45.51 -58.89 -38.02
N ALA Q 262 -46.70 -58.36 -37.72
CA ALA Q 262 -46.79 -57.30 -36.73
C ALA Q 262 -46.38 -57.78 -35.35
N PHE Q 263 -46.53 -59.09 -35.09
CA PHE Q 263 -45.87 -59.72 -33.94
C PHE Q 263 -44.36 -59.61 -34.05
N ALA Q 264 -43.82 -60.01 -35.21
CA ALA Q 264 -42.38 -60.14 -35.34
C ALA Q 264 -41.66 -58.81 -35.50
N PHE Q 265 -42.34 -57.79 -36.02
CA PHE Q 265 -41.71 -56.47 -36.08
C PHE Q 265 -41.74 -55.77 -34.74
N ALA Q 266 -42.77 -56.00 -33.94
CA ALA Q 266 -42.78 -55.48 -32.58
C ALA Q 266 -41.88 -56.27 -31.65
N THR Q 267 -41.39 -57.42 -32.08
CA THR Q 267 -40.33 -58.09 -31.33
C THR Q 267 -39.06 -57.24 -31.35
N ARG Q 268 -38.80 -56.57 -32.48
CA ARG Q 268 -37.62 -55.73 -32.60
C ARG Q 268 -37.81 -54.34 -32.00
N LEU Q 269 -39.05 -53.89 -31.84
CA LEU Q 269 -39.29 -52.68 -31.06
C LEU Q 269 -38.97 -52.91 -29.60
N THR Q 270 -39.21 -54.11 -29.11
CA THR Q 270 -39.08 -54.35 -27.69
C THR Q 270 -37.69 -54.90 -27.33
N ASP Q 271 -37.11 -55.73 -28.20
CA ASP Q 271 -35.74 -56.18 -27.96
C ASP Q 271 -34.72 -55.08 -28.20
N SER Q 272 -35.11 -54.00 -28.86
CA SER Q 272 -34.27 -52.81 -28.83
C SER Q 272 -34.47 -52.01 -27.56
N PHE Q 273 -35.67 -52.04 -26.99
CA PHE Q 273 -35.91 -51.30 -25.76
C PHE Q 273 -35.33 -52.03 -24.55
N ALA Q 274 -35.26 -53.35 -24.61
CA ALA Q 274 -34.73 -54.09 -23.47
C ALA Q 274 -33.22 -53.99 -23.34
N LYS Q 275 -32.55 -53.45 -24.34
CA LYS Q 275 -31.10 -53.31 -24.34
C LYS Q 275 -30.63 -51.89 -24.12
N TYR Q 276 -31.25 -50.92 -24.80
CA TYR Q 276 -30.78 -49.54 -24.78
C TYR Q 276 -31.78 -48.57 -24.17
N ARG Q 277 -32.97 -49.03 -23.80
CA ARG Q 277 -34.08 -48.22 -23.27
C ARG Q 277 -34.51 -47.12 -24.24
N TRP Q 278 -34.34 -47.36 -25.53
CA TRP Q 278 -34.90 -46.56 -26.60
C TRP Q 278 -35.25 -47.49 -27.73
N CYS Q 279 -35.74 -46.93 -28.83
CA CYS Q 279 -35.99 -47.71 -30.04
C CYS Q 279 -35.80 -46.90 -31.32
N PRO Q 280 -34.55 -46.62 -31.71
CA PRO Q 280 -34.31 -46.41 -33.13
C PRO Q 280 -33.72 -47.64 -33.80
N ASN Q 281 -33.36 -48.65 -33.00
CA ASN Q 281 -32.56 -49.78 -33.48
C ASN Q 281 -33.48 -50.91 -33.94
N ILE Q 282 -34.02 -50.76 -35.14
CA ILE Q 282 -34.93 -51.75 -35.69
C ILE Q 282 -34.63 -52.12 -37.14
N ILE Q 283 -33.56 -51.59 -37.73
CA ILE Q 283 -33.35 -51.79 -39.16
C ILE Q 283 -32.01 -52.45 -39.47
N GLY Q 284 -31.47 -53.25 -38.55
CA GLY Q 284 -30.16 -53.82 -38.76
C GLY Q 284 -30.10 -55.33 -38.72
N PRO Q 285 -29.56 -55.95 -39.79
CA PRO Q 285 -29.27 -57.39 -39.73
C PRO Q 285 -28.21 -57.75 -38.72
N GLN Q 286 -27.33 -56.82 -38.38
CA GLN Q 286 -26.43 -56.96 -37.25
C GLN Q 286 -26.60 -55.84 -36.25
N SER Q 287 -27.72 -55.10 -36.32
CA SER Q 287 -27.88 -53.94 -35.47
C SER Q 287 -29.31 -53.80 -34.96
N GLY Q 288 -30.01 -54.91 -34.80
CA GLY Q 288 -31.29 -54.91 -34.14
C GLY Q 288 -32.53 -54.99 -35.00
N GLY Q 289 -32.43 -55.46 -36.23
CA GLY Q 289 -33.61 -55.68 -37.04
C GLY Q 289 -33.62 -57.10 -37.54
N ALA Q 290 -32.91 -57.99 -36.86
CA ALA Q 290 -32.73 -59.36 -37.29
C ALA Q 290 -33.68 -60.26 -36.50
N VAL Q 291 -34.76 -60.70 -37.15
CA VAL Q 291 -35.68 -61.66 -36.55
C VAL Q 291 -34.99 -63.02 -36.61
N GLU Q 292 -34.42 -63.45 -35.49
CA GLU Q 292 -33.71 -64.71 -35.44
C GLU Q 292 -34.61 -65.81 -34.92
N ASP Q 293 -34.08 -67.04 -35.01
CA ASP Q 293 -34.72 -68.27 -34.50
C ASP Q 293 -36.08 -68.51 -35.15
N LEU Q 294 -36.10 -68.45 -36.46
CA LEU Q 294 -37.33 -68.79 -37.16
C LEU Q 294 -37.48 -70.31 -37.25
N PRO Q 295 -38.71 -70.80 -37.33
CA PRO Q 295 -38.90 -72.23 -37.60
C PRO Q 295 -38.55 -72.59 -39.02
N VAL Q 296 -37.87 -73.72 -39.19
CA VAL Q 296 -37.55 -74.25 -40.50
C VAL Q 296 -38.12 -75.66 -40.61
N HIS Q 297 -38.37 -76.07 -41.84
CA HIS Q 297 -38.96 -77.38 -42.13
C HIS Q 297 -38.23 -77.98 -43.32
N VAL Q 298 -37.24 -78.82 -43.04
CA VAL Q 298 -36.47 -79.47 -44.09
C VAL Q 298 -37.31 -80.61 -44.67
N PHE Q 299 -37.71 -80.47 -45.93
CA PHE Q 299 -38.47 -81.51 -46.61
C PHE Q 299 -37.77 -81.87 -47.90
N GLU Q 300 -38.27 -82.92 -48.56
CA GLU Q 300 -37.68 -83.41 -49.79
C GLU Q 300 -38.32 -82.71 -50.98
N SER Q 301 -37.50 -82.04 -51.77
CA SER Q 301 -37.94 -81.42 -53.00
C SER Q 301 -37.87 -82.42 -54.14
N MET Q 302 -37.94 -81.95 -55.38
CA MET Q 302 -37.82 -82.80 -56.57
C MET Q 302 -36.38 -83.24 -56.75
N GLY Q 303 -35.96 -84.17 -55.90
CA GLY Q 303 -34.62 -84.74 -55.95
C GLY Q 303 -33.70 -84.28 -54.83
N ALA Q 304 -33.74 -82.99 -54.51
CA ALA Q 304 -32.83 -82.40 -53.55
C ALA Q 304 -33.46 -82.33 -52.16
N LEU Q 305 -32.64 -81.91 -51.20
CA LEU Q 305 -33.08 -81.72 -49.81
C LEU Q 305 -33.01 -80.22 -49.53
N GLN Q 306 -34.17 -79.55 -49.56
CA GLN Q 306 -34.24 -78.12 -49.34
C GLN Q 306 -34.99 -77.84 -48.05
N SER Q 307 -35.10 -76.56 -47.71
CA SER Q 307 -35.83 -76.11 -46.54
C SER Q 307 -36.98 -75.21 -46.95
N LYS Q 308 -38.10 -75.33 -46.24
CA LYS Q 308 -39.21 -74.41 -46.46
C LYS Q 308 -38.83 -73.03 -45.96
N ILE Q 309 -39.05 -72.03 -46.79
CA ILE Q 309 -38.66 -70.66 -46.45
C ILE Q 309 -39.56 -70.12 -45.35
N PRO Q 310 -39.00 -69.62 -44.24
CA PRO Q 310 -39.85 -69.21 -43.12
C PRO Q 310 -40.66 -67.97 -43.38
N THR Q 311 -40.26 -67.10 -44.31
CA THR Q 311 -41.16 -66.12 -44.89
C THR Q 311 -41.55 -66.65 -46.26
N GLU Q 312 -42.78 -66.35 -46.69
CA GLU Q 312 -43.36 -67.08 -47.81
C GLU Q 312 -42.75 -66.72 -49.16
N VAL Q 313 -42.03 -65.62 -49.26
CA VAL Q 313 -41.29 -65.29 -50.46
C VAL Q 313 -39.86 -64.94 -50.07
N LEU Q 314 -38.97 -65.08 -51.03
CA LEU Q 314 -37.60 -64.59 -50.89
C LEU Q 314 -37.56 -63.20 -51.49
N ILE Q 315 -37.58 -62.19 -50.62
CA ILE Q 315 -37.58 -60.81 -51.06
C ILE Q 315 -36.16 -60.45 -51.49
N THR Q 316 -36.01 -60.05 -52.75
CA THR Q 316 -34.72 -59.63 -53.24
C THR Q 316 -34.37 -58.24 -52.70
N ASP Q 317 -33.17 -57.77 -53.03
CA ASP Q 317 -32.78 -56.46 -52.54
C ASP Q 317 -33.43 -55.34 -53.35
N ARG Q 318 -33.69 -55.56 -54.63
CA ARG Q 318 -34.37 -54.55 -55.42
C ARG Q 318 -35.85 -54.51 -55.10
N LYS Q 319 -36.46 -55.67 -54.83
CA LYS Q 319 -37.86 -55.71 -54.43
C LYS Q 319 -38.06 -55.05 -53.06
N GLU Q 320 -37.08 -55.19 -52.16
CA GLU Q 320 -37.21 -54.59 -50.85
C GLU Q 320 -37.00 -53.09 -50.91
N PHE Q 321 -36.08 -52.64 -51.78
CA PHE Q 321 -35.89 -51.21 -51.95
C PHE Q 321 -37.08 -50.57 -52.64
N GLU Q 322 -37.78 -51.32 -53.51
CA GLU Q 322 -38.97 -50.77 -54.12
C GLU Q 322 -40.15 -50.78 -53.15
N LEU Q 323 -40.16 -51.71 -52.20
CA LEU Q 323 -41.12 -51.64 -51.10
C LEU Q 323 -40.74 -50.55 -50.10
N ALA Q 324 -39.45 -50.21 -49.98
CA ALA Q 324 -39.05 -49.19 -49.04
C ALA Q 324 -39.45 -47.80 -49.52
N GLU Q 325 -39.38 -47.58 -50.84
CA GLU Q 325 -39.81 -46.30 -51.38
C GLU Q 325 -41.33 -46.15 -51.34
N GLU Q 326 -42.06 -47.26 -51.44
CA GLU Q 326 -43.51 -47.25 -51.45
C GLU Q 326 -44.12 -47.47 -50.06
N GLY Q 327 -43.34 -47.35 -49.00
CA GLY Q 327 -43.87 -47.37 -47.66
C GLY Q 327 -44.25 -48.73 -47.14
N PHE Q 328 -43.28 -49.63 -47.01
CA PHE Q 328 -43.52 -50.97 -46.48
C PHE Q 328 -42.32 -51.41 -45.68
N ILE Q 329 -42.58 -52.14 -44.61
CA ILE Q 329 -41.53 -52.69 -43.76
C ILE Q 329 -41.40 -54.15 -44.15
N ALA Q 330 -40.53 -54.42 -45.12
CA ALA Q 330 -40.38 -55.77 -45.63
C ALA Q 330 -39.35 -56.55 -44.83
N LEU Q 331 -39.47 -57.88 -44.87
CA LEU Q 331 -38.60 -58.78 -44.13
C LEU Q 331 -37.94 -59.73 -45.11
N THR Q 332 -36.72 -59.40 -45.51
CA THR Q 332 -35.94 -60.33 -46.31
C THR Q 332 -35.43 -61.47 -45.43
N MET Q 333 -35.41 -62.66 -46.00
CA MET Q 333 -35.06 -63.86 -45.25
C MET Q 333 -33.66 -64.29 -45.65
N ARG Q 334 -32.87 -64.69 -44.67
CA ARG Q 334 -31.50 -65.14 -44.92
C ARG Q 334 -31.55 -66.53 -45.55
N LYS Q 335 -31.45 -66.58 -46.88
CA LYS Q 335 -31.73 -67.77 -47.67
C LYS Q 335 -30.80 -68.92 -47.32
N GLY Q 336 -31.35 -69.94 -46.68
CA GLY Q 336 -30.59 -71.11 -46.29
C GLY Q 336 -30.43 -71.27 -44.80
N SER Q 337 -31.08 -70.45 -43.98
CA SER Q 337 -30.95 -70.56 -42.54
C SER Q 337 -32.27 -70.13 -41.90
N ASP Q 338 -32.23 -69.93 -40.60
CA ASP Q 338 -33.41 -69.61 -39.81
C ASP Q 338 -33.39 -68.16 -39.31
N ASN Q 339 -32.87 -67.26 -40.13
CA ASN Q 339 -32.78 -65.85 -39.76
C ASN Q 339 -33.45 -65.00 -40.81
N ALA Q 340 -33.73 -63.76 -40.45
CA ALA Q 340 -34.30 -62.80 -41.36
C ALA Q 340 -33.79 -61.43 -40.94
N ALA Q 341 -34.22 -60.39 -41.66
CA ALA Q 341 -33.72 -59.05 -41.37
C ALA Q 341 -34.68 -58.02 -41.90
N PHE Q 342 -34.84 -56.94 -41.14
CA PHE Q 342 -35.43 -55.72 -41.67
C PHE Q 342 -34.31 -54.81 -42.13
N PHE Q 343 -34.61 -53.95 -43.09
CA PHE Q 343 -33.62 -53.02 -43.60
C PHE Q 343 -34.05 -51.57 -43.56
N SER Q 344 -35.35 -51.29 -43.54
CA SER Q 344 -35.85 -49.93 -43.54
C SER Q 344 -37.26 -49.96 -42.99
N ALA Q 345 -37.50 -49.19 -41.93
CA ALA Q 345 -38.80 -49.23 -41.25
C ALA Q 345 -39.68 -48.07 -41.67
N ASN Q 346 -39.64 -47.68 -42.94
CA ASN Q 346 -40.34 -46.50 -43.42
C ASN Q 346 -41.86 -46.62 -43.27
N SER Q 347 -42.46 -45.60 -42.69
CA SER Q 347 -43.90 -45.53 -42.61
C SER Q 347 -44.48 -45.20 -43.97
N ILE Q 348 -45.81 -45.26 -44.07
CA ILE Q 348 -46.47 -45.12 -45.36
C ILE Q 348 -46.50 -43.69 -45.87
N GLN Q 349 -45.96 -42.73 -45.12
CA GLN Q 349 -46.07 -41.34 -45.53
C GLN Q 349 -45.10 -41.06 -46.67
N LYS Q 350 -45.51 -40.18 -47.59
CA LYS Q 350 -44.64 -39.91 -48.72
C LYS Q 350 -43.83 -38.64 -48.47
N PRO Q 351 -42.56 -38.63 -48.84
CA PRO Q 351 -41.77 -37.41 -48.74
C PRO Q 351 -42.24 -36.38 -49.73
N LYS Q 352 -42.84 -35.30 -49.24
CA LYS Q 352 -43.46 -34.32 -50.12
C LYS Q 352 -42.38 -33.48 -50.80
N VAL Q 353 -42.50 -33.36 -52.12
CA VAL Q 353 -41.52 -32.60 -52.89
C VAL Q 353 -41.79 -31.11 -52.67
N PHE Q 354 -40.86 -30.45 -52.12
CA PHE Q 354 -40.85 -29.03 -51.84
C PHE Q 354 -40.12 -28.28 -52.96
N PRO Q 355 -40.46 -27.02 -53.22
CA PRO Q 355 -39.84 -26.30 -54.34
C PRO Q 355 -38.37 -25.99 -54.09
N ASN Q 356 -37.66 -25.70 -55.18
CA ASN Q 356 -36.21 -25.62 -55.15
C ASN Q 356 -35.68 -24.29 -54.64
N THR Q 357 -36.13 -23.87 -53.47
CA THR Q 357 -35.57 -22.69 -52.83
C THR Q 357 -34.45 -23.12 -51.88
N LYS Q 358 -33.96 -22.18 -51.09
CA LYS Q 358 -32.99 -22.53 -50.06
C LYS Q 358 -33.68 -23.26 -48.91
N GLU Q 359 -34.83 -22.76 -48.47
CA GLU Q 359 -35.59 -23.42 -47.43
C GLU Q 359 -36.32 -24.65 -47.93
N GLY Q 360 -36.72 -24.67 -49.19
CA GLY Q 360 -37.46 -25.81 -49.71
C GLY Q 360 -36.59 -27.03 -49.89
N LYS Q 361 -35.35 -26.84 -50.35
CA LYS Q 361 -34.40 -27.94 -50.41
C LYS Q 361 -33.98 -28.37 -49.02
N GLU Q 362 -34.07 -27.48 -48.04
CA GLU Q 362 -33.77 -27.85 -46.67
C GLU Q 362 -34.94 -28.58 -46.03
N ALA Q 363 -36.15 -28.01 -46.11
CA ALA Q 363 -37.29 -28.61 -45.44
C ALA Q 363 -37.74 -29.92 -46.07
N GLU Q 364 -37.34 -30.19 -47.30
CA GLU Q 364 -37.59 -31.51 -47.90
C GLU Q 364 -36.80 -32.58 -47.17
N THR Q 365 -35.55 -32.28 -46.80
CA THR Q 365 -34.76 -33.21 -46.02
C THR Q 365 -35.23 -33.22 -44.58
N ASN Q 366 -35.86 -32.14 -44.13
CA ASN Q 366 -36.43 -32.12 -42.79
C ASN Q 366 -37.70 -32.95 -42.71
N TYR Q 367 -38.57 -32.82 -43.70
CA TYR Q 367 -39.79 -33.61 -43.74
C TYR Q 367 -39.54 -35.07 -44.04
N LYS Q 368 -38.41 -35.39 -44.67
CA LYS Q 368 -38.07 -36.78 -44.94
C LYS Q 368 -37.75 -37.53 -43.67
N LEU Q 369 -37.20 -36.85 -42.67
CA LEU Q 369 -36.87 -37.53 -41.42
C LEU Q 369 -38.10 -37.88 -40.61
N GLY Q 370 -39.23 -37.23 -40.87
CA GLY Q 370 -40.43 -37.56 -40.15
C GLY Q 370 -41.02 -38.90 -40.54
N THR Q 371 -40.88 -39.28 -41.80
CA THR Q 371 -41.59 -40.42 -42.31
C THR Q 371 -40.94 -41.75 -41.98
N GLN Q 372 -39.69 -41.74 -41.50
CA GLN Q 372 -38.90 -42.97 -41.61
C GLN Q 372 -39.18 -43.97 -40.52
N LEU Q 373 -39.63 -43.53 -39.34
CA LEU Q 373 -40.05 -44.34 -38.19
C LEU Q 373 -38.96 -45.29 -37.64
N PRO Q 374 -37.70 -44.84 -37.49
CA PRO Q 374 -37.15 -45.13 -36.17
C PRO Q 374 -37.10 -43.83 -35.40
N TYR Q 375 -37.20 -42.73 -36.14
CA TYR Q 375 -37.05 -41.41 -35.56
C TYR Q 375 -38.32 -40.93 -34.90
N MET Q 376 -39.47 -41.43 -35.31
CA MET Q 376 -40.68 -41.18 -34.52
C MET Q 376 -40.58 -41.81 -33.15
N MET Q 377 -39.95 -42.97 -33.06
CA MET Q 377 -39.95 -43.67 -31.79
C MET Q 377 -38.93 -43.06 -30.82
N ILE Q 378 -38.04 -42.19 -31.28
CA ILE Q 378 -37.24 -41.43 -30.32
C ILE Q 378 -37.86 -40.08 -29.97
N ILE Q 379 -38.99 -39.73 -30.58
CA ILE Q 379 -39.75 -38.57 -30.13
C ILE Q 379 -41.13 -38.92 -29.65
N ASN Q 380 -41.64 -40.12 -29.95
CA ASN Q 380 -42.80 -40.59 -29.22
C ASN Q 380 -42.47 -40.78 -27.75
N ARG Q 381 -41.26 -41.26 -27.46
CA ARG Q 381 -40.79 -41.30 -26.09
C ARG Q 381 -40.56 -39.90 -25.55
N LEU Q 382 -40.23 -38.94 -26.41
CA LEU Q 382 -40.22 -37.55 -25.98
C LEU Q 382 -41.59 -36.91 -26.07
N ALA Q 383 -42.65 -37.71 -26.21
CA ALA Q 383 -43.99 -37.26 -25.89
C ALA Q 383 -44.57 -38.06 -24.75
N HIS Q 384 -43.99 -39.21 -24.43
CA HIS Q 384 -44.52 -39.96 -23.30
C HIS Q 384 -43.80 -39.61 -22.02
N TYR Q 385 -42.48 -39.38 -22.06
CA TYR Q 385 -41.79 -38.90 -20.85
C TYR Q 385 -42.25 -37.51 -20.47
N VAL Q 386 -42.41 -36.62 -21.45
CA VAL Q 386 -42.57 -35.22 -21.12
C VAL Q 386 -44.01 -34.95 -20.71
N LYS Q 387 -44.94 -35.76 -21.19
CA LYS Q 387 -46.31 -35.72 -20.69
C LYS Q 387 -46.38 -36.16 -19.24
N VAL Q 388 -45.63 -37.20 -18.89
CA VAL Q 388 -45.65 -37.69 -17.51
C VAL Q 388 -44.87 -36.75 -16.60
N LEU Q 389 -43.75 -36.21 -17.08
CA LEU Q 389 -42.86 -35.45 -16.22
C LEU Q 389 -43.43 -34.09 -15.88
N GLN Q 390 -44.13 -33.47 -16.84
CA GLN Q 390 -44.81 -32.22 -16.61
C GLN Q 390 -46.26 -32.40 -16.19
N ARG Q 391 -46.64 -33.59 -15.77
CA ARG Q 391 -47.94 -33.79 -15.13
C ARG Q 391 -47.82 -33.70 -13.62
N GLU Q 392 -46.72 -34.19 -13.07
CA GLU Q 392 -46.46 -34.08 -11.64
C GLU Q 392 -46.27 -32.64 -11.21
N GLN Q 393 -45.84 -31.77 -12.12
CA GLN Q 393 -45.44 -30.43 -11.75
C GLN Q 393 -46.61 -29.47 -11.57
N ILE Q 394 -47.83 -29.85 -11.95
CA ILE Q 394 -48.98 -28.94 -11.92
C ILE Q 394 -49.29 -28.55 -10.48
N GLY Q 395 -49.29 -27.26 -10.21
CA GLY Q 395 -49.46 -26.77 -8.87
C GLY Q 395 -48.19 -26.33 -8.17
N ALA Q 396 -47.05 -26.38 -8.85
CA ALA Q 396 -45.80 -26.03 -8.20
C ALA Q 396 -45.62 -24.53 -8.15
N TRP Q 397 -44.43 -24.11 -7.79
CA TRP Q 397 -44.05 -22.71 -7.78
C TRP Q 397 -42.90 -22.57 -8.77
N LYS Q 398 -43.21 -22.20 -10.00
CA LYS Q 398 -42.25 -22.32 -11.08
C LYS Q 398 -42.16 -20.94 -11.73
N GLU Q 399 -41.30 -20.83 -12.74
CA GLU Q 399 -41.23 -19.64 -13.58
C GLU Q 399 -40.98 -20.09 -15.00
N ARG Q 400 -40.98 -19.12 -15.92
CA ARG Q 400 -40.58 -19.42 -17.29
C ARG Q 400 -39.10 -19.79 -17.35
N GLN Q 401 -38.27 -19.06 -16.59
CA GLN Q 401 -36.86 -19.43 -16.49
C GLN Q 401 -36.68 -20.75 -15.77
N ASP Q 402 -37.58 -21.09 -14.84
CA ASP Q 402 -37.53 -22.40 -14.22
C ASP Q 402 -38.09 -23.47 -15.15
N LEU Q 403 -39.00 -23.10 -16.04
CA LEU Q 403 -39.49 -24.08 -17.00
C LEU Q 403 -38.44 -24.38 -18.05
N GLU Q 404 -37.65 -23.37 -18.46
CA GLU Q 404 -36.56 -23.60 -19.40
C GLU Q 404 -35.50 -24.52 -18.83
N ARG Q 405 -35.29 -24.47 -17.51
CA ARG Q 405 -34.21 -25.21 -16.87
C ARG Q 405 -34.59 -26.63 -16.51
N GLU Q 406 -35.83 -26.87 -16.10
CA GLU Q 406 -36.27 -28.23 -15.81
C GLU Q 406 -36.41 -29.09 -17.05
N LEU Q 407 -36.39 -28.49 -18.24
CA LEU Q 407 -36.37 -29.25 -19.48
C LEU Q 407 -34.98 -29.33 -20.11
N ASN Q 408 -34.20 -28.26 -20.05
CA ASN Q 408 -32.86 -28.31 -20.64
C ASN Q 408 -31.92 -29.18 -19.84
N SER Q 409 -32.00 -29.13 -18.51
CA SER Q 409 -31.19 -30.04 -17.71
C SER Q 409 -31.74 -31.45 -17.71
N TRP Q 410 -32.95 -31.64 -18.22
CA TRP Q 410 -33.50 -32.98 -18.34
C TRP Q 410 -33.11 -33.67 -19.63
N ILE Q 411 -33.29 -33.02 -20.78
CA ILE Q 411 -33.05 -33.71 -22.04
C ILE Q 411 -31.58 -33.77 -22.39
N LYS Q 412 -30.72 -33.02 -21.71
CA LYS Q 412 -29.30 -33.12 -21.97
C LYS Q 412 -28.63 -34.25 -21.23
N GLN Q 413 -29.40 -35.23 -20.75
CA GLN Q 413 -28.87 -36.55 -20.49
C GLN Q 413 -29.22 -37.51 -21.61
N TYR Q 414 -29.97 -37.05 -22.60
CA TYR Q 414 -30.27 -37.82 -23.80
C TYR Q 414 -29.51 -37.30 -25.01
N VAL Q 415 -28.75 -36.23 -24.86
CA VAL Q 415 -28.08 -35.55 -25.95
C VAL Q 415 -26.60 -35.80 -25.82
N ALA Q 416 -25.99 -36.37 -26.85
CA ALA Q 416 -24.55 -36.54 -26.93
C ALA Q 416 -24.09 -35.79 -28.17
N ASP Q 417 -23.87 -34.49 -28.03
CA ASP Q 417 -23.54 -33.62 -29.17
C ASP Q 417 -22.07 -33.85 -29.49
N GLN Q 418 -21.82 -34.87 -30.30
CA GLN Q 418 -20.50 -35.39 -30.49
C GLN Q 418 -20.46 -36.09 -31.83
N GLU Q 419 -19.37 -35.89 -32.57
CA GLU Q 419 -19.33 -36.34 -33.95
C GLU Q 419 -19.19 -37.86 -34.04
N ASN Q 420 -18.36 -38.45 -33.19
CA ASN Q 420 -18.16 -39.90 -33.17
C ASN Q 420 -18.07 -40.39 -31.74
N PRO Q 421 -19.20 -40.54 -31.05
CA PRO Q 421 -19.17 -41.18 -29.75
C PRO Q 421 -19.12 -42.69 -29.92
N PRO Q 422 -18.83 -43.45 -28.85
CA PRO Q 422 -18.86 -44.91 -28.96
C PRO Q 422 -20.27 -45.45 -29.23
N ALA Q 423 -20.31 -46.73 -29.55
CA ALA Q 423 -21.55 -47.36 -30.00
C ALA Q 423 -22.58 -47.51 -28.89
N ASP Q 424 -22.19 -47.32 -27.64
CA ASP Q 424 -23.17 -47.33 -26.55
C ASP Q 424 -23.69 -45.94 -26.24
N VAL Q 425 -22.88 -44.91 -26.46
CA VAL Q 425 -23.34 -43.55 -26.20
C VAL Q 425 -24.33 -43.11 -27.28
N ARG Q 426 -24.23 -43.70 -28.47
CA ARG Q 426 -25.15 -43.35 -29.54
C ARG Q 426 -26.56 -43.85 -29.29
N SER Q 427 -26.70 -44.99 -28.63
CA SER Q 427 -28.02 -45.58 -28.46
C SER Q 427 -28.63 -45.34 -27.09
N ARG Q 428 -27.81 -45.17 -26.05
CA ARG Q 428 -28.35 -44.68 -24.78
C ARG Q 428 -28.78 -43.24 -24.88
N ARG Q 429 -28.08 -42.44 -25.70
CA ARG Q 429 -28.40 -41.03 -25.92
C ARG Q 429 -28.70 -40.87 -27.40
N PRO Q 430 -29.93 -41.16 -27.83
CA PRO Q 430 -30.21 -41.23 -29.27
C PRO Q 430 -30.29 -39.88 -29.93
N LEU Q 431 -30.50 -38.81 -29.19
CA LEU Q 431 -30.53 -37.49 -29.77
C LEU Q 431 -29.12 -37.01 -30.02
N ARG Q 432 -29.00 -35.90 -30.71
CA ARG Q 432 -27.72 -35.27 -30.98
C ARG Q 432 -27.70 -33.80 -30.62
N ALA Q 433 -28.80 -33.09 -30.80
CA ALA Q 433 -28.91 -31.72 -30.32
C ALA Q 433 -30.38 -31.41 -30.08
N ALA Q 434 -30.64 -30.55 -29.11
CA ALA Q 434 -32.03 -30.26 -28.73
C ALA Q 434 -32.14 -28.80 -28.33
N ARG Q 435 -33.09 -28.10 -28.95
CA ARG Q 435 -33.34 -26.69 -28.70
C ARG Q 435 -34.68 -26.55 -28.01
N ILE Q 436 -34.75 -25.77 -26.94
CA ILE Q 436 -36.00 -25.54 -26.21
C ILE Q 436 -36.18 -24.04 -26.05
N GLU Q 437 -37.26 -23.52 -26.62
CA GLU Q 437 -37.54 -22.09 -26.63
C GLU Q 437 -38.89 -21.89 -25.98
N VAL Q 438 -38.90 -21.55 -24.70
CA VAL Q 438 -40.14 -21.36 -23.96
C VAL Q 438 -40.62 -19.93 -24.16
N MET Q 439 -41.87 -19.79 -24.58
CA MET Q 439 -42.51 -18.49 -24.79
C MET Q 439 -43.68 -18.38 -23.84
N ASP Q 440 -44.46 -17.31 -23.97
CA ASP Q 440 -45.61 -17.08 -23.12
C ASP Q 440 -46.90 -17.13 -23.94
N VAL Q 441 -48.02 -17.00 -23.24
CA VAL Q 441 -49.31 -16.74 -23.86
C VAL Q 441 -49.90 -15.52 -23.19
N GLU Q 442 -50.11 -14.46 -23.95
CA GLU Q 442 -50.69 -13.24 -23.40
C GLU Q 442 -52.19 -13.39 -23.29
N GLY Q 443 -52.80 -12.50 -22.51
CA GLY Q 443 -54.22 -12.56 -22.25
C GLY Q 443 -54.53 -13.39 -21.02
N ASN Q 444 -54.20 -14.68 -21.07
CA ASN Q 444 -54.22 -15.55 -19.90
C ASN Q 444 -52.79 -15.87 -19.55
N PRO Q 445 -52.19 -15.14 -18.61
CA PRO Q 445 -50.75 -15.30 -18.38
C PRO Q 445 -50.44 -16.56 -17.59
N GLY Q 446 -49.36 -17.22 -17.99
CA GLY Q 446 -48.94 -18.48 -17.40
C GLY Q 446 -49.34 -19.70 -18.22
N TRP Q 447 -49.09 -19.64 -19.52
CA TRP Q 447 -49.37 -20.74 -20.44
C TRP Q 447 -48.24 -20.69 -21.45
N TYR Q 448 -47.56 -21.81 -21.68
CA TYR Q 448 -46.18 -21.77 -22.16
C TYR Q 448 -46.00 -22.55 -23.45
N GLN Q 449 -45.81 -21.84 -24.55
CA GLN Q 449 -45.64 -22.48 -25.84
C GLN Q 449 -44.16 -22.75 -26.05
N VAL Q 450 -43.69 -23.91 -25.63
CA VAL Q 450 -42.27 -24.20 -25.73
C VAL Q 450 -42.07 -25.01 -26.98
N SER Q 451 -40.87 -24.98 -27.55
CA SER Q 451 -40.63 -25.66 -28.82
C SER Q 451 -39.42 -26.57 -28.71
N LEU Q 452 -39.62 -27.80 -28.25
CA LEU Q 452 -38.55 -28.78 -28.19
C LEU Q 452 -38.19 -29.27 -29.58
N SER Q 453 -36.94 -29.03 -29.99
CA SER Q 453 -36.48 -29.28 -31.36
C SER Q 453 -35.30 -30.24 -31.33
N VAL Q 454 -35.58 -31.54 -31.27
CA VAL Q 454 -34.54 -32.54 -31.16
C VAL Q 454 -33.95 -32.86 -32.52
N ARG Q 455 -32.85 -33.61 -32.54
CA ARG Q 455 -32.16 -33.95 -33.76
C ARG Q 455 -31.45 -35.27 -33.55
N PRO Q 456 -31.59 -36.23 -34.44
CA PRO Q 456 -31.07 -37.57 -34.19
C PRO Q 456 -29.71 -37.81 -34.83
N HIS Q 457 -29.12 -38.97 -34.55
CA HIS Q 457 -27.99 -39.43 -35.33
C HIS Q 457 -28.48 -40.13 -36.59
N PHE Q 458 -27.54 -40.42 -37.49
CA PHE Q 458 -27.88 -40.91 -38.82
C PHE Q 458 -27.21 -42.24 -39.09
N LYS Q 459 -28.01 -43.21 -39.51
CA LYS Q 459 -27.56 -44.59 -39.72
C LYS Q 459 -26.96 -44.77 -41.11
N TYR Q 460 -26.79 -46.02 -41.53
CA TYR Q 460 -25.99 -46.42 -42.67
C TYR Q 460 -26.89 -47.03 -43.73
N MET Q 461 -26.99 -46.41 -44.90
CA MET Q 461 -27.88 -46.91 -45.95
C MET Q 461 -27.39 -46.50 -47.34
N GLY Q 462 -26.86 -47.48 -48.07
CA GLY Q 462 -26.43 -47.30 -49.44
C GLY Q 462 -25.11 -46.59 -49.69
N ALA Q 463 -24.37 -47.04 -50.70
CA ALA Q 463 -23.12 -46.43 -51.12
C ALA Q 463 -22.93 -46.74 -52.61
N ASN Q 464 -21.70 -46.56 -53.13
CA ASN Q 464 -21.58 -46.81 -54.57
C ASN Q 464 -20.47 -47.78 -54.98
N PHE Q 465 -19.26 -47.68 -54.41
CA PHE Q 465 -18.15 -48.63 -54.58
C PHE Q 465 -17.76 -48.81 -56.06
N GLU Q 466 -17.32 -47.71 -56.67
CA GLU Q 466 -17.07 -47.66 -58.12
C GLU Q 466 -15.66 -48.15 -58.45
N LEU Q 467 -15.52 -49.47 -58.60
CA LEU Q 467 -14.22 -50.10 -58.77
C LEU Q 467 -13.56 -49.75 -60.10
N SER Q 468 -12.25 -50.00 -60.15
CA SER Q 468 -11.36 -49.71 -61.27
C SER Q 468 -10.04 -50.38 -60.95
N LEU Q 469 -9.12 -50.38 -61.90
CA LEU Q 469 -7.73 -50.64 -61.53
C LEU Q 469 -6.86 -49.45 -61.90
N VAL Q 470 -5.82 -49.23 -61.10
CA VAL Q 470 -4.86 -48.16 -61.36
C VAL Q 470 -3.62 -48.70 -62.05
N GLY Q 471 -3.11 -49.85 -61.61
CA GLY Q 471 -1.97 -50.48 -62.22
C GLY Q 471 -0.65 -50.22 -61.54
N ARG Q 472 -0.41 -48.98 -61.11
CA ARG Q 472 0.80 -48.62 -60.38
C ARG Q 472 0.55 -48.37 -58.90
N LEU Q 473 -0.48 -47.60 -58.58
CA LEU Q 473 -0.77 -47.27 -57.18
C LEU Q 473 -1.58 -48.37 -56.53
N SER R 1 -49.23 -52.66 28.77
CA SER R 1 -48.52 -51.73 27.91
C SER R 1 -47.98 -50.55 28.71
N LYS R 2 -47.25 -50.85 29.78
CA LYS R 2 -46.66 -49.84 30.64
C LYS R 2 -45.23 -50.23 30.97
N GLU R 3 -44.29 -49.34 30.69
CA GLU R 3 -42.91 -49.56 31.09
C GLU R 3 -42.79 -49.47 32.60
N GLY R 4 -42.11 -50.44 33.20
CA GLY R 4 -41.80 -50.37 34.61
C GLY R 4 -40.81 -49.26 34.86
N SER R 5 -41.20 -48.27 35.66
CA SER R 5 -40.32 -47.15 36.01
C SER R 5 -40.25 -47.04 37.53
N VAL R 6 -39.40 -46.13 37.98
CA VAL R 6 -39.19 -45.90 39.39
C VAL R 6 -39.92 -44.63 39.80
N ALA R 7 -39.92 -44.36 41.09
CA ALA R 7 -40.47 -43.10 41.55
C ALA R 7 -39.54 -41.96 41.13
N PRO R 8 -40.08 -40.84 40.65
CA PRO R 8 -39.24 -39.72 40.23
C PRO R 8 -38.61 -39.03 41.43
N LYS R 9 -37.49 -38.36 41.18
CA LYS R 9 -36.63 -37.88 42.26
C LYS R 9 -35.58 -36.91 41.72
N GLU R 10 -34.74 -36.40 42.64
CA GLU R 10 -33.59 -35.54 42.33
C GLU R 10 -32.48 -36.34 41.68
N ARG R 11 -32.55 -37.64 41.83
CA ARG R 11 -31.71 -38.47 41.02
C ARG R 11 -32.38 -38.61 39.67
N ILE R 12 -31.66 -39.16 38.73
CA ILE R 12 -32.05 -39.12 37.34
C ILE R 12 -32.78 -40.41 37.01
N ASN R 13 -33.84 -40.33 36.21
CA ASN R 13 -34.69 -41.51 36.02
C ASN R 13 -34.74 -41.97 34.56
N ILE R 14 -33.75 -42.78 34.20
CA ILE R 14 -33.63 -43.34 32.87
C ILE R 14 -34.72 -44.38 32.64
N LYS R 15 -35.45 -44.26 31.54
CA LYS R 15 -36.39 -45.29 31.10
C LYS R 15 -36.23 -45.53 29.62
N TYR R 16 -36.65 -46.70 29.13
CA TYR R 16 -36.50 -47.09 27.73
C TYR R 16 -37.86 -47.21 27.08
N ILE R 17 -38.21 -46.28 26.20
CA ILE R 17 -39.42 -46.36 25.40
C ILE R 17 -39.05 -46.05 23.96
N PRO R 18 -39.21 -46.99 23.02
CA PRO R 18 -38.73 -46.77 21.65
C PRO R 18 -39.60 -45.76 20.92
N ALA R 19 -38.97 -45.04 19.99
CA ALA R 19 -39.58 -43.85 19.42
C ALA R 19 -40.25 -44.14 18.09
N THR R 20 -41.04 -43.16 17.65
CA THR R 20 -41.92 -43.34 16.49
C THR R 20 -41.12 -43.46 15.20
N GLY R 21 -40.01 -42.75 15.10
CA GLY R 21 -39.18 -42.85 13.92
C GLY R 21 -39.42 -41.71 12.95
N ASP R 22 -38.42 -41.45 12.12
CA ASP R 22 -38.50 -40.44 11.07
C ASP R 22 -38.15 -41.13 9.76
N ALA R 23 -39.11 -41.20 8.84
CA ALA R 23 -38.90 -41.85 7.56
C ALA R 23 -38.37 -40.92 6.49
N GLN R 24 -39.04 -39.77 6.29
CA GLN R 24 -38.72 -38.78 5.26
C GLN R 24 -38.70 -39.43 3.87
N ALA R 25 -39.92 -39.80 3.44
CA ALA R 25 -40.23 -40.68 2.32
C ALA R 25 -39.44 -40.38 1.06
N GLU R 26 -38.65 -41.36 0.64
CA GLU R 26 -37.59 -41.13 -0.33
C GLU R 26 -38.14 -41.04 -1.74
N VAL R 27 -37.53 -40.18 -2.54
CA VAL R 27 -37.97 -39.99 -3.93
C VAL R 27 -37.52 -41.17 -4.76
N ALA R 28 -38.34 -41.55 -5.74
CA ALA R 28 -38.03 -42.65 -6.65
C ALA R 28 -38.72 -42.36 -7.97
N GLU R 29 -37.98 -41.80 -8.92
CA GLU R 29 -38.51 -41.55 -10.27
C GLU R 29 -38.46 -42.86 -11.04
N VAL R 30 -39.55 -43.61 -10.98
CA VAL R 30 -39.67 -44.80 -11.80
C VAL R 30 -39.89 -44.38 -13.25
N GLU R 31 -39.46 -45.22 -14.18
CA GLU R 31 -39.51 -44.88 -15.58
C GLU R 31 -40.73 -45.51 -16.23
N LEU R 32 -40.96 -45.17 -17.49
CA LEU R 32 -42.10 -45.68 -18.22
C LEU R 32 -41.68 -46.91 -19.00
N PRO R 33 -42.29 -48.06 -18.76
CA PRO R 33 -42.01 -49.21 -19.61
C PRO R 33 -42.66 -49.04 -20.97
N LEU R 34 -42.03 -49.64 -21.98
CA LEU R 34 -42.53 -49.57 -23.34
C LEU R 34 -43.74 -50.47 -23.46
N LYS R 35 -44.93 -49.95 -23.17
CA LYS R 35 -46.13 -50.76 -23.21
C LYS R 35 -46.70 -50.78 -24.62
N THR R 36 -46.93 -51.98 -25.14
CA THR R 36 -47.59 -52.15 -26.43
C THR R 36 -48.97 -52.75 -26.21
N LEU R 37 -49.86 -52.49 -27.15
CA LEU R 37 -51.21 -53.01 -27.10
C LEU R 37 -51.41 -53.88 -28.32
N VAL R 38 -51.38 -55.19 -28.12
CA VAL R 38 -51.60 -56.12 -29.22
C VAL R 38 -53.11 -56.24 -29.44
N VAL R 39 -53.58 -55.78 -30.58
CA VAL R 39 -55.00 -55.78 -30.87
C VAL R 39 -55.26 -56.72 -32.03
N GLY R 40 -56.38 -57.43 -31.99
CA GLY R 40 -56.68 -58.40 -33.03
C GLY R 40 -57.51 -59.55 -32.50
N ASP R 41 -58.08 -60.29 -33.46
CA ASP R 41 -59.04 -61.35 -33.20
C ASP R 41 -58.36 -62.51 -32.49
N PHE R 42 -58.71 -62.73 -31.23
CA PHE R 42 -58.05 -63.73 -30.42
C PHE R 42 -58.94 -64.89 -30.02
N LYS R 43 -60.23 -64.84 -30.33
CA LYS R 43 -61.16 -65.92 -30.04
C LYS R 43 -61.94 -66.25 -31.30
N GLY R 44 -62.89 -67.18 -31.18
CA GLY R 44 -63.53 -67.72 -32.35
C GLY R 44 -64.93 -67.19 -32.63
N HIS R 45 -65.21 -65.97 -32.21
CA HIS R 45 -66.53 -65.38 -32.41
C HIS R 45 -66.41 -63.86 -32.41
N ALA R 46 -67.55 -63.19 -32.30
CA ALA R 46 -67.62 -61.75 -32.14
C ALA R 46 -68.44 -61.46 -30.89
N GLU R 47 -67.81 -60.84 -29.89
CA GLU R 47 -68.45 -60.63 -28.60
C GLU R 47 -69.52 -59.55 -28.70
N GLN R 48 -70.63 -59.76 -28.00
CA GLN R 48 -71.76 -58.86 -28.12
C GLN R 48 -71.61 -57.59 -27.31
N THR R 49 -70.65 -57.52 -26.38
CA THR R 49 -70.48 -56.26 -25.64
C THR R 49 -69.80 -55.23 -26.53
N PRO R 50 -70.17 -53.96 -26.42
CA PRO R 50 -69.48 -52.91 -27.19
C PRO R 50 -68.06 -52.73 -26.68
N LEU R 51 -67.28 -52.01 -27.49
CA LEU R 51 -65.85 -51.97 -27.27
C LEU R 51 -65.46 -51.19 -26.03
N GLU R 52 -66.23 -50.15 -25.69
CA GLU R 52 -65.87 -49.27 -24.58
C GLU R 52 -66.05 -49.90 -23.22
N GLU R 53 -66.60 -51.11 -23.12
CA GLU R 53 -66.79 -51.76 -21.83
C GLU R 53 -65.88 -52.94 -21.60
N ARG R 54 -65.41 -53.60 -22.66
CA ARG R 54 -64.53 -54.74 -22.48
C ARG R 54 -63.14 -54.27 -22.08
N ALA R 55 -62.35 -55.18 -21.54
CA ALA R 55 -61.11 -54.81 -20.87
C ALA R 55 -59.90 -55.34 -21.62
N THR R 56 -58.74 -54.78 -21.26
CA THR R 56 -57.44 -55.24 -21.76
C THR R 56 -56.74 -56.01 -20.64
N VAL R 57 -56.18 -57.16 -20.99
CA VAL R 57 -55.51 -58.01 -20.01
C VAL R 57 -54.00 -57.92 -20.24
N THR R 58 -53.24 -57.90 -19.16
CA THR R 58 -51.79 -57.78 -19.21
C THR R 58 -51.17 -59.17 -19.11
N VAL R 59 -50.30 -59.49 -20.07
CA VAL R 59 -49.71 -60.81 -20.23
C VAL R 59 -48.20 -60.70 -20.10
N ASP R 60 -47.62 -61.47 -19.18
CA ASP R 60 -46.19 -61.69 -19.30
C ASP R 60 -45.92 -63.19 -19.32
N LYS R 61 -44.64 -63.58 -19.20
CA LYS R 61 -44.27 -64.97 -19.37
C LYS R 61 -44.83 -65.86 -18.27
N ASN R 62 -45.04 -65.31 -17.08
CA ASN R 62 -45.50 -66.12 -15.97
C ASN R 62 -47.01 -66.32 -15.98
N ASN R 63 -47.78 -65.38 -16.51
CA ASN R 63 -49.23 -65.50 -16.47
C ASN R 63 -49.85 -65.81 -17.82
N PHE R 64 -49.06 -66.27 -18.78
CA PHE R 64 -49.64 -66.57 -20.08
C PHE R 64 -50.50 -67.82 -20.03
N GLU R 65 -50.20 -68.75 -19.11
CA GLU R 65 -51.01 -69.94 -18.96
C GLU R 65 -52.34 -69.65 -18.27
N ALA R 66 -52.43 -68.56 -17.51
CA ALA R 66 -53.67 -68.17 -16.85
C ALA R 66 -54.53 -67.28 -17.72
N VAL R 67 -53.94 -66.50 -18.62
CA VAL R 67 -54.71 -65.70 -19.56
C VAL R 67 -55.34 -66.61 -20.61
N MET R 68 -54.63 -67.66 -21.02
CA MET R 68 -55.19 -68.59 -21.99
C MET R 68 -56.31 -69.43 -21.39
N ARG R 69 -56.22 -69.77 -20.11
CA ARG R 69 -57.25 -70.59 -19.49
C ARG R 69 -58.54 -69.82 -19.28
N GLU R 70 -58.44 -68.55 -18.86
CA GLU R 70 -59.63 -67.76 -18.56
C GLU R 70 -60.25 -67.13 -19.80
N SER R 71 -59.61 -67.25 -20.96
CA SER R 71 -60.25 -66.77 -22.18
C SER R 71 -61.37 -67.68 -22.60
N GLU R 72 -61.23 -68.98 -22.33
CA GLU R 72 -62.11 -70.06 -22.80
C GLU R 72 -62.23 -70.05 -24.33
N LEU R 73 -61.10 -70.32 -24.98
CA LEU R 73 -61.08 -70.46 -26.43
C LEU R 73 -61.78 -71.77 -26.80
N LYS R 74 -63.06 -71.68 -27.13
CA LYS R 74 -63.87 -72.85 -27.47
C LYS R 74 -64.08 -72.85 -28.98
N ILE R 75 -63.37 -73.72 -29.68
CA ILE R 75 -63.44 -73.79 -31.13
C ILE R 75 -64.35 -74.95 -31.50
N THR R 76 -65.52 -74.62 -32.05
CA THR R 76 -66.51 -75.61 -32.49
C THR R 76 -66.68 -75.47 -34.00
N ALA R 77 -66.27 -76.50 -34.73
CA ALA R 77 -66.36 -76.47 -36.18
C ALA R 77 -66.66 -77.86 -36.70
N THR R 78 -67.12 -77.92 -37.94
CA THR R 78 -67.43 -79.18 -38.61
C THR R 78 -66.31 -79.48 -39.59
N VAL R 79 -65.60 -80.58 -39.36
CA VAL R 79 -64.46 -80.96 -40.19
C VAL R 79 -64.78 -82.28 -40.89
N LYS R 80 -63.89 -82.67 -41.79
CA LYS R 80 -64.10 -83.85 -42.62
C LYS R 80 -63.84 -85.12 -41.84
N ASN R 81 -64.68 -86.13 -42.08
CA ASN R 81 -64.56 -87.43 -41.41
C ASN R 81 -63.69 -88.33 -42.27
N LYS R 82 -62.49 -88.64 -41.78
CA LYS R 82 -61.58 -89.57 -42.42
C LYS R 82 -61.33 -90.81 -41.57
N LEU R 83 -62.27 -91.18 -40.72
CA LEU R 83 -62.16 -92.36 -39.88
C LEU R 83 -62.88 -93.57 -40.45
N THR R 84 -63.56 -93.42 -41.59
CA THR R 84 -64.27 -94.53 -42.22
C THR R 84 -64.03 -94.50 -43.73
N ASP R 85 -64.75 -95.34 -44.48
CA ASP R 85 -64.58 -95.40 -45.93
C ASP R 85 -65.41 -94.37 -46.68
N ASP R 86 -66.02 -93.40 -45.98
CA ASP R 86 -66.85 -92.39 -46.59
C ASP R 86 -66.02 -91.14 -46.86
N GLU R 87 -66.09 -90.66 -48.10
CA GLU R 87 -65.47 -89.39 -48.47
C GLU R 87 -66.36 -88.20 -48.15
N ASN R 88 -67.67 -88.36 -48.30
CA ASN R 88 -68.63 -87.28 -48.11
C ASN R 88 -69.21 -87.24 -46.70
N ALA R 89 -68.46 -87.69 -45.71
CA ALA R 89 -68.90 -87.64 -44.32
C ALA R 89 -68.21 -86.48 -43.60
N GLU R 90 -68.92 -85.91 -42.63
CA GLU R 90 -68.40 -84.81 -41.83
C GLU R 90 -68.57 -85.15 -40.36
N LEU R 91 -67.72 -84.53 -39.53
CA LEU R 91 -67.76 -84.82 -38.11
C LEU R 91 -67.40 -83.58 -37.30
N PRO R 92 -68.36 -82.96 -36.64
CA PRO R 92 -68.06 -81.80 -35.79
C PRO R 92 -67.29 -82.20 -34.54
N VAL R 93 -66.53 -81.24 -34.01
CA VAL R 93 -65.67 -81.45 -32.85
C VAL R 93 -66.06 -80.45 -31.76
N GLU R 94 -65.48 -80.65 -30.58
CA GLU R 94 -65.70 -79.77 -29.43
C GLU R 94 -64.37 -79.62 -28.70
N LEU R 95 -63.83 -78.42 -28.67
CA LEU R 95 -62.50 -78.15 -28.17
C LEU R 95 -62.54 -77.20 -26.98
N ASN R 96 -61.77 -77.52 -25.95
CA ASN R 96 -61.64 -76.66 -24.76
C ASN R 96 -60.15 -76.52 -24.46
N PHE R 97 -59.63 -75.31 -24.59
CA PHE R 97 -58.20 -75.05 -24.51
C PHE R 97 -57.89 -74.31 -23.21
N LYS R 98 -56.99 -74.88 -22.41
CA LYS R 98 -56.60 -74.27 -21.15
C LYS R 98 -55.10 -74.07 -21.01
N SER R 99 -54.28 -74.69 -21.85
CA SER R 99 -52.83 -74.52 -21.80
C SER R 99 -52.29 -74.53 -23.23
N LEU R 100 -51.02 -74.16 -23.35
CA LEU R 100 -50.36 -74.17 -24.66
C LEU R 100 -50.19 -75.59 -25.20
N ALA R 101 -50.15 -76.60 -24.32
CA ALA R 101 -50.11 -77.99 -24.75
C ALA R 101 -51.45 -78.51 -25.25
N ASP R 102 -52.53 -77.73 -25.13
CA ASP R 102 -53.80 -78.14 -25.68
C ASP R 102 -53.88 -77.95 -27.18
N PHE R 103 -52.94 -77.22 -27.79
CA PHE R 103 -52.86 -77.19 -29.25
C PHE R 103 -52.26 -78.48 -29.80
N ALA R 104 -51.52 -79.21 -28.99
CA ALA R 104 -50.84 -80.42 -29.43
C ALA R 104 -51.85 -81.54 -29.67
N PRO R 105 -51.57 -82.48 -30.60
CA PRO R 105 -52.53 -83.55 -30.90
C PRO R 105 -52.72 -84.57 -29.79
N ASP R 106 -51.94 -84.52 -28.71
CA ASP R 106 -52.22 -85.37 -27.56
C ASP R 106 -53.48 -84.90 -26.83
N ALA R 107 -53.67 -83.58 -26.73
CA ALA R 107 -54.84 -83.04 -26.04
C ALA R 107 -55.97 -82.66 -26.98
N VAL R 108 -55.72 -82.56 -28.28
CA VAL R 108 -56.82 -82.34 -29.22
C VAL R 108 -57.58 -83.63 -29.45
N ALA R 109 -56.86 -84.73 -29.66
CA ALA R 109 -57.49 -86.03 -29.82
C ALA R 109 -58.12 -86.53 -28.53
N SER R 110 -57.62 -86.09 -27.37
CA SER R 110 -58.24 -86.48 -26.10
C SER R 110 -59.57 -85.78 -25.89
N GLN R 111 -59.82 -84.66 -26.56
CA GLN R 111 -61.09 -83.96 -26.46
C GLN R 111 -62.07 -84.37 -27.55
N VAL R 112 -61.65 -85.22 -28.47
CA VAL R 112 -62.54 -85.78 -29.49
C VAL R 112 -62.88 -87.21 -29.07
N PRO R 113 -64.14 -87.52 -28.77
CA PRO R 113 -64.48 -88.87 -28.30
C PRO R 113 -64.32 -89.95 -29.36
N GLU R 114 -64.35 -89.59 -30.64
CA GLU R 114 -64.08 -90.57 -31.68
C GLU R 114 -62.60 -90.92 -31.75
N LEU R 115 -61.73 -90.09 -31.19
CA LEU R 115 -60.31 -90.37 -31.11
C LEU R 115 -59.85 -90.82 -29.73
N LYS R 116 -60.73 -90.72 -28.73
CA LYS R 116 -60.40 -91.31 -27.43
C LYS R 116 -60.40 -92.83 -27.48
N LYS R 117 -61.22 -93.41 -28.36
CA LYS R 117 -61.24 -94.86 -28.53
C LYS R 117 -60.14 -95.37 -29.44
N LEU R 118 -59.47 -94.49 -30.19
CA LEU R 118 -58.39 -94.93 -31.04
C LEU R 118 -57.03 -94.86 -30.36
N ILE R 119 -56.83 -93.90 -29.45
CA ILE R 119 -55.64 -93.91 -28.62
C ILE R 119 -55.73 -95.05 -27.60
N GLU R 120 -56.93 -95.29 -27.06
CA GLU R 120 -57.17 -96.44 -26.19
C GLU R 120 -56.99 -97.75 -26.95
N LEU R 121 -57.29 -97.74 -28.25
CA LEU R 121 -56.97 -98.90 -29.08
C LEU R 121 -55.47 -99.09 -29.20
N ARG R 122 -54.72 -98.00 -29.36
CA ARG R 122 -53.27 -98.10 -29.50
C ARG R 122 -52.61 -98.47 -28.17
N GLU R 123 -53.10 -97.90 -27.07
CA GLU R 123 -52.59 -98.24 -25.74
C GLU R 123 -52.83 -99.70 -25.40
N ALA R 124 -53.91 -100.28 -25.91
CA ALA R 124 -54.16 -101.71 -25.77
C ALA R 124 -53.23 -102.54 -26.65
N LEU R 125 -52.74 -101.97 -27.75
CA LEU R 125 -51.82 -102.70 -28.63
C LEU R 125 -50.36 -102.57 -28.21
N VAL R 126 -49.99 -101.44 -27.60
CA VAL R 126 -48.65 -101.32 -27.02
C VAL R 126 -48.52 -102.22 -25.80
N ALA R 127 -49.62 -102.40 -25.05
CA ALA R 127 -49.61 -103.31 -23.91
C ALA R 127 -49.46 -104.76 -24.33
N LEU R 128 -49.89 -105.10 -25.54
CA LEU R 128 -49.80 -106.46 -26.02
C LEU R 128 -48.37 -106.84 -26.40
N LYS R 129 -47.63 -105.90 -27.00
CA LYS R 129 -46.36 -106.19 -27.65
C LYS R 129 -45.28 -106.64 -26.67
N GLY R 130 -45.35 -106.17 -25.42
CA GLY R 130 -44.42 -106.57 -24.39
C GLY R 130 -44.44 -108.04 -24.06
N PRO R 131 -45.55 -108.55 -23.52
CA PRO R 131 -45.68 -109.99 -23.26
C PRO R 131 -46.02 -110.84 -24.47
N LEU R 132 -45.91 -110.32 -25.70
CA LEU R 132 -46.27 -111.10 -26.87
C LEU R 132 -45.16 -112.07 -27.25
N GLY R 133 -43.99 -111.54 -27.62
CA GLY R 133 -42.89 -112.35 -28.09
C GLY R 133 -42.03 -112.97 -27.02
N ASN R 134 -42.38 -112.79 -25.75
CA ASN R 134 -41.61 -113.37 -24.65
C ASN R 134 -42.05 -114.80 -24.35
N ILE R 135 -43.36 -115.04 -24.30
CA ILE R 135 -43.91 -116.36 -24.06
C ILE R 135 -44.31 -116.96 -25.41
N PRO R 136 -43.68 -118.04 -25.87
CA PRO R 136 -44.05 -118.64 -27.15
C PRO R 136 -45.26 -119.56 -27.09
N ALA R 137 -46.02 -119.57 -26.00
CA ALA R 137 -47.24 -120.36 -25.90
C ALA R 137 -48.48 -119.57 -26.33
N PHE R 138 -48.31 -118.33 -26.76
CA PHE R 138 -49.45 -117.55 -27.24
C PHE R 138 -49.93 -118.04 -28.60
N ARG R 139 -48.99 -118.38 -29.50
CA ARG R 139 -49.36 -118.90 -30.81
C ARG R 139 -49.91 -120.32 -30.73
N GLU R 140 -49.62 -121.04 -29.64
CA GLU R 140 -50.19 -122.37 -29.45
C GLU R 140 -51.69 -122.30 -29.22
N ARG R 141 -52.17 -121.24 -28.59
CA ARG R 141 -53.60 -121.06 -28.37
C ARG R 141 -54.26 -120.16 -29.40
N LEU R 142 -53.49 -119.55 -30.31
CA LEU R 142 -54.09 -118.94 -31.48
C LEU R 142 -54.66 -120.00 -32.41
N GLN R 143 -54.00 -121.15 -32.49
CA GLN R 143 -54.54 -122.27 -33.26
C GLN R 143 -55.70 -122.93 -32.54
N SER R 144 -55.75 -122.83 -31.20
CA SER R 144 -56.90 -123.31 -30.46
C SER R 144 -58.10 -122.39 -30.67
N LEU R 145 -57.85 -121.08 -30.75
CA LEU R 145 -58.90 -120.16 -31.16
C LEU R 145 -59.23 -120.31 -32.64
N LEU R 146 -58.28 -120.81 -33.44
CA LEU R 146 -58.60 -121.20 -34.81
C LEU R 146 -59.48 -122.45 -34.83
N ASN R 147 -59.29 -123.35 -33.85
CA ASN R 147 -60.15 -124.53 -33.75
C ASN R 147 -61.48 -124.18 -33.09
N SER R 148 -61.45 -123.55 -31.92
CA SER R 148 -62.67 -123.20 -31.19
C SER R 148 -63.17 -121.86 -31.71
N GLU R 149 -63.97 -121.90 -32.78
CA GLU R 149 -64.52 -120.69 -33.37
C GLU R 149 -65.80 -120.23 -32.69
N GLU R 150 -66.54 -121.16 -32.07
CA GLU R 150 -67.81 -120.81 -31.45
C GLU R 150 -67.63 -120.06 -30.14
N SER R 151 -66.74 -120.56 -29.28
CA SER R 151 -66.50 -119.91 -28.00
C SER R 151 -65.68 -118.64 -28.12
N ARG R 152 -64.98 -118.44 -29.24
CA ARG R 152 -64.20 -117.22 -29.41
C ARG R 152 -65.10 -116.03 -29.73
N GLU R 153 -66.08 -116.23 -30.62
CA GLU R 153 -66.97 -115.14 -31.01
C GLU R 153 -67.97 -114.78 -29.91
N LYS R 154 -68.22 -115.69 -28.98
CA LYS R 154 -69.08 -115.35 -27.84
C LYS R 154 -68.35 -114.44 -26.86
N LEU R 155 -67.02 -114.49 -26.84
CA LEU R 155 -66.24 -113.67 -25.92
C LEU R 155 -65.79 -112.35 -26.54
N LEU R 156 -65.86 -112.21 -27.86
CA LEU R 156 -65.49 -110.95 -28.49
C LEU R 156 -66.55 -109.88 -28.26
N ALA R 157 -67.81 -110.27 -28.10
CA ALA R 157 -68.87 -109.31 -27.83
C ALA R 157 -68.81 -108.77 -26.41
N GLU R 158 -68.19 -109.50 -25.49
CA GLU R 158 -68.05 -109.05 -24.11
C GLU R 158 -66.97 -107.96 -24.02
N PRO A 1 -25.35 18.79 -8.94
CA PRO A 1 -25.71 17.87 -10.01
C PRO A 1 -27.09 17.25 -9.81
N THR A 2 -27.74 16.87 -10.88
CA THR A 2 -29.08 16.34 -10.73
C THR A 2 -29.03 14.83 -10.63
N PRO A 3 -29.87 14.22 -9.79
CA PRO A 3 -29.86 12.77 -9.65
C PRO A 3 -30.36 12.06 -10.89
N CYS A 4 -29.83 10.87 -11.12
CA CYS A 4 -30.15 10.05 -12.26
C CYS A 4 -31.23 9.04 -11.87
N TYR A 5 -31.51 8.09 -12.76
CA TYR A 5 -32.50 7.07 -12.49
C TYR A 5 -32.05 5.77 -13.12
N ILE A 6 -32.23 4.65 -12.41
CA ILE A 6 -31.79 3.35 -12.89
C ILE A 6 -32.94 2.38 -12.82
N SER A 7 -33.18 1.66 -13.91
CA SER A 7 -34.19 0.62 -13.98
C SER A 7 -33.51 -0.71 -14.24
N ILE A 8 -33.52 -1.59 -13.25
CA ILE A 8 -32.84 -2.88 -13.32
C ILE A 8 -33.86 -3.96 -13.62
N GLU A 9 -33.56 -4.83 -14.57
CA GLU A 9 -34.40 -6.00 -14.84
C GLU A 9 -33.56 -7.25 -14.72
N GLY A 10 -33.95 -8.16 -13.84
CA GLY A 10 -33.18 -9.36 -13.58
C GLY A 10 -33.51 -10.48 -14.52
N GLN A 11 -32.74 -11.57 -14.40
CA GLN A 11 -33.08 -12.80 -15.11
C GLN A 11 -34.35 -13.42 -14.56
N THR A 12 -34.34 -13.80 -13.29
CA THR A 12 -35.46 -14.50 -12.70
C THR A 12 -36.37 -13.62 -11.87
N GLN A 13 -35.90 -12.47 -11.41
CA GLN A 13 -36.67 -11.63 -10.50
C GLN A 13 -37.43 -10.54 -11.22
N GLY A 14 -37.58 -10.65 -12.52
CA GLY A 14 -38.41 -9.71 -13.26
C GLY A 14 -37.80 -8.33 -13.28
N LEU A 15 -38.66 -7.32 -13.20
CA LEU A 15 -38.21 -5.95 -13.06
C LEU A 15 -37.94 -5.72 -11.58
N ILE A 16 -36.65 -5.57 -11.24
CA ILE A 16 -36.27 -5.47 -9.83
C ILE A 16 -36.74 -4.15 -9.23
N THR A 17 -36.53 -3.06 -9.93
CA THR A 17 -36.89 -1.78 -9.36
C THR A 17 -38.33 -1.40 -9.58
N ALA A 18 -39.22 -2.35 -9.86
CA ALA A 18 -40.63 -2.04 -10.06
C ALA A 18 -41.24 -1.68 -8.72
N GLY A 19 -41.40 -0.40 -8.46
CA GLY A 19 -41.90 0.05 -7.19
C GLY A 19 -40.87 0.60 -6.25
N ALA A 20 -39.66 0.87 -6.71
CA ALA A 20 -38.61 1.36 -5.83
C ALA A 20 -38.67 2.87 -5.63
N CYS A 21 -39.68 3.54 -6.17
CA CYS A 21 -40.01 4.92 -5.83
C CYS A 21 -41.50 5.05 -5.60
N THR A 22 -42.05 4.20 -4.75
CA THR A 22 -43.39 4.38 -4.24
C THR A 22 -43.32 5.03 -2.87
N ALA A 23 -44.47 5.18 -2.23
CA ALA A 23 -44.50 5.70 -0.87
C ALA A 23 -44.09 4.66 0.14
N ASP A 24 -44.09 3.38 -0.22
CA ASP A 24 -43.64 2.38 0.71
C ASP A 24 -42.12 2.24 0.73
N SER A 25 -41.46 2.54 -0.39
CA SER A 25 -40.01 2.39 -0.44
C SER A 25 -39.31 3.48 0.33
N ILE A 26 -39.49 4.73 -0.10
CA ILE A 26 -38.68 5.82 0.40
C ILE A 26 -39.51 6.93 1.03
N GLY A 27 -40.69 6.62 1.52
CA GLY A 27 -41.46 7.61 2.24
C GLY A 27 -42.08 8.68 1.37
N ASP A 28 -41.74 9.94 1.64
CA ASP A 28 -42.31 11.05 0.90
C ASP A 28 -41.39 11.61 -0.16
N SER A 29 -40.24 11.00 -0.38
CA SER A 29 -39.32 11.46 -1.41
C SER A 29 -39.46 10.68 -2.69
N PHE A 30 -40.62 10.12 -2.95
CA PHE A 30 -40.79 9.43 -4.21
C PHE A 30 -41.30 10.39 -5.25
N VAL A 31 -41.12 10.02 -6.51
CA VAL A 31 -41.43 10.88 -7.63
C VAL A 31 -42.45 10.16 -8.50
N GLU A 32 -43.54 10.85 -8.84
CA GLU A 32 -44.50 10.29 -9.78
C GLU A 32 -43.88 10.21 -11.17
N GLY A 33 -44.28 9.17 -11.91
CA GLY A 33 -43.75 8.93 -13.24
C GLY A 33 -42.48 8.11 -13.26
N HIS A 34 -41.76 8.03 -12.15
CA HIS A 34 -40.55 7.24 -12.05
C HIS A 34 -40.78 6.11 -11.08
N GLU A 35 -41.94 5.46 -11.20
CA GLU A 35 -42.33 4.43 -10.26
C GLU A 35 -41.51 3.16 -10.40
N ASP A 36 -40.81 2.97 -11.51
CA ASP A 36 -40.06 1.76 -11.74
C ASP A 36 -38.55 1.98 -11.68
N GLU A 37 -38.10 3.13 -11.19
CA GLU A 37 -36.72 3.54 -11.34
C GLU A 37 -36.22 4.05 -10.01
N MET A 38 -35.09 3.52 -9.54
CA MET A 38 -34.49 4.02 -8.31
C MET A 38 -33.95 5.42 -8.52
N LEU A 39 -33.62 6.08 -7.43
CA LEU A 39 -33.08 7.43 -7.47
C LEU A 39 -31.61 7.37 -7.12
N VAL A 40 -30.77 7.62 -8.11
CA VAL A 40 -29.33 7.39 -8.00
C VAL A 40 -28.63 8.68 -7.63
N GLN A 41 -27.87 8.66 -6.54
CA GLN A 41 -27.26 9.87 -6.03
C GLN A 41 -25.87 10.10 -6.62
N GLN A 42 -24.95 9.18 -6.37
CA GLN A 42 -23.55 9.31 -6.73
C GLN A 42 -23.22 8.30 -7.81
N PHE A 43 -22.16 8.55 -8.56
CA PHE A 43 -21.81 7.68 -9.68
C PHE A 43 -20.31 7.63 -9.85
N ASP A 44 -19.81 6.50 -10.35
CA ASP A 44 -18.38 6.29 -10.59
C ASP A 44 -18.13 5.09 -11.48
N HIS A 45 -17.27 5.21 -12.49
CA HIS A 45 -17.15 4.15 -13.48
C HIS A 45 -15.85 4.32 -14.27
N VAL A 46 -15.00 3.31 -14.28
CA VAL A 46 -13.70 3.35 -14.94
C VAL A 46 -13.68 2.27 -16.01
N VAL A 47 -13.06 2.55 -17.16
CA VAL A 47 -12.86 1.56 -18.21
C VAL A 47 -11.40 1.64 -18.61
N THR A 48 -10.58 0.73 -18.14
CA THR A 48 -9.15 0.82 -18.43
C THR A 48 -8.80 0.05 -19.69
N VAL A 49 -7.63 0.37 -20.26
CA VAL A 49 -7.03 -0.40 -21.33
C VAL A 49 -5.54 -0.58 -21.01
N PRO A 50 -5.05 -1.80 -20.90
CA PRO A 50 -3.63 -1.99 -20.60
C PRO A 50 -2.74 -1.64 -21.76
N THR A 51 -1.97 -0.57 -21.65
CA THR A 51 -1.04 -0.14 -22.68
C THR A 51 0.37 -0.43 -22.22
N ASP A 52 1.24 -0.80 -23.16
CA ASP A 52 2.60 -1.09 -22.78
C ASP A 52 3.39 0.19 -22.55
N PRO A 53 4.47 0.13 -21.76
CA PRO A 53 5.37 1.27 -21.69
C PRO A 53 6.16 1.40 -22.96
N GLN A 54 6.94 2.50 -23.03
CA GLN A 54 7.86 2.87 -24.12
C GLN A 54 7.23 2.77 -25.51
N SER A 55 5.93 2.99 -25.59
CA SER A 55 5.16 2.92 -26.82
C SER A 55 3.89 3.71 -26.59
N GLY A 56 2.91 3.51 -27.46
CA GLY A 56 1.60 4.05 -27.18
C GLY A 56 0.51 3.05 -27.46
N GLN A 57 0.88 1.87 -27.95
CA GLN A 57 -0.14 0.97 -28.46
C GLN A 57 -0.84 0.24 -27.32
N PRO A 58 -2.13 -0.07 -27.48
CA PRO A 58 -2.83 -0.84 -26.46
C PRO A 58 -2.39 -2.29 -26.47
N SER A 59 -1.75 -2.72 -25.39
CA SER A 59 -1.24 -4.08 -25.27
C SER A 59 -2.27 -4.96 -24.56
N GLY A 60 -3.42 -5.11 -25.22
CA GLY A 60 -4.47 -5.92 -24.64
C GLY A 60 -5.84 -5.28 -24.76
N GLN A 61 -6.88 -6.09 -24.60
CA GLN A 61 -8.23 -5.57 -24.70
C GLN A 61 -8.59 -4.80 -23.45
N ARG A 62 -9.70 -4.07 -23.53
CA ARG A 62 -10.17 -3.23 -22.44
C ARG A 62 -10.56 -4.07 -21.22
N VAL A 63 -10.55 -3.44 -20.05
CA VAL A 63 -10.89 -4.07 -18.78
C VAL A 63 -11.91 -3.20 -18.09
N HIS A 64 -13.13 -3.69 -17.95
CA HIS A 64 -14.20 -2.88 -17.39
C HIS A 64 -14.17 -2.92 -15.87
N LYS A 65 -13.75 -1.85 -15.27
CA LYS A 65 -13.94 -1.65 -13.84
C LYS A 65 -15.41 -1.34 -13.60
N PRO A 66 -15.96 -1.63 -12.41
CA PRO A 66 -17.41 -1.64 -12.27
C PRO A 66 -18.04 -0.25 -12.14
N PHE A 67 -19.32 -0.19 -12.52
CA PHE A 67 -20.27 0.82 -12.05
C PHE A 67 -20.20 0.99 -10.54
N LYS A 68 -20.50 2.19 -10.06
CA LYS A 68 -20.72 2.40 -8.63
C LYS A 68 -21.80 3.46 -8.50
N PHE A 69 -23.06 3.05 -8.38
CA PHE A 69 -24.16 3.99 -8.19
C PHE A 69 -24.73 3.83 -6.80
N THR A 70 -25.16 4.93 -6.19
CA THR A 70 -25.57 4.96 -4.80
C THR A 70 -27.04 5.31 -4.68
N VAL A 71 -27.83 4.42 -4.07
CA VAL A 71 -29.23 4.68 -3.79
C VAL A 71 -29.44 4.50 -2.29
N ALA A 72 -30.59 4.98 -1.81
CA ALA A 72 -30.92 4.80 -0.42
C ALA A 72 -31.52 3.42 -0.20
N LEU A 73 -31.78 3.06 1.04
CA LEU A 73 -32.46 1.80 1.32
C LEU A 73 -33.90 1.88 0.89
N ASN A 74 -34.32 0.96 0.03
CA ASN A 74 -35.67 0.96 -0.47
C ASN A 74 -36.07 -0.47 -0.79
N LYS A 75 -37.12 -0.61 -1.60
CA LYS A 75 -37.71 -1.91 -1.89
C LYS A 75 -36.78 -2.79 -2.68
N ALA A 76 -36.02 -2.20 -3.60
CA ALA A 76 -35.19 -3.00 -4.49
C ALA A 76 -33.90 -3.48 -3.86
N VAL A 77 -33.53 -2.99 -2.68
CA VAL A 77 -32.27 -3.39 -2.06
C VAL A 77 -32.27 -4.84 -1.55
N PRO A 78 -33.33 -5.38 -0.92
CA PRO A 78 -33.32 -6.84 -0.71
C PRO A 78 -33.40 -7.65 -1.98
N LEU A 79 -33.91 -7.09 -3.06
CA LEU A 79 -33.88 -7.79 -4.33
C LEU A 79 -32.50 -7.77 -4.95
N LEU A 80 -31.72 -6.72 -4.70
CA LEU A 80 -30.37 -6.68 -5.21
C LEU A 80 -29.39 -7.46 -4.35
N TYR A 81 -29.78 -7.89 -3.16
CA TYR A 81 -28.93 -8.81 -2.42
C TYR A 81 -29.23 -10.27 -2.71
N ASN A 82 -30.06 -10.57 -3.70
CA ASN A 82 -30.10 -11.91 -4.26
C ASN A 82 -29.51 -11.98 -5.64
N ALA A 83 -29.51 -10.88 -6.38
CA ALA A 83 -28.72 -10.84 -7.59
C ALA A 83 -27.24 -10.88 -7.28
N LEU A 84 -26.87 -10.40 -6.09
CA LEU A 84 -25.48 -10.42 -5.66
C LEU A 84 -25.07 -11.80 -5.18
N SER A 85 -25.73 -12.30 -4.15
CA SER A 85 -25.27 -13.49 -3.46
C SER A 85 -25.56 -14.77 -4.22
N SER A 86 -26.25 -14.71 -5.35
CA SER A 86 -26.45 -15.89 -6.16
C SER A 86 -25.91 -15.73 -7.57
N GLY A 87 -25.29 -14.60 -7.88
CA GLY A 87 -24.69 -14.42 -9.18
C GLY A 87 -25.66 -14.29 -10.31
N GLU A 88 -26.87 -13.80 -10.04
CA GLU A 88 -27.86 -13.66 -11.09
C GLU A 88 -27.53 -12.50 -11.99
N LYS A 89 -27.51 -12.75 -13.29
CA LYS A 89 -27.28 -11.68 -14.22
C LYS A 89 -28.53 -10.82 -14.31
N LEU A 90 -28.35 -9.57 -14.70
CA LEU A 90 -29.44 -8.63 -14.84
C LEU A 90 -29.55 -8.29 -16.31
N LYS A 91 -30.75 -8.43 -16.87
CA LYS A 91 -30.91 -8.31 -18.32
C LYS A 91 -30.63 -6.89 -18.80
N THR A 92 -30.99 -5.88 -18.01
CA THR A 92 -30.70 -4.52 -18.42
C THR A 92 -30.61 -3.61 -17.21
N VAL A 93 -29.86 -2.53 -17.37
CA VAL A 93 -29.74 -1.46 -16.40
C VAL A 93 -29.68 -0.18 -17.21
N GLU A 94 -30.69 0.66 -17.12
CA GLU A 94 -30.74 1.83 -17.97
C GLU A 94 -30.59 3.07 -17.10
N LEU A 95 -29.36 3.48 -16.87
CA LEU A 95 -29.10 4.75 -16.22
C LEU A 95 -29.53 5.87 -17.14
N LYS A 96 -30.08 6.93 -16.56
CA LYS A 96 -30.53 8.09 -17.34
C LYS A 96 -30.08 9.36 -16.66
N TRP A 97 -29.15 10.07 -17.27
CA TRP A 97 -28.60 11.29 -16.70
C TRP A 97 -29.53 12.44 -17.00
N TYR A 98 -30.13 13.04 -15.98
CA TYR A 98 -30.98 14.18 -16.25
C TYR A 98 -30.19 15.47 -16.15
N ARG A 99 -30.74 16.52 -16.74
CA ARG A 99 -30.24 17.86 -16.55
C ARG A 99 -31.37 18.83 -16.83
N THR A 100 -31.21 20.05 -16.34
CA THR A 100 -32.22 21.08 -16.49
C THR A 100 -31.96 21.85 -17.78
N SER A 101 -32.91 21.79 -18.70
CA SER A 101 -32.71 22.40 -20.01
C SER A 101 -33.01 23.89 -19.95
N ILE A 102 -33.06 24.53 -21.12
CA ILE A 102 -33.25 25.97 -21.17
C ILE A 102 -34.69 26.33 -20.90
N GLU A 103 -35.63 25.57 -21.46
CA GLU A 103 -37.05 25.85 -21.30
C GLU A 103 -37.55 25.58 -19.90
N GLY A 104 -36.77 24.91 -19.06
CA GLY A 104 -37.14 24.69 -17.69
C GLY A 104 -37.64 23.30 -17.39
N LYS A 105 -37.30 22.32 -18.20
CA LYS A 105 -37.81 20.98 -18.01
C LYS A 105 -36.66 20.00 -17.94
N GLN A 106 -36.81 19.00 -17.08
CA GLN A 106 -35.84 17.93 -16.97
C GLN A 106 -35.82 17.12 -18.25
N GLU A 107 -34.64 16.65 -18.63
CA GLU A 107 -34.55 15.79 -19.80
C GLU A 107 -33.30 14.93 -19.67
N ASN A 108 -33.38 13.71 -20.19
CA ASN A 108 -32.19 12.87 -20.20
C ASN A 108 -31.33 13.26 -21.39
N PHE A 109 -30.15 13.76 -21.11
CA PHE A 109 -29.25 14.10 -22.18
C PHE A 109 -28.28 12.97 -22.49
N PHE A 110 -28.31 11.88 -21.73
CA PHE A 110 -27.25 10.89 -21.78
C PHE A 110 -27.77 9.66 -21.08
N THR A 111 -27.83 8.52 -21.75
CA THR A 111 -28.22 7.27 -21.13
C THR A 111 -27.15 6.23 -21.35
N THR A 112 -26.81 5.48 -20.31
CA THR A 112 -25.82 4.41 -20.42
C THR A 112 -26.55 3.10 -20.15
N LYS A 113 -27.08 2.47 -21.19
CA LYS A 113 -27.73 1.19 -21.01
C LYS A 113 -26.69 0.10 -20.77
N LEU A 114 -27.16 -1.12 -20.59
CA LEU A 114 -26.28 -2.16 -20.08
C LEU A 114 -26.94 -3.50 -20.39
N GLU A 115 -26.19 -4.44 -20.91
CA GLU A 115 -26.70 -5.79 -21.08
C GLU A 115 -26.31 -6.60 -19.86
N ASN A 116 -26.25 -7.93 -19.98
CA ASN A 116 -26.09 -8.89 -18.88
C ASN A 116 -25.04 -8.50 -17.89
N ALA A 117 -25.47 -8.19 -16.67
CA ALA A 117 -24.65 -7.43 -15.73
C ALA A 117 -24.85 -7.98 -14.34
N SER A 118 -23.93 -8.81 -13.87
CA SER A 118 -24.01 -9.25 -12.50
C SER A 118 -23.63 -8.12 -11.56
N ILE A 119 -23.85 -8.34 -10.28
CA ILE A 119 -23.48 -7.37 -9.26
C ILE A 119 -22.20 -7.85 -8.59
N VAL A 120 -21.18 -7.01 -8.56
CA VAL A 120 -19.92 -7.39 -7.94
C VAL A 120 -20.01 -7.24 -6.43
N ASP A 121 -20.29 -6.04 -5.95
CA ASP A 121 -20.46 -5.87 -4.51
C ASP A 121 -21.41 -4.73 -4.22
N ILE A 122 -21.94 -4.74 -3.01
CA ILE A 122 -22.88 -3.74 -2.53
C ILE A 122 -22.42 -3.27 -1.17
N HIS A 123 -22.19 -1.97 -1.04
CA HIS A 123 -21.58 -1.40 0.16
C HIS A 123 -22.62 -0.58 0.91
N CYS A 124 -23.38 -1.25 1.76
CA CYS A 124 -24.40 -0.59 2.57
C CYS A 124 -23.76 0.05 3.79
N GLU A 125 -23.93 1.34 3.96
CA GLU A 125 -23.41 2.02 5.13
C GLU A 125 -24.40 3.07 5.59
N MET A 126 -24.16 3.58 6.80
CA MET A 126 -24.97 4.64 7.36
C MET A 126 -23.98 5.54 8.11
N PRO A 127 -24.03 6.85 7.90
CA PRO A 127 -23.13 7.75 8.61
C PRO A 127 -23.45 7.82 10.08
N HIS A 128 -22.55 8.44 10.82
CA HIS A 128 -22.61 8.42 12.28
C HIS A 128 -23.74 9.33 12.76
N CYS A 129 -24.59 8.81 13.65
CA CYS A 129 -25.77 9.55 14.05
C CYS A 129 -25.45 10.70 14.99
N GLN A 130 -24.36 10.60 15.74
CA GLN A 130 -23.91 11.69 16.60
C GLN A 130 -23.39 12.87 15.80
N ASP A 131 -22.91 12.63 14.60
CA ASP A 131 -22.17 13.64 13.84
C ASP A 131 -23.14 14.59 13.17
N PRO A 132 -23.08 15.90 13.44
CA PRO A 132 -24.02 16.83 12.82
C PRO A 132 -23.65 17.23 11.41
N ALA A 133 -22.42 16.95 10.96
CA ALA A 133 -22.06 17.29 9.59
C ALA A 133 -22.72 16.36 8.58
N LYS A 134 -23.08 15.16 8.98
CA LYS A 134 -23.71 14.17 8.12
C LYS A 134 -25.12 13.87 8.58
N SER A 135 -25.86 14.92 8.94
CA SER A 135 -27.23 14.74 9.42
C SER A 135 -28.24 14.66 8.30
N ASP A 136 -27.95 15.27 7.15
CA ASP A 136 -28.89 15.26 6.05
C ASP A 136 -28.91 13.93 5.31
N PHE A 137 -27.86 13.14 5.43
CA PHE A 137 -27.80 11.86 4.72
C PHE A 137 -28.71 10.87 5.43
N THR A 138 -29.18 9.89 4.68
CA THR A 138 -29.99 8.83 5.28
C THR A 138 -29.26 7.51 5.30
N GLN A 139 -28.95 6.95 4.14
CA GLN A 139 -28.16 5.74 4.00
C GLN A 139 -27.39 5.84 2.70
N ASN A 140 -26.53 4.86 2.46
CA ASN A 140 -25.76 4.81 1.23
C ASN A 140 -25.61 3.35 0.85
N VAL A 141 -26.27 2.95 -0.22
CA VAL A 141 -26.17 1.59 -0.71
C VAL A 141 -25.55 1.68 -2.10
N THR A 142 -24.25 1.44 -2.18
CA THR A 142 -23.50 1.61 -3.42
C THR A 142 -23.43 0.27 -4.12
N VAL A 143 -24.25 0.08 -5.13
CA VAL A 143 -24.34 -1.19 -5.83
C VAL A 143 -23.42 -1.17 -7.03
N SER A 144 -22.53 -2.15 -7.13
CA SER A 144 -21.64 -2.21 -8.27
C SER A 144 -22.20 -3.12 -9.34
N LEU A 145 -21.67 -2.98 -10.55
CA LEU A 145 -22.13 -3.80 -11.66
C LEU A 145 -20.97 -4.06 -12.59
N SER A 146 -20.46 -5.28 -12.62
CA SER A 146 -19.75 -5.70 -13.81
C SER A 146 -20.78 -6.07 -14.85
N TYR A 147 -20.36 -6.16 -16.11
CA TYR A 147 -21.33 -6.15 -17.19
C TYR A 147 -20.70 -6.68 -18.45
N ARG A 148 -21.52 -7.34 -19.27
CA ARG A 148 -21.04 -7.80 -20.56
C ARG A 148 -20.98 -6.66 -21.56
N LYS A 149 -22.12 -6.08 -21.88
CA LYS A 149 -22.24 -5.09 -22.94
C LYS A 149 -22.80 -3.80 -22.39
N ILE A 150 -22.13 -2.71 -22.68
CA ILE A 150 -22.53 -1.38 -22.26
C ILE A 150 -22.68 -0.51 -23.49
N THR A 151 -23.70 0.34 -23.51
CA THR A 151 -23.95 1.24 -24.63
C THR A 151 -24.20 2.63 -24.10
N TRP A 152 -23.20 3.50 -24.19
CA TRP A 152 -23.43 4.91 -23.95
C TRP A 152 -24.28 5.48 -25.06
N ASP A 153 -25.05 6.52 -24.74
CA ASP A 153 -25.95 7.08 -25.74
C ASP A 153 -26.26 8.51 -25.32
N HIS A 154 -25.72 9.47 -26.05
CA HIS A 154 -26.11 10.85 -25.83
C HIS A 154 -27.35 11.14 -26.65
N VAL A 155 -28.40 11.61 -26.00
CA VAL A 155 -29.69 11.72 -26.65
C VAL A 155 -29.82 13.02 -27.44
N ASN A 156 -29.45 14.16 -26.84
CA ASN A 156 -29.65 15.45 -27.49
C ASN A 156 -28.69 15.71 -28.64
N ALA A 157 -27.67 14.90 -28.83
CA ALA A 157 -26.80 15.02 -29.98
C ALA A 157 -26.69 13.73 -30.76
N GLY A 158 -27.39 12.68 -30.36
CA GLY A 158 -27.52 11.49 -31.15
C GLY A 158 -26.34 10.56 -31.20
N THR A 159 -25.20 10.91 -30.60
CA THR A 159 -24.06 10.02 -30.64
C THR A 159 -24.30 8.80 -29.76
N SER A 160 -23.60 7.72 -30.06
CA SER A 160 -23.79 6.49 -29.32
C SER A 160 -22.53 5.66 -29.38
N GLY A 161 -21.97 5.35 -28.22
CA GLY A 161 -20.85 4.45 -28.16
C GLY A 161 -21.34 3.08 -27.76
N SER A 162 -20.51 2.06 -27.87
CA SER A 162 -20.91 0.71 -27.50
C SER A 162 -19.66 -0.12 -27.25
N ASP A 163 -19.74 -0.98 -26.25
CA ASP A 163 -18.72 -2.00 -26.06
C ASP A 163 -19.44 -3.31 -25.81
N ASP A 164 -18.83 -4.40 -26.27
CA ASP A 164 -19.43 -5.69 -26.06
C ASP A 164 -18.35 -6.75 -26.05
N TRP A 165 -18.42 -7.65 -25.08
CA TRP A 165 -17.57 -8.82 -25.15
C TRP A 165 -18.09 -9.82 -26.16
N ARG A 166 -19.41 -9.84 -26.38
CA ARG A 166 -20.01 -10.81 -27.28
C ARG A 166 -19.61 -10.56 -28.72
N LYS A 167 -19.58 -9.30 -29.12
CA LYS A 167 -19.26 -8.93 -30.50
C LYS A 167 -18.19 -7.85 -30.51
N PRO A 168 -16.94 -8.23 -30.34
CA PRO A 168 -15.86 -7.25 -30.52
C PRO A 168 -15.72 -6.92 -31.99
N ILE A 169 -15.05 -5.81 -32.26
CA ILE A 169 -15.15 -5.20 -33.58
C ILE A 169 -14.31 -6.01 -34.56
N GLU A 170 -14.97 -6.94 -35.24
CA GLU A 170 -14.46 -7.98 -36.15
C GLU A 170 -13.17 -8.72 -35.73
N GLY B 1 -70.87 -60.73 -74.90
CA GLY B 1 -70.40 -60.37 -73.58
C GLY B 1 -68.99 -60.87 -73.29
N SER B 2 -68.14 -60.88 -74.32
CA SER B 2 -66.77 -61.32 -74.15
C SER B 2 -65.91 -60.31 -73.40
N LEU B 3 -66.30 -59.04 -73.40
CA LEU B 3 -65.58 -58.04 -72.61
C LEU B 3 -65.81 -58.24 -71.12
N LEU B 4 -66.98 -58.75 -70.74
CA LEU B 4 -67.21 -59.11 -69.35
C LEU B 4 -66.42 -60.35 -68.97
N ASP B 5 -66.13 -61.22 -69.94
CA ASP B 5 -65.32 -62.41 -69.67
C ASP B 5 -63.86 -62.04 -69.42
N GLU B 6 -63.37 -60.96 -70.03
CA GLU B 6 -62.00 -60.54 -69.78
C GLU B 6 -61.86 -59.87 -68.42
N ILE B 7 -62.92 -59.26 -67.92
CA ILE B 7 -62.88 -58.67 -66.58
C ILE B 7 -62.96 -59.76 -65.52
N MET B 8 -63.83 -60.77 -65.74
CA MET B 8 -63.95 -61.87 -64.78
C MET B 8 -62.73 -62.79 -64.79
N ALA B 9 -62.04 -62.92 -65.92
CA ALA B 9 -60.78 -63.64 -65.94
C ALA B 9 -59.66 -62.83 -65.30
N GLN B 10 -59.80 -61.51 -65.25
CA GLN B 10 -58.84 -60.63 -64.57
C GLN B 10 -59.17 -60.67 -63.09
N THR B 11 -58.42 -61.48 -62.33
CA THR B 11 -58.76 -61.78 -60.95
C THR B 11 -58.51 -60.63 -59.99
N ARG B 12 -57.88 -59.55 -60.43
CA ARG B 12 -57.64 -58.41 -59.55
C ARG B 12 -58.91 -57.61 -59.29
N ILE B 13 -59.79 -57.48 -60.29
CA ILE B 13 -61.03 -56.72 -60.15
C ILE B 13 -62.18 -57.49 -60.82
N ALA B 14 -62.28 -58.79 -60.53
CA ALA B 14 -63.25 -59.62 -61.24
C ALA B 14 -64.69 -59.40 -60.78
N PRO B 15 -65.07 -59.62 -59.46
CA PRO B 15 -66.52 -59.73 -59.19
C PRO B 15 -67.25 -58.40 -59.01
N SER B 16 -66.95 -57.42 -59.85
CA SER B 16 -67.65 -56.12 -59.94
C SER B 16 -67.70 -55.39 -58.60
N GLU B 17 -66.52 -55.06 -58.08
CA GLU B 17 -66.41 -54.45 -56.77
C GLU B 17 -65.96 -52.99 -56.84
N GLU B 18 -64.81 -52.71 -57.45
CA GLU B 18 -64.29 -51.35 -57.52
C GLU B 18 -63.33 -51.24 -58.69
N GLY B 19 -63.49 -50.21 -59.50
CA GLY B 19 -62.62 -49.99 -60.63
C GLY B 19 -62.91 -50.84 -61.85
N TYR B 20 -64.10 -51.45 -61.92
CA TYR B 20 -64.45 -52.28 -63.06
C TYR B 20 -65.01 -51.48 -64.23
N ASP B 21 -65.47 -50.25 -63.99
CA ASP B 21 -65.93 -49.40 -65.09
C ASP B 21 -64.79 -48.60 -65.70
N ILE B 22 -63.73 -48.34 -64.94
CA ILE B 22 -62.57 -47.63 -65.49
C ILE B 22 -61.73 -48.57 -66.36
N ALA B 23 -61.47 -49.78 -65.86
CA ALA B 23 -60.68 -50.75 -66.62
C ALA B 23 -61.43 -51.28 -67.85
N LYS B 24 -62.76 -51.25 -67.84
CA LYS B 24 -63.52 -51.57 -69.04
C LYS B 24 -63.32 -50.51 -70.10
N LYS B 25 -63.19 -49.24 -69.70
CA LYS B 25 -62.86 -48.18 -70.64
C LYS B 25 -61.41 -48.27 -71.12
N GLY B 26 -60.55 -48.95 -70.37
CA GLY B 26 -59.16 -49.10 -70.75
C GLY B 26 -58.94 -50.13 -71.84
N VAL B 27 -59.70 -51.23 -71.78
CA VAL B 27 -59.59 -52.27 -72.80
C VAL B 27 -60.16 -51.78 -74.12
N ALA B 28 -61.33 -51.14 -74.08
CA ALA B 28 -62.02 -50.75 -75.31
C ALA B 28 -61.34 -49.60 -76.01
N ALA B 29 -60.58 -48.77 -75.27
CA ALA B 29 -59.87 -47.67 -75.92
C ALA B 29 -58.63 -48.15 -76.65
N PHE B 30 -57.97 -49.19 -76.15
CA PHE B 30 -56.73 -49.67 -76.77
C PHE B 30 -57.01 -50.45 -78.05
N ILE B 31 -58.17 -51.10 -78.15
CA ILE B 31 -58.49 -51.86 -79.34
C ILE B 31 -58.82 -50.93 -80.51
N GLU B 32 -59.38 -49.75 -80.22
CA GLU B 32 -59.75 -48.81 -81.28
C GLU B 32 -58.53 -48.21 -81.98
N ASN B 33 -57.40 -48.14 -81.29
CA ASN B 33 -56.15 -47.66 -81.89
C ASN B 33 -55.20 -48.79 -82.26
N LEU B 34 -55.58 -50.05 -81.97
CA LEU B 34 -54.72 -51.19 -82.25
C LEU B 34 -54.63 -51.51 -83.74
N MET B 35 -55.63 -51.09 -84.53
CA MET B 35 -55.70 -51.47 -85.93
C MET B 35 -54.69 -50.75 -86.81
N GLY B 36 -53.97 -49.76 -86.28
CA GLY B 36 -52.90 -49.15 -87.04
C GLY B 36 -51.69 -50.05 -87.20
N SER B 37 -51.47 -50.94 -86.24
CA SER B 37 -50.37 -51.90 -86.31
C SER B 37 -50.77 -53.12 -85.50
N GLN B 38 -51.11 -54.22 -86.18
CA GLN B 38 -51.55 -55.43 -85.51
C GLN B 38 -50.37 -56.18 -84.92
N HIS B 39 -50.44 -56.45 -83.62
CA HIS B 39 -49.40 -57.20 -82.93
C HIS B 39 -50.01 -57.85 -81.70
N SER B 40 -49.51 -59.04 -81.35
CA SER B 40 -50.05 -59.84 -80.25
C SER B 40 -48.91 -60.27 -79.32
N ALA B 41 -48.55 -59.39 -78.39
CA ALA B 41 -47.58 -59.67 -77.34
C ALA B 41 -47.71 -58.60 -76.27
N GLU B 42 -47.92 -59.02 -75.02
CA GLU B 42 -48.08 -58.08 -73.91
C GLU B 42 -46.87 -57.17 -73.64
N PRO B 43 -45.60 -57.64 -73.61
CA PRO B 43 -44.52 -56.68 -73.34
C PRO B 43 -44.24 -55.71 -74.48
N VAL B 44 -44.54 -56.09 -75.72
CA VAL B 44 -44.53 -55.11 -76.80
C VAL B 44 -45.74 -54.18 -76.66
N ASN B 45 -46.87 -54.71 -76.19
CA ASN B 45 -48.03 -53.87 -75.90
C ASN B 45 -47.77 -52.95 -74.72
N LYS B 46 -46.93 -53.35 -73.76
CA LYS B 46 -46.50 -52.42 -72.72
C LYS B 46 -45.64 -51.30 -73.30
N SER B 47 -44.97 -51.56 -74.43
CA SER B 47 -44.36 -50.47 -75.18
C SER B 47 -45.35 -49.82 -76.13
N LEU B 48 -46.31 -50.59 -76.66
CA LEU B 48 -47.31 -50.01 -77.57
C LEU B 48 -48.32 -49.15 -76.82
N VAL B 49 -48.57 -49.42 -75.54
CA VAL B 49 -49.29 -48.46 -74.72
C VAL B 49 -48.48 -47.19 -74.56
N ASP B 50 -47.17 -47.34 -74.29
CA ASP B 50 -46.30 -46.17 -74.18
C ASP B 50 -46.11 -45.46 -75.51
N GLN B 51 -46.16 -46.20 -76.63
CA GLN B 51 -46.13 -45.54 -77.94
C GLN B 51 -47.45 -44.89 -78.28
N MET B 52 -48.53 -45.23 -77.58
CA MET B 52 -49.77 -44.48 -77.66
C MET B 52 -49.88 -43.41 -76.59
N LEU B 53 -48.88 -43.28 -75.73
CA LEU B 53 -48.82 -42.16 -74.78
C LEU B 53 -47.89 -41.05 -75.24
N VAL B 54 -46.81 -41.41 -75.96
CA VAL B 54 -45.92 -40.39 -76.51
C VAL B 54 -46.62 -39.64 -77.65
N GLU B 55 -47.34 -40.37 -78.50
CA GLU B 55 -48.11 -39.72 -79.55
C GLU B 55 -49.32 -38.99 -78.99
N LEU B 56 -49.82 -39.41 -77.81
CA LEU B 56 -50.88 -38.68 -77.14
C LEU B 56 -50.38 -37.37 -76.55
N ASP B 57 -49.18 -37.39 -75.95
CA ASP B 57 -48.61 -36.17 -75.39
C ASP B 57 -48.19 -35.18 -76.47
N LYS B 58 -47.94 -35.64 -77.69
CA LYS B 58 -47.75 -34.72 -78.80
C LYS B 58 -49.06 -34.05 -79.18
N LYS B 59 -50.19 -34.69 -78.91
CA LYS B 59 -51.49 -34.08 -79.16
C LYS B 59 -51.90 -33.14 -78.04
N ILE B 60 -51.54 -33.45 -76.80
CA ILE B 60 -52.02 -32.66 -75.67
C ILE B 60 -51.12 -31.45 -75.42
N SER B 61 -49.80 -31.68 -75.37
CA SER B 61 -48.89 -30.59 -75.04
C SER B 61 -48.79 -29.56 -76.15
N ALA B 62 -49.09 -29.95 -77.40
CA ALA B 62 -49.19 -28.95 -78.45
C ALA B 62 -50.45 -28.12 -78.31
N GLN B 63 -51.48 -28.65 -77.64
CA GLN B 63 -52.65 -27.85 -77.32
C GLN B 63 -52.44 -27.01 -76.08
N MET B 64 -51.73 -27.55 -75.09
CA MET B 64 -51.43 -26.80 -73.87
C MET B 64 -50.25 -25.85 -74.02
N ASP B 65 -49.61 -25.82 -75.18
CA ASP B 65 -48.77 -24.70 -75.54
C ASP B 65 -49.52 -23.67 -76.37
N GLU B 66 -50.84 -23.85 -76.51
CA GLU B 66 -51.68 -22.88 -77.19
C GLU B 66 -52.82 -22.37 -76.34
N ILE B 67 -53.31 -23.15 -75.38
CA ILE B 67 -54.20 -22.60 -74.37
C ILE B 67 -53.43 -21.71 -73.43
N LEU B 68 -52.19 -22.09 -73.10
CA LEU B 68 -51.26 -21.16 -72.51
C LEU B 68 -50.65 -20.29 -73.61
N HIS B 69 -49.73 -19.41 -73.22
CA HIS B 69 -48.91 -18.59 -74.13
C HIS B 69 -49.76 -17.67 -75.01
N ASN B 70 -50.94 -17.29 -74.52
CA ASN B 70 -51.85 -16.43 -75.24
C ASN B 70 -51.73 -15.01 -74.69
N SER B 71 -51.99 -14.01 -75.55
CA SER B 71 -51.80 -12.62 -75.16
C SER B 71 -52.79 -12.17 -74.11
N GLN B 72 -53.96 -12.81 -74.04
CA GLN B 72 -54.90 -12.55 -72.95
C GLN B 72 -54.52 -13.33 -71.71
N PHE B 73 -53.99 -14.54 -71.87
CA PHE B 73 -53.66 -15.37 -70.71
C PHE B 73 -52.34 -14.93 -70.08
N GLN B 74 -51.29 -14.84 -70.88
CA GLN B 74 -49.94 -14.61 -70.35
C GLN B 74 -49.78 -13.22 -69.77
N ALA B 75 -50.43 -12.21 -70.36
CA ALA B 75 -50.38 -10.86 -69.79
C ALA B 75 -51.20 -10.77 -68.51
N MET B 76 -52.18 -11.64 -68.35
CA MET B 76 -52.93 -11.75 -67.10
C MET B 76 -52.41 -12.87 -66.21
N GLU B 77 -51.35 -13.55 -66.62
CA GLU B 77 -50.65 -14.46 -65.71
C GLU B 77 -49.43 -13.78 -65.10
N SER B 78 -48.68 -13.03 -65.90
CA SER B 78 -47.52 -12.31 -65.39
C SER B 78 -47.92 -11.18 -64.46
N ALA B 79 -49.07 -10.56 -64.71
CA ALA B 79 -49.56 -9.51 -63.84
C ALA B 79 -50.14 -10.05 -62.54
N TRP B 80 -50.31 -11.36 -62.40
CA TRP B 80 -50.89 -11.95 -61.21
C TRP B 80 -49.96 -12.92 -60.50
N ARG B 81 -49.19 -13.72 -61.23
CA ARG B 81 -48.16 -14.54 -60.58
C ARG B 81 -46.99 -13.67 -60.12
N GLY B 82 -46.72 -12.58 -60.83
CA GLY B 82 -45.75 -11.61 -60.36
C GLY B 82 -46.15 -10.91 -59.08
N LEU B 83 -47.44 -10.83 -58.80
CA LEU B 83 -47.88 -10.38 -57.49
C LEU B 83 -47.52 -11.39 -56.41
N LYS B 84 -47.62 -12.69 -56.72
CA LYS B 84 -47.26 -13.72 -55.76
C LYS B 84 -45.77 -13.69 -55.43
N LEU B 85 -44.94 -13.29 -56.39
CA LEU B 85 -43.54 -13.04 -56.10
C LEU B 85 -43.36 -11.81 -55.23
N PHE B 86 -44.31 -10.89 -55.22
CA PHE B 86 -44.24 -9.77 -54.28
C PHE B 86 -44.87 -10.11 -52.94
N VAL B 87 -45.73 -11.11 -52.88
CA VAL B 87 -46.32 -11.50 -51.60
C VAL B 87 -45.43 -12.49 -50.86
N ASP B 88 -44.79 -13.41 -51.58
CA ASP B 88 -44.01 -14.46 -50.93
C ASP B 88 -42.70 -13.94 -50.34
N ARG B 89 -42.11 -12.91 -50.94
CA ARG B 89 -40.81 -12.43 -50.46
C ARG B 89 -40.95 -11.49 -49.27
N THR B 90 -41.95 -10.62 -49.30
CA THR B 90 -42.09 -9.59 -48.28
C THR B 90 -42.66 -10.18 -47.00
N ASP B 91 -42.00 -9.93 -45.89
CA ASP B 91 -42.39 -10.52 -44.60
C ASP B 91 -43.50 -9.66 -44.01
N PHE B 92 -44.73 -10.17 -44.09
CA PHE B 92 -45.88 -9.45 -43.57
C PHE B 92 -45.94 -9.43 -42.06
N ARG B 93 -45.16 -10.28 -41.38
CA ARG B 93 -45.08 -10.18 -39.93
C ARG B 93 -44.27 -8.97 -39.50
N GLU B 94 -43.37 -8.48 -40.34
CA GLU B 94 -42.53 -7.33 -39.98
C GLU B 94 -43.13 -6.01 -40.46
N ASN B 95 -44.41 -5.80 -40.12
CA ASN B 95 -45.14 -4.55 -40.33
C ASN B 95 -45.14 -4.11 -41.81
N ASN B 96 -45.79 -4.92 -42.63
CA ASN B 96 -45.94 -4.62 -44.04
C ASN B 96 -47.35 -4.97 -44.49
N LYS B 97 -47.95 -4.10 -45.28
CA LYS B 97 -49.22 -4.39 -45.93
C LYS B 97 -49.14 -3.91 -47.36
N VAL B 98 -49.97 -4.49 -48.22
CA VAL B 98 -49.98 -4.10 -49.62
C VAL B 98 -51.41 -4.08 -50.14
N GLU B 99 -51.79 -2.96 -50.73
CA GLU B 99 -53.12 -2.81 -51.31
C GLU B 99 -53.08 -3.16 -52.78
N ILE B 100 -54.19 -3.69 -53.27
CA ILE B 100 -54.32 -4.18 -54.65
C ILE B 100 -55.46 -3.44 -55.31
N LEU B 101 -55.14 -2.67 -56.35
CA LEU B 101 -56.13 -1.87 -57.05
C LEU B 101 -56.26 -2.34 -58.49
N HIS B 102 -57.48 -2.67 -58.90
CA HIS B 102 -57.79 -3.04 -60.27
C HIS B 102 -58.09 -1.77 -61.06
N VAL B 103 -57.13 -1.31 -61.85
CA VAL B 103 -57.41 -0.36 -62.92
C VAL B 103 -56.97 -1.01 -64.20
N THR B 104 -57.25 -0.34 -65.31
CA THR B 104 -56.49 -0.60 -66.53
C THR B 104 -55.75 0.68 -66.91
N LYS B 105 -54.69 0.51 -67.69
CA LYS B 105 -53.80 1.62 -67.99
C LYS B 105 -54.47 2.67 -68.85
N ASP B 106 -55.42 2.26 -69.70
CA ASP B 106 -56.17 3.23 -70.48
C ASP B 106 -57.25 3.90 -69.66
N GLU B 107 -57.74 3.24 -68.61
CA GLU B 107 -58.74 3.84 -67.73
C GLU B 107 -58.13 4.92 -66.87
N LEU B 108 -56.84 4.79 -66.54
CA LEU B 108 -56.25 5.65 -65.52
C LEU B 108 -56.01 7.05 -66.04
N LEU B 109 -55.58 7.17 -67.29
CA LEU B 109 -55.41 8.50 -67.89
C LEU B 109 -56.76 9.18 -68.09
N GLU B 110 -57.80 8.40 -68.43
CA GLU B 110 -59.15 8.94 -68.51
C GLU B 110 -59.64 9.42 -67.15
N ASP B 111 -59.22 8.76 -66.08
CA ASP B 111 -59.59 9.17 -64.74
C ASP B 111 -58.85 10.44 -64.30
N PHE B 112 -57.68 10.71 -64.86
CA PHE B 112 -57.06 12.01 -64.66
C PHE B 112 -57.63 13.06 -65.60
N GLU B 113 -58.17 12.64 -66.74
CA GLU B 113 -58.95 13.52 -67.59
C GLU B 113 -60.34 13.75 -66.99
N PHE B 114 -60.77 12.87 -66.09
CA PHE B 114 -62.08 12.97 -65.44
C PHE B 114 -62.16 14.20 -64.54
N ALA B 115 -61.20 14.36 -63.64
CA ALA B 115 -61.24 15.49 -62.73
C ALA B 115 -60.51 16.70 -63.32
N PRO B 116 -60.97 17.92 -63.02
CA PRO B 116 -60.26 19.11 -63.50
C PRO B 116 -58.93 19.34 -62.82
N GLU B 117 -58.73 18.78 -61.63
CA GLU B 117 -57.48 18.91 -60.90
C GLU B 117 -57.09 17.55 -60.37
N THR B 118 -55.77 17.30 -60.27
CA THR B 118 -55.25 16.05 -59.74
C THR B 118 -55.64 15.83 -58.29
N ALA B 119 -55.94 16.90 -57.55
CA ALA B 119 -56.39 16.82 -56.17
C ALA B 119 -57.86 16.48 -56.05
N GLN B 120 -58.54 16.15 -57.15
CA GLN B 120 -59.91 15.64 -57.08
C GLN B 120 -60.08 14.36 -57.90
N SER B 121 -58.99 13.70 -58.27
CA SER B 121 -59.05 12.53 -59.13
C SER B 121 -59.57 11.33 -58.37
N GLY B 122 -59.75 10.22 -59.10
CA GLY B 122 -60.15 8.98 -58.46
C GLY B 122 -58.98 8.19 -57.94
N LEU B 123 -57.81 8.34 -58.55
CA LEU B 123 -56.62 7.70 -58.01
C LEU B 123 -56.09 8.47 -56.81
N TYR B 124 -56.34 9.78 -56.76
CA TYR B 124 -55.99 10.59 -55.59
C TYR B 124 -56.80 10.18 -54.37
N LYS B 125 -57.97 9.58 -54.58
CA LYS B 125 -58.75 9.10 -53.45
C LYS B 125 -58.12 7.88 -52.82
N HIS B 126 -57.52 7.00 -53.63
CA HIS B 126 -56.98 5.76 -53.10
C HIS B 126 -55.53 5.88 -52.66
N VAL B 127 -54.79 6.83 -53.22
CA VAL B 127 -53.40 7.01 -52.82
C VAL B 127 -53.30 7.93 -51.61
N TYR B 128 -53.98 9.08 -51.67
CA TYR B 128 -53.87 10.09 -50.62
C TYR B 128 -54.92 9.92 -49.54
N SER B 129 -56.20 10.02 -49.90
CA SER B 129 -57.23 10.26 -48.91
C SER B 129 -57.65 8.99 -48.17
N ALA B 130 -57.70 7.85 -48.86
CA ALA B 130 -58.05 6.62 -48.16
C ALA B 130 -56.90 6.08 -47.34
N GLY B 131 -55.68 6.54 -47.60
CA GLY B 131 -54.51 6.12 -46.89
C GLY B 131 -53.95 7.23 -46.04
N TYR B 132 -53.01 7.97 -46.63
CA TYR B 132 -52.25 9.01 -45.95
C TYR B 132 -53.12 10.12 -45.41
N GLY B 133 -54.03 10.65 -46.21
CA GLY B 133 -54.90 11.72 -45.75
C GLY B 133 -56.10 11.20 -44.99
N GLN B 134 -55.86 10.54 -43.86
CA GLN B 134 -56.91 9.87 -43.12
C GLN B 134 -56.46 9.76 -41.67
N PHE B 135 -57.35 10.08 -40.75
CA PHE B 135 -57.03 9.95 -39.34
C PHE B 135 -56.90 8.50 -38.96
N GLY B 136 -55.69 8.10 -38.58
CA GLY B 136 -55.40 6.73 -38.17
C GLY B 136 -55.12 5.77 -39.29
N GLY B 137 -55.42 6.14 -40.54
CA GLY B 137 -55.16 5.24 -41.65
C GLY B 137 -53.70 5.12 -41.97
N GLU B 138 -53.31 3.94 -42.39
CA GLU B 138 -51.91 3.68 -42.74
C GLU B 138 -51.55 4.38 -44.05
N PRO B 139 -50.43 5.08 -44.11
CA PRO B 139 -50.12 5.87 -45.30
C PRO B 139 -49.37 5.05 -46.34
N VAL B 140 -49.31 5.58 -47.54
CA VAL B 140 -48.84 4.85 -48.71
C VAL B 140 -47.36 5.11 -48.91
N GLY B 141 -46.57 4.04 -48.96
CA GLY B 141 -45.14 4.16 -49.17
C GLY B 141 -44.77 4.35 -50.62
N ALA B 142 -45.28 3.50 -51.51
CA ALA B 142 -44.93 3.59 -52.93
C ALA B 142 -46.05 3.01 -53.76
N ILE B 143 -46.09 3.40 -55.03
CA ILE B 143 -47.09 2.90 -55.98
C ILE B 143 -46.39 2.05 -57.02
N ILE B 144 -46.70 0.76 -57.02
CA ILE B 144 -46.18 -0.14 -58.04
C ILE B 144 -47.02 0.03 -59.30
N GLY B 145 -46.39 0.47 -60.38
CA GLY B 145 -47.06 0.56 -61.65
C GLY B 145 -46.80 -0.68 -62.48
N ASN B 146 -47.85 -1.47 -62.72
CA ASN B 146 -47.72 -2.72 -63.47
C ASN B 146 -47.95 -2.45 -64.97
N TYR B 147 -47.20 -1.50 -65.48
CA TYR B 147 -47.46 -0.89 -66.77
C TYR B 147 -46.29 -1.10 -67.71
N ALA B 148 -46.49 -0.74 -68.97
CA ALA B 148 -45.45 -0.77 -69.99
C ALA B 148 -45.49 0.58 -70.69
N PHE B 149 -44.59 1.48 -70.31
CA PHE B 149 -44.68 2.86 -70.75
C PHE B 149 -44.04 3.07 -72.11
N THR B 150 -44.73 3.79 -72.96
CA THR B 150 -44.27 4.32 -74.22
C THR B 150 -43.83 5.76 -74.01
N PRO B 151 -43.09 6.35 -74.95
CA PRO B 151 -42.80 7.78 -74.83
C PRO B 151 -43.83 8.68 -75.48
N SER B 152 -45.01 8.14 -75.78
CA SER B 152 -46.04 8.90 -76.48
C SER B 152 -46.76 9.85 -75.52
N THR B 153 -47.61 10.68 -76.08
CA THR B 153 -48.40 11.67 -75.34
C THR B 153 -49.40 11.04 -74.36
N PRO B 154 -50.10 9.93 -74.65
CA PRO B 154 -50.92 9.33 -73.58
C PRO B 154 -50.14 8.63 -72.47
N ASP B 155 -48.81 8.60 -72.52
CA ASP B 155 -48.00 8.08 -71.42
C ASP B 155 -47.06 9.10 -70.82
N MET B 156 -46.88 10.26 -71.44
CA MET B 156 -46.23 11.37 -70.76
C MET B 156 -47.23 12.30 -70.11
N LYS B 157 -48.51 12.20 -70.48
CA LYS B 157 -49.54 12.91 -69.76
C LYS B 157 -49.91 12.17 -68.47
N LEU B 158 -49.78 10.85 -68.48
CA LEU B 158 -50.03 10.08 -67.27
C LEU B 158 -48.95 10.35 -66.22
N LEU B 159 -47.68 10.32 -66.63
CA LEU B 159 -46.60 10.51 -65.67
C LEU B 159 -46.51 11.94 -65.18
N GLN B 160 -46.98 12.90 -65.97
CA GLN B 160 -47.11 14.26 -65.45
C GLN B 160 -48.17 14.33 -64.37
N TYR B 161 -49.20 13.52 -64.49
CA TYR B 161 -50.25 13.42 -63.49
C TYR B 161 -49.97 12.35 -62.44
N MET B 162 -48.83 11.66 -62.54
CA MET B 162 -48.39 10.80 -61.44
C MET B 162 -47.25 11.40 -60.66
N GLY B 163 -46.46 12.28 -61.27
CA GLY B 163 -45.50 13.04 -60.51
C GLY B 163 -46.16 14.07 -59.61
N ALA B 164 -47.26 14.65 -60.05
CA ALA B 164 -48.00 15.57 -59.20
C ALA B 164 -48.77 14.82 -58.12
N LEU B 165 -49.21 13.59 -58.40
CA LEU B 165 -49.82 12.78 -57.35
C LEU B 165 -48.77 12.29 -56.36
N GLY B 166 -47.58 11.95 -56.84
CA GLY B 166 -46.52 11.51 -55.96
C GLY B 166 -45.94 12.62 -55.11
N ALA B 167 -46.11 13.87 -55.50
CA ALA B 167 -45.65 14.98 -54.70
C ALA B 167 -46.66 15.43 -53.68
N MET B 168 -47.89 14.90 -53.73
CA MET B 168 -48.89 15.24 -52.74
C MET B 168 -48.96 14.21 -51.62
N ALA B 169 -48.87 12.93 -51.95
CA ALA B 169 -48.95 11.88 -50.95
C ALA B 169 -47.58 11.38 -50.50
N HIS B 170 -46.50 12.00 -51.01
CA HIS B 170 -45.12 11.67 -50.68
C HIS B 170 -44.80 10.20 -50.94
N ALA B 171 -45.17 9.73 -52.11
CA ALA B 171 -44.93 8.34 -52.45
C ALA B 171 -44.51 8.25 -53.89
N PRO B 172 -43.32 7.75 -54.20
CA PRO B 172 -42.88 7.67 -55.59
C PRO B 172 -43.59 6.57 -56.33
N PHE B 173 -43.90 6.85 -57.60
CA PHE B 173 -44.59 5.91 -58.48
C PHE B 173 -43.54 5.13 -59.26
N ILE B 174 -43.41 3.84 -58.96
CA ILE B 174 -42.44 2.99 -59.64
C ILE B 174 -43.16 2.12 -60.66
N SER B 175 -42.67 2.14 -61.89
CA SER B 175 -43.23 1.39 -63.00
C SER B 175 -42.07 1.05 -63.93
N SER B 176 -42.36 0.65 -65.16
CA SER B 176 -41.29 0.28 -66.07
C SER B 176 -41.56 0.83 -67.46
N VAL B 177 -40.48 1.03 -68.20
CA VAL B 177 -40.55 1.38 -69.60
C VAL B 177 -40.53 0.10 -70.41
N GLY B 178 -41.03 0.18 -71.64
CA GLY B 178 -41.12 -0.97 -72.49
C GLY B 178 -39.96 -1.07 -73.46
N PRO B 179 -39.96 -2.12 -74.28
CA PRO B 179 -38.98 -2.17 -75.38
C PRO B 179 -39.13 -1.02 -76.35
N GLU B 180 -40.37 -0.68 -76.69
CA GLU B 180 -40.65 0.40 -77.64
C GLU B 180 -40.32 1.77 -77.08
N PHE B 181 -40.04 1.87 -75.77
CA PHE B 181 -39.57 3.13 -75.22
C PHE B 181 -38.19 3.48 -75.76
N PHE B 182 -37.31 2.50 -75.87
CA PHE B 182 -36.00 2.74 -76.43
C PHE B 182 -36.00 2.73 -77.94
N GLY B 183 -37.09 2.31 -78.58
CA GLY B 183 -37.18 2.27 -80.03
C GLY B 183 -36.49 1.08 -80.64
N ILE B 184 -36.73 -0.11 -80.10
CA ILE B 184 -36.11 -1.32 -80.61
C ILE B 184 -37.12 -2.39 -81.00
N ASP B 185 -38.35 -2.35 -80.48
CA ASP B 185 -39.50 -3.18 -80.85
C ASP B 185 -39.32 -4.68 -80.61
N SER B 186 -38.19 -5.07 -80.02
CA SER B 186 -37.83 -6.43 -79.66
C SER B 186 -36.67 -6.29 -78.71
N PHE B 187 -36.73 -6.90 -77.53
CA PHE B 187 -35.96 -6.34 -76.44
C PHE B 187 -34.50 -6.81 -76.40
N GLU B 188 -34.20 -8.01 -76.90
CA GLU B 188 -32.86 -8.57 -76.70
C GLU B 188 -31.77 -7.89 -77.53
N GLU B 189 -32.09 -6.84 -78.28
CA GLU B 189 -31.08 -6.04 -78.97
C GLU B 189 -30.75 -4.76 -78.23
N LEU B 190 -30.81 -4.78 -76.91
CA LEU B 190 -30.46 -3.58 -76.15
C LEU B 190 -28.94 -3.36 -75.99
N PRO B 191 -28.09 -4.37 -75.73
CA PRO B 191 -26.64 -4.06 -75.71
C PRO B 191 -26.06 -3.71 -77.07
N ASN B 192 -26.79 -3.94 -78.16
CA ASN B 192 -26.32 -3.53 -79.47
C ASN B 192 -26.36 -2.01 -79.62
N ILE B 193 -27.09 -1.31 -78.75
CA ILE B 193 -27.12 0.15 -78.78
C ILE B 193 -25.75 0.69 -78.40
N LYS B 194 -25.12 1.39 -79.32
CA LYS B 194 -23.76 1.87 -79.11
C LYS B 194 -23.70 3.29 -78.59
N ASP B 195 -24.81 4.03 -78.61
CA ASP B 195 -24.85 5.38 -78.04
C ASP B 195 -26.28 5.63 -77.61
N LEU B 196 -26.54 5.50 -76.31
CA LEU B 196 -27.87 5.69 -75.76
C LEU B 196 -28.11 7.11 -75.29
N LYS B 197 -27.03 7.90 -75.15
CA LYS B 197 -27.19 9.30 -74.80
C LYS B 197 -27.80 10.10 -75.94
N SER B 198 -27.41 9.79 -77.18
CA SER B 198 -27.96 10.50 -78.32
C SER B 198 -29.36 10.06 -78.67
N THR B 199 -29.77 8.88 -78.22
CA THR B 199 -31.13 8.42 -78.48
C THR B 199 -32.15 9.25 -77.71
N PHE B 200 -31.79 9.67 -76.49
CA PHE B 200 -32.71 10.42 -75.66
C PHE B 200 -32.76 11.90 -76.00
N GLU B 201 -31.85 12.39 -76.84
CA GLU B 201 -31.86 13.77 -77.32
C GLU B 201 -32.47 13.90 -78.71
N SER B 202 -33.51 13.08 -79.01
CA SER B 202 -34.34 12.99 -80.19
C SER B 202 -35.62 13.80 -80.00
N PRO B 203 -36.18 14.38 -81.07
CA PRO B 203 -37.42 15.14 -80.93
C PRO B 203 -38.66 14.30 -80.67
N LYS B 204 -38.57 12.97 -80.68
CA LYS B 204 -39.68 12.15 -80.23
C LYS B 204 -39.86 12.26 -78.72
N TYR B 205 -38.79 12.60 -78.00
CA TYR B 205 -38.77 12.63 -76.55
C TYR B 205 -38.85 14.05 -76.00
N THR B 206 -39.61 14.94 -76.64
CA THR B 206 -39.74 16.29 -76.11
C THR B 206 -40.66 16.29 -74.87
N LYS B 207 -41.62 15.38 -74.84
CA LYS B 207 -42.45 15.19 -73.65
C LYS B 207 -41.78 14.30 -72.60
N TRP B 208 -40.57 13.81 -72.86
CA TRP B 208 -39.75 13.12 -71.87
C TRP B 208 -38.73 14.04 -71.23
N ARG B 209 -37.98 14.80 -72.05
CA ARG B 209 -36.98 15.72 -71.52
C ARG B 209 -37.60 16.93 -70.85
N SER B 210 -38.89 17.19 -71.08
CA SER B 210 -39.59 18.19 -70.30
C SER B 210 -40.21 17.60 -69.04
N LEU B 211 -40.47 16.30 -69.03
CA LEU B 211 -40.87 15.63 -67.80
C LEU B 211 -39.72 15.56 -66.81
N ARG B 212 -38.50 15.32 -67.30
CA ARG B 212 -37.34 15.15 -66.44
C ARG B 212 -36.97 16.45 -65.75
N GLU B 213 -37.09 17.58 -66.44
CA GLU B 213 -36.74 18.86 -65.85
C GLU B 213 -37.75 19.31 -64.80
N SER B 214 -38.94 18.73 -64.76
CA SER B 214 -40.00 19.19 -63.88
C SER B 214 -39.68 18.89 -62.42
N GLU B 215 -40.31 19.63 -61.53
CA GLU B 215 -40.01 19.55 -60.11
C GLU B 215 -40.63 18.32 -59.47
N ASP B 216 -41.86 18.00 -59.85
CA ASP B 216 -42.55 16.86 -59.26
C ASP B 216 -42.15 15.53 -59.88
N ALA B 217 -41.17 15.50 -60.79
CA ALA B 217 -40.66 14.26 -61.33
C ALA B 217 -39.79 13.50 -60.35
N ARG B 218 -39.51 14.10 -59.20
CA ARG B 218 -38.69 13.50 -58.15
C ARG B 218 -39.33 12.22 -57.61
N TYR B 219 -40.65 12.13 -57.69
CA TYR B 219 -41.42 11.00 -57.18
C TYR B 219 -41.80 10.04 -58.30
N LEU B 220 -40.90 9.84 -59.26
CA LEU B 220 -41.15 8.94 -60.39
C LEU B 220 -39.88 8.19 -60.70
N GLY B 221 -39.84 6.90 -60.38
CA GLY B 221 -38.79 6.01 -60.83
C GLY B 221 -39.36 5.06 -61.86
N LEU B 222 -38.59 4.79 -62.91
CA LEU B 222 -39.00 3.85 -63.95
C LEU B 222 -37.96 2.76 -64.05
N THR B 223 -38.40 1.51 -63.90
CA THR B 223 -37.50 0.42 -63.55
C THR B 223 -36.94 -0.28 -64.79
N ALA B 224 -36.44 -1.48 -64.57
CA ALA B 224 -35.55 -2.39 -65.27
C ALA B 224 -36.10 -2.92 -66.59
N PRO B 225 -35.33 -3.76 -67.32
CA PRO B 225 -35.93 -4.48 -68.46
C PRO B 225 -37.19 -5.27 -68.20
N ARG B 226 -37.10 -6.44 -67.55
CA ARG B 226 -38.15 -7.40 -67.23
C ARG B 226 -37.43 -8.52 -66.49
N PHE B 227 -38.21 -9.45 -65.93
CA PHE B 227 -37.60 -10.58 -65.27
C PHE B 227 -38.52 -11.79 -65.38
N LEU B 228 -37.93 -12.98 -65.24
CA LEU B 228 -38.61 -14.24 -65.45
C LEU B 228 -39.39 -14.64 -64.20
N LEU B 229 -40.54 -15.27 -64.41
CA LEU B 229 -41.41 -15.72 -63.33
C LEU B 229 -41.53 -17.23 -63.22
N ARG B 230 -41.82 -17.91 -64.32
CA ARG B 230 -42.16 -19.32 -64.28
C ARG B 230 -41.15 -20.12 -65.10
N VAL B 231 -40.52 -21.08 -64.46
CA VAL B 231 -39.73 -22.09 -65.18
C VAL B 231 -40.69 -22.94 -66.00
N PRO B 232 -40.45 -23.14 -67.30
CA PRO B 232 -41.29 -24.05 -68.08
C PRO B 232 -41.17 -25.48 -67.58
N TYR B 233 -42.29 -26.18 -67.56
CA TYR B 233 -42.42 -27.44 -66.85
C TYR B 233 -41.68 -28.56 -67.58
N ASP B 234 -41.48 -29.67 -66.87
CA ASP B 234 -40.65 -30.76 -67.36
C ASP B 234 -41.09 -32.01 -66.63
N PRO B 235 -41.15 -33.17 -67.31
CA PRO B 235 -41.57 -34.40 -66.63
C PRO B 235 -40.56 -34.96 -65.63
N ILE B 236 -39.36 -34.38 -65.51
CA ILE B 236 -38.37 -34.81 -64.54
C ILE B 236 -38.12 -33.72 -63.49
N GLU B 237 -37.93 -32.48 -63.93
CA GLU B 237 -37.55 -31.40 -63.02
C GLU B 237 -38.75 -30.89 -62.22
N ASN B 238 -39.74 -30.34 -62.90
CA ASN B 238 -40.93 -29.78 -62.26
C ASN B 238 -42.15 -30.46 -62.86
N PRO B 239 -42.51 -31.64 -62.36
CA PRO B 239 -43.58 -32.41 -62.99
C PRO B 239 -44.96 -31.89 -62.59
N VAL B 240 -45.96 -32.43 -63.27
CA VAL B 240 -47.36 -32.16 -62.95
C VAL B 240 -48.03 -33.48 -62.58
N LYS B 241 -49.15 -33.37 -61.86
CA LYS B 241 -49.78 -34.54 -61.26
C LYS B 241 -50.49 -35.37 -62.32
N SER B 242 -50.11 -36.66 -62.41
CA SER B 242 -50.72 -37.66 -63.29
C SER B 242 -50.62 -37.28 -64.76
N PHE B 243 -49.56 -36.57 -65.14
CA PHE B 243 -49.35 -36.13 -66.50
C PHE B 243 -47.87 -35.79 -66.68
N ASN B 244 -47.39 -35.91 -67.91
CA ASN B 244 -46.01 -35.52 -68.26
C ASN B 244 -46.11 -34.36 -69.24
N TYR B 245 -45.67 -33.18 -68.81
CA TYR B 245 -45.84 -31.95 -69.57
C TYR B 245 -44.47 -31.34 -69.86
N ALA B 246 -44.04 -31.42 -71.12
CA ALA B 246 -42.83 -30.76 -71.58
C ALA B 246 -43.25 -29.53 -72.37
N GLU B 247 -43.09 -28.37 -71.76
CA GLU B 247 -43.51 -27.11 -72.37
C GLU B 247 -42.50 -26.72 -73.45
N ASN B 248 -42.86 -26.94 -74.70
CA ASN B 248 -41.97 -26.69 -75.82
C ASN B 248 -41.86 -25.18 -76.06
N VAL B 249 -40.83 -24.57 -75.50
CA VAL B 249 -40.59 -23.14 -75.67
C VAL B 249 -39.81 -22.94 -76.96
N SER B 250 -40.38 -22.14 -77.86
CA SER B 250 -39.80 -21.94 -79.18
C SER B 250 -38.68 -20.90 -79.10
N ALA B 251 -38.20 -20.47 -80.27
CA ALA B 251 -37.15 -19.47 -80.33
C ALA B 251 -37.66 -18.08 -79.95
N SER B 252 -38.97 -17.86 -80.00
CA SER B 252 -39.54 -16.61 -79.51
C SER B 252 -39.48 -16.61 -77.99
N HIS B 253 -38.75 -15.64 -77.42
CA HIS B 253 -38.64 -15.51 -75.98
C HIS B 253 -39.77 -14.71 -75.38
N GLU B 254 -40.84 -14.46 -76.13
CA GLU B 254 -42.05 -13.86 -75.56
C GLU B 254 -42.95 -14.89 -74.90
N HIS B 255 -42.69 -16.18 -75.09
CA HIS B 255 -43.52 -17.22 -74.50
C HIS B 255 -43.16 -17.51 -73.06
N TYR B 256 -41.96 -17.16 -72.62
CA TYR B 256 -41.63 -17.19 -71.21
C TYR B 256 -42.52 -16.19 -70.46
N LEU B 257 -42.89 -16.54 -69.23
CA LEU B 257 -43.74 -15.69 -68.42
C LEU B 257 -42.89 -14.54 -67.87
N TRP B 258 -42.74 -13.50 -68.68
CA TRP B 258 -41.94 -12.37 -68.26
C TRP B 258 -42.77 -11.40 -67.43
N GLY B 259 -42.34 -11.16 -66.20
CA GLY B 259 -43.05 -10.28 -65.29
C GLY B 259 -42.66 -8.83 -65.50
N ASN B 260 -43.20 -7.98 -64.61
CA ASN B 260 -42.89 -6.56 -64.59
C ASN B 260 -42.02 -6.26 -63.40
N THR B 261 -40.92 -5.51 -63.61
CA THR B 261 -39.90 -5.38 -62.58
C THR B 261 -40.26 -4.34 -61.52
N ALA B 262 -41.38 -3.63 -61.67
CA ALA B 262 -41.90 -2.83 -60.57
C ALA B 262 -42.31 -3.71 -59.39
N PHE B 263 -42.69 -4.95 -59.66
CA PHE B 263 -42.79 -5.95 -58.61
C PHE B 263 -41.44 -6.19 -57.94
N ALA B 264 -40.40 -6.43 -58.74
CA ALA B 264 -39.12 -6.87 -58.20
C ALA B 264 -38.34 -5.73 -57.57
N PHE B 265 -38.55 -4.49 -57.99
CA PHE B 265 -37.88 -3.38 -57.33
C PHE B 265 -38.55 -3.01 -56.02
N ALA B 266 -39.87 -3.17 -55.94
CA ALA B 266 -40.55 -2.98 -54.68
C ALA B 266 -40.35 -4.14 -53.73
N THR B 267 -39.80 -5.25 -54.20
CA THR B 267 -39.35 -6.29 -53.28
C THR B 267 -38.21 -5.78 -52.43
N ARG B 268 -37.33 -4.96 -53.02
CA ARG B 268 -36.20 -4.41 -52.28
C ARG B 268 -36.57 -3.18 -51.45
N LEU B 269 -37.67 -2.50 -51.78
CA LEU B 269 -38.18 -1.48 -50.88
C LEU B 269 -38.70 -2.10 -49.59
N THR B 270 -39.26 -3.29 -49.69
CA THR B 270 -39.92 -3.87 -48.54
C THR B 270 -38.99 -4.79 -47.75
N ASP B 271 -38.11 -5.52 -48.44
CA ASP B 271 -37.12 -6.31 -47.72
C ASP B 271 -36.04 -5.46 -47.08
N SER B 272 -35.92 -4.20 -47.47
CA SER B 272 -35.13 -3.26 -46.67
C SER B 272 -35.91 -2.75 -45.48
N PHE B 273 -37.23 -2.62 -45.60
CA PHE B 273 -38.02 -2.16 -44.48
C PHE B 273 -38.23 -3.25 -43.44
N ALA B 274 -38.24 -4.50 -43.85
CA ALA B 274 -38.47 -5.58 -42.89
C ALA B 274 -37.25 -5.86 -42.04
N LYS B 275 -36.10 -5.29 -42.37
CA LYS B 275 -34.87 -5.50 -41.62
C LYS B 275 -34.47 -4.31 -40.79
N TYR B 276 -34.55 -3.09 -41.32
CA TYR B 276 -34.06 -1.91 -40.64
C TYR B 276 -35.14 -0.88 -40.34
N ARG B 277 -36.40 -1.13 -40.75
CA ARG B 277 -37.54 -0.22 -40.60
C ARG B 277 -37.31 1.13 -41.24
N TRP B 278 -36.50 1.15 -42.30
CA TRP B 278 -36.34 2.30 -43.18
C TRP B 278 -36.11 1.75 -44.58
N CYS B 279 -35.90 2.63 -45.53
CA CYS B 279 -35.54 2.23 -46.89
C CYS B 279 -34.63 3.24 -47.59
N PRO B 280 -33.34 3.30 -47.22
CA PRO B 280 -32.37 3.76 -48.21
C PRO B 280 -31.61 2.61 -48.85
N ASN B 281 -31.82 1.39 -48.34
CA ASN B 281 -30.98 0.25 -48.70
C ASN B 281 -31.60 -0.50 -49.88
N ILE B 282 -31.41 0.04 -51.07
CA ILE B 282 -31.98 -0.57 -52.27
C ILE B 282 -30.99 -0.66 -53.43
N ILE B 283 -29.73 -0.27 -53.23
CA ILE B 283 -28.81 -0.19 -54.35
C ILE B 283 -27.57 -1.05 -54.17
N GLY B 284 -27.65 -2.15 -53.41
CA GLY B 284 -26.49 -2.94 -53.13
C GLY B 284 -26.58 -4.40 -53.54
N PRO B 285 -25.61 -4.87 -54.34
CA PRO B 285 -25.51 -6.31 -54.61
C PRO B 285 -25.18 -7.12 -53.39
N GLN B 286 -24.54 -6.51 -52.39
CA GLN B 286 -24.39 -7.12 -51.07
C GLN B 286 -24.98 -6.23 -49.98
N SER B 287 -25.82 -5.28 -50.35
CA SER B 287 -26.32 -4.32 -49.37
C SER B 287 -27.78 -3.98 -49.60
N GLY B 288 -28.55 -4.90 -50.16
CA GLY B 288 -29.98 -4.76 -50.23
C GLY B 288 -30.58 -4.34 -51.55
N GLY B 289 -29.88 -4.54 -52.66
CA GLY B 289 -30.46 -4.29 -53.96
C GLY B 289 -30.32 -5.51 -54.82
N ALA B 290 -30.16 -6.68 -54.20
CA ALA B 290 -29.89 -7.92 -54.90
C ALA B 290 -31.18 -8.73 -54.99
N VAL B 291 -31.78 -8.75 -56.18
CA VAL B 291 -32.96 -9.58 -56.43
C VAL B 291 -32.46 -11.01 -56.57
N GLU B 292 -32.61 -11.80 -55.52
CA GLU B 292 -32.13 -13.17 -55.52
C GLU B 292 -33.25 -14.12 -55.89
N ASP B 293 -32.86 -15.39 -56.09
CA ASP B 293 -33.77 -16.52 -56.36
C ASP B 293 -34.59 -16.28 -57.63
N LEU B 294 -33.91 -15.92 -58.70
CA LEU B 294 -34.60 -15.80 -59.96
C LEU B 294 -34.80 -17.18 -60.58
N PRO B 295 -35.84 -17.34 -61.40
CA PRO B 295 -35.99 -18.60 -62.15
C PRO B 295 -34.97 -18.69 -63.26
N VAL B 296 -34.39 -19.89 -63.42
CA VAL B 296 -33.47 -20.17 -64.51
C VAL B 296 -34.00 -21.34 -65.31
N HIS B 297 -33.60 -21.40 -66.58
CA HIS B 297 -34.06 -22.43 -67.49
C HIS B 297 -32.85 -22.90 -68.31
N VAL B 298 -32.24 -24.00 -67.88
CA VAL B 298 -31.08 -24.54 -68.57
C VAL B 298 -31.57 -25.29 -69.80
N PHE B 299 -31.24 -24.79 -70.97
CA PHE B 299 -31.60 -25.44 -72.22
C PHE B 299 -30.35 -25.66 -73.06
N GLU B 300 -30.52 -26.39 -74.16
CA GLU B 300 -29.41 -26.71 -75.04
C GLU B 300 -29.26 -25.63 -76.10
N SER B 301 -28.09 -25.00 -76.15
CA SER B 301 -27.76 -24.03 -77.18
C SER B 301 -27.18 -24.75 -78.39
N MET B 302 -26.55 -24.00 -79.28
CA MET B 302 -25.89 -24.56 -80.47
C MET B 302 -24.61 -25.27 -80.05
N GLY B 303 -24.78 -26.46 -79.46
CA GLY B 303 -23.67 -27.28 -79.01
C GLY B 303 -23.45 -27.31 -77.51
N ALA B 304 -23.55 -26.16 -76.87
CA ALA B 304 -23.23 -26.03 -75.46
C ALA B 304 -24.49 -26.13 -74.60
N LEU B 305 -24.29 -26.14 -73.30
CA LEU B 305 -25.37 -26.17 -72.31
C LEU B 305 -25.34 -24.83 -71.58
N GLN B 306 -26.24 -23.93 -71.96
CA GLN B 306 -26.31 -22.61 -71.35
C GLN B 306 -27.61 -22.47 -70.58
N SER B 307 -27.77 -21.30 -69.96
CA SER B 307 -28.97 -20.97 -69.20
C SER B 307 -29.65 -19.76 -69.81
N LYS B 308 -30.98 -19.77 -69.81
CA LYS B 308 -31.73 -18.60 -70.23
C LYS B 308 -31.57 -17.48 -69.21
N ILE B 309 -31.23 -16.30 -69.69
CA ILE B 309 -30.96 -15.17 -68.79
C ILE B 309 -32.27 -14.69 -68.16
N PRO B 310 -32.34 -14.61 -66.82
CA PRO B 310 -33.62 -14.27 -66.18
C PRO B 310 -34.06 -12.85 -66.41
N THR B 311 -33.16 -11.91 -66.69
CA THR B 311 -33.53 -10.64 -67.30
C THR B 311 -33.18 -10.74 -68.77
N GLU B 312 -33.97 -10.07 -69.62
CA GLU B 312 -33.93 -10.38 -71.04
C GLU B 312 -32.67 -9.90 -71.74
N VAL B 313 -31.92 -8.98 -71.13
CA VAL B 313 -30.62 -8.58 -71.66
C VAL B 313 -29.60 -8.67 -70.55
N LEU B 314 -28.34 -8.78 -70.93
CA LEU B 314 -27.22 -8.68 -70.01
C LEU B 314 -26.76 -7.23 -70.03
N ILE B 315 -27.16 -6.47 -69.03
CA ILE B 315 -26.81 -5.07 -68.95
C ILE B 315 -25.36 -4.96 -68.51
N THR B 316 -24.53 -4.32 -69.34
CA THR B 316 -23.14 -4.11 -68.98
C THR B 316 -23.03 -3.01 -67.95
N ASP B 317 -21.81 -2.76 -67.49
CA ASP B 317 -21.62 -1.72 -66.49
C ASP B 317 -21.66 -0.33 -67.11
N ARG B 318 -21.21 -0.20 -68.35
CA ARG B 318 -21.29 1.10 -69.02
C ARG B 318 -22.71 1.41 -69.46
N LYS B 319 -23.45 0.40 -69.88
CA LYS B 319 -24.86 0.60 -70.25
C LYS B 319 -25.69 0.96 -69.02
N GLU B 320 -25.36 0.39 -67.86
CA GLU B 320 -26.12 0.69 -66.66
C GLU B 320 -25.77 2.08 -66.14
N PHE B 321 -24.51 2.48 -66.26
CA PHE B 321 -24.14 3.83 -65.87
C PHE B 321 -24.73 4.87 -66.81
N GLU B 322 -24.92 4.52 -68.08
CA GLU B 322 -25.55 5.45 -68.99
C GLU B 322 -27.06 5.50 -68.75
N LEU B 323 -27.65 4.41 -68.28
CA LEU B 323 -29.03 4.45 -67.82
C LEU B 323 -29.16 5.17 -66.48
N ALA B 324 -28.11 5.16 -65.66
CA ALA B 324 -28.18 5.82 -64.36
C ALA B 324 -28.15 7.33 -64.52
N GLU B 325 -27.38 7.83 -65.49
CA GLU B 325 -27.35 9.26 -65.75
C GLU B 325 -28.64 9.73 -66.40
N GLU B 326 -29.30 8.87 -67.18
CA GLU B 326 -30.52 9.24 -67.88
C GLU B 326 -31.78 8.85 -67.12
N GLY B 327 -31.66 8.54 -65.83
CA GLY B 327 -32.83 8.35 -64.99
C GLY B 327 -33.55 7.02 -65.19
N PHE B 328 -32.86 5.92 -64.89
CA PHE B 328 -33.46 4.60 -64.99
C PHE B 328 -32.91 3.72 -63.89
N ILE B 329 -33.75 2.84 -63.37
CA ILE B 329 -33.35 1.90 -62.34
C ILE B 329 -33.15 0.57 -63.05
N ALA B 330 -31.93 0.33 -63.52
CA ALA B 330 -31.64 -0.87 -64.29
C ALA B 330 -31.26 -2.03 -63.38
N LEU B 331 -31.45 -3.24 -63.88
CA LEU B 331 -31.19 -4.48 -63.14
C LEU B 331 -30.18 -5.30 -63.91
N THR B 332 -28.90 -5.18 -63.56
CA THR B 332 -27.90 -6.06 -64.13
C THR B 332 -28.03 -7.45 -63.52
N MET B 333 -27.81 -8.46 -64.35
CA MET B 333 -28.01 -9.84 -63.94
C MET B 333 -26.65 -10.49 -63.73
N ARG B 334 -26.52 -11.28 -62.67
CA ARG B 334 -25.28 -11.96 -62.36
C ARG B 334 -25.10 -13.11 -63.33
N LYS B 335 -24.32 -12.88 -64.39
CA LYS B 335 -24.24 -13.77 -65.54
C LYS B 335 -23.72 -15.14 -65.16
N GLY B 336 -24.61 -16.14 -65.23
CA GLY B 336 -24.27 -17.50 -64.90
C GLY B 336 -24.95 -18.03 -63.66
N SER B 337 -25.85 -17.28 -63.05
CA SER B 337 -26.52 -17.75 -61.84
C SER B 337 -27.93 -17.18 -61.82
N ASP B 338 -28.58 -17.29 -60.68
CA ASP B 338 -29.96 -16.89 -60.49
C ASP B 338 -30.09 -15.64 -59.62
N ASN B 339 -29.14 -14.71 -59.76
CA ASN B 339 -29.15 -13.49 -58.97
C ASN B 339 -29.09 -12.30 -59.90
N ALA B 340 -29.42 -11.14 -59.34
CA ALA B 340 -29.34 -9.88 -60.06
C ALA B 340 -29.02 -8.81 -59.05
N ALA B 341 -28.91 -7.56 -59.51
CA ALA B 341 -28.54 -6.49 -58.62
C ALA B 341 -28.99 -5.15 -59.19
N PHE B 342 -29.44 -4.27 -58.31
CA PHE B 342 -29.56 -2.86 -58.64
C PHE B 342 -28.29 -2.15 -58.19
N PHE B 343 -27.97 -1.06 -58.86
CA PHE B 343 -26.78 -0.29 -58.51
C PHE B 343 -27.05 1.17 -58.23
N SER B 344 -28.14 1.73 -58.76
CA SER B 344 -28.44 3.14 -58.56
C SER B 344 -29.93 3.31 -58.80
N ALA B 345 -30.64 3.85 -57.81
CA ALA B 345 -32.09 3.97 -57.88
C ALA B 345 -32.54 5.36 -58.30
N ASN B 346 -31.79 6.01 -59.19
CA ASN B 346 -32.03 7.40 -59.55
C ASN B 346 -33.39 7.60 -60.19
N SER B 347 -34.14 8.58 -59.70
CA SER B 347 -35.40 8.95 -60.31
C SER B 347 -35.13 9.71 -61.59
N ILE B 348 -36.20 9.98 -62.34
CA ILE B 348 -36.06 10.56 -63.67
C ILE B 348 -35.70 12.04 -63.65
N GLN B 349 -35.57 12.66 -62.49
CA GLN B 349 -35.33 14.09 -62.42
C GLN B 349 -33.89 14.39 -62.81
N LYS B 350 -33.68 15.51 -63.48
CA LYS B 350 -32.32 15.83 -63.90
C LYS B 350 -31.67 16.79 -62.90
N PRO B 351 -30.40 16.58 -62.59
CA PRO B 351 -29.68 17.53 -61.74
C PRO B 351 -29.47 18.84 -62.46
N LYS B 352 -30.15 19.89 -62.01
CA LYS B 352 -30.13 21.16 -62.72
C LYS B 352 -28.80 21.86 -62.50
N VAL B 353 -28.18 22.29 -63.60
CA VAL B 353 -26.89 22.96 -63.51
C VAL B 353 -27.11 24.38 -62.99
N PHE B 354 -26.55 24.66 -61.89
CA PHE B 354 -26.59 25.95 -61.22
C PHE B 354 -25.32 26.74 -61.54
N PRO B 355 -25.37 28.07 -61.54
CA PRO B 355 -24.19 28.86 -61.92
C PRO B 355 -23.06 28.75 -60.91
N ASN B 356 -21.86 29.10 -61.37
CA ASN B 356 -20.64 28.84 -60.62
C ASN B 356 -20.36 29.87 -59.54
N THR B 357 -21.32 30.10 -58.66
CA THR B 357 -21.09 30.94 -57.50
C THR B 357 -20.69 30.06 -56.31
N LYS B 358 -20.61 30.66 -55.13
CA LYS B 358 -20.36 29.86 -53.93
C LYS B 358 -21.61 29.08 -53.54
N GLU B 359 -22.77 29.72 -53.60
CA GLU B 359 -24.02 29.04 -53.31
C GLU B 359 -24.48 28.16 -54.45
N GLY B 360 -24.14 28.51 -55.69
CA GLY B 360 -24.59 27.73 -56.83
C GLY B 360 -23.86 26.41 -56.93
N LYS B 361 -22.56 26.42 -56.66
CA LYS B 361 -21.82 25.16 -56.60
C LYS B 361 -22.21 24.34 -55.39
N GLU B 362 -22.74 24.98 -54.35
CA GLU B 362 -23.25 24.26 -53.20
C GLU B 362 -24.63 23.69 -53.47
N ALA B 363 -25.56 24.52 -53.94
CA ALA B 363 -26.93 24.08 -54.14
C ALA B 363 -27.08 23.08 -55.27
N GLU B 364 -26.11 23.01 -56.18
CA GLU B 364 -26.11 21.96 -57.19
C GLU B 364 -25.92 20.59 -56.55
N THR B 365 -25.04 20.52 -55.55
CA THR B 365 -24.86 19.26 -54.83
C THR B 365 -26.03 19.04 -53.87
N ASN B 366 -26.70 20.11 -53.48
CA ASN B 366 -27.90 19.95 -52.65
C ASN B 366 -29.07 19.45 -53.45
N TYR B 367 -29.27 19.99 -54.65
CA TYR B 367 -30.36 19.54 -55.52
C TYR B 367 -30.10 18.17 -56.09
N LYS B 368 -28.83 17.75 -56.16
CA LYS B 368 -28.51 16.42 -56.67
C LYS B 368 -28.98 15.34 -55.71
N LEU B 369 -28.99 15.63 -54.40
CA LEU B 369 -29.43 14.63 -53.44
C LEU B 369 -30.92 14.40 -53.47
N GLY B 370 -31.69 15.34 -54.03
CA GLY B 370 -33.11 15.14 -54.12
C GLY B 370 -33.51 14.09 -55.14
N THR B 371 -32.76 14.00 -56.23
CA THR B 371 -33.19 13.19 -57.36
C THR B 371 -32.91 11.71 -57.18
N GLN B 372 -32.11 11.32 -56.18
CA GLN B 372 -31.48 10.00 -56.27
C GLN B 372 -32.38 8.87 -55.83
N LEU B 373 -33.34 9.13 -54.95
CA LEU B 373 -34.37 8.19 -54.46
C LEU B 373 -33.82 6.92 -53.78
N PRO B 374 -32.81 7.02 -52.92
CA PRO B 374 -33.06 6.32 -51.66
C PRO B 374 -33.32 7.36 -50.59
N TYR B 375 -32.93 8.59 -50.91
CA TYR B 375 -33.00 9.68 -49.95
C TYR B 375 -34.38 10.29 -49.86
N MET B 376 -35.19 10.16 -50.91
CA MET B 376 -36.59 10.51 -50.77
C MET B 376 -37.28 9.58 -49.80
N MET B 377 -36.90 8.31 -49.79
CA MET B 377 -37.62 7.37 -48.97
C MET B 377 -37.23 7.48 -47.49
N ILE B 378 -36.16 8.21 -47.16
CA ILE B 378 -35.92 8.52 -45.75
C ILE B 378 -36.52 9.86 -45.35
N ILE B 379 -37.13 10.60 -46.28
CA ILE B 379 -37.91 11.77 -45.92
C ILE B 379 -39.38 11.64 -46.31
N ASN B 380 -39.73 10.70 -47.16
CA ASN B 380 -41.14 10.36 -47.27
C ASN B 380 -41.65 9.78 -45.97
N ARG B 381 -40.82 8.96 -45.31
CA ARG B 381 -41.16 8.52 -43.96
C ARG B 381 -41.14 9.67 -42.97
N LEU B 382 -40.33 10.69 -43.22
CA LEU B 382 -40.43 11.92 -42.43
C LEU B 382 -41.49 12.85 -42.96
N ALA B 383 -42.36 12.38 -43.83
CA ALA B 383 -43.63 13.03 -44.08
C ALA B 383 -44.79 12.16 -43.67
N HIS B 384 -44.56 10.87 -43.50
CA HIS B 384 -45.66 10.03 -43.07
C HIS B 384 -45.72 9.90 -41.55
N TYR B 385 -44.56 9.82 -40.87
CA TYR B 385 -44.58 9.84 -39.42
C TYR B 385 -45.06 11.18 -38.89
N VAL B 386 -44.60 12.27 -39.50
CA VAL B 386 -44.80 13.56 -38.85
C VAL B 386 -46.21 14.06 -39.13
N LYS B 387 -46.81 13.61 -40.23
CA LYS B 387 -48.23 13.86 -40.47
C LYS B 387 -49.09 13.13 -39.46
N VAL B 388 -48.73 11.90 -39.13
CA VAL B 388 -49.50 11.13 -38.17
C VAL B 388 -49.25 11.63 -36.75
N LEU B 389 -48.00 11.98 -36.43
CA LEU B 389 -47.64 12.30 -35.05
C LEU B 389 -48.20 13.65 -34.64
N GLN B 390 -48.24 14.61 -35.56
CA GLN B 390 -48.84 15.91 -35.30
C GLN B 390 -50.29 15.97 -35.72
N ARG B 391 -50.93 14.84 -35.93
CA ARG B 391 -52.38 14.81 -36.09
C ARG B 391 -53.08 14.53 -34.77
N GLU B 392 -52.48 13.68 -33.94
CA GLU B 392 -53.01 13.41 -32.61
C GLU B 392 -52.97 14.63 -31.72
N GLN B 393 -52.04 15.55 -31.99
CA GLN B 393 -51.80 16.64 -31.08
C GLN B 393 -52.79 17.78 -31.20
N ILE B 394 -53.65 17.79 -32.21
CA ILE B 394 -54.57 18.92 -32.44
C ILE B 394 -55.56 19.04 -31.31
N GLY B 395 -55.59 20.20 -30.68
CA GLY B 395 -56.42 20.39 -29.50
C GLY B 395 -55.67 20.36 -28.19
N ALA B 396 -54.36 20.19 -28.21
CA ALA B 396 -53.62 20.09 -26.97
C ALA B 396 -53.38 21.46 -26.37
N TRP B 397 -52.52 21.50 -25.36
CA TRP B 397 -52.08 22.73 -24.74
C TRP B 397 -50.59 22.82 -24.94
N LYS B 398 -50.17 23.53 -25.99
CA LYS B 398 -48.80 23.44 -26.45
C LYS B 398 -48.26 24.86 -26.51
N GLU B 399 -46.99 25.00 -26.88
CA GLU B 399 -46.38 26.29 -27.15
C GLU B 399 -45.46 26.13 -28.35
N ARG B 400 -44.90 27.25 -28.80
CA ARG B 400 -43.86 27.18 -29.81
C ARG B 400 -42.62 26.51 -29.26
N GLN B 401 -42.24 26.83 -28.02
CA GLN B 401 -41.15 26.14 -27.36
C GLN B 401 -41.49 24.67 -27.11
N ASP B 402 -42.76 24.37 -26.89
CA ASP B 402 -43.15 22.97 -26.76
C ASP B 402 -43.22 22.30 -28.12
N LEU B 403 -43.49 23.06 -29.18
CA LEU B 403 -43.48 22.47 -30.51
C LEU B 403 -42.05 22.17 -30.96
N GLU B 404 -41.08 23.03 -30.60
CA GLU B 404 -39.69 22.77 -30.90
C GLU B 404 -39.17 21.53 -30.22
N ARG B 405 -39.69 21.23 -29.03
CA ARG B 405 -39.18 20.14 -28.21
C ARG B 405 -39.80 18.80 -28.55
N GLU B 406 -41.08 18.77 -28.88
CA GLU B 406 -41.72 17.52 -29.27
C GLU B 406 -41.24 17.02 -30.63
N LEU B 407 -40.55 17.84 -31.41
CA LEU B 407 -39.94 17.40 -32.65
C LEU B 407 -38.45 17.15 -32.52
N ASN B 408 -37.73 17.95 -31.75
CA ASN B 408 -36.29 17.75 -31.62
C ASN B 408 -35.98 16.52 -30.78
N SER B 409 -36.76 16.29 -29.72
CA SER B 409 -36.57 15.06 -28.96
C SER B 409 -37.14 13.85 -29.65
N TRP B 410 -37.92 14.06 -30.72
CA TRP B 410 -38.43 12.95 -31.50
C TRP B 410 -37.47 12.50 -32.59
N ILE B 411 -36.96 13.42 -33.40
CA ILE B 411 -36.15 13.00 -34.55
C ILE B 411 -34.72 12.67 -34.14
N LYS B 412 -34.30 13.03 -32.93
CA LYS B 412 -32.96 12.67 -32.49
C LYS B 412 -32.88 11.27 -31.91
N GLN B 413 -33.87 10.42 -32.20
CA GLN B 413 -33.67 8.98 -32.15
C GLN B 413 -33.45 8.40 -33.54
N TYR B 414 -33.52 9.24 -34.57
CA TYR B 414 -33.19 8.85 -35.93
C TYR B 414 -31.88 9.44 -36.39
N VAL B 415 -31.23 10.24 -35.56
CA VAL B 415 -30.03 10.99 -35.92
C VAL B 415 -28.87 10.36 -35.18
N ALA B 416 -27.85 9.92 -35.92
CA ALA B 416 -26.60 9.45 -35.33
C ALA B 416 -25.50 10.32 -35.89
N ASP B 417 -25.29 11.48 -35.26
CA ASP B 417 -24.34 12.48 -35.75
C ASP B 417 -22.94 11.99 -35.38
N GLN B 418 -22.39 11.16 -36.25
CA GLN B 418 -21.20 10.39 -35.92
C GLN B 418 -20.52 10.03 -37.22
N GLU B 419 -19.20 10.13 -37.24
CA GLU B 419 -18.47 9.99 -38.50
C GLU B 419 -18.43 8.55 -38.97
N ASN B 420 -18.22 7.61 -38.07
CA ASN B 420 -18.19 6.19 -38.41
C ASN B 420 -18.90 5.37 -37.34
N PRO B 421 -20.23 5.34 -37.37
CA PRO B 421 -20.96 4.44 -36.49
C PRO B 421 -20.94 3.04 -37.07
N PRO B 422 -21.32 2.01 -36.31
CA PRO B 422 -21.41 0.66 -36.86
C PRO B 422 -22.49 0.54 -37.93
N ALA B 423 -22.47 -0.61 -38.62
CA ALA B 423 -23.33 -0.81 -39.79
C ALA B 423 -24.80 -0.95 -39.42
N ASP B 424 -25.12 -1.15 -38.15
CA ASP B 424 -26.52 -1.18 -37.73
C ASP B 424 -27.02 0.18 -37.29
N VAL B 425 -26.14 1.03 -36.76
CA VAL B 425 -26.54 2.37 -36.34
C VAL B 425 -26.77 3.25 -37.56
N ARG B 426 -26.11 2.94 -38.68
CA ARG B 426 -26.29 3.73 -39.89
C ARG B 426 -27.65 3.52 -40.52
N SER B 427 -28.22 2.33 -40.40
CA SER B 427 -29.46 2.05 -41.08
C SER B 427 -30.68 2.10 -40.18
N ARG B 428 -30.53 1.83 -38.89
CA ARG B 428 -31.62 2.12 -37.95
C ARG B 428 -31.81 3.63 -37.79
N ARG B 429 -30.73 4.39 -37.87
CA ARG B 429 -30.76 5.86 -37.77
C ARG B 429 -30.22 6.41 -39.07
N PRO B 430 -31.05 6.51 -40.11
CA PRO B 430 -30.53 6.85 -41.44
C PRO B 430 -30.14 8.29 -41.60
N LEU B 431 -30.62 9.19 -40.76
CA LEU B 431 -30.24 10.58 -40.83
C LEU B 431 -28.87 10.76 -40.20
N ARG B 432 -28.32 11.94 -40.37
CA ARG B 432 -27.04 12.29 -39.77
C ARG B 432 -27.09 13.59 -39.00
N ALA B 433 -27.87 14.56 -39.46
CA ALA B 433 -28.11 15.77 -38.69
C ALA B 433 -29.45 16.35 -39.11
N ALA B 434 -30.12 17.02 -38.18
CA ALA B 434 -31.46 17.53 -38.44
C ALA B 434 -31.64 18.85 -37.72
N ARG B 435 -32.07 19.87 -38.46
CA ARG B 435 -32.30 21.20 -37.92
C ARG B 435 -33.78 21.49 -37.98
N ILE B 436 -34.35 22.00 -36.88
CA ILE B 436 -35.76 22.34 -36.82
C ILE B 436 -35.88 23.77 -36.31
N GLU B 437 -36.44 24.64 -37.14
CA GLU B 437 -36.57 26.06 -36.82
C GLU B 437 -38.04 26.42 -36.88
N VAL B 438 -38.70 26.45 -35.73
CA VAL B 438 -40.12 26.76 -35.67
C VAL B 438 -40.30 28.26 -35.62
N MET B 439 -41.13 28.78 -36.51
CA MET B 439 -41.45 30.20 -36.59
C MET B 439 -42.94 30.38 -36.35
N ASP B 440 -43.43 31.59 -36.49
CA ASP B 440 -44.84 31.88 -36.28
C ASP B 440 -45.49 32.31 -37.59
N VAL B 441 -46.80 32.55 -37.52
CA VAL B 441 -47.54 33.23 -38.56
C VAL B 441 -48.30 34.37 -37.90
N GLU B 442 -47.98 35.59 -38.31
CA GLU B 442 -48.66 36.75 -37.76
C GLU B 442 -50.01 36.95 -38.44
N GLY B 443 -50.86 37.75 -37.81
CA GLY B 443 -52.21 37.96 -38.31
C GLY B 443 -53.19 36.97 -37.70
N ASN B 444 -52.98 35.69 -37.99
CA ASN B 444 -53.70 34.60 -37.32
C ASN B 444 -52.69 33.90 -36.43
N PRO B 445 -52.62 34.22 -35.15
CA PRO B 445 -51.53 33.69 -34.32
C PRO B 445 -51.80 32.25 -33.93
N GLY B 446 -50.72 31.46 -33.93
CA GLY B 446 -50.79 30.04 -33.64
C GLY B 446 -50.80 29.16 -34.88
N TRP B 447 -49.89 29.45 -35.80
CA TRP B 447 -49.73 28.69 -37.04
C TRP B 447 -48.23 28.70 -37.31
N TYR B 448 -47.64 27.54 -37.51
CA TYR B 448 -46.22 27.37 -37.24
C TYR B 448 -45.43 26.88 -38.44
N GLN B 449 -44.63 27.75 -39.02
CA GLN B 449 -43.86 27.40 -40.21
C GLN B 449 -42.52 26.85 -39.75
N VAL B 450 -42.44 25.54 -39.55
CA VAL B 450 -41.22 24.96 -39.02
C VAL B 450 -40.44 24.43 -40.22
N SER B 451 -39.13 24.30 -40.09
CA SER B 451 -38.31 23.89 -41.22
C SER B 451 -37.41 22.72 -40.84
N LEU B 452 -37.93 21.51 -40.94
CA LEU B 452 -37.14 20.32 -40.68
C LEU B 452 -36.13 20.08 -41.80
N SER B 453 -34.85 20.12 -41.47
CA SER B 453 -33.75 20.07 -42.43
C SER B 453 -32.84 18.89 -42.14
N VAL B 454 -33.23 17.71 -42.63
CA VAL B 454 -32.48 16.49 -42.36
C VAL B 454 -31.29 16.37 -43.29
N ARG B 455 -30.41 15.41 -43.00
CA ARG B 455 -29.21 15.21 -43.78
C ARG B 455 -28.83 13.73 -43.67
N PRO B 456 -28.56 13.07 -44.77
CA PRO B 456 -28.36 11.63 -44.73
C PRO B 456 -26.90 11.22 -44.67
N HIS B 457 -26.64 9.93 -44.53
CA HIS B 457 -25.31 9.40 -44.77
C HIS B 457 -25.11 9.13 -46.25
N PHE B 458 -23.87 8.85 -46.63
CA PHE B 458 -23.49 8.77 -48.03
C PHE B 458 -22.88 7.41 -48.35
N LYS B 459 -23.41 6.76 -49.38
CA LYS B 459 -23.03 5.40 -49.76
C LYS B 459 -21.81 5.42 -50.66
N TYR B 460 -21.55 4.29 -51.32
CA TYR B 460 -20.29 3.97 -51.99
C TYR B 460 -20.55 3.84 -53.49
N MET B 461 -19.96 4.72 -54.30
CA MET B 461 -20.20 4.69 -55.74
C MET B 461 -19.02 5.27 -56.51
N GLY B 462 -18.27 4.40 -57.16
CA GLY B 462 -17.16 4.77 -58.02
C GLY B 462 -15.85 5.20 -57.37
N ALA B 463 -14.73 4.82 -57.98
CA ALA B 463 -13.40 5.20 -57.53
C ALA B 463 -12.47 5.21 -58.75
N ASN B 464 -11.15 5.21 -58.53
CA ASN B 464 -10.30 5.27 -59.72
C ASN B 464 -9.23 4.19 -59.83
N PHE B 465 -8.51 3.87 -58.74
CA PHE B 465 -7.55 2.75 -58.65
C PHE B 465 -6.46 2.83 -59.72
N GLU B 466 -5.67 3.91 -59.67
CA GLU B 466 -4.69 4.22 -60.71
C GLU B 466 -3.37 3.49 -60.46
N LEU B 467 -3.27 2.26 -60.94
CA LEU B 467 -2.14 1.39 -60.64
C LEU B 467 -0.85 1.86 -61.30
N SER B 468 0.27 1.34 -60.79
CA SER B 468 1.63 1.66 -61.18
C SER B 468 2.52 0.65 -60.49
N LEU B 469 3.80 0.65 -60.82
CA LEU B 469 4.76 0.00 -59.92
C LEU B 469 5.79 1.00 -59.46
N VAL B 470 6.26 0.80 -58.22
CA VAL B 470 7.29 1.64 -57.63
C VAL B 470 8.67 0.99 -57.77
N GLY B 471 8.77 -0.31 -57.53
CA GLY B 471 10.00 -1.04 -57.67
C GLY B 471 10.78 -1.25 -56.39
N ARG B 472 10.86 -0.22 -55.54
CA ARG B 472 11.52 -0.34 -54.25
C ARG B 472 10.54 -0.38 -53.09
N LEU B 473 9.56 0.53 -53.07
CA LEU B 473 8.61 0.59 -51.97
C LEU B 473 7.49 -0.41 -52.18
N SER C 1 -78.23 -12.64 -6.72
CA SER C 1 -77.10 -11.73 -6.78
C SER C 1 -76.98 -10.92 -5.50
N LYS C 2 -76.95 -11.61 -4.37
CA LYS C 2 -76.83 -10.99 -3.06
C LYS C 2 -75.82 -11.77 -2.23
N GLU C 3 -74.81 -11.08 -1.72
CA GLU C 3 -73.87 -11.70 -0.79
C GLU C 3 -74.56 -11.98 0.53
N GLY C 4 -74.38 -13.20 1.04
CA GLY C 4 -74.87 -13.52 2.36
C GLY C 4 -74.07 -12.75 3.40
N SER C 5 -74.74 -11.90 4.17
CA SER C 5 -74.10 -11.14 5.23
C SER C 5 -74.82 -11.38 6.54
N VAL C 6 -74.27 -10.82 7.61
CA VAL C 6 -74.83 -10.96 8.95
C VAL C 6 -75.55 -9.69 9.31
N ALA C 7 -76.22 -9.72 10.45
CA ALA C 7 -76.81 -8.50 10.96
C ALA C 7 -75.73 -7.54 11.42
N PRO C 8 -75.84 -6.25 11.11
CA PRO C 8 -74.81 -5.29 11.54
C PRO C 8 -74.86 -5.06 13.04
N LYS C 9 -73.72 -4.62 13.58
CA LYS C 9 -73.53 -4.62 15.02
C LYS C 9 -72.27 -3.82 15.40
N GLU C 10 -72.01 -3.74 16.72
CA GLU C 10 -70.80 -3.13 17.28
C GLU C 10 -69.59 -4.00 17.03
N ARG C 11 -69.83 -5.24 16.72
CA ARG C 11 -68.77 -6.04 16.20
C ARG C 11 -68.63 -5.72 14.73
N ILE C 12 -67.57 -6.19 14.14
CA ILE C 12 -67.17 -5.76 12.82
C ILE C 12 -67.71 -6.73 11.80
N ASN C 13 -68.16 -6.22 10.65
CA ASN C 13 -68.88 -7.10 9.72
C ASN C 13 -68.20 -7.19 8.36
N ILE C 14 -67.24 -8.10 8.28
CA ILE C 14 -66.47 -8.37 7.08
C ILE C 14 -67.35 -9.05 6.04
N LYS C 15 -67.37 -8.52 4.82
CA LYS C 15 -68.02 -9.18 3.70
C LYS C 15 -67.12 -9.10 2.49
N TYR C 16 -67.31 -10.00 1.52
CA TYR C 16 -66.48 -10.08 0.32
C TYR C 16 -67.30 -9.75 -0.91
N ILE C 17 -67.04 -8.58 -1.50
CA ILE C 17 -67.66 -8.20 -2.77
C ILE C 17 -66.55 -7.67 -3.67
N PRO C 18 -66.26 -8.30 -4.81
CA PRO C 18 -65.12 -7.90 -5.64
C PRO C 18 -65.38 -6.58 -6.33
N ALA C 19 -64.31 -5.83 -6.57
CA ALA C 19 -64.42 -4.44 -6.95
C ALA C 19 -64.31 -4.25 -8.45
N THR C 20 -64.66 -3.05 -8.89
CA THR C 20 -64.81 -2.75 -10.31
C THR C 20 -63.46 -2.75 -11.03
N GLY C 21 -62.41 -2.32 -10.34
CA GLY C 21 -61.10 -2.34 -10.95
C GLY C 21 -60.69 -0.99 -11.49
N ASP C 22 -59.39 -0.79 -11.61
CA ASP C 22 -58.82 0.42 -12.20
C ASP C 22 -57.88 -0.01 -13.30
N ALA C 23 -58.21 0.35 -14.54
CA ALA C 23 -57.41 -0.03 -15.70
C ALA C 23 -56.32 0.97 -16.03
N GLN C 24 -56.69 2.26 -16.16
CA GLN C 24 -55.78 3.36 -16.53
C GLN C 24 -55.09 3.05 -17.87
N ALA C 25 -55.92 3.07 -18.92
CA ALA C 25 -55.67 2.56 -20.26
C ALA C 25 -54.30 2.95 -20.82
N GLU C 26 -53.49 1.93 -21.08
CA GLU C 26 -52.07 2.12 -21.29
C GLU C 26 -51.78 2.66 -22.69
N VAL C 27 -50.77 3.52 -22.78
CA VAL C 27 -50.40 4.10 -24.07
C VAL C 27 -49.66 3.07 -24.91
N ALA C 28 -49.88 3.13 -26.22
CA ALA C 28 -49.22 2.22 -27.15
C ALA C 28 -49.08 2.95 -28.48
N GLU C 29 -47.90 3.52 -28.73
CA GLU C 29 -47.63 4.18 -30.00
C GLU C 29 -47.28 3.10 -31.01
N VAL C 30 -48.30 2.63 -31.74
CA VAL C 30 -48.05 1.72 -32.84
C VAL C 30 -47.44 2.50 -34.00
N GLU C 31 -46.65 1.81 -34.81
CA GLU C 31 -45.93 2.48 -35.88
C GLU C 31 -46.66 2.29 -37.19
N LEU C 32 -46.16 2.96 -38.22
CA LEU C 32 -46.79 2.90 -39.53
C LEU C 32 -46.12 1.82 -40.35
N PRO C 33 -46.85 0.81 -40.81
CA PRO C 33 -46.26 -0.15 -41.73
C PRO C 33 -46.08 0.46 -43.10
N LEU C 34 -45.05 -0.01 -43.81
CA LEU C 34 -44.75 0.48 -45.14
C LEU C 34 -45.79 -0.07 -46.11
N LYS C 35 -46.89 0.64 -46.28
CA LYS C 35 -47.95 0.15 -47.14
C LYS C 35 -47.69 0.59 -48.59
N THR C 36 -47.71 -0.37 -49.50
CA THR C 36 -47.61 -0.10 -50.92
C THR C 36 -48.93 -0.40 -51.60
N LEU C 37 -49.16 0.27 -52.72
CA LEU C 37 -50.38 0.07 -53.48
C LEU C 37 -49.97 -0.43 -54.85
N VAL C 38 -50.15 -1.72 -55.09
CA VAL C 38 -49.84 -2.29 -56.39
C VAL C 38 -51.00 -2.01 -57.32
N VAL C 39 -50.76 -1.21 -58.36
CA VAL C 39 -51.81 -0.81 -59.27
C VAL C 39 -51.48 -1.38 -60.64
N GLY C 40 -52.50 -1.80 -61.36
CA GLY C 40 -52.29 -2.41 -62.66
C GLY C 40 -53.36 -3.42 -62.99
N ASP C 41 -53.40 -3.77 -64.28
CA ASP C 41 -54.43 -4.62 -64.87
C ASP C 41 -54.33 -6.03 -64.32
N PHE C 42 -55.32 -6.44 -63.53
CA PHE C 42 -55.26 -7.74 -62.86
C PHE C 42 -56.32 -8.71 -63.33
N LYS C 43 -57.25 -8.29 -64.19
CA LYS C 43 -58.27 -9.16 -64.74
C LYS C 43 -58.29 -9.02 -66.25
N GLY C 44 -59.22 -9.70 -66.89
CA GLY C 44 -59.18 -9.79 -68.34
C GLY C 44 -60.18 -8.91 -69.07
N HIS C 45 -60.55 -7.77 -68.48
CA HIS C 45 -61.51 -6.87 -69.10
C HIS C 45 -61.29 -5.46 -68.56
N ALA C 46 -62.25 -4.59 -68.81
CA ALA C 46 -62.29 -3.24 -68.26
C ALA C 46 -63.61 -3.06 -67.54
N GLU C 47 -63.56 -2.86 -66.23
CA GLU C 47 -64.76 -2.79 -65.41
C GLU C 47 -65.52 -1.50 -65.68
N GLN C 48 -66.85 -1.60 -65.71
CA GLN C 48 -67.68 -0.45 -66.06
C GLN C 48 -67.86 0.54 -64.93
N THR C 49 -67.55 0.17 -63.68
CA THR C 49 -67.69 1.15 -62.61
C THR C 49 -66.55 2.17 -62.68
N PRO C 50 -66.83 3.44 -62.37
CA PRO C 50 -65.75 4.44 -62.34
C PRO C 50 -64.81 4.17 -61.19
N LEU C 51 -63.65 4.85 -61.24
CA LEU C 51 -62.56 4.49 -60.36
C LEU C 51 -62.83 4.87 -58.91
N GLU C 52 -63.57 5.96 -58.68
CA GLU C 52 -63.78 6.45 -57.33
C GLU C 52 -64.72 5.59 -56.49
N GLU C 53 -65.33 4.55 -57.06
CA GLU C 53 -66.22 3.69 -56.30
C GLU C 53 -65.66 2.31 -56.04
N ARG C 54 -64.77 1.81 -56.89
CA ARG C 54 -64.21 0.49 -56.67
C ARG C 54 -63.21 0.53 -55.53
N ALA C 55 -62.90 -0.65 -54.99
CA ALA C 55 -62.19 -0.73 -53.73
C ALA C 55 -60.80 -1.34 -53.92
N THR C 56 -59.96 -1.16 -52.90
CA THR C 56 -58.65 -1.79 -52.82
C THR C 56 -58.71 -2.92 -51.81
N VAL C 57 -58.14 -4.07 -52.18
CA VAL C 57 -58.16 -5.25 -51.33
C VAL C 57 -56.75 -5.46 -50.76
N THR C 58 -56.68 -5.86 -49.50
CA THR C 58 -55.43 -6.08 -48.81
C THR C 58 -55.07 -7.55 -48.87
N VAL C 59 -53.85 -7.84 -49.33
CA VAL C 59 -53.37 -9.19 -49.59
C VAL C 59 -52.16 -9.47 -48.71
N ASP C 60 -52.22 -10.54 -47.92
CA ASP C 60 -50.96 -11.05 -47.39
C ASP C 60 -50.84 -12.53 -47.76
N LYS C 61 -49.87 -13.22 -47.16
CA LYS C 61 -49.57 -14.59 -47.56
C LYS C 61 -50.70 -15.55 -47.21
N ASN C 62 -51.45 -15.24 -46.16
CA ASN C 62 -52.51 -16.15 -45.74
C ASN C 62 -53.79 -16.00 -46.54
N ASN C 63 -54.08 -14.81 -47.05
CA ASN C 63 -55.34 -14.59 -47.75
C ASN C 63 -55.17 -14.44 -49.24
N PHE C 64 -54.03 -14.83 -49.80
CA PHE C 64 -53.86 -14.70 -51.23
C PHE C 64 -54.72 -15.69 -52.00
N GLU C 65 -55.02 -16.84 -51.39
CA GLU C 65 -55.90 -17.82 -52.03
C GLU C 65 -57.35 -17.39 -52.02
N ALA C 66 -57.74 -16.51 -51.09
CA ALA C 66 -59.11 -16.00 -51.04
C ALA C 66 -59.30 -14.76 -51.89
N VAL C 67 -58.26 -13.96 -52.08
CA VAL C 67 -58.36 -12.82 -52.98
C VAL C 67 -58.40 -13.29 -54.42
N MET C 68 -57.67 -14.36 -54.75
CA MET C 68 -57.71 -14.89 -56.10
C MET C 68 -59.03 -15.55 -56.42
N ARG C 69 -59.66 -16.18 -55.43
CA ARG C 69 -60.92 -16.87 -55.68
C ARG C 69 -62.07 -15.88 -55.88
N GLU C 70 -62.10 -14.80 -55.09
CA GLU C 70 -63.20 -13.85 -55.18
C GLU C 70 -63.01 -12.83 -56.29
N SER C 71 -61.88 -12.82 -56.97
CA SER C 71 -61.72 -11.96 -58.12
C SER C 71 -62.52 -12.46 -59.31
N GLU C 72 -62.66 -13.78 -59.42
CA GLU C 72 -63.24 -14.49 -60.57
C GLU C 72 -62.52 -14.11 -61.87
N LEU C 73 -61.25 -14.48 -61.94
CA LEU C 73 -60.48 -14.30 -63.16
C LEU C 73 -60.97 -15.29 -64.21
N LYS C 74 -61.88 -14.84 -65.07
CA LYS C 74 -62.47 -15.68 -66.11
C LYS C 74 -61.88 -15.28 -67.45
N ILE C 75 -60.97 -16.11 -67.94
CA ILE C 75 -60.26 -15.83 -69.18
C ILE C 75 -60.93 -16.63 -70.29
N THR C 76 -61.59 -15.93 -71.21
CA THR C 76 -62.28 -16.53 -72.34
C THR C 76 -61.61 -16.02 -73.62
N ALA C 77 -60.96 -16.93 -74.35
CA ALA C 77 -60.26 -16.56 -75.57
C ALA C 77 -60.37 -17.69 -76.58
N THR C 78 -60.10 -17.35 -77.83
CA THR C 78 -60.10 -18.32 -78.91
C THR C 78 -58.66 -18.64 -79.27
N VAL C 79 -58.27 -19.90 -79.09
CA VAL C 79 -56.91 -20.33 -79.33
C VAL C 79 -56.91 -21.36 -80.48
N LYS C 80 -55.72 -21.72 -80.91
CA LYS C 80 -55.55 -22.61 -82.06
C LYS C 80 -55.85 -24.05 -81.69
N ASN C 81 -56.51 -24.76 -82.60
CA ASN C 81 -56.87 -26.16 -82.41
C ASN C 81 -55.75 -27.02 -82.97
N LYS C 82 -55.03 -27.71 -82.09
CA LYS C 82 -53.99 -28.65 -82.48
C LYS C 82 -54.32 -30.08 -82.04
N LEU C 83 -55.62 -30.39 -81.92
CA LEU C 83 -56.05 -31.73 -81.55
C LEU C 83 -56.45 -32.58 -82.74
N THR C 84 -56.42 -32.02 -83.95
CA THR C 84 -56.77 -32.76 -85.15
C THR C 84 -55.77 -32.45 -86.26
N ASP C 85 -56.04 -32.91 -87.49
CA ASP C 85 -55.15 -32.68 -88.61
C ASP C 85 -55.37 -31.34 -89.30
N ASP C 86 -56.18 -30.45 -88.72
CA ASP C 86 -56.47 -29.15 -89.31
C ASP C 86 -55.52 -28.11 -88.73
N GLU C 87 -54.88 -27.35 -89.62
CA GLU C 87 -54.05 -26.22 -89.24
C GLU C 87 -54.88 -24.95 -89.03
N ASN C 88 -55.93 -24.77 -89.84
CA ASN C 88 -56.75 -23.57 -89.81
C ASN C 88 -57.98 -23.71 -88.93
N ALA C 89 -57.92 -24.54 -87.89
CA ALA C 89 -59.02 -24.70 -86.95
C ALA C 89 -58.72 -23.93 -85.66
N GLU C 90 -59.78 -23.43 -85.05
CA GLU C 90 -59.68 -22.69 -83.79
C GLU C 90 -60.62 -23.31 -82.77
N LEU C 91 -60.30 -23.10 -81.50
CA LEU C 91 -61.10 -23.70 -80.43
C LEU C 91 -61.13 -22.80 -79.22
N PRO C 92 -62.25 -22.12 -78.94
CA PRO C 92 -62.33 -21.29 -77.74
C PRO C 92 -62.37 -22.13 -76.46
N VAL C 93 -61.94 -21.52 -75.37
CA VAL C 93 -61.85 -22.18 -74.07
C VAL C 93 -62.68 -21.40 -73.06
N GLU C 94 -62.83 -21.98 -71.87
CA GLU C 94 -63.54 -21.36 -70.76
C GLU C 94 -62.80 -21.69 -69.48
N LEU C 95 -62.27 -20.67 -68.81
CA LEU C 95 -61.39 -20.85 -67.67
C LEU C 95 -61.97 -20.21 -66.43
N ASN C 96 -61.89 -20.91 -65.31
CA ASN C 96 -62.33 -20.41 -64.01
C ASN C 96 -61.23 -20.69 -63.00
N PHE C 97 -60.62 -19.63 -62.47
CA PHE C 97 -59.44 -19.74 -61.64
C PHE C 97 -59.80 -19.41 -60.19
N LYS C 98 -59.51 -20.32 -59.28
CA LYS C 98 -59.80 -20.12 -57.88
C LYS C 98 -58.59 -20.31 -56.97
N SER C 99 -57.50 -20.90 -57.46
CA SER C 99 -56.29 -21.09 -56.67
C SER C 99 -55.08 -20.90 -57.57
N LEU C 100 -53.90 -20.82 -56.96
CA LEU C 100 -52.67 -20.69 -57.72
C LEU C 100 -52.35 -21.95 -58.51
N ALA C 101 -52.86 -23.11 -58.09
CA ALA C 101 -52.71 -24.34 -58.86
C ALA C 101 -53.62 -24.40 -60.07
N ASP C 102 -54.54 -23.45 -60.24
CA ASP C 102 -55.35 -23.41 -61.45
C ASP C 102 -54.61 -22.87 -62.66
N PHE C 103 -53.43 -22.26 -62.47
CA PHE C 103 -52.59 -21.93 -63.61
C PHE C 103 -51.90 -23.16 -64.18
N ALA C 104 -51.76 -24.22 -63.38
CA ALA C 104 -51.06 -25.42 -63.79
C ALA C 104 -51.87 -26.20 -64.84
N PRO C 105 -51.22 -26.93 -65.74
CA PRO C 105 -51.95 -27.65 -66.79
C PRO C 105 -52.79 -28.82 -66.30
N ASP C 106 -52.69 -29.20 -65.01
CA ASP C 106 -53.62 -30.20 -64.49
C ASP C 106 -55.02 -29.63 -64.35
N ALA C 107 -55.13 -28.36 -63.95
CA ALA C 107 -56.43 -27.72 -63.77
C ALA C 107 -56.86 -26.90 -64.97
N VAL C 108 -55.95 -26.56 -65.88
CA VAL C 108 -56.38 -25.88 -67.11
C VAL C 108 -57.01 -26.88 -68.07
N ALA C 109 -56.36 -28.04 -68.23
CA ALA C 109 -56.92 -29.10 -69.09
C ALA C 109 -58.17 -29.71 -68.49
N SER C 110 -58.33 -29.68 -67.16
CA SER C 110 -59.55 -30.17 -66.54
C SER C 110 -60.74 -29.26 -66.79
N GLN C 111 -60.49 -27.99 -67.11
CA GLN C 111 -61.56 -27.06 -67.42
C GLN C 111 -61.85 -26.97 -68.91
N VAL C 112 -61.07 -27.67 -69.73
CA VAL C 112 -61.34 -27.76 -71.17
C VAL C 112 -61.95 -29.12 -71.44
N PRO C 113 -63.22 -29.19 -71.90
CA PRO C 113 -63.86 -30.50 -72.10
C PRO C 113 -63.25 -31.32 -73.23
N GLU C 114 -62.56 -30.69 -74.18
CA GLU C 114 -61.86 -31.44 -75.21
C GLU C 114 -60.60 -32.10 -74.66
N LEU C 115 -60.10 -31.64 -73.52
CA LEU C 115 -58.96 -32.26 -72.86
C LEU C 115 -59.35 -33.10 -71.65
N LYS C 116 -60.61 -33.03 -71.22
CA LYS C 116 -61.08 -33.95 -70.18
C LYS C 116 -61.17 -35.37 -70.70
N LYS C 117 -61.43 -35.55 -72.00
CA LYS C 117 -61.48 -36.87 -72.60
C LYS C 117 -60.11 -37.40 -72.97
N LEU C 118 -59.09 -36.55 -72.99
CA LEU C 118 -57.75 -37.03 -73.30
C LEU C 118 -56.96 -37.43 -72.06
N ILE C 119 -57.20 -36.77 -70.93
CA ILE C 119 -56.63 -37.25 -69.68
C ILE C 119 -57.34 -38.53 -69.24
N GLU C 120 -58.66 -38.60 -69.45
CA GLU C 120 -59.40 -39.84 -69.21
C GLU C 120 -58.96 -40.94 -70.16
N LEU C 121 -58.51 -40.58 -71.37
CA LEU C 121 -57.91 -41.55 -72.26
C LEU C 121 -56.59 -42.06 -71.70
N ARG C 122 -55.78 -41.16 -71.11
CA ARG C 122 -54.49 -41.57 -70.56
C ARG C 122 -54.67 -42.37 -69.28
N GLU C 123 -55.62 -41.96 -68.43
CA GLU C 123 -55.91 -42.70 -67.20
C GLU C 123 -56.43 -44.11 -67.50
N ALA C 124 -57.12 -44.28 -68.62
CA ALA C 124 -57.52 -45.61 -69.06
C ALA C 124 -56.34 -46.41 -69.61
N LEU C 125 -55.29 -45.75 -70.09
CA LEU C 125 -54.10 -46.44 -70.60
C LEU C 125 -53.09 -46.76 -69.50
N VAL C 126 -53.00 -45.92 -68.47
CA VAL C 126 -52.17 -46.24 -67.32
C VAL C 126 -52.78 -47.39 -66.53
N ALA C 127 -54.11 -47.48 -66.50
CA ALA C 127 -54.80 -48.60 -65.85
C ALA C 127 -54.55 -49.91 -66.58
N LEU C 128 -54.31 -49.86 -67.89
CA LEU C 128 -54.09 -51.08 -68.66
C LEU C 128 -52.72 -51.67 -68.41
N LYS C 129 -51.69 -50.81 -68.24
CA LYS C 129 -50.29 -51.23 -68.25
C LYS C 129 -49.94 -52.13 -67.06
N GLY C 130 -50.62 -51.96 -65.94
CA GLY C 130 -50.42 -52.78 -64.76
C GLY C 130 -50.73 -54.25 -64.97
N PRO C 131 -51.99 -54.58 -65.21
CA PRO C 131 -52.36 -55.98 -65.51
C PRO C 131 -52.06 -56.43 -66.94
N LEU C 132 -51.28 -55.68 -67.73
CA LEU C 132 -51.03 -56.08 -69.11
C LEU C 132 -49.97 -57.17 -69.19
N GLY C 133 -48.75 -56.85 -68.76
CA GLY C 133 -47.63 -57.78 -68.86
C GLY C 133 -47.52 -58.80 -67.77
N ASN C 134 -48.48 -58.84 -66.84
CA ASN C 134 -48.45 -59.81 -65.76
C ASN C 134 -49.11 -61.13 -66.17
N ILE C 135 -50.25 -61.06 -66.83
CA ILE C 135 -50.95 -62.25 -67.32
C ILE C 135 -50.63 -62.41 -68.80
N PRO C 136 -49.93 -63.47 -69.21
CA PRO C 136 -49.62 -63.67 -70.63
C PRO C 136 -50.75 -64.28 -71.46
N ALA C 137 -51.97 -64.35 -70.93
CA ALA C 137 -53.11 -64.83 -71.68
C ALA C 137 -53.87 -63.71 -72.38
N PHE C 138 -53.40 -62.47 -72.27
CA PHE C 138 -54.04 -61.36 -72.96
C PHE C 138 -53.77 -61.42 -74.46
N ARG C 139 -52.52 -61.75 -74.85
CA ARG C 139 -52.19 -61.86 -76.26
C ARG C 139 -52.81 -63.10 -76.90
N GLU C 140 -53.21 -64.09 -76.10
CA GLU C 140 -53.89 -65.25 -76.63
C GLU C 140 -55.27 -64.90 -77.15
N ARG C 141 -55.93 -63.91 -76.54
CA ARG C 141 -57.25 -63.47 -76.98
C ARG C 141 -57.18 -62.23 -77.87
N LEU C 142 -55.99 -61.63 -78.05
CA LEU C 142 -55.84 -60.64 -79.11
C LEU C 142 -55.92 -61.31 -80.48
N GLN C 143 -55.41 -62.53 -80.59
CA GLN C 143 -55.54 -63.29 -81.82
C GLN C 143 -56.97 -63.82 -82.00
N SER C 144 -57.69 -64.01 -80.89
CA SER C 144 -59.10 -64.36 -81.00
C SER C 144 -59.93 -63.17 -81.45
N LEU C 145 -59.57 -61.97 -80.99
CA LEU C 145 -60.16 -60.75 -81.54
C LEU C 145 -59.67 -60.49 -82.96
N LEU C 146 -58.49 -61.00 -83.32
CA LEU C 146 -58.07 -60.99 -84.72
C LEU C 146 -58.91 -61.97 -85.54
N ASN C 147 -59.34 -63.08 -84.94
CA ASN C 147 -60.20 -64.02 -85.63
C ASN C 147 -61.65 -63.53 -85.63
N SER C 148 -62.20 -63.21 -84.47
CA SER C 148 -63.58 -62.75 -84.35
C SER C 148 -63.62 -61.25 -84.58
N GLU C 149 -63.72 -60.86 -85.86
CA GLU C 149 -63.78 -59.45 -86.22
C GLU C 149 -65.19 -58.89 -86.16
N GLU C 150 -66.22 -59.73 -86.28
CA GLU C 150 -67.59 -59.23 -86.29
C GLU C 150 -68.07 -58.86 -84.89
N SER C 151 -67.82 -59.74 -83.91
CA SER C 151 -68.25 -59.48 -82.54
C SER C 151 -67.38 -58.43 -81.85
N ARG C 152 -66.18 -58.16 -82.37
CA ARG C 152 -65.33 -57.14 -81.75
C ARG C 152 -65.83 -55.74 -82.07
N GLU C 153 -66.20 -55.49 -83.34
CA GLU C 153 -66.66 -54.17 -83.74
C GLU C 153 -68.04 -53.85 -83.22
N LYS C 154 -68.83 -54.86 -82.86
CA LYS C 154 -70.13 -54.60 -82.23
C LYS C 154 -69.97 -54.12 -80.79
N LEU C 155 -68.86 -54.48 -80.15
CA LEU C 155 -68.61 -54.09 -78.76
C LEU C 155 -67.80 -52.81 -78.64
N LEU C 156 -67.14 -52.36 -79.72
CA LEU C 156 -66.39 -51.11 -79.66
C LEU C 156 -67.33 -49.91 -79.65
N ALA C 157 -68.51 -50.02 -80.25
CA ALA C 157 -69.47 -48.93 -80.24
C ALA C 157 -70.13 -48.75 -78.87
N GLU C 158 -70.15 -49.79 -78.04
CA GLU C 158 -70.71 -49.71 -76.71
C GLU C 158 -69.77 -48.96 -75.77
N PRO D 1 -7.48 29.40 -12.48
CA PRO D 1 -6.88 29.05 -13.76
C PRO D 1 -7.90 29.04 -14.88
N THR D 2 -7.45 29.30 -16.10
CA THR D 2 -8.40 29.36 -17.20
C THR D 2 -8.50 28.00 -17.88
N PRO D 3 -9.69 27.61 -18.30
CA PRO D 3 -9.85 26.30 -18.95
C PRO D 3 -9.19 26.26 -20.31
N CYS D 4 -8.73 25.07 -20.67
CA CYS D 4 -8.05 24.81 -21.92
C CYS D 4 -9.04 24.29 -22.95
N TYR D 5 -8.53 23.84 -24.09
CA TYR D 5 -9.39 23.30 -25.14
C TYR D 5 -8.66 22.16 -25.83
N ILE D 6 -9.36 21.08 -26.13
CA ILE D 6 -8.77 19.91 -26.75
C ILE D 6 -9.55 19.54 -27.99
N SER D 7 -8.85 19.33 -29.09
CA SER D 7 -9.45 18.88 -30.34
C SER D 7 -8.88 17.51 -30.69
N ILE D 8 -9.71 16.48 -30.62
CA ILE D 8 -9.28 15.10 -30.84
C ILE D 8 -9.69 14.68 -32.24
N GLU D 9 -8.79 14.08 -32.99
CA GLU D 9 -9.12 13.50 -34.28
C GLU D 9 -8.75 12.03 -34.29
N GLY D 10 -9.72 11.16 -34.54
CA GLY D 10 -9.51 9.74 -34.48
C GLY D 10 -8.99 9.16 -35.78
N GLN D 11 -8.67 7.87 -35.75
CA GLN D 11 -8.35 7.15 -36.98
C GLN D 11 -9.57 7.00 -37.86
N THR D 12 -10.59 6.32 -37.35
CA THR D 12 -11.76 6.02 -38.16
C THR D 12 -12.94 6.93 -37.88
N GLN D 13 -12.99 7.59 -36.73
CA GLN D 13 -14.15 8.38 -36.35
C GLN D 13 -14.00 9.84 -36.69
N GLY D 14 -13.05 10.18 -37.56
CA GLY D 14 -12.93 11.55 -38.04
C GLY D 14 -12.50 12.49 -36.92
N LEU D 15 -13.04 13.69 -36.97
CA LEU D 15 -12.84 14.65 -35.89
C LEU D 15 -13.83 14.31 -34.80
N ILE D 16 -13.34 13.82 -33.67
CA ILE D 16 -14.22 13.34 -32.62
C ILE D 16 -14.93 14.50 -31.94
N THR D 17 -14.21 15.55 -31.62
CA THR D 17 -14.83 16.64 -30.91
C THR D 17 -15.52 17.63 -31.81
N ALA D 18 -15.88 17.27 -33.04
CA ALA D 18 -16.55 18.21 -33.95
C ALA D 18 -17.97 18.39 -33.46
N GLY D 19 -18.23 19.49 -32.78
CA GLY D 19 -19.53 19.73 -32.22
C GLY D 19 -19.63 19.50 -30.73
N ALA D 20 -18.52 19.36 -30.03
CA ALA D 20 -18.57 19.10 -28.60
C ALA D 20 -18.71 20.36 -27.78
N CYS D 21 -18.87 21.51 -28.40
CA CYS D 21 -19.30 22.74 -27.76
C CYS D 21 -20.37 23.42 -28.58
N THR D 22 -21.41 22.68 -28.91
CA THR D 22 -22.62 23.27 -29.45
C THR D 22 -23.65 23.41 -28.35
N ALA D 23 -24.84 23.84 -28.72
CA ALA D 23 -25.93 23.92 -27.75
C ALA D 23 -26.53 22.57 -27.44
N ASP D 24 -26.29 21.58 -28.29
CA ASP D 24 -26.78 20.24 -27.99
C ASP D 24 -25.89 19.48 -27.03
N SER D 25 -24.59 19.78 -27.02
CA SER D 25 -23.68 19.05 -26.15
C SER D 25 -23.84 19.49 -24.70
N ILE D 26 -23.57 20.76 -24.42
CA ILE D 26 -23.42 21.21 -23.05
C ILE D 26 -24.39 22.34 -22.72
N GLY D 27 -25.50 22.44 -23.42
CA GLY D 27 -26.51 23.40 -23.05
C GLY D 27 -26.14 24.84 -23.40
N ASP D 28 -26.11 25.71 -22.39
CA ASP D 28 -25.83 27.11 -22.61
C ASP D 28 -24.42 27.50 -22.27
N SER D 29 -23.56 26.55 -21.91
CA SER D 29 -22.18 26.86 -21.60
C SER D 29 -21.26 26.60 -22.79
N PHE D 30 -21.78 26.68 -23.99
CA PHE D 30 -20.90 26.50 -25.13
C PHE D 30 -20.34 27.85 -25.54
N VAL D 31 -19.24 27.80 -26.29
CA VAL D 31 -18.51 29.00 -26.66
C VAL D 31 -18.45 29.05 -28.18
N GLU D 32 -18.81 30.19 -28.76
CA GLU D 32 -18.66 30.38 -30.19
C GLU D 32 -17.19 30.44 -30.56
N GLY D 33 -16.87 29.93 -31.74
CA GLY D 33 -15.51 29.86 -32.20
C GLY D 33 -14.75 28.62 -31.78
N HIS D 34 -15.20 27.94 -30.75
CA HIS D 34 -14.59 26.72 -30.27
C HIS D 34 -15.54 25.57 -30.48
N GLU D 35 -16.15 25.53 -31.66
CA GLU D 35 -17.18 24.54 -31.93
C GLU D 35 -16.61 23.14 -32.09
N ASP D 36 -15.32 23.01 -32.31
CA ASP D 36 -14.73 21.70 -32.54
C ASP D 36 -13.86 21.24 -31.38
N GLU D 37 -13.94 21.90 -30.24
CA GLU D 37 -12.97 21.72 -29.16
C GLU D 37 -13.71 21.57 -27.85
N MET D 38 -13.42 20.50 -27.11
CA MET D 38 -14.02 20.34 -25.79
C MET D 38 -13.48 21.37 -24.82
N LEU D 39 -14.13 21.49 -23.68
CA LEU D 39 -13.72 22.46 -22.67
C LEU D 39 -13.12 21.68 -21.52
N VAL D 40 -11.81 21.82 -21.35
CA VAL D 40 -11.04 20.98 -20.43
C VAL D 40 -10.86 21.70 -19.10
N GLN D 41 -11.28 21.05 -18.03
CA GLN D 41 -11.27 21.69 -16.72
C GLN D 41 -9.96 21.47 -15.98
N GLN D 42 -9.64 20.21 -15.69
CA GLN D 42 -8.51 19.84 -14.86
C GLN D 42 -7.48 19.13 -15.73
N PHE D 43 -6.22 19.12 -15.29
CA PHE D 43 -5.16 18.53 -16.09
C PHE D 43 -4.11 17.90 -15.19
N ASP D 44 -3.45 16.86 -15.69
CA ASP D 44 -2.41 16.14 -14.96
C ASP D 44 -1.60 15.25 -15.87
N HIS D 45 -0.27 15.28 -15.77
CA HIS D 45 0.57 14.59 -16.75
C HIS D 45 1.98 14.42 -16.21
N VAL D 46 2.46 13.19 -16.15
CA VAL D 46 3.78 12.85 -15.60
C VAL D 46 4.60 12.22 -16.70
N VAL D 47 5.90 12.52 -16.76
CA VAL D 47 6.82 11.87 -17.68
C VAL D 47 8.03 11.44 -16.87
N THR D 48 8.12 10.18 -16.51
CA THR D 48 9.21 9.74 -15.67
C THR D 48 10.40 9.27 -16.49
N VAL D 49 11.56 9.21 -15.84
CA VAL D 49 12.76 8.60 -16.39
C VAL D 49 13.39 7.73 -15.31
N PRO D 50 13.55 6.44 -15.53
CA PRO D 50 14.16 5.59 -14.50
C PRO D 50 15.65 5.84 -14.35
N THR D 51 16.05 6.41 -13.22
CA THR D 51 17.45 6.67 -12.93
C THR D 51 17.94 5.70 -11.88
N ASP D 52 19.19 5.29 -11.98
CA ASP D 52 19.70 4.35 -10.99
C ASP D 52 20.03 5.05 -9.68
N PRO D 53 20.05 4.33 -8.58
CA PRO D 53 20.58 4.91 -7.34
C PRO D 53 22.08 5.04 -7.42
N GLN D 54 22.64 5.69 -6.37
CA GLN D 54 24.07 5.93 -6.15
C GLN D 54 24.80 6.50 -7.37
N SER D 55 24.08 7.26 -8.18
CA SER D 55 24.60 7.87 -9.39
C SER D 55 23.68 9.02 -9.73
N GLY D 56 23.77 9.50 -10.96
CA GLY D 56 22.78 10.45 -11.44
C GLY D 56 22.31 10.11 -12.83
N GLN D 57 22.89 9.09 -13.43
CA GLN D 57 22.65 8.87 -14.85
C GLN D 57 21.28 8.22 -15.08
N PRO D 58 20.63 8.55 -16.19
CA PRO D 58 19.35 7.89 -16.52
C PRO D 58 19.58 6.46 -16.96
N SER D 59 19.09 5.51 -16.15
CA SER D 59 19.25 4.09 -16.44
C SER D 59 18.04 3.57 -17.20
N GLY D 60 17.86 4.11 -18.41
CA GLY D 60 16.74 3.69 -19.22
C GLY D 60 16.04 4.85 -19.90
N GLN D 61 15.25 4.55 -20.91
CA GLN D 61 14.54 5.60 -21.62
C GLN D 61 13.34 6.06 -20.80
N ARG D 62 12.76 7.18 -21.23
CA ARG D 62 11.63 7.80 -20.54
C ARG D 62 10.41 6.90 -20.59
N VAL D 63 9.51 7.11 -19.63
CA VAL D 63 8.27 6.35 -19.50
C VAL D 63 7.14 7.34 -19.38
N HIS D 64 6.27 7.39 -20.38
CA HIS D 64 5.20 8.39 -20.40
C HIS D 64 4.00 7.90 -19.59
N LYS D 65 3.82 8.48 -18.43
CA LYS D 65 2.58 8.33 -17.71
C LYS D 65 1.50 9.16 -18.41
N PRO D 66 0.22 8.80 -18.29
CA PRO D 66 -0.77 9.37 -19.21
C PRO D 66 -1.20 10.78 -18.86
N PHE D 67 -1.67 11.49 -19.89
CA PHE D 67 -2.58 12.62 -19.78
C PHE D 67 -3.74 12.33 -18.84
N LYS D 68 -4.26 13.35 -18.18
CA LYS D 68 -5.52 13.23 -17.46
C LYS D 68 -6.24 14.56 -17.58
N PHE D 69 -7.11 14.70 -18.58
CA PHE D 69 -7.88 15.93 -18.74
C PHE D 69 -9.35 15.64 -18.48
N THR D 70 -10.05 16.59 -17.88
CA THR D 70 -11.41 16.41 -17.40
C THR D 70 -12.38 17.29 -18.15
N VAL D 71 -13.37 16.68 -18.81
CA VAL D 71 -14.43 17.41 -19.47
C VAL D 71 -15.76 16.94 -18.91
N ALA D 72 -16.81 17.70 -19.19
CA ALA D 72 -18.14 17.29 -18.76
C ALA D 72 -18.71 16.29 -19.75
N LEU D 73 -19.88 15.74 -19.45
CA LEU D 73 -20.56 14.86 -20.39
C LEU D 73 -21.07 15.67 -21.56
N ASN D 74 -20.67 15.29 -22.76
CA ASN D 74 -21.09 16.00 -23.95
C ASN D 74 -21.12 15.03 -25.12
N LYS D 75 -21.12 15.57 -26.32
CA LYS D 75 -21.30 14.78 -27.54
C LYS D 75 -20.13 13.86 -27.77
N ALA D 76 -18.92 14.29 -27.46
CA ALA D 76 -17.74 13.51 -27.78
C ALA D 76 -17.49 12.38 -26.80
N VAL D 77 -18.18 12.31 -25.68
CA VAL D 77 -17.93 11.25 -24.69
C VAL D 77 -18.39 9.87 -25.15
N PRO D 78 -19.54 9.67 -25.81
CA PRO D 78 -19.76 8.36 -26.42
C PRO D 78 -18.82 8.04 -27.56
N LEU D 79 -18.25 9.05 -28.21
CA LEU D 79 -17.26 8.78 -29.23
C LEU D 79 -15.92 8.39 -28.61
N LEU D 80 -15.61 8.89 -27.42
CA LEU D 80 -14.39 8.50 -26.75
C LEU D 80 -14.51 7.18 -26.03
N TYR D 81 -15.71 6.63 -25.87
CA TYR D 81 -15.81 5.28 -25.36
C TYR D 81 -15.82 4.23 -26.46
N ASN D 82 -15.54 4.60 -27.71
CA ASN D 82 -15.17 3.62 -28.71
C ASN D 82 -13.71 3.69 -29.08
N ALA D 83 -13.09 4.85 -28.92
CA ALA D 83 -11.64 4.89 -29.03
C ALA D 83 -11.01 4.15 -27.87
N LEU D 84 -11.70 4.07 -26.74
CA LEU D 84 -11.21 3.34 -25.58
C LEU D 84 -11.40 1.84 -25.73
N SER D 85 -12.64 1.41 -25.88
CA SER D 85 -12.95 -0.01 -25.81
C SER D 85 -12.56 -0.78 -27.06
N SER D 86 -12.09 -0.12 -28.10
CA SER D 86 -11.60 -0.82 -29.27
C SER D 86 -10.14 -0.52 -29.57
N GLY D 87 -9.48 0.28 -28.75
CA GLY D 87 -8.07 0.55 -28.93
C GLY D 87 -7.75 1.39 -30.15
N GLU D 88 -8.68 2.25 -30.56
CA GLU D 88 -8.44 3.08 -31.73
C GLU D 88 -7.48 4.19 -31.40
N LYS D 89 -6.44 4.33 -32.21
CA LYS D 89 -5.52 5.43 -32.00
C LYS D 89 -6.18 6.72 -32.47
N LEU D 90 -5.70 7.83 -31.92
CA LEU D 90 -6.22 9.15 -32.25
C LEU D 90 -5.10 9.89 -32.95
N LYS D 91 -5.38 10.43 -34.13
CA LYS D 91 -4.32 11.02 -34.94
C LYS D 91 -3.72 12.25 -34.30
N THR D 92 -4.53 13.05 -33.62
CA THR D 92 -3.99 14.22 -32.95
C THR D 92 -4.86 14.63 -31.78
N VAL D 93 -4.24 15.28 -30.81
CA VAL D 93 -4.91 15.88 -29.67
C VAL D 93 -4.18 17.19 -29.42
N GLU D 94 -4.84 18.31 -29.63
CA GLU D 94 -4.14 19.58 -29.53
C GLU D 94 -4.71 20.34 -28.33
N LEU D 95 -4.13 20.10 -27.17
CA LEU D 95 -4.44 20.92 -26.01
C LEU D 95 -3.93 22.32 -26.22
N LYS D 96 -4.68 23.31 -25.74
CA LYS D 96 -4.29 24.70 -25.88
C LYS D 96 -4.52 25.42 -24.56
N TRP D 97 -3.45 25.81 -23.90
CA TRP D 97 -3.53 26.47 -22.62
C TRP D 97 -3.81 27.95 -22.82
N TYR D 98 -4.96 28.43 -22.39
CA TYR D 98 -5.22 29.84 -22.52
C TYR D 98 -4.77 30.59 -21.28
N ARG D 99 -4.60 31.90 -21.45
CA ARG D 99 -4.40 32.79 -20.32
C ARG D 99 -4.84 34.19 -20.75
N THR D 100 -5.08 35.03 -19.77
CA THR D 100 -5.53 36.38 -20.02
C THR D 100 -4.33 37.30 -20.14
N SER D 101 -4.16 37.92 -21.29
CA SER D 101 -2.97 38.72 -21.55
C SER D 101 -3.16 40.12 -20.97
N ILE D 102 -2.23 41.01 -21.31
CA ILE D 102 -2.25 42.35 -20.73
C ILE D 102 -3.33 43.20 -21.39
N GLU D 103 -3.46 43.09 -22.70
CA GLU D 103 -4.44 43.89 -23.43
C GLU D 103 -5.87 43.46 -23.16
N GLY D 104 -6.09 42.33 -22.53
CA GLY D 104 -7.42 41.91 -22.16
C GLY D 104 -8.00 40.83 -23.03
N LYS D 105 -7.18 40.07 -23.73
CA LYS D 105 -7.69 39.08 -24.66
C LYS D 105 -7.10 37.73 -24.33
N GLN D 106 -7.91 36.70 -24.48
CA GLN D 106 -7.45 35.33 -24.30
C GLN D 106 -6.44 34.98 -25.39
N GLU D 107 -5.44 34.19 -25.03
CA GLU D 107 -4.49 33.73 -26.03
C GLU D 107 -3.87 32.43 -25.55
N ASN D 108 -3.54 31.56 -26.49
CA ASN D 108 -2.84 30.34 -26.13
C ASN D 108 -1.37 30.65 -25.97
N PHE D 109 -0.86 30.49 -24.78
CA PHE D 109 0.54 30.71 -24.57
C PHE D 109 1.34 29.42 -24.64
N PHE D 110 0.67 28.29 -24.81
CA PHE D 110 1.31 26.99 -24.62
C PHE D 110 0.41 25.95 -25.22
N THR D 111 0.87 25.18 -26.20
CA THR D 111 0.08 24.10 -26.76
C THR D 111 0.88 22.81 -26.68
N THR D 112 0.22 21.73 -26.28
CA THR D 112 0.87 20.42 -26.21
C THR D 112 0.17 19.52 -27.22
N LYS D 113 0.65 19.49 -28.45
CA LYS D 113 0.07 18.61 -29.44
C LYS D 113 0.47 17.17 -29.15
N LEU D 114 0.00 16.26 -29.99
CA LEU D 114 0.08 14.85 -29.66
C LEU D 114 -0.11 14.06 -30.93
N GLU D 115 0.73 13.09 -31.19
CA GLU D 115 0.50 12.19 -32.31
C GLU D 115 -0.26 10.98 -31.80
N ASN D 116 -0.18 9.83 -32.50
CA ASN D 116 -1.00 8.64 -32.29
C ASN D 116 -1.14 8.25 -30.84
N ALA D 117 -2.36 8.36 -30.32
CA ALA D 117 -2.57 8.40 -28.89
C ALA D 117 -3.83 7.63 -28.55
N SER D 118 -3.67 6.39 -28.10
CA SER D 118 -4.83 5.65 -27.64
C SER D 118 -5.31 6.20 -26.31
N ILE D 119 -6.49 5.75 -25.89
CA ILE D 119 -7.04 6.14 -24.60
C ILE D 119 -6.82 5.00 -23.62
N VAL D 120 -6.19 5.29 -22.50
CA VAL D 120 -5.94 4.26 -21.50
C VAL D 120 -7.19 4.00 -20.68
N ASP D 121 -7.70 5.02 -20.00
CA ASP D 121 -8.94 4.84 -19.26
C ASP D 121 -9.70 6.14 -19.17
N ILE D 122 -10.99 6.01 -18.89
CA ILE D 122 -11.91 7.13 -18.77
C ILE D 122 -12.69 6.96 -17.48
N HIS D 123 -12.61 7.94 -16.61
CA HIS D 123 -13.18 7.84 -15.27
C HIS D 123 -14.38 8.78 -15.15
N CYS D 124 -15.54 8.28 -15.54
CA CYS D 124 -16.78 9.06 -15.47
C CYS D 124 -17.33 8.98 -14.07
N GLU D 125 -17.52 10.14 -13.43
CA GLU D 125 -18.12 10.17 -12.11
C GLU D 125 -19.05 11.36 -12.00
N MET D 126 -19.86 11.37 -10.95
CA MET D 126 -20.75 12.46 -10.65
C MET D 126 -20.72 12.60 -9.14
N PRO D 127 -20.53 13.81 -8.61
CA PRO D 127 -20.52 14.00 -7.17
C PRO D 127 -21.89 13.80 -6.57
N HIS D 128 -21.92 13.73 -5.24
CA HIS D 128 -23.12 13.34 -4.52
C HIS D 128 -24.15 14.47 -4.56
N CYS D 129 -25.38 14.12 -4.92
CA CYS D 129 -26.40 15.15 -5.14
C CYS D 129 -26.90 15.73 -3.83
N GLN D 130 -26.85 14.98 -2.74
CA GLN D 130 -27.23 15.50 -1.44
C GLN D 130 -26.23 16.52 -0.91
N ASP D 131 -24.98 16.44 -1.35
CA ASP D 131 -23.90 17.21 -0.74
C ASP D 131 -23.92 18.63 -1.28
N PRO D 132 -24.06 19.65 -0.43
CA PRO D 132 -24.09 21.03 -0.93
C PRO D 132 -22.74 21.62 -1.22
N ALA D 133 -21.64 20.99 -0.78
CA ALA D 133 -20.32 21.51 -1.10
C ALA D 133 -19.95 21.27 -2.55
N LYS D 134 -20.54 20.27 -3.19
CA LYS D 134 -20.26 19.93 -4.57
C LYS D 134 -21.49 20.14 -5.43
N SER D 135 -22.18 21.26 -5.22
CA SER D 135 -23.39 21.53 -5.97
C SER D 135 -23.11 22.21 -7.31
N ASP D 136 -22.00 22.94 -7.41
CA ASP D 136 -21.68 23.64 -8.64
C ASP D 136 -21.16 22.71 -9.71
N PHE D 137 -20.65 21.54 -9.35
CA PHE D 137 -20.10 20.62 -10.33
C PHE D 137 -21.24 19.95 -11.07
N THR D 138 -20.96 19.50 -12.29
CA THR D 138 -21.97 18.78 -13.05
C THR D 138 -21.60 17.31 -13.22
N GLN D 139 -20.51 17.03 -13.91
CA GLN D 139 -19.97 15.69 -14.05
C GLN D 139 -18.46 15.82 -14.18
N ASN D 140 -17.78 14.69 -14.22
CA ASN D 140 -16.33 14.66 -14.38
C ASN D 140 -15.99 13.45 -15.22
N VAL D 141 -15.55 13.68 -16.44
CA VAL D 141 -15.15 12.60 -17.32
C VAL D 141 -13.67 12.81 -17.60
N THR D 142 -12.82 12.07 -16.89
CA THR D 142 -11.38 12.25 -16.95
C THR D 142 -10.82 11.26 -17.95
N VAL D 143 -10.52 11.73 -19.15
CA VAL D 143 -10.06 10.87 -20.23
C VAL D 143 -8.55 10.84 -20.23
N SER D 144 -7.97 9.65 -20.18
CA SER D 144 -6.52 9.54 -20.22
C SER D 144 -6.04 9.28 -21.63
N LEU D 145 -4.76 9.52 -21.85
CA LEU D 145 -4.18 9.33 -23.17
C LEU D 145 -2.75 8.87 -23.00
N SER D 146 -2.46 7.61 -23.30
CA SER D 146 -1.10 7.29 -23.66
C SER D 146 -0.90 7.70 -25.11
N TYR D 147 0.35 7.80 -25.53
CA TYR D 147 0.63 8.51 -26.76
C TYR D 147 2.00 8.15 -27.29
N ARG D 148 2.13 8.15 -28.62
CA ARG D 148 3.44 7.91 -29.21
C ARG D 148 4.30 9.15 -29.12
N LYS D 149 3.89 10.22 -29.78
CA LYS D 149 4.70 11.42 -29.93
C LYS D 149 3.97 12.61 -29.37
N ILE D 150 4.64 13.35 -28.50
CA ILE D 150 4.11 14.55 -27.89
C ILE D 150 5.04 15.71 -28.20
N THR D 151 4.46 16.88 -28.48
CA THR D 151 5.24 18.07 -28.79
C THR D 151 4.71 19.24 -27.97
N TRP D 152 5.41 19.59 -26.91
CA TRP D 152 5.14 20.83 -26.21
C TRP D 152 5.54 21.99 -27.10
N ASP D 153 4.85 23.12 -26.92
CA ASP D 153 5.11 24.27 -27.79
C ASP D 153 4.65 25.52 -27.05
N HIS D 154 5.59 26.33 -26.59
CA HIS D 154 5.24 27.61 -26.03
C HIS D 154 5.15 28.62 -27.17
N VAL D 155 4.02 29.29 -27.29
CA VAL D 155 3.76 30.12 -28.46
C VAL D 155 4.35 31.51 -28.31
N ASN D 156 4.14 32.16 -27.16
CA ASN D 156 4.59 33.54 -26.99
C ASN D 156 6.09 33.68 -26.83
N ALA D 157 6.83 32.60 -26.65
CA ALA D 157 8.28 32.67 -26.62
C ALA D 157 8.92 31.72 -27.61
N GLY D 158 8.14 31.01 -28.40
CA GLY D 158 8.65 30.25 -29.51
C GLY D 158 9.37 28.97 -29.21
N THR D 159 9.59 28.63 -27.94
CA THR D 159 10.28 27.38 -27.64
C THR D 159 9.38 26.19 -27.94
N SER D 160 10.01 25.04 -28.18
CA SER D 160 9.26 23.86 -28.53
C SER D 160 10.04 22.62 -28.13
N GLY D 161 9.44 21.80 -27.29
CA GLY D 161 10.03 20.53 -26.96
C GLY D 161 9.37 19.45 -27.77
N SER D 162 9.92 18.24 -27.77
CA SER D 162 9.34 17.14 -28.53
C SER D 162 9.86 15.84 -27.98
N ASP D 163 8.99 14.84 -27.92
CA ASP D 163 9.40 13.49 -27.65
C ASP D 163 8.74 12.58 -28.66
N ASP D 164 9.44 11.52 -29.05
CA ASP D 164 8.85 10.60 -29.99
C ASP D 164 9.47 9.23 -29.79
N TRP D 165 8.62 8.21 -29.78
CA TRP D 165 9.15 6.86 -29.84
C TRP D 165 9.60 6.50 -31.23
N ARG D 166 8.98 7.10 -32.25
CA ARG D 166 9.30 6.77 -33.63
C ARG D 166 10.70 7.22 -34.01
N LYS D 167 11.09 8.41 -33.56
CA LYS D 167 12.39 8.98 -33.90
C LYS D 167 13.08 9.46 -32.63
N PRO D 168 13.69 8.56 -31.88
CA PRO D 168 14.51 9.00 -30.75
C PRO D 168 15.77 9.64 -31.28
N ILE D 169 16.44 10.39 -30.40
CA ILE D 169 17.45 11.33 -30.88
C ILE D 169 18.71 10.55 -31.23
N GLU D 170 18.83 10.22 -32.51
CA GLU D 170 19.81 9.35 -33.18
C GLU D 170 20.24 8.06 -32.45
N GLY E 1 14.82 -1.44 -118.77
CA GLY E 1 14.07 -1.70 -117.55
C GLY E 1 14.66 -2.80 -116.70
N SER E 2 16.00 -2.88 -116.68
CA SER E 2 16.67 -3.90 -115.89
C SER E 2 16.62 -3.60 -114.40
N LEU E 3 16.44 -2.32 -114.02
CA LEU E 3 16.29 -2.00 -112.60
C LEU E 3 14.95 -2.48 -112.05
N LEU E 4 13.92 -2.54 -112.91
CA LEU E 4 12.65 -3.14 -112.50
C LEU E 4 12.79 -4.66 -112.39
N ASP E 5 13.71 -5.26 -113.15
CA ASP E 5 13.94 -6.69 -113.06
C ASP E 5 14.63 -7.07 -111.75
N GLU E 6 15.45 -6.17 -111.21
CA GLU E 6 16.11 -6.45 -109.92
C GLU E 6 15.13 -6.32 -108.76
N ILE E 7 14.10 -5.48 -108.91
CA ILE E 7 13.08 -5.37 -107.87
C ILE E 7 12.15 -6.58 -107.90
N MET E 8 11.76 -7.02 -109.12
CA MET E 8 10.89 -8.18 -109.25
C MET E 8 11.59 -9.48 -108.89
N ALA E 9 12.92 -9.57 -109.10
CA ALA E 9 13.66 -10.72 -108.61
C ALA E 9 13.85 -10.68 -107.10
N GLN E 10 13.78 -9.49 -106.50
CA GLN E 10 13.84 -9.32 -105.06
C GLN E 10 12.46 -9.64 -104.50
N THR E 11 12.28 -10.87 -104.00
CA THR E 11 10.96 -11.37 -103.64
C THR E 11 10.39 -10.76 -102.37
N ARG E 12 11.16 -9.96 -101.63
CA ARG E 12 10.64 -9.32 -100.43
C ARG E 12 9.70 -8.18 -100.74
N ILE E 13 9.97 -7.41 -101.80
CA ILE E 13 9.14 -6.27 -102.19
C ILE E 13 8.96 -6.26 -103.71
N ALA E 14 8.62 -7.43 -104.28
CA ALA E 14 8.56 -7.54 -105.74
C ALA E 14 7.34 -6.86 -106.36
N PRO E 15 6.05 -7.26 -106.03
CA PRO E 15 4.96 -6.83 -106.91
C PRO E 15 4.42 -5.42 -106.64
N SER E 16 5.31 -4.45 -106.39
CA SER E 16 5.00 -3.02 -106.26
C SER E 16 3.93 -2.75 -105.20
N GLU E 17 4.24 -3.11 -103.96
CA GLU E 17 3.27 -2.99 -102.87
C GLU E 17 3.66 -1.91 -101.87
N GLU E 18 4.85 -1.98 -101.28
CA GLU E 18 5.26 -1.01 -100.27
C GLU E 18 6.78 -1.00 -100.20
N GLY E 19 7.36 0.19 -100.22
CA GLY E 19 8.80 0.33 -100.12
C GLY E 19 9.56 0.06 -101.40
N TYR E 20 8.88 0.07 -102.55
CA TYR E 20 9.56 -0.19 -103.82
C TYR E 20 10.18 1.07 -104.42
N ASP E 21 9.75 2.26 -103.98
CA ASP E 21 10.38 3.48 -104.44
C ASP E 21 11.58 3.87 -103.60
N ILE E 22 11.63 3.43 -102.34
CA ILE E 22 12.78 3.71 -101.50
C ILE E 22 13.94 2.79 -101.85
N ALA E 23 13.67 1.50 -102.03
CA ALA E 23 14.72 0.55 -102.40
C ALA E 23 15.23 0.74 -103.82
N LYS E 24 14.41 1.32 -104.71
CA LYS E 24 14.90 1.71 -106.02
C LYS E 24 15.91 2.85 -105.92
N LYS E 25 15.71 3.77 -104.98
CA LYS E 25 16.70 4.80 -104.72
C LYS E 25 17.95 4.25 -104.04
N GLY E 26 17.85 3.09 -103.40
CA GLY E 26 18.99 2.48 -102.74
C GLY E 26 19.95 1.81 -103.69
N VAL E 27 19.41 1.17 -104.72
CA VAL E 27 20.25 0.51 -105.72
C VAL E 27 20.97 1.54 -106.57
N ALA E 28 20.25 2.57 -107.02
CA ALA E 28 20.83 3.54 -107.95
C ALA E 28 21.85 4.46 -107.27
N ALA E 29 21.75 4.63 -105.95
CA ALA E 29 22.72 5.47 -105.26
C ALA E 29 24.04 4.74 -105.05
N PHE E 30 24.01 3.42 -104.86
CA PHE E 30 25.22 2.66 -104.60
C PHE E 30 26.05 2.47 -105.86
N ILE E 31 25.41 2.43 -107.03
CA ILE E 31 26.13 2.24 -108.28
C ILE E 31 26.90 3.51 -108.66
N GLU E 32 26.39 4.68 -108.28
CA GLU E 32 27.03 5.94 -108.62
C GLU E 32 28.34 6.13 -107.87
N ASN E 33 28.48 5.52 -106.69
CA ASN E 33 29.73 5.58 -105.93
C ASN E 33 30.55 4.31 -106.07
N LEU E 34 30.05 3.30 -106.80
CA LEU E 34 30.75 2.04 -106.94
C LEU E 34 31.98 2.14 -107.84
N MET E 35 32.02 3.14 -108.72
CA MET E 35 33.09 3.25 -109.72
C MET E 35 34.43 3.69 -109.13
N GLY E 36 34.47 4.09 -107.86
CA GLY E 36 35.75 4.38 -107.23
C GLY E 36 36.57 3.14 -106.95
N SER E 37 35.90 2.00 -106.74
CA SER E 37 36.59 0.72 -106.52
C SER E 37 35.66 -0.38 -106.98
N GLN E 38 35.95 -0.99 -108.12
CA GLN E 38 35.11 -2.04 -108.68
C GLN E 38 35.33 -3.35 -107.94
N HIS E 39 34.24 -3.92 -107.44
CA HIS E 39 34.30 -5.20 -106.74
C HIS E 39 32.92 -5.85 -106.82
N SER E 40 32.91 -7.18 -106.89
CA SER E 40 31.68 -7.95 -107.08
C SER E 40 31.60 -9.07 -106.03
N ALA E 41 31.11 -8.71 -104.84
CA ALA E 41 30.84 -9.66 -103.77
C ALA E 41 29.95 -8.98 -102.74
N GLU E 42 28.81 -9.61 -102.43
CA GLU E 42 27.87 -9.04 -101.46
C GLU E 42 28.41 -8.85 -100.04
N PRO E 43 29.14 -9.80 -99.40
CA PRO E 43 29.61 -9.50 -98.04
C PRO E 43 30.71 -8.46 -97.98
N VAL E 44 31.51 -8.31 -99.04
CA VAL E 44 32.41 -7.17 -99.11
C VAL E 44 31.61 -5.90 -99.37
N ASN E 45 30.53 -6.02 -100.16
CA ASN E 45 29.63 -4.88 -100.36
C ASN E 45 28.88 -4.53 -99.09
N LYS E 46 28.61 -5.49 -98.21
CA LYS E 46 28.08 -5.16 -96.90
C LYS E 46 29.09 -4.40 -96.05
N SER E 47 30.39 -4.59 -96.34
CA SER E 47 31.39 -3.70 -95.78
C SER E 47 31.57 -2.45 -96.64
N LEU E 48 31.40 -2.56 -97.96
CA LEU E 48 31.53 -1.39 -98.82
C LEU E 48 30.36 -0.43 -98.66
N VAL E 49 29.18 -0.91 -98.29
CA VAL E 49 28.11 -0.02 -97.86
C VAL E 49 28.52 0.70 -96.58
N ASP E 50 29.10 -0.06 -95.63
CA ASP E 50 29.58 0.55 -94.38
C ASP E 50 30.78 1.45 -94.61
N GLN E 51 31.61 1.15 -95.61
CA GLN E 51 32.70 2.07 -95.95
C GLN E 51 32.20 3.29 -96.72
N MET E 52 30.97 3.25 -97.23
CA MET E 52 30.31 4.45 -97.75
C MET E 52 29.43 5.12 -96.71
N LEU E 53 29.36 4.57 -95.50
CA LEU E 53 28.67 5.23 -94.39
C LEU E 53 29.65 5.93 -93.44
N VAL E 54 30.85 5.36 -93.27
CA VAL E 54 31.86 6.03 -92.46
C VAL E 54 32.38 7.28 -93.15
N GLU E 55 32.60 7.20 -94.47
CA GLU E 55 32.99 8.38 -95.23
C GLU E 55 31.83 9.37 -95.37
N LEU E 56 30.59 8.88 -95.28
CA LEU E 56 29.44 9.77 -95.29
C LEU E 56 29.32 10.52 -93.96
N ASP E 57 29.57 9.84 -92.84
CA ASP E 57 29.51 10.48 -91.54
C ASP E 57 30.65 11.46 -91.34
N LYS E 58 31.76 11.30 -92.05
CA LYS E 58 32.79 12.33 -92.05
C LYS E 58 32.32 13.57 -92.81
N LYS E 59 31.40 13.41 -93.75
CA LYS E 59 30.85 14.56 -94.44
C LYS E 59 29.73 15.23 -93.66
N ILE E 60 28.95 14.46 -92.89
CA ILE E 60 27.79 15.03 -92.22
C ILE E 60 28.18 15.61 -90.87
N SER E 61 28.93 14.85 -90.06
CA SER E 61 29.26 15.31 -88.72
C SER E 61 30.24 16.47 -88.73
N ALA E 62 31.03 16.61 -89.79
CA ALA E 62 31.84 17.82 -89.93
C ALA E 62 31.00 19.02 -90.29
N GLN E 63 29.83 18.81 -90.88
CA GLN E 63 28.90 19.91 -91.10
C GLN E 63 28.07 20.19 -89.87
N MET E 64 27.68 19.14 -89.13
CA MET E 64 26.92 19.32 -87.90
C MET E 64 27.79 19.67 -86.70
N ASP E 65 29.10 19.77 -86.87
CA ASP E 65 29.93 20.48 -85.93
C ASP E 65 30.17 21.92 -86.37
N GLU E 66 29.49 22.36 -87.41
CA GLU E 66 29.55 23.73 -87.87
C GLU E 66 28.21 24.42 -87.93
N ILE E 67 27.12 23.68 -88.13
CA ILE E 67 25.80 24.25 -87.92
C ILE E 67 25.54 24.43 -86.44
N LEU E 68 26.01 23.49 -85.63
CA LEU E 68 26.14 23.72 -84.20
C LEU E 68 27.41 24.54 -83.95
N HIS E 69 27.69 24.79 -82.67
CA HIS E 69 28.95 25.41 -82.19
C HIS E 69 29.16 26.82 -82.76
N ASN E 70 28.08 27.50 -83.11
CA ASN E 70 28.13 28.83 -83.68
C ASN E 70 27.81 29.85 -82.58
N SER E 71 28.37 31.05 -82.71
CA SER E 71 28.23 32.07 -81.67
C SER E 71 26.80 32.58 -81.56
N GLN E 72 26.02 32.50 -82.64
CA GLN E 72 24.60 32.81 -82.54
C GLN E 72 23.80 31.63 -82.02
N PHE E 73 24.21 30.40 -82.37
CA PHE E 73 23.46 29.23 -81.94
C PHE E 73 23.77 28.88 -80.49
N GLN E 74 25.05 28.73 -80.15
CA GLN E 74 25.45 28.22 -78.85
C GLN E 74 25.12 29.19 -77.72
N ALA E 75 25.25 30.50 -77.97
CA ALA E 75 24.87 31.47 -76.96
C ALA E 75 23.36 31.54 -76.78
N MET E 76 22.60 31.16 -77.81
CA MET E 76 21.16 31.03 -77.69
C MET E 76 20.72 29.60 -77.42
N GLU E 77 21.66 28.67 -77.28
CA GLU E 77 21.33 27.35 -76.77
C GLU E 77 21.60 27.23 -75.28
N SER E 78 22.72 27.81 -74.82
CA SER E 78 23.05 27.78 -73.39
C SER E 78 22.09 28.66 -72.60
N ALA E 79 21.62 29.76 -73.19
CA ALA E 79 20.65 30.62 -72.53
C ALA E 79 19.26 30.05 -72.50
N TRP E 80 19.02 28.94 -73.20
CA TRP E 80 17.69 28.34 -73.26
C TRP E 80 17.65 26.91 -72.74
N ARG E 81 18.68 26.10 -73.01
CA ARG E 81 18.73 24.78 -72.38
C ARG E 81 19.11 24.90 -70.91
N GLY E 82 19.86 25.94 -70.55
CA GLY E 82 20.12 26.24 -69.15
C GLY E 82 18.88 26.64 -68.38
N LEU E 83 17.87 27.18 -69.07
CA LEU E 83 16.58 27.39 -68.44
C LEU E 83 15.91 26.06 -68.13
N LYS E 84 16.06 25.07 -69.02
CA LYS E 84 15.46 23.76 -68.78
C LYS E 84 16.10 23.06 -67.58
N LEU E 85 17.38 23.32 -67.33
CA LEU E 85 18.00 22.87 -66.09
C LEU E 85 17.47 23.61 -64.88
N PHE E 86 16.91 24.80 -65.06
CA PHE E 86 16.25 25.46 -63.95
C PHE E 86 14.79 25.07 -63.83
N VAL E 87 14.19 24.55 -64.89
CA VAL E 87 12.80 24.11 -64.80
C VAL E 87 12.71 22.67 -64.30
N ASP E 88 13.64 21.81 -64.72
CA ASP E 88 13.56 20.39 -64.38
C ASP E 88 13.90 20.12 -62.91
N ARG E 89 14.76 20.93 -62.30
CA ARG E 89 15.17 20.65 -60.93
C ARG E 89 14.18 21.19 -59.92
N THR E 90 13.62 22.38 -60.16
CA THR E 90 12.77 23.04 -59.19
C THR E 90 11.37 22.41 -59.19
N ASP E 91 10.91 22.03 -58.01
CA ASP E 91 9.63 21.33 -57.89
C ASP E 91 8.52 22.37 -57.91
N PHE E 92 7.82 22.48 -59.03
CA PHE E 92 6.73 23.44 -59.16
C PHE E 92 5.49 23.05 -58.40
N ARG E 93 5.40 21.80 -57.94
CA ARG E 93 4.30 21.44 -57.05
C ARG E 93 4.48 22.02 -55.65
N GLU E 94 5.70 22.30 -55.25
CA GLU E 94 5.97 22.84 -53.92
C GLU E 94 6.03 24.36 -53.91
N ASN E 95 5.00 24.99 -54.48
CA ASN E 95 4.77 26.44 -54.46
C ASN E 95 5.96 27.23 -55.03
N ASN E 96 6.20 27.03 -56.31
CA ASN E 96 7.25 27.75 -57.02
C ASN E 96 6.74 28.17 -58.39
N LYS E 97 7.04 29.39 -58.78
CA LYS E 97 6.77 29.87 -60.13
C LYS E 97 7.98 30.65 -60.59
N VAL E 98 8.14 30.74 -61.91
CA VAL E 98 9.28 31.47 -62.48
C VAL E 98 8.83 32.23 -63.71
N GLU E 99 9.10 33.53 -63.73
CA GLU E 99 8.77 34.38 -64.86
C GLU E 99 9.96 34.48 -65.79
N ILE E 100 9.66 34.62 -67.07
CA ILE E 100 10.66 34.64 -68.14
C ILE E 100 10.53 35.95 -68.89
N LEU E 101 11.58 36.77 -68.85
CA LEU E 101 11.57 38.08 -69.48
C LEU E 101 12.62 38.12 -70.58
N HIS E 102 12.19 38.47 -71.79
CA HIS E 102 13.09 38.68 -72.92
C HIS E 102 13.58 40.12 -72.91
N VAL E 103 14.80 40.33 -72.45
CA VAL E 103 15.52 41.56 -72.72
C VAL E 103 16.79 41.18 -73.45
N THR E 104 17.54 42.18 -73.89
CA THR E 104 18.94 41.99 -74.16
C THR E 104 19.73 42.88 -73.21
N LYS E 105 20.99 42.51 -73.00
CA LYS E 105 21.81 43.18 -72.00
C LYS E 105 22.14 44.61 -72.39
N ASP E 106 22.22 44.89 -73.68
CA ASP E 106 22.43 46.27 -74.12
C ASP E 106 21.13 47.06 -74.07
N GLU E 107 19.98 46.40 -74.17
CA GLU E 107 18.71 47.10 -74.08
C GLU E 107 18.42 47.53 -72.66
N LEU E 108 18.93 46.78 -71.68
CA LEU E 108 18.51 46.99 -70.30
C LEU E 108 19.12 48.24 -69.70
N LEU E 109 20.38 48.52 -70.02
CA LEU E 109 21.00 49.76 -69.56
C LEU E 109 20.38 50.97 -70.23
N GLU E 110 19.99 50.83 -71.51
CA GLU E 110 19.25 51.88 -72.20
C GLU E 110 17.90 52.13 -71.56
N ASP E 111 17.27 51.07 -71.04
CA ASP E 111 15.99 51.21 -70.35
C ASP E 111 16.13 51.87 -68.98
N PHE E 112 17.30 51.76 -68.36
CA PHE E 112 17.56 52.56 -67.18
C PHE E 112 18.01 53.97 -67.54
N GLU E 113 18.57 54.17 -68.72
CA GLU E 113 18.80 55.49 -69.26
C GLU E 113 17.50 56.11 -69.76
N PHE E 114 16.49 55.28 -70.02
CA PHE E 114 15.18 55.73 -70.50
C PHE E 114 14.47 56.58 -69.46
N ALA E 115 14.34 56.06 -68.24
CA ALA E 115 13.62 56.80 -67.21
C ALA E 115 14.58 57.69 -66.42
N PRO E 116 14.10 58.86 -65.95
CA PRO E 116 14.96 59.71 -65.13
C PRO E 116 15.22 59.16 -63.75
N GLU E 117 14.38 58.27 -63.26
CA GLU E 117 14.55 57.64 -61.95
C GLU E 117 14.32 56.15 -62.09
N THR E 118 15.03 55.36 -61.27
CA THR E 118 14.88 53.91 -61.28
C THR E 118 13.48 53.47 -60.87
N ALA E 119 12.75 54.31 -60.14
CA ALA E 119 11.37 54.05 -59.74
C ALA E 119 10.36 54.34 -60.85
N GLN E 120 10.82 54.65 -62.07
CA GLN E 120 9.93 54.77 -63.21
C GLN E 120 10.43 53.98 -64.41
N SER E 121 11.36 53.05 -64.20
CA SER E 121 11.97 52.31 -65.30
C SER E 121 11.01 51.27 -65.85
N GLY E 122 11.43 50.61 -66.93
CA GLY E 122 10.64 49.52 -67.48
C GLY E 122 10.91 48.20 -66.81
N LEU E 123 12.11 48.01 -66.27
CA LEU E 123 12.37 46.81 -65.48
C LEU E 123 11.76 46.90 -64.10
N TYR E 124 11.62 48.12 -63.58
CA TYR E 124 10.92 48.35 -62.32
C TYR E 124 9.45 47.99 -62.43
N LYS E 125 8.89 48.04 -63.63
CA LYS E 125 7.50 47.64 -63.80
C LYS E 125 7.34 46.13 -63.66
N HIS E 126 8.31 45.36 -64.12
CA HIS E 126 8.17 43.91 -64.10
C HIS E 126 8.70 43.28 -62.82
N VAL E 127 9.63 43.94 -62.13
CA VAL E 127 10.15 43.40 -60.88
C VAL E 127 9.28 43.81 -59.71
N TYR E 128 8.96 45.09 -59.62
CA TYR E 128 8.24 45.62 -58.47
C TYR E 128 6.72 45.61 -58.70
N SER E 129 6.26 46.35 -59.70
CA SER E 129 4.85 46.70 -59.74
C SER E 129 3.96 45.58 -60.28
N ALA E 130 4.43 44.81 -61.26
CA ALA E 130 3.62 43.71 -61.74
C ALA E 130 3.65 42.52 -60.79
N GLY E 131 4.60 42.49 -59.88
CA GLY E 131 4.73 41.42 -58.92
C GLY E 131 4.42 41.91 -57.52
N TYR E 132 5.48 42.32 -56.83
CA TYR E 132 5.44 42.69 -55.43
C TYR E 132 4.52 43.88 -55.15
N GLY E 133 4.64 44.94 -55.94
CA GLY E 133 3.78 46.09 -55.75
C GLY E 133 2.43 45.94 -56.41
N GLN E 134 1.66 44.96 -55.97
CA GLN E 134 0.41 44.61 -56.63
C GLN E 134 -0.48 43.92 -55.61
N PHE E 135 -1.74 44.31 -55.55
CA PHE E 135 -2.68 43.68 -54.64
C PHE E 135 -2.95 42.25 -55.09
N GLY E 136 -2.54 41.29 -54.28
CA GLY E 136 -2.74 39.89 -54.55
C GLY E 136 -1.71 39.26 -55.45
N GLY E 137 -0.88 40.04 -56.13
CA GLY E 137 0.12 39.48 -57.01
C GLY E 137 1.26 38.84 -56.23
N GLU E 138 1.80 37.78 -56.81
CA GLU E 138 2.90 37.07 -56.17
C GLU E 138 4.18 37.88 -56.27
N PRO E 139 4.93 38.03 -55.20
CA PRO E 139 6.10 38.91 -55.21
C PRO E 139 7.35 38.17 -55.68
N VAL E 140 8.36 38.96 -56.02
CA VAL E 140 9.55 38.45 -56.69
C VAL E 140 10.61 38.10 -55.67
N GLY E 141 11.09 36.86 -55.70
CA GLY E 141 12.12 36.43 -54.80
C GLY E 141 13.51 36.84 -55.21
N ALA E 142 13.89 36.57 -56.47
CA ALA E 142 15.23 36.90 -56.94
C ALA E 142 15.19 37.10 -58.44
N ILE E 143 16.19 37.81 -58.95
CA ILE E 143 16.33 38.08 -60.37
C ILE E 143 17.54 37.34 -60.90
N ILE E 144 17.32 36.36 -61.76
CA ILE E 144 18.42 35.65 -62.41
C ILE E 144 18.92 36.51 -63.56
N GLY E 145 20.17 36.91 -63.48
CA GLY E 145 20.79 37.63 -64.58
C GLY E 145 21.56 36.70 -65.47
N ASN E 146 21.10 36.52 -66.71
CA ASN E 146 21.72 35.60 -67.66
C ASN E 146 22.78 36.35 -68.48
N TYR E 147 23.69 37.00 -67.76
CA TYR E 147 24.57 38.00 -68.32
C TYR E 147 26.02 37.59 -68.14
N ALA E 148 26.91 38.34 -68.76
CA ALA E 148 28.36 38.15 -68.62
C ALA E 148 28.94 39.52 -68.34
N PHE E 149 29.20 39.82 -67.08
CA PHE E 149 29.55 41.17 -66.67
C PHE E 149 31.03 41.46 -66.86
N THR E 150 31.31 42.62 -67.42
CA THR E 150 32.62 43.23 -67.51
C THR E 150 32.77 44.23 -66.37
N PRO E 151 33.98 44.69 -66.08
CA PRO E 151 34.11 45.77 -65.09
C PRO E 151 34.04 47.16 -65.69
N SER E 152 33.55 47.27 -66.92
CA SER E 152 33.52 48.56 -67.60
C SER E 152 32.36 49.40 -67.09
N THR E 153 32.31 50.65 -67.54
CA THR E 153 31.28 51.62 -67.19
C THR E 153 29.88 51.23 -67.66
N PRO E 154 29.64 50.65 -68.86
CA PRO E 154 28.27 50.17 -69.14
C PRO E 154 27.84 48.93 -68.37
N ASP E 155 28.69 48.36 -67.51
CA ASP E 155 28.27 47.26 -66.65
C ASP E 155 28.40 47.56 -65.16
N MET E 156 29.04 48.66 -64.78
CA MET E 156 28.93 49.15 -63.42
C MET E 156 27.84 50.20 -63.29
N LYS E 157 27.37 50.77 -64.39
CA LYS E 157 26.19 51.61 -64.35
C LYS E 157 24.92 50.77 -64.29
N LEU E 158 24.95 49.57 -64.87
CA LEU E 158 23.81 48.68 -64.77
C LEU E 158 23.64 48.16 -63.36
N LEU E 159 24.73 47.71 -62.73
CA LEU E 159 24.62 47.15 -61.38
C LEU E 159 24.33 48.21 -60.34
N GLN E 160 24.71 49.46 -60.59
CA GLN E 160 24.27 50.53 -59.72
C GLN E 160 22.77 50.73 -59.82
N TYR E 161 22.22 50.51 -60.99
CA TYR E 161 20.78 50.59 -61.22
C TYR E 161 20.08 49.25 -61.01
N MET E 162 20.81 48.21 -60.65
CA MET E 162 20.17 46.97 -60.20
C MET E 162 20.26 46.78 -58.69
N GLY E 163 21.25 47.39 -58.04
CA GLY E 163 21.26 47.42 -56.59
C GLY E 163 20.18 48.32 -56.04
N ALA E 164 19.89 49.42 -56.74
CA ALA E 164 18.79 50.29 -56.33
C ALA E 164 17.44 49.66 -56.64
N LEU E 165 17.36 48.86 -57.71
CA LEU E 165 16.13 48.14 -57.97
C LEU E 165 15.95 46.99 -56.98
N GLY E 166 17.04 46.33 -56.60
CA GLY E 166 16.96 45.26 -55.63
C GLY E 166 16.67 45.72 -54.22
N ALA E 167 16.94 46.98 -53.92
CA ALA E 167 16.61 47.52 -52.62
C ALA E 167 15.19 48.05 -52.54
N MET E 168 14.49 48.12 -53.66
CA MET E 168 13.10 48.56 -53.63
C MET E 168 12.14 47.39 -53.60
N ALA E 169 12.40 46.34 -54.36
CA ALA E 169 11.52 45.19 -54.42
C ALA E 169 11.97 44.06 -53.50
N HIS E 170 13.05 44.27 -52.73
CA HIS E 170 13.61 43.31 -51.78
C HIS E 170 13.96 41.99 -52.44
N ALA E 171 14.64 42.07 -53.57
CA ALA E 171 15.01 40.86 -54.28
C ALA E 171 16.42 41.01 -54.82
N PRO E 172 17.35 40.16 -54.43
CA PRO E 172 18.72 40.31 -54.91
C PRO E 172 18.86 39.86 -56.35
N PHE E 173 19.69 40.58 -57.09
CA PHE E 173 19.93 40.31 -58.51
C PHE E 173 21.17 39.42 -58.61
N ILE E 174 20.97 38.17 -59.01
CA ILE E 174 22.05 37.22 -59.15
C ILE E 174 22.40 37.05 -60.63
N SER E 175 23.68 37.22 -60.93
CA SER E 175 24.21 37.11 -62.28
C SER E 175 25.64 36.59 -62.17
N SER E 176 26.42 36.71 -63.22
CA SER E 176 27.77 36.21 -63.18
C SER E 176 28.74 37.19 -63.83
N VAL E 177 29.99 37.11 -63.39
CA VAL E 177 31.07 37.83 -64.01
C VAL E 177 31.69 36.94 -65.08
N GLY E 178 32.37 37.58 -66.03
CA GLY E 178 32.96 36.85 -67.12
C GLY E 178 34.42 36.56 -66.90
N PRO E 179 35.05 35.88 -67.88
CA PRO E 179 36.51 35.73 -67.83
C PRO E 179 37.22 37.06 -67.86
N GLU E 180 36.77 37.97 -68.72
CA GLU E 180 37.38 39.29 -68.87
C GLU E 180 37.18 40.18 -67.65
N PHE E 181 36.33 39.77 -66.71
CA PHE E 181 36.21 40.50 -65.45
C PHE E 181 37.48 40.38 -64.64
N PHE E 182 38.06 39.18 -64.60
CA PHE E 182 39.31 39.00 -63.89
C PHE E 182 40.52 39.41 -64.71
N GLY E 183 40.35 39.70 -66.00
CA GLY E 183 41.44 40.11 -66.84
C GLY E 183 42.31 38.96 -67.31
N ILE E 184 41.69 37.88 -67.78
CA ILE E 184 42.43 36.72 -68.25
C ILE E 184 42.10 36.33 -69.68
N ASP E 185 40.94 36.75 -70.22
CA ASP E 185 40.52 36.62 -71.62
C ASP E 185 40.37 35.18 -72.12
N SER E 186 40.57 34.20 -71.24
CA SER E 186 40.46 32.78 -71.50
C SER E 186 40.41 32.14 -70.12
N PHE E 187 39.40 31.32 -69.85
CA PHE E 187 39.02 31.15 -68.45
C PHE E 187 39.85 30.13 -67.69
N GLU E 188 40.39 29.11 -68.35
CA GLU E 188 41.02 28.00 -67.63
C GLU E 188 42.36 28.35 -66.99
N GLU E 189 42.80 29.61 -67.07
CA GLU E 189 43.99 30.06 -66.36
C GLU E 189 43.65 30.82 -65.09
N LEU E 190 42.56 30.47 -64.43
CA LEU E 190 42.20 31.13 -63.18
C LEU E 190 42.99 30.64 -61.96
N PRO E 191 43.28 29.34 -61.75
CA PRO E 191 44.15 28.98 -60.61
C PRO E 191 45.59 29.42 -60.76
N ASN E 192 46.01 29.84 -61.95
CA ASN E 192 47.34 30.37 -62.13
C ASN E 192 47.50 31.74 -61.47
N ILE E 193 46.40 32.40 -61.14
CA ILE E 193 46.45 33.69 -60.45
C ILE E 193 46.99 33.47 -59.04
N LYS E 194 48.13 34.06 -58.74
CA LYS E 194 48.79 33.85 -57.47
C LYS E 194 48.47 34.90 -56.43
N ASP E 195 47.84 36.01 -56.82
CA ASP E 195 47.42 37.02 -55.86
C ASP E 195 46.21 37.73 -56.48
N LEU E 196 45.01 37.35 -56.03
CA LEU E 196 43.78 37.92 -56.54
C LEU E 196 43.32 39.13 -55.72
N LYS E 197 43.87 39.31 -54.53
CA LYS E 197 43.55 40.49 -53.73
C LYS E 197 44.13 41.76 -54.36
N SER E 198 45.33 41.67 -54.91
CA SER E 198 45.94 42.84 -55.53
C SER E 198 45.36 43.15 -56.89
N THR E 199 44.71 42.17 -57.53
CA THR E 199 44.08 42.41 -58.82
C THR E 199 42.88 43.34 -58.67
N PHE E 200 42.15 43.21 -57.58
CA PHE E 200 40.95 44.01 -57.36
C PHE E 200 41.24 45.42 -56.84
N GLU E 201 42.49 45.68 -56.44
CA GLU E 201 42.91 47.02 -55.99
C GLU E 201 43.65 47.77 -57.08
N SER E 202 43.24 47.58 -58.35
CA SER E 202 43.67 48.20 -59.60
C SER E 202 42.78 49.37 -59.96
N PRO E 203 43.32 50.41 -60.62
CA PRO E 203 42.48 51.56 -60.99
C PRO E 203 41.50 51.28 -62.12
N LYS E 204 41.51 50.10 -62.72
CA LYS E 204 40.45 49.74 -63.65
C LYS E 204 39.14 49.48 -62.91
N TYR E 205 39.23 49.12 -61.63
CA TYR E 205 38.08 48.72 -60.83
C TYR E 205 37.65 49.83 -59.88
N THR E 206 37.73 51.10 -60.28
CA THR E 206 37.27 52.18 -59.40
C THR E 206 35.76 52.21 -59.37
N LYS E 207 35.09 51.82 -60.45
CA LYS E 207 33.65 51.67 -60.46
C LYS E 207 33.19 50.32 -59.92
N TRP E 208 34.10 49.47 -59.47
CA TRP E 208 33.78 48.26 -58.75
C TRP E 208 33.93 48.43 -57.24
N ARG E 209 35.05 49.01 -56.80
CA ARG E 209 35.27 49.22 -55.38
C ARG E 209 34.39 50.34 -54.82
N SER E 210 33.82 51.18 -55.68
CA SER E 210 32.80 52.12 -55.23
C SER E 210 31.41 51.51 -55.28
N LEU E 211 31.20 50.49 -56.10
CA LEU E 211 29.95 49.75 -56.06
C LEU E 211 29.85 48.93 -54.78
N ARG E 212 30.97 48.34 -54.35
CA ARG E 212 30.98 47.47 -53.18
C ARG E 212 30.70 48.23 -51.90
N GLU E 213 31.21 49.45 -51.78
CA GLU E 213 30.99 50.24 -50.58
C GLU E 213 29.57 50.77 -50.47
N SER E 214 28.80 50.74 -51.55
CA SER E 214 27.48 51.35 -51.57
C SER E 214 26.50 50.53 -50.73
N GLU E 215 25.43 51.21 -50.30
CA GLU E 215 24.48 50.61 -49.38
C GLU E 215 23.56 49.63 -50.09
N ASP E 216 23.10 49.97 -51.28
CA ASP E 216 22.18 49.11 -52.01
C ASP E 216 22.87 47.98 -52.73
N ALA E 217 24.18 47.79 -52.57
CA ALA E 217 24.88 46.65 -53.15
C ALA E 217 24.59 45.35 -52.42
N ARG E 218 23.87 45.43 -51.30
CA ARG E 218 23.50 44.27 -50.50
C ARG E 218 22.64 43.30 -51.28
N TYR E 219 21.90 43.79 -52.27
CA TYR E 219 21.00 43.00 -53.09
C TYR E 219 21.62 42.65 -54.43
N LEU E 220 22.92 42.37 -54.44
CA LEU E 220 23.63 42.02 -55.67
C LEU E 220 24.64 40.92 -55.35
N GLY E 221 24.35 39.70 -55.80
CA GLY E 221 25.31 38.61 -55.78
C GLY E 221 25.76 38.32 -57.20
N LEU E 222 27.05 38.06 -57.37
CA LEU E 222 27.58 37.72 -58.68
C LEU E 222 28.27 36.36 -58.58
N THR E 223 27.84 35.43 -59.44
CA THR E 223 28.05 34.02 -59.19
C THR E 223 29.35 33.53 -59.82
N ALA E 224 29.44 32.22 -59.97
CA ALA E 224 30.50 31.27 -60.21
C ALA E 224 31.21 31.40 -61.55
N PRO E 225 32.22 30.56 -61.85
CA PRO E 225 32.74 30.52 -63.23
C PRO E 225 31.75 30.29 -64.35
N ARG E 226 31.25 29.06 -64.52
CA ARG E 226 30.32 28.57 -65.54
C ARG E 226 30.12 27.10 -65.24
N PHE E 227 29.18 26.48 -65.93
CA PHE E 227 28.98 25.05 -65.74
C PHE E 227 28.47 24.44 -67.03
N LEU E 228 28.67 23.13 -67.15
CA LEU E 228 28.38 22.38 -68.36
C LEU E 228 26.91 22.01 -68.43
N LEU E 229 26.36 22.01 -69.65
CA LEU E 229 24.95 21.69 -69.88
C LEU E 229 24.74 20.42 -70.67
N ARG E 230 25.41 20.26 -71.79
CA ARG E 230 25.14 19.16 -72.72
C ARG E 230 26.36 18.29 -72.88
N VAL E 231 26.20 17.01 -72.58
CA VAL E 231 27.22 16.01 -72.96
C VAL E 231 27.26 15.91 -74.47
N PRO E 232 28.43 16.01 -75.10
CA PRO E 232 28.52 15.80 -76.55
C PRO E 232 28.15 14.36 -76.92
N TYR E 233 27.43 14.23 -78.03
CA TYR E 233 26.74 13.00 -78.37
C TYR E 233 27.74 11.93 -78.83
N ASP E 234 27.24 10.69 -78.87
CA ASP E 234 28.09 9.54 -79.12
C ASP E 234 27.21 8.43 -79.67
N PRO E 235 27.66 7.65 -80.65
CA PRO E 235 26.82 6.58 -81.19
C PRO E 235 26.61 5.39 -80.26
N ILE E 236 27.26 5.35 -79.10
CA ILE E 236 27.08 4.29 -78.11
C ILE E 236 26.43 4.82 -76.83
N GLU E 237 26.93 5.94 -76.32
CA GLU E 237 26.48 6.45 -75.03
C GLU E 237 25.14 7.17 -75.14
N ASN E 238 25.10 8.26 -75.90
CA ASN E 238 23.89 9.07 -76.08
C ASN E 238 23.62 9.17 -77.58
N PRO E 239 22.96 8.16 -78.15
CA PRO E 239 22.78 8.12 -79.61
C PRO E 239 21.66 9.04 -80.07
N VAL E 240 21.57 9.20 -81.38
CA VAL E 240 20.49 9.92 -82.01
C VAL E 240 19.74 8.96 -82.93
N LYS E 241 18.50 9.31 -83.25
CA LYS E 241 17.59 8.41 -83.95
C LYS E 241 17.98 8.30 -85.42
N SER E 242 18.23 7.05 -85.86
CA SER E 242 18.53 6.69 -87.25
C SER E 242 19.78 7.40 -87.78
N PHE E 243 20.74 7.66 -86.90
CA PHE E 243 21.98 8.34 -87.27
C PHE E 243 23.01 8.04 -86.19
N ASN E 244 24.29 8.09 -86.57
CA ASN E 244 25.40 7.94 -85.64
C ASN E 244 26.17 9.26 -85.64
N TYR E 245 26.13 9.97 -84.52
CA TYR E 245 26.68 11.32 -84.42
C TYR E 245 27.77 11.36 -83.34
N ALA E 246 29.02 11.45 -83.77
CA ALA E 246 30.15 11.63 -82.86
C ALA E 246 30.56 13.10 -82.94
N GLU E 247 30.21 13.86 -81.91
CA GLU E 247 30.49 15.30 -81.89
C GLU E 247 31.96 15.50 -81.58
N ASN E 248 32.74 15.82 -82.62
CA ASN E 248 34.19 15.98 -82.48
C ASN E 248 34.50 17.29 -81.78
N VAL E 249 34.69 17.23 -80.47
CA VAL E 249 35.02 18.41 -79.67
C VAL E 249 36.52 18.62 -79.73
N SER E 250 36.93 19.80 -80.20
CA SER E 250 38.34 20.10 -80.41
C SER E 250 38.99 20.50 -79.08
N ALA E 251 40.23 21.00 -79.17
CA ALA E 251 40.94 21.44 -77.99
C ALA E 251 40.38 22.74 -77.43
N SER E 252 39.63 23.50 -78.23
CA SER E 252 38.94 24.68 -77.72
C SER E 252 37.77 24.23 -76.86
N HIS E 253 37.80 24.60 -75.58
CA HIS E 253 36.71 24.25 -74.66
C HIS E 253 35.58 25.26 -74.70
N GLU E 254 35.54 26.14 -75.70
CA GLU E 254 34.38 26.99 -75.91
C GLU E 254 33.28 26.31 -76.69
N HIS E 255 33.54 25.13 -77.26
CA HIS E 255 32.54 24.43 -78.04
C HIS E 255 31.59 23.62 -77.18
N TYR E 256 31.98 23.28 -75.95
CA TYR E 256 31.05 22.73 -74.98
C TYR E 256 29.95 23.76 -74.68
N LEU E 257 28.74 23.25 -74.45
CA LEU E 257 27.61 24.13 -74.16
C LEU E 257 27.73 24.61 -72.72
N TRP E 258 28.49 25.67 -72.52
CA TRP E 258 28.68 26.19 -71.19
C TRP E 258 27.56 27.13 -70.81
N GLY E 259 26.84 26.82 -69.74
CA GLY E 259 25.73 27.62 -69.29
C GLY E 259 26.17 28.77 -68.39
N ASN E 260 25.17 29.47 -67.87
CA ASN E 260 25.40 30.57 -66.93
C ASN E 260 24.98 30.12 -65.54
N THR E 261 25.83 30.37 -64.55
CA THR E 261 25.63 29.76 -63.23
C THR E 261 24.61 30.50 -62.39
N ALA E 262 24.08 31.63 -62.87
CA ALA E 262 22.92 32.23 -62.22
C ALA E 262 21.70 31.33 -62.31
N PHE E 263 21.64 30.48 -63.34
CA PHE E 263 20.71 29.36 -63.35
C PHE E 263 20.98 28.41 -62.20
N ALA E 264 22.23 27.98 -62.06
CA ALA E 264 22.55 26.92 -61.11
C ALA E 264 22.57 27.38 -59.66
N PHE E 265 22.83 28.67 -59.41
CA PHE E 265 22.74 29.16 -58.04
C PHE E 265 21.31 29.39 -57.61
N ALA E 266 20.44 29.79 -58.54
CA ALA E 266 19.03 29.88 -58.23
C ALA E 266 18.35 28.53 -58.17
N THR E 267 19.02 27.47 -58.62
CA THR E 267 18.52 26.13 -58.35
C THR E 267 18.55 25.84 -56.86
N ARG E 268 19.58 26.35 -56.16
CA ARG E 268 19.68 26.15 -54.72
C ARG E 268 18.85 27.12 -53.91
N LEU E 269 18.48 28.26 -54.49
CA LEU E 269 17.48 29.11 -53.83
C LEU E 269 16.12 28.43 -53.81
N THR E 270 15.82 27.67 -54.84
CA THR E 270 14.48 27.12 -54.97
C THR E 270 14.39 25.71 -54.38
N ASP E 271 15.44 24.91 -54.52
CA ASP E 271 15.43 23.61 -53.87
C ASP E 271 15.61 23.71 -52.37
N SER E 272 16.04 24.85 -51.85
CA SER E 272 15.90 25.10 -50.42
C SER E 272 14.50 25.53 -50.06
N PHE E 273 13.81 26.24 -50.95
CA PHE E 273 12.46 26.66 -50.64
C PHE E 273 11.46 25.51 -50.78
N ALA E 274 11.73 24.56 -51.66
CA ALA E 274 10.80 23.46 -51.84
C ALA E 274 10.84 22.46 -50.70
N LYS E 275 11.82 22.56 -49.80
CA LYS E 275 11.96 21.65 -48.68
C LYS E 275 11.57 22.26 -47.35
N TYR E 276 11.99 23.50 -47.09
CA TYR E 276 11.80 24.13 -45.79
C TYR E 276 10.93 25.38 -45.84
N ARG E 277 10.49 25.81 -47.03
CA ARG E 277 9.71 27.04 -47.26
C ARG E 277 10.43 28.29 -46.77
N TRP E 278 11.75 28.26 -46.77
CA TRP E 278 12.59 29.42 -46.56
C TRP E 278 13.82 29.24 -47.43
N CYS E 279 14.74 30.19 -47.35
CA CYS E 279 16.03 30.07 -48.04
C CYS E 279 17.17 30.76 -47.28
N PRO E 280 17.65 30.16 -46.19
CA PRO E 280 19.05 30.43 -45.82
C PRO E 280 19.97 29.30 -46.24
N ASN E 281 19.41 28.19 -46.72
CA ASN E 281 20.15 26.95 -46.93
C ASN E 281 20.68 26.89 -48.35
N ILE E 282 21.77 27.62 -48.59
CA ILE E 282 22.36 27.66 -49.92
C ILE E 282 23.88 27.49 -49.91
N ILE E 283 24.50 27.24 -48.76
CA ILE E 283 25.94 27.24 -48.70
C ILE E 283 26.52 25.92 -48.19
N GLY E 284 25.83 24.81 -48.40
CA GLY E 284 26.28 23.55 -47.86
C GLY E 284 26.50 22.45 -48.87
N PRO E 285 27.71 21.86 -48.88
CA PRO E 285 27.93 20.65 -49.69
C PRO E 285 27.12 19.47 -49.22
N GLN E 286 26.73 19.44 -47.95
CA GLN E 286 25.75 18.48 -47.46
C GLN E 286 24.56 19.19 -46.81
N SER E 287 24.38 20.47 -47.10
CA SER E 287 23.34 21.24 -46.43
C SER E 287 22.64 22.20 -47.37
N GLY E 288 22.59 21.90 -48.66
CA GLY E 288 21.79 22.64 -49.60
C GLY E 288 22.50 23.63 -50.50
N GLY E 289 23.81 23.47 -50.70
CA GLY E 289 24.49 24.30 -51.68
C GLY E 289 25.23 23.43 -52.66
N ALA E 290 24.78 22.18 -52.80
CA ALA E 290 25.45 21.19 -53.63
C ALA E 290 24.73 21.06 -54.96
N VAL E 291 25.31 21.63 -56.01
CA VAL E 291 24.77 21.48 -57.36
C VAL E 291 25.14 20.08 -57.83
N GLU E 292 24.18 19.16 -57.76
CA GLU E 292 24.43 17.78 -58.12
C GLU E 292 24.00 17.53 -59.57
N ASP E 293 24.35 16.33 -60.05
CA ASP E 293 23.98 15.82 -61.38
C ASP E 293 24.51 16.73 -62.50
N LEU E 294 25.78 17.05 -62.42
CA LEU E 294 26.37 17.80 -63.51
C LEU E 294 26.70 16.88 -64.67
N PRO E 295 26.71 17.39 -65.90
CA PRO E 295 27.18 16.60 -67.03
C PRO E 295 28.69 16.39 -66.98
N VAL E 296 29.12 15.17 -67.28
CA VAL E 296 30.53 14.84 -67.38
C VAL E 296 30.81 14.27 -68.77
N HIS E 297 32.06 14.41 -69.19
CA HIS E 297 32.48 13.97 -70.52
C HIS E 297 33.83 13.29 -70.37
N VAL E 298 33.82 11.97 -70.28
CA VAL E 298 35.05 11.19 -70.14
C VAL E 298 35.70 11.11 -71.51
N PHE E 299 36.87 11.73 -71.66
CA PHE E 299 37.61 11.67 -72.90
C PHE E 299 39.03 11.19 -72.61
N GLU E 300 39.77 10.94 -73.69
CA GLU E 300 41.14 10.45 -73.57
C GLU E 300 42.11 11.61 -73.49
N SER E 301 42.88 11.66 -72.41
CA SER E 301 43.93 12.65 -72.24
C SER E 301 45.21 12.13 -72.86
N MET E 302 46.34 12.76 -72.53
CA MET E 302 47.65 12.33 -73.00
C MET E 302 48.08 11.05 -72.27
N GLY E 303 47.45 9.95 -72.67
CA GLY E 303 47.75 8.65 -72.10
C GLY E 303 46.68 8.10 -71.17
N ALA E 304 46.14 8.96 -70.30
CA ALA E 304 45.21 8.54 -69.28
C ALA E 304 43.77 8.74 -69.72
N LEU E 305 42.85 8.29 -68.88
CA LEU E 305 41.42 8.44 -69.10
C LEU E 305 40.90 9.38 -68.02
N GLN E 306 40.69 10.64 -68.37
CA GLN E 306 40.21 11.64 -67.43
C GLN E 306 38.81 12.09 -67.81
N SER E 307 38.26 12.99 -67.01
CA SER E 307 36.95 13.56 -67.24
C SER E 307 37.07 15.07 -67.42
N LYS E 308 36.27 15.62 -68.33
CA LYS E 308 36.19 17.06 -68.47
C LYS E 308 35.51 17.66 -67.25
N ILE E 309 36.14 18.68 -66.68
CA ILE E 309 35.62 19.29 -65.45
C ILE E 309 34.35 20.07 -65.75
N PRO E 310 33.25 19.80 -65.05
CA PRO E 310 31.99 20.45 -65.40
C PRO E 310 31.93 21.94 -65.09
N THR E 311 32.74 22.43 -64.17
CA THR E 311 33.05 23.86 -64.11
C THR E 311 34.43 24.04 -64.70
N GLU E 312 34.66 25.18 -65.35
CA GLU E 312 35.81 25.30 -66.24
C GLU E 312 37.13 25.39 -65.51
N VAL E 313 37.13 25.68 -64.22
CA VAL E 313 38.35 25.64 -63.43
C VAL E 313 38.07 24.82 -62.17
N LEU E 314 39.14 24.29 -61.59
CA LEU E 314 39.07 23.65 -60.28
C LEU E 314 39.43 24.71 -59.26
N ILE E 315 38.41 25.26 -58.60
CA ILE E 315 38.62 26.30 -57.62
C ILE E 315 39.15 25.65 -56.34
N THR E 316 40.33 26.09 -55.90
CA THR E 316 40.88 25.58 -54.67
C THR E 316 40.17 26.20 -53.47
N ASP E 317 40.55 25.76 -52.27
CA ASP E 317 39.90 26.29 -51.09
C ASP E 317 40.42 27.69 -50.74
N ARG E 318 41.68 27.97 -51.04
CA ARG E 318 42.22 29.31 -50.79
C ARG E 318 41.72 30.29 -51.83
N LYS E 319 41.57 29.85 -53.08
CA LYS E 319 41.02 30.71 -54.12
C LYS E 319 39.56 31.03 -53.85
N GLU E 320 38.82 30.08 -53.29
CA GLU E 320 37.41 30.32 -53.01
C GLU E 320 37.25 31.22 -51.79
N PHE E 321 38.13 31.07 -50.79
CA PHE E 321 38.08 31.98 -49.65
C PHE E 321 38.51 33.38 -50.03
N GLU E 322 39.40 33.51 -51.01
CA GLU E 322 39.78 34.84 -51.47
C GLU E 322 38.68 35.45 -52.34
N LEU E 323 37.91 34.62 -53.03
CA LEU E 323 36.70 35.12 -53.70
C LEU E 323 35.60 35.42 -52.71
N ALA E 324 35.57 34.73 -51.57
CA ALA E 324 34.52 34.97 -50.58
C ALA E 324 34.72 36.31 -49.89
N GLU E 325 35.97 36.68 -49.64
CA GLU E 325 36.24 37.98 -49.03
C GLU E 325 36.00 39.12 -50.01
N GLU E 326 36.20 38.87 -51.30
CA GLU E 326 36.03 39.89 -52.32
C GLU E 326 34.65 39.88 -52.97
N GLY E 327 33.68 39.20 -52.36
CA GLY E 327 32.30 39.29 -52.80
C GLY E 327 31.98 38.51 -54.05
N PHE E 328 32.13 37.18 -53.99
CA PHE E 328 31.80 36.32 -55.11
C PHE E 328 31.22 35.02 -54.60
N ILE E 329 30.27 34.48 -55.33
CA ILE E 329 29.64 33.20 -54.99
C ILE E 329 30.29 32.17 -55.91
N ALA E 330 31.38 31.58 -55.45
CA ALA E 330 32.13 30.64 -56.27
C ALA E 330 31.60 29.23 -56.11
N LEU E 331 31.83 28.40 -57.13
CA LEU E 331 31.36 27.02 -57.17
C LEU E 331 32.57 26.10 -57.32
N THR E 332 33.05 25.57 -56.21
CA THR E 332 34.08 24.55 -56.27
C THR E 332 33.47 23.23 -56.74
N MET E 333 34.22 22.50 -57.54
CA MET E 333 33.73 21.28 -58.16
C MET E 333 34.37 20.09 -57.45
N ARG E 334 33.56 19.06 -57.20
CA ARG E 334 34.05 17.86 -56.53
C ARG E 334 34.88 17.06 -57.53
N LYS E 335 36.21 17.22 -57.43
CA LYS E 335 37.14 16.75 -58.45
C LYS E 335 37.10 15.24 -58.60
N GLY E 336 36.58 14.79 -59.73
CA GLY E 336 36.47 13.37 -60.01
C GLY E 336 35.06 12.84 -60.07
N SER E 337 34.06 13.70 -59.98
CA SER E 337 32.68 13.24 -60.03
C SER E 337 31.83 14.32 -60.67
N ASP E 338 30.52 14.18 -60.56
CA ASP E 338 29.56 15.06 -61.20
C ASP E 338 28.83 15.94 -60.19
N ASN E 339 29.54 16.38 -59.16
CA ASN E 339 28.95 17.21 -58.12
C ASN E 339 29.77 18.48 -57.97
N ALA E 340 29.16 19.45 -57.31
CA ALA E 340 29.83 20.71 -57.01
C ALA E 340 29.26 21.22 -55.70
N ALA E 341 29.73 22.38 -55.25
CA ALA E 341 29.28 22.90 -53.98
C ALA E 341 29.52 24.40 -53.91
N PHE E 342 28.58 25.10 -53.29
CA PHE E 342 28.82 26.47 -52.84
C PHE E 342 29.25 26.41 -51.38
N PHE E 343 30.01 27.40 -50.97
CA PHE E 343 30.48 27.47 -49.59
C PHE E 343 30.14 28.76 -48.89
N SER E 344 29.93 29.85 -49.62
CA SER E 344 29.63 31.14 -49.02
C SER E 344 28.93 31.99 -50.07
N ALA E 345 27.74 32.47 -49.74
CA ALA E 345 26.93 33.21 -50.70
C ALA E 345 27.04 34.70 -50.52
N ASN E 346 28.23 35.20 -50.17
CA ASN E 346 28.42 36.60 -49.82
C ASN E 346 28.12 37.53 -50.99
N SER E 347 27.31 38.55 -50.73
CA SER E 347 27.05 39.58 -51.72
C SER E 347 28.26 40.48 -51.84
N ILE E 348 28.21 41.38 -52.83
CA ILE E 348 29.38 42.19 -53.15
C ILE E 348 29.64 43.31 -52.15
N GLN E 349 28.81 43.45 -51.13
CA GLN E 349 28.96 44.57 -50.21
C GLN E 349 30.14 44.33 -49.30
N LYS E 350 30.84 45.39 -48.94
CA LYS E 350 32.00 45.21 -48.08
C LYS E 350 31.64 45.49 -46.63
N PRO E 351 32.15 44.69 -45.71
CA PRO E 351 31.94 44.96 -44.28
C PRO E 351 32.69 46.21 -43.86
N LYS E 352 31.95 47.27 -43.55
CA LYS E 352 32.58 48.55 -43.27
C LYS E 352 33.23 48.53 -41.90
N VAL E 353 34.49 48.95 -41.85
CA VAL E 353 35.22 48.96 -40.59
C VAL E 353 34.73 50.14 -39.76
N PHE E 354 34.20 49.83 -38.64
CA PHE E 354 33.69 50.77 -37.65
C PHE E 354 34.73 51.00 -36.56
N PRO E 355 34.75 52.17 -35.92
CA PRO E 355 35.79 52.46 -34.93
C PRO E 355 35.67 51.61 -33.68
N ASN E 356 36.77 51.54 -32.93
CA ASN E 356 36.89 50.59 -31.84
C ASN E 356 36.24 51.05 -30.55
N THR E 357 34.97 51.41 -30.61
CA THR E 357 34.21 51.70 -29.41
C THR E 357 33.48 50.45 -28.96
N LYS E 358 32.61 50.60 -27.97
CA LYS E 358 31.77 49.48 -27.56
C LYS E 358 30.68 49.22 -28.60
N GLU E 359 30.05 50.27 -29.08
CA GLU E 359 29.04 50.13 -30.12
C GLU E 359 29.64 49.88 -31.49
N GLY E 360 30.84 50.40 -31.74
CA GLY E 360 31.46 50.22 -33.05
C GLY E 360 31.94 48.81 -33.28
N LYS E 361 32.49 48.19 -32.25
CA LYS E 361 32.85 46.78 -32.35
C LYS E 361 31.62 45.90 -32.38
N GLU E 362 30.50 46.39 -31.87
CA GLU E 362 29.25 45.64 -31.96
C GLU E 362 28.61 45.82 -33.33
N ALA E 363 28.45 47.06 -33.78
CA ALA E 363 27.76 47.31 -35.05
C ALA E 363 28.54 46.83 -36.25
N GLU E 364 29.86 46.62 -36.12
CA GLU E 364 30.61 46.00 -37.20
C GLU E 364 30.17 44.56 -37.41
N THR E 365 29.91 43.84 -36.32
CA THR E 365 29.40 42.48 -36.44
C THR E 365 27.92 42.51 -36.83
N ASN E 366 27.23 43.60 -36.54
CA ASN E 366 25.85 43.74 -36.98
C ASN E 366 25.77 44.03 -38.47
N TYR E 367 26.62 44.92 -38.97
CA TYR E 367 26.64 45.23 -40.38
C TYR E 367 27.21 44.10 -41.22
N LYS E 368 28.01 43.23 -40.62
CA LYS E 368 28.55 42.08 -41.34
C LYS E 368 27.47 41.08 -41.69
N LEU E 369 26.44 40.97 -40.85
CA LEU E 369 25.37 40.03 -41.13
C LEU E 369 24.50 40.47 -42.28
N GLY E 370 24.50 41.75 -42.62
CA GLY E 370 23.71 42.21 -43.74
C GLY E 370 24.25 41.76 -45.07
N THR E 371 25.57 41.66 -45.20
CA THR E 371 26.18 41.46 -46.50
C THR E 371 26.15 40.02 -46.97
N GLN E 372 25.82 39.07 -46.09
CA GLN E 372 26.23 37.69 -46.38
C GLN E 372 25.29 36.97 -47.33
N LEU E 373 24.02 37.35 -47.38
CA LEU E 373 22.98 36.85 -48.28
C LEU E 373 22.71 35.33 -48.18
N PRO E 374 22.65 34.74 -46.99
CA PRO E 374 21.47 33.89 -46.85
C PRO E 374 20.51 34.60 -45.92
N TYR E 375 21.03 35.58 -45.20
CA TYR E 375 20.26 36.28 -44.19
C TYR E 375 19.38 37.36 -44.77
N MET E 376 19.73 37.89 -45.94
CA MET E 376 18.78 38.74 -46.64
C MET E 376 17.55 37.96 -47.06
N MET E 377 17.73 36.70 -47.44
CA MET E 377 16.61 35.96 -47.96
C MET E 377 15.67 35.48 -46.85
N ILE E 378 16.08 35.56 -45.58
CA ILE E 378 15.11 35.34 -44.51
C ILE E 378 14.48 36.63 -44.03
N ILE E 379 14.87 37.79 -44.56
CA ILE E 379 14.16 39.03 -44.31
C ILE E 379 13.59 39.64 -45.56
N ASN E 380 14.02 39.22 -46.75
CA ASN E 380 13.24 39.56 -47.93
C ASN E 380 11.87 38.90 -47.87
N ARG E 381 11.82 37.66 -47.37
CA ARG E 381 10.53 37.05 -47.11
C ARG E 381 9.79 37.75 -45.97
N LEU E 382 10.51 38.35 -45.04
CA LEU E 382 9.87 39.23 -44.07
C LEU E 382 9.69 40.64 -44.60
N ALA E 383 9.83 40.84 -45.91
CA ALA E 383 9.29 42.01 -46.55
C ALA E 383 8.23 41.63 -47.57
N HIS E 384 8.19 40.37 -47.98
CA HIS E 384 7.15 39.99 -48.91
C HIS E 384 5.90 39.48 -48.20
N TYR E 385 6.07 38.73 -47.10
CA TYR E 385 4.90 38.35 -46.32
C TYR E 385 4.24 39.55 -45.69
N VAL E 386 5.02 40.47 -45.14
CA VAL E 386 4.44 41.49 -44.29
C VAL E 386 3.83 42.59 -45.13
N LYS E 387 4.33 42.77 -46.36
CA LYS E 387 3.67 43.65 -47.31
C LYS E 387 2.32 43.10 -47.73
N VAL E 388 2.23 41.80 -47.93
CA VAL E 388 0.97 41.18 -48.32
C VAL E 388 0.01 41.11 -47.15
N LEU E 389 0.52 40.80 -45.96
CA LEU E 389 -0.35 40.54 -44.82
C LEU E 389 -0.97 41.82 -44.28
N GLN E 390 -0.22 42.92 -44.33
CA GLN E 390 -0.74 44.22 -43.93
C GLN E 390 -1.28 45.00 -45.11
N ARG E 391 -1.54 44.36 -46.23
CA ARG E 391 -2.29 44.99 -47.31
C ARG E 391 -3.77 44.67 -47.22
N GLU E 392 -4.10 43.45 -46.80
CA GLU E 392 -5.49 43.07 -46.58
C GLU E 392 -6.13 43.86 -45.46
N GLN E 393 -5.33 44.33 -44.50
CA GLN E 393 -5.87 44.91 -43.30
C GLN E 393 -6.34 46.35 -43.47
N ILE E 394 -6.05 47.00 -44.59
CA ILE E 394 -6.36 48.43 -44.77
C ILE E 394 -7.86 48.63 -44.76
N GLY E 395 -8.35 49.46 -43.86
CA GLY E 395 -9.77 49.65 -43.70
C GLY E 395 -10.38 48.94 -42.52
N ALA E 396 -9.57 48.25 -41.71
CA ALA E 396 -10.12 47.50 -40.60
C ALA E 396 -10.40 48.41 -39.41
N TRP E 397 -10.68 47.80 -38.28
CA TRP E 397 -10.87 48.51 -37.04
C TRP E 397 -9.81 48.00 -36.09
N LYS E 398 -8.70 48.74 -36.01
CA LYS E 398 -7.51 48.20 -35.36
C LYS E 398 -7.09 49.22 -34.32
N GLU E 399 -6.02 48.91 -33.58
CA GLU E 399 -5.39 49.85 -32.67
C GLU E 399 -3.88 49.66 -32.77
N ARG E 400 -3.15 50.52 -32.06
CA ARG E 400 -1.72 50.30 -31.94
C ARG E 400 -1.43 49.04 -31.13
N GLN E 401 -2.19 48.81 -30.06
CA GLN E 401 -2.07 47.56 -29.31
C GLN E 401 -2.52 46.38 -30.15
N ASP E 402 -3.48 46.58 -31.05
CA ASP E 402 -3.87 45.51 -31.94
C ASP E 402 -2.85 45.33 -33.05
N LEU E 403 -2.14 46.41 -33.42
CA LEU E 403 -1.10 46.27 -34.42
C LEU E 403 0.11 45.54 -33.85
N GLU E 404 0.43 45.77 -32.57
CA GLU E 404 1.51 45.05 -31.91
C GLU E 404 1.24 43.56 -31.83
N ARG E 405 -0.04 43.18 -31.69
CA ARG E 405 -0.42 41.80 -31.46
C ARG E 405 -0.57 41.00 -32.74
N GLU E 406 -1.08 41.62 -33.80
CA GLU E 406 -1.19 40.91 -35.08
C GLU E 406 0.15 40.67 -35.73
N LEU E 407 1.22 41.30 -35.26
CA LEU E 407 2.56 41.01 -35.73
C LEU E 407 3.35 40.13 -34.79
N ASN E 408 3.20 40.30 -33.48
CA ASN E 408 3.95 39.47 -32.54
C ASN E 408 3.43 38.05 -32.50
N SER E 409 2.11 37.87 -32.57
CA SER E 409 1.57 36.53 -32.66
C SER E 409 1.74 35.93 -34.04
N TRP E 410 2.13 36.73 -35.03
CA TRP E 410 2.41 36.21 -36.35
C TRP E 410 3.83 35.73 -36.51
N ILE E 411 4.83 36.53 -36.13
CA ILE E 411 6.21 36.14 -36.41
C ILE E 411 6.73 35.15 -35.38
N LYS E 412 6.03 34.95 -34.28
CA LYS E 412 6.47 33.94 -33.31
C LYS E 412 6.01 32.54 -33.66
N GLN E 413 5.62 32.30 -34.91
CA GLN E 413 5.64 30.97 -35.47
C GLN E 413 6.86 30.76 -36.35
N TYR E 414 7.68 31.80 -36.54
CA TYR E 414 8.94 31.71 -37.25
C TYR E 414 10.13 31.79 -36.30
N VAL E 415 9.88 31.98 -35.01
CA VAL E 415 10.92 32.21 -34.02
C VAL E 415 11.00 30.98 -33.14
N ALA E 416 12.19 30.38 -33.08
CA ALA E 416 12.46 29.28 -32.16
C ALA E 416 13.60 29.72 -31.26
N ASP E 417 13.27 30.46 -30.20
CA ASP E 417 14.27 31.05 -29.32
C ASP E 417 14.80 29.95 -28.42
N GLN E 418 15.79 29.23 -28.94
CA GLN E 418 16.22 27.98 -28.35
C GLN E 418 17.65 27.75 -28.76
N GLU E 419 18.47 27.28 -27.82
CA GLU E 419 19.90 27.22 -28.07
C GLU E 419 20.26 26.08 -29.02
N ASN E 420 19.63 24.93 -28.87
CA ASN E 420 19.88 23.78 -29.75
C ASN E 420 18.55 23.09 -30.08
N PRO E 421 17.78 23.62 -31.01
CA PRO E 421 16.61 22.90 -31.49
C PRO E 421 17.03 21.85 -32.49
N PRO E 422 16.16 20.92 -32.86
CA PRO E 422 16.50 19.94 -33.91
C PRO E 422 16.70 20.59 -35.26
N ALA E 423 17.22 19.80 -36.20
CA ALA E 423 17.62 20.31 -37.50
C ALA E 423 16.44 20.69 -38.38
N ASP E 424 15.23 20.31 -38.01
CA ASP E 424 14.04 20.75 -38.75
C ASP E 424 13.44 22.02 -38.16
N VAL E 425 13.58 22.22 -36.86
CA VAL E 425 13.06 23.43 -36.23
C VAL E 425 13.92 24.63 -36.59
N ARG E 426 15.19 24.40 -36.91
CA ARG E 426 16.08 25.49 -37.27
C ARG E 426 15.75 26.07 -38.63
N SER E 427 15.27 25.25 -39.56
CA SER E 427 15.06 25.72 -40.91
C SER E 427 13.61 26.02 -41.23
N ARG E 428 12.66 25.37 -40.56
CA ARG E 428 11.27 25.82 -40.66
C ARG E 428 11.07 27.15 -39.94
N ARG E 429 11.82 27.38 -38.86
CA ARG E 429 11.77 28.62 -38.09
C ARG E 429 13.16 29.24 -38.13
N PRO E 430 13.48 29.97 -39.20
CA PRO E 430 14.87 30.40 -39.40
C PRO E 430 15.29 31.53 -38.49
N LEU E 431 14.35 32.26 -37.92
CA LEU E 431 14.70 33.33 -37.00
C LEU E 431 15.02 32.73 -35.64
N ARG E 432 15.53 33.57 -34.75
CA ARG E 432 15.84 33.16 -33.40
C ARG E 432 15.24 34.09 -32.36
N ALA E 433 15.18 35.39 -32.63
CA ALA E 433 14.45 36.31 -31.78
C ALA E 433 14.00 37.50 -32.62
N ALA E 434 12.88 38.09 -32.24
CA ALA E 434 12.30 39.17 -33.03
C ALA E 434 11.65 40.18 -32.10
N ARG E 435 12.02 41.45 -32.26
CA ARG E 435 11.51 42.54 -31.47
C ARG E 435 10.66 43.43 -32.35
N ILE E 436 9.47 43.80 -31.88
CA ILE E 436 8.57 44.68 -32.64
C ILE E 436 8.15 45.81 -31.73
N GLU E 437 8.50 47.03 -32.11
CA GLU E 437 8.23 48.22 -31.31
C GLU E 437 7.40 49.17 -32.16
N VAL E 438 6.09 49.15 -31.96
CA VAL E 438 5.19 49.99 -32.74
C VAL E 438 5.10 51.36 -32.07
N MET E 439 5.33 52.41 -32.85
CA MET E 439 5.25 53.79 -32.39
C MET E 439 4.16 54.49 -33.19
N ASP E 440 4.03 55.79 -32.98
CA ASP E 440 3.01 56.58 -33.68
C ASP E 440 3.68 57.59 -34.60
N VAL E 441 2.83 58.32 -35.32
CA VAL E 441 3.25 59.52 -36.05
C VAL E 441 2.31 60.64 -35.62
N GLU E 442 2.87 61.68 -35.02
CA GLU E 442 2.05 62.80 -34.59
C GLU E 442 1.80 63.73 -35.77
N GLY E 443 0.81 64.60 -35.61
CA GLY E 443 0.40 65.49 -36.67
C GLY E 443 -0.70 64.88 -37.51
N ASN E 444 -0.40 63.77 -38.18
CA ASN E 444 -1.40 62.95 -38.85
C ASN E 444 -1.53 61.67 -38.05
N PRO E 445 -2.49 61.56 -37.16
CA PRO E 445 -2.52 60.41 -36.25
C PRO E 445 -3.04 59.17 -36.94
N GLY E 446 -2.42 58.04 -36.62
CA GLY E 446 -2.74 56.77 -37.23
C GLY E 446 -1.79 56.35 -38.33
N TRP E 447 -0.49 56.49 -38.07
CA TRP E 447 0.56 56.10 -39.00
C TRP E 447 1.68 55.56 -38.14
N TYR E 448 2.16 54.36 -38.42
CA TYR E 448 2.78 53.53 -37.39
C TYR E 448 4.20 53.12 -37.76
N GLN E 449 5.18 53.70 -37.10
CA GLN E 449 6.58 53.40 -37.38
C GLN E 449 6.99 52.23 -36.50
N VAL E 450 6.83 51.01 -37.00
CA VAL E 450 7.14 49.85 -36.19
C VAL E 450 8.53 49.40 -36.58
N SER E 451 9.22 48.70 -35.68
CA SER E 451 10.61 48.32 -35.93
C SER E 451 10.80 46.83 -35.71
N LEU E 452 10.53 46.03 -36.73
CA LEU E 452 10.76 44.60 -36.66
C LEU E 452 12.24 44.28 -36.69
N SER E 453 12.76 43.67 -35.63
CA SER E 453 14.18 43.45 -35.43
C SER E 453 14.45 41.96 -35.26
N VAL E 454 14.58 41.25 -36.37
CA VAL E 454 14.76 39.81 -36.33
C VAL E 454 16.22 39.45 -36.09
N ARG E 455 16.50 38.18 -35.83
CA ARG E 455 17.83 37.72 -35.54
C ARG E 455 17.92 36.26 -35.96
N PRO E 456 18.93 35.88 -36.70
CA PRO E 456 18.97 34.53 -37.28
C PRO E 456 19.79 33.55 -36.46
N HIS E 457 19.79 32.29 -36.86
CA HIS E 457 20.76 31.34 -36.34
C HIS E 457 22.05 31.44 -37.15
N PHE E 458 23.09 30.79 -36.66
CA PHE E 458 24.44 30.95 -37.18
C PHE E 458 25.01 29.61 -37.63
N LYS E 459 25.48 29.56 -38.86
CA LYS E 459 25.97 28.34 -39.50
C LYS E 459 27.44 28.10 -39.15
N TYR E 460 28.06 27.19 -39.89
CA TYR E 460 29.35 26.58 -39.56
C TYR E 460 30.38 26.99 -40.60
N MET E 461 31.41 27.73 -40.20
CA MET E 461 32.42 28.21 -41.14
C MET E 461 33.76 28.43 -40.46
N GLY E 462 34.70 27.54 -40.74
CA GLY E 462 36.07 27.64 -40.26
C GLY E 462 36.35 27.26 -38.81
N ALA E 463 37.50 26.63 -38.57
CA ALA E 463 37.96 26.29 -37.22
C ALA E 463 39.49 26.24 -37.26
N ASN E 464 40.11 25.61 -36.25
CA ASN E 464 41.58 25.65 -36.27
C ASN E 464 42.27 24.29 -36.16
N PHE E 465 41.84 23.41 -35.24
CA PHE E 465 42.30 22.02 -35.11
C PHE E 465 43.81 21.92 -34.90
N GLU E 466 44.28 22.51 -33.80
CA GLU E 466 45.72 22.65 -33.54
C GLU E 466 46.28 21.41 -32.88
N LEU E 467 46.68 20.42 -33.68
CA LEU E 467 47.10 19.11 -33.21
C LEU E 467 48.42 19.18 -32.44
N SER E 468 48.66 18.11 -31.68
CA SER E 468 49.80 17.91 -30.80
C SER E 468 49.76 16.47 -30.34
N LEU E 469 50.80 16.02 -29.65
CA LEU E 469 50.64 14.81 -28.85
C LEU E 469 50.92 15.11 -27.39
N VAL E 470 50.21 14.39 -26.52
CA VAL E 470 50.39 14.51 -25.08
C VAL E 470 51.32 13.41 -24.55
N GLY E 471 51.13 12.19 -25.01
CA GLY E 471 51.98 11.07 -24.62
C GLY E 471 51.41 10.20 -23.51
N ARG E 472 50.81 10.81 -22.49
CA ARG E 472 50.18 10.08 -21.40
C ARG E 472 48.66 10.14 -21.46
N LEU E 473 48.09 11.31 -21.66
CA LEU E 473 46.64 11.46 -21.68
C LEU E 473 46.09 11.13 -23.06
N SER F 1 -42.25 23.99 -62.99
CA SER F 1 -41.49 24.30 -61.79
C SER F 1 -42.41 24.59 -60.61
N LYS F 2 -43.33 23.66 -60.34
CA LYS F 2 -44.27 23.78 -59.24
C LYS F 2 -44.35 22.45 -58.51
N GLU F 3 -44.11 22.47 -57.21
CA GLU F 3 -44.31 21.29 -56.38
C GLU F 3 -45.79 20.97 -56.30
N GLY F 4 -46.14 19.70 -56.51
CA GLY F 4 -47.50 19.25 -56.29
C GLY F 4 -47.82 19.29 -54.81
N SER F 5 -48.80 20.08 -54.41
CA SER F 5 -49.23 20.18 -53.03
C SER F 5 -50.72 19.91 -52.94
N VAL F 6 -51.22 19.86 -51.72
CA VAL F 6 -52.62 19.59 -51.45
C VAL F 6 -53.31 20.90 -51.11
N ALA F 7 -54.62 20.82 -50.96
CA ALA F 7 -55.35 21.99 -50.48
C ALA F 7 -55.02 22.22 -49.01
N PRO F 8 -54.80 23.47 -48.59
CA PRO F 8 -54.48 23.73 -47.19
C PRO F 8 -55.69 23.54 -46.31
N LYS F 9 -55.43 23.29 -45.02
CA LYS F 9 -56.46 22.81 -44.12
C LYS F 9 -55.98 22.86 -42.66
N GLU F 10 -56.87 22.44 -41.74
CA GLU F 10 -56.57 22.31 -40.31
C GLU F 10 -55.67 21.11 -40.06
N ARG F 11 -55.60 20.24 -41.02
CA ARG F 11 -54.58 19.24 -40.98
C ARG F 11 -53.32 19.88 -41.52
N ILE F 12 -52.22 19.18 -41.34
CA ILE F 12 -50.92 19.76 -41.55
C ILE F 12 -50.46 19.44 -42.97
N ASN F 13 -49.80 20.38 -43.63
CA ASN F 13 -49.53 20.19 -45.06
C ASN F 13 -48.03 20.21 -45.37
N ILE F 14 -47.43 19.03 -45.22
CA ILE F 14 -46.01 18.82 -45.48
C ILE F 14 -45.75 18.90 -46.98
N LYS F 15 -44.76 19.71 -47.37
CA LYS F 15 -44.28 19.74 -48.75
C LYS F 15 -42.77 19.76 -48.75
N TYR F 16 -42.15 19.34 -49.85
CA TYR F 16 -40.69 19.25 -49.97
C TYR F 16 -40.20 20.23 -51.01
N ILE F 17 -39.52 21.30 -50.57
CA ILE F 17 -38.86 22.23 -51.46
C ILE F 17 -37.46 22.49 -50.93
N PRO F 18 -36.41 22.12 -51.67
CA PRO F 18 -35.05 22.23 -51.13
C PRO F 18 -34.61 23.68 -51.00
N ALA F 19 -33.75 23.93 -50.03
CA ALA F 19 -33.46 25.29 -49.61
C ALA F 19 -32.19 25.82 -50.24
N THR F 20 -32.01 27.14 -50.10
CA THR F 20 -30.95 27.85 -50.82
C THR F 20 -29.57 27.48 -50.28
N GLY F 21 -29.46 27.22 -49.00
CA GLY F 21 -28.20 26.82 -48.44
C GLY F 21 -27.46 27.96 -47.77
N ASP F 22 -26.57 27.62 -46.85
CA ASP F 22 -25.72 28.59 -46.16
C ASP F 22 -24.28 28.14 -46.34
N ALA F 23 -23.49 28.93 -47.04
CA ALA F 23 -22.10 28.59 -47.31
C ALA F 23 -21.14 29.09 -46.25
N GLN F 24 -21.21 30.39 -45.91
CA GLN F 24 -20.33 31.05 -44.94
C GLN F 24 -18.87 30.87 -45.34
N ALA F 25 -18.53 31.54 -46.46
CA ALA F 25 -17.32 31.37 -47.26
C ALA F 25 -16.04 31.29 -46.44
N GLU F 26 -15.37 30.14 -46.55
CA GLU F 26 -14.34 29.76 -45.60
C GLU F 26 -13.04 30.50 -45.88
N VAL F 27 -12.32 30.84 -44.80
CA VAL F 27 -11.06 31.54 -44.95
C VAL F 27 -9.98 30.57 -45.42
N ALA F 28 -9.06 31.09 -46.24
CA ALA F 28 -7.95 30.28 -46.76
C ALA F 28 -6.78 31.23 -47.00
N GLU F 29 -5.86 31.30 -46.04
CA GLU F 29 -4.65 32.11 -46.20
C GLU F 29 -3.67 31.32 -47.05
N VAL F 30 -3.73 31.54 -48.37
CA VAL F 30 -2.74 30.96 -49.25
C VAL F 30 -1.42 31.70 -49.06
N GLU F 31 -0.32 31.00 -49.31
CA GLU F 31 0.99 31.57 -49.06
C GLU F 31 1.59 32.09 -50.36
N LEU F 32 2.74 32.75 -50.24
CA LEU F 32 3.40 33.33 -51.38
C LEU F 32 4.42 32.34 -51.91
N PRO F 33 4.31 31.92 -53.16
CA PRO F 33 5.37 31.10 -53.74
C PRO F 33 6.59 31.93 -54.04
N LEU F 34 7.75 31.29 -53.96
CA LEU F 34 9.03 31.95 -54.22
C LEU F 34 9.15 32.19 -55.72
N LYS F 35 8.64 33.32 -56.21
CA LYS F 35 8.68 33.59 -57.64
C LYS F 35 9.99 34.26 -58.01
N THR F 36 10.68 33.69 -59.00
CA THR F 36 11.88 34.28 -59.54
C THR F 36 11.62 34.78 -60.95
N LEU F 37 12.38 35.77 -61.37
CA LEU F 37 12.26 36.32 -62.70
C LEU F 37 13.58 36.10 -63.41
N VAL F 38 13.61 35.13 -64.32
CA VAL F 38 14.82 34.87 -65.09
C VAL F 38 14.87 35.87 -66.23
N VAL F 39 15.86 36.74 -66.22
CA VAL F 39 15.98 37.79 -67.21
C VAL F 39 17.25 37.55 -68.01
N GLY F 40 17.19 37.82 -69.30
CA GLY F 40 18.33 37.57 -70.16
C GLY F 40 17.91 37.24 -71.57
N ASP F 41 18.90 37.32 -72.46
CA ASP F 41 18.72 37.19 -73.91
C ASP F 41 18.30 35.77 -74.25
N PHE F 42 17.07 35.61 -74.72
CA PHE F 42 16.51 34.28 -74.97
C PHE F 42 16.20 34.02 -76.43
N LYS F 43 16.36 35.01 -77.31
CA LYS F 43 16.14 34.85 -78.73
C LYS F 43 17.35 35.41 -79.47
N GLY F 44 17.27 35.39 -80.80
CA GLY F 44 18.44 35.71 -81.60
C GLY F 44 18.45 37.09 -82.21
N HIS F 45 17.80 38.06 -81.58
CA HIS F 45 17.76 39.41 -82.11
C HIS F 45 17.50 40.38 -80.96
N ALA F 46 17.15 41.61 -81.30
CA ALA F 46 16.74 42.63 -80.34
C ALA F 46 15.37 43.16 -80.77
N GLU F 47 14.37 42.93 -79.92
CA GLU F 47 12.99 43.27 -80.27
C GLU F 47 12.79 44.77 -80.27
N GLN F 48 12.01 45.26 -81.24
CA GLN F 48 11.84 46.69 -81.42
C GLN F 48 10.86 47.32 -80.43
N THR F 49 10.04 46.51 -79.74
CA THR F 49 9.13 47.12 -78.76
C THR F 49 9.91 47.53 -77.51
N PRO F 50 9.54 48.66 -76.89
CA PRO F 50 10.21 49.06 -75.64
C PRO F 50 9.84 48.10 -74.52
N LEU F 51 10.60 48.22 -73.43
CA LEU F 51 10.55 47.20 -72.39
C LEU F 51 9.24 47.24 -71.62
N GLU F 52 8.66 48.41 -71.45
CA GLU F 52 7.47 48.56 -70.61
C GLU F 52 6.21 47.97 -71.24
N GLU F 53 6.25 47.48 -72.47
CA GLU F 53 5.08 46.92 -73.11
C GLU F 53 5.15 45.41 -73.29
N ARG F 54 6.35 44.85 -73.38
CA ARG F 54 6.47 43.41 -73.56
C ARG F 54 6.16 42.70 -72.26
N ALA F 55 5.88 41.41 -72.35
CA ALA F 55 5.31 40.68 -71.23
C ALA F 55 6.28 39.63 -70.70
N THR F 56 5.97 39.13 -69.51
CA THR F 56 6.67 38.02 -68.90
C THR F 56 5.80 36.78 -68.97
N VAL F 57 6.39 35.66 -69.37
CA VAL F 57 5.66 34.42 -69.50
C VAL F 57 6.05 33.47 -68.37
N THR F 58 5.07 32.75 -67.85
CA THR F 58 5.26 31.83 -66.73
C THR F 58 5.49 30.42 -67.27
N VAL F 59 6.57 29.80 -66.83
CA VAL F 59 7.03 28.50 -67.33
C VAL F 59 7.04 27.51 -66.18
N ASP F 60 6.35 26.40 -66.34
CA ASP F 60 6.66 25.26 -65.48
C ASP F 60 6.97 24.04 -66.33
N LYS F 61 7.06 22.87 -65.70
CA LYS F 61 7.51 21.67 -66.40
C LYS F 61 6.52 21.23 -67.46
N ASN F 62 5.24 21.52 -67.27
CA ASN F 62 4.23 21.06 -68.20
C ASN F 62 4.10 21.95 -69.42
N ASN F 63 4.37 23.24 -69.29
CA ASN F 63 4.18 24.17 -70.41
C ASN F 63 5.48 24.65 -71.02
N PHE F 64 6.59 23.98 -70.75
CA PHE F 64 7.85 24.42 -71.33
C PHE F 64 7.90 24.14 -72.82
N GLU F 65 7.19 23.11 -73.28
CA GLU F 65 7.14 22.82 -74.71
C GLU F 65 6.26 23.79 -75.47
N ALA F 66 5.33 24.46 -74.79
CA ALA F 66 4.48 25.45 -75.43
C ALA F 66 5.08 26.85 -75.39
N VAL F 67 5.90 27.15 -74.38
CA VAL F 67 6.59 28.43 -74.36
C VAL F 67 7.70 28.45 -75.40
N MET F 68 8.35 27.31 -75.62
CA MET F 68 9.39 27.25 -76.62
C MET F 68 8.82 27.33 -78.04
N ARG F 69 7.64 26.76 -78.25
CA ARG F 69 7.06 26.78 -79.58
C ARG F 69 6.55 28.17 -79.97
N GLU F 70 5.95 28.89 -79.03
CA GLU F 70 5.39 30.20 -79.32
C GLU F 70 6.42 31.32 -79.28
N SER F 71 7.66 31.03 -78.88
CA SER F 71 8.69 32.04 -78.94
C SER F 71 9.13 32.27 -80.38
N GLU F 72 9.10 31.22 -81.21
CA GLU F 72 9.63 31.18 -82.56
C GLU F 72 11.12 31.57 -82.59
N LEU F 73 11.93 30.74 -81.95
CA LEU F 73 13.38 30.91 -81.98
C LEU F 73 13.88 30.56 -83.38
N LYS F 74 14.03 31.58 -84.23
CA LYS F 74 14.47 31.39 -85.62
C LYS F 74 15.92 31.86 -85.71
N ILE F 75 16.83 30.90 -85.78
CA ILE F 75 18.26 31.18 -85.83
C ILE F 75 18.70 31.09 -87.29
N THR F 76 19.06 32.23 -87.86
CA THR F 76 19.53 32.33 -89.24
C THR F 76 20.96 32.84 -89.22
N ALA F 77 21.91 31.99 -89.62
CA ALA F 77 23.31 32.37 -89.61
C ALA F 77 24.01 31.71 -90.79
N THR F 78 25.18 32.24 -91.11
CA THR F 78 26.01 31.72 -92.19
C THR F 78 27.16 30.92 -91.56
N VAL F 79 27.20 29.62 -91.84
CA VAL F 79 28.20 28.74 -91.27
C VAL F 79 29.07 28.18 -92.39
N LYS F 80 30.13 27.48 -92.00
CA LYS F 80 31.11 26.99 -92.95
C LYS F 80 30.59 25.75 -93.68
N ASN F 81 30.89 25.68 -94.98
CA ASN F 81 30.48 24.58 -95.83
C ASN F 81 31.56 23.51 -95.81
N LYS F 82 31.27 22.37 -95.19
CA LYS F 82 32.17 21.23 -95.18
C LYS F 82 31.58 20.01 -95.89
N LEU F 83 30.69 20.25 -96.85
CA LEU F 83 30.08 19.18 -97.63
C LEU F 83 30.75 18.96 -98.97
N THR F 84 31.76 19.75 -99.31
CA THR F 84 32.48 19.60 -100.57
C THR F 84 33.98 19.76 -100.32
N ASP F 85 34.77 19.83 -101.39
CA ASP F 85 36.22 19.97 -101.27
C ASP F 85 36.69 21.41 -101.11
N ASP F 86 35.77 22.35 -100.90
CA ASP F 86 36.11 23.75 -100.76
C ASP F 86 36.26 24.09 -99.28
N GLU F 87 37.38 24.73 -98.94
CA GLU F 87 37.60 25.25 -97.60
C GLU F 87 36.99 26.63 -97.41
N ASN F 88 37.02 27.46 -98.46
CA ASN F 88 36.53 28.83 -98.39
C ASN F 88 35.08 28.98 -98.82
N ALA F 89 34.27 27.94 -98.65
CA ALA F 89 32.85 28.00 -98.96
C ALA F 89 32.02 28.18 -97.70
N GLU F 90 30.91 28.88 -97.82
CA GLU F 90 30.00 29.13 -96.72
C GLU F 90 28.60 28.71 -97.12
N LEU F 91 27.78 28.40 -96.11
CA LEU F 91 26.44 27.92 -96.39
C LEU F 91 25.47 28.37 -95.29
N PRO F 92 24.60 29.35 -95.57
CA PRO F 92 23.62 29.76 -94.57
C PRO F 92 22.55 28.69 -94.34
N VAL F 93 21.96 28.74 -93.15
CA VAL F 93 20.96 27.76 -92.74
C VAL F 93 19.68 28.50 -92.35
N GLU F 94 18.63 27.72 -92.11
CA GLU F 94 17.33 28.25 -91.69
C GLU F 94 16.74 27.29 -90.67
N LEU F 95 16.58 27.76 -89.43
CA LEU F 95 16.19 26.91 -88.32
C LEU F 95 14.87 27.36 -87.72
N ASN F 96 13.99 26.40 -87.43
CA ASN F 96 12.72 26.66 -86.78
C ASN F 96 12.56 25.68 -85.64
N PHE F 97 12.56 26.18 -84.41
CA PHE F 97 12.59 25.35 -83.21
C PHE F 97 11.24 25.39 -82.53
N LYS F 98 10.66 24.21 -82.30
CA LYS F 98 9.37 24.12 -81.63
C LYS F 98 9.36 23.19 -80.43
N SER F 99 10.39 22.36 -80.25
CA SER F 99 10.48 21.47 -79.11
C SER F 99 11.94 21.38 -78.68
N LEU F 100 12.16 20.78 -77.51
CA LEU F 100 13.52 20.57 -77.01
C LEU F 100 14.30 19.57 -77.86
N ALA F 101 13.62 18.67 -78.56
CA ALA F 101 14.27 17.76 -79.49
C ALA F 101 14.69 18.43 -80.80
N ASP F 102 14.31 19.70 -81.02
CA ASP F 102 14.77 20.41 -82.20
C ASP F 102 16.20 20.91 -82.07
N PHE F 103 16.78 20.87 -80.87
CA PHE F 103 18.21 21.13 -80.74
C PHE F 103 19.04 19.94 -81.20
N ALA F 104 18.46 18.74 -81.21
CA ALA F 104 19.17 17.52 -81.56
C ALA F 104 19.47 17.49 -83.06
N PRO F 105 20.57 16.83 -83.48
CA PRO F 105 20.93 16.82 -84.90
C PRO F 105 19.99 16.02 -85.80
N ASP F 106 19.02 15.31 -85.24
CA ASP F 106 17.99 14.68 -86.08
C ASP F 106 17.07 15.73 -86.66
N ALA F 107 16.73 16.76 -85.89
CA ALA F 107 15.83 17.80 -86.35
C ALA F 107 16.55 19.03 -86.87
N VAL F 108 17.84 19.19 -86.58
CA VAL F 108 18.59 20.29 -87.18
C VAL F 108 18.93 19.97 -88.62
N ALA F 109 19.42 18.74 -88.86
CA ALA F 109 19.72 18.32 -90.22
C ALA F 109 18.46 18.14 -91.07
N SER F 110 17.31 17.87 -90.45
CA SER F 110 16.06 17.78 -91.18
C SER F 110 15.58 19.14 -91.66
N GLN F 111 16.03 20.22 -91.03
CA GLN F 111 15.67 21.56 -91.45
C GLN F 111 16.68 22.17 -92.39
N VAL F 112 17.78 21.48 -92.66
CA VAL F 112 18.76 21.92 -93.65
C VAL F 112 18.54 21.08 -94.90
N PRO F 113 18.15 21.68 -96.03
CA PRO F 113 17.89 20.88 -97.24
C PRO F 113 19.13 20.23 -97.84
N GLU F 114 20.32 20.75 -97.57
CA GLU F 114 21.53 20.09 -98.02
C GLU F 114 21.83 18.84 -97.22
N LEU F 115 21.24 18.71 -96.03
CA LEU F 115 21.38 17.51 -95.22
C LEU F 115 20.16 16.62 -95.26
N LYS F 116 19.05 17.08 -95.86
CA LYS F 116 17.91 16.19 -96.07
C LYS F 116 18.22 15.15 -97.13
N LYS F 117 19.09 15.48 -98.09
CA LYS F 117 19.49 14.53 -99.13
C LYS F 117 20.59 13.60 -98.66
N LEU F 118 21.26 13.90 -97.55
CA LEU F 118 22.31 13.01 -97.05
C LEU F 118 21.77 11.98 -96.06
N ILE F 119 20.74 12.33 -95.27
CA ILE F 119 20.07 11.33 -94.46
C ILE F 119 19.25 10.40 -95.35
N GLU F 120 18.63 10.96 -96.40
CA GLU F 120 17.94 10.14 -97.40
C GLU F 120 18.92 9.26 -98.16
N LEU F 121 20.15 9.74 -98.32
CA LEU F 121 21.20 8.88 -98.88
C LEU F 121 21.53 7.73 -97.95
N ARG F 122 21.59 8.01 -96.64
CA ARG F 122 21.91 6.95 -95.68
C ARG F 122 20.76 5.98 -95.50
N GLU F 123 19.52 6.49 -95.50
CA GLU F 123 18.34 5.64 -95.42
C GLU F 123 18.22 4.72 -96.63
N ALA F 124 18.68 5.18 -97.79
CA ALA F 124 18.76 4.32 -98.96
C ALA F 124 19.87 3.29 -98.85
N LEU F 125 20.91 3.55 -98.07
CA LEU F 125 22.00 2.60 -97.89
C LEU F 125 21.74 1.60 -96.78
N VAL F 126 20.99 1.99 -95.74
CA VAL F 126 20.57 1.04 -94.72
C VAL F 126 19.53 0.08 -95.30
N ALA F 127 18.70 0.56 -96.23
CA ALA F 127 17.73 -0.30 -96.92
C ALA F 127 18.41 -1.33 -97.80
N LEU F 128 19.61 -1.02 -98.30
CA LEU F 128 20.31 -1.94 -99.19
C LEU F 128 20.91 -3.11 -98.42
N LYS F 129 21.42 -2.85 -97.20
CA LYS F 129 22.26 -3.80 -96.47
C LYS F 129 21.50 -5.06 -96.05
N GLY F 130 20.19 -4.94 -95.84
CA GLY F 130 19.36 -6.06 -95.47
C GLY F 130 19.28 -7.15 -96.54
N PRO F 131 18.70 -6.82 -97.70
CA PRO F 131 18.67 -7.79 -98.81
C PRO F 131 19.97 -7.91 -99.60
N LEU F 132 21.09 -7.37 -99.11
CA LEU F 132 22.33 -7.43 -99.89
C LEU F 132 23.00 -8.79 -99.76
N GLY F 133 23.40 -9.16 -98.55
CA GLY F 133 24.13 -10.39 -98.31
C GLY F 133 23.28 -11.63 -98.17
N ASN F 134 21.96 -11.52 -98.33
CA ASN F 134 21.08 -12.67 -98.24
C ASN F 134 20.96 -13.42 -99.56
N ILE F 135 20.82 -12.69 -100.66
CA ILE F 135 20.74 -13.27 -102.00
C ILE F 135 22.10 -13.13 -102.65
N PRO F 136 22.81 -14.23 -102.93
CA PRO F 136 24.13 -14.14 -103.58
C PRO F 136 24.08 -13.94 -105.09
N ALA F 137 22.93 -13.65 -105.67
CA ALA F 137 22.81 -13.37 -107.09
C ALA F 137 22.95 -11.88 -107.41
N PHE F 138 23.20 -11.05 -106.40
CA PHE F 138 23.40 -9.62 -106.65
C PHE F 138 24.76 -9.37 -107.30
N ARG F 139 25.80 -10.07 -106.84
CA ARG F 139 27.13 -9.91 -107.42
C ARG F 139 27.22 -10.54 -108.81
N GLU F 140 26.31 -11.45 -109.15
CA GLU F 140 26.28 -12.01 -110.49
C GLU F 140 25.87 -10.97 -111.52
N ARG F 141 25.02 -10.03 -111.14
CA ARG F 141 24.60 -8.96 -112.03
C ARG F 141 25.38 -7.67 -111.83
N LEU F 142 26.26 -7.60 -110.83
CA LEU F 142 27.24 -6.52 -110.80
C LEU F 142 28.26 -6.67 -111.91
N GLN F 143 28.61 -7.92 -112.25
CA GLN F 143 29.48 -8.17 -113.38
C GLN F 143 28.76 -7.98 -114.70
N SER F 144 27.43 -8.14 -114.71
CA SER F 144 26.65 -7.82 -115.89
C SER F 144 26.55 -6.31 -116.10
N LEU F 145 26.44 -5.56 -115.00
CA LEU F 145 26.57 -4.11 -115.09
C LEU F 145 28.01 -3.69 -115.38
N LEU F 146 28.98 -4.53 -115.02
CA LEU F 146 30.35 -4.30 -115.48
C LEU F 146 30.47 -4.57 -116.98
N ASN F 147 29.69 -5.50 -117.51
CA ASN F 147 29.69 -5.75 -118.95
C ASN F 147 28.83 -4.72 -119.68
N SER F 148 27.58 -4.55 -119.26
CA SER F 148 26.67 -3.60 -119.90
C SER F 148 26.89 -2.22 -119.29
N GLU F 149 27.86 -1.49 -119.86
CA GLU F 149 28.16 -0.15 -119.37
C GLU F 149 27.28 0.92 -120.01
N GLU F 150 26.73 0.66 -121.20
CA GLU F 150 25.92 1.67 -121.88
C GLU F 150 24.53 1.79 -121.26
N SER F 151 23.88 0.66 -121.02
CA SER F 151 22.54 0.68 -120.44
C SER F 151 22.54 1.02 -118.96
N ARG F 152 23.69 0.90 -118.28
CA ARG F 152 23.76 1.24 -116.87
C ARG F 152 23.75 2.75 -116.67
N GLU F 153 24.54 3.47 -117.46
CA GLU F 153 24.63 4.92 -117.32
C GLU F 153 23.39 5.64 -117.82
N LYS F 154 22.59 5.00 -118.68
CA LYS F 154 21.33 5.59 -119.09
C LYS F 154 20.29 5.53 -117.96
N LEU F 155 20.44 4.58 -117.05
CA LEU F 155 19.50 4.42 -115.95
C LEU F 155 19.93 5.15 -114.68
N LEU F 156 21.21 5.55 -114.59
CA LEU F 156 21.65 6.31 -113.42
C LEU F 156 21.12 7.73 -113.43
N ALA F 157 20.88 8.30 -114.61
CA ALA F 157 20.33 9.64 -114.71
C ALA F 157 18.86 9.68 -114.33
N GLU F 158 18.15 8.56 -114.43
CA GLU F 158 16.74 8.51 -114.06
C GLU F 158 16.60 8.50 -112.54
N PRO G 1 6.46 32.01 3.11
CA PRO G 1 7.84 31.82 2.66
C PRO G 1 8.12 32.55 1.36
N THR G 2 9.37 32.93 1.14
CA THR G 2 9.67 33.68 -0.06
C THR G 2 10.10 32.75 -1.17
N PRO G 3 9.71 33.04 -2.41
CA PRO G 3 10.09 32.15 -3.51
C PRO G 3 11.57 32.22 -3.82
N CYS G 4 12.08 31.11 -4.31
CA CYS G 4 13.49 30.94 -4.63
C CYS G 4 13.69 31.20 -6.12
N TYR G 5 14.89 30.92 -6.61
CA TYR G 5 15.19 31.10 -8.03
C TYR G 5 16.14 30.01 -8.48
N ILE G 6 15.92 29.46 -9.67
CA ILE G 6 16.73 28.38 -10.18
C ILE G 6 17.23 28.72 -11.57
N SER G 7 18.53 28.56 -11.78
CA SER G 7 19.15 28.77 -13.09
C SER G 7 19.72 27.45 -13.58
N ILE G 8 19.13 26.90 -14.62
CA ILE G 8 19.51 25.59 -15.15
C ILE G 8 20.36 25.80 -16.38
N GLU G 9 21.48 25.10 -16.48
CA GLU G 9 22.29 25.11 -17.69
C GLU G 9 22.47 23.68 -18.18
N GLY G 10 22.06 23.42 -19.42
CA GLY G 10 22.08 22.08 -19.96
C GLY G 10 23.41 21.73 -20.60
N GLN G 11 23.53 20.47 -21.01
CA GLN G 11 24.68 20.07 -21.81
C GLN G 11 24.64 20.70 -23.19
N THR G 12 23.60 20.39 -23.95
CA THR G 12 23.53 20.86 -25.33
C THR G 12 22.63 22.06 -25.52
N GLN G 13 21.70 22.33 -24.60
CA GLN G 13 20.74 23.39 -24.79
C GLN G 13 21.15 24.68 -24.13
N GLY G 14 22.42 24.81 -23.78
CA GLY G 14 22.92 26.07 -23.26
C GLY G 14 22.33 26.40 -21.91
N LEU G 15 22.07 27.68 -21.68
CA LEU G 15 21.38 28.11 -20.48
C LEU G 15 19.90 27.94 -20.75
N ILE G 16 19.27 26.98 -20.06
CA ILE G 16 17.88 26.65 -20.33
C ILE G 16 16.96 27.76 -19.87
N THR G 17 17.18 28.27 -18.68
CA THR G 17 16.27 29.27 -18.17
C THR G 17 16.62 30.67 -18.61
N ALA G 18 17.37 30.86 -19.69
CA ALA G 18 17.71 32.19 -20.17
C ALA G 18 16.48 32.82 -20.78
N GLY G 19 15.83 33.69 -20.03
CA GLY G 19 14.60 34.28 -20.49
C GLY G 19 13.34 33.71 -19.88
N ALA G 20 13.44 32.92 -18.82
CA ALA G 20 12.26 32.32 -18.23
C ALA G 20 11.57 33.23 -17.24
N CYS G 21 12.02 34.47 -17.11
CA CYS G 21 11.28 35.54 -16.42
C CYS G 21 11.31 36.80 -17.24
N THR G 22 10.93 36.70 -18.50
CA THR G 22 10.65 37.86 -19.32
C THR G 22 9.16 38.11 -19.35
N ALA G 23 8.75 39.09 -20.14
CA ALA G 23 7.32 39.34 -20.31
C ALA G 23 6.67 38.34 -21.24
N ASP G 24 7.45 37.62 -22.03
CA ASP G 24 6.87 36.60 -22.89
C ASP G 24 6.62 35.30 -22.15
N SER G 25 7.40 35.01 -21.12
CA SER G 25 7.24 33.76 -20.40
C SER G 25 6.00 33.79 -19.51
N ILE G 26 5.98 34.68 -18.54
CA ILE G 26 4.99 34.64 -17.48
C ILE G 26 4.18 35.93 -17.38
N GLY G 27 4.07 36.67 -18.46
CA GLY G 27 3.21 37.84 -18.47
C GLY G 27 3.75 39.00 -17.67
N ASP G 28 3.00 39.46 -16.68
CA ASP G 28 3.40 40.62 -15.89
C ASP G 28 3.99 40.26 -14.55
N SER G 29 4.20 38.98 -14.27
CA SER G 29 4.80 38.58 -13.01
C SER G 29 6.28 38.30 -13.14
N PHE G 30 6.93 38.93 -14.11
CA PHE G 30 8.36 38.72 -14.21
C PHE G 30 9.08 39.76 -13.37
N VAL G 31 10.32 39.46 -13.04
CA VAL G 31 11.11 40.29 -12.14
C VAL G 31 12.35 40.73 -12.89
N GLU G 32 12.64 42.04 -12.86
CA GLU G 32 13.87 42.54 -13.43
C GLU G 32 15.06 42.08 -12.60
N GLY G 33 16.18 41.82 -13.28
CA GLY G 33 17.38 41.33 -12.64
C GLY G 33 17.44 39.82 -12.52
N HIS G 34 16.32 39.13 -12.62
CA HIS G 34 16.27 37.68 -12.56
C HIS G 34 15.82 37.15 -13.90
N GLU G 35 16.38 37.71 -14.97
CA GLU G 35 15.95 37.37 -16.31
C GLU G 35 16.37 35.97 -16.72
N ASP G 36 17.33 35.36 -16.03
CA ASP G 36 17.82 34.05 -16.41
C ASP G 36 17.39 32.96 -15.43
N GLU G 37 16.46 33.25 -14.54
CA GLU G 37 16.19 32.38 -13.41
C GLU G 37 14.69 32.20 -13.28
N MET G 38 14.23 30.95 -13.23
CA MET G 38 12.81 30.69 -13.02
C MET G 38 12.41 31.09 -11.61
N LEU G 39 11.11 31.15 -11.38
CA LEU G 39 10.58 31.52 -10.08
C LEU G 39 10.00 30.27 -9.43
N VAL G 40 10.65 29.79 -8.38
CA VAL G 40 10.36 28.48 -7.80
C VAL G 40 9.43 28.66 -6.61
N GLN G 41 8.30 27.96 -6.64
CA GLN G 41 7.29 28.16 -5.61
C GLN G 41 7.47 27.20 -4.45
N GLN G 42 7.41 25.90 -4.70
CA GLN G 42 7.41 24.86 -3.68
C GLN G 42 8.70 24.07 -3.81
N PHE G 43 9.10 23.40 -2.73
CA PHE G 43 10.36 22.67 -2.74
C PHE G 43 10.24 21.43 -1.86
N ASP G 44 11.01 20.40 -2.21
CA ASP G 44 11.03 19.14 -1.47
C ASP G 44 12.21 18.28 -1.86
N HIS G 45 12.93 17.72 -0.89
CA HIS G 45 14.20 17.04 -1.20
C HIS G 45 14.61 16.15 -0.04
N VAL G 46 14.81 14.86 -0.31
CA VAL G 46 15.15 13.87 0.71
C VAL G 46 16.51 13.29 0.36
N VAL G 47 17.34 13.01 1.36
CA VAL G 47 18.61 12.32 1.15
C VAL G 47 18.68 11.22 2.20
N THR G 48 18.40 9.98 1.81
CA THR G 48 18.37 8.91 2.79
C THR G 48 19.73 8.24 2.91
N VAL G 49 19.91 7.51 4.02
CA VAL G 49 21.04 6.64 4.23
C VAL G 49 20.53 5.32 4.79
N PRO G 50 20.76 4.20 4.14
CA PRO G 50 20.28 2.92 4.66
C PRO G 50 21.07 2.47 5.88
N THR G 51 20.43 2.48 7.05
CA THR G 51 21.05 2.03 8.28
C THR G 51 20.47 0.69 8.68
N ASP G 52 21.29 -0.16 9.27
CA ASP G 52 20.78 -1.46 9.66
C ASP G 52 19.96 -1.36 10.94
N PRO G 53 19.06 -2.31 11.19
CA PRO G 53 18.41 -2.38 12.49
C PRO G 53 19.39 -2.88 13.54
N GLN G 54 18.92 -2.85 14.80
CA GLN G 54 19.61 -3.31 16.02
C GLN G 54 21.04 -2.78 16.14
N SER G 55 21.28 -1.59 15.61
CA SER G 55 22.59 -0.95 15.62
C SER G 55 22.35 0.53 15.39
N GLY G 56 23.40 1.25 15.05
CA GLY G 56 23.21 2.61 14.60
C GLY G 56 24.03 2.91 13.36
N GLN G 57 24.81 1.96 12.91
CA GLN G 57 25.78 2.28 11.88
C GLN G 57 25.13 2.35 10.51
N PRO G 58 25.63 3.22 9.64
CA PRO G 58 25.10 3.28 8.26
C PRO G 58 25.54 2.08 7.46
N SER G 59 24.57 1.24 7.09
CA SER G 59 24.85 0.03 6.32
C SER G 59 24.71 0.31 4.83
N GLY G 60 25.57 1.18 4.34
CA GLY G 60 25.53 1.52 2.94
C GLY G 60 25.69 3.00 2.68
N GLN G 61 26.01 3.37 1.45
CA GLN G 61 26.18 4.77 1.12
C GLN G 61 24.83 5.44 0.98
N ARG G 62 24.86 6.77 0.93
CA ARG G 62 23.65 7.58 0.84
C ARG G 62 22.91 7.34 -0.47
N VAL G 63 21.62 7.63 -0.46
CA VAL G 63 20.74 7.46 -1.61
C VAL G 63 20.00 8.76 -1.82
N HIS G 64 20.27 9.45 -2.92
CA HIS G 64 19.68 10.76 -3.15
C HIS G 64 18.31 10.63 -3.77
N LYS G 65 17.28 10.87 -2.98
CA LYS G 65 15.95 11.06 -3.51
C LYS G 65 15.89 12.43 -4.19
N PRO G 66 15.02 12.64 -5.17
CA PRO G 66 15.17 13.80 -6.06
C PRO G 66 14.68 15.10 -5.45
N PHE G 67 15.25 16.20 -5.96
CA PHE G 67 14.65 17.53 -5.94
C PHE G 67 13.19 17.49 -6.38
N LYS G 68 12.38 18.41 -5.86
CA LYS G 68 11.05 18.64 -6.40
C LYS G 68 10.75 20.13 -6.28
N PHE G 69 11.03 20.89 -7.32
CA PHE G 69 10.74 22.31 -7.31
C PHE G 69 9.63 22.61 -8.31
N THR G 70 8.77 23.57 -7.98
CA THR G 70 7.55 23.84 -8.75
C THR G 70 7.61 25.23 -9.37
N VAL G 71 7.52 25.30 -10.68
CA VAL G 71 7.43 26.57 -11.39
C VAL G 71 6.16 26.56 -12.23
N ALA G 72 5.77 27.73 -12.70
CA ALA G 72 4.61 27.82 -13.58
C ALA G 72 5.03 27.48 -15.01
N LEU G 73 4.06 27.42 -15.91
CA LEU G 73 4.37 27.21 -17.31
C LEU G 73 5.02 28.45 -17.89
N ASN G 74 6.21 28.28 -18.44
CA ASN G 74 6.93 29.41 -19.00
C ASN G 74 7.80 28.90 -20.14
N LYS G 75 8.79 29.72 -20.52
CA LYS G 75 9.62 29.46 -21.69
C LYS G 75 10.48 28.22 -21.48
N ALA G 76 10.98 28.01 -20.28
CA ALA G 76 11.91 26.93 -20.04
C ALA G 76 11.25 25.56 -19.92
N VAL G 77 9.93 25.48 -19.83
CA VAL G 77 9.27 24.19 -19.66
C VAL G 77 9.30 23.32 -20.92
N PRO G 78 9.13 23.82 -22.15
CA PRO G 78 9.43 22.95 -23.29
C PRO G 78 10.89 22.61 -23.43
N LEU G 79 11.79 23.42 -22.87
CA LEU G 79 13.19 23.04 -22.88
C LEU G 79 13.50 21.97 -21.84
N LEU G 80 12.74 21.95 -20.74
CA LEU G 80 12.94 20.90 -19.75
C LEU G 80 12.24 19.61 -20.12
N TYR G 81 11.38 19.60 -21.13
CA TYR G 81 10.86 18.33 -21.60
C TYR G 81 11.69 17.75 -22.73
N ASN G 82 12.86 18.30 -23.02
CA ASN G 82 13.85 17.58 -23.80
C ASN G 82 15.03 17.13 -22.97
N ALA G 83 15.32 17.82 -21.89
CA ALA G 83 16.27 17.28 -20.94
C ALA G 83 15.72 16.04 -20.26
N LEU G 84 14.39 15.94 -20.17
CA LEU G 84 13.74 14.79 -19.58
C LEU G 84 13.69 13.62 -20.55
N SER G 85 13.05 13.81 -21.69
CA SER G 85 12.76 12.69 -22.57
C SER G 85 13.96 12.21 -23.37
N SER G 86 15.10 12.88 -23.26
CA SER G 86 16.30 12.39 -23.92
C SER G 86 17.43 12.12 -22.94
N GLY G 87 17.20 12.32 -21.65
CA GLY G 87 18.21 12.01 -20.66
C GLY G 87 19.39 12.93 -20.66
N GLU G 88 19.20 14.17 -21.08
CA GLU G 88 20.30 15.12 -21.12
C GLU G 88 20.66 15.58 -19.73
N LYS G 89 21.93 15.49 -19.39
CA LYS G 89 22.36 15.99 -18.11
C LYS G 89 22.39 17.51 -18.14
N LEU G 90 22.27 18.12 -16.97
CA LEU G 90 22.27 19.56 -16.84
C LEU G 90 23.52 19.93 -16.08
N LYS G 91 24.32 20.85 -16.63
CA LYS G 91 25.63 21.12 -16.05
C LYS G 91 25.52 21.75 -14.67
N THR G 92 24.51 22.59 -14.45
CA THR G 92 24.36 23.19 -13.14
C THR G 92 22.91 23.58 -12.89
N VAL G 93 22.54 23.62 -11.63
CA VAL G 93 21.24 24.10 -11.17
C VAL G 93 21.53 24.84 -9.88
N GLU G 94 21.34 26.14 -9.87
CA GLU G 94 21.72 26.92 -8.70
C GLU G 94 20.46 27.47 -8.06
N LEU G 95 19.87 26.71 -7.16
CA LEU G 95 18.78 27.20 -6.35
C LEU G 95 19.31 28.27 -5.40
N LYS G 96 18.51 29.30 -5.16
CA LYS G 96 18.90 30.38 -4.27
C LYS G 96 17.74 30.72 -3.36
N TRP G 97 17.88 30.43 -2.08
CA TRP G 97 16.83 30.67 -1.11
C TRP G 97 16.87 32.11 -0.66
N TYR G 98 15.84 32.88 -0.96
CA TYR G 98 15.85 34.25 -0.49
C TYR G 98 15.16 34.37 0.85
N ARG G 99 15.44 35.46 1.54
CA ARG G 99 14.69 35.84 2.71
C ARG G 99 14.82 37.33 2.90
N THR G 100 13.92 37.90 3.69
CA THR G 100 13.90 39.33 3.94
C THR G 100 14.75 39.64 5.15
N SER G 101 15.80 40.43 4.95
CA SER G 101 16.74 40.69 6.01
C SER G 101 16.22 41.80 6.91
N ILE G 102 17.08 42.28 7.82
CA ILE G 102 16.66 43.29 8.79
C ILE G 102 16.56 44.65 8.14
N GLU G 103 17.53 45.00 7.28
CA GLU G 103 17.54 46.30 6.63
C GLU G 103 16.45 46.46 5.59
N GLY G 104 15.77 45.39 5.22
CA GLY G 104 14.66 45.48 4.30
C GLY G 104 14.96 45.05 2.89
N LYS G 105 15.99 44.25 2.68
CA LYS G 105 16.39 43.86 1.35
C LYS G 105 16.44 42.35 1.24
N GLN G 106 16.04 41.85 0.09
CA GLN G 106 16.12 40.43 -0.19
C GLN G 106 17.57 40.00 -0.27
N GLU G 107 17.87 38.81 0.20
CA GLU G 107 19.23 38.28 0.09
C GLU G 107 19.16 36.77 0.10
N ASN G 108 20.09 36.14 -0.62
CA ASN G 108 20.17 34.69 -0.57
C ASN G 108 20.96 34.29 0.66
N PHE G 109 20.30 33.61 1.58
CA PHE G 109 20.99 33.15 2.75
C PHE G 109 21.48 31.73 2.60
N PHE G 110 21.17 31.07 1.48
CA PHE G 110 21.37 29.63 1.37
C PHE G 110 21.25 29.29 -0.11
N THR G 111 22.29 28.70 -0.69
CA THR G 111 22.22 28.25 -2.08
C THR G 111 22.59 26.79 -2.15
N THR G 112 21.84 26.01 -2.92
CA THR G 112 22.13 24.60 -3.11
C THR G 112 22.47 24.40 -4.57
N LYS G 113 23.75 24.52 -4.92
CA LYS G 113 24.16 24.28 -6.29
C LYS G 113 24.11 22.79 -6.60
N LEU G 114 24.48 22.43 -7.82
CA LEU G 114 24.20 21.10 -8.30
C LEU G 114 25.07 20.85 -9.51
N GLU G 115 25.75 19.73 -9.57
CA GLU G 115 26.48 19.36 -10.77
C GLU G 115 25.56 18.50 -11.64
N ASN G 116 26.13 17.68 -12.53
CA ASN G 116 25.44 16.93 -13.58
C ASN G 116 24.17 16.25 -13.09
N ALA G 117 23.03 16.71 -13.59
CA ALA G 117 21.76 16.44 -12.95
C ALA G 117 20.70 16.20 -14.01
N SER G 118 20.40 14.94 -14.28
CA SER G 118 19.31 14.66 -15.20
C SER G 118 17.98 14.96 -14.53
N ILE G 119 16.92 14.95 -15.32
CA ILE G 119 15.58 15.16 -14.82
C ILE G 119 14.88 13.81 -14.72
N VAL G 120 14.38 13.49 -13.53
CA VAL G 120 13.70 12.20 -13.37
C VAL G 120 12.28 12.27 -13.91
N ASP G 121 11.46 13.18 -13.37
CA ASP G 121 10.13 13.34 -13.92
C ASP G 121 9.64 14.76 -13.72
N ILE G 122 8.63 15.12 -14.51
CA ILE G 122 8.02 16.44 -14.50
C ILE G 122 6.52 16.25 -14.43
N HIS G 123 5.89 16.82 -13.41
CA HIS G 123 4.49 16.61 -13.13
C HIS G 123 3.71 17.88 -13.41
N CYS G 124 3.30 18.06 -14.66
CA CYS G 124 2.53 19.23 -15.06
C CYS G 124 1.07 19.00 -14.71
N GLU G 125 0.49 19.90 -13.93
CA GLU G 125 -0.92 19.81 -13.62
C GLU G 125 -1.52 21.20 -13.58
N MET G 126 -2.86 21.24 -13.56
CA MET G 126 -3.59 22.47 -13.45
C MET G 126 -4.78 22.17 -12.55
N PRO G 127 -5.03 22.99 -11.54
CA PRO G 127 -6.17 22.74 -10.66
C PRO G 127 -7.49 22.98 -11.37
N HIS G 128 -8.56 22.55 -10.71
CA HIS G 128 -9.88 22.53 -11.33
C HIS G 128 -10.42 23.94 -11.49
N CYS G 129 -10.89 24.26 -12.69
CA CYS G 129 -11.29 25.64 -12.97
C CYS G 129 -12.62 25.99 -12.33
N GLN G 130 -13.48 25.01 -12.08
CA GLN G 130 -14.73 25.24 -11.38
C GLN G 130 -14.52 25.57 -9.91
N ASP G 131 -13.42 25.10 -9.34
CA ASP G 131 -13.22 25.13 -7.90
C ASP G 131 -12.76 26.52 -7.47
N PRO G 132 -13.48 27.21 -6.60
CA PRO G 132 -13.06 28.56 -6.19
C PRO G 132 -11.97 28.57 -5.13
N ALA G 133 -11.69 27.45 -4.47
CA ALA G 133 -10.63 27.43 -3.48
C ALA G 133 -9.25 27.47 -4.12
N LYS G 134 -9.14 27.03 -5.38
CA LYS G 134 -7.87 27.00 -6.10
C LYS G 134 -7.92 27.95 -7.29
N SER G 135 -8.47 29.14 -7.09
CA SER G 135 -8.59 30.12 -8.16
C SER G 135 -7.34 30.95 -8.33
N ASP G 136 -6.56 31.13 -7.28
CA ASP G 136 -5.36 31.95 -7.37
C ASP G 136 -4.21 31.23 -8.05
N PHE G 137 -4.25 29.91 -8.10
CA PHE G 137 -3.17 29.16 -8.72
C PHE G 137 -3.29 29.26 -10.23
N THR G 138 -2.17 29.11 -10.92
CA THR G 138 -2.19 29.12 -12.37
C THR G 138 -1.89 27.74 -12.95
N GLN G 139 -0.69 27.23 -12.72
CA GLN G 139 -0.28 25.89 -13.11
C GLN G 139 0.72 25.41 -12.08
N ASN G 140 1.13 24.15 -12.22
CA ASN G 140 2.12 23.57 -11.34
C ASN G 140 2.95 22.62 -12.18
N VAL G 141 4.20 22.96 -12.42
CA VAL G 141 5.12 22.11 -13.16
C VAL G 141 6.23 21.74 -12.20
N THR G 142 6.15 20.56 -11.62
CA THR G 142 7.08 20.11 -10.58
C THR G 142 8.18 19.31 -11.25
N VAL G 143 9.33 19.92 -11.44
CA VAL G 143 10.43 19.29 -12.15
C VAL G 143 11.34 18.62 -11.13
N SER G 144 11.61 17.34 -11.32
CA SER G 144 12.51 16.66 -10.41
C SER G 144 13.91 16.63 -10.96
N LEU G 145 14.87 16.35 -10.09
CA LEU G 145 16.27 16.31 -10.51
C LEU G 145 16.98 15.27 -9.68
N SER G 146 17.35 14.15 -10.28
CA SER G 146 18.45 13.39 -9.71
C SER G 146 19.73 14.06 -10.14
N TYR G 147 20.82 13.74 -9.47
CA TYR G 147 22.01 14.59 -9.57
C TYR G 147 23.24 13.84 -9.12
N ARG G 148 24.37 14.16 -9.74
CA ARG G 148 25.62 13.57 -9.30
C ARG G 148 26.12 14.25 -8.03
N LYS G 149 26.43 15.54 -8.12
CA LYS G 149 27.08 16.27 -7.05
C LYS G 149 26.24 17.45 -6.64
N ILE G 150 25.98 17.56 -5.34
CA ILE G 150 25.21 18.65 -4.77
C ILE G 150 26.06 19.34 -3.73
N THR G 151 25.97 20.67 -3.68
CA THR G 151 26.74 21.46 -2.71
C THR G 151 25.80 22.44 -2.05
N TRP G 152 25.40 22.16 -0.82
CA TRP G 152 24.72 23.15 -0.02
C TRP G 152 25.71 24.24 0.37
N ASP G 153 25.19 25.45 0.58
CA ASP G 153 26.08 26.56 0.87
C ASP G 153 25.25 27.63 1.58
N HIS G 154 25.49 27.80 2.87
CA HIS G 154 24.87 28.91 3.58
C HIS G 154 25.77 30.13 3.42
N VAL G 155 25.20 31.22 2.92
CA VAL G 155 26.01 32.37 2.55
C VAL G 155 26.29 33.28 3.73
N ASN G 156 25.27 33.61 4.53
CA ASN G 156 25.45 34.56 5.62
C ASN G 156 26.23 34.00 6.80
N ALA G 157 26.50 32.71 6.85
CA ALA G 157 27.35 32.15 7.88
C ALA G 157 28.49 31.34 7.30
N GLY G 158 28.62 31.28 5.99
CA GLY G 158 29.80 30.72 5.36
C GLY G 158 29.94 29.22 5.36
N THR G 159 29.05 28.47 6.02
CA THR G 159 29.18 27.03 6.02
C THR G 159 28.84 26.47 4.64
N SER G 160 29.37 25.28 4.37
CA SER G 160 29.16 24.67 3.07
C SER G 160 29.27 23.17 3.19
N GLY G 161 28.20 22.47 2.82
CA GLY G 161 28.25 21.04 2.75
C GLY G 161 28.45 20.61 1.32
N SER G 162 28.75 19.34 1.09
CA SER G 162 28.97 18.85 -0.26
C SER G 162 28.79 17.35 -0.27
N ASP G 163 28.19 16.84 -1.33
CA ASP G 163 28.18 15.42 -1.60
C ASP G 163 28.54 15.21 -3.05
N ASP G 164 29.24 14.11 -3.32
CA ASP G 164 29.61 13.82 -4.69
C ASP G 164 29.77 12.33 -4.85
N TRP G 165 29.21 11.80 -5.94
CA TRP G 165 29.53 10.44 -6.29
C TRP G 165 30.90 10.33 -6.91
N ARG G 166 31.36 11.39 -7.58
CA ARG G 166 32.64 11.35 -8.26
C ARG G 166 33.79 11.26 -7.29
N LYS G 167 33.72 11.99 -6.19
CA LYS G 167 34.79 12.04 -5.20
C LYS G 167 34.22 11.80 -3.80
N PRO G 168 33.95 10.56 -3.45
CA PRO G 168 33.56 10.27 -2.07
C PRO G 168 34.77 10.44 -1.16
N ILE G 169 34.51 10.56 0.13
CA ILE G 169 35.52 11.08 1.04
C ILE G 169 36.53 9.97 1.31
N GLU G 170 37.61 10.00 0.53
CA GLU G 170 38.71 9.03 0.40
C GLU G 170 38.34 7.53 0.43
N GLY H 1 103.54 25.83 -54.20
CA GLY H 1 102.11 25.58 -54.19
C GLY H 1 101.75 24.14 -53.89
N SER H 2 102.54 23.50 -53.01
CA SER H 2 102.27 22.12 -52.64
C SER H 2 101.07 21.98 -51.73
N LEU H 3 100.70 23.05 -51.01
CA LEU H 3 99.49 23.00 -50.19
C LEU H 3 98.24 23.00 -51.05
N LEU H 4 98.29 23.62 -52.23
CA LEU H 4 97.18 23.52 -53.17
C LEU H 4 97.12 22.12 -53.79
N ASP H 5 98.26 21.43 -53.88
CA ASP H 5 98.27 20.07 -54.39
C ASP H 5 97.63 19.09 -53.42
N GLU H 6 97.72 19.37 -52.11
CA GLU H 6 97.08 18.49 -51.13
C GLU H 6 95.58 18.68 -51.10
N ILE H 7 95.10 19.88 -51.45
CA ILE H 7 93.67 20.11 -51.53
C ILE H 7 93.08 19.48 -52.79
N MET H 8 93.81 19.60 -53.92
CA MET H 8 93.34 19.00 -55.17
C MET H 8 93.44 17.49 -55.16
N ALA H 9 94.39 16.91 -54.42
CA ALA H 9 94.42 15.47 -54.24
C ALA H 9 93.33 15.00 -53.28
N GLN H 10 92.86 15.89 -52.40
CA GLN H 10 91.74 15.60 -51.51
C GLN H 10 90.45 15.75 -52.31
N THR H 11 89.90 14.63 -52.78
CA THR H 11 88.81 14.65 -53.74
C THR H 11 87.47 15.06 -53.13
N ARG H 12 87.37 15.21 -51.81
CA ARG H 12 86.12 15.65 -51.20
C ARG H 12 85.84 17.12 -51.43
N ILE H 13 86.87 17.97 -51.43
CA ILE H 13 86.73 19.41 -51.62
C ILE H 13 87.83 19.92 -52.55
N ALA H 14 88.05 19.22 -53.68
CA ALA H 14 89.17 19.56 -54.54
C ALA H 14 88.95 20.82 -55.37
N PRO H 15 87.89 20.93 -56.26
CA PRO H 15 87.95 22.02 -57.26
C PRO H 15 87.46 23.37 -56.77
N SER H 16 87.83 23.76 -55.54
CA SER H 16 87.60 25.10 -54.95
C SER H 16 86.12 25.49 -54.98
N GLU H 17 85.30 24.70 -54.29
CA GLU H 17 83.86 24.90 -54.30
C GLU H 17 83.32 25.39 -52.96
N GLU H 18 83.56 24.66 -51.88
CA GLU H 18 83.06 25.04 -50.57
C GLU H 18 83.91 24.39 -49.49
N GLY H 19 84.32 25.18 -48.50
CA GLY H 19 85.11 24.66 -47.41
C GLY H 19 86.58 24.47 -47.72
N TYR H 20 87.09 25.07 -48.79
CA TYR H 20 88.49 24.94 -49.13
C TYR H 20 89.39 25.92 -48.40
N ASP H 21 88.83 27.00 -47.85
CA ASP H 21 89.62 27.93 -47.06
C ASP H 21 89.69 27.52 -45.60
N ILE H 22 88.70 26.77 -45.11
CA ILE H 22 88.73 26.28 -43.74
C ILE H 22 89.68 25.11 -43.60
N ALA H 23 89.62 24.16 -44.54
CA ALA H 23 90.50 22.99 -44.51
C ALA H 23 91.95 23.35 -44.82
N LYS H 24 92.19 24.44 -45.55
CA LYS H 24 93.54 24.94 -45.73
C LYS H 24 94.11 25.47 -44.42
N LYS H 25 93.27 26.08 -43.58
CA LYS H 25 93.70 26.48 -42.25
C LYS H 25 93.88 25.29 -41.33
N GLY H 26 93.27 24.14 -41.64
CA GLY H 26 93.41 22.96 -40.83
C GLY H 26 94.73 22.24 -41.02
N VAL H 27 95.20 22.21 -42.26
CA VAL H 27 96.48 21.56 -42.56
C VAL H 27 97.64 22.39 -42.00
N ALA H 28 97.60 23.70 -42.21
CA ALA H 28 98.72 24.56 -41.82
C ALA H 28 98.82 24.73 -40.31
N ALA H 29 97.72 24.56 -39.58
CA ALA H 29 97.78 24.66 -38.12
C ALA H 29 98.39 23.43 -37.49
N PHE H 30 98.16 22.24 -38.09
CA PHE H 30 98.66 21.01 -37.50
C PHE H 30 100.16 20.84 -37.71
N ILE H 31 100.70 21.41 -38.80
CA ILE H 31 102.13 21.29 -39.07
C ILE H 31 102.94 22.16 -38.10
N GLU H 32 102.36 23.28 -37.67
CA GLU H 32 103.08 24.19 -36.77
C GLU H 32 103.27 23.60 -35.38
N ASN H 33 102.40 22.69 -34.97
CA ASN H 33 102.54 22.00 -33.69
C ASN H 33 103.10 20.59 -33.85
N LEU H 34 103.35 20.15 -35.08
CA LEU H 34 103.83 18.79 -35.31
C LEU H 34 105.29 18.62 -34.92
N MET H 35 106.06 19.71 -34.86
CA MET H 35 107.51 19.63 -34.62
C MET H 35 107.86 19.28 -33.17
N GLY H 36 106.88 19.25 -32.26
CA GLY H 36 107.16 18.79 -30.91
C GLY H 36 107.40 17.30 -30.84
N SER H 37 106.79 16.54 -31.75
CA SER H 37 106.98 15.09 -31.80
C SER H 37 106.74 14.66 -33.24
N GLN H 38 107.81 14.32 -33.95
CA GLN H 38 107.71 13.94 -35.35
C GLN H 38 107.21 12.50 -35.47
N HIS H 39 106.12 12.33 -36.23
CA HIS H 39 105.56 11.01 -36.46
C HIS H 39 104.77 11.05 -37.77
N SER H 40 104.78 9.93 -38.49
CA SER H 40 104.15 9.83 -39.82
C SER H 40 103.24 8.61 -39.87
N ALA H 41 102.00 8.78 -39.38
CA ALA H 41 100.95 7.77 -39.47
C ALA H 41 99.61 8.45 -39.19
N GLU H 42 98.66 8.30 -40.10
CA GLU H 42 97.34 8.92 -39.94
C GLU H 42 96.55 8.45 -38.71
N PRO H 43 96.44 7.16 -38.36
CA PRO H 43 95.65 6.82 -37.16
C PRO H 43 96.31 7.24 -35.86
N VAL H 44 97.63 7.33 -35.81
CA VAL H 44 98.27 7.95 -34.66
C VAL H 44 98.05 9.46 -34.70
N ASN H 45 98.02 10.04 -35.91
CA ASN H 45 97.68 11.45 -36.06
C ASN H 45 96.22 11.73 -35.71
N LYS H 46 95.32 10.75 -35.91
CA LYS H 46 93.96 10.89 -35.40
C LYS H 46 93.93 10.88 -33.88
N SER H 47 94.93 10.26 -33.24
CA SER H 47 95.13 10.45 -31.82
C SER H 47 95.96 11.69 -31.52
N LEU H 48 96.91 12.04 -32.41
CA LEU H 48 97.72 13.23 -32.18
C LEU H 48 96.93 14.51 -32.40
N VAL H 49 95.89 14.48 -33.26
CA VAL H 49 94.93 15.59 -33.29
C VAL H 49 94.18 15.67 -31.97
N ASP H 50 93.74 14.52 -31.45
CA ASP H 50 93.07 14.49 -30.16
C ASP H 50 94.01 14.82 -29.01
N GLN H 51 95.30 14.49 -29.13
CA GLN H 51 96.26 14.92 -28.11
C GLN H 51 96.60 16.40 -28.24
N MET H 52 96.29 17.02 -29.37
CA MET H 52 96.33 18.47 -29.49
C MET H 52 95.00 19.14 -29.19
N LEU H 53 93.96 18.36 -28.87
CA LEU H 53 92.70 18.90 -28.40
C LEU H 53 92.56 18.83 -26.88
N VAL H 54 93.12 17.79 -26.26
CA VAL H 54 93.10 17.70 -24.81
C VAL H 54 94.02 18.76 -24.19
N GLU H 55 95.20 18.97 -24.80
CA GLU H 55 96.08 20.03 -24.34
C GLU H 55 95.52 21.41 -24.70
N LEU H 56 94.70 21.49 -25.74
CA LEU H 56 94.04 22.76 -26.07
C LEU H 56 92.94 23.07 -25.06
N ASP H 57 92.16 22.06 -24.65
CA ASP H 57 91.12 22.28 -23.66
C ASP H 57 91.67 22.59 -22.28
N LYS H 58 92.91 22.18 -22.00
CA LYS H 58 93.56 22.64 -20.78
C LYS H 58 93.92 24.11 -20.86
N LYS H 59 94.12 24.62 -22.08
CA LYS H 59 94.38 26.05 -22.25
C LYS H 59 93.10 26.87 -22.25
N ILE H 60 92.00 26.32 -22.76
CA ILE H 60 90.78 27.11 -22.90
C ILE H 60 89.96 27.07 -21.62
N SER H 61 89.74 25.88 -21.06
CA SER H 61 88.88 25.76 -19.88
C SER H 61 89.52 26.35 -18.64
N ALA H 62 90.85 26.43 -18.60
CA ALA H 62 91.50 27.16 -17.51
C ALA H 62 91.32 28.66 -17.66
N GLN H 63 91.08 29.14 -18.88
CA GLN H 63 90.74 30.54 -19.08
C GLN H 63 89.25 30.79 -18.84
N MET H 64 88.40 29.84 -19.24
CA MET H 64 86.97 29.97 -19.01
C MET H 64 86.55 29.58 -17.60
N ASP H 65 87.47 29.14 -16.75
CA ASP H 65 87.25 29.15 -15.32
C ASP H 65 87.80 30.42 -14.67
N GLU H 66 88.24 31.38 -15.47
CA GLU H 66 88.68 32.66 -14.97
C GLU H 66 87.94 33.84 -15.57
N ILE H 67 87.43 33.71 -16.80
CA ILE H 67 86.48 34.71 -17.29
C ILE H 67 85.15 34.55 -16.58
N LEU H 68 84.76 33.31 -16.30
CA LEU H 68 83.69 33.06 -15.33
C LEU H 68 84.29 33.16 -13.92
N HIS H 69 83.46 32.90 -12.92
CA HIS H 69 83.85 32.77 -11.50
C HIS H 69 84.48 34.04 -10.96
N ASN H 70 84.13 35.19 -11.54
CA ASN H 70 84.67 36.48 -11.12
C ASN H 70 83.63 37.19 -10.24
N SER H 71 84.12 38.02 -9.32
CA SER H 71 83.24 38.66 -8.35
C SER H 71 82.31 39.68 -9.00
N GLN H 72 82.69 40.24 -10.14
CA GLN H 72 81.79 41.08 -10.90
C GLN H 72 80.84 40.25 -11.76
N PHE H 73 81.32 39.12 -12.28
CA PHE H 73 80.48 38.30 -13.15
C PHE H 73 79.50 37.46 -12.36
N GLN H 74 80.00 36.71 -11.38
CA GLN H 74 79.18 35.72 -10.67
C GLN H 74 78.11 36.39 -9.79
N ALA H 75 78.43 37.53 -9.18
CA ALA H 75 77.44 38.25 -8.40
C ALA H 75 76.39 38.89 -9.30
N MET H 76 76.73 39.17 -10.55
CA MET H 76 75.77 39.64 -11.53
C MET H 76 75.25 38.51 -12.41
N GLU H 77 75.65 37.27 -12.16
CA GLU H 77 75.00 36.13 -12.79
C GLU H 77 73.98 35.50 -11.86
N SER H 78 74.31 35.39 -10.57
CA SER H 78 73.37 34.84 -9.60
C SER H 78 72.19 35.77 -9.37
N ALA H 79 72.42 37.08 -9.47
CA ALA H 79 71.34 38.06 -9.32
C ALA H 79 70.45 38.13 -10.55
N TRP H 80 70.82 37.48 -11.64
CA TRP H 80 70.05 37.53 -12.87
C TRP H 80 69.55 36.18 -13.34
N ARG H 81 70.36 35.12 -13.20
CA ARG H 81 69.86 33.78 -13.50
C ARG H 81 68.90 33.31 -12.39
N GLY H 82 69.12 33.78 -11.16
CA GLY H 82 68.16 33.54 -10.10
C GLY H 82 66.82 34.20 -10.32
N LEU H 83 66.79 35.27 -11.09
CA LEU H 83 65.51 35.82 -11.53
C LEU H 83 64.81 34.88 -12.49
N LYS H 84 65.56 34.21 -13.36
CA LYS H 84 64.97 33.26 -14.30
C LYS H 84 64.38 32.06 -13.58
N LEU H 85 64.97 31.67 -12.45
CA LEU H 85 64.34 30.67 -11.59
C LEU H 85 63.07 31.20 -10.93
N PHE H 86 62.92 32.51 -10.80
CA PHE H 86 61.66 33.05 -10.32
C PHE H 86 60.66 33.28 -11.45
N VAL H 87 61.13 33.40 -12.69
CA VAL H 87 60.21 33.57 -13.81
C VAL H 87 59.71 32.23 -14.32
N ASP H 88 60.57 31.21 -14.35
CA ASP H 88 60.19 29.93 -14.93
C ASP H 88 59.22 29.14 -14.06
N ARG H 89 59.29 29.31 -12.74
CA ARG H 89 58.43 28.51 -11.86
C ARG H 89 57.04 29.11 -11.72
N THR H 90 56.94 30.43 -11.64
CA THR H 90 55.67 31.08 -11.37
C THR H 90 54.83 31.13 -12.62
N ASP H 91 53.58 30.68 -12.51
CA ASP H 91 52.69 30.58 -13.66
C ASP H 91 52.07 31.94 -13.89
N PHE H 92 52.56 32.65 -14.92
CA PHE H 92 52.04 33.97 -15.24
C PHE H 92 50.66 33.94 -15.86
N ARG H 93 50.19 32.78 -16.31
CA ARG H 93 48.81 32.68 -16.77
C ARG H 93 47.83 32.71 -15.60
N GLU H 94 48.25 32.33 -14.41
CA GLU H 94 47.37 32.30 -13.24
C GLU H 94 47.45 33.59 -12.43
N ASN H 95 47.32 34.74 -13.12
CA ASN H 95 47.21 36.07 -12.53
C ASN H 95 48.40 36.40 -11.63
N ASN H 96 49.56 36.50 -12.26
CA ASN H 96 50.79 36.87 -11.57
C ASN H 96 51.58 37.83 -12.43
N LYS H 97 52.12 38.88 -11.81
CA LYS H 97 53.06 39.77 -12.47
C LYS H 97 54.19 40.06 -11.51
N VAL H 98 55.34 40.44 -12.06
CA VAL H 98 56.50 40.75 -11.22
C VAL H 98 57.23 41.95 -11.81
N GLU H 99 57.45 42.96 -10.97
CA GLU H 99 58.18 44.15 -11.37
C GLU H 99 59.66 44.00 -11.01
N ILE H 100 60.50 44.61 -11.83
CA ILE H 100 61.95 44.50 -11.71
C ILE H 100 62.52 45.89 -11.54
N LEU H 101 63.14 46.15 -10.39
CA LEU H 101 63.70 47.45 -10.09
C LEU H 101 65.21 47.36 -9.93
N HIS H 102 65.93 48.18 -10.70
CA HIS H 102 67.38 48.29 -10.59
C HIS H 102 67.71 49.32 -9.53
N VAL H 103 68.09 48.86 -8.34
CA VAL H 103 68.79 49.70 -7.38
C VAL H 103 70.11 49.04 -7.09
N THR H 104 70.94 49.71 -6.33
CA THR H 104 72.00 49.02 -5.60
C THR H 104 71.76 49.20 -4.11
N LYS H 105 72.34 48.28 -3.34
CA LYS H 105 72.05 48.23 -1.91
C LYS H 105 72.61 49.44 -1.18
N ASP H 106 73.70 50.01 -1.67
CA ASP H 106 74.22 51.24 -1.07
C ASP H 106 73.44 52.46 -1.52
N GLU H 107 72.81 52.40 -2.69
CA GLU H 107 71.99 53.51 -3.14
C GLU H 107 70.69 53.61 -2.35
N LEU H 108 70.19 52.47 -1.87
CA LEU H 108 68.85 52.44 -1.32
C LEU H 108 68.79 53.09 0.05
N LEU H 109 69.81 52.90 0.88
CA LEU H 109 69.85 53.57 2.17
C LEU H 109 70.06 55.07 2.00
N GLU H 110 70.83 55.46 0.98
CA GLU H 110 70.98 56.88 0.65
C GLU H 110 69.66 57.48 0.20
N ASP H 111 68.83 56.69 -0.48
CA ASP H 111 67.52 57.16 -0.91
C ASP H 111 66.54 57.28 0.25
N PHE H 112 66.73 56.52 1.32
CA PHE H 112 65.98 56.77 2.54
C PHE H 112 66.58 57.90 3.36
N GLU H 113 67.88 58.16 3.19
CA GLU H 113 68.49 59.36 3.73
C GLU H 113 68.12 60.58 2.90
N PHE H 114 67.70 60.37 1.66
CA PHE H 114 67.31 61.43 0.74
C PHE H 114 66.08 62.17 1.24
N ALA H 115 65.01 61.45 1.54
CA ALA H 115 63.79 62.09 1.98
C ALA H 115 63.77 62.24 3.50
N PRO H 116 63.14 63.31 4.01
CA PRO H 116 63.04 63.47 5.47
C PRO H 116 62.08 62.48 6.11
N GLU H 117 61.14 61.92 5.34
CA GLU H 117 60.18 60.96 5.85
C GLU H 117 60.10 59.80 4.86
N THR H 118 59.86 58.59 5.38
CA THR H 118 59.70 57.41 4.55
C THR H 118 58.52 57.51 3.59
N ALA H 119 57.53 58.34 3.91
CA ALA H 119 56.38 58.58 3.06
C ALA H 119 56.67 59.56 1.93
N GLN H 120 57.91 59.98 1.75
CA GLN H 120 58.30 60.78 0.60
C GLN H 120 59.53 60.21 -0.10
N SER H 121 59.89 58.97 0.16
CA SER H 121 61.11 58.39 -0.38
C SER H 121 60.93 58.05 -1.86
N GLY H 122 62.02 57.59 -2.48
CA GLY H 122 61.95 57.14 -3.85
C GLY H 122 61.52 55.70 -3.98
N LEU H 123 61.81 54.88 -2.97
CA LEU H 123 61.31 53.52 -3.00
C LEU H 123 59.83 53.47 -2.62
N TYR H 124 59.38 54.44 -1.81
CA TYR H 124 57.96 54.57 -1.50
C TYR H 124 57.14 54.91 -2.73
N LYS H 125 57.76 55.53 -3.73
CA LYS H 125 57.05 55.82 -4.97
C LYS H 125 56.79 54.54 -5.76
N HIS H 126 57.72 53.59 -5.74
CA HIS H 126 57.55 52.40 -6.55
C HIS H 126 56.84 51.27 -5.84
N VAL H 127 56.87 51.25 -4.50
CA VAL H 127 56.18 50.22 -3.76
C VAL H 127 54.73 50.62 -3.51
N TYR H 128 54.51 51.84 -3.03
CA TYR H 128 53.18 52.28 -2.64
C TYR H 128 52.44 52.97 -3.79
N SER H 129 52.99 54.09 -4.28
CA SER H 129 52.18 54.99 -5.07
C SER H 129 52.04 54.55 -6.52
N ALA H 130 53.07 53.96 -7.10
CA ALA H 130 52.93 53.49 -8.48
C ALA H 130 52.15 52.19 -8.56
N GLY H 131 52.00 51.49 -7.44
CA GLY H 131 51.26 50.26 -7.37
C GLY H 131 49.98 50.42 -6.59
N TYR H 132 50.10 50.12 -5.29
CA TYR H 132 48.96 50.08 -4.38
C TYR H 132 48.24 51.41 -4.27
N GLY H 133 48.97 52.50 -4.07
CA GLY H 133 48.33 53.79 -3.96
C GLY H 133 48.05 54.42 -5.30
N GLN H 134 47.20 53.77 -6.10
CA GLN H 134 46.95 54.18 -7.47
C GLN H 134 45.58 53.68 -7.87
N PHE H 135 44.79 54.54 -8.50
CA PHE H 135 43.48 54.12 -8.97
C PHE H 135 43.61 53.14 -10.11
N GLY H 136 43.18 51.90 -9.88
CA GLY H 136 43.23 50.86 -10.87
C GLY H 136 44.55 50.12 -10.97
N GLY H 137 45.61 50.65 -10.38
CA GLY H 137 46.90 49.98 -10.46
C GLY H 137 46.95 48.74 -9.60
N GLU H 138 47.69 47.75 -10.07
CA GLU H 138 47.82 46.50 -9.35
C GLU H 138 48.71 46.69 -8.12
N PRO H 139 48.30 46.20 -6.96
CA PRO H 139 49.05 46.48 -5.74
C PRO H 139 50.15 45.45 -5.51
N VAL H 140 51.06 45.78 -4.61
CA VAL H 140 52.29 45.04 -4.42
C VAL H 140 52.11 44.00 -3.32
N GLY H 141 52.37 42.74 -3.65
CA GLY H 141 52.26 41.67 -2.69
C GLY H 141 53.45 41.57 -1.76
N ALA H 142 54.66 41.51 -2.31
CA ALA H 142 55.85 41.38 -1.49
C ALA H 142 57.04 41.99 -2.22
N ILE H 143 58.08 42.32 -1.45
CA ILE H 143 59.30 42.89 -1.99
C ILE H 143 60.43 41.88 -1.81
N ILE H 144 60.95 41.38 -2.92
CA ILE H 144 62.10 40.49 -2.89
C ILE H 144 63.35 41.33 -2.74
N GLY H 145 64.05 41.14 -1.63
CA GLY H 145 65.33 41.81 -1.44
C GLY H 145 66.48 40.92 -1.87
N ASN H 146 67.17 41.31 -2.93
CA ASN H 146 68.28 40.52 -3.48
C ASN H 146 69.59 40.95 -2.83
N TYR H 147 69.59 40.92 -1.49
CA TYR H 147 70.60 41.57 -0.69
C TYR H 147 71.31 40.55 0.18
N ALA H 148 72.38 41.00 0.83
CA ALA H 148 73.13 40.19 1.79
C ALA H 148 73.32 41.06 3.03
N PHE H 149 72.47 40.85 4.03
CA PHE H 149 72.40 41.75 5.17
C PHE H 149 73.45 41.43 6.21
N THR H 150 74.11 42.45 6.68
CA THR H 150 74.99 42.47 7.83
C THR H 150 74.22 42.94 9.05
N PRO H 151 74.72 42.75 10.27
CA PRO H 151 74.05 43.35 11.43
C PRO H 151 74.53 44.75 11.76
N SER H 152 75.23 45.40 10.83
CA SER H 152 75.80 46.71 11.09
C SER H 152 74.72 47.79 10.99
N THR H 153 75.10 49.00 11.36
CA THR H 153 74.23 50.17 11.34
C THR H 153 73.75 50.57 9.94
N PRO H 154 74.53 50.50 8.85
CA PRO H 154 73.91 50.75 7.53
C PRO H 154 73.01 49.63 7.02
N ASP H 155 72.80 48.55 7.77
CA ASP H 155 71.82 47.54 7.39
C ASP H 155 70.73 47.33 8.42
N MET H 156 70.86 47.90 9.61
CA MET H 156 69.72 47.99 10.51
C MET H 156 68.99 49.31 10.37
N LYS H 157 69.61 50.30 9.74
CA LYS H 157 68.89 51.52 9.39
C LYS H 157 68.05 51.30 8.15
N LEU H 158 68.49 50.43 7.26
CA LEU H 158 67.69 50.11 6.08
C LEU H 158 66.44 49.34 6.46
N LEU H 159 66.58 48.32 7.31
CA LEU H 159 65.43 47.50 7.67
C LEU H 159 64.46 48.24 8.57
N GLN H 160 64.93 49.23 9.33
CA GLN H 160 64.00 50.09 10.04
C GLN H 160 63.19 50.93 9.08
N TYR H 161 63.78 51.30 7.95
CA TYR H 161 63.10 52.04 6.90
C TYR H 161 62.47 51.13 5.87
N MET H 162 62.58 49.81 6.02
CA MET H 162 61.80 48.89 5.20
C MET H 162 60.64 48.27 5.98
N GLY H 163 60.74 48.19 7.30
CA GLY H 163 59.60 47.81 8.09
C GLY H 163 58.54 48.89 8.12
N ALA H 164 58.95 50.15 8.09
CA ALA H 164 57.99 51.24 8.02
C ALA H 164 57.41 51.36 6.61
N LEU H 165 58.18 51.01 5.59
CA LEU H 165 57.63 50.97 4.24
C LEU H 165 56.69 49.78 4.07
N GLY H 166 57.02 48.64 4.69
CA GLY H 166 56.16 47.48 4.60
C GLY H 166 54.87 47.61 5.40
N ALA H 167 54.84 48.50 6.37
CA ALA H 167 53.62 48.74 7.12
C ALA H 167 52.73 49.77 6.48
N MET H 168 53.20 50.45 5.43
CA MET H 168 52.35 51.40 4.73
C MET H 168 51.70 50.79 3.50
N ALA H 169 52.43 49.98 2.74
CA ALA H 169 51.91 49.37 1.53
C ALA H 169 51.41 47.95 1.76
N HIS H 170 51.45 47.47 3.01
CA HIS H 170 51.00 46.14 3.41
C HIS H 170 51.69 45.03 2.62
N ALA H 171 53.01 45.14 2.53
CA ALA H 171 53.75 44.13 1.78
C ALA H 171 55.03 43.83 2.53
N PRO H 172 55.25 42.58 2.95
CA PRO H 172 56.47 42.26 3.68
C PRO H 172 57.68 42.24 2.78
N PHE H 173 58.80 42.72 3.31
CA PHE H 173 60.06 42.77 2.59
C PHE H 173 60.86 41.52 2.91
N ILE H 174 61.01 40.63 1.94
CA ILE H 174 61.75 39.39 2.11
C ILE H 174 63.13 39.52 1.47
N SER H 175 64.15 39.20 2.26
CA SER H 175 65.54 39.27 1.84
C SER H 175 66.29 38.19 2.61
N SER H 176 67.61 38.26 2.64
CA SER H 176 68.37 37.23 3.32
C SER H 176 69.51 37.85 4.12
N VAL H 177 69.90 37.15 5.17
CA VAL H 177 71.08 37.49 5.94
C VAL H 177 72.27 36.76 5.33
N GLY H 178 73.46 37.28 5.60
CA GLY H 178 74.67 36.72 5.04
C GLY H 178 75.36 35.78 6.01
N PRO H 179 76.49 35.21 5.57
CA PRO H 179 77.33 34.45 6.50
C PRO H 179 77.83 35.31 7.64
N GLU H 180 78.27 36.53 7.34
CA GLU H 180 78.81 37.44 8.34
C GLU H 180 77.74 37.94 9.31
N PHE H 181 76.47 37.70 9.03
CA PHE H 181 75.42 38.03 9.99
C PHE H 181 75.54 37.15 11.22
N PHE H 182 75.82 35.87 11.04
CA PHE H 182 76.00 34.98 12.17
C PHE H 182 77.39 35.06 12.76
N GLY H 183 78.32 35.74 12.10
CA GLY H 183 79.68 35.87 12.60
C GLY H 183 80.53 34.64 12.35
N ILE H 184 80.49 34.11 11.14
CA ILE H 184 81.27 32.93 10.80
C ILE H 184 82.20 33.14 9.60
N ASP H 185 81.93 34.13 8.75
CA ASP H 185 82.80 34.58 7.65
C ASP H 185 83.06 33.55 6.55
N SER H 186 82.45 32.37 6.67
CA SER H 186 82.53 31.27 5.74
C SER H 186 81.38 30.34 6.11
N PHE H 187 80.52 29.99 5.17
CA PHE H 187 79.18 29.62 5.57
C PHE H 187 79.04 28.17 6.02
N GLU H 188 79.84 27.25 5.52
CA GLU H 188 79.61 25.83 5.77
C GLU H 188 79.92 25.39 7.20
N GLU H 189 80.30 26.31 8.09
CA GLU H 189 80.47 26.00 9.50
C GLU H 189 79.28 26.44 10.34
N LEU H 190 78.08 26.42 9.77
CA LEU H 190 76.89 26.78 10.54
C LEU H 190 76.38 25.68 11.47
N PRO H 191 76.33 24.38 11.12
CA PRO H 191 75.94 23.39 12.13
C PRO H 191 76.94 23.20 13.25
N ASN H 192 78.16 23.72 13.11
CA ASN H 192 79.13 23.67 14.19
C ASN H 192 78.74 24.60 15.34
N ILE H 193 77.85 25.54 15.10
CA ILE H 193 77.37 26.43 16.16
C ILE H 193 76.56 25.62 17.16
N LYS H 194 77.03 25.56 18.41
CA LYS H 194 76.42 24.73 19.42
C LYS H 194 75.42 25.49 20.29
N ASP H 195 75.40 26.82 20.22
CA ASP H 195 74.41 27.61 20.94
C ASP H 195 74.20 28.90 20.17
N LEU H 196 73.10 28.95 19.40
CA LEU H 196 72.79 30.11 18.58
C LEU H 196 71.90 31.10 19.31
N LYS H 197 71.29 30.70 20.42
CA LYS H 197 70.50 31.63 21.22
C LYS H 197 71.39 32.65 21.92
N SER H 198 72.56 32.23 22.41
CA SER H 198 73.46 33.15 23.07
C SER H 198 74.20 34.05 22.10
N THR H 199 74.29 33.66 20.82
CA THR H 199 74.95 34.50 19.83
C THR H 199 74.14 35.76 19.58
N PHE H 200 72.82 35.65 19.59
CA PHE H 200 71.95 36.78 19.30
C PHE H 200 71.77 37.71 20.49
N GLU H 201 72.20 37.31 21.68
CA GLU H 201 72.14 38.16 22.88
C GLU H 201 73.49 38.80 23.19
N SER H 202 74.25 39.17 22.13
CA SER H 202 75.53 39.87 22.07
C SER H 202 75.30 41.37 21.86
N PRO H 203 76.20 42.21 22.40
CA PRO H 203 76.04 43.66 22.21
C PRO H 203 76.33 44.15 20.80
N LYS H 204 76.79 43.29 19.88
CA LYS H 204 76.87 43.69 18.49
C LYS H 204 75.48 43.81 17.87
N TYR H 205 74.51 43.11 18.43
CA TYR H 205 73.15 43.03 17.89
C TYR H 205 72.17 43.90 18.66
N THR H 206 72.60 45.07 19.14
CA THR H 206 71.66 45.94 19.84
C THR H 206 70.71 46.61 18.85
N LYS H 207 71.16 46.84 17.63
CA LYS H 207 70.30 47.34 16.57
C LYS H 207 69.54 46.22 15.86
N TRP H 208 69.70 44.97 16.29
CA TRP H 208 68.89 43.86 15.85
C TRP H 208 67.79 43.52 16.84
N ARG H 209 68.12 43.42 18.12
CA ARG H 209 67.13 43.12 19.15
C ARG H 209 66.20 44.29 19.41
N SER H 210 66.57 45.50 18.99
CA SER H 210 65.63 46.61 19.01
C SER H 210 64.81 46.69 17.74
N LEU H 211 65.30 46.13 16.64
CA LEU H 211 64.48 46.00 15.45
C LEU H 211 63.39 44.97 15.65
N ARG H 212 63.69 43.87 16.34
CA ARG H 212 62.73 42.78 16.52
C ARG H 212 61.57 43.21 17.41
N GLU H 213 61.83 44.01 18.44
CA GLU H 213 60.77 44.45 19.33
C GLU H 213 59.85 45.47 18.68
N SER H 214 60.24 46.08 17.58
CA SER H 214 59.47 47.15 16.98
C SER H 214 58.19 46.64 16.35
N GLU H 215 57.23 47.55 16.20
CA GLU H 215 55.90 47.16 15.74
C GLU H 215 55.87 46.92 14.25
N ASP H 216 56.56 47.74 13.47
CA ASP H 216 56.55 47.59 12.03
C ASP H 216 57.51 46.52 11.52
N ALA H 217 58.16 45.77 12.40
CA ALA H 217 59.00 44.65 11.99
C ALA H 217 58.20 43.45 11.54
N ARG H 218 56.88 43.51 11.69
CA ARG H 218 55.98 42.44 11.29
C ARG H 218 56.05 42.19 9.79
N TYR H 219 56.41 43.20 9.01
CA TYR H 219 56.48 43.12 7.56
C TYR H 219 57.91 42.93 7.09
N LEU H 220 58.70 42.15 7.82
CA LEU H 220 60.09 41.88 7.47
C LEU H 220 60.40 40.43 7.77
N GLY H 221 60.55 39.63 6.72
CA GLY H 221 61.07 38.28 6.83
C GLY H 221 62.46 38.23 6.22
N LEU H 222 63.38 37.52 6.87
CA LEU H 222 64.73 37.35 6.36
C LEU H 222 65.01 35.88 6.19
N THR H 223 65.41 35.50 4.98
CA THR H 223 65.28 34.12 4.54
C THR H 223 66.55 33.33 4.84
N ALA H 224 66.67 32.20 4.16
CA ALA H 224 67.47 30.99 4.26
C ALA H 224 68.99 31.19 4.09
N PRO H 225 69.79 30.13 4.19
CA PRO H 225 71.20 30.24 3.79
C PRO H 225 71.49 30.78 2.39
N ARG H 226 71.28 29.99 1.35
CA ARG H 226 71.52 30.25 -0.07
C ARG H 226 71.11 28.98 -0.78
N PHE H 227 71.07 29.03 -2.11
CA PHE H 227 70.75 27.83 -2.86
C PHE H 227 71.45 27.87 -4.21
N LEU H 228 71.62 26.69 -4.81
CA LEU H 228 72.38 26.51 -6.02
C LEU H 228 71.53 26.84 -7.25
N LEU H 229 72.17 27.41 -8.27
CA LEU H 229 71.49 27.79 -9.51
C LEU H 229 71.95 27.00 -10.72
N ARG H 230 73.25 26.89 -10.94
CA ARG H 230 73.78 26.33 -12.17
C ARG H 230 74.62 25.10 -11.87
N VAL H 231 74.25 23.98 -12.48
CA VAL H 231 75.11 22.80 -12.48
C VAL H 231 76.35 23.12 -13.32
N PRO H 232 77.56 22.88 -12.81
CA PRO H 232 78.75 23.07 -13.63
C PRO H 232 78.77 22.10 -14.81
N TYR H 233 79.22 22.60 -15.96
CA TYR H 233 79.04 21.92 -17.22
C TYR H 233 79.96 20.71 -17.33
N ASP H 234 79.66 19.85 -18.32
CA ASP H 234 80.33 18.58 -18.46
C ASP H 234 80.19 18.15 -19.91
N PRO H 235 81.22 17.56 -20.52
CA PRO H 235 81.11 17.14 -21.92
C PRO H 235 80.20 15.94 -22.16
N ILE H 236 79.66 15.31 -21.12
CA ILE H 236 78.73 14.20 -21.26
C ILE H 236 77.34 14.57 -20.75
N GLU H 237 77.26 15.18 -19.56
CA GLU H 237 75.98 15.45 -18.92
C GLU H 237 75.29 16.66 -19.54
N ASN H 238 75.92 17.84 -19.41
CA ASN H 238 75.36 19.09 -19.91
C ASN H 238 76.38 19.71 -20.85
N PRO H 239 76.41 19.28 -22.12
CA PRO H 239 77.45 19.73 -23.03
C PRO H 239 77.18 21.13 -23.58
N VAL H 240 78.19 21.66 -24.26
CA VAL H 240 78.06 22.93 -24.96
C VAL H 240 78.31 22.67 -26.44
N LYS H 241 77.83 23.60 -27.28
CA LYS H 241 77.81 23.39 -28.73
C LYS H 241 79.21 23.54 -29.30
N SER H 242 79.66 22.49 -30.01
CA SER H 242 80.94 22.43 -30.72
C SER H 242 82.15 22.67 -29.80
N PHE H 243 82.03 22.23 -28.55
CA PHE H 243 83.09 22.40 -27.56
C PHE H 243 82.84 21.41 -26.43
N ASN H 244 83.92 21.03 -25.75
CA ASN H 244 83.85 20.18 -24.57
C ASN H 244 84.36 20.97 -23.38
N TYR H 245 83.47 21.29 -22.45
CA TYR H 245 83.76 22.19 -21.35
C TYR H 245 83.56 21.46 -20.02
N ALA H 246 84.65 21.15 -19.35
CA ALA H 246 84.61 20.57 -18.01
C ALA H 246 84.99 21.68 -17.04
N GLU H 247 83.99 22.19 -16.33
CA GLU H 247 84.18 23.31 -15.40
C GLU H 247 84.84 22.78 -14.14
N ASN H 248 86.15 23.01 -14.00
CA ASN H 248 86.91 22.50 -12.87
C ASN H 248 86.58 23.31 -11.62
N VAL H 249 85.65 22.80 -10.82
CA VAL H 249 85.25 23.46 -9.58
C VAL H 249 86.22 23.03 -8.48
N SER H 250 86.87 24.00 -7.87
CA SER H 250 87.90 23.73 -6.87
C SER H 250 87.26 23.43 -5.52
N ALA H 251 88.08 23.37 -4.48
CA ALA H 251 87.59 23.11 -3.14
C ALA H 251 86.85 24.31 -2.55
N SER H 252 87.06 25.50 -3.10
CA SER H 252 86.29 26.66 -2.71
C SER H 252 84.88 26.54 -3.27
N HIS H 253 83.89 26.48 -2.38
CA HIS H 253 82.50 26.38 -2.80
C HIS H 253 81.87 27.73 -3.09
N GLU H 254 82.68 28.79 -3.21
CA GLU H 254 82.18 30.07 -3.66
C GLU H 254 82.10 30.17 -5.18
N HIS H 255 82.68 29.20 -5.90
CA HIS H 255 82.67 29.25 -7.35
C HIS H 255 81.37 28.70 -7.94
N TYR H 256 80.63 27.91 -7.18
CA TYR H 256 79.27 27.55 -7.58
C TYR H 256 78.41 28.80 -7.64
N LEU H 257 77.47 28.82 -8.59
CA LEU H 257 76.61 29.97 -8.76
C LEU H 257 75.53 29.93 -7.67
N TRP H 258 75.87 30.48 -6.51
CA TRP H 258 74.94 30.47 -5.40
C TRP H 258 74.00 31.65 -5.49
N GLY H 259 72.70 31.37 -5.56
CA GLY H 259 71.71 32.41 -5.67
C GLY H 259 71.30 32.97 -4.31
N ASN H 260 70.30 33.84 -4.34
CA ASN H 260 69.73 34.44 -3.14
C ASN H 260 68.35 33.83 -2.91
N THR H 261 68.08 33.41 -1.67
CA THR H 261 66.89 32.59 -1.42
C THR H 261 65.62 33.43 -1.27
N ALA H 262 65.73 34.77 -1.33
CA ALA H 262 64.53 35.59 -1.46
C ALA H 262 63.84 35.35 -2.79
N PHE H 263 64.60 34.93 -3.81
CA PHE H 263 64.01 34.36 -5.01
C PHE H 263 63.22 33.10 -4.69
N ALA H 264 63.84 32.17 -3.98
CA ALA H 264 63.24 30.85 -3.80
C ALA H 264 62.12 30.84 -2.78
N PHE H 265 62.12 31.77 -1.83
CA PHE H 265 61.00 31.84 -0.90
C PHE H 265 59.80 32.53 -1.52
N ALA H 266 60.03 33.49 -2.40
CA ALA H 266 58.93 34.09 -3.15
C ALA H 266 58.43 33.19 -4.26
N THR H 267 59.15 32.12 -4.58
CA THR H 267 58.59 31.10 -5.46
C THR H 267 57.41 30.42 -4.78
N ARG H 268 57.49 30.23 -3.46
CA ARG H 268 56.41 29.60 -2.72
C ARG H 268 55.29 30.56 -2.36
N LEU H 269 55.55 31.87 -2.33
CA LEU H 269 54.46 32.83 -2.24
C LEU H 269 53.61 32.82 -3.49
N THR H 270 54.22 32.58 -4.64
CA THR H 270 53.49 32.70 -5.88
C THR H 270 52.92 31.37 -6.34
N ASP H 271 53.63 30.27 -6.11
CA ASP H 271 53.07 28.96 -6.43
C ASP H 271 51.98 28.55 -5.45
N SER H 272 51.87 29.23 -4.31
CA SER H 272 50.66 29.09 -3.51
C SER H 272 49.53 29.95 -4.04
N PHE H 273 49.86 31.10 -4.64
CA PHE H 273 48.81 31.95 -5.17
C PHE H 273 48.28 31.42 -6.50
N ALA H 274 49.11 30.71 -7.26
CA ALA H 274 48.65 30.21 -8.55
C ALA H 274 47.73 29.01 -8.42
N LYS H 275 47.60 28.44 -7.22
CA LYS H 275 46.77 27.29 -6.99
C LYS H 275 45.50 27.61 -6.23
N TYR H 276 45.59 28.43 -5.18
CA TYR H 276 44.45 28.68 -4.31
C TYR H 276 44.01 30.14 -4.29
N ARG H 277 44.71 31.03 -4.99
CA ARG H 277 44.48 32.48 -5.04
C ARG H 277 44.56 33.13 -3.66
N TRP H 278 45.35 32.54 -2.78
CA TRP H 278 45.74 33.13 -1.51
C TRP H 278 47.16 32.70 -1.22
N CYS H 279 47.68 33.11 -0.08
CA CYS H 279 49.01 32.65 0.36
C CYS H 279 49.11 32.55 1.88
N PRO H 280 48.52 31.53 2.50
CA PRO H 280 49.06 31.07 3.77
C PRO H 280 49.92 29.81 3.60
N ASN H 281 49.92 29.24 2.40
CA ASN H 281 50.49 27.91 2.17
C ASN H 281 51.94 28.04 1.74
N ILE H 282 52.82 28.27 2.72
CA ILE H 282 54.24 28.44 2.43
C ILE H 282 55.14 27.65 3.38
N ILE H 283 54.58 26.85 4.28
CA ILE H 283 55.41 26.22 5.30
C ILE H 283 55.31 24.69 5.29
N GLY H 284 55.01 24.08 4.15
CA GLY H 284 54.81 22.65 4.10
C GLY H 284 55.71 21.90 3.15
N PRO H 285 56.42 20.89 3.67
CA PRO H 285 57.16 19.98 2.78
C PRO H 285 56.27 19.16 1.89
N GLN H 286 55.01 18.94 2.29
CA GLN H 286 53.99 18.40 1.40
C GLN H 286 52.80 19.32 1.30
N SER H 287 52.95 20.59 1.67
CA SER H 287 51.82 21.50 1.71
C SER H 287 52.18 22.90 1.23
N GLY H 288 53.17 23.01 0.35
CA GLY H 288 53.45 24.25 -0.32
C GLY H 288 54.64 25.05 0.18
N GLY H 289 55.58 24.43 0.86
CA GLY H 289 56.80 25.12 1.23
C GLY H 289 58.00 24.33 0.76
N ALA H 290 57.80 23.49 -0.24
CA ALA H 290 58.83 22.58 -0.73
C ALA H 290 59.44 23.16 -2.00
N VAL H 291 60.66 23.70 -1.88
CA VAL H 291 61.41 24.18 -3.04
C VAL H 291 61.95 22.94 -3.74
N GLU H 292 61.28 22.53 -4.82
CA GLU H 292 61.67 21.35 -5.55
C GLU H 292 62.56 21.72 -6.73
N ASP H 293 63.11 20.67 -7.37
CA ASP H 293 63.93 20.75 -8.59
C ASP H 293 65.16 21.63 -8.37
N LEU H 294 65.89 21.35 -7.30
CA LEU H 294 67.14 22.05 -7.10
C LEU H 294 68.24 21.44 -7.97
N PRO H 295 69.23 22.23 -8.34
CA PRO H 295 70.39 21.65 -9.04
C PRO H 295 71.25 20.83 -8.10
N VAL H 296 71.70 19.67 -8.59
CA VAL H 296 72.63 18.83 -7.85
C VAL H 296 73.87 18.62 -8.69
N HIS H 297 74.97 18.32 -8.00
CA HIS H 297 76.27 18.14 -8.65
C HIS H 297 76.94 16.94 -7.99
N VAL H 298 76.81 15.78 -8.62
CA VAL H 298 77.42 14.56 -8.10
C VAL H 298 78.91 14.59 -8.45
N PHE H 299 79.75 14.68 -7.42
CA PHE H 299 81.19 14.66 -7.61
C PHE H 299 81.79 13.56 -6.74
N GLU H 300 83.09 13.34 -6.93
CA GLU H 300 83.80 12.30 -6.19
C GLU H 300 84.36 12.87 -4.90
N SER H 301 83.96 12.30 -3.78
CA SER H 301 84.49 12.66 -2.48
C SER H 301 85.76 11.84 -2.21
N MET H 302 86.19 11.82 -0.95
CA MET H 302 87.35 11.03 -0.53
C MET H 302 86.96 9.54 -0.49
N GLY H 303 86.87 8.97 -1.68
CA GLY H 303 86.55 7.55 -1.84
C GLY H 303 85.15 7.28 -2.34
N ALA H 304 84.16 7.99 -1.81
CA ALA H 304 82.76 7.73 -2.10
C ALA H 304 82.26 8.65 -3.21
N LEU H 305 81.02 8.40 -3.62
CA LEU H 305 80.33 9.21 -4.63
C LEU H 305 79.18 9.93 -3.93
N GLN H 306 79.39 11.21 -3.62
CA GLN H 306 78.38 12.00 -2.93
C GLN H 306 77.87 13.09 -3.86
N SER H 307 76.93 13.87 -3.35
CA SER H 307 76.34 14.99 -4.07
C SER H 307 76.60 16.28 -3.32
N LYS H 308 76.86 17.35 -4.08
CA LYS H 308 76.98 18.67 -3.47
C LYS H 308 75.63 19.13 -2.98
N ILE H 309 75.58 19.58 -1.74
CA ILE H 309 74.31 19.97 -1.12
C ILE H 309 73.81 21.27 -1.74
N PRO H 310 72.57 21.31 -2.25
CA PRO H 310 72.12 22.50 -2.97
C PRO H 310 71.90 23.71 -2.09
N THR H 311 71.67 23.55 -0.80
CA THR H 311 71.85 24.63 0.15
C THR H 311 73.17 24.37 0.88
N GLU H 312 73.86 25.44 1.26
CA GLU H 312 75.27 25.31 1.62
C GLU H 312 75.49 24.62 2.96
N VAL H 313 74.47 24.51 3.79
CA VAL H 313 74.57 23.74 5.02
C VAL H 313 73.38 22.79 5.08
N LEU H 314 73.54 21.73 5.85
CA LEU H 314 72.43 20.84 6.19
C LEU H 314 71.87 21.31 7.51
N ILE H 315 70.75 22.03 7.44
CA ILE H 315 70.12 22.56 8.64
C ILE H 315 69.41 21.43 9.36
N THR H 316 69.78 21.18 10.60
CA THR H 316 69.12 20.16 11.39
C THR H 316 67.75 20.66 11.85
N ASP H 317 67.02 19.79 12.53
CA ASP H 317 65.69 20.19 12.99
C ASP H 317 65.79 21.07 14.23
N ARG H 318 66.80 20.86 15.07
CA ARG H 318 66.97 21.72 16.24
C ARG H 318 67.52 23.08 15.85
N LYS H 319 68.41 23.11 14.85
CA LYS H 319 68.94 24.37 14.37
C LYS H 319 67.85 25.19 13.68
N GLU H 320 66.93 24.52 13.00
CA GLU H 320 65.87 25.25 12.32
C GLU H 320 64.84 25.75 13.31
N PHE H 321 64.56 24.97 14.37
CA PHE H 321 63.65 25.45 15.40
C PHE H 321 64.27 26.59 16.20
N GLU H 322 65.59 26.60 16.35
CA GLU H 322 66.23 27.72 17.02
C GLU H 322 66.28 28.95 16.13
N LEU H 323 66.34 28.75 14.81
CA LEU H 323 66.16 29.87 13.89
C LEU H 323 64.71 30.32 13.81
N ALA H 324 63.77 29.42 14.07
CA ALA H 324 62.36 29.80 14.01
C ALA H 324 61.97 30.67 15.18
N GLU H 325 62.54 30.40 16.35
CA GLU H 325 62.25 31.23 17.52
C GLU H 325 62.94 32.58 17.40
N GLU H 326 64.08 32.66 16.72
CA GLU H 326 64.83 33.89 16.58
C GLU H 326 64.51 34.63 15.29
N GLY H 327 63.42 34.29 14.63
CA GLY H 327 62.93 35.08 13.50
C GLY H 327 63.70 34.89 12.21
N PHE H 328 63.70 33.66 11.68
CA PHE H 328 64.38 33.38 10.42
C PHE H 328 63.57 32.36 9.65
N ILE H 329 63.56 32.49 8.33
CA ILE H 329 62.87 31.56 7.45
C ILE H 329 63.95 30.66 6.88
N ALA H 330 64.22 29.56 7.57
CA ALA H 330 65.31 28.66 7.16
C ALA H 330 64.79 27.61 6.17
N LEU H 331 65.72 27.10 5.37
CA LEU H 331 65.42 26.11 4.33
C LEU H 331 66.23 24.86 4.60
N THR H 332 65.62 23.89 5.25
CA THR H 332 66.26 22.58 5.40
C THR H 332 66.21 21.84 4.07
N MET H 333 67.28 21.12 3.78
CA MET H 333 67.44 20.44 2.50
C MET H 333 67.21 18.96 2.70
N ARG H 334 66.49 18.33 1.78
CA ARG H 334 66.20 16.91 1.85
C ARG H 334 67.47 16.15 1.50
N LYS H 335 68.20 15.70 2.52
CA LYS H 335 69.55 15.19 2.37
C LYS H 335 69.60 13.94 1.49
N GLY H 336 70.17 14.09 0.31
CA GLY H 336 70.29 12.98 -0.63
C GLY H 336 69.46 13.14 -1.88
N SER H 337 68.82 14.28 -2.08
CA SER H 337 68.00 14.49 -3.26
C SER H 337 68.05 15.96 -3.64
N ASP H 338 67.17 16.35 -4.55
CA ASP H 338 67.12 17.70 -5.09
C ASP H 338 65.91 18.48 -4.60
N ASN H 339 65.53 18.27 -3.34
CA ASN H 339 64.37 18.94 -2.77
C ASN H 339 64.79 19.65 -1.50
N ALA H 340 63.94 20.56 -1.06
CA ALA H 340 64.15 21.28 0.19
C ALA H 340 62.78 21.59 0.76
N ALA H 341 62.75 22.27 1.91
CA ALA H 341 61.48 22.54 2.54
C ALA H 341 61.62 23.72 3.49
N PHE H 342 60.58 24.55 3.55
CA PHE H 342 60.42 25.49 4.63
C PHE H 342 59.51 24.86 5.68
N PHE H 343 59.68 25.28 6.92
CA PHE H 343 58.86 24.76 8.00
C PHE H 343 58.14 25.82 8.80
N SER H 344 58.64 27.05 8.82
CA SER H 344 58.03 28.11 9.60
C SER H 344 58.47 29.43 8.98
N ALA H 345 57.51 30.26 8.60
CA ALA H 345 57.82 31.50 7.90
C ALA H 345 57.79 32.70 8.84
N ASN H 346 58.25 32.54 10.08
CA ASN H 346 58.12 33.56 11.10
C ASN H 346 58.90 34.82 10.74
N SER H 347 58.25 35.96 10.85
CA SER H 347 58.92 37.24 10.65
C SER H 347 59.78 37.54 11.87
N ILE H 348 60.58 38.60 11.76
CA ILE H 348 61.56 38.91 12.79
C ILE H 348 60.96 39.48 14.06
N GLN H 349 59.65 39.68 14.12
CA GLN H 349 59.04 40.31 15.28
C GLN H 349 59.02 39.35 16.45
N LYS H 350 59.20 39.87 17.66
CA LYS H 350 59.20 38.99 18.81
C LYS H 350 57.84 38.97 19.49
N PRO H 351 57.38 37.80 19.91
CA PRO H 351 56.12 37.73 20.67
C PRO H 351 56.29 38.37 22.03
N LYS H 352 55.64 39.51 22.24
CA LYS H 352 55.84 40.27 23.46
C LYS H 352 55.14 39.60 24.62
N VAL H 353 55.87 39.42 25.71
CA VAL H 353 55.30 38.76 26.89
C VAL H 353 54.39 39.74 27.60
N PHE H 354 53.16 39.40 27.68
CA PHE H 354 52.10 40.14 28.34
C PHE H 354 51.88 39.60 29.74
N PRO H 355 51.41 40.42 30.69
CA PRO H 355 51.26 39.95 32.07
C PRO H 355 50.16 38.92 32.23
N ASN H 356 50.23 38.18 33.33
CA ASN H 356 49.40 37.00 33.52
C ASN H 356 47.99 37.31 34.00
N THR H 357 47.29 38.18 33.29
CA THR H 357 45.89 38.42 33.56
C THR H 357 45.04 37.52 32.68
N LYS H 358 43.73 37.74 32.69
CA LYS H 358 42.86 37.00 31.78
C LYS H 358 43.02 37.53 30.36
N GLU H 359 43.06 38.85 30.19
CA GLU H 359 43.27 39.44 28.89
C GLU H 359 44.72 39.35 28.44
N GLY H 360 45.67 39.36 29.37
CA GLY H 360 47.07 39.32 29.01
C GLY H 360 47.50 37.97 28.49
N LYS H 361 46.99 36.89 29.12
CA LYS H 361 47.23 35.56 28.60
C LYS H 361 46.48 35.33 27.29
N GLU H 362 45.42 36.08 27.06
CA GLU H 362 44.71 35.99 25.78
C GLU H 362 45.43 36.79 24.71
N ALA H 363 45.74 38.07 24.99
CA ALA H 363 46.33 38.93 23.96
C ALA H 363 47.75 38.53 23.60
N GLU H 364 48.42 37.75 24.46
CA GLU H 364 49.72 37.20 24.09
C GLU H 364 49.58 36.20 22.95
N THR H 365 48.52 35.38 22.99
CA THR H 365 48.26 34.47 21.89
C THR H 365 47.70 35.22 20.69
N ASN H 366 47.07 36.37 20.93
CA ASN H 366 46.60 37.20 19.84
C ASN H 366 47.75 37.90 19.13
N TYR H 367 48.68 38.45 19.89
CA TYR H 367 49.83 39.10 19.30
C TYR H 367 50.81 38.13 18.66
N LYS H 368 50.78 36.86 19.10
CA LYS H 368 51.64 35.85 18.50
C LYS H 368 51.23 35.54 17.08
N LEU H 369 49.94 35.65 16.77
CA LEU H 369 49.49 35.35 15.41
C LEU H 369 49.89 36.44 14.42
N GLY H 370 50.21 37.63 14.90
CA GLY H 370 50.64 38.68 13.99
C GLY H 370 52.01 38.43 13.42
N THR H 371 52.90 37.83 14.19
CA THR H 371 54.30 37.77 13.81
C THR H 371 54.60 36.66 12.82
N GLN H 372 53.68 35.74 12.58
CA GLN H 372 54.10 34.46 12.00
C GLN H 372 54.27 34.50 10.50
N LEU H 373 53.55 35.37 9.80
CA LEU H 373 53.63 35.63 8.36
C LEU H 373 53.35 34.41 7.47
N PRO H 374 52.33 33.60 7.76
CA PRO H 374 51.47 33.32 6.62
C PRO H 374 50.18 34.07 6.82
N TYR H 375 49.95 34.50 8.05
CA TYR H 375 48.70 35.14 8.42
C TYR H 375 48.68 36.60 8.06
N MET H 376 49.85 37.25 7.94
CA MET H 376 49.86 38.58 7.36
C MET H 376 49.42 38.54 5.91
N MET H 377 49.79 37.48 5.19
CA MET H 377 49.50 37.46 3.78
C MET H 377 48.03 37.14 3.49
N ILE H 378 47.27 36.68 4.49
CA ILE H 378 45.82 36.59 4.29
C ILE H 378 45.10 37.84 4.77
N ILE H 379 45.82 38.81 5.34
CA ILE H 379 45.22 40.12 5.62
C ILE H 379 45.90 41.25 4.87
N ASN H 380 47.08 41.03 4.31
CA ASN H 380 47.58 41.97 3.32
C ASN H 380 46.69 41.96 2.10
N ARG H 381 46.20 40.79 1.71
CA ARG H 381 45.20 40.72 0.66
C ARG H 381 43.88 41.32 1.12
N LEU H 382 43.59 41.28 2.42
CA LEU H 382 42.45 42.03 2.93
C LEU H 382 42.82 43.48 3.24
N ALA H 383 43.95 43.95 2.75
CA ALA H 383 44.18 45.37 2.62
C ALA H 383 44.34 45.78 1.18
N HIS H 384 44.59 44.82 0.29
CA HIS H 384 44.70 45.20 -1.11
C HIS H 384 43.37 45.07 -1.83
N TYR H 385 42.56 44.06 -1.51
CA TYR H 385 41.21 44.00 -2.08
C TYR H 385 40.35 45.14 -1.58
N VAL H 386 40.43 45.45 -0.29
CA VAL H 386 39.44 46.33 0.29
C VAL H 386 39.78 47.78 -0.02
N LYS H 387 41.06 48.07 -0.25
CA LYS H 387 41.47 49.37 -0.76
C LYS H 387 40.95 49.58 -2.18
N VAL H 388 41.02 48.54 -3.01
CA VAL H 388 40.55 48.66 -4.39
C VAL H 388 39.03 48.68 -4.44
N LEU H 389 38.38 47.86 -3.62
CA LEU H 389 36.93 47.67 -3.72
C LEU H 389 36.18 48.89 -3.20
N GLN H 390 36.70 49.54 -2.17
CA GLN H 390 36.13 50.77 -1.65
C GLN H 390 36.77 52.01 -2.25
N ARG H 391 37.48 51.88 -3.36
CA ARG H 391 37.91 53.04 -4.12
C ARG H 391 36.93 53.35 -5.23
N GLU H 392 36.36 52.33 -5.85
CA GLU H 392 35.34 52.52 -6.87
C GLU H 392 34.09 53.15 -6.30
N GLN H 393 33.82 52.97 -5.01
CA GLN H 393 32.55 53.36 -4.44
C GLN H 393 32.46 54.83 -4.12
N ILE H 394 33.55 55.60 -4.19
CA ILE H 394 33.55 57.00 -3.78
C ILE H 394 32.65 57.81 -4.70
N GLY H 395 31.67 58.49 -4.12
CA GLY H 395 30.69 59.19 -4.90
C GLY H 395 29.36 58.50 -5.04
N ALA H 396 29.18 57.35 -4.41
CA ALA H 396 27.93 56.62 -4.57
C ALA H 396 26.85 57.20 -3.67
N TRP H 397 25.75 56.47 -3.57
CA TRP H 397 24.67 56.81 -2.66
C TRP H 397 24.54 55.66 -1.69
N LYS H 398 25.17 55.79 -0.53
CA LYS H 398 25.36 54.65 0.36
C LYS H 398 24.81 55.06 1.72
N GLU H 399 24.86 54.15 2.68
CA GLU H 399 24.54 54.43 4.07
C GLU H 399 25.52 53.66 4.94
N ARG H 400 25.43 53.88 6.24
CA ARG H 400 26.18 53.06 7.17
C ARG H 400 25.68 51.62 7.16
N GLN H 401 24.36 51.45 7.11
CA GLN H 401 23.79 50.11 6.96
C GLN H 401 24.14 49.52 5.60
N ASP H 402 24.29 50.35 4.57
CA ASP H 402 24.73 49.85 3.29
C ASP H 402 26.22 49.57 3.29
N LEU H 403 26.99 50.30 4.12
CA LEU H 403 28.40 50.01 4.22
C LEU H 403 28.65 48.72 4.98
N GLU H 404 27.83 48.43 6.00
CA GLU H 404 27.94 47.16 6.72
C GLU H 404 27.64 45.97 5.82
N ARG H 405 26.76 46.14 4.85
CA ARG H 405 26.29 45.05 4.01
C ARG H 405 27.20 44.79 2.82
N GLU H 406 27.75 45.83 2.21
CA GLU H 406 28.68 45.62 1.11
C GLU H 406 30.00 45.02 1.54
N LEU H 407 30.29 45.00 2.84
CA LEU H 407 31.47 44.32 3.35
C LEU H 407 31.16 42.95 3.94
N ASN H 408 30.02 42.79 4.63
CA ASN H 408 29.70 41.50 5.22
C ASN H 408 29.31 40.49 4.16
N SER H 409 28.56 40.91 3.15
CA SER H 409 28.26 40.00 2.06
C SER H 409 29.44 39.81 1.13
N TRP H 410 30.49 40.61 1.27
CA TRP H 410 31.69 40.41 0.48
C TRP H 410 32.67 39.44 1.12
N ILE H 411 32.99 39.61 2.40
CA ILE H 411 34.03 38.77 2.99
C ILE H 411 33.49 37.40 3.39
N LYS H 412 32.17 37.21 3.41
CA LYS H 412 31.66 35.89 3.72
C LYS H 412 31.59 34.97 2.51
N GLN H 413 32.34 35.28 1.46
CA GLN H 413 32.77 34.27 0.50
C GLN H 413 34.19 33.84 0.75
N TYR H 414 34.86 34.44 1.73
CA TYR H 414 36.18 34.02 2.16
C TYR H 414 36.15 33.34 3.51
N VAL H 415 34.99 33.24 4.12
CA VAL H 415 34.83 32.72 5.47
C VAL H 415 34.14 31.37 5.38
N ALA H 416 34.78 30.34 5.91
CA ALA H 416 34.17 29.02 6.04
C ALA H 416 34.16 28.67 7.51
N ASP H 417 33.14 29.15 8.22
CA ASP H 417 33.06 28.99 9.67
C ASP H 417 32.62 27.56 9.96
N GLN H 418 33.60 26.67 9.99
CA GLN H 418 33.34 25.24 9.97
C GLN H 418 34.54 24.55 10.60
N GLU H 419 34.26 23.54 11.42
CA GLU H 419 35.32 22.95 12.23
C GLU H 419 36.26 22.10 11.38
N ASN H 420 35.71 21.33 10.46
CA ASN H 420 36.53 20.48 9.57
C ASN H 420 35.97 20.53 8.15
N PRO H 421 36.26 21.58 7.40
CA PRO H 421 35.91 21.58 5.98
C PRO H 421 36.94 20.78 5.20
N PRO H 422 36.66 20.45 3.94
CA PRO H 422 37.67 19.75 3.13
C PRO H 422 38.90 20.62 2.86
N ALA H 423 39.92 19.97 2.31
CA ALA H 423 41.22 20.61 2.14
C ALA H 423 41.22 21.68 1.07
N ASP H 424 40.19 21.77 0.24
CA ASP H 424 40.08 22.85 -0.72
C ASP H 424 39.29 24.03 -0.18
N VAL H 425 38.34 23.78 0.72
CA VAL H 425 37.57 24.87 1.31
C VAL H 425 38.41 25.64 2.30
N ARG H 426 39.43 24.99 2.88
CA ARG H 426 40.29 25.67 3.84
C ARG H 426 41.20 26.68 3.19
N SER H 427 41.62 26.43 1.95
CA SER H 427 42.59 27.31 1.32
C SER H 427 41.97 28.27 0.32
N ARG H 428 40.85 27.92 -0.30
CA ARG H 428 40.10 28.92 -1.06
C ARG H 428 39.46 29.94 -0.14
N ARG H 429 39.06 29.53 1.06
CA ARG H 429 38.46 30.41 2.06
C ARG H 429 39.35 30.37 3.29
N PRO H 430 40.43 31.16 3.31
CA PRO H 430 41.44 31.01 4.37
C PRO H 430 41.00 31.55 5.71
N LEU H 431 40.01 32.41 5.75
CA LEU H 431 39.52 32.93 7.01
C LEU H 431 38.60 31.90 7.66
N ARG H 432 38.24 32.14 8.89
CA ARG H 432 37.33 31.29 9.63
C ARG H 432 36.18 32.06 10.24
N ALA H 433 36.40 33.28 10.70
CA ALA H 433 35.32 34.14 11.15
C ALA H 433 35.76 35.59 10.99
N ALA H 434 34.79 36.46 10.72
CA ALA H 434 35.11 37.86 10.46
C ALA H 434 34.02 38.75 11.03
N ARG H 435 34.43 39.73 11.83
CA ARG H 435 33.51 40.66 12.46
C ARG H 435 33.74 42.04 11.86
N ILE H 436 32.66 42.72 11.49
CA ILE H 436 32.75 44.07 10.93
C ILE H 436 31.82 44.98 11.70
N GLU H 437 32.37 45.98 12.35
CA GLU H 437 31.61 46.90 13.20
C GLU H 437 31.83 48.31 12.65
N VAL H 438 30.88 48.79 11.86
CA VAL H 438 30.98 50.11 11.26
C VAL H 438 30.44 51.14 12.25
N MET H 439 31.24 52.17 12.52
CA MET H 439 30.87 53.26 13.41
C MET H 439 30.88 54.55 12.60
N ASP H 440 30.68 55.67 13.27
CA ASP H 440 30.65 56.97 12.62
C ASP H 440 31.82 57.83 13.08
N VAL H 441 31.92 59.01 12.50
CA VAL H 441 32.79 60.06 12.99
C VAL H 441 31.93 61.31 13.14
N GLU H 442 31.81 61.80 14.37
CA GLU H 442 31.03 62.99 14.63
C GLU H 442 31.84 64.23 14.29
N GLY H 443 31.14 65.36 14.15
CA GLY H 443 31.79 66.59 13.75
C GLY H 443 31.76 66.77 12.24
N ASN H 444 32.44 65.87 11.53
CA ASN H 444 32.34 65.78 10.08
C ASN H 444 31.59 64.50 9.77
N PRO H 445 30.28 64.56 9.54
CA PRO H 445 29.50 63.33 9.43
C PRO H 445 29.69 62.67 8.08
N GLY H 446 29.77 61.34 8.10
CA GLY H 446 30.02 60.55 6.92
C GLY H 446 31.46 60.10 6.76
N TRP H 447 32.03 59.60 7.84
CA TRP H 447 33.40 59.09 7.86
C TRP H 447 33.36 57.90 8.82
N TYR H 448 33.83 56.74 8.38
CA TYR H 448 33.37 55.48 8.93
C TYR H 448 34.51 54.63 9.49
N GLN H 449 34.57 54.53 10.80
CA GLN H 449 35.64 53.77 11.45
C GLN H 449 35.15 52.33 11.61
N VAL H 450 35.41 51.49 10.62
CA VAL H 450 34.90 50.13 10.67
C VAL H 450 36.03 49.26 11.18
N SER H 451 35.71 48.12 11.78
CA SER H 451 36.74 47.28 12.39
C SER H 451 36.62 45.85 11.88
N LEU H 452 37.25 45.56 10.74
CA LEU H 452 37.27 44.21 10.21
C LEU H 452 38.19 43.33 11.04
N SER H 453 37.62 42.28 11.65
CA SER H 453 38.32 41.43 12.62
C SER H 453 38.29 39.99 12.14
N VAL H 454 39.23 39.63 11.26
CA VAL H 454 39.25 38.30 10.68
C VAL H 454 39.93 37.31 11.62
N ARG H 455 39.85 36.02 11.30
CA ARG H 455 40.39 34.98 12.13
C ARG H 455 40.73 33.81 11.23
N PRO H 456 41.93 33.26 11.33
CA PRO H 456 42.36 32.24 10.37
C PRO H 456 42.16 30.82 10.86
N HIS H 457 42.44 29.84 10.00
CA HIS H 457 42.58 28.47 10.46
C HIS H 457 44.00 28.24 10.96
N PHE H 458 44.21 27.10 11.59
CA PHE H 458 45.46 26.81 12.31
C PHE H 458 46.10 25.55 11.78
N LYS H 459 47.38 25.65 11.42
CA LYS H 459 48.14 24.58 10.79
C LYS H 459 48.73 23.64 11.85
N TYR H 460 49.67 22.81 11.42
CA TYR H 460 50.16 21.65 12.16
C TYR H 460 51.63 21.86 12.51
N MET H 461 51.94 21.95 13.80
CA MET H 461 53.33 22.21 14.21
C MET H 461 53.60 21.64 15.59
N GLY H 462 54.36 20.54 15.64
CA GLY H 462 54.80 19.92 16.87
C GLY H 462 53.81 19.07 17.64
N ALA H 463 54.29 17.98 18.23
CA ALA H 463 53.48 17.10 19.09
C ALA H 463 54.42 16.43 20.08
N ASN H 464 53.97 15.34 20.74
CA ASN H 464 54.87 14.77 21.73
C ASN H 464 55.15 13.27 21.57
N PHE H 465 54.12 12.44 21.32
CA PHE H 465 54.25 11.01 21.00
C PHE H 465 55.00 10.22 22.09
N GLU H 466 54.42 10.22 23.29
CA GLU H 466 55.09 9.67 24.48
C GLU H 466 54.85 8.17 24.59
N LEU H 467 55.71 7.38 23.93
CA LEU H 467 55.52 5.94 23.81
C LEU H 467 55.71 5.22 25.14
N SER H 468 55.21 3.99 25.18
CA SER H 468 55.19 3.09 26.32
C SER H 468 54.75 1.74 25.81
N LEU H 469 54.80 0.71 26.66
CA LEU H 469 54.04 -0.48 26.35
C LEU H 469 53.05 -0.75 27.48
N VAL H 470 51.90 -1.32 27.11
CA VAL H 470 50.87 -1.70 28.06
C VAL H 470 50.96 -3.17 28.42
N GLY H 471 51.18 -4.03 27.42
CA GLY H 471 51.33 -5.45 27.64
C GLY H 471 50.08 -6.27 27.41
N ARG H 472 48.92 -5.79 27.86
CA ARG H 472 47.65 -6.46 27.63
C ARG H 472 46.78 -5.76 26.61
N LEU H 473 46.64 -4.44 26.72
CA LEU H 473 45.80 -3.69 25.80
C LEU H 473 46.55 -3.35 24.52
N SER I 1 25.57 56.17 -50.19
CA SER I 1 25.09 55.79 -48.87
C SER I 1 23.61 56.09 -48.71
N LYS I 2 22.80 55.60 -49.66
CA LYS I 2 21.36 55.79 -49.64
C LYS I 2 20.68 54.48 -49.99
N GLU I 3 19.78 54.02 -49.12
CA GLU I 3 18.97 52.86 -49.41
C GLU I 3 18.00 53.18 -50.53
N GLY I 4 17.91 52.29 -51.52
CA GLY I 4 16.91 52.42 -52.54
C GLY I 4 15.54 52.17 -51.96
N SER I 5 14.66 53.16 -52.01
CA SER I 5 13.29 53.03 -51.51
C SER I 5 12.32 53.41 -52.61
N VAL I 6 11.04 53.23 -52.32
CA VAL I 6 9.98 53.51 -53.27
C VAL I 6 9.32 54.83 -52.88
N ALA I 7 8.42 55.28 -53.73
CA ALA I 7 7.64 56.46 -53.38
C ALA I 7 6.67 56.11 -52.25
N PRO I 8 6.53 56.97 -51.26
CA PRO I 8 5.60 56.67 -50.15
C PRO I 8 4.16 56.77 -50.59
N LYS I 9 3.29 56.08 -49.86
CA LYS I 9 1.92 55.85 -50.32
C LYS I 9 1.06 55.28 -49.18
N GLU I 10 -0.23 55.04 -49.50
CA GLU I 10 -1.19 54.40 -48.60
C GLU I 10 -0.89 52.92 -48.46
N ARG I 11 -0.12 52.40 -49.38
CA ARG I 11 0.43 51.10 -49.16
C ARG I 11 1.64 51.27 -48.27
N ILE I 12 2.14 50.16 -47.79
CA ILE I 12 3.12 50.17 -46.73
C ILE I 12 4.51 50.08 -47.33
N ASN I 13 5.46 50.82 -46.77
CA ASN I 13 6.76 50.93 -47.44
C ASN I 13 7.91 50.40 -46.58
N ILE I 14 8.12 49.10 -46.69
CA ILE I 14 9.17 48.39 -45.98
C ILE I 14 10.53 48.77 -46.56
N LYS I 15 11.46 49.16 -45.69
CA LYS I 15 12.85 49.37 -46.09
C LYS I 15 13.76 48.74 -45.05
N TYR I 16 15.00 48.43 -45.44
CA TYR I 16 15.96 47.78 -44.55
C TYR I 16 17.13 48.70 -44.28
N ILE I 17 17.23 49.22 -43.05
CA ILE I 17 18.37 49.99 -42.61
C ILE I 17 18.80 49.47 -41.25
N PRO I 18 20.00 48.93 -41.11
CA PRO I 18 20.40 48.29 -39.85
C PRO I 18 20.63 49.32 -38.75
N ALA I 19 20.37 48.90 -37.51
CA ALA I 19 20.26 49.83 -36.41
C ALA I 19 21.55 49.94 -35.62
N THR I 20 21.60 50.95 -34.76
CA THR I 20 22.82 51.32 -34.07
C THR I 20 23.22 50.27 -33.04
N GLY I 21 22.24 49.63 -32.41
CA GLY I 21 22.55 48.60 -31.45
C GLY I 21 22.50 49.09 -30.02
N ASP I 22 22.29 48.17 -29.10
CA ASP I 22 22.29 48.45 -27.66
C ASP I 22 23.28 47.50 -27.02
N ALA I 23 24.35 48.04 -26.44
CA ALA I 23 25.39 47.24 -25.83
C ALA I 23 25.14 46.97 -24.35
N GLN I 24 24.87 48.03 -23.57
CA GLN I 24 24.66 47.97 -22.12
C GLN I 24 25.85 47.31 -21.42
N ALA I 25 26.97 48.04 -21.46
CA ALA I 25 28.33 47.62 -21.16
C ALA I 25 28.44 46.77 -19.89
N GLU I 26 28.89 45.54 -20.07
CA GLU I 26 28.74 44.51 -19.06
C GLU I 26 29.78 44.67 -17.96
N VAL I 27 29.37 44.36 -16.73
CA VAL I 27 30.27 44.47 -15.59
C VAL I 27 31.26 43.32 -15.60
N ALA I 28 32.48 43.60 -15.15
CA ALA I 28 33.53 42.59 -15.08
C ALA I 28 34.47 42.98 -13.94
N GLU I 29 34.27 42.38 -12.77
CA GLU I 29 35.15 42.62 -11.64
C GLU I 29 36.39 41.76 -11.82
N VAL I 30 37.41 42.34 -12.45
CA VAL I 30 38.69 41.67 -12.54
C VAL I 30 39.36 41.70 -11.17
N GLU I 31 40.20 40.71 -10.92
CA GLU I 31 40.81 40.56 -9.61
C GLU I 31 42.22 41.13 -9.63
N LEU I 32 42.84 41.17 -8.46
CA LEU I 32 44.18 41.72 -8.33
C LEU I 32 45.18 40.59 -8.42
N PRO I 33 46.09 40.62 -9.38
CA PRO I 33 47.16 39.63 -9.39
C PRO I 33 48.17 39.92 -8.30
N LEU I 34 48.79 38.85 -7.80
CA LEU I 34 49.78 38.96 -6.74
C LEU I 34 51.05 39.54 -7.34
N LYS I 35 51.17 40.86 -7.37
CA LYS I 35 52.35 41.47 -7.97
C LYS I 35 53.46 41.60 -6.94
N THR I 36 54.63 41.11 -7.29
CA THR I 36 55.82 41.26 -6.47
C THR I 36 56.81 42.20 -7.16
N LEU I 37 57.64 42.84 -6.35
CA LEU I 37 58.64 43.74 -6.88
C LEU I 37 59.99 43.20 -6.47
N VAL I 38 60.71 42.61 -7.42
CA VAL I 38 62.04 42.08 -7.15
C VAL I 38 63.02 43.24 -7.22
N VAL I 39 63.63 43.57 -6.10
CA VAL I 39 64.53 44.71 -6.03
C VAL I 39 65.93 44.18 -5.72
N GLY I 40 66.93 44.81 -6.31
CA GLY I 40 68.29 44.35 -6.12
C GLY I 40 69.16 44.64 -7.33
N ASP I 41 70.47 44.54 -7.09
CA ASP I 41 71.50 44.92 -8.05
C ASP I 41 71.47 43.97 -9.24
N PHE I 42 71.09 44.47 -10.40
CA PHE I 42 70.91 43.63 -11.58
C PHE I 42 71.88 43.95 -12.70
N LYS I 43 72.71 44.98 -12.57
CA LYS I 43 73.71 45.33 -13.56
C LYS I 43 75.05 45.52 -12.86
N GLY I 44 76.06 45.91 -13.63
CA GLY I 44 77.41 45.92 -13.11
C GLY I 44 77.96 47.27 -12.73
N HIS I 45 77.09 48.20 -12.34
CA HIS I 45 77.52 49.54 -11.97
C HIS I 45 76.49 50.16 -11.03
N ALA I 46 76.60 51.47 -10.82
CA ALA I 46 75.63 52.24 -10.09
C ALA I 46 75.16 53.39 -10.98
N GLU I 47 73.88 53.38 -11.32
CA GLU I 47 73.34 54.35 -12.26
C GLU I 47 73.26 55.74 -11.64
N GLN I 48 73.58 56.76 -12.44
CA GLN I 48 73.67 58.12 -11.92
C GLN I 48 72.32 58.79 -11.75
N THR I 49 71.24 58.24 -12.34
CA THR I 49 69.95 58.87 -12.13
C THR I 49 69.43 58.56 -10.72
N PRO I 50 68.75 59.50 -10.08
CA PRO I 50 68.17 59.22 -8.76
C PRO I 50 67.02 58.23 -8.88
N LEU I 51 66.62 57.71 -7.73
CA LEU I 51 65.73 56.56 -7.72
C LEU I 51 64.32 56.93 -8.17
N GLU I 52 63.87 58.15 -7.88
CA GLU I 52 62.50 58.54 -8.17
C GLU I 52 62.21 58.74 -9.64
N GLU I 53 63.20 58.65 -10.53
CA GLU I 53 62.98 58.83 -11.95
C GLU I 53 63.13 57.55 -12.76
N ARG I 54 63.90 56.58 -12.29
CA ARG I 54 64.06 55.34 -13.03
C ARG I 54 62.81 54.49 -12.89
N ALA I 55 62.67 53.52 -13.79
CA ALA I 55 61.40 52.83 -13.94
C ALA I 55 61.53 51.36 -13.54
N THR I 56 60.38 50.73 -13.35
CA THR I 56 60.27 49.30 -13.11
C THR I 56 59.75 48.62 -14.37
N VAL I 57 60.38 47.51 -14.74
CA VAL I 57 60.02 46.79 -15.95
C VAL I 57 59.31 45.50 -15.54
N THR I 58 58.28 45.14 -16.31
CA THR I 58 57.48 43.96 -16.03
C THR I 58 57.99 42.80 -16.88
N VAL I 59 58.28 41.67 -16.23
CA VAL I 59 58.90 40.51 -16.85
C VAL I 59 57.97 39.32 -16.72
N ASP I 60 57.63 38.70 -17.84
CA ASP I 60 57.08 37.35 -17.73
C ASP I 60 57.90 36.40 -18.60
N LYS I 61 57.42 35.17 -18.80
CA LYS I 61 58.21 34.16 -19.47
C LYS I 61 58.43 34.48 -20.93
N ASN I 62 57.52 35.22 -21.55
CA ASN I 62 57.65 35.51 -22.97
C ASN I 62 58.57 36.67 -23.25
N ASN I 63 58.68 37.64 -22.34
CA ASN I 63 59.48 38.83 -22.61
C ASN I 63 60.77 38.87 -21.81
N PHE I 64 61.20 37.75 -21.25
CA PHE I 64 62.44 37.76 -20.49
C PHE I 64 63.65 37.92 -21.38
N GLU I 65 63.55 37.46 -22.64
CA GLU I 65 64.65 37.62 -23.58
C GLU I 65 64.76 39.05 -24.09
N ALA I 66 63.68 39.83 -24.02
CA ALA I 66 63.71 41.22 -24.44
C ALA I 66 64.09 42.16 -23.31
N VAL I 67 63.79 41.80 -22.06
CA VAL I 67 64.23 42.60 -20.92
C VAL I 67 65.73 42.44 -20.72
N MET I 68 66.26 41.24 -20.98
CA MET I 68 67.70 41.04 -20.84
C MET I 68 68.48 41.74 -21.94
N ARG I 69 67.91 41.82 -23.15
CA ARG I 69 68.62 42.45 -24.25
C ARG I 69 68.68 43.96 -24.08
N GLU I 70 67.59 44.58 -23.63
CA GLU I 70 67.54 46.03 -23.51
C GLU I 70 68.16 46.54 -22.22
N SER I 71 68.57 45.67 -21.32
CA SER I 71 69.28 46.12 -20.14
C SER I 71 70.70 46.54 -20.49
N GLU I 72 71.30 45.87 -21.48
CA GLU I 72 72.71 45.99 -21.87
C GLU I 72 73.64 45.71 -20.68
N LEU I 73 73.59 44.46 -20.21
CA LEU I 73 74.49 44.02 -19.16
C LEU I 73 75.90 43.90 -19.74
N LYS I 74 76.70 44.94 -19.58
CA LYS I 74 78.06 44.99 -20.12
C LYS I 74 79.03 44.80 -18.96
N ILE I 75 79.61 43.61 -18.86
CA ILE I 75 80.51 43.27 -17.77
C ILE I 75 81.93 43.41 -18.29
N THR I 76 82.65 44.41 -17.79
CA THR I 76 84.03 44.67 -18.16
C THR I 76 84.91 44.51 -16.92
N ALA I 77 85.76 43.49 -16.92
CA ALA I 77 86.61 43.22 -15.78
C ALA I 77 87.96 42.68 -16.26
N THR I 78 88.94 42.75 -15.38
CA THR I 78 90.28 42.24 -15.66
C THR I 78 90.44 40.90 -14.95
N VAL I 79 90.64 39.84 -15.72
CA VAL I 79 90.76 38.50 -15.18
C VAL I 79 92.16 37.97 -15.47
N LYS I 80 92.46 36.80 -14.91
CA LYS I 80 93.79 36.23 -15.00
C LYS I 80 94.01 35.59 -16.37
N ASN I 81 95.22 35.77 -16.89
CA ASN I 81 95.61 35.22 -18.19
C ASN I 81 96.21 33.85 -17.97
N LYS I 82 95.51 32.81 -18.42
CA LYS I 82 95.99 31.44 -18.38
C LYS I 82 96.16 30.85 -19.77
N LEU I 83 96.40 31.69 -20.77
CA LEU I 83 96.61 31.25 -22.14
C LEU I 83 98.09 31.14 -22.51
N THR I 84 98.99 31.51 -21.60
CA THR I 84 100.42 31.42 -21.86
C THR I 84 101.14 30.86 -20.64
N ASP I 85 102.47 30.88 -20.64
CA ASP I 85 103.25 30.35 -19.53
C ASP I 85 103.45 31.36 -18.41
N ASP I 86 102.77 32.49 -18.43
CA ASP I 86 102.90 33.53 -17.43
C ASP I 86 101.83 33.35 -16.35
N GLU I 87 102.26 33.32 -15.09
CA GLU I 87 101.35 33.30 -13.97
C GLU I 87 100.87 34.70 -13.58
N ASN I 88 101.75 35.70 -13.71
CA ASN I 88 101.46 37.06 -13.30
C ASN I 88 100.93 37.92 -14.45
N ALA I 89 100.26 37.32 -15.43
CA ALA I 89 99.67 38.07 -16.52
C ALA I 89 98.16 38.21 -16.31
N GLU I 90 97.62 39.33 -16.78
CA GLU I 90 96.20 39.61 -16.68
C GLU I 90 95.66 39.95 -18.06
N LEU I 91 94.35 39.74 -18.23
CA LEU I 91 93.75 39.97 -19.53
C LEU I 91 92.31 40.46 -19.37
N PRO I 92 92.04 41.74 -19.61
CA PRO I 92 90.66 42.22 -19.53
C PRO I 92 89.80 41.71 -20.66
N VAL I 93 88.49 41.65 -20.41
CA VAL I 93 87.52 41.12 -21.37
C VAL I 93 86.47 42.19 -21.65
N GLU I 94 85.62 41.90 -22.64
CA GLU I 94 84.52 42.77 -23.01
C GLU I 94 83.32 41.91 -23.35
N LEU I 95 82.25 42.04 -22.58
CA LEU I 95 81.10 41.16 -22.66
C LEU I 95 79.85 41.95 -23.01
N ASN I 96 79.05 41.40 -23.94
CA ASN I 96 77.77 41.99 -24.32
C ASN I 96 76.73 40.87 -24.30
N PHE I 97 75.77 40.96 -23.40
CA PHE I 97 74.80 39.90 -23.16
C PHE I 97 73.44 40.31 -23.69
N LYS I 98 72.87 39.48 -24.55
CA LYS I 98 71.56 39.75 -25.13
C LYS I 98 70.57 38.61 -24.95
N SER I 99 71.01 37.42 -24.58
CA SER I 99 70.12 36.29 -24.35
C SER I 99 70.66 35.47 -23.18
N LEU I 100 69.84 34.54 -22.71
CA LEU I 100 70.24 33.65 -21.63
C LEU I 100 71.36 32.70 -22.05
N ALA I 101 71.48 32.40 -23.36
CA ALA I 101 72.58 31.61 -23.87
C ALA I 101 73.89 32.38 -23.94
N ASP I 102 73.89 33.68 -23.68
CA ASP I 102 75.14 34.43 -23.64
C ASP I 102 75.91 34.22 -22.35
N PHE I 103 75.30 33.61 -21.33
CA PHE I 103 76.07 33.19 -20.16
C PHE I 103 76.90 31.95 -20.45
N ALA I 104 76.51 31.17 -21.45
CA ALA I 104 77.18 29.92 -21.77
C ALA I 104 78.56 30.18 -22.38
N PRO I 105 79.52 29.27 -22.19
CA PRO I 105 80.88 29.50 -22.72
C PRO I 105 80.99 29.46 -24.24
N ASP I 106 79.94 29.09 -24.97
CA ASP I 106 79.97 29.22 -26.42
C ASP I 106 79.91 30.68 -26.84
N ALA I 107 79.13 31.49 -26.13
CA ALA I 107 78.99 32.90 -26.46
C ALA I 107 79.88 33.81 -25.63
N VAL I 108 80.42 33.32 -24.51
CA VAL I 108 81.40 34.13 -23.77
C VAL I 108 82.75 34.10 -24.47
N ALA I 109 83.19 32.92 -24.89
CA ALA I 109 84.43 32.80 -25.63
C ALA I 109 84.35 33.41 -27.02
N SER I 110 83.15 33.48 -27.60
CA SER I 110 82.99 34.14 -28.90
C SER I 110 83.13 35.65 -28.79
N GLN I 111 82.92 36.22 -27.61
CA GLN I 111 83.08 37.65 -27.39
C GLN I 111 84.48 38.02 -26.90
N VAL I 112 85.32 37.03 -26.65
CA VAL I 112 86.72 37.26 -26.29
C VAL I 112 87.57 36.98 -27.53
N PRO I 113 88.25 37.98 -28.10
CA PRO I 113 89.02 37.74 -29.33
C PRO I 113 90.22 36.83 -29.14
N GLU I 114 90.74 36.70 -27.92
CA GLU I 114 91.82 35.75 -27.68
C GLU I 114 91.30 34.32 -27.67
N LEU I 115 90.00 34.12 -27.51
CA LEU I 115 89.40 32.79 -27.58
C LEU I 115 88.65 32.56 -28.89
N LYS I 116 88.48 33.58 -29.72
CA LYS I 116 87.94 33.36 -31.06
C LYS I 116 88.93 32.63 -31.94
N LYS I 117 90.23 32.81 -31.71
CA LYS I 117 91.26 32.12 -32.46
C LYS I 117 91.52 30.72 -31.94
N LEU I 118 91.05 30.39 -30.73
CA LEU I 118 91.25 29.04 -30.21
C LEU I 118 90.10 28.10 -30.57
N ILE I 119 88.88 28.62 -30.66
CA ILE I 119 87.78 27.81 -31.19
C ILE I 119 87.96 27.60 -32.69
N GLU I 120 88.44 28.64 -33.40
CA GLU I 120 88.80 28.50 -34.80
C GLU I 120 89.97 27.55 -34.99
N LEU I 121 90.86 27.48 -34.00
CA LEU I 121 91.91 26.46 -34.03
C LEU I 121 91.31 25.07 -33.88
N ARG I 122 90.32 24.91 -33.01
CA ARG I 122 89.71 23.60 -32.81
C ARG I 122 88.84 23.19 -33.99
N GLU I 123 88.11 24.16 -34.56
CA GLU I 123 87.30 23.90 -35.75
C GLU I 123 88.16 23.50 -36.94
N ALA I 124 89.38 24.02 -37.02
CA ALA I 124 90.33 23.58 -38.03
C ALA I 124 90.88 22.19 -37.74
N LEU I 125 90.89 21.75 -36.47
CA LEU I 125 91.38 20.43 -36.13
C LEU I 125 90.29 19.36 -36.22
N VAL I 126 89.03 19.73 -35.97
CA VAL I 126 87.92 18.79 -36.19
C VAL I 126 87.73 18.57 -37.69
N ALA I 127 87.98 19.59 -38.51
CA ALA I 127 87.92 19.45 -39.95
C ALA I 127 89.00 18.53 -40.50
N LEU I 128 90.13 18.43 -39.80
CA LEU I 128 91.22 17.59 -40.26
C LEU I 128 90.94 16.11 -40.02
N LYS I 129 90.28 15.78 -38.90
CA LYS I 129 90.18 14.40 -38.43
C LYS I 129 89.34 13.53 -39.35
N GLY I 130 88.37 14.11 -40.06
CA GLY I 130 87.55 13.40 -41.00
C GLY I 130 88.31 12.80 -42.17
N PRO I 131 88.90 13.64 -43.02
CA PRO I 131 89.73 13.13 -44.12
C PRO I 131 91.13 12.71 -43.73
N LEU I 132 91.45 12.56 -42.43
CA LEU I 132 92.80 12.20 -42.04
C LEU I 132 93.05 10.71 -42.22
N GLY I 133 92.33 9.89 -41.46
CA GLY I 133 92.53 8.45 -41.47
C GLY I 133 91.85 7.70 -42.60
N ASN I 134 91.20 8.40 -43.52
CA ASN I 134 90.55 7.74 -44.65
C ASN I 134 91.51 7.52 -45.81
N ILE I 135 92.32 8.52 -46.13
CA ILE I 135 93.31 8.42 -47.20
C ILE I 135 94.67 8.16 -46.55
N PRO I 136 95.28 6.99 -46.77
CA PRO I 136 96.59 6.69 -46.19
C PRO I 136 97.77 7.31 -46.92
N ALA I 137 97.56 8.21 -47.87
CA ALA I 137 98.63 8.89 -48.56
C ALA I 137 99.02 10.21 -47.89
N PHE I 138 98.39 10.55 -46.77
CA PHE I 138 98.77 11.76 -46.04
C PHE I 138 100.11 11.58 -45.33
N ARG I 139 100.34 10.41 -44.74
CA ARG I 139 101.62 10.15 -44.07
C ARG I 139 102.76 9.96 -45.06
N GLU I 140 102.44 9.67 -46.32
CA GLU I 140 103.47 9.56 -47.34
C GLU I 140 104.08 10.92 -47.64
N ARG I 141 103.31 11.99 -47.54
CA ARG I 141 103.80 13.33 -47.77
C ARG I 141 104.16 14.06 -46.47
N LEU I 142 103.90 13.46 -45.31
CA LEU I 142 104.49 13.98 -44.09
C LEU I 142 105.99 13.73 -44.06
N GLN I 143 106.43 12.60 -44.64
CA GLN I 143 107.85 12.34 -44.77
C GLN I 143 108.47 13.18 -45.89
N SER I 144 107.67 13.60 -46.87
CA SER I 144 108.16 14.53 -47.87
C SER I 144 108.31 15.94 -47.29
N LEU I 145 107.39 16.32 -46.39
CA LEU I 145 107.59 17.54 -45.61
C LEU I 145 108.71 17.38 -44.59
N LEU I 146 108.98 16.15 -44.16
CA LEU I 146 110.18 15.89 -43.36
C LEU I 146 111.44 16.04 -44.21
N ASN I 147 111.36 15.70 -45.50
CA ASN I 147 112.48 15.89 -46.40
C ASN I 147 112.60 17.35 -46.85
N SER I 148 111.51 17.91 -47.38
CA SER I 148 111.51 19.29 -47.87
C SER I 148 111.21 20.21 -46.69
N GLU I 149 112.26 20.59 -45.97
CA GLU I 149 112.11 21.49 -44.83
C GLU I 149 112.12 22.96 -45.23
N GLU I 150 112.72 23.30 -46.36
CA GLU I 150 112.83 24.70 -46.77
C GLU I 150 111.51 25.22 -47.32
N SER I 151 110.86 24.45 -48.21
CA SER I 151 109.60 24.88 -48.79
C SER I 151 108.43 24.76 -47.82
N ARG I 152 108.59 23.98 -46.75
CA ARG I 152 107.50 23.84 -45.77
C ARG I 152 107.40 25.09 -44.91
N GLU I 153 108.53 25.60 -44.43
CA GLU I 153 108.53 26.78 -43.56
C GLU I 153 108.20 28.06 -44.31
N LYS I 154 108.38 28.08 -45.63
CA LYS I 154 107.96 29.24 -46.40
C LYS I 154 106.44 29.31 -46.53
N LEU I 155 105.76 28.17 -46.43
CA LEU I 155 104.32 28.12 -46.55
C LEU I 155 103.59 28.21 -45.22
N LEU I 156 104.30 27.99 -44.11
CA LEU I 156 103.67 28.13 -42.80
C LEU I 156 103.41 29.59 -42.44
N ALA I 157 104.23 30.51 -42.95
CA ALA I 157 104.01 31.92 -42.69
C ALA I 157 102.83 32.48 -43.46
N GLU I 158 102.45 31.84 -44.56
CA GLU I 158 101.29 32.27 -45.35
C GLU I 158 100.00 31.91 -44.65
N PRO J 1 2.55 24.00 22.22
CA PRO J 1 3.73 23.38 22.80
C PRO J 1 4.96 24.25 22.68
N THR J 2 5.90 24.11 23.60
CA THR J 2 7.07 24.98 23.54
C THR J 2 8.18 24.30 22.76
N PRO J 3 8.95 25.05 21.98
CA PRO J 3 10.02 24.45 21.20
C PRO J 3 11.16 23.96 22.07
N CYS J 4 11.82 22.93 21.60
CA CYS J 4 12.91 22.29 22.29
C CYS J 4 14.24 22.84 21.77
N TYR J 5 15.35 22.23 22.17
CA TYR J 5 16.66 22.66 21.71
C TYR J 5 17.55 21.45 21.57
N ILE J 6 18.34 21.40 20.50
CA ILE J 6 19.20 20.26 20.22
C ILE J 6 20.63 20.75 20.00
N SER J 7 21.58 20.13 20.68
CA SER J 7 22.99 20.40 20.50
C SER J 7 23.68 19.16 19.97
N ILE J 8 24.13 19.23 18.73
CA ILE J 8 24.73 18.09 18.04
C ILE J 8 26.24 18.25 18.06
N GLU J 9 26.97 17.20 18.42
CA GLU J 9 28.43 17.21 18.33
C GLU J 9 28.88 16.04 17.46
N GLY J 10 29.60 16.34 16.38
CA GLY J 10 30.00 15.32 15.44
C GLY J 10 31.30 14.64 15.83
N GLN J 11 31.66 13.62 15.04
CA GLN J 11 32.97 13.00 15.19
C GLN J 11 34.07 13.96 14.75
N THR J 12 34.04 14.35 13.47
CA THR J 12 35.11 15.17 12.92
C THR J 12 34.77 16.64 12.82
N GLN J 13 33.49 17.00 12.82
CA GLN J 13 33.09 18.38 12.61
C GLN J 13 32.85 19.13 13.89
N GLY J 14 33.35 18.62 15.01
CA GLY J 14 33.29 19.35 16.26
C GLY J 14 31.86 19.49 16.74
N LEU J 15 31.57 20.63 17.35
CA LEU J 15 30.21 20.98 17.73
C LEU J 15 29.52 21.52 16.49
N ILE J 16 28.56 20.77 15.95
CA ILE J 16 27.92 21.13 14.70
C ILE J 16 27.04 22.35 14.88
N THR J 17 26.25 22.37 15.93
CA THR J 17 25.33 23.47 16.10
C THR J 17 25.94 24.66 16.79
N ALA J 18 27.26 24.81 16.82
CA ALA J 18 27.89 25.95 17.48
C ALA J 18 27.66 27.18 16.63
N GLY J 19 26.70 27.99 17.02
CA GLY J 19 26.34 29.15 16.26
C GLY J 19 25.08 29.02 15.44
N ALA J 20 24.27 28.00 15.67
CA ALA J 20 23.07 27.81 14.89
C ALA J 20 21.89 28.61 15.40
N CYS J 21 22.10 29.46 16.40
CA CYS J 21 21.15 30.48 16.81
C CYS J 21 21.86 31.80 17.04
N THR J 22 22.63 32.23 16.05
CA THR J 22 23.16 33.57 16.02
C THR J 22 22.28 34.42 15.11
N ALA J 23 22.71 35.67 14.90
CA ALA J 23 21.99 36.53 13.97
C ALA J 23 22.31 36.21 12.53
N ASP J 24 23.38 35.47 12.28
CA ASP J 24 23.68 35.08 10.90
C ASP J 24 22.89 33.86 10.48
N SER J 25 22.53 32.98 11.40
CA SER J 25 21.81 31.77 11.04
C SER J 25 20.36 32.07 10.71
N ILE J 26 19.61 32.58 11.67
CA ILE J 26 18.16 32.66 11.54
C ILE J 26 17.64 34.09 11.70
N GLY J 27 18.47 35.07 11.41
CA GLY J 27 17.98 36.45 11.42
C GLY J 27 17.73 37.00 12.80
N ASP J 28 16.50 37.43 13.05
CA ASP J 28 16.15 38.04 14.32
C ASP J 28 15.42 37.11 15.27
N SER J 29 15.28 35.84 14.91
CA SER J 29 14.62 34.88 15.78
C SER J 29 15.61 34.06 16.57
N PHE J 30 16.79 34.60 16.81
CA PHE J 30 17.73 33.85 17.63
C PHE J 30 17.53 34.20 19.09
N VAL J 31 18.00 33.33 19.95
CA VAL J 31 17.80 33.46 21.39
C VAL J 31 19.16 33.53 22.06
N GLU J 32 19.36 34.52 22.91
CA GLU J 32 20.58 34.59 23.70
C GLU J 32 20.61 33.46 24.71
N GLY J 33 21.82 32.97 24.99
CA GLY J 33 22.02 31.86 25.88
C GLY J 33 21.90 30.49 25.24
N HIS J 34 21.28 30.40 24.07
CA HIS J 34 21.16 29.16 23.34
C HIS J 34 21.94 29.26 22.05
N GLU J 35 23.14 29.81 22.15
CA GLU J 35 23.95 30.07 20.96
C GLU J 35 24.47 28.79 20.31
N ASP J 36 24.47 27.68 21.03
CA ASP J 36 25.02 26.45 20.49
C ASP J 36 23.96 25.42 20.18
N GLU J 37 22.69 25.81 20.18
CA GLU J 37 21.59 24.86 20.14
C GLU J 37 20.58 25.29 19.11
N MET J 38 20.22 24.40 18.19
CA MET J 38 19.19 24.72 17.22
C MET J 38 17.83 24.82 17.90
N LEU J 39 16.86 25.36 17.17
CA LEU J 39 15.52 25.54 17.71
C LEU J 39 14.62 24.53 17.03
N VAL J 40 14.15 23.54 17.78
CA VAL J 40 13.46 22.38 17.24
C VAL J 40 11.97 22.57 17.33
N GLN J 41 11.29 22.48 16.21
CA GLN J 41 9.86 22.77 16.17
C GLN J 41 9.01 21.53 16.43
N GLN J 42 9.13 20.52 15.58
CA GLN J 42 8.28 19.34 15.61
C GLN J 42 9.13 18.15 16.03
N PHE J 43 8.50 17.10 16.53
CA PHE J 43 9.23 15.95 17.01
C PHE J 43 8.41 14.68 16.78
N ASP J 44 9.12 13.56 16.58
CA ASP J 44 8.49 12.26 16.35
C ASP J 44 9.49 11.12 16.51
N HIS J 45 9.14 10.06 17.24
CA HIS J 45 10.12 9.04 17.59
C HIS J 45 9.41 7.77 18.04
N VAL J 46 9.70 6.65 17.38
CA VAL J 46 9.06 5.37 17.66
C VAL J 46 10.14 4.39 18.09
N VAL J 47 9.83 3.52 19.05
CA VAL J 47 10.74 2.45 19.46
C VAL J 47 9.90 1.18 19.50
N THR J 48 10.01 0.34 18.49
CA THR J 48 9.18 -0.85 18.44
C THR J 48 9.86 -2.04 19.09
N VAL J 49 9.06 -3.05 19.42
CA VAL J 49 9.56 -4.34 19.87
C VAL J 49 8.75 -5.42 19.16
N PRO J 50 9.37 -6.29 18.40
CA PRO J 50 8.61 -7.35 17.71
C PRO J 50 8.10 -8.40 18.67
N THR J 51 6.79 -8.46 18.86
CA THR J 51 6.16 -9.46 19.72
C THR J 51 5.45 -10.47 18.85
N ASP J 52 5.45 -11.73 19.30
CA ASP J 52 4.77 -12.75 18.51
C ASP J 52 3.27 -12.67 18.69
N PRO J 53 2.50 -13.17 17.74
CA PRO J 53 1.06 -13.32 17.96
C PRO J 53 0.80 -14.46 18.94
N GLN J 54 -0.49 -14.59 19.29
CA GLN J 54 -1.06 -15.62 20.18
C GLN J 54 -0.28 -15.80 21.49
N SER J 55 0.34 -14.73 21.97
CA SER J 55 1.13 -14.73 23.18
C SER J 55 1.22 -13.28 23.64
N GLY J 56 2.16 -13.01 24.53
CA GLY J 56 2.46 -11.64 24.85
C GLY J 56 3.94 -11.37 24.89
N GLN J 57 4.74 -12.39 24.70
CA GLN J 57 6.15 -12.25 24.97
C GLN J 57 6.86 -11.53 23.84
N PRO J 58 7.89 -10.74 24.14
CA PRO J 58 8.67 -10.08 23.08
C PRO J 58 9.53 -11.08 22.34
N SER J 59 9.22 -11.29 21.06
CA SER J 59 9.94 -12.23 20.23
C SER J 59 11.06 -11.51 19.47
N GLY J 60 12.00 -10.98 20.24
CA GLY J 60 13.11 -10.28 19.63
C GLY J 60 13.46 -9.00 20.35
N GLN J 61 14.65 -8.47 20.10
CA GLN J 61 15.07 -7.25 20.74
C GLN J 61 14.38 -6.06 20.09
N ARG J 62 14.49 -4.91 20.76
CA ARG J 62 13.87 -3.68 20.30
C ARG J 62 14.45 -3.21 18.97
N VAL J 63 13.66 -2.41 18.25
CA VAL J 63 14.06 -1.87 16.95
C VAL J 63 13.81 -0.37 17.00
N HIS J 64 14.88 0.42 16.95
CA HIS J 64 14.75 1.86 17.09
C HIS J 64 14.40 2.50 15.76
N LYS J 65 13.18 2.93 15.61
CA LYS J 65 12.80 3.80 14.52
C LYS J 65 13.36 5.20 14.80
N PRO J 66 13.63 6.01 13.78
CA PRO J 66 14.45 7.20 14.01
C PRO J 66 13.72 8.36 14.65
N PHE J 67 14.51 9.21 15.32
CA PHE J 67 14.18 10.61 15.59
C PHE J 67 13.65 11.31 14.35
N LYS J 68 12.79 12.29 14.56
CA LYS J 68 12.41 13.21 13.48
C LYS J 68 12.19 14.58 14.11
N PHE J 69 13.21 15.41 14.11
CA PHE J 69 13.10 16.76 14.64
C PHE J 69 13.24 17.76 13.50
N THR J 70 12.48 18.86 13.58
CA THR J 70 12.38 19.81 12.49
C THR J 70 12.94 21.16 12.90
N VAL J 71 13.93 21.64 12.16
CA VAL J 71 14.49 22.97 12.37
C VAL J 71 14.40 23.72 11.05
N ALA J 72 14.58 25.04 11.13
CA ALA J 72 14.59 25.84 9.93
C ALA J 72 15.96 25.78 9.27
N LEU J 73 16.09 26.38 8.09
CA LEU J 73 17.39 26.46 7.45
C LEU J 73 18.29 27.43 8.21
N ASN J 74 19.44 26.94 8.63
CA ASN J 74 20.37 27.76 9.38
C ASN J 74 21.78 27.28 9.12
N LYS J 75 22.70 27.67 10.00
CA LYS J 75 24.12 27.43 9.80
C LYS J 75 24.44 25.94 9.86
N ALA J 76 23.76 25.20 10.74
CA ALA J 76 24.10 23.82 10.95
C ALA J 76 23.57 22.89 9.89
N VAL J 77 22.69 23.34 9.00
CA VAL J 77 22.10 22.46 7.98
C VAL J 77 23.10 22.05 6.90
N PRO J 78 24.00 22.90 6.37
CA PRO J 78 25.06 22.34 5.52
C PRO J 78 26.04 21.46 6.26
N LEU J 79 26.17 21.63 7.58
CA LEU J 79 27.00 20.72 8.33
C LEU J 79 26.31 19.38 8.56
N LEU J 80 24.99 19.37 8.63
CA LEU J 80 24.27 18.10 8.76
C LEU J 80 24.10 17.39 7.43
N TYR J 81 24.38 18.02 6.31
CA TYR J 81 24.41 17.29 5.06
C TYR J 81 25.79 16.74 4.73
N ASN J 82 26.74 16.81 5.64
CA ASN J 82 27.94 15.98 5.53
C ASN J 82 27.97 14.87 6.55
N ALA J 83 27.30 15.03 7.67
CA ALA J 83 27.10 13.90 8.56
C ALA J 83 26.19 12.88 7.90
N LEU J 84 25.32 13.34 7.02
CA LEU J 84 24.41 12.45 6.30
C LEU J 84 25.11 11.73 5.17
N SER J 85 25.63 12.48 4.21
CA SER J 85 26.13 11.89 2.98
C SER J 85 27.46 11.20 3.12
N SER J 86 28.10 11.26 4.29
CA SER J 86 29.32 10.52 4.51
C SER J 86 29.21 9.54 5.66
N GLY J 87 28.05 9.44 6.30
CA GLY J 87 27.87 8.46 7.35
C GLY J 87 28.61 8.77 8.61
N GLU J 88 28.88 10.04 8.89
CA GLU J 88 29.60 10.41 10.08
C GLU J 88 28.73 10.25 11.30
N LYS J 89 29.22 9.55 12.31
CA LYS J 89 28.48 9.44 13.54
C LYS J 89 28.58 10.75 14.30
N LEU J 90 27.60 10.98 15.16
CA LEU J 90 27.54 12.20 15.96
C LEU J 90 27.70 11.77 17.41
N LYS J 91 28.65 12.38 18.11
CA LYS J 91 28.99 11.91 19.45
C LYS J 91 27.85 12.11 20.43
N THR J 92 27.09 13.20 20.30
CA THR J 92 25.97 13.41 21.19
C THR J 92 24.93 14.28 20.54
N VAL J 93 23.69 14.12 20.98
CA VAL J 93 22.56 14.96 20.59
C VAL J 93 21.73 15.11 21.85
N GLU J 94 21.66 16.30 22.39
CA GLU J 94 20.98 16.50 23.66
C GLU J 94 19.73 17.33 23.42
N LEU J 95 18.64 16.65 23.11
CA LEU J 95 17.35 17.32 23.07
C LEU J 95 16.94 17.75 24.47
N LYS J 96 16.31 18.90 24.59
CA LYS J 96 15.87 19.42 25.88
C LYS J 96 14.46 19.95 25.74
N TRP J 97 13.51 19.27 26.37
CA TRP J 97 12.11 19.66 26.29
C TRP J 97 11.84 20.75 27.30
N TYR J 98 11.48 21.94 26.84
CA TYR J 98 11.16 22.99 27.78
C TYR J 98 9.68 23.00 28.09
N ARG J 99 9.34 23.64 29.20
CA ARG J 99 7.96 23.94 29.52
C ARG J 99 7.95 25.13 30.45
N THR J 100 6.79 25.76 30.54
CA THR J 100 6.64 26.94 31.38
C THR J 100 6.19 26.50 32.77
N SER J 101 7.01 26.80 33.77
CA SER J 101 6.74 26.34 35.12
C SER J 101 5.75 27.27 35.81
N ILE J 102 5.57 27.07 37.11
CA ILE J 102 4.58 27.83 37.85
C ILE J 102 5.08 29.23 38.13
N GLU J 103 6.35 29.36 38.50
CA GLU J 103 6.93 30.66 38.83
C GLU J 103 7.11 31.55 37.61
N GLY J 104 6.96 31.02 36.41
CA GLY J 104 7.03 31.82 35.21
C GLY J 104 8.32 31.72 34.45
N LYS J 105 9.07 30.65 34.63
CA LYS J 105 10.36 30.53 33.99
C LYS J 105 10.42 29.24 33.20
N GLN J 106 11.08 29.30 32.05
CA GLN J 106 11.30 28.11 31.25
C GLN J 106 12.23 27.16 31.98
N GLU J 107 11.99 25.86 31.81
CA GLU J 107 12.88 24.88 32.41
C GLU J 107 12.78 23.59 31.61
N ASN J 108 13.89 22.86 31.53
CA ASN J 108 13.84 21.57 30.89
C ASN J 108 13.31 20.54 31.88
N PHE J 109 12.17 19.98 31.58
CA PHE J 109 11.64 18.96 32.44
C PHE J 109 12.01 17.56 31.97
N PHE J 110 12.68 17.44 30.83
CA PHE J 110 12.84 16.15 30.17
C PHE J 110 13.93 16.31 29.13
N THR J 111 15.00 15.54 29.22
CA THR J 111 16.05 15.57 28.21
C THR J 111 16.27 14.18 27.68
N THR J 112 16.42 14.04 26.37
CA THR J 112 16.69 12.75 25.75
C THR J 112 18.06 12.85 25.11
N LYS J 113 19.11 12.51 25.84
CA LYS J 113 20.44 12.50 25.27
C LYS J 113 20.60 11.33 24.31
N LEU J 114 21.78 11.22 23.73
CA LEU J 114 21.95 10.31 22.62
C LEU J 114 23.43 10.08 22.43
N GLU J 115 23.86 8.83 22.29
CA GLU J 115 25.24 8.55 21.95
C GLU J 115 25.34 8.43 20.44
N ASN J 116 26.37 7.73 19.93
CA ASN J 116 26.75 7.68 18.52
C ASN J 116 25.58 7.49 17.57
N ALA J 117 25.31 8.51 16.78
CA ALA J 117 24.02 8.64 16.12
C ALA J 117 24.22 9.17 14.72
N SER J 118 24.21 8.29 13.73
CA SER J 118 24.27 8.76 12.36
C SER J 118 22.95 9.40 11.97
N ILE J 119 22.94 10.06 10.82
CA ILE J 119 21.74 10.66 10.28
C ILE J 119 21.19 9.76 9.19
N VAL J 120 19.94 9.36 9.31
CA VAL J 120 19.34 8.50 8.30
C VAL J 120 18.92 9.31 7.08
N ASP J 121 18.03 10.28 7.27
CA ASP J 121 17.66 11.13 6.16
C ASP J 121 17.27 12.51 6.65
N ILE J 122 17.30 13.46 5.72
CA ILE J 122 16.97 14.85 5.99
C ILE J 122 16.00 15.31 4.91
N HIS J 123 14.83 15.78 5.33
CA HIS J 123 13.75 16.10 4.42
C HIS J 123 13.55 17.61 4.38
N CYS J 124 14.31 18.29 3.52
CA CYS J 124 14.21 19.73 3.38
C CYS J 124 13.04 20.05 2.45
N GLU J 125 12.10 20.86 2.93
CA GLU J 125 10.98 21.28 2.10
C GLU J 125 10.65 22.72 2.41
N MET J 126 9.83 23.32 1.56
CA MET J 126 9.35 24.66 1.73
C MET J 126 7.89 24.64 1.26
N PRO J 127 6.96 25.18 2.04
CA PRO J 127 5.57 25.20 1.61
C PRO J 127 5.35 26.15 0.46
N HIS J 128 4.17 26.06 -0.13
CA HIS J 128 3.87 26.76 -1.36
C HIS J 128 3.72 28.25 -1.11
N CYS J 129 4.39 29.07 -1.90
CA CYS J 129 4.43 30.50 -1.63
C CYS J 129 3.13 31.19 -2.00
N GLN J 130 2.38 30.63 -2.95
CA GLN J 130 1.07 31.16 -3.31
C GLN J 130 0.05 30.94 -2.22
N ASP J 131 0.23 29.91 -1.40
CA ASP J 131 -0.80 29.45 -0.48
C ASP J 131 -0.80 30.34 0.76
N PRO J 132 -1.91 30.99 1.09
CA PRO J 132 -1.93 31.86 2.28
C PRO J 132 -2.12 31.12 3.59
N ALA J 133 -2.52 29.85 3.56
CA ALA J 133 -2.67 29.10 4.80
C ALA J 133 -1.32 28.74 5.41
N LYS J 134 -0.27 28.65 4.60
CA LYS J 134 1.07 28.31 5.06
C LYS J 134 2.01 29.47 4.86
N SER J 135 1.57 30.68 5.20
CA SER J 135 2.38 31.87 5.04
C SER J 135 3.31 32.12 6.21
N ASP J 136 2.95 31.65 7.40
CA ASP J 136 3.77 31.88 8.58
C ASP J 136 4.98 30.96 8.62
N PHE J 137 4.95 29.85 7.91
CA PHE J 137 6.06 28.92 7.93
C PHE J 137 7.20 29.48 7.09
N THR J 138 8.42 29.07 7.40
CA THR J 138 9.56 29.49 6.61
C THR J 138 10.16 28.35 5.81
N GLN J 139 10.68 27.34 6.49
CA GLN J 139 11.18 26.12 5.87
C GLN J 139 10.96 24.99 6.86
N ASN J 140 11.28 23.78 6.43
CA ASN J 140 11.15 22.60 7.28
C ASN J 140 12.28 21.67 6.92
N VAL J 141 13.24 21.50 7.81
CA VAL J 141 14.35 20.60 7.60
C VAL J 141 14.25 19.54 8.69
N THR J 142 13.68 18.38 8.33
CA THR J 142 13.41 17.32 9.30
C THR J 142 14.57 16.35 9.28
N VAL J 143 15.45 16.45 10.27
CA VAL J 143 16.65 15.64 10.31
C VAL J 143 16.36 14.40 11.14
N SER J 144 16.63 13.23 10.58
CA SER J 144 16.43 12.00 11.32
C SER J 144 17.71 11.54 11.97
N LEU J 145 17.59 10.65 12.94
CA LEU J 145 18.76 10.15 13.65
C LEU J 145 18.49 8.71 14.04
N SER J 146 19.15 7.76 13.41
CA SER J 146 19.34 6.49 14.07
C SER J 146 20.48 6.65 15.05
N TYR J 147 20.60 5.72 15.99
CA TYR J 147 21.42 5.99 17.15
C TYR J 147 21.77 4.69 17.85
N ARG J 148 22.95 4.66 18.46
CA ARG J 148 23.34 3.50 19.24
C ARG J 148 22.66 3.52 20.60
N LYS J 149 22.96 4.52 21.41
CA LYS J 149 22.52 4.58 22.79
C LYS J 149 21.72 5.85 23.03
N ILE J 150 20.55 5.68 23.61
CA ILE J 150 19.66 6.78 23.93
C ILE J 150 19.37 6.73 25.43
N THR J 151 19.33 7.89 26.07
CA THR J 151 19.04 7.99 27.50
C THR J 151 17.98 9.04 27.72
N TRP J 152 16.75 8.62 27.95
CA TRP J 152 15.74 9.54 28.44
C TRP J 152 16.06 9.95 29.86
N ASP J 153 15.63 11.15 30.24
CA ASP J 153 15.97 11.66 31.56
C ASP J 153 14.95 12.73 31.91
N HIS J 154 14.06 12.42 32.84
CA HIS J 154 13.16 13.43 33.37
C HIS J 154 13.87 14.15 34.50
N VAL J 155 13.97 15.47 34.41
CA VAL J 155 14.80 16.22 35.33
C VAL J 155 14.06 16.56 36.62
N ASN J 156 12.82 17.05 36.51
CA ASN J 156 12.09 17.49 37.70
C ASN J 156 11.61 16.35 38.59
N ALA J 157 11.69 15.10 38.14
CA ALA J 157 11.36 13.97 38.99
C ALA J 157 12.47 12.95 39.04
N GLY J 158 13.60 13.21 38.39
CA GLY J 158 14.79 12.43 38.58
C GLY J 158 14.81 11.07 37.91
N THR J 159 13.72 10.61 37.29
CA THR J 159 13.76 9.32 36.65
C THR J 159 14.62 9.35 35.40
N SER J 160 15.12 8.19 35.01
CA SER J 160 16.02 8.11 33.87
C SER J 160 15.92 6.73 33.23
N GLY J 161 15.55 6.69 31.97
CA GLY J 161 15.59 5.45 31.24
C GLY J 161 16.83 5.40 30.40
N SER J 162 17.16 4.24 29.83
CA SER J 162 18.34 4.11 29.01
C SER J 162 18.20 2.89 28.12
N ASP J 163 18.66 3.00 26.89
CA ASP J 163 18.81 1.86 26.02
C ASP J 163 20.18 1.93 25.39
N ASP J 164 20.77 0.77 25.16
CA ASP J 164 22.08 0.74 24.53
C ASP J 164 22.26 -0.57 23.79
N TRP J 165 22.75 -0.48 22.58
CA TRP J 165 23.18 -1.69 21.91
C TRP J 165 24.50 -2.19 22.45
N ARG J 166 25.34 -1.28 22.95
CA ARG J 166 26.66 -1.66 23.42
C ARG J 166 26.58 -2.51 24.68
N LYS J 167 25.69 -2.15 25.59
CA LYS J 167 25.54 -2.84 26.87
C LYS J 167 24.08 -3.18 27.10
N PRO J 168 23.60 -4.25 26.49
CA PRO J 168 22.25 -4.72 26.82
C PRO J 168 22.26 -5.34 28.20
N ILE J 169 21.08 -5.49 28.78
CA ILE J 169 20.98 -5.72 30.21
C ILE J 169 21.34 -7.17 30.48
N GLU J 170 22.61 -7.40 30.82
CA GLU J 170 23.34 -8.66 30.99
C GLU J 170 23.04 -9.79 30.01
N GLY K 1 106.54 -6.17 54.18
CA GLY K 1 105.66 -5.78 53.08
C GLY K 1 105.16 -6.96 52.27
N SER K 2 104.91 -8.08 52.96
CA SER K 2 104.40 -9.27 52.28
C SER K 2 102.94 -9.14 51.88
N LEU K 3 102.19 -8.27 52.56
CA LEU K 3 100.80 -8.02 52.15
C LEU K 3 100.73 -7.26 50.83
N LEU K 4 101.73 -6.41 50.56
CA LEU K 4 101.81 -5.78 49.25
C LEU K 4 102.21 -6.77 48.17
N ASP K 5 102.94 -7.82 48.55
CA ASP K 5 103.32 -8.86 47.59
C ASP K 5 102.12 -9.71 47.19
N GLU K 6 101.15 -9.88 48.08
CA GLU K 6 99.94 -10.64 47.73
C GLU K 6 99.02 -9.84 46.82
N ILE K 7 99.06 -8.51 46.92
CA ILE K 7 98.26 -7.68 46.03
C ILE K 7 98.89 -7.63 44.64
N MET K 8 100.23 -7.51 44.58
CA MET K 8 100.92 -7.48 43.30
C MET K 8 100.92 -8.84 42.60
N ALA K 9 100.89 -9.94 43.36
CA ALA K 9 100.70 -11.25 42.74
C ALA K 9 99.27 -11.46 42.28
N GLN K 10 98.32 -10.74 42.88
CA GLN K 10 96.92 -10.78 42.46
C GLN K 10 96.78 -9.87 41.23
N THR K 11 96.78 -10.48 40.04
CA THR K 11 96.89 -9.73 38.80
C THR K 11 95.62 -8.97 38.42
N ARG K 12 94.52 -9.17 39.14
CA ARG K 12 93.29 -8.45 38.84
C ARG K 12 93.36 -6.99 39.27
N ILE K 13 94.01 -6.71 40.40
CA ILE K 13 94.13 -5.35 40.93
C ILE K 13 95.55 -5.11 41.43
N ALA K 14 96.54 -5.49 40.62
CA ALA K 14 97.93 -5.42 41.09
C ALA K 14 98.50 -4.01 41.14
N PRO K 15 98.58 -3.21 40.01
CA PRO K 15 99.45 -2.03 40.06
C PRO K 15 98.81 -0.78 40.67
N SER K 16 98.07 -0.96 41.77
CA SER K 16 97.50 0.13 42.60
C SER K 16 96.65 1.10 41.78
N GLU K 17 95.57 0.57 41.20
CA GLU K 17 94.72 1.36 40.32
C GLU K 17 93.35 1.63 40.92
N GLU K 18 92.60 0.59 41.30
CA GLU K 18 91.27 0.77 41.84
C GLU K 18 90.91 -0.46 42.67
N GLY K 19 90.39 -0.22 43.88
CA GLY K 19 89.98 -1.31 44.75
C GLY K 19 91.10 -2.01 45.47
N TYR K 20 92.28 -1.41 45.55
CA TYR K 20 93.41 -2.02 46.24
C TYR K 20 93.39 -1.75 47.74
N ASP K 21 92.65 -0.74 48.20
CA ASP K 21 92.53 -0.49 49.63
C ASP K 21 91.39 -1.29 50.25
N ILE K 22 90.38 -1.65 49.46
CA ILE K 22 89.29 -2.46 49.96
C ILE K 22 89.72 -3.93 50.09
N ALA K 23 90.40 -4.45 49.07
CA ALA K 23 90.86 -5.83 49.10
C ALA K 23 91.99 -6.06 50.09
N LYS K 24 92.76 -5.01 50.41
CA LYS K 24 93.74 -5.10 51.48
C LYS K 24 93.06 -5.25 52.84
N LYS K 25 91.91 -4.61 53.02
CA LYS K 25 91.11 -4.81 54.23
C LYS K 25 90.44 -6.18 54.25
N GLY K 26 90.28 -6.82 53.09
CA GLY K 26 89.67 -8.13 53.02
C GLY K 26 90.60 -9.25 53.45
N VAL K 27 91.88 -9.12 53.08
CA VAL K 27 92.86 -10.14 53.47
C VAL K 27 93.14 -10.08 54.96
N ALA K 28 93.33 -8.86 55.49
CA ALA K 28 93.73 -8.70 56.88
C ALA K 28 92.60 -9.03 57.85
N ALA K 29 91.35 -8.91 57.41
CA ALA K 29 90.23 -9.25 58.28
C ALA K 29 90.04 -10.77 58.40
N PHE K 30 90.33 -11.51 57.34
CA PHE K 30 90.12 -12.96 57.37
C PHE K 30 91.19 -13.67 58.18
N ILE K 31 92.40 -13.10 58.26
CA ILE K 31 93.48 -13.74 59.02
C ILE K 31 93.23 -13.60 60.52
N GLU K 32 92.58 -12.50 60.94
CA GLU K 32 92.31 -12.27 62.36
C GLU K 32 91.31 -13.26 62.93
N ASN K 33 90.41 -13.79 62.10
CA ASN K 33 89.47 -14.81 62.53
C ASN K 33 89.88 -16.21 62.12
N LEU K 34 90.99 -16.36 61.40
CA LEU K 34 91.43 -17.67 60.92
C LEU K 34 91.99 -18.54 62.04
N MET K 35 92.44 -17.93 63.14
CA MET K 35 93.11 -18.68 64.21
C MET K 35 92.17 -19.54 65.04
N GLY K 36 90.85 -19.41 64.86
CA GLY K 36 89.93 -20.31 65.53
C GLY K 36 89.95 -21.71 64.98
N SER K 37 90.28 -21.85 63.69
CA SER K 37 90.40 -23.17 63.06
C SER K 37 91.38 -23.04 61.91
N GLN K 38 92.58 -23.58 62.08
CA GLN K 38 93.62 -23.47 61.07
C GLN K 38 93.37 -24.46 59.94
N HIS K 39 93.31 -23.95 58.72
CA HIS K 39 93.11 -24.78 57.54
C HIS K 39 93.68 -24.05 56.33
N SER K 40 94.21 -24.81 55.37
CA SER K 40 94.89 -24.25 54.20
C SER K 40 94.33 -24.91 52.93
N ALA K 41 93.21 -24.37 52.44
CA ALA K 41 92.61 -24.78 51.18
C ALA K 41 91.60 -23.71 50.77
N GLU K 42 91.75 -23.18 49.55
CA GLU K 42 90.84 -22.14 49.06
C GLU K 42 89.37 -22.55 48.94
N PRO K 43 88.99 -23.72 48.41
CA PRO K 43 87.53 -24.01 48.34
C PRO K 43 86.90 -24.29 49.70
N VAL K 44 87.67 -24.79 50.67
CA VAL K 44 87.17 -24.84 52.03
C VAL K 44 87.11 -23.44 52.61
N ASN K 45 88.08 -22.59 52.24
CA ASN K 45 88.04 -21.18 52.64
C ASN K 45 86.89 -20.44 51.99
N LYS K 46 86.48 -20.83 50.77
CA LYS K 46 85.26 -20.29 50.20
C LYS K 46 84.03 -20.72 50.99
N SER K 47 84.10 -21.85 51.69
CA SER K 47 83.09 -22.17 52.69
C SER K 47 83.41 -21.53 54.03
N LEU K 48 84.69 -21.39 54.37
CA LEU K 48 85.04 -20.75 55.64
C LEU K 48 84.78 -19.25 55.63
N VAL K 49 84.84 -18.61 54.47
CA VAL K 49 84.33 -17.24 54.37
C VAL K 49 82.82 -17.23 54.60
N ASP K 50 82.11 -18.18 54.00
CA ASP K 50 80.67 -18.29 54.21
C ASP K 50 80.33 -18.71 55.64
N GLN K 51 81.20 -19.51 56.28
CA GLN K 51 80.98 -19.83 57.69
C GLN K 51 81.35 -18.67 58.60
N MET K 52 82.07 -17.67 58.09
CA MET K 52 82.25 -16.40 58.80
C MET K 52 81.23 -15.36 58.39
N LEU K 53 80.32 -15.69 57.46
CA LEU K 53 79.20 -14.81 57.13
C LEU K 53 77.91 -15.24 57.81
N VAL K 54 77.72 -16.55 58.00
CA VAL K 54 76.54 -17.03 58.73
C VAL K 54 76.64 -16.67 60.21
N GLU K 55 77.84 -16.82 60.78
CA GLU K 55 78.05 -16.40 62.17
C GLU K 55 78.05 -14.89 62.30
N LEU K 56 78.38 -14.16 61.22
CA LEU K 56 78.29 -12.71 61.23
C LEU K 56 76.84 -12.25 61.19
N ASP K 57 76.00 -12.91 60.38
CA ASP K 57 74.59 -12.56 60.30
C ASP K 57 73.85 -12.92 61.57
N LYS K 58 74.35 -13.87 62.36
CA LYS K 58 73.78 -14.10 63.68
C LYS K 58 74.13 -12.95 64.63
N LYS K 59 75.23 -12.25 64.38
CA LYS K 59 75.57 -11.09 65.18
C LYS K 59 74.83 -9.84 64.73
N ILE K 60 74.55 -9.70 63.43
CA ILE K 60 73.95 -8.47 62.93
C ILE K 60 72.43 -8.51 63.04
N SER K 61 71.82 -9.61 62.58
CA SER K 61 70.36 -9.68 62.57
C SER K 61 69.78 -9.79 63.97
N ALA K 62 70.55 -10.29 64.94
CA ALA K 62 70.10 -10.23 66.32
C ALA K 62 70.16 -8.83 66.87
N GLN K 63 71.01 -7.97 66.30
CA GLN K 63 71.01 -6.57 66.67
C GLN K 63 69.93 -5.80 65.92
N MET K 64 69.70 -6.13 64.65
CA MET K 64 68.65 -5.49 63.87
C MET K 64 67.27 -6.05 64.14
N ASP K 65 67.14 -7.05 65.01
CA ASP K 65 65.86 -7.35 65.62
C ASP K 65 65.71 -6.67 66.97
N GLU K 66 66.65 -5.81 67.33
CA GLU K 66 66.57 -5.03 68.54
C GLU K 66 66.64 -3.53 68.32
N ILE K 67 67.30 -3.07 67.25
CA ILE K 67 67.16 -1.68 66.85
C ILE K 67 65.79 -1.45 66.25
N LEU K 68 65.28 -2.43 65.51
CA LEU K 68 63.87 -2.48 65.19
C LEU K 68 63.10 -3.04 66.38
N HIS K 69 61.79 -3.19 66.22
CA HIS K 69 60.90 -3.87 67.18
C HIS K 69 60.89 -3.18 68.55
N ASN K 70 61.17 -1.89 68.59
CA ASN K 70 61.21 -1.12 69.82
C ASN K 70 59.91 -0.33 69.95
N SER K 71 59.51 -0.06 71.19
CA SER K 71 58.22 0.59 71.44
C SER K 71 58.21 2.03 70.97
N GLN K 72 59.38 2.68 70.91
CA GLN K 72 59.45 4.00 70.31
C GLN K 72 59.54 3.92 68.79
N PHE K 73 60.21 2.89 68.26
CA PHE K 73 60.37 2.79 66.82
C PHE K 73 59.11 2.26 66.15
N GLN K 74 58.61 1.11 66.64
CA GLN K 74 57.51 0.41 65.97
C GLN K 74 56.21 1.19 66.04
N ALA K 75 55.95 1.86 67.17
CA ALA K 75 54.75 2.70 67.27
C ALA K 75 54.85 3.93 66.40
N MET K 76 56.07 4.38 66.11
CA MET K 76 56.29 5.46 65.16
C MET K 76 56.63 4.97 63.78
N GLU K 77 56.64 3.66 63.56
CA GLU K 77 56.70 3.12 62.21
C GLU K 77 55.32 2.75 61.69
N SER K 78 54.48 2.15 62.55
CA SER K 78 53.12 1.81 62.15
C SER K 78 52.27 3.03 61.95
N ALA K 79 52.52 4.10 62.71
CA ALA K 79 51.80 5.35 62.55
C ALA K 79 52.24 6.14 61.33
N TRP K 80 53.31 5.72 60.66
CA TRP K 80 53.83 6.44 59.52
C TRP K 80 53.86 5.61 58.24
N ARG K 81 54.20 4.32 58.33
CA ARG K 81 54.08 3.47 57.15
C ARG K 81 52.61 3.15 56.87
N GLY K 82 51.77 3.12 57.90
CA GLY K 82 50.34 3.02 57.71
C GLY K 82 49.73 4.21 57.01
N LEU K 83 50.37 5.38 57.11
CA LEU K 83 49.96 6.51 56.29
C LEU K 83 50.26 6.25 54.83
N LYS K 84 51.40 5.61 54.54
CA LYS K 84 51.76 5.30 53.16
C LYS K 84 50.78 4.31 52.53
N LEU K 85 50.22 3.41 53.35
CA LEU K 85 49.12 2.57 52.87
C LEU K 85 47.85 3.38 52.62
N PHE K 86 47.70 4.54 53.26
CA PHE K 86 46.58 5.39 52.94
C PHE K 86 46.89 6.34 51.78
N VAL K 87 48.15 6.59 51.49
CA VAL K 87 48.50 7.44 50.36
C VAL K 87 48.56 6.64 49.06
N ASP K 88 49.07 5.40 49.11
CA ASP K 88 49.26 4.62 47.89
C ASP K 88 47.95 4.11 47.31
N ARG K 89 46.94 3.85 48.15
CA ARG K 89 45.70 3.28 47.64
C ARG K 89 44.77 4.34 47.06
N THR K 90 44.69 5.50 47.72
CA THR K 90 43.73 6.52 47.33
C THR K 90 44.22 7.28 46.11
N ASP K 91 43.36 7.36 45.10
CA ASP K 91 43.74 7.98 43.83
C ASP K 91 43.60 9.49 43.97
N PHE K 92 44.74 10.18 44.11
CA PHE K 92 44.72 11.63 44.26
C PHE K 92 44.40 12.36 42.97
N ARG K 93 44.42 11.68 41.83
CA ARG K 93 43.95 12.30 40.61
C ARG K 93 42.44 12.42 40.58
N GLU K 94 41.72 11.57 41.30
CA GLU K 94 40.26 11.60 41.32
C GLU K 94 39.72 12.44 42.46
N ASN K 95 40.22 13.68 42.58
CA ASN K 95 39.73 14.71 43.50
C ASN K 95 39.75 14.25 44.95
N ASN K 96 40.95 14.01 45.46
CA ASN K 96 41.15 13.62 46.85
C ASN K 96 42.36 14.35 47.41
N LYS K 97 42.22 14.86 48.63
CA LYS K 97 43.34 15.42 49.35
C LYS K 97 43.27 14.93 50.79
N VAL K 98 44.42 14.93 51.46
CA VAL K 98 44.46 14.47 52.85
C VAL K 98 45.41 15.35 53.63
N GLU K 99 44.91 15.90 54.74
CA GLU K 99 45.72 16.72 55.62
C GLU K 99 46.31 15.87 56.74
N ILE K 100 47.50 16.27 57.18
CA ILE K 100 48.28 15.53 58.17
C ILE K 100 48.54 16.45 59.35
N LEU K 101 48.00 16.08 60.52
CA LEU K 101 48.13 16.89 61.72
C LEU K 101 48.92 16.13 62.78
N HIS K 102 49.99 16.74 63.27
CA HIS K 102 50.78 16.20 64.37
C HIS K 102 50.17 16.66 65.68
N VAL K 103 49.44 15.77 66.34
CA VAL K 103 49.12 15.93 67.74
C VAL K 103 49.68 14.71 68.46
N THR K 104 49.59 14.72 69.77
CA THR K 104 49.63 13.49 70.53
C THR K 104 48.30 13.32 71.25
N LYS K 105 48.00 12.08 71.60
CA LYS K 105 46.68 11.75 72.15
C LYS K 105 46.47 12.35 73.52
N ASP K 106 47.54 12.52 74.29
CA ASP K 106 47.43 13.19 75.58
C ASP K 106 47.36 14.70 75.43
N GLU K 107 47.90 15.24 74.34
CA GLU K 107 47.81 16.67 74.11
C GLU K 107 46.41 17.07 73.70
N LEU K 108 45.68 16.18 73.04
CA LEU K 108 44.43 16.56 72.41
C LEU K 108 43.32 16.77 73.43
N LEU K 109 43.28 15.93 74.47
CA LEU K 109 42.29 16.14 75.53
C LEU K 109 42.61 17.38 76.34
N GLU K 110 43.89 17.68 76.52
CA GLU K 110 44.30 18.94 77.15
C GLU K 110 43.90 20.14 76.32
N ASP K 111 43.90 19.99 74.99
CA ASP K 111 43.47 21.07 74.11
C ASP K 111 41.96 21.27 74.14
N PHE K 112 41.20 20.22 74.45
CA PHE K 112 39.78 20.43 74.72
C PHE K 112 39.53 20.91 76.14
N GLU K 113 40.45 20.64 77.06
CA GLU K 113 40.44 21.25 78.37
C GLU K 113 40.92 22.70 78.29
N PHE K 114 41.65 23.04 77.23
CA PHE K 114 42.17 24.39 77.02
C PHE K 114 41.06 25.40 76.82
N ALA K 115 40.15 25.14 75.89
CA ALA K 115 39.09 26.09 75.63
C ALA K 115 37.86 25.80 76.50
N PRO K 116 37.12 26.84 76.89
CA PRO K 116 35.90 26.61 77.68
C PRO K 116 34.78 25.99 76.88
N GLU K 117 34.80 26.12 75.55
CA GLU K 117 33.80 25.54 74.68
C GLU K 117 34.49 24.87 73.51
N THR K 118 33.88 23.78 73.02
CA THR K 118 34.41 23.06 71.87
C THR K 118 34.46 23.91 70.61
N ALA K 119 33.64 24.95 70.53
CA ALA K 119 33.63 25.88 69.41
C ALA K 119 34.74 26.93 69.51
N GLN K 120 35.66 26.80 70.46
CA GLN K 120 36.84 27.66 70.51
C GLN K 120 38.12 26.86 70.68
N SER K 121 38.08 25.55 70.45
CA SER K 121 39.22 24.69 70.68
C SER K 121 40.29 24.88 69.60
N GLY K 122 41.41 24.21 69.78
CA GLY K 122 42.45 24.24 68.76
C GLY K 122 42.25 23.21 67.68
N LEU K 123 41.59 22.10 68.00
CA LEU K 123 41.25 21.14 66.95
C LEU K 123 40.06 21.62 66.13
N TYR K 124 39.18 22.41 66.75
CA TYR K 124 38.08 23.04 66.02
C TYR K 124 38.58 24.03 64.98
N LYS K 125 39.78 24.58 65.17
CA LYS K 125 40.35 25.47 64.18
C LYS K 125 40.77 24.71 62.93
N HIS K 126 41.28 23.49 63.09
CA HIS K 126 41.79 22.76 61.95
C HIS K 126 40.74 21.89 61.28
N VAL K 127 39.70 21.48 62.00
CA VAL K 127 38.65 20.67 61.41
C VAL K 127 37.59 21.55 60.76
N TYR K 128 37.12 22.57 61.48
CA TYR K 128 36.03 23.40 61.00
C TYR K 128 36.52 24.62 60.25
N SER K 129 37.28 25.49 60.92
CA SER K 129 37.46 26.85 60.41
C SER K 129 38.52 26.93 59.32
N ALA K 130 39.58 26.14 59.40
CA ALA K 130 40.57 26.18 58.33
C ALA K 130 40.12 25.41 57.10
N GLY K 131 39.11 24.57 57.25
CA GLY K 131 38.57 23.79 56.16
C GLY K 131 37.18 24.25 55.80
N TYR K 132 36.21 23.59 56.42
CA TYR K 132 34.79 23.76 56.11
C TYR K 132 34.31 25.19 56.35
N GLY K 133 34.63 25.75 57.51
CA GLY K 133 34.20 27.12 57.79
C GLY K 133 35.13 28.15 57.20
N GLN K 134 35.22 28.18 55.87
CA GLN K 134 36.18 29.02 55.18
C GLN K 134 35.66 29.28 53.78
N PHE K 135 35.71 30.53 53.34
CA PHE K 135 35.28 30.86 51.99
C PHE K 135 36.24 30.26 50.97
N GLY K 136 35.75 29.32 50.18
CA GLY K 136 36.54 28.68 49.16
C GLY K 136 37.39 27.52 49.63
N GLY K 137 37.57 27.35 50.93
CA GLY K 137 38.39 26.26 51.42
C GLY K 137 37.69 24.92 51.28
N GLU K 138 38.48 23.89 51.04
CA GLU K 138 37.93 22.56 50.87
C GLU K 138 37.50 22.00 52.23
N PRO K 139 36.31 21.43 52.33
CA PRO K 139 35.79 21.01 53.64
C PRO K 139 36.24 19.59 53.97
N VAL K 140 36.09 19.24 55.25
CA VAL K 140 36.66 18.03 55.81
C VAL K 140 35.64 16.90 55.74
N GLY K 141 36.01 15.79 55.11
CA GLY K 141 35.13 14.65 55.01
C GLY K 141 35.11 13.80 56.26
N ALA K 142 36.27 13.40 56.76
CA ALA K 142 36.34 12.55 57.94
C ALA K 142 37.65 12.78 58.66
N ILE K 143 37.68 12.41 59.94
CA ILE K 143 38.87 12.54 60.76
C ILE K 143 39.37 11.15 61.12
N ILE K 144 40.54 10.80 60.62
CA ILE K 144 41.19 9.55 60.96
C ILE K 144 41.85 9.70 62.32
N GLY K 145 41.39 8.93 63.30
CA GLY K 145 42.02 8.91 64.60
C GLY K 145 43.02 7.78 64.70
N ASN K 146 44.31 8.13 64.80
CA ASN K 146 45.38 7.13 64.85
C ASN K 146 45.67 6.77 66.31
N TYR K 147 44.61 6.37 67.01
CA TYR K 147 44.60 6.27 68.45
C TYR K 147 44.30 4.85 68.89
N ALA K 148 44.44 4.60 70.18
CA ALA K 148 44.09 3.33 70.79
C ALA K 148 43.24 3.65 72.02
N PHE K 149 41.94 3.54 71.87
CA PHE K 149 41.03 4.03 72.89
C PHE K 149 40.81 3.01 74.01
N THR K 150 40.87 3.49 75.22
CA THR K 150 40.48 2.81 76.44
C THR K 150 39.05 3.20 76.80
N PRO K 151 38.40 2.47 77.69
CA PRO K 151 37.09 2.95 78.16
C PRO K 151 37.16 3.85 79.38
N SER K 152 38.34 4.38 79.68
CA SER K 152 38.52 5.21 80.87
C SER K 152 37.99 6.62 80.63
N THR K 153 37.97 7.41 81.70
CA THR K 153 37.51 8.78 81.69
C THR K 153 38.35 9.72 80.80
N PRO K 154 39.69 9.64 80.72
CA PRO K 154 40.38 10.48 79.72
C PRO K 154 40.19 10.05 78.27
N ASP K 155 39.43 8.99 77.98
CA ASP K 155 39.11 8.63 76.61
C ASP K 155 37.62 8.63 76.32
N MET K 156 36.76 8.73 77.32
CA MET K 156 35.37 9.04 77.09
C MET K 156 35.08 10.52 77.19
N LYS K 157 35.99 11.30 77.77
CA LYS K 157 35.89 12.74 77.71
C LYS K 157 36.36 13.26 76.37
N LEU K 158 37.30 12.57 75.74
CA LEU K 158 37.76 12.96 74.41
C LEU K 158 36.67 12.71 73.38
N LEU K 159 36.04 11.55 73.41
CA LEU K 159 35.03 11.22 72.42
C LEU K 159 33.75 12.02 72.62
N GLN K 160 33.47 12.45 73.84
CA GLN K 160 32.37 13.39 74.03
C GLN K 160 32.69 14.74 73.38
N TYR K 161 33.96 15.11 73.37
CA TYR K 161 34.41 16.33 72.72
C TYR K 161 34.81 16.10 71.27
N MET K 162 34.70 14.87 70.77
CA MET K 162 34.84 14.64 69.34
C MET K 162 33.52 14.37 68.65
N GLY K 163 32.53 13.89 69.39
CA GLY K 163 31.18 13.82 68.84
C GLY K 163 30.56 15.19 68.69
N ALA K 164 30.88 16.12 69.60
CA ALA K 164 30.40 17.49 69.45
C ALA K 164 31.17 18.23 68.37
N LEU K 165 32.43 17.89 68.16
CA LEU K 165 33.17 18.46 67.04
C LEU K 165 32.70 17.88 65.72
N GLY K 166 32.38 16.59 65.70
CA GLY K 166 31.88 15.97 64.48
C GLY K 166 30.48 16.40 64.10
N ALA K 167 29.71 16.91 65.06
CA ALA K 167 28.38 17.41 64.75
C ALA K 167 28.40 18.87 64.32
N MET K 168 29.54 19.54 64.42
CA MET K 168 29.62 20.91 63.95
C MET K 168 30.19 21.02 62.55
N ALA K 169 31.21 20.22 62.23
CA ALA K 169 31.83 20.26 60.92
C ALA K 169 31.29 19.18 59.99
N HIS K 170 30.31 18.40 60.44
CA HIS K 170 29.67 17.32 59.67
C HIS K 170 30.68 16.30 59.17
N ALA K 171 31.54 15.86 60.05
CA ALA K 171 32.55 14.89 59.65
C ALA K 171 32.72 13.87 60.77
N PRO K 172 32.48 12.59 60.50
CA PRO K 172 32.61 11.60 61.57
C PRO K 172 34.07 11.32 61.89
N PHE K 173 34.33 11.12 63.17
CA PHE K 173 35.67 10.83 63.67
C PHE K 173 35.86 9.32 63.75
N ILE K 174 36.69 8.77 62.88
CA ILE K 174 36.95 7.34 62.85
C ILE K 174 38.29 7.05 63.51
N SER K 175 38.28 6.13 64.46
CA SER K 175 39.45 5.71 65.21
C SER K 175 39.25 4.25 65.58
N SER K 176 40.03 3.75 66.53
CA SER K 176 39.90 2.35 66.90
C SER K 176 39.97 2.18 68.40
N VAL K 177 39.35 1.10 68.87
CA VAL K 177 39.46 0.68 70.25
C VAL K 177 40.64 -0.26 70.37
N GLY K 178 41.16 -0.40 71.58
CA GLY K 178 42.30 -1.23 71.82
C GLY K 178 41.93 -2.61 72.33
N PRO K 179 42.93 -3.45 72.57
CA PRO K 179 42.67 -4.72 73.25
C PRO K 179 42.10 -4.52 74.63
N GLU K 180 42.65 -3.57 75.39
CA GLU K 180 42.20 -3.29 76.75
C GLU K 180 40.82 -2.67 76.80
N PHE K 181 40.26 -2.26 75.67
CA PHE K 181 38.87 -1.81 75.63
C PHE K 181 37.92 -2.96 75.93
N PHE K 182 38.19 -4.13 75.37
CA PHE K 182 37.37 -5.29 75.65
C PHE K 182 37.74 -5.98 76.95
N GLY K 183 38.87 -5.60 77.57
CA GLY K 183 39.28 -6.20 78.82
C GLY K 183 39.94 -7.55 78.65
N ILE K 184 40.87 -7.65 77.70
CA ILE K 184 41.57 -8.90 77.45
C ILE K 184 43.08 -8.78 77.55
N ASP K 185 43.65 -7.57 77.41
CA ASP K 185 45.07 -7.23 77.65
C ASP K 185 46.06 -7.93 76.70
N SER K 186 45.55 -8.72 75.75
CA SER K 186 46.31 -9.44 74.75
C SER K 186 45.28 -9.86 73.72
N PHE K 187 45.51 -9.54 72.44
CA PHE K 187 44.36 -9.40 71.57
C PHE K 187 43.86 -10.72 70.98
N GLU K 188 44.72 -11.72 70.79
CA GLU K 188 44.32 -12.91 70.06
C GLU K 188 43.36 -13.82 70.80
N GLU K 189 42.91 -13.45 72.00
CA GLU K 189 41.87 -14.18 72.72
C GLU K 189 40.51 -13.53 72.57
N LEU K 190 40.24 -12.89 71.45
CA LEU K 190 38.93 -12.29 71.24
C LEU K 190 37.83 -13.28 70.84
N PRO K 191 38.04 -14.28 69.96
CA PRO K 191 36.95 -15.26 69.73
C PRO K 191 36.66 -16.16 70.91
N ASN K 192 37.53 -16.17 71.94
CA ASN K 192 37.25 -16.94 73.14
C ASN K 192 36.14 -16.30 73.97
N ILE K 193 35.81 -15.03 73.70
CA ILE K 193 34.71 -14.36 74.40
C ILE K 193 33.40 -15.01 73.97
N LYS K 194 32.70 -15.60 74.93
CA LYS K 194 31.48 -16.34 74.64
C LYS K 194 30.22 -15.51 74.81
N ASP K 195 30.31 -14.34 75.43
CA ASP K 195 29.15 -13.44 75.55
C ASP K 195 29.70 -12.03 75.64
N LEU K 196 29.64 -11.31 74.52
CA LEU K 196 30.15 -9.95 74.45
C LEU K 196 29.08 -8.91 74.75
N LYS K 197 27.81 -9.32 74.73
CA LYS K 197 26.73 -8.41 75.08
C LYS K 197 26.74 -8.10 76.58
N SER K 198 27.05 -9.09 77.41
CA SER K 198 27.09 -8.86 78.84
C SER K 198 28.35 -8.13 79.29
N THR K 199 29.40 -8.14 78.47
CA THR K 199 30.61 -7.42 78.80
C THR K 199 30.38 -5.91 78.75
N PHE K 200 29.56 -5.46 77.80
CA PHE K 200 29.32 -4.03 77.64
C PHE K 200 28.28 -3.49 78.62
N GLU K 201 27.58 -4.35 79.35
CA GLU K 201 26.63 -3.92 80.38
C GLU K 201 27.22 -4.03 81.77
N SER K 202 28.54 -3.73 81.92
CA SER K 202 29.37 -3.66 83.10
C SER K 202 29.46 -2.22 83.60
N PRO K 203 29.60 -2.01 84.91
CA PRO K 203 29.70 -0.65 85.44
C PRO K 203 31.02 0.05 85.14
N LYS K 204 31.99 -0.62 84.52
CA LYS K 204 33.18 0.08 84.03
C LYS K 204 32.83 0.94 82.81
N TYR K 205 31.77 0.58 82.10
CA TYR K 205 31.38 1.25 80.85
C TYR K 205 30.21 2.18 81.04
N THR K 206 30.12 2.89 82.17
CA THR K 206 29.03 3.84 82.35
C THR K 206 29.26 5.09 81.52
N LYS K 207 30.53 5.44 81.30
CA LYS K 207 30.87 6.53 80.39
C LYS K 207 30.93 6.08 78.93
N TRP K 208 30.65 4.81 78.65
CA TRP K 208 30.47 4.32 77.28
C TRP K 208 29.01 4.22 76.90
N ARG K 209 28.18 3.63 77.77
CA ARG K 209 26.75 3.51 77.49
C ARG K 209 26.02 4.83 77.60
N SER K 210 26.63 5.83 78.23
CA SER K 210 26.08 7.18 78.17
C SER K 210 26.60 7.96 76.97
N LEU K 211 27.75 7.57 76.43
CA LEU K 211 28.21 8.14 75.17
C LEU K 211 27.35 7.66 74.01
N ARG K 212 26.94 6.39 74.04
CA ARG K 212 26.18 5.81 72.94
C ARG K 212 24.78 6.41 72.84
N GLU K 213 24.16 6.71 73.98
CA GLU K 213 22.83 7.28 73.95
C GLU K 213 22.81 8.73 73.50
N SER K 214 23.96 9.40 73.48
CA SER K 214 24.00 10.82 73.19
C SER K 214 23.71 11.09 71.72
N GLU K 215 23.29 12.32 71.45
CA GLU K 215 22.83 12.68 70.11
C GLU K 215 24.00 12.91 69.16
N ASP K 216 25.06 13.54 69.63
CA ASP K 216 26.21 13.81 68.77
C ASP K 216 27.15 12.64 68.62
N ALA K 217 26.80 11.47 69.15
CA ALA K 217 27.60 10.25 68.94
C ALA K 217 27.44 9.69 67.55
N ARG K 218 26.52 10.25 66.76
CA ARG K 218 26.27 9.82 65.39
C ARG K 218 27.49 10.00 64.50
N TYR K 219 28.36 10.94 64.85
CA TYR K 219 29.57 11.24 64.08
C TYR K 219 30.79 10.60 64.71
N LEU K 220 30.65 9.39 65.24
CA LEU K 220 31.77 8.68 65.86
C LEU K 220 31.68 7.21 65.49
N GLY K 221 32.57 6.76 64.62
CA GLY K 221 32.74 5.33 64.35
C GLY K 221 34.07 4.89 64.96
N LEU K 222 34.07 3.71 65.56
CA LEU K 222 35.29 3.14 66.12
C LEU K 222 35.55 1.78 65.48
N THR K 223 36.72 1.64 64.90
CA THR K 223 36.96 0.62 63.88
C THR K 223 37.46 -0.69 64.50
N ALA K 224 38.05 -1.51 63.64
CA ALA K 224 38.39 -2.92 63.63
C ALA K 224 39.44 -3.34 64.66
N PRO K 225 39.82 -4.63 64.73
CA PRO K 225 40.99 -5.00 65.54
C PRO K 225 42.29 -4.27 65.25
N ARG K 226 42.97 -4.58 64.16
CA ARG K 226 44.27 -4.06 63.68
C ARG K 226 44.53 -4.78 62.37
N PHE K 227 45.57 -4.34 61.67
CA PHE K 227 45.93 -5.02 60.45
C PHE K 227 47.43 -4.91 60.22
N LEU K 228 47.96 -5.83 59.43
CA LEU K 228 49.39 -5.96 59.20
C LEU K 228 49.86 -4.98 58.13
N LEU K 229 51.09 -4.48 58.30
CA LEU K 229 51.67 -3.51 57.38
C LEU K 229 52.88 -4.05 56.63
N ARG K 230 53.84 -4.63 57.35
CA ARG K 230 55.12 -4.98 56.76
C ARG K 230 55.34 -6.49 56.87
N VAL K 231 55.56 -7.12 55.72
CA VAL K 231 56.06 -8.50 55.71
C VAL K 231 57.47 -8.51 56.26
N PRO K 232 57.78 -9.37 57.23
CA PRO K 232 59.17 -9.49 57.70
C PRO K 232 60.09 -10.00 56.59
N TYR K 233 61.29 -9.44 56.54
CA TYR K 233 62.17 -9.59 55.39
C TYR K 233 62.78 -10.99 55.34
N ASP K 234 63.33 -11.32 54.18
CA ASP K 234 63.80 -12.67 53.91
C ASP K 234 64.87 -12.57 52.83
N PRO K 235 65.95 -13.35 52.91
CA PRO K 235 66.98 -13.26 51.86
C PRO K 235 66.58 -13.84 50.51
N ILE K 236 65.41 -14.45 50.39
CA ILE K 236 64.92 -14.98 49.12
C ILE K 236 63.68 -14.22 48.64
N GLU K 237 62.71 -14.00 49.53
CA GLU K 237 61.44 -13.41 49.14
C GLU K 237 61.56 -11.89 48.96
N ASN K 238 61.88 -11.18 50.04
CA ASN K 238 61.99 -9.72 50.03
C ASN K 238 63.38 -9.35 50.54
N PRO K 239 64.38 -9.38 49.66
CA PRO K 239 65.76 -9.19 50.11
C PRO K 239 66.08 -7.71 50.33
N VAL K 240 67.25 -7.47 50.93
CA VAL K 240 67.78 -6.14 51.09
C VAL K 240 69.10 -6.04 50.34
N LYS K 241 69.51 -4.82 50.04
CA LYS K 241 70.64 -4.57 49.15
C LYS K 241 71.95 -4.87 49.86
N SER K 242 72.74 -5.78 49.26
CA SER K 242 74.09 -6.17 49.72
C SER K 242 74.09 -6.72 51.13
N PHE K 243 73.01 -7.39 51.51
CA PHE K 243 72.87 -7.97 52.84
C PHE K 243 71.78 -9.04 52.79
N ASN K 244 71.88 -10.03 53.68
CA ASN K 244 70.86 -11.07 53.83
C ASN K 244 70.25 -10.91 55.21
N TYR K 245 68.98 -10.53 55.27
CA TYR K 245 68.31 -10.18 56.52
C TYR K 245 67.10 -11.10 56.72
N ALA K 246 67.22 -12.03 57.66
CA ALA K 246 66.11 -12.89 58.06
C ALA K 246 65.59 -12.36 59.40
N GLU K 247 64.44 -11.69 59.36
CA GLU K 247 63.87 -11.07 60.56
C GLU K 247 63.24 -12.15 61.40
N ASN K 248 63.93 -12.54 62.47
CA ASN K 248 63.47 -13.62 63.35
C ASN K 248 62.30 -13.14 64.20
N VAL K 249 61.09 -13.40 63.73
CA VAL K 249 59.88 -13.02 64.46
C VAL K 249 59.58 -14.11 65.48
N SER K 250 59.50 -13.72 66.75
CA SER K 250 59.32 -14.66 67.85
C SER K 250 57.85 -15.03 67.98
N ALA K 251 57.52 -15.73 69.06
CA ALA K 251 56.13 -16.12 69.31
C ALA K 251 55.27 -14.94 69.73
N SER K 252 55.88 -13.85 70.18
CA SER K 252 55.15 -12.62 70.46
C SER K 252 54.73 -11.99 69.14
N HIS K 253 53.43 -11.86 68.92
CA HIS K 253 52.91 -11.25 67.70
C HIS K 253 52.81 -9.73 67.80
N GLU K 254 53.43 -9.13 68.83
CA GLU K 254 53.54 -7.68 68.89
C GLU K 254 54.71 -7.15 68.07
N HIS K 255 55.59 -8.02 67.60
CA HIS K 255 56.75 -7.58 66.83
C HIS K 255 56.42 -7.34 65.37
N TYR K 256 55.34 -7.92 64.86
CA TYR K 256 54.83 -7.54 63.55
C TYR K 256 54.39 -6.08 63.57
N LEU K 257 54.59 -5.40 62.44
CA LEU K 257 54.24 -3.99 62.34
C LEU K 257 52.73 -3.88 62.17
N TRP K 258 52.02 -3.89 63.30
CA TRP K 258 50.57 -3.82 63.26
C TRP K 258 50.13 -2.37 63.17
N GLY K 259 49.39 -2.04 62.11
CA GLY K 259 48.91 -0.70 61.90
C GLY K 259 47.61 -0.43 62.64
N ASN K 260 47.06 0.76 62.38
CA ASN K 260 45.77 1.17 62.94
C ASN K 260 44.74 1.18 61.83
N THR K 261 43.57 0.57 62.08
CA THR K 261 42.63 0.30 61.01
C THR K 261 41.77 1.52 60.66
N ALA K 262 41.93 2.63 61.37
CA ALA K 262 41.35 3.88 60.91
C ALA K 262 41.98 4.34 59.60
N PHE K 263 43.23 3.95 59.36
CA PHE K 263 43.81 4.06 58.03
C PHE K 263 43.04 3.21 57.03
N ALA K 264 42.81 1.94 57.35
CA ALA K 264 42.26 1.00 56.39
C ALA K 264 40.77 1.18 56.17
N PHE K 265 40.03 1.72 57.15
CA PHE K 265 38.63 1.99 56.91
C PHE K 265 38.42 3.26 56.11
N ALA K 266 39.30 4.25 56.29
CA ALA K 266 39.25 5.43 55.45
C ALA K 266 39.80 5.18 54.06
N THR K 267 40.46 4.04 53.83
CA THR K 267 40.78 3.64 52.47
C THR K 267 39.50 3.36 51.69
N ARG K 268 38.50 2.80 52.35
CA ARG K 268 37.23 2.51 51.71
C ARG K 268 36.30 3.70 51.63
N LEU K 269 36.50 4.71 52.48
CA LEU K 269 35.79 5.97 52.27
C LEU K 269 36.27 6.68 51.02
N THR K 270 37.54 6.53 50.70
CA THR K 270 38.11 7.29 49.61
C THR K 270 38.08 6.52 48.30
N ASP K 271 38.28 5.20 48.35
CA ASP K 271 38.15 4.40 47.14
C ASP K 271 36.70 4.23 46.72
N SER K 272 35.74 4.54 47.59
CA SER K 272 34.38 4.71 47.13
C SER K 272 34.15 6.08 46.52
N PHE K 273 34.86 7.10 47.00
CA PHE K 273 34.69 8.42 46.42
C PHE K 273 35.41 8.55 45.10
N ALA K 274 36.49 7.82 44.89
CA ALA K 274 37.22 7.94 43.64
C ALA K 274 36.51 7.25 42.48
N LYS K 275 35.47 6.48 42.75
CA LYS K 275 34.74 5.77 41.71
C LYS K 275 33.37 6.38 41.43
N TYR K 276 32.62 6.75 42.46
CA TYR K 276 31.25 7.20 42.29
C TYR K 276 31.03 8.63 42.74
N ARG K 277 32.04 9.30 43.29
CA ARG K 277 31.98 10.67 43.84
C ARG K 277 30.96 10.80 44.96
N TRP K 278 30.71 9.70 45.67
CA TRP K 278 29.95 9.70 46.90
C TRP K 278 30.58 8.65 47.81
N CYS K 279 29.99 8.47 48.98
CA CYS K 279 30.42 7.38 49.88
C CYS K 279 29.28 6.83 50.72
N PRO K 280 28.39 6.03 50.12
CA PRO K 280 27.69 5.03 50.95
C PRO K 280 28.29 3.65 50.80
N ASN K 281 29.23 3.49 49.87
CA ASN K 281 29.70 2.16 49.46
C ASN K 281 30.93 1.78 50.27
N ILE K 282 30.69 1.35 51.51
CA ILE K 282 31.78 0.96 52.40
C ILE K 282 31.54 -0.37 53.12
N ILE K 283 30.45 -1.06 52.82
CA ILE K 283 30.12 -2.25 53.61
C ILE K 283 30.01 -3.51 52.76
N GLY K 284 30.72 -3.59 51.65
CA GLY K 284 30.58 -4.73 50.76
C GLY K 284 31.86 -5.50 50.48
N PRO K 285 31.84 -6.81 50.74
CA PRO K 285 32.96 -7.65 50.30
C PRO K 285 33.10 -7.73 48.80
N GLN K 286 32.02 -7.50 48.05
CA GLN K 286 32.09 -7.30 46.62
C GLN K 286 31.48 -5.96 46.22
N SER K 287 31.33 -5.05 47.17
CA SER K 287 30.64 -3.79 46.88
C SER K 287 31.30 -2.60 47.57
N GLY K 288 32.60 -2.68 47.82
CA GLY K 288 33.35 -1.54 48.29
C GLY K 288 33.69 -1.49 49.75
N GLY K 289 33.70 -2.62 50.46
CA GLY K 289 34.16 -2.63 51.82
C GLY K 289 35.23 -3.69 51.98
N ALA K 290 35.88 -4.04 50.89
CA ALA K 290 36.85 -5.13 50.87
C ALA K 290 38.26 -4.54 50.90
N VAL K 291 38.91 -4.61 52.05
CA VAL K 291 40.30 -4.19 52.18
C VAL K 291 41.15 -5.28 51.54
N GLU K 292 41.59 -5.05 50.31
CA GLU K 292 42.37 -6.04 49.58
C GLU K 292 43.86 -5.76 49.73
N ASP K 293 44.66 -6.71 49.24
CA ASP K 293 46.13 -6.66 49.19
C ASP K 293 46.73 -6.47 50.58
N LEU K 294 46.31 -7.32 51.50
CA LEU K 294 46.92 -7.30 52.81
C LEU K 294 48.25 -8.05 52.78
N PRO K 295 49.19 -7.68 53.65
CA PRO K 295 50.42 -8.47 53.78
C PRO K 295 50.17 -9.81 54.44
N VAL K 296 50.78 -10.85 53.91
CA VAL K 296 50.72 -12.18 54.50
C VAL K 296 52.13 -12.65 54.79
N HIS K 297 52.24 -13.56 55.76
CA HIS K 297 53.53 -14.09 56.19
C HIS K 297 53.37 -15.59 56.39
N VAL K 298 53.76 -16.36 55.38
CA VAL K 298 53.66 -17.82 55.45
C VAL K 298 54.83 -18.32 56.29
N PHE K 299 54.53 -18.87 57.45
CA PHE K 299 55.54 -19.46 58.32
C PHE K 299 55.17 -20.90 58.64
N GLU K 300 56.10 -21.58 59.30
CA GLU K 300 55.91 -22.98 59.65
C GLU K 300 55.24 -23.09 61.01
N SER K 301 54.08 -23.73 61.05
CA SER K 301 53.38 -24.01 62.30
C SER K 301 53.89 -25.33 62.88
N MET K 302 53.14 -25.88 63.83
CA MET K 302 53.48 -27.17 64.44
C MET K 302 53.17 -28.30 63.46
N GLY K 303 54.04 -28.42 62.46
CA GLY K 303 53.93 -29.45 61.45
C GLY K 303 53.47 -28.96 60.09
N ALA K 304 52.48 -28.08 60.07
CA ALA K 304 51.85 -27.64 58.84
C ALA K 304 52.47 -26.33 58.36
N LEU K 305 52.03 -25.90 57.18
CA LEU K 305 52.46 -24.63 56.58
C LEU K 305 51.24 -23.72 56.54
N GLN K 306 51.16 -22.79 57.48
CA GLN K 306 50.03 -21.88 57.57
C GLN K 306 50.50 -20.46 57.29
N SER K 307 49.55 -19.54 57.32
CA SER K 307 49.81 -18.13 57.10
C SER K 307 49.42 -17.33 58.32
N LYS K 308 50.21 -16.30 58.64
CA LYS K 308 49.85 -15.39 59.71
C LYS K 308 48.66 -14.56 59.29
N ILE K 309 47.65 -14.49 60.15
CA ILE K 309 46.41 -13.79 59.81
C ILE K 309 46.66 -12.29 59.81
N PRO K 310 46.32 -11.60 58.72
CA PRO K 310 46.65 -10.17 58.62
C PRO K 310 45.86 -9.28 59.56
N THR K 311 44.69 -9.70 60.01
CA THR K 311 44.08 -9.10 61.19
C THR K 311 44.30 -10.08 62.33
N GLU K 312 44.44 -9.56 63.55
CA GLU K 312 45.00 -10.37 64.62
C GLU K 312 44.05 -11.43 65.15
N VAL K 313 42.76 -11.33 64.84
CA VAL K 313 41.81 -12.38 65.17
C VAL K 313 41.01 -12.71 63.93
N LEU K 314 40.45 -13.92 63.91
CA LEU K 314 39.49 -14.31 62.89
C LEU K 314 38.10 -14.03 63.46
N ILE K 315 37.52 -12.93 63.03
CA ILE K 315 36.20 -12.53 63.51
C ILE K 315 35.15 -13.41 62.83
N THR K 316 34.38 -14.13 63.63
CA THR K 316 33.32 -14.96 63.08
C THR K 316 32.15 -14.08 62.66
N ASP K 317 31.13 -14.71 62.08
CA ASP K 317 29.97 -13.93 61.65
C ASP K 317 29.07 -13.56 62.82
N ARG K 318 29.01 -14.40 63.85
CA ARG K 318 28.21 -14.07 65.02
C ARG K 318 28.91 -13.02 65.87
N LYS K 319 30.23 -13.09 65.96
CA LYS K 319 30.99 -12.08 66.69
C LYS K 319 30.92 -10.73 66.00
N GLU K 320 30.87 -10.73 64.67
CA GLU K 320 30.80 -9.45 63.96
C GLU K 320 29.40 -8.87 64.04
N PHE K 321 28.37 -9.72 64.03
CA PHE K 321 27.02 -9.22 64.21
C PHE K 321 26.79 -8.72 65.62
N GLU K 322 27.48 -9.30 66.60
CA GLU K 322 27.35 -8.80 67.97
C GLU K 322 28.14 -7.50 68.14
N LEU K 323 29.22 -7.33 67.38
CA LEU K 323 29.89 -6.04 67.33
C LEU K 323 29.09 -5.01 66.54
N ALA K 324 28.29 -5.47 65.58
CA ALA K 324 27.50 -4.53 64.78
C ALA K 324 26.36 -3.95 65.59
N GLU K 325 25.75 -4.75 66.46
CA GLU K 325 24.69 -4.25 67.32
C GLU K 325 25.23 -3.33 68.40
N GLU K 326 26.46 -3.56 68.84
CA GLU K 326 27.08 -2.77 69.90
C GLU K 326 27.94 -1.62 69.37
N GLY K 327 27.80 -1.27 68.10
CA GLY K 327 28.43 -0.09 67.57
C GLY K 327 29.92 -0.21 67.30
N PHE K 328 30.30 -1.10 66.40
CA PHE K 328 31.69 -1.28 66.04
C PHE K 328 31.80 -1.61 64.56
N ILE K 329 32.84 -1.12 63.92
CA ILE K 329 33.10 -1.38 62.51
C ILE K 329 34.17 -2.46 62.49
N ALA K 330 33.75 -3.72 62.48
CA ALA K 330 34.69 -4.82 62.54
C ALA K 330 35.14 -5.23 61.14
N LEU K 331 36.31 -5.84 61.07
CA LEU K 331 36.93 -6.28 59.82
C LEU K 331 37.16 -7.78 59.87
N THR K 332 36.24 -8.55 59.32
CA THR K 332 36.46 -9.97 59.17
C THR K 332 37.45 -10.22 58.06
N MET K 333 38.30 -11.22 58.26
CA MET K 333 39.39 -11.50 57.34
C MET K 333 39.04 -12.75 56.55
N ARG K 334 39.33 -12.72 55.25
CA ARG K 334 39.04 -13.86 54.37
C ARG K 334 40.06 -14.94 54.65
N LYS K 335 39.67 -15.92 55.47
CA LYS K 335 40.60 -16.90 56.04
C LYS K 335 41.28 -17.74 54.98
N GLY K 336 42.57 -17.53 54.80
CA GLY K 336 43.34 -18.26 53.83
C GLY K 336 43.86 -17.43 52.68
N SER K 337 43.66 -16.11 52.71
CA SER K 337 44.12 -15.27 51.62
C SER K 337 44.51 -13.90 52.20
N ASP K 338 44.70 -12.94 51.31
CA ASP K 338 45.17 -11.60 51.68
C ASP K 338 44.07 -10.57 51.52
N ASN K 339 42.83 -10.93 51.82
CA ASN K 339 41.70 -10.03 51.69
C ASN K 339 40.96 -9.95 53.01
N ALA K 340 40.13 -8.93 53.13
CA ALA K 340 39.28 -8.75 54.30
C ALA K 340 38.01 -8.06 53.83
N ALA K 341 37.10 -7.79 54.77
CA ALA K 341 35.84 -7.19 54.39
C ALA K 341 35.22 -6.51 55.59
N PHE K 342 34.58 -5.37 55.33
CA PHE K 342 33.65 -4.79 56.28
C PHE K 342 32.25 -5.26 55.90
N PHE K 343 31.37 -5.30 56.89
CA PHE K 343 30.00 -5.72 56.65
C PHE K 343 28.96 -4.72 57.13
N SER K 344 29.29 -3.88 58.10
CA SER K 344 28.34 -2.92 58.64
C SER K 344 29.14 -1.80 59.27
N ALA K 345 28.90 -0.57 58.84
CA ALA K 345 29.68 0.57 59.30
C ALA K 345 28.96 1.35 60.38
N ASN K 346 28.24 0.66 61.28
CA ASN K 346 27.40 1.32 62.26
C ASN K 346 28.19 2.17 63.23
N SER K 347 27.75 3.41 63.42
CA SER K 347 28.36 4.27 64.42
C SER K 347 27.92 3.83 65.80
N ILE K 348 28.52 4.45 66.82
CA ILE K 348 28.31 4.00 68.19
C ILE K 348 26.95 4.40 68.75
N GLN K 349 26.12 5.09 67.99
CA GLN K 349 24.85 5.58 68.53
C GLN K 349 23.88 4.42 68.65
N LYS K 350 23.04 4.47 69.68
CA LYS K 350 22.09 3.38 69.86
C LYS K 350 20.73 3.75 69.28
N PRO K 351 20.07 2.81 68.61
CA PRO K 351 18.71 3.06 68.14
C PRO K 351 17.75 3.18 69.30
N LYS K 352 17.23 4.36 69.54
CA LYS K 352 16.40 4.60 70.71
C LYS K 352 15.04 3.98 70.53
N VAL K 353 14.60 3.21 71.51
CA VAL K 353 13.30 2.56 71.43
C VAL K 353 12.21 3.59 71.68
N PHE K 354 11.39 3.79 70.73
CA PHE K 354 10.26 4.69 70.73
C PHE K 354 8.98 3.92 71.05
N PRO K 355 7.98 4.56 71.66
CA PRO K 355 6.78 3.83 72.06
C PRO K 355 5.95 3.37 70.87
N ASN K 356 5.08 2.39 71.14
CA ASN K 356 4.39 1.67 70.08
C ASN K 356 3.16 2.39 69.55
N THR K 357 3.35 3.64 69.12
CA THR K 357 2.29 4.36 68.45
C THR K 357 2.45 4.18 66.94
N LYS K 358 1.65 4.93 66.17
CA LYS K 358 1.84 4.91 64.72
C LYS K 358 3.08 5.69 64.34
N GLU K 359 3.27 6.86 64.95
CA GLU K 359 4.48 7.65 64.69
C GLU K 359 5.69 7.09 65.39
N GLY K 360 5.53 6.44 66.53
CA GLY K 360 6.66 5.92 67.27
C GLY K 360 7.28 4.72 66.60
N LYS K 361 6.44 3.83 66.04
CA LYS K 361 6.96 2.72 65.25
C LYS K 361 7.55 3.21 63.93
N GLU K 362 7.10 4.38 63.46
CA GLU K 362 7.69 4.96 62.26
C GLU K 362 9.00 5.64 62.57
N ALA K 363 9.02 6.52 63.57
CA ALA K 363 10.22 7.31 63.87
C ALA K 363 11.35 6.46 64.44
N GLU K 364 11.04 5.27 64.96
CA GLU K 364 12.11 4.35 65.35
C GLU K 364 12.89 3.87 64.15
N THR K 365 12.20 3.60 63.04
CA THR K 365 12.88 3.23 61.81
C THR K 365 13.51 4.45 61.17
N ASN K 366 12.99 5.64 61.46
CA ASN K 366 13.61 6.87 60.96
C ASN K 366 14.89 7.17 61.72
N TYR K 367 14.87 7.04 63.04
CA TYR K 367 16.06 7.29 63.84
C TYR K 367 17.11 6.21 63.66
N LYS K 368 16.71 5.02 63.23
CA LYS K 368 17.67 3.95 62.99
C LYS K 368 18.55 4.25 61.79
N LEU K 369 18.02 4.97 60.80
CA LEU K 369 18.81 5.29 59.62
C LEU K 369 19.88 6.34 59.91
N GLY K 370 19.74 7.09 61.00
CA GLY K 370 20.75 8.07 61.32
C GLY K 370 22.04 7.44 61.83
N THR K 371 21.93 6.33 62.54
CA THR K 371 23.08 5.79 63.24
C THR K 371 24.02 5.00 62.36
N GLN K 372 23.61 4.65 61.14
CA GLN K 372 24.27 3.54 60.48
C GLN K 372 25.58 3.92 59.79
N LEU K 373 25.74 5.17 59.39
CA LEU K 373 26.94 5.76 58.80
C LEU K 373 27.43 5.08 57.52
N PRO K 374 26.56 4.73 56.56
CA PRO K 374 26.95 5.17 55.23
C PRO K 374 26.04 6.31 54.84
N TYR K 375 24.92 6.43 55.57
CA TYR K 375 23.90 7.40 55.24
C TYR K 375 24.22 8.77 55.78
N MET K 376 25.05 8.87 56.82
CA MET K 376 25.57 10.17 57.19
C MET K 376 26.47 10.73 56.10
N MET K 377 27.21 9.86 55.43
CA MET K 377 28.17 10.37 54.47
C MET K 377 27.51 10.79 53.16
N ILE K 378 26.23 10.44 52.94
CA ILE K 378 25.51 11.03 51.82
C ILE K 378 24.74 12.27 52.22
N ILE K 379 24.75 12.65 53.50
CA ILE K 379 24.21 13.94 53.90
C ILE K 379 25.26 14.85 54.53
N ASN K 380 26.41 14.32 54.92
CA ASN K 380 27.52 15.20 55.21
C ASN K 380 27.97 15.91 53.95
N ARG K 381 27.94 15.21 52.81
CA ARG K 381 28.17 15.87 51.53
C ARG K 381 27.03 16.82 51.19
N LEU K 382 25.82 16.54 51.67
CA LEU K 382 24.75 17.52 51.56
C LEU K 382 24.78 18.52 52.69
N ALA K 383 25.87 18.59 53.44
CA ALA K 383 26.16 19.76 54.26
C ALA K 383 27.42 20.45 53.80
N HIS K 384 28.25 19.77 53.00
CA HIS K 384 29.44 20.43 52.51
C HIS K 384 29.20 21.09 51.17
N TYR K 385 28.43 20.46 50.27
CA TYR K 385 28.07 21.14 49.03
C TYR K 385 27.19 22.35 49.29
N VAL K 386 26.22 22.22 50.19
CA VAL K 386 25.19 23.24 50.27
C VAL K 386 25.70 24.42 51.07
N LYS K 387 26.66 24.20 51.96
CA LYS K 387 27.36 25.30 52.62
C LYS K 387 28.18 26.09 51.63
N VAL K 388 28.85 25.41 50.70
CA VAL K 388 29.67 26.09 49.70
C VAL K 388 28.79 26.76 48.66
N LEU K 389 27.72 26.10 48.24
CA LEU K 389 26.93 26.58 47.11
C LEU K 389 26.10 27.80 47.50
N GLN K 390 25.61 27.85 48.72
CA GLN K 390 24.89 29.01 49.23
C GLN K 390 25.80 29.98 49.97
N ARG K 391 27.11 29.86 49.79
CA ARG K 391 28.03 30.90 50.27
C ARG K 391 28.33 31.90 49.18
N GLU K 392 28.44 31.43 47.93
CA GLU K 392 28.64 32.31 46.79
C GLU K 392 27.46 33.23 46.57
N GLN K 393 26.27 32.81 46.98
CA GLN K 393 25.06 33.53 46.63
C GLN K 393 24.80 34.75 47.48
N ILE K 394 25.55 34.97 48.57
CA ILE K 394 25.26 36.06 49.50
C ILE K 394 25.49 37.40 48.80
N GLY K 395 24.45 38.24 48.79
CA GLY K 395 24.50 39.47 48.07
C GLY K 395 23.79 39.48 46.74
N ALA K 396 23.14 38.38 46.38
CA ALA K 396 22.49 38.31 45.08
C ALA K 396 21.14 39.02 45.13
N TRP K 397 20.37 38.83 44.06
CA TRP K 397 19.01 39.32 43.99
C TRP K 397 18.10 38.11 43.84
N LYS K 398 17.57 37.64 44.95
CA LYS K 398 16.95 36.33 44.98
C LYS K 398 15.55 36.53 45.54
N GLU K 399 14.78 35.45 45.62
CA GLU K 399 13.49 35.43 46.30
C GLU K 399 13.36 34.12 47.02
N ARG K 400 12.26 33.98 47.79
CA ARG K 400 11.95 32.69 48.37
C ARG K 400 11.61 31.68 47.30
N GLN K 401 10.85 32.09 46.30
CA GLN K 401 10.58 31.23 45.14
C GLN K 401 11.84 30.94 44.36
N ASP K 402 12.78 31.89 44.33
CA ASP K 402 14.06 31.62 43.69
C ASP K 402 14.94 30.76 44.58
N LEU K 403 14.76 30.83 45.89
CA LEU K 403 15.54 29.96 46.77
C LEU K 403 15.03 28.53 46.68
N GLU K 404 13.72 28.33 46.52
CA GLU K 404 13.16 27.00 46.34
C GLU K 404 13.66 26.35 45.07
N ARG K 405 13.91 27.14 44.03
CA ARG K 405 14.25 26.63 42.72
C ARG K 405 15.73 26.36 42.55
N GLU K 406 16.59 27.19 43.14
CA GLU K 406 18.02 26.94 43.07
C GLU K 406 18.46 25.74 43.89
N LEU K 407 17.60 25.22 44.76
CA LEU K 407 17.87 24.00 45.50
C LEU K 407 17.17 22.79 44.91
N ASN K 408 15.93 22.93 44.44
CA ASN K 408 15.22 21.80 43.88
C ASN K 408 15.79 21.39 42.53
N SER K 409 16.17 22.36 41.70
CA SER K 409 16.82 22.00 40.45
C SER K 409 18.26 21.59 40.66
N TRP K 410 18.81 21.80 41.85
CA TRP K 410 20.15 21.35 42.14
C TRP K 410 20.20 19.91 42.65
N ILE K 411 19.38 19.56 43.65
CA ILE K 411 19.51 18.24 44.23
C ILE K 411 18.82 17.17 43.39
N LYS K 412 18.00 17.56 42.41
CA LYS K 412 17.39 16.56 41.56
C LYS K 412 18.29 16.12 40.41
N GLN K 413 19.59 16.37 40.51
CA GLN K 413 20.57 15.60 39.78
C GLN K 413 21.23 14.54 40.66
N TYR K 414 20.87 14.51 41.94
CA TYR K 414 21.31 13.47 42.86
C TYR K 414 20.18 12.52 43.21
N VAL K 415 18.98 12.75 42.70
CA VAL K 415 17.80 12.00 43.05
C VAL K 415 17.40 11.15 41.85
N ALA K 416 17.33 9.84 42.04
CA ALA K 416 16.82 8.92 41.04
C ALA K 416 15.63 8.20 41.64
N ASP K 417 14.46 8.84 41.57
CA ASP K 417 13.26 8.33 42.21
C ASP K 417 12.72 7.21 41.35
N GLN K 418 13.25 6.02 41.58
CA GLN K 418 13.06 4.91 40.67
C GLN K 418 13.25 3.64 41.47
N GLU K 419 12.39 2.64 41.21
CA GLU K 419 12.38 1.46 42.06
C GLU K 419 13.58 0.57 41.81
N ASN K 420 13.97 0.39 40.55
CA ASN K 420 15.12 -0.42 40.20
C ASN K 420 15.91 0.24 39.09
N PRO K 421 16.73 1.24 39.42
CA PRO K 421 17.65 1.79 38.43
C PRO K 421 18.86 0.89 38.30
N PRO K 422 19.69 1.07 37.26
CA PRO K 422 20.92 0.27 37.16
C PRO K 422 21.90 0.57 38.29
N ALA K 423 22.94 -0.27 38.36
CA ALA K 423 23.88 -0.22 39.47
C ALA K 423 24.77 1.02 39.45
N ASP K 424 24.81 1.76 38.34
CA ASP K 424 25.55 3.00 38.30
C ASP K 424 24.68 4.20 38.66
N VAL K 425 23.39 4.14 38.38
CA VAL K 425 22.49 5.24 38.71
C VAL K 425 22.24 5.26 40.21
N ARG K 426 22.36 4.12 40.87
CA ARG K 426 22.14 4.06 42.32
C ARG K 426 23.25 4.74 43.09
N SER K 427 24.48 4.69 42.58
CA SER K 427 25.60 5.22 43.35
C SER K 427 26.06 6.59 42.89
N ARG K 428 25.86 6.93 41.61
CA ARG K 428 26.06 8.32 41.21
C ARG K 428 24.97 9.22 41.78
N ARG K 429 23.75 8.70 41.94
CA ARG K 429 22.63 9.43 42.51
C ARG K 429 22.18 8.66 43.76
N PRO K 430 22.85 8.89 44.90
CA PRO K 430 22.60 8.04 46.07
C PRO K 430 21.29 8.31 46.76
N LEU K 431 20.69 9.47 46.55
CA LEU K 431 19.40 9.76 47.15
C LEU K 431 18.31 9.08 46.35
N ARG K 432 17.11 9.10 46.90
CA ARG K 432 15.94 8.54 46.25
C ARG K 432 14.79 9.51 46.17
N ALA K 433 14.60 10.34 47.20
CA ALA K 433 13.62 11.42 47.13
C ALA K 433 14.07 12.52 48.08
N ALA K 434 13.73 13.76 47.73
CA ALA K 434 14.18 14.90 48.50
C ALA K 434 13.10 15.96 48.52
N ARG K 435 12.74 16.42 49.71
CA ARG K 435 11.71 17.43 49.91
C ARG K 435 12.38 18.68 50.44
N ILE K 436 12.05 19.84 49.85
CA ILE K 436 12.60 21.11 50.30
C ILE K 436 11.46 22.09 50.53
N GLU K 437 11.31 22.53 51.76
CA GLU K 437 10.21 23.41 52.17
C GLU K 437 10.82 24.68 52.73
N VAL K 438 10.90 25.71 51.90
CA VAL K 438 11.48 26.98 52.33
C VAL K 438 10.41 27.82 53.01
N MET K 439 10.71 28.29 54.21
CA MET K 439 9.82 29.14 54.99
C MET K 439 10.51 30.48 55.21
N ASP K 440 9.89 31.34 56.00
CA ASP K 440 10.45 32.65 56.29
C ASP K 440 10.81 32.77 57.77
N VAL K 441 11.39 33.91 58.12
CA VAL K 441 11.54 34.32 59.50
C VAL K 441 10.95 35.72 59.64
N GLU K 442 9.92 35.84 60.46
CA GLU K 442 9.29 37.13 60.66
C GLU K 442 10.09 37.95 61.66
N GLY K 443 9.82 39.25 61.69
CA GLY K 443 10.57 40.16 62.52
C GLY K 443 11.76 40.75 61.80
N ASN K 444 12.70 39.89 61.42
CA ASN K 444 13.80 40.25 60.53
C ASN K 444 13.54 39.55 59.21
N PRO K 445 12.95 40.22 58.23
CA PRO K 445 12.52 39.51 57.02
C PRO K 445 13.70 39.25 56.09
N GLY K 446 13.67 38.06 55.49
CA GLY K 446 14.73 37.60 54.62
C GLY K 446 15.72 36.66 55.29
N TRP K 447 15.18 35.67 56.00
CA TRP K 447 15.97 34.65 56.68
C TRP K 447 15.15 33.39 56.56
N TYR K 448 15.73 32.31 56.07
CA TYR K 448 14.97 31.26 55.41
C TYR K 448 15.18 29.89 56.04
N GLN K 449 14.17 29.40 56.74
CA GLN K 449 14.27 28.12 57.43
C GLN K 449 13.80 27.05 56.46
N VAL K 450 14.71 26.49 55.68
CA VAL K 450 14.32 25.52 54.67
C VAL K 450 14.56 24.15 55.28
N SER K 451 13.86 23.13 54.80
CA SER K 451 13.96 21.80 55.39
C SER K 451 14.24 20.76 54.32
N LEU K 452 15.51 20.56 54.00
CA LEU K 452 15.90 19.53 53.04
C LEU K 452 15.77 18.15 53.66
N SER K 453 14.90 17.33 53.08
CA SER K 453 14.52 16.03 53.64
C SER K 453 14.84 14.92 52.63
N VAL K 454 16.08 14.46 52.62
CA VAL K 454 16.51 13.47 51.64
C VAL K 454 16.14 12.08 52.11
N ARG K 455 16.29 11.09 51.23
CA ARG K 455 15.92 9.72 51.52
C ARG K 455 16.81 8.82 50.67
N PRO K 456 17.43 7.81 51.26
CA PRO K 456 18.43 7.03 50.52
C PRO K 456 17.86 5.75 49.95
N HIS K 457 18.67 5.03 49.18
CA HIS K 457 18.36 3.66 48.83
C HIS K 457 18.81 2.72 49.94
N PHE K 458 18.38 1.46 49.84
CA PHE K 458 18.55 0.50 50.92
C PHE K 458 19.32 -0.72 50.43
N LYS K 459 20.38 -1.06 51.15
CA LYS K 459 21.30 -2.13 50.79
C LYS K 459 20.78 -3.48 51.28
N TYR K 460 21.66 -4.48 51.27
CA TYR K 460 21.32 -5.89 51.41
C TYR K 460 21.94 -6.42 52.71
N MET K 461 21.10 -6.85 53.66
CA MET K 461 21.61 -7.32 54.93
C MET K 461 20.66 -8.32 55.57
N GLY K 462 21.05 -9.59 55.56
CA GLY K 462 20.31 -10.67 56.20
C GLY K 462 19.06 -11.19 55.52
N ALA K 463 18.83 -12.50 55.61
CA ALA K 463 17.65 -13.16 55.08
C ALA K 463 17.39 -14.41 55.91
N ASN K 464 16.56 -15.34 55.40
CA ASN K 464 16.30 -16.51 56.25
C ASN K 464 16.53 -17.86 55.59
N PHE K 465 16.09 -18.08 54.35
CA PHE K 465 16.37 -19.28 53.54
C PHE K 465 15.92 -20.57 54.24
N GLU K 466 14.62 -20.66 54.48
CA GLU K 466 14.06 -21.75 55.29
C GLU K 466 13.77 -22.98 54.43
N LEU K 467 14.78 -23.83 54.26
CA LEU K 467 14.71 -24.97 53.35
C LEU K 467 13.75 -26.04 53.82
N SER K 468 13.38 -26.90 52.88
CA SER K 468 12.41 -27.99 53.03
C SER K 468 12.52 -28.82 51.77
N LEU K 469 11.83 -29.97 51.74
CA LEU K 469 11.57 -30.59 50.46
C LEU K 469 10.06 -30.73 50.25
N VAL K 470 9.65 -30.63 49.00
CA VAL K 470 8.25 -30.79 48.61
C VAL K 470 7.98 -32.20 48.11
N GLY K 471 8.87 -32.75 47.29
CA GLY K 471 8.74 -34.10 46.80
C GLY K 471 8.13 -34.22 45.42
N ARG K 472 7.10 -33.44 45.12
CA ARG K 472 6.48 -33.42 43.80
C ARG K 472 6.81 -32.16 43.02
N LEU K 473 6.68 -30.99 43.65
CA LEU K 473 6.93 -29.74 42.95
C LEU K 473 8.41 -29.41 42.95
N SER L 1 57.39 51.73 18.84
CA SER L 1 56.05 51.24 19.03
C SER L 1 55.04 52.08 18.26
N LYS L 2 55.29 52.26 16.97
CA LYS L 2 54.42 53.03 16.10
C LYS L 2 54.23 52.28 14.79
N GLU L 3 52.99 52.02 14.42
CA GLU L 3 52.68 51.44 13.12
C GLU L 3 52.99 52.44 12.02
N GLY L 4 53.70 51.99 10.99
CA GLY L 4 53.92 52.81 9.82
C GLY L 4 52.62 53.00 9.08
N SER L 5 52.17 54.25 8.96
CA SER L 5 50.94 54.57 8.24
C SER L 5 51.24 55.62 7.18
N VAL L 6 50.23 55.93 6.38
CA VAL L 6 50.35 56.88 5.30
C VAL L 6 49.71 58.17 5.73
N ALA L 7 49.85 59.19 4.89
CA ALA L 7 49.14 60.43 5.14
C ALA L 7 47.64 60.23 4.91
N PRO L 8 46.78 60.75 5.78
CA PRO L 8 45.35 60.58 5.60
C PRO L 8 44.83 61.39 4.44
N LYS L 9 43.70 60.96 3.89
CA LYS L 9 43.23 61.46 2.60
C LYS L 9 41.79 61.02 2.33
N GLU L 10 41.26 61.44 1.17
CA GLU L 10 39.93 61.04 0.68
C GLU L 10 39.96 59.60 0.20
N ARG L 11 41.13 59.09 -0.02
CA ARG L 11 41.24 57.67 -0.19
C ARG L 11 41.27 57.06 1.19
N ILE L 12 41.15 55.75 1.23
CA ILE L 12 40.88 55.05 2.46
C ILE L 12 42.21 54.57 3.04
N ASN L 13 42.36 54.63 4.35
CA ASN L 13 43.69 54.38 4.93
C ASN L 13 43.68 53.19 5.91
N ILE L 14 43.83 52.01 5.33
CA ILE L 14 43.88 50.76 6.06
C ILE L 14 45.18 50.67 6.87
N LYS L 15 45.06 50.38 8.15
CA LYS L 15 46.22 50.08 8.99
C LYS L 15 45.92 48.86 9.85
N TYR L 16 46.97 48.18 10.32
CA TYR L 16 46.83 46.96 11.11
C TYR L 16 47.34 47.19 12.53
N ILE L 17 46.44 47.25 13.51
CA ILE L 17 46.80 47.32 14.91
C ILE L 17 45.96 46.31 15.65
N PRO L 18 46.56 45.28 16.27
CA PRO L 18 45.77 44.22 16.90
C PRO L 18 45.07 44.71 18.15
N ALA L 19 43.92 44.10 18.43
CA ALA L 19 43.00 44.64 19.42
C ALA L 19 43.15 43.95 20.77
N THR L 20 42.53 44.58 21.77
CA THR L 20 42.73 44.19 23.16
C THR L 20 42.10 42.82 23.45
N GLY L 21 40.99 42.51 22.80
CA GLY L 21 40.38 41.22 23.00
C GLY L 21 39.23 41.26 23.99
N ASP L 22 38.33 40.29 23.86
CA ASP L 22 37.20 40.14 24.77
C ASP L 22 37.25 38.72 25.31
N ALA L 23 37.47 38.58 26.62
CA ALA L 23 37.57 37.28 27.25
C ALA L 23 36.22 36.73 27.73
N GLN L 24 35.47 37.54 28.50
CA GLN L 24 34.19 37.17 29.10
C GLN L 24 34.34 35.90 29.94
N ALA L 25 35.06 36.08 31.05
CA ALA L 25 35.64 35.05 31.93
C ALA L 25 34.66 33.92 32.25
N GLU L 26 35.03 32.71 31.83
CA GLU L 26 34.09 31.60 31.75
C GLU L 26 33.85 31.00 33.12
N VAL L 27 32.61 30.56 33.35
CA VAL L 27 32.25 29.96 34.63
C VAL L 27 32.82 28.55 34.71
N ALA L 28 33.20 28.15 35.93
CA ALA L 28 33.75 26.82 36.16
C ALA L 28 33.42 26.44 37.59
N GLU L 29 32.35 25.67 37.78
CA GLU L 29 31.98 25.18 39.11
C GLU L 29 32.85 23.98 39.42
N VAL L 30 33.98 24.24 40.07
CA VAL L 30 34.80 23.14 40.55
C VAL L 30 34.12 22.49 41.75
N GLU L 31 34.38 21.22 41.95
CA GLU L 31 33.70 20.47 42.99
C GLU L 31 34.60 20.37 44.22
N LEU L 32 34.04 19.82 45.29
CA LEU L 32 34.75 19.69 46.53
C LEU L 32 35.40 18.32 46.60
N PRO L 33 36.70 18.22 46.72
CA PRO L 33 37.33 16.92 46.94
C PRO L 33 37.07 16.44 48.35
N LEU L 34 37.01 15.12 48.51
CA LEU L 34 36.77 14.50 49.79
C LEU L 34 38.03 14.62 50.63
N LYS L 35 38.18 15.72 51.36
CA LYS L 35 39.39 15.93 52.14
C LYS L 35 39.25 15.29 53.51
N THR L 36 40.21 14.46 53.87
CA THR L 36 40.29 13.86 55.19
C THR L 36 41.45 14.43 55.96
N LEU L 37 41.34 14.42 57.27
CA LEU L 37 42.39 14.93 58.14
C LEU L 37 42.86 13.77 58.99
N VAL L 38 44.03 13.22 58.67
CA VAL L 38 44.60 12.13 59.44
C VAL L 38 45.29 12.74 60.66
N VAL L 39 44.77 12.45 61.84
CA VAL L 39 45.30 13.04 63.07
C VAL L 39 45.88 11.91 63.91
N GLY L 40 46.98 12.19 64.59
CA GLY L 40 47.64 11.17 65.38
C GLY L 40 49.12 11.39 65.47
N ASP L 41 49.73 10.69 66.43
CA ASP L 41 51.13 10.84 66.80
C ASP L 41 52.03 10.36 65.67
N PHE L 42 52.74 11.29 65.04
CA PHE L 42 53.54 10.97 63.88
C PHE L 42 55.03 11.15 64.09
N LYS L 43 55.46 11.66 65.25
CA LYS L 43 56.87 11.82 65.56
C LYS L 43 57.12 11.22 66.94
N GLY L 44 58.36 11.34 67.41
CA GLY L 44 58.75 10.63 68.61
C GLY L 44 58.82 11.46 69.87
N HIS L 45 58.03 12.53 69.96
CA HIS L 45 58.04 13.38 71.13
C HIS L 45 56.70 14.09 71.24
N ALA L 46 56.65 15.12 72.09
CA ALA L 46 55.49 16.00 72.21
C ALA L 46 55.97 17.43 72.01
N GLU L 47 55.46 18.06 70.96
CA GLU L 47 55.92 19.39 70.57
C GLU L 47 55.43 20.44 71.55
N GLN L 48 56.30 21.40 71.85
CA GLN L 48 55.99 22.39 72.88
C GLN L 48 55.06 23.50 72.39
N THR L 49 54.85 23.65 71.08
CA THR L 49 53.93 24.68 70.62
C THR L 49 52.50 24.23 70.87
N PRO L 50 51.59 25.15 71.24
CA PRO L 50 50.18 24.78 71.40
C PRO L 50 49.56 24.45 70.06
N LEU L 51 48.38 23.84 70.14
CA LEU L 51 47.78 23.22 68.96
C LEU L 51 47.31 24.26 67.95
N GLU L 52 46.86 25.42 68.41
CA GLU L 52 46.28 26.41 67.53
C GLU L 52 47.29 27.12 66.64
N GLU L 53 48.58 26.87 66.80
CA GLU L 53 49.59 27.52 65.98
C GLU L 53 50.27 26.59 65.00
N ARG L 54 50.33 25.30 65.29
CA ARG L 54 50.97 24.37 64.38
C ARG L 54 50.08 24.13 63.17
N ALA L 55 50.67 23.60 62.11
CA ALA L 55 50.01 23.57 60.82
C ALA L 55 49.71 22.14 60.38
N THR L 56 48.85 22.03 59.38
CA THR L 56 48.54 20.78 58.71
C THR L 56 49.21 20.76 57.35
N VAL L 57 49.85 19.64 57.02
CA VAL L 57 50.56 19.52 55.75
C VAL L 57 49.77 18.58 54.84
N THR L 58 49.74 18.92 53.55
CA THR L 58 49.00 18.16 52.55
C THR L 58 49.94 17.19 51.86
N VAL L 59 49.55 15.92 51.84
CA VAL L 59 50.38 14.82 51.34
C VAL L 59 49.67 14.16 50.18
N ASP L 60 50.34 14.08 49.03
CA ASP L 60 49.88 13.11 48.04
C ASP L 60 51.04 12.19 47.66
N LYS L 61 50.85 11.40 46.60
CA LYS L 61 51.82 10.36 46.26
C LYS L 61 53.14 10.97 45.81
N ASN L 62 53.11 12.16 45.22
CA ASN L 62 54.32 12.76 44.70
C ASN L 62 55.15 13.46 45.76
N ASN L 63 54.53 13.99 46.80
CA ASN L 63 55.26 14.75 47.80
C ASN L 63 55.40 14.02 49.13
N PHE L 64 55.18 12.70 49.15
CA PHE L 64 55.32 11.99 50.41
C PHE L 64 56.77 11.86 50.81
N GLU L 65 57.69 11.86 49.86
CA GLU L 65 59.11 11.80 50.17
C GLU L 65 59.63 13.13 50.70
N ALA L 66 58.96 14.23 50.40
CA ALA L 66 59.35 15.54 50.90
C ALA L 66 58.72 15.88 52.24
N VAL L 67 57.53 15.33 52.51
CA VAL L 67 56.92 15.52 53.83
C VAL L 67 57.67 14.70 54.87
N MET L 68 58.13 13.51 54.49
CA MET L 68 58.88 12.69 55.44
C MET L 68 60.26 13.27 55.72
N ARG L 69 60.88 13.91 54.74
CA ARG L 69 62.21 14.47 54.95
C ARG L 69 62.17 15.72 55.84
N GLU L 70 61.17 16.57 55.65
CA GLU L 70 61.10 17.81 56.42
C GLU L 70 60.46 17.63 57.79
N SER L 71 59.96 16.44 58.11
CA SER L 71 59.47 16.20 59.45
C SER L 71 60.62 16.06 60.43
N GLU L 72 61.75 15.52 59.96
CA GLU L 72 62.90 15.13 60.78
C GLU L 72 62.51 14.17 61.90
N LEU L 73 62.06 12.99 61.49
CA LEU L 73 61.76 11.92 62.44
C LEU L 73 63.05 11.39 63.02
N LYS L 74 63.45 11.92 64.17
CA LYS L 74 64.70 11.53 64.83
C LYS L 74 64.36 10.63 66.01
N ILE L 75 64.58 9.34 65.86
CA ILE L 75 64.25 8.35 66.88
C ILE L 75 65.53 8.02 67.63
N THR L 76 65.59 8.44 68.90
CA THR L 76 66.73 8.19 69.77
C THR L 76 66.26 7.33 70.93
N ALA L 77 66.74 6.09 71.00
CA ALA L 77 66.34 5.17 72.05
C ALA L 77 67.51 4.29 72.42
N THR L 78 67.41 3.67 73.60
CA THR L 78 68.41 2.75 74.10
C THR L 78 67.90 1.33 73.92
N VAL L 79 68.60 0.55 73.10
CA VAL L 79 68.19 -0.81 72.80
C VAL L 79 69.25 -1.77 73.32
N LYS L 80 68.94 -3.06 73.24
CA LYS L 80 69.79 -4.09 73.80
C LYS L 80 71.00 -4.35 72.90
N ASN L 81 72.16 -4.57 73.53
CA ASN L 81 73.40 -4.83 72.82
C ASN L 81 73.54 -6.34 72.64
N LYS L 82 73.43 -6.80 71.40
CA LYS L 82 73.65 -8.20 71.06
C LYS L 82 74.84 -8.39 70.14
N LEU L 83 75.81 -7.48 70.19
CA LEU L 83 77.02 -7.57 69.37
C LEU L 83 78.19 -8.19 70.11
N THR L 84 78.03 -8.51 71.40
CA THR L 84 79.09 -9.11 72.19
C THR L 84 78.54 -10.24 73.04
N ASP L 85 79.34 -10.78 73.95
CA ASP L 85 78.91 -11.88 74.81
C ASP L 85 78.16 -11.41 76.06
N ASP L 86 77.82 -10.13 76.15
CA ASP L 86 77.14 -9.58 77.31
C ASP L 86 75.63 -9.59 77.06
N GLU L 87 74.88 -10.15 78.01
CA GLU L 87 73.43 -10.09 77.99
C GLU L 87 72.89 -8.80 78.58
N ASN L 88 73.55 -8.27 79.61
CA ASN L 88 73.09 -7.08 80.32
C ASN L 88 73.73 -5.80 79.78
N ALA L 89 74.08 -5.76 78.51
CA ALA L 89 74.62 -4.56 77.89
C ALA L 89 73.54 -3.87 77.06
N GLU L 90 73.64 -2.54 77.00
CA GLU L 90 72.71 -1.73 76.23
C GLU L 90 73.49 -0.81 75.30
N LEU L 91 72.84 -0.40 74.22
CA LEU L 91 73.51 0.43 73.23
C LEU L 91 72.54 1.41 72.60
N PRO L 92 72.62 2.69 72.93
CA PRO L 92 71.73 3.67 72.28
C PRO L 92 72.10 3.90 70.83
N VAL L 93 71.11 4.33 70.05
CA VAL L 93 71.26 4.55 68.62
C VAL L 93 70.90 6.00 68.29
N GLU L 94 71.16 6.38 67.04
CA GLU L 94 70.83 7.71 66.54
C GLU L 94 70.34 7.57 65.11
N LEU L 95 69.08 7.91 64.87
CA LEU L 95 68.43 7.65 63.59
C LEU L 95 67.98 8.96 62.96
N ASN L 96 68.21 9.09 61.65
CA ASN L 96 67.77 10.24 60.86
C ASN L 96 67.09 9.71 59.61
N PHE L 97 65.79 9.95 59.49
CA PHE L 97 64.98 9.36 58.43
C PHE L 97 64.59 10.44 57.43
N LYS L 98 64.91 10.21 56.16
CA LYS L 98 64.58 11.16 55.10
C LYS L 98 63.80 10.55 53.95
N SER L 99 63.73 9.22 53.85
CA SER L 99 62.98 8.56 52.80
C SER L 99 62.34 7.30 53.37
N LEU L 100 61.44 6.71 52.59
CA LEU L 100 60.79 5.46 53.00
C LEU L 100 61.77 4.29 53.05
N ALA L 101 62.86 4.36 52.29
CA ALA L 101 63.91 3.35 52.35
C ALA L 101 64.79 3.48 53.60
N ASP L 102 64.63 4.54 54.40
CA ASP L 102 65.37 4.65 55.64
C ASP L 102 64.80 3.77 56.75
N PHE L 103 63.60 3.21 56.57
CA PHE L 103 63.12 2.21 57.50
C PHE L 103 63.79 0.86 57.28
N ALA L 104 64.34 0.63 56.08
CA ALA L 104 64.95 -0.64 55.73
C ALA L 104 66.29 -0.81 56.47
N PRO L 105 66.68 -2.07 56.77
CA PRO L 105 67.93 -2.28 57.52
C PRO L 105 69.20 -1.94 56.77
N ASP L 106 69.13 -1.61 55.48
CA ASP L 106 70.31 -1.11 54.80
C ASP L 106 70.66 0.30 55.27
N ALA L 107 69.66 1.13 55.51
CA ALA L 107 69.89 2.49 55.96
C ALA L 107 69.79 2.66 57.47
N VAL L 108 69.21 1.70 58.19
CA VAL L 108 69.24 1.77 59.65
C VAL L 108 70.60 1.39 60.18
N ALA L 109 71.16 0.29 59.65
CA ALA L 109 72.51 -0.13 60.04
C ALA L 109 73.58 0.83 59.55
N SER L 110 73.32 1.56 58.46
CA SER L 110 74.28 2.56 57.99
C SER L 110 74.33 3.78 58.90
N GLN L 111 73.29 4.02 59.69
CA GLN L 111 73.27 5.12 60.63
C GLN L 111 73.72 4.71 62.02
N VAL L 112 74.01 3.44 62.23
CA VAL L 112 74.57 2.94 63.49
C VAL L 112 76.06 2.71 63.26
N PRO L 113 76.95 3.43 63.93
CA PRO L 113 78.40 3.25 63.66
C PRO L 113 78.94 1.90 64.12
N GLU L 114 78.28 1.23 65.06
CA GLU L 114 78.69 -0.11 65.43
C GLU L 114 78.33 -1.14 64.37
N LEU L 115 77.40 -0.81 63.47
CA LEU L 115 77.05 -1.66 62.35
C LEU L 115 77.64 -1.20 61.04
N LYS L 116 78.23 0.00 60.99
CA LYS L 116 78.96 0.41 59.80
C LYS L 116 80.24 -0.40 59.62
N LYS L 117 80.84 -0.85 60.73
CA LYS L 117 82.04 -1.67 60.66
C LYS L 117 81.73 -3.13 60.41
N LEU L 118 80.47 -3.56 60.57
CA LEU L 118 80.13 -4.95 60.31
C LEU L 118 79.69 -5.17 58.87
N ILE L 119 79.05 -4.18 58.24
CA ILE L 119 78.78 -4.28 56.81
C ILE L 119 80.08 -4.11 56.03
N GLU L 120 80.96 -3.22 56.50
CA GLU L 120 82.30 -3.09 55.92
C GLU L 120 83.11 -4.36 56.13
N LEU L 121 82.87 -5.07 57.23
CA LEU L 121 83.48 -6.38 57.41
C LEU L 121 82.95 -7.37 56.38
N ARG L 122 81.65 -7.33 56.10
CA ARG L 122 81.08 -8.26 55.13
C ARG L 122 81.48 -7.91 53.70
N GLU L 123 81.53 -6.61 53.39
CA GLU L 123 81.98 -6.17 52.07
C GLU L 123 83.43 -6.54 51.81
N ALA L 124 84.25 -6.58 52.87
CA ALA L 124 85.61 -7.07 52.75
C ALA L 124 85.66 -8.59 52.57
N LEU L 125 84.65 -9.32 53.04
CA LEU L 125 84.62 -10.77 52.87
C LEU L 125 84.00 -11.20 51.55
N VAL L 126 83.06 -10.44 51.02
CA VAL L 126 82.53 -10.70 49.68
C VAL L 126 83.60 -10.41 48.63
N ALA L 127 84.44 -9.39 48.89
CA ALA L 127 85.55 -9.07 47.99
C ALA L 127 86.60 -10.19 47.97
N LEU L 128 86.72 -10.93 49.06
CA LEU L 128 87.72 -11.99 49.13
C LEU L 128 87.31 -13.22 48.31
N LYS L 129 86.00 -13.54 48.31
CA LYS L 129 85.52 -14.82 47.79
C LYS L 129 85.71 -14.95 46.28
N GLY L 130 85.71 -13.85 45.55
CA GLY L 130 85.94 -13.84 44.12
C GLY L 130 87.31 -14.37 43.71
N PRO L 131 88.37 -13.64 44.08
CA PRO L 131 89.74 -14.12 43.80
C PRO L 131 90.25 -15.19 44.74
N LEU L 132 89.41 -15.81 45.58
CA LEU L 132 89.90 -16.80 46.52
C LEU L 132 90.13 -18.15 45.85
N GLY L 133 89.07 -18.77 45.34
CA GLY L 133 89.15 -20.08 44.74
C GLY L 133 89.61 -20.13 43.31
N ASN L 134 89.98 -19.00 42.72
CA ASN L 134 90.46 -18.97 41.35
C ASN L 134 91.95 -19.24 41.27
N ILE L 135 92.74 -18.62 42.15
CA ILE L 135 94.18 -18.83 42.21
C ILE L 135 94.47 -19.81 43.33
N PRO L 136 94.98 -21.01 43.04
CA PRO L 136 95.29 -21.99 44.09
C PRO L 136 96.61 -21.76 44.80
N ALA L 137 97.27 -20.62 44.60
CA ALA L 137 98.50 -20.28 45.32
C ALA L 137 98.24 -19.51 46.60
N PHE L 138 96.97 -19.26 46.94
CA PHE L 138 96.67 -18.58 48.20
C PHE L 138 96.91 -19.49 49.40
N ARG L 139 96.53 -20.78 49.28
CA ARG L 139 96.76 -21.72 50.37
C ARG L 139 98.23 -22.08 50.52
N GLU L 140 99.03 -21.86 49.47
CA GLU L 140 100.46 -22.09 49.58
C GLU L 140 101.13 -21.10 50.51
N ARG L 141 100.60 -19.87 50.58
CA ARG L 141 101.15 -18.87 51.48
C ARG L 141 100.36 -18.75 52.79
N LEU L 142 99.24 -19.47 52.93
CA LEU L 142 98.63 -19.63 54.24
C LEU L 142 99.52 -20.49 55.13
N GLN L 143 100.20 -21.48 54.56
CA GLN L 143 101.16 -22.27 55.32
C GLN L 143 102.44 -21.49 55.57
N SER L 144 102.76 -20.51 54.71
CA SER L 144 103.89 -19.63 54.98
C SER L 144 103.56 -18.66 56.11
N LEU L 145 102.31 -18.18 56.16
CA LEU L 145 101.85 -17.43 57.32
C LEU L 145 101.70 -18.33 58.54
N LEU L 146 101.48 -19.63 58.35
CA LEU L 146 101.57 -20.58 59.44
C LEU L 146 103.00 -20.75 59.92
N ASN L 147 103.97 -20.63 59.01
CA ASN L 147 105.37 -20.70 59.39
C ASN L 147 105.86 -19.37 59.95
N SER L 148 105.65 -18.28 59.22
CA SER L 148 106.08 -16.95 59.65
C SER L 148 104.99 -16.35 60.54
N GLU L 149 105.06 -16.68 61.84
CA GLU L 149 104.10 -16.16 62.80
C GLU L 149 104.47 -14.78 63.34
N GLU L 150 105.76 -14.42 63.31
CA GLU L 150 106.19 -13.13 63.87
C GLU L 150 105.84 -11.99 62.94
N SER L 151 106.14 -12.13 61.64
CA SER L 151 105.86 -11.07 60.69
C SER L 151 104.37 -10.95 60.35
N ARG L 152 103.58 -11.99 60.64
CA ARG L 152 102.15 -11.92 60.36
C ARG L 152 101.44 -11.04 61.39
N GLU L 153 101.76 -11.22 62.67
CA GLU L 153 101.11 -10.45 63.72
C GLU L 153 101.55 -8.99 63.74
N LYS L 154 102.71 -8.67 63.17
CA LYS L 154 103.13 -7.28 63.06
C LYS L 154 102.31 -6.55 62.00
N LEU L 155 101.78 -7.27 61.02
CA LEU L 155 101.01 -6.67 59.95
C LEU L 155 99.51 -6.66 60.22
N LEU L 156 99.04 -7.45 61.19
CA LEU L 156 97.63 -7.44 61.52
C LEU L 156 97.22 -6.17 62.27
N ALA L 157 98.17 -5.59 63.03
CA ALA L 157 97.88 -4.34 63.73
C ALA L 157 97.81 -3.15 62.80
N GLU L 158 98.42 -3.23 61.63
CA GLU L 158 98.37 -2.16 60.65
C GLU L 158 97.02 -2.12 59.95
N PRO M 1 -15.32 13.40 25.74
CA PRO M 1 -15.10 12.20 26.54
C PRO M 1 -14.22 12.47 27.75
N THR M 2 -14.40 11.69 28.80
CA THR M 2 -13.62 11.96 30.00
C THR M 2 -12.35 11.13 29.99
N PRO M 3 -11.24 11.67 30.48
CA PRO M 3 -9.98 10.92 30.48
C PRO M 3 -10.01 9.77 31.48
N CYS M 4 -9.27 8.74 31.14
CA CYS M 4 -9.19 7.53 31.93
C CYS M 4 -7.95 7.60 32.82
N TYR M 5 -7.63 6.49 33.48
CA TYR M 5 -6.45 6.44 34.34
C TYR M 5 -5.85 5.05 34.26
N ILE M 6 -4.52 4.98 34.20
CA ILE M 6 -3.82 3.71 34.06
C ILE M 6 -2.76 3.59 35.14
N SER M 7 -2.76 2.47 35.84
CA SER M 7 -1.76 2.16 36.85
C SER M 7 -0.96 0.95 36.40
N ILE M 8 0.31 1.16 36.07
CA ILE M 8 1.18 0.12 35.55
C ILE M 8 2.08 -0.38 36.66
N GLU M 9 2.19 -1.70 36.81
CA GLU M 9 3.14 -2.28 37.75
C GLU M 9 4.07 -3.23 37.00
N GLY M 10 5.38 -2.98 37.07
CA GLY M 10 6.33 -3.75 36.33
C GLY M 10 6.78 -5.00 37.06
N GLN M 11 7.59 -5.81 36.37
CA GLN M 11 8.24 -6.94 37.03
C GLN M 11 9.29 -6.46 38.01
N THR M 12 10.29 -5.75 37.51
CA THR M 12 11.41 -5.34 38.36
C THR M 12 11.33 -3.89 38.81
N GLN M 13 10.58 -3.05 38.13
CA GLN M 13 10.56 -1.63 38.44
C GLN M 13 9.42 -1.24 39.35
N GLY M 14 8.80 -2.21 40.02
CA GLY M 14 7.79 -1.90 41.01
C GLY M 14 6.55 -1.31 40.38
N LEU M 15 5.94 -0.37 41.08
CA LEU M 15 4.83 0.39 40.54
C LEU M 15 5.41 1.49 39.69
N ILE M 16 5.23 1.39 38.37
CA ILE M 16 5.87 2.33 37.46
C ILE M 16 5.23 3.71 37.57
N THR M 17 3.92 3.77 37.60
CA THR M 17 3.28 5.06 37.63
C THR M 17 3.12 5.63 39.02
N ALA M 18 3.90 5.18 40.00
CA ALA M 18 3.81 5.72 41.36
C ALA M 18 4.39 7.12 41.36
N GLY M 19 3.52 8.11 41.33
CA GLY M 19 3.96 9.48 41.26
C GLY M 19 3.85 10.13 39.91
N ALA M 20 3.13 9.52 38.97
CA ALA M 20 3.03 10.09 37.64
C ALA M 20 1.94 11.13 37.53
N CYS M 21 1.30 11.49 38.63
CA CYS M 21 0.43 12.66 38.72
C CYS M 21 0.73 13.44 39.99
N THR M 22 2.00 13.75 40.20
CA THR M 22 2.38 14.70 41.22
C THR M 22 2.61 16.06 40.57
N ALA M 23 3.08 17.01 41.37
CA ALA M 23 3.41 18.31 40.84
C ALA M 23 4.75 18.31 40.12
N ASP M 24 5.57 17.30 40.33
CA ASP M 24 6.83 17.22 39.60
C ASP M 24 6.66 16.62 38.21
N SER M 25 5.66 15.76 38.03
CA SER M 25 5.48 15.12 36.74
C SER M 25 4.88 16.08 35.72
N ILE M 26 3.68 16.56 35.99
CA ILE M 26 2.92 17.28 34.98
C ILE M 26 2.52 18.68 35.43
N GLY M 27 3.28 19.27 36.35
CA GLY M 27 3.04 20.65 36.71
C GLY M 27 1.80 20.86 37.55
N ASP M 28 0.88 21.67 37.07
CA ASP M 28 -0.34 21.99 37.83
C ASP M 28 -1.55 21.22 37.37
N SER M 29 -1.40 20.29 36.43
CA SER M 29 -2.53 19.50 35.97
C SER M 29 -2.59 18.15 36.66
N PHE M 30 -2.05 18.03 37.85
CA PHE M 30 -2.15 16.76 38.54
C PHE M 30 -3.43 16.76 39.37
N VAL M 31 -3.87 15.56 39.71
CA VAL M 31 -5.13 15.35 40.40
C VAL M 31 -4.84 14.65 41.72
N GLU M 32 -5.37 15.18 42.81
CA GLU M 32 -5.25 14.51 44.09
C GLU M 32 -6.08 13.23 44.09
N GLY M 33 -5.59 12.23 44.80
CA GLY M 33 -6.23 10.93 44.85
C GLY M 33 -5.83 9.99 43.74
N HIS M 34 -5.28 10.49 42.65
CA HIS M 34 -4.82 9.68 41.55
C HIS M 34 -3.30 9.80 41.43
N GLU M 35 -2.64 9.74 42.58
CA GLU M 35 -1.21 9.95 42.62
C GLU M 35 -0.41 8.82 42.00
N ASP M 36 -1.02 7.66 41.81
CA ASP M 36 -0.31 6.52 41.27
C ASP M 36 -0.74 6.16 39.87
N GLU M 37 -1.48 7.04 39.19
CA GLU M 37 -2.16 6.69 37.96
C GLU M 37 -1.92 7.79 36.94
N MET M 38 -1.45 7.42 35.76
CA MET M 38 -1.28 8.40 34.69
C MET M 38 -2.63 8.88 34.19
N LEU M 39 -2.62 9.95 33.43
CA LEU M 39 -3.85 10.52 32.88
C LEU M 39 -3.89 10.22 31.40
N VAL M 40 -4.80 9.35 30.99
CA VAL M 40 -4.83 8.79 29.64
C VAL M 40 -5.79 9.57 28.78
N GLN M 41 -5.31 10.09 27.67
CA GLN M 41 -6.12 10.96 26.84
C GLN M 41 -6.90 10.18 25.77
N GLN M 42 -6.18 9.50 24.89
CA GLN M 42 -6.76 8.82 23.73
C GLN M 42 -6.62 7.32 23.93
N PHE M 43 -7.44 6.54 23.24
CA PHE M 43 -7.43 5.10 23.41
C PHE M 43 -7.77 4.42 22.10
N ASP M 44 -7.24 3.21 21.90
CA ASP M 44 -7.48 2.41 20.70
C ASP M 44 -7.05 0.97 20.89
N HIS M 45 -7.87 0.01 20.49
CA HIS M 45 -7.60 -1.39 20.83
C HIS M 45 -8.42 -2.31 19.95
N VAL M 46 -7.76 -3.21 19.22
CA VAL M 46 -8.41 -4.13 18.28
C VAL M 46 -8.14 -5.55 18.76
N VAL M 47 -9.13 -6.44 18.63
CA VAL M 47 -8.94 -7.86 18.92
C VAL M 47 -9.53 -8.62 17.73
N THR M 48 -8.68 -9.10 16.84
CA THR M 48 -9.19 -9.76 15.64
C THR M 48 -9.33 -11.26 15.86
N VAL M 49 -10.12 -11.89 14.98
CA VAL M 49 -10.23 -13.33 14.90
C VAL M 49 -10.18 -13.72 13.43
N PRO M 50 -9.23 -14.52 13.00
CA PRO M 50 -9.19 -14.92 11.59
C PRO M 50 -10.29 -15.88 11.22
N THR M 51 -11.23 -15.43 10.41
CA THR M 51 -12.32 -16.27 9.94
C THR M 51 -12.11 -16.60 8.47
N ASP M 52 -12.51 -17.80 8.08
CA ASP M 52 -12.31 -18.18 6.68
C ASP M 52 -13.37 -17.53 5.81
N PRO M 53 -13.09 -17.37 4.51
CA PRO M 53 -14.15 -16.96 3.58
C PRO M 53 -15.12 -18.10 3.35
N GLN M 54 -16.19 -17.77 2.61
CA GLN M 54 -17.28 -18.67 2.18
C GLN M 54 -17.85 -19.52 3.32
N SER M 55 -17.82 -18.99 4.52
CA SER M 55 -18.31 -19.67 5.72
C SER M 55 -18.56 -18.58 6.76
N GLY M 56 -18.70 -18.99 8.00
CA GLY M 56 -18.73 -18.03 9.07
C GLY M 56 -17.87 -18.43 10.24
N GLN M 57 -17.26 -19.60 10.15
CA GLN M 57 -16.62 -20.15 11.33
C GLN M 57 -15.26 -19.50 11.57
N PRO M 58 -14.86 -19.35 12.82
CA PRO M 58 -13.52 -18.81 13.11
C PRO M 58 -12.45 -19.83 12.80
N SER M 59 -11.63 -19.51 11.80
CA SER M 59 -10.55 -20.40 11.37
C SER M 59 -9.26 -20.03 12.08
N GLY M 60 -9.28 -20.20 13.40
CA GLY M 60 -8.10 -19.88 14.18
C GLY M 60 -8.42 -19.13 15.45
N GLN M 61 -7.48 -19.10 16.38
CA GLN M 61 -7.70 -18.41 17.63
C GLN M 61 -7.55 -16.91 17.43
N ARG M 62 -7.97 -16.15 18.43
CA ARG M 62 -7.95 -14.70 18.39
C ARG M 62 -6.51 -14.17 18.32
N VAL M 63 -6.39 -12.94 17.80
CA VAL M 63 -5.10 -12.28 17.65
C VAL M 63 -5.24 -10.90 18.26
N HIS M 64 -4.52 -10.66 19.35
CA HIS M 64 -4.65 -9.40 20.07
C HIS M 64 -3.77 -8.32 19.45
N LYS M 65 -4.39 -7.40 18.75
CA LYS M 65 -3.71 -6.18 18.36
C LYS M 65 -3.55 -5.29 19.59
N PRO M 66 -2.55 -4.42 19.64
CA PRO M 66 -2.19 -3.80 20.92
C PRO M 66 -3.11 -2.68 21.36
N PHE M 67 -3.13 -2.46 22.68
CA PHE M 67 -3.50 -1.20 23.31
C PHE M 67 -2.81 -0.02 22.64
N LYS M 68 -3.45 1.13 22.65
CA LYS M 68 -2.79 2.39 22.29
C LYS M 68 -3.37 3.48 23.17
N PHE M 69 -2.73 3.77 24.29
CA PHE M 69 -3.17 4.84 25.17
C PHE M 69 -2.16 5.97 25.16
N THR M 70 -2.63 7.21 25.24
CA THR M 70 -1.79 8.38 25.08
C THR M 70 -1.72 9.19 26.36
N VAL M 71 -0.52 9.38 26.88
CA VAL M 71 -0.31 10.23 28.04
C VAL M 71 0.71 11.30 27.66
N ALA M 72 0.81 12.33 28.48
CA ALA M 72 1.81 13.37 28.25
C ALA M 72 3.15 12.91 28.79
N LEU M 73 4.19 13.71 28.56
CA LEU M 73 5.49 13.41 29.14
C LEU M 73 5.46 13.65 30.64
N ASN M 74 5.80 12.62 31.40
CA ASN M 74 5.79 12.74 32.85
C ASN M 74 6.83 11.79 33.42
N LYS M 75 6.70 11.50 34.71
CA LYS M 75 7.70 10.73 35.44
C LYS M 75 7.80 9.31 34.95
N ALA M 76 6.67 8.71 34.58
CA ALA M 76 6.65 7.31 34.22
C ALA M 76 7.14 7.03 32.81
N VAL M 77 7.34 8.05 31.98
CA VAL M 77 7.77 7.82 30.59
C VAL M 77 9.22 7.35 30.48
N PRO M 78 10.21 7.86 31.23
CA PRO M 78 11.50 7.16 31.22
C PRO M 78 11.46 5.79 31.84
N LEU M 79 10.51 5.50 32.71
CA LEU M 79 10.37 4.15 33.22
C LEU M 79 9.73 3.23 32.20
N LEU M 80 8.88 3.76 31.33
CA LEU M 80 8.30 2.93 30.28
C LEU M 80 9.22 2.76 29.09
N TYR M 81 10.31 3.51 29.00
CA TYR M 81 11.30 3.21 27.98
C TYR M 81 12.37 2.26 28.45
N ASN M 82 12.22 1.65 29.63
CA ASN M 82 13.00 0.47 29.95
C ASN M 82 12.18 -0.79 29.96
N ALA M 83 10.88 -0.69 30.20
CA ALA M 83 10.02 -1.83 29.96
C ALA M 83 9.94 -2.14 28.48
N LEU M 84 10.14 -1.13 27.64
CA LEU M 84 10.14 -1.31 26.19
C LEU M 84 11.44 -1.91 25.70
N SER M 85 12.54 -1.21 25.92
CA SER M 85 13.80 -1.58 25.30
C SER M 85 14.47 -2.79 25.94
N SER M 86 13.93 -3.33 27.02
CA SER M 86 14.46 -4.55 27.59
C SER M 86 13.44 -5.67 27.63
N GLY M 87 12.24 -5.44 27.14
CA GLY M 87 11.25 -6.50 27.08
C GLY M 87 10.70 -6.91 28.42
N GLU M 88 10.69 -6.00 29.38
CA GLU M 88 10.18 -6.33 30.71
C GLU M 88 8.67 -6.43 30.69
N LYS M 89 8.15 -7.53 31.20
CA LYS M 89 6.71 -7.66 31.30
C LYS M 89 6.22 -6.78 32.44
N LEU M 90 4.96 -6.40 32.35
CA LEU M 90 4.32 -5.56 33.35
C LEU M 90 3.26 -6.41 34.02
N LYS M 91 3.28 -6.47 35.35
CA LYS M 91 2.40 -7.40 36.06
C LYS M 91 0.94 -7.02 35.91
N THR M 92 0.63 -5.73 35.88
CA THR M 92 -0.75 -5.32 35.69
C THR M 92 -0.83 -3.93 35.09
N VAL M 93 -1.93 -3.68 34.40
CA VAL M 93 -2.28 -2.38 33.84
C VAL M 93 -3.78 -2.25 34.04
N GLU M 94 -4.20 -1.34 34.88
CA GLU M 94 -5.62 -1.26 35.19
C GLU M 94 -6.16 0.06 34.64
N LEU M 95 -6.59 0.03 33.40
CA LEU M 95 -7.32 1.16 32.83
C LEU M 95 -8.66 1.31 33.53
N LYS M 96 -9.08 2.54 33.75
CA LYS M 96 -10.36 2.80 34.41
C LYS M 96 -11.09 3.90 33.64
N TRP M 97 -12.19 3.53 32.99
CA TRP M 97 -12.96 4.48 32.20
C TRP M 97 -13.88 5.25 33.10
N TYR M 98 -13.68 6.55 33.22
CA TYR M 98 -14.60 7.34 34.04
C TYR M 98 -15.73 7.88 33.20
N ARG M 99 -16.80 8.26 33.89
CA ARG M 99 -17.87 9.02 33.27
C ARG M 99 -18.59 9.78 34.37
N THR M 100 -19.34 10.79 33.96
CA THR M 100 -20.05 11.63 34.89
C THR M 100 -21.44 11.06 35.12
N SER M 101 -21.74 10.69 36.36
CA SER M 101 -22.99 10.02 36.65
C SER M 101 -24.11 11.04 36.83
N ILE M 102 -25.27 10.59 37.30
CA ILE M 102 -26.42 11.45 37.41
C ILE M 102 -26.29 12.37 38.61
N GLU M 103 -25.81 11.84 39.73
CA GLU M 103 -25.68 12.63 40.95
C GLU M 103 -24.57 13.67 40.87
N GLY M 104 -23.72 13.60 39.86
CA GLY M 104 -22.70 14.60 39.68
C GLY M 104 -21.32 14.19 40.09
N LYS M 105 -21.04 12.89 40.15
CA LYS M 105 -19.76 12.43 40.62
C LYS M 105 -19.14 11.51 39.59
N GLN M 106 -17.83 11.61 39.44
CA GLN M 106 -17.10 10.72 38.57
C GLN M 106 -17.15 9.30 39.11
N GLU M 107 -17.21 8.33 38.20
CA GLU M 107 -17.19 6.93 38.62
C GLU M 107 -16.65 6.09 37.48
N ASN M 108 -15.95 5.02 37.82
CA ASN M 108 -15.50 4.09 36.79
C ASN M 108 -16.65 3.17 36.46
N PHE M 109 -17.12 3.25 35.23
CA PHE M 109 -18.16 2.34 34.81
C PHE M 109 -17.61 1.12 34.11
N PHE M 110 -16.30 1.05 33.90
CA PHE M 110 -15.73 0.06 33.00
C PHE M 110 -14.24 0.03 33.26
N THR M 111 -13.69 -1.12 33.64
CA THR M 111 -12.26 -1.25 33.83
C THR M 111 -11.75 -2.41 32.99
N THR M 112 -10.62 -2.21 32.31
CA THR M 112 -10.01 -3.25 31.52
C THR M 112 -8.66 -3.57 32.15
N LYS M 113 -8.63 -4.52 33.08
CA LYS M 113 -7.37 -4.91 33.67
C LYS M 113 -6.56 -5.73 32.68
N LEU M 114 -5.38 -6.16 33.10
CA LEU M 114 -4.42 -6.71 32.17
C LEU M 114 -3.40 -7.47 32.96
N GLU M 115 -3.07 -8.68 32.53
CA GLU M 115 -1.97 -9.41 33.15
C GLU M 115 -0.71 -9.13 32.35
N ASN M 116 0.29 -10.03 32.42
CA ASN M 116 1.64 -9.84 31.90
C ASN M 116 1.68 -9.24 30.51
N ALA M 117 2.19 -8.03 30.41
CA ALA M 117 1.94 -7.19 29.24
C ALA M 117 3.20 -6.42 28.91
N SER M 118 3.95 -6.90 27.93
CA SER M 118 5.10 -6.13 27.48
C SER M 118 4.63 -4.92 26.69
N ILE M 119 5.57 -4.02 26.41
CA ILE M 119 5.29 -2.84 25.61
C ILE M 119 5.80 -3.09 24.20
N VAL M 120 4.94 -2.93 23.20
CA VAL M 120 5.36 -3.14 21.83
C VAL M 120 6.10 -1.92 21.31
N ASP M 121 5.45 -0.76 21.30
CA ASP M 121 6.14 0.44 20.88
C ASP M 121 5.56 1.65 21.58
N ILE M 122 6.34 2.72 21.59
CA ILE M 122 5.99 3.99 22.21
C ILE M 122 6.28 5.09 21.20
N HIS M 123 5.27 5.87 20.87
CA HIS M 123 5.34 6.87 19.81
C HIS M 123 5.30 8.26 20.42
N CYS M 124 6.47 8.76 20.82
CA CYS M 124 6.57 10.10 21.39
C CYS M 124 6.62 11.12 20.29
N GLU M 125 5.70 12.07 20.31
CA GLU M 125 5.71 13.14 19.33
C GLU M 125 5.31 14.45 20.00
N MET M 126 5.52 15.54 19.27
CA MET M 126 5.13 16.86 19.72
C MET M 126 4.64 17.58 18.48
N PRO M 127 3.48 18.21 18.53
CA PRO M 127 2.97 18.94 17.37
C PRO M 127 3.79 20.18 17.09
N HIS M 128 3.54 20.76 15.92
CA HIS M 128 4.38 21.85 15.42
C HIS M 128 4.12 23.12 16.21
N CYS M 129 5.20 23.76 16.66
CA CYS M 129 5.05 24.90 17.55
C CYS M 129 4.59 26.14 16.82
N GLN M 130 4.87 26.25 15.52
CA GLN M 130 4.39 27.37 14.71
C GLN M 130 2.89 27.30 14.49
N ASP M 131 2.32 26.11 14.53
CA ASP M 131 0.95 25.88 14.09
C ASP M 131 -0.01 26.29 15.20
N PRO M 132 -0.93 27.23 14.96
CA PRO M 132 -1.85 27.66 16.01
C PRO M 132 -3.04 26.74 16.21
N ALA M 133 -3.30 25.82 15.29
CA ALA M 133 -4.40 24.88 15.48
C ALA M 133 -4.09 23.84 16.53
N LYS M 134 -2.82 23.55 16.77
CA LYS M 134 -2.39 22.56 17.74
C LYS M 134 -1.61 23.22 18.87
N SER M 135 -2.12 24.35 19.36
CA SER M 135 -1.44 25.07 20.42
C SER M 135 -1.82 24.57 21.79
N ASP M 136 -3.00 23.99 21.95
CA ASP M 136 -3.43 23.51 23.25
C ASP M 136 -2.77 22.20 23.63
N PHE M 137 -2.26 21.44 22.67
CA PHE M 137 -1.64 20.17 22.96
C PHE M 137 -0.26 20.41 23.57
N THR M 138 0.21 19.45 24.36
CA THR M 138 1.54 19.56 24.92
C THR M 138 2.49 18.54 24.32
N GLN M 139 2.24 17.26 24.52
CA GLN M 139 2.98 16.17 23.92
C GLN M 139 2.02 15.01 23.73
N ASN M 140 2.52 13.95 23.10
CA ASN M 140 1.72 12.76 22.87
C ASN M 140 2.66 11.58 22.96
N VAL M 141 2.52 10.79 24.02
CA VAL M 141 3.33 9.59 24.19
C VAL M 141 2.36 8.42 24.17
N THR M 142 2.26 7.76 23.02
CA THR M 142 1.28 6.70 22.81
C THR M 142 1.97 5.36 23.10
N VAL M 143 1.72 4.81 24.27
CA VAL M 143 2.37 3.58 24.70
C VAL M 143 1.50 2.40 24.31
N SER M 144 2.06 1.44 23.60
CA SER M 144 1.31 0.26 23.24
C SER M 144 1.56 -0.86 24.23
N LEU M 145 0.68 -1.85 24.22
CA LEU M 145 0.80 -2.97 25.12
C LEU M 145 0.26 -4.21 24.44
N SER M 146 1.14 -5.13 24.06
CA SER M 146 0.67 -6.49 23.90
C SER M 146 0.60 -7.11 25.28
N TYR M 147 -0.12 -8.22 25.39
CA TYR M 147 -0.54 -8.66 26.70
C TYR M 147 -0.93 -10.13 26.67
N ARG M 148 -0.70 -10.82 27.77
CA ARG M 148 -1.14 -12.20 27.86
C ARG M 148 -2.63 -12.29 28.14
N LYS M 149 -3.06 -11.78 29.28
CA LYS M 149 -4.43 -11.93 29.76
C LYS M 149 -5.05 -10.58 29.98
N ILE M 150 -6.22 -10.38 29.41
CA ILE M 150 -6.98 -9.15 29.55
C ILE M 150 -8.35 -9.49 30.12
N THR M 151 -8.84 -8.65 31.02
CA THR M 151 -10.15 -8.85 31.63
C THR M 151 -10.93 -7.55 31.58
N TRP M 152 -11.87 -7.46 30.66
CA TRP M 152 -12.83 -6.37 30.69
C TRP M 152 -13.76 -6.55 31.87
N ASP M 153 -14.28 -5.45 32.40
CA ASP M 153 -15.11 -5.52 33.59
C ASP M 153 -15.97 -4.27 33.62
N HIS M 154 -17.26 -4.43 33.37
CA HIS M 154 -18.18 -3.32 33.55
C HIS M 154 -18.64 -3.32 35.00
N VAL M 155 -18.45 -2.20 35.69
CA VAL M 155 -18.66 -2.15 37.12
C VAL M 155 -20.12 -1.91 37.47
N ASN M 156 -20.77 -0.95 36.83
CA ASN M 156 -22.14 -0.59 37.20
C ASN M 156 -23.18 -1.62 36.75
N ALA M 157 -22.81 -2.59 35.94
CA ALA M 157 -23.73 -3.67 35.60
C ALA M 157 -23.14 -5.03 35.86
N GLY M 158 -21.93 -5.10 36.42
CA GLY M 158 -21.38 -6.34 36.92
C GLY M 158 -20.89 -7.34 35.90
N THR M 159 -21.06 -7.08 34.60
CA THR M 159 -20.57 -8.04 33.62
C THR M 159 -19.06 -8.02 33.56
N SER M 160 -18.49 -9.12 33.10
CA SER M 160 -17.05 -9.24 33.05
C SER M 160 -16.64 -10.22 31.96
N GLY M 161 -15.86 -9.75 31.01
CA GLY M 161 -15.30 -10.63 30.02
C GLY M 161 -13.88 -10.96 30.39
N SER M 162 -13.28 -11.94 29.71
CA SER M 162 -11.91 -12.31 30.01
C SER M 162 -11.34 -13.05 28.82
N ASP M 163 -10.07 -12.81 28.54
CA ASP M 163 -9.33 -13.61 27.59
C ASP M 163 -8.00 -13.95 28.21
N ASP M 164 -7.50 -15.14 27.91
CA ASP M 164 -6.21 -15.54 28.45
C ASP M 164 -5.56 -16.53 27.51
N TRP M 165 -4.29 -16.34 27.25
CA TRP M 165 -3.54 -17.37 26.56
C TRP M 165 -3.18 -18.51 27.50
N ARG M 166 -3.05 -18.21 28.79
CA ARG M 166 -2.64 -19.23 29.75
C ARG M 166 -3.72 -20.28 29.93
N LYS M 167 -4.97 -19.85 30.00
CA LYS M 167 -6.11 -20.74 30.23
C LYS M 167 -7.19 -20.50 29.20
N PRO M 168 -7.03 -21.03 27.99
CA PRO M 168 -8.12 -20.96 27.02
C PRO M 168 -9.23 -21.88 27.46
N ILE M 169 -10.42 -21.68 26.89
CA ILE M 169 -11.62 -22.25 27.47
C ILE M 169 -11.68 -23.73 27.12
N GLU M 170 -11.18 -24.54 28.05
CA GLU M 170 -10.93 -25.99 28.01
C GLU M 170 -10.36 -26.56 26.70
N GLY N 1 20.84 -65.45 98.01
CA GLY N 1 21.20 -64.44 97.02
C GLY N 1 21.49 -65.01 95.65
N SER N 2 20.76 -66.07 95.28
CA SER N 2 20.96 -66.69 93.98
C SER N 2 20.39 -65.85 92.84
N LEU N 3 19.44 -64.95 93.13
CA LEU N 3 18.93 -64.06 92.10
C LEU N 3 19.96 -63.00 91.73
N LEU N 4 20.81 -62.61 92.68
CA LEU N 4 21.93 -61.72 92.36
C LEU N 4 23.00 -62.45 91.56
N ASP N 5 23.10 -63.78 91.73
CA ASP N 5 24.05 -64.55 90.94
C ASP N 5 23.62 -64.67 89.49
N GLU N 6 22.31 -64.65 89.21
CA GLU N 6 21.84 -64.70 87.84
C GLU N 6 22.04 -63.36 87.13
N ILE N 7 22.03 -62.26 87.88
CA ILE N 7 22.29 -60.96 87.28
C ILE N 7 23.78 -60.81 86.99
N MET N 8 24.63 -61.25 87.92
CA MET N 8 26.08 -61.16 87.72
C MET N 8 26.59 -62.12 86.66
N ALA N 9 25.93 -63.28 86.49
CA ALA N 9 26.26 -64.15 85.37
C ALA N 9 25.74 -63.60 84.05
N GLN N 10 24.73 -62.74 84.09
CA GLN N 10 24.22 -62.06 82.89
C GLN N 10 25.14 -60.88 82.60
N THR N 11 26.07 -61.07 81.67
CA THR N 11 27.16 -60.12 81.45
C THR N 11 26.71 -58.84 80.76
N ARG N 12 25.47 -58.74 80.30
CA ARG N 12 25.00 -57.52 79.68
C ARG N 12 24.74 -56.41 80.69
N ILE N 13 24.25 -56.75 81.88
CA ILE N 13 23.95 -55.78 82.92
C ILE N 13 24.41 -56.31 84.28
N ALA N 14 25.65 -56.84 84.33
CA ALA N 14 26.10 -57.50 85.55
C ALA N 14 26.46 -56.52 86.68
N PRO N 15 27.44 -55.55 86.52
CA PRO N 15 27.96 -54.91 87.74
C PRO N 15 27.13 -53.75 88.27
N SER N 16 25.80 -53.89 88.27
CA SER N 16 24.84 -52.95 88.88
C SER N 16 25.02 -51.52 88.35
N GLU N 17 24.82 -51.37 87.04
CA GLU N 17 25.02 -50.08 86.39
C GLU N 17 23.72 -49.43 85.93
N GLU N 18 22.94 -50.12 85.10
CA GLU N 18 21.71 -49.56 84.57
C GLU N 18 20.79 -50.69 84.15
N GLY N 19 19.52 -50.61 84.56
CA GLY N 19 18.55 -51.63 84.20
C GLY N 19 18.61 -52.90 84.99
N TYR N 20 19.28 -52.90 86.15
CA TYR N 20 19.39 -54.10 86.97
C TYR N 20 18.20 -54.28 87.90
N ASP N 21 17.43 -53.23 88.14
CA ASP N 21 16.23 -53.37 88.96
C ASP N 21 15.01 -53.75 88.11
N ILE N 22 15.02 -53.42 86.82
CA ILE N 22 13.92 -53.80 85.94
C ILE N 22 14.03 -55.27 85.56
N ALA N 23 15.24 -55.72 85.20
CA ALA N 23 15.45 -57.12 84.84
C ALA N 23 15.33 -58.06 86.02
N LYS N 24 15.57 -57.57 87.24
CA LYS N 24 15.31 -58.37 88.43
C LYS N 24 13.81 -58.59 88.62
N LYS N 25 12.99 -57.60 88.26
CA LYS N 25 11.55 -57.79 88.27
C LYS N 25 11.08 -58.68 87.14
N GLY N 26 11.88 -58.85 86.09
CA GLY N 26 11.53 -59.70 84.98
C GLY N 26 11.71 -61.17 85.26
N VAL N 27 12.77 -61.50 85.99
CA VAL N 27 13.02 -62.90 86.35
C VAL N 27 11.99 -63.38 87.38
N ALA N 28 11.73 -62.57 88.40
CA ALA N 28 10.87 -62.99 89.49
C ALA N 28 9.40 -63.06 89.08
N ALA N 29 9.00 -62.30 88.05
CA ALA N 29 7.62 -62.38 87.59
C ALA N 29 7.36 -63.63 86.77
N PHE N 30 8.36 -64.11 86.02
CA PHE N 30 8.17 -65.27 85.16
C PHE N 30 8.12 -66.57 85.96
N ILE N 31 8.82 -66.61 87.10
CA ILE N 31 8.83 -67.82 87.92
C ILE N 31 7.50 -68.01 88.63
N GLU N 32 6.81 -66.91 88.95
CA GLU N 32 5.53 -67.01 89.67
C GLU N 32 4.43 -67.59 88.79
N ASN N 33 4.53 -67.44 87.47
CA ASN N 33 3.58 -68.04 86.54
C ASN N 33 4.10 -69.31 85.89
N LEU N 34 5.34 -69.70 86.18
CA LEU N 34 5.94 -70.87 85.56
C LEU N 34 5.37 -72.18 86.10
N MET N 35 4.78 -72.16 87.30
CA MET N 35 4.31 -73.38 87.94
C MET N 35 3.04 -73.95 87.32
N GLY N 36 2.40 -73.24 86.39
CA GLY N 36 1.27 -73.81 85.68
C GLY N 36 1.69 -74.88 84.69
N SER N 37 2.90 -74.78 84.15
CA SER N 37 3.43 -75.79 83.22
C SER N 37 4.95 -75.76 83.34
N GLN N 38 5.50 -76.78 83.98
CA GLN N 38 6.94 -76.86 84.19
C GLN N 38 7.66 -77.28 82.92
N HIS N 39 8.62 -76.47 82.48
CA HIS N 39 9.40 -76.76 81.30
C HIS N 39 10.74 -76.04 81.41
N SER N 40 11.79 -76.65 80.87
CA SER N 40 13.16 -76.13 80.99
C SER N 40 13.81 -76.11 79.60
N ALA N 41 13.55 -75.03 78.85
CA ALA N 41 14.17 -74.77 77.56
C ALA N 41 13.93 -73.31 77.19
N GLU N 42 15.01 -72.58 76.91
CA GLU N 42 14.89 -71.16 76.56
C GLU N 42 14.08 -70.85 75.30
N PRO N 43 14.23 -71.55 74.16
CA PRO N 43 13.39 -71.17 73.00
C PRO N 43 11.93 -71.53 73.15
N VAL N 44 11.61 -72.55 73.94
CA VAL N 44 10.21 -72.78 74.30
C VAL N 44 9.76 -71.70 75.28
N ASN N 45 10.67 -71.28 76.17
CA ASN N 45 10.39 -70.16 77.07
C ASN N 45 10.23 -68.84 76.31
N LYS N 46 10.94 -68.68 75.19
CA LYS N 46 10.68 -67.53 74.32
C LYS N 46 9.29 -67.60 73.71
N SER N 47 8.74 -68.79 73.55
CA SER N 47 7.33 -68.93 73.23
C SER N 47 6.46 -68.89 74.50
N LEU N 48 6.98 -69.40 75.62
CA LEU N 48 6.19 -69.37 76.86
C LEU N 48 6.10 -67.96 77.44
N VAL N 49 7.08 -67.10 77.18
CA VAL N 49 6.91 -65.67 77.47
C VAL N 49 5.81 -65.09 76.58
N ASP N 50 5.82 -65.45 75.29
CA ASP N 50 4.79 -64.99 74.37
C ASP N 50 3.43 -65.62 74.69
N GLN N 51 3.41 -66.85 75.22
CA GLN N 51 2.15 -67.43 75.67
C GLN N 51 1.68 -66.83 76.99
N MET N 52 2.56 -66.14 77.71
CA MET N 52 2.15 -65.33 78.85
C MET N 52 1.90 -63.87 78.47
N LEU N 53 2.08 -63.51 77.19
CA LEU N 53 1.69 -62.20 76.70
C LEU N 53 0.36 -62.21 75.97
N VAL N 54 0.04 -63.31 75.28
CA VAL N 54 -1.26 -63.44 74.63
C VAL N 54 -2.36 -63.58 75.67
N GLU N 55 -2.10 -64.38 76.72
CA GLU N 55 -3.07 -64.50 77.81
C GLU N 55 -3.12 -63.22 78.65
N LEU N 56 -2.03 -62.44 78.66
CA LEU N 56 -2.05 -61.15 79.34
C LEU N 56 -2.86 -60.13 78.56
N ASP N 57 -2.75 -60.13 77.23
CA ASP N 57 -3.53 -59.21 76.41
C ASP N 57 -5.01 -59.55 76.41
N LYS N 58 -5.37 -60.81 76.68
CA LYS N 58 -6.77 -61.13 76.89
C LYS N 58 -7.28 -60.55 78.21
N LYS N 59 -6.38 -60.35 79.17
CA LYS N 59 -6.77 -59.71 80.42
C LYS N 59 -6.82 -58.20 80.31
N ILE N 60 -5.95 -57.60 79.49
CA ILE N 60 -5.87 -56.15 79.45
C ILE N 60 -6.87 -55.57 78.45
N SER N 61 -6.92 -56.13 77.24
CA SER N 61 -7.79 -55.56 76.21
C SER N 61 -9.26 -55.81 76.51
N ALA N 62 -9.58 -56.84 77.29
CA ALA N 62 -10.95 -56.99 77.76
C ALA N 62 -11.31 -55.96 78.81
N GLN N 63 -10.31 -55.42 79.50
CA GLN N 63 -10.55 -54.30 80.42
C GLN N 63 -10.58 -52.97 79.68
N MET N 64 -9.72 -52.82 78.68
CA MET N 64 -9.70 -51.60 77.87
C MET N 64 -10.78 -51.57 76.80
N ASP N 65 -11.58 -52.63 76.66
CA ASP N 65 -12.85 -52.52 75.97
C ASP N 65 -13.99 -52.25 76.94
N GLU N 66 -13.68 -52.00 78.21
CA GLU N 66 -14.67 -51.64 79.20
C GLU N 66 -14.40 -50.31 79.88
N ILE N 67 -13.13 -49.91 79.99
CA ILE N 67 -12.85 -48.52 80.38
C ILE N 67 -13.20 -47.58 79.24
N LEU N 68 -12.94 -48.01 78.01
CA LEU N 68 -13.53 -47.35 76.86
C LEU N 68 -14.97 -47.85 76.70
N HIS N 69 -15.64 -47.39 75.64
CA HIS N 69 -16.97 -47.86 75.21
C HIS N 69 -18.04 -47.66 76.28
N ASN N 70 -17.85 -46.67 77.15
CA ASN N 70 -18.78 -46.36 78.22
C ASN N 70 -19.63 -45.17 77.82
N SER N 71 -20.87 -45.13 78.33
CA SER N 71 -21.81 -44.09 77.92
C SER N 71 -21.39 -42.70 78.40
N GLN N 72 -20.61 -42.63 79.48
CA GLN N 72 -20.05 -41.35 79.88
C GLN N 72 -18.79 -41.02 79.10
N PHE N 73 -18.00 -42.05 78.75
CA PHE N 73 -16.76 -41.81 78.03
C PHE N 73 -17.00 -41.54 76.54
N GLN N 74 -17.74 -42.45 75.88
CA GLN N 74 -17.88 -42.40 74.43
C GLN N 74 -18.71 -41.20 73.98
N ALA N 75 -19.73 -40.82 74.74
CA ALA N 75 -20.51 -39.64 74.41
C ALA N 75 -19.71 -38.37 74.64
N MET N 76 -18.73 -38.41 75.54
CA MET N 76 -17.81 -37.31 75.73
C MET N 76 -16.51 -37.48 74.97
N GLU N 77 -16.38 -38.56 74.19
CA GLU N 77 -15.28 -38.67 73.24
C GLU N 77 -15.72 -38.27 71.84
N SER N 78 -16.92 -38.67 71.42
CA SER N 78 -17.44 -38.29 70.12
C SER N 78 -17.75 -36.80 70.06
N ALA N 79 -18.18 -36.21 71.18
CA ALA N 79 -18.44 -34.78 71.23
C ALA N 79 -17.16 -33.95 71.27
N TRP N 80 -16.01 -34.57 71.44
CA TRP N 80 -14.75 -33.83 71.54
C TRP N 80 -13.75 -34.21 70.45
N ARG N 81 -13.66 -35.49 70.08
CA ARG N 81 -12.83 -35.85 68.93
C ARG N 81 -13.49 -35.42 67.62
N GLY N 82 -14.83 -35.39 67.60
CA GLY N 82 -15.53 -34.82 66.48
C GLY N 82 -15.31 -33.33 66.29
N LEU N 83 -14.97 -32.63 67.36
CA LEU N 83 -14.51 -31.25 67.22
C LEU N 83 -13.17 -31.18 66.52
N LYS N 84 -12.28 -32.15 66.81
CA LYS N 84 -10.97 -32.16 66.15
C LYS N 84 -11.10 -32.44 64.66
N LEU N 85 -12.11 -33.19 64.25
CA LEU N 85 -12.43 -33.32 62.84
C LEU N 85 -12.97 -32.03 62.25
N PHE N 86 -13.53 -31.14 63.08
CA PHE N 86 -13.92 -29.84 62.57
C PHE N 86 -12.77 -28.83 62.64
N VAL N 87 -11.77 -29.07 63.47
CA VAL N 87 -10.63 -28.16 63.53
C VAL N 87 -9.59 -28.51 62.47
N ASP N 88 -9.37 -29.81 62.22
CA ASP N 88 -8.30 -30.22 61.30
C ASP N 88 -8.65 -29.95 59.85
N ARG N 89 -9.94 -29.98 59.48
CA ARG N 89 -10.29 -29.80 58.08
C ARG N 89 -10.36 -28.34 57.69
N THR N 90 -10.89 -27.49 58.56
CA THR N 90 -11.12 -26.09 58.22
C THR N 90 -9.83 -25.30 58.28
N ASP N 91 -9.54 -24.58 57.21
CA ASP N 91 -8.28 -23.85 57.10
C ASP N 91 -8.42 -22.54 57.84
N PHE N 92 -7.82 -22.46 59.03
CA PHE N 92 -7.89 -21.24 59.83
C PHE N 92 -7.04 -20.12 59.29
N ARG N 93 -6.13 -20.39 58.35
CA ARG N 93 -5.43 -19.31 57.70
C ARG N 93 -6.31 -18.56 56.71
N GLU N 94 -7.35 -19.19 56.20
CA GLU N 94 -8.24 -18.57 55.23
C GLU N 94 -9.45 -17.91 55.89
N ASN N 95 -9.20 -17.10 56.91
CA ASN N 95 -10.19 -16.26 57.60
C ASN N 95 -11.35 -17.08 58.16
N ASN N 96 -11.04 -17.93 59.13
CA ASN N 96 -12.04 -18.74 59.80
C ASN N 96 -11.74 -18.78 61.28
N LYS N 97 -12.77 -18.63 62.10
CA LYS N 97 -12.65 -18.82 63.54
C LYS N 97 -13.86 -19.62 64.00
N VAL N 98 -13.71 -20.29 65.14
CA VAL N 98 -14.80 -21.10 65.68
C VAL N 98 -14.83 -20.96 67.19
N GLU N 99 -15.99 -20.59 67.72
CA GLU N 99 -16.18 -20.47 69.16
C GLU N 99 -16.73 -21.76 69.72
N ILE N 100 -16.36 -22.04 70.97
CA ILE N 100 -16.71 -23.28 71.65
C ILE N 100 -17.46 -22.93 72.92
N LEU N 101 -18.72 -23.35 73.00
CA LEU N 101 -19.58 -23.05 74.13
C LEU N 101 -19.97 -24.33 74.84
N HIS N 102 -19.69 -24.39 76.14
CA HIS N 102 -20.11 -25.51 76.99
C HIS N 102 -21.51 -25.22 77.51
N VAL N 103 -22.50 -25.87 76.92
CA VAL N 103 -23.81 -25.99 77.54
C VAL N 103 -24.09 -27.47 77.69
N THR N 104 -25.20 -27.79 78.34
CA THR N 104 -25.81 -29.09 78.14
C THR N 104 -27.20 -28.87 77.54
N LYS N 105 -27.70 -29.92 76.89
CA LYS N 105 -28.93 -29.80 76.13
C LYS N 105 -30.13 -29.58 77.03
N ASP N 106 -30.10 -30.11 78.25
CA ASP N 106 -31.18 -29.84 79.20
C ASP N 106 -31.04 -28.46 79.83
N GLU N 107 -29.83 -27.93 79.89
CA GLU N 107 -29.64 -26.58 80.44
C GLU N 107 -30.15 -25.52 79.47
N LEU N 108 -30.10 -25.81 78.17
CA LEU N 108 -30.34 -24.77 77.18
C LEU N 108 -31.81 -24.42 77.08
N LEU N 109 -32.70 -25.41 77.18
CA LEU N 109 -34.13 -25.12 77.18
C LEU N 109 -34.54 -24.40 78.46
N GLU N 110 -33.89 -24.74 79.58
CA GLU N 110 -34.11 -24.01 80.82
C GLU N 110 -33.65 -22.56 80.71
N ASP N 111 -32.59 -22.32 79.94
CA ASP N 111 -32.11 -20.96 79.72
C ASP N 111 -33.03 -20.17 78.80
N PHE N 112 -33.79 -20.82 77.93
CA PHE N 112 -34.84 -20.13 77.22
C PHE N 112 -36.11 -20.01 78.05
N GLU N 113 -36.30 -20.89 79.03
CA GLU N 113 -37.33 -20.71 80.03
C GLU N 113 -36.93 -19.65 81.05
N PHE N 114 -35.63 -19.37 81.14
CA PHE N 114 -35.10 -18.38 82.07
C PHE N 114 -35.58 -16.97 81.73
N ALA N 115 -35.39 -16.55 80.49
CA ALA N 115 -35.79 -15.21 80.09
C ALA N 115 -37.23 -15.19 79.60
N PRO N 116 -37.95 -14.09 79.82
CA PRO N 116 -39.32 -13.99 79.30
C PRO N 116 -39.38 -13.84 77.79
N GLU N 117 -38.31 -13.37 77.17
CA GLU N 117 -38.25 -13.18 75.73
C GLU N 117 -36.91 -13.74 75.23
N THR N 118 -36.93 -14.27 74.01
CA THR N 118 -35.71 -14.80 73.39
C THR N 118 -34.65 -13.74 73.18
N ALA N 119 -35.04 -12.47 73.10
CA ALA N 119 -34.12 -11.35 72.98
C ALA N 119 -33.50 -10.94 74.30
N GLN N 120 -33.71 -11.70 75.37
CA GLN N 120 -33.00 -11.47 76.62
C GLN N 120 -32.40 -12.76 77.18
N SER N 121 -32.29 -13.80 76.37
CA SER N 121 -31.81 -15.09 76.84
C SER N 121 -30.31 -15.06 77.07
N GLY N 122 -29.78 -16.17 77.59
CA GLY N 122 -28.36 -16.29 77.77
C GLY N 122 -27.64 -16.80 76.53
N LEU N 123 -28.33 -17.57 75.69
CA LEU N 123 -27.74 -17.96 74.42
C LEU N 123 -27.79 -16.82 73.42
N TYR N 124 -28.78 -15.93 73.55
CA TYR N 124 -28.85 -14.72 72.74
C TYR N 124 -27.68 -13.79 73.01
N LYS N 125 -27.09 -13.87 74.20
CA LYS N 125 -25.92 -13.06 74.51
C LYS N 125 -24.70 -13.55 73.74
N HIS N 126 -24.57 -14.85 73.56
CA HIS N 126 -23.37 -15.39 72.92
C HIS N 126 -23.50 -15.50 71.41
N VAL N 127 -24.72 -15.61 70.90
CA VAL N 127 -24.91 -15.70 69.46
C VAL N 127 -25.00 -14.31 68.84
N TYR N 128 -25.82 -13.45 69.42
CA TYR N 128 -26.07 -12.14 68.85
C TYR N 128 -25.13 -11.08 69.40
N SER N 129 -25.17 -10.83 70.71
CA SER N 129 -24.61 -9.59 71.24
C SER N 129 -23.10 -9.67 71.41
N ALA N 130 -22.55 -10.81 71.78
CA ALA N 130 -21.10 -10.90 71.89
C ALA N 130 -20.42 -11.03 70.55
N GLY N 131 -21.18 -11.37 69.51
CA GLY N 131 -20.66 -11.51 68.18
C GLY N 131 -21.19 -10.43 67.26
N TYR N 132 -22.30 -10.76 66.60
CA TYR N 132 -22.91 -9.93 65.58
C TYR N 132 -23.34 -8.56 66.10
N GLY N 133 -24.04 -8.53 67.22
CA GLY N 133 -24.48 -7.25 67.77
C GLY N 133 -23.41 -6.58 68.60
N GLN N 134 -22.30 -6.23 67.97
CA GLN N 134 -21.14 -5.72 68.68
C GLN N 134 -20.33 -4.88 67.70
N PHE N 135 -19.90 -3.70 68.14
CA PHE N 135 -19.07 -2.86 67.29
C PHE N 135 -17.70 -3.49 67.10
N GLY N 136 -17.40 -3.87 65.86
CA GLY N 136 -16.14 -4.47 65.52
C GLY N 136 -16.04 -5.96 65.76
N GLY N 137 -16.97 -6.54 66.50
CA GLY N 137 -16.91 -7.97 66.76
C GLY N 137 -17.27 -8.79 65.55
N GLU N 138 -16.63 -9.94 65.43
CA GLU N 138 -16.88 -10.82 64.30
C GLU N 138 -18.24 -11.50 64.45
N PRO N 139 -19.06 -11.52 63.41
CA PRO N 139 -20.43 -12.03 63.54
C PRO N 139 -20.47 -13.53 63.31
N VAL N 140 -21.59 -14.12 63.70
CA VAL N 140 -21.73 -15.57 63.78
C VAL N 140 -22.34 -16.09 62.47
N GLY N 141 -21.65 -17.03 61.84
CA GLY N 141 -22.14 -17.62 60.62
C GLY N 141 -23.19 -18.69 60.83
N ALA N 142 -22.89 -19.67 61.69
CA ALA N 142 -23.83 -20.75 61.92
C ALA N 142 -23.60 -21.31 63.32
N ILE N 143 -24.62 -22.01 63.84
CA ILE N 143 -24.55 -22.62 65.16
C ILE N 143 -24.58 -24.13 64.98
N ILE N 144 -23.48 -24.78 65.33
CA ILE N 144 -23.42 -26.25 65.31
C ILE N 144 -24.10 -26.76 66.56
N GLY N 145 -25.18 -27.52 66.38
CA GLY N 145 -25.83 -28.16 67.50
C GLY N 145 -25.35 -29.58 67.66
N ASN N 146 -24.65 -29.86 68.76
CA ASN N 146 -24.08 -31.18 69.02
C ASN N 146 -25.07 -32.03 69.79
N TYR N 147 -26.28 -32.12 69.26
CA TYR N 147 -27.45 -32.60 69.98
C TYR N 147 -28.01 -33.83 69.28
N ALA N 148 -28.97 -34.46 69.95
CA ALA N 148 -29.72 -35.59 69.39
C ALA N 148 -31.19 -35.30 69.64
N PHE N 149 -31.87 -34.80 68.62
CA PHE N 149 -33.22 -34.28 68.80
C PHE N 149 -34.26 -35.38 68.74
N THR N 150 -35.19 -35.34 69.66
CA THR N 150 -36.42 -36.10 69.70
C THR N 150 -37.55 -35.26 69.14
N PRO N 151 -38.69 -35.85 68.80
CA PRO N 151 -39.83 -35.04 68.40
C PRO N 151 -40.73 -34.62 69.56
N SER N 152 -40.23 -34.74 70.79
CA SER N 152 -41.03 -34.44 71.96
C SER N 152 -41.12 -32.94 72.18
N THR N 153 -41.95 -32.55 73.14
CA THR N 153 -42.18 -31.17 73.52
C THR N 153 -40.94 -30.46 74.08
N PRO N 154 -40.06 -31.08 74.91
CA PRO N 154 -38.83 -30.36 75.26
C PRO N 154 -37.79 -30.25 74.15
N ASP N 155 -38.06 -30.76 72.95
CA ASP N 155 -37.17 -30.54 71.82
C ASP N 155 -37.84 -29.84 70.64
N MET N 156 -39.15 -29.68 70.66
CA MET N 156 -39.80 -28.76 69.73
C MET N 156 -39.99 -27.39 70.35
N LYS N 157 -39.89 -27.27 71.66
CA LYS N 157 -39.86 -25.95 72.29
C LYS N 157 -38.48 -25.33 72.16
N LEU N 158 -37.43 -26.15 72.12
CA LEU N 158 -36.08 -25.62 71.91
C LEU N 158 -35.93 -25.09 70.50
N LEU N 159 -36.37 -25.85 69.50
CA LEU N 159 -36.20 -25.42 68.11
C LEU N 159 -37.10 -24.24 67.76
N GLN N 160 -38.23 -24.09 68.44
CA GLN N 160 -39.01 -22.88 68.28
C GLN N 160 -38.26 -21.67 68.82
N TYR N 161 -37.47 -21.87 69.87
CA TYR N 161 -36.63 -20.83 70.44
C TYR N 161 -35.25 -20.79 69.82
N MET N 162 -34.95 -21.66 68.86
CA MET N 162 -33.73 -21.52 68.07
C MET N 162 -34.00 -21.01 66.67
N GLY N 163 -35.21 -21.21 66.15
CA GLY N 163 -35.58 -20.54 64.92
C GLY N 163 -35.78 -19.06 65.11
N ALA N 164 -36.28 -18.66 66.27
CA ALA N 164 -36.40 -17.23 66.56
C ALA N 164 -35.06 -16.61 66.88
N LEU N 165 -34.13 -17.39 67.45
CA LEU N 165 -32.78 -16.88 67.65
C LEU N 165 -32.03 -16.81 66.33
N GLY N 166 -32.26 -17.78 65.44
CA GLY N 166 -31.61 -17.76 64.14
C GLY N 166 -32.14 -16.70 63.21
N ALA N 167 -33.33 -16.20 63.46
CA ALA N 167 -33.87 -15.12 62.65
C ALA N 167 -33.47 -13.75 63.16
N MET N 168 -32.84 -13.68 64.32
CA MET N 168 -32.38 -12.40 64.83
C MET N 168 -30.91 -12.16 64.51
N ALA N 169 -30.07 -13.18 64.64
CA ALA N 169 -28.64 -13.04 64.37
C ALA N 169 -28.26 -13.48 62.96
N HIS N 170 -29.24 -13.87 62.15
CA HIS N 170 -29.05 -14.32 60.76
C HIS N 170 -28.08 -15.48 60.65
N ALA N 171 -28.28 -16.47 61.49
CA ALA N 171 -27.39 -17.62 61.47
C ALA N 171 -28.21 -18.88 61.66
N PRO N 172 -28.19 -19.81 60.72
CA PRO N 172 -29.00 -21.02 60.87
C PRO N 172 -28.38 -21.97 61.89
N PHE N 173 -29.25 -22.61 62.66
CA PHE N 173 -28.85 -23.57 63.68
C PHE N 173 -28.87 -24.97 63.08
N ILE N 174 -27.68 -25.55 62.90
CA ILE N 174 -27.55 -26.88 62.34
C ILE N 174 -27.27 -27.89 63.45
N SER N 175 -28.08 -28.94 63.48
CA SER N 175 -27.99 -30.01 64.47
C SER N 175 -28.45 -31.29 63.79
N SER N 176 -28.76 -32.32 64.57
CA SER N 176 -29.17 -33.57 63.98
C SER N 176 -30.34 -34.17 64.75
N VAL N 177 -31.12 -34.96 64.03
CA VAL N 177 -32.17 -35.76 64.64
C VAL N 177 -31.59 -37.11 65.01
N GLY N 178 -32.24 -37.79 65.95
CA GLY N 178 -31.77 -39.06 66.43
C GLY N 178 -32.45 -40.22 65.76
N PRO N 179 -32.07 -41.44 66.13
CA PRO N 179 -32.83 -42.62 65.68
C PRO N 179 -34.26 -42.60 66.13
N GLU N 180 -34.50 -42.21 67.39
CA GLU N 180 -35.84 -42.16 67.96
C GLU N 180 -36.70 -41.07 67.35
N PHE N 181 -36.11 -40.16 66.57
CA PHE N 181 -36.90 -39.17 65.86
C PHE N 181 -37.76 -39.85 64.79
N PHE N 182 -37.19 -40.82 64.08
CA PHE N 182 -37.94 -41.54 63.08
C PHE N 182 -38.78 -42.66 63.69
N GLY N 183 -38.58 -42.99 64.96
CA GLY N 183 -39.35 -44.02 65.61
C GLY N 183 -38.86 -45.42 65.29
N ILE N 184 -37.56 -45.63 65.36
CA ILE N 184 -36.98 -46.93 65.06
C ILE N 184 -36.14 -47.50 66.21
N ASP N 185 -35.65 -46.65 67.13
CA ASP N 185 -34.97 -47.03 68.38
C ASP N 185 -33.65 -47.78 68.20
N SER N 186 -33.22 -47.98 66.95
CA SER N 186 -31.99 -48.65 66.56
C SER N 186 -31.80 -48.28 65.09
N PHE N 187 -30.64 -47.74 64.74
CA PHE N 187 -30.62 -46.90 63.55
C PHE N 187 -30.50 -47.65 62.23
N GLU N 188 -29.87 -48.82 62.22
CA GLU N 188 -29.56 -49.48 60.95
C GLU N 188 -30.78 -50.07 60.24
N GLU N 189 -31.99 -49.88 60.76
CA GLU N 189 -33.21 -50.29 60.08
C GLU N 189 -33.90 -49.11 59.40
N LEU N 190 -33.14 -48.12 58.94
CA LEU N 190 -33.74 -46.99 58.24
C LEU N 190 -34.13 -47.27 56.78
N PRO N 191 -33.33 -47.98 55.95
CA PRO N 191 -33.84 -48.30 54.60
C PRO N 191 -34.99 -49.29 54.58
N ASN N 192 -35.27 -49.96 55.69
CA ASN N 192 -36.43 -50.83 55.78
C ASN N 192 -37.74 -50.04 55.77
N ILE N 193 -37.68 -48.74 56.06
CA ILE N 193 -38.86 -47.90 56.02
C ILE N 193 -39.35 -47.78 54.58
N LYS N 194 -40.55 -48.26 54.32
CA LYS N 194 -41.08 -48.30 52.98
C LYS N 194 -41.96 -47.11 52.63
N ASP N 195 -42.35 -46.30 53.61
CA ASP N 195 -43.11 -45.09 53.34
C ASP N 195 -42.80 -44.11 54.48
N LEU N 196 -41.91 -43.16 54.21
CA LEU N 196 -41.51 -42.18 55.21
C LEU N 196 -42.36 -40.91 55.16
N LYS N 197 -43.12 -40.72 54.07
CA LYS N 197 -44.03 -39.59 53.99
C LYS N 197 -45.19 -39.74 54.96
N SER N 198 -45.71 -40.96 55.12
CA SER N 198 -46.82 -41.19 56.03
C SER N 198 -46.38 -41.20 57.47
N THR N 199 -45.09 -41.43 57.74
CA THR N 199 -44.60 -41.42 59.11
C THR N 199 -44.65 -40.01 59.69
N PHE N 200 -44.38 -39.00 58.86
CA PHE N 200 -44.35 -37.63 59.32
C PHE N 200 -45.73 -36.98 59.43
N GLU N 201 -46.76 -37.65 58.91
CA GLU N 201 -48.14 -37.17 59.02
C GLU N 201 -48.90 -37.89 60.12
N SER N 202 -48.21 -38.23 61.24
CA SER N 202 -48.65 -38.85 62.48
C SER N 202 -48.94 -37.80 63.53
N PRO N 203 -49.90 -38.05 64.43
CA PRO N 203 -50.20 -37.05 65.48
C PRO N 203 -49.14 -36.93 66.56
N LYS N 204 -48.09 -37.75 66.54
CA LYS N 204 -46.97 -37.51 67.43
C LYS N 204 -46.18 -36.28 66.99
N TYR N 205 -46.26 -35.92 65.71
CA TYR N 205 -45.47 -34.85 65.11
C TYR N 205 -46.30 -33.59 64.90
N THR N 206 -47.23 -33.27 65.79
CA THR N 206 -47.99 -32.05 65.64
C THR N 206 -47.15 -30.83 65.98
N LYS N 207 -46.19 -30.99 66.90
CA LYS N 207 -45.22 -29.94 67.19
C LYS N 207 -44.04 -29.94 66.23
N TRP N 208 -44.03 -30.83 65.23
CA TRP N 208 -43.07 -30.82 64.14
C TRP N 208 -43.66 -30.16 62.89
N ARG N 209 -44.86 -30.57 62.51
CA ARG N 209 -45.51 -30.00 61.32
C ARG N 209 -45.98 -28.58 61.55
N SER N 210 -46.09 -28.14 62.81
CA SER N 210 -46.32 -26.74 63.09
C SER N 210 -45.03 -25.96 63.18
N LEU N 211 -43.91 -26.62 63.49
CA LEU N 211 -42.62 -25.97 63.42
C LEU N 211 -42.23 -25.70 61.97
N ARG N 212 -42.54 -26.62 61.07
CA ARG N 212 -42.14 -26.49 59.67
C ARG N 212 -42.88 -25.36 58.97
N GLU N 213 -44.15 -25.16 59.30
CA GLU N 213 -44.93 -24.09 58.68
C GLU N 213 -44.52 -22.71 59.16
N SER N 214 -43.79 -22.62 60.26
CA SER N 214 -43.48 -21.32 60.86
C SER N 214 -42.47 -20.56 60.01
N GLU N 215 -42.47 -19.24 60.20
CA GLU N 215 -41.66 -18.36 59.36
C GLU N 215 -40.20 -18.40 59.75
N ASP N 216 -39.91 -18.43 61.04
CA ASP N 216 -38.52 -18.43 61.51
C ASP N 216 -37.87 -19.80 61.46
N ALA N 217 -38.54 -20.82 60.92
CA ALA N 217 -37.93 -22.13 60.74
C ALA N 217 -36.94 -22.17 59.59
N ARG N 218 -36.85 -21.08 58.84
CA ARG N 218 -35.93 -20.96 57.72
C ARG N 218 -34.48 -21.07 58.16
N TYR N 219 -34.20 -20.72 59.41
CA TYR N 219 -32.85 -20.75 59.97
C TYR N 219 -32.63 -22.00 60.81
N LEU N 220 -33.17 -23.13 60.39
CA LEU N 220 -33.03 -24.38 61.12
C LEU N 220 -32.85 -25.51 60.11
N GLY N 221 -31.63 -26.03 60.02
CA GLY N 221 -31.36 -27.26 59.28
C GLY N 221 -31.05 -28.37 60.27
N LEU N 222 -31.58 -29.56 60.00
CA LEU N 222 -31.31 -30.72 60.84
C LEU N 222 -30.68 -31.82 59.98
N THR N 223 -29.51 -32.28 60.40
CA THR N 223 -28.60 -32.98 59.50
C THR N 223 -28.84 -34.48 59.51
N ALA N 224 -27.84 -35.20 59.03
CA ALA N 224 -27.68 -36.56 58.55
C ALA N 224 -27.87 -37.65 59.60
N PRO N 225 -27.75 -38.94 59.24
CA PRO N 225 -27.68 -39.99 60.27
C PRO N 225 -26.66 -39.82 61.38
N ARG N 226 -25.38 -40.06 61.09
CA ARG N 226 -24.21 -40.03 61.98
C ARG N 226 -23.03 -40.40 61.10
N PHE N 227 -21.83 -40.26 61.64
CA PHE N 227 -20.66 -40.66 60.88
C PHE N 227 -19.57 -41.13 61.84
N LEU N 228 -18.65 -41.92 61.31
CA LEU N 228 -17.62 -42.57 62.09
C LEU N 228 -16.43 -41.63 62.33
N LEU N 229 -15.83 -41.75 63.50
CA LEU N 229 -14.70 -40.91 63.90
C LEU N 229 -13.39 -41.67 64.06
N ARG N 230 -13.41 -42.78 64.79
CA ARG N 230 -12.17 -43.47 65.16
C ARG N 230 -12.19 -44.88 64.61
N VAL N 231 -11.17 -45.20 63.82
CA VAL N 231 -10.90 -46.60 63.46
C VAL N 231 -10.48 -47.36 64.70
N PRO N 232 -11.11 -48.51 65.00
CA PRO N 232 -10.64 -49.31 66.14
C PRO N 232 -9.23 -49.84 65.90
N TYR N 233 -8.45 -49.84 66.97
CA TYR N 233 -7.00 -50.02 66.88
C TYR N 233 -6.65 -51.47 66.55
N ASP N 234 -5.39 -51.66 66.14
CA ASP N 234 -4.94 -52.96 65.64
C ASP N 234 -3.44 -53.01 65.82
N PRO N 235 -2.87 -54.15 66.20
CA PRO N 235 -1.41 -54.23 66.39
C PRO N 235 -0.60 -54.18 65.11
N ILE N 236 -1.23 -54.17 63.94
CA ILE N 236 -0.54 -54.07 62.66
C ILE N 236 -0.87 -52.76 61.95
N GLU N 237 -2.15 -52.41 61.89
CA GLU N 237 -2.58 -51.25 61.11
C GLU N 237 -2.33 -49.94 61.86
N ASN N 238 -2.97 -49.76 63.02
CA ASN N 238 -2.84 -48.55 63.82
C ASN N 238 -2.39 -48.96 65.22
N PRO N 239 -1.09 -49.17 65.41
CA PRO N 239 -0.61 -49.70 66.69
C PRO N 239 -0.55 -48.63 67.76
N VAL N 240 -0.31 -49.08 68.99
CA VAL N 240 -0.07 -48.20 70.12
C VAL N 240 1.33 -48.47 70.66
N LYS N 241 1.86 -47.49 71.39
CA LYS N 241 3.26 -47.51 71.81
C LYS N 241 3.48 -48.53 72.92
N SER N 242 4.40 -49.47 72.69
CA SER N 242 4.83 -50.50 73.64
C SER N 242 3.67 -51.39 74.12
N PHE N 243 2.70 -51.61 73.25
CA PHE N 243 1.54 -52.43 73.57
C PHE N 243 0.89 -52.87 72.26
N ASN N 244 0.20 -54.01 72.31
CA ASN N 244 -0.57 -54.51 71.18
C ASN N 244 -2.03 -54.53 71.59
N TYR N 245 -2.83 -53.67 70.95
CA TYR N 245 -4.22 -53.44 71.33
C TYR N 245 -5.14 -53.77 70.17
N ALA N 246 -5.85 -54.89 70.27
CA ALA N 246 -6.87 -55.27 69.30
C ALA N 246 -8.23 -54.98 69.93
N GLU N 247 -8.87 -53.91 69.48
CA GLU N 247 -10.15 -53.47 70.04
C GLU N 247 -11.25 -54.38 69.51
N ASN N 248 -11.69 -55.30 70.35
CA ASN N 248 -12.70 -56.28 69.97
C ASN N 248 -14.06 -55.61 69.87
N VAL N 249 -14.44 -55.19 68.67
CA VAL N 249 -15.74 -54.56 68.44
C VAL N 249 -16.77 -55.66 68.23
N SER N 250 -17.81 -55.66 69.05
CA SER N 250 -18.82 -56.70 69.04
C SER N 250 -19.82 -56.43 67.92
N ALA N 251 -20.92 -57.19 67.93
CA ALA N 251 -21.97 -57.02 66.93
C ALA N 251 -22.78 -55.75 67.17
N SER N 252 -22.74 -55.19 68.37
CA SER N 252 -23.35 -53.91 68.64
C SER N 252 -22.53 -52.81 67.98
N HIS N 253 -23.13 -52.10 67.03
CA HIS N 253 -22.45 -51.01 66.35
C HIS N 253 -22.54 -49.69 67.10
N GLU N 254 -22.96 -49.72 68.37
CA GLU N 254 -22.89 -48.53 69.21
C GLU N 254 -21.53 -48.33 69.84
N HIS N 255 -20.64 -49.33 69.74
CA HIS N 255 -19.32 -49.21 70.34
C HIS N 255 -18.34 -48.45 69.46
N TYR N 256 -18.61 -48.36 68.16
CA TYR N 256 -17.86 -47.45 67.30
C TYR N 256 -18.08 -46.01 67.76
N LEU N 257 -17.04 -45.19 67.63
CA LEU N 257 -17.12 -43.80 68.05
C LEU N 257 -17.90 -43.02 66.99
N TRP N 258 -19.22 -43.05 67.12
CA TRP N 258 -20.05 -42.36 66.15
C TRP N 258 -20.21 -40.90 66.53
N GLY N 259 -19.79 -40.02 65.63
CA GLY N 259 -19.87 -38.59 65.86
C GLY N 259 -21.23 -38.01 65.51
N ASN N 260 -21.32 -36.69 65.61
CA ASN N 260 -22.52 -35.95 65.25
C ASN N 260 -22.27 -35.20 63.95
N THR N 261 -23.19 -35.30 62.99
CA THR N 261 -22.92 -34.83 61.65
C THR N 261 -23.10 -33.32 61.49
N ALA N 262 -23.54 -32.63 62.54
CA ALA N 262 -23.48 -31.17 62.53
C ALA N 262 -22.04 -30.68 62.49
N PHE N 263 -21.10 -31.48 63.01
CA PHE N 263 -19.69 -31.26 62.74
C PHE N 263 -19.39 -31.38 61.26
N ALA N 264 -19.82 -32.47 60.64
CA ALA N 264 -19.43 -32.78 59.28
C ALA N 264 -20.14 -31.93 58.24
N PHE N 265 -21.35 -31.43 58.54
CA PHE N 265 -22.00 -30.54 57.60
C PHE N 265 -21.43 -29.13 57.68
N ALA N 266 -21.02 -28.70 58.85
CA ALA N 266 -20.33 -27.43 58.98
C ALA N 266 -18.90 -27.48 58.48
N THR N 267 -18.37 -28.68 58.23
CA THR N 267 -17.11 -28.77 57.52
C THR N 267 -17.26 -28.26 56.09
N ARG N 268 -18.42 -28.50 55.48
CA ARG N 268 -18.67 -28.04 54.12
C ARG N 268 -19.13 -26.60 54.06
N LEU N 269 -19.65 -26.05 55.16
CA LEU N 269 -19.88 -24.61 55.21
C LEU N 269 -18.56 -23.85 55.22
N THR N 270 -17.54 -24.42 55.84
CA THR N 270 -16.30 -23.69 56.02
C THR N 270 -15.30 -23.98 54.90
N ASP N 271 -15.26 -25.22 54.42
CA ASP N 271 -14.41 -25.51 53.27
C ASP N 271 -14.95 -24.93 51.97
N SER N 272 -16.22 -24.50 51.94
CA SER N 272 -16.67 -23.66 50.85
C SER N 272 -16.28 -22.21 51.07
N PHE N 273 -16.19 -21.76 52.32
CA PHE N 273 -15.79 -20.39 52.57
C PHE N 273 -14.29 -20.19 52.42
N ALA N 274 -13.50 -21.24 52.67
CA ALA N 274 -12.06 -21.09 52.55
C ALA N 274 -11.58 -21.06 51.11
N LYS N 275 -12.45 -21.35 50.15
CA LYS N 275 -12.10 -21.38 48.75
C LYS N 275 -12.67 -20.20 47.98
N TYR N 276 -13.93 -19.85 48.21
CA TYR N 276 -14.60 -18.83 47.42
C TYR N 276 -15.05 -17.62 48.23
N ARG N 277 -14.85 -17.63 49.55
CA ARG N 277 -15.28 -16.59 50.49
C ARG N 277 -16.79 -16.35 50.46
N TRP N 278 -17.54 -17.39 50.13
CA TRP N 278 -18.98 -17.42 50.27
C TRP N 278 -19.36 -18.83 50.65
N CYS N 279 -20.66 -19.08 50.78
CA CYS N 279 -21.15 -20.44 51.01
C CYS N 279 -22.53 -20.68 50.39
N PRO N 280 -22.62 -20.83 49.06
CA PRO N 280 -23.73 -21.62 48.53
C PRO N 280 -23.30 -23.03 48.16
N ASN N 281 -22.00 -23.31 48.22
CA ASN N 281 -21.43 -24.53 47.65
C ASN N 281 -21.36 -25.60 48.74
N ILE N 282 -22.51 -26.23 49.01
CA ILE N 282 -22.57 -27.27 50.03
C ILE N 282 -23.33 -28.51 49.57
N ILE N 283 -23.78 -28.57 48.32
CA ILE N 283 -24.64 -29.68 47.93
C ILE N 283 -24.07 -30.48 46.76
N GLY N 284 -22.76 -30.53 46.61
CA GLY N 284 -22.18 -31.21 45.47
C GLY N 284 -21.22 -32.33 45.79
N PRO N 285 -21.47 -33.52 45.25
CA PRO N 285 -20.48 -34.60 45.35
C PRO N 285 -19.21 -34.31 44.60
N GLN N 286 -19.26 -33.45 43.58
CA GLN N 286 -18.06 -32.90 42.97
C GLN N 286 -18.06 -31.38 43.02
N SER N 287 -18.88 -30.78 43.89
CA SER N 287 -19.01 -29.34 43.90
C SER N 287 -19.13 -28.78 45.31
N GLY N 288 -18.56 -29.46 46.30
CA GLY N 288 -18.43 -28.92 47.62
C GLY N 288 -19.39 -29.44 48.67
N GLY N 289 -19.99 -30.61 48.48
CA GLY N 289 -20.79 -31.20 49.51
C GLY N 289 -20.32 -32.61 49.79
N ALA N 290 -19.07 -32.89 49.46
CA ALA N 290 -18.49 -34.23 49.57
C ALA N 290 -17.65 -34.32 50.83
N VAL N 291 -18.19 -34.98 51.86
CA VAL N 291 -17.43 -35.24 53.08
C VAL N 291 -16.45 -36.36 52.76
N GLU N 292 -15.20 -36.01 52.52
CA GLU N 292 -14.18 -36.98 52.15
C GLU N 292 -13.39 -37.41 53.38
N ASP N 293 -12.56 -38.43 53.18
CA ASP N 293 -11.62 -38.98 54.17
C ASP N 293 -12.37 -39.47 55.42
N LEU N 294 -13.38 -40.28 55.19
CA LEU N 294 -14.06 -40.90 56.33
C LEU N 294 -13.25 -42.09 56.84
N PRO N 295 -13.38 -42.42 58.12
CA PRO N 295 -12.76 -43.64 58.62
C PRO N 295 -13.49 -44.88 58.12
N VAL N 296 -12.73 -45.89 57.73
CA VAL N 296 -13.29 -47.17 57.34
C VAL N 296 -12.68 -48.26 58.20
N HIS N 297 -13.42 -49.36 58.34
CA HIS N 297 -13.00 -50.48 59.18
C HIS N 297 -13.32 -51.76 58.41
N VAL N 298 -12.31 -52.31 57.75
CA VAL N 298 -12.47 -53.54 56.99
C VAL N 298 -12.45 -54.71 57.97
N PHE N 299 -13.58 -55.39 58.10
CA PHE N 299 -13.68 -56.55 58.97
C PHE N 299 -14.21 -57.73 58.16
N GLU N 300 -14.20 -58.89 58.78
CA GLU N 300 -14.65 -60.13 58.14
C GLU N 300 -16.14 -60.31 58.37
N SER N 301 -16.89 -60.40 57.28
CA SER N 301 -18.31 -60.69 57.33
C SER N 301 -18.52 -62.19 57.32
N MET N 302 -19.75 -62.64 57.04
CA MET N 302 -20.07 -64.06 56.95
C MET N 302 -19.51 -64.62 55.64
N GLY N 303 -18.20 -64.82 55.63
CA GLY N 303 -17.49 -65.38 54.49
C GLY N 303 -16.68 -64.38 53.70
N ALA N 304 -17.23 -63.19 53.47
CA ALA N 304 -16.60 -62.19 52.61
C ALA N 304 -15.80 -61.19 53.44
N LEU N 305 -15.11 -60.31 52.73
CA LEU N 305 -14.33 -59.23 53.33
C LEU N 305 -15.01 -57.92 52.94
N GLN N 306 -15.77 -57.35 53.86
CA GLN N 306 -16.49 -56.11 53.60
C GLN N 306 -15.93 -55.00 54.49
N SER N 307 -16.50 -53.81 54.34
CA SER N 307 -16.11 -52.65 55.10
C SER N 307 -17.29 -52.14 55.90
N LYS N 308 -17.04 -51.69 57.12
CA LYS N 308 -18.07 -51.04 57.91
C LYS N 308 -18.43 -49.70 57.30
N ILE N 309 -19.72 -49.47 57.11
CA ILE N 309 -20.18 -48.24 56.44
C ILE N 309 -19.96 -47.05 57.36
N PRO N 310 -19.28 -46.00 56.90
CA PRO N 310 -18.95 -44.89 57.80
C PRO N 310 -20.14 -44.05 58.22
N THR N 311 -21.22 -44.04 57.45
CA THR N 311 -22.51 -43.60 57.96
C THR N 311 -23.32 -44.85 58.23
N GLU N 312 -24.19 -44.81 59.25
CA GLU N 312 -24.74 -46.05 59.79
C GLU N 312 -25.77 -46.70 58.89
N VAL N 313 -26.30 -45.99 57.91
CA VAL N 313 -27.17 -46.59 56.91
C VAL N 313 -26.67 -46.18 55.53
N LEU N 314 -27.04 -46.98 54.54
CA LEU N 314 -26.82 -46.63 53.14
C LEU N 314 -28.09 -45.97 52.65
N ILE N 315 -28.07 -44.64 52.57
CA ILE N 315 -29.24 -43.89 52.14
C ILE N 315 -29.35 -44.01 50.63
N THR N 316 -30.48 -44.53 50.16
CA THR N 316 -30.71 -44.64 48.74
C THR N 316 -31.06 -43.27 48.16
N ASP N 317 -31.23 -43.23 46.84
CA ASP N 317 -31.55 -41.95 46.23
C ASP N 317 -33.01 -41.58 46.42
N ARG N 318 -33.90 -42.56 46.50
CA ARG N 318 -35.30 -42.26 46.76
C ARG N 318 -35.53 -41.89 48.21
N LYS N 319 -34.79 -42.54 49.13
CA LYS N 319 -34.90 -42.20 50.54
C LYS N 319 -34.34 -40.80 50.80
N GLU N 320 -33.30 -40.41 50.06
CA GLU N 320 -32.74 -39.08 50.27
C GLU N 320 -33.63 -38.01 49.67
N PHE N 321 -34.26 -38.31 48.54
CA PHE N 321 -35.21 -37.35 47.96
C PHE N 321 -36.45 -37.23 48.83
N GLU N 322 -36.85 -38.29 49.52
CA GLU N 322 -37.99 -38.18 50.41
C GLU N 322 -37.60 -37.46 51.70
N LEU N 323 -36.34 -37.55 52.11
CA LEU N 323 -35.86 -36.70 53.20
C LEU N 323 -35.67 -35.26 52.74
N ALA N 324 -35.40 -35.03 51.45
CA ALA N 324 -35.21 -33.68 50.97
C ALA N 324 -36.52 -32.92 50.92
N GLU N 325 -37.61 -33.60 50.58
CA GLU N 325 -38.91 -32.95 50.57
C GLU N 325 -39.42 -32.70 51.99
N GLU N 326 -39.03 -33.54 52.94
CA GLU N 326 -39.47 -33.42 54.31
C GLU N 326 -38.50 -32.64 55.19
N GLY N 327 -37.56 -31.92 54.60
CA GLY N 327 -36.71 -31.02 55.35
C GLY N 327 -35.61 -31.68 56.15
N PHE N 328 -34.70 -32.36 55.47
CA PHE N 328 -33.56 -33.00 56.13
C PHE N 328 -32.34 -32.90 55.23
N ILE N 329 -31.18 -32.74 55.85
CA ILE N 329 -29.92 -32.69 55.13
C ILE N 329 -29.28 -34.06 55.30
N ALA N 330 -29.57 -34.96 54.39
CA ALA N 330 -29.09 -36.33 54.50
C ALA N 330 -27.73 -36.48 53.84
N LEU N 331 -26.99 -37.49 54.29
CA LEU N 331 -25.63 -37.77 53.82
C LEU N 331 -25.59 -39.17 53.24
N THR N 332 -25.73 -39.29 51.94
CA THR N 332 -25.53 -40.57 51.29
C THR N 332 -24.04 -40.90 51.24
N MET N 333 -23.73 -42.18 51.43
CA MET N 333 -22.35 -42.61 51.53
C MET N 333 -21.98 -43.31 50.23
N ARG N 334 -20.77 -43.05 49.75
CA ARG N 334 -20.28 -43.66 48.51
C ARG N 334 -19.93 -45.10 48.81
N LYS N 335 -20.85 -46.01 48.48
CA LYS N 335 -20.79 -47.41 48.92
C LYS N 335 -19.56 -48.13 48.38
N GLY N 336 -18.63 -48.44 49.28
CA GLY N 336 -17.41 -49.12 48.90
C GLY N 336 -16.16 -48.30 49.06
N SER N 337 -16.25 -47.08 49.61
CA SER N 337 -15.08 -46.25 49.77
C SER N 337 -15.26 -45.40 51.02
N ASP N 338 -14.41 -44.40 51.17
CA ASP N 338 -14.36 -43.54 52.35
C ASP N 338 -14.86 -42.14 52.05
N ASN N 339 -15.85 -42.03 51.18
CA ASN N 339 -16.41 -40.74 50.81
C ASN N 339 -17.91 -40.72 51.06
N ALA N 340 -18.46 -39.52 51.07
CA ALA N 340 -19.89 -39.34 51.21
C ALA N 340 -20.26 -38.07 50.45
N ALA N 341 -21.55 -37.72 50.48
CA ALA N 341 -21.99 -36.57 49.72
C ALA N 341 -23.30 -36.05 50.27
N PHE N 342 -23.44 -34.74 50.30
CA PHE N 342 -24.74 -34.10 50.45
C PHE N 342 -25.30 -33.81 49.07
N PHE N 343 -26.62 -33.76 48.98
CA PHE N 343 -27.27 -33.48 47.72
C PHE N 343 -28.24 -32.31 47.77
N SER N 344 -28.78 -32.00 48.94
CA SER N 344 -29.75 -30.92 49.08
C SER N 344 -29.73 -30.47 50.52
N ALA N 345 -29.49 -29.18 50.75
CA ALA N 345 -29.35 -28.66 52.10
C ALA N 345 -30.61 -27.98 52.59
N ASN N 346 -31.78 -28.52 52.22
CA ASN N 346 -33.06 -27.89 52.51
C ASN N 346 -33.32 -27.76 54.01
N SER N 347 -33.70 -26.56 54.43
CA SER N 347 -34.09 -26.34 55.80
C SER N 347 -35.47 -26.93 56.02
N ILE N 348 -35.90 -26.94 57.30
CA ILE N 348 -37.14 -27.62 57.66
C ILE N 348 -38.39 -26.86 57.24
N GLN N 349 -38.26 -25.70 56.62
CA GLN N 349 -39.43 -24.90 56.30
C GLN N 349 -40.16 -25.51 55.11
N LYS N 350 -41.49 -25.41 55.12
CA LYS N 350 -42.23 -26.01 54.02
C LYS N 350 -42.58 -24.96 52.98
N PRO N 351 -42.48 -25.29 51.69
CA PRO N 351 -42.91 -24.36 50.66
C PRO N 351 -44.41 -24.19 50.68
N LYS N 352 -44.88 -23.01 51.06
CA LYS N 352 -46.31 -22.79 51.25
C LYS N 352 -47.00 -22.69 49.90
N VAL N 353 -48.08 -23.45 49.74
CA VAL N 353 -48.82 -23.44 48.49
C VAL N 353 -49.64 -22.17 48.41
N PHE N 354 -49.36 -21.38 47.44
CA PHE N 354 -50.02 -20.13 47.13
C PHE N 354 -51.07 -20.34 46.05
N PRO N 355 -52.13 -19.54 46.03
CA PRO N 355 -53.21 -19.77 45.05
C PRO N 355 -52.78 -19.49 43.62
N ASN N 356 -53.55 -20.03 42.69
CA ASN N 356 -53.15 -20.08 41.29
C ASN N 356 -53.44 -18.78 40.54
N THR N 357 -52.95 -17.66 41.06
CA THR N 357 -53.02 -16.41 40.35
C THR N 357 -51.73 -16.20 39.56
N LYS N 358 -51.57 -15.01 38.99
CA LYS N 358 -50.31 -14.69 38.33
C LYS N 358 -49.22 -14.43 39.37
N GLU N 359 -49.54 -13.68 40.42
CA GLU N 359 -48.59 -13.44 41.48
C GLU N 359 -48.43 -14.63 42.41
N GLY N 360 -49.46 -15.43 42.57
CA GLY N 360 -49.38 -16.57 43.47
C GLY N 360 -48.52 -17.68 42.93
N LYS N 361 -48.61 -17.94 41.61
CA LYS N 361 -47.71 -18.89 40.98
C LYS N 361 -46.29 -18.35 40.91
N GLU N 362 -46.14 -17.03 40.95
CA GLU N 362 -44.81 -16.44 41.00
C GLU N 362 -44.23 -16.49 42.41
N ALA N 363 -45.00 -16.01 43.40
CA ALA N 363 -44.48 -15.93 44.76
C ALA N 363 -44.29 -17.29 45.40
N GLU N 364 -44.92 -18.33 44.88
CA GLU N 364 -44.63 -19.68 45.34
C GLU N 364 -43.21 -20.09 44.98
N THR N 365 -42.76 -19.72 43.78
CA THR N 365 -41.38 -19.98 43.41
C THR N 365 -40.44 -19.02 44.10
N ASN N 366 -40.95 -17.85 44.51
CA ASN N 366 -40.14 -16.92 45.28
C ASN N 366 -39.96 -17.41 46.71
N TYR N 367 -41.02 -17.89 47.33
CA TYR N 367 -40.94 -18.39 48.69
C TYR N 367 -40.20 -19.72 48.76
N LYS N 368 -40.14 -20.46 47.66
CA LYS N 368 -39.41 -21.71 47.64
C LYS N 368 -37.91 -21.49 47.75
N LEU N 369 -37.42 -20.37 47.22
CA LEU N 369 -35.98 -20.09 47.30
C LEU N 369 -35.54 -19.72 48.70
N GLY N 370 -36.45 -19.31 49.56
CA GLY N 370 -36.08 -18.99 50.92
C GLY N 370 -35.72 -20.22 51.74
N THR N 371 -36.39 -21.33 51.50
CA THR N 371 -36.28 -22.48 52.38
C THR N 371 -35.04 -23.31 52.14
N GLN N 372 -34.32 -23.10 51.03
CA GLN N 372 -33.44 -24.15 50.56
C GLN N 372 -32.09 -24.18 51.27
N LEU N 373 -31.63 -23.05 51.80
CA LEU N 373 -30.42 -22.89 52.60
C LEU N 373 -29.11 -23.32 51.90
N PRO N 374 -28.90 -22.99 50.62
CA PRO N 374 -27.59 -22.40 50.40
C PRO N 374 -27.79 -20.93 50.15
N TYR N 375 -29.03 -20.55 49.84
CA TYR N 375 -29.36 -19.20 49.47
C TYR N 375 -29.54 -18.30 50.67
N MET N 376 -29.87 -18.86 51.83
CA MET N 376 -29.80 -18.06 53.04
C MET N 376 -28.37 -17.65 53.34
N MET N 377 -27.42 -18.52 53.06
CA MET N 377 -26.06 -18.22 53.44
C MET N 377 -25.41 -17.21 52.51
N ILE N 378 -26.02 -16.91 51.35
CA ILE N 378 -25.52 -15.78 50.56
C ILE N 378 -26.27 -14.50 50.87
N ILE N 379 -27.26 -14.53 51.76
CA ILE N 379 -27.86 -13.31 52.27
C ILE N 379 -27.70 -13.14 53.77
N ASN N 380 -27.34 -14.20 54.50
CA ASN N 380 -26.86 -13.99 55.85
C ASN N 380 -25.57 -13.21 55.83
N ARG N 381 -24.70 -13.48 54.85
CA ARG N 381 -23.53 -12.65 54.65
C ARG N 381 -23.90 -11.26 54.17
N LEU N 382 -25.02 -11.12 53.47
CA LEU N 382 -25.55 -9.80 53.19
C LEU N 382 -26.41 -9.26 54.32
N ALA N 383 -26.34 -9.86 55.50
CA ALA N 383 -26.77 -9.21 56.71
C ALA N 383 -25.62 -9.02 57.67
N HIS N 384 -24.51 -9.74 57.46
CA HIS N 384 -23.38 -9.52 58.34
C HIS N 384 -22.42 -8.48 57.80
N TYR N 385 -22.20 -8.44 56.48
CA TYR N 385 -21.41 -7.36 55.91
C TYR N 385 -22.09 -6.02 56.07
N VAL N 386 -23.41 -5.97 55.83
CA VAL N 386 -24.05 -4.69 55.68
C VAL N 386 -24.35 -4.09 57.05
N LYS N 387 -24.48 -4.95 58.07
CA LYS N 387 -24.54 -4.48 59.45
C LYS N 387 -23.23 -3.87 59.88
N VAL N 388 -22.11 -4.48 59.49
CA VAL N 388 -20.80 -3.96 59.86
C VAL N 388 -20.47 -2.71 59.04
N LEU N 389 -20.81 -2.72 57.75
CA LEU N 389 -20.37 -1.65 56.86
C LEU N 389 -21.13 -0.35 57.12
N GLN N 390 -22.41 -0.45 57.48
CA GLN N 390 -23.19 0.70 57.85
C GLN N 390 -23.21 0.95 59.35
N ARG N 391 -22.28 0.36 60.09
CA ARG N 391 -22.08 0.73 61.47
C ARG N 391 -20.98 1.76 61.61
N GLU N 392 -19.94 1.67 60.78
CA GLU N 392 -18.88 2.66 60.74
C GLU N 392 -19.38 4.01 60.29
N GLN N 393 -20.44 4.04 59.50
CA GLN N 393 -20.87 5.26 58.85
C GLN N 393 -21.66 6.18 59.75
N ILE N 394 -22.07 5.76 60.95
CA ILE N 394 -22.94 6.56 61.80
C ILE N 394 -22.21 7.81 62.26
N GLY N 395 -22.79 8.97 61.97
CA GLY N 395 -22.14 10.22 62.26
C GLY N 395 -21.52 10.89 61.06
N ALA N 396 -21.65 10.33 59.87
CA ALA N 396 -21.02 10.92 58.70
C ALA N 396 -21.84 12.08 58.17
N TRP N 397 -21.46 12.53 56.98
CA TRP N 397 -22.20 13.55 56.27
C TRP N 397 -22.67 12.93 54.97
N LYS N 398 -23.90 12.43 54.97
CA LYS N 398 -24.34 11.56 53.89
C LYS N 398 -25.63 12.17 53.34
N GLU N 399 -26.20 11.54 52.32
CA GLU N 399 -27.51 11.88 51.81
C GLU N 399 -28.22 10.60 51.44
N ARG N 400 -29.49 10.73 51.03
CA ARG N 400 -30.19 9.58 50.48
C ARG N 400 -29.58 9.14 49.16
N GLN N 401 -29.22 10.11 48.32
CA GLN N 401 -28.50 9.80 47.09
C GLN N 401 -27.12 9.25 47.38
N ASP N 402 -26.49 9.67 48.48
CA ASP N 402 -25.22 9.09 48.87
C ASP N 402 -25.43 7.72 49.50
N LEU N 403 -26.58 7.49 50.12
CA LEU N 403 -26.84 6.16 50.67
C LEU N 403 -27.14 5.17 49.56
N GLU N 404 -27.81 5.60 48.48
CA GLU N 404 -28.04 4.73 47.34
C GLU N 404 -26.75 4.32 46.67
N ARG N 405 -25.75 5.19 46.68
CA ARG N 405 -24.51 4.97 45.96
C ARG N 405 -23.49 4.16 46.73
N GLU N 406 -23.42 4.35 48.05
CA GLU N 406 -22.50 3.55 48.85
C GLU N 406 -22.94 2.11 48.99
N LEU N 407 -24.18 1.78 48.61
CA LEU N 407 -24.63 0.39 48.56
C LEU N 407 -24.64 -0.19 47.16
N ASN N 408 -25.00 0.60 46.15
CA ASN N 408 -25.02 0.07 44.79
C ASN N 408 -23.62 -0.15 44.24
N SER N 409 -22.69 0.76 44.55
CA SER N 409 -21.32 0.54 44.14
C SER N 409 -20.63 -0.48 45.01
N TRP N 410 -21.24 -0.87 46.13
CA TRP N 410 -20.68 -1.91 46.97
C TRP N 410 -21.10 -3.30 46.55
N ILE N 411 -22.40 -3.54 46.35
CA ILE N 411 -22.84 -4.90 46.08
C ILE N 411 -22.63 -5.30 44.64
N LYS N 412 -22.33 -4.35 43.75
CA LYS N 412 -22.05 -4.71 42.37
C LYS N 412 -20.61 -5.14 42.15
N GLN N 413 -19.90 -5.51 43.20
CA GLN N 413 -18.75 -6.38 43.08
C GLN N 413 -19.10 -7.81 43.46
N TYR N 414 -20.33 -8.05 43.89
CA TYR N 414 -20.84 -9.38 44.15
C TYR N 414 -21.83 -9.84 43.09
N VAL N 415 -22.13 -8.99 42.13
CA VAL N 415 -23.15 -9.24 41.14
C VAL N 415 -22.47 -9.47 39.80
N ALA N 416 -22.71 -10.62 39.19
CA ALA N 416 -22.24 -10.90 37.84
C ALA N 416 -23.48 -11.19 37.00
N ASP N 417 -24.09 -10.12 36.50
CA ASP N 417 -25.35 -10.23 35.76
C ASP N 417 -25.03 -10.73 34.36
N GLN N 418 -24.94 -12.05 34.25
CA GLN N 418 -24.36 -12.68 33.07
C GLN N 418 -24.93 -14.08 32.98
N GLU N 419 -25.28 -14.50 31.77
CA GLU N 419 -26.01 -15.75 31.61
C GLU N 419 -25.12 -16.96 31.84
N ASN N 420 -23.89 -16.92 31.34
CA ASN N 420 -22.93 -18.02 31.52
C ASN N 420 -21.54 -17.46 31.80
N PRO N 421 -21.28 -17.04 33.03
CA PRO N 421 -19.92 -16.67 33.40
C PRO N 421 -19.11 -17.92 33.70
N PRO N 422 -17.79 -17.83 33.80
CA PRO N 422 -16.99 -19.01 34.18
C PRO N 422 -17.29 -19.48 35.59
N ALA N 423 -16.76 -20.66 35.92
CA ALA N 423 -17.07 -21.32 37.17
C ALA N 423 -16.47 -20.63 38.39
N ASP N 424 -15.54 -19.70 38.19
CA ASP N 424 -15.01 -18.92 39.31
C ASP N 424 -15.77 -17.63 39.51
N VAL N 425 -16.33 -17.05 38.45
CA VAL N 425 -17.09 -15.82 38.58
C VAL N 425 -18.45 -16.11 39.22
N ARG N 426 -18.95 -17.34 39.08
CA ARG N 426 -20.22 -17.70 39.67
C ARG N 426 -20.15 -17.80 41.18
N SER N 427 -19.01 -18.22 41.72
CA SER N 427 -18.93 -18.45 43.15
C SER N 427 -18.23 -17.33 43.91
N ARG N 428 -17.32 -16.59 43.28
CA ARG N 428 -16.84 -15.36 43.89
C ARG N 428 -17.92 -14.30 43.91
N ARG N 429 -18.79 -14.28 42.91
CA ARG N 429 -19.90 -13.34 42.82
C ARG N 429 -21.19 -14.15 42.80
N PRO N 430 -21.69 -14.55 43.97
CA PRO N 430 -22.80 -15.52 44.00
C PRO N 430 -24.13 -14.92 43.63
N LEU N 431 -24.28 -13.61 43.68
CA LEU N 431 -25.53 -12.99 43.29
C LEU N 431 -25.57 -12.90 41.78
N ARG N 432 -26.74 -12.53 41.26
CA ARG N 432 -26.94 -12.33 39.84
C ARG N 432 -27.55 -10.98 39.51
N ALA N 433 -28.44 -10.47 40.35
CA ALA N 433 -28.94 -9.12 40.20
C ALA N 433 -29.39 -8.61 41.56
N ALA N 434 -29.28 -7.31 41.76
CA ALA N 434 -29.58 -6.73 43.07
C ALA N 434 -30.20 -5.36 42.88
N ARG N 435 -31.35 -5.15 43.51
CA ARG N 435 -32.10 -3.91 43.43
C ARG N 435 -32.07 -3.25 44.80
N ILE N 436 -31.77 -1.96 44.85
CA ILE N 436 -31.74 -1.21 46.10
C ILE N 436 -32.58 0.04 45.94
N GLU N 437 -33.64 0.14 46.73
CA GLU N 437 -34.59 1.25 46.63
C GLU N 437 -34.63 1.93 47.99
N VAL N 438 -33.89 3.02 48.13
CA VAL N 438 -33.82 3.75 49.39
C VAL N 438 -34.98 4.73 49.46
N MET N 439 -35.75 4.68 50.53
CA MET N 439 -36.88 5.57 50.78
C MET N 439 -36.59 6.36 52.05
N ASP N 440 -37.56 7.14 52.48
CA ASP N 440 -37.42 7.96 53.68
C ASP N 440 -38.36 7.49 54.78
N VAL N 441 -38.26 8.13 55.92
CA VAL N 441 -39.25 8.03 56.98
C VAL N 441 -39.66 9.44 57.35
N GLU N 442 -40.93 9.76 57.15
CA GLU N 442 -41.44 11.08 57.49
C GLU N 442 -41.72 11.17 58.99
N GLY N 443 -41.85 12.40 59.46
CA GLY N 443 -42.04 12.63 60.88
C GLY N 443 -40.72 12.84 61.60
N ASN N 444 -39.88 11.80 61.60
CA ASN N 444 -38.50 11.91 62.05
C ASN N 444 -37.62 11.78 60.82
N PRO N 445 -37.18 12.88 60.23
CA PRO N 445 -36.50 12.80 58.94
C PRO N 445 -35.06 12.34 59.10
N GLY N 446 -34.64 11.49 58.17
CA GLY N 446 -33.32 10.89 58.20
C GLY N 446 -33.29 9.47 58.73
N TRP N 447 -34.23 8.65 58.26
CA TRP N 447 -34.32 7.25 58.64
C TRP N 447 -34.77 6.54 57.37
N TYR N 448 -34.06 5.49 56.97
CA TYR N 448 -34.03 5.09 55.56
C TYR N 448 -34.45 3.65 55.36
N GLN N 449 -35.64 3.46 54.80
CA GLN N 449 -36.17 2.12 54.58
C GLN N 449 -35.72 1.66 53.21
N VAL N 450 -34.56 1.02 53.12
CA VAL N 450 -34.04 0.62 51.82
C VAL N 450 -34.42 -0.83 51.63
N SER N 451 -34.50 -1.27 50.38
CA SER N 451 -34.96 -2.64 50.09
C SER N 451 -33.98 -3.34 49.18
N LEU N 452 -32.95 -3.96 49.78
CA LEU N 452 -32.00 -4.73 49.00
C LEU N 452 -32.62 -6.04 48.55
N SER N 453 -32.70 -6.23 47.23
CA SER N 453 -33.43 -7.35 46.61
C SER N 453 -32.47 -8.14 45.73
N VAL N 454 -31.73 -9.06 46.34
CA VAL N 454 -30.73 -9.83 45.61
C VAL N 454 -31.37 -11.01 44.89
N ARG N 455 -30.61 -11.68 44.04
CA ARG N 455 -31.11 -12.78 43.25
C ARG N 455 -29.94 -13.69 42.94
N PRO N 456 -30.06 -14.99 43.16
CA PRO N 456 -28.91 -15.88 43.05
C PRO N 456 -28.83 -16.59 41.70
N HIS N 457 -27.75 -17.33 41.48
CA HIS N 457 -27.72 -18.27 40.38
C HIS N 457 -28.36 -19.58 40.82
N PHE N 458 -28.58 -20.46 39.83
CA PHE N 458 -29.37 -21.67 40.05
C PHE N 458 -28.57 -22.91 39.69
N LYS N 459 -28.51 -23.86 40.62
CA LYS N 459 -27.72 -25.07 40.50
C LYS N 459 -28.45 -26.15 39.73
N TYR N 460 -27.96 -27.38 39.82
CA TYR N 460 -28.32 -28.49 38.96
C TYR N 460 -29.00 -29.57 39.79
N MET N 461 -30.28 -29.85 39.52
CA MET N 461 -31.01 -30.84 40.32
C MET N 461 -32.13 -31.48 39.50
N GLY N 462 -31.93 -32.73 39.11
CA GLY N 462 -32.93 -33.52 38.42
C GLY N 462 -33.15 -33.26 36.94
N ALA N 463 -33.40 -34.32 36.17
CA ALA N 463 -33.71 -34.23 34.75
C ALA N 463 -34.57 -35.44 34.39
N ASN N 464 -34.71 -35.75 33.09
CA ASN N 464 -35.58 -36.88 32.77
C ASN N 464 -34.97 -37.96 31.89
N PHE N 465 -34.26 -37.61 30.82
CA PHE N 465 -33.48 -38.54 29.97
C PHE N 465 -34.35 -39.66 29.38
N GLU N 466 -35.34 -39.26 28.59
CA GLU N 466 -36.36 -40.19 28.08
C GLU N 466 -35.89 -40.88 26.81
N LEU N 467 -35.17 -42.00 26.97
CA LEU N 467 -34.52 -42.70 25.87
C LEU N 467 -35.53 -43.34 24.93
N SER N 468 -35.03 -43.66 23.73
CA SER N 468 -35.76 -44.24 22.61
C SER N 468 -34.73 -44.65 21.58
N LEU N 469 -35.16 -45.34 20.53
CA LEU N 469 -34.32 -45.40 19.35
C LEU N 469 -35.07 -44.83 18.15
N VAL N 470 -34.30 -44.22 17.25
CA VAL N 470 -34.84 -43.65 16.02
C VAL N 470 -34.67 -44.62 14.85
N GLY N 471 -33.50 -45.23 14.74
CA GLY N 471 -33.24 -46.21 13.71
C GLY N 471 -32.50 -45.67 12.50
N ARG N 472 -32.86 -44.47 12.03
CA ARG N 472 -32.18 -43.83 10.92
C ARG N 472 -31.32 -42.66 11.36
N LEU N 473 -31.84 -41.77 12.19
CA LEU N 473 -31.10 -40.60 12.63
C LEU N 473 -30.19 -40.94 13.80
N SER O 1 21.42 15.12 75.10
CA SER O 1 20.43 15.20 74.03
C SER O 1 20.47 16.58 73.37
N LYS O 2 21.66 16.99 72.93
CA LYS O 2 21.85 18.27 72.26
C LYS O 2 22.75 18.07 71.06
N GLU O 3 22.29 18.48 69.89
CA GLU O 3 23.13 18.47 68.70
C GLU O 3 24.23 19.50 68.83
N GLY O 4 25.46 19.11 68.52
CA GLY O 4 26.55 20.05 68.47
C GLY O 4 26.36 20.97 67.28
N SER O 5 26.22 22.28 67.54
CA SER O 5 26.08 23.28 66.49
C SER O 5 27.14 24.34 66.66
N VAL O 6 27.18 25.26 65.71
CA VAL O 6 28.15 26.33 65.69
C VAL O 6 27.46 27.61 66.14
N ALA O 7 28.25 28.65 66.30
CA ALA O 7 27.67 29.95 66.57
C ALA O 7 26.94 30.47 65.34
N PRO O 8 25.75 31.04 65.49
CA PRO O 8 25.01 31.55 64.32
C PRO O 8 25.67 32.80 63.76
N LYS O 9 25.40 33.05 62.49
CA LYS O 9 26.17 34.04 61.74
C LYS O 9 25.49 34.35 60.39
N GLU O 10 26.12 35.26 59.62
CA GLU O 10 25.70 35.61 58.27
C GLU O 10 26.04 34.49 57.30
N ARG O 11 26.91 33.62 57.71
CA ARG O 11 27.05 32.40 56.98
C ARG O 11 25.95 31.47 57.42
N ILE O 12 25.81 30.38 56.71
CA ILE O 12 24.64 29.55 56.84
C ILE O 12 24.96 28.41 57.80
N ASN O 13 24.00 28.04 58.63
CA ASN O 13 24.32 27.10 59.71
C ASN O 13 23.51 25.81 59.62
N ILE O 14 24.03 24.88 58.83
CA ILE O 14 23.42 23.57 58.62
C ILE O 14 23.56 22.73 59.88
N LYS O 15 22.45 22.16 60.35
CA LYS O 15 22.47 21.18 61.42
C LYS O 15 21.57 20.01 61.07
N TYR O 16 21.80 18.85 61.69
CA TYR O 16 21.03 17.63 61.39
C TYR O 16 20.23 17.23 62.62
N ILE O 17 18.91 17.39 62.55
CA ILE O 17 18.02 16.90 63.59
C ILE O 17 16.87 16.16 62.91
N PRO O 18 16.70 14.86 63.12
CA PRO O 18 15.69 14.10 62.39
C PRO O 18 14.28 14.45 62.82
N ALA O 19 13.34 14.35 61.89
CA ALA O 19 12.03 14.93 62.06
C ALA O 19 11.02 13.89 62.55
N THR O 20 9.86 14.41 62.98
CA THR O 20 8.86 13.59 63.66
C THR O 20 8.21 12.60 62.70
N GLY O 21 8.04 12.98 61.45
CA GLY O 21 7.47 12.06 60.48
C GLY O 21 6.00 12.31 60.25
N ASP O 22 5.52 11.89 59.09
CA ASP O 22 4.11 11.98 58.73
C ASP O 22 3.66 10.58 58.33
N ALA O 23 2.74 10.01 59.11
CA ALA O 23 2.25 8.66 58.84
C ALA O 23 1.04 8.63 57.92
N GLN O 24 0.01 9.41 58.24
CA GLN O 24 -1.26 9.47 57.50
C GLN O 24 -1.89 8.08 57.41
N ALA O 25 -2.34 7.62 58.59
CA ALA O 25 -2.73 6.24 58.92
C ALA O 25 -3.60 5.59 57.86
N GLU O 26 -3.09 4.51 57.28
CA GLU O 26 -3.64 3.97 56.05
C GLU O 26 -4.89 3.16 56.30
N VAL O 27 -5.84 3.24 55.37
CA VAL O 27 -7.09 2.52 55.49
C VAL O 27 -6.87 1.04 55.22
N ALA O 28 -7.61 0.20 55.92
CA ALA O 28 -7.52 -1.25 55.74
C ALA O 28 -8.88 -1.84 56.10
N GLU O 29 -9.70 -2.09 55.09
CA GLU O 29 -11.00 -2.73 55.31
C GLU O 29 -10.77 -4.23 55.45
N VAL O 30 -10.59 -4.67 56.69
CA VAL O 30 -10.51 -6.10 56.95
C VAL O 30 -11.90 -6.70 56.80
N GLU O 31 -11.94 -7.97 56.44
CA GLU O 31 -13.21 -8.62 56.16
C GLU O 31 -13.67 -9.42 57.37
N LEU O 32 -14.87 -9.97 57.28
CA LEU O 32 -15.44 -10.74 58.37
C LEU O 32 -15.15 -12.21 58.14
N PRO O 33 -14.46 -12.87 59.05
CA PRO O 33 -14.31 -14.31 58.93
C PRO O 33 -15.60 -15.02 59.27
N LEU O 34 -15.81 -16.17 58.63
CA LEU O 34 -17.00 -16.97 58.86
C LEU O 34 -16.90 -17.63 60.22
N LYS O 35 -17.35 -16.96 61.27
CA LYS O 35 -17.24 -17.50 62.60
C LYS O 35 -18.45 -18.38 62.92
N THR O 36 -18.18 -19.60 63.35
CA THR O 36 -19.20 -20.52 63.79
C THR O 36 -19.10 -20.73 65.29
N LEU O 37 -20.22 -21.06 65.91
CA LEU O 37 -20.24 -21.32 67.34
C LEU O 37 -20.69 -22.76 67.53
N VAL O 38 -19.74 -23.62 67.87
CA VAL O 38 -20.06 -25.03 68.13
C VAL O 38 -20.59 -25.12 69.54
N VAL O 39 -21.85 -25.49 69.69
CA VAL O 39 -22.49 -25.55 70.99
C VAL O 39 -22.85 -27.01 71.27
N GLY O 40 -22.73 -27.42 72.51
CA GLY O 40 -22.99 -28.81 72.86
C GLY O 40 -22.16 -29.27 74.03
N ASP O 41 -22.58 -30.39 74.59
CA ASP O 41 -22.03 -30.95 75.82
C ASP O 41 -20.61 -31.42 75.59
N PHE O 42 -19.64 -30.75 76.21
CA PHE O 42 -18.24 -31.03 75.96
C PHE O 42 -17.51 -31.57 77.17
N LYS O 43 -18.15 -31.63 78.33
CA LYS O 43 -17.55 -32.19 79.55
C LYS O 43 -18.52 -33.19 80.15
N GLY O 44 -18.15 -33.74 81.30
CA GLY O 44 -18.88 -34.85 81.84
C GLY O 44 -19.81 -34.53 82.99
N HIS O 45 -20.32 -33.30 83.04
CA HIS O 45 -21.23 -32.89 84.11
C HIS O 45 -22.10 -31.75 83.62
N ALA O 46 -22.76 -31.09 84.55
CA ALA O 46 -23.53 -29.87 84.28
C ALA O 46 -23.03 -28.78 85.21
N GLU O 47 -22.47 -27.72 84.62
CA GLU O 47 -21.84 -26.66 85.40
C GLU O 47 -22.88 -25.82 86.13
N GLN O 48 -22.57 -25.44 87.37
CA GLN O 48 -23.53 -24.75 88.20
C GLN O 48 -23.66 -23.27 87.88
N THR O 49 -22.73 -22.69 87.11
CA THR O 49 -22.90 -21.28 86.77
C THR O 49 -23.98 -21.13 85.69
N PRO O 50 -24.77 -20.06 85.74
CA PRO O 50 -25.77 -19.83 84.70
C PRO O 50 -25.09 -19.48 83.38
N LEU O 51 -25.89 -19.53 82.32
CA LEU O 51 -25.33 -19.48 80.97
C LEU O 51 -24.77 -18.10 80.64
N GLU O 52 -25.38 -17.04 81.16
CA GLU O 52 -24.99 -15.68 80.79
C GLU O 52 -23.64 -15.25 81.37
N GLU O 53 -23.00 -16.06 82.20
CA GLU O 53 -21.72 -15.69 82.78
C GLU O 53 -20.56 -16.51 82.25
N ARG O 54 -20.80 -17.73 81.79
CA ARG O 54 -19.72 -18.54 81.26
C ARG O 54 -19.30 -18.04 79.89
N ALA O 55 -18.12 -18.45 79.45
CA ALA O 55 -17.48 -17.83 78.30
C ALA O 55 -17.37 -18.81 77.15
N THR O 56 -17.09 -18.26 75.96
CA THR O 56 -16.79 -19.02 74.77
C THR O 56 -15.30 -18.94 74.49
N VAL O 57 -14.69 -20.08 74.18
CA VAL O 57 -13.26 -20.13 73.92
C VAL O 57 -13.04 -20.35 72.42
N THR O 58 -12.03 -19.69 71.88
CA THR O 58 -11.70 -19.74 70.46
C THR O 58 -10.62 -20.79 70.24
N VAL O 59 -10.88 -21.71 69.32
CA VAL O 59 -10.02 -22.87 69.06
C VAL O 59 -9.54 -22.81 67.63
N ASP O 60 -8.23 -22.84 67.43
CA ASP O 60 -7.74 -23.20 66.09
C ASP O 60 -6.79 -24.37 66.21
N LYS O 61 -6.08 -24.69 65.11
CA LYS O 61 -5.25 -25.89 65.08
C LYS O 61 -4.07 -25.79 66.03
N ASN O 62 -3.59 -24.59 66.29
CA ASN O 62 -2.42 -24.44 67.14
C ASN O 62 -2.74 -24.49 68.62
N ASN O 63 -3.94 -24.05 69.02
CA ASN O 63 -4.26 -24.00 70.44
C ASN O 63 -5.25 -25.06 70.87
N PHE O 64 -5.45 -26.10 70.07
CA PHE O 64 -6.40 -27.13 70.47
C PHE O 64 -5.85 -27.97 71.62
N GLU O 65 -4.53 -28.08 71.72
CA GLU O 65 -3.93 -28.82 72.83
C GLU O 65 -3.98 -28.06 74.13
N ALA O 66 -4.12 -26.72 74.08
CA ALA O 66 -4.23 -25.91 75.27
C ALA O 66 -5.67 -25.73 75.72
N VAL O 67 -6.63 -25.77 74.80
CA VAL O 67 -8.03 -25.72 75.18
C VAL O 67 -8.44 -27.03 75.82
N MET O 68 -7.90 -28.15 75.34
CA MET O 68 -8.22 -29.44 75.93
C MET O 68 -7.61 -29.60 77.31
N ARG O 69 -6.43 -29.03 77.53
CA ARG O 69 -5.78 -29.17 78.83
C ARG O 69 -6.46 -28.34 79.90
N GLU O 70 -6.89 -27.12 79.57
CA GLU O 70 -7.50 -26.23 80.54
C GLU O 70 -8.98 -26.50 80.76
N SER O 71 -9.58 -27.40 79.98
CA SER O 71 -10.95 -27.78 80.25
C SER O 71 -11.05 -28.66 81.48
N GLU O 72 -10.02 -29.48 81.72
CA GLU O 72 -9.98 -30.53 82.75
C GLU O 72 -11.15 -31.50 82.59
N LEU O 73 -11.14 -32.22 81.48
CA LEU O 73 -12.10 -33.27 81.24
C LEU O 73 -11.80 -34.44 82.16
N LYS O 74 -12.47 -34.50 83.31
CA LYS O 74 -12.25 -35.53 84.31
C LYS O 74 -13.43 -36.49 84.25
N ILE O 75 -13.21 -37.66 83.67
CA ILE O 75 -14.27 -38.65 83.50
C ILE O 75 -14.11 -39.69 84.60
N THR O 76 -15.06 -39.71 85.52
CA THR O 76 -15.08 -40.66 86.64
C THR O 76 -16.32 -41.53 86.51
N ALA O 77 -16.13 -42.81 86.24
CA ALA O 77 -17.24 -43.72 86.07
C ALA O 77 -16.87 -45.10 86.62
N THR O 78 -17.89 -45.90 86.86
CA THR O 78 -17.71 -47.26 87.35
C THR O 78 -17.93 -48.22 86.18
N VAL O 79 -16.88 -48.97 85.83
CA VAL O 79 -16.93 -49.88 84.70
C VAL O 79 -16.74 -51.31 85.21
N LYS O 80 -16.92 -52.26 84.30
CA LYS O 80 -16.88 -53.67 84.65
C LYS O 80 -15.45 -54.14 84.87
N ASN O 81 -15.26 -54.99 85.87
CA ASN O 81 -13.96 -55.55 86.20
C ASN O 81 -13.77 -56.86 85.44
N LYS O 82 -12.87 -56.87 84.48
CA LYS O 82 -12.52 -58.07 83.73
C LYS O 82 -11.06 -58.47 83.94
N LEU O 83 -10.49 -58.11 85.09
CA LEU O 83 -9.12 -58.47 85.42
C LEU O 83 -9.03 -59.70 86.31
N THR O 84 -10.16 -60.26 86.73
CA THR O 84 -10.16 -61.46 87.56
C THR O 84 -11.22 -62.44 87.07
N ASP O 85 -11.48 -63.50 87.83
CA ASP O 85 -12.47 -64.50 87.44
C ASP O 85 -13.90 -64.14 87.84
N ASP O 86 -14.13 -62.92 88.30
CA ASP O 86 -15.46 -62.49 88.73
C ASP O 86 -16.16 -61.79 87.57
N GLU O 87 -17.39 -62.22 87.30
CA GLU O 87 -18.25 -61.55 86.33
C GLU O 87 -18.99 -60.37 86.93
N ASN O 88 -19.40 -60.49 88.20
CA ASN O 88 -20.19 -59.46 88.88
C ASN O 88 -19.34 -58.48 89.66
N ALA O 89 -18.11 -58.23 89.23
CA ALA O 89 -17.25 -57.26 89.88
C ALA O 89 -17.21 -55.97 89.06
N GLU O 90 -17.06 -54.85 89.76
CA GLU O 90 -16.98 -53.54 89.14
C GLU O 90 -15.73 -52.82 89.62
N LEU O 91 -15.26 -51.88 88.82
CA LEU O 91 -14.03 -51.18 89.16
C LEU O 91 -14.08 -49.74 88.65
N PRO O 92 -14.24 -48.76 89.53
CA PRO O 92 -14.23 -47.36 89.09
C PRO O 92 -12.84 -46.92 88.68
N VAL O 93 -12.80 -45.90 87.81
CA VAL O 93 -11.56 -45.38 87.25
C VAL O 93 -11.47 -43.88 87.56
N GLU O 94 -10.31 -43.31 87.26
CA GLU O 94 -10.06 -41.89 87.44
C GLU O 94 -9.21 -41.41 86.28
N LEU O 95 -9.77 -40.52 85.46
CA LEU O 95 -9.15 -40.10 84.22
C LEU O 95 -8.88 -38.60 84.23
N ASN O 96 -7.69 -38.23 83.75
CA ASN O 96 -7.29 -36.83 83.62
C ASN O 96 -6.71 -36.64 82.22
N PHE O 97 -7.40 -35.85 81.39
CA PHE O 97 -7.06 -35.72 79.98
C PHE O 97 -6.46 -34.34 79.73
N LYS O 98 -5.26 -34.33 79.16
CA LYS O 98 -4.58 -33.08 78.84
C LYS O 98 -4.16 -32.94 77.39
N SER O 99 -4.17 -34.03 76.62
CA SER O 99 -3.80 -33.98 75.21
C SER O 99 -4.69 -34.96 74.45
N LEU O 100 -4.63 -34.88 73.12
CA LEU O 100 -5.40 -35.79 72.27
C LEU O 100 -4.89 -37.23 72.37
N ALA O 101 -3.62 -37.42 72.74
CA ALA O 101 -3.07 -38.75 72.97
C ALA O 101 -3.53 -39.35 74.29
N ASP O 102 -4.22 -38.60 75.14
CA ASP O 102 -4.77 -39.17 76.37
C ASP O 102 -6.02 -39.99 76.13
N PHE O 103 -6.62 -39.91 74.95
CA PHE O 103 -7.69 -40.85 74.60
C PHE O 103 -7.16 -42.23 74.27
N ALA O 104 -5.88 -42.31 73.88
CA ALA O 104 -5.28 -43.57 73.47
C ALA O 104 -5.08 -44.49 74.68
N PRO O 105 -5.11 -45.82 74.47
CA PRO O 105 -4.97 -46.76 75.60
C PRO O 105 -3.59 -46.78 76.23
N ASP O 106 -2.59 -46.11 75.67
CA ASP O 106 -1.32 -45.97 76.36
C ASP O 106 -1.43 -45.05 77.55
N ALA O 107 -2.21 -43.97 77.43
CA ALA O 107 -2.37 -43.02 78.51
C ALA O 107 -3.63 -43.25 79.34
N VAL O 108 -4.58 -44.04 78.85
CA VAL O 108 -5.73 -44.39 79.68
C VAL O 108 -5.34 -45.46 80.69
N ALA O 109 -4.62 -46.49 80.24
CA ALA O 109 -4.14 -47.52 81.15
C ALA O 109 -3.06 -47.02 82.09
N SER O 110 -2.33 -45.97 81.70
CA SER O 110 -1.34 -45.38 82.61
C SER O 110 -1.99 -44.61 83.74
N GLN O 111 -3.24 -44.18 83.58
CA GLN O 111 -3.97 -43.49 84.63
C GLN O 111 -4.82 -44.42 85.47
N VAL O 112 -4.86 -45.71 85.13
CA VAL O 112 -5.54 -46.71 85.94
C VAL O 112 -4.47 -47.49 86.70
N PRO O 113 -4.43 -47.43 88.03
CA PRO O 113 -3.36 -48.12 88.77
C PRO O 113 -3.44 -49.64 88.70
N GLU O 114 -4.61 -50.20 88.42
CA GLU O 114 -4.71 -51.64 88.21
C GLU O 114 -4.11 -52.07 86.89
N LEU O 115 -3.95 -51.15 85.95
CA LEU O 115 -3.29 -51.43 84.68
C LEU O 115 -1.88 -50.89 84.61
N LYS O 116 -1.44 -50.11 85.59
CA LYS O 116 -0.04 -49.72 85.66
C LYS O 116 0.85 -50.90 86.02
N LYS O 117 0.31 -51.85 86.79
CA LYS O 117 1.05 -53.05 87.15
C LYS O 117 1.02 -54.12 86.08
N LEU O 118 0.12 -54.00 85.09
CA LEU O 118 0.08 -54.98 84.01
C LEU O 118 0.95 -54.58 82.83
N ILE O 119 1.09 -53.28 82.56
CA ILE O 119 2.07 -52.84 81.57
C ILE O 119 3.49 -53.03 82.11
N GLU O 120 3.67 -52.77 83.42
CA GLU O 120 4.94 -53.05 84.08
C GLU O 120 5.22 -54.55 84.09
N LEU O 121 4.16 -55.37 84.16
CA LEU O 121 4.35 -56.81 84.00
C LEU O 121 4.82 -57.16 82.60
N ARG O 122 4.27 -56.49 81.58
CA ARG O 122 4.66 -56.78 80.20
C ARG O 122 6.05 -56.24 79.90
N GLU O 123 6.38 -55.05 80.42
CA GLU O 123 7.71 -54.49 80.25
C GLU O 123 8.78 -55.35 80.90
N ALA O 124 8.43 -56.02 82.00
CA ALA O 124 9.33 -57.00 82.60
C ALA O 124 9.45 -58.28 81.78
N LEU O 125 8.44 -58.61 80.97
CA LEU O 125 8.50 -59.80 80.13
C LEU O 125 9.17 -59.54 78.79
N VAL O 126 9.05 -58.33 78.25
CA VAL O 126 9.79 -57.97 77.05
C VAL O 126 11.28 -57.86 77.36
N ALA O 127 11.61 -57.42 78.58
CA ALA O 127 13.01 -57.36 79.00
C ALA O 127 13.62 -58.75 79.14
N LEU O 128 12.80 -59.76 79.44
CA LEU O 128 13.31 -61.10 79.61
C LEU O 128 13.67 -61.76 78.28
N LYS O 129 12.88 -61.49 77.23
CA LYS O 129 12.95 -62.24 75.98
C LYS O 129 14.27 -62.02 75.24
N GLY O 130 14.89 -60.85 75.40
CA GLY O 130 16.16 -60.55 74.80
C GLY O 130 17.30 -61.46 75.25
N PRO O 131 17.67 -61.38 76.52
CA PRO O 131 18.69 -62.29 77.06
C PRO O 131 18.22 -63.70 77.37
N LEU O 132 17.02 -64.12 76.93
CA LEU O 132 16.53 -65.44 77.27
C LEU O 132 17.16 -66.51 76.38
N GLY O 133 16.90 -66.45 75.08
CA GLY O 133 17.37 -67.45 74.14
C GLY O 133 18.81 -67.29 73.67
N ASN O 134 19.53 -66.30 74.18
CA ASN O 134 20.91 -66.09 73.78
C ASN O 134 21.87 -66.94 74.62
N ILE O 135 21.67 -66.98 75.93
CA ILE O 135 22.48 -67.79 76.83
C ILE O 135 21.73 -69.08 77.14
N PRO O 136 22.22 -70.23 76.71
CA PRO O 136 21.53 -71.50 77.00
C PRO O 136 21.77 -72.06 78.39
N ALA O 137 22.37 -71.30 79.30
CA ALA O 137 22.56 -71.72 80.69
C ALA O 137 21.41 -71.31 81.60
N PHE O 138 20.37 -70.67 81.04
CA PHE O 138 19.21 -70.31 81.85
C PHE O 138 18.37 -71.53 82.19
N ARG O 139 18.19 -72.43 81.22
CA ARG O 139 17.43 -73.66 81.48
C ARG O 139 18.18 -74.63 82.37
N GLU O 140 19.50 -74.48 82.48
CA GLU O 140 20.28 -75.32 83.38
C GLU O 140 19.96 -75.00 84.84
N ARG O 141 19.65 -73.75 85.13
CA ARG O 141 19.28 -73.35 86.49
C ARG O 141 17.78 -73.28 86.71
N LEU O 142 16.97 -73.48 85.67
CA LEU O 142 15.55 -73.73 85.88
C LEU O 142 15.34 -75.09 86.53
N GLN O 143 16.18 -76.07 86.18
CA GLN O 143 16.12 -77.38 86.83
C GLN O 143 16.72 -77.32 88.23
N SER O 144 17.63 -76.37 88.47
CA SER O 144 18.12 -76.16 89.84
C SER O 144 17.07 -75.49 90.71
N LEU O 145 16.29 -74.57 90.13
CA LEU O 145 15.11 -74.06 90.81
C LEU O 145 14.02 -75.11 90.92
N LEU O 146 14.00 -76.09 90.01
CA LEU O 146 13.12 -77.25 90.17
C LEU O 146 13.61 -78.14 91.31
N ASN O 147 14.93 -78.18 91.53
CA ASN O 147 15.47 -78.94 92.65
C ASN O 147 15.35 -78.16 93.95
N SER O 148 15.85 -76.92 93.97
CA SER O 148 15.81 -76.07 95.17
C SER O 148 14.47 -75.35 95.21
N GLU O 149 13.47 -76.02 95.79
CA GLU O 149 12.14 -75.45 95.92
C GLU O 149 11.99 -74.56 97.15
N GLU O 150 12.79 -74.79 98.19
CA GLU O 150 12.65 -74.03 99.42
C GLU O 150 13.23 -72.62 99.28
N SER O 151 14.43 -72.50 98.71
CA SER O 151 15.06 -71.20 98.55
C SER O 151 14.44 -70.38 97.42
N ARG O 152 13.70 -71.04 96.51
CA ARG O 152 13.06 -70.29 95.44
C ARG O 152 11.84 -69.52 95.94
N GLU O 153 11.01 -70.16 96.76
CA GLU O 153 9.81 -69.53 97.26
C GLU O 153 10.10 -68.46 98.31
N LYS O 154 11.27 -68.52 98.96
CA LYS O 154 11.66 -67.46 99.88
C LYS O 154 12.05 -66.19 99.13
N LEU O 155 12.48 -66.31 97.89
CA LEU O 155 12.89 -65.16 97.08
C LEU O 155 11.76 -64.60 96.22
N LEU O 156 10.68 -65.36 96.02
CA LEU O 156 9.56 -64.84 95.25
C LEU O 156 8.77 -63.80 96.02
N ALA O 157 8.76 -63.90 97.36
CA ALA O 157 8.06 -62.90 98.17
C ALA O 157 8.81 -61.58 98.22
N GLU O 158 10.12 -61.58 97.97
CA GLU O 158 10.89 -60.35 97.96
C GLU O 158 10.63 -59.56 96.69
N PRO P 1 -29.27 10.77 10.17
CA PRO P 1 -29.82 9.41 10.14
C PRO P 1 -30.25 8.94 11.51
N THR P 2 -31.22 8.05 11.58
CA THR P 2 -31.70 7.61 12.87
C THR P 2 -30.96 6.37 13.31
N PRO P 3 -30.65 6.24 14.60
CA PRO P 3 -29.93 5.06 15.06
C PRO P 3 -30.78 3.80 15.00
N CYS P 4 -30.11 2.68 14.80
CA CYS P 4 -30.73 1.38 14.67
C CYS P 4 -30.69 0.67 16.01
N TYR P 5 -31.05 -0.60 16.03
CA TYR P 5 -31.04 -1.38 17.26
C TYR P 5 -30.65 -2.81 16.93
N ILE P 6 -29.81 -3.42 17.75
CA ILE P 6 -29.32 -4.77 17.52
C ILE P 6 -29.56 -5.61 18.74
N SER P 7 -30.14 -6.79 18.55
CA SER P 7 -30.35 -7.77 19.61
C SER P 7 -29.56 -9.02 19.31
N ILE P 8 -28.53 -9.28 20.10
CA ILE P 8 -27.62 -10.40 19.88
C ILE P 8 -27.98 -11.52 20.83
N GLU P 9 -28.08 -12.74 20.32
CA GLU P 9 -28.27 -13.91 21.18
C GLU P 9 -27.16 -14.90 20.92
N GLY P 10 -26.42 -15.26 21.97
CA GLY P 10 -25.27 -16.12 21.82
C GLY P 10 -25.64 -17.59 21.89
N GLN P 11 -24.63 -18.43 21.66
CA GLN P 11 -24.80 -19.86 21.89
C GLN P 11 -24.94 -20.17 23.37
N THR P 12 -23.90 -19.85 24.15
CA THR P 12 -23.89 -20.20 25.55
C THR P 12 -24.24 -19.05 26.47
N GLN P 13 -24.13 -17.81 26.03
CA GLN P 13 -24.33 -16.66 26.90
C GLN P 13 -25.73 -16.11 26.81
N GLY P 14 -26.67 -16.87 26.26
CA GLY P 14 -28.06 -16.47 26.26
C GLY P 14 -28.28 -15.25 25.38
N LEU P 15 -29.19 -14.38 25.82
CA LEU P 15 -29.39 -13.10 25.15
C LEU P 15 -28.32 -12.15 25.66
N ILE P 16 -27.38 -11.80 24.79
CA ILE P 16 -26.24 -10.99 25.20
C ILE P 16 -26.66 -9.57 25.53
N THR P 17 -27.47 -8.97 24.68
CA THR P 17 -27.84 -7.60 24.91
C THR P 17 -29.01 -7.44 25.83
N ALA P 18 -29.34 -8.43 26.67
CA ALA P 18 -30.46 -8.30 27.59
C ALA P 18 -30.08 -7.34 28.69
N GLY P 19 -30.54 -6.11 28.60
CA GLY P 19 -30.17 -5.10 29.55
C GLY P 19 -29.14 -4.11 29.07
N ALA P 20 -28.83 -4.07 27.78
CA ALA P 20 -27.82 -3.17 27.28
C ALA P 20 -28.35 -1.77 27.01
N CYS P 21 -29.60 -1.49 27.35
CA CYS P 21 -30.15 -0.15 27.41
C CYS P 21 -30.95 0.03 28.68
N THR P 22 -30.35 -0.29 29.81
CA THR P 22 -30.89 0.08 31.09
C THR P 22 -30.19 1.33 31.60
N ALA P 23 -30.52 1.74 32.82
CA ALA P 23 -29.84 2.87 33.42
C ALA P 23 -28.46 2.50 33.93
N ASP P 24 -28.17 1.22 34.08
CA ASP P 24 -26.83 0.83 34.51
C ASP P 24 -25.86 0.78 33.35
N SER P 25 -26.34 0.50 32.15
CA SER P 25 -25.45 0.39 31.00
C SER P 25 -24.96 1.76 30.55
N ILE P 26 -25.88 2.60 30.12
CA ILE P 26 -25.51 3.83 29.42
C ILE P 26 -26.06 5.08 30.10
N GLY P 27 -26.31 5.01 31.40
CA GLY P 27 -26.70 6.20 32.13
C GLY P 27 -28.11 6.66 31.85
N ASP P 28 -28.26 7.89 31.37
CA ASP P 28 -29.57 8.46 31.12
C ASP P 28 -29.97 8.44 29.66
N SER P 29 -29.16 7.84 28.80
CA SER P 29 -29.50 7.76 27.39
C SER P 29 -30.13 6.43 27.03
N PHE P 30 -30.77 5.77 27.98
CA PHE P 30 -31.42 4.53 27.64
C PHE P 30 -32.85 4.82 27.21
N VAL P 31 -33.43 3.88 26.49
CA VAL P 31 -34.75 4.05 25.90
C VAL P 31 -35.64 2.95 26.45
N GLU P 32 -36.83 3.32 26.94
CA GLU P 32 -37.80 2.34 27.36
C GLU P 32 -38.34 1.59 26.16
N GLY P 33 -38.65 0.30 26.35
CA GLY P 33 -39.12 -0.56 25.30
C GLY P 33 -38.02 -1.23 24.50
N HIS P 34 -36.80 -0.71 24.54
CA HIS P 34 -35.67 -1.30 23.86
C HIS P 34 -34.67 -1.80 24.88
N GLU P 35 -35.18 -2.46 25.92
CA GLU P 35 -34.35 -2.89 27.02
C GLU P 35 -33.41 -4.02 26.65
N ASP P 36 -33.67 -4.72 25.55
CA ASP P 36 -32.85 -5.85 25.17
C ASP P 36 -32.01 -5.58 23.93
N GLU P 37 -31.89 -4.33 23.52
CA GLU P 37 -31.33 -4.00 22.22
C GLU P 37 -30.33 -2.87 22.39
N MET P 38 -29.11 -3.05 21.90
CA MET P 38 -28.13 -1.98 21.94
C MET P 38 -28.53 -0.85 21.00
N LEU P 39 -27.87 0.28 21.13
CA LEU P 39 -28.16 1.44 20.31
C LEU P 39 -27.00 1.61 19.34
N VAL P 40 -27.27 1.36 18.06
CA VAL P 40 -26.23 1.27 17.04
C VAL P 40 -26.11 2.59 16.31
N GLN P 41 -24.90 3.15 16.31
CA GLN P 41 -24.69 4.47 15.75
C GLN P 41 -24.34 4.43 14.27
N GLN P 42 -23.24 3.78 13.92
CA GLN P 42 -22.68 3.78 12.58
C GLN P 42 -22.80 2.36 12.02
N PHE P 43 -22.78 2.23 10.69
CA PHE P 43 -22.95 0.93 10.07
C PHE P 43 -22.14 0.86 8.79
N ASP P 44 -21.70 -0.35 8.44
CA ASP P 44 -20.92 -0.60 7.23
C ASP P 44 -20.86 -2.08 6.90
N HIS P 45 -21.08 -2.45 5.64
CA HIS P 45 -21.23 -3.87 5.30
C HIS P 45 -21.06 -4.07 3.80
N VAL P 46 -20.12 -4.91 3.41
CA VAL P 46 -19.80 -5.16 2.01
C VAL P 46 -20.06 -6.64 1.72
N VAL P 47 -20.57 -6.95 0.54
CA VAL P 47 -20.75 -8.33 0.10
C VAL P 47 -20.18 -8.41 -1.32
N THR P 48 -18.98 -8.92 -1.46
CA THR P 48 -18.36 -8.95 -2.78
C THR P 48 -18.67 -10.24 -3.51
N VAL P 49 -18.48 -10.21 -4.84
CA VAL P 49 -18.52 -11.39 -5.68
C VAL P 49 -17.32 -11.33 -6.63
N PRO P 50 -16.44 -12.30 -6.63
CA PRO P 50 -15.31 -12.27 -7.54
C PRO P 50 -15.72 -12.53 -8.98
N THR P 51 -15.61 -11.52 -9.83
CA THR P 51 -15.93 -11.65 -11.24
C THR P 51 -14.65 -11.61 -12.06
N ASP P 52 -14.62 -12.37 -13.14
CA ASP P 52 -13.41 -12.38 -13.94
C ASP P 52 -13.32 -11.13 -14.80
N PRO P 53 -12.11 -10.74 -15.21
CA PRO P 53 -11.99 -9.69 -16.22
C PRO P 53 -12.43 -10.19 -17.58
N GLN P 54 -12.48 -9.26 -18.53
CA GLN P 54 -12.82 -9.45 -19.96
C GLN P 54 -14.09 -10.26 -20.17
N SER P 55 -15.03 -10.16 -19.24
CA SER P 55 -16.29 -10.87 -19.27
C SER P 55 -17.24 -10.12 -18.34
N GLY P 56 -18.32 -10.76 -17.97
CA GLY P 56 -19.16 -10.21 -16.93
C GLY P 56 -19.59 -11.25 -15.93
N GLN P 57 -19.19 -12.49 -16.16
CA GLN P 57 -19.77 -13.57 -15.37
C GLN P 57 -19.12 -13.64 -13.99
N PRO P 58 -19.87 -14.03 -12.96
CA PRO P 58 -19.28 -14.22 -11.63
C PRO P 58 -18.40 -15.45 -11.59
N SER P 59 -17.10 -15.25 -11.41
CA SER P 59 -16.15 -16.36 -11.36
C SER P 59 -15.93 -16.79 -9.92
N GLY P 60 -17.00 -17.29 -9.31
CA GLY P 60 -16.90 -17.73 -7.94
C GLY P 60 -18.07 -17.31 -7.09
N GLN P 61 -18.25 -17.94 -5.95
CA GLN P 61 -19.36 -17.59 -5.08
C GLN P 61 -19.05 -16.31 -4.33
N ARG P 62 -20.07 -15.76 -3.70
CA ARG P 62 -19.97 -14.50 -2.97
C ARG P 62 -19.04 -14.63 -1.77
N VAL P 63 -18.50 -13.49 -1.33
CA VAL P 63 -17.58 -13.41 -0.21
C VAL P 63 -18.10 -12.34 0.72
N HIS P 64 -18.53 -12.74 1.91
CA HIS P 64 -19.14 -11.79 2.85
C HIS P 64 -18.07 -11.07 3.64
N LYS P 65 -17.86 -9.81 3.33
CA LYS P 65 -17.09 -8.94 4.19
C LYS P 65 -17.94 -8.59 5.40
N PRO P 66 -17.35 -8.26 6.55
CA PRO P 66 -18.13 -8.25 7.79
C PRO P 66 -18.99 -7.02 7.97
N PHE P 67 -20.05 -7.20 8.77
CA PHE P 67 -20.73 -6.13 9.49
C PHE P 67 -19.74 -5.21 10.21
N LYS P 68 -20.10 -3.95 10.36
CA LYS P 68 -19.37 -3.05 11.25
C LYS P 68 -20.38 -2.10 11.88
N PHE P 69 -20.87 -2.44 13.05
CA PHE P 69 -21.81 -1.57 13.76
C PHE P 69 -21.14 -1.03 15.02
N THR P 70 -21.45 0.21 15.37
CA THR P 70 -20.77 0.92 16.44
C THR P 70 -21.73 1.22 17.58
N VAL P 71 -21.41 0.74 18.77
CA VAL P 71 -22.16 1.06 19.97
C VAL P 71 -21.21 1.66 20.99
N ALA P 72 -21.77 2.27 22.02
CA ALA P 72 -20.96 2.81 23.09
C ALA P 72 -20.59 1.70 24.07
N LEU P 73 -19.75 2.02 25.05
CA LEU P 73 -19.44 1.05 26.09
C LEU P 73 -20.65 0.84 26.99
N ASN P 74 -21.09 -0.40 27.12
CA ASN P 74 -22.24 -0.70 27.92
C ASN P 74 -22.10 -2.11 28.48
N LYS P 75 -23.22 -2.68 28.91
CA LYS P 75 -23.22 -3.96 29.61
C LYS P 75 -22.82 -5.09 28.67
N ALA P 76 -23.25 -5.02 27.42
CA ALA P 76 -23.01 -6.13 26.51
C ALA P 76 -21.59 -6.18 25.95
N VAL P 77 -20.78 -5.15 26.15
CA VAL P 77 -19.43 -5.13 25.58
C VAL P 77 -18.48 -6.13 26.26
N PRO P 78 -18.46 -6.32 27.59
CA PRO P 78 -17.70 -7.46 28.11
C PRO P 78 -18.26 -8.80 27.73
N LEU P 79 -19.54 -8.88 27.39
CA LEU P 79 -20.08 -10.14 26.89
C LEU P 79 -19.68 -10.38 25.45
N LEU P 80 -19.49 -9.32 24.67
CA LEU P 80 -19.03 -9.49 23.31
C LEU P 80 -17.54 -9.69 23.20
N TYR P 81 -16.78 -9.49 24.27
CA TYR P 81 -15.38 -9.87 24.25
C TYR P 81 -15.14 -11.28 24.75
N ASN P 82 -16.19 -12.07 24.97
CA ASN P 82 -16.03 -13.51 25.07
C ASN P 82 -16.57 -14.25 23.88
N ALA P 83 -17.54 -13.68 23.18
CA ALA P 83 -17.90 -14.23 21.90
C ALA P 83 -16.78 -14.05 20.89
N LEU P 84 -15.96 -13.03 21.09
CA LEU P 84 -14.81 -12.78 20.22
C LEU P 84 -13.66 -13.71 20.53
N SER P 85 -13.15 -13.64 21.76
CA SER P 85 -11.91 -14.30 22.09
C SER P 85 -12.06 -15.81 22.27
N SER P 86 -13.26 -16.34 22.21
CA SER P 86 -13.44 -17.78 22.26
C SER P 86 -14.13 -18.33 21.03
N GLY P 87 -14.45 -17.49 20.06
CA GLY P 87 -15.04 -17.97 18.83
C GLY P 87 -16.45 -18.47 18.96
N GLU P 88 -17.19 -17.95 19.92
CA GLU P 88 -18.56 -18.39 20.13
C GLU P 88 -19.46 -17.83 19.05
N LYS P 89 -20.22 -18.71 18.41
CA LYS P 89 -21.17 -18.24 17.43
C LYS P 89 -22.35 -17.60 18.13
N LEU P 90 -23.03 -16.71 17.44
CA LEU P 90 -24.17 -16.00 17.96
C LEU P 90 -25.38 -16.46 17.17
N LYS P 91 -26.43 -16.90 17.87
CA LYS P 91 -27.56 -17.54 17.18
C LYS P 91 -28.31 -16.55 16.30
N THR P 92 -28.42 -15.30 16.72
CA THR P 92 -29.09 -14.32 15.90
C THR P 92 -28.61 -12.91 16.22
N VAL P 93 -28.71 -12.04 15.23
CA VAL P 93 -28.44 -10.62 15.36
C VAL P 93 -29.48 -9.93 14.52
N GLU P 94 -30.39 -9.19 15.14
CA GLU P 94 -31.48 -8.60 14.39
C GLU P 94 -31.33 -7.09 14.40
N LEU P 95 -30.60 -6.59 13.42
CA LEU P 95 -30.54 -5.15 13.20
C LEU P 95 -31.90 -4.66 12.73
N LYS P 96 -32.28 -3.47 13.18
CA LYS P 96 -33.57 -2.89 12.80
C LYS P 96 -33.36 -1.43 12.45
N TRP P 97 -33.51 -1.09 11.19
CA TRP P 97 -33.32 0.26 10.72
C TRP P 97 -34.57 1.08 10.97
N TYR P 98 -34.50 2.08 11.81
CA TYR P 98 -35.66 2.90 12.03
C TYR P 98 -35.67 4.09 11.09
N ARG P 99 -36.84 4.67 10.92
CA ARG P 99 -36.97 5.95 10.26
C ARG P 99 -38.26 6.61 10.74
N THR P 100 -38.35 7.91 10.53
CA THR P 100 -39.49 8.68 10.96
C THR P 100 -40.52 8.71 9.86
N SER P 101 -41.71 8.17 10.13
CA SER P 101 -42.73 8.03 9.10
C SER P 101 -43.49 9.34 8.96
N ILE P 102 -44.58 9.29 8.19
CA ILE P 102 -45.34 10.51 7.91
C ILE P 102 -46.18 10.91 9.10
N GLU P 103 -46.80 9.92 9.76
CA GLU P 103 -47.67 10.21 10.89
C GLU P 103 -46.90 10.65 12.12
N GLY P 104 -45.59 10.53 12.14
CA GLY P 104 -44.79 11.02 13.23
C GLY P 104 -44.30 9.95 14.17
N LYS P 105 -44.23 8.71 13.74
CA LYS P 105 -43.84 7.63 14.63
C LYS P 105 -42.69 6.87 14.03
N GLN P 106 -41.77 6.43 14.89
CA GLN P 106 -40.66 5.61 14.47
C GLN P 106 -41.18 4.25 14.00
N GLU P 107 -40.53 3.70 12.99
CA GLU P 107 -40.90 2.37 12.53
C GLU P 107 -39.70 1.74 11.85
N ASN P 108 -39.59 0.42 11.97
CA ASN P 108 -38.53 -0.27 11.26
C ASN P 108 -38.98 -0.49 9.83
N PHE P 109 -38.28 0.11 8.90
CA PHE P 109 -38.61 -0.11 7.51
C PHE P 109 -37.76 -1.19 6.88
N PHE P 110 -36.81 -1.75 7.63
CA PHE P 110 -35.78 -2.60 7.03
C PHE P 110 -35.10 -3.33 8.17
N THR P 111 -35.11 -4.65 8.16
CA THR P 111 -34.40 -5.43 9.17
C THR P 111 -33.47 -6.40 8.48
N THR P 112 -32.24 -6.51 8.98
CA THR P 112 -31.28 -7.46 8.44
C THR P 112 -30.97 -8.47 9.53
N LYS P 113 -31.73 -9.56 9.58
CA LYS P 113 -31.46 -10.59 10.55
C LYS P 113 -30.21 -11.37 10.15
N LEU P 114 -29.86 -12.35 10.96
CA LEU P 114 -28.55 -12.96 10.84
C LEU P 114 -28.59 -14.29 11.56
N GLU P 115 -28.09 -15.34 10.94
CA GLU P 115 -27.95 -16.61 11.64
C GLU P 115 -26.55 -16.68 12.22
N ASN P 116 -26.03 -17.89 12.48
CA ASN P 116 -24.80 -18.15 13.21
C ASN P 116 -23.63 -17.27 12.79
N ALA P 117 -23.21 -16.41 13.69
CA ALA P 117 -22.40 -15.26 13.33
C ALA P 117 -21.34 -15.02 14.39
N SER P 118 -20.12 -15.48 14.14
CA SER P 118 -19.05 -15.16 15.06
C SER P 118 -18.66 -13.70 14.95
N ILE P 119 -17.84 -13.26 15.87
CA ILE P 119 -17.32 -11.89 15.85
C ILE P 119 -15.90 -11.93 15.32
N VAL P 120 -15.64 -11.14 14.28
CA VAL P 120 -14.28 -11.12 13.72
C VAL P 120 -13.38 -10.23 14.57
N ASP P 121 -13.72 -8.96 14.70
CA ASP P 121 -12.94 -8.09 15.56
C ASP P 121 -13.79 -6.99 16.15
N ILE P 122 -13.28 -6.41 17.22
CA ILE P 122 -13.94 -5.34 17.96
C ILE P 122 -12.94 -4.24 18.17
N HIS P 123 -13.26 -3.04 17.71
CA HIS P 123 -12.33 -1.92 17.69
C HIS P 123 -12.79 -0.87 18.70
N CYS P 124 -12.38 -1.04 19.95
CA CYS P 124 -12.73 -0.10 21.00
C CYS P 124 -11.79 1.08 20.97
N GLU P 125 -12.32 2.29 20.83
CA GLU P 125 -11.50 3.48 20.85
C GLU P 125 -12.23 4.58 21.59
N MET P 126 -11.48 5.63 21.91
CA MET P 126 -12.03 6.81 22.55
C MET P 126 -11.31 7.99 21.92
N PRO P 127 -12.03 9.01 21.48
CA PRO P 127 -11.38 10.18 20.88
C PRO P 127 -10.62 10.98 21.91
N HIS P 128 -9.82 11.92 21.41
CA HIS P 128 -8.88 12.64 22.26
C HIS P 128 -9.61 13.62 23.15
N CYS P 129 -9.29 13.59 24.45
CA CYS P 129 -10.05 14.38 25.40
C CYS P 129 -9.70 15.86 25.32
N GLN P 130 -8.50 16.20 24.88
CA GLN P 130 -8.10 17.59 24.68
C GLN P 130 -8.83 18.23 23.50
N ASP P 131 -9.25 17.43 22.53
CA ASP P 131 -9.74 17.93 21.27
C ASP P 131 -11.19 18.38 21.42
N PRO P 132 -11.51 19.65 21.14
CA PRO P 132 -12.90 20.11 21.30
C PRO P 132 -13.80 19.77 20.13
N ALA P 133 -13.25 19.33 19.00
CA ALA P 133 -14.10 18.94 17.88
C ALA P 133 -14.79 17.62 18.12
N LYS P 134 -14.22 16.77 18.97
CA LYS P 134 -14.77 15.46 19.28
C LYS P 134 -15.19 15.38 20.74
N SER P 135 -15.83 16.44 21.23
CA SER P 135 -16.25 16.48 22.62
C SER P 135 -17.60 15.80 22.85
N ASP P 136 -18.45 15.77 21.83
CA ASP P 136 -19.77 15.16 21.99
C ASP P 136 -19.72 13.65 21.98
N PHE P 137 -18.66 13.06 21.44
CA PHE P 137 -18.57 11.61 21.38
C PHE P 137 -18.22 11.07 22.76
N THR P 138 -18.60 9.82 23.00
CA THR P 138 -18.25 9.19 24.27
C THR P 138 -17.22 8.08 24.07
N GLN P 139 -17.59 7.03 23.36
CA GLN P 139 -16.70 5.95 23.00
C GLN P 139 -17.15 5.40 21.65
N ASN P 140 -16.40 4.47 21.12
CA ASN P 140 -16.74 3.83 19.85
C ASN P 140 -16.29 2.39 19.95
N VAL P 141 -17.24 1.47 20.02
CA VAL P 141 -16.94 0.05 20.05
C VAL P 141 -17.54 -0.54 18.79
N THR P 142 -16.72 -0.75 17.77
CA THR P 142 -17.17 -1.19 16.46
C THR P 142 -17.04 -2.71 16.41
N VAL P 143 -18.14 -3.41 16.58
CA VAL P 143 -18.13 -4.86 16.64
C VAL P 143 -18.40 -5.41 15.24
N SER P 144 -17.52 -6.28 14.76
CA SER P 144 -17.73 -6.87 13.46
C SER P 144 -18.40 -8.22 13.59
N LEU P 145 -18.96 -8.69 12.49
CA LEU P 145 -19.65 -9.98 12.49
C LEU P 145 -19.47 -10.62 11.13
N SER P 146 -18.67 -11.68 11.06
CA SER P 146 -18.88 -12.62 9.97
C SER P 146 -20.04 -13.49 10.33
N TYR P 147 -20.60 -14.19 9.35
CA TYR P 147 -21.92 -14.76 9.54
C TYR P 147 -22.18 -15.84 8.52
N ARG P 148 -22.95 -16.86 8.92
CA ARG P 148 -23.33 -17.88 7.98
C ARG P 148 -24.45 -17.40 7.07
N LYS P 149 -25.60 -17.11 7.66
CA LYS P 149 -26.80 -16.79 6.90
C LYS P 149 -27.32 -15.42 7.27
N ILE P 150 -27.56 -14.60 6.28
CA ILE P 150 -28.08 -13.25 6.46
C ILE P 150 -29.38 -13.13 5.67
N THR P 151 -30.37 -12.45 6.24
CA THR P 151 -31.65 -12.25 5.58
C THR P 151 -32.03 -10.78 5.68
N TRP P 152 -31.86 -10.05 4.59
CA TRP P 152 -32.42 -8.72 4.50
C TRP P 152 -33.94 -8.82 4.42
N ASP P 153 -34.62 -7.79 4.92
CA ASP P 153 -36.08 -7.83 4.96
C ASP P 153 -36.58 -6.40 5.01
N HIS P 154 -37.15 -5.92 3.93
CA HIS P 154 -37.82 -4.64 3.95
C HIS P 154 -39.25 -4.85 4.42
N VAL P 155 -39.65 -4.14 5.48
CA VAL P 155 -40.91 -4.42 6.14
C VAL P 155 -42.07 -3.70 5.45
N ASN P 156 -41.91 -2.41 5.16
CA ASN P 156 -43.01 -1.63 4.61
C ASN P 156 -43.33 -1.95 3.15
N ALA P 157 -42.50 -2.72 2.47
CA ALA P 157 -42.81 -3.16 1.12
C ALA P 157 -42.71 -4.66 0.98
N GLY P 158 -42.43 -5.39 2.05
CA GLY P 158 -42.54 -6.82 2.07
C GLY P 158 -41.47 -7.61 1.36
N THR P 159 -40.53 -6.95 0.66
CA THR P 159 -39.48 -7.71 -0.01
C THR P 159 -38.53 -8.32 0.99
N SER P 160 -37.85 -9.38 0.57
CA SER P 160 -36.95 -10.08 1.46
C SER P 160 -35.88 -10.78 0.66
N GLY P 161 -34.63 -10.44 0.92
CA GLY P 161 -33.53 -11.15 0.32
C GLY P 161 -32.98 -12.14 1.32
N SER P 162 -32.12 -13.05 0.88
CA SER P 162 -31.54 -14.04 1.77
C SER P 162 -30.28 -14.58 1.15
N ASP P 163 -29.28 -14.82 1.98
CA ASP P 163 -28.11 -15.57 1.57
C ASP P 163 -27.81 -16.60 2.62
N ASP P 164 -27.31 -17.76 2.21
CA ASP P 164 -26.98 -18.78 3.16
C ASP P 164 -25.87 -19.65 2.59
N TRP P 165 -24.88 -19.94 3.42
CA TRP P 165 -23.93 -20.96 3.04
C TRP P 165 -24.50 -22.35 3.20
N ARG P 166 -25.43 -22.53 4.14
CA ARG P 166 -25.99 -23.84 4.41
C ARG P 166 -26.83 -24.33 3.25
N LYS P 167 -27.62 -23.46 2.65
CA LYS P 167 -28.53 -23.82 1.56
C LYS P 167 -28.34 -22.85 0.40
N PRO P 168 -27.30 -23.04 -0.41
CA PRO P 168 -27.19 -22.25 -1.64
C PRO P 168 -28.24 -22.70 -2.62
N ILE P 169 -28.49 -21.86 -3.62
CA ILE P 169 -29.70 -22.01 -4.42
C ILE P 169 -29.51 -23.17 -5.38
N GLU P 170 -29.98 -24.34 -4.96
CA GLU P 170 -29.84 -25.68 -5.55
C GLU P 170 -28.47 -26.05 -6.16
N GLY Q 1 -67.89 -92.73 33.46
CA GLY Q 1 -66.86 -91.74 33.68
C GLY Q 1 -65.61 -91.97 32.86
N SER Q 2 -65.79 -92.47 31.64
CA SER Q 2 -64.66 -92.72 30.76
C SER Q 2 -64.06 -91.44 30.20
N LEU Q 3 -64.84 -90.35 30.14
CA LEU Q 3 -64.29 -89.07 29.72
C LEU Q 3 -63.34 -88.49 30.75
N LEU Q 4 -63.57 -88.79 32.03
CA LEU Q 4 -62.61 -88.40 33.06
C LEU Q 4 -61.35 -89.25 32.98
N ASP Q 5 -61.47 -90.48 32.47
CA ASP Q 5 -60.30 -91.34 32.30
C ASP Q 5 -59.40 -90.85 31.17
N GLU Q 6 -59.98 -90.20 30.15
CA GLU Q 6 -59.16 -89.66 29.08
C GLU Q 6 -58.44 -88.39 29.50
N ILE Q 7 -58.99 -87.65 30.45
CA ILE Q 7 -58.31 -86.47 30.97
C ILE Q 7 -57.18 -86.88 31.91
N MET Q 8 -57.42 -87.89 32.76
CA MET Q 8 -56.38 -88.36 33.68
C MET Q 8 -55.27 -89.11 32.96
N ALA Q 9 -55.57 -89.78 31.85
CA ALA Q 9 -54.52 -90.36 31.03
C ALA Q 9 -53.75 -89.30 30.26
N GLN Q 10 -54.36 -88.14 30.02
CA GLN Q 10 -53.69 -87.00 29.38
C GLN Q 10 -52.86 -86.29 30.44
N THR Q 11 -51.55 -86.59 30.48
CA THR Q 11 -50.70 -86.16 31.58
C THR Q 11 -50.38 -84.68 31.56
N ARG Q 12 -50.76 -83.94 30.52
CA ARG Q 12 -50.50 -82.51 30.49
C ARG Q 12 -51.42 -81.73 31.42
N ILE Q 13 -52.69 -82.15 31.54
CA ILE Q 13 -53.66 -81.48 32.39
C ILE Q 13 -54.48 -82.52 33.15
N ALA Q 14 -53.79 -83.50 33.75
CA ALA Q 14 -54.51 -84.61 34.39
C ALA Q 14 -55.16 -84.23 35.73
N PRO Q 15 -54.41 -83.77 36.80
CA PRO Q 15 -55.05 -83.78 38.12
C PRO Q 15 -55.92 -82.57 38.43
N SER Q 16 -56.74 -82.13 37.46
CA SER Q 16 -57.76 -81.09 37.60
C SER Q 16 -57.19 -79.78 38.16
N GLU Q 17 -56.26 -79.19 37.40
CA GLU Q 17 -55.57 -77.99 37.85
C GLU Q 17 -55.96 -76.76 37.05
N GLU Q 18 -55.79 -76.79 35.73
CA GLU Q 18 -56.10 -75.63 34.89
C GLU Q 18 -56.36 -76.10 33.47
N GLY Q 19 -57.45 -75.62 32.88
CA GLY Q 19 -57.78 -75.98 31.51
C GLY Q 19 -58.42 -77.33 31.33
N TYR Q 20 -58.93 -77.93 32.41
CA TYR Q 20 -59.57 -79.24 32.31
C TYR Q 20 -61.03 -79.16 31.91
N ASP Q 21 -61.66 -77.99 32.05
CA ASP Q 21 -63.04 -77.83 31.59
C ASP Q 21 -63.10 -77.41 30.13
N ILE Q 22 -62.06 -76.77 29.62
CA ILE Q 22 -62.03 -76.39 28.21
C ILE Q 22 -61.72 -77.60 27.34
N ALA Q 23 -60.72 -78.39 27.73
CA ALA Q 23 -60.35 -79.58 26.97
C ALA Q 23 -61.41 -80.68 27.06
N LYS Q 24 -62.22 -80.70 28.12
CA LYS Q 24 -63.35 -81.61 28.17
C LYS Q 24 -64.41 -81.23 27.15
N LYS Q 25 -64.58 -79.92 26.90
CA LYS Q 25 -65.47 -79.48 25.83
C LYS Q 25 -64.87 -79.73 24.45
N GLY Q 26 -63.56 -79.92 24.36
CA GLY Q 26 -62.91 -80.19 23.09
C GLY Q 26 -63.09 -81.62 22.62
N VAL Q 27 -63.05 -82.56 23.56
CA VAL Q 27 -63.23 -83.97 23.22
C VAL Q 27 -64.68 -84.24 22.83
N ALA Q 28 -65.63 -83.70 23.61
CA ALA Q 28 -67.04 -84.01 23.40
C ALA Q 28 -67.59 -83.35 22.15
N ALA Q 29 -66.98 -82.24 21.71
CA ALA Q 29 -67.45 -81.59 20.49
C ALA Q 29 -67.00 -82.33 19.23
N PHE Q 30 -65.81 -82.95 19.27
CA PHE Q 30 -65.30 -83.62 18.09
C PHE Q 30 -66.00 -84.96 17.84
N ILE Q 31 -66.49 -85.60 18.90
CA ILE Q 31 -67.18 -86.88 18.74
C ILE Q 31 -68.56 -86.69 18.11
N GLU Q 32 -69.19 -85.53 18.38
CA GLU Q 32 -70.53 -85.28 17.84
C GLU Q 32 -70.52 -85.07 16.32
N ASN Q 33 -69.40 -84.62 15.77
CA ASN Q 33 -69.26 -84.46 14.33
C ASN Q 33 -68.46 -85.60 13.69
N LEU Q 34 -67.97 -86.54 14.50
CA LEU Q 34 -67.15 -87.64 13.97
C LEU Q 34 -67.97 -88.66 13.21
N MET Q 35 -69.28 -88.75 13.47
CA MET Q 35 -70.13 -89.79 12.87
C MET Q 35 -70.41 -89.56 11.39
N GLY Q 36 -70.03 -88.41 10.83
CA GLY Q 36 -70.16 -88.23 9.39
C GLY Q 36 -69.16 -89.05 8.59
N SER Q 37 -68.00 -89.33 9.19
CA SER Q 37 -66.98 -90.15 8.54
C SER Q 37 -66.16 -90.80 9.64
N GLN Q 38 -66.36 -92.10 9.84
CA GLN Q 38 -65.67 -92.83 10.91
C GLN Q 38 -64.23 -93.13 10.49
N HIS Q 39 -63.28 -92.72 11.32
CA HIS Q 39 -61.88 -92.98 11.06
C HIS Q 39 -61.14 -92.94 12.39
N SER Q 40 -60.09 -93.77 12.51
CA SER Q 40 -59.34 -93.93 13.75
C SER Q 40 -57.84 -93.80 13.47
N ALA Q 41 -57.36 -92.54 13.44
CA ALA Q 41 -55.95 -92.22 13.30
C ALA Q 41 -55.75 -90.77 13.68
N GLU Q 42 -54.85 -90.51 14.64
CA GLU Q 42 -54.60 -89.14 15.08
C GLU Q 42 -54.07 -88.17 14.01
N PRO Q 43 -53.08 -88.52 13.15
CA PRO Q 43 -52.65 -87.52 12.15
C PRO Q 43 -53.67 -87.24 11.07
N VAL Q 44 -54.53 -88.22 10.75
CA VAL Q 44 -55.66 -87.92 9.88
C VAL Q 44 -56.68 -87.08 10.65
N ASN Q 45 -56.83 -87.35 11.95
CA ASN Q 45 -57.68 -86.51 12.79
C ASN Q 45 -57.12 -85.10 12.96
N LYS Q 46 -55.79 -84.95 12.92
CA LYS Q 46 -55.22 -83.60 12.87
C LYS Q 46 -55.57 -82.90 11.56
N SER Q 47 -55.82 -83.67 10.50
CA SER Q 47 -56.42 -83.09 9.30
C SER Q 47 -57.94 -83.04 9.41
N LEU Q 48 -58.55 -84.02 10.10
CA LEU Q 48 -60.00 -84.00 10.25
C LEU Q 48 -60.47 -82.91 11.21
N VAL Q 49 -59.64 -82.51 12.17
CA VAL Q 49 -59.93 -81.29 12.93
C VAL Q 49 -59.87 -80.08 12.01
N ASP Q 50 -58.84 -80.03 11.15
CA ASP Q 50 -58.72 -78.94 10.18
C ASP Q 50 -59.81 -79.00 9.12
N GLN Q 51 -60.29 -80.20 8.76
CA GLN Q 51 -61.43 -80.29 7.86
C GLN Q 51 -62.74 -79.95 8.55
N MET Q 52 -62.76 -79.93 9.88
CA MET Q 52 -63.89 -79.37 10.62
C MET Q 52 -63.68 -77.90 10.97
N LEU Q 53 -62.55 -77.31 10.60
CA LEU Q 53 -62.34 -75.88 10.74
C LEU Q 53 -62.56 -75.13 9.45
N VAL Q 54 -62.24 -75.74 8.30
CA VAL Q 54 -62.51 -75.12 7.01
C VAL Q 54 -64.01 -75.08 6.75
N GLU Q 55 -64.73 -76.16 7.07
CA GLU Q 55 -66.17 -76.16 6.94
C GLU Q 55 -66.83 -75.28 8.01
N LEU Q 56 -66.15 -75.07 9.14
CA LEU Q 56 -66.65 -74.13 10.15
C LEU Q 56 -66.49 -72.69 9.69
N ASP Q 57 -65.36 -72.37 9.06
CA ASP Q 57 -65.14 -71.02 8.56
C ASP Q 57 -66.05 -70.68 7.39
N LYS Q 58 -66.52 -71.70 6.65
CA LYS Q 58 -67.56 -71.45 5.65
C LYS Q 58 -68.89 -71.10 6.30
N LYS Q 59 -69.11 -71.57 7.54
CA LYS Q 59 -70.32 -71.21 8.25
C LYS Q 59 -70.21 -69.85 8.94
N ILE Q 60 -69.01 -69.48 9.38
CA ILE Q 60 -68.87 -68.24 10.15
C ILE Q 60 -68.66 -67.05 9.23
N SER Q 61 -67.75 -67.16 8.27
CA SER Q 61 -67.42 -66.02 7.41
C SER Q 61 -68.56 -65.70 6.45
N ALA Q 62 -69.42 -66.67 6.13
CA ALA Q 62 -70.62 -66.35 5.38
C ALA Q 62 -71.63 -65.60 6.22
N GLN Q 63 -71.57 -65.76 7.53
CA GLN Q 63 -72.40 -64.95 8.42
C GLN Q 63 -71.78 -63.58 8.68
N MET Q 64 -70.46 -63.53 8.80
CA MET Q 64 -69.77 -62.27 9.00
C MET Q 64 -69.55 -61.48 7.72
N ASP Q 65 -69.96 -62.02 6.57
CA ASP Q 65 -70.18 -61.19 5.39
C ASP Q 65 -71.64 -60.76 5.27
N GLU Q 66 -72.44 -61.02 6.29
CA GLU Q 66 -73.82 -60.57 6.33
C GLU Q 66 -74.15 -59.73 7.55
N ILE Q 67 -73.46 -59.95 8.67
CA ILE Q 67 -73.55 -58.99 9.77
C ILE Q 67 -72.82 -57.71 9.40
N LEU Q 68 -71.69 -57.84 8.70
CA LEU Q 68 -71.11 -56.70 8.02
C LEU Q 68 -71.87 -56.49 6.70
N HIS Q 69 -71.41 -55.50 5.92
CA HIS Q 69 -71.88 -55.22 4.55
C HIS Q 69 -73.38 -54.90 4.50
N ASN Q 70 -73.92 -54.38 5.59
CA ASN Q 70 -75.32 -54.02 5.69
C ASN Q 70 -75.47 -52.51 5.50
N SER Q 71 -76.63 -52.10 4.97
CA SER Q 71 -76.83 -50.69 4.62
C SER Q 71 -76.91 -49.81 5.86
N GLN Q 72 -77.30 -50.38 7.01
CA GLN Q 72 -77.23 -49.63 8.26
C GLN Q 72 -75.84 -49.65 8.84
N PHE Q 73 -75.11 -50.77 8.68
CA PHE Q 73 -73.79 -50.88 9.27
C PHE Q 73 -72.75 -50.14 8.43
N GLN Q 74 -72.69 -50.43 7.13
CA GLN Q 74 -71.62 -49.92 6.27
C GLN Q 74 -71.72 -48.41 6.08
N ALA Q 75 -72.94 -47.87 5.98
CA ALA Q 75 -73.09 -46.42 5.88
C ALA Q 75 -72.75 -45.73 7.19
N MET Q 76 -72.88 -46.43 8.31
CA MET Q 76 -72.43 -45.92 9.60
C MET Q 76 -71.04 -46.41 9.97
N GLU Q 77 -70.39 -47.17 9.10
CA GLU Q 77 -68.97 -47.46 9.28
C GLU Q 77 -68.10 -46.53 8.44
N SER Q 78 -68.52 -46.26 7.20
CA SER Q 78 -67.78 -45.34 6.34
C SER Q 78 -67.85 -43.91 6.86
N ALA Q 79 -68.98 -43.54 7.47
CA ALA Q 79 -69.13 -42.21 8.04
C ALA Q 79 -68.37 -42.04 9.35
N TRP Q 80 -67.82 -43.11 9.90
CA TRP Q 80 -67.12 -43.04 11.17
C TRP Q 80 -65.67 -43.49 11.09
N ARG Q 81 -65.36 -44.52 10.30
CA ARG Q 81 -63.96 -44.85 10.07
C ARG Q 81 -63.31 -43.84 9.14
N GLY Q 82 -64.09 -43.24 8.24
CA GLY Q 82 -63.59 -42.14 7.44
C GLY Q 82 -63.26 -40.90 8.24
N LEU Q 83 -63.88 -40.73 9.41
CA LEU Q 83 -63.45 -39.69 10.33
C LEU Q 83 -62.07 -40.02 10.90
N LYS Q 84 -61.80 -41.30 11.18
CA LYS Q 84 -60.50 -41.69 11.70
C LYS Q 84 -59.39 -41.44 10.68
N LEU Q 85 -59.71 -41.55 9.39
CA LEU Q 85 -58.77 -41.14 8.35
C LEU Q 85 -58.58 -39.63 8.34
N PHE Q 86 -59.55 -38.86 8.84
CA PHE Q 86 -59.33 -37.43 8.97
C PHE Q 86 -58.66 -37.07 10.29
N VAL Q 87 -58.72 -37.93 11.29
CA VAL Q 87 -58.05 -37.64 12.55
C VAL Q 87 -56.59 -38.09 12.51
N ASP Q 88 -56.31 -39.22 11.87
CA ASP Q 88 -54.96 -39.77 11.90
C ASP Q 88 -53.99 -38.99 11.02
N ARG Q 89 -54.47 -38.37 9.94
CA ARG Q 89 -53.56 -37.68 9.04
C ARG Q 89 -53.24 -36.27 9.52
N THR Q 90 -54.22 -35.56 10.05
CA THR Q 90 -54.05 -34.16 10.42
C THR Q 90 -53.28 -34.04 11.73
N ASP Q 91 -52.23 -33.24 11.73
CA ASP Q 91 -51.35 -33.12 12.88
C ASP Q 91 -51.98 -32.13 13.85
N PHE Q 92 -52.57 -32.64 14.93
CA PHE Q 92 -53.22 -31.80 15.92
C PHE Q 92 -52.22 -31.03 16.78
N ARG Q 93 -50.95 -31.39 16.75
CA ARG Q 93 -49.95 -30.57 17.42
C ARG Q 93 -49.68 -29.27 16.69
N GLU Q 94 -49.91 -29.24 15.38
CA GLU Q 94 -49.65 -28.04 14.58
C GLU Q 94 -50.89 -27.16 14.44
N ASN Q 95 -51.53 -26.86 15.58
CA ASN Q 95 -52.64 -25.91 15.69
C ASN Q 95 -53.81 -26.28 14.79
N ASN Q 96 -54.42 -27.42 15.08
CA ASN Q 96 -55.60 -27.89 14.36
C ASN Q 96 -56.59 -28.45 15.34
N LYS Q 97 -57.87 -28.12 15.15
CA LYS Q 97 -58.95 -28.74 15.90
C LYS Q 97 -60.07 -29.05 14.94
N VAL Q 98 -60.91 -30.01 15.30
CA VAL Q 98 -62.03 -30.39 14.45
C VAL Q 98 -63.25 -30.69 15.31
N GLU Q 99 -64.35 -30.03 15.00
CA GLU Q 99 -65.61 -30.24 15.69
C GLU Q 99 -66.44 -31.28 14.97
N ILE Q 100 -67.22 -32.03 15.74
CA ILE Q 100 -68.01 -33.15 15.25
C ILE Q 100 -69.47 -32.89 15.59
N LEU Q 101 -70.31 -32.74 14.56
CA LEU Q 101 -71.71 -32.44 14.74
C LEU Q 101 -72.57 -33.57 14.21
N HIS Q 102 -73.44 -34.10 15.06
CA HIS Q 102 -74.40 -35.13 14.67
C HIS Q 102 -75.66 -34.44 14.14
N VAL Q 103 -75.80 -34.41 12.83
CA VAL Q 103 -77.08 -34.14 12.21
C VAL Q 103 -77.42 -35.33 11.36
N THR Q 104 -78.62 -35.33 10.80
CA THR Q 104 -78.88 -36.14 9.62
C THR Q 104 -79.24 -35.20 8.47
N LYS Q 105 -79.05 -35.70 7.25
CA LYS Q 105 -79.19 -34.87 6.06
C LYS Q 105 -80.63 -34.41 5.84
N ASP Q 106 -81.59 -35.23 6.25
CA ASP Q 106 -82.99 -34.81 6.17
C ASP Q 106 -83.37 -33.86 7.29
N GLU Q 107 -82.66 -33.93 8.42
CA GLU Q 107 -82.93 -33.00 9.51
C GLU Q 107 -82.44 -31.60 9.18
N LEU Q 108 -81.38 -31.50 8.37
CA LEU Q 108 -80.69 -30.23 8.22
C LEU Q 108 -81.48 -29.27 7.34
N LEU Q 109 -82.13 -29.78 6.30
CA LEU Q 109 -82.99 -28.94 5.47
C LEU Q 109 -84.24 -28.50 6.24
N GLU Q 110 -84.75 -29.37 7.11
CA GLU Q 110 -85.85 -29.00 8.00
C GLU Q 110 -85.43 -27.92 8.99
N ASP Q 111 -84.16 -27.93 9.41
CA ASP Q 111 -83.66 -26.91 10.30
C ASP Q 111 -83.44 -25.58 9.59
N PHE Q 112 -83.23 -25.58 8.27
CA PHE Q 112 -83.28 -24.34 7.52
C PHE Q 112 -84.70 -23.94 7.18
N GLU Q 113 -85.62 -24.89 7.13
CA GLU Q 113 -87.04 -24.58 7.05
C GLU Q 113 -87.57 -24.12 8.41
N PHE Q 114 -86.85 -24.44 9.48
CA PHE Q 114 -87.23 -24.09 10.85
C PHE Q 114 -87.20 -22.57 11.05
N ALA Q 115 -86.08 -21.94 10.71
CA ALA Q 115 -85.96 -20.50 10.92
C ALA Q 115 -86.42 -19.74 9.68
N PRO Q 116 -87.01 -18.56 9.87
CA PRO Q 116 -87.41 -17.74 8.71
C PRO Q 116 -86.25 -17.15 7.95
N GLU Q 117 -85.08 -17.03 8.58
CA GLU Q 117 -83.89 -16.50 7.95
C GLU Q 117 -82.71 -17.39 8.29
N THR Q 118 -81.76 -17.51 7.37
CA THR Q 118 -80.55 -18.31 7.59
C THR Q 118 -79.71 -17.77 8.73
N ALA Q 119 -79.84 -16.49 9.06
CA ALA Q 119 -79.15 -15.89 10.19
C ALA Q 119 -79.81 -16.17 11.52
N GLN Q 120 -80.82 -17.03 11.57
CA GLN Q 120 -81.38 -17.48 12.83
C GLN Q 120 -81.51 -19.00 12.90
N SER Q 121 -80.83 -19.72 12.01
CA SER Q 121 -80.96 -21.16 11.93
C SER Q 121 -80.24 -21.84 13.09
N GLY Q 122 -80.38 -23.17 13.15
CA GLY Q 122 -79.66 -23.93 14.16
C GLY Q 122 -78.27 -24.31 13.73
N LEU Q 123 -78.05 -24.45 12.42
CA LEU Q 123 -76.69 -24.68 11.94
C LEU Q 123 -75.87 -23.39 11.96
N TYR Q 124 -76.54 -22.24 11.80
CA TYR Q 124 -75.89 -20.95 11.93
C TYR Q 124 -75.38 -20.71 13.34
N LYS Q 125 -75.98 -21.36 14.33
CA LYS Q 125 -75.48 -21.24 15.69
C LYS Q 125 -74.15 -21.96 15.87
N HIS Q 126 -73.97 -23.10 15.20
CA HIS Q 126 -72.77 -23.89 15.40
C HIS Q 126 -71.64 -23.50 14.45
N VAL Q 127 -71.97 -22.93 13.29
CA VAL Q 127 -70.94 -22.54 12.34
C VAL Q 127 -70.45 -21.13 12.66
N TYR Q 128 -71.38 -20.20 12.86
CA TYR Q 128 -71.03 -18.79 13.03
C TYR Q 128 -70.86 -18.43 14.50
N SER Q 129 -71.92 -18.57 15.29
CA SER Q 129 -71.96 -17.90 16.58
C SER Q 129 -71.20 -18.64 17.66
N ALA Q 130 -71.20 -19.97 17.66
CA ALA Q 130 -70.43 -20.69 18.66
C ALA Q 130 -68.94 -20.70 18.33
N GLY Q 131 -68.59 -20.38 17.09
CA GLY Q 131 -67.21 -20.35 16.66
C GLY Q 131 -66.77 -18.94 16.35
N TYR Q 132 -66.92 -18.58 15.08
CA TYR Q 132 -66.44 -17.31 14.55
C TYR Q 132 -67.07 -16.11 15.23
N GLY Q 133 -68.38 -16.09 15.36
CA GLY Q 133 -69.04 -14.97 16.01
C GLY Q 133 -69.04 -15.07 17.51
N GLN Q 134 -67.85 -15.05 18.11
CA GLN Q 134 -67.69 -15.30 19.53
C GLN Q 134 -66.40 -14.65 19.98
N PHE Q 135 -66.44 -13.94 21.09
CA PHE Q 135 -65.23 -13.32 21.63
C PHE Q 135 -64.28 -14.38 22.14
N GLY Q 136 -63.13 -14.49 21.49
CA GLY Q 136 -62.11 -15.45 21.86
C GLY Q 136 -62.29 -16.84 21.31
N GLY Q 137 -63.47 -17.16 20.76
CA GLY Q 137 -63.69 -18.49 20.24
C GLY Q 137 -62.96 -18.70 18.92
N GLU Q 138 -62.53 -19.93 18.71
CA GLU Q 138 -61.81 -20.27 17.48
C GLU Q 138 -62.77 -20.32 16.31
N PRO Q 139 -62.44 -19.70 15.18
CA PRO Q 139 -63.39 -19.60 14.07
C PRO Q 139 -63.28 -20.82 13.17
N VAL Q 140 -64.29 -20.96 12.32
CA VAL Q 140 -64.50 -22.16 11.52
C VAL Q 140 -63.85 -22.00 10.16
N GLY Q 141 -62.96 -22.92 9.81
CA GLY Q 141 -62.30 -22.87 8.53
C GLY Q 141 -63.13 -23.42 7.39
N ALA Q 142 -63.68 -24.62 7.56
CA ALA Q 142 -64.47 -25.24 6.50
C ALA Q 142 -65.46 -26.21 7.12
N ILE Q 143 -66.51 -26.52 6.35
CA ILE Q 143 -67.55 -27.44 6.78
C ILE Q 143 -67.47 -28.68 5.92
N ILE Q 144 -67.11 -29.82 6.51
CA ILE Q 144 -67.11 -31.09 5.81
C ILE Q 144 -68.54 -31.60 5.77
N GLY Q 145 -69.07 -31.74 4.55
CA GLY Q 145 -70.38 -32.34 4.38
C GLY Q 145 -70.27 -33.82 4.07
N ASN Q 146 -70.73 -34.66 5.00
CA ASN Q 146 -70.63 -36.11 4.85
C ASN Q 146 -71.89 -36.64 4.16
N TYR Q 147 -72.19 -36.05 3.01
CA TYR Q 147 -73.49 -36.19 2.37
C TYR Q 147 -73.32 -36.80 0.98
N ALA Q 148 -74.45 -37.14 0.38
CA ALA Q 148 -74.50 -37.64 -1.00
C ALA Q 148 -75.57 -36.84 -1.72
N PHE Q 149 -75.15 -35.83 -2.47
CA PHE Q 149 -76.08 -34.86 -3.03
C PHE Q 149 -76.70 -35.35 -4.32
N THR Q 150 -77.99 -35.19 -4.43
CA THR Q 150 -78.80 -35.34 -5.62
C THR Q 150 -79.00 -33.98 -6.27
N PRO Q 151 -79.44 -33.92 -7.53
CA PRO Q 151 -79.79 -32.61 -8.09
C PRO Q 151 -81.23 -32.20 -7.87
N SER Q 152 -81.92 -32.87 -6.94
CA SER Q 152 -83.32 -32.60 -6.70
C SER Q 152 -83.50 -31.33 -5.89
N THR Q 153 -84.75 -30.91 -5.74
CA THR Q 153 -85.14 -29.71 -5.00
C THR Q 153 -84.82 -29.80 -3.49
N PRO Q 154 -84.97 -30.92 -2.77
CA PRO Q 154 -84.48 -30.93 -1.38
C PRO Q 154 -82.96 -30.96 -1.22
N ASP Q 155 -82.18 -30.95 -2.30
CA ASP Q 155 -80.74 -30.82 -2.20
C ASP Q 155 -80.18 -29.61 -2.92
N MET Q 156 -80.98 -28.91 -3.72
CA MET Q 156 -80.60 -27.59 -4.19
C MET Q 156 -81.16 -26.50 -3.30
N LYS Q 157 -82.14 -26.81 -2.47
CA LYS Q 157 -82.58 -25.87 -1.44
C LYS Q 157 -81.61 -25.87 -0.26
N LEU Q 158 -80.98 -27.00 0.01
CA LEU Q 158 -79.99 -27.06 1.07
C LEU Q 158 -78.74 -26.27 0.70
N LEU Q 159 -78.24 -26.46 -0.52
CA LEU Q 159 -77.02 -25.78 -0.93
C LEU Q 159 -77.24 -24.29 -1.14
N GLN Q 160 -78.46 -23.87 -1.45
CA GLN Q 160 -78.75 -22.44 -1.47
C GLN Q 160 -78.69 -21.87 -0.05
N TYR Q 161 -79.06 -22.67 0.94
CA TYR Q 161 -78.98 -22.29 2.34
C TYR Q 161 -77.64 -22.66 2.97
N MET Q 162 -76.73 -23.27 2.22
CA MET Q 162 -75.37 -23.44 2.69
C MET Q 162 -74.39 -22.49 2.03
N GLY Q 163 -74.71 -22.01 0.83
CA GLY Q 163 -73.93 -20.93 0.25
C GLY Q 163 -74.14 -19.62 0.96
N ALA Q 164 -75.36 -19.39 1.44
CA ALA Q 164 -75.61 -18.20 2.25
C ALA Q 164 -75.03 -18.32 3.63
N LEU Q 165 -74.97 -19.53 4.18
CA LEU Q 165 -74.29 -19.73 5.45
C LEU Q 165 -72.78 -19.60 5.29
N GLY Q 166 -72.24 -20.11 4.18
CA GLY Q 166 -70.82 -20.00 3.92
C GLY Q 166 -70.36 -18.59 3.61
N ALA Q 167 -71.26 -17.73 3.18
CA ALA Q 167 -70.89 -16.34 2.93
C ALA Q 167 -71.01 -15.47 4.17
N MET Q 168 -71.56 -16.01 5.25
CA MET Q 168 -71.64 -15.24 6.48
C MET Q 168 -70.49 -15.57 7.43
N ALA Q 169 -70.12 -16.84 7.54
CA ALA Q 169 -69.05 -17.24 8.43
C ALA Q 169 -67.71 -17.39 7.72
N HIS Q 170 -67.66 -17.09 6.42
CA HIS Q 170 -66.46 -17.15 5.58
C HIS Q 170 -65.83 -18.54 5.60
N ALA Q 171 -66.65 -19.55 5.41
CA ALA Q 171 -66.14 -20.90 5.42
C ALA Q 171 -66.84 -21.70 4.33
N PRO Q 172 -66.10 -22.24 3.38
CA PRO Q 172 -66.75 -22.99 2.30
C PRO Q 172 -67.22 -24.35 2.78
N PHE Q 173 -68.38 -24.76 2.26
CA PHE Q 173 -68.99 -26.03 2.61
C PHE Q 173 -68.57 -27.06 1.57
N ILE Q 174 -67.73 -28.02 1.98
CA ILE Q 174 -67.25 -29.07 1.10
C ILE Q 174 -68.02 -30.36 1.37
N SER Q 175 -68.57 -30.94 0.32
CA SER Q 175 -69.33 -32.17 0.37
C SER Q 175 -69.12 -32.89 -0.96
N SER Q 176 -69.96 -33.87 -1.26
CA SER Q 176 -69.78 -34.61 -2.50
C SER Q 176 -71.12 -34.85 -3.18
N VAL Q 177 -71.06 -35.00 -4.50
CA VAL Q 177 -72.19 -35.41 -5.29
C VAL Q 177 -72.18 -36.93 -5.37
N GLY Q 178 -73.35 -37.50 -5.66
CA GLY Q 178 -73.49 -38.93 -5.72
C GLY Q 178 -73.41 -39.46 -7.14
N PRO Q 179 -73.53 -40.78 -7.29
CA PRO Q 179 -73.66 -41.35 -8.64
C PRO Q 179 -74.89 -40.84 -9.36
N GLU Q 180 -76.02 -40.77 -8.65
CA GLU Q 180 -77.28 -40.32 -9.22
C GLU Q 180 -77.27 -38.84 -9.59
N PHE Q 181 -76.27 -38.09 -9.14
CA PHE Q 181 -76.13 -36.70 -9.57
C PHE Q 181 -75.83 -36.63 -11.06
N PHE Q 182 -74.95 -37.50 -11.53
CA PHE Q 182 -74.64 -37.53 -12.95
C PHE Q 182 -75.66 -38.31 -13.76
N GLY Q 183 -76.57 -39.02 -13.11
CA GLY Q 183 -77.59 -39.78 -13.80
C GLY Q 183 -77.09 -41.11 -14.36
N ILE Q 184 -76.37 -41.86 -13.54
CA ILE Q 184 -75.83 -43.14 -13.96
C ILE Q 184 -76.25 -44.30 -13.06
N ASP Q 185 -76.66 -44.04 -11.80
CA ASP Q 185 -77.25 -45.00 -10.87
C ASP Q 185 -76.34 -46.16 -10.45
N SER Q 186 -75.10 -46.15 -10.93
CA SER Q 186 -74.07 -47.13 -10.65
C SER Q 186 -72.78 -46.49 -11.11
N PHE Q 187 -71.77 -46.42 -10.25
CA PHE Q 187 -70.79 -45.36 -10.44
C PHE Q 187 -69.70 -45.69 -11.45
N GLU Q 188 -69.34 -46.96 -11.62
CA GLU Q 188 -68.17 -47.31 -12.43
C GLU Q 188 -68.35 -47.11 -13.92
N GLU Q 189 -69.49 -46.58 -14.37
CA GLU Q 189 -69.70 -46.22 -15.77
C GLU Q 189 -69.53 -44.72 -16.00
N LEU Q 190 -68.67 -44.07 -15.23
CA LEU Q 190 -68.45 -42.65 -15.44
C LEU Q 190 -67.52 -42.32 -16.63
N PRO Q 191 -66.40 -43.02 -16.89
CA PRO Q 191 -65.64 -42.71 -18.11
C PRO Q 191 -66.35 -43.07 -19.40
N ASN Q 192 -67.44 -43.84 -19.34
CA ASN Q 192 -68.23 -44.13 -20.52
C ASN Q 192 -68.99 -42.90 -21.00
N ILE Q 193 -69.14 -41.88 -20.16
CA ILE Q 193 -69.79 -40.64 -20.56
C ILE Q 193 -68.93 -39.93 -21.59
N LYS Q 194 -69.47 -39.76 -22.80
CA LYS Q 194 -68.71 -39.19 -23.89
C LYS Q 194 -68.92 -37.70 -24.07
N ASP Q 195 -69.92 -37.12 -23.40
CA ASP Q 195 -70.12 -35.68 -23.44
C ASP Q 195 -70.80 -35.28 -22.14
N LEU Q 196 -70.02 -34.76 -21.20
CA LEU Q 196 -70.53 -34.37 -19.90
C LEU Q 196 -70.95 -32.90 -19.86
N LYS Q 197 -70.54 -32.11 -20.85
CA LYS Q 197 -70.99 -30.73 -20.94
C LYS Q 197 -72.47 -30.64 -21.29
N SER Q 198 -72.94 -31.51 -22.18
CA SER Q 198 -74.35 -31.50 -22.55
C SER Q 198 -75.24 -32.11 -21.49
N THR Q 199 -74.69 -32.92 -20.59
CA THR Q 199 -75.48 -33.51 -19.52
C THR Q 199 -75.92 -32.42 -18.53
N PHE Q 200 -75.06 -31.44 -18.28
CA PHE Q 200 -75.36 -30.40 -17.32
C PHE Q 200 -76.25 -29.30 -17.87
N GLU Q 201 -76.49 -29.28 -19.19
CA GLU Q 201 -77.39 -28.32 -19.82
C GLU Q 201 -78.75 -28.93 -20.12
N SER Q 202 -79.23 -29.83 -19.22
CA SER Q 202 -80.51 -30.52 -19.16
C SER Q 202 -81.49 -29.79 -18.27
N PRO Q 203 -82.79 -29.85 -18.56
CA PRO Q 203 -83.77 -29.15 -17.71
C PRO Q 203 -83.98 -29.80 -16.35
N LYS Q 204 -83.38 -30.95 -16.05
CA LYS Q 204 -83.40 -31.46 -14.68
C LYS Q 204 -82.53 -30.62 -13.77
N TYR Q 205 -81.54 -29.92 -14.34
CA TYR Q 205 -80.55 -29.15 -13.58
C TYR Q 205 -80.83 -27.66 -13.62
N THR Q 206 -82.10 -27.24 -13.61
CA THR Q 206 -82.40 -25.81 -13.59
C THR Q 206 -82.11 -25.23 -12.21
N LYS Q 207 -82.28 -26.02 -11.17
CA LYS Q 207 -81.88 -25.61 -9.82
C LYS Q 207 -80.41 -25.84 -9.54
N TRP Q 208 -79.65 -26.33 -10.51
CA TRP Q 208 -78.20 -26.42 -10.44
C TRP Q 208 -77.53 -25.26 -11.17
N ARG Q 209 -77.95 -24.98 -12.41
CA ARG Q 209 -77.38 -23.90 -13.17
C ARG Q 209 -77.80 -22.53 -12.66
N SER Q 210 -78.85 -22.47 -11.84
CA SER Q 210 -79.17 -21.23 -11.13
C SER Q 210 -78.43 -21.13 -9.81
N LEU Q 211 -78.03 -22.26 -9.24
CA LEU Q 211 -77.16 -22.22 -8.07
C LEU Q 211 -75.76 -21.75 -8.44
N ARG Q 212 -75.28 -22.16 -9.61
CA ARG Q 212 -73.92 -21.83 -10.01
C ARG Q 212 -73.77 -20.35 -10.32
N GLU Q 213 -74.79 -19.72 -10.89
CA GLU Q 213 -74.71 -18.30 -11.21
C GLU Q 213 -74.80 -17.42 -9.98
N SER Q 214 -75.24 -17.96 -8.85
CA SER Q 214 -75.48 -17.15 -7.67
C SER Q 214 -74.17 -16.66 -7.05
N GLU Q 215 -74.27 -15.58 -6.28
CA GLU Q 215 -73.08 -14.93 -5.74
C GLU Q 215 -72.51 -15.69 -4.56
N ASP Q 216 -73.37 -16.20 -3.68
CA ASP Q 216 -72.91 -16.91 -2.51
C ASP Q 216 -72.52 -18.37 -2.78
N ALA Q 217 -72.54 -18.81 -4.04
CA ALA Q 217 -72.07 -20.14 -4.39
C ALA Q 217 -70.56 -20.27 -4.34
N ARG Q 218 -69.87 -19.15 -4.12
CA ARG Q 218 -68.41 -19.12 -4.05
C ARG Q 218 -67.90 -19.96 -2.89
N TYR Q 219 -68.71 -20.13 -1.86
CA TYR Q 219 -68.35 -20.88 -0.65
C TYR Q 219 -68.93 -22.28 -0.68
N LEU Q 220 -68.96 -22.91 -1.86
CA LEU Q 220 -69.50 -24.25 -2.00
C LEU Q 220 -68.63 -25.03 -2.98
N GLY Q 221 -67.84 -25.96 -2.47
CA GLY Q 221 -67.14 -26.93 -3.30
C GLY Q 221 -67.77 -28.30 -3.13
N LEU Q 222 -67.91 -29.03 -4.23
CA LEU Q 222 -68.46 -30.37 -4.19
C LEU Q 222 -67.44 -31.33 -4.77
N THR Q 223 -67.09 -32.35 -4.00
CA THR Q 223 -65.85 -33.08 -4.21
C THR Q 223 -66.06 -34.28 -5.13
N ALA Q 224 -65.10 -35.19 -5.07
CA ALA Q 224 -64.66 -36.30 -5.90
C ALA Q 224 -65.65 -37.44 -6.02
N PRO Q 225 -65.34 -38.50 -6.79
CA PRO Q 225 -66.16 -39.73 -6.72
C PRO Q 225 -66.41 -40.32 -5.35
N ARG Q 226 -65.42 -40.99 -4.75
CA ARG Q 226 -65.42 -41.71 -3.47
C ARG Q 226 -64.02 -42.27 -3.33
N PHE Q 227 -63.73 -42.82 -2.15
CA PHE Q 227 -62.43 -43.44 -1.97
C PHE Q 227 -62.56 -44.58 -0.96
N LEU Q 228 -61.61 -45.50 -1.02
CA LEU Q 228 -61.63 -46.72 -0.23
C LEU Q 228 -61.08 -46.47 1.17
N LEU Q 229 -61.65 -47.16 2.16
CA LEU Q 229 -61.25 -47.02 3.55
C LEU Q 229 -60.62 -48.27 4.13
N ARG Q 230 -61.25 -49.43 3.96
CA ARG Q 230 -60.83 -50.64 4.64
C ARG Q 230 -60.45 -51.70 3.62
N VAL Q 231 -59.22 -52.19 3.73
CA VAL Q 231 -58.82 -53.40 3.01
C VAL Q 231 -59.59 -54.58 3.57
N PRO Q 232 -60.23 -55.40 2.73
CA PRO Q 232 -60.89 -56.60 3.24
C PRO Q 232 -59.87 -57.58 3.81
N TYR Q 233 -60.25 -58.22 4.92
CA TYR Q 233 -59.31 -58.95 5.76
C TYR Q 233 -58.89 -60.26 5.08
N ASP Q 234 -57.82 -60.85 5.62
CA ASP Q 234 -57.19 -62.00 5.00
C ASP Q 234 -56.44 -62.74 6.10
N PRO Q 235 -56.43 -64.08 6.10
CA PRO Q 235 -55.71 -64.81 7.15
C PRO Q 235 -54.19 -64.75 7.04
N ILE Q 236 -53.64 -64.15 5.99
CA ILE Q 236 -52.20 -63.98 5.83
C ILE Q 236 -51.79 -62.52 5.89
N GLU Q 237 -52.50 -61.66 5.16
CA GLU Q 237 -52.10 -60.26 5.05
C GLU Q 237 -52.49 -59.45 6.27
N ASN Q 238 -53.79 -59.36 6.55
CA ASN Q 238 -54.32 -58.59 7.68
C ASN Q 238 -55.17 -59.53 8.52
N PRO Q 239 -54.55 -60.31 9.40
CA PRO Q 239 -55.30 -61.33 10.15
C PRO Q 239 -56.08 -60.73 11.30
N VAL Q 240 -56.93 -61.56 11.90
CA VAL Q 240 -57.66 -61.22 13.11
C VAL Q 240 -57.25 -62.20 14.21
N LYS Q 241 -57.48 -61.78 15.45
CA LYS Q 241 -56.97 -62.50 16.61
C LYS Q 241 -57.77 -63.79 16.84
N SER Q 242 -57.06 -64.92 16.86
CA SER Q 242 -57.60 -66.26 17.15
C SER Q 242 -58.69 -66.67 16.17
N PHE Q 243 -58.61 -66.20 14.93
CA PHE Q 243 -59.59 -66.52 13.90
C PHE Q 243 -58.95 -66.26 12.54
N ASN Q 244 -59.45 -66.96 11.53
CA ASN Q 244 -59.03 -66.75 10.14
C ASN Q 244 -60.24 -66.26 9.36
N TYR Q 245 -60.17 -65.01 8.92
CA TYR Q 245 -61.32 -64.33 8.30
C TYR Q 245 -60.94 -63.91 6.88
N ALA Q 246 -61.50 -64.59 5.89
CA ALA Q 246 -61.36 -64.22 4.48
C ALA Q 246 -62.66 -63.57 4.05
N GLU Q 247 -62.65 -62.25 3.92
CA GLU Q 247 -63.85 -61.48 3.57
C GLU Q 247 -64.12 -61.66 2.09
N ASN Q 248 -65.10 -62.50 1.77
CA ASN Q 248 -65.43 -62.82 0.39
C ASN Q 248 -66.16 -61.63 -0.25
N VAL Q 249 -65.42 -60.78 -0.93
CA VAL Q 249 -65.99 -59.63 -1.62
C VAL Q 249 -66.47 -60.07 -2.99
N SER Q 250 -67.76 -59.87 -3.25
CA SER Q 250 -68.40 -60.34 -4.47
C SER Q 250 -68.11 -59.37 -5.62
N ALA Q 251 -68.80 -59.56 -6.74
CA ALA Q 251 -68.63 -58.69 -7.89
C ALA Q 251 -69.26 -57.32 -7.67
N SER Q 252 -70.18 -57.20 -6.72
CA SER Q 252 -70.71 -55.90 -6.35
C SER Q 252 -69.65 -55.12 -5.58
N HIS Q 253 -69.23 -53.99 -6.14
CA HIS Q 253 -68.24 -53.14 -5.49
C HIS Q 253 -68.85 -52.18 -4.48
N GLU Q 254 -70.11 -52.39 -4.10
CA GLU Q 254 -70.70 -51.62 -3.02
C GLU Q 254 -70.37 -52.20 -1.65
N HIS Q 255 -69.79 -53.41 -1.61
CA HIS Q 255 -69.46 -54.03 -0.33
C HIS Q 255 -68.15 -53.54 0.25
N TYR Q 256 -67.27 -52.98 -0.59
CA TYR Q 256 -66.10 -52.27 -0.08
C TYR Q 256 -66.55 -51.07 0.75
N LEU Q 257 -65.79 -50.77 1.79
CA LEU Q 257 -66.12 -49.66 2.67
C LEU Q 257 -65.72 -48.36 1.97
N TRP Q 258 -66.62 -47.86 1.13
CA TRP Q 258 -66.33 -46.64 0.39
C TRP Q 258 -66.67 -45.42 1.22
N GLY Q 259 -65.68 -44.58 1.48
CA GLY Q 259 -65.85 -43.39 2.27
C GLY Q 259 -66.38 -42.21 1.46
N ASN Q 260 -66.46 -41.07 2.12
CA ASN Q 260 -66.87 -39.82 1.49
C ASN Q 260 -65.65 -38.91 1.34
N THR Q 261 -65.45 -38.34 0.15
CA THR Q 261 -64.20 -37.67 -0.15
C THR Q 261 -64.13 -36.26 0.41
N ALA Q 262 -65.21 -35.77 1.02
CA ALA Q 262 -65.11 -34.54 1.79
C ALA Q 262 -64.19 -34.70 3.00
N PHE Q 263 -64.07 -35.93 3.51
CA PHE Q 263 -63.00 -36.27 4.43
C PHE Q 263 -61.64 -36.09 3.79
N ALA Q 264 -61.45 -36.66 2.60
CA ALA Q 264 -60.13 -36.71 1.98
C ALA Q 264 -59.71 -35.39 1.38
N PHE Q 265 -60.65 -34.55 0.97
CA PHE Q 265 -60.26 -33.22 0.48
C PHE Q 265 -59.93 -32.27 1.61
N ALA Q 266 -60.61 -32.42 2.75
CA ALA Q 266 -60.25 -31.64 3.91
C ALA Q 266 -58.98 -32.15 4.60
N THR Q 267 -58.51 -33.33 4.22
CA THR Q 267 -57.18 -33.75 4.64
C THR Q 267 -56.13 -32.84 4.03
N ARG Q 268 -56.34 -32.40 2.81
CA ARG Q 268 -55.40 -31.51 2.14
C ARG Q 268 -55.57 -30.04 2.53
N LEU Q 269 -56.74 -29.66 3.04
CA LEU Q 269 -56.87 -28.34 3.64
C LEU Q 269 -56.06 -28.25 4.92
N THR Q 270 -55.95 -29.34 5.65
CA THR Q 270 -55.32 -29.29 6.96
C THR Q 270 -53.85 -29.65 6.89
N ASP Q 271 -53.48 -30.60 6.02
CA ASP Q 271 -52.06 -30.88 5.85
C ASP Q 271 -51.33 -29.78 5.08
N SER Q 272 -52.05 -28.88 4.42
CA SER Q 272 -51.43 -27.65 3.96
C SER Q 272 -51.31 -26.64 5.08
N PHE Q 273 -52.24 -26.64 6.03
CA PHE Q 273 -52.15 -25.69 7.13
C PHE Q 273 -51.12 -26.11 8.15
N ALA Q 274 -50.88 -27.41 8.31
CA ALA Q 274 -49.91 -27.87 9.29
C ALA Q 274 -48.48 -27.63 8.86
N LYS Q 275 -48.25 -27.25 7.61
CA LYS Q 275 -46.91 -27.02 7.08
C LYS Q 275 -46.60 -25.55 6.88
N TYR Q 276 -47.53 -24.78 6.32
CA TYR Q 276 -47.27 -23.39 5.96
C TYR Q 276 -48.15 -22.40 6.69
N ARG Q 277 -49.08 -22.86 7.54
CA ARG Q 277 -50.05 -22.04 8.28
C ARG Q 277 -50.93 -21.19 7.36
N TRP Q 278 -51.15 -21.68 6.15
CA TRP Q 278 -52.13 -21.14 5.23
C TRP Q 278 -52.71 -22.31 4.46
N CYS Q 279 -53.61 -22.01 3.53
CA CYS Q 279 -54.14 -23.03 2.63
C CYS Q 279 -54.49 -22.49 1.25
N PRO Q 280 -53.49 -22.20 0.40
CA PRO Q 280 -53.76 -22.27 -1.03
C PRO Q 280 -53.27 -23.56 -1.65
N ASN Q 281 -52.53 -24.36 -0.88
CA ASN Q 281 -51.79 -25.50 -1.42
C ASN Q 281 -52.63 -26.76 -1.33
N ILE Q 282 -53.56 -26.90 -2.27
CA ILE Q 282 -54.45 -28.04 -2.30
C ILE Q 282 -54.60 -28.67 -3.69
N ILE Q 283 -53.87 -28.19 -4.70
CA ILE Q 283 -54.12 -28.65 -6.05
C ILE Q 283 -52.88 -29.26 -6.69
N GLY Q 284 -51.96 -29.82 -5.91
CA GLY Q 284 -50.73 -30.32 -6.47
C GLY Q 284 -50.45 -31.79 -6.22
N PRO Q 285 -50.21 -32.57 -7.28
CA PRO Q 285 -49.72 -33.94 -7.09
C PRO Q 285 -48.35 -34.02 -6.49
N GLN Q 286 -47.55 -32.96 -6.62
CA GLN Q 286 -46.31 -32.82 -5.87
C GLN Q 286 -46.29 -31.53 -5.07
N SER Q 287 -47.46 -30.92 -4.86
CA SER Q 287 -47.50 -29.61 -4.21
C SER Q 287 -48.68 -29.49 -3.25
N GLY Q 288 -49.13 -30.58 -2.69
CA GLY Q 288 -50.11 -30.55 -1.63
C GLY Q 288 -51.54 -30.88 -1.98
N GLY Q 289 -51.78 -31.58 -3.08
CA GLY Q 289 -53.11 -32.05 -3.37
C GLY Q 289 -53.11 -33.54 -3.61
N ALA Q 290 -52.09 -34.22 -3.07
CA ALA Q 290 -51.88 -35.63 -3.30
C ALA Q 290 -52.39 -36.42 -2.11
N VAL Q 291 -53.54 -37.06 -2.26
CA VAL Q 291 -54.07 -37.95 -1.22
C VAL Q 291 -53.27 -39.24 -1.29
N GLU Q 292 -52.31 -39.39 -0.39
CA GLU Q 292 -51.45 -40.56 -0.39
C GLU Q 292 -51.96 -41.60 0.59
N ASP Q 293 -51.33 -42.79 0.52
CA ASP Q 293 -51.59 -43.92 1.41
C ASP Q 293 -53.04 -44.39 1.32
N LEU Q 294 -53.50 -44.59 0.11
CA LEU Q 294 -54.83 -45.15 -0.05
C LEU Q 294 -54.79 -46.67 0.16
N PRO Q 295 -55.90 -47.26 0.60
CA PRO Q 295 -55.98 -48.72 0.66
C PRO Q 295 -56.07 -49.33 -0.72
N VAL Q 296 -55.33 -50.42 -0.93
CA VAL Q 296 -55.39 -51.18 -2.17
C VAL Q 296 -55.76 -52.61 -1.84
N HIS Q 297 -56.36 -53.29 -2.82
CA HIS Q 297 -56.82 -54.66 -2.67
C HIS Q 297 -56.43 -55.43 -3.92
N VAL Q 298 -55.32 -56.13 -3.88
CA VAL Q 298 -54.85 -56.92 -5.01
C VAL Q 298 -55.66 -58.20 -5.07
N PHE Q 299 -56.48 -58.35 -6.10
CA PHE Q 299 -57.26 -59.55 -6.30
C PHE Q 299 -56.98 -60.12 -7.69
N GLU Q 300 -57.52 -61.31 -7.93
CA GLU Q 300 -57.32 -62.00 -9.20
C GLU Q 300 -58.41 -61.59 -10.19
N SER Q 301 -57.98 -61.04 -11.32
CA SER Q 301 -58.90 -60.71 -12.40
C SER Q 301 -59.08 -61.92 -13.31
N MET Q 302 -59.61 -61.70 -14.51
CA MET Q 302 -59.77 -62.76 -15.50
C MET Q 302 -58.42 -63.12 -16.11
N GLY Q 303 -57.63 -63.84 -15.32
CA GLY Q 303 -56.32 -64.30 -15.74
C GLY Q 303 -55.15 -63.56 -15.10
N ALA Q 304 -55.26 -62.24 -15.00
CA ALA Q 304 -54.16 -61.41 -14.53
C ALA Q 304 -54.30 -61.10 -13.05
N LEU Q 305 -53.29 -60.43 -12.50
CA LEU Q 305 -53.26 -60.01 -11.11
C LEU Q 305 -53.32 -58.48 -11.11
N GLN Q 306 -54.49 -57.92 -10.85
CA GLN Q 306 -54.67 -56.48 -10.85
C GLN Q 306 -55.00 -56.01 -9.44
N SER Q 307 -55.17 -54.70 -9.30
CA SER Q 307 -55.51 -54.08 -8.03
C SER Q 307 -56.84 -53.36 -8.16
N LYS Q 308 -57.64 -53.42 -7.10
CA LYS Q 308 -58.87 -52.65 -7.04
C LYS Q 308 -58.55 -51.17 -6.95
N ILE Q 309 -59.17 -50.38 -7.80
CA ILE Q 309 -58.88 -48.94 -7.85
C ILE Q 309 -59.44 -48.26 -6.61
N PRO Q 310 -58.62 -47.51 -5.86
CA PRO Q 310 -59.10 -46.95 -4.60
C PRO Q 310 -60.12 -45.84 -4.76
N THR Q 311 -60.16 -45.15 -5.89
CA THR Q 311 -61.33 -44.38 -6.27
C THR Q 311 -62.08 -45.19 -7.31
N GLU Q 312 -63.40 -45.07 -7.33
CA GLU Q 312 -64.22 -46.06 -8.04
C GLU Q 312 -64.14 -45.94 -9.55
N VAL Q 313 -63.65 -44.82 -10.08
CA VAL Q 313 -63.40 -44.70 -11.50
C VAL Q 313 -62.00 -44.16 -11.70
N LEU Q 314 -61.45 -44.42 -12.88
CA LEU Q 314 -60.19 -43.82 -13.31
C LEU Q 314 -60.54 -42.58 -14.09
N ILE Q 315 -60.42 -41.42 -13.45
CA ILE Q 315 -60.74 -40.16 -14.08
C ILE Q 315 -59.62 -39.79 -15.04
N THR Q 316 -59.95 -39.63 -16.32
CA THR Q 316 -58.96 -39.22 -17.29
C THR Q 316 -58.65 -37.74 -17.14
N ASP Q 317 -57.71 -37.26 -17.93
CA ASP Q 317 -57.36 -35.85 -17.84
C ASP Q 317 -58.38 -34.96 -18.53
N ARG Q 318 -59.02 -35.46 -19.59
CA ARG Q 318 -60.06 -34.68 -20.25
C ARG Q 318 -61.35 -34.69 -19.44
N LYS Q 319 -61.65 -35.81 -18.79
CA LYS Q 319 -62.82 -35.86 -17.92
C LYS Q 319 -62.65 -34.96 -16.70
N GLU Q 320 -61.43 -34.86 -16.20
CA GLU Q 320 -61.20 -34.01 -15.03
C GLU Q 320 -61.22 -32.54 -15.41
N PHE Q 321 -60.71 -32.21 -16.59
CA PHE Q 321 -60.79 -30.83 -17.05
C PHE Q 321 -62.22 -30.44 -17.38
N GLU Q 322 -63.05 -31.39 -17.81
CA GLU Q 322 -64.44 -31.07 -18.05
C GLU Q 322 -65.21 -30.96 -16.74
N LEU Q 323 -64.78 -31.69 -15.70
CA LEU Q 323 -65.32 -31.46 -14.37
C LEU Q 323 -64.80 -30.17 -13.76
N ALA Q 324 -63.61 -29.73 -14.15
CA ALA Q 324 -63.05 -28.50 -13.59
C ALA Q 324 -63.78 -27.28 -14.13
N GLU Q 325 -64.19 -27.32 -15.40
CA GLU Q 325 -64.94 -26.20 -15.96
C GLU Q 325 -66.36 -26.17 -15.41
N GLU Q 326 -66.92 -27.33 -15.06
CA GLU Q 326 -68.28 -27.42 -14.57
C GLU Q 326 -68.36 -27.41 -13.05
N GLY Q 327 -67.30 -27.02 -12.36
CA GLY Q 327 -67.35 -26.80 -10.93
C GLY Q 327 -67.35 -28.06 -10.09
N PHE Q 328 -66.27 -28.85 -10.17
CA PHE Q 328 -66.15 -30.06 -9.38
C PHE Q 328 -64.69 -30.24 -8.99
N ILE Q 329 -64.48 -30.77 -7.79
CA ILE Q 329 -63.15 -31.05 -7.28
C ILE Q 329 -62.95 -32.55 -7.45
N ALA Q 330 -62.43 -32.95 -8.60
CA ALA Q 330 -62.27 -34.36 -8.91
C ALA Q 330 -60.94 -34.88 -8.41
N LEU Q 331 -60.88 -36.19 -8.17
CA LEU Q 331 -59.70 -36.86 -7.65
C LEU Q 331 -59.27 -37.93 -8.64
N THR Q 332 -58.31 -37.61 -9.50
CA THR Q 332 -57.72 -38.62 -10.35
C THR Q 332 -56.81 -39.52 -9.54
N MET Q 333 -56.80 -40.80 -9.87
CA MET Q 333 -56.06 -41.80 -9.11
C MET Q 333 -54.83 -42.20 -9.90
N ARG Q 334 -53.70 -42.34 -9.21
CA ARG Q 334 -52.45 -42.72 -9.85
C ARG Q 334 -52.52 -44.21 -10.18
N LYS Q 335 -52.85 -44.51 -11.44
CA LYS Q 335 -53.22 -45.85 -11.87
C LYS Q 335 -52.08 -46.84 -11.69
N GLY Q 336 -52.23 -47.74 -10.74
CA GLY Q 336 -51.22 -48.75 -10.45
C GLY Q 336 -50.57 -48.61 -9.10
N SER Q 337 -51.02 -47.68 -8.26
CA SER Q 337 -50.41 -47.50 -6.95
C SER Q 337 -51.49 -47.05 -5.98
N ASP Q 338 -51.05 -46.59 -4.82
CA ASP Q 338 -51.93 -46.19 -3.73
C ASP Q 338 -51.95 -44.68 -3.51
N ASN Q 339 -51.86 -43.92 -4.60
CA ASN Q 339 -51.85 -42.48 -4.51
C ASN Q 339 -52.93 -41.90 -5.39
N ALA Q 340 -53.25 -40.64 -5.16
CA ALA Q 340 -54.21 -39.92 -5.96
C ALA Q 340 -53.79 -38.46 -5.98
N ALA Q 341 -54.57 -37.63 -6.65
CA ALA Q 341 -54.18 -36.23 -6.77
C ALA Q 341 -55.41 -35.38 -7.10
N PHE Q 342 -55.46 -34.19 -6.52
CA PHE Q 342 -56.35 -33.14 -7.00
C PHE Q 342 -55.58 -32.27 -7.97
N PHE Q 343 -56.29 -31.65 -8.88
CA PHE Q 343 -55.66 -30.76 -9.86
C PHE Q 343 -56.25 -29.37 -9.90
N SER Q 344 -57.50 -29.19 -9.48
CA SER Q 344 -58.15 -27.90 -9.52
C SER Q 344 -59.28 -27.92 -8.51
N ALA Q 345 -59.27 -26.98 -7.57
CA ALA Q 345 -60.24 -26.96 -6.49
C ALA Q 345 -61.37 -25.99 -6.75
N ASN Q 346 -61.81 -25.86 -8.00
CA ASN Q 346 -62.78 -24.85 -8.40
C ASN Q 346 -64.13 -25.05 -7.70
N SER Q 347 -64.64 -23.98 -7.13
CA SER Q 347 -65.98 -24.01 -6.55
C SER Q 347 -67.01 -23.99 -7.66
N ILE Q 348 -68.27 -24.17 -7.27
CA ILE Q 348 -69.33 -24.34 -8.27
C ILE Q 348 -69.73 -23.04 -8.96
N GLN Q 349 -69.12 -21.92 -8.61
CA GLN Q 349 -69.53 -20.65 -9.18
C GLN Q 349 -69.05 -20.53 -10.61
N LYS Q 350 -69.85 -19.90 -11.46
CA LYS Q 350 -69.45 -19.78 -12.85
C LYS Q 350 -68.79 -18.43 -13.11
N PRO Q 351 -67.73 -18.41 -13.89
CA PRO Q 351 -67.12 -17.14 -14.28
C PRO Q 351 -68.03 -16.36 -15.19
N LYS Q 352 -68.57 -15.25 -14.71
CA LYS Q 352 -69.57 -14.52 -15.47
C LYS Q 352 -68.92 -13.76 -16.60
N VAL Q 353 -69.47 -13.91 -17.80
CA VAL Q 353 -68.92 -13.24 -18.98
C VAL Q 353 -69.30 -11.77 -18.92
N PHE Q 354 -68.34 -10.95 -18.86
CA PHE Q 354 -68.44 -9.50 -18.83
C PHE Q 354 -68.22 -8.94 -20.23
N PRO Q 355 -68.81 -7.78 -20.56
CA PRO Q 355 -68.69 -7.26 -21.93
C PRO Q 355 -67.28 -6.80 -22.26
N ASN Q 356 -67.02 -6.69 -23.56
CA ASN Q 356 -65.67 -6.49 -24.06
C ASN Q 356 -65.19 -5.05 -23.99
N THR Q 357 -65.28 -4.44 -22.82
CA THR Q 357 -64.71 -3.12 -22.61
C THR Q 357 -63.30 -3.27 -22.06
N LYS Q 358 -62.70 -2.15 -21.65
CA LYS Q 358 -61.40 -2.23 -20.98
C LYS Q 358 -61.56 -2.75 -19.57
N GLU Q 359 -62.57 -2.26 -18.84
CA GLU Q 359 -62.83 -2.75 -17.51
C GLU Q 359 -63.52 -4.10 -17.50
N GLY Q 360 -64.30 -4.41 -18.53
CA GLY Q 360 -65.01 -5.67 -18.57
C GLY Q 360 -64.09 -6.85 -18.83
N LYS Q 361 -63.11 -6.65 -19.73
CA LYS Q 361 -62.10 -7.68 -19.94
C LYS Q 361 -61.17 -7.79 -18.73
N GLU Q 362 -61.06 -6.73 -17.95
CA GLU Q 362 -60.28 -6.80 -16.72
C GLU Q 362 -61.07 -7.47 -15.60
N ALA Q 363 -62.29 -7.02 -15.35
CA ALA Q 363 -63.06 -7.55 -14.23
C ALA Q 363 -63.50 -8.99 -14.44
N GLU Q 364 -63.50 -9.47 -15.69
CA GLU Q 364 -63.75 -10.89 -15.92
C GLU Q 364 -62.62 -11.74 -15.36
N THR Q 365 -61.39 -11.27 -15.50
CA THR Q 365 -60.25 -11.98 -14.90
C THR Q 365 -60.22 -11.73 -13.40
N ASN Q 366 -60.80 -10.63 -12.95
CA ASN Q 366 -60.90 -10.39 -11.51
C ASN Q 366 -61.94 -11.27 -10.87
N TYR Q 367 -63.10 -11.41 -11.51
CA TYR Q 367 -64.15 -12.27 -10.97
C TYR Q 367 -63.81 -13.75 -11.10
N LYS Q 368 -62.91 -14.10 -12.03
CA LYS Q 368 -62.50 -15.49 -12.18
C LYS Q 368 -61.68 -15.95 -10.99
N LEU Q 369 -60.92 -15.05 -10.37
CA LEU Q 369 -60.11 -15.43 -9.23
C LEU Q 369 -60.94 -15.70 -7.99
N GLY Q 370 -62.17 -15.20 -7.93
CA GLY Q 370 -63.01 -15.47 -6.79
C GLY Q 370 -63.49 -16.90 -6.74
N THR Q 371 -63.74 -17.51 -7.88
CA THR Q 371 -64.42 -18.79 -7.92
C THR Q 371 -63.51 -19.97 -7.62
N GLN Q 372 -62.20 -19.77 -7.62
CA GLN Q 372 -61.32 -20.93 -7.81
C GLN Q 372 -61.08 -21.71 -6.53
N LEU Q 373 -61.18 -21.08 -5.37
CA LEU Q 373 -61.08 -21.68 -4.03
C LEU Q 373 -59.75 -22.40 -3.74
N PRO Q 374 -58.59 -21.85 -4.11
CA PRO Q 374 -57.60 -21.83 -3.04
C PRO Q 374 -57.47 -20.41 -2.56
N TYR Q 375 -57.96 -19.49 -3.38
CA TYR Q 375 -57.81 -18.07 -3.11
C TYR Q 375 -58.85 -17.55 -2.15
N MET Q 376 -59.99 -18.21 -2.03
CA MET Q 376 -60.89 -17.89 -0.94
C MET Q 376 -60.26 -18.23 0.39
N MET Q 377 -59.48 -19.30 0.45
CA MET Q 377 -58.96 -19.73 1.74
C MET Q 377 -57.78 -18.87 2.19
N ILE Q 378 -57.21 -18.04 1.31
CA ILE Q 378 -56.25 -17.05 1.78
C ILE Q 378 -56.90 -15.71 2.10
N ILE Q 379 -58.21 -15.56 1.88
CA ILE Q 379 -58.93 -14.40 2.36
C ILE Q 379 -60.02 -14.76 3.35
N ASN Q 380 -60.42 -16.02 3.46
CA ASN Q 380 -61.21 -16.42 4.60
C ASN Q 380 -60.38 -16.28 5.88
N ARG Q 381 -59.09 -16.61 5.80
CA ARG Q 381 -58.20 -16.33 6.91
C ARG Q 381 -57.99 -14.84 7.10
N LEU Q 382 -58.10 -14.06 6.04
CA LEU Q 382 -58.15 -12.61 6.20
C LEU Q 382 -59.55 -12.10 6.49
N ALA Q 383 -60.47 -12.99 6.86
CA ALA Q 383 -61.67 -12.59 7.55
C ALA Q 383 -61.73 -13.18 8.94
N HIS Q 384 -60.92 -14.20 9.22
CA HIS Q 384 -60.94 -14.74 10.56
C HIS Q 384 -59.89 -14.08 11.44
N TYR Q 385 -58.71 -13.78 10.91
CA TYR Q 385 -57.74 -13.02 11.70
C TYR Q 385 -58.23 -11.62 11.98
N VAL Q 386 -58.83 -10.96 10.99
CA VAL Q 386 -59.06 -9.53 11.13
C VAL Q 386 -60.30 -9.29 11.96
N LYS Q 387 -61.22 -10.25 11.98
CA LYS Q 387 -62.34 -10.21 12.91
C LYS Q 387 -61.87 -10.36 14.34
N VAL Q 388 -60.91 -11.25 14.58
CA VAL Q 388 -60.39 -11.45 15.93
C VAL Q 388 -59.50 -10.29 16.34
N LEU Q 389 -58.69 -9.78 15.42
CA LEU Q 389 -57.67 -8.80 15.78
C LEU Q 389 -58.28 -7.44 16.07
N GLN Q 390 -59.34 -7.09 15.34
CA GLN Q 390 -60.07 -5.86 15.59
C GLN Q 390 -61.26 -6.06 16.50
N ARG Q 391 -61.32 -7.17 17.22
CA ARG Q 391 -62.28 -7.33 18.30
C ARG Q 391 -61.69 -6.93 19.63
N GLU Q 392 -60.41 -7.22 19.83
CA GLU Q 392 -59.71 -6.81 21.05
C GLU Q 392 -59.60 -5.30 21.15
N GLN Q 393 -59.61 -4.61 20.02
CA GLN Q 393 -59.30 -3.19 20.01
C GLN Q 393 -60.47 -2.31 20.41
N ILE Q 394 -61.68 -2.85 20.56
CA ILE Q 394 -62.86 -2.03 20.83
C ILE Q 394 -62.74 -1.38 22.21
N GLY Q 395 -62.83 -0.07 22.24
CA GLY Q 395 -62.61 0.67 23.47
C GLY Q 395 -61.26 1.32 23.60
N ALA Q 396 -60.41 1.23 22.58
CA ALA Q 396 -59.08 1.78 22.68
C ALA Q 396 -59.09 3.28 22.42
N TRP Q 397 -57.91 3.85 22.27
CA TRP Q 397 -57.76 5.24 21.91
C TRP Q 397 -57.02 5.27 20.58
N LYS Q 398 -57.78 5.35 19.50
CA LYS Q 398 -57.22 5.11 18.19
C LYS Q 398 -57.53 6.32 17.32
N GLU Q 399 -57.08 6.30 16.07
CA GLU Q 399 -57.46 7.30 15.08
C GLU Q 399 -57.64 6.59 13.76
N ARG Q 400 -58.07 7.35 12.76
CA ARG Q 400 -58.11 6.81 11.40
C ARG Q 400 -56.69 6.54 10.89
N GLN Q 401 -55.77 7.47 11.17
CA GLN Q 401 -54.37 7.24 10.84
C GLN Q 401 -53.79 6.10 11.65
N ASP Q 402 -54.27 5.90 12.87
CA ASP Q 402 -53.84 4.75 13.65
C ASP Q 402 -54.51 3.47 13.15
N LEU Q 403 -55.71 3.58 12.60
CA LEU Q 403 -56.35 2.40 12.04
C LEU Q 403 -55.68 1.98 10.74
N GLU Q 404 -55.21 2.93 9.93
CA GLU Q 404 -54.47 2.60 8.72
C GLU Q 404 -53.17 1.89 9.03
N ARG Q 405 -52.54 2.22 10.16
CA ARG Q 405 -51.22 1.71 10.50
C ARG Q 405 -51.27 0.36 11.19
N GLU Q 406 -52.26 0.12 12.04
CA GLU Q 406 -52.38 -1.18 12.68
C GLU Q 406 -52.79 -2.28 11.73
N LEU Q 407 -53.26 -1.93 10.53
CA LEU Q 407 -53.54 -2.91 9.50
C LEU Q 407 -52.44 -3.03 8.45
N ASN Q 408 -51.83 -1.91 8.05
CA ASN Q 408 -50.78 -1.97 7.05
C ASN Q 408 -49.51 -2.59 7.60
N SER Q 409 -49.16 -2.29 8.85
CA SER Q 409 -48.01 -2.95 9.45
C SER Q 409 -48.34 -4.37 9.87
N TRP Q 410 -49.60 -4.75 9.85
CA TRP Q 410 -49.97 -6.12 10.15
C TRP Q 410 -49.94 -7.03 8.94
N ILE Q 411 -50.58 -6.63 7.83
CA ILE Q 411 -50.68 -7.55 6.70
C ILE Q 411 -49.41 -7.56 5.87
N LYS Q 412 -48.49 -6.62 6.09
CA LYS Q 412 -47.23 -6.67 5.35
C LYS Q 412 -46.20 -7.58 5.99
N GLN Q 413 -46.63 -8.50 6.86
CA GLN Q 413 -45.87 -9.71 7.13
C GLN Q 413 -46.44 -10.89 6.37
N TYR Q 414 -47.53 -10.70 5.65
CA TYR Q 414 -48.09 -11.71 4.77
C TYR Q 414 -47.86 -11.39 3.30
N VAL Q 415 -47.24 -10.25 3.01
CA VAL Q 415 -47.07 -9.76 1.66
C VAL Q 415 -45.60 -9.88 1.30
N ALA Q 416 -45.30 -10.59 0.22
CA ALA Q 416 -43.96 -10.66 -0.34
C ALA Q 416 -44.04 -10.15 -1.76
N ASP Q 417 -43.98 -8.82 -1.91
CA ASP Q 417 -44.16 -8.19 -3.22
C ASP Q 417 -42.86 -8.36 -3.99
N GLN Q 418 -42.76 -9.51 -4.66
CA GLN Q 418 -41.50 -9.96 -5.21
C GLN Q 418 -41.82 -10.90 -6.36
N GLU Q 419 -41.07 -10.77 -7.45
CA GLU Q 419 -41.43 -11.50 -8.66
C GLU Q 419 -41.12 -12.99 -8.55
N ASN Q 420 -39.99 -13.33 -7.96
CA ASN Q 420 -39.60 -14.73 -7.77
C ASN Q 420 -38.97 -14.91 -6.40
N PRO Q 421 -39.77 -15.01 -5.34
CA PRO Q 421 -39.22 -15.37 -4.04
C PRO Q 421 -39.03 -16.87 -3.97
N PRO Q 422 -38.31 -17.37 -2.97
CA PRO Q 422 -38.17 -18.83 -2.83
C PRO Q 422 -39.49 -19.51 -2.51
N ALA Q 423 -39.46 -20.84 -2.57
CA ALA Q 423 -40.68 -21.63 -2.45
C ALA Q 423 -41.26 -21.64 -1.04
N ASP Q 424 -40.51 -21.17 -0.05
CA ASP Q 424 -41.05 -21.03 1.29
C ASP Q 424 -41.63 -19.65 1.55
N VAL Q 425 -41.09 -18.62 0.89
CA VAL Q 425 -41.62 -17.28 1.06
C VAL Q 425 -42.96 -17.14 0.34
N ARG Q 426 -43.19 -17.94 -0.69
CA ARG Q 426 -44.45 -17.89 -1.42
C ARG Q 426 -45.61 -18.43 -0.61
N SER Q 427 -45.36 -19.41 0.23
CA SER Q 427 -46.47 -20.05 0.95
C SER Q 427 -46.61 -19.59 2.39
N ARG Q 428 -45.53 -19.16 3.04
CA ARG Q 428 -45.68 -18.47 4.30
C ARG Q 428 -46.32 -17.10 4.14
N ARG Q 429 -46.04 -16.44 3.01
CA ARG Q 429 -46.60 -15.14 2.69
C ARG Q 429 -47.40 -15.29 1.40
N PRO Q 430 -48.64 -15.76 1.48
CA PRO Q 430 -49.37 -16.13 0.26
C PRO Q 430 -49.85 -14.95 -0.54
N LEU Q 431 -49.95 -13.78 0.05
CA LEU Q 431 -50.35 -12.60 -0.70
C LEU Q 431 -49.18 -12.07 -1.49
N ARG Q 432 -49.46 -11.11 -2.35
CA ARG Q 432 -48.44 -10.47 -3.16
C ARG Q 432 -48.49 -8.96 -3.07
N ALA Q 433 -49.68 -8.37 -2.97
CA ALA Q 433 -49.81 -6.96 -2.70
C ALA Q 433 -51.15 -6.71 -2.03
N ALA Q 434 -51.20 -5.69 -1.18
CA ALA Q 434 -52.40 -5.43 -0.39
C ALA Q 434 -52.58 -3.93 -0.23
N ARG Q 435 -53.77 -3.45 -0.57
CA ARG Q 435 -54.11 -2.04 -0.48
C ARG Q 435 -55.16 -1.86 0.59
N ILE Q 436 -54.96 -0.89 1.49
CA ILE Q 436 -55.93 -0.61 2.55
C ILE Q 436 -56.26 0.87 2.52
N GLU Q 437 -57.52 1.18 2.28
CA GLU Q 437 -57.98 2.56 2.15
C GLU Q 437 -59.06 2.78 3.19
N VAL Q 438 -58.69 3.37 4.33
CA VAL Q 438 -59.63 3.62 5.40
C VAL Q 438 -60.34 4.94 5.15
N MET Q 439 -61.67 4.91 5.19
CA MET Q 439 -62.51 6.08 5.00
C MET Q 439 -63.32 6.29 6.28
N ASP Q 440 -64.23 7.25 6.24
CA ASP Q 440 -65.05 7.57 7.40
C ASP Q 440 -66.52 7.26 7.10
N VAL Q 441 -67.35 7.44 8.12
CA VAL Q 441 -68.80 7.48 7.95
C VAL Q 441 -69.29 8.76 8.58
N GLU Q 442 -69.89 9.63 7.78
CA GLU Q 442 -70.41 10.88 8.29
C GLU Q 442 -71.76 10.66 8.93
N GLY Q 443 -72.19 11.64 9.72
CA GLY Q 443 -73.43 11.52 10.48
C GLY Q 443 -73.19 10.94 11.85
N ASN Q 444 -72.72 9.70 11.90
CA ASN Q 444 -72.24 9.08 13.13
C ASN Q 444 -70.74 8.94 13.00
N PRO Q 445 -69.96 9.88 13.55
CA PRO Q 445 -68.52 9.87 13.28
C PRO Q 445 -67.81 8.83 14.10
N GLY Q 446 -66.83 8.18 13.47
CA GLY Q 446 -66.08 7.10 14.07
C GLY Q 446 -66.55 5.72 13.65
N TRP Q 447 -66.75 5.53 12.36
CA TRP Q 447 -67.17 4.25 11.79
C TRP Q 447 -66.46 4.18 10.44
N TYR Q 448 -65.74 3.09 10.18
CA TYR Q 448 -64.63 3.14 9.25
C TYR Q 448 -64.76 2.13 8.11
N GLN Q 449 -65.05 2.62 6.93
CA GLN Q 449 -65.23 1.75 5.77
C GLN Q 449 -63.88 1.55 5.11
N VAL Q 450 -63.14 0.53 5.52
CA VAL Q 450 -61.80 0.33 4.99
C VAL Q 450 -61.93 -0.70 3.89
N SER Q 451 -61.00 -0.70 2.94
CA SER Q 451 -61.10 -1.59 1.80
C SER Q 451 -59.80 -2.37 1.61
N LEU Q 452 -59.67 -3.50 2.31
CA LEU Q 452 -58.52 -4.36 2.15
C LEU Q 452 -58.57 -5.09 0.82
N SER Q 453 -57.58 -4.85 -0.04
CA SER Q 453 -57.56 -5.34 -1.42
C SER Q 453 -56.32 -6.18 -1.64
N VAL Q 454 -56.39 -7.45 -1.29
CA VAL Q 454 -55.23 -8.33 -1.38
C VAL Q 454 -55.09 -8.88 -2.80
N ARG Q 455 -53.97 -9.53 -3.08
CA ARG Q 455 -53.68 -10.06 -4.39
C ARG Q 455 -52.76 -11.25 -4.22
N PRO Q 456 -53.06 -12.37 -4.85
CA PRO Q 456 -52.30 -13.60 -4.57
C PRO Q 456 -51.22 -13.87 -5.59
N HIS Q 457 -50.41 -14.89 -5.36
CA HIS Q 457 -49.55 -15.42 -6.40
C HIS Q 457 -50.32 -16.40 -7.27
N PHE Q 458 -49.71 -16.78 -8.39
CA PHE Q 458 -50.40 -17.54 -9.43
C PHE Q 458 -49.67 -18.86 -9.69
N LYS Q 459 -50.42 -19.95 -9.64
CA LYS Q 459 -49.89 -21.31 -9.77
C LYS Q 459 -49.76 -21.71 -11.23
N TYR Q 460 -49.57 -23.00 -11.47
CA TYR Q 460 -49.13 -23.57 -12.74
C TYR Q 460 -50.26 -24.45 -13.30
N MET Q 461 -50.81 -24.08 -14.45
CA MET Q 461 -51.92 -24.84 -15.01
C MET Q 461 -51.98 -24.69 -16.53
N GLY Q 462 -51.59 -25.74 -17.23
CA GLY Q 462 -51.66 -25.81 -18.69
C GLY Q 462 -50.61 -25.07 -19.49
N ALA Q 463 -50.19 -25.67 -20.61
CA ALA Q 463 -49.25 -25.06 -21.54
C ALA Q 463 -49.51 -25.64 -22.93
N ASN Q 464 -48.57 -25.48 -23.87
CA ASN Q 464 -48.89 -26.00 -25.20
C ASN Q 464 -47.86 -26.96 -25.80
N PHE Q 465 -46.56 -26.65 -25.71
CA PHE Q 465 -45.44 -27.54 -26.10
C PHE Q 465 -45.54 -27.97 -27.58
N GLU Q 466 -45.49 -26.99 -28.48
CA GLU Q 466 -45.74 -27.21 -29.91
C GLU Q 466 -44.46 -27.66 -30.62
N LEU Q 467 -44.20 -28.96 -30.60
CA LEU Q 467 -42.96 -29.53 -31.11
C LEU Q 467 -42.83 -29.40 -32.63
N SER Q 468 -41.59 -29.56 -33.09
CA SER Q 468 -41.16 -29.43 -34.48
C SER Q 468 -39.73 -29.93 -34.53
N LEU Q 469 -39.18 -30.05 -35.73
CA LEU Q 469 -37.73 -30.13 -35.83
C LEU Q 469 -37.21 -28.98 -36.69
N VAL Q 470 -36.00 -28.52 -36.35
CA VAL Q 470 -35.33 -27.46 -37.09
C VAL Q 470 -34.33 -28.03 -38.08
N GLY Q 471 -33.55 -29.03 -37.65
CA GLY Q 471 -32.61 -29.69 -38.51
C GLY Q 471 -31.18 -29.20 -38.40
N ARG Q 472 -30.98 -27.89 -38.28
CA ARG Q 472 -29.66 -27.30 -38.09
C ARG Q 472 -29.45 -26.78 -36.68
N LEU Q 473 -30.41 -26.03 -36.15
CA LEU Q 473 -30.26 -25.45 -34.82
C LEU Q 473 -30.66 -26.45 -33.75
N SER R 1 -46.41 -17.09 62.32
CA SER R 1 -46.15 -16.30 61.13
C SER R 1 -45.55 -14.95 61.48
N LYS R 2 -44.48 -14.97 62.27
CA LYS R 2 -43.79 -13.76 62.69
C LYS R 2 -42.28 -13.98 62.55
N GLU R 3 -41.62 -13.10 61.82
CA GLU R 3 -40.16 -13.13 61.74
C GLU R 3 -39.56 -12.73 63.08
N GLY R 4 -38.60 -13.52 63.56
CA GLY R 4 -37.86 -13.14 64.74
C GLY R 4 -37.00 -11.93 64.44
N SER R 5 -37.24 -10.83 65.15
CA SER R 5 -36.46 -9.61 64.99
C SER R 5 -35.91 -9.18 66.33
N VAL R 6 -35.09 -8.14 66.31
CA VAL R 6 -34.46 -7.62 67.50
C VAL R 6 -35.18 -6.35 67.92
N ALA R 7 -34.80 -5.83 69.08
CA ALA R 7 -35.33 -4.55 69.49
C ALA R 7 -34.75 -3.44 68.59
N PRO R 8 -35.58 -2.49 68.16
CA PRO R 8 -35.08 -1.42 67.30
C PRO R 8 -34.19 -0.47 68.07
N LYS R 9 -33.32 0.23 67.33
CA LYS R 9 -32.23 0.97 67.95
C LYS R 9 -31.56 1.89 66.92
N GLU R 10 -30.53 2.63 67.40
CA GLU R 10 -29.68 3.50 66.56
C GLU R 10 -28.75 2.67 65.72
N ARG R 11 -28.59 1.42 66.09
CA ARG R 11 -27.95 0.51 65.18
C ARG R 11 -29.01 0.05 64.20
N ILE R 12 -28.56 -0.62 63.16
CA ILE R 12 -29.40 -0.89 62.02
C ILE R 12 -30.01 -2.27 62.17
N ASN R 13 -31.27 -2.42 61.78
CA ASN R 13 -31.97 -3.68 62.11
C ASN R 13 -32.44 -4.42 60.86
N ILE R 14 -31.53 -5.21 60.31
CA ILE R 14 -31.77 -6.02 59.13
C ILE R 14 -32.72 -7.17 59.47
N LYS R 15 -33.78 -7.33 58.68
CA LYS R 15 -34.66 -8.48 58.78
C LYS R 15 -34.96 -9.00 57.39
N TYR R 16 -35.36 -10.27 57.28
CA TYR R 16 -35.64 -10.91 56.00
C TYR R 16 -37.10 -11.27 55.90
N ILE R 17 -37.84 -10.56 55.05
CA ILE R 17 -39.23 -10.89 54.75
C ILE R 17 -39.41 -10.84 53.24
N PRO R 18 -39.72 -11.96 52.58
CA PRO R 18 -39.77 -11.99 51.12
C PRO R 18 -40.95 -11.21 50.58
N ALA R 19 -40.77 -10.65 49.40
CA ALA R 19 -41.69 -9.64 48.89
C ALA R 19 -42.72 -10.24 47.94
N THR R 20 -43.74 -9.43 47.65
CA THR R 20 -44.91 -9.90 46.92
C THR R 20 -44.59 -10.22 45.47
N GLY R 21 -43.67 -9.47 44.88
CA GLY R 21 -43.27 -9.74 43.52
C GLY R 21 -43.98 -8.84 42.51
N ASP R 22 -43.35 -8.68 41.35
CA ASP R 22 -43.91 -7.90 40.25
C ASP R 22 -43.92 -8.81 39.02
N ALA R 23 -45.10 -9.13 38.53
CA ALA R 23 -45.25 -10.02 37.38
C ALA R 23 -45.24 -9.27 36.05
N GLN R 24 -46.09 -8.25 35.91
CA GLN R 24 -46.26 -7.45 34.69
C GLN R 24 -46.62 -8.36 33.51
N ALA R 25 -47.84 -8.91 33.60
CA ALA R 25 -48.38 -10.02 32.83
C ALA R 25 -48.10 -9.92 31.34
N GLU R 26 -47.36 -10.90 30.83
CA GLU R 26 -46.73 -10.79 29.52
C GLU R 26 -47.72 -11.03 28.40
N VAL R 27 -47.54 -10.30 27.30
CA VAL R 27 -48.42 -10.43 26.16
C VAL R 27 -48.12 -11.71 25.42
N ALA R 28 -49.16 -12.33 24.86
CA ALA R 28 -49.01 -13.57 24.10
C ALA R 28 -50.14 -13.60 23.07
N GLU R 29 -49.84 -13.19 21.84
CA GLU R 29 -50.81 -13.25 20.75
C GLU R 29 -50.83 -14.68 20.24
N VAL R 30 -51.74 -15.49 20.79
CA VAL R 30 -51.95 -16.82 20.26
C VAL R 30 -52.69 -16.71 18.93
N GLU R 31 -52.48 -17.69 18.06
CA GLU R 31 -53.04 -17.63 16.74
C GLU R 31 -54.31 -18.48 16.67
N LEU R 32 -54.99 -18.41 15.53
CA LEU R 32 -56.21 -19.14 15.34
C LEU R 32 -55.92 -20.46 14.68
N PRO R 33 -56.25 -21.59 15.29
CA PRO R 33 -56.10 -22.86 14.60
C PRO R 33 -57.19 -23.02 13.55
N LEU R 34 -56.85 -23.74 12.49
CA LEU R 34 -57.78 -23.99 11.39
C LEU R 34 -58.81 -24.98 11.86
N LYS R 35 -59.91 -24.51 12.45
CA LYS R 35 -60.93 -25.40 12.97
C LYS R 35 -61.92 -25.74 11.88
N THR R 36 -62.15 -27.03 11.67
CA THR R 36 -63.16 -27.51 10.75
C THR R 36 -64.29 -28.15 11.52
N LEU R 37 -65.47 -28.15 10.92
CA LEU R 37 -66.65 -28.75 11.54
C LEU R 37 -67.12 -29.86 10.61
N VAL R 38 -66.84 -31.10 10.99
CA VAL R 38 -67.28 -32.24 10.21
C VAL R 38 -68.74 -32.50 10.56
N VAL R 39 -69.63 -32.32 9.59
CA VAL R 39 -71.05 -32.49 9.83
C VAL R 39 -71.55 -33.66 9.00
N GLY R 40 -72.48 -34.41 9.54
CA GLY R 40 -72.97 -35.60 8.85
C GLY R 40 -73.42 -36.68 9.81
N ASP R 41 -74.15 -37.62 9.25
CA ASP R 41 -74.83 -38.69 9.99
C ASP R 41 -73.80 -39.63 10.59
N PHE R 42 -73.68 -39.63 11.92
CA PHE R 42 -72.65 -40.39 12.60
C PHE R 42 -73.20 -41.50 13.47
N LYS R 43 -74.51 -41.61 13.62
CA LYS R 43 -75.14 -42.68 14.39
C LYS R 43 -76.24 -43.31 13.55
N GLY R 44 -76.95 -44.26 14.14
CA GLY R 44 -77.87 -45.07 13.37
C GLY R 44 -79.33 -44.71 13.53
N HIS R 45 -79.63 -43.45 13.82
CA HIS R 45 -81.01 -43.02 13.99
C HIS R 45 -81.10 -41.53 13.71
N ALA R 46 -82.23 -40.93 14.10
CA ALA R 46 -82.43 -39.49 14.04
C ALA R 46 -82.83 -39.02 15.43
N GLU R 47 -81.99 -38.18 16.03
CA GLU R 47 -82.19 -37.76 17.41
C GLU R 47 -83.37 -36.79 17.52
N GLN R 48 -84.15 -36.94 18.58
CA GLN R 48 -85.38 -36.17 18.73
C GLN R 48 -85.15 -34.76 19.21
N THR R 49 -83.95 -34.43 19.73
CA THR R 49 -83.72 -33.05 20.14
C THR R 49 -83.52 -32.16 18.92
N PRO R 50 -84.00 -30.92 18.94
CA PRO R 50 -83.75 -30.01 17.82
C PRO R 50 -82.29 -29.62 17.76
N LEU R 51 -81.92 -29.03 16.63
CA LEU R 51 -80.51 -28.85 16.32
C LEU R 51 -79.85 -27.80 17.21
N GLU R 52 -80.60 -26.77 17.61
CA GLU R 52 -80.02 -25.66 18.37
C GLU R 52 -79.66 -26.02 19.80
N GLU R 53 -79.96 -27.22 20.27
CA GLU R 53 -79.63 -27.61 21.64
C GLU R 53 -78.54 -28.66 21.72
N ARG R 54 -78.36 -29.48 20.69
CA ARG R 54 -77.32 -30.49 20.73
C ARG R 54 -75.95 -29.84 20.54
N ALA R 55 -74.91 -30.57 20.91
CA ALA R 55 -73.60 -29.99 21.04
C ALA R 55 -72.63 -30.56 19.99
N THR R 56 -71.51 -29.87 19.83
CA THR R 56 -70.40 -30.32 19.01
C THR R 56 -69.28 -30.79 19.91
N VAL R 57 -68.70 -31.94 19.58
CA VAL R 57 -67.63 -32.52 20.37
C VAL R 57 -66.32 -32.38 19.63
N THR R 58 -65.25 -32.08 20.36
CA THR R 58 -63.94 -31.87 19.78
C THR R 58 -63.13 -33.17 19.88
N VAL R 59 -62.59 -33.60 18.74
CA VAL R 59 -61.91 -34.88 18.60
C VAL R 59 -60.47 -34.63 18.19
N ASP R 60 -59.53 -35.16 18.95
CA ASP R 60 -58.19 -35.30 18.38
C ASP R 60 -57.73 -36.74 18.50
N LYS R 61 -56.45 -37.01 18.23
CA LYS R 61 -55.97 -38.38 18.17
C LYS R 61 -56.01 -39.07 19.53
N ASN R 62 -55.89 -38.31 20.60
CA ASN R 62 -55.85 -38.90 21.92
C ASN R 62 -57.22 -39.22 22.48
N ASN R 63 -58.25 -38.47 22.10
CA ASN R 63 -59.57 -38.68 22.68
C ASN R 63 -60.55 -39.30 21.69
N PHE R 64 -60.08 -39.88 20.60
CA PHE R 64 -61.00 -40.48 19.65
C PHE R 64 -61.61 -41.75 20.21
N GLU R 65 -60.90 -42.45 21.11
CA GLU R 65 -61.45 -43.65 21.72
C GLU R 65 -62.50 -43.33 22.78
N ALA R 66 -62.48 -42.11 23.33
CA ALA R 66 -63.48 -41.69 24.30
C ALA R 66 -64.70 -41.06 23.66
N VAL R 67 -64.54 -40.42 22.49
CA VAL R 67 -65.69 -39.90 21.77
C VAL R 67 -66.49 -41.03 21.18
N MET R 68 -65.83 -42.09 20.73
CA MET R 68 -66.53 -43.23 20.16
C MET R 68 -67.27 -44.02 21.24
N ARG R 69 -66.72 -44.08 22.45
CA ARG R 69 -67.36 -44.84 23.52
C ARG R 69 -68.60 -44.14 24.04
N GLU R 70 -68.55 -42.82 24.19
CA GLU R 70 -69.66 -42.07 24.74
C GLU R 70 -70.74 -41.74 23.72
N SER R 71 -70.51 -42.04 22.44
CA SER R 71 -71.57 -41.87 21.47
C SER R 71 -72.63 -42.93 21.61
N GLU R 72 -72.24 -44.14 22.03
CA GLU R 72 -73.06 -45.34 22.07
C GLU R 72 -73.68 -45.65 20.70
N LEU R 73 -72.81 -45.95 19.75
CA LEU R 73 -73.24 -46.39 18.44
C LEU R 73 -73.84 -47.78 18.54
N LYS R 74 -75.15 -47.87 18.69
CA LYS R 74 -75.86 -49.14 18.84
C LYS R 74 -76.56 -49.45 17.52
N ILE R 75 -76.01 -50.39 16.76
CA ILE R 75 -76.54 -50.75 15.47
C ILE R 75 -77.36 -52.03 15.63
N THR R 76 -78.67 -51.90 15.47
CA THR R 76 -79.60 -53.02 15.58
C THR R 76 -80.28 -53.21 14.23
N ALA R 77 -80.00 -54.32 13.57
CA ALA R 77 -80.56 -54.59 12.26
C ALA R 77 -80.83 -56.08 12.12
N THR R 78 -81.66 -56.42 11.15
CA THR R 78 -81.99 -57.80 10.84
C THR R 78 -81.22 -58.21 9.58
N VAL R 79 -80.34 -59.19 9.72
CA VAL R 79 -79.50 -59.64 8.63
C VAL R 79 -79.85 -61.09 8.31
N LYS R 80 -79.26 -61.59 7.22
CA LYS R 80 -79.57 -62.92 6.73
C LYS R 80 -78.88 -63.99 7.57
N ASN R 81 -79.61 -65.09 7.80
CA ASN R 81 -79.10 -66.21 8.58
C ASN R 81 -78.45 -67.20 7.63
N LYS R 82 -77.12 -67.32 7.73
CA LYS R 82 -76.36 -68.29 6.96
C LYS R 82 -75.67 -69.31 7.86
N LEU R 83 -76.23 -69.58 9.04
CA LEU R 83 -75.67 -70.54 9.97
C LEU R 83 -76.37 -71.90 9.89
N THR R 84 -77.40 -72.03 9.05
CA THR R 84 -78.12 -73.29 8.89
C THR R 84 -78.40 -73.54 7.41
N ASP R 85 -79.20 -74.57 7.11
CA ASP R 85 -79.51 -74.91 5.73
C ASP R 85 -80.68 -74.10 5.16
N ASP R 86 -81.14 -73.08 5.86
CA ASP R 86 -82.27 -72.26 5.42
C ASP R 86 -81.75 -71.04 4.67
N GLU R 87 -82.30 -70.82 3.48
CA GLU R 87 -82.00 -69.61 2.72
C GLU R 87 -82.90 -68.44 3.12
N ASN R 88 -84.16 -68.73 3.47
CA ASN R 88 -85.14 -67.71 3.80
C ASN R 88 -85.21 -67.43 5.30
N ALA R 89 -84.12 -67.63 6.04
CA ALA R 89 -84.09 -67.32 7.45
C ALA R 89 -83.36 -65.99 7.70
N GLU R 90 -83.79 -65.29 8.74
CA GLU R 90 -83.20 -64.02 9.12
C GLU R 90 -82.80 -64.07 10.59
N LEU R 91 -81.84 -63.24 10.96
CA LEU R 91 -81.35 -63.24 12.33
C LEU R 91 -80.93 -61.85 12.75
N PRO R 92 -81.70 -61.17 13.59
CA PRO R 92 -81.28 -59.85 14.08
C PRO R 92 -80.09 -59.92 15.03
N VAL R 93 -79.35 -58.83 15.10
CA VAL R 93 -78.14 -58.74 15.91
C VAL R 93 -78.28 -57.58 16.88
N GLU R 94 -77.31 -57.49 17.80
CA GLU R 94 -77.26 -56.42 18.79
C GLU R 94 -75.79 -56.04 18.98
N LEU R 95 -75.46 -54.81 18.62
CA LEU R 95 -74.08 -54.35 18.58
C LEU R 95 -73.87 -53.18 19.53
N ASN R 96 -72.75 -53.23 20.27
CA ASN R 96 -72.36 -52.15 21.17
C ASN R 96 -70.90 -51.85 20.91
N PHE R 97 -70.62 -50.65 20.41
CA PHE R 97 -69.29 -50.27 19.95
C PHE R 97 -68.67 -49.28 20.91
N LYS R 98 -67.49 -49.60 21.42
CA LYS R 98 -66.79 -48.73 22.35
C LYS R 98 -65.37 -48.38 21.93
N SER R 99 -64.79 -49.10 20.96
CA SER R 99 -63.45 -48.82 20.48
C SER R 99 -63.42 -49.08 18.98
N LEU R 100 -62.32 -48.65 18.35
CA LEU R 100 -62.14 -48.87 16.92
C LEU R 100 -61.97 -50.36 16.59
N ALA R 101 -61.50 -51.16 17.55
CA ALA R 101 -61.40 -52.60 17.37
C ALA R 101 -62.76 -53.30 17.46
N ASP R 102 -63.82 -52.60 17.83
CA ASP R 102 -65.14 -53.21 17.82
C ASP R 102 -65.74 -53.32 16.44
N PHE R 103 -65.16 -52.67 15.43
CA PHE R 103 -65.57 -52.92 14.06
C PHE R 103 -65.02 -54.25 13.54
N ALA R 104 -63.95 -54.75 14.16
CA ALA R 104 -63.31 -55.97 13.71
C ALA R 104 -64.17 -57.19 14.03
N PRO R 105 -64.08 -58.26 13.22
CA PRO R 105 -64.93 -59.45 13.45
C PRO R 105 -64.60 -60.23 14.71
N ASP R 106 -63.53 -59.91 15.42
CA ASP R 106 -63.30 -60.53 16.72
C ASP R 106 -64.29 -60.02 17.75
N ALA R 107 -64.63 -58.72 17.70
CA ALA R 107 -65.55 -58.13 18.65
C ALA R 107 -66.97 -58.04 18.12
N VAL R 108 -67.19 -58.18 16.82
CA VAL R 108 -68.56 -58.23 16.30
C VAL R 108 -69.16 -59.60 16.57
N ALA R 109 -68.41 -60.67 16.29
CA ALA R 109 -68.88 -62.02 16.58
C ALA R 109 -68.96 -62.30 18.07
N SER R 110 -68.17 -61.60 18.90
CA SER R 110 -68.28 -61.76 20.34
C SER R 110 -69.55 -61.14 20.90
N GLN R 111 -70.16 -60.20 20.18
CA GLN R 111 -71.41 -59.58 20.60
C GLN R 111 -72.62 -60.27 20.01
N VAL R 112 -72.42 -61.26 19.14
CA VAL R 112 -73.51 -62.07 18.61
C VAL R 112 -73.49 -63.41 19.35
N PRO R 113 -74.53 -63.74 20.12
CA PRO R 113 -74.51 -64.99 20.89
C PRO R 113 -74.55 -66.25 20.03
N GLU R 114 -75.05 -66.16 18.80
CA GLU R 114 -75.00 -67.31 17.90
C GLU R 114 -73.61 -67.56 17.38
N LEU R 115 -72.72 -66.57 17.46
CA LEU R 115 -71.33 -66.72 17.08
C LEU R 115 -70.39 -66.84 18.27
N LYS R 116 -70.88 -66.63 19.49
CA LYS R 116 -70.07 -66.91 20.67
C LYS R 116 -69.87 -68.40 20.86
N LYS R 117 -70.84 -69.20 20.43
CA LYS R 117 -70.74 -70.65 20.52
C LYS R 117 -69.92 -71.25 19.38
N LEU R 118 -69.69 -70.50 18.31
CA LEU R 118 -68.89 -71.03 17.21
C LEU R 118 -67.40 -70.71 17.36
N ILE R 119 -67.05 -69.58 17.97
CA ILE R 119 -65.66 -69.34 18.33
C ILE R 119 -65.25 -70.25 19.48
N GLU R 120 -66.16 -70.47 20.44
CA GLU R 120 -65.94 -71.43 21.50
C GLU R 120 -65.83 -72.85 20.95
N LEU R 121 -66.54 -73.12 19.85
CA LEU R 121 -66.37 -74.39 19.17
C LEU R 121 -64.98 -74.51 18.56
N ARG R 122 -64.47 -73.41 17.98
CA ARG R 122 -63.15 -73.44 17.36
C ARG R 122 -62.05 -73.48 18.42
N GLU R 123 -62.22 -72.74 19.51
CA GLU R 123 -61.26 -72.76 20.60
C GLU R 123 -61.18 -74.15 21.25
N ALA R 124 -62.28 -74.89 21.25
CA ALA R 124 -62.26 -76.27 21.69
C ALA R 124 -61.58 -77.20 20.70
N LEU R 125 -61.55 -76.83 19.41
CA LEU R 125 -60.89 -77.65 18.39
C LEU R 125 -59.40 -77.33 18.27
N VAL R 126 -59.00 -76.08 18.51
CA VAL R 126 -57.58 -75.74 18.55
C VAL R 126 -56.93 -76.37 19.78
N ALA R 127 -57.68 -76.47 20.88
CA ALA R 127 -57.19 -77.13 22.08
C ALA R 127 -56.97 -78.62 21.87
N LEU R 128 -57.74 -79.23 20.96
CA LEU R 128 -57.62 -80.66 20.72
C LEU R 128 -56.36 -80.99 19.92
N LYS R 129 -55.99 -80.14 18.96
CA LYS R 129 -54.98 -80.46 17.95
C LYS R 129 -53.58 -80.62 18.56
N GLY R 130 -53.31 -79.92 19.66
CA GLY R 130 -52.04 -80.02 20.35
C GLY R 130 -51.75 -81.41 20.90
N PRO R 131 -52.54 -81.88 21.88
CA PRO R 131 -52.38 -83.23 22.40
C PRO R 131 -52.97 -84.34 21.53
N LEU R 132 -53.35 -84.07 20.27
CA LEU R 132 -53.97 -85.09 19.45
C LEU R 132 -52.91 -86.03 18.87
N GLY R 133 -52.03 -85.51 18.03
CA GLY R 133 -51.04 -86.31 17.35
C GLY R 133 -49.79 -86.64 18.14
N ASN R 134 -49.72 -86.24 19.40
CA ASN R 134 -48.57 -86.52 20.23
C ASN R 134 -48.68 -87.90 20.90
N ILE R 135 -49.86 -88.22 21.44
CA ILE R 135 -50.11 -89.50 22.07
C ILE R 135 -50.85 -90.38 21.06
N PRO R 136 -50.26 -91.48 20.59
CA PRO R 136 -50.95 -92.35 19.64
C PRO R 136 -51.94 -93.33 20.27
N ALA R 137 -52.28 -93.18 21.53
CA ALA R 137 -53.27 -94.02 22.19
C ALA R 137 -54.68 -93.43 22.10
N PHE R 138 -54.84 -92.28 21.43
CA PHE R 138 -56.17 -91.71 21.27
C PHE R 138 -56.99 -92.50 20.26
N ARG R 139 -56.37 -92.93 19.17
CA ARG R 139 -57.07 -93.74 18.16
C ARG R 139 -57.37 -95.14 18.66
N GLU R 140 -56.65 -95.60 19.68
CA GLU R 140 -56.93 -96.91 20.27
C GLU R 140 -58.27 -96.91 21.00
N ARG R 141 -58.65 -95.78 21.57
CA ARG R 141 -59.94 -95.66 22.25
C ARG R 141 -61.02 -95.03 21.39
N LEU R 142 -60.68 -94.57 20.18
CA LEU R 142 -61.72 -94.25 19.21
C LEU R 142 -62.41 -95.51 18.71
N GLN R 143 -61.66 -96.61 18.60
CA GLN R 143 -62.26 -97.89 18.26
C GLN R 143 -63.01 -98.49 19.45
N SER R 144 -62.63 -98.12 20.67
CA SER R 144 -63.40 -98.53 21.84
C SER R 144 -64.71 -97.75 21.93
N LEU R 145 -64.69 -96.48 21.55
CA LEU R 145 -65.93 -95.73 21.38
C LEU R 145 -66.71 -96.20 20.16
N LEU R 146 -66.02 -96.78 19.17
CA LEU R 146 -66.72 -97.46 18.09
C LEU R 146 -67.37 -98.74 18.58
N ASN R 147 -66.75 -99.41 19.56
CA ASN R 147 -67.34 -100.60 20.15
C ASN R 147 -68.43 -100.24 21.15
N SER R 148 -68.09 -99.38 22.13
CA SER R 148 -69.04 -98.98 23.17
C SER R 148 -69.86 -97.81 22.64
N GLU R 149 -70.95 -98.13 21.95
CA GLU R 149 -71.83 -97.09 21.40
C GLU R 149 -72.87 -96.62 22.39
N GLU R 150 -73.23 -97.45 23.38
CA GLU R 150 -74.26 -97.07 24.34
C GLU R 150 -73.76 -96.06 25.36
N SER R 151 -72.58 -96.32 25.93
CA SER R 151 -72.02 -95.41 26.93
C SER R 151 -71.46 -94.13 26.32
N ARG R 152 -71.21 -94.11 25.01
CA ARG R 152 -70.71 -92.91 24.37
C ARG R 152 -71.82 -91.87 24.20
N GLU R 153 -73.00 -92.31 23.75
CA GLU R 153 -74.11 -91.38 23.53
C GLU R 153 -74.73 -90.89 24.83
N LYS R 154 -74.53 -91.61 25.94
CA LYS R 154 -75.00 -91.11 27.23
C LYS R 154 -74.13 -89.97 27.73
N LEU R 155 -72.86 -89.91 27.30
CA LEU R 155 -71.95 -88.88 27.73
C LEU R 155 -71.92 -87.68 26.79
N LEU R 156 -72.44 -87.81 25.57
CA LEU R 156 -72.47 -86.67 24.65
C LEU R 156 -73.53 -85.66 25.06
N ALA R 157 -74.61 -86.11 25.71
CA ALA R 157 -75.64 -85.20 26.18
C ALA R 157 -75.19 -84.38 27.39
N GLU R 158 -74.20 -84.86 28.13
CA GLU R 158 -73.67 -84.13 29.28
C GLU R 158 -72.79 -82.98 28.82
#